data_7NSJ
#
_entry.id   7NSJ
#
_cell.length_a   1.00
_cell.length_b   1.00
_cell.length_c   1.00
_cell.angle_alpha   90.00
_cell.angle_beta   90.00
_cell.angle_gamma   90.00
#
_symmetry.space_group_name_H-M   'P 1'
#
loop_
_entity.id
_entity.type
_entity.pdbx_description
1 polymer 'Mitochondrial ribosomal protein L27'
2 polymer 'Mitochondrial ribosomal protein L28'
3 polymer 'Mitochondrial ribosomal protein L47'
4 polymer uL30m
5 polymer bL31m
6 polymer bL32m
7 polymer bL33m
8 polymer 'CP tRNAPhe'
9 polymer 'Mitochondrial ribosomal protein L34'
10 polymer uL2m
11 polymer ICT1
12 polymer 'Mitochondrial ribosomal protein L4'
13 polymer 'Mitochondrial ribosomal protein L9'
14 polymer 'Mitochondrial ribosomal protein L10'
15 polymer 'Mitochondrial ribosomal protein L11'
16 polymer uL13m
17 polymer uL14m
18 polymer uL15m
19 polymer uL16m
20 polymer bL17m
21 polymer 'Mitochondrial ribosomal protein L18'
22 polymer 'Mitochondrial ribosomal protein L19'
23 polymer 'Mitochondrial ribosomal protein L20'
24 polymer 'Mitochondrial ribosomal protein L21'
25 polymer uL22m
26 polymer uL23m
27 polymer uL24m
28 polymer 'Mitochondrial ribosomal protein L37'
29 polymer 'Mitochondrial ribosomal protein L38'
30 polymer 'Mitochondrial ribosomal protein L39'
31 polymer 'Mitochondrial ribosomal protein L40'
32 polymer 'Mitochondrial ribosomal protein L41'
33 polymer mL42
34 polymer 'Mitochondrial ribosomal protein L43'
35 polymer mL44
36 polymer 'Mitochondrial ribosomal protein L35'
37 polymer 'Mitochondrial ribosomal protein L45'
38 polymer 'Mitochondrial ribosomal protein L46'
39 polymer '39S ribosomal protein L48, mitochondrial'
40 polymer Mrpl34
41 polymer 'Mitochondrial ribosomal protein L50'
42 polymer 'Mitochondrial ribosomal protein L51'
43 polymer mL52
44 polymer mL53
45 polymer mL54
46 polymer 'Mitochondrial ribosomal protein L57'
47 polymer 'mL62 (ICT1)'
48 polymer mL64
49 polymer '39S ribosomal protein S30, mitochondrial'
50 polymer 'Mitochondrial ribosomal protein S18A'
51 polymer '12S rRNA'
52 polymer 'Ribosomal protein'
53 polymer '16S rRNA'
54 polymer 'Mitochondrial ribosomal protein S2'
55 polymer 'Mitochondrial ribosomal protein S24'
56 polymer '28S ribosomal protein S5, mitochondrial isoform X2'
57 polymer bS6m
58 polymer 'Mitochondrial ribosomal protein S7'
59 polymer uS9m
60 polymer 'Mitochondrial ribosomal protein S10'
61 polymer uS11m
62 polymer 'Mitochondrial ribosomal protein S12'
63 polymer 'Mitochondrial ribosomal protein S14'
64 polymer uS15m
65 polymer '28S ribosomal protein S16, mitochondrial'
66 polymer uS17m
67 polymer 'Mitochondrial ribosomal protein S18C'
68 polymer bS21m
69 polymer unknown
70 polymer 'Mitochondrial ribosomal protein S22'
71 polymer mS23
72 polymer 'Mitochondrial ribosomal protein S25'
73 polymer 'Mitochondrial ribosomal protein S26'
74 polymer 'Mitochondrial ribosomal protein S27'
75 polymer 'Mitoribosomal protein ms28, mrps28'
76 polymer 'Death associated protein 3'
77 polymer '28S ribosomal protein S31, mitochondrial'
78 polymer mS33
79 polymer mS34
80 polymer 'Mitochondrial ribosomal protein S35'
81 polymer mS37
82 polymer 'Aurora kinase A interacting protein 1'
83 polymer 'Pentatricopeptide repeat domain 3,Pentatricopeptide repeat domain 3,Pentatricopeptide repeat domain 3,Pentatricopeptide repeat domain 3,mS39,Pentatricopeptide repeat domain 3,Pentatricopeptide repeat domain 3,Pentatricopeptide repeat domain 3,Pentatricopeptide repeat domain 3'
84 polymer '28S ribosomal protein S18b, mitochondrial'
85 polymer 'Mitochondrial ribosomal protein L12'
86 polymer 'tRNA(P/P) and tRNA(E*)'
87 polymer mRNA
88 non-polymer 'MAGNESIUM ION'
89 non-polymer 'ZINC ION'
90 non-polymer SPERMINE
91 non-polymer "GUANOSINE-5'-MONOPHOSPHATE"
92 non-polymer "GUANOSINE-5'-TRIPHOSPHATE"
93 water water
#
loop_
_entity_poly.entity_id
_entity_poly.type
_entity_poly.pdbx_seq_one_letter_code
_entity_poly.pdbx_strand_id
1 'polypeptide(L)'
;MALAVLALRTRAAVTALLSPPQAAALAVRYASKKTGGSSKNLGGKSPGKRFGIKKMEGHYVHAGNILATQRHFRWHPGAH
VGLGKNKCLYALEEGVVRYTKEVYVPNPSNSEAVDLVTRLPQGAVLYKTFVHVVPAKPEGTFKLVAML
;
B0
2 'polypeptide(L)'
;MPLHKVPVGLWKQLRLWEGIYSRLPRHYLRSLEEARTPTPVHYRPHGAKFKINPKNWQRERVEDVPIPVHYPPESQLGLW
GGEGWVLGHRYVNNDKLSKRVRKVWKPQLFQRELYSEILDKRFTVTVTMRTLDLIDQACGFDFYILKTPKEDLCSKFGMD
LKRGMLLRLARQDPQLHPDDPARRAAIYDRYKAFVIPEAEAEWVGLTLDEAVEKQRLLEEKDPIPLFKIFVEELLGQLQQ
QALSEPAVVQTRASRK
;
B1
3 'polypeptide(L)'
;MAAAGLAVFCRRVSAALKACRLLIRPQAPPSTSCRFSPSLLPKNTPNVTSFHQFRIFHTTFSRRGLEEFFDDPKNWGEEK
VKSGASWTCQQLRNKSNEDLHKLWYVLLKERNMLLTLEQEAKRQRLPMPSPERLEKVVDSMDALDKVVQEREDALRLLQT
GQEKARPGAWRRDIFGRIIWHKFKQWPIPWYLNKKYNRKRFFAMPYVERFVRMRIEKQARIKARKRSLERKKEKFLQEKF
PHLSETQKSSHV
;
B2
4 'polypeptide(L)'
;HPPRQDFLVRRQPHRNRTVTKGMESLICTDWIRHKFTRSRIPDKVFQPSPEDHEKYGGDPQYPHKLHIVTRIKSTKRRPY
WEKDIIKMLGLEKAHTPQVHKNIPSVNAKLKVVKHLIRIKPLKLPQGLPTEEDMANTCLKSNGELVVRWLLNPANQEARK
S
;
B3
5 'polypeptide(L)'
;MAAKGSLLRLLWQRVVTGAAPESCRHLYTSSWRADCNRALLTRLHRQTYARLYPVLLVKQDGSTIHIRYREPRRMLTMPV
DLDSLSPEERRARFRKREAKFKEKKEEPELSDDFDVEQYKRFWTKK
;
B4
6 'polypeptide(L)'
;MASAMLVLVVPPWPAARGLLRNWWEQLQRKLQHNRLGLPLHPWGPALAVQGPAICTEPANDTNGSKAISSLLDSVFWMAA
PKNRRSIEVNRCRRRNPQKLIKVKNNIDVCPECGHLKQKHILCGYCYEKVRKETAEIRRQMGKQEGGPFRAPTTETVVLY
SGETPSEQDQGKRIIERERKRPSWFTQN
;
B5
7 'polypeptide(L)' MFLSAVTFAKSKSKTILVKMMSQAGTGFSFNTKRSRLREKLTLLHYDPVVKKKVLFVEQKKIRSL B6
8 'polyribonucleotide' GUUAAUGUAGCUUAAAUUAUCAAAGCAAGGCACUGAAAAUGCCUAGAUGAGCCUCACAGCUCCAUAAACACCA BB
9 'polypeptide(L)'
;MAFLARSVGRLLDPVSRSAALVGGRWLQPQAWLGFPDTWGLPAMQQTRGKARGNEYQPSNIKRKHKHGWVRRLRTPTGVQ
VILRRMHKGRKSLSH
;
B7
10 'polypeptide(L)'
;MALRVLTRALSSLSLTPRIAVAPGLNLLPAVQVTNNVLLTLPSGLMSLPCRPILTSVALSATSVSWKSRTKYTVMPVKMR
KSGGRNHTGQIQVHGIGGGHKQRYRMIDFLRFRPEHESKPGPFEEKVIAVRYDPCRSADIALVAGGNRKRWIIATENMKA
GDTVLNSDHIGRMAVAAREGDAHPLGALPVGTLINNVESEPGRGAQYIRAAGTCGVLLRKVNGTAIIQLPSKRQMQVLET
CIATVGRVSNVDHNKRVIGKAGRNRWLGKRPNSGLWQRKGGWAGRKIRPLPPMKSYVKLPSAAAQS
;
BD
11 'polypeptide(L)'
;MAPAALLPSWGQRGAAAGGGGKAWEGRRRNALKAEWRGAQRCSGRALLGLTMPGWGLLGRAGARVLGCGADGLGASRGLG
NRTDICLLVRSLHGKSVTWWDEHLSEENVPFVKQLVSDENKAQLASKLCPLKDEPWPIHPWEPGSSRVGLIALKLGMMPL
WTKDGQKHVVTLLQVQDCHVLKYTPKENHNGRMAALTVGGKTVSHFHKSASILEFYQELGLPPKQKVKIFNVTENAVIKP
GTPLYAAHFRPGQYVDVTAKTIGKGFQGVMRRWGFKGQPATHGQTKTHRRPGAISTGDVARVWPGTKMPGQLGNIDRTAF
GLKVWRINTKHNIIYVNGSVPGHKNCLVKIKDSKLPAYKDFCKNLPFPTYFPDGDEEALPEDLYDENVCQPGAPSITFT
;
BE
12 'polypeptide(L)'
;MLQLVRAGARTWFRPSGCRGLNTLAEEAVQQAEKPESVASLGLQPPVLRKCELPVPAHRRPVQAWIESLRGYEQERVGLT
ELHPDVFSTAPRLDILHQVAIWQKNFKRISYAKTKTRAEVRGGGRKPWVQKGSGRARHGSIRSPIWRGGGVAHGPRGPTS
YYYMLPMKVRVQGLKVALTVKLAQDDLHIVDSLELPTADPQYLIELARYRRWGDSVLLVDLEHEDMPQNVVAATSGLKTF
NLVPAVGLNVHSMLKHQTLVLTLPTVAFLEEKLLWHNSRYTPLYPFRLPYCDFP
;
BF
13 'polypeptide(L)'
;MAAAACTAAGGGLLRAGLERLLRGGVRALLRPRLEGVTPRSERAFSLSLSRSTVIVERWWKVPLAGEGRKPRLHRRHRVY
KLVEDTKHRPKDNLELVLTQSVEELGVRGDLVSVKKSVGRNRLLPQGLAVYASPENKKLFEEEKLLRQEGKLEKLQTKAG
EATVKFLRRCHLEVGMKNNVKWELNPEIVARHFLRNLGVVVAPHALKLPEEPITQRGEYWCEVTVNGLDTVRVPMSVVNF
ERPKTKRYKYWLAQQAAKGDVPTSSQMI
;
BI
14 'polypeptide(L)'
;MAAVVAGMLRGGLLPQAGRLPTFQTVRYGSKAVTRHRRVMHFERQKLMAVTEYIPPKPTINPRCLPPPPTPPQEETGLVR
LLRREIAAVFRDNRMIAVCQHVALSAEDKLLLRHQLRKHKILMKIFPNQVLKPFLEESKYQNLLPLFVGHNLLLVSEEPK
VKEMVRILKGIPFLPLLGGCIDDTILSRQGFINYSKLPSLALVQGELVGGLTFLTAQTYSMLQHQPRQLTALLDQYVKQQ
QEGHPAVPASGQPEPPDPVPDP
;
BJ
15 'polypeptide(L)'
;MSKLSRATRALKKPEASGMIRAIVRAGQARPGPPLGPILGQRGVSINQFCKEFNEKTKDIKEGIPLPTKIFVKPDRTFEI
KIGQPTVSYFLKAAAGIEKGARHTGKEVAGLVTLKHVYEIARVKAQDDAFALQDVPLSSVVRSIIGSARSLGIRVVKDLS
SEELAAFQKERALFLAAQREADLAAQAEAAKK
;
BK
16 'polypeptide(L)'
;MSSFSKAPQQWATFARVWYLLDGKMQPPGKLAAMASVKLQGLHKPVYHQLSDCGDHVVIMNTRHIAFSGNKWEQKVYSSH
TGYPGGFRQVTAAQLHQKDPVAIVKLAIYGMLPKNLHRRTMMQRLHLFPDEDIPEDILKNLVEELPQPRKVPRRLDEYTQ
EEIEAFPRVWSPPEDYRL
;
BN
17 'polypeptide(L)'
;MAFCTGLRGPFAQVSRALSQRCFSTTGSLSAIQKMTRVRVVDNSALGTTPYHRPPRCIHVYNKTGVGKVGDRILLAIRGQ
KKKALIVGHRMPGPRMTPRFDSNNVVLLEDNGNPVGTRIKTPIPSSLRQREGEFSKVLAIAQNFV
;
BO
18 'polypeptide(L)'
;MGGPVQGGGPRALDLLRALPRVSLANLKPNPGSRKPERRPRGRRRGRKCGRGHKGERQRGTRPRLGFEGGQTPFYLRIPK
YGFNEGHSFRHQYQPLSLNRLQYLIDLGRVDPTQPIDLTQLVNGRGVTIQPSKRDYGVQLVEEGADTFKAKVNIEVQMAS
ELAIAAIEKNGGVVTTAFYDPRSLEILCKPVPFFLRGQPIPKRMLPPEALVPYYTDAKNRGYLADPARFPEARLELARKY
GYVLPDITKDELFKMLSTRKDPRQIFFGLAPGWVVNMADKKILKPTDENLLKYYSS
;
BP
19 'polypeptide(L)'
;MWRLLARACAPLLRAPLSDSWAAPSATAGFKTLLPVPTFEDVAIPEKPKLRFVERVPLVPKVRRERKNLSDIRGPSTEAT
EFTEGRFAILALGGGYLHWGHFEMMRLTINRSMDPKNMFALWRVPAPFKPITRKGMGQRMGGGKGAIDHYVTPVKAGRLI
VEMGGRCEFKEVQGFLDLVAHKLPFPAKAVSRETLEKMRKDQEERERNNQNPWTFERIATANMLGIRKVLSPYDLTHKGR
YWGKFYTPERV
;
BQ
20 'polypeptide(L)'
;MRLSVAAAISHGRVFRRLGLGPESRIHLLQNLLTGLVRHERIEASWARVDELRGYAEKLIDYGKLGDTNERAMRMADFWL
TEKDLIPKLFQVLAPRFQGQNGGYTRMLQIPNRNEQDRAKMAVIEYKGNCLPPLPLPRRDSNLTLLNQLLQGLRQDQEAS
SHTAQTPAV
;
BR
21 'polypeptide(L)'
;MALRSRFWALLSICRNPGCRAAALSTSCKPATNPETDPVENEAVAPEFTNRNPRNLELLAVARKERGWGTVWPSREFWHR
LRVIRTQHHIEALVEHRNGQVVVSASTREWAIKKHLYSTRNVVACESVGRVLAERCLEAGINFMVYHPTPWEAASDSIKR
LQHAMTEGGVVLREPRRIYE
;
BS
22 'polypeptide(L)'
;MAASITRGSWAAVGLGQSFPPTRALLPAPASVICRTLAGSGRQQVTGSSEPGAFQPPPKPVIVDKRRPQRPETRFLSPEF
IPPRGRTNPLKFQIERKDMLERRKILHIPEFYVGSILRVTTADPYASAKTSQFLGICIQRSGSGLGATFILRNTIEGQGV
EICFELYNPRIQEIQVVKLEKRLDNSLLYLRDALPEYSTFDVNMKPITQEFNQEVPVNQLKVKMKPKPWSKRWERPKFNI
KGIRFDLCLTEEQMREAQKWSQPWLEFDMMREYDTSKIEAAIWDEIEASKNS
;
BT
23 'polypeptide(L)'
;MVFLTVPLWLRSRVTDRYWRVQEVLKHARHFRGRKNRCYRLAVRAVTRAFVKCTRARRLKKRSLRTLWINRITAASQEHG
LKYPAFIINLIKCQVELNRKVLADLAIYEPKTFKSLAALAKRRREEGFAAALGDGKEPDGIFSRVVQHR
;
BU
24 'polypeptide(L)'
;MAAAVAASVLQGTFGRLVSAYSRSVLRTSRPGTAPPWSAPRRLSSQHTSSLRGCVPKTSLGSPPWPDIVLPDPVEETRHH
AEVVGQVNELIAAGRYGRLFAVVHFAGHQWKVTAEDLILIENELDVACGERIRLEKVLLVGADNFTLLGKPLLGKELVRV
EATVIEKTESWPKINMKFQKRKNYQRKRITVNPQTVLRINSIEIAPCLC
;
BV
25 'polypeptide(L)'
;MAAAVLERLGGLWMQNLRGKLALRLLSSHSILPQSHIHTSASVEISRKWEKKNKIVYPPQLPGEPRRPAEIYHCRRQIKY
SKDKMWYLAKLIRGMSIDQALAQLEFSDKKGAQIIKEVLLEAQDMAVRDHNVEFRSNLYVAESTSGRGQYLKRIRYHGRG
RFGIMEKVFCHYFVKLVEGPPPPREAPKTAVAHAREYIQELRNRTITHAL
;
BW
26 'polypeptide(L)'
;MARNVLYPLYQLGNPQLRVFRTNFFIQLVRPGTAQPEDTVQFRIPMEMTRVDLRNYLERIYNVPVAAVRTRVQYGSNRRR
DHRNIRIKKPDYKVAYVQLALGQTFTFPDLFPERKGASVDVDVRDQVLEDQRQKHSPDPRRGGVPGWFGL
;
BX
27 'polypeptide(L)'
;MRLSALLALASKVTLPPNYRYGMSRPGSLSDKRKNPPGTRRRRVPVEPISDEDWHLFCGDKVEILEGKDAGKQGKVVQVI
RQRNWVVVEGLNTHYRYVGKTVDYRGTMIPSEAPLLHNQVKLVDPTDRKPTDVEWRFTEAGERVRVSTRSGRIIPKPEFP
RADGIVPETWIDGPKDTSVEDALEKTYVPRLKTLEEEVMEAMGIQETRRHKKVYWY
;
BY
28 'polypeptide(L)'
;MALASGPARRALARLGRLGLGGCGAPRRGAYEWGVRSTRKPEPPPLDRVYEIPGLEPITYAGKMHFMPGLARPVFPPWDP
GWTHPKFRRLPPLHEHPLYKDQACYVFHQRCRLLEGVKQALWLTKTQLIEGLPEKVLRLADDPRNHIENQDERVLNAISH
ARLWHSTEDIPKRETYCPVIVDSLIQLCKSQILKHPSLARRICAQNNTLSATWNRESILLQVHGSSGARLNAKDPLPPVA
SQEEVEATKNHVLETFYPISPTMGLQECNVYDVNDDTGFQEGYPYPCPHTLYFLESANLRPRRFQPDQLRAKMILFAFGS
ALAQARLLYGNDSKVLEQPVVVQSVGTDGRLFQFLVLQLNTTDLASDEGVKNLAWVDSDQLLYQHFWCLPVIKKKVVVEP
VGPIGFQPETFRKFLALYLHGAV
;
Ba
29 'polypeptide(L)'
;MAAPWWRAALCASRRWRGFSTSAALSRRAAPLGPMPNEDIDVSDLERLKKYRSFDRYRRRAEQEARKPHWWRTYREHFGE
ESGPKDRVDIGLPPPKVSRTQQLLERKQALRELRANVEEERAARLQTARIPLEAVRAEWERTCGPYHKQRLAEYCGLYRD
LFHGATFVPRVPLHVAYAVGEDDLMPVYHGNEVTPTEAAQAPEVTYEADEGSLWTLLLTNLDGHLLEPDAEYVHWLVTNI
PGNRVTEGQETCPYLPPFPARGSGFHRFAFLLFKQDKRIDFSGDTRPSPCYQLAQRTFHTFDFYKKHQDAMTPAGLAFFQ
CRWDDSVTRVFHQLLDMREPVFEFVRPPPYHPKQKRFPHRQPLRYLDRYRDSHEPTYGIY
;
Bb
30 'polypeptide(L)'
;MAMGAWGLRLWRAVPRGEAGWRLIATSPASQLSPTELIEMQNDLFNKEKNRQLSLTPRTEKIEVKHVGKTDPGTVFVMNK
NISTPYSCAMHLSEWYCRKSILALVDGQPWDMYKPLTKSCEIKFLTFKDDDPGEVNKAYWRSCAMMMGCVIERAFKDEYV
VSLVRAPEVPVIAGAFCYDVVLDKRLDEWMPTKENLHSFTKDARALIYKDLPFETLEVEAKVALEIFQHNKYKLDFIEEK
ASQNPERIVKLHRFGDFIDVSEGPLIPRTSICFQYEVSAVHNLQTQSSLVRRFQGLSLPVHLRAHFTIWNKLLERSRKMV
TEDKTKPTEESAST
;
Bc
31 'polypeptide(L)'
;MAAAALGAASRTLRPASRLVGAWPTQTRDAHERGSLFSFWGLVPMRAEPLRKKKKVDPKKDQAAKDRLKKRIRRLEKASQ
ELIPIEDFITPVKFLNKERQRPPVELPFEESERRALLLKRWSLYKQREHEMERSAIRSLLEAQEEALQELRLSSPELHAE
ATKRDPSLFPFERQGPDYTPPISDYQPPEGRYQDITKVYTQVEFKK
;
Bd
32 'polypeptide(L)'
;MGLLSGAARALVRGADRMSKWTSKRGPRTFCKGRGAKGTGFHGRDGKFVQIKEMIPELVVPELAGFKLKPYVNYRAPEGT
DTPLTAKQLFLETAAPAIEKDFKAGTFDPEHLEKYGFEPTQEGKLFQLYPKNFPR
;
Be
33 'polypeptide(L)'
;MALAAVKWVISSRTILKHLFPIQNSASYCVCHKSTYSSLPDDYNCKVELALTSDGRTIVCYHPSVDIPYEHTKPIPRPDP
VHNIEETHDLVLKTRLEEKGEHLEQGPMIEQLSKMFFTTKHRWYPRGQYHRRRRKPNPPKDR
;
Bf
34 'polypeptide(L)'
;MTARGTASRFLTSVLHNGLGRYVQQLQRLSFSLSRDAPSSRGAREFVEREVTDFARRNPGVVIYVNPRPCCVPRVVAEYL
NGAVREESIHCKSVEEIAALVQKLADQSGLDVIRIRKPFHTDSPSIQGQWHPFTNKPTTLGGLRPREVQDPAPAQVQAQ
;
Bg
35 'polypeptide(L)'
;MASGLVRLLQWGPRRLLAPAAPTLAPPVRGAKKGFRAAYRFQKELERWRLLRCPPPPVRRSEKPNWDYHAEIQAFGHRLQ
ETFSLDLLKTAFVNSCYIKSEEAKRQKLGIDKEAALLNLKDNQELSEQGISFSQTCLTQFFEDAFPDLPTEGVTSLVDFL
TSEEVVCHVARNLAVEQLALSAEFPVPPPVLRQTFFAVIGALLQSSGPERTALFIRDFLITQMTGKELFEMWTITNPMGL
LVEELKKRKISAPESRLTRQSGSTTALPVYFVGLYCDRKLIAEGPGETVLVAEEEAARVALRKLFGFTENRRPWDYSKPK
EHVRAEKTITAS
;
Bh
36 'polypeptide(L)'
;MAASAFAGAVRAATGILRPLHILASSAYQNCAKNACLSSVLSSRHFSHIQTSALLSAPRLITSVRNLMCGPTAPVLNRVA
PLLPHVLKPPVRTVTYFSSRKGKRKTVKAVIYRFLRLHSGLWLRRKAGYKKKLWKKTAARKRRLREFVFCNKTQSKLLDK
MTTSFWKRRNWYADDPYQKYQDRTNLKV
;
B8
37 'polypeptide(L)'
;MAAPVTRGLSCLPRVLGWWSRQPVLVTQSTAVVPVRTKKRFTPPTYQPKYKSEKEFVEHARKAGLVIPHERLERPIHLAC
TAGIFDAYVPPEGDARISSLSKEGLAQRAERLKKNVASQLSIRKIRESDPNFKIKDFPEKAKDIFIEAHLCLNNSDHDRL
HTLVTENCFPDMVWDIRYKTVRWSFVESLEPPQVVQVRCSSLMNQGNIYGQVTVRMHTRQTLAIYDRFGRLMYGQEDVPR
DVLEYVVFEKHLVDPYGSWRMHGKIIPPWAPPKQPILKTVMIPGPQLKPWEEFEEPQGEVHKPQPA
;
Bi
38 'polypeptide(L)'
;MAAPVRRTMLRVVRGWRRFEGPWAHSLGSRNLALAVAPSSSSSPWRLLGALCLQRPPLVTKPLTPLQEEMADLLQQIEIE
RSLYSDHELRALDEAQQLAKKKSDLYEEEDEQNILLAQDLEDMWEQKFLHFKLGARLTEADKKDDRTSLHRKLDRNLILL
VREKLGDQDIWMLPQSDWQPGETLRQTAERTLATLSENNMEAKFLGNAPCGHYKFKFPQAMRTETSLGAKVFFFKALLLT
GDFSQAGKKGHHVWVSKEELGDYLKPKYLAQVRRFLLDL
;
Bj
39 'polypeptide(L)'
;MSEAAGTKVLRELNASRSDIVTGPDQGRSVSIFRPPGIAAAWADLQLARLHTTRQQRMNGALGKALCLRNDTVLKQALSL
IRVRASGESPICSAGGILLSTSRHYRSKPTHGIGRYKHLVKAQEPKKKKGKVEVRPINLGTDYEYGVLNIHLIAYDMALA
ESYAQYVHNLCNHLAIKVEESYAMPTKTMEVLQLQEQGSKMFLDAVLTTHERVVQISGLSATFAEIFLEIIHSNLPEGVK
LSVREHTEEDFKGRFKARPELEELLAKLN
;
Bk
40 'polypeptide(L)'
;MAATVLCGVLRAWRTGVPLGCGLRRLSQTQGTPEYPSFVESVDEYHFVERLLPPASIPRPPKHEHYPTPSGWQPPRDPAP
SLPYFVRRSRMHNIPVYRDITHGNRQMTVIRKVEGDIWALQKDVEDFLSPLLGKTPVTQVNEVTGTLRVKGYFDQQLKAW
LLEKGF
;
Bl
41 'polypeptide(L)'
;MVRLRGKRECLTLSLRLIGWSWRVTAGGGRCFVSKFSSKMAARWVSGLARRSLTCAVSGAPRREFWSPFRKEKQPVVAET
VEEVKKEPILVCPPIQSRTYIPPEDLQSRLESHVKEVFGSSVPSNWQDISLEDVHLKFSFLARLANDLRHAVPNSRLHQM
CRVRDVLDFYNVPVQDRSKFDELIASNLPHNLKITWGY
;
Bm
42 'polypeptide(L)'
;MAGSLSWVTGRGLWGRLPLTCRSFSLGIPRLFHVRVTLPPRKVVDRWNEKRAMFGVYDNIGILGNFEKHPKELIKGPIWL
RGWKGNELQRCIRKKRMVGNRMFIDDLHNLNKRISYLYKHFNRHGKYR
;
Bn
43 'polypeptide(L)'
;MAAWGILLSTGVRRLHCGTAAQAGSQWRLQQGFAANPSGYGPLTELPDWSYADGRPAPPMKGQLRRKAQREKFARRVVLL
SQEMDAGLQAWQLRQQEKLQEEEGKQKNALKSKGALLQNPQPSQ
;
Bo
44 'polypeptide(L)'
;MAAALARLGLRAVKQVRVQFCPFEKNVESTRTFLQAVSSEKVRCTNLNCSVIADVRHDGSEPCVDVLFGDGHRLIMRGAH
LTAQEMLTAFASHIQARGAAGSGDKPSASTGR
;
Bp
45 'polypeptide(L)'
;MAARRLFGAARSWAAWRAWELSDAAVSGRLHVRNYAKRPVIKGGKGGKGAVVGEALKDPEVCTDPFRLTTHAMGVNIYKE
GQDVVLKPDSEYPEWLFEMNVGPPKKLEELDPETREYWRLLRKHNIWRHNRLSKNRKF
;
Bq
46 'polypeptide(L)'
;MFLTALLRRNRIPGRQWIGKHRRPRPVSAQAKQNMIRRLETEAENQYWLSRPFLTAEQERGHAAVRRAAAFQALKAAQAA
RFPAHRRLEEQLGHLLVTRKWS
;
Bt
47 'polypeptide(L)'
;MAAARCLRWGLNRAGAWLLPSPTRYPRRALHKQVEGTEFQSIYSLDKLYPESRGSDTAWRLPDDAKQANDIPVDRLTISY
CRSSGPGGQNVNKVNSKAEVRFHLASADWIAEPVRLKLAVKHKNRINRSGELILTSECSRYQFRNLADCLQKLRDMIAEA
SQPAKEPSREDAELRRSRIENMNRERLRKKRISSAIKTSRRVDVD
;
Bu
48 'polypeptide(L)'
;MAAPVQQARTLLRLVTTLGQGSRGYRARPPPRRSQEPRWPDPDDPLTPRWQLSPRYAAKQFARHGAASGVAAGSLWPSQE
QLRELEAEEREWYPSLAAMQESLRVQQLAEEQKRQAREQLIEECMAKMPQMIENWRQQQQERREKEQADKDRRARLQAEA
QERLGYHVDPRSARFQELLQDMEKQHRKRLKEEKQRKKKEARAAAMAAAAAQDPADSETPSS
;
Bv
49 'polypeptide(L)'
;MAAARCWRFPLRGAGLSLHTAAKAAVTAPEVTGPDVPATPVARYPPIVASLTAKSKAARQRRVEQWQATVHAAKSVDEKL
RILTKMQFMKYVVYPQTFALNADNWYQSFTKTVFLSGLPPTPAKLEPEPTLDITALREAVCDCLLQEHFFLRRKKRAPVI
QDREAIASPFLDQLVASLTGLLSVHNPVLAAAALDCKRPVHFFWLRGEEIIPRGHRKGRVDALRYQINDKPHNQIRISRQ
LPEFVPLDYSIPIEVPVMSCKPDKLPLFKRQYENTIFIGSKTADPLCYGHTQFHLLPDKLKREKLLKQNCADQIEVVFRA
NAIASLFAWTGAQAMYQGFWSEADVTRPFVSQGVITDGKYFSFFCYQLNTLALTAQADQNNPRKNICWGTQSKPLYETIE
DNNVKGFNDDVLLQLVQFLLNRPKEDKSQLLEN
;
Bw
50 'polypeptide(L)'
;MVGLNVLVSGCGRLLRGLLAGPAATSWARPPSRGFREVVEILDGKTTIIEGRITETPQESPNPPNPTGQCPICRWNLKHK
YNYEDVLLLSQFIRPHGGMLPRRITGLCQEEHLKIEECVKMAHRAGLLPNHRPKLPEGFVPKSKPRLNRYLTRWSPRSVK
PIYNKGHRWNKVRMPVGSPLLKDNVSYSGRPLLLYH
;
Bx
51 'polyribonucleotide'
;ACACAGGUUUGGUCCUGGCCUUUCUAUUAAUUCUUAAUAAAAUUACACAUGCAAGUAUCCGCGCCCCGGUGAGAAUGCCC
UCCAGAUCUUAAAGAUCAAAAGGAGCAGGUAUCAAGCACACCUAUAACGGUAGCUCAUAACGCCUUGCUCAACCACACCC
CCACGGGAAACAGCAGUGAUAAAAAUUAAGCCAUGAACGAAAGUUUGACUAAGUUAUAUUAAUUAGAGUUGGUAAAUCUC
GUGCCAGCCACCGCGGUCAUACGAUUAACCCAAAUUAAUAGAUCCACGGCGUAAAGAGUGUUUAAGAAAAAAAAUCACAA
UAGAGUUAAAUUAUAACUAAGCUGUAAAAAGCCCUAGUUAAAAUAAAAUAACCCACGAAAGUGACUCUAAUAAUCCUGAC
ACACGAUAGCUAGGACCCAAACUGGGAUUAGAUACCCCACUAUGCCUAGCCCUAAACCCAAAUAGUUACAUAACAAAACU
AUUCGCCAGAGUACUACUCGCAACUGCCUAAAACUCAAAGGACUUGGCGGUGCUUCACAUCCACCUAGAGGAGCCUGUUC
UAUAAUCGAUAAACCCCGAUAGACCUUACCAACCCUUGCCAAUUCAGCCUAUAUACCGCCAUCUUCAGCAAACCCUAAAA
AGGAACAAUAGUAAGCACAAUCAUAGCACAUAAAAACGUUAGGUCAAGGUGUAGCUUAUGGGUUGGAAAGAAAUGGGCUA
CAUUUUCUACAUAAGAAUAUCCACCACACGAAAGUUUUUAUGAAACUAAAAACCAAAGGAGGAUUUAGCAGUAAAUCAAG
AAUAGAGUGCUUGAUUGAAUAAGGCCAUGAAGCACGCACACACCGCCCGUCACCCUCCUCAAGCAUGUAGUAAUAAAAAU
AACCUAUAUUCAAUUACACAACCAUGCAAGAAGAGACAAGUCGUAACAAGGUAAGCAUACUGGAAAGUGUGCUUGGAUUA
CC
;
AA
52 'polypeptide(L)'
;MATAFLRTVLSAVGPLLHLGGRPLSTFAAGPPRAALAVGAQPSPAAALLSARPLLGPQPALGFKTKGVLKKRCRDCYLVK
RRGRWFIYCKTNPKHKQRQM
;
B9
53 'polyribonucleotide'
;ACCAAAGCUAGCUCAACAUACUAAACAAAUACAAAAAUACACCAAAAUAAAAUAAAACAUUCACCUAACAUUAAAGUAUA
GGAGAUAGAAAUUUUUAUCCUGACGCUAUAGAGAUAGUACCGUAAGGGAAAGAUGAAAGAAUAAAAUAAAAGUAAAAAAA
AGCAAAGAUUACCCCUUCUACCUUUUGCAUAAUGGUUUAACCAGAAAAAAUCUAACAAAGAGAACUUUAGCUAGAUACCC
CGAAACCAGACGAGCUACCCAUGAGCAGUUUAAAAGAACCAACUCAUCUAUGUGGCAAAAUAGUGAGAAGACUUGUAGGU
AGAGGUGAAAAGCCUAACGAGCCUGGUGAUAGCUGGUUGUCCGAGAAAGAAUUUUAGUUCAACCUUAAAAAUACCCCAAA
AACCCUAAAUUCCAAUGUAUUUUUAAGAGAUAGUCUAAAAAGGUACAGCUUUUUAGAAACGGAUACAACCUUGACUAGAG
AGUAAAAUCUUAAUACUACCAUAGUAGGCCUAAAAGCAGCCAUCAAUUGAGAAAGCGUUAAAGCUCAACAAAUUCACCAA
CAUAAUCCCAAAAACUAAUAACAAACUCCUAGCCCAAUACCGGACUAAUCUAUUGAAACAUAGAAGCAAUAAUGUUAAUA
UGAGUAACAAGAAGCCUUUCUCCUCGCACACGCUUACAUCAGUAACUAAUAAUAUACUGAUAAUUAACAACCAAUAAACC
AAAACAACACUAAAACGUUUAUUAAUUACAUUGUUAACCCAACACAGGAGUGCACCAAGGAAAGAUUAAAAGAAGUAAAA
GGAACUCGGCAAACACAAACCCCGCCUGUUUACCAAAAACAUCACCUCUAGCAUUACUAGUAUUAGAGGCAAUGCCUGCC
CAGUGACACCAGUUUAACGGCCGCGGUAUUCUGACCGUGCAAAGGUAGCAUAAUCACUUGUUCUCCAAAUAAGGACUUGU
AUGAAUGGCCACACGAGGGUUUUACUGUCUCUUACUUCCAAUCAGUGAAAUUAACCUUCCCGUGAAGAGGCGGGAAUAAA
AAAAUAAGACGAGAAGACCCUAUGGAGCUUUAAUUAACUAUUCCAAAAGUUAAACAACUCAACCACAAAGGGAUAAAACA
UAACUUAACAUGGACUAGCAAUUUCGGUUGGGGUGACCUCGGAGUACAAAAAACCCUCCGAGUGAUUUUAAUCUAGACAA
ACCAGUCAAAAUAACCAUAACAUCACUUAUUGAUCCAAAAUUUUGAUCAACGGAACAAGUUACCCUAGGGAUAACAGCGC
AAUCCUGUUCUAGAGUUCCUAUCGACAAUAGGGUUUACGACCUCGAUGUUGGAUCAGGACACCCAAAUGGUGCAACCGCU
AUUAAAGGUUCGUUUGUUCAACGAUUAAAGUCCUACGUGAUCUGAGUUCAGACCGGAGCAAUCCAGGUCGGUUUCUAUCU
AUUAUAAAUUUCUCCCAGUACGAAAGGACAAGAGAAAUGGGACCAACCUCACAAACGCGUCUCAGAGAUAAUUAAUGAUU
UAAUCUUAACCUAAUUAACUCAUAAUAAAUCCAGCCCUAGAACAGGGCACA
;
BA
54 'polypeptide(L)'
;MASGPLLPRLLGAGAPRRPLRLHLVPTATPGPAGPTGRTLGSNAAPAAREPELGNDLRDRILSEPLKHADFFNLKELFSV
RSLFDARVHLGHKAGCRHRFMEPYLFGSRLGQDIIDLEQTAAHLQLALNFTAHVAYREGIILFVSRHRQFAHLIETTARD
CGEYAHTRYFKGGLLTNAPLLLGPGVRLPDLIIFLHTLNNVFEPHVAVRDAAKMNIPTVGIVDTNCNPALITYPVPGNDD
SPPAVRLFCRLFQVAISRAKEKRRQVEALYRLQGPAGAERGPAAPPPPE
;
AB
55 'polypeptide(L)'
;MVASVCGGGLRPLVLSWSRELPCAWRALHISAVCAKNRAARVRVSKGDKPVTYEEAHAPHYIAHRKGWLSLHTGNLDGED
HAAERTVEDVFLRKFMLGTFPGCLADQLVLKRRANQLEICALVLRQLPPHKFYFLVGYSETLLSHFYKCPVHLHLQTVPS
KVVYKYI
;
AC
56 'polypeptide(L)'
;MAAAVRAAGFFPGLFGASAGNLWSRQLYLNTFPAASILTSKTFPSNGPLSPPGTRDNHHFTSLACALQTQCSISSPSNWM
GQQYRSYSFFTKLTADELWKGALAESGAGARKGRGKRTKKKRRKDLNRGQIIGEGRHGFLWPGLNIPLMRNGAVQTIAQR
SKEDQEKVEADMVQQREEWDRRRKMKVKRERGWSGNTWGGVSLGPPDPGPNGETYDDFDTRILEVRNVFNMTAKEGRKRS
VRVLVAVGNGKGAAGFAIGKATERADAFRKAKNRAVHYLHYIERYEDHTIYHDISLKFKRTHIKMKKQPRGYGLHCHRAI
MTICRLIGIKDLYAKVSGSVNMLNLTRGLFLGLSRQETHQQLADKKSLHVVEFREECGPLPIVVASPQGALRKDPEPEDE
VPDITLDWEDVKAAQGMKRSVWSGLKRAAT
;
AE
57 'polypeptide(L)'
;MRRKAWKVPAGSRTIRSKRGGSGSCRVGGVCSSRWQLAEGTRGAALLQWLPGQGAGPRAGCRPQRAGLSRGRGAAALRRG
RGVARGGAWLGEGAWRPVCAAARAFKPGLARPERAFAAWEPSGPAVRQVSAVPALFHPGRRFREEPRAVHSGMPRYELAL
ILKAMQRPETAAALKRTLEALMDRGAVVRNLENLGERMLPYKISAHNQRHSRGGYFLVDFYAPATTVESMMEHLSRDIDV
IRPNIVKHPLTQEVKECEGIVPVPLEEKLYSTKKRK
;
AF
58 'polypeptide(L)'
;MAAPAVKAARGWSCSALGVRIAVLRFPGLTQVRWSRYGPEYKDPQIDKEYYRKPLAEQTEEEKYERDFKKTQLIKAAPAT
KTSSVFEDPVISKFTNMMMKGGNKVLARSLMTQTLEAVKRKQFAKYHAASAEEQATIERNPYTIFHQALKNCEPVIGLVP
ILKGGHFYQVPVPLADRRRRFLAMKWMIAECREKKHRRVLMPEKLSQELLEAFHNQGPVIKRKHDMHKMAEANRALAHYR
WW
;
AG
59 'polypeptide(L)'
;MAAPCVFCGAAVSYRLFLGCRVSFARGQVLWKAAAPELQAGARCQILRLRHTAVVTTKKNVAASRRETYTVDFIKKQIEE
FNIGKRHLANMMGEDPETFTQEDIDRAIAYLFPSGLFEKRARPIMKHPEEIFPKQRAIQWGEDGRPFHFLFYTGKQSYYS
LMHDTYGKLLDVEKHHNQLRAKDLLAEKTKILKDPIGSRWLIKEELEEMLVEKLSDQDYAQFIRLLERLSALPCGATEED
FVNRFRRSIPIQSKKQLIEPLQYDEQGMAFSRGEGKRKTAKAEVVVYGQGSGRIDVNGVDYLLYFPVTQDREQLMFPLHF
LDRLGKHDMTCAVSGGGRSAQAGAVRLAMARALCSFVTEDEVEWMRQAGLLTADPRVRERKKPGQEGARRKFTWKKR
;
AI
60 'polypeptide(L)'
;MAARTAFGALARRLWQGSRNFSVSSSRSSTAKNGGFLLTTMKWVQFSNLHVDVPKDMTKPEITISDEPDTLYKRLSVLVK
GHDKAVLDSYEYFAVLAAKELGISIKVHEPPRKIERFTLLKSVHIFKKHRVQYEMRTLYRCLELEHLTGSTADVYLEYIQ
RNLPEGVAMEVTKTKLEQLPEHIRKPIWETMPEEKEESKS
;
AJ
61 'polypeptide(L)'
;MQVVRNAGSRLLQSWAWPPKTRIVAGLPASTIHRSAPHLQDAAAKLDIEDKEEARTPSHSSFSIYPPIPGQENSLRWAGK
KFEEIPIAHIKASYNNTQIQVVSAAHQPLAHASCGTEGFRNAKKGTGIAAQTAGIAAAAKATGKGVTHVRVVVKGLGPGR
LSAIKGLTMGGLEVISITDNTPIPHNGCRPRKARRL
;
AK
62 'polypeptide(L)'
;MSWSGLLRGLGTSLNCGLALVPRPWATRPMATLNQMHRLGPPKHPPGKMGPTAGRPQLKGVVLRTFIRKPKKPNSANRKC
CRVRLSTGREAVCFIPGEGHSLQEHHVVLVQGGRTQDLPGVKLTVVRGKYDCGHVQKKK
;
AL
63 'polypeptide(L)'
;MAASMLGFLLRTVRQMVPSSASGQVRSYYVDWKMLRDVKRRKMAYEYADERLRINSLRKNTILPKDLQEVADEEIASLPR
DSCPVRIRNRCVMTSRPRGVKRRWRLSRIVFRHLADHGQLSGVQRAMW
;
AN
64 'polypeptide(L)'
;MLRAAWRALSSIRTQAVTQAPVLGLPGGGCARFPSVQRALPSRPAGLILRAARGYAAQKPVQPNQDDPPPSMLLLDYQNV
PGIHKVDDVVKRLLSLEMANQKEKLKIKKMQLMNKVLENPEDTSSLEARIVALTVKIRNYEEHMQKHRKDKAHKRFLLMS
IDQRKKMLKNLRETNYAVFEKICKELGIEYTFPPPYHRKAHRRWVTKKALCTQVFREVQKLKKQKRALRAAAVAAHKQG
;
AO
65 'polypeptide(L)'
;MVQLTTVLCRAYRGGHLTIRLALGGCTNRPFYRIVAAHSKCPRDGRFVEQLGSYDPLPNSHGEKLVALNFDRIRHWIGCG
AHLSKPVEKLLGLSGFYPLHPMMITNAERLRRKRAREVLLASQKTDTEATETKAS
;
AP
66 'polypeptide(L)'
;MSIARSSVHAKWVVGKVIGTAMQKTAKVRVTRLVLDPYLLKYFNKRKTYFAHDALQQCTVGDIVLLKALPVPRTKHVKHE
LAEIIFKVGQVIDPVTGKPCAGTTYLESPISPESTRLTKNLEALQLSSTQ
;
AQ
67 'polypeptide(L)'
;MAAVVSLCSRLGRRKSTDFVNAAVCLTDPGTHAVLWRSCSQYKQVASNEDLPVPMENPYKEPLKKCILCEKHVDYKNVQL
LSQFISPFTGCIYGRHITGLCGKKQKEITKAIKRAQILGFMPVTYKDPAYLKDPKVCNIKYRE
;
AR
68 'polypeptide(L)'
;MANHLKFIARTVMVQEGNVEGAYRTLNRILTMDGLIEDIKRRRYYEKPCRRRQRESYETCRRIYNMEMARKINFLMRKNR
ADPWQGC
;
AU
69 'polypeptide(L)'
;(UNK)(UNK)(UNK)(UNK)(UNK)(UNK)(UNK)(UNK)(UNK)(UNK)(UNK)(UNK)(UNK)(UNK)(UNK)(UNK)
(UNK)(UNK)
;
AZ
70 'polypeptide(L)'
;MPHEPRETRNLSLPLPALVARIIMATLKASALLRSLQTNSCGTGRVCFPVRARPRPRALLQPLPGASGTGTLCRGLGSES
ESGNSEIRKPTFMDEEVQNILIKMTGLDLQKIFKPALQELKPPTYKLMTQAQLEEATKQAVEAAKVRLKMPPVLEERAPI
NDVLAEDKILEGTETAKYVFTDISYSIPHRERFIVVREPSGTLRKASWEERDRMIQVYFPREGRRILTPVIFKEENLQTM
YSQDQHVDVLNLCVAQFEPDSAEYIKIHHHTYEDIDKCGKYDLLRSTRHFGGMAWYFVNKKKIDGLLIDQIQRDLVSDAT
SLVHLYHILHPDGQSAQEAKKQGAEGLHLIKVFAKTEAQKGAYIELTLQAYQEAFITHSAAS
;
Aa
71 'polypeptide(L)'
;MAGSRLETVGSIFSRTRDLIRAGVLKEKPLWLDIYNAFPPLREPVFRRPRLRYGKAKAAVQDIFYHEDRIRAKFYSAYGS
GPKAFDLFNPNFKSTCQRFVEKYIELQRLGETDEEKLFVEAGKALLAEGVTLRRVGEARTQQEGSPISRKSEPTGIKPQT
AVEENQPWKEVPQDQPLEAPEKESKGLPPP
;
Ab
72 'polypeptide(L)'
;MPMKGRFPIRRTLQYLGQGDVVFKDSVKVMTVNYNTHGELGEGARKFVFFNIPQIQYKNPWVQITMFKNMTPSPFLRFYL
DSGEQVLVDVESKSNKEIVEHIRKILGKNEETLEKEEQEKKQLSHPAHFGPRKYCLRECMCEVEGQVPCPGLVPLPKEMT
GKYKAALKATAQD
;
Ac
73 'polypeptide(L)'
;MLRVLGGLGARPAGRLPAPLLLPTRGRKTRHDPPAKSKAGRVATPPAVDPTEFFVLTERYRQYRQTVRALRLEFMSEVRK
KLHEARAGVQAERKAQEDAAEHRELMAWNQAENQRLHELRLARLRQEALEQERRQAEEAVLQAREAQAWAQLKEQEVLQL
QEEAKTFITRENLEARVEEALDSPKSYNWAITREGLVVRPQQKGS
;
Ad
74 'polypeptide(L)'
;MLSRAAPTEGTGGGRRSVDSTPPPRLPATPAPAFPLVCSKMASSIVRRGILRARKVSLPQLSLAGRRCLLSAAYVDSHKW
EARDKEDCHLADLASLMDKTYERKLPVSSLTISRFVDNIASREDIDHAEYYLYKFRHSPNCWYLRDWTIHTWIRQCLKYG
AQDKALYTLKNKVQYGIFPDNYTFNLLMDYFIKKENYKDALSVVFEIMMQEAFEVPSTQLLSLYVLYHCLAEKTDLSWEE
ERNFGASLLLPGLKQKNSVGLSSQLYGYALLGKVELQQGLRAVYCNMPLLWQPGYLHRALQVMEKVASSPEDGQLCGEAL
DVLDRVLKAVTAPAQGTSEEQPQEGEESQRSEELVEQLDVEETEQSKLPQYLERFEALRSKLQALGKVESESLLTLSTQL
AKAQLPTCEAEDIAVYEQRLQQWHGERVRLIQREQEQRERARQDYEARRAAKASA
;
Ae
75 'polypeptide(L)'
;MAALCRTRAVTAKSHFLRVFFFSRPCRGTGTESGSGSESSESTEPKQRPGGFASALERHSELQQKAEFGRMRGSPKNVES
FASMLRHSPLTQMGPAKNKLVIGQIFHIVEDDLYIDFGGKFHCVCKRPEVDGEKYQKGTRVRLRLLDLELTSRFLGATTD
TTILEADAVLLGLQESKDSKSKEERHEK
;
Af
76 'polypeptide(L)'
;MAQLLANLTSIQVMLKGVTRLISRVHKLDPGHVLYMGTQAPQSLAAHLDNQVPVKSPRAISRTSEDDPAKHREQHEGQHY
NISLQELKTVFPHGLPPRFAMQVKTFNEACLMVRKPALELLHYLKNTNFAHPAVRYVLYGEKGTGKTLSLCHILHFCAKQ
NWLILHIPDAHIWVKNCRDLLQSNYNKQRFDQPLEASTWLKNFKTANEHFLSQIKVQEKYVWNKRESTEKGRPLGEVVEQ
GIMRVRNATDAVGIVLKELKRQSSLGIFHLLVAVDGVNALWGRTTLKREDKSPIAPEELALIHNLRKMVKNDWQGGAIVL
TVSQTGSLFKPRNAYLPQELLGKEGFDALDPFIPILVSNYNPKEFESCIQYYLENNWLQHEKAHTEEGKKELLFLSNRNP
GQLERLCAYL
;
Ag
77 'polypeptide(L)'
;MLPRVSAVIPLRPLSRLPLCSGGPEASAAAILLLDSLRGTVRTENNIQRYFGTNNLVYSKKDEQSGPTCEISKETESKGS
VKENSKKDLLNIIKGMKVELSTVNVQTTKPSNKRQLKNLETAIGRIKKAPEDTPQKRSESLSSELVAAVSAVADSLPFDR
RMTKSELLRQLQKHEEDSR(UNK)QKDGEKPKISFSNIISDMKVARSATARVSTRPVHQIQFDEGTDDFADQEKTLNLKK
SFRKNIFKGRRLNIFEPQAVTEEAPETEAVPSLWDIEFAKQLAAVTERPFQNGFEEMIQWTKEGKLWEFPINNEAGFDDD
GSEFHEHIFLDKYLQDFPKQGPIRHFMELVTCGLSKNPYLSVKQKVEHIEWFRNYFNEKRVILKESGIQLN
;
Ah
78 'polypeptide(L)'
;MSSLSEYAVRMSRLSARLFGEVARPTDSKSMKVVKLFSEQPLAKRKETYDWYPNHNTYFALMGTLRFLGLYRDEHQDFRD
EQLRLKKLRGKGKPRKGEGKRAMKKK
;
Ai
79 'polypeptide(L)'
;MARKKVRPRLIAELARRVRALREQRERPRDSQRYALDYETMMRPHSGNRLPMRAWADVRHESRLLQLLNRLPLFGLGRLV
TRKSWLWQHDEPCYWRLTRVRPDYAAENLDHGKAWGILTFKGKTESEAREIEQVMYHDWRLVPKHEEEAFTAFTLVPEDT
PLSVPYPPLLRAMILAQRQKYGDTSTEEPMLNLERARIDPWDYPAKLEAKTKTKGAAV
;
Aj
80 'polypeptide(L)'
;MAATSLPAWLILKSRAGTFRAFSTAMSPATRSPRPALRTTERTSKPERALRRKALPPRTEKMAVDQDWPSVYPVAAPFKP
SAVPLPVRMGYPVKRGVPMAKEGNLELLKIPNFLHLTPVAIKRHCEALKDFCTEWPAALDSDEKCEKHFPIEIDTADYVS
AGPSIRNPKARVVTLRVKLSSLNLDDHAKKKLIKLVGDRYCKSTDVLTIKTDRCPLKRQNYDYAVYLLTVLYHESWKTEE
WEKKKTEADMEEYIWENSTSEKNILETLLQIKAAEKNLELSKEELLGTKEVEDYRKSVVSLKNEGDNENTLSQYKESVKR
LLNLA
;
Ak
81 'polypeptide(L)'
;MATPSLRGRLARLGNPRRPILKPNKPLILANHVGERRREKGEATCITEMSVMMACWKQNEFRDEACRKEIQDFFDCASRA
EAARKMRSIQENLGELGSLPPKKLNKLLHRFPNKPHVS
;
Am
82 'polypeptide(L)'
;MFLVRLTSQLLRAVPGAGRSGSPRVSEVLGRHACRPRYSTQPPGPSGIASLPGKHVHPELEEMLVPRKMSISPLESWLTI
RYLLPRLGAGTPGTVSPAQLYQCPPSQVGEGVKQGDKEVRDTPQMQCKNILKIRRRKMNHHKYRKLVKRTRFLRRKVREG
RLRQKQVKFERDLKRIWQKAGLKEAPAGWQTPKIYLKNQ
;
An
83 'polypeptide(L)'
;MPCSRRQGMFFEPNILQVGSKLCYPDRYSSGHGFYSGSAAHPEVEGANVTGIEEVVIPKKKTWDKVAILQALASTVHRDS
TAAPYVFQDDPYLIPTSSVESHSFLLAKKSGENAAKFIINSYPKYFQKDIAEPHIPCLMPEYFEPQIEDVSEAALQERIK
L(UNK)(UNK)(UNK)(UNK)(UNK)(UNK)(UNK)(UNK)(UNK)(UNK)(UNK)(UNK)(UNK)(UNK)(UNK)
(UNK)(UNK)(UNK)(UNK)(UNK)(UNK)(UNK)(UNK)(UNK)(UNK)(UNK)(UNK)(UNK)(UNK)(UNK)(UNK)
(UNK)(UNK)(UNK)(UNK)(UNK)(UNK)(UNK)(UNK)(UNK)(UNK)(UNK)(UNK)(UNK)(UNK)(UNK)(UNK)
(UNK)(UNK)(UNK)(UNK)(UNK)(UNK)(UNK)(UNK)(UNK)(UNK)(UNK)(UNK)(UNK)(UNK)(UNK)(UNK)
(UNK)(UNK)(UNK)(UNK)(UNK)(UNK)(UNK)(UNK)(UNK)(UNK)(UNK)(UNK)(UNK)TWRTKNNAERIFALM
PEKNAHSYCTMIRGMVKHQAPTQALNLYTVLLNNRLRADVYTFNSLIEATALVVNEKFEEKWNNILDLLKQMVTQNVKPN
LQTFNTILKCLRRFYAFGKLPALQTLREMKAIGIEPSLATYHYVIQLFYQHESPSKGSSLIIYDIMNEVMGKRFSPRDPD
DDMFFQSAMRVCSSLRDLELAYQVHGLLNTGDNWKLIGSDHRRNFYYSKFFNLLCFMEQIDVTLKWYKDLIPSVFFPHSQ
TMIDLLQALDVANRLDMVPQIWKDSKEYGHTFRNELKEEILMLMARDQHPPELQVAFADCAADIKSTYESQDARQTAPEW
PASSLNYVAVLFLRAGRTQEAWKMLGLFRKHNKIPRAELLNEFLDSAKASSSPAQAIELVKLASAFSLPVCEGLTRRVMA
EFTLTQEQREALGELTALTSDSSSDSDSDSDSDISEGK
;
Ao
84 'polypeptide(L)'
;MAASILNVLLRRLPGVSPFRGAYGVQVLLQTLCTKAPPEDDSLPQVPISPYKDEPWKYLDSEEYQNRYGSRPVWADYRRN
HKGGIPPQRTRKMCIRGNKVAGNPCPICRDQKLHVDFRNVKLLEQFVCAHTGIIFHAPYTGVCMKQHKKLTQAIQKARDH
GLLRYHIPQVEPRDLDFSTTHGAVSSTPPAPTLVSGDPWYPWYSWKQPPERELSRLRRLYQGRLREESGPPPELMPEVPL
TAPAEASSTEPGAPQSAL
;
Ap
85 'polypeptide(L)'
;MLPAAASSLWGPCFGLRAAALRVARHQGPRLCGVRLMRCSSHRKGEALAGAPLDNAPKEYPPKIQQLVQDIASLTLLEIS
DLNELLKKTLKIQDVGFMPMGAVAPGAPPAAAAPEAAEEDLPKRKEQTHFTVRLTEAKPVDKVKLIKEIKSHIQGINLVQ
AKKLVESLPQEIKANVPKAEAEKIKAALEAVGGTVVLE
;
CL,DL,EL,FL,GL,HL
86 'polyribonucleotide' UUUUUUUUUUUUUUUUUUUUUUUUUUUUUUUUUUUUUUUUUUUUUUUUUUUUUUUUUUUUUUUUUUUUCCA AV,AY
87 'polyribonucleotide' UUUUUU AX
#
loop_
_chem_comp.id
_chem_comp.type
_chem_comp.name
_chem_comp.formula
5GP non-polymer GUANOSINE-5'-MONOPHOSPHATE 'C10 H14 N5 O8 P'
A RNA linking ADENOSINE-5'-MONOPHOSPHATE 'C10 H14 N5 O7 P'
C RNA linking CYTIDINE-5'-MONOPHOSPHATE 'C9 H14 N3 O8 P'
G RNA linking GUANOSINE-5'-MONOPHOSPHATE 'C10 H14 N5 O8 P'
GTP non-polymer GUANOSINE-5'-TRIPHOSPHATE 'C10 H16 N5 O14 P3'
MG non-polymer 'MAGNESIUM ION' 'Mg 2'
SPM non-polymer SPERMINE 'C10 H26 N4'
U RNA linking URIDINE-5'-MONOPHOSPHATE 'C9 H13 N2 O9 P'
ZN non-polymer 'ZINC ION' 'Zn 2'
#
# COMPACT_ATOMS: atom_id res chain seq x y z
N SER A 39 -21.99 -5.70 24.01
CA SER A 39 -23.32 -6.15 24.42
C SER A 39 -24.39 -5.19 23.92
N LYS A 40 -25.58 -5.73 23.64
CA LYS A 40 -26.70 -4.93 23.17
C LYS A 40 -27.79 -4.73 24.21
N ASN A 41 -27.80 -5.53 25.28
CA ASN A 41 -28.82 -5.41 26.32
C ASN A 41 -28.39 -4.37 27.34
N LEU A 42 -29.27 -3.41 27.60
CA LEU A 42 -29.00 -2.35 28.56
C LEU A 42 -30.32 -1.88 29.17
N GLY A 43 -30.23 -1.43 30.43
CA GLY A 43 -31.39 -0.95 31.15
C GLY A 43 -32.16 -2.03 31.88
N GLY A 44 -31.73 -3.29 31.80
CA GLY A 44 -32.44 -4.35 32.49
C GLY A 44 -32.37 -4.24 33.99
N LYS A 45 -31.29 -3.65 34.51
CA LYS A 45 -31.09 -3.50 35.94
C LYS A 45 -32.19 -2.67 36.58
N SER A 46 -32.84 -3.22 37.61
CA SER A 46 -33.93 -2.54 38.31
C SER A 46 -34.17 -3.20 39.65
N PRO A 47 -34.18 -2.44 40.75
CA PRO A 47 -34.43 -3.03 42.06
C PRO A 47 -35.84 -3.61 42.17
N GLY A 48 -35.96 -4.65 42.98
CA GLY A 48 -37.25 -5.27 43.20
C GLY A 48 -38.17 -4.34 43.98
N LYS A 49 -39.47 -4.53 43.79
CA LYS A 49 -40.49 -3.69 44.42
C LYS A 49 -40.98 -4.24 45.75
N ARG A 50 -40.41 -5.36 46.22
CA ARG A 50 -40.81 -5.99 47.48
C ARG A 50 -42.29 -6.36 47.48
N PHE A 51 -42.81 -6.76 46.33
CA PHE A 51 -44.21 -7.17 46.24
C PHE A 51 -44.38 -8.53 46.89
N GLY A 52 -45.08 -8.56 48.01
CA GLY A 52 -45.29 -9.81 48.71
C GLY A 52 -46.35 -9.67 49.78
N ILE A 53 -46.49 -10.74 50.56
CA ILE A 53 -47.48 -10.79 51.65
C ILE A 53 -46.79 -10.35 52.93
N LYS A 54 -47.33 -9.33 53.58
CA LYS A 54 -46.72 -8.77 54.78
C LYS A 54 -47.20 -9.49 56.04
N LYS A 55 -48.50 -9.69 56.18
CA LYS A 55 -49.09 -10.31 57.35
C LYS A 55 -49.54 -11.72 57.02
N MET A 56 -49.13 -12.69 57.84
CA MET A 56 -49.51 -14.08 57.67
C MET A 56 -50.77 -14.35 58.48
N GLU A 57 -51.36 -15.54 58.26
CA GLU A 57 -52.57 -15.91 58.97
C GLU A 57 -52.28 -16.07 60.46
N GLY A 58 -53.18 -15.56 61.30
CA GLY A 58 -53.02 -15.60 62.73
C GLY A 58 -52.41 -14.38 63.34
N HIS A 59 -51.84 -13.48 62.53
CA HIS A 59 -51.25 -12.26 63.04
C HIS A 59 -52.34 -11.27 63.46
N TYR A 60 -52.16 -10.65 64.62
CA TYR A 60 -53.10 -9.67 65.13
C TYR A 60 -52.69 -8.29 64.60
N VAL A 61 -53.48 -7.73 63.70
CA VAL A 61 -53.17 -6.47 63.05
C VAL A 61 -54.15 -5.39 63.52
N HIS A 62 -53.84 -4.15 63.18
CA HIS A 62 -54.69 -3.01 63.48
C HIS A 62 -55.19 -2.39 62.19
N ALA A 63 -56.12 -1.45 62.32
CA ALA A 63 -56.68 -0.78 61.15
C ALA A 63 -55.60 0.05 60.47
N GLY A 64 -55.57 -0.02 59.14
CA GLY A 64 -54.60 0.70 58.36
C GLY A 64 -53.31 -0.05 58.06
N ASN A 65 -53.11 -1.21 58.69
CA ASN A 65 -51.92 -2.01 58.41
C ASN A 65 -52.06 -2.66 57.04
N ILE A 66 -51.00 -2.56 56.22
CA ILE A 66 -51.03 -3.15 54.89
C ILE A 66 -50.83 -4.65 55.03
N LEU A 67 -51.86 -5.42 54.67
CA LEU A 67 -51.78 -6.87 54.77
C LEU A 67 -50.82 -7.45 53.74
N ALA A 68 -50.90 -6.98 52.50
CA ALA A 68 -50.03 -7.50 51.44
C ALA A 68 -49.96 -6.48 50.32
N THR A 69 -48.88 -6.54 49.55
CA THR A 69 -48.70 -5.74 48.34
C THR A 69 -48.49 -6.66 47.15
N GLN A 70 -49.09 -6.28 46.01
CA GLN A 70 -49.03 -7.13 44.83
C GLN A 70 -49.08 -6.26 43.59
N ARG A 71 -48.50 -6.78 42.50
CA ARG A 71 -48.53 -6.10 41.22
C ARG A 71 -49.78 -6.45 40.43
N HIS A 72 -50.15 -7.73 40.41
CA HIS A 72 -51.40 -8.19 39.85
C HIS A 72 -52.28 -8.76 40.95
N PHE A 73 -53.54 -9.01 40.62
CA PHE A 73 -54.47 -9.53 41.62
C PHE A 73 -54.19 -10.98 41.94
N ARG A 74 -53.40 -11.22 42.99
CA ARG A 74 -53.13 -12.56 43.49
C ARG A 74 -53.98 -12.91 44.70
N TRP A 75 -54.06 -12.00 45.67
CA TRP A 75 -54.93 -12.16 46.83
C TRP A 75 -56.05 -11.12 46.75
N HIS A 76 -57.29 -11.59 46.87
CA HIS A 76 -58.37 -10.60 46.80
C HIS A 76 -58.86 -10.25 48.20
N PRO A 77 -59.18 -8.98 48.43
CA PRO A 77 -59.71 -8.59 49.74
C PRO A 77 -61.08 -9.20 49.99
N GLY A 78 -61.36 -9.47 51.26
CA GLY A 78 -62.64 -10.04 51.63
C GLY A 78 -63.43 -9.14 52.56
N ALA A 79 -63.63 -9.60 53.80
CA ALA A 79 -64.34 -8.81 54.79
C ALA A 79 -63.35 -7.95 55.57
N HIS A 80 -63.69 -6.66 55.73
CA HIS A 80 -62.91 -5.70 56.50
C HIS A 80 -61.50 -5.52 55.92
N VAL A 81 -61.34 -5.73 54.62
CA VAL A 81 -60.07 -5.51 53.93
C VAL A 81 -60.33 -4.62 52.74
N GLY A 82 -59.70 -3.44 52.73
CA GLY A 82 -59.86 -2.51 51.64
C GLY A 82 -58.94 -2.84 50.47
N LEU A 83 -59.06 -2.03 49.42
CA LEU A 83 -58.27 -2.19 48.21
C LEU A 83 -57.80 -0.82 47.75
N GLY A 84 -56.50 -0.57 47.86
CA GLY A 84 -55.95 0.68 47.40
C GLY A 84 -55.87 0.74 45.89
N LYS A 85 -55.60 1.95 45.39
CA LYS A 85 -55.51 2.14 43.94
C LYS A 85 -54.29 1.46 43.34
N ASN A 86 -53.32 1.06 44.16
CA ASN A 86 -52.17 0.30 43.71
C ASN A 86 -52.31 -1.19 44.01
N LYS A 87 -53.54 -1.67 44.12
CA LYS A 87 -53.86 -3.07 44.37
C LYS A 87 -53.31 -3.57 45.71
N CYS A 88 -53.07 -2.66 46.65
CA CYS A 88 -52.62 -3.05 47.98
C CYS A 88 -53.83 -3.38 48.86
N LEU A 89 -53.59 -4.22 49.86
CA LEU A 89 -54.63 -4.68 50.78
C LEU A 89 -54.31 -4.20 52.18
N TYR A 90 -55.26 -3.51 52.80
CA TYR A 90 -55.08 -2.98 54.15
C TYR A 90 -56.30 -3.28 54.99
N ALA A 91 -56.06 -3.63 56.25
CA ALA A 91 -57.13 -3.99 57.16
C ALA A 91 -57.88 -2.73 57.61
N LEU A 92 -59.21 -2.80 57.58
CA LEU A 92 -60.06 -1.71 58.02
C LEU A 92 -60.42 -1.81 59.50
N GLU A 93 -60.32 -3.00 60.09
CA GLU A 93 -60.64 -3.21 61.49
C GLU A 93 -59.46 -3.91 62.16
N GLU A 94 -59.48 -3.92 63.48
CA GLU A 94 -58.43 -4.53 64.29
C GLU A 94 -58.87 -5.95 64.64
N GLY A 95 -58.06 -6.93 64.24
CA GLY A 95 -58.41 -8.32 64.48
C GLY A 95 -57.36 -9.32 64.02
N VAL A 96 -57.82 -10.48 63.55
CA VAL A 96 -56.94 -11.57 63.14
C VAL A 96 -57.08 -11.78 61.64
N VAL A 97 -55.96 -11.91 60.95
CA VAL A 97 -55.96 -12.10 59.50
C VAL A 97 -56.17 -13.58 59.18
N ARG A 98 -57.02 -13.85 58.21
CA ARG A 98 -57.31 -15.22 57.76
C ARG A 98 -57.27 -15.26 56.25
N TYR A 99 -57.01 -16.45 55.70
CA TYR A 99 -56.96 -16.66 54.26
C TYR A 99 -57.86 -17.84 53.91
N THR A 100 -58.72 -17.64 52.91
CA THR A 100 -59.70 -18.64 52.52
C THR A 100 -59.73 -18.77 51.00
N LYS A 101 -60.32 -19.87 50.53
CA LYS A 101 -60.59 -20.08 49.12
C LYS A 101 -62.09 -19.98 48.90
N GLU A 102 -62.52 -18.97 48.14
CA GLU A 102 -63.94 -18.67 48.03
C GLU A 102 -64.31 -18.43 46.58
N VAL A 103 -65.61 -18.60 46.29
CA VAL A 103 -66.13 -18.40 44.94
C VAL A 103 -65.91 -16.96 44.52
N TYR A 104 -65.84 -16.75 43.21
CA TYR A 104 -65.55 -15.44 42.62
C TYR A 104 -66.73 -15.02 41.75
N VAL A 105 -67.42 -13.97 42.16
CA VAL A 105 -68.51 -13.40 41.37
C VAL A 105 -68.09 -12.00 40.93
N PRO A 106 -67.69 -11.83 39.67
CA PRO A 106 -67.16 -10.54 39.23
C PRO A 106 -68.27 -9.49 39.10
N ASN A 107 -67.83 -8.23 39.10
CA ASN A 107 -68.76 -7.14 38.91
C ASN A 107 -69.33 -7.18 37.49
N PRO A 108 -70.63 -6.93 37.32
CA PRO A 108 -71.23 -7.00 35.97
C PRO A 108 -70.67 -5.99 34.98
N SER A 109 -70.06 -4.90 35.45
CA SER A 109 -69.51 -3.90 34.53
C SER A 109 -68.15 -4.30 33.96
N ASN A 110 -67.49 -5.28 34.55
CA ASN A 110 -66.18 -5.73 34.05
C ASN A 110 -66.41 -6.62 32.84
N SER A 111 -66.16 -6.09 31.64
CA SER A 111 -66.52 -6.78 30.42
C SER A 111 -65.73 -8.07 30.25
N GLU A 112 -64.41 -8.04 30.49
CA GLU A 112 -63.59 -9.24 30.32
C GLU A 112 -64.02 -10.33 31.29
N ALA A 113 -64.24 -9.97 32.55
CA ALA A 113 -64.65 -10.96 33.55
C ALA A 113 -66.02 -11.53 33.22
N VAL A 114 -66.96 -10.69 32.78
CA VAL A 114 -68.28 -11.17 32.41
C VAL A 114 -68.20 -12.12 31.22
N ASP A 115 -67.37 -11.78 30.24
CA ASP A 115 -67.22 -12.64 29.07
C ASP A 115 -66.61 -13.99 29.46
N LEU A 116 -65.59 -13.97 30.34
CA LEU A 116 -65.03 -15.22 30.83
C LEU A 116 -66.06 -16.05 31.57
N VAL A 117 -66.87 -15.41 32.41
CA VAL A 117 -67.90 -16.11 33.16
C VAL A 117 -68.90 -16.76 32.21
N THR A 118 -69.33 -16.03 31.19
CA THR A 118 -70.26 -16.57 30.21
C THR A 118 -69.64 -17.71 29.40
N ARG A 119 -68.35 -17.64 29.11
CA ARG A 119 -67.69 -18.71 28.37
C ARG A 119 -67.33 -19.91 29.23
N LEU A 120 -67.43 -19.78 30.55
CA LEU A 120 -67.18 -20.91 31.43
C LEU A 120 -68.23 -22.01 31.21
N PRO A 121 -67.85 -23.29 31.35
CA PRO A 121 -68.82 -24.38 31.19
C PRO A 121 -69.84 -24.42 32.33
N GLN A 122 -70.82 -25.33 32.20
CA GLN A 122 -71.95 -25.38 33.13
C GLN A 122 -71.54 -25.69 34.56
N GLY A 123 -70.48 -26.47 34.76
CA GLY A 123 -70.11 -26.87 36.11
C GLY A 123 -68.98 -26.07 36.71
N ALA A 124 -68.43 -25.14 35.94
CA ALA A 124 -67.28 -24.37 36.38
C ALA A 124 -67.70 -23.24 37.30
N VAL A 125 -66.97 -23.09 38.41
CA VAL A 125 -67.13 -21.98 39.34
C VAL A 125 -65.75 -21.44 39.68
N LEU A 126 -65.53 -20.15 39.46
CA LEU A 126 -64.22 -19.56 39.74
C LEU A 126 -63.97 -19.52 41.24
N TYR A 127 -62.74 -19.83 41.63
CA TYR A 127 -62.31 -19.77 43.02
C TYR A 127 -61.08 -18.87 43.13
N LYS A 128 -61.06 -18.05 44.16
CA LYS A 128 -59.97 -17.11 44.40
C LYS A 128 -59.58 -17.16 45.87
N THR A 129 -58.33 -16.79 46.13
CA THR A 129 -57.79 -16.74 47.48
C THR A 129 -58.09 -15.37 48.08
N PHE A 130 -59.00 -15.34 49.04
CA PHE A 130 -59.41 -14.11 49.69
C PHE A 130 -58.75 -13.98 51.06
N VAL A 131 -58.41 -12.74 51.42
CA VAL A 131 -57.80 -12.41 52.70
C VAL A 131 -58.81 -11.59 53.49
N HIS A 132 -59.09 -12.02 54.71
CA HIS A 132 -60.09 -11.41 55.57
C HIS A 132 -59.47 -11.02 56.91
N VAL A 133 -60.17 -10.15 57.63
CA VAL A 133 -59.80 -9.76 58.98
C VAL A 133 -61.01 -10.01 59.87
N VAL A 134 -60.85 -10.91 60.84
CA VAL A 134 -61.91 -11.22 61.79
C VAL A 134 -61.81 -10.24 62.95
N PRO A 135 -62.79 -9.36 63.15
CA PRO A 135 -62.69 -8.38 64.23
C PRO A 135 -62.64 -9.04 65.59
N ALA A 136 -61.86 -8.44 66.50
CA ALA A 136 -61.74 -8.92 67.87
C ALA A 136 -62.34 -7.95 68.88
N LYS A 137 -61.96 -6.68 68.82
CA LYS A 137 -62.52 -5.69 69.71
C LYS A 137 -63.98 -5.41 69.34
N PRO A 138 -64.88 -5.31 70.31
CA PRO A 138 -66.27 -4.97 70.01
C PRO A 138 -66.39 -3.52 69.60
N GLU A 139 -67.57 -3.19 69.06
CA GLU A 139 -67.81 -1.81 68.63
C GLU A 139 -67.76 -0.84 69.79
N GLY A 140 -68.32 -1.22 70.93
CA GLY A 140 -68.29 -0.36 72.10
C GLY A 140 -69.04 -1.01 73.25
N THR A 141 -69.03 -0.30 74.37
CA THR A 141 -69.71 -0.74 75.58
C THR A 141 -70.60 0.38 76.11
N PHE A 142 -71.58 0.00 76.93
CA PHE A 142 -72.49 0.93 77.56
C PHE A 142 -72.06 1.15 79.00
N LYS A 143 -71.62 2.37 79.29
CA LYS A 143 -71.14 2.73 80.63
C LYS A 143 -72.06 3.77 81.25
N LEU A 144 -72.26 3.64 82.57
CA LEU A 144 -73.06 4.60 83.31
C LEU A 144 -72.28 5.90 83.44
N VAL A 145 -72.88 7.00 82.99
CA VAL A 145 -72.25 8.30 83.05
C VAL A 145 -72.81 9.16 84.17
N ALA A 146 -74.09 9.01 84.49
CA ALA A 146 -74.73 9.79 85.53
C ALA A 146 -76.04 9.12 85.92
N MET A 147 -76.24 8.93 87.23
CA MET A 147 -77.48 8.36 87.75
C MET A 147 -78.30 9.50 88.34
N LEU A 148 -79.09 10.14 87.49
CA LEU A 148 -79.92 11.25 87.90
C LEU A 148 -81.37 10.80 88.11
N PRO B 2 12.66 36.46 76.86
CA PRO B 2 12.58 37.87 77.28
C PRO B 2 11.67 38.70 76.38
N LEU B 3 11.02 39.70 76.96
CA LEU B 3 10.09 40.56 76.23
C LEU B 3 10.44 42.02 76.47
N HIS B 4 10.16 42.84 75.47
CA HIS B 4 10.38 44.28 75.60
C HIS B 4 9.45 44.87 76.66
N LYS B 5 10.00 45.75 77.49
CA LYS B 5 9.19 46.41 78.51
C LYS B 5 8.14 47.31 77.87
N VAL B 6 8.51 48.02 76.82
CA VAL B 6 7.60 48.91 76.08
C VAL B 6 7.31 48.28 74.73
N PRO B 7 6.06 48.22 74.29
CA PRO B 7 5.76 47.63 72.99
C PRO B 7 6.37 48.44 71.85
N VAL B 8 6.58 47.75 70.73
CA VAL B 8 7.23 48.37 69.59
C VAL B 8 6.45 49.56 69.04
N GLY B 9 5.13 49.57 69.23
CA GLY B 9 4.31 50.67 68.74
C GLY B 9 4.60 52.00 69.40
N LEU B 10 5.20 51.98 70.59
CA LEU B 10 5.53 53.21 71.31
C LEU B 10 7.01 53.59 71.17
N TRP B 11 7.78 52.86 70.36
CA TRP B 11 9.19 53.17 70.23
C TRP B 11 9.39 54.54 69.56
N LYS B 12 8.60 54.84 68.53
CA LYS B 12 8.73 56.14 67.88
C LYS B 12 8.31 57.27 68.84
N GLN B 13 7.26 57.04 69.63
CA GLN B 13 6.85 58.04 70.60
C GLN B 13 7.93 58.27 71.65
N LEU B 14 8.56 57.21 72.14
CA LEU B 14 9.66 57.36 73.09
C LEU B 14 10.84 58.08 72.46
N ARG B 15 11.15 57.79 71.19
CA ARG B 15 12.22 58.50 70.51
C ARG B 15 11.91 59.98 70.38
N LEU B 16 10.66 60.32 70.08
CA LEU B 16 10.26 61.73 70.01
C LEU B 16 10.30 62.39 71.39
N TRP B 17 10.04 61.63 72.45
CA TRP B 17 10.08 62.18 73.80
C TRP B 17 11.49 62.34 74.34
N GLU B 18 12.51 61.85 73.64
CA GLU B 18 13.89 61.92 74.11
C GLU B 18 14.75 62.56 73.04
N GLY B 19 16.00 62.85 73.40
CA GLY B 19 16.94 63.41 72.46
C GLY B 19 16.59 64.84 72.06
N ILE B 20 17.07 65.24 70.88
CA ILE B 20 16.82 66.59 70.38
C ILE B 20 15.37 66.82 70.03
N TYR B 21 14.59 65.75 69.84
CA TYR B 21 13.16 65.91 69.56
C TYR B 21 12.43 66.57 70.73
N SER B 22 12.92 66.36 71.95
CA SER B 22 12.30 66.97 73.12
C SER B 22 12.52 68.47 73.16
N ARG B 23 13.57 68.97 72.52
CA ARG B 23 13.86 70.39 72.48
C ARG B 23 13.07 71.12 71.40
N LEU B 24 12.29 70.40 70.60
CA LEU B 24 11.48 71.04 69.58
C LEU B 24 10.36 71.86 70.22
N PRO B 25 9.86 72.89 69.53
CA PRO B 25 8.80 73.72 70.10
C PRO B 25 7.54 72.91 70.40
N ARG B 26 6.89 73.26 71.51
CA ARG B 26 5.73 72.50 71.96
C ARG B 26 4.55 72.64 71.01
N HIS B 27 4.38 73.81 70.38
CA HIS B 27 3.29 73.93 69.41
C HIS B 27 3.51 73.01 68.21
N TYR B 28 4.76 72.91 67.74
CA TYR B 28 5.07 71.99 66.66
C TYR B 28 4.86 70.54 67.09
N LEU B 29 5.26 70.21 68.32
CA LEU B 29 5.08 68.85 68.81
C LEU B 29 3.60 68.49 68.89
N ARG B 30 2.77 69.41 69.39
CA ARG B 30 1.33 69.15 69.45
C ARG B 30 0.69 69.11 68.08
N SER B 31 1.16 69.93 67.13
CA SER B 31 0.66 69.86 65.77
C SER B 31 0.97 68.51 65.12
N LEU B 32 2.16 67.98 65.36
CA LEU B 32 2.53 66.68 64.81
C LEU B 32 1.85 65.52 65.53
N GLU B 33 1.57 65.65 66.84
CA GLU B 33 0.99 64.55 67.59
C GLU B 33 -0.41 64.22 67.10
N GLU B 34 -1.24 65.24 66.87
CA GLU B 34 -2.62 65.01 66.46
C GLU B 34 -2.68 64.37 65.09
N ALA B 35 -3.57 63.40 64.92
CA ALA B 35 -3.79 62.70 63.66
C ALA B 35 -5.23 62.95 63.23
N ARG B 36 -5.45 64.08 62.57
CA ARG B 36 -6.79 64.44 62.10
C ARG B 36 -7.18 63.57 60.91
N THR B 37 -8.43 63.15 60.88
CA THR B 37 -8.92 62.33 59.78
C THR B 37 -9.06 63.18 58.52
N PRO B 38 -8.38 62.84 57.42
CA PRO B 38 -8.53 63.62 56.20
C PRO B 38 -9.92 63.50 55.61
N THR B 39 -10.32 64.54 54.88
CA THR B 39 -11.63 64.54 54.25
C THR B 39 -11.73 63.44 53.20
N PRO B 40 -12.88 62.79 53.06
CA PRO B 40 -13.03 61.73 52.07
C PRO B 40 -12.95 62.29 50.66
N VAL B 41 -12.01 61.76 49.87
CA VAL B 41 -11.80 62.21 48.50
C VAL B 41 -12.29 61.16 47.50
N HIS B 42 -11.99 59.89 47.74
CA HIS B 42 -12.42 58.80 46.86
C HIS B 42 -13.65 58.08 47.39
N TYR B 43 -13.59 57.56 48.62
CA TYR B 43 -14.73 56.87 49.19
C TYR B 43 -15.81 57.87 49.60
N ARG B 44 -17.07 57.49 49.40
CA ARG B 44 -18.18 58.35 49.73
C ARG B 44 -18.75 57.94 51.08
N PRO B 45 -18.62 58.75 52.12
CA PRO B 45 -19.09 58.35 53.45
C PRO B 45 -20.60 58.44 53.57
N HIS B 46 -21.12 57.71 54.56
CA HIS B 46 -22.52 57.78 54.93
C HIS B 46 -22.72 58.77 56.06
N GLY B 47 -23.88 59.42 56.07
CA GLY B 47 -24.16 60.48 57.01
C GLY B 47 -24.35 60.02 58.45
N ALA B 48 -25.44 59.29 58.70
CA ALA B 48 -25.78 58.91 60.06
C ALA B 48 -24.92 57.73 60.53
N LYS B 49 -24.76 57.65 61.85
CA LYS B 49 -24.02 56.55 62.46
C LYS B 49 -24.82 55.26 62.54
N PHE B 50 -26.15 55.34 62.46
CA PHE B 50 -27.01 54.17 62.51
C PHE B 50 -27.81 54.05 61.22
N LYS B 51 -28.10 52.82 60.84
CA LYS B 51 -28.82 52.56 59.60
C LYS B 51 -29.71 51.34 59.79
N ILE B 52 -30.88 51.36 59.16
CA ILE B 52 -31.79 50.22 59.19
C ILE B 52 -31.39 49.26 58.08
N ASN B 53 -31.13 48.02 58.45
CA ASN B 53 -30.71 47.01 57.48
C ASN B 53 -31.89 46.68 56.56
N PRO B 54 -31.73 46.80 55.23
CA PRO B 54 -32.85 46.46 54.34
C PRO B 54 -33.29 45.01 54.44
N LYS B 55 -32.37 44.08 54.69
CA LYS B 55 -32.71 42.67 54.79
C LYS B 55 -33.20 42.30 56.19
N ASN B 56 -32.59 42.86 57.22
CA ASN B 56 -32.91 42.51 58.60
C ASN B 56 -33.99 43.39 59.22
N TRP B 57 -34.17 44.61 58.70
CA TRP B 57 -35.14 45.57 59.23
C TRP B 57 -34.86 45.86 60.71
N GLN B 58 -33.58 46.02 61.03
CA GLN B 58 -33.16 46.35 62.38
C GLN B 58 -32.09 47.44 62.30
N ARG B 59 -31.98 48.20 63.39
CA ARG B 59 -30.99 49.26 63.47
C ARG B 59 -29.61 48.67 63.75
N GLU B 60 -28.62 49.11 62.98
CA GLU B 60 -27.24 48.68 63.17
C GLU B 60 -26.31 49.87 63.04
N ARG B 61 -25.23 49.86 63.81
CA ARG B 61 -24.24 50.92 63.76
C ARG B 61 -23.30 50.68 62.58
N VAL B 62 -23.20 51.66 61.69
CA VAL B 62 -22.34 51.58 60.51
C VAL B 62 -21.30 52.68 60.62
N GLU B 63 -20.04 52.32 60.42
CA GLU B 63 -18.92 53.24 60.59
C GLU B 63 -18.18 53.41 59.27
N ASP B 64 -17.66 54.61 59.05
CA ASP B 64 -16.93 54.94 57.83
C ASP B 64 -15.48 54.50 57.99
N VAL B 65 -15.02 53.67 57.05
CA VAL B 65 -13.64 53.18 57.02
C VAL B 65 -12.92 53.86 55.86
N PRO B 66 -11.89 54.66 56.13
CA PRO B 66 -11.19 55.33 55.02
C PRO B 66 -10.50 54.31 54.12
N ILE B 67 -10.54 54.58 52.82
CA ILE B 67 -9.87 53.70 51.85
C ILE B 67 -8.43 54.15 51.70
N PRO B 68 -7.45 53.27 51.95
CA PRO B 68 -6.05 53.65 51.79
C PRO B 68 -5.76 54.07 50.35
N VAL B 69 -4.98 55.13 50.21
CA VAL B 69 -4.59 55.66 48.90
C VAL B 69 -3.09 55.90 48.90
N HIS B 70 -2.45 55.59 47.78
CA HIS B 70 -1.02 55.74 47.64
C HIS B 70 -0.66 57.05 46.98
N TYR B 71 0.26 57.78 47.61
CA TYR B 71 0.74 59.06 47.08
C TYR B 71 2.13 58.88 46.52
N PRO B 72 2.32 58.94 45.20
CA PRO B 72 3.66 58.78 44.63
C PRO B 72 4.54 59.97 44.98
N PRO B 73 5.86 59.80 44.94
CA PRO B 73 6.75 60.92 45.27
C PRO B 73 6.56 62.14 44.39
N GLU B 74 6.13 61.96 43.14
CA GLU B 74 5.89 63.09 42.25
C GLU B 74 4.73 63.96 42.71
N SER B 75 3.83 63.43 43.55
CA SER B 75 2.73 64.23 44.05
C SER B 75 3.19 65.31 44.99
N GLN B 76 4.31 65.09 45.70
CA GLN B 76 4.83 66.09 46.62
C GLN B 76 5.30 67.36 45.91
N LEU B 77 5.60 67.29 44.62
CA LEU B 77 5.99 68.47 43.85
C LEU B 77 4.80 69.25 43.32
N GLY B 78 3.58 68.73 43.47
CA GLY B 78 2.41 69.41 42.97
C GLY B 78 1.29 69.48 43.98
N LEU B 79 0.12 69.94 43.54
CA LEU B 79 -1.07 70.06 44.39
C LEU B 79 -2.17 69.21 43.79
N TRP B 80 -2.31 67.97 44.26
CA TRP B 80 -3.30 67.05 43.73
C TRP B 80 -4.62 67.09 44.50
N GLY B 81 -4.74 67.98 45.48
CA GLY B 81 -5.97 68.11 46.24
C GLY B 81 -6.17 67.06 47.31
N GLY B 82 -5.12 66.34 47.69
CA GLY B 82 -5.22 65.33 48.73
C GLY B 82 -5.51 63.93 48.25
N GLU B 83 -5.45 63.68 46.94
CA GLU B 83 -5.70 62.36 46.37
C GLU B 83 -4.40 61.78 45.83
N GLY B 84 -4.49 60.55 45.32
CA GLY B 84 -3.34 59.88 44.76
C GLY B 84 -3.71 58.65 43.96
N TRP B 85 -2.91 57.60 44.08
CA TRP B 85 -3.14 56.36 43.37
C TRP B 85 -3.94 55.41 44.26
N VAL B 86 -5.05 54.89 43.72
CA VAL B 86 -5.88 53.93 44.45
C VAL B 86 -5.48 52.53 43.96
N LEU B 87 -4.81 51.78 44.83
CA LEU B 87 -4.40 50.43 44.52
C LEU B 87 -5.35 49.45 45.19
N GLY B 88 -5.88 48.51 44.41
CA GLY B 88 -6.80 47.56 44.99
C GLY B 88 -7.10 46.42 44.04
N HIS B 89 -8.26 45.81 44.27
CA HIS B 89 -8.74 44.70 43.44
C HIS B 89 -10.13 45.03 42.90
N ARG B 90 -10.51 44.31 41.86
CA ARG B 90 -11.81 44.50 41.24
C ARG B 90 -12.24 43.19 40.61
N TYR B 91 -13.53 43.08 40.33
CA TYR B 91 -14.12 41.93 39.68
C TYR B 91 -14.47 42.32 38.24
N VAL B 92 -13.93 41.58 37.28
CA VAL B 92 -14.26 41.84 35.88
C VAL B 92 -15.71 41.45 35.62
N ASN B 93 -16.33 42.15 34.67
CA ASN B 93 -17.74 41.99 34.32
C ASN B 93 -18.67 42.29 35.49
N ASN B 94 -18.16 42.96 36.52
CA ASN B 94 -18.92 43.37 37.70
C ASN B 94 -19.62 42.20 38.37
N ASP B 95 -19.02 41.01 38.33
CA ASP B 95 -19.59 39.82 38.94
C ASP B 95 -18.64 39.27 39.99
N LYS B 96 -19.19 38.96 41.17
CA LYS B 96 -18.37 38.42 42.25
C LYS B 96 -17.78 37.07 41.87
N LEU B 97 -18.56 36.21 41.22
CA LEU B 97 -18.09 34.88 40.87
C LEU B 97 -17.07 34.86 39.73
N SER B 98 -16.67 36.02 39.23
CA SER B 98 -15.67 36.09 38.17
C SER B 98 -14.28 36.20 38.79
N LYS B 99 -13.27 36.47 37.96
CA LYS B 99 -11.90 36.53 38.42
C LYS B 99 -11.65 37.81 39.22
N ARG B 100 -10.57 37.78 40.00
CA ARG B 100 -10.10 38.93 40.75
C ARG B 100 -8.91 39.54 40.01
N VAL B 101 -8.95 40.87 39.81
CA VAL B 101 -7.96 41.57 39.03
C VAL B 101 -7.42 42.74 39.84
N ARG B 102 -6.09 42.82 39.96
CA ARG B 102 -5.49 43.98 40.59
C ARG B 102 -5.65 45.20 39.70
N LYS B 103 -6.02 46.32 40.31
CA LYS B 103 -6.35 47.53 39.59
C LYS B 103 -5.70 48.74 40.25
N VAL B 104 -5.19 49.65 39.42
CA VAL B 104 -4.58 50.89 39.87
C VAL B 104 -5.35 52.03 39.22
N TRP B 105 -6.01 52.84 40.03
CA TRP B 105 -6.71 54.02 39.56
C TRP B 105 -5.85 55.26 39.78
N LYS B 106 -5.63 56.03 38.72
CA LYS B 106 -4.80 57.22 38.79
C LYS B 106 -5.59 58.45 38.39
N PRO B 107 -5.36 59.58 39.04
CA PRO B 107 -6.07 60.81 38.68
C PRO B 107 -5.53 61.40 37.38
N GLN B 108 -6.31 62.30 36.81
CA GLN B 108 -5.94 62.98 35.57
C GLN B 108 -5.12 64.22 35.92
N LEU B 109 -3.84 64.20 35.60
CA LEU B 109 -2.96 65.31 35.95
C LEU B 109 -2.93 66.35 34.84
N PHE B 110 -2.77 67.61 35.24
CA PHE B 110 -2.70 68.72 34.31
C PHE B 110 -1.54 69.63 34.68
N GLN B 111 -0.90 70.19 33.66
CA GLN B 111 0.19 71.15 33.85
C GLN B 111 -0.40 72.55 33.77
N ARG B 112 -0.58 73.19 34.92
CA ARG B 112 -1.23 74.48 35.01
C ARG B 112 -0.34 75.46 35.77
N GLU B 113 -0.48 76.74 35.44
CA GLU B 113 0.24 77.81 36.11
C GLU B 113 -0.74 78.56 37.00
N LEU B 114 -0.38 78.74 38.27
CA LEU B 114 -1.24 79.37 39.25
C LEU B 114 -0.53 80.60 39.82
N TYR B 115 -1.25 81.71 39.90
CA TYR B 115 -0.73 82.96 40.43
C TYR B 115 -1.14 83.11 41.89
N SER B 116 -0.17 83.41 42.75
CA SER B 116 -0.42 83.64 44.17
C SER B 116 -0.35 85.12 44.46
N GLU B 117 -1.42 85.66 45.05
CA GLU B 117 -1.46 87.09 45.37
C GLU B 117 -0.44 87.46 46.42
N ILE B 118 -0.29 86.64 47.47
CA ILE B 118 0.61 86.96 48.57
C ILE B 118 2.06 86.91 48.12
N LEU B 119 2.44 85.84 47.41
CA LEU B 119 3.83 85.68 46.99
C LEU B 119 4.14 86.41 45.69
N ASP B 120 3.12 86.84 44.95
CA ASP B 120 3.30 87.58 43.70
C ASP B 120 4.20 86.82 42.72
N LYS B 121 3.94 85.52 42.60
CA LYS B 121 4.68 84.67 41.69
C LYS B 121 3.74 83.64 41.08
N ARG B 122 3.97 83.33 39.80
CA ARG B 122 3.20 82.31 39.10
C ARG B 122 4.00 81.01 39.12
N PHE B 123 3.41 79.96 39.71
CA PHE B 123 4.05 78.67 39.83
C PHE B 123 3.39 77.67 38.88
N THR B 124 4.20 76.99 38.08
CA THR B 124 3.71 75.93 37.20
C THR B 124 3.59 74.66 38.03
N VAL B 125 2.39 74.35 38.50
CA VAL B 125 2.16 73.26 39.44
C VAL B 125 1.28 72.22 38.76
N THR B 126 1.72 70.97 38.83
CA THR B 126 0.93 69.85 38.30
C THR B 126 -0.26 69.62 39.22
N VAL B 127 -1.45 69.99 38.76
CA VAL B 127 -2.67 69.90 39.57
C VAL B 127 -3.73 69.16 38.77
N THR B 128 -4.72 68.66 39.50
CA THR B 128 -5.85 67.96 38.90
C THR B 128 -7.07 68.88 38.89
N MET B 129 -8.20 68.38 38.37
CA MET B 129 -9.43 69.16 38.36
C MET B 129 -9.98 69.39 39.76
N ARG B 130 -9.77 68.43 40.66
CA ARG B 130 -10.28 68.60 42.03
C ARG B 130 -9.58 69.74 42.75
N THR B 131 -8.28 69.93 42.49
CA THR B 131 -7.57 71.06 43.09
C THR B 131 -8.16 72.39 42.63
N LEU B 132 -8.43 72.50 41.32
CA LEU B 132 -9.05 73.72 40.81
C LEU B 132 -10.46 73.92 41.36
N ASP B 133 -11.22 72.84 41.51
CA ASP B 133 -12.55 72.94 42.10
C ASP B 133 -12.47 73.42 43.54
N LEU B 134 -11.51 72.91 44.31
CA LEU B 134 -11.33 73.38 45.68
C LEU B 134 -10.92 74.84 45.72
N ILE B 135 -10.05 75.25 44.78
CA ILE B 135 -9.65 76.66 44.71
C ILE B 135 -10.86 77.55 44.44
N ASP B 136 -11.70 77.14 43.49
CA ASP B 136 -12.90 77.91 43.20
C ASP B 136 -13.86 77.95 44.38
N GLN B 137 -14.01 76.82 45.08
CA GLN B 137 -14.89 76.79 46.25
C GLN B 137 -14.38 77.71 47.35
N ALA B 138 -13.07 77.71 47.59
CA ALA B 138 -12.46 78.59 48.57
C ALA B 138 -12.33 80.03 48.09
N CYS B 139 -12.63 80.29 46.81
CA CYS B 139 -12.61 81.64 46.24
C CYS B 139 -11.24 82.29 46.32
N GLY B 140 -10.19 81.53 46.03
CA GLY B 140 -8.85 82.05 46.04
C GLY B 140 -7.79 81.00 46.25
N PHE B 141 -6.67 81.11 45.52
CA PHE B 141 -5.56 80.16 45.69
C PHE B 141 -4.97 80.26 47.08
N ASP B 142 -4.68 81.47 47.54
CA ASP B 142 -4.15 81.65 48.89
C ASP B 142 -5.17 81.27 49.94
N PHE B 143 -6.45 81.55 49.70
CA PHE B 143 -7.49 81.14 50.63
C PHE B 143 -7.52 79.62 50.77
N TYR B 144 -7.45 78.91 49.63
CA TYR B 144 -7.43 77.46 49.67
C TYR B 144 -6.21 76.94 50.42
N ILE B 145 -5.05 77.53 50.17
CA ILE B 145 -3.82 77.08 50.83
C ILE B 145 -3.93 77.29 52.34
N LEU B 146 -4.40 78.46 52.76
CA LEU B 146 -4.49 78.76 54.18
C LEU B 146 -5.62 78.03 54.89
N LYS B 147 -6.66 77.62 54.17
CA LYS B 147 -7.80 76.96 54.77
C LYS B 147 -7.62 75.45 54.86
N THR B 148 -7.09 74.82 53.82
CA THR B 148 -6.90 73.38 53.85
C THR B 148 -5.73 73.03 54.77
N PRO B 149 -5.94 72.18 55.75
CA PRO B 149 -4.86 71.81 56.68
C PRO B 149 -3.89 70.83 56.04
N LYS B 150 -2.95 70.36 56.86
CA LYS B 150 -1.95 69.41 56.37
C LYS B 150 -2.59 68.10 55.92
N GLU B 151 -3.56 67.60 56.69
CA GLU B 151 -4.21 66.34 56.35
C GLU B 151 -4.99 66.42 55.04
N ASP B 152 -5.43 67.62 54.66
CA ASP B 152 -6.12 67.79 53.38
C ASP B 152 -5.16 68.09 52.23
N LEU B 153 -4.05 68.78 52.51
CA LEU B 153 -3.08 69.08 51.46
C LEU B 153 -2.28 67.85 51.07
N CYS B 154 -1.61 67.23 52.06
CA CYS B 154 -0.75 66.07 51.82
C CYS B 154 0.30 66.35 50.76
N SER B 155 0.87 67.56 50.78
CA SER B 155 1.88 67.95 49.81
C SER B 155 2.94 68.79 50.50
N LYS B 156 4.20 68.38 50.33
CA LYS B 156 5.30 69.17 50.90
C LYS B 156 5.37 70.54 50.25
N PHE B 157 5.12 70.61 48.94
CA PHE B 157 5.10 71.90 48.26
C PHE B 157 3.98 72.79 48.79
N GLY B 158 2.80 72.23 49.03
CA GLY B 158 1.72 73.00 49.59
C GLY B 158 2.02 73.48 51.00
N MET B 159 2.61 72.62 51.82
CA MET B 159 2.99 73.02 53.17
C MET B 159 4.03 74.14 53.14
N ASP B 160 4.99 74.04 52.22
CA ASP B 160 5.99 75.11 52.09
C ASP B 160 5.35 76.41 51.63
N LEU B 161 4.39 76.33 50.70
CA LEU B 161 3.66 77.53 50.29
C LEU B 161 2.95 78.17 51.47
N LYS B 162 2.24 77.35 52.26
CA LYS B 162 1.53 77.86 53.43
C LYS B 162 2.48 78.50 54.42
N ARG B 163 3.61 77.84 54.70
CA ARG B 163 4.57 78.40 55.65
C ARG B 163 5.15 79.71 55.13
N GLY B 164 5.47 79.78 53.85
CA GLY B 164 6.02 81.00 53.29
C GLY B 164 5.05 82.16 53.35
N MET B 165 3.78 81.92 52.97
CA MET B 165 2.81 83.01 53.02
C MET B 165 2.48 83.41 54.45
N LEU B 166 2.45 82.44 55.38
CA LEU B 166 2.25 82.80 56.78
C LEU B 166 3.40 83.64 57.32
N LEU B 167 4.64 83.28 56.95
CA LEU B 167 5.78 84.09 57.37
C LEU B 167 5.73 85.48 56.78
N ARG B 168 5.33 85.60 55.50
CA ARG B 168 5.21 86.91 54.90
C ARG B 168 4.14 87.75 55.60
N LEU B 169 2.99 87.14 55.91
CA LEU B 169 1.94 87.87 56.62
C LEU B 169 2.40 88.29 58.01
N ALA B 170 3.11 87.42 58.72
CA ALA B 170 3.54 87.75 60.07
C ALA B 170 4.62 88.83 60.07
N ARG B 171 5.52 88.81 59.09
CA ARG B 171 6.61 89.77 59.05
C ARG B 171 6.24 91.08 58.37
N GLN B 172 5.13 91.12 57.63
CA GLN B 172 4.70 92.33 56.91
C GLN B 172 5.80 92.81 55.97
N ASP B 173 6.16 91.94 55.03
CA ASP B 173 7.30 92.19 54.16
C ASP B 173 7.04 93.35 53.22
N PRO B 174 7.85 94.42 53.25
CA PRO B 174 7.72 95.48 52.26
C PRO B 174 8.09 95.03 50.85
N GLN B 175 8.81 93.92 50.70
CA GLN B 175 9.23 93.45 49.38
C GLN B 175 8.07 93.03 48.50
N LEU B 176 6.88 92.82 49.06
CA LEU B 176 5.73 92.46 48.26
C LEU B 176 5.40 93.55 47.23
N HIS B 177 5.40 94.80 47.68
CA HIS B 177 5.16 95.94 46.80
C HIS B 177 5.85 97.17 47.40
N PRO B 178 7.15 97.30 47.22
CA PRO B 178 7.85 98.48 47.72
C PRO B 178 7.35 99.78 47.10
N ASP B 179 6.81 99.73 45.89
CA ASP B 179 6.33 100.93 45.22
C ASP B 179 4.84 101.19 45.47
N ASP B 180 4.10 100.22 45.99
CA ASP B 180 2.67 100.33 46.20
C ASP B 180 2.34 99.92 47.64
N PRO B 181 2.64 100.78 48.62
CA PRO B 181 2.26 100.47 50.00
C PRO B 181 0.77 100.31 50.19
N ALA B 182 -0.05 101.09 49.46
CA ALA B 182 -1.49 100.94 49.56
C ALA B 182 -1.93 99.57 49.07
N ARG B 183 -1.38 99.10 47.95
CA ARG B 183 -1.71 97.78 47.45
C ARG B 183 -1.22 96.69 48.41
N ARG B 184 -0.05 96.89 49.00
CA ARG B 184 0.44 95.92 49.98
C ARG B 184 -0.50 95.82 51.18
N ALA B 185 -0.95 96.98 51.69
CA ALA B 185 -1.89 96.97 52.80
C ALA B 185 -3.21 96.33 52.42
N ALA B 186 -3.70 96.61 51.20
CA ALA B 186 -4.95 96.00 50.75
C ALA B 186 -4.83 94.49 50.65
N ILE B 187 -3.69 94.00 50.14
CA ILE B 187 -3.47 92.57 50.05
C ILE B 187 -3.40 91.94 51.43
N TYR B 188 -2.69 92.59 52.36
CA TYR B 188 -2.57 92.03 53.70
C TYR B 188 -3.88 92.04 54.47
N ASP B 189 -4.73 93.05 54.26
CA ASP B 189 -5.97 93.15 55.03
C ASP B 189 -6.92 91.99 54.72
N ARG B 190 -7.01 91.59 53.46
CA ARG B 190 -7.98 90.56 53.09
C ARG B 190 -7.58 89.17 53.57
N TYR B 191 -6.37 89.00 54.10
CA TYR B 191 -5.92 87.73 54.65
C TYR B 191 -5.61 87.82 56.15
N LYS B 192 -6.32 88.70 56.85
CA LYS B 192 -6.08 88.87 58.29
C LYS B 192 -6.73 87.80 59.14
N ALA B 193 -7.57 86.93 58.55
CA ALA B 193 -8.20 85.87 59.31
C ALA B 193 -7.26 84.72 59.64
N PHE B 194 -6.08 84.68 59.02
CA PHE B 194 -5.12 83.60 59.20
C PHE B 194 -3.77 84.11 59.70
N VAL B 195 -3.77 85.16 60.52
CA VAL B 195 -2.54 85.73 61.05
C VAL B 195 -2.02 84.83 62.16
N ILE B 196 -0.75 84.45 62.06
CA ILE B 196 -0.11 83.59 63.06
C ILE B 196 1.16 84.28 63.54
N PRO B 197 1.45 84.26 64.83
CA PRO B 197 2.68 84.91 65.32
C PRO B 197 3.93 84.26 64.75
N GLU B 198 5.01 85.05 64.72
CA GLU B 198 6.26 84.62 64.11
C GLU B 198 6.83 83.39 64.78
N ALA B 199 6.60 83.22 66.09
CA ALA B 199 7.15 82.08 66.80
C ALA B 199 6.59 80.76 66.30
N GLU B 200 5.41 80.76 65.69
CA GLU B 200 4.81 79.55 65.16
C GLU B 200 4.62 79.57 63.65
N ALA B 201 4.84 80.70 62.99
CA ALA B 201 4.67 80.79 61.54
C ALA B 201 5.82 80.17 60.76
N GLU B 202 6.94 79.86 61.40
CA GLU B 202 8.08 79.26 60.75
C GLU B 202 8.28 77.80 61.15
N TRP B 203 7.23 77.14 61.62
CA TRP B 203 7.32 75.73 62.00
C TRP B 203 6.12 74.92 61.52
N VAL B 204 5.31 75.43 60.59
CA VAL B 204 4.13 74.71 60.14
C VAL B 204 4.45 73.77 58.99
N GLY B 205 5.25 74.22 58.02
CA GLY B 205 5.56 73.41 56.86
C GLY B 205 6.90 72.72 56.94
N LEU B 206 7.25 72.20 58.11
CA LEU B 206 8.52 71.53 58.32
C LEU B 206 8.29 70.07 58.70
N THR B 207 9.02 69.18 58.05
CA THR B 207 8.99 67.77 58.38
C THR B 207 9.78 67.52 59.67
N LEU B 208 9.78 66.27 60.13
CA LEU B 208 10.52 65.94 61.34
C LEU B 208 12.02 66.16 61.14
N ASP B 209 12.56 65.70 60.01
CA ASP B 209 13.98 65.87 59.75
C ASP B 209 14.35 67.35 59.60
N GLU B 210 13.52 68.11 58.90
CA GLU B 210 13.78 69.54 58.76
C GLU B 210 13.73 70.26 60.09
N ALA B 211 12.77 69.90 60.95
CA ALA B 211 12.68 70.50 62.27
C ALA B 211 13.91 70.14 63.11
N VAL B 212 14.36 68.89 63.04
CA VAL B 212 15.56 68.48 63.77
C VAL B 212 16.77 69.27 63.29
N GLU B 213 16.91 69.42 61.97
CA GLU B 213 18.05 70.17 61.43
C GLU B 213 17.98 71.63 61.85
N LYS B 214 16.79 72.23 61.83
CA LYS B 214 16.65 73.62 62.23
C LYS B 214 16.99 73.80 63.71
N GLN B 215 16.52 72.89 64.56
CA GLN B 215 16.84 72.95 65.98
C GLN B 215 18.35 72.78 66.21
N ARG B 216 18.98 71.86 65.47
CA ARG B 216 20.42 71.69 65.59
C ARG B 216 21.17 72.94 65.17
N LEU B 217 20.73 73.58 64.09
CA LEU B 217 21.37 74.82 63.66
C LEU B 217 21.19 75.93 64.71
N LEU B 218 19.99 76.04 65.30
CA LEU B 218 19.76 77.06 66.30
C LEU B 218 20.57 76.82 67.57
N GLU B 219 20.72 75.56 67.98
CA GLU B 219 21.44 75.22 69.20
C GLU B 219 22.93 74.97 68.96
N GLU B 220 23.40 75.10 67.72
CA GLU B 220 24.81 74.84 67.40
C GLU B 220 25.66 75.96 67.97
N LYS B 221 26.30 75.69 69.12
CA LYS B 221 27.17 76.64 69.77
C LYS B 221 28.57 76.07 69.88
N ASP B 222 29.57 76.91 69.60
CA ASP B 222 30.94 76.50 69.78
C ASP B 222 31.25 76.31 71.27
N PRO B 223 32.00 75.28 71.64
CA PRO B 223 32.30 75.06 73.06
C PRO B 223 33.17 76.17 73.61
N ILE B 224 32.67 76.84 74.64
CA ILE B 224 33.42 77.96 75.24
C ILE B 224 34.67 77.42 75.91
N PRO B 225 35.80 78.13 75.84
CA PRO B 225 37.02 77.65 76.49
C PRO B 225 36.86 77.61 78.00
N LEU B 226 37.55 76.66 78.63
CA LEU B 226 37.59 76.60 80.08
C LEU B 226 38.33 77.79 80.68
N PHE B 227 39.12 78.50 79.87
CA PHE B 227 39.82 79.68 80.37
C PHE B 227 38.83 80.75 80.81
N LYS B 228 37.78 80.96 80.04
CA LYS B 228 36.76 81.95 80.42
C LYS B 228 36.06 81.56 81.71
N ILE B 229 35.72 80.27 81.86
CA ILE B 229 35.05 79.81 83.07
C ILE B 229 35.96 79.98 84.28
N PHE B 230 37.24 79.62 84.14
CA PHE B 230 38.17 79.79 85.25
C PHE B 230 38.38 81.26 85.59
N VAL B 231 38.43 82.13 84.58
CA VAL B 231 38.56 83.56 84.84
C VAL B 231 37.33 84.07 85.60
N GLU B 232 36.14 83.62 85.19
CA GLU B 232 34.92 84.04 85.89
C GLU B 232 34.93 83.56 87.34
N GLU B 233 35.34 82.32 87.57
CA GLU B 233 35.40 81.80 88.93
C GLU B 233 36.40 82.58 89.77
N LEU B 234 37.56 82.89 89.19
CA LEU B 234 38.58 83.66 89.91
C LEU B 234 38.08 85.06 90.24
N LEU B 235 37.39 85.71 89.29
CA LEU B 235 36.83 87.03 89.54
C LEU B 235 35.78 86.98 90.64
N GLY B 236 34.92 85.95 90.63
CA GLY B 236 33.93 85.81 91.68
C GLY B 236 34.56 85.61 93.04
N GLN B 237 35.59 84.77 93.12
CA GLN B 237 36.29 84.56 94.38
C GLN B 237 36.97 85.84 94.86
N LEU B 238 37.59 86.59 93.95
CA LEU B 238 38.24 87.83 94.32
C LEU B 238 37.23 88.86 94.82
N GLN B 239 36.08 88.96 94.17
CA GLN B 239 35.05 89.87 94.64
C GLN B 239 34.51 89.46 96.01
N GLN B 240 34.30 88.15 96.21
CA GLN B 240 33.84 87.68 97.53
C GLN B 240 34.85 87.99 98.62
N GLN B 241 36.13 87.78 98.33
CA GLN B 241 37.18 88.13 99.30
C GLN B 241 37.22 89.62 99.56
N ALA B 242 37.07 90.44 98.52
CA ALA B 242 37.11 91.89 98.69
C ALA B 242 35.95 92.39 99.53
N LEU B 243 34.76 91.85 99.30
CA LEU B 243 33.57 92.29 100.04
C LEU B 243 33.51 91.70 101.45
N SER B 244 34.38 90.74 101.77
CA SER B 244 34.38 90.09 103.08
C SER B 244 35.36 90.75 104.05
N GLU B 245 36.06 91.79 103.63
CA GLU B 245 37.02 92.47 104.49
C GLU B 245 36.47 93.82 104.95
N GLY C 65 78.94 56.51 65.04
CA GLY C 65 78.31 56.15 66.29
C GLY C 65 77.33 55.01 66.15
N LEU C 66 77.75 53.94 65.48
CA LEU C 66 76.92 52.77 65.25
C LEU C 66 76.96 51.79 66.41
N GLU C 67 77.83 52.00 67.39
CA GLU C 67 77.95 51.10 68.53
C GLU C 67 76.83 51.30 69.55
N GLU C 68 76.06 52.38 69.43
CA GLU C 68 75.00 52.66 70.40
C GLU C 68 73.88 51.63 70.35
N PHE C 69 73.82 50.81 69.30
CA PHE C 69 72.86 49.71 69.24
C PHE C 69 73.29 48.52 70.09
N PHE C 70 74.51 48.54 70.64
CA PHE C 70 75.00 47.46 71.48
C PHE C 70 75.37 48.01 72.85
N ASP C 71 75.40 47.11 73.83
CA ASP C 71 75.73 47.49 75.20
C ASP C 71 77.26 47.55 75.35
N ASP C 72 77.73 47.71 76.57
CA ASP C 72 79.16 47.80 76.82
C ASP C 72 79.83 46.46 76.51
N PRO C 73 81.06 46.51 75.98
CA PRO C 73 81.77 45.25 75.67
C PRO C 73 81.97 44.35 76.88
N LYS C 74 82.10 44.92 78.08
CA LYS C 74 82.28 44.12 79.29
C LYS C 74 80.97 43.50 79.77
N ASN C 75 79.84 43.86 79.17
CA ASN C 75 78.52 43.41 79.62
C ASN C 75 77.88 42.44 78.65
N TRP C 76 78.57 42.10 77.57
CA TRP C 76 77.98 41.21 76.56
C TRP C 76 77.79 39.80 77.09
N GLY C 77 78.80 39.26 77.77
CA GLY C 77 78.76 37.90 78.27
C GLY C 77 78.19 37.73 79.66
N GLU C 78 77.69 38.79 80.28
CA GLU C 78 77.15 38.69 81.62
C GLU C 78 75.85 37.90 81.63
N GLU C 79 75.72 37.00 82.60
CA GLU C 79 74.51 36.19 82.71
C GLU C 79 73.32 37.02 83.18
N LYS C 80 73.52 37.89 84.17
CA LYS C 80 72.47 38.74 84.71
C LYS C 80 72.95 40.18 84.68
N VAL C 81 72.12 41.07 84.15
CA VAL C 81 72.43 42.50 84.08
C VAL C 81 71.34 43.23 84.85
N LYS C 82 71.72 43.92 85.92
CA LYS C 82 70.77 44.65 86.74
C LYS C 82 70.73 46.12 86.37
N SER C 83 69.59 46.75 86.68
CA SER C 83 69.39 48.16 86.39
C SER C 83 68.32 48.69 87.34
N GLY C 84 68.06 49.99 87.24
CA GLY C 84 67.11 50.64 88.11
C GLY C 84 65.67 50.40 87.68
N ALA C 85 64.75 50.98 88.45
CA ALA C 85 63.33 50.83 88.21
C ALA C 85 62.90 51.75 87.07
N SER C 86 61.64 51.62 86.66
CA SER C 86 61.10 52.40 85.56
C SER C 86 60.71 53.80 86.03
N TRP C 87 60.55 54.70 85.08
CA TRP C 87 60.14 56.07 85.37
C TRP C 87 58.67 56.10 85.81
N THR C 88 58.36 57.04 86.71
CA THR C 88 57.01 57.21 87.22
C THR C 88 56.39 58.48 86.66
N CYS C 89 55.05 58.48 86.58
CA CYS C 89 54.35 59.61 85.99
C CYS C 89 54.61 60.92 86.73
N GLN C 90 54.63 60.88 88.06
CA GLN C 90 54.96 62.09 88.81
C GLN C 90 56.38 62.56 88.52
N GLN C 91 57.32 61.61 88.39
CA GLN C 91 58.69 61.98 88.06
C GLN C 91 58.76 62.64 86.69
N LEU C 92 58.02 62.14 85.70
CA LEU C 92 57.97 62.79 84.40
C LEU C 92 57.33 64.17 84.48
N ARG C 93 56.26 64.31 85.26
CA ARG C 93 55.60 65.60 85.39
C ARG C 93 56.49 66.64 86.06
N ASN C 94 57.32 66.21 87.00
CA ASN C 94 58.21 67.15 87.69
C ASN C 94 59.23 67.78 86.76
N LYS C 95 59.59 67.12 85.66
CA LYS C 95 60.60 67.63 84.76
C LYS C 95 60.02 68.67 83.81
N SER C 96 60.90 69.43 83.18
CA SER C 96 60.50 70.47 82.24
C SER C 96 60.29 69.85 80.86
N ASN C 97 59.86 70.67 79.90
CA ASN C 97 59.56 70.17 78.57
C ASN C 97 60.82 69.73 77.82
N GLU C 98 61.89 70.52 77.89
CA GLU C 98 63.13 70.15 77.22
C GLU C 98 63.73 68.88 77.81
N ASP C 99 63.65 68.73 79.13
CA ASP C 99 64.14 67.51 79.76
C ASP C 99 63.39 66.29 79.26
N LEU C 100 62.07 66.39 79.14
CA LEU C 100 61.28 65.29 78.60
C LEU C 100 61.64 65.02 77.14
N HIS C 101 61.86 66.09 76.36
CA HIS C 101 62.22 65.92 74.96
C HIS C 101 63.54 65.17 74.82
N LYS C 102 64.53 65.50 75.64
CA LYS C 102 65.81 64.78 75.58
C LYS C 102 65.68 63.36 76.13
N LEU C 103 64.91 63.18 77.21
CA LEU C 103 64.75 61.86 77.80
C LEU C 103 64.01 60.92 76.84
N TRP C 104 63.20 61.47 75.94
CA TRP C 104 62.55 60.63 74.94
C TRP C 104 63.58 59.92 74.08
N TYR C 105 64.56 60.67 73.56
CA TYR C 105 65.62 60.05 72.76
C TYR C 105 66.52 59.18 73.61
N VAL C 106 66.77 59.58 74.87
CA VAL C 106 67.58 58.75 75.75
C VAL C 106 66.94 57.38 75.93
N LEU C 107 65.63 57.35 76.15
CA LEU C 107 64.93 56.07 76.26
C LEU C 107 64.84 55.35 74.91
N LEU C 108 64.73 56.10 73.81
CA LEU C 108 64.65 55.48 72.49
C LEU C 108 65.92 54.71 72.16
N LYS C 109 67.08 55.28 72.47
CA LYS C 109 68.33 54.57 72.19
C LYS C 109 68.42 53.28 73.01
N GLU C 110 68.04 53.34 74.29
CA GLU C 110 68.06 52.15 75.13
C GLU C 110 67.09 51.10 74.61
N ARG C 111 65.90 51.52 74.18
CA ARG C 111 64.92 50.58 73.66
C ARG C 111 65.42 49.92 72.38
N ASN C 112 66.05 50.70 71.49
CA ASN C 112 66.61 50.12 70.28
C ASN C 112 67.70 49.10 70.62
N MET C 113 68.57 49.44 71.58
CA MET C 113 69.62 48.51 71.97
C MET C 113 69.02 47.22 72.54
N LEU C 114 67.99 47.34 73.38
CA LEU C 114 67.37 46.17 73.97
C LEU C 114 66.68 45.31 72.92
N LEU C 115 66.02 45.95 71.95
CA LEU C 115 65.40 45.19 70.86
C LEU C 115 66.45 44.44 70.04
N THR C 116 67.57 45.11 69.74
CA THR C 116 68.65 44.44 69.03
C THR C 116 69.20 43.26 69.83
N LEU C 117 69.37 43.45 71.14
CA LEU C 117 69.87 42.36 71.98
C LEU C 117 68.89 41.19 72.00
N GLU C 118 67.59 41.48 72.08
CA GLU C 118 66.60 40.40 72.08
C GLU C 118 66.60 39.65 70.75
N GLN C 119 66.70 40.38 69.64
CA GLN C 119 66.74 39.73 68.34
C GLN C 119 67.99 38.86 68.20
N GLU C 120 69.13 39.36 68.67
CA GLU C 120 70.34 38.55 68.61
C GLU C 120 70.28 37.34 69.52
N ALA C 121 69.62 37.47 70.68
CA ALA C 121 69.42 36.32 71.55
C ALA C 121 68.56 35.26 70.88
N LYS C 122 67.50 35.70 70.20
CA LYS C 122 66.68 34.76 69.43
C LYS C 122 67.49 34.10 68.33
N ARG C 123 68.35 34.88 67.66
CA ARG C 123 69.20 34.33 66.61
C ARG C 123 70.14 33.27 67.16
N GLN C 124 70.74 33.52 68.31
CA GLN C 124 71.71 32.61 68.92
C GLN C 124 71.06 31.52 69.74
N ARG C 125 69.73 31.53 69.88
CA ARG C 125 69.00 30.50 70.63
C ARG C 125 69.41 30.49 72.11
N LEU C 126 69.62 31.68 72.66
CA LEU C 126 69.93 31.85 74.07
C LEU C 126 68.98 32.86 74.70
N PRO C 127 68.65 32.71 75.97
CA PRO C 127 67.77 33.69 76.63
C PRO C 127 68.46 35.04 76.78
N MET C 128 67.68 36.10 76.66
CA MET C 128 68.22 37.44 76.86
C MET C 128 68.45 37.70 78.34
N PRO C 129 69.63 38.18 78.73
CA PRO C 129 69.90 38.44 80.16
C PRO C 129 68.97 39.52 80.70
N SER C 130 68.18 39.18 81.70
CA SER C 130 67.24 40.08 82.37
C SER C 130 66.34 40.78 81.36
N PRO C 131 65.37 40.06 80.77
CA PRO C 131 64.51 40.67 79.75
C PRO C 131 63.60 41.77 80.29
N GLU C 132 63.46 41.90 81.61
CA GLU C 132 62.59 42.92 82.19
C GLU C 132 63.06 44.34 81.92
N ARG C 133 64.31 44.51 81.44
CA ARG C 133 64.77 45.85 81.08
C ARG C 133 63.94 46.43 79.96
N LEU C 134 63.59 45.61 78.95
CA LEU C 134 62.75 46.09 77.86
C LEU C 134 61.37 46.50 78.38
N GLU C 135 60.80 45.71 79.28
CA GLU C 135 59.50 46.07 79.86
C GLU C 135 59.58 47.38 80.63
N LYS C 136 60.65 47.57 81.41
CA LYS C 136 60.82 48.82 82.15
C LYS C 136 60.94 50.00 81.21
N VAL C 137 61.73 49.85 80.13
CA VAL C 137 61.89 50.94 79.19
C VAL C 137 60.57 51.27 78.49
N VAL C 138 59.82 50.24 78.09
CA VAL C 138 58.54 50.47 77.45
C VAL C 138 57.58 51.19 78.40
N ASP C 139 57.55 50.77 79.66
CA ASP C 139 56.68 51.42 80.63
C ASP C 139 57.08 52.87 80.85
N SER C 140 58.39 53.15 80.92
CA SER C 140 58.85 54.52 81.10
C SER C 140 58.48 55.39 79.91
N MET C 141 58.66 54.87 78.69
CA MET C 141 58.27 55.64 77.50
C MET C 141 56.78 55.87 77.46
N ASP C 142 55.98 54.87 77.84
CA ASP C 142 54.54 55.03 77.88
C ASP C 142 54.13 56.10 78.90
N ALA C 143 54.78 56.10 80.06
CA ALA C 143 54.49 57.12 81.07
C ALA C 143 54.85 58.51 80.57
N LEU C 144 56.00 58.63 79.89
CA LEU C 144 56.40 59.92 79.33
C LEU C 144 55.39 60.40 78.29
N ASP C 145 54.97 59.50 77.40
CA ASP C 145 53.97 59.88 76.40
C ASP C 145 52.65 60.26 77.05
N LYS C 146 52.26 59.55 78.11
CA LYS C 146 51.05 59.88 78.84
C LYS C 146 51.13 61.26 79.45
N VAL C 147 52.27 61.60 80.05
CA VAL C 147 52.44 62.92 80.65
C VAL C 147 52.37 64.01 79.58
N VAL C 148 53.04 63.79 78.45
CA VAL C 148 53.01 64.79 77.38
C VAL C 148 51.59 64.95 76.85
N GLN C 149 50.87 63.85 76.66
CA GLN C 149 49.50 63.92 76.18
C GLN C 149 48.58 64.60 77.19
N GLU C 150 48.78 64.35 78.48
CA GLU C 150 47.98 65.04 79.49
C GLU C 150 48.23 66.55 79.45
N ARG C 151 49.49 66.95 79.33
CA ARG C 151 49.79 68.38 79.22
C ARG C 151 49.14 68.98 77.98
N GLU C 152 49.24 68.30 76.84
CA GLU C 152 48.64 68.82 75.61
C GLU C 152 47.13 68.91 75.72
N ASP C 153 46.49 67.89 76.29
CA ASP C 153 45.04 67.90 76.46
C ASP C 153 44.60 69.02 77.39
N ALA C 154 45.32 69.22 78.50
CA ALA C 154 44.99 70.32 79.40
C ALA C 154 45.14 71.67 78.71
N LEU C 155 46.22 71.84 77.94
CA LEU C 155 46.41 73.10 77.24
C LEU C 155 45.32 73.35 76.21
N ARG C 156 44.93 72.32 75.45
CA ARG C 156 43.91 72.52 74.43
C ARG C 156 42.53 72.73 75.05
N LEU C 157 42.26 72.08 76.19
CA LEU C 157 41.01 72.36 76.90
C LEU C 157 40.98 73.78 77.44
N LEU C 158 42.12 74.27 77.94
CA LEU C 158 42.16 75.64 78.44
C LEU C 158 42.02 76.65 77.30
N GLN C 159 42.60 76.37 76.14
CA GLN C 159 42.59 77.33 75.04
C GLN C 159 41.27 77.30 74.28
N THR C 160 40.89 76.13 73.75
CA THR C 160 39.68 76.00 72.94
C THR C 160 38.54 75.31 73.67
N GLY C 161 38.86 74.33 74.52
CA GLY C 161 37.84 73.58 75.23
C GLY C 161 37.45 72.26 74.59
N GLN C 162 37.99 71.95 73.40
CA GLN C 162 37.66 70.70 72.73
C GLN C 162 38.36 69.54 73.41
N GLU C 163 37.61 68.47 73.68
CA GLU C 163 38.15 67.32 74.39
C GLU C 163 39.10 66.52 73.51
N LYS C 164 38.73 66.30 72.24
CA LYS C 164 39.53 65.50 71.33
C LYS C 164 40.30 66.39 70.38
N ALA C 165 41.56 66.03 70.13
CA ALA C 165 42.43 66.82 69.26
C ALA C 165 42.14 66.63 67.78
N ARG C 166 41.33 65.64 67.41
CA ARG C 166 40.98 65.40 66.02
C ARG C 166 39.49 65.61 65.81
N PRO C 167 39.09 66.41 64.82
CA PRO C 167 37.65 66.64 64.61
C PRO C 167 36.92 65.35 64.26
N GLY C 168 35.71 65.23 64.78
CA GLY C 168 34.88 64.06 64.53
C GLY C 168 33.44 64.36 64.82
N ALA C 169 32.56 63.49 64.30
CA ALA C 169 31.13 63.66 64.46
C ALA C 169 30.46 62.30 64.57
N TRP C 170 29.32 62.27 65.25
CA TRP C 170 28.53 61.05 65.39
C TRP C 170 27.63 60.91 64.16
N ARG C 171 27.96 59.95 63.30
CA ARG C 171 27.21 59.70 62.08
C ARG C 171 26.43 58.40 62.19
N ARG C 172 25.45 58.25 61.31
CA ARG C 172 24.64 57.05 61.22
C ARG C 172 24.87 56.46 59.83
N ASP C 173 25.70 55.41 59.75
CA ASP C 173 26.04 54.83 58.47
C ASP C 173 24.86 54.03 57.92
N ILE C 174 25.06 53.46 56.73
CA ILE C 174 24.02 52.69 56.06
C ILE C 174 23.63 51.42 56.80
N PHE C 175 24.44 50.99 57.76
CA PHE C 175 24.16 49.78 58.53
C PHE C 175 23.31 50.08 59.77
N GLY C 176 22.91 51.33 59.98
CA GLY C 176 22.09 51.68 61.11
C GLY C 176 22.82 51.95 62.39
N ARG C 177 24.11 51.64 62.45
CA ARG C 177 24.89 51.85 63.67
C ARG C 177 25.26 53.33 63.81
N ILE C 178 25.71 53.69 65.00
CA ILE C 178 26.22 55.02 65.29
C ILE C 178 27.73 54.94 65.37
N ILE C 179 28.41 55.71 64.52
CA ILE C 179 29.87 55.64 64.39
C ILE C 179 30.46 57.00 64.65
N TRP C 180 31.57 57.03 65.39
CA TRP C 180 32.32 58.26 65.62
C TRP C 180 33.22 58.47 64.42
N HIS C 181 32.67 59.08 63.37
CA HIS C 181 33.40 59.30 62.13
C HIS C 181 34.38 60.45 62.33
N LYS C 182 35.67 60.16 62.20
CA LYS C 182 36.68 61.19 62.26
C LYS C 182 36.72 61.97 60.96
N PHE C 183 37.42 63.10 60.98
CA PHE C 183 37.55 63.94 59.80
C PHE C 183 38.97 63.87 59.25
N LYS C 184 39.07 63.84 57.92
CA LYS C 184 40.34 63.82 57.23
C LYS C 184 40.66 65.19 56.67
N GLN C 185 41.93 65.39 56.34
CA GLN C 185 42.39 66.67 55.80
C GLN C 185 42.22 66.65 54.28
N TRP C 186 41.51 67.65 53.75
CA TRP C 186 41.28 67.74 52.32
C TRP C 186 41.58 69.15 51.83
N PRO C 187 42.14 69.28 50.62
CA PRO C 187 42.38 70.61 50.07
C PRO C 187 41.16 71.25 49.44
N ILE C 188 40.06 70.53 49.32
CA ILE C 188 38.85 71.05 48.69
C ILE C 188 37.69 70.83 49.66
N PRO C 189 36.62 71.63 49.55
CA PRO C 189 35.48 71.46 50.47
C PRO C 189 34.77 70.14 50.28
N TRP C 190 33.79 69.87 51.17
CA TRP C 190 33.14 68.56 51.17
C TRP C 190 32.25 68.37 49.95
N TYR C 191 31.71 69.45 49.38
CA TYR C 191 30.79 69.32 48.27
C TYR C 191 31.48 69.23 46.91
N LEU C 192 32.81 69.21 46.89
CA LEU C 192 33.56 69.07 45.64
C LEU C 192 34.48 67.86 45.62
N ASN C 193 34.42 67.00 46.65
CA ASN C 193 35.28 65.82 46.71
C ASN C 193 34.51 64.60 46.22
N LYS C 194 34.99 63.99 45.14
CA LYS C 194 34.29 62.86 44.55
C LYS C 194 34.25 61.67 45.50
N LYS C 195 35.39 61.36 46.13
CA LYS C 195 35.46 60.17 46.98
C LYS C 195 34.53 60.30 48.19
N TYR C 196 34.49 61.47 48.80
CA TYR C 196 33.64 61.68 49.97
C TYR C 196 32.17 61.84 49.61
N ASN C 197 31.87 62.36 48.42
CA ASN C 197 30.48 62.64 48.07
C ASN C 197 29.66 61.36 47.90
N ARG C 198 30.28 60.28 47.42
CA ARG C 198 29.56 59.05 47.19
C ARG C 198 29.35 58.23 48.46
N LYS C 199 29.91 58.65 49.58
CA LYS C 199 29.63 58.03 50.86
C LYS C 199 28.24 58.44 51.33
N ARG C 200 27.58 57.53 52.06
CA ARG C 200 26.23 57.75 52.54
C ARG C 200 26.22 57.67 54.05
N PHE C 201 25.68 58.69 54.71
CA PHE C 201 25.51 58.70 56.16
C PHE C 201 24.01 58.89 56.44
N PHE C 202 23.28 57.79 56.41
CA PHE C 202 21.86 57.73 56.72
C PHE C 202 21.42 56.27 56.64
N ALA C 203 20.23 56.00 57.18
CA ALA C 203 19.69 54.65 57.22
C ALA C 203 18.48 54.52 56.31
N MET C 204 18.53 53.54 55.42
CA MET C 204 17.41 53.24 54.55
C MET C 204 16.28 52.60 55.34
N PRO C 205 15.05 52.62 54.81
CA PRO C 205 13.92 52.06 55.56
C PRO C 205 14.03 50.56 55.83
N TYR C 206 14.88 49.86 55.09
CA TYR C 206 15.05 48.43 55.31
C TYR C 206 16.09 48.10 56.38
N VAL C 207 16.69 49.11 57.00
CA VAL C 207 17.71 48.87 58.02
C VAL C 207 17.11 48.83 59.43
N GLU C 208 15.89 49.34 59.62
CA GLU C 208 15.29 49.35 60.94
C GLU C 208 15.02 47.94 61.45
N ARG C 209 14.65 47.02 60.55
CA ARG C 209 14.43 45.64 60.97
C ARG C 209 15.71 45.01 61.50
N PHE C 210 16.84 45.25 60.82
CA PHE C 210 18.11 44.72 61.30
C PHE C 210 18.54 45.40 62.59
N VAL C 211 18.26 46.69 62.74
CA VAL C 211 18.56 47.37 64.00
C VAL C 211 17.78 46.74 65.14
N ARG C 212 16.49 46.46 64.91
CA ARG C 212 15.68 45.81 65.93
C ARG C 212 16.19 44.41 66.22
N MET C 213 16.63 43.68 65.19
CA MET C 213 17.19 42.35 65.41
C MET C 213 18.45 42.41 66.28
N ARG C 214 19.33 43.38 66.00
CA ARG C 214 20.52 43.53 66.84
C ARG C 214 20.15 43.88 68.28
N ILE C 215 19.15 44.76 68.44
CA ILE C 215 18.70 45.12 69.79
C ILE C 215 18.20 43.90 70.53
N GLU C 216 17.38 43.08 69.85
CA GLU C 216 16.85 41.88 70.48
C GLU C 216 17.95 40.89 70.82
N LYS C 217 18.92 40.73 69.93
CA LYS C 217 20.03 39.81 70.19
C LYS C 217 20.84 40.25 71.41
N GLN C 218 21.14 41.55 71.49
CA GLN C 218 21.88 42.06 72.64
C GLN C 218 21.07 41.92 73.93
N ALA C 219 19.76 42.17 73.86
CA ALA C 219 18.92 42.00 75.04
C ALA C 219 18.91 40.55 75.49
N ARG C 220 18.84 39.61 74.54
CA ARG C 220 18.87 38.20 74.91
C ARG C 220 20.20 37.82 75.54
N ILE C 221 21.31 38.33 74.99
CA ILE C 221 22.63 38.05 75.56
C ILE C 221 22.71 38.57 76.99
N LYS C 222 22.26 39.81 77.21
CA LYS C 222 22.29 40.38 78.54
C LYS C 222 21.41 39.59 79.51
N ALA C 223 20.22 39.19 79.05
CA ALA C 223 19.32 38.44 79.92
C ALA C 223 19.91 37.09 80.31
N ARG C 224 20.51 36.38 79.35
CA ARG C 224 21.09 35.09 79.70
C ARG C 224 22.34 35.24 80.56
N LYS C 225 23.11 36.30 80.37
CA LYS C 225 24.24 36.55 81.26
C LYS C 225 23.76 36.84 82.69
N ARG C 226 22.70 37.64 82.83
CA ARG C 226 22.14 37.90 84.15
C ARG C 226 21.62 36.62 84.79
N SER C 227 20.94 35.77 84.02
CA SER C 227 20.47 34.51 84.55
C SER C 227 21.64 33.61 84.96
N LEU C 228 22.72 33.63 84.19
CA LEU C 228 23.91 32.86 84.53
C LEU C 228 24.50 33.34 85.86
N GLU C 229 24.59 34.65 86.04
CA GLU C 229 25.10 35.19 87.30
C GLU C 229 24.21 34.82 88.47
N ARG C 230 22.89 34.90 88.27
CA ARG C 230 21.95 34.55 89.32
C ARG C 230 22.08 33.08 89.70
N LYS C 231 22.18 32.20 88.71
CA LYS C 231 22.35 30.77 89.00
C LYS C 231 23.68 30.50 89.69
N LYS C 232 24.74 31.20 89.28
CA LYS C 232 26.03 31.03 89.95
C LYS C 232 25.96 31.46 91.41
N GLU C 233 25.29 32.58 91.69
CA GLU C 233 25.12 33.01 93.07
C GLU C 233 24.32 32.00 93.88
N LYS C 234 23.24 31.48 93.29
CA LYS C 234 22.44 30.46 93.98
C LYS C 234 23.27 29.22 94.28
N PHE C 235 24.05 28.76 93.29
CA PHE C 235 24.87 27.58 93.48
C PHE C 235 25.91 27.79 94.57
N LEU C 236 26.57 28.95 94.57
CA LEU C 236 27.56 29.23 95.61
C LEU C 236 26.92 29.30 96.99
N GLN C 237 25.76 29.95 97.11
CA GLN C 237 25.09 30.04 98.40
C GLN C 237 24.67 28.66 98.90
N GLU C 238 24.16 27.82 98.01
CA GLU C 238 23.77 26.47 98.41
C GLU C 238 24.97 25.58 98.72
N LYS C 239 26.11 25.79 98.04
CA LYS C 239 27.28 24.97 98.29
C LYS C 239 27.98 25.35 99.58
N PHE C 240 27.98 26.65 99.93
CA PHE C 240 28.61 27.11 101.16
C PHE C 240 27.55 27.60 102.13
N PRO C 241 27.11 26.77 103.07
CA PRO C 241 26.11 27.19 104.07
C PRO C 241 26.72 27.89 105.28
N HIS C 242 27.60 28.85 105.02
CA HIS C 242 28.25 29.60 106.09
C HIS C 242 27.39 30.73 106.63
N LEU C 243 26.25 31.00 106.01
CA LEU C 243 25.37 32.08 106.44
C LEU C 243 24.61 31.69 107.71
N LYS D 35 -28.40 -25.05 46.16
CA LYS D 35 -28.31 -24.45 47.48
C LYS D 35 -28.48 -25.52 48.56
N PHE D 36 -27.61 -25.48 49.57
CA PHE D 36 -27.67 -26.43 50.68
C PHE D 36 -28.53 -25.84 51.79
N THR D 37 -29.64 -26.51 52.09
CA THR D 37 -30.55 -26.07 53.14
C THR D 37 -30.81 -27.20 54.13
N ARG D 38 -31.78 -27.00 55.03
CA ARG D 38 -32.15 -28.05 55.94
C ARG D 38 -32.74 -29.24 55.18
N SER D 39 -32.61 -30.42 55.77
CA SER D 39 -33.01 -31.67 55.12
C SER D 39 -34.31 -32.16 55.75
N ARG D 40 -35.35 -32.30 54.92
CA ARG D 40 -36.59 -32.92 55.39
C ARG D 40 -36.41 -34.42 55.50
N ILE D 41 -36.83 -34.99 56.62
CA ILE D 41 -36.72 -36.42 56.87
C ILE D 41 -38.12 -37.03 56.76
N PRO D 42 -38.36 -37.93 55.82
CA PRO D 42 -39.69 -38.52 55.68
C PRO D 42 -40.03 -39.40 56.89
N ASP D 43 -41.33 -39.47 57.18
CA ASP D 43 -41.81 -40.24 58.32
C ASP D 43 -41.58 -41.73 58.18
N LYS D 44 -41.32 -42.22 56.97
CA LYS D 44 -41.07 -43.65 56.78
C LYS D 44 -39.81 -44.12 57.50
N VAL D 45 -38.83 -43.22 57.71
CA VAL D 45 -37.59 -43.61 58.36
C VAL D 45 -37.85 -44.03 59.81
N PHE D 46 -38.74 -43.33 60.50
CA PHE D 46 -39.01 -43.59 61.90
C PHE D 46 -40.14 -44.59 62.12
N GLN D 47 -40.35 -45.49 61.18
CA GLN D 47 -41.33 -46.56 61.35
C GLN D 47 -40.58 -47.85 61.69
N PRO D 48 -40.56 -48.26 62.95
CA PRO D 48 -39.76 -49.42 63.34
C PRO D 48 -40.29 -50.72 62.74
N SER D 49 -39.35 -51.59 62.41
CA SER D 49 -39.66 -52.93 61.94
C SER D 49 -39.80 -53.87 63.13
N PRO D 50 -40.56 -54.96 62.97
CA PRO D 50 -40.69 -55.93 64.07
C PRO D 50 -39.37 -56.49 64.55
N GLU D 51 -38.40 -56.70 63.65
CA GLU D 51 -37.09 -57.20 64.03
C GLU D 51 -36.22 -56.17 64.73
N ASP D 52 -36.53 -54.88 64.56
CA ASP D 52 -35.71 -53.83 65.17
C ASP D 52 -35.78 -53.89 66.69
N HIS D 53 -36.96 -54.18 67.24
CA HIS D 53 -37.09 -54.28 68.69
C HIS D 53 -36.20 -55.38 69.25
N GLU D 54 -36.21 -56.55 68.60
CA GLU D 54 -35.37 -57.65 69.04
C GLU D 54 -33.90 -57.36 68.84
N LYS D 55 -33.55 -56.68 67.74
CA LYS D 55 -32.15 -56.37 67.47
C LYS D 55 -31.58 -55.38 68.47
N TYR D 56 -32.34 -54.35 68.83
CA TYR D 56 -31.87 -53.29 69.70
C TYR D 56 -32.31 -53.43 71.14
N GLY D 57 -32.97 -54.55 71.48
CA GLY D 57 -33.38 -54.76 72.87
C GLY D 57 -34.44 -53.80 73.35
N GLY D 58 -35.39 -53.45 72.49
CA GLY D 58 -36.47 -52.56 72.87
C GLY D 58 -37.77 -53.29 73.13
N ASP D 59 -38.64 -52.63 73.89
CA ASP D 59 -39.94 -53.21 74.23
C ASP D 59 -40.94 -52.87 73.13
N PRO D 60 -41.48 -53.85 72.41
CA PRO D 60 -42.45 -53.53 71.35
C PRO D 60 -43.74 -52.91 71.86
N GLN D 61 -44.07 -53.09 73.14
CA GLN D 61 -45.35 -52.62 73.67
C GLN D 61 -45.22 -51.22 74.29
N TYR D 62 -44.36 -51.08 75.29
CA TYR D 62 -44.25 -49.83 76.03
C TYR D 62 -42.96 -49.12 75.70
N PRO D 63 -43.01 -47.95 75.09
CA PRO D 63 -41.78 -47.18 74.85
C PRO D 63 -41.14 -46.74 76.15
N HIS D 64 -39.82 -46.56 76.10
CA HIS D 64 -39.07 -46.11 77.26
C HIS D 64 -39.45 -44.68 77.61
N LYS D 65 -38.98 -44.21 78.76
CA LYS D 65 -39.43 -42.95 79.33
C LYS D 65 -38.43 -41.81 79.16
N LEU D 66 -37.12 -42.06 79.27
CA LEU D 66 -36.13 -41.01 79.22
C LEU D 66 -34.99 -41.39 78.28
N HIS D 67 -34.44 -40.38 77.60
CA HIS D 67 -33.31 -40.55 76.70
C HIS D 67 -32.03 -40.12 77.39
N ILE D 68 -30.99 -40.94 77.24
CA ILE D 68 -29.62 -40.55 77.58
C ILE D 68 -28.91 -40.25 76.27
N VAL D 69 -28.52 -38.98 76.08
CA VAL D 69 -27.93 -38.52 74.83
C VAL D 69 -26.49 -38.13 75.10
N THR D 70 -25.59 -38.56 74.21
CA THR D 70 -24.18 -38.24 74.31
C THR D 70 -23.66 -37.77 72.96
N ARG D 71 -23.03 -36.60 72.95
CA ARG D 71 -22.53 -35.99 71.73
C ARG D 71 -21.21 -36.66 71.34
N ILE D 72 -21.18 -37.25 70.15
CA ILE D 72 -20.00 -37.96 69.68
C ILE D 72 -19.12 -37.07 68.81
N LYS D 73 -19.70 -36.46 67.78
CA LYS D 73 -18.94 -35.68 66.82
C LYS D 73 -19.01 -34.19 67.18
N SER D 74 -18.16 -33.41 66.52
CA SER D 74 -18.07 -31.98 66.75
C SER D 74 -19.06 -31.23 65.86
N THR D 75 -19.39 -30.01 66.28
CA THR D 75 -20.27 -29.14 65.51
C THR D 75 -19.52 -28.29 64.51
N LYS D 76 -18.19 -28.32 64.50
CA LYS D 76 -17.44 -27.66 63.45
C LYS D 76 -17.69 -28.37 62.13
N ARG D 77 -17.67 -27.60 61.04
CA ARG D 77 -18.02 -28.09 59.70
C ARG D 77 -19.45 -28.60 59.67
N ARG D 78 -20.31 -28.03 60.49
CA ARG D 78 -21.73 -28.36 60.56
C ARG D 78 -22.55 -27.08 60.57
N PRO D 79 -23.79 -27.13 60.08
CA PRO D 79 -24.57 -25.90 59.94
C PRO D 79 -24.88 -25.23 61.27
N TYR D 80 -25.09 -23.91 61.17
CA TYR D 80 -25.33 -23.10 62.36
C TYR D 80 -26.61 -23.50 63.07
N TRP D 81 -27.63 -23.96 62.34
CA TRP D 81 -28.84 -24.42 63.01
C TRP D 81 -28.57 -25.68 63.82
N GLU D 82 -27.73 -26.58 63.30
CA GLU D 82 -27.33 -27.74 64.07
C GLU D 82 -26.52 -27.33 65.30
N LYS D 83 -25.65 -26.32 65.15
CA LYS D 83 -24.92 -25.80 66.30
C LYS D 83 -25.88 -25.27 67.36
N ASP D 84 -26.90 -24.52 66.94
CA ASP D 84 -27.86 -23.97 67.89
C ASP D 84 -28.67 -25.07 68.57
N ILE D 85 -29.04 -26.10 67.82
CA ILE D 85 -29.77 -27.22 68.42
C ILE D 85 -28.91 -27.92 69.46
N ILE D 86 -27.63 -28.17 69.14
CA ILE D 86 -26.74 -28.81 70.10
C ILE D 86 -26.52 -27.91 71.31
N LYS D 87 -26.57 -26.58 71.13
CA LYS D 87 -26.41 -25.68 72.27
C LYS D 87 -27.65 -25.70 73.16
N MET D 88 -28.84 -25.67 72.57
CA MET D 88 -30.06 -25.67 73.36
C MET D 88 -30.37 -27.03 73.96
N LEU D 89 -29.76 -28.10 73.45
CA LEU D 89 -29.92 -29.41 74.07
C LEU D 89 -28.96 -29.64 75.23
N GLY D 90 -28.11 -28.67 75.54
CA GLY D 90 -27.17 -28.84 76.64
C GLY D 90 -26.11 -29.88 76.41
N LEU D 91 -25.63 -30.02 75.18
CA LEU D 91 -24.60 -31.00 74.82
C LEU D 91 -23.31 -30.30 74.41
N GLU D 92 -22.98 -29.19 75.06
CA GLU D 92 -21.76 -28.46 74.73
C GLU D 92 -20.52 -29.31 74.99
N LYS D 93 -20.49 -30.01 76.11
CA LYS D 93 -19.35 -30.86 76.45
C LYS D 93 -19.54 -32.23 75.83
N ALA D 94 -18.59 -32.64 74.99
CA ALA D 94 -18.69 -33.93 74.33
C ALA D 94 -18.42 -35.07 75.32
N HIS D 95 -18.96 -36.24 75.00
CA HIS D 95 -18.78 -37.46 75.80
C HIS D 95 -19.30 -37.28 77.23
N THR D 96 -20.33 -36.45 77.40
CA THR D 96 -20.97 -36.26 78.70
C THR D 96 -22.45 -36.56 78.53
N PRO D 97 -22.98 -37.60 79.16
CA PRO D 97 -24.39 -37.95 78.96
C PRO D 97 -25.32 -36.88 79.55
N GLN D 98 -26.48 -36.73 78.90
CA GLN D 98 -27.52 -35.83 79.35
C GLN D 98 -28.85 -36.54 79.29
N VAL D 99 -29.72 -36.26 80.26
CA VAL D 99 -31.03 -36.91 80.35
C VAL D 99 -32.09 -35.96 79.81
N HIS D 100 -32.93 -36.47 78.91
CA HIS D 100 -34.01 -35.70 78.32
C HIS D 100 -35.28 -36.53 78.28
N LYS D 101 -36.40 -35.85 78.05
CA LYS D 101 -37.69 -36.50 77.97
C LYS D 101 -37.83 -37.26 76.65
N ASN D 102 -38.85 -38.11 76.60
CA ASN D 102 -39.17 -38.89 75.39
C ASN D 102 -40.35 -38.28 74.63
N ILE D 103 -40.51 -36.96 74.69
CA ILE D 103 -41.64 -36.27 74.07
C ILE D 103 -41.28 -35.88 72.64
N PRO D 104 -42.26 -35.78 71.74
CA PRO D 104 -41.95 -35.39 70.36
C PRO D 104 -41.32 -34.01 70.23
N SER D 105 -41.56 -33.13 71.19
CA SER D 105 -40.99 -31.79 71.12
C SER D 105 -39.47 -31.83 71.10
N VAL D 106 -38.88 -32.66 71.97
CA VAL D 106 -37.43 -32.83 71.93
C VAL D 106 -37.02 -33.89 70.91
N ASN D 107 -37.92 -34.83 70.58
CA ASN D 107 -37.60 -35.81 69.56
C ASN D 107 -37.37 -35.16 68.21
N ALA D 108 -38.04 -34.04 67.93
CA ALA D 108 -37.80 -33.33 66.67
C ALA D 108 -36.36 -32.86 66.56
N LYS D 109 -35.85 -32.20 67.62
CA LYS D 109 -34.46 -31.76 67.61
C LYS D 109 -33.50 -32.94 67.59
N LEU D 110 -33.83 -34.02 68.31
CA LEU D 110 -32.98 -35.20 68.29
C LEU D 110 -32.91 -35.81 66.89
N LYS D 111 -34.02 -35.80 66.17
CA LYS D 111 -34.00 -36.21 64.76
C LYS D 111 -33.17 -35.26 63.91
N VAL D 112 -33.24 -33.96 64.20
CA VAL D 112 -32.47 -32.99 63.43
C VAL D 112 -30.97 -33.26 63.57
N VAL D 113 -30.52 -33.52 64.80
CA VAL D 113 -29.09 -33.69 65.04
C VAL D 113 -28.75 -35.13 65.39
N LYS D 114 -29.51 -36.07 64.83
CA LYS D 114 -29.31 -37.49 65.14
C LYS D 114 -27.98 -38.03 64.64
N HIS D 115 -27.31 -37.35 63.71
CA HIS D 115 -26.05 -37.81 63.16
C HIS D 115 -24.85 -37.43 64.01
N LEU D 116 -25.07 -36.72 65.12
CA LEU D 116 -23.98 -36.30 65.98
C LEU D 116 -24.09 -36.84 67.40
N ILE D 117 -25.09 -37.65 67.71
CA ILE D 117 -25.32 -38.10 69.07
C ILE D 117 -25.61 -39.59 69.10
N ARG D 118 -25.34 -40.18 70.26
CA ARG D 118 -25.75 -41.54 70.59
C ARG D 118 -26.86 -41.46 71.64
N ILE D 119 -27.96 -42.16 71.39
CA ILE D 119 -29.14 -42.10 72.22
C ILE D 119 -29.41 -43.49 72.79
N LYS D 120 -29.60 -43.57 74.10
CA LYS D 120 -29.91 -44.80 74.79
C LYS D 120 -31.14 -44.62 75.66
N PRO D 121 -31.88 -45.69 75.95
CA PRO D 121 -32.99 -45.59 76.90
C PRO D 121 -32.50 -45.69 78.34
N LEU D 122 -33.00 -44.79 79.19
CA LEU D 122 -32.65 -44.83 80.60
C LEU D 122 -33.31 -46.03 81.26
N LYS D 123 -32.52 -46.80 81.99
CA LYS D 123 -33.00 -48.00 82.68
C LYS D 123 -32.92 -47.78 84.18
N LEU D 124 -33.94 -48.25 84.90
CA LEU D 124 -34.05 -48.08 86.35
C LEU D 124 -34.30 -49.45 86.97
N PRO D 125 -33.27 -50.29 87.09
CA PRO D 125 -33.46 -51.59 87.76
C PRO D 125 -33.92 -51.47 89.19
N GLN D 126 -33.49 -50.44 89.91
CA GLN D 126 -33.85 -50.24 91.31
C GLN D 126 -34.86 -49.12 91.49
N GLY D 127 -35.47 -48.64 90.41
CA GLY D 127 -36.48 -47.61 90.50
C GLY D 127 -35.90 -46.22 90.62
N LEU D 128 -36.81 -45.25 90.73
CA LEU D 128 -36.41 -43.86 90.87
C LEU D 128 -35.74 -43.64 92.23
N PRO D 129 -34.56 -43.03 92.26
CA PRO D 129 -33.90 -42.73 93.54
C PRO D 129 -34.74 -41.76 94.36
N THR D 130 -34.78 -41.99 95.67
CA THR D 130 -35.49 -41.10 96.58
C THR D 130 -34.55 -39.99 97.06
N GLU D 131 -35.09 -39.12 97.92
CA GLU D 131 -34.29 -38.03 98.49
C GLU D 131 -33.18 -38.53 99.41
N GLU D 132 -33.29 -39.77 99.92
CA GLU D 132 -32.27 -40.33 100.78
C GLU D 132 -31.14 -41.02 100.04
N ASP D 133 -31.26 -41.15 98.71
CA ASP D 133 -30.26 -41.84 97.90
C ASP D 133 -29.73 -40.96 96.78
N MET D 134 -29.95 -39.64 96.85
CA MET D 134 -29.46 -38.75 95.81
C MET D 134 -27.94 -38.67 95.79
N ALA D 135 -27.30 -38.78 96.95
CA ALA D 135 -25.85 -38.67 97.04
C ALA D 135 -25.14 -40.00 96.81
N ASN D 136 -25.87 -41.10 96.64
CA ASN D 136 -25.29 -42.42 96.47
C ASN D 136 -25.67 -43.06 95.13
N THR D 137 -26.04 -42.24 94.16
CA THR D 137 -26.42 -42.74 92.85
C THR D 137 -25.23 -42.76 91.90
N CYS D 138 -25.37 -43.54 90.83
CA CYS D 138 -24.34 -43.62 89.80
C CYS D 138 -24.99 -44.04 88.49
N LEU D 139 -24.31 -43.72 87.39
CA LEU D 139 -24.79 -44.00 86.05
C LEU D 139 -23.78 -44.92 85.35
N LYS D 140 -24.14 -46.20 85.23
CA LYS D 140 -23.27 -47.14 84.53
C LYS D 140 -23.30 -46.89 83.03
N SER D 141 -22.24 -47.30 82.34
CA SER D 141 -22.11 -47.04 80.92
C SER D 141 -23.09 -47.84 80.07
N ASN D 142 -23.69 -48.90 80.60
CA ASN D 142 -24.62 -49.71 79.82
C ASN D 142 -25.96 -49.04 79.62
N GLY D 143 -26.24 -47.94 80.30
CA GLY D 143 -27.48 -47.23 80.16
C GLY D 143 -28.44 -47.34 81.33
N GLU D 144 -28.00 -47.83 82.48
CA GLU D 144 -28.86 -48.00 83.65
C GLU D 144 -28.39 -47.08 84.76
N LEU D 145 -29.31 -46.75 85.67
CA LEU D 145 -29.05 -45.87 86.80
C LEU D 145 -29.19 -46.69 88.08
N VAL D 146 -28.07 -46.90 88.76
CA VAL D 146 -28.07 -47.64 90.02
C VAL D 146 -28.33 -46.68 91.17
N VAL D 147 -29.25 -47.06 92.06
CA VAL D 147 -29.63 -46.18 93.17
C VAL D 147 -28.66 -46.30 94.33
N ARG D 148 -28.29 -47.53 94.70
CA ARG D 148 -27.37 -47.76 95.82
C ARG D 148 -26.00 -48.11 95.23
N TRP D 149 -25.06 -47.18 95.36
CA TRP D 149 -23.72 -47.33 94.80
C TRP D 149 -22.69 -47.21 95.92
N LEU D 150 -21.78 -48.19 95.98
CA LEU D 150 -20.70 -48.23 96.96
C LEU D 150 -21.24 -48.20 98.38
N LEU D 151 -21.99 -49.25 98.73
CA LEU D 151 -22.51 -49.41 100.08
C LEU D 151 -21.35 -49.76 101.02
N ASN D 152 -20.96 -48.81 101.84
CA ASN D 152 -19.83 -48.96 102.76
C ASN D 152 -18.55 -49.38 102.02
N ASP E 35 -96.16 -29.67 6.43
CA ASP E 35 -95.10 -29.06 7.23
C ASP E 35 -94.39 -27.96 6.45
N CYS E 36 -94.84 -27.73 5.21
CA CYS E 36 -94.24 -26.70 4.38
C CYS E 36 -94.58 -25.30 4.87
N ASN E 37 -95.59 -25.15 5.72
CA ASN E 37 -95.99 -23.86 6.26
C ASN E 37 -95.33 -23.56 7.59
N ARG E 38 -94.17 -24.15 7.86
CA ARG E 38 -93.51 -23.96 9.16
C ARG E 38 -92.91 -22.56 9.27
N ALA E 39 -91.98 -22.22 8.38
CA ALA E 39 -91.28 -20.95 8.42
C ALA E 39 -91.80 -19.96 7.38
N LEU E 40 -93.09 -20.05 7.04
CA LEU E 40 -93.66 -19.18 6.03
C LEU E 40 -94.26 -17.92 6.62
N LEU E 41 -94.83 -18.01 7.82
CA LEU E 41 -95.51 -16.87 8.44
C LEU E 41 -94.50 -16.01 9.19
N THR E 42 -93.82 -15.14 8.43
CA THR E 42 -92.85 -14.22 8.98
C THR E 42 -92.93 -12.89 8.23
N ARG E 43 -92.32 -11.87 8.82
CA ARG E 43 -92.28 -10.54 8.25
C ARG E 43 -90.83 -10.05 8.23
N LEU E 44 -90.63 -8.83 7.73
CA LEU E 44 -89.30 -8.21 7.75
C LEU E 44 -89.01 -7.72 9.16
N HIS E 45 -87.96 -8.25 9.77
CA HIS E 45 -87.58 -7.88 11.13
C HIS E 45 -86.67 -6.66 11.18
N ARG E 46 -86.64 -5.85 10.13
CA ARG E 46 -85.82 -4.65 10.09
C ARG E 46 -86.67 -3.42 10.35
N GLN E 47 -85.99 -2.31 10.64
CA GLN E 47 -86.66 -1.07 11.02
C GLN E 47 -87.07 -0.24 9.80
N THR E 48 -86.10 0.10 8.96
CA THR E 48 -86.35 0.94 7.79
C THR E 48 -86.43 0.05 6.55
N TYR E 49 -87.60 0.06 5.90
CA TYR E 49 -87.83 -0.75 4.71
C TYR E 49 -89.05 -0.20 3.98
N ALA E 50 -89.11 -0.48 2.68
CA ALA E 50 -90.25 -0.07 1.87
C ALA E 50 -91.35 -1.11 1.96
N ARG E 51 -92.56 -0.68 1.59
CA ARG E 51 -93.72 -1.57 1.63
C ARG E 51 -93.61 -2.62 0.54
N LEU E 52 -93.84 -3.88 0.90
CA LEU E 52 -93.80 -4.99 -0.03
C LEU E 52 -95.19 -5.58 -0.21
N TYR E 53 -95.41 -6.17 -1.37
CA TYR E 53 -96.72 -6.72 -1.72
C TYR E 53 -96.58 -8.16 -2.18
N PRO E 54 -97.58 -9.00 -1.89
CA PRO E 54 -97.52 -10.42 -2.30
C PRO E 54 -97.83 -10.63 -3.78
N VAL E 55 -96.84 -10.36 -4.62
CA VAL E 55 -96.98 -10.56 -6.06
C VAL E 55 -96.90 -12.05 -6.36
N LEU E 56 -97.52 -12.44 -7.47
CA LEU E 56 -97.55 -13.83 -7.91
C LEU E 56 -96.60 -13.99 -9.08
N LEU E 57 -95.49 -14.68 -8.86
CA LEU E 57 -94.47 -14.86 -9.88
C LEU E 57 -94.59 -16.26 -10.49
N VAL E 58 -94.69 -16.31 -11.81
CA VAL E 58 -94.80 -17.58 -12.54
C VAL E 58 -93.57 -17.72 -13.41
N LYS E 59 -92.85 -18.83 -13.23
CA LYS E 59 -91.62 -19.10 -13.97
C LYS E 59 -91.96 -19.72 -15.32
N GLN E 60 -90.94 -20.18 -16.04
CA GLN E 60 -91.16 -20.88 -17.31
C GLN E 60 -91.45 -22.36 -17.10
N ASP E 61 -92.41 -22.67 -16.22
CA ASP E 61 -92.81 -24.05 -15.97
C ASP E 61 -94.31 -24.24 -15.86
N GLY E 62 -95.08 -23.18 -15.59
CA GLY E 62 -96.48 -23.31 -15.29
C GLY E 62 -96.83 -23.25 -13.82
N SER E 63 -95.86 -22.97 -12.96
CA SER E 63 -96.06 -22.92 -11.53
C SER E 63 -95.86 -21.50 -11.02
N THR E 64 -96.58 -21.16 -9.95
CA THR E 64 -96.55 -19.81 -9.39
C THR E 64 -96.13 -19.86 -7.93
N ILE E 65 -95.50 -18.78 -7.48
CA ILE E 65 -95.08 -18.59 -6.10
C ILE E 65 -95.45 -17.18 -5.66
N HIS E 66 -95.43 -16.96 -4.35
CA HIS E 66 -95.72 -15.66 -3.77
C HIS E 66 -94.42 -14.99 -3.36
N ILE E 67 -94.24 -13.74 -3.77
CA ILE E 67 -93.02 -12.99 -3.51
C ILE E 67 -93.39 -11.63 -2.92
N ARG E 68 -92.74 -11.26 -1.82
CA ARG E 68 -92.91 -9.93 -1.26
C ARG E 68 -92.09 -8.94 -2.10
N TYR E 69 -92.78 -8.08 -2.84
CA TYR E 69 -92.12 -7.22 -3.80
C TYR E 69 -92.87 -5.89 -3.91
N ARG E 70 -92.12 -4.81 -4.11
CA ARG E 70 -92.71 -3.49 -4.29
C ARG E 70 -93.42 -3.42 -5.65
N GLU E 71 -93.98 -2.23 -5.94
CA GLU E 71 -94.67 -2.00 -7.21
C GLU E 71 -95.80 -3.01 -7.34
N PRO E 72 -96.92 -2.82 -6.62
CA PRO E 72 -97.86 -3.93 -6.41
C PRO E 72 -98.56 -4.38 -7.68
N ARG E 73 -97.79 -4.98 -8.59
CA ARG E 73 -98.36 -5.64 -9.75
C ARG E 73 -98.89 -7.01 -9.34
N ARG E 74 -100.08 -7.35 -9.85
CA ARG E 74 -100.75 -8.56 -9.41
C ARG E 74 -100.05 -9.83 -9.88
N MET E 75 -99.25 -9.75 -10.94
CA MET E 75 -98.60 -10.95 -11.47
C MET E 75 -97.34 -10.57 -12.23
N LEU E 76 -96.30 -11.38 -12.07
CA LEU E 76 -95.06 -11.25 -12.80
C LEU E 76 -94.72 -12.56 -13.49
N THR E 77 -94.10 -12.47 -14.67
CA THR E 77 -93.77 -13.63 -15.48
C THR E 77 -92.29 -13.68 -15.76
N MET E 78 -91.71 -14.87 -15.64
CA MET E 78 -90.31 -15.09 -15.96
C MET E 78 -90.17 -15.45 -17.42
N PRO E 79 -89.46 -14.67 -18.22
CA PRO E 79 -89.27 -15.00 -19.64
C PRO E 79 -88.01 -15.84 -19.84
N VAL E 80 -87.79 -16.22 -21.10
CA VAL E 80 -86.61 -16.99 -21.47
C VAL E 80 -86.25 -16.76 -22.94
N ASP E 81 -84.99 -16.41 -23.20
CA ASP E 81 -84.48 -16.31 -24.56
C ASP E 81 -83.05 -16.82 -24.67
N LEU E 82 -82.60 -17.61 -23.70
CA LEU E 82 -81.23 -18.07 -23.68
C LEU E 82 -81.07 -19.54 -23.32
N ASP E 83 -82.16 -20.28 -23.12
CA ASP E 83 -82.04 -21.68 -22.71
C ASP E 83 -81.57 -22.56 -23.86
N SER E 84 -82.02 -22.28 -25.07
CA SER E 84 -81.74 -23.15 -26.20
C SER E 84 -80.60 -22.58 -27.05
N LEU E 85 -80.19 -23.36 -28.05
CA LEU E 85 -79.10 -22.98 -28.93
C LEU E 85 -79.65 -22.19 -30.13
N SER E 86 -78.79 -21.91 -31.10
CA SER E 86 -79.13 -21.11 -32.27
C SER E 86 -80.20 -21.75 -33.15
N PRO E 87 -80.13 -23.06 -33.39
CA PRO E 87 -81.12 -23.74 -34.23
C PRO E 87 -82.50 -23.67 -33.60
N GLU E 88 -82.60 -23.98 -32.31
CA GLU E 88 -83.89 -23.92 -31.63
C GLU E 88 -84.38 -22.50 -31.50
N GLU E 89 -83.47 -21.53 -31.32
CA GLU E 89 -83.88 -20.13 -31.29
C GLU E 89 -84.46 -19.70 -32.62
N ARG E 90 -83.83 -20.11 -33.73
CA ARG E 90 -84.35 -19.80 -35.05
C ARG E 90 -85.69 -20.48 -35.30
N ARG E 91 -85.84 -21.71 -34.83
CA ARG E 91 -87.12 -22.40 -34.96
C ARG E 91 -88.22 -21.68 -34.19
N ALA E 92 -87.91 -21.23 -32.97
CA ALA E 92 -88.88 -20.48 -32.19
C ALA E 92 -89.23 -19.15 -32.84
N ARG E 93 -88.23 -18.47 -33.41
CA ARG E 93 -88.49 -17.22 -34.11
C ARG E 93 -89.38 -17.44 -35.32
N PHE E 94 -89.15 -18.52 -36.07
CA PHE E 94 -90.00 -18.84 -37.21
C PHE E 94 -91.41 -19.19 -36.76
N ARG E 95 -91.55 -19.93 -35.66
CA ARG E 95 -92.88 -20.27 -35.16
C ARG E 95 -93.63 -19.03 -34.69
N LYS E 96 -92.95 -18.09 -34.06
CA LYS E 96 -93.58 -16.87 -33.58
C LYS E 96 -93.95 -15.95 -34.74
N ALA F 79 31.09 -9.33 42.07
CA ALA F 79 30.16 -10.04 42.92
C ALA F 79 30.26 -9.56 44.36
N ALA F 80 29.11 -9.48 45.04
CA ALA F 80 29.07 -9.03 46.41
C ALA F 80 28.78 -10.19 47.35
N PRO F 81 29.30 -10.16 48.58
CA PRO F 81 28.99 -11.24 49.53
C PRO F 81 27.51 -11.29 49.85
N LYS F 82 27.01 -12.51 50.04
CA LYS F 82 25.58 -12.70 50.30
C LYS F 82 25.25 -12.54 51.78
N ASN F 83 26.12 -13.05 52.66
CA ASN F 83 25.90 -12.96 54.09
C ASN F 83 27.22 -12.78 54.81
N ARG F 84 27.14 -12.29 56.04
CA ARG F 84 28.34 -12.07 56.84
C ARG F 84 28.90 -13.40 57.32
N ARG F 85 30.21 -13.60 57.10
CA ARG F 85 30.88 -14.80 57.55
C ARG F 85 31.09 -14.75 59.05
N SER F 86 30.76 -15.84 59.74
CA SER F 86 30.80 -15.85 61.19
C SER F 86 32.24 -15.96 61.70
N ILE F 87 32.41 -15.70 62.99
CA ILE F 87 33.72 -15.72 63.61
C ILE F 87 34.30 -17.13 63.59
N GLU F 88 33.45 -18.15 63.74
CA GLU F 88 33.96 -19.53 63.69
C GLU F 88 34.56 -19.84 62.32
N VAL F 89 33.87 -19.44 61.26
CA VAL F 89 34.38 -19.66 59.91
C VAL F 89 35.65 -18.85 59.69
N ASN F 90 35.67 -17.61 60.17
CA ASN F 90 36.88 -16.79 60.02
C ASN F 90 38.07 -17.42 60.73
N ARG F 91 37.86 -17.93 61.94
CA ARG F 91 38.94 -18.60 62.66
C ARG F 91 39.40 -19.85 61.92
N CYS F 92 38.46 -20.66 61.46
CA CYS F 92 38.83 -21.87 60.73
C CYS F 92 39.59 -21.54 59.44
N ARG F 93 39.35 -20.36 58.88
CA ARG F 93 40.03 -19.97 57.66
C ARG F 93 41.43 -19.43 57.94
N ARG F 94 41.57 -18.53 58.92
CA ARG F 94 42.83 -17.84 59.14
C ARG F 94 43.61 -18.37 60.34
N ARG F 95 43.29 -19.57 60.81
CA ARG F 95 44.16 -20.27 61.76
C ARG F 95 44.59 -21.64 61.25
N ASN F 96 44.37 -21.92 59.96
CA ASN F 96 44.79 -23.18 59.39
C ASN F 96 46.31 -23.27 59.40
N PRO F 97 46.87 -24.47 59.57
CA PRO F 97 48.34 -24.60 59.58
C PRO F 97 49.01 -24.11 58.32
N GLN F 98 48.31 -24.10 57.18
CA GLN F 98 48.90 -23.55 55.95
C GLN F 98 49.20 -22.06 56.10
N LYS F 99 48.30 -21.31 56.73
CA LYS F 99 48.51 -19.88 56.95
C LYS F 99 49.38 -19.59 58.18
N LEU F 100 49.64 -20.58 59.01
CA LEU F 100 50.48 -20.38 60.19
C LEU F 100 51.95 -20.36 59.78
N ILE F 101 52.75 -19.66 60.58
CA ILE F 101 54.18 -19.57 60.31
C ILE F 101 54.87 -20.85 60.75
N LYS F 102 55.60 -21.46 59.84
CA LYS F 102 56.28 -22.72 60.13
C LYS F 102 57.61 -22.46 60.84
N VAL F 103 57.91 -23.30 61.82
CA VAL F 103 59.14 -23.19 62.59
C VAL F 103 60.30 -23.69 61.73
N LYS F 104 61.39 -22.94 61.71
CA LYS F 104 62.57 -23.29 60.93
C LYS F 104 63.56 -24.04 61.81
N ASN F 105 64.04 -25.18 61.31
CA ASN F 105 64.93 -26.05 62.07
C ASN F 105 66.37 -26.02 61.56
N ASN F 106 66.70 -25.07 60.68
CA ASN F 106 68.05 -24.94 60.15
C ASN F 106 68.87 -23.87 60.87
N ILE F 107 68.37 -23.37 61.99
CA ILE F 107 69.07 -22.32 62.73
C ILE F 107 70.23 -22.94 63.49
N ASP F 108 71.40 -22.30 63.38
CA ASP F 108 72.60 -22.76 64.07
C ASP F 108 73.36 -21.54 64.58
N VAL F 109 74.41 -21.79 65.36
CA VAL F 109 75.24 -20.72 65.90
C VAL F 109 76.56 -20.69 65.14
N CYS F 110 77.10 -19.50 64.96
CA CYS F 110 78.36 -19.35 64.26
C CYS F 110 79.51 -19.79 65.17
N PRO F 111 80.35 -20.72 64.73
CA PRO F 111 81.50 -21.13 65.56
C PRO F 111 82.50 -20.01 65.83
N GLU F 112 82.51 -18.96 65.01
CA GLU F 112 83.52 -17.92 65.14
C GLU F 112 83.13 -16.90 66.22
N CYS F 113 81.98 -16.26 66.05
CA CYS F 113 81.56 -15.20 66.95
C CYS F 113 80.42 -15.59 67.88
N GLY F 114 79.82 -16.75 67.69
CA GLY F 114 78.77 -17.21 68.58
C GLY F 114 77.39 -16.66 68.28
N HIS F 115 77.21 -15.93 67.17
CA HIS F 115 75.91 -15.41 66.81
C HIS F 115 75.13 -16.45 66.01
N LEU F 116 73.87 -16.14 65.70
CA LEU F 116 72.98 -17.07 65.03
C LEU F 116 73.09 -16.92 63.52
N LYS F 117 73.05 -18.06 62.83
CA LYS F 117 73.06 -18.07 61.38
C LYS F 117 72.41 -19.36 60.89
N GLN F 118 72.01 -19.35 59.63
CA GLN F 118 71.45 -20.55 59.02
C GLN F 118 72.57 -21.38 58.38
N LYS F 119 72.31 -22.68 58.22
CA LYS F 119 73.34 -23.59 57.74
C LYS F 119 73.74 -23.31 56.29
N HIS F 120 72.80 -22.86 55.45
CA HIS F 120 73.11 -22.57 54.05
C HIS F 120 73.39 -21.10 53.81
N ILE F 121 73.46 -20.27 54.84
CA ILE F 121 73.67 -18.84 54.70
C ILE F 121 74.89 -18.44 55.52
N LEU F 122 75.66 -17.49 54.98
CA LEU F 122 76.82 -16.98 55.68
C LEU F 122 76.39 -16.22 56.94
N CYS F 123 77.31 -16.15 57.90
CA CYS F 123 77.02 -15.49 59.16
C CYS F 123 76.91 -13.98 58.96
N GLY F 124 75.85 -13.40 59.50
CA GLY F 124 75.63 -11.96 59.34
C GLY F 124 76.72 -11.14 59.99
N TYR F 125 77.13 -11.52 61.19
CA TYR F 125 78.16 -10.75 61.91
C TYR F 125 79.49 -10.79 61.18
N CYS F 126 79.93 -11.99 60.78
CA CYS F 126 81.20 -12.11 60.08
C CYS F 126 81.14 -11.41 58.73
N TYR F 127 80.03 -11.53 58.01
CA TYR F 127 79.89 -10.83 56.74
C TYR F 127 79.89 -9.33 56.92
N GLU F 128 79.32 -8.82 58.02
CA GLU F 128 79.37 -7.40 58.31
C GLU F 128 80.81 -6.94 58.57
N LYS F 129 81.57 -7.74 59.32
CA LYS F 129 82.98 -7.42 59.53
C LYS F 129 83.74 -7.35 58.20
N VAL F 130 83.53 -8.36 57.36
CA VAL F 130 84.21 -8.41 56.07
C VAL F 130 83.79 -7.23 55.20
N ARG F 131 82.51 -6.88 55.20
CA ARG F 131 82.03 -5.77 54.40
C ARG F 131 82.62 -4.44 54.88
N LYS F 132 82.71 -4.26 56.20
CA LYS F 132 83.33 -3.04 56.72
C LYS F 132 84.79 -2.94 56.30
N GLU F 133 85.54 -4.04 56.44
CA GLU F 133 86.94 -4.02 56.05
C GLU F 133 87.11 -3.76 54.56
N THR F 134 86.26 -4.41 53.74
CA THR F 134 86.32 -4.20 52.30
C THR F 134 85.98 -2.77 51.93
N ALA F 135 84.98 -2.18 52.60
CA ALA F 135 84.64 -0.80 52.34
C ALA F 135 85.80 0.14 52.67
N GLU F 136 86.47 -0.10 53.80
CA GLU F 136 87.64 0.72 54.13
C GLU F 136 88.74 0.56 53.10
N ILE F 137 89.01 -0.68 52.68
CA ILE F 137 90.08 -0.92 51.72
C ILE F 137 89.76 -0.24 50.38
N ARG F 138 88.52 -0.39 49.92
CA ARG F 138 88.14 0.24 48.65
C ARG F 138 88.14 1.75 48.76
N ARG F 139 87.76 2.29 49.91
CA ARG F 139 87.82 3.74 50.11
C ARG F 139 89.24 4.23 50.00
N GLN F 140 90.19 3.52 50.61
CA GLN F 140 91.58 3.95 50.51
C GLN F 140 92.13 3.79 49.10
N MET F 141 91.78 2.69 48.41
CA MET F 141 92.27 2.49 47.06
C MET F 141 91.66 3.47 46.07
N GLY F 142 90.44 3.97 46.34
CA GLY F 142 89.89 5.04 45.54
C GLY F 142 90.40 6.42 45.89
N LYS F 143 90.82 6.60 47.15
CA LYS F 143 91.55 7.83 47.50
C LYS F 143 92.90 7.88 46.81
N GLN F 144 93.54 6.72 46.64
CA GLN F 144 94.81 6.68 45.91
C GLN F 144 94.66 7.13 44.46
N GLU F 145 93.51 6.86 43.85
CA GLU F 145 93.27 7.18 42.45
C GLU F 145 92.45 8.47 42.37
N GLY F 146 93.06 9.51 41.81
CA GLY F 146 92.40 10.81 41.75
C GLY F 146 91.30 10.93 40.72
N GLY F 147 91.16 9.96 39.82
CA GLY F 147 90.15 10.03 38.79
C GLY F 147 89.20 8.85 38.81
N PRO F 148 88.02 9.03 38.24
CA PRO F 148 87.03 7.93 38.22
C PRO F 148 87.39 6.84 37.22
N PHE F 149 88.16 7.19 36.19
CA PHE F 149 88.55 6.26 35.15
C PHE F 149 90.01 5.83 35.25
N ARG F 150 90.64 6.06 36.40
CA ARG F 150 92.05 5.71 36.61
C ARG F 150 92.09 4.42 37.42
N ALA F 151 92.04 3.29 36.70
CA ALA F 151 92.11 1.99 37.33
C ALA F 151 93.50 1.38 37.14
N PRO F 152 94.01 0.67 38.15
CA PRO F 152 95.35 0.08 38.01
C PRO F 152 95.38 -1.00 36.94
N THR F 153 96.50 -1.09 36.24
CA THR F 153 96.71 -2.09 35.21
C THR F 153 97.39 -3.34 35.74
N THR F 154 97.80 -3.34 37.00
CA THR F 154 98.49 -4.47 37.61
C THR F 154 97.70 -4.96 38.82
N GLU F 155 98.23 -6.01 39.46
CA GLU F 155 97.61 -6.54 40.66
C GLU F 155 97.78 -5.57 41.82
N THR F 156 96.91 -5.71 42.81
CA THR F 156 96.92 -4.87 43.99
C THR F 156 97.07 -5.73 45.25
N VAL F 157 97.74 -5.16 46.25
CA VAL F 157 97.98 -5.85 47.52
C VAL F 157 97.76 -4.84 48.64
N VAL F 158 97.07 -5.27 49.70
CA VAL F 158 96.79 -4.44 50.87
C VAL F 158 97.64 -4.95 52.03
N LEU F 159 98.36 -4.03 52.68
CA LEU F 159 99.19 -4.35 53.82
C LEU F 159 98.84 -3.43 54.98
N TYR F 160 99.03 -3.94 56.19
CA TYR F 160 98.71 -3.22 57.41
C TYR F 160 99.99 -2.70 58.04
N SER F 161 99.84 -1.88 59.09
CA SER F 161 100.98 -1.35 59.81
C SER F 161 101.86 -2.48 60.34
N GLY F 162 103.17 -2.28 60.26
CA GLY F 162 104.11 -3.30 60.69
C GLY F 162 104.38 -4.39 59.68
N GLU F 163 104.15 -4.11 58.40
CA GLU F 163 104.36 -5.09 57.34
C GLU F 163 105.15 -4.46 56.21
N THR F 164 105.88 -5.31 55.48
CA THR F 164 106.65 -4.88 54.32
C THR F 164 106.34 -5.79 53.14
N PRO F 165 106.36 -5.25 51.93
CA PRO F 165 106.08 -6.09 50.75
C PRO F 165 107.17 -7.14 50.55
N SER F 166 106.76 -8.34 50.14
CA SER F 166 107.70 -9.41 49.87
C SER F 166 108.17 -9.34 48.43
N GLU F 167 109.04 -10.28 48.05
CA GLU F 167 109.53 -10.32 46.67
C GLU F 167 108.43 -10.64 45.69
N GLN F 168 107.51 -11.54 46.05
CA GLN F 168 106.37 -11.87 45.21
C GLN F 168 105.31 -10.77 45.20
N ASP F 169 105.26 -9.94 46.24
CA ASP F 169 104.31 -8.84 46.30
C ASP F 169 104.85 -7.56 45.70
N GLN F 170 106.12 -7.51 45.34
CA GLN F 170 106.71 -6.32 44.77
C GLN F 170 106.27 -6.16 43.32
N GLY F 171 106.28 -4.91 42.85
CA GLY F 171 105.86 -4.59 41.50
C GLY F 171 104.37 -4.42 41.33
N LYS F 172 103.59 -4.57 42.40
CA LYS F 172 102.14 -4.43 42.37
C LYS F 172 101.74 -3.14 43.09
N ARG F 173 100.52 -2.69 42.82
CA ARG F 173 99.97 -1.55 43.53
C ARG F 173 99.82 -1.90 45.00
N ILE F 174 100.13 -0.95 45.87
CA ILE F 174 100.22 -1.20 47.31
C ILE F 174 99.27 -0.25 48.03
N ILE F 175 98.45 -0.81 48.92
CA ILE F 175 97.62 -0.03 49.82
C ILE F 175 98.13 -0.24 51.24
N GLU F 176 98.29 0.85 51.99
CA GLU F 176 98.83 0.81 53.34
C GLU F 176 97.76 1.24 54.32
N ARG F 177 97.53 0.43 55.34
CA ARG F 177 96.50 0.71 56.35
C ARG F 177 97.15 0.93 57.72
N GLU F 178 96.62 1.91 58.44
CA GLU F 178 97.07 2.18 59.80
C GLU F 178 96.61 1.12 60.79
N ARG F 179 95.45 0.52 60.55
CA ARG F 179 94.97 -0.56 61.39
C ARG F 179 95.88 -1.77 61.28
N LYS F 180 95.96 -2.55 62.36
CA LYS F 180 96.73 -3.79 62.34
C LYS F 180 95.98 -4.85 61.55
N ARG F 181 96.72 -5.90 61.17
CA ARG F 181 96.13 -6.97 60.37
C ARG F 181 95.12 -7.76 61.19
N PRO F 182 93.90 -7.94 60.70
CA PRO F 182 92.91 -8.72 61.45
C PRO F 182 93.29 -10.19 61.52
N SER F 183 92.77 -10.86 62.55
CA SER F 183 93.05 -12.28 62.72
C SER F 183 92.48 -13.12 61.58
N TRP F 184 91.27 -12.80 61.12
CA TRP F 184 90.66 -13.57 60.04
C TRP F 184 91.35 -13.34 58.71
N PHE F 185 92.00 -12.19 58.53
CA PHE F 185 92.69 -11.88 57.28
C PHE F 185 94.07 -12.51 57.31
N THR F 186 94.32 -13.46 56.42
CA THR F 186 95.59 -14.15 56.35
C THR F 186 96.55 -13.43 55.42
N GLN F 187 97.84 -13.57 55.69
CA GLN F 187 98.86 -12.94 54.85
C GLN F 187 98.79 -13.46 53.42
N ASN F 188 99.03 -14.76 53.24
CA ASN F 188 98.99 -15.41 51.93
C ASN F 188 99.90 -14.71 50.92
N SER G 13 -46.41 16.42 18.63
CA SER G 13 -47.37 17.09 19.50
C SER G 13 -46.69 17.66 20.73
N LYS G 14 -46.67 18.99 20.84
CA LYS G 14 -46.06 19.67 21.97
C LYS G 14 -47.13 20.19 22.93
N THR G 15 -46.89 19.99 24.22
CA THR G 15 -47.79 20.44 25.25
C THR G 15 -47.40 21.83 25.74
N ILE G 16 -48.30 22.46 26.50
CA ILE G 16 -48.09 23.81 27.01
C ILE G 16 -48.61 23.86 28.45
N LEU G 17 -47.84 24.48 29.33
CA LEU G 17 -48.21 24.65 30.74
C LEU G 17 -48.82 26.02 30.92
N VAL G 18 -50.05 26.06 31.44
CA VAL G 18 -50.82 27.30 31.56
C VAL G 18 -51.19 27.51 33.02
N LYS G 19 -51.02 28.73 33.49
CA LYS G 19 -51.44 29.16 34.82
C LYS G 19 -52.82 29.80 34.71
N MET G 20 -53.80 29.23 35.41
CA MET G 20 -55.18 29.67 35.36
C MET G 20 -55.59 30.20 36.73
N MET G 21 -56.19 31.38 36.74
CA MET G 21 -56.66 32.02 37.97
C MET G 21 -58.17 31.85 38.10
N SER G 22 -58.65 31.96 39.34
CA SER G 22 -60.07 31.86 39.61
C SER G 22 -60.80 33.10 39.13
N GLN G 23 -62.09 32.94 38.84
CA GLN G 23 -62.97 34.04 38.49
C GLN G 23 -63.82 34.50 39.65
N ALA G 24 -63.56 34.00 40.86
CA ALA G 24 -64.31 34.38 42.05
C ALA G 24 -63.75 35.62 42.73
N GLY G 25 -62.78 36.29 42.10
CA GLY G 25 -62.19 37.48 42.68
C GLY G 25 -61.01 37.18 43.58
N THR G 26 -61.13 36.11 44.37
CA THR G 26 -60.03 35.72 45.24
C THR G 26 -58.84 35.25 44.43
N GLY G 27 -57.65 35.64 44.89
CA GLY G 27 -56.42 35.23 44.22
C GLY G 27 -56.12 33.76 44.43
N PHE G 28 -56.28 32.97 43.36
CA PHE G 28 -56.03 31.54 43.45
C PHE G 28 -55.73 31.03 42.05
N SER G 29 -54.49 30.62 41.82
CA SER G 29 -54.04 30.17 40.51
C SER G 29 -53.46 28.78 40.61
N PHE G 30 -53.64 28.00 39.54
CA PHE G 30 -53.10 26.65 39.47
C PHE G 30 -52.62 26.37 38.06
N ASN G 31 -51.66 25.45 37.95
CA ASN G 31 -51.03 25.14 36.67
C ASN G 31 -51.66 23.88 36.07
N THR G 32 -51.77 23.87 34.74
CA THR G 32 -52.38 22.76 34.03
C THR G 32 -51.66 22.53 32.71
N LYS G 33 -51.51 21.26 32.33
CA LYS G 33 -50.94 20.91 31.04
C LYS G 33 -52.02 20.93 29.97
N ARG G 34 -51.68 21.49 28.81
CA ARG G 34 -52.62 21.65 27.72
C ARG G 34 -51.91 21.39 26.40
N SER G 35 -52.71 21.16 25.35
CA SER G 35 -52.18 21.03 24.01
C SER G 35 -52.04 22.41 23.37
N ARG G 36 -50.93 22.59 22.66
CA ARG G 36 -50.62 23.90 22.09
C ARG G 36 -51.64 24.31 21.03
N LEU G 37 -52.08 23.35 20.21
CA LEU G 37 -53.00 23.64 19.11
C LEU G 37 -54.45 23.75 19.56
N ARG G 38 -54.71 23.92 20.85
CA ARG G 38 -56.07 24.06 21.35
C ARG G 38 -56.38 25.52 21.65
N GLU G 39 -57.65 25.81 21.92
CA GLU G 39 -58.10 27.17 22.19
C GLU G 39 -57.72 27.55 23.62
N LYS G 40 -58.18 28.72 24.06
CA LYS G 40 -57.95 29.14 25.43
C LYS G 40 -58.70 28.23 26.39
N LEU G 41 -57.99 27.76 27.42
CA LEU G 41 -58.56 26.78 28.34
C LEU G 41 -59.51 27.47 29.32
N THR G 42 -60.66 26.84 29.54
CA THR G 42 -61.65 27.36 30.47
C THR G 42 -62.40 26.18 31.07
N LEU G 43 -62.17 25.92 32.36
CA LEU G 43 -62.68 24.73 33.01
C LEU G 43 -63.40 25.11 34.30
N LEU G 44 -63.94 24.11 34.98
CA LEU G 44 -64.57 24.26 36.28
C LEU G 44 -63.72 23.53 37.31
N HIS G 45 -63.14 24.29 38.24
CA HIS G 45 -62.26 23.75 39.28
C HIS G 45 -62.89 24.03 40.64
N TYR G 46 -62.17 23.64 41.69
CA TYR G 46 -62.63 23.85 43.06
C TYR G 46 -61.74 24.89 43.74
N ASP G 47 -62.37 25.92 44.31
CA ASP G 47 -61.65 26.97 45.02
C ASP G 47 -61.84 26.77 46.51
N PRO G 48 -60.77 26.46 47.26
CA PRO G 48 -60.90 26.31 48.72
C PRO G 48 -61.03 27.63 49.46
N VAL G 49 -60.65 28.76 48.86
CA VAL G 49 -60.83 30.04 49.52
C VAL G 49 -62.31 30.35 49.70
N VAL G 50 -63.08 30.17 48.63
CA VAL G 50 -64.54 30.26 48.73
C VAL G 50 -65.20 28.90 48.88
N LYS G 51 -64.43 27.81 48.76
CA LYS G 51 -64.93 26.45 48.93
C LYS G 51 -66.09 26.16 47.98
N LYS G 52 -65.89 26.49 46.70
CA LYS G 52 -66.97 26.40 45.73
C LYS G 52 -66.44 25.93 44.38
N LYS G 53 -67.36 25.44 43.56
CA LYS G 53 -67.05 25.07 42.17
C LYS G 53 -67.05 26.36 41.34
N VAL G 54 -65.87 26.77 40.89
CA VAL G 54 -65.69 28.06 40.25
C VAL G 54 -65.13 27.86 38.85
N LEU G 55 -65.37 28.84 37.99
CA LEU G 55 -64.86 28.83 36.62
C LEU G 55 -63.44 29.40 36.61
N PHE G 56 -62.52 28.65 36.02
CA PHE G 56 -61.12 29.04 35.92
C PHE G 56 -60.77 29.18 34.45
N VAL G 57 -60.21 30.32 34.07
CA VAL G 57 -59.80 30.58 32.70
C VAL G 57 -58.28 30.69 32.65
N GLU G 58 -57.72 30.41 31.47
CA GLU G 58 -56.28 30.53 31.29
C GLU G 58 -55.86 31.99 31.38
N GLN G 59 -54.88 32.27 32.24
CA GLN G 59 -54.36 33.62 32.41
C GLN G 59 -52.98 33.79 31.79
N LYS G 60 -52.04 32.90 32.15
CA LYS G 60 -50.65 33.04 31.73
C LYS G 60 -50.16 31.73 31.15
N LYS G 61 -49.07 31.81 30.38
CA LYS G 61 -48.35 30.64 29.89
C LYS G 61 -47.00 30.60 30.58
N ILE G 62 -46.70 29.49 31.25
CA ILE G 62 -45.48 29.41 32.05
C ILE G 62 -44.42 28.61 31.31
N ARG G 63 -44.71 27.35 31.02
CA ARG G 63 -43.74 26.44 30.41
C ARG G 63 -44.28 25.94 29.08
N SER G 64 -43.37 25.82 28.12
CA SER G 64 -43.72 25.30 26.79
C SER G 64 -44.08 23.81 26.89
N LYS I 50 34.26 18.79 28.13
CA LYS I 50 34.72 17.42 28.25
C LYS I 50 34.89 17.04 29.72
N ALA I 51 35.95 17.57 30.34
CA ALA I 51 36.21 17.34 31.76
C ALA I 51 35.68 18.51 32.58
N ARG I 52 34.88 18.21 33.59
CA ARG I 52 34.27 19.21 34.44
C ARG I 52 34.91 19.18 35.82
N GLY I 53 34.45 20.08 36.69
CA GLY I 53 34.95 20.21 38.03
C GLY I 53 35.95 21.34 38.23
N ASN I 54 36.50 21.88 37.15
CA ASN I 54 37.46 22.98 37.22
C ASN I 54 36.86 24.28 36.73
N GLU I 55 35.57 24.51 37.01
CA GLU I 55 34.89 25.71 36.54
C GLU I 55 35.37 26.97 37.24
N TYR I 56 36.10 26.85 38.34
CA TYR I 56 36.59 28.00 39.09
C TYR I 56 37.99 28.34 38.62
N GLN I 57 38.11 29.39 37.81
CA GLN I 57 39.41 29.89 37.39
C GLN I 57 39.73 31.14 38.20
N PRO I 58 40.70 31.09 39.11
CA PRO I 58 40.91 32.22 40.01
C PRO I 58 41.30 33.49 39.27
N SER I 59 40.80 34.61 39.78
CA SER I 59 41.14 35.94 39.27
C SER I 59 40.80 36.97 40.34
N ASN I 60 41.82 37.64 40.87
CA ASN I 60 41.59 38.59 41.95
C ASN I 60 40.74 39.76 41.49
N ILE I 61 40.99 40.26 40.27
CA ILE I 61 40.23 41.39 39.77
C ILE I 61 38.75 41.04 39.66
N LYS I 62 38.45 39.87 39.08
CA LYS I 62 37.07 39.42 38.97
C LYS I 62 36.45 39.21 40.34
N ARG I 63 37.20 38.60 41.26
CA ARG I 63 36.67 38.35 42.59
C ARG I 63 36.30 39.66 43.29
N LYS I 64 37.18 40.65 43.21
CA LYS I 64 36.91 41.94 43.82
C LYS I 64 35.78 42.70 43.13
N HIS I 65 35.66 42.60 41.82
CA HIS I 65 34.60 43.30 41.11
C HIS I 65 33.24 42.63 41.24
N LYS I 66 33.20 41.34 41.55
CA LYS I 66 31.93 40.63 41.65
C LYS I 66 31.45 40.44 43.09
N HIS I 67 32.37 40.23 44.04
CA HIS I 67 31.99 40.01 45.43
C HIS I 67 32.75 40.91 46.39
N GLY I 68 33.27 42.04 45.90
CA GLY I 68 34.00 42.95 46.75
C GLY I 68 33.09 43.82 47.60
N TRP I 69 33.73 44.52 48.53
CA TRP I 69 32.97 45.37 49.45
C TRP I 69 32.30 46.52 48.71
N VAL I 70 33.01 47.16 47.77
CA VAL I 70 32.42 48.25 47.00
C VAL I 70 31.25 47.74 46.18
N ARG I 71 31.40 46.58 45.54
CA ARG I 71 30.30 46.00 44.78
C ARG I 71 29.10 45.69 45.67
N ARG I 72 29.35 45.17 46.87
CA ARG I 72 28.24 44.91 47.79
C ARG I 72 27.54 46.20 48.19
N LEU I 73 28.29 47.25 48.51
CA LEU I 73 27.69 48.47 49.02
C LEU I 73 27.09 49.37 47.93
N ARG I 74 27.44 49.15 46.66
CA ARG I 74 26.89 49.99 45.61
C ARG I 74 25.42 49.69 45.32
N THR I 75 24.85 48.61 45.86
CA THR I 75 23.46 48.26 45.63
C THR I 75 22.78 48.00 46.96
N PRO I 76 21.50 48.38 47.08
CA PRO I 76 20.78 48.10 48.34
C PRO I 76 20.68 46.62 48.67
N THR I 77 20.59 45.75 47.65
CA THR I 77 20.55 44.32 47.91
C THR I 77 21.84 43.83 48.56
N GLY I 78 22.99 44.32 48.07
CA GLY I 78 24.25 43.99 48.74
C GLY I 78 24.33 44.53 50.15
N VAL I 79 23.74 45.70 50.38
CA VAL I 79 23.68 46.23 51.74
C VAL I 79 22.88 45.32 52.65
N GLN I 80 21.74 44.82 52.15
CA GLN I 80 20.95 43.87 52.93
C GLN I 80 21.71 42.57 53.17
N VAL I 81 22.47 42.11 52.18
CA VAL I 81 23.30 40.92 52.36
C VAL I 81 24.32 41.16 53.47
N ILE I 82 24.98 42.31 53.45
CA ILE I 82 25.96 42.64 54.48
C ILE I 82 25.30 42.70 55.85
N LEU I 83 24.10 43.30 55.93
CA LEU I 83 23.38 43.37 57.20
C LEU I 83 23.02 41.99 57.71
N ARG I 84 22.56 41.10 56.82
CA ARG I 84 22.25 39.73 57.25
C ARG I 84 23.48 39.00 57.74
N ARG I 85 24.61 39.15 57.05
CA ARG I 85 25.84 38.50 57.51
C ARG I 85 26.30 39.06 58.86
N MET I 86 26.18 40.37 59.04
CA MET I 86 26.53 40.97 60.33
C MET I 86 25.63 40.46 61.44
N HIS I 87 24.33 40.34 61.17
CA HIS I 87 23.41 39.80 62.16
C HIS I 87 23.76 38.35 62.50
N LYS I 88 24.10 37.56 61.49
CA LYS I 88 24.48 36.17 61.72
C LYS I 88 25.82 36.06 62.45
N GLY I 89 26.68 37.08 62.34
CA GLY I 89 27.95 37.06 63.02
C GLY I 89 29.10 36.54 62.18
N ARG I 90 29.07 36.73 60.88
CA ARG I 90 30.12 36.23 60.01
C ARG I 90 31.44 36.93 60.28
N LYS I 91 32.52 36.15 60.33
CA LYS I 91 33.85 36.73 60.49
C LYS I 91 34.25 37.58 59.30
N SER I 92 33.95 37.13 58.09
CA SER I 92 34.28 37.85 56.86
C SER I 92 32.98 38.22 56.16
N LEU I 93 32.67 39.52 56.15
CA LEU I 93 31.45 39.97 55.48
C LEU I 93 31.55 39.79 53.97
N SER I 94 32.72 40.08 53.40
CA SER I 94 32.93 39.96 51.97
C SER I 94 34.41 39.70 51.72
N HIS I 95 34.75 39.50 50.45
CA HIS I 95 36.14 39.27 50.05
C HIS I 95 36.99 40.51 50.31
N ALA J 61 24.98 46.74 34.10
CA ALA J 61 25.50 48.10 34.02
C ALA J 61 24.98 48.80 32.78
N THR J 62 25.22 50.11 32.70
CA THR J 62 24.78 50.92 31.57
C THR J 62 26.00 51.34 30.75
N SER J 63 25.93 51.09 29.44
CA SER J 63 27.02 51.44 28.54
C SER J 63 26.85 52.86 28.02
N VAL J 64 27.97 53.48 27.66
CA VAL J 64 28.00 54.84 27.16
C VAL J 64 28.26 54.80 25.66
N SER J 65 27.49 55.59 24.91
CA SER J 65 27.64 55.63 23.46
C SER J 65 28.99 56.23 23.06
N TRP J 66 29.48 55.80 21.91
CA TRP J 66 30.76 56.23 21.38
C TRP J 66 30.68 57.54 20.61
N LYS J 67 29.48 58.09 20.44
CA LYS J 67 29.26 59.23 19.55
C LYS J 67 29.54 60.56 20.24
N SER J 68 30.36 60.58 21.29
CA SER J 68 30.68 61.79 22.02
C SER J 68 31.76 62.55 21.25
N ARG J 69 31.34 63.36 20.28
CA ARG J 69 32.26 64.21 19.53
C ARG J 69 31.47 65.38 18.97
N THR J 70 31.57 66.53 19.64
CA THR J 70 30.85 67.71 19.20
C THR J 70 31.49 68.34 17.96
N LYS J 71 32.81 68.40 17.92
CA LYS J 71 33.50 69.07 16.83
C LYS J 71 33.53 68.18 15.59
N TYR J 72 33.35 68.80 14.42
CA TYR J 72 33.41 68.09 13.17
C TYR J 72 34.87 67.81 12.80
N THR J 73 35.15 66.57 12.41
CA THR J 73 36.51 66.16 12.08
C THR J 73 36.51 65.49 10.71
N VAL J 74 37.41 65.94 9.84
CA VAL J 74 37.54 65.34 8.52
C VAL J 74 38.11 63.93 8.63
N MET J 75 39.10 63.74 9.49
CA MET J 75 39.74 62.45 9.63
C MET J 75 38.76 61.43 10.21
N PRO J 76 38.87 60.16 9.80
CA PRO J 76 37.97 59.13 10.35
C PRO J 76 38.19 58.95 11.83
N VAL J 77 37.09 58.83 12.57
CA VAL J 77 37.14 58.63 14.01
C VAL J 77 36.77 57.18 14.31
N LYS J 78 37.44 56.60 15.31
CA LYS J 78 37.17 55.23 15.68
C LYS J 78 35.80 55.10 16.35
N MET J 79 35.12 53.99 16.08
CA MET J 79 33.79 53.73 16.60
C MET J 79 33.75 52.37 17.27
N ARG J 80 32.93 52.27 18.32
CA ARG J 80 32.72 51.03 19.04
C ARG J 80 31.37 50.47 18.63
N LYS J 81 31.38 49.47 17.76
CA LYS J 81 30.14 48.84 17.31
C LYS J 81 29.50 48.06 18.46
N SER J 82 28.17 47.99 18.42
CA SER J 82 27.40 47.21 19.38
C SER J 82 26.35 46.41 18.63
N GLY J 83 26.40 45.09 18.75
CA GLY J 83 25.52 44.26 17.97
C GLY J 83 24.18 44.00 18.61
N GLY J 84 23.17 44.80 18.24
CA GLY J 84 21.82 44.60 18.72
C GLY J 84 21.65 44.81 20.21
N ARG J 85 22.59 45.49 20.85
CA ARG J 85 22.56 45.69 22.28
C ARG J 85 22.19 47.13 22.60
N ASN J 86 21.20 47.31 23.48
CA ASN J 86 20.78 48.62 23.92
C ASN J 86 21.68 49.07 25.07
N HIS J 87 21.29 50.16 25.74
CA HIS J 87 22.06 50.65 26.87
C HIS J 87 22.01 49.71 28.07
N THR J 88 21.04 48.79 28.11
CA THR J 88 20.96 47.85 29.21
C THR J 88 21.91 46.68 29.02
N GLY J 89 21.90 46.08 27.82
CA GLY J 89 22.80 44.98 27.53
C GLY J 89 22.09 43.80 26.88
N GLN J 90 20.76 43.87 26.79
CA GLN J 90 19.98 42.81 26.20
C GLN J 90 19.94 42.97 24.68
N ILE J 91 19.63 41.87 24.00
CA ILE J 91 19.55 41.88 22.54
C ILE J 91 18.21 42.49 22.13
N GLN J 92 18.28 43.55 21.33
CA GLN J 92 17.08 44.18 20.78
C GLN J 92 16.93 43.99 19.28
N VAL J 93 18.04 43.83 18.56
CA VAL J 93 18.03 43.51 17.14
C VAL J 93 18.88 42.27 16.94
N HIS J 94 18.31 41.24 16.32
CA HIS J 94 19.03 40.00 16.10
C HIS J 94 19.82 40.05 14.80
N GLY J 95 20.86 39.23 14.73
CA GLY J 95 21.65 39.11 13.51
C GLY J 95 22.69 40.18 13.30
N ILE J 96 23.05 40.91 14.35
CA ILE J 96 24.08 41.95 14.25
C ILE J 96 25.16 41.64 15.29
N GLY J 97 26.41 41.65 14.86
CA GLY J 97 27.53 41.43 15.74
C GLY J 97 28.66 40.70 15.03
N GLY J 98 29.86 40.83 15.57
CA GLY J 98 31.03 40.17 15.01
C GLY J 98 31.43 40.67 13.65
N GLY J 99 31.39 41.97 13.44
CA GLY J 99 31.79 42.58 12.19
C GLY J 99 33.29 42.88 12.15
N HIS J 100 33.69 43.51 11.05
CA HIS J 100 35.08 43.92 10.88
C HIS J 100 35.30 45.29 11.51
N LYS J 101 36.53 45.52 11.95
CA LYS J 101 36.88 46.80 12.56
C LYS J 101 36.71 47.92 11.53
N GLN J 102 36.01 48.98 11.93
CA GLN J 102 35.69 50.08 11.04
C GLN J 102 35.87 51.41 11.75
N ARG J 103 36.14 52.45 10.96
CA ARG J 103 36.12 53.82 11.43
C ARG J 103 34.89 54.52 10.90
N TYR J 104 34.61 55.69 11.48
CA TYR J 104 33.45 56.49 11.09
C TYR J 104 33.93 57.80 10.46
N ARG J 105 33.42 58.09 9.26
CA ARG J 105 33.71 59.34 8.57
C ARG J 105 32.52 60.26 8.74
N MET J 106 32.75 61.41 9.37
CA MET J 106 31.67 62.35 9.63
C MET J 106 31.20 62.99 8.33
N ILE J 107 29.90 62.90 8.07
CA ILE J 107 29.31 63.39 6.82
C ILE J 107 28.48 64.63 7.13
N ASP J 108 28.76 65.72 6.43
CA ASP J 108 27.99 66.96 6.57
C ASP J 108 26.82 66.89 5.58
N PHE J 109 25.68 66.39 6.05
CA PHE J 109 24.53 66.24 5.16
C PHE J 109 23.94 67.58 4.77
N LEU J 110 24.07 68.60 5.61
CA LEU J 110 23.62 69.93 5.28
C LEU J 110 24.56 70.50 4.22
N ARG J 111 24.13 70.43 2.96
CA ARG J 111 25.02 70.79 1.85
C ARG J 111 25.32 72.29 1.85
N PHE J 112 24.29 73.11 1.98
CA PHE J 112 24.46 74.57 1.95
C PHE J 112 24.80 75.04 3.36
N ARG J 113 26.10 75.14 3.64
CA ARG J 113 26.58 75.63 4.94
C ARG J 113 27.75 76.57 4.69
N PRO J 114 27.50 77.88 4.66
CA PRO J 114 28.60 78.83 4.48
C PRO J 114 29.57 78.78 5.65
N GLU J 115 30.84 79.05 5.34
CA GLU J 115 31.88 79.04 6.37
C GLU J 115 31.65 80.13 7.40
N HIS J 116 31.57 81.38 6.93
CA HIS J 116 31.34 82.52 7.80
C HIS J 116 29.97 83.13 7.51
N GLU J 117 29.38 83.73 8.53
CA GLU J 117 28.07 84.36 8.40
C GLU J 117 28.13 85.73 7.76
N SER J 118 29.33 86.27 7.54
CA SER J 118 29.45 87.58 6.89
C SER J 118 28.96 87.52 5.45
N LYS J 119 29.26 86.44 4.74
CA LYS J 119 28.89 86.28 3.33
C LYS J 119 28.06 85.01 3.17
N PRO J 120 26.75 85.10 3.33
CA PRO J 120 25.89 83.91 3.24
C PRO J 120 25.45 83.53 1.84
N GLY J 121 26.08 84.08 0.80
CA GLY J 121 25.67 83.82 -0.56
C GLY J 121 26.11 82.45 -1.05
N PRO J 122 25.69 82.09 -2.26
CA PRO J 122 26.08 80.79 -2.83
C PRO J 122 27.59 80.68 -2.97
N PHE J 123 28.10 79.46 -2.78
CA PHE J 123 29.54 79.24 -2.76
C PHE J 123 29.92 78.02 -3.60
N GLU J 124 31.13 78.09 -4.16
CA GLU J 124 31.66 77.03 -5.01
C GLU J 124 32.90 76.43 -4.37
N GLU J 125 32.95 75.11 -4.35
CA GLU J 125 34.07 74.36 -3.79
C GLU J 125 34.59 73.36 -4.83
N LYS J 126 35.67 72.66 -4.46
CA LYS J 126 36.34 71.74 -5.36
C LYS J 126 36.41 70.36 -4.72
N VAL J 127 36.24 69.33 -5.54
CA VAL J 127 36.31 67.95 -5.09
C VAL J 127 37.77 67.51 -5.02
N ILE J 128 38.13 66.86 -3.93
CA ILE J 128 39.50 66.38 -3.71
C ILE J 128 39.64 64.93 -4.15
N ALA J 129 38.87 64.03 -3.55
CA ALA J 129 38.91 62.62 -3.92
C ALA J 129 37.63 61.93 -3.48
N VAL J 130 37.23 60.91 -4.24
CA VAL J 130 36.08 60.07 -3.93
C VAL J 130 36.64 58.76 -3.38
N ARG J 131 36.27 58.43 -2.15
CA ARG J 131 36.76 57.25 -1.47
C ARG J 131 35.61 56.35 -1.02
N TYR J 132 35.97 55.13 -0.65
CA TYR J 132 35.01 54.15 -0.14
C TYR J 132 34.72 54.42 1.32
N ASP J 133 33.45 54.21 1.70
CA ASP J 133 33.00 54.39 3.08
C ASP J 133 32.40 53.09 3.57
N PRO J 134 32.96 52.46 4.61
CA PRO J 134 32.36 51.23 5.14
C PRO J 134 31.06 51.43 5.88
N CYS J 135 30.75 52.66 6.31
CA CYS J 135 29.55 52.88 7.11
C CYS J 135 28.29 52.73 6.27
N ARG J 136 28.27 53.31 5.07
CA ARG J 136 27.10 53.29 4.21
C ARG J 136 27.44 52.64 2.88
N SER J 137 26.38 52.29 2.14
CA SER J 137 26.55 51.63 0.85
C SER J 137 27.10 52.56 -0.23
N ALA J 138 27.02 53.88 -0.02
CA ALA J 138 27.48 54.83 -1.02
C ALA J 138 28.96 55.14 -0.82
N ASP J 139 29.54 55.79 -1.83
CA ASP J 139 30.93 56.23 -1.80
C ASP J 139 30.96 57.71 -1.46
N ILE J 140 31.87 58.10 -0.57
CA ILE J 140 31.90 59.47 -0.07
C ILE J 140 32.93 60.26 -0.87
N ALA J 141 32.86 61.59 -0.77
CA ALA J 141 33.78 62.47 -1.47
C ALA J 141 34.21 63.59 -0.53
N LEU J 142 35.50 63.90 -0.54
CA LEU J 142 36.00 65.01 0.26
C LEU J 142 36.04 66.28 -0.57
N VAL J 143 35.34 67.31 -0.10
CA VAL J 143 35.21 68.58 -0.82
C VAL J 143 35.66 69.69 0.11
N ALA J 144 36.56 70.54 -0.38
CA ALA J 144 37.10 71.65 0.40
C ALA J 144 36.68 72.97 -0.23
N GLY J 145 36.14 73.86 0.59
CA GLY J 145 35.79 75.19 0.14
C GLY J 145 36.13 76.24 1.18
N GLY J 146 36.93 77.20 0.81
CA GLY J 146 37.37 78.23 1.75
C GLY J 146 38.51 77.71 2.62
N ASN J 147 38.25 77.63 3.93
CA ASN J 147 39.26 77.21 4.89
C ASN J 147 38.99 75.86 5.53
N ARG J 148 37.90 75.18 5.16
CA ARG J 148 37.53 73.93 5.79
C ARG J 148 37.12 72.90 4.74
N LYS J 149 37.30 71.63 5.07
CA LYS J 149 36.90 70.51 4.23
C LYS J 149 35.67 69.85 4.83
N ARG J 150 35.03 68.99 4.03
CA ARG J 150 33.87 68.25 4.50
C ARG J 150 33.68 67.00 3.66
N TRP J 151 33.10 65.97 4.28
CA TRP J 151 32.75 64.75 3.58
C TRP J 151 31.28 64.81 3.15
N ILE J 152 31.04 64.63 1.85
CA ILE J 152 29.68 64.63 1.32
C ILE J 152 29.45 63.33 0.58
N ILE J 153 28.19 63.10 0.19
CA ILE J 153 27.84 61.91 -0.57
C ILE J 153 28.04 62.20 -2.04
N ALA J 154 28.98 61.49 -2.66
CA ALA J 154 29.31 61.71 -4.06
C ALA J 154 28.18 61.24 -4.96
N THR J 155 27.99 61.93 -6.07
CA THR J 155 26.98 61.57 -7.05
C THR J 155 27.54 60.50 -7.98
N GLU J 156 26.79 60.15 -9.02
CA GLU J 156 27.17 59.03 -9.87
C GLU J 156 28.47 59.31 -10.62
N ASN J 157 28.60 60.50 -11.20
CA ASN J 157 29.74 60.83 -12.05
C ASN J 157 30.67 61.85 -11.42
N MET J 158 30.65 61.99 -10.11
CA MET J 158 31.60 62.87 -9.43
C MET J 158 32.99 62.24 -9.45
N LYS J 159 33.98 63.03 -9.83
CA LYS J 159 35.36 62.57 -9.91
C LYS J 159 36.27 63.54 -9.17
N ALA J 160 37.54 63.16 -9.05
CA ALA J 160 38.52 64.00 -8.40
C ALA J 160 38.77 65.27 -9.22
N GLY J 161 38.99 66.38 -8.52
CA GLY J 161 39.26 67.64 -9.18
C GLY J 161 38.08 68.17 -10.00
N ASP J 162 36.88 68.09 -9.43
CA ASP J 162 35.67 68.58 -10.07
C ASP J 162 35.19 69.82 -9.33
N THR J 163 34.22 70.52 -9.93
CA THR J 163 33.68 71.75 -9.39
C THR J 163 32.27 71.49 -8.85
N VAL J 164 32.01 71.98 -7.63
CA VAL J 164 30.72 71.82 -6.98
C VAL J 164 30.20 73.20 -6.63
N LEU J 165 28.93 73.46 -6.93
CA LEU J 165 28.28 74.71 -6.59
C LEU J 165 27.16 74.43 -5.59
N ASN J 166 27.05 75.27 -4.57
CA ASN J 166 25.98 75.17 -3.58
C ASN J 166 25.30 76.51 -3.48
N SER J 167 24.01 76.55 -3.85
CA SER J 167 23.26 77.78 -3.88
C SER J 167 21.91 77.57 -3.22
N ASP J 168 21.36 78.66 -2.68
CA ASP J 168 20.01 78.66 -2.12
C ASP J 168 19.12 79.71 -2.78
N HIS J 169 19.60 80.37 -3.83
CA HIS J 169 18.84 81.42 -4.49
C HIS J 169 17.74 80.82 -5.35
N ILE J 170 16.55 81.40 -5.27
CA ILE J 170 15.40 81.00 -6.09
C ILE J 170 15.01 82.18 -6.97
N GLY J 171 14.90 81.93 -8.27
CA GLY J 171 14.57 82.97 -9.22
C GLY J 171 13.52 82.50 -10.20
N ARG J 172 13.04 83.43 -11.01
CA ARG J 172 12.03 83.10 -12.02
C ARG J 172 12.60 82.20 -13.10
N MET J 173 13.92 82.22 -13.31
CA MET J 173 14.56 81.41 -14.32
C MET J 173 15.13 80.14 -13.69
N ALA J 174 14.84 79.00 -14.30
CA ALA J 174 15.39 77.74 -13.82
C ALA J 174 16.89 77.69 -14.06
N VAL J 175 17.58 76.90 -13.24
CA VAL J 175 19.04 76.77 -13.31
C VAL J 175 19.38 75.42 -13.93
N ALA J 176 20.31 75.43 -14.88
CA ALA J 176 20.77 74.21 -15.51
C ALA J 176 21.35 73.29 -14.44
N ALA J 177 20.74 72.13 -14.26
CA ALA J 177 21.10 71.24 -13.16
C ALA J 177 22.28 70.38 -13.53
N ARG J 178 23.38 70.51 -12.79
CA ARG J 178 24.54 69.64 -12.93
C ARG J 178 24.42 68.49 -11.92
N GLU J 179 25.47 67.68 -11.82
CA GLU J 179 25.48 66.61 -10.83
C GLU J 179 26.00 67.07 -9.48
N GLY J 180 27.09 67.84 -9.46
CA GLY J 180 27.61 68.35 -8.21
C GLY J 180 26.86 69.55 -7.66
N ASP J 181 26.04 70.20 -8.50
CA ASP J 181 25.31 71.38 -8.06
C ASP J 181 24.23 71.00 -7.06
N ALA J 182 24.03 71.88 -6.08
CA ALA J 182 23.02 71.71 -5.04
C ALA J 182 22.21 73.00 -4.95
N HIS J 183 20.99 72.96 -5.45
CA HIS J 183 20.08 74.09 -5.50
C HIS J 183 18.76 73.72 -4.84
N PRO J 184 18.02 74.71 -4.33
CA PRO J 184 16.71 74.40 -3.74
C PRO J 184 15.74 73.91 -4.80
N LEU J 185 14.72 73.16 -4.34
CA LEU J 185 13.77 72.55 -5.25
C LEU J 185 13.01 73.57 -6.08
N GLY J 186 12.86 74.79 -5.59
CA GLY J 186 12.15 75.81 -6.34
C GLY J 186 12.86 76.30 -7.58
N ALA J 187 14.19 76.21 -7.60
CA ALA J 187 14.98 76.65 -8.74
C ALA J 187 15.32 75.53 -9.72
N LEU J 188 14.86 74.31 -9.46
CA LEU J 188 15.18 73.18 -10.32
C LEU J 188 14.07 72.95 -11.34
N PRO J 189 14.41 72.36 -12.49
CA PRO J 189 13.38 72.04 -13.49
C PRO J 189 12.39 71.03 -12.96
N VAL J 190 11.23 70.99 -13.62
CA VAL J 190 10.07 70.23 -13.12
C VAL J 190 10.28 68.73 -13.13
N GLY J 191 11.21 68.22 -13.93
CA GLY J 191 11.35 66.78 -14.09
C GLY J 191 12.75 66.24 -13.89
N THR J 192 13.48 66.80 -12.93
CA THR J 192 14.85 66.37 -12.70
C THR J 192 14.92 65.21 -11.70
N LEU J 193 16.11 64.62 -11.60
CA LEU J 193 16.40 63.57 -10.64
C LEU J 193 17.26 64.14 -9.53
N ILE J 194 16.89 63.85 -8.28
CA ILE J 194 17.53 64.44 -7.11
C ILE J 194 17.84 63.36 -6.09
N ASN J 195 18.66 63.74 -5.11
CA ASN J 195 18.98 62.89 -3.98
C ASN J 195 19.38 63.77 -2.81
N ASN J 196 19.42 63.18 -1.62
CA ASN J 196 19.71 63.90 -0.37
C ASN J 196 18.74 65.06 -0.19
N VAL J 197 17.47 64.80 -0.47
CA VAL J 197 16.44 65.83 -0.34
C VAL J 197 16.18 66.10 1.14
N GLU J 198 15.62 67.28 1.42
CA GLU J 198 15.43 67.75 2.78
C GLU J 198 13.96 67.84 3.12
N SER J 199 13.66 67.68 4.42
CA SER J 199 12.30 67.74 4.93
C SER J 199 11.84 69.16 5.22
N GLU J 200 12.65 69.92 5.96
CA GLU J 200 12.36 71.30 6.30
C GLU J 200 13.57 72.16 5.97
N PRO J 201 13.37 73.44 5.65
CA PRO J 201 14.50 74.31 5.32
C PRO J 201 15.51 74.41 6.46
N GLY J 202 16.73 73.91 6.21
CA GLY J 202 17.78 73.94 7.21
C GLY J 202 17.81 72.75 8.14
N ARG J 203 16.85 71.84 8.05
CA ARG J 203 16.82 70.68 8.93
C ARG J 203 17.98 69.72 8.64
N GLY J 204 18.27 69.48 7.38
CA GLY J 204 19.29 68.53 7.00
C GLY J 204 18.73 67.42 6.14
N ALA J 205 19.61 66.80 5.35
CA ALA J 205 19.20 65.78 4.39
C ALA J 205 19.11 64.43 5.10
N GLN J 206 17.92 64.12 5.62
CA GLN J 206 17.67 62.80 6.20
C GLN J 206 17.31 61.77 5.15
N TYR J 207 16.67 62.19 4.07
CA TYR J 207 16.16 61.30 3.04
C TYR J 207 17.25 60.86 2.07
N ILE J 208 16.84 60.38 0.89
CA ILE J 208 17.56 59.39 0.09
C ILE J 208 19.07 59.59 0.10
N ARG J 209 19.80 58.53 0.47
CA ARG J 209 21.25 58.52 0.49
C ARG J 209 21.86 57.25 -0.09
N ALA J 210 21.10 56.18 -0.28
CA ALA J 210 21.65 54.89 -0.64
C ALA J 210 22.27 54.93 -2.04
N ALA J 211 23.25 54.06 -2.26
CA ALA J 211 23.95 54.00 -3.53
C ALA J 211 23.00 53.60 -4.65
N GLY J 212 22.90 54.44 -5.66
CA GLY J 212 22.07 54.18 -6.82
C GLY J 212 20.63 54.65 -6.69
N THR J 213 20.18 54.98 -5.48
CA THR J 213 18.81 55.42 -5.28
C THR J 213 18.70 56.93 -5.53
N CYS J 214 17.62 57.32 -6.19
CA CYS J 214 17.40 58.73 -6.50
C CYS J 214 15.91 58.98 -6.69
N GLY J 215 15.42 60.09 -6.12
CA GLY J 215 14.05 60.49 -6.31
C GLY J 215 13.91 61.37 -7.53
N VAL J 216 12.66 61.65 -7.90
CA VAL J 216 12.37 62.44 -9.09
C VAL J 216 11.39 63.54 -8.75
N LEU J 217 11.74 64.78 -9.11
CA LEU J 217 10.83 65.91 -8.88
C LEU J 217 9.66 65.82 -9.84
N LEU J 218 8.44 66.01 -9.32
CA LEU J 218 7.23 65.88 -10.13
C LEU J 218 6.68 67.24 -10.56
N ARG J 219 6.37 68.10 -9.60
CA ARG J 219 5.77 69.39 -9.91
C ARG J 219 5.98 70.34 -8.73
N LYS J 220 5.81 71.63 -9.01
CA LYS J 220 5.90 72.68 -7.99
C LYS J 220 4.63 73.52 -8.07
N VAL J 221 3.81 73.47 -7.03
CA VAL J 221 2.52 74.15 -7.01
C VAL J 221 2.42 74.96 -5.72
N ASN J 222 1.98 76.21 -5.84
CA ASN J 222 1.69 77.08 -4.70
C ASN J 222 2.88 77.18 -3.75
N GLY J 223 4.06 77.38 -4.33
CA GLY J 223 5.27 77.45 -3.53
C GLY J 223 5.54 76.18 -2.75
N THR J 224 5.37 75.01 -3.38
CA THR J 224 5.53 73.74 -2.70
C THR J 224 5.98 72.70 -3.72
N ALA J 225 7.05 71.98 -3.40
CA ALA J 225 7.65 71.01 -4.31
C ALA J 225 7.23 69.60 -3.91
N ILE J 226 6.85 68.82 -4.92
CA ILE J 226 6.43 67.43 -4.75
C ILE J 226 7.48 66.54 -5.42
N ILE J 227 7.95 65.54 -4.70
CA ILE J 227 8.94 64.61 -5.21
C ILE J 227 8.39 63.19 -5.10
N GLN J 228 8.99 62.29 -5.85
CA GLN J 228 8.67 60.87 -5.80
C GLN J 228 9.92 60.15 -5.29
N LEU J 229 9.77 59.43 -4.17
CA LEU J 229 10.86 58.73 -3.54
C LEU J 229 11.09 57.38 -4.24
N PRO J 230 12.23 56.72 -3.97
CA PRO J 230 12.46 55.40 -4.56
C PRO J 230 11.39 54.39 -4.21
N SER J 231 10.71 54.53 -3.08
CA SER J 231 9.58 53.67 -2.74
C SER J 231 8.30 54.05 -3.47
N LYS J 232 8.40 54.89 -4.51
CA LYS J 232 7.27 55.31 -5.33
C LYS J 232 6.20 56.01 -4.51
N ARG J 233 6.61 56.76 -3.48
CA ARG J 233 5.70 57.51 -2.64
C ARG J 233 5.94 59.00 -2.86
N GLN J 234 4.85 59.78 -2.85
CA GLN J 234 4.97 61.20 -3.06
C GLN J 234 5.23 61.93 -1.74
N MET J 235 6.16 62.87 -1.78
CA MET J 235 6.56 63.65 -0.62
C MET J 235 6.48 65.13 -0.98
N GLN J 236 5.68 65.88 -0.22
CA GLN J 236 5.47 67.30 -0.43
C GLN J 236 6.22 68.09 0.62
N VAL J 237 7.02 69.07 0.17
CA VAL J 237 7.81 69.91 1.06
C VAL J 237 7.83 71.33 0.51
N LEU J 238 8.48 72.22 1.26
CA LEU J 238 8.66 73.58 0.78
C LEU J 238 9.71 73.63 -0.32
N GLU J 239 9.58 74.63 -1.19
CA GLU J 239 10.51 74.78 -2.31
C GLU J 239 11.88 75.26 -1.87
N THR J 240 12.04 75.68 -0.62
CA THR J 240 13.30 76.18 -0.11
C THR J 240 14.25 75.07 0.35
N CYS J 241 13.79 73.81 0.35
CA CYS J 241 14.63 72.71 0.78
C CYS J 241 15.74 72.48 -0.22
N ILE J 242 16.98 72.37 0.27
CA ILE J 242 18.14 72.19 -0.60
C ILE J 242 18.27 70.71 -0.93
N ALA J 243 18.44 70.42 -2.23
CA ALA J 243 18.60 69.04 -2.68
C ALA J 243 19.74 68.97 -3.69
N THR J 244 20.34 67.79 -3.80
CA THR J 244 21.41 67.54 -4.75
C THR J 244 20.85 66.84 -5.97
N VAL J 245 21.26 67.29 -7.15
CA VAL J 245 20.76 66.78 -8.42
C VAL J 245 21.66 65.67 -8.91
N GLY J 246 21.06 64.55 -9.30
CA GLY J 246 21.78 63.42 -9.85
C GLY J 246 21.55 62.15 -9.04
N ARG J 247 22.20 61.09 -9.47
CA ARG J 247 22.12 59.79 -8.82
C ARG J 247 23.33 59.58 -7.91
N VAL J 248 23.11 58.85 -6.82
CA VAL J 248 24.18 58.53 -5.88
C VAL J 248 25.17 57.59 -6.54
N SER J 249 26.43 57.69 -6.11
CA SER J 249 27.49 56.88 -6.69
C SER J 249 27.27 55.40 -6.38
N ASN J 250 28.10 54.56 -7.00
CA ASN J 250 28.07 53.12 -6.82
C ASN J 250 26.70 52.55 -7.20
N VAL J 251 26.32 52.76 -8.46
CA VAL J 251 25.02 52.31 -8.93
C VAL J 251 24.96 50.79 -9.09
N ASP J 252 26.11 50.11 -9.04
CA ASP J 252 26.18 48.67 -9.21
C ASP J 252 26.10 47.91 -7.89
N HIS J 253 25.86 48.61 -6.78
CA HIS J 253 25.79 47.93 -5.49
C HIS J 253 24.65 46.93 -5.43
N ASN J 254 23.58 47.17 -6.19
CA ASN J 254 22.47 46.21 -6.22
C ASN J 254 22.84 44.95 -7.00
N LYS J 255 23.80 45.04 -7.92
CA LYS J 255 24.19 43.91 -8.74
C LYS J 255 25.35 43.11 -8.16
N ARG J 256 25.87 43.51 -7.01
CA ARG J 256 26.95 42.76 -6.38
C ARG J 256 26.45 41.39 -5.92
N VAL J 257 27.35 40.41 -5.93
CA VAL J 257 27.03 39.05 -5.53
C VAL J 257 27.95 38.68 -4.38
N ILE J 258 27.36 38.37 -3.22
CA ILE J 258 28.14 37.88 -2.10
C ILE J 258 28.57 36.45 -2.40
N GLY J 259 29.87 36.21 -2.40
CA GLY J 259 30.39 34.93 -2.87
C GLY J 259 30.24 33.79 -1.89
N LYS J 260 30.19 34.09 -0.59
CA LYS J 260 30.20 33.04 0.43
C LYS J 260 29.59 33.60 1.71
N ALA J 261 29.25 32.69 2.62
CA ALA J 261 28.70 33.09 3.92
C ALA J 261 29.70 33.89 4.73
N GLY J 262 31.00 33.78 4.44
CA GLY J 262 31.99 34.53 5.19
C GLY J 262 31.91 36.02 4.93
N ARG J 263 31.44 36.42 3.75
CA ARG J 263 31.32 37.84 3.46
C ARG J 263 30.25 38.50 4.32
N ASN J 264 29.17 37.79 4.62
CA ASN J 264 28.17 38.33 5.55
C ASN J 264 28.76 38.52 6.94
N ARG J 265 29.56 37.57 7.41
CA ARG J 265 30.23 37.75 8.70
C ARG J 265 31.21 38.91 8.67
N TRP J 266 31.93 39.10 7.56
CA TRP J 266 32.79 40.25 7.43
C TRP J 266 32.00 41.55 7.50
N LEU J 267 30.84 41.60 6.84
CA LEU J 267 29.98 42.77 6.91
C LEU J 267 29.38 42.97 8.29
N GLY J 268 29.21 41.91 9.07
CA GLY J 268 28.68 42.01 10.42
C GLY J 268 27.24 41.59 10.53
N LYS J 269 26.88 40.47 9.90
CA LYS J 269 25.52 39.94 9.94
C LYS J 269 25.59 38.50 10.43
N ARG J 270 25.15 38.28 11.67
CA ARG J 270 25.13 36.93 12.23
C ARG J 270 24.04 36.10 11.55
N PRO J 271 24.23 34.80 11.43
CA PRO J 271 23.24 33.96 10.75
C PRO J 271 21.92 33.93 11.49
N ASN J 272 20.85 33.72 10.72
CA ASN J 272 19.51 33.68 11.26
C ASN J 272 19.31 32.43 12.12
N SER J 273 18.35 32.52 13.03
CA SER J 273 18.04 31.40 13.91
C SER J 273 17.45 30.24 13.11
N GLY J 274 17.75 29.03 13.57
CA GLY J 274 17.28 27.82 12.93
C GLY J 274 15.90 27.37 13.33
N LEU J 275 15.21 28.13 14.18
CA LEU J 275 13.87 27.76 14.61
C LEU J 275 12.90 27.83 13.43
N TRP J 276 12.25 26.72 13.12
CA TRP J 276 11.29 26.67 12.02
C TRP J 276 9.96 27.25 12.50
N GLN J 277 9.55 28.37 11.91
CA GLN J 277 8.32 29.04 12.26
C GLN J 277 7.35 28.95 11.09
N ARG J 278 6.16 28.43 11.36
CA ARG J 278 5.14 28.33 10.32
C ARG J 278 4.64 29.72 9.93
N LYS J 279 4.44 29.92 8.63
CA LYS J 279 3.98 31.21 8.13
C LYS J 279 2.56 31.49 8.62
N GLY J 280 2.33 32.72 9.05
CA GLY J 280 1.02 33.17 9.51
C GLY J 280 0.23 33.85 8.42
N GLY J 281 -0.71 34.69 8.84
CA GLY J 281 -1.52 35.44 7.90
C GLY J 281 -0.78 36.57 7.22
N TRP J 282 0.31 37.05 7.82
CA TRP J 282 1.08 38.14 7.21
C TRP J 282 1.72 37.70 5.90
N ALA J 283 2.12 36.44 5.79
CA ALA J 283 2.78 35.96 4.59
C ALA J 283 1.82 35.97 3.40
N GLY J 284 2.38 36.14 2.21
CA GLY J 284 1.60 36.20 0.98
C GLY J 284 1.90 37.46 0.19
N ARG J 285 1.37 37.47 -1.03
CA ARG J 285 1.55 38.60 -1.95
C ARG J 285 0.42 39.59 -1.70
N LYS J 286 0.71 40.63 -0.93
CA LYS J 286 -0.28 41.65 -0.58
C LYS J 286 -0.21 42.77 -1.60
N ILE J 287 -1.27 42.91 -2.41
CA ILE J 287 -1.35 43.97 -3.41
C ILE J 287 -2.07 45.13 -2.73
N ARG J 288 -1.29 46.00 -2.10
CA ARG J 288 -1.87 47.12 -1.38
C ARG J 288 -1.87 48.38 -2.24
N PRO J 289 -2.85 49.26 -2.06
CA PRO J 289 -2.84 50.54 -2.79
C PRO J 289 -1.72 51.44 -2.33
N LEU J 290 -1.33 52.35 -3.20
CA LEU J 290 -0.25 53.28 -2.90
C LEU J 290 -0.65 54.18 -1.74
N PRO J 291 0.20 54.37 -0.74
CA PRO J 291 -0.16 55.23 0.40
C PRO J 291 -0.29 56.68 -0.04
N PRO J 292 -1.09 57.47 0.68
CA PRO J 292 -1.27 58.87 0.32
C PRO J 292 0.03 59.66 0.46
N MET J 293 0.09 60.76 -0.29
CA MET J 293 1.27 61.61 -0.28
C MET J 293 1.53 62.14 1.12
N LYS J 294 2.80 62.09 1.54
CA LYS J 294 3.19 62.62 2.83
C LYS J 294 3.62 64.06 2.69
N SER J 295 2.92 64.97 3.36
CA SER J 295 3.15 66.40 3.24
C SER J 295 3.74 66.92 4.54
N TYR J 296 4.86 67.65 4.43
CA TYR J 296 5.49 68.28 5.58
C TYR J 296 5.22 69.77 5.67
N VAL J 297 4.43 70.32 4.76
CA VAL J 297 4.08 71.73 4.80
C VAL J 297 3.01 71.95 5.86
N LYS J 298 3.32 72.75 6.87
CA LYS J 298 2.40 73.01 7.97
C LYS J 298 1.43 74.10 7.55
N LEU J 299 0.24 73.70 7.11
CA LEU J 299 -0.77 74.66 6.68
C LEU J 299 -1.33 75.38 7.90
N PRO J 300 -1.44 76.72 7.87
CA PRO J 300 -1.98 77.50 8.99
C PRO J 300 -3.48 77.29 9.17
N HIS K 93 63.48 -31.57 72.79
CA HIS K 93 64.50 -31.95 71.83
C HIS K 93 64.17 -31.46 70.42
N GLY K 94 64.46 -30.19 70.15
CA GLY K 94 64.27 -29.63 68.83
C GLY K 94 65.41 -29.95 67.90
N LYS K 95 65.49 -31.21 67.48
CA LYS K 95 66.60 -31.64 66.62
C LYS K 95 66.55 -30.94 65.27
N SER K 96 67.73 -30.61 64.75
CA SER K 96 67.84 -29.97 63.46
C SER K 96 67.91 -31.02 62.35
N VAL K 97 67.72 -30.57 61.12
CA VAL K 97 67.80 -31.46 59.97
C VAL K 97 69.27 -31.69 59.62
N THR K 98 69.59 -32.93 59.27
CA THR K 98 70.96 -33.31 58.98
C THR K 98 71.01 -34.15 57.71
N TRP K 99 71.88 -33.76 56.79
CA TRP K 99 72.15 -34.51 55.57
C TRP K 99 73.52 -35.17 55.67
N TRP K 100 73.79 -36.11 54.76
CA TRP K 100 75.01 -36.90 54.83
C TRP K 100 76.27 -36.09 54.57
N ASP K 101 76.16 -34.93 53.91
CA ASP K 101 77.31 -34.10 53.61
C ASP K 101 77.57 -33.01 54.65
N GLU K 102 76.76 -32.96 55.71
CA GLU K 102 76.92 -31.89 56.70
C GLU K 102 78.09 -32.16 57.64
N HIS K 103 78.17 -33.38 58.17
CA HIS K 103 79.17 -33.72 59.18
C HIS K 103 80.42 -34.37 58.61
N LEU K 104 80.51 -34.52 57.29
CA LEU K 104 81.69 -35.15 56.71
C LEU K 104 82.80 -34.12 56.51
N SER K 105 84.02 -34.64 56.37
CA SER K 105 85.20 -33.81 56.15
C SER K 105 85.54 -33.78 54.66
N GLU K 106 86.50 -32.92 54.32
CA GLU K 106 86.92 -32.77 52.93
C GLU K 106 87.54 -34.05 52.38
N GLU K 107 88.27 -34.80 53.21
CA GLU K 107 88.92 -36.02 52.76
C GLU K 107 88.02 -37.24 52.81
N ASN K 108 86.91 -37.16 53.54
CA ASN K 108 86.03 -38.31 53.71
C ASN K 108 84.95 -38.39 52.64
N VAL K 109 84.52 -37.27 52.07
CA VAL K 109 83.45 -37.26 51.07
C VAL K 109 83.85 -38.08 49.85
N PRO K 110 85.04 -37.88 49.25
CA PRO K 110 85.44 -38.77 48.16
C PRO K 110 85.55 -40.23 48.59
N PHE K 111 86.01 -40.49 49.81
CA PHE K 111 86.07 -41.85 50.31
C PHE K 111 84.68 -42.46 50.42
N VAL K 112 83.70 -41.71 50.91
CA VAL K 112 82.34 -42.21 51.00
C VAL K 112 81.77 -42.47 49.61
N LYS K 113 82.02 -41.55 48.67
CA LYS K 113 81.53 -41.75 47.31
C LYS K 113 82.12 -43.01 46.69
N GLN K 114 83.42 -43.22 46.86
CA GLN K 114 84.06 -44.43 46.34
C GLN K 114 83.54 -45.69 47.02
N LEU K 115 83.34 -45.64 48.35
CA LEU K 115 82.87 -46.81 49.08
C LEU K 115 81.44 -47.16 48.70
N VAL K 116 80.65 -46.19 48.27
CA VAL K 116 79.33 -46.48 47.73
C VAL K 116 79.41 -47.00 46.30
N SER K 117 80.25 -46.39 45.47
CA SER K 117 80.32 -46.76 44.07
C SER K 117 80.83 -48.18 43.88
N ASP K 118 81.93 -48.54 44.54
CA ASP K 118 82.44 -49.90 44.39
C ASP K 118 81.52 -50.94 44.98
N GLU K 119 80.84 -50.63 46.09
CA GLU K 119 79.86 -51.55 46.65
C GLU K 119 78.71 -51.78 45.68
N ASN K 120 78.21 -50.71 45.06
CA ASN K 120 77.15 -50.86 44.08
C ASN K 120 77.61 -51.67 42.87
N LYS K 121 78.84 -51.42 42.41
CA LYS K 121 79.37 -52.19 41.28
C LYS K 121 79.49 -53.67 41.63
N ALA K 122 79.97 -53.99 42.82
CA ALA K 122 80.06 -55.38 43.25
C ALA K 122 78.69 -56.02 43.37
N GLN K 123 77.71 -55.30 43.92
CA GLN K 123 76.36 -55.85 44.02
C GLN K 123 75.76 -56.11 42.65
N LEU K 124 75.97 -55.19 41.70
CA LEU K 124 75.48 -55.41 40.35
C LEU K 124 76.18 -56.58 39.67
N ALA K 125 77.49 -56.71 39.86
CA ALA K 125 78.22 -57.83 39.27
C ALA K 125 77.84 -59.18 39.89
N SER K 126 77.46 -59.19 41.16
CA SER K 126 77.11 -60.45 41.81
C SER K 126 75.87 -61.08 41.17
N LYS K 127 74.89 -60.26 40.79
CA LYS K 127 73.65 -60.73 40.21
C LYS K 127 73.72 -60.93 38.70
N LEU K 128 74.90 -60.71 38.10
CA LEU K 128 75.02 -60.80 36.65
C LEU K 128 74.84 -62.21 36.13
N CYS K 129 74.90 -63.24 36.99
CA CYS K 129 74.73 -64.63 36.58
C CYS K 129 73.65 -65.25 37.47
N PRO K 130 72.37 -65.00 37.16
CA PRO K 130 71.30 -65.49 38.03
C PRO K 130 70.96 -66.95 37.80
N LEU K 131 71.21 -67.45 36.59
CA LEU K 131 70.80 -68.80 36.24
C LEU K 131 71.63 -69.87 36.93
N LYS K 132 72.83 -69.53 37.41
CA LYS K 132 73.70 -70.50 38.03
C LYS K 132 73.70 -70.45 39.55
N ASP K 133 73.08 -69.44 40.15
CA ASP K 133 73.05 -69.35 41.62
C ASP K 133 71.95 -70.24 42.20
N GLU K 134 70.70 -69.91 41.91
CA GLU K 134 69.56 -70.70 42.37
C GLU K 134 68.31 -70.34 41.58
N PRO K 135 68.21 -70.79 40.33
CA PRO K 135 67.04 -70.43 39.52
C PRO K 135 65.80 -71.20 39.94
N TRP K 136 64.65 -70.52 39.89
CA TRP K 136 63.39 -71.18 40.11
C TRP K 136 63.06 -72.05 38.89
N PRO K 137 62.27 -73.12 39.09
CA PRO K 137 61.93 -74.00 37.97
C PRO K 137 61.20 -73.24 36.88
N ILE K 138 61.50 -73.59 35.63
CA ILE K 138 60.89 -72.92 34.48
C ILE K 138 59.73 -73.77 33.98
N HIS K 139 58.56 -73.16 33.91
CA HIS K 139 57.39 -73.88 33.45
C HIS K 139 57.21 -73.71 31.94
N PRO K 140 56.61 -74.70 31.27
CA PRO K 140 56.37 -74.58 29.83
C PRO K 140 55.33 -73.50 29.54
N TRP K 141 55.46 -72.92 28.35
CA TRP K 141 54.55 -71.86 27.92
C TRP K 141 53.15 -72.42 27.72
N GLU K 142 52.15 -71.65 28.14
CA GLU K 142 50.76 -72.01 27.95
C GLU K 142 50.00 -70.91 27.20
N PRO K 143 48.94 -71.26 26.48
CA PRO K 143 48.20 -70.23 25.72
C PRO K 143 47.60 -69.14 26.59
N GLY K 144 47.27 -69.42 27.84
CA GLY K 144 46.66 -68.42 28.70
C GLY K 144 47.65 -67.74 29.63
N SER K 145 48.93 -67.81 29.29
CA SER K 145 50.00 -67.27 30.12
C SER K 145 50.32 -65.84 29.72
N SER K 146 50.97 -65.13 30.64
CA SER K 146 51.41 -63.76 30.44
C SER K 146 52.85 -63.62 30.90
N ARG K 147 53.57 -62.70 30.27
CA ARG K 147 54.99 -62.50 30.52
C ARG K 147 55.21 -61.20 31.29
N VAL K 148 56.40 -61.09 31.89
CA VAL K 148 56.75 -59.92 32.68
C VAL K 148 57.34 -58.86 31.77
N GLY K 149 57.25 -57.60 32.21
CA GLY K 149 57.73 -56.47 31.46
C GLY K 149 59.03 -55.91 31.99
N LEU K 150 59.41 -54.75 31.45
CA LEU K 150 60.66 -54.08 31.78
C LEU K 150 60.38 -52.61 32.13
N ILE K 151 61.42 -51.94 32.61
CA ILE K 151 61.39 -50.51 32.90
C ILE K 151 62.61 -49.89 32.24
N ALA K 152 62.39 -49.14 31.16
CA ALA K 152 63.47 -48.60 30.35
C ALA K 152 63.50 -47.07 30.47
N LEU K 153 64.45 -46.47 29.75
CA LEU K 153 64.63 -45.02 29.72
C LEU K 153 64.46 -44.55 28.30
N LYS K 154 63.63 -43.51 28.12
CA LYS K 154 63.35 -42.98 26.80
C LYS K 154 64.50 -42.09 26.35
N LEU K 155 65.24 -42.53 25.33
CA LEU K 155 66.38 -41.77 24.83
C LEU K 155 65.95 -40.68 23.87
N GLY K 156 65.31 -41.06 22.77
CA GLY K 156 64.89 -40.08 21.78
C GLY K 156 64.16 -40.75 20.65
N MET K 157 64.07 -40.05 19.52
CA MET K 157 63.36 -40.52 18.35
C MET K 157 64.30 -40.57 17.15
N MET K 158 64.06 -41.55 16.28
CA MET K 158 64.88 -41.76 15.09
C MET K 158 63.98 -42.14 13.94
N PRO K 159 64.41 -41.89 12.69
CA PRO K 159 63.68 -42.43 11.55
C PRO K 159 64.09 -43.87 11.26
N LEU K 160 63.25 -44.55 10.49
CA LEU K 160 63.53 -45.93 10.10
C LEU K 160 62.76 -46.22 8.83
N TRP K 161 63.46 -46.62 7.78
CA TRP K 161 62.80 -46.89 6.51
C TRP K 161 62.57 -48.38 6.32
N THR K 162 61.44 -48.71 5.71
CA THR K 162 61.03 -50.08 5.45
C THR K 162 61.39 -50.45 4.02
N LYS K 163 61.42 -51.75 3.76
CA LYS K 163 61.81 -52.24 2.44
C LYS K 163 60.83 -51.85 1.35
N ASP K 164 59.61 -51.44 1.71
CA ASP K 164 58.62 -50.99 0.75
C ASP K 164 58.72 -49.49 0.45
N GLY K 165 59.71 -48.81 1.03
CA GLY K 165 59.90 -47.40 0.82
C GLY K 165 59.25 -46.48 1.84
N GLN K 166 58.41 -47.02 2.72
CA GLN K 166 57.76 -46.21 3.74
C GLN K 166 58.76 -45.80 4.81
N LYS K 167 58.43 -44.71 5.51
CA LYS K 167 59.25 -44.20 6.60
C LYS K 167 58.43 -44.19 7.87
N HIS K 168 58.95 -44.81 8.92
CA HIS K 168 58.35 -44.81 10.24
C HIS K 168 59.27 -44.09 11.22
N VAL K 169 58.72 -43.74 12.37
CA VAL K 169 59.46 -43.07 13.43
C VAL K 169 59.50 -44.00 14.63
N VAL K 170 60.71 -44.31 15.10
CA VAL K 170 60.90 -45.20 16.24
C VAL K 170 61.40 -44.39 17.41
N THR K 171 61.12 -44.88 18.61
CA THR K 171 61.59 -44.30 19.86
C THR K 171 62.55 -45.28 20.52
N LEU K 172 63.66 -44.76 21.03
CA LEU K 172 64.68 -45.58 21.67
C LEU K 172 64.41 -45.68 23.16
N LEU K 173 64.19 -46.90 23.65
CA LEU K 173 64.01 -47.15 25.07
C LEU K 173 65.20 -47.98 25.55
N GLN K 174 65.97 -47.43 26.48
CA GLN K 174 67.18 -48.07 26.96
C GLN K 174 66.90 -48.74 28.30
N VAL K 175 67.13 -50.06 28.36
CA VAL K 175 66.99 -50.81 29.59
C VAL K 175 68.33 -50.73 30.32
N GLN K 176 68.43 -49.81 31.27
CA GLN K 176 69.67 -49.65 32.02
C GLN K 176 69.79 -50.67 33.13
N ASP K 177 68.86 -50.66 34.08
CA ASP K 177 68.88 -51.58 35.21
C ASP K 177 67.46 -52.06 35.47
N CYS K 178 67.14 -53.26 35.00
CA CYS K 178 65.88 -53.91 35.31
C CYS K 178 66.15 -55.10 36.21
N HIS K 179 65.57 -55.09 37.40
CA HIS K 179 65.78 -56.16 38.36
C HIS K 179 64.47 -56.50 39.05
N VAL K 180 64.23 -57.80 39.26
CA VAL K 180 63.06 -58.22 40.01
C VAL K 180 63.32 -58.01 41.50
N LEU K 181 62.48 -57.21 42.14
CA LEU K 181 62.68 -56.82 43.54
C LEU K 181 61.98 -57.78 44.49
N LYS K 182 60.66 -57.92 44.36
CA LYS K 182 59.89 -58.79 45.24
C LYS K 182 58.81 -59.49 44.43
N TYR K 183 58.33 -60.60 44.98
CA TYR K 183 57.29 -61.41 44.36
C TYR K 183 56.10 -61.49 45.30
N THR K 184 54.91 -61.20 44.78
CA THR K 184 53.69 -61.26 45.58
C THR K 184 52.80 -62.39 45.09
N PRO K 185 52.30 -63.25 45.97
CA PRO K 185 51.46 -64.38 45.53
C PRO K 185 50.16 -63.90 44.89
N LYS K 186 49.63 -64.76 44.02
CA LYS K 186 48.41 -64.44 43.30
C LYS K 186 47.24 -64.23 44.27
N GLU K 187 47.11 -65.10 45.26
CA GLU K 187 46.06 -64.96 46.25
C GLU K 187 46.21 -63.70 47.09
N ASN K 188 47.45 -63.34 47.45
CA ASN K 188 47.71 -62.17 48.27
C ASN K 188 47.75 -60.87 47.48
N HIS K 189 47.68 -60.93 46.15
CA HIS K 189 47.70 -59.72 45.33
C HIS K 189 46.36 -59.48 44.64
N ASN K 190 45.84 -60.45 43.91
CA ASN K 190 44.60 -60.25 43.16
C ASN K 190 43.64 -61.44 43.20
N GLY K 191 44.13 -62.65 43.45
CA GLY K 191 43.30 -63.82 43.39
C GLY K 191 43.15 -64.43 42.00
N ARG K 192 43.68 -63.78 40.97
CA ARG K 192 43.69 -64.34 39.62
C ARG K 192 45.09 -64.46 39.06
N MET K 193 45.91 -63.42 39.17
CA MET K 193 47.26 -63.42 38.62
C MET K 193 48.25 -62.94 39.66
N ALA K 194 49.45 -63.50 39.61
CA ALA K 194 50.51 -63.07 40.52
C ALA K 194 51.07 -61.72 40.09
N ALA K 195 51.85 -61.11 40.98
CA ALA K 195 52.42 -59.79 40.75
C ALA K 195 53.93 -59.87 40.90
N LEU K 196 54.66 -59.32 39.94
CA LEU K 196 56.10 -59.23 39.99
C LEU K 196 56.53 -57.78 40.01
N THR K 197 57.42 -57.44 40.94
CA THR K 197 57.86 -56.07 41.15
C THR K 197 59.19 -55.88 40.43
N VAL K 198 59.28 -54.81 39.63
CA VAL K 198 60.46 -54.53 38.83
C VAL K 198 60.97 -53.13 39.15
N GLY K 199 62.30 -53.00 39.31
CA GLY K 199 62.92 -51.72 39.58
C GLY K 199 63.59 -51.13 38.35
N GLY K 200 63.76 -49.81 38.38
CA GLY K 200 64.37 -49.08 37.29
C GLY K 200 65.85 -48.80 37.51
N LYS K 201 66.32 -47.69 36.95
CA LYS K 201 67.73 -47.38 36.98
C LYS K 201 68.19 -47.02 38.39
N THR K 202 69.49 -47.16 38.62
CA THR K 202 70.07 -46.96 39.94
C THR K 202 70.04 -45.49 40.35
N VAL K 203 69.83 -45.25 41.64
CA VAL K 203 69.85 -43.92 42.22
C VAL K 203 70.76 -43.96 43.45
N SER K 204 70.94 -42.80 44.07
CA SER K 204 71.85 -42.65 45.20
C SER K 204 71.20 -43.11 46.50
N HIS K 205 72.03 -43.66 47.39
CA HIS K 205 71.56 -44.10 48.69
C HIS K 205 71.28 -42.94 49.64
N PHE K 206 71.85 -41.78 49.39
CA PHE K 206 71.82 -40.68 50.35
C PHE K 206 70.53 -39.88 50.31
N HIS K 207 69.63 -40.16 49.36
CA HIS K 207 68.39 -39.41 49.26
C HIS K 207 67.15 -40.30 49.38
N LYS K 208 67.32 -41.56 49.77
CA LYS K 208 66.20 -42.49 49.95
C LYS K 208 65.89 -42.67 51.43
N SER K 209 64.68 -43.16 51.69
CA SER K 209 64.19 -43.31 53.06
C SER K 209 64.80 -44.54 53.73
N ALA K 210 64.61 -44.61 55.05
CA ALA K 210 65.17 -45.72 55.82
C ALA K 210 64.56 -47.05 55.42
N SER K 211 63.24 -47.10 55.24
CA SER K 211 62.59 -48.36 54.90
C SER K 211 62.99 -48.85 53.51
N ILE K 212 63.07 -47.94 52.53
CA ILE K 212 63.48 -48.32 51.19
C ILE K 212 64.93 -48.80 51.20
N LEU K 213 65.81 -48.11 51.93
CA LEU K 213 67.19 -48.55 52.03
C LEU K 213 67.29 -49.91 52.71
N GLU K 214 66.48 -50.15 53.75
CA GLU K 214 66.46 -51.46 54.39
C GLU K 214 66.00 -52.56 53.43
N PHE K 215 64.95 -52.27 52.65
CA PHE K 215 64.46 -53.25 51.68
C PHE K 215 65.52 -53.57 50.64
N TYR K 216 66.19 -52.56 50.11
CA TYR K 216 67.25 -52.80 49.13
C TYR K 216 68.48 -53.45 49.74
N GLN K 217 68.77 -53.18 51.01
CA GLN K 217 69.87 -53.87 51.68
C GLN K 217 69.58 -55.35 51.85
N GLU K 218 68.34 -55.68 52.25
CA GLU K 218 67.95 -57.08 52.34
C GLU K 218 67.95 -57.75 50.96
N LEU K 219 67.53 -57.03 49.93
CA LEU K 219 67.53 -57.60 48.58
C LEU K 219 68.95 -57.81 48.05
N GLY K 220 69.88 -56.93 48.41
CA GLY K 220 71.23 -57.01 47.90
C GLY K 220 71.51 -56.17 46.69
N LEU K 221 70.65 -55.22 46.36
CA LEU K 221 70.80 -54.39 45.18
C LEU K 221 70.70 -52.92 45.54
N PRO K 222 71.34 -52.04 44.75
CA PRO K 222 71.21 -50.60 45.00
C PRO K 222 69.80 -50.12 44.72
N PRO K 223 69.38 -49.03 45.35
CA PRO K 223 68.01 -48.54 45.15
C PRO K 223 67.75 -48.15 43.70
N LYS K 224 66.51 -48.36 43.27
CA LYS K 224 66.07 -48.00 41.93
C LYS K 224 65.22 -46.74 42.00
N GLN K 225 65.07 -46.09 40.84
CA GLN K 225 64.30 -44.85 40.80
C GLN K 225 62.80 -45.13 40.77
N LYS K 226 62.33 -45.83 39.75
CA LYS K 226 60.92 -46.12 39.56
C LYS K 226 60.66 -47.60 39.81
N VAL K 227 59.69 -47.90 40.64
CA VAL K 227 59.35 -49.28 41.03
C VAL K 227 57.93 -49.54 40.55
N LYS K 228 57.75 -50.60 39.76
CA LYS K 228 56.47 -50.90 39.16
C LYS K 228 56.07 -52.34 39.41
N ILE K 229 54.79 -52.62 39.22
CA ILE K 229 54.20 -53.94 39.46
C ILE K 229 53.60 -54.44 38.15
N PHE K 230 53.92 -55.67 37.78
CA PHE K 230 53.43 -56.31 36.57
C PHE K 230 52.56 -57.50 36.94
N ASN K 231 51.38 -57.59 36.34
CA ASN K 231 50.48 -58.73 36.54
C ASN K 231 50.91 -59.85 35.60
N VAL K 232 51.46 -60.92 36.17
CA VAL K 232 51.93 -62.06 35.39
C VAL K 232 51.25 -63.32 35.90
N THR K 233 51.20 -64.33 35.04
CA THR K 233 50.62 -65.60 35.43
C THR K 233 51.56 -66.36 36.36
N GLU K 234 50.98 -67.27 37.14
CA GLU K 234 51.74 -68.00 38.15
C GLU K 234 52.80 -68.92 37.57
N ASN K 235 52.70 -69.29 36.29
CA ASN K 235 53.69 -70.15 35.67
C ASN K 235 54.87 -69.39 35.09
N ALA K 236 54.83 -68.05 35.08
CA ALA K 236 55.90 -67.23 34.55
C ALA K 236 56.62 -66.44 35.65
N VAL K 237 56.51 -66.89 36.90
CA VAL K 237 57.13 -66.18 38.02
C VAL K 237 58.63 -66.37 37.96
N ILE K 238 59.37 -65.34 38.37
CA ILE K 238 60.83 -65.36 38.39
C ILE K 238 61.29 -65.02 39.79
N LYS K 239 62.42 -65.60 40.19
CA LYS K 239 62.97 -65.36 41.51
C LYS K 239 63.37 -63.89 41.65
N PRO K 240 63.09 -63.26 42.80
CA PRO K 240 63.51 -61.86 42.99
C PRO K 240 65.03 -61.75 42.97
N GLY K 241 65.51 -60.58 42.53
CA GLY K 241 66.92 -60.37 42.32
C GLY K 241 67.42 -60.72 40.93
N THR K 242 66.56 -61.25 40.06
CA THR K 242 66.91 -61.61 38.71
C THR K 242 67.04 -60.37 37.84
N PRO K 243 68.14 -60.20 37.12
CA PRO K 243 68.23 -59.09 36.16
C PRO K 243 67.49 -59.40 34.88
N LEU K 244 67.16 -58.34 34.15
CA LEU K 244 66.44 -58.43 32.89
C LEU K 244 67.13 -57.60 31.83
N TYR K 245 67.02 -58.02 30.58
CA TYR K 245 67.72 -57.38 29.47
C TYR K 245 66.75 -57.05 28.35
N ALA K 246 67.15 -56.08 27.52
CA ALA K 246 66.31 -55.63 26.41
C ALA K 246 66.09 -56.69 25.36
N ALA K 247 66.87 -57.78 25.38
CA ALA K 247 66.61 -58.91 24.51
C ALA K 247 65.36 -59.68 24.91
N HIS K 248 64.70 -59.29 26.00
CA HIS K 248 63.44 -59.91 26.39
C HIS K 248 62.38 -59.76 25.32
N PHE K 249 62.48 -58.71 24.50
CA PHE K 249 61.61 -58.52 23.35
C PHE K 249 62.39 -58.77 22.07
N ARG K 250 61.81 -59.55 21.18
CA ARG K 250 62.45 -59.90 19.93
C ARG K 250 61.94 -59.00 18.80
N PRO K 251 62.75 -58.82 17.73
CA PRO K 251 62.31 -57.97 16.61
C PRO K 251 61.02 -58.46 15.98
N GLY K 252 59.98 -57.63 16.05
CA GLY K 252 58.67 -58.00 15.60
C GLY K 252 57.82 -58.47 16.77
N GLN K 253 57.10 -57.54 17.37
CA GLN K 253 56.28 -57.77 18.55
C GLN K 253 55.52 -56.47 18.81
N TYR K 254 54.47 -56.57 19.62
CA TYR K 254 53.64 -55.41 19.96
C TYR K 254 53.68 -55.23 21.46
N VAL K 255 54.08 -54.03 21.90
CA VAL K 255 54.24 -53.73 23.30
C VAL K 255 53.37 -52.54 23.69
N ASP K 256 53.02 -52.49 24.97
CA ASP K 256 52.29 -51.40 25.57
C ASP K 256 53.23 -50.62 26.48
N VAL K 257 53.17 -49.29 26.37
CA VAL K 257 54.09 -48.39 27.06
C VAL K 257 53.29 -47.51 28.01
N THR K 258 53.67 -47.52 29.29
CA THR K 258 53.01 -46.72 30.30
C THR K 258 54.00 -45.74 30.88
N ALA K 259 53.61 -44.47 30.99
CA ALA K 259 54.50 -43.46 31.54
C ALA K 259 53.71 -42.21 31.86
N LYS K 260 54.32 -41.34 32.66
CA LYS K 260 53.74 -40.04 32.94
C LYS K 260 54.03 -39.09 31.78
N THR K 261 52.98 -38.55 31.17
CA THR K 261 53.14 -37.69 30.02
C THR K 261 53.75 -36.36 30.43
N ILE K 262 54.10 -35.55 29.42
CA ILE K 262 54.71 -34.25 29.67
C ILE K 262 53.69 -33.37 30.39
N GLY K 263 53.98 -33.04 31.65
CA GLY K 263 53.06 -32.25 32.44
C GLY K 263 53.12 -30.77 32.12
N LYS K 264 52.05 -30.26 31.54
CA LYS K 264 51.97 -28.86 31.12
C LYS K 264 51.39 -27.95 32.20
N GLY K 265 51.12 -28.49 33.39
CA GLY K 265 50.66 -27.67 34.49
C GLY K 265 49.19 -27.27 34.36
N PHE K 266 48.85 -26.23 35.11
CA PHE K 266 47.48 -25.70 35.13
C PHE K 266 47.24 -24.91 33.84
N GLN K 267 46.74 -25.58 32.82
CA GLN K 267 46.52 -24.98 31.52
C GLN K 267 45.07 -24.58 31.34
N GLY K 268 44.84 -23.67 30.40
CA GLY K 268 43.51 -23.18 30.11
C GLY K 268 42.66 -24.23 29.43
N VAL K 269 41.36 -23.93 29.34
CA VAL K 269 40.42 -24.87 28.77
C VAL K 269 40.67 -25.11 27.29
N MET K 270 41.10 -24.09 26.54
CA MET K 270 41.35 -24.26 25.11
C MET K 270 42.48 -25.25 24.86
N ARG K 271 43.55 -25.19 25.65
CA ARG K 271 44.64 -26.13 25.48
C ARG K 271 44.33 -27.48 26.13
N ARG K 272 43.45 -27.49 27.14
CA ARG K 272 43.17 -28.73 27.86
C ARG K 272 42.17 -29.61 27.11
N TRP K 273 40.98 -29.07 26.84
CA TRP K 273 39.92 -29.85 26.20
C TRP K 273 39.73 -29.52 24.73
N GLY K 274 40.41 -28.50 24.21
CA GLY K 274 40.30 -28.16 22.81
C GLY K 274 39.08 -27.33 22.43
N PHE K 275 38.47 -26.64 23.39
CA PHE K 275 37.30 -25.82 23.08
C PHE K 275 37.69 -24.66 22.19
N LYS K 276 36.84 -24.36 21.21
CA LYS K 276 37.07 -23.22 20.33
C LYS K 276 36.88 -21.92 21.11
N GLY K 277 37.71 -20.92 20.78
CA GLY K 277 37.61 -19.62 21.40
C GLY K 277 36.64 -18.71 20.68
N GLN K 278 36.48 -17.52 21.23
CA GLN K 278 35.61 -16.50 20.66
C GLN K 278 36.33 -15.74 19.56
N PRO K 279 35.59 -15.03 18.71
CA PRO K 279 36.25 -14.23 17.66
C PRO K 279 37.20 -13.20 18.26
N ALA K 280 38.30 -12.97 17.55
CA ALA K 280 39.41 -12.20 18.08
C ALA K 280 39.13 -10.70 18.19
N THR K 281 38.46 -10.10 17.20
CA THR K 281 38.38 -8.64 17.19
C THR K 281 37.01 -8.11 16.77
N HIS K 282 35.95 -8.91 16.83
CA HIS K 282 34.62 -8.44 16.45
C HIS K 282 33.86 -7.81 17.62
N GLY K 283 34.58 -7.23 18.58
CA GLY K 283 33.97 -6.57 19.71
C GLY K 283 34.02 -7.35 21.00
N GLN K 284 34.46 -8.60 20.97
CA GLN K 284 34.52 -9.41 22.18
C GLN K 284 35.44 -8.75 23.21
N THR K 285 34.95 -8.66 24.44
CA THR K 285 35.66 -7.96 25.51
C THR K 285 36.04 -8.97 26.59
N LYS K 286 37.35 -9.20 26.75
CA LYS K 286 37.88 -10.05 27.81
C LYS K 286 37.28 -11.45 27.77
N THR K 287 37.16 -11.98 26.56
CA THR K 287 36.52 -13.28 26.37
C THR K 287 37.22 -14.19 25.36
N HIS K 288 38.38 -13.80 24.84
CA HIS K 288 38.98 -14.54 23.73
C HIS K 288 39.29 -16.00 24.08
N ARG K 289 39.45 -16.33 25.36
CA ARG K 289 39.76 -17.70 25.74
C ARG K 289 38.88 -18.23 26.86
N ARG K 290 37.82 -17.53 27.24
CA ARG K 290 36.94 -18.02 28.29
C ARG K 290 36.18 -19.26 27.82
N PRO K 291 35.92 -20.20 28.72
CA PRO K 291 35.15 -21.39 28.34
C PRO K 291 33.71 -21.09 27.95
N GLY K 292 33.17 -19.95 28.35
CA GLY K 292 31.79 -19.61 28.04
C GLY K 292 30.82 -20.23 29.03
N ALA K 293 29.62 -20.58 28.56
CA ALA K 293 28.63 -21.19 29.43
C ALA K 293 29.11 -22.55 29.91
N ILE K 294 28.81 -22.87 31.17
CA ILE K 294 29.25 -24.12 31.77
C ILE K 294 28.11 -25.04 32.16
N SER K 295 26.88 -24.55 32.24
CA SER K 295 25.74 -25.38 32.63
C SER K 295 24.47 -24.71 32.10
N THR K 296 23.33 -25.18 32.58
CA THR K 296 22.03 -24.66 32.16
C THR K 296 21.34 -23.94 33.31
N GLY K 297 20.38 -23.09 32.95
CA GLY K 297 19.67 -22.28 33.92
C GLY K 297 18.80 -23.05 34.88
N ASP K 298 18.05 -24.03 34.38
CA ASP K 298 17.14 -24.78 35.24
C ASP K 298 17.87 -25.70 36.20
N VAL K 299 19.05 -26.20 35.81
CA VAL K 299 19.79 -27.11 36.67
C VAL K 299 20.23 -26.42 37.95
N ALA K 300 20.55 -25.13 37.88
CA ALA K 300 21.00 -24.33 39.02
C ALA K 300 22.29 -24.86 39.63
N ARG K 301 23.05 -25.64 38.85
CA ARG K 301 24.32 -26.18 39.30
C ARG K 301 25.07 -26.70 38.08
N VAL K 302 26.32 -27.06 38.28
CA VAL K 302 27.16 -27.59 37.21
C VAL K 302 27.43 -29.07 37.48
N TRP K 303 27.36 -29.86 36.42
CA TRP K 303 27.56 -31.30 36.53
C TRP K 303 29.01 -31.61 36.86
N PRO K 304 29.26 -32.70 37.59
CA PRO K 304 30.64 -33.06 37.92
C PRO K 304 31.50 -33.36 36.70
N GLY K 305 30.90 -33.73 35.58
CA GLY K 305 31.65 -34.06 34.39
C GLY K 305 31.96 -32.85 33.51
N THR K 306 31.72 -31.66 34.05
CA THR K 306 31.98 -30.44 33.30
C THR K 306 33.47 -30.31 33.00
N LYS K 307 33.79 -29.95 31.75
CA LYS K 307 35.17 -29.75 31.35
C LYS K 307 35.60 -28.33 31.71
N MET K 308 36.64 -28.21 32.53
CA MET K 308 37.08 -26.94 33.07
C MET K 308 38.60 -26.90 33.08
N PRO K 309 39.18 -25.71 33.12
CA PRO K 309 40.65 -25.60 33.22
C PRO K 309 41.16 -26.26 34.49
N GLY K 310 42.34 -26.88 34.38
CA GLY K 310 42.93 -27.54 35.51
C GLY K 310 44.27 -28.14 35.14
N GLN K 311 44.72 -29.09 35.96
CA GLN K 311 46.00 -29.74 35.71
C GLN K 311 45.93 -30.56 34.44
N LEU K 312 47.00 -30.52 33.64
CA LEU K 312 47.04 -31.18 32.35
C LEU K 312 48.44 -31.70 32.09
N GLY K 313 48.56 -33.01 31.86
CA GLY K 313 49.83 -33.57 31.41
C GLY K 313 50.50 -34.51 32.38
N ASN K 314 50.50 -34.18 33.67
CA ASN K 314 51.20 -34.97 34.67
C ASN K 314 50.28 -36.09 35.18
N ILE K 315 50.00 -37.03 34.28
CA ILE K 315 49.18 -38.19 34.59
C ILE K 315 49.75 -39.40 33.85
N ASP K 316 49.53 -40.58 34.40
CA ASP K 316 50.03 -41.82 33.81
C ASP K 316 49.13 -42.22 32.66
N ARG K 317 49.72 -42.34 31.47
CA ARG K 317 49.01 -42.76 30.26
C ARG K 317 49.71 -43.95 29.64
N THR K 318 48.93 -44.74 28.92
CA THR K 318 49.41 -45.97 28.29
C THR K 318 49.08 -45.94 26.81
N ALA K 319 50.07 -46.22 25.98
CA ALA K 319 49.92 -46.39 24.54
C ALA K 319 49.98 -47.87 24.22
N PHE K 320 49.00 -48.36 23.47
CA PHE K 320 48.84 -49.76 23.16
C PHE K 320 49.25 -50.05 21.72
N GLY K 321 49.69 -51.28 21.49
CA GLY K 321 49.99 -51.73 20.14
C GLY K 321 51.15 -51.02 19.47
N LEU K 322 52.24 -50.79 20.20
CA LEU K 322 53.43 -50.19 19.61
C LEU K 322 54.34 -51.30 19.09
N LYS K 323 54.55 -51.34 17.79
CA LYS K 323 55.38 -52.38 17.19
C LYS K 323 56.85 -52.09 17.44
N VAL K 324 57.62 -53.14 17.69
CA VAL K 324 59.06 -53.03 17.88
C VAL K 324 59.75 -53.57 16.65
N TRP K 325 60.69 -52.79 16.11
CA TRP K 325 61.40 -53.15 14.89
C TRP K 325 62.82 -53.64 15.15
N ARG K 326 63.56 -52.95 16.02
CA ARG K 326 64.99 -53.20 16.17
C ARG K 326 65.34 -53.37 17.64
N ILE K 327 66.25 -54.31 17.92
CA ILE K 327 66.73 -54.56 19.26
C ILE K 327 68.26 -54.52 19.24
N ASN K 328 68.85 -53.54 19.93
CA ASN K 328 70.29 -53.44 20.06
C ASN K 328 70.71 -54.08 21.37
N THR K 329 71.44 -55.18 21.28
CA THR K 329 71.80 -55.99 22.44
C THR K 329 72.90 -55.36 23.29
N LYS K 330 73.93 -54.80 22.66
CA LYS K 330 75.07 -54.29 23.42
C LYS K 330 74.66 -53.15 24.34
N HIS K 331 73.86 -52.21 23.83
CA HIS K 331 73.43 -51.06 24.61
C HIS K 331 72.05 -51.25 25.25
N ASN K 332 71.41 -52.40 25.01
CA ASN K 332 70.07 -52.69 25.54
C ASN K 332 69.08 -51.60 25.13
N ILE K 333 68.85 -51.52 23.82
CA ILE K 333 67.99 -50.49 23.22
C ILE K 333 66.87 -51.18 22.48
N ILE K 334 65.65 -50.68 22.66
CA ILE K 334 64.46 -51.17 21.97
C ILE K 334 63.92 -50.04 21.11
N TYR K 335 63.64 -50.34 19.83
CA TYR K 335 63.11 -49.37 18.90
C TYR K 335 61.60 -49.62 18.78
N VAL K 336 60.80 -48.78 19.43
CA VAL K 336 59.35 -48.95 19.46
C VAL K 336 58.72 -47.99 18.46
N ASN K 337 57.85 -48.52 17.60
CA ASN K 337 57.20 -47.69 16.59
C ASN K 337 56.24 -46.71 17.24
N GLY K 338 56.14 -45.53 16.64
CA GLY K 338 55.21 -44.52 17.10
C GLY K 338 55.78 -43.71 18.27
N SER K 339 54.94 -42.80 18.75
CA SER K 339 55.33 -41.93 19.84
C SER K 339 55.16 -42.64 21.18
N VAL K 340 56.02 -42.29 22.12
CA VAL K 340 55.99 -42.83 23.48
C VAL K 340 55.53 -41.74 24.42
N PRO K 341 54.47 -41.95 25.20
CA PRO K 341 54.02 -40.93 26.16
C PRO K 341 55.10 -40.66 27.20
N GLY K 342 55.34 -39.38 27.47
CA GLY K 342 56.36 -38.99 28.41
C GLY K 342 57.53 -38.28 27.77
N HIS K 343 58.21 -37.43 28.53
CA HIS K 343 59.34 -36.69 28.00
C HIS K 343 60.56 -37.60 27.87
N LYS K 344 61.58 -37.10 27.19
CA LYS K 344 62.81 -37.84 27.02
C LYS K 344 63.54 -37.98 28.37
N ASN K 345 64.39 -39.01 28.45
CA ASN K 345 65.15 -39.33 29.66
C ASN K 345 64.22 -39.57 30.85
N CYS K 346 63.11 -40.26 30.63
CA CYS K 346 62.18 -40.60 31.69
C CYS K 346 61.93 -42.11 31.68
N LEU K 347 61.52 -42.62 32.85
CA LEU K 347 61.28 -44.04 33.01
C LEU K 347 59.97 -44.44 32.32
N VAL K 348 59.99 -45.57 31.62
CA VAL K 348 58.87 -46.06 30.85
C VAL K 348 58.66 -47.53 31.18
N LYS K 349 57.43 -47.90 31.52
CA LYS K 349 57.06 -49.28 31.84
C LYS K 349 56.60 -49.96 30.56
N ILE K 350 57.35 -50.97 30.11
CA ILE K 350 57.07 -51.68 28.88
C ILE K 350 56.52 -53.06 29.21
N LYS K 351 55.44 -53.45 28.54
CA LYS K 351 54.88 -54.79 28.71
C LYS K 351 54.41 -55.27 27.35
N ASP K 352 53.97 -56.52 27.30
CA ASP K 352 53.41 -57.05 26.06
C ASP K 352 52.05 -56.42 25.78
N SER K 353 51.60 -56.53 24.54
CA SER K 353 50.30 -55.98 24.17
C SER K 353 49.18 -56.87 24.68
N LYS K 354 48.23 -56.27 25.38
CA LYS K 354 47.05 -56.98 25.88
C LYS K 354 45.89 -56.94 24.91
N LEU K 355 46.08 -56.36 23.73
CA LEU K 355 45.02 -56.31 22.75
C LEU K 355 44.69 -57.72 22.25
N PRO K 356 43.41 -57.99 21.96
CA PRO K 356 43.03 -59.33 21.51
C PRO K 356 43.68 -59.75 20.20
N ALA K 357 44.12 -58.80 19.38
CA ALA K 357 44.74 -59.15 18.11
C ALA K 357 46.07 -59.88 18.29
N TYR K 358 46.77 -59.60 19.38
CA TYR K 358 48.08 -60.20 19.66
C TYR K 358 48.10 -60.79 21.06
N LYS K 359 47.06 -61.57 21.39
CA LYS K 359 46.96 -62.13 22.74
C LYS K 359 47.92 -63.29 22.93
N ASP K 360 48.20 -64.05 21.87
CA ASP K 360 49.01 -65.26 21.95
C ASP K 360 50.25 -65.18 21.07
N PHE K 361 50.94 -64.04 21.10
CA PHE K 361 52.18 -63.86 20.37
C PHE K 361 53.41 -64.27 21.18
N CYS K 362 53.23 -64.62 22.45
CA CYS K 362 54.35 -64.95 23.33
C CYS K 362 54.85 -66.38 23.18
N LYS K 363 54.24 -67.16 22.29
CA LYS K 363 54.65 -68.55 22.13
C LYS K 363 56.09 -68.67 21.63
N ASN K 364 56.48 -67.83 20.67
CA ASN K 364 57.82 -67.89 20.11
C ASN K 364 58.84 -67.14 20.97
N LEU K 365 58.39 -66.27 21.85
CA LEU K 365 59.28 -65.50 22.71
C LEU K 365 59.77 -66.35 23.88
N PRO K 366 60.92 -66.00 24.45
CA PRO K 366 61.38 -66.70 25.67
C PRO K 366 60.37 -66.52 26.79
N PHE K 367 59.80 -67.64 27.26
CA PHE K 367 58.65 -67.55 28.16
C PHE K 367 59.02 -66.94 29.51
N PRO K 368 59.96 -67.49 30.31
CA PRO K 368 60.26 -66.87 31.59
C PRO K 368 60.86 -65.47 31.43
N THR K 369 61.99 -65.40 30.73
CA THR K 369 62.66 -64.16 30.38
C THR K 369 63.81 -64.53 29.44
N TYR K 370 64.61 -63.54 29.06
CA TYR K 370 65.81 -63.77 28.27
C TYR K 370 66.97 -64.04 29.22
N PHE K 371 67.53 -65.24 29.16
CA PHE K 371 68.71 -65.58 29.96
C PHE K 371 69.93 -65.56 29.06
N PRO K 372 70.83 -64.57 29.19
CA PRO K 372 72.05 -64.57 28.36
C PRO K 372 72.95 -65.76 28.62
N ASP K 373 72.87 -66.39 29.79
CA ASP K 373 73.71 -67.52 30.14
C ASP K 373 73.10 -68.86 29.72
N GLY K 374 71.80 -68.93 29.52
CA GLY K 374 71.15 -70.18 29.16
C GLY K 374 71.54 -70.71 27.80
N ASP K 375 71.62 -69.81 26.81
CA ASP K 375 71.96 -70.22 25.45
C ASP K 375 73.46 -70.41 25.26
N GLU K 376 74.28 -69.73 26.08
CA GLU K 376 75.74 -69.75 25.94
C GLU K 376 76.18 -69.31 24.55
N GLU K 377 75.40 -68.42 23.93
CA GLU K 377 75.70 -67.90 22.60
C GLU K 377 75.39 -66.42 22.55
N ALA K 378 76.36 -65.62 22.11
CA ALA K 378 76.17 -64.19 22.05
C ALA K 378 75.27 -63.81 20.87
N LEU K 379 74.22 -63.06 21.15
CA LEU K 379 73.33 -62.60 20.09
C LEU K 379 74.02 -61.54 19.24
N PRO K 380 73.57 -61.35 18.00
CA PRO K 380 74.13 -60.28 17.17
C PRO K 380 73.90 -58.91 17.81
N GLU K 381 74.70 -57.94 17.34
CA GLU K 381 74.64 -56.61 17.92
C GLU K 381 73.26 -55.99 17.75
N ASP K 382 72.68 -56.14 16.56
CA ASP K 382 71.36 -55.58 16.27
C ASP K 382 70.49 -56.65 15.63
N LEU K 383 69.32 -56.89 16.22
CA LEU K 383 68.32 -57.79 15.67
C LEU K 383 67.26 -56.93 14.98
N TYR K 384 67.11 -57.13 13.68
CA TYR K 384 66.16 -56.38 12.87
C TYR K 384 64.94 -57.24 12.54
N ASP K 385 63.86 -56.57 12.15
CA ASP K 385 62.67 -57.26 11.68
C ASP K 385 62.85 -57.65 10.22
N GLU K 386 61.93 -58.48 9.73
CA GLU K 386 62.01 -58.96 8.36
C GLU K 386 61.77 -57.86 7.33
N ASN K 387 61.29 -56.70 7.75
CA ASN K 387 60.99 -55.61 6.82
C ASN K 387 61.87 -54.39 7.01
N VAL K 388 62.65 -54.31 8.09
CA VAL K 388 63.46 -53.13 8.35
C VAL K 388 64.61 -53.07 7.36
N CYS K 389 64.81 -51.91 6.74
CA CYS K 389 65.96 -51.67 5.88
C CYS K 389 67.16 -51.39 6.77
N GLN K 390 68.09 -52.34 6.83
CA GLN K 390 69.24 -52.22 7.70
C GLN K 390 70.18 -51.13 7.19
N PRO K 391 70.99 -50.53 8.08
CA PRO K 391 71.96 -49.52 7.63
C PRO K 391 72.90 -50.04 6.57
N GLY K 392 73.32 -51.30 6.66
CA GLY K 392 74.07 -51.91 5.59
C GLY K 392 73.11 -52.56 4.60
N ALA K 393 72.81 -51.85 3.53
CA ALA K 393 71.82 -52.27 2.55
C ALA K 393 72.38 -52.05 1.16
N PRO K 394 71.89 -52.80 0.17
CA PRO K 394 72.38 -52.62 -1.20
C PRO K 394 71.73 -51.44 -1.91
N SER K 395 71.09 -50.54 -1.15
CA SER K 395 70.35 -49.41 -1.70
C SER K 395 69.25 -49.90 -2.64
N ILE K 396 68.28 -50.56 -2.02
CA ILE K 396 67.26 -51.30 -2.76
C ILE K 396 66.60 -50.42 -3.81
N THR K 397 66.33 -51.02 -4.97
CA THR K 397 65.66 -50.35 -6.07
C THR K 397 64.51 -51.23 -6.55
N PHE K 398 63.45 -50.59 -7.03
CA PHE K 398 62.28 -51.32 -7.47
C PHE K 398 62.53 -51.99 -8.82
N THR K 399 61.71 -52.99 -9.12
CA THR K 399 61.81 -53.71 -10.38
C THR K 399 60.44 -53.86 -11.04
N PRO L 45 -9.63 30.93 137.98
CA PRO L 45 -10.85 31.36 137.31
C PRO L 45 -11.16 30.54 136.07
N PRO L 46 -12.23 29.75 136.11
CA PRO L 46 -12.62 28.94 134.95
C PRO L 46 -13.03 29.83 133.78
N VAL L 47 -12.55 29.48 132.59
CA VAL L 47 -12.89 30.20 131.37
C VAL L 47 -13.69 29.27 130.47
N LEU L 48 -14.89 29.70 130.10
CA LEU L 48 -15.79 28.89 129.30
C LEU L 48 -16.15 29.61 128.01
N ARG L 49 -16.14 28.87 126.92
CA ARG L 49 -16.50 29.39 125.60
C ARG L 49 -17.79 28.74 125.16
N LYS L 50 -18.81 29.56 124.90
CA LYS L 50 -20.11 29.10 124.46
C LYS L 50 -20.26 29.34 122.96
N CYS L 51 -21.01 28.47 122.30
CA CYS L 51 -21.26 28.61 120.87
C CYS L 51 -22.05 29.90 120.62
N GLU L 52 -21.58 30.69 119.67
CA GLU L 52 -22.21 31.96 119.33
C GLU L 52 -23.20 31.86 118.18
N LEU L 53 -23.41 30.65 117.64
CA LEU L 53 -24.35 30.44 116.55
C LEU L 53 -25.31 29.32 116.91
N PRO L 54 -26.54 29.37 116.40
CA PRO L 54 -27.52 28.32 116.72
C PRO L 54 -27.04 26.97 116.23
N VAL L 55 -27.30 25.94 117.04
CA VAL L 55 -26.93 24.56 116.69
C VAL L 55 -28.19 23.79 116.34
N PRO L 56 -28.11 22.75 115.52
CA PRO L 56 -29.30 21.94 115.24
C PRO L 56 -29.81 21.27 116.50
N ALA L 57 -31.14 21.10 116.56
CA ALA L 57 -31.77 20.54 117.74
C ALA L 57 -31.40 19.07 117.93
N HIS L 58 -31.22 18.33 116.84
CA HIS L 58 -30.94 16.89 116.93
C HIS L 58 -29.49 16.59 117.25
N ARG L 59 -28.61 17.60 117.26
CA ARG L 59 -27.19 17.40 117.43
C ARG L 59 -26.69 18.28 118.56
N ARG L 60 -25.78 17.74 119.38
CA ARG L 60 -25.21 18.52 120.46
C ARG L 60 -23.80 18.99 120.11
N PRO L 61 -23.41 20.17 120.59
CA PRO L 61 -22.04 20.64 120.35
C PRO L 61 -21.01 19.79 121.09
N VAL L 62 -19.79 19.78 120.56
CA VAL L 62 -18.72 18.94 121.09
C VAL L 62 -17.85 19.78 122.00
N GLN L 63 -17.61 19.28 123.22
CA GLN L 63 -16.84 20.01 124.21
C GLN L 63 -15.36 19.67 124.09
N ALA L 64 -14.52 20.65 124.39
CA ALA L 64 -13.08 20.51 124.28
C ALA L 64 -12.40 21.31 125.38
N TRP L 65 -11.16 20.92 125.68
CA TRP L 65 -10.39 21.62 126.69
C TRP L 65 -9.82 22.92 126.13
N ILE L 66 -9.48 23.83 127.04
CA ILE L 66 -8.80 25.07 126.73
C ILE L 66 -7.52 25.11 127.54
N GLU L 67 -6.38 25.04 126.86
CA GLU L 67 -5.07 25.01 127.49
C GLU L 67 -4.49 26.41 127.55
N SER L 68 -3.38 26.54 128.27
CA SER L 68 -2.65 27.79 128.39
C SER L 68 -1.21 27.59 127.93
N LEU L 69 -0.68 28.57 127.21
CA LEU L 69 0.66 28.49 126.65
C LEU L 69 1.72 29.08 127.59
N ARG L 70 1.32 29.47 128.81
CA ARG L 70 2.25 30.12 129.73
C ARG L 70 2.91 29.15 130.69
N GLY L 71 2.14 28.31 131.36
CA GLY L 71 2.66 27.38 132.35
C GLY L 71 2.83 25.98 131.80
N TYR L 72 3.82 25.27 132.34
CA TYR L 72 4.07 23.89 131.91
C TYR L 72 2.96 22.95 132.36
N GLU L 73 2.58 23.02 133.64
CA GLU L 73 1.67 22.04 134.23
C GLU L 73 0.20 22.39 134.03
N GLN L 74 -0.12 23.61 133.60
CA GLN L 74 -1.51 24.01 133.43
C GLN L 74 -1.95 23.72 132.00
N GLU L 75 -2.52 22.53 131.80
CA GLU L 75 -3.08 22.16 130.51
C GLU L 75 -4.60 22.19 130.49
N ARG L 76 -5.24 22.03 131.65
CA ARG L 76 -6.70 22.09 131.75
C ARG L 76 -7.06 23.40 132.44
N VAL L 77 -7.21 24.46 131.65
CA VAL L 77 -7.53 25.77 132.17
C VAL L 77 -8.98 26.16 131.94
N GLY L 78 -9.59 25.74 130.83
CA GLY L 78 -10.97 26.09 130.56
C GLY L 78 -11.72 25.07 129.73
N LEU L 79 -12.97 25.37 129.42
CA LEU L 79 -13.80 24.46 128.63
C LEU L 79 -14.47 25.25 127.51
N THR L 80 -14.52 24.67 126.31
CA THR L 80 -15.12 25.33 125.15
C THR L 80 -16.11 24.39 124.47
N GLU L 81 -17.11 24.98 123.83
CA GLU L 81 -18.06 24.22 123.02
C GLU L 81 -17.85 24.56 121.55
N LEU L 82 -17.78 23.53 120.71
CA LEU L 82 -17.55 23.68 119.29
C LEU L 82 -18.75 23.15 118.50
N HIS L 83 -19.05 23.85 117.42
CA HIS L 83 -20.22 23.52 116.61
C HIS L 83 -20.05 22.15 115.95
N PRO L 84 -21.05 21.28 116.02
CA PRO L 84 -20.93 19.96 115.39
C PRO L 84 -20.78 20.00 113.89
N ASP L 85 -21.37 20.98 113.21
CA ASP L 85 -21.27 21.09 111.76
C ASP L 85 -19.94 21.68 111.30
N VAL L 86 -19.02 21.94 112.23
CA VAL L 86 -17.68 22.40 111.91
C VAL L 86 -16.63 21.46 112.46
N PHE L 87 -16.77 21.05 113.72
CA PHE L 87 -15.81 20.18 114.37
C PHE L 87 -16.32 18.76 114.62
N SER L 88 -17.54 18.44 114.17
CA SER L 88 -18.06 17.09 114.35
C SER L 88 -18.80 16.61 113.11
N THR L 89 -18.46 17.13 111.95
CA THR L 89 -19.02 16.63 110.70
C THR L 89 -18.47 15.23 110.39
N ALA L 90 -19.11 14.59 109.42
CA ALA L 90 -18.62 13.29 108.96
C ALA L 90 -17.28 13.45 108.27
N PRO L 91 -16.28 12.64 108.60
CA PRO L 91 -14.97 12.78 107.97
C PRO L 91 -14.96 12.31 106.53
N ARG L 92 -14.73 13.24 105.60
CA ARG L 92 -14.73 12.94 104.17
C ARG L 92 -13.29 12.99 103.67
N LEU L 93 -12.62 11.84 103.75
CA LEU L 93 -11.25 11.74 103.26
C LEU L 93 -11.16 12.00 101.76
N ASP L 94 -12.21 11.70 101.00
CA ASP L 94 -12.21 12.02 99.58
C ASP L 94 -12.11 13.51 99.34
N ILE L 95 -12.91 14.30 100.08
CA ILE L 95 -12.83 15.75 99.93
C ILE L 95 -11.50 16.27 100.48
N LEU L 96 -10.99 15.66 101.55
CA LEU L 96 -9.66 16.03 102.03
C LEU L 96 -8.62 15.86 100.94
N HIS L 97 -8.62 14.71 100.26
CA HIS L 97 -7.70 14.46 99.17
C HIS L 97 -7.90 15.43 98.01
N GLN L 98 -9.15 15.73 97.66
CA GLN L 98 -9.40 16.68 96.58
C GLN L 98 -8.83 18.05 96.91
N VAL L 99 -9.06 18.54 98.13
CA VAL L 99 -8.55 19.85 98.52
C VAL L 99 -7.03 19.84 98.57
N ALA L 100 -6.43 18.77 99.11
CA ALA L 100 -4.98 18.70 99.18
C ALA L 100 -4.35 18.70 97.79
N ILE L 101 -4.95 17.96 96.85
CA ILE L 101 -4.46 17.97 95.48
C ILE L 101 -4.64 19.34 94.83
N TRP L 102 -5.80 19.97 95.06
CA TRP L 102 -6.05 21.27 94.45
C TRP L 102 -5.06 22.32 94.94
N GLN L 103 -4.79 22.34 96.25
CA GLN L 103 -3.84 23.32 96.78
C GLN L 103 -2.46 23.15 96.18
N LYS L 104 -2.03 21.90 95.98
CA LYS L 104 -0.72 21.65 95.38
C LYS L 104 -0.69 22.01 93.90
N ASN L 105 -1.77 21.74 93.16
CA ASN L 105 -1.74 21.84 91.71
C ASN L 105 -2.11 23.22 91.17
N PHE L 106 -3.07 23.91 91.79
CA PHE L 106 -3.57 25.14 91.19
C PHE L 106 -2.52 26.25 91.14
N LYS L 107 -1.48 26.17 91.97
CA LYS L 107 -0.41 27.15 91.91
C LYS L 107 0.69 26.79 90.92
N ARG L 108 0.63 25.60 90.33
CA ARG L 108 1.71 25.14 89.47
C ARG L 108 1.68 25.82 88.11
N ILE L 109 2.85 26.30 87.67
CA ILE L 109 3.05 26.78 86.32
C ILE L 109 4.36 26.15 85.83
N SER L 110 4.26 25.18 84.93
CA SER L 110 5.43 24.46 84.47
C SER L 110 6.13 25.27 83.39
N TYR L 111 7.36 25.68 83.67
CA TYR L 111 8.17 26.45 82.72
C TYR L 111 9.06 25.51 81.90
N ALA L 112 8.41 24.56 81.24
CA ALA L 112 9.11 23.56 80.43
C ALA L 112 8.69 23.75 78.97
N LYS L 113 9.61 24.23 78.15
CA LYS L 113 9.36 24.46 76.73
C LYS L 113 10.54 23.92 75.93
N THR L 114 10.27 22.96 75.05
CA THR L 114 11.27 22.44 74.14
C THR L 114 10.99 22.93 72.73
N LYS L 115 12.00 22.88 71.88
CA LYS L 115 11.90 23.37 70.52
C LYS L 115 11.50 22.23 69.59
N THR L 116 10.40 22.43 68.87
CA THR L 116 9.98 21.47 67.85
C THR L 116 10.85 21.62 66.61
N ARG L 117 10.57 20.81 65.60
CA ARG L 117 11.38 20.84 64.38
C ARG L 117 11.29 22.18 63.65
N ALA L 118 10.22 22.93 63.86
CA ALA L 118 10.09 24.25 63.27
C ALA L 118 10.84 25.33 64.03
N GLU L 119 11.25 25.05 65.27
CA GLU L 119 11.94 26.04 66.09
C GLU L 119 13.45 25.83 66.11
N VAL L 120 13.96 24.79 65.46
CA VAL L 120 15.41 24.58 65.44
C VAL L 120 16.06 25.63 64.53
N ARG L 121 17.39 25.73 64.65
CA ARG L 121 18.12 26.78 63.94
C ARG L 121 18.13 26.53 62.44
N GLY L 122 18.70 25.41 62.02
CA GLY L 122 18.89 25.12 60.60
C GLY L 122 17.81 24.22 60.04
N GLY L 123 18.23 23.26 59.21
CA GLY L 123 17.31 22.34 58.57
C GLY L 123 16.39 23.01 57.57
N GLY L 124 16.93 23.88 56.75
CA GLY L 124 16.12 24.61 55.79
C GLY L 124 16.03 23.99 54.41
N ARG L 125 16.88 23.01 54.13
CA ARG L 125 16.94 22.40 52.81
C ARG L 125 17.11 20.90 52.92
N LYS L 126 16.76 20.21 51.84
CA LYS L 126 16.92 18.76 51.79
C LYS L 126 18.40 18.41 51.73
N PRO L 127 18.87 17.44 52.52
CA PRO L 127 20.31 17.14 52.52
C PRO L 127 20.77 16.45 51.25
N TRP L 128 19.93 15.60 50.65
CA TRP L 128 20.33 14.89 49.44
C TRP L 128 19.09 14.63 48.58
N VAL L 129 19.34 14.35 47.31
CA VAL L 129 18.25 14.12 46.37
C VAL L 129 17.48 12.85 46.74
N GLN L 130 16.22 12.81 46.30
CA GLN L 130 15.31 11.74 46.73
C GLN L 130 15.78 10.37 46.25
N LYS L 131 16.21 10.27 45.00
CA LYS L 131 16.54 9.00 44.39
C LYS L 131 18.01 8.95 44.00
N GLY L 132 18.56 7.72 43.99
CA GLY L 132 19.89 7.45 43.51
C GLY L 132 20.96 7.46 44.59
N SER L 133 20.67 8.06 45.74
CA SER L 133 21.65 8.07 46.82
C SER L 133 21.80 6.70 47.44
N GLY L 134 20.73 5.90 47.46
CA GLY L 134 20.76 4.59 48.07
C GLY L 134 20.53 4.60 49.57
N ARG L 135 20.36 5.76 50.17
CA ARG L 135 20.13 5.87 51.61
C ARG L 135 18.70 6.33 51.86
N ALA L 136 18.36 6.46 53.14
CA ALA L 136 17.00 6.83 53.52
C ALA L 136 16.67 8.25 53.08
N ARG L 137 15.40 8.44 52.71
CA ARG L 137 14.91 9.74 52.28
C ARG L 137 14.60 10.60 53.50
N HIS L 138 14.96 11.88 53.42
CA HIS L 138 14.74 12.81 54.51
C HIS L 138 14.42 14.19 53.95
N GLY L 139 13.74 15.00 54.76
CA GLY L 139 13.43 16.36 54.39
C GLY L 139 14.33 17.34 55.12
N SER L 140 13.82 17.97 56.16
CA SER L 140 14.65 18.84 56.99
C SER L 140 15.58 18.00 57.87
N ILE L 141 16.83 18.46 57.98
CA ILE L 141 17.80 17.76 58.83
C ILE L 141 17.53 17.95 60.30
N ARG L 142 16.54 18.77 60.68
CA ARG L 142 16.16 18.98 62.05
C ARG L 142 14.94 18.15 62.44
N SER L 143 14.68 17.06 61.72
CA SER L 143 13.56 16.19 62.06
C SER L 143 13.82 15.51 63.40
N PRO L 144 12.77 15.09 64.11
CA PRO L 144 12.97 14.39 65.39
C PRO L 144 13.77 13.12 65.25
N ILE L 145 13.78 12.49 64.08
CA ILE L 145 14.60 11.31 63.85
C ILE L 145 16.09 11.67 63.95
N TRP L 146 16.47 12.81 63.38
CA TRP L 146 17.87 13.22 63.35
C TRP L 146 18.39 13.48 64.76
N ARG L 147 19.71 13.41 64.89
CA ARG L 147 20.35 13.57 66.20
C ARG L 147 20.12 14.97 66.76
N GLY L 148 20.33 15.99 65.93
CA GLY L 148 20.21 17.37 66.39
C GLY L 148 18.85 17.96 66.19
N GLY L 149 17.88 17.12 65.81
CA GLY L 149 16.54 17.61 65.51
C GLY L 149 15.76 17.95 66.76
N GLY L 150 14.59 18.53 66.54
CA GLY L 150 13.72 18.92 67.64
C GLY L 150 12.97 17.74 68.21
N VAL L 151 12.18 18.03 69.23
CA VAL L 151 11.37 17.02 69.91
C VAL L 151 10.01 16.92 69.21
N ALA L 152 9.51 15.70 69.10
CA ALA L 152 8.23 15.47 68.42
C ALA L 152 7.10 16.22 69.12
N HIS L 153 6.83 15.87 70.38
CA HIS L 153 5.81 16.57 71.15
C HIS L 153 6.42 17.35 72.31
N GLY L 154 7.08 16.67 73.24
CA GLY L 154 7.74 17.31 74.35
C GLY L 154 6.83 18.22 75.16
N PRO L 155 7.41 18.98 76.09
CA PRO L 155 6.66 20.04 76.76
C PRO L 155 6.66 21.32 75.93
N ARG L 156 5.47 21.89 75.75
CA ARG L 156 5.28 23.03 74.86
C ARG L 156 4.88 24.25 75.68
N GLY L 157 5.82 25.19 75.83
CA GLY L 157 5.53 26.47 76.44
C GLY L 157 5.23 26.37 77.91
N PRO L 158 4.98 27.52 78.55
CA PRO L 158 4.57 27.50 79.96
C PRO L 158 3.17 26.92 80.10
N THR L 159 3.05 25.87 80.90
CA THR L 159 1.78 25.19 81.12
C THR L 159 1.21 25.61 82.46
N SER L 160 -0.02 26.12 82.45
CA SER L 160 -0.68 26.61 83.65
C SER L 160 -1.71 25.58 84.11
N TYR L 161 -1.40 24.86 85.18
CA TYR L 161 -2.33 23.92 85.79
C TYR L 161 -3.18 24.71 86.79
N TYR L 162 -4.33 25.20 86.32
CA TYR L 162 -5.16 26.07 87.13
C TYR L 162 -6.62 25.62 87.02
N TYR L 163 -7.20 25.25 88.16
CA TYR L 163 -8.63 24.95 88.24
C TYR L 163 -9.11 25.31 89.63
N MET L 164 -10.39 25.66 89.72
CA MET L 164 -10.99 26.16 90.96
C MET L 164 -12.03 25.17 91.45
N LEU L 165 -11.78 24.56 92.61
CA LEU L 165 -12.79 23.75 93.26
C LEU L 165 -13.93 24.65 93.76
N PRO L 166 -15.15 24.12 93.81
CA PRO L 166 -16.27 24.93 94.32
C PRO L 166 -16.06 25.34 95.77
N MET L 167 -16.63 26.50 96.10
CA MET L 167 -16.45 27.09 97.42
C MET L 167 -17.04 26.18 98.50
N LYS L 168 -18.20 25.59 98.23
CA LYS L 168 -18.82 24.66 99.17
C LYS L 168 -18.01 23.38 99.36
N VAL L 169 -17.16 23.02 98.39
CA VAL L 169 -16.26 21.89 98.55
C VAL L 169 -15.02 22.28 99.35
N ARG L 170 -14.45 23.45 99.09
CA ARG L 170 -13.31 23.90 99.89
C ARG L 170 -13.68 24.11 101.36
N VAL L 171 -14.85 24.71 101.61
CA VAL L 171 -15.30 24.88 102.99
C VAL L 171 -15.53 23.54 103.66
N GLN L 172 -16.12 22.59 102.93
CA GLN L 172 -16.32 21.25 103.47
C GLN L 172 -15.00 20.58 103.78
N GLY L 173 -13.99 20.75 102.91
CA GLY L 173 -12.68 20.21 103.19
C GLY L 173 -12.05 20.79 104.43
N LEU L 174 -12.16 22.11 104.62
CA LEU L 174 -11.68 22.73 105.85
C LEU L 174 -12.39 22.17 107.08
N LYS L 175 -13.72 22.03 107.00
CA LYS L 175 -14.47 21.46 108.11
C LYS L 175 -14.02 20.04 108.42
N VAL L 176 -13.81 19.22 107.38
CA VAL L 176 -13.40 17.85 107.61
C VAL L 176 -12.00 17.79 108.20
N ALA L 177 -11.10 18.65 107.74
CA ALA L 177 -9.76 18.69 108.33
C ALA L 177 -9.81 19.07 109.80
N LEU L 178 -10.60 20.08 110.14
CA LEU L 178 -10.74 20.45 111.55
C LEU L 178 -11.36 19.31 112.36
N THR L 179 -12.36 18.63 111.81
CA THR L 179 -13.01 17.54 112.52
C THR L 179 -12.07 16.39 112.77
N VAL L 180 -11.27 16.00 111.77
CA VAL L 180 -10.34 14.89 111.98
C VAL L 180 -9.22 15.29 112.93
N LYS L 181 -8.76 16.55 112.87
CA LYS L 181 -7.77 17.00 113.83
C LYS L 181 -8.30 16.96 115.25
N LEU L 182 -9.55 17.35 115.45
CA LEU L 182 -10.16 17.26 116.78
C LEU L 182 -10.35 15.81 117.21
N ALA L 183 -10.76 14.94 116.28
CA ALA L 183 -11.08 13.56 116.64
C ALA L 183 -9.84 12.73 116.93
N GLN L 184 -8.72 13.01 116.28
CA GLN L 184 -7.49 12.27 116.51
C GLN L 184 -6.66 12.83 117.64
N ASP L 185 -7.25 13.67 118.49
CA ASP L 185 -6.57 14.25 119.65
C ASP L 185 -5.32 15.03 119.23
N ASP L 186 -5.38 15.66 118.06
CA ASP L 186 -4.28 16.44 117.53
C ASP L 186 -4.61 17.93 117.44
N LEU L 187 -5.68 18.37 118.11
CA LEU L 187 -6.12 19.75 118.12
C LEU L 187 -6.18 20.26 119.55
N HIS L 188 -5.62 21.43 119.79
CA HIS L 188 -5.60 22.04 121.12
C HIS L 188 -6.06 23.48 121.00
N ILE L 189 -6.86 23.93 121.98
CA ILE L 189 -7.34 25.29 122.02
C ILE L 189 -6.64 26.03 123.15
N VAL L 190 -5.93 27.10 122.80
CA VAL L 190 -5.18 27.89 123.78
C VAL L 190 -5.78 29.29 123.80
N ASP L 191 -5.74 29.92 124.98
CA ASP L 191 -6.34 31.22 125.20
C ASP L 191 -5.28 32.31 125.09
N SER L 192 -5.52 33.26 124.19
CA SER L 192 -4.75 34.49 124.06
C SER L 192 -3.31 34.28 123.57
N LEU L 193 -2.90 33.01 123.45
CA LEU L 193 -1.60 32.66 122.86
C LEU L 193 -0.46 33.45 123.50
N GLU L 194 -0.44 33.49 124.84
CA GLU L 194 0.57 34.26 125.55
C GLU L 194 1.79 33.40 125.86
N LEU L 195 2.96 34.05 125.88
CA LEU L 195 4.21 33.38 126.22
C LEU L 195 4.96 34.15 127.30
N PRO L 196 5.45 33.45 128.32
CA PRO L 196 6.23 34.15 129.36
C PRO L 196 7.56 34.69 128.86
N THR L 197 8.17 34.06 127.87
CA THR L 197 9.48 34.46 127.40
C THR L 197 9.61 34.15 125.92
N ALA L 198 10.61 34.78 125.29
CA ALA L 198 10.88 34.61 123.87
C ALA L 198 11.88 33.49 123.60
N ASP L 199 12.01 32.54 124.50
CA ASP L 199 12.96 31.45 124.32
C ASP L 199 12.40 30.45 123.31
N PRO L 200 13.06 30.21 122.18
CA PRO L 200 12.58 29.18 121.25
C PRO L 200 12.57 27.79 121.86
N GLN L 201 13.52 27.48 122.75
CA GLN L 201 13.55 26.17 123.39
C GLN L 201 12.39 25.97 124.35
N TYR L 202 11.82 27.06 124.86
CA TYR L 202 10.69 26.94 125.77
C TYR L 202 9.50 26.28 125.10
N LEU L 203 9.18 26.68 123.87
CA LEU L 203 8.08 26.07 123.15
C LEU L 203 8.35 24.59 122.86
N ILE L 204 9.59 24.26 122.49
CA ILE L 204 9.93 22.86 122.22
C ILE L 204 9.76 22.02 123.46
N GLU L 205 10.25 22.51 124.60
CA GLU L 205 10.09 21.78 125.85
C GLU L 205 8.63 21.66 126.27
N LEU L 206 7.84 22.72 126.10
CA LEU L 206 6.42 22.63 126.43
C LEU L 206 5.71 21.60 125.57
N ALA L 207 6.00 21.59 124.26
CA ALA L 207 5.40 20.60 123.38
C ALA L 207 5.83 19.19 123.74
N ARG L 208 7.10 19.01 124.07
CA ARG L 208 7.58 17.69 124.49
C ARG L 208 6.89 17.23 125.76
N TYR L 209 6.73 18.14 126.74
CA TYR L 209 6.05 17.77 127.97
C TYR L 209 4.59 17.43 127.74
N ARG L 210 3.91 18.18 126.88
CA ARG L 210 2.50 17.93 126.61
C ARG L 210 2.28 16.85 125.56
N ARG L 211 3.36 16.29 125.00
CA ARG L 211 3.29 15.21 124.02
C ARG L 211 2.42 15.61 122.82
N TRP L 212 2.65 16.84 122.34
CA TRP L 212 1.97 17.32 121.15
C TRP L 212 2.47 16.67 119.88
N GLY L 213 3.73 16.25 119.83
CA GLY L 213 4.28 15.65 118.65
C GLY L 213 5.54 16.34 118.15
N ASP L 214 5.80 16.25 116.85
CA ASP L 214 6.99 16.84 116.26
C ASP L 214 6.72 18.23 115.69
N SER L 215 5.63 18.38 114.94
CA SER L 215 5.29 19.63 114.27
C SER L 215 4.06 20.25 114.91
N VAL L 216 4.11 21.56 115.14
CA VAL L 216 3.01 22.30 115.75
C VAL L 216 2.73 23.55 114.92
N LEU L 217 1.47 23.72 114.53
CA LEU L 217 1.02 24.92 113.83
C LEU L 217 0.10 25.72 114.74
N LEU L 218 0.49 26.96 115.02
CA LEU L 218 -0.29 27.87 115.85
C LEU L 218 -1.02 28.83 114.93
N VAL L 219 -2.28 29.11 115.24
CA VAL L 219 -3.10 30.01 114.44
C VAL L 219 -3.52 31.18 115.33
N ASP L 220 -3.24 32.39 114.86
CA ASP L 220 -3.60 33.62 115.56
C ASP L 220 -4.73 34.33 114.81
N LEU L 221 -5.47 35.16 115.53
CA LEU L 221 -6.61 35.86 114.95
C LEU L 221 -6.18 36.85 113.89
N GLU L 222 -5.18 37.68 114.20
CA GLU L 222 -4.72 38.73 113.30
C GLU L 222 -3.22 38.63 113.10
N HIS L 223 -2.70 39.46 112.19
CA HIS L 223 -1.29 39.47 111.87
C HIS L 223 -0.52 40.53 112.67
N GLU L 224 -1.03 41.77 112.69
CA GLU L 224 -0.37 42.83 113.43
C GLU L 224 -0.60 42.74 114.93
N ASP L 225 -1.59 41.96 115.37
CA ASP L 225 -1.91 41.80 116.77
C ASP L 225 -1.18 40.63 117.42
N MET L 226 -0.31 39.95 116.66
CA MET L 226 0.44 38.83 117.21
C MET L 226 1.38 39.30 118.30
N PRO L 227 1.47 38.56 119.41
CA PRO L 227 2.40 38.95 120.47
C PRO L 227 3.85 38.78 120.03
N GLN L 228 4.67 39.78 120.39
CA GLN L 228 6.07 39.79 119.98
C GLN L 228 6.87 38.63 120.56
N ASN L 229 6.53 38.16 121.76
CA ASN L 229 7.20 36.99 122.31
C ASN L 229 6.96 35.76 121.44
N VAL L 230 5.71 35.52 121.04
CA VAL L 230 5.42 34.39 120.15
C VAL L 230 6.08 34.59 118.80
N VAL L 231 6.08 35.82 118.26
CA VAL L 231 6.70 36.06 116.97
C VAL L 231 8.19 35.73 117.03
N ALA L 232 8.89 36.21 118.07
CA ALA L 232 10.31 35.94 118.22
C ALA L 232 10.59 34.46 118.45
N ALA L 233 9.75 33.78 119.23
CA ALA L 233 9.95 32.37 119.49
C ALA L 233 9.77 31.54 118.22
N THR L 234 8.77 31.88 117.41
CA THR L 234 8.49 31.12 116.20
C THR L 234 9.35 31.52 115.01
N SER L 235 10.03 32.68 115.08
CA SER L 235 10.89 33.09 113.98
C SER L 235 12.13 32.21 113.84
N GLY L 236 12.50 31.45 114.87
CA GLY L 236 13.68 30.63 114.81
C GLY L 236 13.41 29.14 114.79
N LEU L 237 12.14 28.77 114.81
CA LEU L 237 11.73 27.36 114.85
C LEU L 237 11.16 26.95 113.50
N LYS L 238 11.49 25.74 113.08
CA LYS L 238 11.02 25.18 111.82
C LYS L 238 9.75 24.34 112.00
N THR L 239 9.78 23.37 112.91
CA THR L 239 8.61 22.53 113.13
C THR L 239 7.46 23.28 113.78
N PHE L 240 7.73 24.43 114.37
CA PHE L 240 6.69 25.29 114.94
C PHE L 240 6.44 26.46 114.00
N ASN L 241 5.22 26.56 113.50
CA ASN L 241 4.88 27.58 112.52
C ASN L 241 3.66 28.36 112.97
N LEU L 242 3.79 29.69 112.97
CA LEU L 242 2.72 30.60 113.38
C LEU L 242 2.10 31.21 112.13
N VAL L 243 0.78 31.11 112.01
CA VAL L 243 0.06 31.64 110.86
C VAL L 243 -1.14 32.44 111.34
N PRO L 244 -1.61 33.43 110.58
CA PRO L 244 -2.82 34.16 110.99
C PRO L 244 -4.08 33.35 110.74
N ALA L 245 -5.24 33.92 111.07
CA ALA L 245 -6.50 33.21 110.87
C ALA L 245 -6.80 32.96 109.40
N VAL L 246 -6.50 33.93 108.53
CA VAL L 246 -6.75 33.78 107.11
C VAL L 246 -5.76 32.84 106.44
N GLY L 247 -4.73 32.38 107.14
CA GLY L 247 -3.72 31.53 106.55
C GLY L 247 -3.93 30.06 106.84
N LEU L 248 -5.14 29.69 107.26
CA LEU L 248 -5.45 28.30 107.52
C LEU L 248 -5.73 27.56 106.22
N ASN L 249 -5.15 26.37 106.10
CA ASN L 249 -5.32 25.56 104.89
C ASN L 249 -5.19 24.09 105.23
N VAL L 250 -5.82 23.26 104.41
CA VAL L 250 -5.81 21.82 104.62
C VAL L 250 -4.40 21.27 104.46
N HIS L 251 -3.65 21.80 103.48
CA HIS L 251 -2.28 21.32 103.27
C HIS L 251 -1.41 21.55 104.50
N SER L 252 -1.46 22.75 105.07
CA SER L 252 -0.68 23.02 106.27
C SER L 252 -1.19 22.24 107.47
N MET L 253 -2.51 22.09 107.59
CA MET L 253 -3.06 21.32 108.71
C MET L 253 -2.62 19.87 108.66
N LEU L 254 -2.58 19.27 107.48
CA LEU L 254 -2.07 17.91 107.33
C LEU L 254 -0.56 17.83 107.47
N LYS L 255 0.17 18.85 107.01
CA LYS L 255 1.62 18.87 107.17
C LYS L 255 2.01 18.90 108.65
N HIS L 256 1.32 19.71 109.44
CA HIS L 256 1.64 19.84 110.85
C HIS L 256 0.87 18.81 111.67
N GLN L 257 1.59 18.08 112.51
CA GLN L 257 0.96 17.03 113.30
C GLN L 257 -0.02 17.58 114.33
N THR L 258 0.31 18.71 114.97
CA THR L 258 -0.52 19.28 116.02
C THR L 258 -1.02 20.65 115.58
N LEU L 259 -2.29 20.94 115.87
CA LEU L 259 -2.90 22.22 115.55
C LEU L 259 -3.23 22.93 116.86
N VAL L 260 -2.99 24.24 116.90
CA VAL L 260 -3.27 25.06 118.08
C VAL L 260 -4.09 26.25 117.62
N LEU L 261 -5.24 26.44 118.26
CA LEU L 261 -6.19 27.48 117.87
C LEU L 261 -6.50 28.38 119.07
N THR L 262 -6.47 29.68 118.85
CA THR L 262 -6.92 30.63 119.85
C THR L 262 -8.45 30.64 119.91
N LEU L 263 -8.98 31.08 121.04
CA LEU L 263 -10.44 31.16 121.17
C LEU L 263 -11.09 32.14 120.20
N PRO L 264 -10.63 33.38 120.04
CA PRO L 264 -11.20 34.23 119.00
C PRO L 264 -10.99 33.68 117.60
N THR L 265 -9.88 32.99 117.35
CA THR L 265 -9.69 32.31 116.07
C THR L 265 -10.73 31.23 115.84
N VAL L 266 -11.04 30.43 116.87
CA VAL L 266 -12.07 29.41 116.75
C VAL L 266 -13.42 30.05 116.47
N ALA L 267 -13.74 31.13 117.17
CA ALA L 267 -15.00 31.83 116.91
C ALA L 267 -15.07 32.37 115.48
N PHE L 268 -13.98 32.97 114.99
CA PHE L 268 -13.93 33.49 113.63
C PHE L 268 -14.08 32.36 112.61
N LEU L 269 -13.37 31.25 112.82
CA LEU L 269 -13.47 30.12 111.90
C LEU L 269 -14.89 29.55 111.87
N GLU L 270 -15.51 29.40 113.03
CA GLU L 270 -16.88 28.90 113.09
C GLU L 270 -17.83 29.85 112.37
N GLU L 271 -17.69 31.15 112.61
CA GLU L 271 -18.54 32.13 111.94
C GLU L 271 -18.37 32.08 110.42
N LYS L 272 -17.13 31.98 109.95
CA LYS L 272 -16.90 31.94 108.50
C LYS L 272 -17.43 30.65 107.89
N LEU L 273 -17.23 29.51 108.57
CA LEU L 273 -17.60 28.24 107.97
C LEU L 273 -19.11 27.99 108.01
N LEU L 274 -19.79 28.40 109.09
CA LEU L 274 -21.22 28.16 109.17
C LEU L 274 -22.04 29.07 108.27
N TRP L 275 -21.43 30.09 107.66
CA TRP L 275 -22.18 31.00 106.82
C TRP L 275 -22.54 30.36 105.48
N HIS L 276 -21.73 29.41 105.01
CA HIS L 276 -21.95 28.80 103.71
C HIS L 276 -23.03 27.71 103.74
N ASN L 277 -23.49 27.31 104.92
CA ASN L 277 -24.51 26.26 104.99
C ASN L 277 -25.88 26.77 104.59
N SER L 278 -26.15 28.07 104.77
CA SER L 278 -27.47 28.65 104.50
C SER L 278 -27.32 29.95 103.72
N ARG L 279 -26.53 29.91 102.66
CA ARG L 279 -26.27 31.08 101.83
C ARG L 279 -26.83 30.88 100.43
N TYR L 280 -27.18 31.99 99.79
CA TYR L 280 -27.65 31.99 98.42
C TYR L 280 -26.47 31.87 97.45
N THR L 281 -26.80 31.57 96.20
CA THR L 281 -25.78 31.67 95.16
C THR L 281 -25.50 33.14 94.86
N PRO L 282 -24.24 33.51 94.67
CA PRO L 282 -23.91 34.92 94.45
C PRO L 282 -24.39 35.44 93.10
N LEU L 283 -25.36 36.36 93.13
CA LEU L 283 -25.74 37.05 91.90
C LEU L 283 -24.57 37.84 91.34
N TYR L 284 -23.85 38.52 92.22
CA TYR L 284 -22.60 39.19 91.94
C TYR L 284 -21.59 38.81 93.00
N PRO L 285 -20.28 38.94 92.73
CA PRO L 285 -19.28 38.46 93.68
C PRO L 285 -19.42 39.14 95.04
N PHE L 286 -19.11 38.37 96.08
CA PHE L 286 -19.31 38.80 97.46
C PHE L 286 -18.49 40.01 97.85
N ARG L 287 -17.46 40.35 97.07
CA ARG L 287 -16.70 41.57 97.34
C ARG L 287 -17.56 42.81 97.25
N LEU L 288 -18.62 42.78 96.44
CA LEU L 288 -19.56 43.89 96.33
C LEU L 288 -20.50 43.91 97.52
N PRO L 289 -21.03 45.08 97.87
CA PRO L 289 -21.93 45.17 99.03
C PRO L 289 -23.18 44.33 98.84
N TYR L 290 -23.64 43.73 99.93
CA TYR L 290 -24.87 42.95 99.97
C TYR L 290 -25.80 43.52 101.03
N CYS L 291 -26.95 42.87 101.22
CA CYS L 291 -27.91 43.32 102.21
C CYS L 291 -27.39 43.09 103.62
N ASP L 292 -27.05 41.84 103.94
CA ASP L 292 -26.53 41.50 105.26
C ASP L 292 -25.04 41.17 105.25
N PHE L 293 -24.45 40.91 104.08
CA PHE L 293 -23.04 40.57 104.03
C PHE L 293 -22.20 41.82 103.78
N PRO L 294 -21.09 42.00 104.51
CA PRO L 294 -20.19 43.15 104.36
C PRO L 294 -19.64 43.29 102.94
N THR M 53 -11.26 62.51 39.59
CA THR M 53 -11.38 61.81 40.86
C THR M 53 -12.35 60.63 40.75
N VAL M 54 -11.85 59.43 41.04
CA VAL M 54 -12.67 58.23 40.98
C VAL M 54 -13.27 57.97 42.36
N ILE M 55 -14.44 57.35 42.37
CA ILE M 55 -15.14 57.00 43.60
C ILE M 55 -15.33 55.49 43.61
N VAL M 56 -14.80 54.84 44.65
CA VAL M 56 -14.82 53.38 44.74
C VAL M 56 -15.47 52.97 46.05
N GLU M 57 -16.05 51.77 46.04
CA GLU M 57 -16.72 51.21 47.20
C GLU M 57 -16.26 49.78 47.42
N ARG M 58 -16.18 49.38 48.69
CA ARG M 58 -15.73 48.04 49.04
C ARG M 58 -16.82 47.02 48.76
N TRP M 59 -16.42 45.92 48.12
CA TRP M 59 -17.35 44.82 47.88
C TRP M 59 -17.75 44.13 49.19
N TRP M 60 -16.80 43.97 50.11
CA TRP M 60 -17.03 43.26 51.36
C TRP M 60 -17.19 44.27 52.50
N LYS M 61 -18.01 43.89 53.48
CA LYS M 61 -18.27 44.72 54.64
C LYS M 61 -17.12 44.62 55.63
N VAL M 62 -16.78 45.76 56.25
CA VAL M 62 -15.71 45.82 57.24
C VAL M 62 -16.30 45.63 58.62
N PRO M 63 -15.74 44.75 59.45
CA PRO M 63 -16.26 44.58 60.81
C PRO M 63 -16.13 45.88 61.61
N LEU M 64 -17.12 46.10 62.47
CA LEU M 64 -17.21 47.34 63.23
C LEU M 64 -16.15 47.41 64.33
N ALA M 65 -15.80 48.63 64.70
CA ALA M 65 -14.92 48.88 65.84
C ALA M 65 -15.28 50.26 66.39
N GLY M 66 -16.09 50.28 67.43
CA GLY M 66 -16.65 51.50 67.96
C GLY M 66 -15.89 52.16 69.10
N GLU M 67 -14.83 51.53 69.60
CA GLU M 67 -14.05 52.09 70.70
C GLU M 67 -12.89 52.96 70.24
N GLY M 68 -12.97 53.51 69.03
CA GLY M 68 -11.92 54.35 68.50
C GLY M 68 -10.74 53.59 67.94
N ARG M 69 -10.77 52.26 67.93
CA ARG M 69 -9.69 51.47 67.39
C ARG M 69 -9.76 51.43 65.86
N LYS M 70 -8.60 51.27 65.25
CA LYS M 70 -8.55 51.18 63.80
C LYS M 70 -9.23 49.89 63.33
N PRO M 71 -9.98 49.93 62.23
CA PRO M 71 -10.61 48.70 61.73
C PRO M 71 -9.57 47.66 61.33
N ARG M 72 -9.90 46.40 61.56
CA ARG M 72 -9.02 45.29 61.21
C ARG M 72 -9.32 44.86 59.77
N LEU M 73 -8.43 45.22 58.85
CA LEU M 73 -8.62 44.96 57.44
C LEU M 73 -8.09 43.58 57.04
N HIS M 74 -8.52 43.12 55.87
CA HIS M 74 -8.11 41.85 55.32
C HIS M 74 -7.83 42.01 53.84
N ARG M 75 -7.22 40.98 53.25
CA ARG M 75 -6.91 41.01 51.82
C ARG M 75 -8.16 41.18 50.98
N ARG M 76 -9.28 40.59 51.40
CA ARG M 76 -10.52 40.71 50.63
C ARG M 76 -11.12 42.10 50.68
N HIS M 77 -10.63 42.98 51.56
CA HIS M 77 -11.13 44.35 51.65
C HIS M 77 -10.52 45.26 50.61
N ARG M 78 -9.56 44.79 49.83
CA ARG M 78 -8.97 45.58 48.76
C ARG M 78 -9.76 45.52 47.47
N VAL M 79 -10.79 44.68 47.41
CA VAL M 79 -11.62 44.56 46.20
C VAL M 79 -12.54 45.78 46.15
N TYR M 80 -12.40 46.59 45.10
CA TYR M 80 -13.13 47.83 44.97
C TYR M 80 -13.99 47.80 43.71
N LYS M 81 -15.14 48.46 43.77
CA LYS M 81 -15.99 48.69 42.61
C LYS M 81 -16.06 50.19 42.33
N LEU M 82 -15.83 50.57 41.08
CA LEU M 82 -15.91 51.97 40.67
C LEU M 82 -17.38 52.36 40.57
N VAL M 83 -17.89 53.05 41.59
CA VAL M 83 -19.29 53.38 41.64
C VAL M 83 -19.62 54.72 40.98
N GLU M 84 -18.66 55.63 40.90
CA GLU M 84 -18.90 56.92 40.28
C GLU M 84 -17.57 57.55 39.87
N ASP M 85 -17.63 58.42 38.88
CA ASP M 85 -16.46 59.15 38.41
C ASP M 85 -16.83 60.62 38.27
N THR M 86 -16.02 61.49 38.88
CA THR M 86 -16.31 62.93 38.85
C THR M 86 -16.23 63.49 37.44
N LYS M 87 -15.25 63.08 36.66
CA LYS M 87 -15.05 63.62 35.32
C LYS M 87 -16.18 63.28 34.36
N HIS M 88 -16.97 62.24 34.65
CA HIS M 88 -18.06 61.84 33.78
C HIS M 88 -19.38 62.54 34.11
N ARG M 89 -19.55 62.99 35.34
CA ARG M 89 -20.76 63.71 35.70
C ARG M 89 -20.77 65.09 35.04
N PRO M 90 -21.96 65.63 34.75
CA PRO M 90 -22.03 66.95 34.10
C PRO M 90 -21.46 68.04 35.01
N LYS M 91 -20.48 68.76 34.49
CA LYS M 91 -19.83 69.81 35.27
C LYS M 91 -20.78 70.97 35.51
N ASP M 92 -20.66 71.57 36.68
CA ASP M 92 -21.47 72.74 37.03
C ASP M 92 -20.84 74.00 36.43
N ASN M 93 -21.54 75.12 36.57
CA ASN M 93 -21.08 76.40 36.08
C ASN M 93 -20.56 77.25 37.24
N LEU M 94 -19.53 78.05 36.94
CA LEU M 94 -18.91 78.92 37.94
C LEU M 94 -19.48 80.32 37.83
N GLU M 95 -19.91 80.87 38.96
CA GLU M 95 -20.47 82.22 39.01
C GLU M 95 -19.38 83.21 39.37
N LEU M 96 -19.29 84.29 38.59
CA LEU M 96 -18.25 85.29 38.78
C LEU M 96 -18.84 86.68 38.65
N VAL M 97 -18.18 87.64 39.29
CA VAL M 97 -18.58 89.04 39.27
C VAL M 97 -17.57 89.79 38.43
N LEU M 98 -18.06 90.45 37.37
CA LEU M 98 -17.19 91.14 36.44
C LEU M 98 -16.52 92.33 37.11
N THR M 99 -15.23 92.52 36.81
CA THR M 99 -14.49 93.70 37.26
C THR M 99 -14.17 94.67 36.13
N GLN M 100 -14.45 94.30 34.88
CA GLN M 100 -14.28 95.18 33.73
C GLN M 100 -15.48 94.99 32.80
N SER M 101 -15.42 95.60 31.63
CA SER M 101 -16.47 95.50 30.63
C SER M 101 -16.07 94.42 29.63
N VAL M 102 -16.79 93.32 29.63
CA VAL M 102 -16.52 92.21 28.73
C VAL M 102 -17.53 92.22 27.59
N GLU M 103 -17.04 91.95 26.38
CA GLU M 103 -17.90 92.00 25.19
C GLU M 103 -19.02 90.98 25.28
N GLU M 104 -18.71 89.76 25.70
CA GLU M 104 -19.71 88.69 25.68
C GLU M 104 -20.53 88.63 26.97
N LEU M 105 -19.88 88.81 28.12
CA LEU M 105 -20.59 88.66 29.38
C LEU M 105 -21.48 89.86 29.67
N GLY M 106 -20.90 91.05 29.77
CA GLY M 106 -21.68 92.24 30.03
C GLY M 106 -20.82 93.36 30.57
N VAL M 107 -21.48 94.29 31.25
CA VAL M 107 -20.84 95.48 31.80
C VAL M 107 -20.18 95.12 33.13
N ARG M 108 -19.33 96.02 33.63
CA ARG M 108 -18.67 95.80 34.91
C ARG M 108 -19.69 95.78 36.05
N GLY M 109 -19.47 94.87 37.00
CA GLY M 109 -20.33 94.76 38.16
C GLY M 109 -21.56 93.91 37.93
N ASP M 110 -21.40 92.82 37.19
CA ASP M 110 -22.48 91.89 36.90
C ASP M 110 -22.09 90.49 37.34
N LEU M 111 -23.05 89.76 37.90
CA LEU M 111 -22.84 88.37 38.30
C LEU M 111 -23.34 87.47 37.18
N VAL M 112 -22.44 86.65 36.64
CA VAL M 112 -22.75 85.80 35.50
C VAL M 112 -22.20 84.40 35.75
N SER M 113 -22.90 83.40 35.26
CA SER M 113 -22.48 82.00 35.37
C SER M 113 -21.85 81.58 34.06
N VAL M 114 -20.54 81.39 34.05
CA VAL M 114 -19.80 80.96 32.88
C VAL M 114 -19.18 79.60 33.17
N LYS M 115 -18.82 78.89 32.09
CA LYS M 115 -18.24 77.57 32.26
C LYS M 115 -16.86 77.66 32.90
N LYS M 116 -16.49 76.57 33.59
CA LYS M 116 -15.27 76.58 34.41
C LYS M 116 -14.03 76.78 33.56
N SER M 117 -14.00 76.26 32.34
CA SER M 117 -12.82 76.40 31.49
C SER M 117 -12.51 77.87 31.23
N VAL M 118 -13.51 78.61 30.73
CA VAL M 118 -13.31 80.03 30.47
C VAL M 118 -13.07 80.78 31.78
N GLY M 119 -13.82 80.45 32.83
CA GLY M 119 -13.66 81.16 34.09
C GLY M 119 -12.27 81.03 34.68
N ARG M 120 -11.64 79.87 34.50
CA ARG M 120 -10.30 79.65 35.03
C ARG M 120 -9.20 80.10 34.07
N ASN M 121 -9.46 80.12 32.76
CA ASN M 121 -8.40 80.42 31.80
C ASN M 121 -8.35 81.87 31.37
N ARG M 122 -9.49 82.57 31.30
CA ARG M 122 -9.52 83.90 30.74
C ARG M 122 -9.86 84.96 31.78
N LEU M 123 -10.99 84.82 32.48
CA LEU M 123 -11.45 85.88 33.36
C LEU M 123 -10.52 86.05 34.58
N LEU M 124 -10.24 84.96 35.28
CA LEU M 124 -9.41 85.06 36.48
C LEU M 124 -7.96 85.46 36.19
N PRO M 125 -7.23 84.82 35.27
CA PRO M 125 -5.82 85.22 35.08
C PRO M 125 -5.65 86.66 34.63
N GLN M 126 -6.59 87.17 33.83
CA GLN M 126 -6.47 88.51 33.28
C GLN M 126 -7.20 89.56 34.10
N GLY M 127 -7.76 89.19 35.25
CA GLY M 127 -8.42 90.15 36.10
C GLY M 127 -9.77 90.65 35.62
N LEU M 128 -10.39 89.97 34.65
CA LEU M 128 -11.67 90.41 34.12
C LEU M 128 -12.81 90.18 35.12
N ALA M 129 -12.64 89.27 36.07
CA ALA M 129 -13.68 88.99 37.04
C ALA M 129 -13.07 88.38 38.29
N VAL M 130 -13.84 88.40 39.37
CA VAL M 130 -13.42 87.82 40.63
C VAL M 130 -14.47 86.81 41.09
N TYR M 131 -14.21 86.13 42.21
CA TYR M 131 -15.13 85.15 42.74
C TYR M 131 -16.37 85.83 43.32
N ALA M 132 -17.40 85.02 43.56
CA ALA M 132 -18.68 85.50 44.08
C ALA M 132 -18.78 85.37 45.59
N SER M 133 -17.65 85.47 46.29
CA SER M 133 -17.67 85.40 47.74
C SER M 133 -18.37 86.62 48.33
N PRO M 134 -18.98 86.50 49.51
CA PRO M 134 -19.65 87.67 50.11
C PRO M 134 -18.71 88.84 50.36
N GLU M 135 -17.45 88.59 50.71
CA GLU M 135 -16.52 89.69 50.94
C GLU M 135 -16.29 90.51 49.67
N ASN M 136 -16.12 89.83 48.53
CA ASN M 136 -15.99 90.54 47.26
C ASN M 136 -17.33 91.11 46.78
N LYS M 137 -18.44 90.52 47.20
CA LYS M 137 -19.75 91.02 46.79
C LYS M 137 -20.12 92.30 47.53
N LYS M 138 -19.65 92.47 48.76
CA LYS M 138 -19.95 93.68 49.51
C LYS M 138 -19.37 94.92 48.81
N LEU M 139 -18.16 94.79 48.25
CA LEU M 139 -17.56 95.91 47.53
C LEU M 139 -18.39 96.30 46.32
N PHE M 140 -18.87 95.31 45.56
CA PHE M 140 -19.72 95.63 44.42
C PHE M 140 -21.08 96.17 44.86
N GLU M 141 -21.60 95.72 46.00
CA GLU M 141 -22.85 96.27 46.50
C GLU M 141 -22.70 97.75 46.85
N GLU M 142 -21.61 98.11 47.54
CA GLU M 142 -21.41 99.51 47.88
C GLU M 142 -21.10 100.34 46.63
N GLU M 143 -20.40 99.75 45.65
CA GLU M 143 -20.18 100.46 44.39
C GLU M 143 -21.50 100.74 43.68
N LYS M 144 -22.40 99.75 43.65
CA LYS M 144 -23.71 99.97 43.05
C LYS M 144 -24.52 101.01 43.83
N LEU M 145 -24.43 100.99 45.15
CA LEU M 145 -25.13 102.00 45.95
C LEU M 145 -24.62 103.40 45.64
N LEU M 146 -23.30 103.55 45.51
CA LEU M 146 -22.70 104.85 45.22
C LEU M 146 -22.95 105.31 43.78
N ARG M 147 -23.01 104.39 42.83
CA ARG M 147 -23.09 104.75 41.42
C ARG M 147 -24.41 105.44 41.08
N GLN M 148 -25.53 104.91 41.56
CA GLN M 148 -26.84 105.45 41.21
C GLN M 148 -27.13 106.78 41.88
N GLU M 149 -26.52 107.07 43.03
CA GLU M 149 -26.75 108.34 43.70
C GLU M 149 -26.19 109.50 42.87
N GLY M 150 -25.01 109.31 42.29
CA GLY M 150 -24.39 110.34 41.47
C GLY M 150 -23.39 109.79 40.47
N GLY N 29 -14.02 -23.45 40.25
CA GLY N 29 -15.39 -23.97 40.27
C GLY N 29 -15.84 -24.52 38.93
N SER N 30 -16.17 -25.80 38.89
CA SER N 30 -16.62 -26.47 37.69
C SER N 30 -18.14 -26.52 37.65
N LYS N 31 -18.66 -26.81 36.46
CA LYS N 31 -20.10 -26.93 36.26
C LYS N 31 -20.60 -28.24 36.87
N ALA N 32 -21.93 -28.33 36.99
CA ALA N 32 -22.54 -29.55 37.53
C ALA N 32 -22.28 -30.75 36.64
N VAL N 33 -22.33 -30.57 35.32
CA VAL N 33 -22.09 -31.63 34.36
C VAL N 33 -20.84 -31.28 33.56
N THR N 34 -19.86 -32.18 33.58
CA THR N 34 -18.59 -31.96 32.91
C THR N 34 -18.23 -33.21 32.12
N ARG N 35 -17.07 -33.16 31.45
CA ARG N 35 -16.59 -34.28 30.65
C ARG N 35 -15.49 -35.07 31.34
N HIS N 36 -14.82 -34.49 32.35
CA HIS N 36 -13.69 -35.11 33.01
C HIS N 36 -14.09 -35.98 34.19
N ARG N 37 -15.33 -36.48 34.20
CA ARG N 37 -15.84 -37.42 35.20
C ARG N 37 -16.09 -36.74 36.53
N ARG N 38 -15.65 -35.49 36.68
CA ARG N 38 -15.93 -34.66 37.85
C ARG N 38 -15.64 -35.42 39.16
N VAL N 39 -14.36 -35.65 39.39
CA VAL N 39 -13.87 -36.39 40.56
C VAL N 39 -14.61 -35.92 41.82
N MET N 40 -15.17 -36.88 42.55
CA MET N 40 -16.09 -36.57 43.64
C MET N 40 -15.34 -36.18 44.91
N HIS N 41 -16.10 -35.71 45.89
CA HIS N 41 -15.54 -35.43 47.20
C HIS N 41 -15.18 -36.73 47.91
N PHE N 42 -14.29 -36.62 48.90
CA PHE N 42 -13.84 -37.81 49.62
C PHE N 42 -14.98 -38.47 50.38
N GLU N 43 -15.85 -37.67 51.01
CA GLU N 43 -17.00 -38.24 51.70
C GLU N 43 -17.93 -38.96 50.73
N ARG N 44 -18.16 -38.38 49.54
CA ARG N 44 -18.99 -39.05 48.55
C ARG N 44 -18.35 -40.33 48.05
N GLN N 45 -17.03 -40.34 47.88
CA GLN N 45 -16.35 -41.58 47.48
C GLN N 45 -16.50 -42.66 48.55
N LYS N 46 -16.35 -42.27 49.83
CA LYS N 46 -16.56 -43.22 50.92
C LYS N 46 -17.99 -43.75 50.91
N LEU N 47 -18.96 -42.87 50.69
CA LEU N 47 -20.35 -43.29 50.64
C LEU N 47 -20.59 -44.28 49.50
N MET N 48 -20.03 -43.99 48.33
CA MET N 48 -20.18 -44.91 47.19
C MET N 48 -19.55 -46.26 47.51
N ALA N 49 -18.36 -46.26 48.10
CA ALA N 49 -17.70 -47.52 48.43
C ALA N 49 -18.51 -48.32 49.44
N VAL N 50 -19.08 -47.64 50.44
CA VAL N 50 -19.90 -48.33 51.42
C VAL N 50 -21.17 -48.89 50.78
N THR N 51 -21.80 -48.12 49.88
CA THR N 51 -23.05 -48.52 49.26
C THR N 51 -22.85 -49.37 48.01
N GLU N 52 -21.62 -49.79 47.72
CA GLU N 52 -21.40 -50.69 46.60
C GLU N 52 -22.22 -51.97 46.74
N TYR N 53 -22.63 -52.51 45.60
CA TYR N 53 -23.49 -53.68 45.57
C TYR N 53 -22.74 -54.93 46.04
N ILE N 54 -23.43 -55.75 46.83
CA ILE N 54 -22.88 -57.01 47.32
C ILE N 54 -23.79 -58.15 46.87
N PRO N 55 -23.38 -58.97 45.92
CA PRO N 55 -24.24 -60.07 45.45
C PRO N 55 -24.40 -61.12 46.53
N PRO N 56 -25.54 -61.82 46.54
CA PRO N 56 -25.73 -62.91 47.52
C PRO N 56 -24.88 -64.11 47.16
N LYS N 57 -24.10 -64.58 48.12
CA LYS N 57 -23.19 -65.70 47.92
C LYS N 57 -23.71 -66.91 48.66
N PRO N 58 -24.14 -67.97 47.97
CA PRO N 58 -24.60 -69.17 48.65
C PRO N 58 -23.46 -69.89 49.36
N THR N 59 -23.83 -70.66 50.38
CA THR N 59 -22.84 -71.41 51.16
C THR N 59 -22.14 -72.46 50.31
N ILE N 60 -22.91 -73.17 49.48
CA ILE N 60 -22.38 -74.25 48.66
C ILE N 60 -22.58 -73.89 47.19
N ASN N 61 -21.54 -74.11 46.39
CA ASN N 61 -21.62 -73.83 44.95
C ASN N 61 -22.58 -74.82 44.29
N PRO N 62 -23.59 -74.36 43.56
CA PRO N 62 -24.60 -75.30 43.06
C PRO N 62 -24.19 -76.02 41.79
N ARG N 63 -23.10 -75.63 41.14
CA ARG N 63 -22.69 -76.29 39.90
C ARG N 63 -22.39 -77.76 40.14
N CYS N 64 -21.44 -78.05 41.03
CA CYS N 64 -21.02 -79.41 41.35
C CYS N 64 -21.86 -80.04 42.43
N LEU N 65 -22.84 -79.33 42.94
CA LEU N 65 -23.80 -79.83 43.91
C LEU N 65 -24.63 -80.92 43.23
N PRO N 66 -25.19 -81.87 43.98
CA PRO N 66 -26.13 -82.83 43.40
C PRO N 66 -27.13 -82.13 42.49
N PRO N 67 -27.15 -82.48 41.21
CA PRO N 67 -27.92 -81.71 40.23
C PRO N 67 -29.41 -81.87 40.44
N PRO N 68 -30.21 -80.94 39.92
CA PRO N 68 -31.67 -81.07 39.99
C PRO N 68 -32.13 -82.30 39.23
N PRO N 69 -33.36 -82.76 39.47
CA PRO N 69 -33.85 -83.95 38.78
C PRO N 69 -33.89 -83.76 37.27
N THR N 70 -34.05 -84.88 36.57
CA THR N 70 -33.92 -84.89 35.12
C THR N 70 -35.07 -84.14 34.47
N PRO N 71 -34.80 -83.16 33.61
CA PRO N 71 -35.84 -82.57 32.77
C PRO N 71 -36.06 -83.40 31.52
N PRO N 72 -36.94 -84.41 31.58
CA PRO N 72 -36.97 -85.42 30.52
C PRO N 72 -37.27 -84.82 29.16
N GLN N 73 -36.59 -85.35 28.14
CA GLN N 73 -36.77 -84.88 26.78
C GLN N 73 -38.11 -85.34 26.22
N GLU N 74 -38.64 -84.55 25.29
CA GLU N 74 -39.89 -84.86 24.63
C GLU N 74 -39.62 -85.36 23.21
N GLU N 75 -40.25 -86.47 22.87
CA GLU N 75 -40.09 -87.06 21.54
C GLU N 75 -40.70 -86.14 20.48
N THR N 76 -39.97 -85.99 19.37
CA THR N 76 -40.37 -85.11 18.29
C THR N 76 -40.85 -85.92 17.10
N GLY N 77 -41.48 -85.22 16.15
CA GLY N 77 -41.97 -85.87 14.96
C GLY N 77 -40.86 -86.51 14.15
N LEU N 78 -39.69 -85.89 14.12
CA LEU N 78 -38.57 -86.44 13.36
C LEU N 78 -38.13 -87.78 13.94
N VAL N 79 -37.94 -87.85 15.26
CA VAL N 79 -37.51 -89.10 15.86
C VAL N 79 -38.61 -90.16 15.77
N ARG N 80 -39.87 -89.74 15.89
CA ARG N 80 -40.97 -90.69 15.74
C ARG N 80 -41.00 -91.27 14.32
N LEU N 81 -40.81 -90.42 13.30
CA LEU N 81 -40.77 -90.89 11.93
C LEU N 81 -39.58 -91.82 11.71
N LEU N 82 -38.43 -91.50 12.30
CA LEU N 82 -37.27 -92.38 12.18
C LEU N 82 -37.55 -93.74 12.79
N ARG N 83 -38.16 -93.77 13.98
CA ARG N 83 -38.50 -95.03 14.62
C ARG N 83 -39.47 -95.83 13.77
N ARG N 84 -40.49 -95.17 13.22
CA ARG N 84 -41.46 -95.86 12.37
C ARG N 84 -40.80 -96.42 11.12
N GLU N 85 -39.91 -95.65 10.50
CA GLU N 85 -39.23 -96.12 9.29
C GLU N 85 -38.33 -97.31 9.61
N ILE N 86 -37.60 -97.26 10.72
CA ILE N 86 -36.73 -98.37 11.09
C ILE N 86 -37.56 -99.62 11.38
N ALA N 87 -38.69 -99.46 12.07
CA ALA N 87 -39.56 -100.59 12.36
C ALA N 87 -40.11 -101.19 11.06
N ALA N 88 -40.53 -100.34 10.12
CA ALA N 88 -41.03 -100.85 8.85
C ALA N 88 -39.94 -101.57 8.07
N VAL N 89 -38.71 -101.04 8.11
CA VAL N 89 -37.60 -101.70 7.44
C VAL N 89 -37.34 -103.08 8.04
N PHE N 90 -37.30 -103.17 9.36
CA PHE N 90 -37.04 -104.44 10.01
C PHE N 90 -38.21 -105.40 9.93
N ARG N 91 -39.42 -104.92 9.62
CA ARG N 91 -40.57 -105.81 9.50
C ARG N 91 -40.76 -106.34 8.07
N ASP N 92 -40.65 -105.45 7.08
CA ASP N 92 -41.09 -105.81 5.72
C ASP N 92 -40.04 -106.64 4.99
N ASN N 93 -38.86 -106.06 4.77
CA ASN N 93 -37.87 -106.70 3.91
C ASN N 93 -37.19 -107.85 4.64
N ARG N 94 -36.49 -108.67 3.86
CA ARG N 94 -35.83 -109.88 4.35
C ARG N 94 -34.33 -109.71 4.54
N MET N 95 -33.62 -109.32 3.49
CA MET N 95 -32.17 -109.12 3.57
C MET N 95 -31.89 -107.75 4.15
N ILE N 96 -31.31 -107.71 5.35
CA ILE N 96 -30.87 -106.48 5.98
C ILE N 96 -29.38 -106.60 6.20
N ALA N 97 -28.59 -106.08 5.26
CA ALA N 97 -27.15 -106.17 5.32
C ALA N 97 -26.57 -104.90 5.95
N VAL N 98 -25.59 -105.07 6.83
CA VAL N 98 -24.93 -103.97 7.51
C VAL N 98 -23.54 -103.85 6.93
N CYS N 99 -23.23 -102.68 6.37
CA CYS N 99 -21.94 -102.41 5.76
C CYS N 99 -21.35 -101.13 6.34
N GLN N 100 -20.03 -101.00 6.25
CA GLN N 100 -19.35 -99.79 6.70
C GLN N 100 -19.43 -98.75 5.59
N HIS N 101 -20.07 -97.62 5.89
CA HIS N 101 -20.23 -96.56 4.89
C HIS N 101 -18.88 -95.90 4.64
N VAL N 102 -18.44 -95.91 3.39
CA VAL N 102 -17.16 -95.34 3.00
C VAL N 102 -17.40 -94.03 2.26
N ALA N 103 -16.65 -93.00 2.63
CA ALA N 103 -16.79 -91.69 2.01
C ALA N 103 -16.19 -91.75 0.61
N LEU N 104 -17.05 -91.99 -0.39
CA LEU N 104 -16.65 -92.09 -1.78
C LEU N 104 -17.19 -90.88 -2.55
N SER N 105 -16.79 -90.79 -3.82
CA SER N 105 -17.25 -89.71 -4.67
C SER N 105 -18.74 -89.83 -4.95
N ALA N 106 -19.38 -88.69 -5.19
CA ALA N 106 -20.82 -88.67 -5.44
C ALA N 106 -21.17 -89.45 -6.71
N GLU N 107 -20.36 -89.29 -7.76
CA GLU N 107 -20.63 -90.00 -9.02
C GLU N 107 -20.54 -91.51 -8.83
N ASP N 108 -19.51 -91.98 -8.11
CA ASP N 108 -19.39 -93.41 -7.85
C ASP N 108 -20.52 -93.90 -6.95
N LYS N 109 -20.92 -93.10 -5.97
CA LYS N 109 -22.04 -93.50 -5.11
C LYS N 109 -23.33 -93.64 -5.91
N LEU N 110 -23.60 -92.68 -6.81
CA LEU N 110 -24.80 -92.78 -7.65
C LEU N 110 -24.72 -93.95 -8.62
N LEU N 111 -23.54 -94.22 -9.17
CA LEU N 111 -23.39 -95.38 -10.06
C LEU N 111 -23.63 -96.67 -9.29
N LEU N 112 -23.12 -96.76 -8.06
CA LEU N 112 -23.37 -97.94 -7.24
C LEU N 112 -24.85 -98.07 -6.89
N ARG N 113 -25.51 -96.94 -6.62
CA ARG N 113 -26.96 -96.97 -6.38
C ARG N 113 -27.71 -97.50 -7.59
N HIS N 114 -27.33 -97.05 -8.78
CA HIS N 114 -27.98 -97.52 -10.01
C HIS N 114 -27.73 -99.01 -10.22
N GLN N 115 -26.50 -99.46 -9.98
CA GLN N 115 -26.19 -100.88 -10.12
C GLN N 115 -26.96 -101.74 -9.12
N LEU N 116 -27.12 -101.26 -7.89
CA LEU N 116 -27.89 -101.99 -6.90
C LEU N 116 -29.38 -102.01 -7.25
N ARG N 117 -29.92 -100.89 -7.73
CA ARG N 117 -31.31 -100.87 -8.16
C ARG N 117 -31.55 -101.70 -9.41
N LYS N 118 -30.50 -101.97 -10.18
CA LYS N 118 -30.63 -102.95 -11.26
C LYS N 118 -31.03 -104.32 -10.71
N HIS N 119 -30.53 -104.69 -9.54
CA HIS N 119 -30.93 -105.89 -8.85
C HIS N 119 -32.06 -105.66 -7.87
N LYS N 120 -32.52 -104.41 -7.73
CA LYS N 120 -33.65 -104.01 -6.91
C LYS N 120 -33.38 -104.13 -5.42
N ILE N 121 -32.16 -103.82 -4.99
CA ILE N 121 -31.82 -103.73 -3.57
C ILE N 121 -31.41 -102.29 -3.27
N LEU N 122 -32.00 -101.71 -2.24
CA LEU N 122 -31.79 -100.30 -1.93
C LEU N 122 -30.84 -100.14 -0.75
N MET N 123 -30.44 -98.90 -0.49
CA MET N 123 -29.56 -98.57 0.62
C MET N 123 -30.16 -97.44 1.44
N LYS N 124 -29.93 -97.49 2.75
CA LYS N 124 -30.41 -96.47 3.67
C LYS N 124 -29.34 -96.17 4.71
N ILE N 125 -29.44 -94.98 5.29
CA ILE N 125 -28.55 -94.54 6.36
C ILE N 125 -29.41 -93.96 7.47
N PHE N 126 -29.20 -94.42 8.71
CA PHE N 126 -29.95 -93.92 9.84
C PHE N 126 -28.99 -93.43 10.92
N PRO N 127 -29.33 -92.33 11.61
CA PRO N 127 -28.46 -91.83 12.68
C PRO N 127 -28.33 -92.84 13.81
N ASN N 128 -27.12 -92.94 14.35
CA ASN N 128 -26.86 -93.89 15.43
C ASN N 128 -27.61 -93.53 16.70
N GLN N 129 -27.80 -92.24 16.96
CA GLN N 129 -28.46 -91.79 18.19
C GLN N 129 -29.86 -92.36 18.31
N VAL N 130 -30.55 -92.57 17.19
CA VAL N 130 -31.87 -93.21 17.21
C VAL N 130 -31.81 -94.69 16.87
N LEU N 131 -30.79 -95.13 16.13
CA LEU N 131 -30.69 -96.54 15.74
C LEU N 131 -30.28 -97.44 16.89
N LYS N 132 -29.32 -97.02 17.72
CA LYS N 132 -28.85 -97.88 18.81
C LYS N 132 -29.94 -98.22 19.82
N PRO N 133 -30.72 -97.26 20.35
CA PRO N 133 -31.76 -97.66 21.31
C PRO N 133 -32.79 -98.61 20.71
N PHE N 134 -33.19 -98.38 19.46
CA PHE N 134 -34.14 -99.29 18.81
C PHE N 134 -33.55 -100.68 18.66
N LEU N 135 -32.28 -100.76 18.26
CA LEU N 135 -31.64 -102.06 18.10
C LEU N 135 -31.52 -102.80 19.42
N GLU N 136 -31.14 -102.11 20.49
CA GLU N 136 -30.99 -102.78 21.78
C GLU N 136 -32.34 -103.14 22.40
N GLU N 137 -33.40 -102.38 22.09
CA GLU N 137 -34.73 -102.78 22.56
C GLU N 137 -35.30 -103.93 21.74
N SER N 138 -34.95 -104.02 20.46
CA SER N 138 -35.49 -105.06 19.60
C SER N 138 -34.67 -106.35 19.79
N LYS N 139 -34.90 -107.32 18.90
CA LYS N 139 -34.24 -108.62 18.98
C LYS N 139 -32.92 -108.67 18.24
N TYR N 140 -32.48 -107.55 17.66
CA TYR N 140 -31.22 -107.47 16.91
C TYR N 140 -30.13 -106.79 17.72
N GLN N 141 -30.08 -107.03 19.03
CA GLN N 141 -29.08 -106.41 19.88
C GLN N 141 -27.67 -106.94 19.64
N ASN N 142 -27.53 -108.02 18.89
CA ASN N 142 -26.20 -108.55 18.58
C ASN N 142 -25.47 -107.72 17.54
N LEU N 143 -26.12 -106.75 16.90
CA LEU N 143 -25.52 -105.92 15.88
C LEU N 143 -24.94 -104.61 16.45
N LEU N 144 -24.96 -104.45 17.77
CA LEU N 144 -24.44 -103.21 18.35
C LEU N 144 -23.00 -102.91 17.98
N PRO N 145 -22.05 -103.84 18.03
CA PRO N 145 -20.67 -103.50 17.61
C PRO N 145 -20.55 -103.09 16.15
N LEU N 146 -21.51 -103.46 15.30
CA LEU N 146 -21.44 -103.10 13.90
C LEU N 146 -21.79 -101.64 13.63
N PHE N 147 -22.55 -101.01 14.52
CA PHE N 147 -23.08 -99.66 14.29
C PHE N 147 -22.34 -98.61 15.12
N VAL N 148 -21.04 -98.77 15.30
CA VAL N 148 -20.25 -97.79 16.05
C VAL N 148 -19.86 -96.60 15.17
N GLY N 149 -19.34 -96.87 13.99
CA GLY N 149 -18.94 -95.83 13.05
C GLY N 149 -19.97 -95.61 11.97
N HIS N 150 -19.51 -95.25 10.78
CA HIS N 150 -20.40 -95.08 9.64
C HIS N 150 -21.07 -96.40 9.29
N ASN N 151 -22.35 -96.33 8.95
CA ASN N 151 -23.14 -97.51 8.69
C ASN N 151 -23.98 -97.33 7.45
N LEU N 152 -24.31 -98.46 6.82
CA LEU N 152 -25.16 -98.48 5.63
C LEU N 152 -26.00 -99.75 5.68
N LEU N 153 -27.32 -99.60 5.58
CA LEU N 153 -28.24 -100.72 5.62
C LEU N 153 -28.70 -101.02 4.20
N LEU N 154 -28.29 -102.18 3.69
CA LEU N 154 -28.77 -102.67 2.40
C LEU N 154 -30.05 -103.45 2.63
N VAL N 155 -31.14 -102.96 2.03
CA VAL N 155 -32.47 -103.53 2.19
C VAL N 155 -32.83 -104.25 0.89
N SER N 156 -33.15 -105.53 0.99
CA SER N 156 -33.51 -106.32 -0.17
C SER N 156 -34.70 -107.23 0.16
N GLU N 157 -35.73 -107.16 -0.67
CA GLU N 157 -36.83 -108.10 -0.64
C GLU N 157 -36.55 -109.24 -1.62
N GLU N 158 -36.93 -110.46 -1.24
CA GLU N 158 -36.58 -111.67 -1.98
C GLU N 158 -35.06 -111.71 -2.15
N PRO N 159 -34.31 -111.99 -1.08
CA PRO N 159 -32.86 -111.82 -1.13
C PRO N 159 -32.18 -112.71 -2.16
N LYS N 160 -31.18 -112.14 -2.83
CA LYS N 160 -30.30 -112.86 -3.75
C LYS N 160 -28.91 -112.30 -3.57
N VAL N 161 -28.11 -112.95 -2.71
CA VAL N 161 -26.81 -112.40 -2.31
C VAL N 161 -25.74 -112.54 -3.37
N LYS N 162 -25.98 -113.35 -4.41
CA LYS N 162 -24.95 -113.57 -5.42
C LYS N 162 -24.59 -112.27 -6.14
N GLU N 163 -25.59 -111.55 -6.62
CA GLU N 163 -25.35 -110.29 -7.32
C GLU N 163 -24.75 -109.25 -6.38
N MET N 164 -25.18 -109.22 -5.12
CA MET N 164 -24.62 -108.27 -4.17
C MET N 164 -23.15 -108.55 -3.92
N VAL N 165 -22.78 -109.82 -3.76
CA VAL N 165 -21.38 -110.17 -3.58
C VAL N 165 -20.58 -109.81 -4.82
N ARG N 166 -21.14 -110.07 -6.01
CA ARG N 166 -20.43 -109.73 -7.24
C ARG N 166 -20.20 -108.23 -7.36
N ILE N 167 -21.20 -107.42 -7.03
CA ILE N 167 -21.04 -105.98 -7.17
C ILE N 167 -20.15 -105.41 -6.06
N LEU N 168 -20.12 -106.05 -4.89
CA LEU N 168 -19.23 -105.58 -3.83
C LEU N 168 -17.78 -105.96 -4.08
N LYS N 169 -17.54 -107.09 -4.77
CA LYS N 169 -16.17 -107.48 -5.08
C LYS N 169 -15.48 -106.48 -6.00
N GLY N 170 -16.23 -105.73 -6.80
CA GLY N 170 -15.63 -104.75 -7.68
C GLY N 170 -14.96 -103.60 -6.96
N ILE N 171 -15.38 -103.30 -5.74
CA ILE N 171 -14.78 -102.24 -4.93
C ILE N 171 -14.00 -102.90 -3.80
N PRO N 172 -12.68 -102.73 -3.74
CA PRO N 172 -11.88 -103.50 -2.77
C PRO N 172 -11.97 -102.99 -1.34
N PHE N 173 -12.09 -101.68 -1.16
CA PHE N 173 -12.07 -101.09 0.17
C PHE N 173 -13.46 -100.72 0.68
N LEU N 174 -14.48 -101.47 0.27
CA LEU N 174 -15.84 -101.32 0.81
C LEU N 174 -16.23 -102.66 1.44
N PRO N 175 -16.01 -102.85 2.74
CA PRO N 175 -16.20 -104.17 3.35
C PRO N 175 -17.61 -104.40 3.87
N LEU N 176 -18.11 -105.60 3.61
CA LEU N 176 -19.40 -106.02 4.14
C LEU N 176 -19.19 -106.44 5.60
N LEU N 177 -19.85 -105.73 6.52
CA LEU N 177 -19.68 -106.01 7.94
C LEU N 177 -20.43 -107.28 8.34
N GLY N 178 -21.72 -107.33 8.06
CA GLY N 178 -22.54 -108.49 8.39
C GLY N 178 -23.98 -108.27 8.00
N GLY N 179 -24.89 -108.81 8.79
CA GLY N 179 -26.31 -108.59 8.56
C GLY N 179 -27.17 -109.79 8.86
N CYS N 180 -28.45 -109.71 8.47
CA CYS N 180 -29.39 -110.79 8.71
C CYS N 180 -30.13 -111.14 7.43
N ILE N 181 -30.21 -112.43 7.14
CA ILE N 181 -30.94 -112.98 6.01
C ILE N 181 -32.02 -113.89 6.57
N ASP N 182 -33.26 -113.39 6.61
CA ASP N 182 -34.39 -114.12 7.18
C ASP N 182 -34.13 -114.51 8.63
N ASP N 183 -33.88 -113.48 9.45
CA ASP N 183 -33.64 -113.64 10.89
C ASP N 183 -32.48 -114.57 11.18
N THR N 184 -31.43 -114.50 10.37
CA THR N 184 -30.21 -115.29 10.56
C THR N 184 -29.02 -114.32 10.50
N ILE N 185 -28.48 -113.97 11.65
CA ILE N 185 -27.35 -113.04 11.73
C ILE N 185 -26.10 -113.76 11.19
N LEU N 186 -25.49 -113.20 10.16
CA LEU N 186 -24.30 -113.78 9.55
C LEU N 186 -23.23 -112.73 9.35
N SER N 187 -21.98 -113.16 9.39
CA SER N 187 -20.85 -112.29 9.14
C SER N 187 -20.53 -112.29 7.64
N ARG N 188 -19.37 -111.75 7.26
CA ARG N 188 -19.00 -111.74 5.85
C ARG N 188 -18.83 -113.16 5.31
N GLN N 189 -18.19 -114.03 6.08
CA GLN N 189 -18.05 -115.42 5.65
C GLN N 189 -19.40 -116.12 5.56
N GLY N 190 -20.31 -115.81 6.49
CA GLY N 190 -21.65 -116.37 6.41
C GLY N 190 -22.39 -115.91 5.17
N PHE N 191 -22.27 -114.62 4.82
CA PHE N 191 -22.88 -114.12 3.60
C PHE N 191 -22.28 -114.79 2.37
N ILE N 192 -20.96 -114.99 2.36
CA ILE N 192 -20.32 -115.66 1.23
C ILE N 192 -20.83 -117.09 1.10
N ASN N 193 -20.94 -117.80 2.23
CA ASN N 193 -21.46 -119.17 2.20
C ASN N 193 -22.90 -119.21 1.72
N TYR N 194 -23.73 -118.28 2.18
CA TYR N 194 -25.11 -118.24 1.72
C TYR N 194 -25.21 -117.94 0.23
N SER N 195 -24.36 -117.03 -0.27
CA SER N 195 -24.36 -116.75 -1.70
C SER N 195 -23.92 -117.97 -2.52
N LYS N 196 -22.90 -118.69 -2.04
CA LYS N 196 -22.47 -119.91 -2.73
C LYS N 196 -23.49 -121.03 -2.60
N LEU N 197 -24.34 -120.99 -1.59
CA LEU N 197 -25.37 -122.00 -1.36
C LEU N 197 -26.40 -121.97 -2.48
N PRO N 198 -26.92 -123.14 -2.91
CA PRO N 198 -27.91 -123.16 -3.98
C PRO N 198 -29.25 -122.56 -3.57
N SER N 199 -30.21 -122.58 -4.49
CA SER N 199 -31.49 -121.93 -4.28
C SER N 199 -32.42 -122.80 -3.43
N LEU N 200 -33.49 -122.18 -2.93
CA LEU N 200 -34.44 -122.88 -2.07
C LEU N 200 -35.13 -124.02 -2.81
N ALA N 201 -35.56 -123.77 -4.06
CA ALA N 201 -36.21 -124.82 -4.83
C ALA N 201 -35.27 -126.01 -5.05
N LEU N 202 -34.01 -125.72 -5.42
CA LEU N 202 -33.05 -126.80 -5.65
C LEU N 202 -32.77 -127.59 -4.38
N VAL N 203 -32.58 -126.91 -3.26
CA VAL N 203 -32.26 -127.63 -2.03
C VAL N 203 -33.48 -128.43 -1.55
N GLN N 204 -34.69 -127.88 -1.72
CA GLN N 204 -35.89 -128.63 -1.36
C GLN N 204 -36.06 -129.87 -2.24
N GLY N 205 -35.80 -129.73 -3.54
CA GLY N 205 -35.86 -130.90 -4.41
C GLY N 205 -34.82 -131.95 -4.06
N GLU N 206 -33.62 -131.50 -3.67
CA GLU N 206 -32.56 -132.41 -3.29
C GLU N 206 -32.81 -133.07 -1.94
N LEU N 207 -33.58 -132.43 -1.06
CA LEU N 207 -33.89 -133.02 0.24
C LEU N 207 -34.68 -134.33 0.08
N VAL N 208 -35.67 -134.33 -0.83
CA VAL N 208 -36.45 -135.54 -1.06
C VAL N 208 -35.56 -136.63 -1.66
N GLY N 209 -34.68 -136.27 -2.58
CA GLY N 209 -33.76 -137.24 -3.13
C GLY N 209 -32.85 -137.84 -2.08
N GLY N 210 -32.34 -137.00 -1.18
CA GLY N 210 -31.52 -137.50 -0.09
C GLY N 210 -32.28 -138.40 0.86
N LEU N 211 -33.55 -138.07 1.12
CA LEU N 211 -34.36 -138.92 2.00
C LEU N 211 -34.63 -140.28 1.36
N THR N 212 -34.92 -140.31 0.05
CA THR N 212 -35.16 -141.56 -0.64
C THR N 212 -33.89 -142.26 -1.10
N PHE N 213 -32.72 -141.63 -0.87
CA PHE N 213 -31.46 -142.26 -1.25
C PHE N 213 -31.23 -143.58 -0.55
N LEU N 214 -31.73 -143.74 0.68
CA LEU N 214 -31.57 -145.02 1.37
C LEU N 214 -32.27 -146.14 0.62
N THR N 215 -33.54 -145.93 0.26
CA THR N 215 -34.28 -146.93 -0.51
C THR N 215 -33.67 -147.13 -1.88
N ALA N 216 -33.22 -146.04 -2.52
CA ALA N 216 -32.62 -146.17 -3.85
C ALA N 216 -31.35 -147.02 -3.81
N GLN N 217 -30.49 -146.78 -2.81
CA GLN N 217 -29.27 -147.57 -2.68
C GLN N 217 -29.57 -149.00 -2.29
N THR N 218 -30.58 -149.23 -1.44
CA THR N 218 -30.97 -150.59 -1.11
C THR N 218 -31.43 -151.34 -2.35
N TYR N 219 -32.24 -150.68 -3.19
CA TYR N 219 -32.70 -151.32 -4.42
C TYR N 219 -31.55 -151.58 -5.38
N SER N 220 -30.62 -150.62 -5.49
CA SER N 220 -29.46 -150.81 -6.35
C SER N 220 -28.61 -151.99 -5.89
N MET N 221 -28.41 -152.12 -4.58
CA MET N 221 -27.67 -153.26 -4.05
C MET N 221 -28.41 -154.57 -4.29
N LEU N 222 -29.74 -154.57 -4.13
CA LEU N 222 -30.50 -155.78 -4.39
C LEU N 222 -30.48 -156.18 -5.86
N GLN N 223 -30.43 -155.22 -6.78
CA GLN N 223 -30.29 -155.51 -8.20
C GLN N 223 -28.85 -155.59 -8.66
N HIS N 224 -27.88 -155.28 -7.79
CA HIS N 224 -26.48 -155.35 -8.15
C HIS N 224 -25.96 -156.79 -8.22
N GLN N 225 -26.57 -157.71 -7.49
CA GLN N 225 -26.16 -159.11 -7.55
C GLN N 225 -26.33 -159.70 -8.95
N PRO N 226 -27.48 -159.56 -9.62
CA PRO N 226 -27.54 -159.97 -11.03
C PRO N 226 -26.59 -159.19 -11.94
N ARG N 227 -26.32 -157.92 -11.63
CA ARG N 227 -25.46 -157.10 -12.47
C ARG N 227 -24.00 -157.52 -12.37
N GLN N 228 -23.60 -158.11 -11.24
CA GLN N 228 -22.22 -158.59 -11.12
C GLN N 228 -21.90 -159.66 -12.16
N LEU N 229 -22.82 -160.61 -12.34
CA LEU N 229 -22.61 -161.65 -13.35
C LEU N 229 -22.55 -161.05 -14.76
N THR N 230 -23.42 -160.09 -15.05
CA THR N 230 -23.42 -159.46 -16.38
C THR N 230 -22.11 -158.72 -16.62
N ALA N 231 -21.65 -157.95 -15.63
CA ALA N 231 -20.41 -157.19 -15.79
C ALA N 231 -19.21 -158.11 -15.92
N LEU N 232 -19.15 -159.17 -15.11
CA LEU N 232 -18.01 -160.08 -15.19
C LEU N 232 -18.05 -160.90 -16.48
N LEU N 233 -19.24 -161.27 -16.95
CA LEU N 233 -19.36 -161.89 -18.26
C LEU N 233 -18.91 -160.93 -19.36
N ASP N 234 -19.29 -159.66 -19.24
CA ASP N 234 -18.82 -158.65 -20.19
C ASP N 234 -17.31 -158.47 -20.09
N GLN N 235 -16.74 -158.65 -18.89
CA GLN N 235 -15.29 -158.59 -18.75
C GLN N 235 -14.63 -159.72 -19.53
N TYR N 236 -15.19 -160.93 -19.46
CA TYR N 236 -14.68 -162.02 -20.27
C TYR N 236 -14.88 -161.75 -21.76
N VAL N 237 -15.96 -161.04 -22.12
CA VAL N 237 -16.17 -160.66 -23.51
C VAL N 237 -15.06 -159.73 -23.99
N LYS N 238 -14.71 -158.73 -23.16
CA LYS N 238 -13.69 -157.78 -23.56
C LYS N 238 -12.29 -158.39 -23.50
N GLN N 239 -12.10 -159.43 -22.70
CA GLN N 239 -10.81 -160.12 -22.68
C GLN N 239 -10.53 -160.80 -24.00
N GLN N 240 -11.54 -161.42 -24.61
CA GLN N 240 -11.37 -162.10 -25.89
C GLN N 240 -12.26 -161.46 -26.96
N SER O 17 -8.30 -82.74 -18.33
CA SER O 17 -8.17 -81.32 -18.00
C SER O 17 -9.34 -80.85 -17.14
N GLY O 18 -10.54 -81.26 -17.50
CA GLY O 18 -11.71 -80.89 -16.73
C GLY O 18 -12.99 -81.20 -17.48
N MET O 19 -14.07 -80.57 -17.01
CA MET O 19 -15.41 -80.77 -17.56
C MET O 19 -16.05 -79.42 -17.82
N ILE O 20 -16.70 -79.30 -18.98
CA ILE O 20 -17.33 -78.05 -19.41
C ILE O 20 -18.78 -78.32 -19.75
N ARG O 21 -19.69 -77.51 -19.21
CA ARG O 21 -21.11 -77.59 -19.55
C ARG O 21 -21.41 -76.59 -20.65
N ALA O 22 -22.03 -77.07 -21.73
CA ALA O 22 -22.33 -76.23 -22.88
C ALA O 22 -23.76 -76.48 -23.34
N ILE O 23 -24.57 -75.43 -23.36
CA ILE O 23 -25.93 -75.51 -23.89
C ILE O 23 -25.87 -75.04 -25.35
N VAL O 24 -26.03 -75.96 -26.28
CA VAL O 24 -25.85 -75.69 -27.71
C VAL O 24 -27.13 -76.04 -28.44
N ARG O 25 -27.50 -75.21 -29.40
CA ARG O 25 -28.64 -75.47 -30.25
C ARG O 25 -28.41 -76.72 -31.09
N ALA O 26 -29.47 -77.48 -31.32
CA ALA O 26 -29.35 -78.74 -32.06
C ALA O 26 -28.85 -78.51 -33.48
N GLY O 27 -29.42 -77.53 -34.17
CA GLY O 27 -29.05 -77.23 -35.54
C GLY O 27 -27.97 -76.20 -35.71
N GLN O 28 -27.36 -75.71 -34.63
CA GLN O 28 -26.34 -74.68 -34.68
C GLN O 28 -25.04 -75.23 -34.11
N ALA O 29 -23.95 -75.06 -34.86
CA ALA O 29 -22.61 -75.46 -34.40
C ALA O 29 -21.62 -74.49 -35.05
N ARG O 30 -21.24 -73.45 -34.31
CA ARG O 30 -20.36 -72.44 -34.85
C ARG O 30 -19.04 -72.40 -34.08
N PRO O 31 -17.91 -72.25 -34.79
CA PRO O 31 -16.61 -72.09 -34.11
C PRO O 31 -16.38 -70.66 -33.62
N GLY O 32 -17.29 -70.19 -32.77
CA GLY O 32 -17.22 -68.84 -32.26
C GLY O 32 -17.70 -68.75 -30.82
N PRO O 33 -17.97 -67.53 -30.35
CA PRO O 33 -18.40 -67.35 -28.98
C PRO O 33 -19.83 -67.83 -28.80
N PRO O 34 -20.19 -68.31 -27.59
CA PRO O 34 -19.28 -68.44 -26.45
C PRO O 34 -18.50 -69.75 -26.47
N LEU O 35 -18.73 -70.56 -27.50
CA LEU O 35 -18.04 -71.85 -27.61
C LEU O 35 -16.58 -71.69 -28.00
N GLY O 36 -16.18 -70.51 -28.47
CA GLY O 36 -14.83 -70.28 -28.94
C GLY O 36 -13.79 -70.28 -27.83
N PRO O 37 -13.83 -69.28 -26.96
CA PRO O 37 -12.80 -69.16 -25.92
C PRO O 37 -12.74 -70.35 -24.97
N ILE O 38 -13.87 -70.97 -24.64
CA ILE O 38 -13.86 -72.06 -23.68
C ILE O 38 -13.08 -73.26 -24.20
N LEU O 39 -13.16 -73.54 -25.52
CA LEU O 39 -12.36 -74.59 -26.12
C LEU O 39 -10.95 -74.13 -26.48
N GLY O 40 -10.77 -72.86 -26.83
CA GLY O 40 -9.44 -72.36 -27.11
C GLY O 40 -8.53 -72.36 -25.90
N GLN O 41 -9.07 -72.06 -24.72
CA GLN O 41 -8.30 -72.15 -23.49
C GLN O 41 -7.86 -73.57 -23.19
N ARG O 42 -8.74 -74.55 -23.40
CA ARG O 42 -8.41 -75.95 -23.20
C ARG O 42 -7.50 -76.51 -24.28
N GLY O 43 -7.45 -75.87 -25.45
CA GLY O 43 -6.61 -76.33 -26.53
C GLY O 43 -7.26 -77.33 -27.47
N VAL O 44 -8.50 -77.72 -27.21
CA VAL O 44 -9.20 -78.68 -28.05
C VAL O 44 -9.54 -78.03 -29.39
N SER O 45 -9.27 -78.74 -30.48
CA SER O 45 -9.57 -78.23 -31.81
C SER O 45 -11.08 -78.04 -31.96
N ILE O 46 -11.50 -76.82 -32.28
CA ILE O 46 -12.92 -76.51 -32.36
C ILE O 46 -13.56 -77.22 -33.55
N ASN O 47 -12.83 -77.37 -34.66
CA ASN O 47 -13.41 -77.98 -35.85
C ASN O 47 -13.81 -79.42 -35.61
N GLN O 48 -12.96 -80.18 -34.90
CA GLN O 48 -13.28 -81.58 -34.62
C GLN O 48 -14.51 -81.69 -33.72
N PHE O 49 -14.59 -80.84 -32.70
CA PHE O 49 -15.77 -80.85 -31.84
C PHE O 49 -17.03 -80.49 -32.61
N CYS O 50 -16.93 -79.50 -33.51
CA CYS O 50 -18.08 -79.13 -34.31
C CYS O 50 -18.51 -80.26 -35.24
N LYS O 51 -17.54 -80.95 -35.85
CA LYS O 51 -17.88 -82.08 -36.72
C LYS O 51 -18.55 -83.20 -35.93
N GLU O 52 -18.02 -83.51 -34.75
CA GLU O 52 -18.64 -84.53 -33.91
C GLU O 52 -20.05 -84.14 -33.49
N PHE O 53 -20.24 -82.86 -33.13
CA PHE O 53 -21.56 -82.39 -32.75
C PHE O 53 -22.54 -82.48 -33.92
N ASN O 54 -22.10 -82.10 -35.11
CA ASN O 54 -22.98 -82.21 -36.29
C ASN O 54 -23.32 -83.66 -36.59
N GLU O 55 -22.34 -84.57 -36.48
CA GLU O 55 -22.60 -85.98 -36.73
C GLU O 55 -23.57 -86.56 -35.71
N LYS O 56 -23.45 -86.16 -34.44
CA LYS O 56 -24.32 -86.69 -33.39
C LYS O 56 -25.70 -86.04 -33.37
N THR O 57 -25.84 -84.82 -33.89
CA THR O 57 -27.11 -84.11 -33.87
C THR O 57 -27.70 -83.89 -35.25
N LYS O 58 -27.21 -84.58 -36.28
CA LYS O 58 -27.82 -84.49 -37.59
C LYS O 58 -29.04 -85.40 -37.73
N ASP O 59 -29.34 -86.20 -36.70
CA ASP O 59 -30.54 -87.02 -36.67
C ASP O 59 -31.74 -86.29 -36.08
N ILE O 60 -31.59 -84.99 -35.80
CA ILE O 60 -32.66 -84.18 -35.23
C ILE O 60 -32.73 -82.89 -36.03
N LYS O 61 -33.94 -82.48 -36.40
CA LYS O 61 -34.11 -81.34 -37.30
C LYS O 61 -35.01 -80.25 -36.74
N GLU O 62 -35.51 -80.42 -35.51
CA GLU O 62 -36.40 -79.41 -34.97
C GLU O 62 -35.66 -78.27 -34.29
N GLY O 63 -34.35 -78.39 -34.12
CA GLY O 63 -33.56 -77.35 -33.50
C GLY O 63 -33.94 -77.05 -32.06
N ILE O 64 -33.90 -78.06 -31.21
CA ILE O 64 -34.20 -77.93 -29.79
C ILE O 64 -32.88 -77.81 -29.05
N PRO O 65 -32.60 -76.68 -28.39
CA PRO O 65 -31.30 -76.54 -27.70
C PRO O 65 -31.14 -77.55 -26.59
N LEU O 66 -29.93 -78.08 -26.45
CA LEU O 66 -29.69 -79.10 -25.44
C LEU O 66 -28.39 -78.83 -24.70
N PRO O 67 -28.32 -79.20 -23.41
CA PRO O 67 -27.05 -79.14 -22.68
C PRO O 67 -26.24 -80.42 -22.86
N THR O 68 -24.93 -80.24 -22.86
CA THR O 68 -24.00 -81.36 -23.01
C THR O 68 -22.78 -81.11 -22.15
N LYS O 69 -22.08 -82.20 -21.83
CA LYS O 69 -20.89 -82.17 -20.99
C LYS O 69 -19.70 -82.60 -21.82
N ILE O 70 -18.68 -81.76 -21.87
CA ILE O 70 -17.45 -82.03 -22.61
C ILE O 70 -16.37 -82.36 -21.59
N PHE O 71 -15.80 -83.55 -21.69
CA PHE O 71 -14.78 -84.03 -20.77
C PHE O 71 -13.43 -83.93 -21.46
N VAL O 72 -12.70 -82.86 -21.18
CA VAL O 72 -11.39 -82.64 -21.78
C VAL O 72 -10.34 -83.35 -20.94
N LYS O 73 -9.62 -84.28 -21.57
CA LYS O 73 -8.55 -85.02 -20.93
C LYS O 73 -7.25 -84.22 -20.99
N PRO O 74 -6.27 -84.56 -20.13
CA PRO O 74 -5.00 -83.80 -20.14
C PRO O 74 -4.25 -83.86 -21.47
N ASP O 75 -4.49 -84.87 -22.31
CA ASP O 75 -3.84 -84.97 -23.60
C ASP O 75 -4.60 -84.22 -24.69
N ARG O 76 -5.41 -83.23 -24.32
CA ARG O 76 -6.18 -82.39 -25.23
C ARG O 76 -7.22 -83.17 -26.03
N THR O 77 -7.62 -84.34 -25.54
CA THR O 77 -8.69 -85.11 -26.17
C THR O 77 -9.98 -84.94 -25.37
N PHE O 78 -11.11 -85.00 -26.07
CA PHE O 78 -12.40 -84.68 -25.49
C PHE O 78 -13.39 -85.80 -25.76
N GLU O 79 -14.37 -85.93 -24.88
CA GLU O 79 -15.48 -86.86 -25.03
C GLU O 79 -16.78 -86.10 -24.88
N ILE O 80 -17.81 -86.56 -25.58
CA ILE O 80 -19.10 -85.88 -25.65
C ILE O 80 -20.18 -86.80 -25.12
N LYS O 81 -20.98 -86.29 -24.18
CA LYS O 81 -22.17 -86.98 -23.69
C LYS O 81 -23.36 -86.02 -23.84
N ILE O 82 -24.30 -86.38 -24.69
CA ILE O 82 -25.44 -85.53 -25.01
C ILE O 82 -26.63 -85.97 -24.18
N GLY O 83 -27.22 -85.04 -23.43
CA GLY O 83 -28.39 -85.29 -22.64
C GLY O 83 -29.66 -84.75 -23.28
N GLN O 84 -30.75 -84.82 -22.52
CA GLN O 84 -32.02 -84.33 -23.01
C GLN O 84 -32.02 -82.80 -23.08
N PRO O 85 -32.83 -82.22 -23.96
CA PRO O 85 -32.84 -80.75 -24.12
C PRO O 85 -33.36 -79.99 -22.91
N THR O 86 -33.44 -78.67 -23.02
CA THR O 86 -33.71 -77.82 -21.88
C THR O 86 -35.18 -77.81 -21.52
N VAL O 87 -35.45 -77.85 -20.20
CA VAL O 87 -36.82 -77.82 -19.70
C VAL O 87 -37.50 -76.51 -20.05
N SER O 88 -36.77 -75.40 -19.99
CA SER O 88 -37.36 -74.10 -20.32
C SER O 88 -37.84 -74.07 -21.77
N TYR O 89 -37.01 -74.58 -22.68
CA TYR O 89 -37.40 -74.61 -24.09
C TYR O 89 -38.54 -75.61 -24.31
N PHE O 90 -38.53 -76.73 -23.59
CA PHE O 90 -39.64 -77.68 -23.68
C PHE O 90 -40.96 -77.01 -23.29
N LEU O 91 -40.95 -76.28 -22.17
CA LEU O 91 -42.16 -75.61 -21.71
C LEU O 91 -42.58 -74.50 -22.67
N LYS O 92 -41.62 -73.75 -23.21
CA LYS O 92 -41.94 -72.71 -24.17
C LYS O 92 -42.59 -73.29 -25.42
N ALA O 93 -42.04 -74.39 -25.93
CA ALA O 93 -42.63 -75.04 -27.10
C ALA O 93 -44.01 -75.61 -26.78
N ALA O 94 -44.19 -76.19 -25.60
CA ALA O 94 -45.48 -76.77 -25.23
C ALA O 94 -46.55 -75.70 -25.05
N ALA O 95 -46.18 -74.52 -24.54
CA ALA O 95 -47.15 -73.46 -24.29
C ALA O 95 -47.38 -72.56 -25.49
N GLY O 96 -46.42 -72.44 -26.40
CA GLY O 96 -46.55 -71.57 -27.55
C GLY O 96 -46.12 -70.15 -27.31
N ILE O 97 -45.29 -69.89 -26.30
CA ILE O 97 -44.83 -68.55 -25.99
C ILE O 97 -43.31 -68.50 -26.16
N GLU O 98 -42.86 -67.49 -26.91
CA GLU O 98 -41.46 -67.40 -27.33
C GLU O 98 -40.50 -67.14 -26.17
N LYS O 99 -40.84 -66.24 -25.25
CA LYS O 99 -39.98 -65.90 -24.14
C LYS O 99 -40.77 -65.90 -22.83
N GLY O 100 -40.06 -66.21 -21.75
CA GLY O 100 -40.68 -66.28 -20.44
C GLY O 100 -41.00 -64.93 -19.86
N ALA O 101 -41.80 -64.95 -18.79
CA ALA O 101 -42.22 -63.73 -18.13
C ALA O 101 -41.08 -63.08 -17.38
N ARG O 102 -40.98 -61.75 -17.50
CA ARG O 102 -39.94 -61.01 -16.80
C ARG O 102 -40.16 -61.05 -15.30
N HIS O 103 -41.40 -60.87 -14.86
CA HIS O 103 -41.75 -60.85 -13.43
C HIS O 103 -42.61 -62.07 -13.13
N THR O 104 -41.96 -63.15 -12.69
CA THR O 104 -42.69 -64.37 -12.36
C THR O 104 -43.59 -64.16 -11.15
N GLY O 105 -44.80 -64.70 -11.23
CA GLY O 105 -45.78 -64.59 -10.17
C GLY O 105 -46.73 -63.42 -10.32
N LYS O 106 -46.22 -62.26 -10.73
CA LYS O 106 -47.07 -61.11 -10.98
C LYS O 106 -47.83 -61.21 -12.29
N GLU O 107 -47.26 -61.90 -13.27
CA GLU O 107 -47.88 -62.06 -14.59
C GLU O 107 -47.82 -63.52 -15.00
N VAL O 108 -48.67 -63.88 -15.96
CA VAL O 108 -48.76 -65.23 -16.48
C VAL O 108 -47.99 -65.30 -17.79
N ALA O 109 -47.06 -66.25 -17.89
CA ALA O 109 -46.27 -66.44 -19.09
C ALA O 109 -46.96 -67.34 -20.11
N GLY O 110 -47.52 -68.46 -19.65
CA GLY O 110 -48.19 -69.37 -20.53
C GLY O 110 -49.18 -70.24 -19.77
N LEU O 111 -49.81 -71.15 -20.50
CA LEU O 111 -50.80 -72.06 -19.91
C LEU O 111 -50.63 -73.43 -20.51
N VAL O 112 -50.43 -74.44 -19.65
CA VAL O 112 -50.34 -75.84 -20.05
C VAL O 112 -51.16 -76.66 -19.07
N THR O 113 -51.21 -77.97 -19.33
CA THR O 113 -51.95 -78.90 -18.49
C THR O 113 -51.00 -80.01 -18.02
N LEU O 114 -51.56 -80.94 -17.26
CA LEU O 114 -50.77 -82.05 -16.70
C LEU O 114 -50.25 -82.99 -17.77
N LYS O 115 -50.93 -83.08 -18.91
CA LYS O 115 -50.51 -84.00 -19.96
C LYS O 115 -49.13 -83.61 -20.51
N HIS O 116 -48.94 -82.31 -20.78
CA HIS O 116 -47.64 -81.86 -21.28
C HIS O 116 -46.54 -82.08 -20.25
N VAL O 117 -46.83 -81.84 -18.97
CA VAL O 117 -45.84 -82.07 -17.92
C VAL O 117 -45.46 -83.55 -17.86
N TYR O 118 -46.46 -84.43 -17.92
CA TYR O 118 -46.17 -85.87 -17.89
C TYR O 118 -45.36 -86.30 -19.10
N GLU O 119 -45.70 -85.78 -20.28
CA GLU O 119 -44.97 -86.12 -21.48
C GLU O 119 -43.51 -85.65 -21.40
N ILE O 120 -43.30 -84.42 -20.91
CA ILE O 120 -41.95 -83.91 -20.76
C ILE O 120 -41.16 -84.76 -19.76
N ALA O 121 -41.81 -85.14 -18.66
CA ALA O 121 -41.14 -85.98 -17.67
C ALA O 121 -40.76 -87.34 -18.27
N ARG O 122 -41.66 -87.96 -19.03
CA ARG O 122 -41.37 -89.27 -19.58
C ARG O 122 -40.36 -89.22 -20.72
N VAL O 123 -40.21 -88.07 -21.38
CA VAL O 123 -39.19 -87.99 -22.42
C VAL O 123 -37.85 -87.52 -21.84
N LYS O 124 -37.87 -86.91 -20.65
CA LYS O 124 -36.63 -86.50 -20.00
C LYS O 124 -36.14 -87.52 -18.97
N ALA O 125 -36.92 -88.58 -18.70
CA ALA O 125 -36.47 -89.61 -17.77
C ALA O 125 -35.25 -90.37 -18.27
N GLN O 126 -34.90 -90.25 -19.55
CA GLN O 126 -33.75 -90.94 -20.12
C GLN O 126 -32.49 -90.09 -20.15
N ASP O 127 -32.53 -88.90 -19.55
CA ASP O 127 -31.35 -88.05 -19.55
C ASP O 127 -30.28 -88.60 -18.60
N ASP O 128 -29.05 -88.11 -18.77
CA ASP O 128 -27.97 -88.51 -17.90
C ASP O 128 -28.15 -88.02 -16.46
N ALA O 129 -29.02 -87.03 -16.25
CA ALA O 129 -29.23 -86.51 -14.91
C ALA O 129 -30.18 -87.39 -14.10
N PHE O 130 -31.34 -87.72 -14.66
CA PHE O 130 -32.33 -88.52 -13.96
C PHE O 130 -32.23 -90.01 -14.26
N ALA O 131 -31.27 -90.42 -15.10
CA ALA O 131 -31.09 -91.84 -15.36
C ALA O 131 -30.44 -92.54 -14.18
N LEU O 132 -29.48 -91.89 -13.53
CA LEU O 132 -28.81 -92.50 -12.39
C LEU O 132 -29.75 -92.66 -11.20
N GLN O 133 -30.61 -91.67 -10.96
CA GLN O 133 -31.61 -91.79 -9.90
C GLN O 133 -32.70 -92.75 -10.34
N ASP O 134 -33.33 -93.39 -9.35
CA ASP O 134 -34.31 -94.44 -9.61
C ASP O 134 -35.68 -94.10 -9.06
N VAL O 135 -35.96 -92.81 -8.90
CA VAL O 135 -37.27 -92.35 -8.43
C VAL O 135 -38.28 -92.54 -9.57
N PRO O 136 -39.57 -92.68 -9.26
CA PRO O 136 -40.57 -92.81 -10.34
C PRO O 136 -40.77 -91.51 -11.09
N LEU O 137 -41.69 -91.52 -12.06
CA LEU O 137 -41.94 -90.33 -12.87
C LEU O 137 -42.61 -89.21 -12.08
N SER O 138 -43.11 -89.50 -10.87
CA SER O 138 -43.75 -88.47 -10.06
C SER O 138 -42.76 -87.38 -9.67
N SER O 139 -41.53 -87.77 -9.30
CA SER O 139 -40.53 -86.78 -8.94
C SER O 139 -40.15 -85.92 -10.14
N VAL O 140 -40.04 -86.54 -11.33
CA VAL O 140 -39.73 -85.76 -12.54
C VAL O 140 -40.86 -84.80 -12.86
N VAL O 141 -42.11 -85.24 -12.68
CA VAL O 141 -43.26 -84.36 -12.89
C VAL O 141 -43.22 -83.19 -11.92
N ARG O 142 -42.88 -83.46 -10.66
CA ARG O 142 -42.76 -82.39 -9.68
C ARG O 142 -41.66 -81.41 -10.06
N SER O 143 -40.53 -81.92 -10.54
CA SER O 143 -39.44 -81.03 -10.99
C SER O 143 -39.87 -80.17 -12.17
N ILE O 144 -40.59 -80.75 -13.12
CA ILE O 144 -41.06 -79.99 -14.27
C ILE O 144 -42.06 -78.94 -13.83
N ILE O 145 -42.93 -79.27 -12.87
CA ILE O 145 -43.90 -78.31 -12.37
C ILE O 145 -43.21 -77.16 -11.65
N GLY O 146 -42.16 -77.47 -10.87
CA GLY O 146 -41.38 -76.41 -10.25
C GLY O 146 -40.68 -75.52 -11.26
N SER O 147 -40.12 -76.11 -12.32
CA SER O 147 -39.51 -75.32 -13.38
C SER O 147 -40.53 -74.43 -14.06
N ALA O 148 -41.74 -74.95 -14.29
CA ALA O 148 -42.80 -74.13 -14.87
C ALA O 148 -43.23 -73.02 -13.93
N ARG O 149 -43.25 -73.30 -12.62
CA ARG O 149 -43.55 -72.26 -11.64
C ARG O 149 -42.52 -71.14 -11.71
N SER O 150 -41.24 -71.49 -11.80
CA SER O 150 -40.19 -70.50 -11.94
C SER O 150 -40.30 -69.74 -13.26
N LEU O 151 -40.66 -70.43 -14.34
CA LEU O 151 -40.79 -69.78 -15.64
C LEU O 151 -41.99 -68.84 -15.69
N GLY O 152 -43.04 -69.13 -14.93
CA GLY O 152 -44.25 -68.33 -14.93
C GLY O 152 -45.41 -68.93 -15.69
N ILE O 153 -45.25 -70.12 -16.25
CA ILE O 153 -46.34 -70.77 -16.99
C ILE O 153 -47.27 -71.45 -16.00
N ARG O 154 -48.56 -71.12 -16.09
CA ARG O 154 -49.57 -71.69 -15.19
C ARG O 154 -50.03 -73.03 -15.71
N VAL O 155 -50.29 -73.96 -14.78
CA VAL O 155 -50.78 -75.29 -15.10
C VAL O 155 -52.15 -75.46 -14.47
N VAL O 156 -53.02 -76.20 -15.16
CA VAL O 156 -54.38 -76.45 -14.70
C VAL O 156 -54.60 -77.95 -14.64
N LYS O 157 -55.53 -78.37 -13.77
CA LYS O 157 -55.76 -79.80 -13.56
C LYS O 157 -56.48 -80.43 -14.75
N ASP O 158 -57.60 -79.84 -15.18
CA ASP O 158 -58.39 -80.40 -16.27
C ASP O 158 -59.15 -79.25 -16.95
N LEU O 159 -58.63 -78.80 -18.09
CA LEU O 159 -59.33 -77.82 -18.92
C LEU O 159 -59.22 -78.16 -20.40
N SER O 160 -59.40 -79.43 -20.76
CA SER O 160 -59.25 -79.84 -22.16
C SER O 160 -60.30 -79.16 -23.03
N SER O 161 -61.54 -79.09 -22.57
CA SER O 161 -62.59 -78.44 -23.34
C SER O 161 -62.45 -76.93 -23.39
N GLU O 162 -61.99 -76.31 -22.30
CA GLU O 162 -61.89 -74.87 -22.21
C GLU O 162 -60.54 -74.34 -22.65
N GLU O 163 -59.59 -75.23 -23.00
CA GLU O 163 -58.26 -74.78 -23.39
C GLU O 163 -58.29 -73.92 -24.65
N LEU O 164 -59.23 -74.21 -25.57
CA LEU O 164 -59.36 -73.39 -26.77
C LEU O 164 -59.76 -71.95 -26.42
N ALA O 165 -60.80 -71.80 -25.60
CA ALA O 165 -61.19 -70.46 -25.16
C ALA O 165 -60.12 -69.84 -24.28
N ALA O 166 -59.49 -70.66 -23.42
CA ALA O 166 -58.41 -70.15 -22.59
C ALA O 166 -57.26 -69.65 -23.45
N PHE O 167 -56.90 -70.39 -24.49
CA PHE O 167 -55.84 -69.95 -25.39
C PHE O 167 -56.25 -68.68 -26.13
N GLN O 168 -57.50 -68.62 -26.60
CA GLN O 168 -57.93 -67.46 -27.39
C GLN O 168 -57.98 -66.20 -26.53
N LYS O 169 -58.26 -66.32 -25.23
CA LYS O 169 -58.25 -65.13 -24.39
C LYS O 169 -56.83 -64.78 -23.93
N GLU O 170 -56.02 -65.80 -23.63
CA GLU O 170 -54.69 -65.54 -23.12
C GLU O 170 -53.76 -65.02 -24.21
N ARG O 171 -53.99 -65.39 -25.46
CA ARG O 171 -53.19 -64.81 -26.54
C ARG O 171 -53.45 -63.32 -26.67
N ALA O 172 -54.71 -62.90 -26.59
CA ALA O 172 -55.03 -61.48 -26.62
C ALA O 172 -54.44 -60.76 -25.42
N LEU O 173 -54.58 -61.35 -24.23
CA LEU O 173 -54.00 -60.74 -23.03
C LEU O 173 -52.49 -60.61 -23.15
N PHE O 174 -51.82 -61.64 -23.66
CA PHE O 174 -50.37 -61.63 -23.76
C PHE O 174 -49.90 -60.64 -24.82
N LEU O 175 -50.62 -60.52 -25.94
CA LEU O 175 -50.22 -59.54 -26.95
C LEU O 175 -50.44 -58.11 -26.44
N ALA O 176 -51.53 -57.88 -25.70
CA ALA O 176 -51.71 -56.57 -25.09
C ALA O 176 -50.61 -56.25 -24.08
N ALA O 177 -50.25 -57.24 -23.26
CA ALA O 177 -49.18 -57.04 -22.30
C ALA O 177 -47.84 -56.78 -22.99
N GLN O 178 -47.59 -57.49 -24.10
CA GLN O 178 -46.36 -57.29 -24.85
C GLN O 178 -46.31 -55.89 -25.48
N ARG O 179 -47.45 -55.42 -26.00
CA ARG O 179 -47.51 -54.07 -26.55
C ARG O 179 -47.25 -53.04 -25.47
N GLU O 180 -47.86 -53.23 -24.29
CA GLU O 180 -47.63 -52.30 -23.19
C GLU O 180 -46.17 -52.32 -22.75
N ALA O 181 -45.56 -53.51 -22.69
CA ALA O 181 -44.16 -53.61 -22.31
C ALA O 181 -43.25 -52.95 -23.34
N ASP O 182 -43.55 -53.12 -24.63
CA ASP O 182 -42.77 -52.46 -25.67
C ASP O 182 -42.89 -50.94 -25.57
N LEU O 183 -44.10 -50.44 -25.31
CA LEU O 183 -44.27 -49.00 -25.14
C LEU O 183 -43.48 -48.50 -23.93
N ALA O 184 -43.52 -49.25 -22.82
CA ALA O 184 -42.76 -48.86 -21.64
C ALA O 184 -41.27 -48.87 -21.90
N ALA O 185 -40.79 -49.88 -22.63
CA ALA O 185 -39.37 -49.96 -22.96
C ALA O 185 -38.95 -48.80 -23.85
N GLN O 186 -39.78 -48.45 -24.83
CA GLN O 186 -39.48 -47.30 -25.68
C GLN O 186 -39.44 -46.01 -24.87
N ALA O 187 -40.39 -45.85 -23.95
CA ALA O 187 -40.40 -44.67 -23.09
C ALA O 187 -39.15 -44.60 -22.22
N GLU O 188 -38.75 -45.74 -21.66
CA GLU O 188 -37.55 -45.78 -20.83
C GLU O 188 -36.31 -45.46 -21.64
N ALA O 189 -36.21 -46.00 -22.86
CA ALA O 189 -35.07 -45.70 -23.72
C ALA O 189 -35.03 -44.22 -24.09
N ALA O 190 -36.19 -43.63 -24.40
CA ALA O 190 -36.22 -42.20 -24.70
C ALA O 190 -35.83 -41.36 -23.48
N LYS O 191 -36.29 -41.73 -22.29
CA LYS O 191 -35.96 -40.98 -21.09
C LYS O 191 -34.49 -41.11 -20.71
N LYS O 192 -33.90 -42.29 -20.92
CA LYS O 192 -32.49 -42.51 -20.58
C LYS O 192 -31.58 -41.76 -21.54
N SER P 2 21.51 -61.47 90.00
CA SER P 2 20.69 -60.41 90.58
C SER P 2 21.53 -59.47 91.43
N SER P 3 22.33 -60.05 92.33
CA SER P 3 23.17 -59.28 93.23
C SER P 3 24.58 -59.17 92.65
N PHE P 4 24.68 -58.37 91.59
CA PHE P 4 25.94 -58.12 90.91
C PHE P 4 26.45 -56.73 91.28
N SER P 5 27.75 -56.54 91.09
CA SER P 5 28.33 -55.22 91.26
C SER P 5 27.92 -54.32 90.10
N LYS P 6 28.14 -53.01 90.25
CA LYS P 6 27.63 -52.05 89.30
C LYS P 6 28.22 -52.26 87.91
N ALA P 7 29.55 -52.38 87.82
CA ALA P 7 30.18 -52.55 86.52
C ALA P 7 29.78 -53.85 85.82
N PRO P 8 29.87 -55.03 86.46
CA PRO P 8 29.41 -56.24 85.78
C PRO P 8 27.93 -56.22 85.46
N GLN P 9 27.09 -55.64 86.32
CA GLN P 9 25.67 -55.54 86.02
C GLN P 9 25.42 -54.69 84.78
N GLN P 10 26.11 -53.55 84.68
CA GLN P 10 25.98 -52.71 83.49
C GLN P 10 26.46 -53.43 82.25
N TRP P 11 27.60 -54.14 82.35
CA TRP P 11 28.14 -54.85 81.20
C TRP P 11 27.18 -55.94 80.74
N ALA P 12 26.61 -56.70 81.68
CA ALA P 12 25.63 -57.72 81.31
C ALA P 12 24.37 -57.11 80.71
N THR P 13 23.90 -55.99 81.26
CA THR P 13 22.67 -55.38 80.75
C THR P 13 22.87 -54.86 79.32
N PHE P 14 24.00 -54.21 79.06
CA PHE P 14 24.24 -53.59 77.76
C PHE P 14 25.22 -54.39 76.90
N ALA P 15 25.35 -55.69 77.16
CA ALA P 15 26.19 -56.54 76.33
C ALA P 15 25.62 -56.67 74.93
N ARG P 16 26.52 -56.78 73.95
CA ARG P 16 26.14 -57.01 72.57
C ARG P 16 26.01 -58.50 72.31
N VAL P 17 25.11 -58.85 71.38
CA VAL P 17 24.81 -60.24 71.06
C VAL P 17 24.96 -60.44 69.56
N TRP P 18 25.54 -61.56 69.17
CA TRP P 18 25.67 -61.96 67.77
C TRP P 18 24.60 -62.98 67.44
N TYR P 19 23.79 -62.70 66.43
CA TYR P 19 22.73 -63.58 65.97
C TYR P 19 23.09 -64.14 64.60
N LEU P 20 22.54 -65.32 64.32
CA LEU P 20 22.73 -65.97 63.03
C LEU P 20 21.40 -66.04 62.29
N LEU P 21 21.46 -65.91 60.96
CA LEU P 21 20.24 -65.91 60.15
C LEU P 21 20.54 -66.60 58.83
N ASP P 22 19.88 -67.73 58.60
CA ASP P 22 19.98 -68.43 57.32
C ASP P 22 19.10 -67.74 56.29
N GLY P 23 19.64 -67.57 55.09
CA GLY P 23 18.92 -66.84 54.06
C GLY P 23 18.51 -67.68 52.87
N LYS P 24 18.66 -69.00 52.96
CA LYS P 24 18.31 -69.88 51.86
C LYS P 24 16.79 -70.00 51.76
N MET P 25 16.26 -69.77 50.56
CA MET P 25 14.81 -69.86 50.30
C MET P 25 14.02 -68.97 51.25
N GLN P 26 14.51 -67.75 51.46
CA GLN P 26 13.85 -66.81 52.36
C GLN P 26 13.63 -65.48 51.64
N PRO P 27 12.53 -64.79 51.93
CA PRO P 27 12.26 -63.50 51.28
C PRO P 27 13.14 -62.41 51.87
N PRO P 28 13.74 -61.57 51.01
CA PRO P 28 14.59 -60.49 51.52
C PRO P 28 13.87 -59.53 52.43
N GLY P 29 12.59 -59.22 52.16
CA GLY P 29 11.87 -58.30 53.02
C GLY P 29 11.68 -58.84 54.42
N LYS P 30 11.27 -60.11 54.53
CA LYS P 30 11.09 -60.70 55.85
C LYS P 30 12.42 -60.92 56.57
N LEU P 31 13.49 -61.23 55.85
CA LEU P 31 14.80 -61.28 56.48
C LEU P 31 15.22 -59.90 57.00
N ALA P 32 15.02 -58.87 56.18
CA ALA P 32 15.46 -57.53 56.55
C ALA P 32 14.63 -56.96 57.69
N ALA P 33 13.37 -57.38 57.83
CA ALA P 33 12.56 -56.91 58.95
C ALA P 33 13.20 -57.28 60.28
N MET P 34 13.48 -58.58 60.47
CA MET P 34 14.11 -59.02 61.71
C MET P 34 15.54 -58.53 61.81
N ALA P 35 16.25 -58.40 60.69
CA ALA P 35 17.61 -57.86 60.73
C ALA P 35 17.59 -56.43 61.26
N SER P 36 16.66 -55.61 60.77
CA SER P 36 16.55 -54.23 61.23
C SER P 36 16.13 -54.18 62.69
N VAL P 37 15.20 -55.05 63.11
CA VAL P 37 14.79 -55.08 64.50
C VAL P 37 15.99 -55.36 65.39
N LYS P 38 16.77 -56.39 65.05
CA LYS P 38 17.93 -56.74 65.86
C LYS P 38 18.99 -55.64 65.84
N LEU P 39 19.24 -55.04 64.67
CA LEU P 39 20.23 -53.99 64.58
C LEU P 39 19.85 -52.77 65.41
N GLN P 40 18.58 -52.35 65.35
CA GLN P 40 18.14 -51.23 66.17
C GLN P 40 18.07 -51.60 67.65
N GLY P 41 17.97 -52.90 67.94
CA GLY P 41 17.80 -53.32 69.32
C GLY P 41 16.38 -53.26 69.81
N LEU P 42 15.41 -53.21 68.90
CA LEU P 42 14.00 -53.15 69.26
C LEU P 42 13.50 -54.44 69.93
N HIS P 43 14.37 -55.42 70.14
CA HIS P 43 14.04 -56.63 70.85
C HIS P 43 14.47 -56.59 72.31
N LYS P 44 14.98 -55.46 72.80
CA LYS P 44 15.44 -55.32 74.16
C LYS P 44 14.55 -54.36 74.93
N PRO P 45 14.09 -54.74 76.12
CA PRO P 45 13.32 -53.79 76.96
C PRO P 45 14.14 -52.60 77.42
N VAL P 46 15.46 -52.66 77.36
CA VAL P 46 16.31 -51.55 77.75
C VAL P 46 16.66 -50.66 76.55
N TYR P 47 15.95 -50.82 75.43
CA TYR P 47 16.24 -50.06 74.24
C TYR P 47 15.95 -48.58 74.43
N HIS P 48 16.79 -47.73 73.85
CA HIS P 48 16.54 -46.29 73.79
C HIS P 48 17.27 -45.73 72.59
N GLN P 49 16.69 -44.67 72.01
CA GLN P 49 17.28 -44.09 70.80
C GLN P 49 18.66 -43.50 71.06
N LEU P 50 18.82 -42.78 72.17
CA LEU P 50 20.13 -42.22 72.52
C LEU P 50 21.15 -43.27 72.89
N SER P 51 20.73 -44.36 73.52
CA SER P 51 21.65 -45.43 73.90
C SER P 51 22.18 -46.15 72.66
N ASP P 52 23.37 -46.74 72.82
CA ASP P 52 24.02 -47.47 71.75
C ASP P 52 23.69 -48.96 71.76
N CYS P 53 22.50 -49.33 72.25
CA CYS P 53 22.10 -50.73 72.31
C CYS P 53 21.95 -51.28 70.88
N GLY P 54 22.88 -52.12 70.48
CA GLY P 54 22.85 -52.70 69.15
C GLY P 54 23.47 -54.08 69.11
N ASP P 55 22.88 -54.98 68.33
CA ASP P 55 23.34 -56.36 68.22
C ASP P 55 23.80 -56.66 66.80
N HIS P 56 24.78 -57.54 66.68
CA HIS P 56 25.32 -57.94 65.40
C HIS P 56 24.50 -59.09 64.82
N VAL P 57 24.34 -59.08 63.50
CA VAL P 57 23.60 -60.10 62.79
C VAL P 57 24.46 -60.60 61.64
N VAL P 58 24.61 -61.92 61.55
CA VAL P 58 25.35 -62.57 60.47
C VAL P 58 24.35 -63.36 59.64
N ILE P 59 24.18 -62.98 58.39
CA ILE P 59 23.23 -63.61 57.49
C ILE P 59 24.02 -64.42 56.47
N MET P 60 23.67 -65.69 56.33
CA MET P 60 24.33 -66.61 55.40
C MET P 60 23.36 -67.05 54.31
N ASN P 61 23.90 -67.79 53.35
CA ASN P 61 23.14 -68.30 52.20
C ASN P 61 22.43 -67.16 51.47
N THR P 62 23.15 -66.06 51.27
CA THR P 62 22.59 -64.91 50.59
C THR P 62 22.33 -65.18 49.12
N ARG P 63 23.22 -65.93 48.46
CA ARG P 63 23.04 -66.21 47.04
C ARG P 63 21.76 -67.00 46.76
N HIS P 64 21.30 -67.79 47.71
CA HIS P 64 20.12 -68.63 47.55
C HIS P 64 18.84 -67.92 47.96
N ILE P 65 18.80 -66.59 47.90
CA ILE P 65 17.62 -65.85 48.31
C ILE P 65 16.49 -66.07 47.30
N ALA P 66 15.27 -65.83 47.75
CA ALA P 66 14.08 -66.05 46.94
C ALA P 66 13.19 -64.81 46.95
N PHE P 67 12.67 -64.46 45.78
CA PHE P 67 11.74 -63.36 45.61
C PHE P 67 10.36 -63.91 45.26
N SER P 68 9.33 -63.39 45.91
CA SER P 68 7.97 -63.78 45.61
C SER P 68 7.50 -63.13 44.32
N GLY P 69 6.78 -63.88 43.49
CA GLY P 69 6.28 -63.35 42.25
C GLY P 69 7.39 -63.16 41.22
N ASN P 70 7.16 -62.24 40.28
CA ASN P 70 8.11 -61.93 39.23
C ASN P 70 9.01 -60.76 39.59
N LYS P 71 9.31 -60.58 40.89
CA LYS P 71 10.16 -59.48 41.31
C LYS P 71 11.57 -59.62 40.75
N TRP P 72 12.04 -60.84 40.52
CA TRP P 72 13.35 -61.03 39.92
C TRP P 72 13.46 -60.32 38.58
N GLU P 73 12.37 -60.31 37.81
CA GLU P 73 12.39 -59.72 36.48
C GLU P 73 11.83 -58.30 36.44
N GLN P 74 11.04 -57.91 37.44
CA GLN P 74 10.39 -56.60 37.42
C GLN P 74 11.07 -55.58 38.32
N LYS P 75 11.51 -55.97 39.53
CA LYS P 75 12.09 -55.03 40.46
C LYS P 75 13.41 -54.49 39.91
N VAL P 76 13.60 -53.18 40.04
CA VAL P 76 14.80 -52.51 39.53
C VAL P 76 15.47 -51.75 40.66
N TYR P 77 16.77 -51.54 40.50
CA TYR P 77 17.55 -50.71 41.40
C TYR P 77 18.26 -49.65 40.56
N SER P 78 18.00 -48.39 40.86
CA SER P 78 18.52 -47.28 40.07
C SER P 78 19.55 -46.51 40.90
N SER P 79 20.70 -46.24 40.29
CA SER P 79 21.76 -45.45 40.92
C SER P 79 22.22 -44.39 39.93
N HIS P 80 22.94 -43.40 40.43
CA HIS P 80 23.48 -42.34 39.60
C HIS P 80 24.88 -41.99 40.07
N THR P 81 25.82 -41.93 39.13
CA THR P 81 27.20 -41.60 39.43
C THR P 81 27.43 -40.11 39.59
N GLY P 82 26.43 -39.29 39.32
CA GLY P 82 26.56 -37.84 39.38
C GLY P 82 26.88 -37.21 38.04
N TYR P 83 27.75 -37.86 37.26
CA TYR P 83 28.10 -37.35 35.95
C TYR P 83 26.88 -37.41 35.02
N PRO P 84 26.77 -36.48 34.08
CA PRO P 84 25.66 -36.52 33.12
C PRO P 84 25.68 -37.81 32.32
N GLY P 85 24.50 -38.38 32.11
CA GLY P 85 24.40 -39.66 31.45
C GLY P 85 24.86 -40.84 32.28
N GLY P 86 25.11 -40.63 33.56
CA GLY P 86 25.58 -41.70 34.43
C GLY P 86 24.50 -42.25 35.33
N PHE P 87 23.29 -42.38 34.81
CA PHE P 87 22.16 -42.92 35.56
C PHE P 87 21.92 -44.35 35.08
N ARG P 88 22.11 -45.31 35.97
CA ARG P 88 21.99 -46.72 35.64
C ARG P 88 20.80 -47.34 36.35
N GLN P 89 20.11 -48.25 35.66
CA GLN P 89 19.02 -49.02 36.24
C GLN P 89 19.32 -50.49 36.01
N VAL P 90 19.56 -51.24 37.08
CA VAL P 90 19.93 -52.64 37.03
C VAL P 90 18.76 -53.47 37.54
N THR P 91 18.36 -54.48 36.77
CA THR P 91 17.32 -55.39 37.21
C THR P 91 17.77 -56.15 38.45
N ALA P 92 16.79 -56.64 39.21
CA ALA P 92 17.11 -57.37 40.44
C ALA P 92 17.94 -58.61 40.16
N ALA P 93 17.60 -59.34 39.10
CA ALA P 93 18.36 -60.54 38.75
C ALA P 93 19.80 -60.19 38.38
N GLN P 94 19.98 -59.14 37.58
CA GLN P 94 21.33 -58.73 37.19
C GLN P 94 22.14 -58.27 38.40
N LEU P 95 21.51 -57.52 39.30
CA LEU P 95 22.21 -57.05 40.50
C LEU P 95 22.61 -58.22 41.38
N HIS P 96 21.72 -59.21 41.54
CA HIS P 96 22.05 -60.39 42.33
C HIS P 96 23.18 -61.18 41.68
N GLN P 97 23.17 -61.30 40.35
CA GLN P 97 24.25 -62.00 39.66
C GLN P 97 25.58 -61.28 39.84
N LYS P 98 25.56 -59.95 39.76
CA LYS P 98 26.80 -59.18 39.89
C LYS P 98 27.32 -59.24 41.33
N ASP P 99 26.44 -59.13 42.31
CA ASP P 99 26.81 -59.14 43.72
C ASP P 99 25.66 -59.74 44.53
N PRO P 100 25.80 -60.95 45.06
CA PRO P 100 24.71 -61.53 45.85
C PRO P 100 24.37 -60.72 47.09
N VAL P 101 25.37 -60.10 47.73
CA VAL P 101 25.13 -59.38 48.97
C VAL P 101 24.24 -58.16 48.75
N ALA P 102 24.36 -57.52 47.58
CA ALA P 102 23.76 -56.21 47.36
C ALA P 102 22.25 -56.21 47.61
N ILE P 103 21.55 -57.29 47.26
CA ILE P 103 20.09 -57.32 47.38
C ILE P 103 19.68 -57.14 48.85
N VAL P 104 20.12 -58.07 49.71
CA VAL P 104 19.74 -58.00 51.11
C VAL P 104 20.37 -56.79 51.78
N LYS P 105 21.56 -56.38 51.33
CA LYS P 105 22.19 -55.19 51.91
C LYS P 105 21.34 -53.95 51.68
N LEU P 106 20.86 -53.76 50.44
CA LEU P 106 20.00 -52.63 50.14
C LEU P 106 18.66 -52.74 50.85
N ALA P 107 18.11 -53.96 50.96
CA ALA P 107 16.85 -54.13 51.67
C ALA P 107 16.98 -53.70 53.13
N ILE P 108 18.05 -54.13 53.79
CA ILE P 108 18.25 -53.77 55.19
C ILE P 108 18.55 -52.28 55.32
N TYR P 109 19.32 -51.73 54.37
CA TYR P 109 19.61 -50.30 54.41
C TYR P 109 18.35 -49.47 54.28
N GLY P 110 17.43 -49.88 53.40
CA GLY P 110 16.15 -49.21 53.30
C GLY P 110 15.28 -49.37 54.53
N MET P 111 15.26 -50.56 55.13
CA MET P 111 14.41 -50.79 56.29
C MET P 111 14.93 -50.10 57.53
N LEU P 112 16.23 -49.85 57.63
CA LEU P 112 16.78 -49.18 58.79
C LEU P 112 16.34 -47.72 58.84
N PRO P 113 16.32 -47.12 60.04
CA PRO P 113 15.91 -45.72 60.15
C PRO P 113 16.89 -44.80 59.44
N LYS P 114 16.38 -43.63 59.03
CA LYS P 114 17.10 -42.72 58.17
C LYS P 114 17.94 -41.70 58.94
N ASN P 115 18.38 -42.04 60.15
CA ASN P 115 19.22 -41.16 60.94
C ASN P 115 20.69 -41.49 60.71
N LEU P 116 21.57 -40.78 61.43
CA LEU P 116 23.01 -41.01 61.28
C LEU P 116 23.46 -42.33 61.89
N HIS P 117 22.67 -42.90 62.79
CA HIS P 117 23.01 -44.19 63.38
C HIS P 117 22.85 -45.33 62.39
N ARG P 118 22.26 -45.09 61.22
CA ARG P 118 22.08 -46.16 60.24
C ARG P 118 23.43 -46.70 59.77
N ARG P 119 24.40 -45.82 59.51
CA ARG P 119 25.72 -46.27 59.11
C ARG P 119 26.39 -47.08 60.22
N THR P 120 26.26 -46.60 61.47
CA THR P 120 26.89 -47.29 62.59
C THR P 120 26.31 -48.69 62.77
N MET P 121 24.98 -48.82 62.68
CA MET P 121 24.38 -50.13 62.83
C MET P 121 24.56 -51.01 61.59
N MET P 122 24.79 -50.40 60.43
CA MET P 122 25.12 -51.18 59.24
C MET P 122 26.52 -51.75 59.31
N GLN P 123 27.46 -51.01 59.90
CA GLN P 123 28.82 -51.52 60.08
C GLN P 123 28.85 -52.75 60.97
N ARG P 124 27.82 -52.97 61.77
CA ARG P 124 27.71 -54.13 62.65
C ARG P 124 27.09 -55.33 61.94
N LEU P 125 26.71 -55.18 60.68
CA LEU P 125 26.02 -56.23 59.93
C LEU P 125 27.03 -56.98 59.06
N HIS P 126 26.91 -58.30 59.04
CA HIS P 126 27.79 -59.17 58.26
C HIS P 126 26.94 -60.04 57.35
N LEU P 127 27.24 -59.99 56.05
CA LEU P 127 26.48 -60.73 55.05
C LEU P 127 27.43 -61.60 54.24
N PHE P 128 27.07 -62.88 54.08
CA PHE P 128 27.89 -63.84 53.37
C PHE P 128 27.07 -64.57 52.32
N PRO P 129 27.57 -64.65 51.08
CA PRO P 129 26.80 -65.33 50.03
C PRO P 129 26.50 -66.78 50.33
N ASP P 130 27.43 -67.49 50.98
CA ASP P 130 27.26 -68.90 51.25
C ASP P 130 27.59 -69.23 52.70
N GLU P 131 27.65 -70.52 53.03
CA GLU P 131 27.98 -70.97 54.39
C GLU P 131 29.49 -71.07 54.57
N ASP P 132 30.17 -69.97 54.28
CA ASP P 132 31.61 -69.85 54.42
C ASP P 132 31.89 -68.64 55.31
N ILE P 133 31.92 -68.88 56.62
CA ILE P 133 32.05 -67.82 57.62
C ILE P 133 33.40 -67.97 58.30
N PRO P 134 34.15 -66.88 58.49
CA PRO P 134 35.42 -66.99 59.21
C PRO P 134 35.20 -67.44 60.65
N GLU P 135 36.21 -68.13 61.19
CA GLU P 135 36.11 -68.66 62.54
C GLU P 135 35.99 -67.55 63.58
N ASP P 136 36.64 -66.41 63.35
CA ASP P 136 36.54 -65.30 64.30
C ASP P 136 35.11 -64.81 64.43
N ILE P 137 34.32 -64.90 63.37
CA ILE P 137 32.90 -64.57 63.44
C ILE P 137 32.07 -65.74 63.97
N LEU P 138 32.43 -66.96 63.58
CA LEU P 138 31.68 -68.13 64.04
C LEU P 138 31.74 -68.29 65.55
N LYS P 139 32.89 -68.00 66.16
CA LYS P 139 33.04 -68.12 67.60
C LYS P 139 32.23 -67.10 68.38
N ASN P 140 31.68 -66.08 67.72
CA ASN P 140 30.90 -65.06 68.40
C ASN P 140 29.40 -65.31 68.37
N LEU P 141 28.93 -66.22 67.52
CA LEU P 141 27.49 -66.45 67.38
C LEU P 141 26.90 -66.98 68.68
N VAL P 142 25.72 -66.47 69.04
CA VAL P 142 25.04 -66.86 70.27
C VAL P 142 23.87 -67.78 69.95
N GLU P 143 22.94 -67.30 69.13
CA GLU P 143 21.77 -68.07 68.76
C GLU P 143 21.41 -67.78 67.31
N GLU P 144 20.61 -68.69 66.73
CA GLU P 144 20.16 -68.58 65.36
C GLU P 144 18.67 -68.30 65.34
N LEU P 145 18.29 -67.21 64.66
CA LEU P 145 16.89 -66.84 64.57
C LEU P 145 16.15 -67.80 63.64
N PRO P 146 14.89 -68.11 63.92
CA PRO P 146 14.12 -68.97 63.03
C PRO P 146 13.86 -68.29 61.69
N GLN P 147 13.74 -69.13 60.66
CA GLN P 147 13.46 -68.62 59.32
C GLN P 147 12.04 -68.08 59.25
N PRO P 148 11.86 -66.84 58.79
CA PRO P 148 10.50 -66.26 58.75
C PRO P 148 9.55 -66.99 57.81
N ARG P 149 10.07 -67.74 56.83
CA ARG P 149 9.23 -68.42 55.84
C ARG P 149 9.56 -69.90 55.85
N LYS P 150 8.52 -70.73 55.92
CA LYS P 150 8.71 -72.18 55.85
C LYS P 150 8.97 -72.59 54.42
N VAL P 151 10.10 -73.26 54.18
CA VAL P 151 10.47 -73.69 52.84
C VAL P 151 9.58 -74.85 52.42
N PRO P 152 8.83 -74.71 51.32
CA PRO P 152 7.97 -75.82 50.87
C PRO P 152 8.80 -76.99 50.36
N ARG P 153 8.27 -78.20 50.58
CA ARG P 153 8.93 -79.40 50.10
C ARG P 153 8.72 -79.56 48.60
N ARG P 154 9.65 -80.27 47.96
CA ARG P 154 9.51 -80.68 46.58
C ARG P 154 8.73 -81.99 46.53
N LEU P 155 8.36 -82.42 45.32
CA LEU P 155 7.66 -83.70 45.20
C LEU P 155 8.55 -84.88 45.59
N ASP P 156 9.81 -84.86 45.18
CA ASP P 156 10.71 -85.96 45.51
C ASP P 156 11.15 -85.94 46.97
N GLU P 157 10.99 -84.82 47.67
CA GLU P 157 11.35 -84.73 49.07
C GLU P 157 10.29 -85.33 49.99
N TYR P 158 9.09 -85.58 49.49
CA TYR P 158 8.04 -86.20 50.29
C TYR P 158 8.33 -87.69 50.47
N THR P 159 8.06 -88.18 51.66
CA THR P 159 8.29 -89.59 51.97
C THR P 159 7.18 -90.45 51.37
N GLN P 160 7.53 -91.69 51.03
CA GLN P 160 6.58 -92.59 50.39
C GLN P 160 5.41 -92.93 51.30
N GLU P 161 5.64 -93.02 52.62
CA GLU P 161 4.52 -93.26 53.53
C GLU P 161 3.52 -92.11 53.48
N GLU P 162 4.00 -90.87 53.47
CA GLU P 162 3.09 -89.74 53.35
C GLU P 162 2.40 -89.71 51.98
N ILE P 163 3.13 -90.08 50.93
CA ILE P 163 2.52 -90.12 49.60
C ILE P 163 1.38 -91.11 49.56
N GLU P 164 1.59 -92.31 50.13
CA GLU P 164 0.54 -93.31 50.15
C GLU P 164 -0.60 -92.90 51.09
N ALA P 165 -0.28 -92.23 52.20
CA ALA P 165 -1.33 -91.76 53.10
C ALA P 165 -2.21 -90.72 52.43
N PHE P 166 -1.64 -89.85 51.61
CA PHE P 166 -2.43 -88.85 50.89
C PHE P 166 -3.33 -89.56 49.89
N PRO P 167 -4.64 -89.38 49.96
CA PRO P 167 -5.55 -90.15 49.09
C PRO P 167 -5.47 -89.71 47.64
N ARG P 168 -5.83 -90.63 46.76
CA ARG P 168 -5.95 -90.33 45.33
C ARG P 168 -7.35 -89.76 45.09
N VAL P 169 -7.40 -88.48 44.72
CA VAL P 169 -8.69 -87.81 44.58
C VAL P 169 -9.49 -88.38 43.43
N TRP P 170 -8.84 -88.61 42.29
CA TRP P 170 -9.51 -89.04 41.08
C TRP P 170 -8.91 -90.34 40.57
N SER P 171 -9.73 -91.10 39.83
CA SER P 171 -9.30 -92.36 39.25
C SER P 171 -9.13 -92.21 37.74
N PRO P 172 -7.91 -92.23 37.22
CA PRO P 172 -7.71 -92.11 35.78
C PRO P 172 -8.20 -93.34 35.05
N PRO P 173 -8.80 -93.17 33.87
CA PRO P 173 -9.22 -94.33 33.09
C PRO P 173 -8.03 -95.10 32.53
N GLU P 174 -8.24 -96.40 32.32
CA GLU P 174 -7.18 -97.25 31.78
C GLU P 174 -6.95 -97.01 30.29
N ASP P 175 -7.97 -96.57 29.56
CA ASP P 175 -7.84 -96.39 28.12
C ASP P 175 -7.01 -95.17 27.74
N TYR P 176 -6.87 -94.21 28.65
CA TYR P 176 -6.14 -92.98 28.35
C TYR P 176 -4.64 -93.25 28.33
N ARG P 177 -3.93 -92.44 27.55
CA ARG P 177 -2.48 -92.55 27.39
C ARG P 177 -1.83 -91.25 27.86
N LEU P 178 -0.79 -91.39 28.69
CA LEU P 178 -0.07 -90.23 29.19
C LEU P 178 1.26 -90.06 28.46
N ALA Q 31 47.93 -27.31 0.12
CA ALA Q 31 46.62 -27.14 0.73
C ALA Q 31 45.74 -26.22 -0.12
N ILE Q 32 44.73 -26.80 -0.76
CA ILE Q 32 43.78 -26.06 -1.57
C ILE Q 32 42.40 -26.24 -0.95
N GLN Q 33 41.78 -25.12 -0.58
CA GLN Q 33 40.48 -25.15 0.07
C GLN Q 33 39.51 -24.23 -0.65
N LYS Q 34 38.36 -23.95 -0.04
CA LYS Q 34 37.40 -23.04 -0.64
C LYS Q 34 37.99 -21.65 -0.79
N MET Q 35 37.53 -20.93 -1.81
CA MET Q 35 37.97 -19.57 -2.12
C MET Q 35 39.45 -19.49 -2.45
N THR Q 36 40.03 -20.54 -3.04
CA THR Q 36 41.41 -20.52 -3.47
C THR Q 36 41.49 -20.20 -4.95
N ARG Q 37 42.29 -19.19 -5.30
CA ARG Q 37 42.53 -18.86 -6.71
C ARG Q 37 43.58 -19.81 -7.26
N VAL Q 38 43.16 -20.70 -8.16
CA VAL Q 38 44.03 -21.71 -8.71
C VAL Q 38 44.40 -21.34 -10.14
N ARG Q 39 45.36 -22.09 -10.70
CA ARG Q 39 45.87 -21.84 -12.03
C ARG Q 39 45.59 -23.07 -12.89
N VAL Q 40 44.85 -22.87 -13.99
CA VAL Q 40 44.50 -23.98 -14.86
C VAL Q 40 45.68 -24.28 -15.79
N VAL Q 41 46.09 -25.55 -15.82
CA VAL Q 41 47.27 -25.96 -16.57
C VAL Q 41 46.91 -26.48 -17.96
N ASP Q 42 45.89 -27.34 -18.06
CA ASP Q 42 45.57 -27.95 -19.35
C ASP Q 42 45.05 -26.93 -20.34
N ASN Q 43 45.41 -27.13 -21.61
CA ASN Q 43 45.02 -26.21 -22.67
C ASN Q 43 43.54 -26.39 -22.98
N SER Q 44 42.72 -25.48 -22.46
CA SER Q 44 41.28 -25.50 -22.69
C SER Q 44 40.81 -24.07 -22.87
N ALA Q 45 39.62 -23.93 -23.44
CA ALA Q 45 39.05 -22.60 -23.67
C ALA Q 45 38.86 -21.85 -22.35
N LEU Q 46 38.33 -22.55 -21.34
CA LEU Q 46 38.11 -21.91 -20.04
C LEU Q 46 39.43 -21.49 -19.40
N GLY Q 47 40.45 -22.33 -19.49
CA GLY Q 47 41.73 -22.02 -18.88
C GLY Q 47 42.59 -21.07 -19.66
N THR Q 48 42.27 -20.82 -20.92
CA THR Q 48 43.06 -19.93 -21.76
C THR Q 48 42.43 -18.55 -21.95
N THR Q 49 41.11 -18.50 -22.17
CA THR Q 49 40.45 -17.22 -22.38
C THR Q 49 40.50 -16.38 -21.10
N PRO Q 50 40.95 -15.13 -21.18
CA PRO Q 50 41.00 -14.29 -19.98
C PRO Q 50 39.61 -14.00 -19.44
N TYR Q 51 39.56 -13.78 -18.13
CA TYR Q 51 38.31 -13.44 -17.47
C TYR Q 51 38.61 -12.40 -16.39
N HIS Q 52 37.59 -11.63 -16.03
CA HIS Q 52 37.75 -10.54 -15.08
C HIS Q 52 37.77 -11.03 -13.63
N ARG Q 53 37.52 -12.31 -13.38
CA ARG Q 53 37.60 -12.87 -12.05
C ARG Q 53 38.49 -14.12 -12.09
N PRO Q 54 39.47 -14.23 -11.21
CA PRO Q 54 40.32 -15.42 -11.21
C PRO Q 54 39.52 -16.66 -10.88
N PRO Q 55 39.90 -17.82 -11.42
CA PRO Q 55 39.16 -19.05 -11.11
C PRO Q 55 39.33 -19.47 -9.66
N ARG Q 56 38.24 -19.41 -8.90
CA ARG Q 56 38.25 -19.76 -7.49
C ARG Q 56 37.63 -21.14 -7.26
N CYS Q 57 38.10 -21.80 -6.22
CA CYS Q 57 37.54 -23.09 -5.83
C CYS Q 57 36.15 -22.90 -5.24
N ILE Q 58 35.30 -23.89 -5.48
CA ILE Q 58 33.94 -23.89 -4.94
C ILE Q 58 33.80 -24.84 -3.77
N HIS Q 59 34.24 -26.09 -3.93
CA HIS Q 59 34.05 -27.10 -2.91
C HIS Q 59 35.08 -28.21 -3.11
N VAL Q 60 35.60 -28.73 -2.00
CA VAL Q 60 36.54 -29.83 -2.02
C VAL Q 60 35.78 -31.11 -1.67
N TYR Q 61 35.85 -32.10 -2.55
CA TYR Q 61 35.08 -33.33 -2.38
C TYR Q 61 35.61 -34.22 -1.27
N ASN Q 62 36.81 -33.96 -0.76
CA ASN Q 62 37.30 -34.70 0.40
C ASN Q 62 36.48 -34.34 1.64
N LYS Q 63 36.40 -35.29 2.57
CA LYS Q 63 35.65 -35.03 3.79
C LYS Q 63 36.26 -33.88 4.60
N THR Q 64 37.56 -33.67 4.49
CA THR Q 64 38.20 -32.51 5.08
C THR Q 64 38.12 -31.34 4.12
N GLY Q 65 38.04 -30.13 4.67
CA GLY Q 65 37.92 -28.95 3.85
C GLY Q 65 39.21 -28.58 3.15
N VAL Q 66 40.28 -29.30 3.44
CA VAL Q 66 41.59 -29.06 2.85
C VAL Q 66 41.86 -30.14 1.81
N GLY Q 67 42.17 -29.73 0.60
CA GLY Q 67 42.44 -30.65 -0.49
C GLY Q 67 43.93 -30.79 -0.75
N LYS Q 68 44.32 -31.97 -1.23
CA LYS Q 68 45.72 -32.25 -1.53
C LYS Q 68 45.86 -32.72 -2.97
N VAL Q 69 47.05 -33.18 -3.35
CA VAL Q 69 47.30 -33.63 -4.71
C VAL Q 69 46.50 -34.90 -4.96
N GLY Q 70 45.73 -34.92 -6.04
CA GLY Q 70 44.94 -36.09 -6.39
C GLY Q 70 43.55 -36.12 -5.80
N ASP Q 71 42.93 -34.96 -5.58
CA ASP Q 71 41.58 -34.88 -5.04
C ASP Q 71 40.70 -34.08 -5.99
N ARG Q 72 39.53 -34.63 -6.29
CA ARG Q 72 38.58 -33.92 -7.15
C ARG Q 72 38.05 -32.68 -6.44
N ILE Q 73 37.99 -31.58 -7.18
CA ILE Q 73 37.63 -30.28 -6.61
C ILE Q 73 36.70 -29.58 -7.58
N LEU Q 74 35.96 -28.60 -7.07
CA LEU Q 74 34.99 -27.84 -7.85
C LEU Q 74 35.46 -26.41 -8.02
N LEU Q 75 35.33 -25.88 -9.23
CA LEU Q 75 35.81 -24.55 -9.58
C LEU Q 75 34.69 -23.73 -10.20
N ALA Q 76 34.79 -22.41 -10.05
CA ALA Q 76 33.89 -21.46 -10.68
C ALA Q 76 34.71 -20.67 -11.69
N ILE Q 77 34.74 -21.16 -12.92
CA ILE Q 77 35.55 -20.57 -13.99
C ILE Q 77 34.64 -19.85 -14.96
N ARG Q 78 34.90 -18.55 -15.17
CA ARG Q 78 34.14 -17.73 -16.10
C ARG Q 78 32.64 -17.76 -15.82
N GLY Q 79 32.27 -17.76 -14.54
CA GLY Q 79 30.88 -17.71 -14.15
C GLY Q 79 30.11 -19.00 -14.30
N GLN Q 80 30.79 -20.13 -14.47
CA GLN Q 80 30.13 -21.42 -14.56
C GLN Q 80 30.88 -22.45 -13.74
N LYS Q 81 30.15 -23.45 -13.26
CA LYS Q 81 30.73 -24.50 -12.43
C LYS Q 81 31.47 -25.51 -13.30
N LYS Q 82 32.54 -26.08 -12.73
CA LYS Q 82 33.30 -27.11 -13.43
C LYS Q 82 34.02 -27.96 -12.40
N LYS Q 83 34.45 -29.14 -12.82
CA LYS Q 83 35.25 -30.02 -11.98
C LYS Q 83 36.71 -29.95 -12.39
N ALA Q 84 37.60 -30.31 -11.46
CA ALA Q 84 39.03 -30.24 -11.73
C ALA Q 84 39.76 -31.21 -10.80
N LEU Q 85 41.01 -31.47 -11.14
CA LEU Q 85 41.89 -32.32 -10.35
C LEU Q 85 43.11 -31.51 -9.92
N ILE Q 86 43.48 -31.62 -8.65
CA ILE Q 86 44.60 -30.87 -8.12
C ILE Q 86 45.90 -31.51 -8.59
N VAL Q 87 46.78 -30.71 -9.18
CA VAL Q 87 48.08 -31.20 -9.64
C VAL Q 87 49.17 -30.93 -8.62
N GLY Q 88 49.29 -29.70 -8.16
CA GLY Q 88 50.30 -29.35 -7.17
C GLY Q 88 49.86 -28.15 -6.36
N HIS Q 89 50.41 -28.05 -5.15
CA HIS Q 89 50.10 -26.95 -4.25
C HIS Q 89 51.38 -26.45 -3.61
N ARG Q 90 51.34 -25.21 -3.13
CA ARG Q 90 52.51 -24.55 -2.57
C ARG Q 90 52.80 -24.97 -1.13
N MET Q 91 51.90 -25.68 -0.49
CA MET Q 91 52.18 -26.13 0.87
C MET Q 91 53.13 -27.32 0.84
N PRO Q 92 54.20 -27.30 1.63
CA PRO Q 92 55.09 -28.46 1.71
C PRO Q 92 54.34 -29.69 2.21
N GLY Q 93 54.71 -30.84 1.65
CA GLY Q 93 54.07 -32.10 2.00
C GLY Q 93 55.05 -33.12 2.53
N PRO Q 94 54.86 -34.37 2.15
CA PRO Q 94 55.78 -35.43 2.59
C PRO Q 94 57.18 -35.24 2.02
N ARG Q 95 58.12 -36.01 2.55
CA ARG Q 95 59.49 -35.94 2.07
C ARG Q 95 59.60 -36.49 0.65
N MET Q 96 60.52 -35.90 -0.12
CA MET Q 96 60.76 -36.26 -1.51
C MET Q 96 59.52 -36.06 -2.38
N THR Q 97 58.59 -35.22 -1.94
CA THR Q 97 57.39 -34.88 -2.70
C THR Q 97 57.58 -33.52 -3.35
N PRO Q 98 57.47 -33.42 -4.67
CA PRO Q 98 57.70 -32.13 -5.33
C PRO Q 98 56.71 -31.07 -4.86
N ARG Q 99 57.23 -29.85 -4.71
CA ARG Q 99 56.43 -28.70 -4.28
C ARG Q 99 56.51 -27.63 -5.34
N PHE Q 100 55.36 -27.10 -5.75
CA PHE Q 100 55.28 -26.12 -6.81
C PHE Q 100 55.08 -24.73 -6.23
N ASP Q 101 55.27 -23.72 -7.08
CA ASP Q 101 55.10 -22.32 -6.70
C ASP Q 101 53.70 -21.79 -7.03
N SER Q 102 52.81 -22.64 -7.52
CA SER Q 102 51.45 -22.22 -7.83
C SER Q 102 50.50 -23.39 -7.62
N ASN Q 103 49.24 -23.07 -7.37
CA ASN Q 103 48.21 -24.08 -7.15
C ASN Q 103 47.67 -24.52 -8.50
N ASN Q 104 48.38 -25.46 -9.12
CA ASN Q 104 48.05 -25.92 -10.47
C ASN Q 104 46.95 -26.96 -10.44
N VAL Q 105 45.92 -26.76 -11.26
CA VAL Q 105 44.83 -27.72 -11.39
C VAL Q 105 44.53 -27.95 -12.87
N VAL Q 106 44.01 -29.13 -13.16
CA VAL Q 106 43.66 -29.53 -14.51
C VAL Q 106 42.16 -29.77 -14.56
N LEU Q 107 41.51 -29.21 -15.58
CA LEU Q 107 40.06 -29.33 -15.71
C LEU Q 107 39.66 -30.78 -15.92
N LEU Q 108 38.56 -31.17 -15.29
CA LEU Q 108 38.03 -32.53 -15.37
C LEU Q 108 36.53 -32.47 -15.56
N GLU Q 109 36.00 -33.44 -16.29
CA GLU Q 109 34.56 -33.51 -16.50
C GLU Q 109 33.92 -34.44 -15.47
N ASP Q 110 32.58 -34.43 -15.45
CA ASP Q 110 31.85 -35.25 -14.50
C ASP Q 110 32.05 -36.74 -14.73
N ASN Q 111 32.38 -37.14 -15.96
CA ASN Q 111 32.60 -38.55 -16.27
C ASN Q 111 33.97 -39.04 -15.85
N GLY Q 112 34.85 -38.15 -15.40
CA GLY Q 112 36.20 -38.51 -15.04
C GLY Q 112 37.23 -38.39 -16.13
N ASN Q 113 36.88 -37.77 -17.26
CA ASN Q 113 37.79 -37.60 -18.38
C ASN Q 113 38.21 -36.15 -18.52
N PRO Q 114 39.51 -35.86 -18.61
CA PRO Q 114 39.94 -34.47 -18.75
C PRO Q 114 39.46 -33.85 -20.05
N VAL Q 115 39.15 -32.55 -19.99
CA VAL Q 115 38.69 -31.85 -21.18
C VAL Q 115 39.86 -31.26 -21.98
N GLY Q 116 41.03 -31.12 -21.36
CA GLY Q 116 42.18 -30.57 -22.05
C GLY Q 116 42.81 -31.57 -23.00
N THR Q 117 43.72 -31.04 -23.83
CA THR Q 117 44.43 -31.86 -24.81
C THR Q 117 45.75 -32.39 -24.26
N ARG Q 118 46.56 -31.51 -23.67
CA ARG Q 118 47.86 -31.91 -23.15
C ARG Q 118 48.20 -31.03 -21.95
N ILE Q 119 49.11 -31.53 -21.12
CA ILE Q 119 49.57 -30.84 -19.93
C ILE Q 119 51.05 -30.55 -20.10
N LYS Q 120 51.43 -29.28 -19.97
CA LYS Q 120 52.81 -28.86 -20.21
C LYS Q 120 53.65 -28.84 -18.94
N THR Q 121 53.11 -28.27 -17.86
CA THR Q 121 53.86 -28.17 -16.62
C THR Q 121 54.06 -29.54 -16.01
N PRO Q 122 55.14 -29.73 -15.23
CA PRO Q 122 55.40 -31.04 -14.64
C PRO Q 122 54.33 -31.45 -13.65
N ILE Q 123 54.15 -32.76 -13.52
CA ILE Q 123 53.16 -33.35 -12.64
C ILE Q 123 53.87 -34.26 -11.65
N PRO Q 124 53.49 -34.27 -10.37
CA PRO Q 124 54.13 -35.19 -9.42
C PRO Q 124 53.95 -36.64 -9.86
N SER Q 125 55.00 -37.43 -9.64
CA SER Q 125 54.97 -38.84 -10.01
C SER Q 125 54.08 -39.68 -9.10
N SER Q 126 53.63 -39.14 -7.97
CA SER Q 126 52.80 -39.90 -7.06
C SER Q 126 51.40 -40.15 -7.62
N LEU Q 127 50.96 -39.37 -8.61
CA LEU Q 127 49.65 -39.57 -9.19
C LEU Q 127 49.55 -40.86 -9.98
N ARG Q 128 50.68 -41.40 -10.45
CA ARG Q 128 50.67 -42.67 -11.16
C ARG Q 128 50.50 -43.86 -10.23
N GLN Q 129 50.51 -43.66 -8.92
CA GLN Q 129 50.24 -44.74 -7.98
C GLN Q 129 48.83 -45.27 -8.16
N ARG Q 130 47.86 -44.38 -8.34
CA ARG Q 130 46.47 -44.74 -8.55
C ARG Q 130 46.14 -44.49 -10.02
N GLU Q 131 46.28 -45.53 -10.84
CA GLU Q 131 46.03 -45.43 -12.27
C GLU Q 131 44.57 -45.65 -12.64
N GLY Q 132 43.78 -46.27 -11.76
CA GLY Q 132 42.41 -46.60 -12.09
C GLY Q 132 41.55 -45.37 -12.34
N GLU Q 133 41.69 -44.35 -11.48
CA GLU Q 133 40.86 -43.16 -11.59
C GLU Q 133 41.52 -42.02 -12.37
N PHE Q 134 42.83 -42.10 -12.60
CA PHE Q 134 43.57 -41.04 -13.28
C PHE Q 134 44.18 -41.52 -14.59
N SER Q 135 43.58 -42.54 -15.21
CA SER Q 135 44.14 -43.11 -16.43
C SER Q 135 44.22 -42.07 -17.54
N LYS Q 136 43.05 -41.57 -17.98
CA LYS Q 136 43.02 -40.57 -19.04
C LYS Q 136 43.67 -39.26 -18.63
N VAL Q 137 43.63 -38.91 -17.35
CA VAL Q 137 44.28 -37.68 -16.89
C VAL Q 137 45.78 -37.77 -17.07
N LEU Q 138 46.38 -38.89 -16.69
CA LEU Q 138 47.81 -39.07 -16.85
C LEU Q 138 48.19 -39.40 -18.29
N ALA Q 139 47.23 -39.84 -19.11
CA ALA Q 139 47.54 -40.13 -20.51
C ALA Q 139 47.99 -38.90 -21.29
N ILE Q 140 47.49 -37.72 -20.94
CA ILE Q 140 47.85 -36.50 -21.64
C ILE Q 140 49.01 -35.77 -20.99
N ALA Q 141 49.52 -36.27 -19.87
CA ALA Q 141 50.65 -35.64 -19.19
C ALA Q 141 51.93 -35.86 -19.98
N GLN Q 142 52.78 -34.84 -20.00
CA GLN Q 142 54.04 -34.91 -20.75
C GLN Q 142 55.24 -35.11 -19.82
N ASN Q 143 55.36 -34.26 -18.80
CA ASN Q 143 56.49 -34.28 -17.88
C ASN Q 143 56.03 -34.73 -16.50
N PHE Q 144 56.76 -35.68 -15.92
CA PHE Q 144 56.47 -36.18 -14.59
C PHE Q 144 57.61 -35.83 -13.64
N VAL Q 145 57.26 -35.28 -12.48
CA VAL Q 145 58.24 -34.93 -11.47
C VAL Q 145 57.76 -35.38 -10.10
N GLY R 9 -23.77 9.49 117.02
CA GLY R 9 -24.14 9.64 115.62
C GLY R 9 -23.03 9.23 114.66
N PRO R 10 -22.07 10.13 114.44
CA PRO R 10 -20.95 9.83 113.51
C PRO R 10 -19.92 8.89 114.13
N ARG R 11 -20.20 7.59 114.01
CA ARG R 11 -19.29 6.58 114.57
C ARG R 11 -17.95 6.55 113.86
N ALA R 12 -17.84 7.19 112.69
CA ALA R 12 -16.54 7.28 112.02
C ALA R 12 -15.54 8.06 112.86
N LEU R 13 -15.99 9.12 113.53
CA LEU R 13 -15.10 9.86 114.43
C LEU R 13 -14.60 8.99 115.57
N ASP R 14 -15.48 8.16 116.14
CA ASP R 14 -15.04 7.24 117.19
C ASP R 14 -14.06 6.21 116.64
N LEU R 15 -14.30 5.70 115.43
CA LEU R 15 -13.40 4.73 114.83
C LEU R 15 -12.04 5.34 114.51
N LEU R 16 -11.99 6.63 114.19
CA LEU R 16 -10.74 7.29 113.85
C LEU R 16 -9.75 7.34 115.01
N ARG R 17 -10.21 7.13 116.25
CA ARG R 17 -9.29 7.14 117.39
C ARG R 17 -8.27 6.02 117.28
N ALA R 18 -8.71 4.82 116.89
CA ALA R 18 -7.78 3.70 116.77
C ALA R 18 -6.88 3.83 115.54
N LEU R 19 -7.38 4.45 114.48
CA LEU R 19 -6.60 4.61 113.27
C LEU R 19 -5.46 5.61 113.49
N PRO R 20 -4.35 5.47 112.76
CA PRO R 20 -3.23 6.41 112.95
C PRO R 20 -3.52 7.80 112.43
N ARG R 21 -2.53 8.68 112.51
CA ARG R 21 -2.71 10.07 112.12
C ARG R 21 -2.99 10.18 110.62
N VAL R 22 -3.94 11.04 110.26
CA VAL R 22 -4.25 11.31 108.86
C VAL R 22 -3.34 12.42 108.39
N SER R 23 -2.47 12.12 107.43
CA SER R 23 -1.52 13.09 106.91
C SER R 23 -1.48 12.95 105.39
N LEU R 24 -0.55 13.68 104.77
CA LEU R 24 -0.37 13.62 103.32
C LEU R 24 0.20 12.29 102.86
N ALA R 25 0.70 11.46 103.78
CA ALA R 25 1.27 10.18 103.39
C ALA R 25 0.20 9.18 102.96
N ASN R 26 -0.98 9.24 103.56
CA ASN R 26 -2.06 8.30 103.27
C ASN R 26 -3.30 9.09 102.84
N LEU R 27 -3.39 9.38 101.54
CA LEU R 27 -4.55 10.05 100.96
C LEU R 27 -4.93 9.33 99.69
N LYS R 28 -6.14 8.75 99.67
CA LYS R 28 -6.61 7.98 98.54
C LYS R 28 -7.88 8.60 97.97
N PRO R 29 -7.96 8.80 96.65
CA PRO R 29 -9.20 9.30 96.07
C PRO R 29 -10.28 8.22 96.05
N ASN R 30 -11.48 8.63 95.65
CA ASN R 30 -12.60 7.70 95.60
C ASN R 30 -12.34 6.63 94.55
N PRO R 31 -12.70 5.37 94.82
CA PRO R 31 -12.54 4.32 93.80
C PRO R 31 -13.47 4.56 92.62
N GLY R 32 -12.88 4.71 91.44
CA GLY R 32 -13.62 5.02 90.25
C GLY R 32 -13.70 6.49 89.91
N SER R 33 -13.24 7.37 90.81
CA SER R 33 -13.25 8.80 90.53
C SER R 33 -12.34 9.16 89.36
N ARG R 34 -11.17 8.55 89.28
CA ARG R 34 -10.21 8.79 88.21
C ARG R 34 -10.11 7.54 87.35
N LYS R 35 -10.57 7.64 86.11
CA LYS R 35 -10.39 6.55 85.16
C LYS R 35 -8.98 6.65 84.59
N PRO R 36 -8.15 5.61 84.72
CA PRO R 36 -6.74 5.73 84.32
C PRO R 36 -6.58 5.92 82.82
N GLU R 37 -5.71 6.85 82.45
CA GLU R 37 -5.38 7.05 81.04
C GLU R 37 -4.58 5.87 80.52
N ARG R 38 -4.78 5.55 79.25
CA ARG R 38 -4.13 4.42 78.60
C ARG R 38 -3.33 4.92 77.41
N ARG R 39 -2.05 4.56 77.37
CA ARG R 39 -1.13 5.02 76.36
C ARG R 39 -0.82 3.93 75.35
N PRO R 40 -0.51 4.29 74.10
CA PRO R 40 -0.19 3.27 73.10
C PRO R 40 1.18 2.64 73.32
N ARG R 41 1.31 1.85 74.38
CA ARG R 41 2.52 1.11 74.67
C ARG R 41 2.16 -0.33 75.00
N GLY R 42 2.96 -1.26 74.50
CA GLY R 42 2.75 -2.66 74.75
C GLY R 42 2.21 -3.38 73.52
N ARG R 43 1.97 -4.68 73.69
CA ARG R 43 1.49 -5.51 72.59
C ARG R 43 0.03 -5.25 72.27
N ARG R 44 -0.78 -4.94 73.28
CA ARG R 44 -2.22 -4.79 73.07
C ARG R 44 -2.57 -3.44 72.48
N ARG R 45 -2.13 -2.36 73.12
CA ARG R 45 -2.45 -1.01 72.67
C ARG R 45 -1.45 -0.47 71.66
N GLY R 46 -0.46 -1.26 71.28
CA GLY R 46 0.43 -0.92 70.20
C GLY R 46 -0.06 -1.44 68.86
N ARG R 47 0.86 -1.50 67.89
CA ARG R 47 0.57 -2.03 66.56
C ARG R 47 -0.58 -1.25 65.91
N LYS R 48 -0.25 -0.01 65.52
CA LYS R 48 -1.10 1.01 64.89
C LYS R 48 -1.93 1.77 65.93
N CYS R 49 -1.84 1.41 67.22
CA CYS R 49 -2.32 2.24 68.31
C CYS R 49 -3.80 2.59 68.19
N GLY R 50 -4.61 1.64 67.74
CA GLY R 50 -6.04 1.88 67.65
C GLY R 50 -6.48 2.68 66.44
N ARG R 51 -5.57 2.98 65.52
CA ARG R 51 -5.90 3.74 64.33
C ARG R 51 -6.32 2.88 63.15
N GLY R 52 -6.28 1.56 63.28
CA GLY R 52 -6.66 0.69 62.20
C GLY R 52 -5.59 0.62 61.11
N HIS R 53 -5.99 0.03 59.99
CA HIS R 53 -5.09 -0.19 58.87
C HIS R 53 -5.04 1.08 58.01
N LYS R 54 -4.49 0.97 56.80
CA LYS R 54 -4.29 2.11 55.92
C LYS R 54 -5.60 2.83 55.63
N GLY R 55 -5.48 4.05 55.14
CA GLY R 55 -6.59 4.91 54.82
C GLY R 55 -6.47 6.26 55.50
N GLU R 56 -7.50 7.07 55.33
CA GLU R 56 -7.53 8.39 55.95
C GLU R 56 -7.65 8.33 57.46
N ARG R 57 -8.31 7.28 57.99
CA ARG R 57 -8.50 7.19 59.43
C ARG R 57 -7.17 7.02 60.17
N GLN R 58 -6.28 6.20 59.64
CA GLN R 58 -4.98 6.01 60.31
C GLN R 58 -4.10 7.24 60.17
N ARG R 59 -4.12 7.86 59.00
CA ARG R 59 -3.26 9.01 58.73
C ARG R 59 -3.86 10.33 59.20
N GLY R 60 -5.05 10.32 59.77
CA GLY R 60 -5.65 11.53 60.30
C GLY R 60 -6.01 12.54 59.22
N THR R 61 -6.62 12.06 58.13
CA THR R 61 -7.00 12.94 57.04
C THR R 61 -8.41 12.65 56.57
N ARG R 62 -9.28 12.16 57.46
CA ARG R 62 -10.67 11.93 57.11
C ARG R 62 -11.39 13.27 56.94
N PRO R 63 -12.47 13.30 56.16
CA PRO R 63 -13.17 14.57 55.91
C PRO R 63 -13.89 15.11 57.14
N ARG R 64 -14.61 16.20 56.97
CA ARG R 64 -15.31 16.87 58.06
C ARG R 64 -16.52 16.04 58.48
N LEU R 65 -17.31 16.58 59.42
CA LEU R 65 -18.43 15.85 59.97
C LEU R 65 -19.52 15.61 58.94
N GLY R 66 -20.05 16.68 58.36
CA GLY R 66 -21.18 16.55 57.47
C GLY R 66 -20.86 15.94 56.12
N PHE R 67 -19.59 15.84 55.77
CA PHE R 67 -19.20 15.28 54.48
C PHE R 67 -19.51 13.79 54.43
N GLU R 68 -20.02 13.34 53.28
CA GLU R 68 -20.42 11.95 53.10
C GLU R 68 -19.75 11.30 51.90
N GLY R 69 -18.56 11.76 51.52
CA GLY R 69 -17.83 11.14 50.43
C GLY R 69 -18.34 11.53 49.07
N GLY R 70 -18.34 12.82 48.75
CA GLY R 70 -18.80 13.31 47.47
C GLY R 70 -20.30 13.39 47.31
N GLN R 71 -21.06 12.52 47.97
CA GLN R 71 -22.50 12.61 47.95
C GLN R 71 -22.96 13.90 48.61
N THR R 72 -24.08 14.44 48.13
CA THR R 72 -24.63 15.66 48.70
C THR R 72 -24.98 15.43 50.17
N PRO R 73 -24.45 16.22 51.09
CA PRO R 73 -24.68 15.95 52.52
C PRO R 73 -26.14 16.15 52.90
N PHE R 74 -26.53 15.47 53.98
CA PHE R 74 -27.89 15.60 54.49
C PHE R 74 -28.16 17.02 54.96
N TYR R 75 -27.19 17.67 55.58
CA TYR R 75 -27.36 19.03 56.07
C TYR R 75 -27.27 20.07 54.96
N LEU R 76 -26.94 19.65 53.74
CA LEU R 76 -26.92 20.55 52.60
C LEU R 76 -28.01 20.24 51.57
N ARG R 77 -28.67 19.09 51.68
CA ARG R 77 -29.71 18.73 50.72
C ARG R 77 -31.08 19.24 51.10
N ILE R 78 -31.35 19.40 52.39
CA ILE R 78 -32.67 19.86 52.84
C ILE R 78 -32.85 21.32 52.45
N PRO R 79 -33.99 21.71 51.89
CA PRO R 79 -34.20 23.11 51.56
C PRO R 79 -34.30 23.99 52.79
N LYS R 80 -33.89 25.25 52.64
CA LYS R 80 -33.97 26.21 53.73
C LYS R 80 -35.41 26.60 54.00
N TYR R 81 -35.72 26.78 55.29
CA TYR R 81 -37.03 27.27 55.70
C TYR R 81 -36.87 28.08 56.97
N GLY R 82 -37.77 29.03 57.17
CA GLY R 82 -37.67 29.89 58.33
C GLY R 82 -38.03 29.21 59.63
N PHE R 83 -37.01 28.86 60.41
CA PHE R 83 -37.18 28.36 61.78
C PHE R 83 -36.52 29.27 62.79
N ASN R 84 -35.27 29.66 62.54
CA ASN R 84 -34.54 30.60 63.38
C ASN R 84 -34.46 31.99 62.74
N GLU R 85 -35.32 32.26 61.76
CA GLU R 85 -35.30 33.55 61.07
C GLU R 85 -35.62 34.67 62.06
N GLY R 86 -34.65 35.54 62.30
CA GLY R 86 -34.82 36.61 63.28
C GLY R 86 -35.00 36.12 64.69
N HIS R 87 -34.36 35.02 65.07
CA HIS R 87 -34.47 34.51 66.43
C HIS R 87 -33.80 35.43 67.44
N SER R 88 -32.84 36.24 67.02
CA SER R 88 -32.15 37.16 67.89
C SER R 88 -32.91 38.46 68.10
N PHE R 89 -34.15 38.54 67.65
CA PHE R 89 -34.98 39.73 67.84
C PHE R 89 -36.36 39.40 68.40
N ARG R 90 -36.68 38.12 68.58
CA ARG R 90 -37.92 37.74 69.22
C ARG R 90 -37.82 37.99 70.71
N HIS R 91 -38.84 38.64 71.27
CA HIS R 91 -38.83 38.94 72.69
C HIS R 91 -39.06 37.68 73.51
N GLN R 92 -38.24 37.47 74.53
CA GLN R 92 -38.34 36.30 75.40
C GLN R 92 -38.78 36.73 76.80
N TYR R 93 -39.61 35.89 77.42
CA TYR R 93 -40.13 36.16 78.76
C TYR R 93 -40.02 34.90 79.58
N GLN R 94 -39.33 34.99 80.71
CA GLN R 94 -39.22 33.84 81.60
C GLN R 94 -40.56 33.58 82.27
N PRO R 95 -41.11 32.37 82.18
CA PRO R 95 -42.39 32.10 82.83
C PRO R 95 -42.24 31.94 84.34
N LEU R 96 -43.24 32.43 85.07
CA LEU R 96 -43.30 32.28 86.52
C LEU R 96 -44.66 31.74 86.89
N SER R 97 -44.68 30.56 87.50
CA SER R 97 -45.94 29.92 87.85
C SER R 97 -46.45 30.46 89.19
N LEU R 98 -47.79 30.52 89.31
CA LEU R 98 -48.38 30.93 90.57
C LEU R 98 -48.05 29.97 91.69
N ASN R 99 -47.87 28.68 91.38
CA ASN R 99 -47.43 27.73 92.39
C ASN R 99 -46.05 28.08 92.91
N ARG R 100 -45.12 28.42 92.01
CA ARG R 100 -43.79 28.82 92.45
C ARG R 100 -43.84 30.12 93.24
N LEU R 101 -44.69 31.06 92.82
CA LEU R 101 -44.82 32.32 93.58
C LEU R 101 -45.33 32.06 94.99
N GLN R 102 -46.33 31.18 95.12
CA GLN R 102 -46.83 30.81 96.44
C GLN R 102 -45.75 30.12 97.26
N TYR R 103 -44.94 29.28 96.61
CA TYR R 103 -43.83 28.63 97.30
C TYR R 103 -42.85 29.65 97.85
N LEU R 104 -42.49 30.65 97.02
CA LEU R 104 -41.57 31.68 97.47
C LEU R 104 -42.17 32.48 98.62
N ILE R 105 -43.44 32.84 98.52
CA ILE R 105 -44.08 33.62 99.58
C ILE R 105 -44.11 32.84 100.88
N ASP R 106 -44.47 31.56 100.82
CA ASP R 106 -44.52 30.73 102.02
C ASP R 106 -43.14 30.48 102.62
N LEU R 107 -42.11 30.36 101.78
CA LEU R 107 -40.75 30.19 102.28
C LEU R 107 -40.11 31.49 102.71
N GLY R 108 -40.74 32.63 102.43
CA GLY R 108 -40.25 33.90 102.90
C GLY R 108 -39.20 34.57 102.03
N ARG R 109 -38.92 34.03 100.85
CA ARG R 109 -37.98 34.67 99.94
C ARG R 109 -38.50 36.04 99.51
N VAL R 110 -39.80 36.12 99.22
CA VAL R 110 -40.45 37.37 98.86
C VAL R 110 -41.59 37.63 99.83
N ASP R 111 -41.83 38.91 100.11
CA ASP R 111 -42.82 39.30 101.10
C ASP R 111 -43.97 40.04 100.42
N PRO R 112 -45.21 39.55 100.57
CA PRO R 112 -46.35 40.26 99.98
C PRO R 112 -46.65 41.61 100.61
N THR R 113 -46.13 41.88 101.81
CA THR R 113 -46.38 43.17 102.46
C THR R 113 -45.82 44.32 101.65
N GLN R 114 -44.70 44.13 100.98
CA GLN R 114 -44.10 45.12 100.11
C GLN R 114 -44.42 44.82 98.66
N PRO R 115 -44.45 45.82 97.79
CA PRO R 115 -44.67 45.56 96.37
C PRO R 115 -43.56 44.70 95.81
N ILE R 116 -43.94 43.69 95.03
CA ILE R 116 -43.01 42.71 94.48
C ILE R 116 -42.79 43.02 93.02
N ASP R 117 -41.52 43.20 92.63
CA ASP R 117 -41.14 43.52 91.27
C ASP R 117 -40.10 42.51 90.80
N LEU R 118 -39.56 42.75 89.60
CA LEU R 118 -38.54 41.86 89.07
C LEU R 118 -37.28 41.88 89.94
N THR R 119 -36.91 43.04 90.46
CA THR R 119 -35.77 43.12 91.37
C THR R 119 -36.03 42.30 92.63
N GLN R 120 -37.25 42.38 93.16
CA GLN R 120 -37.58 41.58 94.34
C GLN R 120 -37.50 40.09 94.04
N LEU R 121 -38.00 39.68 92.87
CA LEU R 121 -37.92 38.28 92.49
C LEU R 121 -36.47 37.81 92.35
N VAL R 122 -35.63 38.64 91.73
CA VAL R 122 -34.22 38.28 91.58
C VAL R 122 -33.55 38.16 92.94
N ASN R 123 -33.84 39.10 93.84
CA ASN R 123 -33.29 39.02 95.19
C ASN R 123 -33.79 37.78 95.93
N GLY R 124 -35.03 37.37 95.69
CA GLY R 124 -35.57 36.16 96.26
C GLY R 124 -35.18 34.90 95.53
N ARG R 125 -34.41 35.02 94.45
CA ARG R 125 -33.86 33.88 93.71
C ARG R 125 -34.97 33.04 93.07
N GLY R 126 -36.12 33.64 92.83
CA GLY R 126 -37.22 32.92 92.22
C GLY R 126 -37.08 32.76 90.72
N VAL R 127 -36.55 33.79 90.06
CA VAL R 127 -36.36 33.78 88.62
C VAL R 127 -34.97 34.31 88.30
N THR R 128 -34.48 33.95 87.12
CA THR R 128 -33.21 34.44 86.61
C THR R 128 -33.42 35.00 85.22
N ILE R 129 -32.91 36.21 84.98
CA ILE R 129 -33.11 36.92 83.73
C ILE R 129 -31.75 37.15 83.07
N GLN R 130 -31.65 36.81 81.79
CA GLN R 130 -30.43 37.02 81.01
C GLN R 130 -30.75 38.01 79.89
N PRO R 131 -30.63 39.31 80.12
CA PRO R 131 -31.01 40.27 79.08
C PRO R 131 -30.21 40.16 77.80
N SER R 132 -28.94 39.70 77.88
CA SER R 132 -28.14 39.55 76.67
C SER R 132 -28.70 38.49 75.74
N LYS R 133 -29.52 37.57 76.25
CA LYS R 133 -30.19 36.57 75.44
C LYS R 133 -31.55 37.03 74.95
N ARG R 134 -31.73 38.35 74.80
CA ARG R 134 -32.98 38.96 74.32
C ARG R 134 -34.16 38.70 75.25
N ASP R 135 -33.89 38.38 76.51
CA ASP R 135 -34.95 38.25 77.48
C ASP R 135 -35.52 39.63 77.79
N TYR R 136 -36.84 39.70 77.93
CA TYR R 136 -37.54 40.95 78.19
C TYR R 136 -38.27 40.96 79.52
N GLY R 137 -37.91 40.07 80.44
CA GLY R 137 -38.51 40.07 81.75
C GLY R 137 -39.21 38.77 82.10
N VAL R 138 -40.21 38.86 82.98
CA VAL R 138 -40.91 37.69 83.50
C VAL R 138 -42.39 37.80 83.15
N GLN R 139 -42.93 36.74 82.58
CA GLN R 139 -44.35 36.62 82.32
C GLN R 139 -45.00 35.71 83.35
N LEU R 140 -46.32 35.83 83.49
CA LEU R 140 -47.09 35.07 84.46
C LEU R 140 -47.85 33.96 83.76
N VAL R 141 -47.79 32.75 84.32
CA VAL R 141 -48.56 31.62 83.85
C VAL R 141 -49.42 31.11 85.01
N GLU R 142 -50.38 30.25 84.67
CA GLU R 142 -51.40 29.81 85.60
C GLU R 142 -51.25 28.34 85.94
N GLU R 143 -50.00 27.89 86.14
CA GLU R 143 -49.76 26.49 86.45
C GLU R 143 -50.37 26.12 87.81
N GLY R 144 -50.25 27.00 88.81
CA GLY R 144 -50.77 26.71 90.13
C GLY R 144 -51.84 27.69 90.58
N ALA R 145 -52.73 28.06 89.67
CA ALA R 145 -53.79 29.02 89.98
C ALA R 145 -54.82 28.48 90.96
N ASP R 146 -55.00 27.16 91.03
CA ASP R 146 -56.02 26.59 91.91
C ASP R 146 -55.67 26.77 93.38
N THR R 147 -54.39 26.70 93.73
CA THR R 147 -53.96 26.75 95.12
C THR R 147 -53.28 28.07 95.48
N PHE R 148 -53.56 29.13 94.74
CA PHE R 148 -52.96 30.44 95.02
C PHE R 148 -53.84 31.17 96.02
N LYS R 149 -53.32 31.35 97.24
CA LYS R 149 -54.07 31.98 98.32
C LYS R 149 -53.43 33.25 98.85
N ALA R 150 -52.39 33.76 98.21
CA ALA R 150 -51.68 34.92 98.72
C ALA R 150 -52.21 36.21 98.11
N LYS R 151 -52.14 37.29 98.88
CA LYS R 151 -52.53 38.63 98.45
C LYS R 151 -51.24 39.41 98.21
N VAL R 152 -50.88 39.55 96.94
CA VAL R 152 -49.59 40.12 96.55
C VAL R 152 -49.80 41.11 95.42
N ASN R 153 -49.08 42.23 95.48
CA ASN R 153 -49.02 43.21 94.39
C ASN R 153 -47.89 42.78 93.47
N ILE R 154 -48.25 42.27 92.30
CA ILE R 154 -47.29 41.70 91.35
C ILE R 154 -47.18 42.62 90.14
N GLU R 155 -45.95 42.95 89.75
CA GLU R 155 -45.69 43.75 88.56
C GLU R 155 -44.78 42.93 87.66
N VAL R 156 -45.32 42.48 86.52
CA VAL R 156 -44.58 41.65 85.58
C VAL R 156 -44.59 42.32 84.21
N GLN R 157 -44.02 41.64 83.21
CA GLN R 157 -44.02 42.14 81.84
C GLN R 157 -45.17 41.61 81.01
N MET R 158 -45.58 40.37 81.22
CA MET R 158 -46.74 39.81 80.55
C MET R 158 -47.54 38.98 81.56
N ALA R 159 -48.84 38.88 81.32
CA ALA R 159 -49.71 38.12 82.21
C ALA R 159 -50.83 37.48 81.39
N SER R 160 -51.38 36.41 81.93
CA SER R 160 -52.51 35.72 81.33
C SER R 160 -53.79 36.03 82.10
N GLU R 161 -54.92 35.87 81.41
CA GLU R 161 -56.20 36.21 82.01
C GLU R 161 -56.49 35.34 83.22
N LEU R 162 -56.18 34.05 83.14
CA LEU R 162 -56.43 33.16 84.28
C LEU R 162 -55.59 33.54 85.48
N ALA R 163 -54.31 33.87 85.26
CA ALA R 163 -53.46 34.28 86.36
C ALA R 163 -53.94 35.60 86.98
N ILE R 164 -54.34 36.55 86.13
CA ILE R 164 -54.85 37.82 86.64
C ILE R 164 -56.11 37.60 87.47
N ALA R 165 -57.01 36.74 86.98
CA ALA R 165 -58.23 36.45 87.72
C ALA R 165 -57.92 35.76 89.04
N ALA R 166 -56.96 34.83 89.05
CA ALA R 166 -56.59 34.16 90.28
C ALA R 166 -56.02 35.14 91.30
N ILE R 167 -55.18 36.07 90.86
CA ILE R 167 -54.63 37.07 91.78
C ILE R 167 -55.73 38.00 92.29
N GLU R 168 -56.62 38.45 91.40
CA GLU R 168 -57.69 39.36 91.82
C GLU R 168 -58.70 38.68 92.74
N LYS R 169 -58.86 37.36 92.64
CA LYS R 169 -59.76 36.66 93.56
C LYS R 169 -59.26 36.79 95.00
N ASN R 170 -57.96 36.62 95.21
CA ASN R 170 -57.40 36.87 96.53
C ASN R 170 -57.35 38.36 96.86
N GLY R 171 -57.26 39.22 95.85
CA GLY R 171 -57.30 40.65 96.08
C GLY R 171 -55.99 41.35 95.84
N GLY R 172 -55.21 40.85 94.88
CA GLY R 172 -53.95 41.46 94.51
C GLY R 172 -54.10 42.48 93.40
N VAL R 173 -52.96 42.99 92.95
CA VAL R 173 -52.91 43.96 91.87
C VAL R 173 -51.94 43.43 90.82
N VAL R 174 -52.39 43.41 89.56
CA VAL R 174 -51.57 42.96 88.44
C VAL R 174 -51.37 44.12 87.49
N THR R 175 -50.12 44.38 87.13
CA THR R 175 -49.78 45.45 86.20
C THR R 175 -48.63 44.99 85.33
N THR R 176 -48.74 45.25 84.03
CA THR R 176 -47.71 44.89 83.06
C THR R 176 -47.03 46.15 82.56
N ALA R 177 -45.70 46.17 82.66
CA ALA R 177 -44.89 47.28 82.20
C ALA R 177 -43.94 46.82 81.09
N PHE R 178 -43.11 47.76 80.64
CA PHE R 178 -42.14 47.49 79.60
C PHE R 178 -40.74 47.88 80.08
N TYR R 179 -39.73 47.17 79.59
CA TYR R 179 -38.35 47.47 79.90
C TYR R 179 -37.48 47.20 78.68
N ASP R 180 -36.85 48.24 78.15
CA ASP R 180 -35.83 48.06 77.14
C ASP R 180 -34.63 47.35 77.78
N PRO R 181 -33.80 46.67 76.97
CA PRO R 181 -32.76 45.80 77.55
C PRO R 181 -31.84 46.50 78.55
N ARG R 182 -31.48 47.76 78.30
CA ARG R 182 -30.62 48.47 79.24
C ARG R 182 -31.31 48.65 80.60
N SER R 183 -32.56 49.13 80.58
CA SER R 183 -33.30 49.27 81.83
C SER R 183 -33.54 47.94 82.50
N LEU R 184 -33.73 46.88 81.71
CA LEU R 184 -33.92 45.55 82.29
C LEU R 184 -32.66 45.08 82.99
N GLU R 185 -31.49 45.31 82.39
CA GLU R 185 -30.23 45.00 83.07
C GLU R 185 -30.09 45.78 84.36
N ILE R 186 -30.43 47.07 84.32
CA ILE R 186 -30.32 47.92 85.51
C ILE R 186 -31.23 47.41 86.60
N LEU R 187 -32.47 47.07 86.25
CA LEU R 187 -33.43 46.56 87.24
C LEU R 187 -32.99 45.22 87.80
N CYS R 188 -32.48 44.32 86.96
CA CYS R 188 -32.07 43.00 87.43
C CYS R 188 -30.88 43.10 88.36
N LYS R 189 -29.89 43.94 88.02
CA LYS R 189 -28.67 44.09 88.80
C LYS R 189 -28.46 45.57 89.11
N PRO R 190 -29.14 46.11 90.12
CA PRO R 190 -28.98 47.53 90.44
C PRO R 190 -27.66 47.84 91.12
N VAL R 191 -27.20 46.95 91.99
CA VAL R 191 -25.96 47.15 92.73
C VAL R 191 -24.78 47.27 91.76
N PRO R 192 -24.62 46.37 90.77
CA PRO R 192 -23.58 46.60 89.75
C PRO R 192 -23.77 47.90 88.99
N PHE R 193 -25.01 48.29 88.70
CA PHE R 193 -25.27 49.57 88.06
C PHE R 193 -24.95 50.76 88.97
N PHE R 194 -25.28 50.64 90.25
CA PHE R 194 -24.96 51.71 91.20
C PHE R 194 -23.47 51.84 91.42
N LEU R 195 -22.71 50.76 91.30
CA LEU R 195 -21.26 50.81 91.35
C LEU R 195 -20.64 51.20 90.01
N ARG R 196 -21.44 51.33 88.96
CA ARG R 196 -20.92 51.71 87.65
C ARG R 196 -20.56 53.19 87.59
N GLY R 197 -21.29 54.03 88.32
CA GLY R 197 -21.00 55.45 88.34
C GLY R 197 -21.71 56.26 87.27
N GLN R 198 -22.93 55.89 86.91
CA GLN R 198 -23.68 56.62 85.90
C GLN R 198 -25.06 56.97 86.42
N PRO R 199 -25.61 58.10 86.00
CA PRO R 199 -26.98 58.46 86.42
C PRO R 199 -28.00 57.48 85.87
N ILE R 200 -29.10 57.33 86.60
CA ILE R 200 -30.18 56.44 86.20
C ILE R 200 -30.84 56.99 84.94
N PRO R 201 -30.89 56.23 83.86
CA PRO R 201 -31.47 56.74 82.61
C PRO R 201 -32.99 56.56 82.59
N LYS R 202 -33.59 57.14 81.56
CA LYS R 202 -35.02 57.03 81.36
C LYS R 202 -35.40 55.63 80.89
N ARG R 203 -36.66 55.26 81.11
CA ARG R 203 -37.20 54.00 80.62
C ARG R 203 -37.85 54.24 79.27
N MET R 204 -37.31 53.61 78.23
CA MET R 204 -37.81 53.83 76.88
C MET R 204 -39.20 53.24 76.70
N LEU R 205 -39.98 53.88 75.83
CA LEU R 205 -41.32 53.43 75.54
C LEU R 205 -41.29 52.12 74.74
N PRO R 206 -42.31 51.27 74.89
CA PRO R 206 -42.35 50.04 74.11
C PRO R 206 -42.53 50.34 72.63
N PRO R 207 -42.03 49.49 71.75
CA PRO R 207 -42.20 49.73 70.31
C PRO R 207 -43.64 49.53 69.85
N GLU R 208 -43.90 49.81 68.57
CA GLU R 208 -45.24 49.70 68.03
C GLU R 208 -45.82 48.30 68.16
N ALA R 209 -44.96 47.27 68.20
CA ALA R 209 -45.45 45.91 68.34
C ALA R 209 -46.06 45.66 69.71
N LEU R 210 -45.58 46.37 70.73
CA LEU R 210 -46.05 46.17 72.10
C LEU R 210 -46.90 47.31 72.63
N VAL R 211 -47.05 48.40 71.86
CA VAL R 211 -47.90 49.50 72.30
C VAL R 211 -49.35 49.07 72.51
N PRO R 212 -50.01 48.38 71.57
CA PRO R 212 -51.38 47.93 71.85
C PRO R 212 -51.50 47.00 73.04
N TYR R 213 -50.50 46.14 73.27
CA TYR R 213 -50.56 45.22 74.41
C TYR R 213 -50.56 45.95 75.74
N TYR R 214 -49.76 47.00 75.88
CA TYR R 214 -49.67 47.76 77.12
C TYR R 214 -50.66 48.92 77.19
N THR R 215 -51.36 49.21 76.09
CA THR R 215 -52.39 50.25 76.10
C THR R 215 -53.78 49.68 76.42
N ASP R 216 -53.93 48.36 76.47
CA ASP R 216 -55.21 47.73 76.74
C ASP R 216 -55.43 47.57 78.23
N ALA R 217 -56.70 47.55 78.64
CA ALA R 217 -57.05 47.38 80.04
C ALA R 217 -57.12 45.93 80.46
N LYS R 218 -57.53 45.02 79.57
CA LYS R 218 -57.60 43.61 79.91
C LYS R 218 -56.23 43.02 80.22
N ASN R 219 -55.17 43.54 79.61
CA ASN R 219 -53.82 43.11 79.92
C ASN R 219 -53.21 43.88 81.08
N ARG R 220 -53.96 44.82 81.66
CA ARG R 220 -53.50 45.61 82.80
C ARG R 220 -52.20 46.35 82.48
N GLY R 221 -52.18 46.93 81.29
CA GLY R 221 -51.01 47.67 80.86
C GLY R 221 -50.76 48.89 81.73
N TYR R 222 -49.47 49.23 81.89
CA TYR R 222 -49.11 50.36 82.73
C TYR R 222 -49.40 51.69 82.06
N LEU R 223 -49.54 51.72 80.73
CA LEU R 223 -49.90 52.92 80.00
C LEU R 223 -51.38 52.98 79.66
N ALA R 224 -52.16 51.99 80.10
CA ALA R 224 -53.58 51.98 79.81
C ALA R 224 -54.32 53.04 80.63
N ASP R 225 -55.50 53.39 80.15
CA ASP R 225 -56.33 54.38 80.83
C ASP R 225 -56.83 53.81 82.16
N PRO R 226 -56.54 54.43 83.30
CA PRO R 226 -56.99 53.88 84.59
C PRO R 226 -58.50 53.81 84.73
N ALA R 227 -59.26 54.60 83.96
CA ALA R 227 -60.71 54.55 84.06
C ALA R 227 -61.27 53.21 83.60
N ARG R 228 -60.56 52.51 82.71
CA ARG R 228 -61.03 51.24 82.17
C ARG R 228 -60.65 50.06 83.05
N PHE R 229 -59.79 50.25 84.05
CA PHE R 229 -59.38 49.13 84.90
C PHE R 229 -60.55 48.52 85.67
N PRO R 230 -61.40 49.28 86.36
CA PRO R 230 -62.52 48.64 87.08
C PRO R 230 -63.46 47.87 86.16
N GLU R 231 -63.67 48.36 84.93
CA GLU R 231 -64.51 47.63 83.99
C GLU R 231 -63.92 46.27 83.66
N ALA R 232 -62.62 46.22 83.39
CA ALA R 232 -61.97 44.95 83.09
C ALA R 232 -61.99 44.02 84.30
N ARG R 233 -61.77 44.58 85.49
CA ARG R 233 -61.82 43.75 86.71
C ARG R 233 -63.20 43.15 86.89
N LEU R 234 -64.25 43.95 86.67
CA LEU R 234 -65.62 43.44 86.79
C LEU R 234 -65.90 42.37 85.74
N GLU R 235 -65.42 42.57 84.51
CA GLU R 235 -65.63 41.59 83.46
C GLU R 235 -64.96 40.26 83.81
N LEU R 236 -63.72 40.33 84.31
CA LEU R 236 -63.04 39.10 84.72
C LEU R 236 -63.75 38.43 85.88
N ALA R 237 -64.23 39.22 86.85
CA ALA R 237 -64.93 38.65 87.99
C ALA R 237 -66.21 37.95 87.56
N ARG R 238 -66.99 38.58 86.68
CA ARG R 238 -68.23 37.96 86.21
C ARG R 238 -67.97 36.79 85.28
N LYS R 239 -66.83 36.77 84.58
CA LYS R 239 -66.52 35.64 83.71
C LYS R 239 -66.09 34.42 84.53
N TYR R 240 -65.27 34.63 85.56
CA TYR R 240 -64.77 33.51 86.35
C TYR R 240 -65.60 33.21 87.58
N GLY R 241 -66.68 33.96 87.81
CA GLY R 241 -67.60 33.63 88.88
C GLY R 241 -67.04 33.75 90.28
N TYR R 242 -66.22 34.76 90.54
CA TYR R 242 -65.70 35.03 91.87
C TYR R 242 -66.06 36.45 92.29
N VAL R 243 -66.36 36.60 93.57
CA VAL R 243 -66.74 37.91 94.10
C VAL R 243 -65.53 38.82 94.08
N LEU R 244 -65.72 40.03 93.56
CA LEU R 244 -64.63 40.98 93.46
C LEU R 244 -64.45 41.71 94.79
N PRO R 245 -63.32 41.55 95.48
CA PRO R 245 -63.13 42.22 96.77
C PRO R 245 -63.07 43.74 96.61
N ASP R 246 -63.49 44.42 97.67
CA ASP R 246 -63.43 45.88 97.72
C ASP R 246 -62.02 46.28 98.13
N ILE R 247 -61.16 46.50 97.14
CA ILE R 247 -59.75 46.79 97.40
C ILE R 247 -59.54 48.12 98.11
N THR R 248 -60.43 49.10 97.88
CA THR R 248 -60.24 50.42 98.46
C THR R 248 -60.33 50.43 99.98
N LYS R 249 -60.93 49.40 100.58
CA LYS R 249 -61.11 49.34 102.02
C LYS R 249 -60.03 48.52 102.73
N ASP R 250 -59.00 48.10 102.01
CA ASP R 250 -57.93 47.32 102.61
C ASP R 250 -56.90 48.23 103.27
N GLU R 251 -56.27 47.70 104.33
CA GLU R 251 -55.25 48.46 105.04
C GLU R 251 -54.00 48.69 104.19
N LEU R 252 -53.70 47.79 103.27
CA LEU R 252 -52.55 47.93 102.38
C LEU R 252 -52.93 48.52 101.03
N PHE R 253 -53.96 49.37 101.00
CA PHE R 253 -54.41 49.94 99.74
C PHE R 253 -53.33 50.80 99.10
N LYS R 254 -52.61 51.60 99.91
CA LYS R 254 -51.53 52.41 99.35
C LYS R 254 -50.43 51.54 98.76
N MET R 255 -50.06 50.46 99.44
CA MET R 255 -49.05 49.55 98.91
C MET R 255 -49.51 48.90 97.62
N LEU R 256 -50.79 48.49 97.55
CA LEU R 256 -51.31 47.89 96.33
C LEU R 256 -51.35 48.90 95.19
N SER R 257 -51.71 50.15 95.48
CA SER R 257 -51.81 51.19 94.46
C SER R 257 -50.48 51.86 94.14
N THR R 258 -49.41 51.47 94.84
CA THR R 258 -48.09 52.02 94.56
C THR R 258 -47.69 51.68 93.12
N ARG R 259 -47.62 52.70 92.27
CA ARG R 259 -47.31 52.53 90.87
C ARG R 259 -45.91 53.06 90.56
N LYS R 260 -45.48 52.83 89.33
CA LYS R 260 -44.23 53.35 88.81
C LYS R 260 -44.50 54.27 87.63
N ASP R 261 -43.77 55.39 87.59
CA ASP R 261 -43.84 56.27 86.45
C ASP R 261 -43.29 55.55 85.21
N PRO R 262 -43.87 55.78 84.04
CA PRO R 262 -43.38 55.10 82.82
C PRO R 262 -41.91 55.37 82.53
N ARG R 263 -41.38 56.53 82.92
CA ARG R 263 -39.97 56.82 82.78
C ARG R 263 -39.16 56.38 83.99
N GLN R 264 -39.80 55.90 85.05
CA GLN R 264 -39.13 55.52 86.27
C GLN R 264 -38.67 54.07 86.19
N ILE R 265 -37.60 53.76 86.91
CA ILE R 265 -37.03 52.41 86.92
C ILE R 265 -37.38 51.70 88.23
N PHE R 266 -36.97 52.29 89.35
CA PHE R 266 -37.15 51.67 90.65
C PHE R 266 -38.33 52.30 91.38
N PHE R 267 -38.53 51.92 92.64
CA PHE R 267 -39.58 52.49 93.47
C PHE R 267 -39.00 53.67 94.26
N GLY R 268 -39.60 54.84 94.11
CA GLY R 268 -39.19 56.02 94.85
C GLY R 268 -38.03 56.79 94.27
N LEU R 269 -37.32 56.24 93.29
CA LEU R 269 -36.19 56.92 92.68
C LEU R 269 -36.64 57.66 91.42
N ALA R 270 -35.76 58.51 90.90
CA ALA R 270 -36.04 59.29 89.72
C ALA R 270 -34.87 59.20 88.74
N PRO R 271 -35.13 59.29 87.44
CA PRO R 271 -34.04 59.27 86.46
C PRO R 271 -33.08 60.43 86.68
N GLY R 272 -31.80 60.17 86.47
CA GLY R 272 -30.76 61.17 86.64
C GLY R 272 -30.12 61.20 88.02
N TRP R 273 -30.67 60.49 88.99
CA TRP R 273 -30.09 60.46 90.33
C TRP R 273 -28.88 59.54 90.35
N VAL R 274 -27.86 59.95 91.11
CA VAL R 274 -26.64 59.17 91.28
C VAL R 274 -26.61 58.69 92.72
N VAL R 275 -26.52 57.38 92.91
CA VAL R 275 -26.54 56.77 94.24
C VAL R 275 -25.10 56.47 94.64
N ASN R 276 -24.52 57.31 95.50
CA ASN R 276 -23.17 57.07 96.02
C ASN R 276 -23.33 56.23 97.29
N MET R 277 -23.15 54.92 97.14
CA MET R 277 -23.35 54.00 98.26
C MET R 277 -22.21 54.07 99.28
N ALA R 278 -21.04 54.56 98.86
CA ALA R 278 -19.93 54.70 99.80
C ALA R 278 -20.25 55.71 100.90
N ASP R 279 -20.83 56.84 100.53
CA ASP R 279 -21.21 57.87 101.49
C ASP R 279 -22.69 57.85 101.84
N LYS R 280 -23.44 56.88 101.32
CA LYS R 280 -24.88 56.78 101.55
C LYS R 280 -25.60 58.06 101.14
N LYS R 281 -25.28 58.54 99.94
CA LYS R 281 -25.76 59.83 99.45
C LYS R 281 -26.48 59.68 98.11
N ILE R 282 -27.36 60.63 97.84
CA ILE R 282 -28.08 60.73 96.58
C ILE R 282 -27.77 62.09 95.97
N LEU R 283 -27.27 62.09 94.74
CA LEU R 283 -26.97 63.31 94.01
C LEU R 283 -28.04 63.52 92.96
N LYS R 284 -28.69 64.68 93.00
CA LYS R 284 -29.76 64.99 92.06
C LYS R 284 -29.39 66.16 91.17
N PRO R 285 -29.58 66.04 89.87
CA PRO R 285 -29.28 67.16 88.96
C PRO R 285 -30.18 68.36 89.23
N THR R 286 -29.62 69.55 89.02
CA THR R 286 -30.34 70.80 89.23
C THR R 286 -30.44 71.65 87.97
N ASP R 287 -29.66 71.37 86.93
CA ASP R 287 -29.73 72.15 85.71
C ASP R 287 -31.08 71.97 85.04
N GLU R 288 -31.59 73.07 84.47
CA GLU R 288 -32.90 73.03 83.82
C GLU R 288 -32.90 72.07 82.63
N ASN R 289 -31.84 72.11 81.82
CA ASN R 289 -31.75 71.21 80.67
C ASN R 289 -31.68 69.75 81.12
N LEU R 290 -30.90 69.47 82.16
CA LEU R 290 -30.80 68.10 82.67
C LEU R 290 -32.15 67.62 83.19
N LEU R 291 -32.85 68.47 83.94
CA LEU R 291 -34.16 68.09 84.45
C LEU R 291 -35.16 67.85 83.33
N LYS R 292 -35.14 68.71 82.30
CA LYS R 292 -36.03 68.51 81.17
C LYS R 292 -35.72 67.21 80.44
N TYR R 293 -34.44 66.92 80.24
CA TYR R 293 -34.06 65.67 79.56
C TYR R 293 -34.49 64.45 80.38
N TYR R 294 -34.28 64.49 81.69
CA TYR R 294 -34.61 63.34 82.53
C TYR R 294 -36.10 63.21 82.79
N SER R 295 -36.88 64.27 82.62
CA SER R 295 -38.33 64.21 82.80
C SER R 295 -39.09 64.13 81.48
N SER R 296 -38.40 64.19 80.34
CA SER R 296 -39.06 64.09 79.05
C SER R 296 -39.49 62.65 78.77
N PHE S 30 -26.10 -85.74 13.52
CA PHE S 30 -27.53 -85.55 13.72
C PHE S 30 -27.80 -84.47 14.77
N LYS S 31 -28.65 -83.51 14.41
CA LYS S 31 -29.02 -82.43 15.31
C LYS S 31 -30.52 -82.20 15.23
N THR S 32 -31.10 -81.76 16.35
CA THR S 32 -32.54 -81.57 16.43
C THR S 32 -32.94 -80.25 15.78
N LEU S 33 -33.99 -80.31 14.96
CA LEU S 33 -34.51 -79.11 14.31
C LEU S 33 -35.35 -78.29 15.29
N LEU S 34 -35.34 -76.98 15.07
CA LEU S 34 -36.14 -76.06 15.85
C LEU S 34 -36.98 -75.19 14.94
N PRO S 35 -38.19 -74.80 15.37
CA PRO S 35 -39.02 -73.93 14.53
C PRO S 35 -38.45 -72.52 14.44
N VAL S 36 -38.45 -71.99 13.23
CA VAL S 36 -37.95 -70.63 12.99
C VAL S 36 -39.08 -69.65 13.26
N PRO S 37 -38.84 -68.59 14.03
CA PRO S 37 -39.89 -67.58 14.27
C PRO S 37 -40.32 -66.95 12.96
N THR S 38 -41.63 -66.88 12.75
CA THR S 38 -42.21 -66.34 11.53
C THR S 38 -42.86 -64.99 11.82
N PHE S 39 -42.56 -64.00 10.98
CA PHE S 39 -43.07 -62.65 11.14
C PHE S 39 -44.13 -62.42 10.05
N GLU S 40 -45.40 -62.60 10.41
CA GLU S 40 -46.50 -62.38 9.50
C GLU S 40 -47.33 -61.15 9.83
N ASP S 41 -47.25 -60.64 11.06
CA ASP S 41 -48.02 -59.48 11.49
C ASP S 41 -47.25 -58.18 11.35
N VAL S 42 -46.11 -58.21 10.66
CA VAL S 42 -45.27 -57.03 10.48
C VAL S 42 -45.46 -56.53 9.05
N ALA S 43 -45.88 -55.27 8.92
CA ALA S 43 -46.08 -54.64 7.62
C ALA S 43 -45.07 -53.51 7.46
N ILE S 44 -44.31 -53.55 6.38
CA ILE S 44 -43.29 -52.53 6.11
C ILE S 44 -43.97 -51.29 5.55
N PRO S 45 -43.87 -50.14 6.21
CA PRO S 45 -44.49 -48.92 5.69
C PRO S 45 -43.68 -48.34 4.53
N GLU S 46 -44.31 -47.41 3.83
CA GLU S 46 -43.64 -46.72 2.73
C GLU S 46 -42.49 -45.87 3.25
N LYS S 47 -41.43 -45.78 2.44
CA LYS S 47 -40.21 -45.05 2.78
C LYS S 47 -39.61 -45.60 4.07
N PRO S 48 -39.10 -46.83 4.07
CA PRO S 48 -38.55 -47.40 5.31
C PRO S 48 -37.26 -46.75 5.75
N LYS S 49 -36.54 -46.08 4.86
CA LYS S 49 -35.27 -45.48 5.22
C LYS S 49 -35.48 -44.22 6.06
N LEU S 50 -34.42 -43.81 6.74
CA LEU S 50 -34.48 -42.63 7.60
C LEU S 50 -34.63 -41.37 6.75
N ARG S 51 -35.41 -40.42 7.27
CA ARG S 51 -35.65 -39.16 6.58
C ARG S 51 -34.47 -38.21 6.78
N PHE S 52 -34.22 -37.41 5.76
CA PHE S 52 -33.16 -36.40 5.85
C PHE S 52 -33.52 -35.34 6.88
N VAL S 53 -32.52 -34.91 7.65
CA VAL S 53 -32.71 -33.91 8.69
C VAL S 53 -31.89 -32.67 8.35
N GLU S 54 -32.30 -31.55 8.92
CA GLU S 54 -31.69 -30.26 8.64
C GLU S 54 -30.75 -29.87 9.76
N ARG S 55 -29.56 -29.37 9.39
CA ARG S 55 -28.63 -28.87 10.40
C ARG S 55 -29.21 -27.68 11.14
N VAL S 56 -29.89 -26.79 10.43
CA VAL S 56 -30.54 -25.62 11.02
C VAL S 56 -32.03 -25.74 10.74
N PRO S 57 -32.90 -25.55 11.72
CA PRO S 57 -34.35 -25.63 11.46
C PRO S 57 -34.81 -24.49 10.56
N LEU S 58 -36.00 -24.68 9.98
CA LEU S 58 -36.53 -23.70 9.04
C LEU S 58 -36.74 -22.35 9.71
N VAL S 59 -36.99 -22.33 11.02
CA VAL S 59 -37.13 -21.08 11.76
C VAL S 59 -35.99 -20.99 12.77
N PRO S 60 -34.91 -20.29 12.44
CA PRO S 60 -33.79 -20.19 13.40
C PRO S 60 -34.18 -19.39 14.62
N LYS S 61 -33.57 -19.73 15.76
CA LYS S 61 -33.84 -19.02 17.01
C LYS S 61 -32.99 -17.77 17.07
N VAL S 62 -33.63 -16.61 16.91
CA VAL S 62 -32.91 -15.34 16.95
C VAL S 62 -32.38 -15.05 18.36
N ARG S 63 -33.15 -15.38 19.38
CA ARG S 63 -32.75 -15.10 20.76
C ARG S 63 -31.84 -16.22 21.26
N ARG S 64 -30.65 -15.85 21.71
CA ARG S 64 -29.70 -16.82 22.24
C ARG S 64 -30.17 -17.34 23.58
N GLU S 65 -29.97 -18.63 23.82
CA GLU S 65 -30.45 -19.29 25.03
C GLU S 65 -29.28 -19.76 25.88
N ARG S 66 -29.50 -19.79 27.19
CA ARG S 66 -28.51 -20.30 28.12
C ARG S 66 -28.39 -21.82 27.98
N LYS S 67 -27.16 -22.32 28.10
CA LYS S 67 -26.90 -23.75 27.94
C LYS S 67 -27.28 -24.46 29.23
N ASN S 68 -28.55 -24.86 29.32
CA ASN S 68 -29.01 -25.63 30.47
C ASN S 68 -28.42 -27.04 30.42
N LEU S 69 -27.88 -27.50 31.56
CA LEU S 69 -27.35 -28.84 31.67
C LEU S 69 -28.34 -29.83 32.28
N SER S 70 -29.51 -29.35 32.69
CA SER S 70 -30.53 -30.25 33.21
C SER S 70 -31.12 -31.15 32.13
N ASP S 71 -31.08 -30.70 30.87
CA ASP S 71 -31.53 -31.53 29.76
C ASP S 71 -30.63 -32.72 29.50
N ILE S 72 -29.44 -32.75 30.11
CA ILE S 72 -28.56 -33.90 30.04
C ILE S 72 -28.47 -34.64 31.37
N ARG S 73 -28.39 -33.92 32.49
CA ARG S 73 -28.27 -34.55 33.79
C ARG S 73 -29.55 -35.29 34.15
N GLY S 74 -29.40 -36.48 34.72
CA GLY S 74 -30.54 -37.26 35.17
C GLY S 74 -31.05 -38.22 34.12
N PRO S 75 -31.90 -39.16 34.54
CA PRO S 75 -32.47 -40.12 33.60
C PRO S 75 -33.44 -39.48 32.62
N SER S 76 -33.59 -40.12 31.48
CA SER S 76 -34.53 -39.66 30.46
C SER S 76 -35.96 -39.99 30.86
N THR S 77 -36.86 -39.05 30.61
CA THR S 77 -38.28 -39.23 30.89
C THR S 77 -39.10 -39.57 29.65
N GLU S 78 -38.74 -39.03 28.50
CA GLU S 78 -39.45 -39.27 27.25
C GLU S 78 -38.66 -40.22 26.35
N ALA S 79 -39.38 -40.83 25.41
CA ALA S 79 -38.80 -41.77 24.44
C ALA S 79 -38.06 -42.91 25.14
N THR S 80 -38.66 -43.40 26.22
CA THR S 80 -38.08 -44.48 27.00
C THR S 80 -38.63 -45.86 26.66
N GLU S 81 -39.62 -45.94 25.79
CA GLU S 81 -40.27 -47.20 25.44
C GLU S 81 -40.43 -47.32 23.94
N PHE S 82 -40.52 -48.56 23.46
CA PHE S 82 -40.74 -48.84 22.05
C PHE S 82 -42.15 -48.40 21.65
N THR S 83 -42.26 -47.86 20.44
CA THR S 83 -43.55 -47.42 19.91
C THR S 83 -44.08 -48.36 18.85
N GLU S 84 -43.27 -48.65 17.82
CA GLU S 84 -43.73 -49.50 16.74
C GLU S 84 -42.65 -50.50 16.31
N GLY S 85 -41.39 -50.19 16.62
CA GLY S 85 -40.29 -51.05 16.26
C GLY S 85 -40.07 -52.17 17.26
N ARG S 86 -39.09 -53.01 16.95
CA ARG S 86 -38.71 -54.12 17.82
C ARG S 86 -37.27 -54.07 18.30
N PHE S 87 -36.44 -53.20 17.72
CA PHE S 87 -35.08 -52.99 18.19
C PHE S 87 -34.85 -51.49 18.33
N ALA S 88 -33.82 -51.12 19.07
CA ALA S 88 -33.55 -49.71 19.30
C ALA S 88 -32.09 -49.53 19.68
N ILE S 89 -31.64 -48.28 19.59
CA ILE S 89 -30.33 -47.87 20.07
C ILE S 89 -30.53 -47.18 21.41
N LEU S 90 -30.14 -47.86 22.48
CA LEU S 90 -30.35 -47.36 23.84
C LEU S 90 -29.09 -46.66 24.32
N ALA S 91 -29.23 -45.42 24.78
CA ALA S 91 -28.12 -44.62 25.25
C ALA S 91 -27.99 -44.78 26.76
N LEU S 92 -26.81 -45.20 27.22
CA LEU S 92 -26.55 -45.38 28.63
C LEU S 92 -25.97 -44.13 29.30
N GLY S 93 -25.83 -43.03 28.56
CA GLY S 93 -25.33 -41.79 29.10
C GLY S 93 -25.93 -40.59 28.40
N GLY S 94 -25.57 -39.41 28.90
CA GLY S 94 -26.08 -38.18 28.34
C GLY S 94 -25.13 -37.56 27.35
N GLY S 95 -25.65 -36.69 26.49
CA GLY S 95 -24.80 -36.04 25.50
C GLY S 95 -25.60 -35.15 24.58
N TYR S 96 -24.89 -34.64 23.56
CA TYR S 96 -25.46 -33.78 22.53
C TYR S 96 -25.27 -34.45 21.18
N LEU S 97 -26.34 -34.47 20.38
CA LEU S 97 -26.28 -35.02 19.03
C LEU S 97 -26.50 -33.89 18.03
N HIS S 98 -25.54 -33.70 17.13
CA HIS S 98 -25.60 -32.63 16.14
C HIS S 98 -25.69 -33.22 14.74
N TRP S 99 -25.66 -32.33 13.74
CA TRP S 99 -25.94 -32.73 12.37
C TRP S 99 -24.94 -33.75 11.84
N GLY S 100 -23.68 -33.67 12.28
CA GLY S 100 -22.72 -34.67 11.86
C GLY S 100 -23.08 -36.07 12.34
N HIS S 101 -23.47 -36.18 13.61
CA HIS S 101 -23.91 -37.47 14.14
C HIS S 101 -25.17 -37.95 13.43
N PHE S 102 -26.11 -37.02 13.19
CA PHE S 102 -27.35 -37.40 12.49
C PHE S 102 -27.04 -37.94 11.10
N GLU S 103 -26.16 -37.26 10.37
CA GLU S 103 -25.80 -37.72 9.03
C GLU S 103 -25.09 -39.06 9.08
N MET S 104 -24.18 -39.25 10.04
CA MET S 104 -23.49 -40.53 10.16
C MET S 104 -24.48 -41.66 10.40
N MET S 105 -25.39 -41.49 11.37
CA MET S 105 -26.36 -42.53 11.65
C MET S 105 -27.26 -42.80 10.45
N ARG S 106 -27.75 -41.73 9.82
CA ARG S 106 -28.65 -41.89 8.68
C ARG S 106 -27.98 -42.64 7.54
N LEU S 107 -26.76 -42.22 7.16
CA LEU S 107 -26.07 -42.87 6.06
C LEU S 107 -25.75 -44.33 6.38
N THR S 108 -25.26 -44.59 7.60
CA THR S 108 -24.91 -45.96 7.96
C THR S 108 -26.14 -46.87 7.94
N ILE S 109 -27.24 -46.40 8.53
CA ILE S 109 -28.45 -47.23 8.58
C ILE S 109 -29.02 -47.43 7.18
N ASN S 110 -29.03 -46.38 6.36
CA ASN S 110 -29.57 -46.52 5.01
C ASN S 110 -28.72 -47.48 4.17
N ARG S 111 -27.41 -47.43 4.31
CA ARG S 111 -26.56 -48.30 3.49
C ARG S 111 -26.44 -49.71 4.06
N SER S 112 -26.81 -49.92 5.33
CA SER S 112 -26.72 -51.25 5.93
C SER S 112 -28.08 -51.85 6.28
N MET S 113 -29.17 -51.25 5.83
CA MET S 113 -30.50 -51.77 6.12
C MET S 113 -31.09 -52.47 4.89
N ASP S 114 -32.17 -53.20 5.12
CA ASP S 114 -32.90 -53.86 4.06
C ASP S 114 -34.20 -53.11 3.82
N PRO S 115 -34.34 -52.37 2.71
CA PRO S 115 -35.58 -51.62 2.49
C PRO S 115 -36.81 -52.49 2.31
N LYS S 116 -36.65 -53.76 1.95
CA LYS S 116 -37.79 -54.63 1.70
C LYS S 116 -38.28 -55.34 2.95
N ASN S 117 -37.42 -55.56 3.93
CA ASN S 117 -37.79 -56.30 5.13
C ASN S 117 -37.54 -55.54 6.42
N MET S 118 -37.02 -54.33 6.37
CA MET S 118 -36.68 -53.58 7.57
C MET S 118 -37.07 -52.11 7.39
N PHE S 119 -37.34 -51.45 8.51
CA PHE S 119 -37.64 -50.02 8.52
C PHE S 119 -37.10 -49.42 9.80
N ALA S 120 -36.81 -48.13 9.76
CA ALA S 120 -36.23 -47.40 10.88
C ALA S 120 -36.99 -46.10 11.12
N LEU S 121 -36.87 -45.59 12.34
CA LEU S 121 -37.56 -44.37 12.73
C LEU S 121 -36.72 -43.63 13.77
N TRP S 122 -36.70 -42.31 13.67
CA TRP S 122 -36.02 -41.49 14.66
C TRP S 122 -36.82 -41.41 15.95
N ARG S 123 -36.13 -41.24 17.07
CA ARG S 123 -36.76 -41.01 18.36
C ARG S 123 -36.33 -39.69 18.98
N VAL S 124 -35.37 -39.00 18.37
CA VAL S 124 -34.93 -37.70 18.84
C VAL S 124 -35.33 -36.66 17.81
N PRO S 125 -35.67 -35.44 18.22
CA PRO S 125 -36.07 -34.41 17.25
C PRO S 125 -34.88 -33.81 16.52
N ALA S 126 -35.15 -32.91 15.59
CA ALA S 126 -34.10 -32.20 14.88
C ALA S 126 -33.33 -31.30 15.83
N PRO S 127 -32.06 -31.02 15.54
CA PRO S 127 -31.28 -30.13 16.40
C PRO S 127 -31.91 -28.75 16.51
N PHE S 128 -32.25 -28.37 17.75
CA PHE S 128 -32.92 -27.10 18.01
C PHE S 128 -32.21 -26.22 19.03
N LYS S 129 -31.51 -26.79 20.00
CA LYS S 129 -30.84 -25.97 21.01
C LYS S 129 -29.62 -25.30 20.40
N PRO S 130 -29.54 -23.98 20.41
CA PRO S 130 -28.38 -23.30 19.81
C PRO S 130 -27.16 -23.36 20.72
N ILE S 131 -25.99 -23.32 20.10
CA ILE S 131 -24.71 -23.26 20.79
C ILE S 131 -23.97 -22.01 20.33
N THR S 132 -23.54 -21.19 21.27
CA THR S 132 -22.84 -19.96 20.96
C THR S 132 -21.33 -20.15 21.07
N ARG S 133 -20.61 -19.50 20.16
CA ARG S 133 -19.16 -19.59 20.12
C ARG S 133 -18.57 -18.21 19.91
N LYS S 134 -17.34 -18.02 20.40
CA LYS S 134 -16.59 -16.79 20.22
C LYS S 134 -15.32 -17.07 19.44
N GLY S 135 -14.95 -16.13 18.58
CA GLY S 135 -13.72 -16.27 17.82
C GLY S 135 -12.49 -16.23 18.71
N MET S 136 -11.43 -16.87 18.24
CA MET S 136 -10.19 -16.91 18.99
C MET S 136 -9.58 -15.51 19.08
N GLY S 137 -9.00 -15.20 20.24
CA GLY S 137 -8.42 -13.91 20.47
C GLY S 137 -9.30 -12.93 21.22
N GLN S 138 -10.51 -13.32 21.56
CA GLN S 138 -11.44 -12.45 22.29
C GLN S 138 -11.30 -12.70 23.78
N ARG S 139 -11.13 -11.62 24.54
CA ARG S 139 -11.02 -11.74 25.99
C ARG S 139 -12.37 -12.10 26.60
N MET S 140 -12.33 -12.47 27.88
CA MET S 140 -13.53 -12.90 28.56
C MET S 140 -14.53 -11.76 28.69
N GLY S 141 -15.80 -12.08 28.54
CA GLY S 141 -16.86 -11.09 28.66
C GLY S 141 -17.16 -10.40 27.36
N GLY S 142 -17.86 -9.27 27.48
CA GLY S 142 -18.29 -8.49 26.34
C GLY S 142 -19.66 -8.85 25.79
N GLY S 143 -20.29 -9.90 26.31
CA GLY S 143 -21.60 -10.33 25.89
C GLY S 143 -21.58 -11.77 25.40
N LYS S 144 -22.73 -12.23 24.94
CA LYS S 144 -22.85 -13.58 24.45
C LYS S 144 -22.19 -13.71 23.08
N GLY S 145 -21.84 -14.94 22.72
CA GLY S 145 -21.21 -15.21 21.44
C GLY S 145 -22.23 -15.27 20.31
N ALA S 146 -21.82 -15.91 19.23
CA ALA S 146 -22.65 -16.07 18.04
C ALA S 146 -23.07 -17.52 17.90
N ILE S 147 -24.31 -17.74 17.48
CA ILE S 147 -24.86 -19.08 17.33
C ILE S 147 -24.07 -19.80 16.24
N ASP S 148 -23.37 -20.87 16.62
CA ASP S 148 -22.55 -21.61 15.67
C ASP S 148 -23.32 -22.76 15.02
N HIS S 149 -23.89 -23.64 15.84
CA HIS S 149 -24.64 -24.78 15.34
C HIS S 149 -25.75 -25.12 16.33
N TYR S 150 -26.52 -26.15 15.99
CA TYR S 150 -27.62 -26.60 16.83
C TYR S 150 -27.40 -28.06 17.21
N VAL S 151 -27.80 -28.41 18.43
CA VAL S 151 -27.64 -29.76 18.94
C VAL S 151 -28.94 -30.20 19.61
N THR S 152 -29.06 -31.50 19.80
CA THR S 152 -30.19 -32.11 20.50
C THR S 152 -29.69 -32.76 21.78
N PRO S 153 -30.24 -32.40 22.94
CA PRO S 153 -29.83 -33.06 24.19
C PRO S 153 -30.46 -34.44 24.31
N VAL S 154 -29.66 -35.41 24.74
CA VAL S 154 -30.13 -36.77 24.95
C VAL S 154 -29.68 -37.20 26.35
N LYS S 155 -30.62 -37.75 27.13
CA LYS S 155 -30.32 -38.27 28.45
C LYS S 155 -30.06 -39.77 28.37
N ALA S 156 -29.60 -40.34 29.49
CA ALA S 156 -29.38 -41.77 29.57
C ALA S 156 -30.71 -42.51 29.58
N GLY S 157 -30.77 -43.64 28.88
CA GLY S 157 -31.99 -44.42 28.80
C GLY S 157 -32.96 -43.99 27.73
N ARG S 158 -32.56 -43.08 26.83
CA ARG S 158 -33.42 -42.60 25.76
C ARG S 158 -33.02 -43.26 24.44
N LEU S 159 -34.02 -43.78 23.73
CA LEU S 159 -33.78 -44.41 22.44
C LEU S 159 -33.44 -43.34 21.39
N ILE S 160 -32.61 -43.72 20.42
CA ILE S 160 -32.19 -42.80 19.37
C ILE S 160 -32.83 -43.21 18.06
N VAL S 161 -32.61 -44.46 17.65
CA VAL S 161 -33.19 -45.00 16.44
C VAL S 161 -33.91 -46.29 16.81
N GLU S 162 -35.17 -46.41 16.39
CA GLU S 162 -35.98 -47.60 16.63
C GLU S 162 -36.30 -48.24 15.30
N MET S 163 -36.00 -49.53 15.18
CA MET S 163 -36.15 -50.27 13.94
C MET S 163 -37.10 -51.45 14.12
N GLY S 164 -37.73 -51.83 13.01
CA GLY S 164 -38.62 -52.98 13.01
C GLY S 164 -38.58 -53.67 11.67
N GLY S 165 -39.28 -54.79 11.60
CA GLY S 165 -39.37 -55.55 10.37
C GLY S 165 -39.52 -57.03 10.67
N ARG S 166 -39.34 -57.82 9.61
CA ARG S 166 -39.42 -59.28 9.70
C ARG S 166 -38.05 -59.93 9.86
N CYS S 167 -37.10 -59.24 10.49
CA CYS S 167 -35.74 -59.73 10.64
C CYS S 167 -35.49 -60.21 12.06
N GLU S 168 -34.34 -60.85 12.25
CA GLU S 168 -33.93 -61.33 13.56
C GLU S 168 -33.20 -60.23 14.32
N PHE S 169 -32.67 -60.59 15.50
CA PHE S 169 -31.97 -59.63 16.34
C PHE S 169 -30.47 -59.60 16.12
N LYS S 170 -29.90 -60.68 15.56
CA LYS S 170 -28.45 -60.75 15.45
C LYS S 170 -27.89 -59.76 14.44
N GLU S 171 -28.51 -59.67 13.26
CA GLU S 171 -27.97 -58.79 12.22
C GLU S 171 -28.19 -57.31 12.54
N VAL S 172 -29.36 -56.97 13.09
CA VAL S 172 -29.61 -55.58 13.45
C VAL S 172 -28.66 -55.14 14.55
N GLN S 173 -28.43 -56.00 15.55
CA GLN S 173 -27.43 -55.69 16.56
C GLN S 173 -26.05 -55.56 15.94
N GLY S 174 -25.72 -56.44 15.00
CA GLY S 174 -24.39 -56.41 14.39
C GLY S 174 -24.12 -55.12 13.66
N PHE S 175 -25.10 -54.62 12.90
CA PHE S 175 -24.88 -53.40 12.13
C PHE S 175 -25.29 -52.14 12.88
N LEU S 176 -25.86 -52.26 14.08
CA LEU S 176 -26.10 -51.09 14.92
C LEU S 176 -25.07 -50.89 16.02
N ASP S 177 -24.27 -51.92 16.32
CA ASP S 177 -23.21 -51.74 17.31
C ASP S 177 -22.19 -50.71 16.84
N LEU S 178 -21.91 -50.66 15.54
CA LEU S 178 -20.99 -49.66 15.02
C LEU S 178 -21.53 -48.25 15.25
N VAL S 179 -22.82 -48.05 15.00
CA VAL S 179 -23.43 -46.75 15.22
C VAL S 179 -23.41 -46.40 16.71
N ALA S 180 -23.69 -47.38 17.56
CA ALA S 180 -23.66 -47.14 19.00
C ALA S 180 -22.25 -46.74 19.45
N HIS S 181 -21.23 -47.40 18.92
CA HIS S 181 -19.85 -47.05 19.24
C HIS S 181 -19.51 -45.65 18.75
N LYS S 182 -19.91 -45.30 17.53
CA LYS S 182 -19.60 -43.99 16.98
C LYS S 182 -20.39 -42.88 17.66
N LEU S 183 -21.47 -43.22 18.35
CA LEU S 183 -22.20 -42.20 19.12
C LEU S 183 -21.32 -41.66 20.24
N PRO S 184 -21.50 -40.38 20.61
CA PRO S 184 -20.67 -39.80 21.67
C PRO S 184 -20.86 -40.50 23.01
N PHE S 185 -22.10 -40.54 23.49
CA PHE S 185 -22.40 -41.26 24.71
C PHE S 185 -22.38 -42.77 24.45
N PRO S 186 -22.07 -43.56 25.47
CA PRO S 186 -22.12 -45.01 25.30
C PRO S 186 -23.53 -45.47 24.95
N ALA S 187 -23.61 -46.46 24.07
CA ALA S 187 -24.91 -46.93 23.59
C ALA S 187 -24.83 -48.40 23.26
N LYS S 188 -25.99 -49.04 23.21
CA LYS S 188 -26.12 -50.45 22.90
C LYS S 188 -27.24 -50.66 21.90
N ALA S 189 -27.14 -51.75 21.14
CA ALA S 189 -28.20 -52.14 20.20
C ALA S 189 -29.07 -53.17 20.90
N VAL S 190 -30.17 -52.70 21.49
CA VAL S 190 -31.01 -53.53 22.32
C VAL S 190 -32.31 -53.83 21.58
N SER S 191 -33.10 -54.73 22.14
CA SER S 191 -34.44 -55.05 21.64
C SER S 191 -35.41 -54.97 22.81
N ARG S 192 -36.68 -55.29 22.54
CA ARG S 192 -37.66 -55.35 23.62
C ARG S 192 -37.27 -56.39 24.66
N GLU S 193 -36.88 -57.58 24.19
CA GLU S 193 -36.48 -58.65 25.10
C GLU S 193 -35.23 -58.26 25.90
N THR S 194 -34.24 -57.67 25.22
CA THR S 194 -33.01 -57.27 25.90
C THR S 194 -33.28 -56.20 26.95
N LEU S 195 -34.10 -55.20 26.61
CA LEU S 195 -34.43 -54.14 27.56
C LEU S 195 -35.18 -54.70 28.77
N GLU S 196 -36.14 -55.59 28.52
CA GLU S 196 -36.86 -56.22 29.62
C GLU S 196 -35.91 -57.03 30.49
N LYS S 197 -34.99 -57.78 29.87
CA LYS S 197 -34.06 -58.60 30.61
C LYS S 197 -33.15 -57.74 31.49
N MET S 198 -32.62 -56.66 30.94
CA MET S 198 -31.72 -55.82 31.73
C MET S 198 -32.46 -55.10 32.84
N ARG S 199 -33.68 -54.63 32.60
CA ARG S 199 -34.45 -54.00 33.66
C ARG S 199 -34.78 -54.98 34.78
N LYS S 200 -35.18 -56.20 34.40
CA LYS S 200 -35.47 -57.21 35.42
C LYS S 200 -34.22 -57.60 36.20
N ASP S 201 -33.07 -57.71 35.54
CA ASP S 201 -31.83 -57.99 36.25
C ASP S 201 -31.48 -56.86 37.21
N GLN S 202 -31.67 -55.61 36.79
CA GLN S 202 -31.40 -54.49 37.68
C GLN S 202 -32.32 -54.52 38.90
N GLU S 203 -33.61 -54.79 38.69
CA GLU S 203 -34.54 -54.87 39.82
C GLU S 203 -34.17 -56.01 40.75
N GLU S 204 -33.81 -57.17 40.18
CA GLU S 204 -33.44 -58.32 41.00
C GLU S 204 -32.20 -58.01 41.83
N ARG S 205 -31.20 -57.37 41.22
CA ARG S 205 -29.99 -57.00 41.96
C ARG S 205 -30.31 -56.02 43.08
N GLU S 206 -31.13 -55.00 42.78
CA GLU S 206 -31.43 -54.00 43.79
C GLU S 206 -32.32 -54.56 44.90
N ARG S 207 -33.03 -55.66 44.65
CA ARG S 207 -33.83 -56.25 45.72
C ARG S 207 -33.11 -57.35 46.48
N ASN S 208 -32.08 -57.98 45.89
CA ASN S 208 -31.31 -58.99 46.61
C ASN S 208 -29.96 -58.48 47.08
N ASN S 209 -29.70 -57.18 46.97
CA ASN S 209 -28.46 -56.60 47.47
C ASN S 209 -28.31 -56.91 48.97
N GLN S 210 -27.11 -57.33 49.35
CA GLN S 210 -26.89 -57.87 50.69
C GLN S 210 -26.64 -56.81 51.75
N ASN S 211 -25.82 -55.80 51.45
CA ASN S 211 -25.49 -54.82 52.47
C ASN S 211 -26.73 -54.00 52.82
N PRO S 212 -27.06 -53.90 54.11
CA PRO S 212 -28.26 -53.15 54.50
C PRO S 212 -28.19 -51.67 54.16
N TRP S 213 -27.00 -51.12 53.98
CA TRP S 213 -26.83 -49.70 53.70
C TRP S 213 -26.90 -49.47 52.20
N THR S 214 -27.81 -48.60 51.77
CA THR S 214 -27.97 -48.25 50.37
C THR S 214 -27.94 -46.73 50.20
N PHE S 215 -27.55 -46.30 49.00
CA PHE S 215 -27.42 -44.88 48.72
C PHE S 215 -28.76 -44.16 48.89
N GLU S 216 -29.84 -44.76 48.36
CA GLU S 216 -31.15 -44.13 48.46
C GLU S 216 -31.59 -43.99 49.92
N ARG S 217 -31.41 -45.07 50.70
CA ARG S 217 -31.80 -45.02 52.11
C ARG S 217 -31.02 -43.97 52.88
N ILE S 218 -29.69 -43.93 52.66
CA ILE S 218 -28.86 -42.96 53.38
C ILE S 218 -29.22 -41.54 52.98
N ALA S 219 -29.42 -41.29 51.68
CA ALA S 219 -29.77 -39.95 51.23
C ALA S 219 -31.12 -39.52 51.78
N THR S 220 -32.11 -40.42 51.78
CA THR S 220 -33.42 -40.06 52.30
C THR S 220 -33.41 -39.84 53.81
N ALA S 221 -32.61 -40.60 54.55
CA ALA S 221 -32.57 -40.48 56.00
C ALA S 221 -31.56 -39.43 56.48
N ASN S 222 -30.79 -38.85 55.58
CA ASN S 222 -29.77 -37.84 55.94
C ASN S 222 -28.81 -38.41 56.98
N MET S 223 -28.40 -39.66 56.76
CA MET S 223 -27.46 -40.31 57.66
C MET S 223 -26.08 -39.68 57.54
N LEU S 224 -25.42 -39.51 58.69
CA LEU S 224 -24.08 -38.93 58.79
C LEU S 224 -24.04 -37.48 58.30
N GLY S 225 -25.21 -36.86 58.14
CA GLY S 225 -25.24 -35.51 57.57
C GLY S 225 -24.68 -35.47 56.16
N ILE S 226 -24.93 -36.50 55.37
CA ILE S 226 -24.35 -36.61 54.03
C ILE S 226 -24.99 -35.66 53.03
N ARG S 227 -26.11 -35.03 53.39
CA ARG S 227 -26.75 -34.06 52.51
C ARG S 227 -25.87 -32.84 52.27
N LYS S 228 -24.93 -32.54 53.17
CA LYS S 228 -24.00 -31.45 52.95
C LYS S 228 -23.12 -31.72 51.73
N VAL S 229 -22.62 -32.94 51.61
CA VAL S 229 -21.79 -33.31 50.46
C VAL S 229 -22.64 -33.59 49.23
N LEU S 230 -23.81 -34.19 49.41
CA LEU S 230 -24.64 -34.58 48.28
C LEU S 230 -25.37 -33.37 47.69
N SER S 231 -26.07 -33.63 46.60
CA SER S 231 -26.84 -32.67 45.83
C SER S 231 -28.34 -32.95 45.96
N PRO S 232 -29.20 -31.94 45.83
CA PRO S 232 -30.64 -32.21 45.87
C PRO S 232 -31.12 -33.17 44.80
N TYR S 233 -30.50 -33.18 43.62
CA TYR S 233 -30.85 -34.15 42.59
C TYR S 233 -30.43 -35.57 42.93
N ASP S 234 -29.51 -35.75 43.88
CA ASP S 234 -29.10 -37.09 44.27
C ASP S 234 -30.22 -37.86 44.93
N LEU S 235 -31.17 -37.16 45.57
CA LEU S 235 -32.31 -37.86 46.18
C LEU S 235 -33.12 -38.62 45.15
N THR S 236 -33.19 -38.11 43.92
CA THR S 236 -33.89 -38.79 42.83
C THR S 236 -32.95 -39.71 42.05
N HIS S 237 -31.69 -39.31 41.88
CA HIS S 237 -30.76 -40.11 41.10
C HIS S 237 -30.40 -41.40 41.81
N LYS S 238 -30.48 -41.42 43.15
CA LYS S 238 -30.20 -42.61 43.95
C LYS S 238 -28.79 -43.14 43.71
N GLY S 239 -27.85 -42.23 43.46
CA GLY S 239 -26.46 -42.59 43.26
C GLY S 239 -26.15 -43.26 41.95
N ARG S 240 -27.13 -43.45 41.07
CA ARG S 240 -26.90 -44.08 39.78
C ARG S 240 -26.42 -43.10 38.72
N TYR S 241 -26.68 -41.82 38.90
CA TYR S 241 -26.33 -40.80 37.93
C TYR S 241 -25.39 -39.79 38.57
N TRP S 242 -24.25 -39.56 37.91
CA TRP S 242 -23.28 -38.54 38.34
C TRP S 242 -22.91 -37.72 37.12
N GLY S 243 -23.36 -36.46 37.10
CA GLY S 243 -23.18 -35.64 35.92
C GLY S 243 -23.98 -36.23 34.77
N LYS S 244 -23.32 -36.38 33.61
CA LYS S 244 -23.94 -37.02 32.46
C LYS S 244 -23.67 -38.52 32.40
N PHE S 245 -22.87 -39.04 33.32
CA PHE S 245 -22.49 -40.45 33.31
C PHE S 245 -23.45 -41.26 34.17
N TYR S 246 -23.85 -42.42 33.65
CA TYR S 246 -24.78 -43.31 34.33
C TYR S 246 -24.14 -44.68 34.46
N THR S 247 -24.11 -45.22 35.67
CA THR S 247 -23.54 -46.54 35.92
C THR S 247 -24.66 -47.50 36.29
N PRO S 248 -25.05 -48.41 35.40
CA PRO S 248 -26.16 -49.33 35.71
C PRO S 248 -25.85 -50.35 36.79
N GLU S 249 -24.57 -50.54 37.15
CA GLU S 249 -24.19 -51.54 38.12
C GLU S 249 -24.11 -51.00 39.55
N ARG S 250 -24.53 -49.76 39.77
CA ARG S 250 -24.50 -49.15 41.09
C ARG S 250 -25.86 -49.19 41.80
N VAL S 251 -26.68 -50.18 41.46
CA VAL S 251 -28.00 -50.36 42.08
C VAL S 251 -28.86 -49.10 41.95
N ILE T 9 53.95 -22.84 30.21
CA ILE T 9 54.92 -23.88 29.94
C ILE T 9 56.30 -23.28 29.74
N SER T 10 57.19 -23.50 30.71
CA SER T 10 58.55 -22.99 30.66
C SER T 10 59.56 -24.12 30.63
N HIS T 11 59.22 -25.20 29.91
CA HIS T 11 60.12 -26.34 29.82
C HIS T 11 61.34 -26.00 28.98
N GLY T 12 62.51 -26.40 29.47
CA GLY T 12 63.74 -26.19 28.73
C GLY T 12 64.15 -24.74 28.54
N ARG T 13 64.04 -23.93 29.59
CA ARG T 13 64.43 -22.52 29.54
C ARG T 13 65.60 -22.29 30.48
N VAL T 14 66.61 -21.56 30.00
CA VAL T 14 67.81 -21.31 30.78
C VAL T 14 67.94 -19.84 31.18
N PHE T 15 67.25 -18.92 30.51
CA PHE T 15 67.33 -17.50 30.81
C PHE T 15 66.06 -17.05 31.52
N ARG T 16 66.22 -16.37 32.64
CA ARG T 16 65.09 -15.88 33.41
C ARG T 16 64.76 -14.45 33.04
N ARG T 17 63.48 -14.10 33.17
CA ARG T 17 63.01 -12.77 32.80
C ARG T 17 63.45 -11.74 33.84
N LEU T 18 64.13 -10.69 33.37
CA LEU T 18 64.58 -9.62 34.25
C LEU T 18 64.36 -8.28 33.55
N GLY T 19 64.20 -7.23 34.36
CA GLY T 19 64.07 -5.90 33.82
C GLY T 19 62.78 -5.71 33.04
N LEU T 20 62.86 -4.83 32.03
CA LEU T 20 61.71 -4.48 31.20
C LEU T 20 61.69 -5.24 29.88
N GLY T 21 62.53 -6.26 29.73
CA GLY T 21 62.58 -7.04 28.52
C GLY T 21 63.94 -7.66 28.31
N PRO T 22 64.16 -8.23 27.12
CA PRO T 22 65.46 -8.85 26.83
C PRO T 22 66.61 -7.84 26.83
N GLU T 23 66.41 -6.71 26.16
CA GLU T 23 67.43 -5.68 26.11
C GLU T 23 67.69 -5.09 27.49
N SER T 24 66.63 -4.87 28.27
CA SER T 24 66.81 -4.36 29.62
C SER T 24 67.55 -5.35 30.50
N ARG T 25 67.24 -6.65 30.36
CA ARG T 25 67.97 -7.68 31.10
C ARG T 25 69.44 -7.68 30.70
N ILE T 26 69.72 -7.56 29.41
CA ILE T 26 71.10 -7.53 28.94
C ILE T 26 71.84 -6.32 29.53
N HIS T 27 71.18 -5.16 29.54
CA HIS T 27 71.82 -3.97 30.10
C HIS T 27 72.07 -4.12 31.60
N LEU T 28 71.12 -4.68 32.33
CA LEU T 28 71.31 -4.88 33.77
C LEU T 28 72.47 -5.84 34.03
N LEU T 29 72.53 -6.93 33.27
CA LEU T 29 73.63 -7.87 33.42
C LEU T 29 74.95 -7.23 33.04
N GLN T 30 74.96 -6.37 32.02
CA GLN T 30 76.17 -5.67 31.62
C GLN T 30 76.65 -4.74 32.73
N ASN T 31 75.74 -3.99 33.35
CA ASN T 31 76.12 -3.13 34.45
C ASN T 31 76.66 -3.93 35.63
N LEU T 32 76.00 -5.05 35.95
CA LEU T 32 76.46 -5.89 37.05
C LEU T 32 77.84 -6.46 36.75
N LEU T 33 78.08 -6.89 35.51
CA LEU T 33 79.38 -7.42 35.14
C LEU T 33 80.46 -6.35 35.20
N THR T 34 80.12 -5.12 34.76
CA THR T 34 81.08 -4.03 34.86
C THR T 34 81.45 -3.75 36.32
N GLY T 35 80.45 -3.73 37.19
CA GLY T 35 80.73 -3.52 38.61
C GLY T 35 81.56 -4.65 39.20
N LEU T 36 81.25 -5.89 38.83
CA LEU T 36 82.01 -7.03 39.31
C LEU T 36 83.46 -6.98 38.86
N VAL T 37 83.69 -6.62 37.59
CA VAL T 37 85.05 -6.50 37.10
C VAL T 37 85.79 -5.38 37.82
N ARG T 38 85.12 -4.24 38.04
CA ARG T 38 85.79 -3.10 38.66
C ARG T 38 86.14 -3.37 40.12
N HIS T 39 85.24 -4.01 40.88
CA HIS T 39 85.42 -4.12 42.32
C HIS T 39 85.91 -5.49 42.78
N GLU T 40 85.96 -6.47 41.90
CA GLU T 40 86.43 -7.84 42.14
C GLU T 40 85.51 -8.61 43.10
N ARG T 41 84.48 -7.98 43.66
CA ARG T 41 83.50 -8.66 44.50
C ARG T 41 82.31 -7.74 44.68
N ILE T 42 81.11 -8.23 44.35
CA ILE T 42 79.89 -7.43 44.48
C ILE T 42 78.82 -8.29 45.13
N GLU T 43 77.75 -7.62 45.58
CA GLU T 43 76.60 -8.28 46.17
C GLU T 43 75.33 -7.72 45.53
N ALA T 44 74.42 -8.60 45.16
CA ALA T 44 73.19 -8.19 44.49
C ALA T 44 72.11 -9.21 44.83
N SER T 45 71.01 -9.17 44.07
CA SER T 45 69.95 -10.15 44.25
C SER T 45 70.44 -11.54 43.86
N TRP T 46 69.88 -12.56 44.53
CA TRP T 46 70.36 -13.93 44.31
C TRP T 46 70.11 -14.36 42.87
N ALA T 47 68.94 -14.05 42.32
CA ALA T 47 68.66 -14.41 40.93
C ALA T 47 69.59 -13.67 39.97
N ARG T 48 69.80 -12.37 40.21
CA ARG T 48 70.69 -11.60 39.35
C ARG T 48 72.12 -12.14 39.40
N VAL T 49 72.61 -12.46 40.59
CA VAL T 49 73.96 -13.00 40.72
C VAL T 49 74.06 -14.36 40.04
N ASP T 50 73.04 -15.21 40.22
CA ASP T 50 73.06 -16.52 39.57
C ASP T 50 73.07 -16.39 38.06
N GLU T 51 72.28 -15.46 37.51
CA GLU T 51 72.31 -15.22 36.07
C GLU T 51 73.65 -14.67 35.61
N LEU T 52 74.24 -13.77 36.40
CA LEU T 52 75.50 -13.14 36.03
C LEU T 52 76.69 -14.09 36.14
N ARG T 53 76.54 -15.19 36.89
CA ARG T 53 77.66 -16.12 37.05
C ARG T 53 78.12 -16.67 35.71
N GLY T 54 77.19 -17.07 34.84
CA GLY T 54 77.57 -17.61 33.55
C GLY T 54 78.30 -16.60 32.68
N TYR T 55 77.80 -15.37 32.63
CA TYR T 55 78.45 -14.33 31.84
C TYR T 55 79.83 -14.01 32.40
N ALA T 56 79.98 -13.99 33.73
CA ALA T 56 81.28 -13.75 34.33
C ALA T 56 82.25 -14.87 33.99
N GLU T 57 81.79 -16.12 34.01
CA GLU T 57 82.65 -17.23 33.62
C GLU T 57 83.06 -17.13 32.16
N LYS T 58 82.13 -16.76 31.29
CA LYS T 58 82.43 -16.62 29.87
C LYS T 58 83.38 -15.47 29.58
N LEU T 59 83.29 -14.39 30.36
CA LEU T 59 84.15 -13.23 30.12
C LEU T 59 85.62 -13.57 30.36
N ILE T 60 85.92 -14.37 31.38
CA ILE T 60 87.29 -14.76 31.63
C ILE T 60 87.82 -15.62 30.49
N ASP T 61 87.00 -16.54 29.99
CA ASP T 61 87.40 -17.35 28.85
C ASP T 61 87.67 -16.49 27.62
N TYR T 62 86.81 -15.50 27.37
CA TYR T 62 87.05 -14.60 26.24
C TYR T 62 88.34 -13.80 26.43
N GLY T 63 88.60 -13.33 27.65
CA GLY T 63 89.84 -12.62 27.91
C GLY T 63 91.07 -13.49 27.73
N LYS T 64 90.95 -14.77 28.05
CA LYS T 64 92.06 -15.71 27.86
C LYS T 64 92.40 -15.95 26.40
N LEU T 65 91.55 -15.53 25.47
CA LEU T 65 91.82 -15.71 24.04
C LEU T 65 92.92 -14.79 23.53
N GLY T 66 93.33 -13.80 24.30
CA GLY T 66 94.40 -12.90 23.89
C GLY T 66 93.88 -11.50 23.63
N ASP T 67 94.82 -10.55 23.67
CA ASP T 67 94.47 -9.14 23.49
C ASP T 67 94.17 -8.83 22.02
N THR T 68 94.89 -9.47 21.10
CA THR T 68 94.76 -9.17 19.68
C THR T 68 93.51 -9.79 19.06
N ASN T 69 92.79 -10.64 19.78
CA ASN T 69 91.57 -11.26 19.27
C ASN T 69 90.49 -10.18 19.11
N GLU T 70 90.11 -9.91 17.86
CA GLU T 70 89.15 -8.84 17.60
C GLU T 70 87.77 -9.15 18.19
N ARG T 71 87.35 -10.42 18.11
CA ARG T 71 86.06 -10.79 18.68
C ARG T 71 86.04 -10.54 20.19
N ALA T 72 87.08 -10.97 20.88
CA ALA T 72 87.16 -10.74 22.32
C ALA T 72 87.25 -9.26 22.63
N MET T 73 88.00 -8.51 21.83
CA MET T 73 88.14 -7.08 22.05
C MET T 73 86.80 -6.37 21.94
N ARG T 74 86.04 -6.68 20.89
CA ARG T 74 84.75 -6.02 20.72
C ARG T 74 83.73 -6.51 21.72
N MET T 75 83.83 -7.78 22.16
CA MET T 75 82.96 -8.27 23.22
C MET T 75 83.20 -7.52 24.52
N ALA T 76 84.48 -7.32 24.87
CA ALA T 76 84.81 -6.54 26.06
C ALA T 76 84.38 -5.09 25.91
N ASP T 77 84.52 -4.54 24.70
CA ASP T 77 84.07 -3.18 24.45
C ASP T 77 82.57 -3.04 24.69
N PHE T 78 81.79 -4.01 24.21
CA PHE T 78 80.35 -3.97 24.44
C PHE T 78 80.01 -4.13 25.91
N TRP T 79 80.62 -5.11 26.59
CA TRP T 79 80.19 -5.44 27.94
C TRP T 79 80.72 -4.44 28.97
N LEU T 80 82.03 -4.28 29.03
CA LEU T 80 82.64 -3.36 30.00
C LEU T 80 82.33 -1.94 29.58
N THR T 81 81.32 -1.33 30.20
CA THR T 81 80.95 0.04 29.88
C THR T 81 82.07 1.01 30.18
N GLU T 82 82.73 0.84 31.34
CA GLU T 82 83.89 1.66 31.68
C GLU T 82 85.11 1.12 30.92
N LYS T 83 85.58 1.88 29.95
CA LYS T 83 86.61 1.40 29.05
C LYS T 83 87.96 1.20 29.73
N ASP T 84 88.17 1.78 30.91
CA ASP T 84 89.42 1.57 31.63
C ASP T 84 89.55 0.17 32.20
N LEU T 85 88.45 -0.59 32.24
CA LEU T 85 88.50 -1.95 32.76
C LEU T 85 88.96 -2.98 31.73
N ILE T 86 88.85 -2.66 30.45
CA ILE T 86 89.23 -3.58 29.39
C ILE T 86 90.72 -3.91 29.47
N PRO T 87 91.63 -2.93 29.59
CA PRO T 87 93.03 -3.30 29.85
C PRO T 87 93.19 -4.07 31.14
N LYS T 88 92.43 -3.71 32.18
CA LYS T 88 92.47 -4.46 33.43
C LYS T 88 92.02 -5.89 33.20
N LEU T 89 90.92 -6.07 32.45
CA LEU T 89 90.42 -7.42 32.19
C LEU T 89 91.45 -8.25 31.43
N PHE T 90 92.11 -7.65 30.43
CA PHE T 90 93.04 -8.41 29.61
C PHE T 90 94.42 -8.58 30.23
N GLN T 91 94.75 -7.82 31.27
CA GLN T 91 96.11 -7.88 31.82
C GLN T 91 96.16 -8.21 33.30
N VAL T 92 95.03 -8.44 33.97
CA VAL T 92 95.04 -8.82 35.37
C VAL T 92 94.26 -10.11 35.57
N LEU T 93 92.98 -10.09 35.18
CA LEU T 93 92.12 -11.24 35.42
C LEU T 93 92.52 -12.42 34.56
N ALA T 94 92.71 -12.20 33.28
CA ALA T 94 93.08 -13.27 32.35
C ALA T 94 94.46 -13.86 32.69
N PRO T 95 95.51 -13.05 32.91
CA PRO T 95 96.80 -13.66 33.26
C PRO T 95 96.76 -14.45 34.55
N ARG T 96 96.00 -14.02 35.54
CA ARG T 96 95.97 -14.75 36.81
C ARG T 96 95.06 -15.96 36.76
N PHE T 97 94.19 -16.07 35.75
CA PHE T 97 93.37 -17.25 35.54
C PHE T 97 93.92 -17.96 34.30
N GLN T 98 94.92 -18.81 34.51
CA GLN T 98 95.53 -19.56 33.42
C GLN T 98 95.39 -21.06 33.61
N GLY T 99 95.80 -21.59 34.76
CA GLY T 99 95.61 -23.00 35.04
C GLY T 99 94.19 -23.36 35.41
N GLN T 100 93.42 -22.42 35.96
CA GLN T 100 92.04 -22.68 36.29
C GLN T 100 91.20 -22.84 35.02
N ASN T 101 90.32 -23.84 35.02
CA ASN T 101 89.50 -24.11 33.85
C ASN T 101 88.12 -23.46 33.95
N GLY T 102 87.44 -23.66 35.06
CA GLY T 102 86.10 -23.09 35.22
C GLY T 102 85.83 -22.56 36.61
N GLY T 103 86.82 -22.61 37.49
CA GLY T 103 86.66 -22.10 38.84
C GLY T 103 87.06 -20.64 38.95
N TYR T 104 86.34 -19.77 38.24
CA TYR T 104 86.69 -18.36 38.20
C TYR T 104 85.91 -17.52 39.19
N THR T 105 84.67 -17.89 39.51
CA THR T 105 83.82 -17.09 40.37
C THR T 105 83.30 -17.93 41.54
N ARG T 106 83.05 -17.26 42.65
CA ARG T 106 82.48 -17.87 43.84
C ARG T 106 81.23 -17.10 44.24
N MET T 107 80.12 -17.81 44.41
CA MET T 107 78.84 -17.20 44.76
C MET T 107 78.35 -17.78 46.08
N LEU T 108 77.94 -16.89 46.99
CA LEU T 108 77.46 -17.32 48.30
C LEU T 108 76.24 -16.50 48.69
N GLN T 109 75.22 -17.17 49.20
CA GLN T 109 74.00 -16.49 49.63
C GLN T 109 74.25 -15.78 50.97
N ILE T 110 73.92 -14.49 51.01
CA ILE T 110 74.08 -13.70 52.23
C ILE T 110 72.71 -13.53 52.87
N PRO T 111 72.62 -13.11 54.13
CA PRO T 111 71.30 -12.91 54.73
C PRO T 111 70.50 -11.84 54.00
N ASN T 112 69.19 -11.90 54.17
CA ASN T 112 68.28 -11.02 53.44
C ASN T 112 68.54 -9.56 53.78
N ARG T 113 68.23 -8.69 52.83
CA ARG T 113 68.50 -7.27 52.98
C ARG T 113 67.66 -6.68 54.10
N ASN T 114 68.27 -5.76 54.86
CA ASN T 114 67.61 -5.12 55.99
C ASN T 114 66.44 -4.23 55.57
N GLU T 115 66.35 -3.87 54.30
CA GLU T 115 65.23 -3.06 53.83
C GLU T 115 63.94 -3.85 53.92
N GLN T 116 62.81 -3.13 53.81
CA GLN T 116 61.52 -3.75 53.99
C GLN T 116 61.19 -4.75 52.87
N ASP T 117 61.92 -4.71 51.76
CA ASP T 117 61.64 -5.64 50.68
C ASP T 117 62.04 -7.06 51.04
N ARG T 118 63.05 -7.23 51.89
CA ARG T 118 63.52 -8.54 52.35
C ARG T 118 63.88 -9.44 51.18
N ALA T 119 64.67 -8.90 50.26
CA ALA T 119 65.08 -9.64 49.09
C ALA T 119 66.13 -10.69 49.45
N LYS T 120 66.19 -11.75 48.64
CA LYS T 120 67.18 -12.81 48.79
C LYS T 120 68.43 -12.39 48.02
N MET T 121 69.53 -12.20 48.74
CA MET T 121 70.73 -11.61 48.16
C MET T 121 71.89 -12.60 48.16
N ALA T 122 72.75 -12.47 47.15
CA ALA T 122 73.96 -13.26 47.03
C ALA T 122 75.14 -12.32 46.80
N VAL T 123 76.34 -12.86 46.99
CA VAL T 123 77.58 -12.16 46.75
C VAL T 123 78.43 -13.00 45.81
N ILE T 124 78.95 -12.37 44.76
CA ILE T 124 79.83 -13.03 43.80
C ILE T 124 81.20 -12.37 43.87
N GLU T 125 82.23 -13.19 43.77
CA GLU T 125 83.60 -12.74 43.96
C GLU T 125 84.53 -13.50 43.04
N TYR T 126 85.43 -12.76 42.38
CA TYR T 126 86.48 -13.39 41.59
C TYR T 126 87.54 -13.95 42.51
N LYS T 127 87.93 -15.20 42.27
CA LYS T 127 88.93 -15.85 43.12
C LYS T 127 90.29 -15.19 42.96
N GLY T 128 91.08 -15.23 44.02
CA GLY T 128 92.39 -14.61 43.99
C GLY T 128 92.39 -13.11 44.08
N ASN T 129 91.31 -12.51 44.55
CA ASN T 129 91.22 -11.07 44.68
C ASN T 129 91.93 -10.59 45.95
N CYS T 130 92.22 -9.30 45.99
CA CYS T 130 92.93 -8.70 47.12
C CYS T 130 91.93 -8.11 48.12
N LEU T 131 91.03 -8.95 48.60
CA LEU T 131 90.01 -8.58 49.55
C LEU T 131 89.98 -9.60 50.68
N PRO T 132 89.51 -9.21 51.86
CA PRO T 132 89.44 -10.15 52.98
C PRO T 132 88.57 -11.35 52.63
N PRO T 133 88.97 -12.55 53.05
CA PRO T 133 88.19 -13.74 52.70
C PRO T 133 86.82 -13.73 53.35
N LEU T 134 85.83 -14.18 52.58
CA LEU T 134 84.48 -14.31 53.10
C LEU T 134 84.42 -15.46 54.09
N PRO T 135 83.46 -15.43 55.02
CA PRO T 135 83.30 -16.55 55.96
C PRO T 135 82.79 -17.80 55.24
N LEU T 136 83.68 -18.46 54.51
CA LEU T 136 83.30 -19.64 53.75
C LEU T 136 82.85 -20.75 54.69
N PRO T 137 81.83 -21.53 54.31
CA PRO T 137 81.43 -22.67 55.16
C PRO T 137 82.46 -23.79 55.09
N ARG T 138 83.21 -23.97 56.17
CA ARG T 138 84.28 -24.95 56.20
C ARG T 138 83.77 -26.29 56.71
N ARG T 139 84.27 -27.36 56.10
CA ARG T 139 83.91 -28.70 56.52
C ARG T 139 84.49 -29.00 57.90
N ASP T 140 83.88 -29.98 58.57
CA ASP T 140 84.37 -30.40 59.87
C ASP T 140 85.75 -31.04 59.75
N SER T 141 86.56 -30.87 60.79
CA SER T 141 87.90 -31.43 60.80
C SER T 141 87.83 -32.95 60.92
N ASN T 142 88.94 -33.60 60.54
CA ASN T 142 89.03 -35.05 60.61
C ASN T 142 89.11 -35.57 62.04
N LEU T 143 89.29 -34.69 63.02
CA LEU T 143 89.36 -35.11 64.42
C LEU T 143 88.00 -35.36 65.04
N THR T 144 86.91 -35.08 64.33
CA THR T 144 85.58 -35.34 64.84
C THR T 144 85.35 -36.85 64.95
N LEU T 145 84.28 -37.23 65.66
CA LEU T 145 84.00 -38.64 65.89
C LEU T 145 83.70 -39.37 64.59
N LEU T 146 82.76 -38.84 63.80
CA LEU T 146 82.38 -39.49 62.55
C LEU T 146 83.52 -39.46 61.54
N ASN T 147 84.22 -38.34 61.46
CA ASN T 147 85.37 -38.26 60.55
C ASN T 147 86.47 -39.24 60.96
N GLN T 148 86.70 -39.42 62.26
CA GLN T 148 87.71 -40.37 62.70
C GLN T 148 87.28 -41.80 62.42
N LEU T 149 85.99 -42.11 62.56
CA LEU T 149 85.50 -43.43 62.20
C LEU T 149 85.68 -43.68 60.70
N LEU T 150 85.39 -42.67 59.87
CA LEU T 150 85.62 -42.80 58.44
C LEU T 150 87.10 -42.95 58.12
N GLN T 151 87.97 -42.27 58.86
CA GLN T 151 89.40 -42.44 58.67
C GLN T 151 89.83 -43.87 59.03
N GLY T 152 89.25 -44.43 60.09
CA GLY T 152 89.53 -45.82 60.42
C GLY T 152 89.07 -46.77 59.33
N LEU T 153 87.89 -46.52 58.76
CA LEU T 153 87.42 -47.32 57.64
C LEU T 153 88.38 -47.20 56.45
N ARG T 154 88.86 -45.99 56.17
CA ARG T 154 89.81 -45.79 55.08
C ARG T 154 91.11 -46.53 55.33
N GLN T 155 91.60 -46.50 56.57
CA GLN T 155 92.82 -47.24 56.91
C GLN T 155 92.62 -48.74 56.75
N ASP T 156 91.47 -49.25 57.16
CA ASP T 156 91.19 -50.67 56.97
C ASP T 156 91.14 -51.03 55.49
N GLN T 157 90.51 -50.17 54.68
CA GLN T 157 90.46 -50.42 53.24
C GLN T 157 91.86 -50.42 52.63
N GLU T 158 92.71 -49.47 53.04
CA GLU T 158 94.07 -49.41 52.52
C GLU T 158 94.87 -50.64 52.94
N ALA T 159 94.71 -51.06 54.20
CA ALA T 159 95.43 -52.25 54.68
C ALA T 159 94.94 -53.53 54.02
N SER T 160 93.68 -53.58 53.62
CA SER T 160 93.15 -54.76 52.94
C SER T 160 93.75 -54.98 51.56
N SER T 161 94.43 -53.99 51.00
CA SER T 161 95.06 -54.14 49.69
C SER T 161 96.58 -54.09 49.81
N PRO U 38 -78.48 1.82 101.53
CA PRO U 38 -79.30 2.68 100.66
C PRO U 38 -80.46 1.92 100.01
N VAL U 39 -80.91 2.41 98.85
CA VAL U 39 -81.99 1.74 98.15
C VAL U 39 -81.49 0.46 97.52
N GLU U 40 -82.19 -0.64 97.78
CA GLU U 40 -81.79 -1.93 97.22
C GLU U 40 -81.97 -1.95 95.69
N ASN U 41 -82.91 -1.16 95.18
CA ASN U 41 -83.15 -1.08 93.74
C ASN U 41 -82.22 -0.11 93.04
N GLU U 42 -81.36 0.59 93.77
CA GLU U 42 -80.49 1.60 93.20
C GLU U 42 -79.20 1.01 92.63
N ALA U 43 -78.98 -0.29 92.76
CA ALA U 43 -77.79 -0.92 92.19
C ALA U 43 -77.86 -0.85 90.67
N VAL U 44 -76.74 -0.46 90.05
CA VAL U 44 -76.69 -0.21 88.62
C VAL U 44 -75.76 -1.19 87.89
N ALA U 45 -74.60 -1.50 88.49
CA ALA U 45 -73.55 -2.26 87.82
C ALA U 45 -73.20 -1.59 86.50
N PRO U 46 -72.45 -0.48 86.53
CA PRO U 46 -72.30 0.39 85.35
C PRO U 46 -71.94 -0.32 84.05
N GLU U 47 -71.30 -1.48 84.14
CA GLU U 47 -70.97 -2.26 82.94
C GLU U 47 -72.24 -2.97 82.49
N PHE U 48 -73.12 -2.22 81.82
CA PHE U 48 -74.38 -2.77 81.33
C PHE U 48 -74.13 -3.51 80.02
N THR U 49 -74.68 -4.72 79.93
CA THR U 49 -74.54 -5.56 78.74
C THR U 49 -75.90 -5.73 78.09
N ASN U 50 -75.98 -5.40 76.81
CA ASN U 50 -77.20 -5.56 76.02
C ASN U 50 -76.99 -6.74 75.08
N ARG U 51 -77.69 -7.84 75.35
CA ARG U 51 -77.53 -9.07 74.58
C ARG U 51 -78.33 -9.07 73.28
N ASN U 52 -79.12 -8.04 73.02
CA ASN U 52 -79.93 -8.01 71.81
C ASN U 52 -79.05 -7.77 70.59
N PRO U 53 -79.03 -8.67 69.61
CA PRO U 53 -78.20 -8.44 68.41
C PRO U 53 -78.72 -7.34 67.52
N ARG U 54 -80.02 -7.03 67.58
CA ARG U 54 -80.61 -5.98 66.75
C ARG U 54 -80.32 -4.58 67.28
N ASN U 55 -79.81 -4.46 68.51
CA ASN U 55 -79.66 -3.15 69.14
C ASN U 55 -78.69 -2.27 68.35
N LEU U 56 -77.50 -2.79 68.06
CA LEU U 56 -76.51 -2.00 67.34
C LEU U 56 -76.97 -1.67 65.93
N GLU U 57 -77.61 -2.63 65.25
CA GLU U 57 -78.09 -2.38 63.90
C GLU U 57 -79.15 -1.29 63.88
N LEU U 58 -80.05 -1.29 64.87
CA LEU U 58 -81.05 -0.22 64.94
C LEU U 58 -80.42 1.10 65.32
N LEU U 59 -79.40 1.09 66.19
CA LEU U 59 -78.69 2.31 66.54
C LEU U 59 -77.77 2.80 65.44
N ALA U 60 -77.59 2.02 64.38
CA ALA U 60 -76.74 2.36 63.24
C ALA U 60 -75.28 2.50 63.63
N VAL U 61 -74.89 1.89 64.75
CA VAL U 61 -73.49 1.83 65.17
C VAL U 61 -72.91 0.44 65.00
N ALA U 62 -73.65 -0.47 64.39
CA ALA U 62 -73.15 -1.83 64.17
C ALA U 62 -72.04 -1.83 63.14
N ARG U 63 -71.24 -2.89 63.17
CA ARG U 63 -70.07 -3.01 62.30
C ARG U 63 -70.51 -3.51 60.93
N LYS U 64 -70.58 -2.61 59.96
CA LYS U 64 -70.85 -3.01 58.59
C LYS U 64 -69.66 -3.78 58.03
N GLU U 65 -69.94 -4.67 57.09
CA GLU U 65 -68.90 -5.49 56.46
C GLU U 65 -68.36 -4.78 55.22
N ARG U 66 -67.57 -3.75 55.47
CA ARG U 66 -66.78 -3.17 54.40
C ARG U 66 -65.77 -4.20 53.92
N GLY U 67 -65.17 -3.94 52.76
CA GLY U 67 -64.31 -4.97 52.23
C GLY U 67 -64.20 -5.09 50.73
N TRP U 68 -64.62 -6.26 50.23
CA TRP U 68 -64.18 -6.87 48.99
C TRP U 68 -63.96 -5.88 47.85
N GLY U 69 -65.01 -5.19 47.43
CA GLY U 69 -64.85 -4.18 46.40
C GLY U 69 -64.64 -4.75 45.01
N THR U 70 -63.98 -5.91 44.94
CA THR U 70 -63.65 -6.57 43.69
C THR U 70 -64.74 -7.52 43.22
N VAL U 71 -65.44 -8.18 44.14
CA VAL U 71 -66.52 -9.08 43.79
C VAL U 71 -67.85 -8.36 43.95
N TRP U 72 -68.90 -8.95 43.39
CA TRP U 72 -70.21 -8.32 43.36
C TRP U 72 -71.26 -9.31 43.83
N PRO U 73 -72.27 -8.85 44.58
CA PRO U 73 -72.44 -7.48 45.07
C PRO U 73 -71.62 -7.20 46.33
N SER U 74 -71.42 -5.93 46.64
CA SER U 74 -70.73 -5.56 47.87
C SER U 74 -71.55 -5.99 49.08
N ARG U 75 -70.88 -6.55 50.08
CA ARG U 75 -71.54 -7.08 51.27
C ARG U 75 -71.50 -6.11 52.44
N GLU U 76 -71.51 -4.80 52.18
CA GLU U 76 -71.49 -3.79 53.23
C GLU U 76 -72.93 -3.39 53.54
N PHE U 77 -73.57 -4.13 54.44
CA PHE U 77 -74.96 -3.86 54.79
C PHE U 77 -75.28 -4.56 56.10
N TRP U 78 -76.48 -4.28 56.61
CA TRP U 78 -77.08 -5.07 57.68
C TRP U 78 -78.23 -5.93 57.18
N HIS U 79 -79.01 -5.42 56.22
CA HIS U 79 -80.06 -6.19 55.58
C HIS U 79 -79.98 -5.98 54.07
N ARG U 80 -80.29 -7.04 53.33
CA ARG U 80 -80.13 -7.02 51.88
C ARG U 80 -81.37 -7.62 51.23
N LEU U 81 -81.89 -6.92 50.23
CA LEU U 81 -83.01 -7.43 49.46
C LEU U 81 -82.51 -8.23 48.27
N ARG U 82 -83.00 -9.45 48.13
CA ARG U 82 -82.61 -10.35 47.05
C ARG U 82 -83.86 -10.79 46.30
N VAL U 83 -83.87 -10.56 44.99
CA VAL U 83 -85.01 -10.93 44.14
C VAL U 83 -84.57 -12.07 43.24
N ILE U 84 -85.27 -13.20 43.34
CA ILE U 84 -85.03 -14.37 42.50
C ILE U 84 -86.24 -14.53 41.59
N ARG U 85 -85.99 -14.49 40.29
CA ARG U 85 -87.04 -14.55 39.28
C ARG U 85 -86.86 -15.84 38.47
N THR U 86 -87.50 -16.90 38.94
CA THR U 86 -87.51 -18.15 38.19
C THR U 86 -88.55 -18.08 37.09
N GLN U 87 -88.57 -19.10 36.23
CA GLN U 87 -89.51 -19.11 35.12
C GLN U 87 -90.95 -19.35 35.58
N HIS U 88 -91.15 -19.75 36.83
CA HIS U 88 -92.48 -20.02 37.36
C HIS U 88 -92.84 -19.14 38.55
N HIS U 89 -91.91 -18.89 39.45
CA HIS U 89 -92.20 -18.20 40.71
C HIS U 89 -91.21 -17.07 40.94
N ILE U 90 -91.64 -16.11 41.76
CA ILE U 90 -90.83 -14.96 42.14
C ILE U 90 -90.68 -14.96 43.66
N GLU U 91 -89.44 -14.84 44.14
CA GLU U 91 -89.15 -14.85 45.57
C GLU U 91 -88.36 -13.61 45.93
N ALA U 92 -88.86 -12.84 46.90
CA ALA U 92 -88.17 -11.67 47.42
C ALA U 92 -87.78 -11.95 48.87
N LEU U 93 -86.48 -12.05 49.13
CA LEU U 93 -85.97 -12.37 50.45
C LEU U 93 -85.24 -11.18 51.04
N VAL U 94 -85.21 -11.12 52.36
CA VAL U 94 -84.41 -10.15 53.09
C VAL U 94 -83.40 -10.96 53.90
N GLU U 95 -82.12 -10.82 53.56
CA GLU U 95 -81.07 -11.61 54.16
C GLU U 95 -80.12 -10.73 54.95
N HIS U 96 -79.69 -11.24 56.10
CA HIS U 96 -78.67 -10.59 56.91
C HIS U 96 -77.29 -10.90 56.33
N ARG U 97 -76.27 -10.21 56.85
CA ARG U 97 -74.91 -10.43 56.37
C ARG U 97 -74.42 -11.85 56.67
N ASN U 98 -75.04 -12.54 57.63
CA ASN U 98 -74.67 -13.92 57.91
C ASN U 98 -75.25 -14.90 56.91
N GLY U 99 -76.16 -14.46 56.05
CA GLY U 99 -76.79 -15.32 55.07
C GLY U 99 -78.16 -15.81 55.44
N GLN U 100 -78.58 -15.68 56.69
CA GLN U 100 -79.90 -16.12 57.11
C GLN U 100 -80.98 -15.21 56.56
N VAL U 101 -82.14 -15.80 56.27
CA VAL U 101 -83.27 -15.08 55.71
C VAL U 101 -84.10 -14.50 56.84
N VAL U 102 -84.41 -13.21 56.76
CA VAL U 102 -85.17 -12.53 57.79
C VAL U 102 -86.65 -12.65 57.49
N VAL U 103 -87.07 -12.10 56.35
CA VAL U 103 -88.47 -12.17 55.92
C VAL U 103 -88.50 -12.45 54.43
N SER U 104 -89.44 -13.29 54.00
CA SER U 104 -89.53 -13.72 52.61
C SER U 104 -90.95 -13.56 52.12
N ALA U 105 -91.08 -13.21 50.84
CA ALA U 105 -92.36 -13.15 50.14
C ALA U 105 -92.20 -13.87 48.82
N SER U 106 -92.82 -15.04 48.70
CA SER U 106 -92.66 -15.89 47.53
C SER U 106 -94.02 -16.19 46.93
N THR U 107 -94.08 -16.21 45.59
CA THR U 107 -95.32 -16.58 44.91
C THR U 107 -95.70 -18.03 45.16
N ARG U 108 -94.78 -18.86 45.64
CA ARG U 108 -95.13 -20.24 45.98
C ARG U 108 -96.06 -20.33 47.18
N GLU U 109 -96.11 -19.29 48.00
CA GLU U 109 -97.01 -19.29 49.15
C GLU U 109 -98.46 -19.30 48.68
N TRP U 110 -99.30 -20.06 49.40
CA TRP U 110 -100.69 -20.24 48.98
C TRP U 110 -101.47 -18.94 49.02
N ALA U 111 -101.17 -18.06 49.98
CA ALA U 111 -101.92 -16.82 50.12
C ALA U 111 -101.86 -15.98 48.87
N ILE U 112 -100.67 -15.84 48.28
CA ILE U 112 -100.54 -15.11 47.03
C ILE U 112 -100.92 -15.98 45.83
N LYS U 113 -100.65 -17.29 45.90
CA LYS U 113 -100.91 -18.16 44.76
C LYS U 113 -102.40 -18.23 44.43
N LYS U 114 -103.25 -18.34 45.45
CA LYS U 114 -104.69 -18.44 45.21
C LYS U 114 -105.30 -17.11 44.82
N HIS U 115 -104.72 -15.99 45.25
CA HIS U 115 -105.30 -14.69 44.97
C HIS U 115 -104.76 -14.03 43.71
N LEU U 116 -103.66 -14.54 43.14
CA LEU U 116 -103.03 -13.90 42.00
C LEU U 116 -102.82 -14.91 40.87
N TYR U 117 -103.04 -14.46 39.65
CA TYR U 117 -102.82 -15.24 38.44
C TYR U 117 -101.56 -14.75 37.74
N SER U 118 -100.89 -15.68 37.06
CA SER U 118 -99.64 -15.41 36.35
C SER U 118 -98.57 -14.88 37.31
N THR U 119 -98.11 -15.79 38.16
CA THR U 119 -97.15 -15.48 39.22
C THR U 119 -95.80 -15.03 38.68
N ARG U 120 -95.65 -14.98 37.36
CA ARG U 120 -94.42 -14.52 36.72
C ARG U 120 -94.47 -13.05 36.32
N ASN U 121 -95.67 -12.47 36.22
CA ASN U 121 -95.83 -11.19 35.54
C ASN U 121 -95.40 -10.02 36.43
N VAL U 122 -95.43 -8.83 35.83
CA VAL U 122 -95.07 -7.60 36.54
C VAL U 122 -96.03 -7.34 37.69
N VAL U 123 -97.32 -7.63 37.48
CA VAL U 123 -98.28 -7.50 38.57
C VAL U 123 -97.93 -8.43 39.71
N ALA U 124 -97.46 -9.64 39.39
CA ALA U 124 -97.02 -10.56 40.43
C ALA U 124 -95.82 -10.01 41.19
N CYS U 125 -94.85 -9.43 40.47
CA CYS U 125 -93.70 -8.85 41.14
C CYS U 125 -94.11 -7.69 42.04
N GLU U 126 -95.03 -6.84 41.57
CA GLU U 126 -95.48 -5.72 42.38
C GLU U 126 -96.23 -6.20 43.63
N SER U 127 -97.06 -7.24 43.47
CA SER U 127 -97.75 -7.80 44.64
C SER U 127 -96.77 -8.38 45.64
N VAL U 128 -95.74 -9.08 45.16
CA VAL U 128 -94.71 -9.61 46.04
C VAL U 128 -94.01 -8.47 46.77
N GLY U 129 -93.71 -7.39 46.05
CA GLY U 129 -93.09 -6.24 46.69
C GLY U 129 -93.95 -5.63 47.79
N ARG U 130 -95.25 -5.48 47.52
CA ARG U 130 -96.14 -4.92 48.53
C ARG U 130 -96.23 -5.83 49.75
N VAL U 131 -96.35 -7.14 49.53
CA VAL U 131 -96.43 -8.08 50.63
C VAL U 131 -95.15 -8.05 51.46
N LEU U 132 -94.00 -8.01 50.79
CA LEU U 132 -92.73 -7.95 51.51
C LEU U 132 -92.59 -6.65 52.29
N ALA U 133 -93.06 -5.53 51.72
CA ALA U 133 -93.02 -4.26 52.45
C ALA U 133 -93.88 -4.33 53.71
N GLU U 134 -95.08 -4.89 53.59
CA GLU U 134 -95.94 -5.02 54.77
C GLU U 134 -95.30 -5.93 55.82
N ARG U 135 -94.71 -7.04 55.38
CA ARG U 135 -94.08 -7.96 56.33
C ARG U 135 -92.85 -7.32 56.98
N CYS U 136 -92.09 -6.52 56.24
CA CYS U 136 -90.96 -5.82 56.84
C CYS U 136 -91.42 -4.79 57.85
N LEU U 137 -92.50 -4.06 57.55
CA LEU U 137 -93.05 -3.13 58.54
C LEU U 137 -93.50 -3.87 59.79
N GLU U 138 -94.13 -5.03 59.62
CA GLU U 138 -94.51 -5.83 60.78
C GLU U 138 -93.29 -6.28 61.57
N ALA U 139 -92.24 -6.71 60.88
CA ALA U 139 -91.02 -7.18 61.54
C ALA U 139 -90.21 -6.04 62.15
N GLY U 140 -90.51 -4.80 61.80
CA GLY U 140 -89.80 -3.66 62.35
C GLY U 140 -88.54 -3.27 61.62
N ILE U 141 -88.28 -3.84 60.45
CA ILE U 141 -87.11 -3.49 59.64
C ILE U 141 -87.54 -2.43 58.63
N ASN U 142 -86.85 -1.30 58.63
CA ASN U 142 -87.21 -0.17 57.78
C ASN U 142 -86.19 0.17 56.71
N PHE U 143 -84.93 -0.28 56.86
CA PHE U 143 -83.88 0.05 55.91
C PHE U 143 -83.26 -1.22 55.38
N MET U 144 -83.00 -1.26 54.07
CA MET U 144 -82.34 -2.39 53.44
C MET U 144 -81.66 -1.89 52.18
N VAL U 145 -80.74 -2.70 51.67
CA VAL U 145 -79.99 -2.37 50.46
C VAL U 145 -80.46 -3.26 49.33
N TYR U 146 -80.39 -2.75 48.11
CA TYR U 146 -80.72 -3.51 46.91
C TYR U 146 -79.70 -3.16 45.83
N HIS U 147 -79.05 -4.18 45.28
CA HIS U 147 -78.00 -4.02 44.27
C HIS U 147 -78.37 -4.88 43.07
N PRO U 148 -79.27 -4.40 42.21
CA PRO U 148 -79.64 -5.15 41.01
C PRO U 148 -78.57 -5.04 39.93
N THR U 149 -78.63 -5.97 38.98
CA THR U 149 -77.77 -5.91 37.82
C THR U 149 -78.17 -4.74 36.93
N PRO U 150 -77.27 -4.26 36.07
CA PRO U 150 -77.64 -3.14 35.18
C PRO U 150 -78.83 -3.44 34.28
N TRP U 151 -78.97 -4.66 33.78
CA TRP U 151 -80.12 -5.02 32.97
C TRP U 151 -81.38 -5.24 33.78
N GLU U 152 -81.27 -5.68 35.04
CA GLU U 152 -82.42 -5.82 35.90
C GLU U 152 -82.94 -4.49 36.41
N ALA U 153 -82.07 -3.50 36.58
CA ALA U 153 -82.49 -2.20 37.07
C ALA U 153 -83.39 -1.48 36.07
N ALA U 154 -83.23 -1.76 34.77
CA ALA U 154 -84.06 -1.17 33.74
C ALA U 154 -85.30 -1.99 33.43
N SER U 155 -85.48 -3.13 34.11
CA SER U 155 -86.65 -3.98 33.87
C SER U 155 -87.91 -3.31 34.41
N ASP U 156 -89.05 -3.70 33.83
CA ASP U 156 -90.33 -3.15 34.24
C ASP U 156 -90.84 -3.73 35.55
N SER U 157 -90.72 -5.05 35.73
CA SER U 157 -91.21 -5.67 36.95
C SER U 157 -90.42 -5.21 38.16
N ILE U 158 -89.09 -5.13 38.03
CA ILE U 158 -88.27 -4.75 39.17
C ILE U 158 -88.45 -3.29 39.53
N LYS U 159 -88.60 -2.41 38.54
CA LYS U 159 -88.84 -1.00 38.82
C LYS U 159 -90.14 -0.81 39.59
N ARG U 160 -91.20 -1.50 39.15
CA ARG U 160 -92.47 -1.38 39.86
C ARG U 160 -92.41 -2.05 41.23
N LEU U 161 -91.63 -3.12 41.37
CA LEU U 161 -91.43 -3.74 42.68
C LEU U 161 -90.77 -2.76 43.64
N GLN U 162 -89.73 -2.06 43.17
CA GLN U 162 -89.07 -1.07 44.00
C GLN U 162 -90.01 0.08 44.34
N HIS U 163 -90.81 0.50 43.37
CA HIS U 163 -91.77 1.59 43.62
C HIS U 163 -92.80 1.17 44.67
N ALA U 164 -93.31 -0.06 44.58
CA ALA U 164 -94.26 -0.55 45.57
C ALA U 164 -93.59 -0.68 46.94
N MET U 165 -92.34 -1.14 46.98
CA MET U 165 -91.62 -1.24 48.24
C MET U 165 -91.46 0.14 48.89
N THR U 166 -91.13 1.14 48.08
CA THR U 166 -91.00 2.50 48.61
C THR U 166 -92.34 3.03 49.09
N GLU U 167 -93.41 2.79 48.33
CA GLU U 167 -94.73 3.26 48.72
C GLU U 167 -95.23 2.57 49.98
N GLY U 168 -94.81 1.33 50.21
CA GLY U 168 -95.27 0.60 51.39
C GLY U 168 -94.64 1.02 52.69
N GLY U 169 -93.64 1.91 52.64
CA GLY U 169 -92.98 2.41 53.83
C GLY U 169 -91.55 1.95 53.98
N VAL U 170 -91.16 0.87 53.32
CA VAL U 170 -89.79 0.38 53.39
C VAL U 170 -88.94 1.24 52.46
N VAL U 171 -87.88 1.83 53.01
CA VAL U 171 -87.01 2.74 52.27
C VAL U 171 -85.64 2.07 52.12
N LEU U 172 -85.09 2.15 50.91
CA LEU U 172 -83.78 1.59 50.63
C LEU U 172 -82.69 2.53 51.16
N ARG U 173 -81.44 2.28 50.78
CA ARG U 173 -80.31 3.11 51.16
C ARG U 173 -80.16 3.18 52.68
N GLU U 174 -79.75 2.04 53.25
CA GLU U 174 -79.45 1.91 54.68
C GLU U 174 -78.61 3.09 55.16
N PRO U 175 -78.88 3.61 56.36
CA PRO U 175 -78.17 4.79 56.83
C PRO U 175 -76.68 4.54 57.02
N ARG U 176 -75.91 5.60 56.83
CA ARG U 176 -74.46 5.51 56.97
C ARG U 176 -74.08 5.23 58.42
N ARG U 177 -73.09 4.35 58.58
CA ARG U 177 -72.67 3.93 59.91
C ARG U 177 -72.05 5.10 60.67
N ILE U 178 -72.42 5.24 61.94
CA ILE U 178 -71.84 6.28 62.78
C ILE U 178 -70.43 5.84 63.17
N TYR U 179 -69.45 6.71 62.91
CA TYR U 179 -68.04 6.38 63.09
C TYR U 179 -67.69 5.10 62.33
N GLU U 180 -67.85 5.17 61.01
CA GLU U 180 -67.67 4.02 60.12
C GLU U 180 -66.23 3.51 60.10
N ALA V 53 96.32 -46.63 -34.93
CA ALA V 53 95.57 -46.32 -33.71
C ALA V 53 96.43 -45.51 -32.74
N PHE V 54 96.27 -44.19 -32.77
CA PHE V 54 97.01 -43.31 -31.89
C PHE V 54 96.20 -42.99 -30.64
N GLN V 55 96.90 -42.83 -29.53
CA GLN V 55 96.27 -42.43 -28.27
C GLN V 55 96.86 -41.10 -27.80
N PRO V 56 96.04 -40.08 -27.58
CA PRO V 56 96.57 -38.80 -27.13
C PRO V 56 97.14 -38.92 -25.72
N PRO V 57 98.15 -38.12 -25.40
CA PRO V 57 98.73 -38.19 -24.05
C PRO V 57 97.74 -37.74 -22.99
N PRO V 58 97.80 -38.31 -21.80
CA PRO V 58 96.87 -37.89 -20.73
C PRO V 58 97.21 -36.50 -20.21
N LYS V 59 96.20 -35.87 -19.64
CA LYS V 59 96.37 -34.54 -19.07
C LYS V 59 97.32 -34.59 -17.88
N PRO V 60 98.41 -33.84 -17.88
CA PRO V 60 99.35 -33.88 -16.77
C PRO V 60 99.06 -32.81 -15.71
N VAL V 61 99.70 -32.97 -14.56
CA VAL V 61 99.65 -31.99 -13.48
C VAL V 61 101.08 -31.71 -13.03
N ILE V 62 101.45 -30.43 -13.00
CA ILE V 62 102.80 -30.01 -12.63
C ILE V 62 102.78 -28.84 -11.65
N VAL V 63 101.74 -28.77 -10.82
CA VAL V 63 101.65 -27.69 -9.83
C VAL V 63 102.71 -27.87 -8.76
N ASP V 64 103.40 -26.79 -8.41
CA ASP V 64 104.45 -26.83 -7.40
C ASP V 64 103.82 -26.82 -6.02
N PHE V 75 86.45 -30.97 6.72
CA PHE V 75 85.03 -30.70 6.49
C PHE V 75 84.20 -31.73 7.23
N LEU V 76 83.38 -31.26 8.18
CA LEU V 76 82.45 -32.10 8.90
C LEU V 76 81.04 -31.77 8.41
N SER V 77 80.28 -32.79 8.04
CA SER V 77 78.95 -32.57 7.50
C SER V 77 78.04 -32.01 8.58
N PRO V 78 77.13 -31.11 8.23
CA PRO V 78 76.29 -30.45 9.26
C PRO V 78 75.44 -31.41 10.07
N GLU V 79 74.99 -32.52 9.48
CA GLU V 79 74.09 -33.42 10.19
C GLU V 79 74.74 -34.08 11.40
N PHE V 80 76.06 -34.23 11.40
CA PHE V 80 76.74 -34.84 12.54
C PHE V 80 76.73 -33.96 13.77
N ILE V 81 76.45 -32.68 13.63
CA ILE V 81 76.41 -31.76 14.77
C ILE V 81 75.16 -32.05 15.58
N PRO V 82 75.27 -32.45 16.85
CA PRO V 82 74.07 -32.71 17.64
C PRO V 82 73.37 -31.41 17.99
N PRO V 83 72.06 -31.45 18.25
CA PRO V 83 71.34 -30.24 18.65
C PRO V 83 71.78 -29.74 20.02
N ARG V 84 71.23 -28.60 20.45
CA ARG V 84 71.58 -28.00 21.72
C ARG V 84 70.80 -28.59 22.89
N GLY V 85 69.89 -29.51 22.63
CA GLY V 85 69.07 -30.08 23.69
C GLY V 85 69.88 -30.98 24.61
N ARG V 86 69.21 -31.43 25.67
CA ARG V 86 69.82 -32.28 26.68
C ARG V 86 69.55 -33.75 26.43
N THR V 87 69.46 -34.15 25.17
CA THR V 87 69.30 -35.55 24.82
C THR V 87 70.55 -36.33 25.20
N ASN V 88 70.35 -37.58 25.62
CA ASN V 88 71.46 -38.41 26.05
C ASN V 88 72.42 -38.68 24.88
N PRO V 89 73.72 -38.62 25.11
CA PRO V 89 74.69 -38.83 24.02
C PRO V 89 74.65 -40.22 23.41
N LEU V 90 74.06 -41.21 24.09
CA LEU V 90 74.00 -42.56 23.54
C LEU V 90 73.17 -42.59 22.26
N LYS V 91 72.06 -41.86 22.23
CA LYS V 91 71.26 -41.77 21.01
C LYS V 91 72.06 -41.17 19.87
N PHE V 92 72.81 -40.11 20.15
CA PHE V 92 73.64 -39.50 19.12
C PHE V 92 74.71 -40.47 18.61
N GLN V 93 75.32 -41.23 19.53
CA GLN V 93 76.33 -42.20 19.12
C GLN V 93 75.72 -43.29 18.24
N ILE V 94 74.55 -43.79 18.61
CA ILE V 94 73.90 -44.83 17.83
C ILE V 94 73.53 -44.31 16.44
N GLU V 95 72.99 -43.09 16.39
CA GLU V 95 72.59 -42.51 15.11
C GLU V 95 73.82 -42.25 14.24
N ARG V 96 74.93 -41.82 14.85
CA ARG V 96 76.16 -41.63 14.09
C ARG V 96 76.69 -42.94 13.54
N LYS V 97 76.63 -44.01 14.34
CA LYS V 97 77.04 -45.32 13.84
C LYS V 97 76.18 -45.75 12.66
N ASP V 98 74.87 -45.57 12.77
CA ASP V 98 73.97 -45.97 11.68
C ASP V 98 74.21 -45.14 10.42
N MET V 99 74.43 -43.83 10.57
CA MET V 99 74.64 -42.99 9.41
C MET V 99 75.99 -43.27 8.76
N LEU V 100 77.02 -43.62 9.55
CA LEU V 100 78.29 -44.04 8.97
C LEU V 100 78.15 -45.36 8.23
N GLU V 101 77.36 -46.30 8.78
CA GLU V 101 77.12 -47.55 8.07
C GLU V 101 76.41 -47.30 6.75
N ARG V 102 75.43 -46.38 6.74
CA ARG V 102 74.75 -46.03 5.51
C ARG V 102 75.70 -45.38 4.52
N ARG V 103 76.56 -44.48 4.99
CA ARG V 103 77.54 -43.82 4.12
C ARG V 103 78.56 -44.80 3.56
N LYS V 104 78.80 -45.91 4.26
CA LYS V 104 79.69 -46.93 3.71
C LYS V 104 79.19 -47.44 2.37
N ILE V 105 77.87 -47.55 2.22
CA ILE V 105 77.31 -48.00 0.95
C ILE V 105 77.06 -46.83 0.01
N LEU V 106 76.34 -45.82 0.48
CA LEU V 106 75.99 -44.67 -0.33
C LEU V 106 77.02 -43.57 -0.12
N HIS V 107 77.70 -43.16 -1.20
CA HIS V 107 78.73 -42.13 -1.12
C HIS V 107 78.06 -40.76 -1.07
N ILE V 108 78.13 -40.11 0.08
CA ILE V 108 77.59 -38.77 0.26
C ILE V 108 78.73 -37.78 0.09
N PRO V 109 78.76 -36.98 -0.97
CA PRO V 109 79.88 -36.07 -1.20
C PRO V 109 79.74 -34.80 -0.37
N GLU V 110 80.71 -33.91 -0.53
CA GLU V 110 80.72 -32.62 0.16
C GLU V 110 80.01 -31.58 -0.69
N PHE V 111 79.00 -30.93 -0.12
CA PHE V 111 78.26 -29.90 -0.82
C PHE V 111 77.69 -28.92 0.19
N TYR V 112 77.69 -27.65 -0.18
CA TYR V 112 77.20 -26.58 0.67
C TYR V 112 75.91 -25.99 0.09
N VAL V 113 75.36 -25.02 0.81
CA VAL V 113 74.16 -24.34 0.35
C VAL V 113 74.52 -23.46 -0.85
N GLY V 114 73.78 -23.62 -1.94
CA GLY V 114 74.05 -22.94 -3.19
C GLY V 114 74.70 -23.82 -4.24
N SER V 115 75.24 -24.97 -3.85
CA SER V 115 75.79 -25.91 -4.80
C SER V 115 74.67 -26.59 -5.58
N ILE V 116 75.01 -27.10 -6.75
CA ILE V 116 74.05 -27.72 -7.66
C ILE V 116 74.27 -29.22 -7.66
N LEU V 117 73.20 -29.97 -7.41
CA LEU V 117 73.27 -31.41 -7.26
C LEU V 117 72.30 -32.10 -8.21
N ARG V 118 72.59 -33.36 -8.48
CA ARG V 118 71.69 -34.27 -9.19
C ARG V 118 71.48 -35.49 -8.33
N VAL V 119 70.22 -35.86 -8.11
CA VAL V 119 69.85 -36.96 -7.23
C VAL V 119 69.07 -37.99 -8.05
N THR V 120 69.44 -39.25 -7.89
CA THR V 120 68.75 -40.37 -8.52
C THR V 120 67.92 -41.08 -7.46
N THR V 121 66.63 -41.27 -7.74
CA THR V 121 65.70 -41.85 -6.79
C THR V 121 65.01 -43.05 -7.42
N ALA V 122 64.63 -44.01 -6.58
CA ALA V 122 63.94 -45.22 -7.01
C ALA V 122 62.45 -44.93 -7.07
N ASP V 123 61.95 -44.70 -8.28
CA ASP V 123 60.53 -44.40 -8.49
C ASP V 123 59.85 -45.60 -9.15
N PRO V 124 58.95 -46.30 -8.45
CA PRO V 124 58.31 -47.47 -9.06
C PRO V 124 57.38 -47.15 -10.22
N TYR V 125 56.78 -45.96 -10.24
CA TYR V 125 55.72 -45.64 -11.18
C TYR V 125 56.21 -44.92 -12.42
N ALA V 126 57.52 -44.76 -12.58
CA ALA V 126 58.06 -44.12 -13.77
C ALA V 126 58.34 -45.17 -14.84
N SER V 127 58.64 -44.72 -16.06
CA SER V 127 58.97 -45.63 -17.14
C SER V 127 60.22 -46.43 -16.79
N ALA V 128 61.24 -45.75 -16.28
CA ALA V 128 62.43 -46.40 -15.74
C ALA V 128 62.45 -46.22 -14.22
N LYS V 129 62.99 -47.23 -13.54
CA LYS V 129 63.01 -47.22 -12.08
C LYS V 129 63.85 -46.09 -11.50
N THR V 130 64.72 -45.47 -12.28
CA THR V 130 65.52 -44.35 -11.83
C THR V 130 64.91 -43.04 -12.27
N SER V 131 64.82 -42.09 -11.34
CA SER V 131 64.31 -40.75 -11.61
C SER V 131 65.39 -39.75 -11.24
N GLN V 132 65.73 -38.86 -12.17
CA GLN V 132 66.79 -37.89 -11.97
C GLN V 132 66.19 -36.52 -11.68
N PHE V 133 66.72 -35.84 -10.66
CA PHE V 133 66.31 -34.48 -10.35
C PHE V 133 67.55 -33.64 -10.09
N LEU V 134 67.72 -32.58 -10.86
CA LEU V 134 68.86 -31.68 -10.73
C LEU V 134 68.38 -30.32 -10.25
N GLY V 135 69.10 -29.73 -9.30
CA GLY V 135 68.71 -28.42 -8.80
C GLY V 135 69.73 -27.89 -7.82
N ILE V 136 69.53 -26.62 -7.45
CA ILE V 136 70.40 -25.96 -6.49
C ILE V 136 69.89 -26.22 -5.07
N CYS V 137 70.82 -26.42 -4.15
CA CYS V 137 70.46 -26.73 -2.76
C CYS V 137 70.02 -25.45 -2.07
N ILE V 138 68.71 -25.32 -1.83
CA ILE V 138 68.20 -24.15 -1.12
C ILE V 138 68.69 -24.11 0.31
N GLN V 139 68.56 -25.24 1.03
CA GLN V 139 68.97 -25.27 2.42
C GLN V 139 69.21 -26.72 2.83
N ARG V 140 69.93 -26.88 3.94
CA ARG V 140 70.14 -28.16 4.59
C ARG V 140 69.76 -28.03 6.05
N SER V 141 68.95 -28.96 6.56
CA SER V 141 68.51 -28.88 7.94
C SER V 141 68.27 -30.27 8.49
N GLY V 142 68.36 -30.38 9.81
CA GLY V 142 68.18 -31.64 10.51
C GLY V 142 69.46 -32.10 11.19
N SER V 143 69.30 -33.14 12.01
CA SER V 143 70.42 -33.68 12.75
C SER V 143 70.35 -35.19 12.72
N GLY V 144 71.49 -35.83 12.48
CA GLY V 144 71.56 -37.28 12.49
C GLY V 144 71.04 -37.93 11.22
N LEU V 145 70.35 -39.05 11.38
CA LEU V 145 69.90 -39.86 10.24
C LEU V 145 68.79 -39.18 9.45
N GLY V 146 68.13 -38.17 9.99
CA GLY V 146 67.01 -37.57 9.31
C GLY V 146 67.32 -36.27 8.61
N ALA V 147 68.60 -36.02 8.32
CA ALA V 147 68.99 -34.78 7.67
C ALA V 147 68.37 -34.67 6.28
N THR V 148 67.98 -33.46 5.91
CA THR V 148 67.30 -33.20 4.66
C THR V 148 67.92 -31.98 3.97
N PHE V 149 67.80 -31.96 2.65
CA PHE V 149 68.26 -30.84 1.84
C PHE V 149 67.23 -30.56 0.76
N ILE V 150 67.03 -29.28 0.47
CA ILE V 150 65.99 -28.83 -0.45
C ILE V 150 66.64 -28.44 -1.78
N LEU V 151 66.16 -29.02 -2.87
CA LEU V 151 66.63 -28.72 -4.22
C LEU V 151 65.54 -27.99 -4.98
N ARG V 152 65.92 -26.90 -5.65
CA ARG V 152 65.01 -26.04 -6.38
C ARG V 152 65.43 -25.98 -7.84
N ASN V 153 64.45 -26.09 -8.74
CA ASN V 153 64.74 -25.96 -10.17
C ASN V 153 63.48 -25.52 -10.89
N THR V 154 63.62 -24.61 -11.84
CA THR V 154 62.49 -24.12 -12.63
C THR V 154 62.40 -24.95 -13.90
N ILE V 155 61.33 -25.73 -14.02
CA ILE V 155 61.09 -26.59 -15.18
C ILE V 155 59.92 -26.00 -15.95
N GLU V 156 60.20 -25.53 -17.18
CA GLU V 156 59.17 -25.02 -18.09
C GLU V 156 58.37 -23.89 -17.46
N GLY V 157 59.06 -23.06 -16.67
CA GLY V 157 58.44 -21.92 -16.03
C GLY V 157 57.78 -22.21 -14.70
N GLN V 158 57.72 -23.47 -14.28
CA GLN V 158 57.11 -23.87 -13.02
C GLN V 158 58.20 -24.32 -12.06
N GLY V 159 58.46 -23.52 -11.03
CA GLY V 159 59.48 -23.87 -10.06
C GLY V 159 59.05 -25.07 -9.23
N VAL V 160 59.97 -26.02 -9.08
CA VAL V 160 59.73 -27.23 -8.29
C VAL V 160 60.81 -27.32 -7.23
N GLU V 161 60.38 -27.53 -5.98
CA GLU V 161 61.28 -27.70 -4.85
C GLU V 161 61.00 -29.04 -4.20
N ILE V 162 62.04 -29.86 -4.05
CA ILE V 162 61.92 -31.20 -3.47
C ILE V 162 62.87 -31.29 -2.29
N CYS V 163 62.35 -31.77 -1.16
CA CYS V 163 63.14 -31.92 0.07
C CYS V 163 63.55 -33.38 0.18
N PHE V 164 64.79 -33.68 -0.21
CA PHE V 164 65.31 -35.04 -0.14
C PHE V 164 65.93 -35.31 1.22
N GLU V 165 65.93 -36.59 1.61
CA GLU V 165 66.58 -37.04 2.83
C GLU V 165 67.93 -37.65 2.47
N LEU V 166 68.96 -37.26 3.23
CA LEU V 166 70.32 -37.70 2.92
C LEU V 166 70.47 -39.21 3.02
N TYR V 167 69.87 -39.81 4.05
CA TYR V 167 70.04 -41.23 4.33
C TYR V 167 68.80 -42.05 3.96
N ASN V 168 68.03 -41.56 2.99
CA ASN V 168 66.89 -42.33 2.50
C ASN V 168 67.38 -43.45 1.59
N PRO V 169 66.99 -44.70 1.84
CA PRO V 169 67.50 -45.82 1.03
C PRO V 169 67.00 -45.80 -0.41
N ARG V 170 65.99 -44.99 -0.74
CA ARG V 170 65.51 -44.90 -2.11
C ARG V 170 66.39 -44.04 -3.01
N ILE V 171 67.39 -43.36 -2.43
CA ILE V 171 68.31 -42.55 -3.21
C ILE V 171 69.42 -43.45 -3.74
N GLN V 172 69.63 -43.40 -5.06
CA GLN V 172 70.64 -44.25 -5.70
C GLN V 172 72.00 -43.55 -5.81
N GLU V 173 72.01 -42.27 -6.16
CA GLU V 173 73.27 -41.56 -6.35
C GLU V 173 73.04 -40.07 -6.16
N ILE V 174 74.00 -39.42 -5.49
CA ILE V 174 74.04 -37.97 -5.34
C ILE V 174 75.31 -37.48 -6.00
N GLN V 175 75.18 -36.58 -6.97
CA GLN V 175 76.32 -36.11 -7.76
C GLN V 175 76.35 -34.60 -7.72
N VAL V 176 77.47 -34.04 -7.25
CA VAL V 176 77.62 -32.59 -7.23
C VAL V 176 78.13 -32.12 -8.58
N VAL V 177 77.28 -31.41 -9.32
CA VAL V 177 77.69 -30.95 -10.65
C VAL V 177 78.38 -29.59 -10.58
N LYS V 178 78.22 -28.85 -9.48
CA LYS V 178 78.92 -27.58 -9.31
C LYS V 178 79.05 -27.32 -7.82
N LEU V 179 80.23 -27.59 -7.26
CA LEU V 179 80.51 -27.31 -5.87
C LEU V 179 80.79 -25.81 -5.73
N GLU V 180 79.89 -25.10 -5.06
CA GLU V 180 79.96 -23.64 -5.03
C GLU V 180 79.21 -23.12 -3.81
N LYS V 181 79.86 -22.23 -3.06
CA LYS V 181 79.22 -21.55 -1.94
C LYS V 181 78.60 -20.23 -2.40
N ARG V 182 77.73 -19.69 -1.56
CA ARG V 182 77.10 -18.40 -1.79
C ARG V 182 77.22 -17.54 -0.55
N LEU V 183 76.68 -16.32 -0.62
CA LEU V 183 76.81 -15.35 0.45
C LEU V 183 75.89 -15.63 1.64
N ASP V 184 74.95 -16.57 1.51
CA ASP V 184 73.98 -16.82 2.56
C ASP V 184 73.97 -18.29 2.94
N ASN V 185 73.79 -18.54 4.23
CA ASN V 185 73.75 -19.91 4.75
C ASN V 185 72.46 -20.63 4.40
N SER V 186 71.40 -19.90 4.06
CA SER V 186 70.13 -20.50 3.69
C SER V 186 69.42 -19.57 2.74
N LEU V 187 69.41 -19.91 1.45
CA LEU V 187 68.82 -19.06 0.42
C LEU V 187 67.40 -19.55 0.13
N LEU V 188 66.49 -19.21 1.03
CA LEU V 188 65.07 -19.48 0.86
C LEU V 188 64.39 -18.43 -0.01
N TYR V 189 65.09 -17.37 -0.40
CA TYR V 189 64.52 -16.25 -1.13
C TYR V 189 64.46 -16.48 -2.63
N LEU V 190 64.94 -17.63 -3.12
CA LEU V 190 64.84 -17.90 -4.55
C LEU V 190 63.40 -18.00 -5.03
N ARG V 191 62.46 -18.27 -4.12
CA ARG V 191 61.04 -18.23 -4.49
C ARG V 191 60.64 -16.84 -4.94
N ASP V 192 61.07 -15.81 -4.21
CA ASP V 192 60.77 -14.42 -4.57
C ASP V 192 61.77 -13.85 -5.57
N ALA V 193 62.87 -14.55 -5.84
CA ALA V 193 63.84 -14.08 -6.80
C ALA V 193 63.33 -14.28 -8.23
N LEU V 194 64.06 -13.72 -9.18
CA LEU V 194 63.67 -13.85 -10.58
C LEU V 194 63.87 -15.29 -11.06
N PRO V 195 63.09 -15.72 -12.05
CA PRO V 195 63.23 -17.11 -12.52
C PRO V 195 64.58 -17.43 -13.12
N GLU V 196 65.34 -16.41 -13.57
CA GLU V 196 66.65 -16.66 -14.16
C GLU V 196 67.61 -17.29 -13.16
N TYR V 197 67.50 -16.91 -11.88
CA TYR V 197 68.36 -17.46 -10.85
C TYR V 197 67.90 -18.82 -10.36
N SER V 198 66.70 -19.26 -10.73
CA SER V 198 66.21 -20.59 -10.38
C SER V 198 66.23 -21.54 -11.57
N THR V 199 66.48 -21.05 -12.78
CA THR V 199 66.55 -21.89 -13.97
C THR V 199 67.95 -22.50 -14.06
N PHE V 200 68.01 -23.83 -14.14
CA PHE V 200 69.26 -24.55 -14.32
C PHE V 200 69.03 -25.68 -15.30
N ASP V 201 69.97 -25.87 -16.22
CA ASP V 201 69.83 -26.90 -17.23
C ASP V 201 69.94 -28.27 -16.59
N VAL V 202 68.99 -29.16 -16.92
CA VAL V 202 69.00 -30.50 -16.33
C VAL V 202 70.16 -31.32 -16.85
N ASN V 203 70.52 -31.16 -18.13
CA ASN V 203 71.55 -31.96 -18.76
C ASN V 203 72.92 -31.28 -18.75
N MET V 204 73.18 -30.44 -17.75
CA MET V 204 74.48 -29.81 -17.64
C MET V 204 75.54 -30.83 -17.23
N LYS V 205 76.80 -30.54 -17.60
CA LYS V 205 77.87 -31.47 -17.29
C LYS V 205 78.52 -31.12 -15.96
N PRO V 206 79.00 -32.12 -15.23
CA PRO V 206 79.66 -31.84 -13.95
C PRO V 206 80.93 -31.02 -14.14
N ILE V 207 81.22 -30.19 -13.16
CA ILE V 207 82.40 -29.33 -13.18
C ILE V 207 83.34 -29.79 -12.06
N THR V 208 84.57 -30.11 -12.44
CA THR V 208 85.59 -30.56 -11.49
C THR V 208 86.53 -29.41 -11.17
N GLN V 209 86.81 -29.22 -9.89
CA GLN V 209 87.65 -28.12 -9.43
C GLN V 209 88.81 -28.65 -8.62
N GLU V 210 89.89 -27.88 -8.60
CA GLU V 210 91.07 -28.23 -7.83
C GLU V 210 90.81 -28.06 -6.34
N PHE V 211 91.51 -28.86 -5.53
CA PHE V 211 91.34 -28.78 -4.08
C PHE V 211 91.82 -27.43 -3.53
N ASN V 212 92.83 -26.83 -4.16
CA ASN V 212 93.35 -25.55 -3.70
C ASN V 212 92.39 -24.40 -3.90
N GLN V 213 91.31 -24.61 -4.66
CA GLN V 213 90.31 -23.54 -4.84
C GLN V 213 89.54 -23.28 -3.55
N GLU V 214 89.50 -24.27 -2.64
CA GLU V 214 88.91 -24.11 -1.31
C GLU V 214 87.45 -23.68 -1.38
N VAL V 215 86.71 -24.28 -2.30
CA VAL V 215 85.27 -24.04 -2.47
C VAL V 215 85.02 -22.55 -2.63
N PRO V 216 85.32 -21.96 -3.78
CA PRO V 216 85.12 -20.52 -3.95
C PRO V 216 83.66 -20.14 -3.74
N VAL V 217 83.45 -18.98 -3.11
CA VAL V 217 82.11 -18.51 -2.80
C VAL V 217 81.64 -17.57 -3.91
N ASN V 218 80.46 -17.84 -4.45
CA ASN V 218 79.89 -17.04 -5.53
C ASN V 218 79.20 -15.83 -4.92
N GLN V 219 79.79 -14.64 -5.09
CA GLN V 219 79.22 -13.40 -4.60
C GLN V 219 78.36 -12.82 -5.71
N LEU V 220 77.07 -13.18 -5.71
CA LEU V 220 76.12 -12.75 -6.72
C LEU V 220 74.96 -12.02 -6.07
N LYS V 221 74.72 -10.79 -6.52
CA LYS V 221 73.53 -10.04 -6.10
C LYS V 221 72.35 -10.48 -6.94
N VAL V 222 71.24 -10.82 -6.29
CA VAL V 222 70.09 -11.39 -6.95
C VAL V 222 68.97 -10.36 -7.00
N LYS V 223 68.38 -10.21 -8.18
CA LYS V 223 67.22 -9.34 -8.32
C LYS V 223 66.01 -9.95 -7.62
N MET V 224 65.01 -9.10 -7.35
CA MET V 224 63.85 -9.51 -6.60
C MET V 224 62.57 -9.09 -7.32
N LYS V 225 61.53 -9.90 -7.15
CA LYS V 225 60.21 -9.55 -7.63
C LYS V 225 59.64 -8.41 -6.78
N PRO V 226 58.68 -7.66 -7.32
CA PRO V 226 58.07 -6.58 -6.52
C PRO V 226 57.31 -7.14 -5.32
N LYS V 227 57.17 -6.30 -4.30
CA LYS V 227 56.49 -6.69 -3.08
C LYS V 227 55.03 -7.03 -3.38
N PRO V 228 54.42 -7.93 -2.60
CA PRO V 228 54.98 -8.63 -1.44
C PRO V 228 55.85 -9.83 -1.79
N TRP V 229 56.58 -10.33 -0.80
CA TRP V 229 57.43 -11.51 -0.94
C TRP V 229 56.92 -12.63 -0.05
N SER V 230 57.58 -13.78 -0.13
CA SER V 230 57.22 -14.91 0.72
C SER V 230 57.46 -14.59 2.18
N LYS V 231 58.57 -13.92 2.50
CA LYS V 231 58.88 -13.52 3.86
C LYS V 231 59.36 -12.07 3.83
N ARG V 232 59.69 -11.54 5.02
CA ARG V 232 60.22 -10.19 5.15
C ARG V 232 61.74 -10.28 5.17
N TRP V 233 62.32 -10.47 3.99
CA TRP V 233 63.76 -10.68 3.87
C TRP V 233 64.57 -9.48 4.31
N GLU V 234 63.97 -8.29 4.39
CA GLU V 234 64.70 -7.10 4.82
C GLU V 234 64.90 -7.03 6.33
N ARG V 235 64.21 -7.86 7.09
CA ARG V 235 64.35 -7.84 8.54
C ARG V 235 65.74 -8.32 8.96
N PRO V 236 66.31 -7.74 10.02
CA PRO V 236 67.66 -8.15 10.44
C PRO V 236 67.76 -9.59 10.88
N LYS V 237 66.66 -10.23 11.27
CA LYS V 237 66.72 -11.60 11.75
C LYS V 237 67.14 -12.58 10.66
N PHE V 238 66.98 -12.20 9.39
CA PHE V 238 67.42 -13.06 8.30
C PHE V 238 68.89 -12.86 7.95
N ASN V 239 69.35 -11.61 8.01
CA ASN V 239 70.76 -11.27 7.77
C ASN V 239 71.21 -11.76 6.40
N ILE V 240 70.60 -11.19 5.36
CA ILE V 240 70.83 -11.59 3.98
C ILE V 240 71.68 -10.53 3.30
N LYS V 241 72.76 -10.98 2.65
CA LYS V 241 73.63 -10.09 1.88
C LYS V 241 73.53 -10.32 0.38
N GLY V 242 72.94 -11.44 -0.06
CA GLY V 242 72.89 -11.77 -1.47
C GLY V 242 71.78 -11.13 -2.26
N ILE V 243 70.96 -10.29 -1.62
CA ILE V 243 69.84 -9.62 -2.28
C ILE V 243 70.20 -8.17 -2.52
N ARG V 244 70.01 -7.71 -3.76
CA ARG V 244 70.33 -6.34 -4.15
C ARG V 244 69.18 -5.45 -3.67
N PHE V 245 69.27 -5.03 -2.40
CA PHE V 245 68.18 -4.27 -1.78
C PHE V 245 68.12 -2.84 -2.27
N ASP V 246 69.24 -2.27 -2.70
CA ASP V 246 69.25 -0.86 -3.09
C ASP V 246 68.40 -0.58 -4.32
N LEU V 247 68.10 -1.60 -5.12
CA LEU V 247 67.25 -1.43 -6.30
C LEU V 247 65.81 -1.88 -6.08
N CYS V 248 65.53 -2.58 -4.98
CA CYS V 248 64.19 -3.10 -4.72
C CYS V 248 63.47 -2.39 -3.58
N LEU V 249 64.20 -1.79 -2.64
CA LEU V 249 63.60 -1.12 -1.50
C LEU V 249 64.10 0.31 -1.41
N THR V 250 63.33 1.14 -0.72
CA THR V 250 63.65 2.55 -0.57
C THR V 250 64.32 2.80 0.78
N GLU V 251 64.85 4.02 0.93
CA GLU V 251 65.57 4.37 2.16
C GLU V 251 64.65 4.35 3.37
N GLU V 252 63.42 4.85 3.22
CA GLU V 252 62.48 4.83 4.34
C GLU V 252 62.14 3.40 4.74
N GLN V 253 61.96 2.50 3.77
CA GLN V 253 61.69 1.11 4.10
C GLN V 253 62.90 0.47 4.77
N MET V 254 64.11 0.79 4.31
CA MET V 254 65.30 0.26 4.97
C MET V 254 65.42 0.74 6.41
N ARG V 255 65.13 2.02 6.66
CA ARG V 255 65.14 2.51 8.04
C ARG V 255 64.06 1.84 8.87
N GLU V 256 62.87 1.66 8.31
CA GLU V 256 61.78 1.02 9.03
C GLU V 256 62.11 -0.42 9.39
N ALA V 257 62.77 -1.15 8.50
CA ALA V 257 63.12 -2.55 8.76
C ALA V 257 64.13 -2.70 9.89
N GLN V 258 64.83 -1.62 10.27
CA GLN V 258 65.82 -1.69 11.32
C GLN V 258 65.23 -1.65 12.72
N LYS V 259 63.92 -1.41 12.85
CA LYS V 259 63.30 -1.36 14.16
C LYS V 259 63.20 -2.74 14.81
N TRP V 260 63.40 -3.80 14.05
CA TRP V 260 63.36 -5.16 14.58
C TRP V 260 64.75 -5.72 14.87
N SER V 261 65.79 -4.88 14.77
CA SER V 261 67.15 -5.32 15.03
C SER V 261 67.36 -5.57 16.53
N GLN V 262 68.16 -6.58 16.85
CA GLN V 262 68.49 -6.94 18.22
C GLN V 262 70.00 -7.00 18.35
N PRO V 263 70.67 -5.86 18.52
CA PRO V 263 72.15 -5.87 18.61
C PRO V 263 72.69 -6.69 19.77
N TRP V 264 71.96 -6.79 20.87
CA TRP V 264 72.47 -7.51 22.04
C TRP V 264 72.67 -8.99 21.78
N LEU V 265 71.95 -9.56 20.82
CA LEU V 265 72.10 -10.98 20.52
C LEU V 265 73.48 -11.32 19.98
N GLU V 266 74.13 -10.38 19.29
CA GLU V 266 75.47 -10.65 18.77
C GLU V 266 76.50 -10.73 19.90
N PHE V 267 76.22 -10.10 21.04
CA PHE V 267 77.14 -10.09 22.18
C PHE V 267 76.53 -10.74 23.41
N ASP V 268 75.49 -11.57 23.23
CA ASP V 268 74.85 -12.20 24.37
C ASP V 268 75.81 -13.09 25.14
N MET V 269 76.74 -13.76 24.44
CA MET V 269 77.77 -14.62 25.00
C MET V 269 77.24 -15.89 25.62
N MET V 270 75.92 -16.08 25.67
CA MET V 270 75.35 -17.26 26.30
C MET V 270 74.47 -18.10 25.37
N ARG V 271 73.93 -17.52 24.31
CA ARG V 271 73.15 -18.27 23.34
C ARG V 271 74.02 -18.99 22.32
N GLU V 272 75.33 -18.76 22.33
CA GLU V 272 76.22 -19.43 21.40
C GLU V 272 76.32 -20.92 21.74
N TYR V 273 76.63 -21.71 20.71
CA TYR V 273 76.79 -23.16 20.86
C TYR V 273 78.23 -23.51 20.56
N ASP V 274 78.95 -23.98 21.58
CA ASP V 274 80.34 -24.40 21.44
C ASP V 274 80.39 -25.91 21.31
N THR V 275 80.98 -26.40 20.21
CA THR V 275 81.01 -27.83 19.91
C THR V 275 82.39 -28.28 19.48
N SER V 276 83.44 -27.66 20.01
CA SER V 276 84.80 -28.06 19.64
C SER V 276 85.09 -29.49 20.08
N LYS V 277 84.86 -29.80 21.35
CA LYS V 277 85.12 -31.14 21.86
C LYS V 277 84.19 -32.16 21.21
N ILE V 278 82.93 -31.79 21.00
CA ILE V 278 81.99 -32.71 20.36
C ILE V 278 82.44 -33.03 18.94
N GLU V 279 82.86 -32.00 18.19
CA GLU V 279 83.34 -32.22 16.83
C GLU V 279 84.61 -33.07 16.84
N ALA V 280 85.50 -32.85 17.80
CA ALA V 280 86.70 -33.66 17.89
C ALA V 280 86.36 -35.13 18.15
N ALA V 281 85.44 -35.38 19.07
CA ALA V 281 85.04 -36.76 19.36
C ALA V 281 84.37 -37.41 18.15
N ILE V 282 83.52 -36.66 17.46
CA ILE V 282 82.84 -37.17 16.27
C ILE V 282 83.86 -37.48 15.18
N TRP V 283 84.84 -36.61 14.99
CA TRP V 283 85.88 -36.85 13.99
C TRP V 283 86.70 -38.08 14.34
N ASP V 284 87.02 -38.26 15.62
CA ASP V 284 87.73 -39.47 16.04
C ASP V 284 86.91 -40.71 15.76
N GLU V 285 85.60 -40.67 16.04
CA GLU V 285 84.75 -41.81 15.77
C GLU V 285 84.66 -42.09 14.27
N ILE V 286 84.60 -41.04 13.44
CA ILE V 286 84.56 -41.22 12.00
C ILE V 286 85.85 -41.85 11.49
N GLU V 287 87.00 -41.39 12.02
CA GLU V 287 88.27 -41.98 11.62
C GLU V 287 88.35 -43.45 12.04
N ALA V 288 87.86 -43.76 13.24
CA ALA V 288 87.86 -45.16 13.69
C ALA V 288 86.97 -46.01 12.80
N SER V 289 85.79 -45.50 12.42
CA SER V 289 84.91 -46.24 11.55
C SER V 289 85.54 -46.46 10.17
N LYS V 290 86.20 -45.44 9.63
CA LYS V 290 86.87 -45.59 8.34
C LYS V 290 88.01 -46.60 8.42
N ASN V 291 88.78 -46.59 9.51
CA ASN V 291 89.84 -47.58 9.68
C ASN V 291 89.29 -48.98 9.94
N SER V 292 88.05 -49.08 10.41
CA SER V 292 87.43 -50.37 10.66
C SER V 292 87.12 -51.09 9.35
N LEU W 10 10.09 17.78 82.12
CA LEU W 10 10.57 16.58 82.78
C LEU W 10 10.99 15.53 81.76
N ARG W 11 12.27 15.51 81.42
CA ARG W 11 12.79 14.52 80.49
C ARG W 11 13.04 13.21 81.23
N SER W 12 12.36 12.15 80.79
CA SER W 12 12.41 10.85 81.46
C SER W 12 13.27 9.91 80.62
N ARG W 13 14.24 9.27 81.27
CA ARG W 13 15.12 8.31 80.63
C ARG W 13 15.11 6.99 81.38
N VAL W 14 15.45 5.93 80.67
CA VAL W 14 15.46 4.59 81.23
C VAL W 14 16.84 4.29 81.80
N THR W 15 16.88 3.82 83.04
CA THR W 15 18.13 3.49 83.71
C THR W 15 18.32 1.99 83.93
N ASP W 16 17.25 1.23 84.11
CA ASP W 16 17.32 -0.21 84.32
C ASP W 16 17.37 -1.00 83.03
N ARG W 17 17.78 -0.35 81.92
CA ARG W 17 17.86 -1.05 80.65
C ARG W 17 18.88 -2.17 80.70
N TYR W 18 19.93 -2.02 81.51
CA TYR W 18 20.90 -3.09 81.69
C TYR W 18 20.24 -4.35 82.24
N TRP W 19 19.44 -4.19 83.29
CA TRP W 19 18.74 -5.34 83.86
C TRP W 19 17.68 -5.88 82.93
N ARG W 20 16.99 -5.01 82.19
CA ARG W 20 16.03 -5.49 81.21
C ARG W 20 16.69 -6.36 80.15
N VAL W 21 17.87 -5.94 79.67
CA VAL W 21 18.58 -6.73 78.66
C VAL W 21 19.11 -8.02 79.26
N GLN W 22 19.63 -7.96 80.50
CA GLN W 22 20.19 -9.16 81.12
C GLN W 22 19.11 -10.20 81.42
N GLU W 23 17.90 -9.76 81.77
CA GLU W 23 16.83 -10.69 82.05
C GLU W 23 16.46 -11.53 80.83
N VAL W 24 16.78 -11.05 79.63
CA VAL W 24 16.58 -11.84 78.42
C VAL W 24 17.84 -12.59 78.04
N LEU W 25 19.01 -11.96 78.19
CA LEU W 25 20.26 -12.60 77.79
C LEU W 25 20.63 -13.78 78.68
N LYS W 26 20.13 -13.82 79.91
CA LYS W 26 20.51 -14.91 80.82
C LYS W 26 20.00 -16.27 80.34
N HIS W 27 18.95 -16.30 79.53
CA HIS W 27 18.41 -17.55 78.99
C HIS W 27 19.06 -17.95 77.68
N ALA W 28 19.93 -17.10 77.12
CA ALA W 28 20.54 -17.36 75.82
C ALA W 28 22.06 -17.46 75.90
N ARG W 29 22.61 -17.73 77.09
CA ARG W 29 24.06 -17.78 77.25
C ARG W 29 24.65 -19.06 76.69
N HIS W 30 23.84 -20.08 76.42
CA HIS W 30 24.33 -21.35 75.93
C HIS W 30 24.12 -21.55 74.44
N PHE W 31 23.80 -20.47 73.70
CA PHE W 31 23.57 -20.57 72.27
C PHE W 31 24.88 -20.45 71.51
N ARG W 32 24.80 -20.66 70.19
CA ARG W 32 25.94 -20.60 69.29
C ARG W 32 25.85 -19.37 68.40
N GLY W 33 26.98 -18.71 68.19
CA GLY W 33 27.04 -17.57 67.31
C GLY W 33 26.82 -16.26 68.03
N ARG W 34 26.31 -15.28 67.27
CA ARG W 34 26.02 -13.96 67.83
C ARG W 34 24.69 -13.91 68.55
N LYS W 35 23.91 -15.00 68.55
CA LYS W 35 22.64 -15.01 69.26
C LYS W 35 22.81 -14.93 70.77
N ASN W 36 23.98 -15.33 71.29
CA ASN W 36 24.23 -15.24 72.72
C ASN W 36 24.78 -13.89 73.15
N ARG W 37 25.11 -13.01 72.20
CA ARG W 37 25.67 -11.70 72.52
C ARG W 37 24.75 -10.57 72.09
N CYS W 38 24.36 -10.51 70.82
CA CYS W 38 23.52 -9.43 70.35
C CYS W 38 22.10 -9.58 70.87
N TYR W 39 21.56 -8.50 71.43
CA TYR W 39 20.23 -8.55 72.01
C TYR W 39 19.15 -8.71 70.95
N ARG W 40 19.31 -8.06 69.80
CA ARG W 40 18.30 -8.15 68.74
C ARG W 40 18.18 -9.58 68.23
N LEU W 41 19.30 -10.27 68.07
CA LEU W 41 19.29 -11.67 67.64
C LEU W 41 18.94 -12.63 68.77
N ALA W 42 18.97 -12.18 70.02
CA ALA W 42 18.68 -13.05 71.15
C ALA W 42 17.20 -13.14 71.46
N VAL W 43 16.46 -12.04 71.30
CA VAL W 43 15.05 -12.04 71.65
C VAL W 43 14.28 -13.02 70.77
N ARG W 44 14.59 -13.03 69.46
CA ARG W 44 13.91 -13.96 68.56
C ARG W 44 14.23 -15.40 68.93
N ALA W 45 15.49 -15.70 69.23
CA ALA W 45 15.86 -17.07 69.59
C ALA W 45 15.23 -17.51 70.90
N VAL W 46 15.19 -16.63 71.89
CA VAL W 46 14.63 -16.98 73.19
C VAL W 46 13.13 -17.26 73.07
N THR W 47 12.42 -16.44 72.30
CA THR W 47 10.98 -16.67 72.12
C THR W 47 10.71 -18.00 71.45
N ARG W 48 11.44 -18.29 70.36
CA ARG W 48 11.29 -19.59 69.71
C ARG W 48 11.76 -20.72 70.62
N ALA W 49 12.76 -20.45 71.46
CA ALA W 49 13.18 -21.47 72.42
C ALA W 49 12.07 -21.81 73.39
N PHE W 50 11.35 -20.81 73.89
CA PHE W 50 10.23 -21.07 74.81
C PHE W 50 9.09 -21.76 74.10
N VAL W 51 8.80 -21.36 72.85
CA VAL W 51 7.74 -22.03 72.09
C VAL W 51 8.08 -23.50 71.89
N LYS W 52 9.33 -23.80 71.52
CA LYS W 52 9.75 -25.18 71.39
C LYS W 52 9.72 -25.91 72.72
N CYS W 53 10.03 -25.21 73.82
CA CYS W 53 9.95 -25.84 75.14
C CYS W 53 8.52 -26.27 75.44
N THR W 54 7.55 -25.40 75.16
CA THR W 54 6.14 -25.77 75.38
C THR W 54 5.72 -26.92 74.49
N ARG W 55 6.09 -26.86 73.20
CA ARG W 55 5.71 -27.91 72.27
C ARG W 55 6.31 -29.24 72.68
N ALA W 56 7.57 -29.24 73.10
CA ALA W 56 8.24 -30.46 73.53
C ALA W 56 7.70 -30.96 74.86
N ARG W 57 7.28 -30.06 75.75
CA ARG W 57 6.62 -30.50 76.97
C ARG W 57 5.31 -31.21 76.65
N ARG W 58 4.56 -30.70 75.67
CA ARG W 58 3.35 -31.40 75.24
C ARG W 58 3.69 -32.75 74.61
N LEU W 59 4.74 -32.80 73.79
CA LEU W 59 5.09 -34.03 73.07
C LEU W 59 5.84 -35.05 73.93
N LYS W 60 6.29 -34.65 75.12
CA LYS W 60 7.06 -35.56 75.96
C LYS W 60 6.21 -36.75 76.41
N LYS W 61 4.95 -36.50 76.74
CA LYS W 61 4.06 -37.59 77.14
C LYS W 61 3.92 -38.62 76.02
N ARG W 62 3.69 -38.13 74.79
CA ARG W 62 3.55 -39.03 73.65
C ARG W 62 4.85 -39.79 73.40
N SER W 63 5.99 -39.10 73.47
CA SER W 63 7.28 -39.76 73.20
C SER W 63 7.56 -40.85 74.22
N LEU W 64 7.34 -40.55 75.51
CA LEU W 64 7.59 -41.55 76.54
C LEU W 64 6.59 -42.69 76.48
N ARG W 65 5.34 -42.41 76.11
CA ARG W 65 4.38 -43.49 75.91
C ARG W 65 4.81 -44.40 74.78
N THR W 66 5.29 -43.82 73.67
CA THR W 66 5.77 -44.64 72.57
C THR W 66 6.99 -45.46 72.98
N LEU W 67 7.90 -44.87 73.76
CA LEU W 67 9.06 -45.60 74.24
C LEU W 67 8.64 -46.78 75.12
N TRP W 68 7.69 -46.55 76.02
CA TRP W 68 7.19 -47.62 76.87
C TRP W 68 6.54 -48.72 76.04
N ILE W 69 5.77 -48.33 75.03
CA ILE W 69 5.13 -49.31 74.16
C ILE W 69 6.17 -50.14 73.42
N ASN W 70 7.22 -49.48 72.92
CA ASN W 70 8.28 -50.21 72.23
C ASN W 70 8.97 -51.20 73.16
N ARG W 71 9.25 -50.78 74.40
CA ARG W 71 9.87 -51.69 75.36
C ARG W 71 8.96 -52.86 75.69
N ILE W 72 7.66 -52.61 75.82
CA ILE W 72 6.71 -53.68 76.08
C ILE W 72 6.66 -54.65 74.90
N THR W 73 6.68 -54.12 73.67
CA THR W 73 6.71 -54.99 72.50
C THR W 73 7.96 -55.86 72.50
N ALA W 74 9.11 -55.26 72.83
CA ALA W 74 10.34 -56.03 72.87
C ALA W 74 10.25 -57.16 73.89
N ALA W 75 9.82 -56.83 75.11
CA ALA W 75 9.76 -57.83 76.17
C ALA W 75 8.71 -58.90 75.91
N SER W 76 7.62 -58.56 75.23
CA SER W 76 6.60 -59.53 74.89
C SER W 76 7.02 -60.44 73.74
N GLN W 77 7.63 -59.88 72.70
CA GLN W 77 8.15 -60.72 71.63
C GLN W 77 9.29 -61.60 72.11
N GLU W 78 10.00 -61.18 73.16
CA GLU W 78 10.98 -62.06 73.79
C GLU W 78 10.31 -63.28 74.40
N HIS W 79 9.05 -63.18 74.80
CA HIS W 79 8.27 -64.32 75.29
C HIS W 79 7.41 -64.95 74.21
N GLY W 80 7.57 -64.55 72.95
CA GLY W 80 6.76 -65.08 71.87
C GLY W 80 5.30 -64.68 71.93
N LEU W 81 5.01 -63.43 72.26
CA LEU W 81 3.64 -62.93 72.31
C LEU W 81 3.61 -61.53 71.71
N LYS W 82 2.55 -61.25 70.95
CA LYS W 82 2.41 -59.95 70.31
C LYS W 82 1.82 -58.92 71.27
N TYR W 83 2.19 -57.66 71.05
CA TYR W 83 1.75 -56.59 71.94
C TYR W 83 0.23 -56.40 71.98
N PRO W 84 -0.49 -56.33 70.85
CA PRO W 84 -1.95 -56.16 70.96
C PRO W 84 -2.63 -57.27 71.71
N ALA W 85 -2.25 -58.53 71.42
CA ALA W 85 -2.84 -59.65 72.14
C ALA W 85 -2.51 -59.59 73.62
N PHE W 86 -1.25 -59.27 73.96
CA PHE W 86 -0.85 -59.18 75.35
C PHE W 86 -1.66 -58.12 76.08
N ILE W 87 -1.84 -56.95 75.46
CA ILE W 87 -2.55 -55.86 76.10
C ILE W 87 -4.02 -56.22 76.28
N ILE W 88 -4.67 -56.74 75.24
CA ILE W 88 -6.10 -57.04 75.34
C ILE W 88 -6.34 -58.15 76.36
N ASN W 89 -5.46 -59.15 76.40
CA ASN W 89 -5.65 -60.24 77.36
C ASN W 89 -5.33 -59.81 78.79
N LEU W 90 -4.39 -58.89 78.98
CA LEU W 90 -4.18 -58.35 80.32
C LEU W 90 -5.34 -57.48 80.77
N ILE W 91 -5.97 -56.75 79.84
CA ILE W 91 -7.15 -55.97 80.18
C ILE W 91 -8.32 -56.89 80.53
N LYS W 92 -8.49 -57.97 79.77
CA LYS W 92 -9.59 -58.89 80.03
C LYS W 92 -9.47 -59.54 81.40
N CYS W 93 -8.27 -59.59 81.96
CA CYS W 93 -8.05 -60.14 83.29
C CYS W 93 -8.24 -59.12 84.40
N GLN W 94 -8.77 -57.94 84.07
CA GLN W 94 -9.02 -56.87 85.05
C GLN W 94 -7.75 -56.47 85.79
N VAL W 95 -6.63 -56.44 85.06
CA VAL W 95 -5.35 -56.01 85.59
C VAL W 95 -5.06 -54.65 84.96
N GLU W 96 -5.29 -53.58 85.71
CA GLU W 96 -5.17 -52.22 85.20
C GLU W 96 -3.76 -51.71 85.49
N LEU W 97 -2.83 -52.08 84.62
CA LEU W 97 -1.44 -51.61 84.69
C LEU W 97 -1.14 -50.80 83.44
N ASN W 98 -0.65 -49.58 83.64
CA ASN W 98 -0.35 -48.72 82.50
C ASN W 98 0.99 -49.13 81.87
N ARG W 99 1.27 -48.53 80.71
CA ARG W 99 2.47 -48.87 79.97
C ARG W 99 3.74 -48.53 80.74
N LYS W 100 3.71 -47.47 81.54
CA LYS W 100 4.88 -47.12 82.35
C LYS W 100 5.22 -48.24 83.32
N VAL W 101 4.22 -48.71 84.06
CA VAL W 101 4.45 -49.79 85.02
C VAL W 101 4.84 -51.07 84.30
N LEU W 102 4.21 -51.34 83.15
CA LEU W 102 4.57 -52.55 82.40
C LEU W 102 6.02 -52.50 81.93
N ALA W 103 6.48 -51.34 81.45
CA ALA W 103 7.87 -51.21 81.03
C ALA W 103 8.81 -51.35 82.22
N ASP W 104 8.46 -50.76 83.36
CA ASP W 104 9.30 -50.89 84.55
C ASP W 104 9.42 -52.35 84.97
N LEU W 105 8.29 -53.08 84.95
CA LEU W 105 8.32 -54.49 85.29
C LEU W 105 9.15 -55.29 84.29
N ALA W 106 9.02 -54.97 82.99
CA ALA W 106 9.80 -55.68 81.99
C ALA W 106 11.30 -55.46 82.19
N ILE W 107 11.70 -54.23 82.50
CA ILE W 107 13.12 -53.92 82.66
C ILE W 107 13.67 -54.52 83.95
N TYR W 108 12.96 -54.40 85.06
CA TYR W 108 13.51 -54.74 86.37
C TYR W 108 12.89 -55.96 87.03
N GLU W 109 11.80 -56.50 86.50
CA GLU W 109 11.17 -57.69 87.07
C GLU W 109 10.89 -58.70 85.96
N PRO W 110 11.93 -59.36 85.47
CA PRO W 110 11.71 -60.35 84.40
C PRO W 110 10.77 -61.48 84.79
N LYS W 111 10.86 -61.98 86.02
CA LYS W 111 9.96 -63.05 86.45
C LYS W 111 8.52 -62.58 86.48
N THR W 112 8.27 -61.38 87.02
CA THR W 112 6.92 -60.85 87.06
C THR W 112 6.37 -60.61 85.66
N PHE W 113 7.21 -60.09 84.75
CA PHE W 113 6.74 -59.86 83.39
C PHE W 113 6.46 -61.17 82.68
N LYS W 114 7.28 -62.19 82.92
CA LYS W 114 6.98 -63.51 82.34
C LYS W 114 5.70 -64.08 82.89
N SER W 115 5.44 -63.89 84.19
CA SER W 115 4.17 -64.34 84.75
C SER W 115 3.00 -63.61 84.10
N LEU W 116 3.13 -62.30 83.89
CA LEU W 116 2.07 -61.54 83.23
C LEU W 116 1.86 -62.03 81.80
N ALA W 117 2.95 -62.31 81.08
CA ALA W 117 2.83 -62.83 79.72
C ALA W 117 2.16 -64.19 79.70
N ALA W 118 2.50 -65.06 80.66
CA ALA W 118 1.85 -66.35 80.74
C ALA W 118 0.35 -66.21 81.04
N LEU W 119 0.00 -65.28 81.93
CA LEU W 119 -1.41 -65.03 82.21
C LEU W 119 -2.14 -64.53 80.97
N ALA W 120 -1.51 -63.62 80.22
CA ALA W 120 -2.12 -63.11 79.00
C ALA W 120 -2.31 -64.22 77.97
N LYS W 121 -1.30 -65.08 77.82
CA LYS W 121 -1.43 -66.20 76.87
C LYS W 121 -2.52 -67.17 77.30
N ARG W 122 -2.62 -67.44 78.60
CA ARG W 122 -3.70 -68.29 79.10
C ARG W 122 -5.05 -67.68 78.82
N ARG W 123 -5.19 -66.37 79.05
CA ARG W 123 -6.47 -65.70 78.76
C ARG W 123 -6.79 -65.76 77.28
N ARG W 124 -5.79 -65.57 76.42
CA ARG W 124 -6.01 -65.64 74.98
C ARG W 124 -6.45 -67.04 74.56
N GLU W 125 -5.82 -68.07 75.12
CA GLU W 125 -6.21 -69.44 74.81
C GLU W 125 -7.63 -69.73 75.29
N GLU W 126 -7.97 -69.25 76.48
CA GLU W 126 -9.34 -69.44 76.98
C GLU W 126 -10.35 -68.74 76.08
N GLY W 127 -10.04 -67.52 75.63
CA GLY W 127 -10.94 -66.82 74.74
C GLY W 127 -11.11 -67.54 73.41
N PHE W 128 -10.01 -68.03 72.85
CA PHE W 128 -10.09 -68.79 71.60
C PHE W 128 -10.91 -70.06 71.77
N ALA W 129 -10.70 -70.77 72.88
CA ALA W 129 -11.47 -71.98 73.13
C ALA W 129 -12.96 -71.68 73.29
N ALA W 130 -13.28 -70.59 73.99
CA ALA W 130 -14.69 -70.22 74.15
C ALA W 130 -15.31 -69.83 72.81
N ALA W 131 -14.57 -69.09 71.99
CA ALA W 131 -15.08 -68.71 70.67
C ALA W 131 -15.29 -69.95 69.79
N LEU W 132 -14.37 -70.90 69.84
CA LEU W 132 -14.53 -72.12 69.05
C LEU W 132 -15.73 -72.95 69.54
N GLY W 133 -15.87 -73.10 70.85
CA GLY W 133 -16.94 -73.89 71.42
C GLY W 133 -18.33 -73.31 71.24
N ASP W 134 -18.46 -72.00 71.40
CA ASP W 134 -19.75 -71.31 71.37
C ASP W 134 -20.72 -71.93 72.37
N GLY W 135 -20.22 -72.18 73.57
CA GLY W 135 -21.03 -72.75 74.63
C GLY W 135 -21.11 -71.82 75.82
N LYS W 136 -22.35 -71.54 76.24
CA LYS W 136 -22.56 -70.65 77.38
C LYS W 136 -22.06 -71.26 78.68
N GLU W 137 -22.30 -72.56 78.89
CA GLU W 137 -21.90 -73.24 80.11
C GLU W 137 -20.37 -73.33 80.27
N PRO W 138 -19.62 -73.74 79.25
CA PRO W 138 -18.16 -73.83 79.43
C PRO W 138 -17.54 -72.43 79.54
N ASP W 139 -16.95 -72.15 80.69
CA ASP W 139 -16.29 -70.88 80.96
C ASP W 139 -14.89 -71.13 81.49
N GLY W 140 -13.93 -70.31 81.05
CA GLY W 140 -12.57 -70.46 81.50
C GLY W 140 -12.39 -70.01 82.94
N ILE W 141 -11.32 -70.52 83.55
CA ILE W 141 -11.03 -70.18 84.94
C ILE W 141 -10.66 -68.71 85.07
N PHE W 142 -9.82 -68.20 84.16
CA PHE W 142 -9.35 -66.82 84.21
C PHE W 142 -10.25 -65.87 83.44
N SER W 143 -11.30 -66.36 82.77
CA SER W 143 -12.21 -65.51 82.03
C SER W 143 -13.39 -65.04 82.88
N ARG W 144 -13.45 -65.45 84.15
CA ARG W 144 -14.53 -65.03 85.03
C ARG W 144 -14.41 -63.55 85.35
N VAL W 145 -15.55 -62.86 85.37
CA VAL W 145 -15.61 -61.43 85.62
C VAL W 145 -16.06 -61.20 87.06
N VAL W 146 -15.33 -60.36 87.77
CA VAL W 146 -15.61 -60.04 89.17
C VAL W 146 -16.09 -58.60 89.24
N GLN W 147 -17.22 -58.38 89.91
CA GLN W 147 -17.80 -57.05 90.03
C GLN W 147 -17.08 -56.27 91.13
N HIS W 148 -17.47 -55.01 91.30
CA HIS W 148 -16.86 -54.14 92.28
C HIS W 148 -17.29 -54.52 93.70
N ARG W 149 -16.37 -54.33 94.64
CA ARG W 149 -16.66 -54.56 96.05
C ARG W 149 -16.03 -53.48 96.92
N VAL X 55 -7.49 -88.94 56.08
CA VAL X 55 -7.81 -87.51 56.05
C VAL X 55 -6.76 -86.76 55.24
N PRO X 56 -7.21 -86.00 54.24
CA PRO X 56 -6.27 -85.21 53.43
C PRO X 56 -5.57 -84.16 54.27
N LYS X 57 -4.30 -83.91 53.92
CA LYS X 57 -3.47 -82.92 54.62
C LYS X 57 -2.95 -81.94 53.57
N THR X 58 -3.46 -80.71 53.60
CA THR X 58 -3.03 -79.65 52.71
C THR X 58 -2.47 -78.50 53.55
N SER X 59 -1.95 -77.48 52.85
CA SER X 59 -1.41 -76.32 53.55
C SER X 59 -2.48 -75.58 54.33
N LEU X 60 -3.65 -75.41 53.74
CA LEU X 60 -4.76 -74.72 54.38
C LEU X 60 -5.76 -75.67 55.03
N GLY X 61 -5.49 -76.99 55.00
CA GLY X 61 -6.40 -77.93 55.62
C GLY X 61 -6.50 -77.74 57.13
N SER X 62 -5.36 -77.46 57.76
CA SER X 62 -5.32 -77.23 59.20
C SER X 62 -4.96 -75.78 59.50
N PRO X 63 -5.41 -75.24 60.63
CA PRO X 63 -5.02 -73.88 60.99
C PRO X 63 -3.52 -73.78 61.18
N PRO X 64 -2.93 -72.62 60.84
CA PRO X 64 -1.47 -72.45 60.95
C PRO X 64 -1.03 -72.03 62.36
N TRP X 65 -1.51 -72.73 63.37
CA TRP X 65 -1.10 -72.50 64.75
C TRP X 65 -1.27 -73.80 65.51
N PRO X 66 -0.39 -74.09 66.47
CA PRO X 66 -0.53 -75.33 67.24
C PRO X 66 -1.83 -75.37 68.03
N ASP X 67 -2.42 -76.56 68.12
CA ASP X 67 -3.67 -76.72 68.86
C ASP X 67 -3.42 -76.56 70.35
N ILE X 68 -4.38 -75.95 71.04
CA ILE X 68 -4.29 -75.67 72.47
C ILE X 68 -5.29 -76.57 73.20
N VAL X 69 -4.83 -77.23 74.25
CA VAL X 69 -5.67 -78.09 75.08
C VAL X 69 -5.60 -77.55 76.50
N LEU X 70 -6.78 -77.30 77.08
CA LEU X 70 -6.82 -76.77 78.44
C LEU X 70 -7.09 -77.89 79.44
N PRO X 71 -6.57 -77.76 80.66
CA PRO X 71 -6.82 -78.77 81.69
C PRO X 71 -8.28 -78.75 82.13
N ASP X 72 -8.69 -79.85 82.74
CA ASP X 72 -10.05 -79.97 83.25
C ASP X 72 -10.28 -78.95 84.36
N PRO X 73 -11.52 -78.43 84.46
CA PRO X 73 -11.79 -77.42 85.50
C PRO X 73 -11.52 -77.91 86.92
N VAL X 74 -11.85 -79.17 87.22
CA VAL X 74 -11.63 -79.69 88.57
C VAL X 74 -10.14 -79.76 88.88
N GLU X 75 -9.34 -80.27 87.94
CA GLU X 75 -7.90 -80.35 88.14
C GLU X 75 -7.29 -78.95 88.26
N GLU X 76 -7.78 -78.00 87.45
CA GLU X 76 -7.30 -76.63 87.55
C GLU X 76 -7.61 -76.03 88.91
N THR X 77 -8.81 -76.25 89.42
CA THR X 77 -9.17 -75.74 90.74
C THR X 77 -8.30 -76.36 91.83
N ARG X 78 -8.06 -77.68 91.75
CA ARG X 78 -7.21 -78.33 92.74
C ARG X 78 -5.78 -77.80 92.68
N HIS X 79 -5.25 -77.62 91.48
CA HIS X 79 -3.90 -77.09 91.33
C HIS X 79 -3.81 -75.66 91.85
N HIS X 80 -4.83 -74.85 91.59
CA HIS X 80 -4.84 -73.48 92.10
C HIS X 80 -4.91 -73.46 93.62
N ALA X 81 -5.71 -74.36 94.20
CA ALA X 81 -5.75 -74.46 95.65
C ALA X 81 -4.40 -74.85 96.23
N GLU X 82 -3.72 -75.81 95.60
CA GLU X 82 -2.39 -76.19 96.06
C GLU X 82 -1.41 -75.04 95.97
N VAL X 83 -1.43 -74.30 94.86
CA VAL X 83 -0.51 -73.19 94.66
C VAL X 83 -0.76 -72.08 95.68
N VAL X 84 -2.04 -71.74 95.89
CA VAL X 84 -2.34 -70.67 96.84
C VAL X 84 -2.01 -71.11 98.27
N GLY X 85 -2.19 -72.40 98.59
CA GLY X 85 -1.77 -72.88 99.89
C GLY X 85 -0.27 -72.80 100.09
N GLN X 86 0.49 -73.16 99.05
CA GLN X 86 1.94 -73.06 99.13
C GLN X 86 2.38 -71.61 99.31
N VAL X 87 1.77 -70.68 98.57
CA VAL X 87 2.10 -69.27 98.69
C VAL X 87 1.75 -68.75 100.08
N ASN X 88 0.60 -69.16 100.61
CA ASN X 88 0.20 -68.74 101.95
C ASN X 88 1.17 -69.28 102.99
N GLU X 89 1.63 -70.52 102.83
CA GLU X 89 2.62 -71.07 103.74
C GLU X 89 3.93 -70.30 103.65
N LEU X 90 4.34 -69.91 102.44
CA LEU X 90 5.54 -69.09 102.29
C LEU X 90 5.39 -67.77 103.03
N ILE X 91 4.23 -67.13 102.88
CA ILE X 91 3.98 -65.85 103.54
C ILE X 91 4.02 -66.02 105.06
N ALA X 92 3.38 -67.08 105.56
CA ALA X 92 3.36 -67.32 107.00
C ALA X 92 4.77 -67.58 107.54
N ALA X 93 5.58 -68.36 106.80
CA ALA X 93 6.93 -68.64 107.24
C ALA X 93 7.84 -67.43 107.09
N GLY X 94 7.43 -66.45 106.28
CA GLY X 94 8.22 -65.25 106.12
C GLY X 94 9.54 -65.45 105.42
N ARG X 95 9.57 -66.28 104.38
CA ARG X 95 10.78 -66.54 103.62
C ARG X 95 10.99 -65.53 102.50
N TYR X 96 10.16 -64.49 102.42
CA TYR X 96 10.30 -63.44 101.43
C TYR X 96 11.23 -62.36 101.96
N GLY X 97 12.23 -62.00 101.17
CA GLY X 97 13.18 -60.98 101.58
C GLY X 97 12.69 -59.56 101.34
N ARG X 98 12.44 -59.22 100.08
CA ARG X 98 12.03 -57.87 99.72
C ARG X 98 10.80 -57.94 98.84
N LEU X 99 9.91 -56.96 98.98
CA LEU X 99 8.67 -56.90 98.23
C LEU X 99 8.56 -55.56 97.51
N PHE X 100 8.15 -55.61 96.26
CA PHE X 100 7.80 -54.42 95.49
C PHE X 100 6.29 -54.39 95.27
N ALA X 101 5.77 -53.19 95.00
CA ALA X 101 4.33 -53.03 94.86
C ALA X 101 4.02 -51.96 93.83
N VAL X 102 3.11 -52.26 92.92
CA VAL X 102 2.54 -51.27 92.03
C VAL X 102 1.29 -50.73 92.70
N VAL X 103 1.30 -49.43 93.01
CA VAL X 103 0.28 -48.78 93.80
C VAL X 103 -0.24 -47.56 93.04
N HIS X 104 -1.56 -47.43 92.96
CA HIS X 104 -2.19 -46.28 92.32
C HIS X 104 -2.37 -45.17 93.35
N PHE X 105 -1.82 -43.99 93.05
CA PHE X 105 -1.90 -42.87 93.98
C PHE X 105 -1.81 -41.57 93.19
N ALA X 106 -2.65 -40.60 93.57
CA ALA X 106 -2.65 -39.27 92.96
C ALA X 106 -2.85 -39.34 91.45
N GLY X 107 -3.66 -40.31 91.00
CA GLY X 107 -3.93 -40.48 89.60
C GLY X 107 -2.85 -41.17 88.81
N HIS X 108 -1.77 -41.60 89.46
CA HIS X 108 -0.65 -42.26 88.78
C HIS X 108 -0.37 -43.60 89.43
N GLN X 109 0.25 -44.49 88.66
CA GLN X 109 0.66 -45.80 89.13
C GLN X 109 2.16 -45.78 89.35
N TRP X 110 2.59 -46.14 90.57
CA TRP X 110 3.98 -46.08 90.95
C TRP X 110 4.45 -47.48 91.34
N LYS X 111 5.62 -47.86 90.82
CA LYS X 111 6.31 -49.07 91.26
C LYS X 111 7.23 -48.69 92.40
N VAL X 112 6.92 -49.18 93.60
CA VAL X 112 7.54 -48.71 94.84
C VAL X 112 8.05 -49.91 95.63
N THR X 113 9.29 -49.81 96.10
CA THR X 113 9.87 -50.77 97.03
C THR X 113 10.07 -50.07 98.37
N ALA X 114 10.54 -50.83 99.35
CA ALA X 114 10.80 -50.27 100.67
C ALA X 114 11.94 -49.26 100.61
N GLU X 115 11.85 -48.26 101.48
CA GLU X 115 12.88 -47.22 101.61
C GLU X 115 13.09 -46.47 100.30
N ASP X 116 12.00 -46.07 99.66
CA ASP X 116 12.07 -45.38 98.38
C ASP X 116 11.49 -43.97 98.49
N LEU X 117 11.70 -43.18 97.43
CA LEU X 117 11.22 -41.82 97.37
C LEU X 117 10.35 -41.64 96.13
N ILE X 118 9.21 -40.96 96.30
CA ILE X 118 8.34 -40.61 95.18
C ILE X 118 7.95 -39.15 95.30
N LEU X 119 7.64 -38.55 94.15
CA LEU X 119 7.28 -37.14 94.06
C LEU X 119 5.87 -37.04 93.48
N ILE X 120 4.99 -36.33 94.18
CA ILE X 120 3.61 -36.12 93.76
C ILE X 120 3.45 -34.65 93.39
N GLU X 121 2.89 -34.41 92.21
CA GLU X 121 2.82 -33.07 91.63
C GLU X 121 1.68 -32.23 92.21
N ASN X 122 0.94 -32.74 93.20
CA ASN X 122 -0.14 -31.99 93.81
C ASN X 122 0.04 -31.97 95.32
N GLU X 123 -0.43 -30.88 95.94
CA GLU X 123 -0.31 -30.71 97.38
C GLU X 123 -1.26 -31.66 98.11
N LEU X 124 -0.80 -32.18 99.24
CA LEU X 124 -1.61 -33.04 100.09
C LEU X 124 -1.90 -32.34 101.41
N ASP X 125 -3.08 -32.60 101.96
CA ASP X 125 -3.52 -31.97 103.20
C ASP X 125 -3.00 -32.74 104.42
N VAL X 126 -1.68 -32.87 104.46
CA VAL X 126 -0.99 -33.52 105.57
C VAL X 126 0.27 -32.73 105.91
N ALA X 127 0.58 -32.67 107.19
CA ALA X 127 1.80 -31.99 107.63
C ALA X 127 3.02 -32.86 107.35
N CYS X 128 4.18 -32.22 107.35
CA CYS X 128 5.43 -32.93 107.12
C CYS X 128 5.73 -33.87 108.28
N GLY X 129 6.31 -35.02 107.96
CA GLY X 129 6.62 -36.03 108.95
C GLY X 129 5.47 -36.93 109.33
N GLU X 130 4.32 -36.80 108.66
CA GLU X 130 3.17 -37.63 108.96
C GLU X 130 3.21 -38.92 108.15
N ARG X 131 2.70 -40.00 108.74
CA ARG X 131 2.67 -41.30 108.09
C ARG X 131 1.30 -41.55 107.49
N ILE X 132 1.30 -42.08 106.27
CA ILE X 132 0.09 -42.27 105.49
C ILE X 132 0.07 -43.70 104.96
N ARG X 133 -1.08 -44.37 105.07
CA ARG X 133 -1.24 -45.72 104.55
C ARG X 133 -1.87 -45.62 103.16
N LEU X 134 -1.17 -46.16 102.16
CA LEU X 134 -1.70 -46.21 100.80
C LEU X 134 -2.61 -47.42 100.65
N GLU X 135 -3.83 -47.20 100.18
CA GLU X 135 -4.82 -48.27 100.12
C GLU X 135 -4.92 -48.92 98.74
N LYS X 136 -4.86 -48.12 97.68
CA LYS X 136 -5.00 -48.66 96.33
C LYS X 136 -3.75 -49.39 95.89
N VAL X 137 -3.66 -50.68 96.19
CA VAL X 137 -2.51 -51.49 95.82
C VAL X 137 -2.91 -52.33 94.63
N LEU X 138 -2.30 -52.06 93.47
CA LEU X 138 -2.65 -52.77 92.24
C LEU X 138 -1.94 -54.12 92.16
N LEU X 139 -0.70 -54.20 92.64
CA LEU X 139 0.10 -55.41 92.45
C LEU X 139 1.13 -55.52 93.56
N VAL X 140 1.39 -56.75 94.02
CA VAL X 140 2.45 -57.03 94.97
C VAL X 140 3.33 -58.11 94.37
N GLY X 141 4.62 -58.05 94.65
CA GLY X 141 5.54 -59.05 94.11
C GLY X 141 6.76 -59.21 94.98
N ALA X 142 7.37 -60.40 94.92
CA ALA X 142 8.60 -60.71 95.61
C ALA X 142 9.45 -61.55 94.68
N ASP X 143 10.51 -62.16 95.24
CA ASP X 143 11.42 -62.94 94.40
C ASP X 143 10.76 -64.19 93.85
N ASN X 144 9.90 -64.84 94.65
CA ASN X 144 9.34 -66.13 94.28
C ASN X 144 7.84 -66.11 94.00
N PHE X 145 7.11 -65.12 94.49
CA PHE X 145 5.66 -65.10 94.32
C PHE X 145 5.22 -63.70 93.91
N THR X 146 3.95 -63.59 93.54
CA THR X 146 3.41 -62.33 93.05
C THR X 146 1.89 -62.37 93.13
N LEU X 147 1.30 -61.37 93.78
CA LEU X 147 -0.14 -61.27 93.95
C LEU X 147 -0.69 -60.18 93.03
N LEU X 148 -1.63 -60.57 92.17
CA LEU X 148 -2.26 -59.67 91.22
C LEU X 148 -3.68 -59.36 91.70
N GLY X 149 -4.02 -58.08 91.77
CA GLY X 149 -5.35 -57.68 92.17
C GLY X 149 -6.32 -57.68 91.00
N LYS X 150 -7.60 -57.82 91.33
CA LYS X 150 -8.69 -57.83 90.34
C LYS X 150 -9.77 -56.86 90.79
N PRO X 151 -9.58 -55.55 90.56
CA PRO X 151 -8.35 -54.95 90.05
C PRO X 151 -7.41 -54.48 91.15
N LEU X 152 -7.79 -54.73 92.40
CA LEU X 152 -7.04 -54.24 93.56
C LEU X 152 -6.87 -55.37 94.57
N LEU X 153 -5.82 -55.24 95.39
CA LEU X 153 -5.58 -56.16 96.47
C LEU X 153 -6.37 -55.75 97.71
N GLY X 154 -6.42 -56.66 98.69
CA GLY X 154 -7.14 -56.39 99.92
C GLY X 154 -6.33 -55.52 100.87
N LYS X 155 -7.04 -54.60 101.54
CA LYS X 155 -6.38 -53.77 102.54
C LYS X 155 -5.86 -54.60 103.69
N GLU X 156 -6.61 -55.60 104.14
CA GLU X 156 -6.13 -56.53 105.14
C GLU X 156 -5.01 -57.43 104.62
N LEU X 157 -4.92 -57.59 103.30
CA LEU X 157 -3.90 -58.46 102.72
C LEU X 157 -2.56 -57.75 102.60
N VAL X 158 -2.56 -56.49 102.18
CA VAL X 158 -1.34 -55.73 101.94
C VAL X 158 -1.46 -54.36 102.60
N ARG X 159 -0.37 -53.92 103.23
CA ARG X 159 -0.30 -52.61 103.87
C ARG X 159 0.97 -51.91 103.42
N VAL X 160 0.84 -50.67 102.96
CA VAL X 160 1.96 -49.85 102.52
C VAL X 160 1.90 -48.52 103.26
N GLU X 161 3.02 -48.10 103.85
CA GLU X 161 3.08 -46.88 104.63
C GLU X 161 4.20 -45.99 104.11
N ALA X 162 3.94 -44.67 104.08
CA ALA X 162 4.89 -43.70 103.59
C ALA X 162 4.84 -42.44 104.43
N THR X 163 6.00 -41.85 104.69
CA THR X 163 6.11 -40.64 105.48
C THR X 163 6.31 -39.43 104.58
N VAL X 164 5.57 -38.36 104.86
CA VAL X 164 5.71 -37.11 104.09
C VAL X 164 6.99 -36.42 104.55
N ILE X 165 7.82 -36.02 103.59
CA ILE X 165 9.09 -35.37 103.91
C ILE X 165 9.02 -33.88 103.63
N GLU X 166 8.83 -33.53 102.36
CA GLU X 166 9.00 -32.15 101.90
C GLU X 166 7.75 -31.72 101.15
N LYS X 167 7.18 -30.59 101.55
CA LYS X 167 6.09 -29.95 100.83
C LYS X 167 6.65 -28.67 100.23
N THR X 168 7.04 -28.72 98.96
CA THR X 168 7.77 -27.61 98.36
C THR X 168 7.09 -27.14 97.09
N GLU X 169 7.76 -26.28 96.33
CA GLU X 169 7.26 -25.80 95.05
C GLU X 169 8.24 -26.18 93.96
N SER X 170 7.71 -26.55 92.80
CA SER X 170 8.54 -26.98 91.68
C SER X 170 9.27 -25.79 91.07
N TRP X 171 10.28 -26.10 90.27
CA TRP X 171 11.02 -25.06 89.57
C TRP X 171 10.11 -24.36 88.56
N PRO X 172 10.33 -23.07 88.31
CA PRO X 172 9.45 -22.32 87.40
C PRO X 172 9.42 -22.91 85.99
N LYS X 173 8.23 -23.20 85.49
CA LYS X 173 8.05 -23.73 84.14
C LYS X 173 7.50 -22.63 83.25
N ILE X 174 8.11 -22.45 82.09
CA ILE X 174 7.76 -21.37 81.18
C ILE X 174 6.80 -21.91 80.11
N ASN X 175 5.63 -21.27 80.00
CA ASN X 175 4.66 -21.60 78.97
C ASN X 175 4.44 -20.36 78.12
N MET X 176 4.96 -20.38 76.90
CA MET X 176 4.89 -19.23 76.01
C MET X 176 4.25 -19.63 74.69
N LYS X 177 3.19 -18.93 74.31
CA LYS X 177 2.54 -19.09 73.02
C LYS X 177 2.87 -17.90 72.14
N PHE X 178 3.27 -18.18 70.91
CA PHE X 178 3.64 -17.13 69.97
C PHE X 178 2.98 -17.42 68.63
N GLN X 179 2.49 -16.36 67.98
CA GLN X 179 1.84 -16.48 66.68
C GLN X 179 2.58 -15.64 65.66
N LYS X 180 2.70 -16.17 64.44
CA LYS X 180 3.49 -15.52 63.40
C LYS X 180 2.78 -14.28 62.89
N ARG X 181 3.52 -13.17 62.80
CA ARG X 181 3.11 -11.91 62.15
C ARG X 181 1.70 -11.48 62.54
N LYS X 182 1.25 -11.89 63.74
CA LYS X 182 -0.01 -11.42 64.28
C LYS X 182 0.18 -10.63 65.57
N ASN X 183 1.43 -10.41 66.00
CA ASN X 183 1.74 -9.69 67.22
C ASN X 183 1.02 -10.30 68.41
N TYR X 184 1.16 -11.61 68.57
CA TYR X 184 0.55 -12.34 69.68
C TYR X 184 1.62 -13.14 70.40
N GLN X 185 1.98 -12.68 71.60
CA GLN X 185 2.86 -13.39 72.51
C GLN X 185 2.20 -13.47 73.88
N ARG X 186 2.30 -14.64 74.50
CA ARG X 186 1.68 -14.86 75.80
C ARG X 186 2.62 -15.73 76.63
N LYS X 187 3.20 -15.15 77.68
CA LYS X 187 4.18 -15.84 78.51
C LYS X 187 3.63 -15.98 79.92
N ARG X 188 3.70 -17.20 80.46
CA ARG X 188 3.28 -17.48 81.82
C ARG X 188 4.35 -18.32 82.52
N ILE X 189 4.50 -18.11 83.82
CA ILE X 189 5.41 -18.87 84.65
C ILE X 189 4.58 -19.66 85.65
N THR X 190 4.72 -20.98 85.62
CA THR X 190 3.95 -21.88 86.47
C THR X 190 4.85 -22.44 87.58
N VAL X 191 4.35 -22.37 88.81
CA VAL X 191 5.03 -22.96 89.96
C VAL X 191 4.05 -23.96 90.58
N ASN X 192 4.39 -25.24 90.49
CA ASN X 192 3.48 -26.30 90.92
C ASN X 192 3.91 -26.85 92.26
N PRO X 193 3.06 -26.79 93.29
CA PRO X 193 3.40 -27.41 94.57
C PRO X 193 3.62 -28.91 94.42
N GLN X 194 4.61 -29.43 95.14
CA GLN X 194 5.00 -30.83 95.07
C GLN X 194 5.18 -31.38 96.48
N THR X 195 5.01 -32.70 96.59
CA THR X 195 5.13 -33.40 97.86
C THR X 195 6.07 -34.59 97.68
N VAL X 196 6.94 -34.81 98.66
CA VAL X 196 7.89 -35.92 98.63
C VAL X 196 7.46 -36.95 99.66
N LEU X 197 7.37 -38.21 99.24
CA LEU X 197 6.95 -39.30 100.11
C LEU X 197 8.04 -40.35 100.17
N ARG X 198 8.43 -40.74 101.39
CA ARG X 198 9.40 -41.80 101.61
C ARG X 198 8.64 -43.04 102.06
N ILE X 199 8.62 -44.05 101.20
CA ILE X 199 8.00 -45.33 101.55
C ILE X 199 9.00 -46.14 102.35
N ASN X 200 8.60 -46.53 103.57
CA ASN X 200 9.48 -47.18 104.53
C ASN X 200 9.36 -48.70 104.50
N SER X 201 8.15 -49.23 104.63
CA SER X 201 7.94 -50.66 104.72
C SER X 201 6.74 -51.08 103.89
N ILE X 202 6.80 -52.29 103.37
CA ILE X 202 5.70 -52.92 102.65
C ILE X 202 5.37 -54.21 103.37
N GLU X 203 4.17 -54.30 103.90
CA GLU X 203 3.76 -55.44 104.70
C GLU X 203 2.72 -56.28 103.97
N ILE X 204 2.77 -57.58 104.20
CA ILE X 204 1.86 -58.53 103.58
C ILE X 204 1.36 -59.49 104.66
N ALA X 205 0.06 -59.77 104.64
CA ALA X 205 -0.52 -60.63 105.66
C ALA X 205 -0.82 -62.02 105.08
N PRO X 206 -0.77 -63.06 105.91
CA PRO X 206 -1.02 -64.42 105.39
C PRO X 206 -2.49 -64.71 105.11
N CYS X 207 -3.35 -63.69 105.20
CA CYS X 207 -4.78 -63.88 104.96
C CYS X 207 -5.01 -64.00 103.46
N LEU X 208 -4.88 -65.22 102.95
CA LEU X 208 -5.06 -65.49 101.52
C LEU X 208 -5.58 -66.91 101.38
N CYS X 209 -6.85 -67.04 101.03
CA CYS X 209 -7.48 -68.35 100.85
C CYS X 209 -7.30 -68.87 99.43
N ILE Y 45 41.21 4.32 77.70
CA ILE Y 45 42.11 3.19 77.54
C ILE Y 45 42.17 2.37 78.82
N SER Y 46 42.93 1.29 78.79
CA SER Y 46 43.11 0.43 79.95
C SER Y 46 44.56 0.02 80.06
N ARG Y 47 45.07 0.02 81.30
CA ARG Y 47 46.46 -0.35 81.57
C ARG Y 47 46.46 -1.24 82.82
N LYS Y 48 46.36 -2.55 82.61
CA LYS Y 48 46.42 -3.52 83.69
C LYS Y 48 47.55 -4.54 83.55
N TRP Y 49 48.01 -4.80 82.33
CA TRP Y 49 49.13 -5.72 82.16
C TRP Y 49 50.41 -5.18 82.78
N GLU Y 50 50.61 -3.86 82.76
CA GLU Y 50 51.75 -3.26 83.42
C GLU Y 50 51.63 -3.37 84.94
N LYS Y 51 50.43 -3.16 85.49
CA LYS Y 51 50.23 -3.22 86.93
C LYS Y 51 50.21 -4.64 87.46
N LYS Y 52 49.99 -5.64 86.60
CA LYS Y 52 50.03 -7.03 87.05
C LYS Y 52 51.40 -7.45 87.55
N ASN Y 53 52.44 -6.71 87.21
CA ASN Y 53 53.81 -7.04 87.62
C ASN Y 53 54.18 -6.45 88.97
N LYS Y 54 53.28 -5.69 89.59
CA LYS Y 54 53.58 -5.03 90.87
C LYS Y 54 52.97 -5.77 92.06
N ILE Y 55 52.40 -6.94 91.85
CA ILE Y 55 51.81 -7.71 92.94
C ILE Y 55 52.90 -8.31 93.79
N VAL Y 56 52.66 -8.40 95.10
CA VAL Y 56 53.60 -8.94 96.06
C VAL Y 56 52.96 -10.12 96.76
N TYR Y 57 53.65 -11.27 96.75
CA TYR Y 57 53.17 -12.47 97.41
C TYR Y 57 53.73 -12.58 98.83
N PRO Y 58 53.01 -13.21 99.74
CA PRO Y 58 53.53 -13.42 101.09
C PRO Y 58 54.70 -14.38 101.07
N PRO Y 59 55.61 -14.29 102.04
CA PRO Y 59 56.76 -15.19 102.06
C PRO Y 59 56.34 -16.66 102.14
N GLN Y 60 57.06 -17.50 101.43
CA GLN Y 60 56.76 -18.93 101.41
C GLN Y 60 57.20 -19.58 102.72
N LEU Y 61 56.36 -20.48 103.22
CA LEU Y 61 56.69 -21.20 104.44
C LEU Y 61 57.82 -22.19 104.17
N PRO Y 62 58.64 -22.49 105.18
CA PRO Y 62 59.71 -23.47 104.99
C PRO Y 62 59.16 -24.87 104.72
N GLY Y 63 59.42 -25.38 103.52
CA GLY Y 63 58.91 -26.67 103.09
C GLY Y 63 58.04 -26.61 101.84
N GLU Y 64 57.42 -25.47 101.56
CA GLU Y 64 56.62 -25.33 100.35
C GLU Y 64 57.52 -25.31 99.12
N PRO Y 65 57.02 -25.82 98.00
CA PRO Y 65 57.81 -25.77 96.76
C PRO Y 65 58.04 -24.34 96.30
N ARG Y 66 59.17 -24.12 95.64
CA ARG Y 66 59.52 -22.80 95.15
C ARG Y 66 58.57 -22.40 94.02
N ARG Y 67 57.87 -21.29 94.22
CA ARG Y 67 56.94 -20.81 93.19
C ARG Y 67 57.73 -20.18 92.05
N PRO Y 68 57.54 -20.62 90.81
CA PRO Y 68 58.27 -20.02 89.69
C PRO Y 68 57.89 -18.56 89.50
N ALA Y 69 58.88 -17.77 89.05
CA ALA Y 69 58.67 -16.35 88.86
C ALA Y 69 57.93 -16.08 87.56
N GLU Y 70 57.01 -15.11 87.60
CA GLU Y 70 56.24 -14.70 86.45
C GLU Y 70 56.49 -13.23 86.17
N ILE Y 71 56.81 -12.91 84.92
CA ILE Y 71 57.13 -11.54 84.50
C ILE Y 71 56.16 -11.18 83.38
N TYR Y 72 55.41 -10.10 83.58
CA TYR Y 72 54.49 -9.61 82.55
C TYR Y 72 55.09 -8.38 81.88
N HIS Y 73 55.02 -8.35 80.55
CA HIS Y 73 55.53 -7.22 79.81
C HIS Y 73 54.59 -6.93 78.65
N CYS Y 74 54.60 -5.69 78.19
CA CYS Y 74 53.75 -5.31 77.08
C CYS Y 74 54.35 -4.12 76.34
N ARG Y 75 54.13 -4.11 75.03
CA ARG Y 75 54.51 -2.99 74.17
C ARG Y 75 53.23 -2.36 73.63
N ARG Y 76 53.11 -1.05 73.78
CA ARG Y 76 51.91 -0.31 73.46
C ARG Y 76 52.07 0.49 72.19
N GLN Y 77 51.00 0.56 71.39
CA GLN Y 77 50.94 1.39 70.19
C GLN Y 77 52.04 1.01 69.20
N ILE Y 78 51.97 -0.22 68.71
CA ILE Y 78 52.85 -0.69 67.65
C ILE Y 78 52.16 -0.50 66.32
N LYS Y 79 52.88 0.06 65.34
CA LYS Y 79 52.30 0.34 64.03
C LYS Y 79 51.84 -0.92 63.31
N TYR Y 80 52.30 -2.09 63.74
CA TYR Y 80 52.00 -3.33 63.06
C TYR Y 80 50.51 -3.68 63.18
N SER Y 81 50.06 -4.55 62.27
CA SER Y 81 48.66 -4.96 62.22
C SER Y 81 48.36 -5.99 63.30
N LYS Y 82 47.08 -6.00 63.72
CA LYS Y 82 46.67 -6.87 64.82
C LYS Y 82 46.82 -8.34 64.47
N ASP Y 83 46.25 -8.77 63.34
CA ASP Y 83 46.31 -10.18 62.97
C ASP Y 83 47.73 -10.61 62.60
N LYS Y 84 48.47 -9.74 61.91
CA LYS Y 84 49.85 -10.05 61.57
C LYS Y 84 50.71 -10.22 62.81
N MET Y 85 50.49 -9.36 63.81
CA MET Y 85 51.19 -9.53 65.08
C MET Y 85 50.72 -10.79 65.81
N TRP Y 86 49.44 -11.13 65.69
CA TRP Y 86 48.94 -12.34 66.35
C TRP Y 86 49.56 -13.59 65.76
N TYR Y 87 49.83 -13.60 64.46
CA TYR Y 87 50.50 -14.75 63.86
C TYR Y 87 51.85 -14.99 64.51
N LEU Y 88 52.65 -13.92 64.64
CA LEU Y 88 53.95 -14.04 65.30
C LEU Y 88 53.81 -14.44 66.76
N ALA Y 89 52.80 -13.89 67.46
CA ALA Y 89 52.59 -14.26 68.86
C ALA Y 89 52.26 -15.74 69.00
N LYS Y 90 51.40 -16.26 68.12
CA LYS Y 90 51.07 -17.68 68.13
C LYS Y 90 52.27 -18.53 67.75
N LEU Y 91 53.18 -17.98 66.94
CA LEU Y 91 54.37 -18.74 66.54
C LEU Y 91 55.22 -19.13 67.74
N ILE Y 92 55.36 -18.24 68.71
CA ILE Y 92 56.28 -18.44 69.82
C ILE Y 92 55.56 -18.79 71.11
N ARG Y 93 54.33 -19.31 71.02
CA ARG Y 93 53.59 -19.72 72.21
C ARG Y 93 54.13 -21.04 72.73
N GLY Y 94 54.46 -21.08 74.02
CA GLY Y 94 54.91 -22.30 74.67
C GLY Y 94 56.35 -22.67 74.40
N MET Y 95 57.11 -21.84 73.70
CA MET Y 95 58.49 -22.14 73.38
C MET Y 95 59.44 -21.47 74.37
N SER Y 96 60.69 -21.94 74.37
CA SER Y 96 61.71 -21.33 75.19
C SER Y 96 62.10 -19.95 74.64
N ILE Y 97 62.62 -19.11 75.53
CA ILE Y 97 62.94 -17.74 75.13
C ILE Y 97 64.04 -17.72 74.08
N ASP Y 98 65.07 -18.55 74.25
CA ASP Y 98 66.16 -18.58 73.28
C ASP Y 98 65.67 -19.03 71.91
N GLN Y 99 64.85 -20.08 71.86
CA GLN Y 99 64.35 -20.56 70.58
C GLN Y 99 63.42 -19.54 69.93
N ALA Y 100 62.61 -18.85 70.75
CA ALA Y 100 61.75 -17.80 70.21
C ALA Y 100 62.59 -16.67 69.61
N LEU Y 101 63.66 -16.27 70.30
CA LEU Y 101 64.54 -15.24 69.76
C LEU Y 101 65.19 -15.70 68.48
N ALA Y 102 65.62 -16.96 68.43
CA ALA Y 102 66.24 -17.49 67.21
C ALA Y 102 65.26 -17.47 66.04
N GLN Y 103 64.02 -17.88 66.28
CA GLN Y 103 63.02 -17.85 65.21
C GLN Y 103 62.73 -16.42 64.76
N LEU Y 104 62.59 -15.49 65.72
CA LEU Y 104 62.30 -14.11 65.38
C LEU Y 104 63.44 -13.42 64.66
N GLU Y 105 64.69 -13.84 64.91
CA GLU Y 105 65.82 -13.24 64.22
C GLU Y 105 65.73 -13.45 62.72
N PHE Y 106 65.36 -14.65 62.30
CA PHE Y 106 65.27 -14.97 60.88
C PHE Y 106 63.87 -14.81 60.31
N SER Y 107 62.87 -14.52 61.15
CA SER Y 107 61.54 -14.22 60.63
C SER Y 107 61.56 -12.91 59.85
N ASP Y 108 60.91 -12.91 58.69
CA ASP Y 108 60.92 -11.76 57.79
C ASP Y 108 59.81 -10.75 58.08
N LYS Y 109 58.93 -11.04 59.03
CA LYS Y 109 57.89 -10.09 59.37
C LYS Y 109 58.49 -8.83 60.00
N LYS Y 110 57.82 -7.70 59.78
CA LYS Y 110 58.27 -6.45 60.38
C LYS Y 110 58.14 -6.47 61.90
N GLY Y 111 57.09 -7.08 62.43
CA GLY Y 111 56.90 -7.16 63.86
C GLY Y 111 57.79 -8.16 64.56
N ALA Y 112 58.53 -8.98 63.80
CA ALA Y 112 59.44 -9.94 64.41
C ALA Y 112 60.52 -9.22 65.22
N GLN Y 113 61.08 -8.14 64.65
CA GLN Y 113 62.08 -7.38 65.38
C GLN Y 113 61.49 -6.72 66.63
N ILE Y 114 60.26 -6.23 66.53
CA ILE Y 114 59.62 -5.61 67.68
C ILE Y 114 59.42 -6.63 68.79
N ILE Y 115 58.95 -7.83 68.44
CA ILE Y 115 58.76 -8.87 69.45
C ILE Y 115 60.09 -9.31 70.03
N LYS Y 116 61.14 -9.37 69.21
CA LYS Y 116 62.45 -9.72 69.73
C LYS Y 116 62.95 -8.69 70.74
N GLU Y 117 62.75 -7.40 70.43
CA GLU Y 117 63.13 -6.35 71.36
C GLU Y 117 62.32 -6.43 72.64
N VAL Y 118 61.03 -6.74 72.53
CA VAL Y 118 60.19 -6.88 73.71
C VAL Y 118 60.67 -8.03 74.57
N LEU Y 119 61.00 -9.16 73.95
CA LEU Y 119 61.51 -10.31 74.70
C LEU Y 119 62.83 -9.99 75.38
N LEU Y 120 63.72 -9.27 74.68
CA LEU Y 120 64.99 -8.88 75.29
C LEU Y 120 64.76 -7.97 76.50
N GLU Y 121 63.84 -7.00 76.36
CA GLU Y 121 63.54 -6.12 77.48
C GLU Y 121 62.95 -6.90 78.66
N ALA Y 122 62.06 -7.85 78.37
CA ALA Y 122 61.46 -8.65 79.44
C ALA Y 122 62.51 -9.49 80.14
N GLN Y 123 63.43 -10.10 79.38
CA GLN Y 123 64.51 -10.88 79.99
C GLN Y 123 65.41 -10.00 80.84
N ASP Y 124 65.74 -8.80 80.36
CA ASP Y 124 66.56 -7.89 81.14
C ASP Y 124 65.87 -7.49 82.43
N MET Y 125 64.57 -7.21 82.36
CA MET Y 125 63.81 -6.87 83.56
C MET Y 125 63.78 -8.04 84.53
N ALA Y 126 63.59 -9.25 84.03
CA ALA Y 126 63.57 -10.43 84.90
C ALA Y 126 64.91 -10.63 85.59
N VAL Y 127 66.02 -10.42 84.86
CA VAL Y 127 67.33 -10.58 85.46
C VAL Y 127 67.60 -9.49 86.49
N ARG Y 128 67.25 -8.24 86.17
CA ARG Y 128 67.65 -7.11 87.01
C ARG Y 128 66.70 -6.94 88.20
N ASP Y 129 65.42 -6.68 87.92
CA ASP Y 129 64.48 -6.38 89.00
C ASP Y 129 64.14 -7.63 89.79
N HIS Y 130 63.58 -8.64 89.12
CA HIS Y 130 63.18 -9.87 89.79
C HIS Y 130 64.39 -10.70 90.17
N ASN Y 131 64.21 -11.53 91.20
CA ASN Y 131 65.26 -12.43 91.67
C ASN Y 131 65.19 -13.71 90.84
N VAL Y 132 65.62 -13.61 89.60
CA VAL Y 132 65.56 -14.71 88.65
C VAL Y 132 66.97 -14.94 88.11
N GLU Y 133 67.61 -16.01 88.57
CA GLU Y 133 68.88 -16.44 87.99
C GLU Y 133 68.61 -17.31 86.77
N PHE Y 134 69.68 -17.70 86.09
CA PHE Y 134 69.62 -18.56 84.91
C PHE Y 134 68.71 -17.93 83.84
N ARG Y 135 69.20 -16.83 83.28
CA ARG Y 135 68.42 -16.02 82.35
C ARG Y 135 67.88 -16.80 81.15
N SER Y 136 68.42 -18.00 80.89
CA SER Y 136 67.93 -18.84 79.82
C SER Y 136 66.92 -19.88 80.29
N ASN Y 137 66.49 -19.80 81.55
CA ASN Y 137 65.51 -20.74 82.11
C ASN Y 137 64.10 -20.16 82.12
N LEU Y 138 63.76 -19.37 81.11
CA LEU Y 138 62.44 -18.76 80.99
C LEU Y 138 61.72 -19.30 79.76
N TYR Y 139 60.40 -19.44 79.87
CA TYR Y 139 59.59 -19.86 78.74
C TYR Y 139 58.37 -18.94 78.62
N VAL Y 140 57.92 -18.74 77.38
CA VAL Y 140 56.80 -17.86 77.10
C VAL Y 140 55.51 -18.63 77.42
N ALA Y 141 54.83 -18.23 78.49
CA ALA Y 141 53.56 -18.87 78.84
C ALA Y 141 52.43 -18.34 77.97
N GLU Y 142 52.29 -17.02 77.89
CA GLU Y 142 51.24 -16.39 77.10
C GLU Y 142 51.86 -15.33 76.20
N SER Y 143 51.37 -15.25 74.97
CA SER Y 143 51.83 -14.25 74.01
C SER Y 143 50.64 -13.86 73.15
N THR Y 144 50.08 -12.68 73.42
CA THR Y 144 48.85 -12.25 72.76
C THR Y 144 49.05 -10.88 72.14
N SER Y 145 48.14 -10.53 71.23
CA SER Y 145 48.16 -9.24 70.56
C SER Y 145 46.75 -8.70 70.47
N GLY Y 146 46.56 -7.46 70.94
CA GLY Y 146 45.28 -6.79 70.85
C GLY Y 146 45.39 -5.53 70.00
N ARG Y 147 44.24 -4.89 69.80
CA ARG Y 147 44.16 -3.68 68.99
C ARG Y 147 44.23 -2.45 69.89
N GLY Y 148 44.53 -1.31 69.27
CA GLY Y 148 44.58 -0.05 70.00
C GLY Y 148 43.76 1.03 69.32
N GLN Y 149 44.15 2.28 69.54
CA GLN Y 149 43.44 3.42 68.95
C GLN Y 149 43.85 3.55 67.49
N TYR Y 150 42.86 3.45 66.59
CA TYR Y 150 43.12 3.57 65.17
C TYR Y 150 43.00 5.03 64.73
N LEU Y 151 43.58 5.32 63.56
CA LEU Y 151 43.46 6.63 62.94
C LEU Y 151 42.60 6.51 61.70
N LYS Y 152 41.71 7.47 61.49
CA LYS Y 152 40.79 7.46 60.35
C LYS Y 152 41.22 8.49 59.32
N ARG Y 153 41.36 8.04 58.07
CA ARG Y 153 41.73 8.89 56.95
C ARG Y 153 40.79 8.60 55.78
N ILE Y 154 40.93 9.38 54.72
CA ILE Y 154 40.10 9.24 53.53
C ILE Y 154 40.92 8.58 52.43
N ARG Y 155 40.38 7.51 51.85
CA ARG Y 155 41.01 6.81 50.74
C ARG Y 155 40.13 7.00 49.51
N TYR Y 156 40.62 7.74 48.53
CA TYR Y 156 39.85 8.05 47.34
C TYR Y 156 39.83 6.86 46.38
N HIS Y 157 38.72 6.72 45.65
CA HIS Y 157 38.58 5.64 44.68
C HIS Y 157 38.40 6.15 43.26
N GLY Y 158 37.48 7.06 43.04
CA GLY Y 158 37.16 7.55 41.72
C GLY Y 158 35.70 7.94 41.66
N ARG Y 159 35.35 8.77 40.67
CA ARG Y 159 34.00 9.31 40.52
C ARG Y 159 33.56 10.06 41.77
N GLY Y 160 34.50 10.64 42.50
CA GLY Y 160 34.19 11.34 43.72
C GLY Y 160 33.90 10.45 44.90
N ARG Y 161 34.17 9.16 44.82
CA ARG Y 161 33.88 8.24 45.90
C ARG Y 161 35.10 8.03 46.80
N PHE Y 162 34.83 7.77 48.07
CA PHE Y 162 35.88 7.63 49.06
C PHE Y 162 35.47 6.58 50.09
N GLY Y 163 36.48 6.04 50.78
CA GLY Y 163 36.26 5.13 51.87
C GLY Y 163 37.07 5.57 53.09
N ILE Y 164 36.77 4.95 54.22
CA ILE Y 164 37.46 5.24 55.47
C ILE Y 164 38.62 4.26 55.62
N MET Y 165 39.83 4.80 55.72
CA MET Y 165 41.04 3.99 55.86
C MET Y 165 41.51 4.08 57.31
N GLU Y 166 41.78 2.93 57.91
CA GLU Y 166 42.13 2.85 59.32
C GLU Y 166 43.61 2.53 59.45
N LYS Y 167 44.41 3.55 59.77
CA LYS Y 167 45.76 3.33 60.26
C LYS Y 167 45.68 2.55 61.56
N VAL Y 168 46.19 1.33 61.57
CA VAL Y 168 45.98 0.40 62.67
C VAL Y 168 47.17 0.46 63.63
N PHE Y 169 46.92 0.10 64.88
CA PHE Y 169 47.94 -0.02 65.90
C PHE Y 169 47.62 -1.20 66.80
N CYS Y 170 48.66 -1.90 67.23
CA CYS Y 170 48.48 -3.11 68.03
C CYS Y 170 49.32 -3.03 69.29
N HIS Y 171 48.84 -3.73 70.32
CA HIS Y 171 49.53 -3.88 71.59
C HIS Y 171 49.93 -5.35 71.75
N TYR Y 172 51.15 -5.58 72.20
CA TYR Y 172 51.69 -6.93 72.36
C TYR Y 172 51.89 -7.22 73.83
N PHE Y 173 51.34 -8.34 74.30
CA PHE Y 173 51.45 -8.75 75.69
C PHE Y 173 52.18 -10.08 75.76
N VAL Y 174 53.15 -10.17 76.67
CA VAL Y 174 53.97 -11.37 76.82
C VAL Y 174 54.13 -11.68 78.30
N LYS Y 175 54.11 -12.98 78.62
CA LYS Y 175 54.31 -13.46 79.97
C LYS Y 175 55.43 -14.50 79.95
N LEU Y 176 56.45 -14.29 80.79
CA LEU Y 176 57.57 -15.19 80.90
C LEU Y 176 57.55 -15.87 82.26
N VAL Y 177 57.66 -17.19 82.26
CA VAL Y 177 57.64 -17.99 83.48
C VAL Y 177 58.99 -18.68 83.61
N GLU Y 178 59.57 -18.61 84.80
CA GLU Y 178 60.86 -19.24 85.07
C GLU Y 178 60.69 -20.75 85.14
N GLY Y 179 61.58 -21.47 84.46
CA GLY Y 179 61.54 -22.91 84.45
C GLY Y 179 61.61 -23.48 83.04
N PRO Y 180 61.79 -24.80 82.94
CA PRO Y 180 61.84 -25.43 81.62
C PRO Y 180 60.50 -25.33 80.93
N PRO Y 181 60.48 -25.26 79.59
CA PRO Y 181 59.21 -25.20 78.86
C PRO Y 181 58.39 -26.45 79.08
N PRO Y 182 57.07 -26.32 79.18
CA PRO Y 182 56.24 -27.52 79.34
C PRO Y 182 56.29 -28.39 78.09
N PRO Y 183 56.19 -29.71 78.24
CA PRO Y 183 56.22 -30.58 77.06
C PRO Y 183 54.99 -30.39 76.20
N ARG Y 184 55.16 -30.60 74.90
CA ARG Y 184 54.05 -30.52 73.96
C ARG Y 184 53.09 -31.68 74.18
N GLU Y 185 51.80 -31.42 73.94
CA GLU Y 185 50.80 -32.46 74.10
C GLU Y 185 50.77 -33.35 72.86
N ALA Y 186 51.06 -34.65 73.06
CA ALA Y 186 51.09 -35.64 72.00
C ALA Y 186 49.67 -36.04 71.61
N PRO Y 187 49.47 -36.47 70.36
CA PRO Y 187 48.15 -36.95 69.95
C PRO Y 187 47.73 -38.17 70.75
N LYS Y 188 46.42 -38.30 70.93
CA LYS Y 188 45.88 -39.41 71.70
C LYS Y 188 46.18 -40.74 71.01
N THR Y 189 46.65 -41.71 71.78
CA THR Y 189 47.03 -43.00 71.23
C THR Y 189 45.83 -43.92 71.12
N ALA Y 190 46.03 -45.03 70.42
CA ALA Y 190 44.95 -46.00 70.22
C ALA Y 190 44.51 -46.61 71.54
N VAL Y 191 45.44 -46.88 72.45
CA VAL Y 191 45.07 -47.43 73.75
C VAL Y 191 44.20 -46.46 74.52
N ALA Y 192 44.57 -45.17 74.50
CA ALA Y 192 43.76 -44.16 75.19
C ALA Y 192 42.39 -44.02 74.55
N HIS Y 193 42.32 -44.08 73.21
CA HIS Y 193 41.03 -44.03 72.54
C HIS Y 193 40.16 -45.21 72.96
N ALA Y 194 40.75 -46.41 73.01
CA ALA Y 194 39.99 -47.59 73.43
C ALA Y 194 39.52 -47.46 74.87
N ARG Y 195 40.37 -46.94 75.74
CA ARG Y 195 39.98 -46.74 77.13
C ARG Y 195 38.81 -45.77 77.23
N GLU Y 196 38.87 -44.66 76.49
CA GLU Y 196 37.79 -43.69 76.52
C GLU Y 196 36.49 -44.29 75.97
N TYR Y 197 36.58 -45.06 74.89
CA TYR Y 197 35.38 -45.67 74.33
C TYR Y 197 34.77 -46.68 75.30
N ILE Y 198 35.61 -47.50 75.94
CA ILE Y 198 35.11 -48.46 76.92
C ILE Y 198 34.47 -47.74 78.10
N GLN Y 199 35.10 -46.66 78.57
CA GLN Y 199 34.53 -45.90 79.67
C GLN Y 199 33.19 -45.30 79.29
N GLU Y 200 33.06 -44.76 78.07
CA GLU Y 200 31.79 -44.22 77.63
C GLU Y 200 30.73 -45.29 77.53
N LEU Y 201 31.08 -46.48 77.03
CA LEU Y 201 30.12 -47.58 76.99
C LEU Y 201 29.69 -48.01 78.39
N ARG Y 202 30.65 -48.06 79.33
CA ARG Y 202 30.34 -48.50 80.69
C ARG Y 202 29.54 -47.48 81.47
N ASN Y 203 29.71 -46.19 81.21
CA ASN Y 203 28.97 -45.16 81.93
C ASN Y 203 27.52 -45.07 81.51
N ARG Y 204 27.06 -45.91 80.59
CA ARG Y 204 25.67 -45.86 80.16
C ARG Y 204 24.73 -46.32 81.25
N THR Y 205 23.46 -45.95 81.12
CA THR Y 205 22.41 -46.36 82.03
C THR Y 205 21.10 -46.40 81.27
N ILE Y 206 20.15 -47.17 81.79
CA ILE Y 206 18.85 -47.31 81.15
C ILE Y 206 18.04 -46.04 81.37
N THR Y 207 18.00 -45.18 80.36
CA THR Y 207 17.27 -43.92 80.48
C THR Y 207 15.77 -44.15 80.46
N HIS Y 208 15.06 -43.38 81.29
CA HIS Y 208 13.60 -43.44 81.38
C HIS Y 208 13.12 -44.85 81.67
N ALA Y 209 13.79 -45.52 82.60
CA ALA Y 209 13.53 -46.92 82.92
C ALA Y 209 12.75 -47.12 84.21
N LEU Y 210 13.18 -46.53 85.30
CA LEU Y 210 12.54 -46.74 86.60
C LEU Y 210 11.17 -46.08 86.68
N ALA Z 2 56.51 59.64 62.19
CA ALA Z 2 56.04 58.76 63.25
C ALA Z 2 54.90 57.86 62.76
N ARG Z 3 54.66 56.78 63.48
CA ARG Z 3 53.62 55.82 63.13
C ARG Z 3 52.37 56.05 63.97
N ASN Z 4 51.22 55.70 63.38
CA ASN Z 4 49.92 55.82 64.03
C ASN Z 4 49.62 57.26 64.44
N VAL Z 5 50.14 58.22 63.68
CA VAL Z 5 49.94 59.64 63.96
C VAL Z 5 49.50 60.32 62.68
N LEU Z 6 48.45 61.12 62.76
CA LEU Z 6 47.97 61.85 61.59
C LEU Z 6 48.98 62.91 61.18
N TYR Z 7 49.27 62.97 59.87
CA TYR Z 7 50.20 63.95 59.32
C TYR Z 7 49.44 65.14 58.75
N PRO Z 8 50.00 66.34 58.88
CA PRO Z 8 49.35 67.52 58.29
C PRO Z 8 49.42 67.48 56.77
N LEU Z 9 48.33 67.91 56.13
CA LEU Z 9 48.30 67.96 54.68
C LEU Z 9 49.23 69.06 54.17
N TYR Z 10 50.01 68.75 53.15
CA TYR Z 10 50.94 69.71 52.58
C TYR Z 10 50.29 70.47 51.43
N GLN Z 11 50.53 71.77 51.40
CA GLN Z 11 50.10 72.63 50.31
C GLN Z 11 51.24 73.60 50.00
N LEU Z 12 51.09 74.33 48.89
CA LEU Z 12 52.13 75.26 48.46
C LEU Z 12 52.31 76.34 49.51
N GLY Z 13 53.52 76.43 50.07
CA GLY Z 13 53.80 77.37 51.13
C GLY Z 13 53.64 76.83 52.54
N ASN Z 14 53.33 75.54 52.69
CA ASN Z 14 53.16 74.96 54.01
C ASN Z 14 54.49 74.91 54.74
N PRO Z 15 54.47 75.08 56.06
CA PRO Z 15 55.72 75.02 56.83
C PRO Z 15 56.36 73.64 56.78
N GLN Z 16 57.67 73.63 57.04
CA GLN Z 16 58.41 72.38 57.06
C GLN Z 16 57.87 71.45 58.14
N LEU Z 17 57.65 70.18 57.77
CA LEU Z 17 57.15 69.20 58.73
C LEU Z 17 58.26 68.79 59.69
N ARG Z 18 57.98 68.87 60.99
CA ARG Z 18 58.95 68.57 62.02
C ARG Z 18 58.35 67.58 63.01
N VAL Z 19 59.09 66.52 63.31
CA VAL Z 19 58.71 65.51 64.30
C VAL Z 19 59.70 65.58 65.43
N PHE Z 20 59.20 65.79 66.65
CA PHE Z 20 60.06 65.99 67.80
C PHE Z 20 60.28 64.69 68.58
N ARG Z 21 59.22 63.93 68.83
CA ARG Z 21 59.32 62.66 69.54
C ARG Z 21 58.87 61.56 68.58
N THR Z 22 59.83 60.99 67.85
CA THR Z 22 59.52 59.96 66.87
C THR Z 22 59.04 58.69 67.56
N ASN Z 23 58.12 57.98 66.89
CA ASN Z 23 57.53 56.77 67.40
C ASN Z 23 58.13 55.51 66.76
N PHE Z 24 59.20 55.65 65.99
CA PHE Z 24 59.81 54.52 65.30
C PHE Z 24 60.83 53.82 66.18
N PHE Z 25 60.91 52.50 66.03
CA PHE Z 25 61.89 51.69 66.73
C PHE Z 25 62.54 50.75 65.74
N ILE Z 26 63.87 50.67 65.79
CA ILE Z 26 64.66 49.96 64.78
C ILE Z 26 65.54 48.93 65.48
N GLN Z 27 65.56 47.72 64.94
CA GLN Z 27 66.45 46.68 65.41
C GLN Z 27 67.61 46.51 64.44
N LEU Z 28 68.74 46.03 64.96
CA LEU Z 28 69.92 45.74 64.15
C LEU Z 28 70.11 44.22 64.13
N VAL Z 29 70.19 43.64 62.94
CA VAL Z 29 70.23 42.18 62.82
C VAL Z 29 71.46 41.77 62.03
N ARG Z 30 72.00 40.60 62.37
CA ARG Z 30 73.07 40.01 61.58
C ARG Z 30 72.50 39.42 60.29
N PRO Z 31 73.03 39.76 59.12
CA PRO Z 31 72.51 39.19 57.87
C PRO Z 31 72.63 37.67 57.87
N GLY Z 32 71.56 37.02 57.38
CA GLY Z 32 71.57 35.57 57.28
C GLY Z 32 72.41 35.03 56.14
N THR Z 33 72.66 35.85 55.12
CA THR Z 33 73.44 35.46 53.96
C THR Z 33 74.75 36.25 53.93
N ALA Z 34 75.51 36.05 52.86
CA ALA Z 34 76.76 36.78 52.68
C ALA Z 34 76.46 38.26 52.46
N GLN Z 35 77.14 39.12 53.20
CA GLN Z 35 76.91 40.55 53.11
C GLN Z 35 78.23 41.30 52.98
N PRO Z 36 78.27 42.36 52.16
CA PRO Z 36 79.51 43.14 52.05
C PRO Z 36 79.86 43.90 53.31
N GLU Z 37 81.06 44.44 53.37
CA GLU Z 37 81.54 45.08 54.60
C GLU Z 37 80.76 46.36 54.91
N ASP Z 38 80.39 47.12 53.89
CA ASP Z 38 79.78 48.43 54.09
C ASP Z 38 78.28 48.38 54.30
N THR Z 39 77.67 47.20 54.31
CA THR Z 39 76.23 47.05 54.40
C THR Z 39 75.83 46.61 55.81
N VAL Z 40 74.85 47.30 56.38
CA VAL Z 40 74.31 47.01 57.70
C VAL Z 40 72.82 46.75 57.55
N GLN Z 41 72.33 45.71 58.22
CA GLN Z 41 70.95 45.26 58.06
C GLN Z 41 70.13 45.59 59.30
N PHE Z 42 69.04 46.32 59.11
CA PHE Z 42 68.14 46.70 60.17
C PHE Z 42 66.73 46.19 59.88
N ARG Z 43 65.97 46.03 60.96
CA ARG Z 43 64.53 45.78 60.89
C ARG Z 43 63.82 47.05 61.34
N ILE Z 44 62.92 47.54 60.49
CA ILE Z 44 62.27 48.84 60.70
C ILE Z 44 60.76 48.62 60.74
N PRO Z 45 59.99 49.52 61.34
CA PRO Z 45 58.54 49.39 61.33
C PRO Z 45 57.99 49.49 59.90
N MET Z 46 56.79 48.95 59.73
CA MET Z 46 56.18 48.88 58.41
C MET Z 46 55.96 50.25 57.78
N GLU Z 47 55.90 51.31 58.59
CA GLU Z 47 55.65 52.66 58.10
C GLU Z 47 56.93 53.49 58.04
N MET Z 48 58.06 52.85 57.74
CA MET Z 48 59.35 53.52 57.63
C MET Z 48 59.75 53.62 56.16
N THR Z 49 60.22 54.79 55.76
CA THR Z 49 60.67 55.03 54.40
C THR Z 49 62.18 55.18 54.36
N ARG Z 50 62.73 55.20 53.14
CA ARG Z 50 64.17 55.34 52.96
C ARG Z 50 64.67 56.66 53.54
N VAL Z 51 63.96 57.76 53.25
CA VAL Z 51 64.38 59.07 53.73
C VAL Z 51 64.23 59.15 55.24
N ASP Z 52 63.16 58.57 55.79
CA ASP Z 52 62.98 58.55 57.23
C ASP Z 52 64.13 57.81 57.91
N LEU Z 53 64.50 56.65 57.37
CA LEU Z 53 65.61 55.89 57.93
C LEU Z 53 66.92 56.66 57.81
N ARG Z 54 67.14 57.31 56.67
CA ARG Z 54 68.36 58.07 56.46
C ARG Z 54 68.48 59.20 57.47
N ASN Z 55 67.39 59.96 57.67
CA ASN Z 55 67.41 61.04 58.65
C ASN Z 55 67.59 60.48 60.06
N TYR Z 56 66.92 59.37 60.36
CA TYR Z 56 67.04 58.74 61.67
C TYR Z 56 68.49 58.41 61.98
N LEU Z 57 69.17 57.73 61.05
CA LEU Z 57 70.54 57.33 61.29
C LEU Z 57 71.52 58.50 61.22
N GLU Z 58 71.25 59.53 60.42
CA GLU Z 58 72.13 60.66 60.33
C GLU Z 58 72.03 61.61 61.51
N ARG Z 59 70.88 61.66 62.17
CA ARG Z 59 70.69 62.60 63.27
C ARG Z 59 70.73 61.93 64.64
N ILE Z 60 69.95 60.88 64.86
CA ILE Z 60 69.90 60.26 66.18
C ILE Z 60 71.22 59.57 66.49
N TYR Z 61 71.79 58.86 65.52
CA TYR Z 61 73.02 58.11 65.74
C TYR Z 61 74.23 58.68 65.02
N ASN Z 62 74.04 59.63 64.10
CA ASN Z 62 75.14 60.27 63.37
C ASN Z 62 75.99 59.24 62.64
N VAL Z 63 75.33 58.51 61.74
CA VAL Z 63 75.96 57.45 60.95
C VAL Z 63 76.00 57.90 59.49
N PRO Z 64 77.18 57.96 58.86
CA PRO Z 64 77.28 58.39 57.45
C PRO Z 64 76.77 57.34 56.48
N VAL Z 65 75.46 57.30 56.29
CA VAL Z 65 74.83 56.35 55.39
C VAL Z 65 74.84 56.91 53.98
N ALA Z 66 75.10 56.03 53.01
CA ALA Z 66 75.13 56.42 51.60
C ALA Z 66 73.94 55.91 50.81
N ALA Z 67 73.59 54.63 50.98
CA ALA Z 67 72.50 54.04 50.22
C ALA Z 67 71.55 53.31 51.16
N VAL Z 68 70.26 53.33 50.80
CA VAL Z 68 69.22 52.65 51.57
C VAL Z 68 68.38 51.82 50.62
N ARG Z 69 68.19 50.54 50.94
CA ARG Z 69 67.35 49.66 50.14
C ARG Z 69 66.42 48.90 51.07
N THR Z 70 65.12 48.99 50.84
CA THR Z 70 64.12 48.42 51.73
C THR Z 70 63.35 47.30 51.04
N ARG Z 71 62.87 46.36 51.84
CA ARG Z 71 62.04 45.27 51.36
C ARG Z 71 61.09 44.86 52.49
N VAL Z 72 60.02 44.16 52.12
CA VAL Z 72 59.00 43.73 53.07
C VAL Z 72 58.97 42.22 53.08
N GLN Z 73 59.43 41.62 54.17
CA GLN Z 73 59.36 40.18 54.36
C GLN Z 73 58.02 39.79 54.96
N TYR Z 74 57.41 38.76 54.37
CA TYR Z 74 56.07 38.32 54.73
C TYR Z 74 56.15 37.18 55.72
N GLY Z 75 55.42 37.32 56.84
CA GLY Z 75 55.39 36.29 57.86
C GLY Z 75 54.53 35.11 57.44
N SER Z 76 54.93 33.92 57.88
CA SER Z 76 54.25 32.69 57.47
C SER Z 76 52.87 32.61 58.10
N ASN Z 77 51.87 32.27 57.28
CA ASN Z 77 50.52 32.01 57.74
C ASN Z 77 50.12 30.55 57.56
N ARG Z 78 51.08 29.64 57.75
CA ARG Z 78 50.88 28.22 57.48
C ARG Z 78 50.49 27.43 58.72
N ARG Z 79 51.10 27.73 59.86
CA ARG Z 79 50.90 26.94 61.07
C ARG Z 79 49.46 27.09 61.58
N ARG Z 80 48.90 25.98 62.06
CA ARG Z 80 47.54 25.93 62.53
C ARG Z 80 47.50 25.83 64.05
N ASP Z 81 46.45 26.40 64.64
CA ASP Z 81 46.24 26.35 66.08
C ASP Z 81 45.49 25.07 66.43
N HIS Z 82 45.25 24.86 67.74
CA HIS Z 82 44.49 23.70 68.18
C HIS Z 82 43.05 23.75 67.67
N ARG Z 83 42.54 24.94 67.39
CA ARG Z 83 41.22 25.12 66.79
C ARG Z 83 41.25 25.07 65.27
N ASN Z 84 42.35 24.60 64.69
CA ASN Z 84 42.54 24.58 63.23
C ASN Z 84 42.42 25.99 62.65
N ILE Z 85 42.92 26.99 63.39
CA ILE Z 85 42.90 28.38 62.95
C ILE Z 85 44.35 28.80 62.65
N ARG Z 86 44.54 29.44 61.51
CA ARG Z 86 45.88 29.84 61.09
C ARG Z 86 46.47 30.84 62.08
N ILE Z 87 47.74 30.65 62.40
CA ILE Z 87 48.50 31.60 63.22
C ILE Z 87 49.50 32.27 62.30
N LYS Z 88 49.36 33.58 62.10
CA LYS Z 88 50.16 34.31 61.14
C LYS Z 88 51.25 35.07 61.86
N LYS Z 89 52.50 34.84 61.46
CA LYS Z 89 53.60 35.64 61.97
C LYS Z 89 53.55 37.03 61.35
N PRO Z 90 53.85 38.07 62.11
CA PRO Z 90 53.73 39.44 61.56
C PRO Z 90 54.77 39.72 60.50
N ASP Z 91 54.34 40.34 59.42
CA ASP Z 91 55.27 40.78 58.39
C ASP Z 91 56.14 41.92 58.92
N TYR Z 92 57.34 42.03 58.38
CA TYR Z 92 58.28 43.03 58.88
C TYR Z 92 59.10 43.60 57.74
N LYS Z 93 59.51 44.85 57.89
CA LYS Z 93 60.29 45.54 56.87
C LYS Z 93 61.77 45.46 57.21
N VAL Z 94 62.58 45.04 56.24
CA VAL Z 94 64.02 44.88 56.40
C VAL Z 94 64.71 45.87 55.47
N ALA Z 95 65.65 46.64 56.02
CA ALA Z 95 66.39 47.62 55.26
C ALA Z 95 67.88 47.33 55.32
N TYR Z 96 68.57 47.65 54.24
CA TYR Z 96 70.01 47.54 54.13
C TYR Z 96 70.57 48.93 53.87
N VAL Z 97 71.51 49.36 54.70
CA VAL Z 97 72.14 50.66 54.57
C VAL Z 97 73.61 50.46 54.24
N GLN Z 98 74.05 51.08 53.16
CA GLN Z 98 75.45 51.06 52.74
C GLN Z 98 76.09 52.38 53.16
N LEU Z 99 77.18 52.27 53.92
CA LEU Z 99 77.81 53.43 54.52
C LEU Z 99 78.53 54.27 53.47
N ALA Z 100 78.82 55.53 53.83
CA ALA Z 100 79.37 56.50 52.91
C ALA Z 100 80.89 56.58 52.97
N LEU Z 101 81.44 56.88 54.14
CA LEU Z 101 82.88 57.14 54.27
C LEU Z 101 83.73 55.88 54.24
N GLY Z 102 83.20 54.73 53.82
CA GLY Z 102 84.00 53.53 53.74
C GLY Z 102 84.20 52.80 55.05
N GLN Z 103 83.45 53.16 56.09
CA GLN Z 103 83.56 52.48 57.37
C GLN Z 103 83.16 51.01 57.22
N THR Z 104 83.97 50.13 57.81
CA THR Z 104 83.72 48.69 57.76
C THR Z 104 83.06 48.27 59.05
N PHE Z 105 81.87 47.67 58.95
CA PHE Z 105 81.11 47.22 60.10
C PHE Z 105 80.95 45.71 60.06
N THR Z 106 81.18 45.07 61.20
CA THR Z 106 80.97 43.64 61.37
C THR Z 106 80.19 43.43 62.66
N PHE Z 107 79.18 42.57 62.61
CA PHE Z 107 78.33 42.34 63.77
C PHE Z 107 79.13 41.65 64.87
N PRO Z 108 79.24 42.25 66.05
CA PRO Z 108 80.04 41.65 67.12
C PRO Z 108 79.36 40.44 67.74
N ASP Z 109 80.17 39.58 68.35
CA ASP Z 109 79.66 38.42 69.06
C ASP Z 109 79.16 38.85 70.43
N LEU Z 110 77.84 38.92 70.59
CA LEU Z 110 77.25 39.41 71.83
C LEU Z 110 77.15 38.37 72.92
N PHE Z 111 77.50 37.11 72.64
CA PHE Z 111 77.45 36.04 73.63
C PHE Z 111 78.77 35.28 73.62
N PRO Z 112 79.83 35.89 74.17
CA PRO Z 112 81.11 35.17 74.26
C PRO Z 112 81.10 34.23 75.47
N GLU Z 113 81.41 32.96 75.22
CA GLU Z 113 81.45 31.99 76.30
C GLU Z 113 82.64 32.25 77.21
N ARG Z 114 82.46 32.00 78.50
CA ARG Z 114 83.48 32.23 79.50
C ARG Z 114 84.23 30.94 79.80
N LYS Z 115 85.56 31.04 79.85
CA LYS Z 115 86.38 29.86 80.17
C LYS Z 115 86.09 29.36 81.58
N GLY Z 116 85.94 30.27 82.54
CA GLY Z 116 85.61 29.87 83.90
C GLY Z 116 84.25 29.19 83.97
N ALA Z 117 83.27 29.72 83.22
CA ALA Z 117 81.96 29.10 83.19
C ALA Z 117 82.02 27.71 82.57
N SER Z 118 82.79 27.55 81.49
CA SER Z 118 82.93 26.24 80.87
C SER Z 118 83.61 25.25 81.81
N VAL Z 119 84.63 25.69 82.54
CA VAL Z 119 85.30 24.82 83.50
C VAL Z 119 84.34 24.43 84.63
N ASP Z 120 83.54 25.38 85.11
CA ASP Z 120 82.56 25.06 86.15
C ASP Z 120 81.52 24.06 85.65
N VAL Z 121 81.06 24.23 84.41
CA VAL Z 121 80.10 23.29 83.84
C VAL Z 121 80.71 21.90 83.70
N ASP Z 122 81.97 21.83 83.26
CA ASP Z 122 82.65 20.54 83.16
C ASP Z 122 82.79 19.89 84.53
N VAL Z 123 83.14 20.67 85.55
CA VAL Z 123 83.26 20.13 86.90
C VAL Z 123 81.90 19.62 87.41
N ARG Z 124 80.83 20.36 87.13
CA ARG Z 124 79.50 19.91 87.53
C ARG Z 124 79.11 18.63 86.82
N ASP Z 125 79.42 18.53 85.53
CA ASP Z 125 79.14 17.29 84.79
C ASP Z 125 79.93 16.12 85.36
N GLN Z 126 81.20 16.34 85.70
CA GLN Z 126 82.00 15.28 86.30
C GLN Z 126 81.44 14.86 87.64
N VAL Z 127 80.99 15.82 88.46
CA VAL Z 127 80.40 15.49 89.74
C VAL Z 127 79.11 14.70 89.57
N LEU Z 128 78.28 15.07 88.60
CA LEU Z 128 77.05 14.33 88.33
C LEU Z 128 77.37 12.91 87.86
N GLU Z 129 78.38 12.76 87.00
CA GLU Z 129 78.78 11.42 86.55
C GLU Z 129 79.28 10.58 87.72
N ASP Z 130 80.06 11.18 88.61
CA ASP Z 130 80.54 10.45 89.78
C ASP Z 130 79.39 10.05 90.69
N GLN Z 131 78.40 10.94 90.87
CA GLN Z 131 77.23 10.60 91.67
C GLN Z 131 76.45 9.45 91.05
N ARG Z 132 76.27 9.48 89.72
CA ARG Z 132 75.58 8.38 89.06
C ARG Z 132 76.35 7.08 89.21
N GLN Z 133 77.68 7.13 89.09
CA GLN Z 133 78.49 5.93 89.23
C GLN Z 133 78.41 5.36 90.65
N LYS Z 134 78.44 6.23 91.66
CA LYS Z 134 78.38 5.74 93.03
C LYS Z 134 76.97 5.26 93.39
N HIS Z 135 75.95 5.80 92.73
CA HIS Z 135 74.59 5.33 92.95
C HIS Z 135 74.22 4.12 92.11
N SER Z 136 75.06 3.76 91.13
CA SER Z 136 74.80 2.57 90.34
C SER Z 136 74.91 1.33 91.22
N PRO Z 137 73.96 0.41 91.13
CA PRO Z 137 74.00 -0.80 91.96
C PRO Z 137 75.21 -1.66 91.63
N ASP Z 138 75.71 -2.33 92.66
CA ASP Z 138 76.83 -3.25 92.51
C ASP Z 138 76.38 -4.49 91.77
N PRO Z 139 77.00 -4.85 90.64
CA PRO Z 139 76.55 -6.05 89.91
C PRO Z 139 76.63 -7.33 90.73
N ARG Z 140 77.58 -7.44 91.66
CA ARG Z 140 77.71 -8.64 92.47
C ARG Z 140 76.57 -8.82 93.46
N ARG Z 141 75.74 -7.80 93.67
CA ARG Z 141 74.64 -7.90 94.61
C ARG Z 141 73.38 -8.50 93.97
N GLY Z 142 73.18 -8.26 92.68
CA GLY Z 142 72.02 -8.81 92.01
C GLY Z 142 70.71 -8.14 92.35
N GLY Z 143 70.73 -6.84 92.65
CA GLY Z 143 69.53 -6.11 92.98
C GLY Z 143 69.22 -6.02 94.47
N VAL Z 144 69.98 -6.71 95.31
CA VAL Z 144 69.76 -6.63 96.76
C VAL Z 144 70.10 -5.22 97.23
N PRO Z 145 69.25 -4.57 98.01
CA PRO Z 145 69.57 -3.22 98.50
C PRO Z 145 70.82 -3.23 99.37
N GLY Z 146 71.62 -2.18 99.22
CA GLY Z 146 72.88 -2.08 99.94
C GLY Z 146 72.82 -1.20 101.16
N TRP Z 147 71.65 -0.65 101.47
CA TRP Z 147 71.52 0.20 102.65
C TRP Z 147 71.73 -0.59 103.93
N PHE Z 148 71.13 -1.78 104.03
CA PHE Z 148 71.29 -2.59 105.23
C PHE Z 148 72.69 -3.19 105.29
N GLY Z 149 73.33 -3.09 106.45
CA GLY Z 149 74.64 -3.67 106.63
C GLY Z 149 74.59 -5.18 106.70
N LEU Z 150 73.99 -5.72 107.76
CA LEU Z 150 73.84 -7.17 107.91
C LEU Z 150 72.51 -7.51 108.55
N SER AA 11 53.23 42.55 80.16
CA SER AA 11 52.85 41.31 79.49
C SER AA 11 51.84 40.52 80.32
N LYS AA 12 50.58 40.54 79.90
CA LYS AA 12 49.50 39.85 80.60
C LYS AA 12 49.00 38.72 79.71
N VAL AA 13 49.22 37.48 80.15
CA VAL AA 13 48.74 36.32 79.40
C VAL AA 13 47.26 36.11 79.68
N THR AA 14 46.48 35.94 78.61
CA THR AA 14 45.04 35.77 78.73
C THR AA 14 44.72 34.29 78.93
N LEU AA 15 43.97 33.99 80.00
CA LEU AA 15 43.58 32.61 80.28
C LEU AA 15 42.13 32.38 79.89
N PRO AA 16 41.80 31.15 79.48
CA PRO AA 16 40.40 30.82 79.17
C PRO AA 16 39.54 30.91 80.42
N PRO AA 17 38.25 31.23 80.26
CA PRO AA 17 37.39 31.35 81.46
C PRO AA 17 37.32 30.08 82.28
N ASN AA 18 37.34 28.91 81.64
CA ASN AA 18 37.36 27.64 82.35
C ASN AA 18 38.83 27.25 82.54
N TYR AA 19 39.35 27.49 83.74
CA TYR AA 19 40.77 27.31 84.01
C TYR AA 19 40.96 26.64 85.36
N ARG AA 20 42.07 25.93 85.50
CA ARG AA 20 42.44 25.26 86.74
C ARG AA 20 43.78 25.80 87.20
N TYR AA 21 43.87 26.22 88.46
CA TYR AA 21 45.09 26.76 89.02
C TYR AA 21 45.77 25.71 89.88
N GLY AA 22 47.05 25.43 89.57
CA GLY AA 22 47.79 24.39 90.26
C GLY AA 22 49.08 24.86 90.89
N MET AA 23 49.06 26.04 91.51
CA MET AA 23 50.23 26.63 92.17
C MET AA 23 51.38 26.89 91.21
N SER AA 24 51.07 27.17 89.95
CA SER AA 24 52.09 27.45 88.95
C SER AA 24 51.74 28.74 88.22
N ARG AA 25 52.77 29.37 87.65
CA ARG AA 25 52.57 30.59 86.89
C ARG AA 25 51.73 30.29 85.64
N PRO AA 26 50.73 31.12 85.34
CA PRO AA 26 49.89 30.85 84.17
C PRO AA 26 50.66 30.76 82.86
N GLY AA 27 51.76 31.49 82.73
CA GLY AA 27 52.56 31.42 81.53
C GLY AA 27 53.86 30.66 81.73
N SER AA 28 53.79 29.58 82.49
CA SER AA 28 54.97 28.77 82.80
C SER AA 28 54.94 27.47 82.02
N LEU AA 29 56.14 26.94 81.77
CA LEU AA 29 56.27 25.67 81.05
C LEU AA 29 55.63 24.53 81.83
N SER AA 30 55.77 24.55 83.16
CA SER AA 30 55.15 23.51 83.98
C SER AA 30 53.63 23.55 83.84
N ASP AA 31 53.04 24.74 83.85
CA ASP AA 31 51.59 24.84 83.68
C ASP AA 31 51.16 24.42 82.28
N LYS AA 32 51.93 24.81 81.26
CA LYS AA 32 51.60 24.39 79.90
C LYS AA 32 51.66 22.87 79.75
N ARG AA 33 52.64 22.24 80.39
CA ARG AA 33 52.71 20.79 80.38
C ARG AA 33 51.57 20.14 81.16
N LYS AA 34 51.17 20.76 82.28
CA LYS AA 34 50.07 20.20 83.07
C LYS AA 34 48.76 20.25 82.29
N ASN AA 35 48.41 21.41 81.76
CA ASN AA 35 47.21 21.55 80.93
C ASN AA 35 47.54 22.31 79.66
N PRO AA 36 47.43 21.68 78.49
CA PRO AA 36 47.66 22.37 77.23
C PRO AA 36 46.55 23.37 76.95
N PRO AA 37 46.76 24.32 76.04
CA PRO AA 37 45.70 25.30 75.73
C PRO AA 37 44.47 24.70 75.09
N GLY AA 38 44.45 23.41 74.79
CA GLY AA 38 43.31 22.78 74.15
C GLY AA 38 42.43 21.98 75.10
N THR AA 39 42.62 22.16 76.40
CA THR AA 39 41.85 21.44 77.40
C THR AA 39 41.11 22.41 78.31
N ARG AA 40 40.05 21.91 78.93
CA ARG AA 40 39.21 22.71 79.83
C ARG AA 40 38.58 21.76 80.84
N ARG AA 41 39.09 21.77 82.06
CA ARG AA 41 38.66 20.83 83.09
C ARG AA 41 37.39 21.33 83.78
N ARG AA 42 36.97 20.62 84.82
CA ARG AA 42 35.77 20.97 85.55
C ARG AA 42 36.01 22.18 86.44
N ARG AA 43 35.00 23.03 86.57
CA ARG AA 43 35.08 24.19 87.43
C ARG AA 43 34.88 23.79 88.89
N VAL AA 44 35.77 24.26 89.76
CA VAL AA 44 35.68 23.99 91.18
C VAL AA 44 34.92 25.13 91.86
N PRO AA 45 34.14 24.86 92.90
CA PRO AA 45 33.43 25.95 93.58
C PRO AA 45 34.40 26.83 94.36
N VAL AA 46 34.23 28.14 94.22
CA VAL AA 46 35.05 29.13 94.92
C VAL AA 46 34.13 29.99 95.75
N GLU AA 47 34.36 30.01 97.06
CA GLU AA 47 33.55 30.83 97.95
C GLU AA 47 33.83 32.30 97.69
N PRO AA 48 32.80 33.13 97.50
CA PRO AA 48 33.04 34.55 97.18
C PRO AA 48 33.69 35.31 98.32
N ILE AA 49 34.94 35.72 98.12
CA ILE AA 49 35.67 36.53 99.09
C ILE AA 49 36.15 37.77 98.37
N SER AA 50 35.70 38.94 98.81
CA SER AA 50 36.08 40.19 98.17
C SER AA 50 37.47 40.61 98.62
N ASP AA 51 38.00 41.64 97.94
CA ASP AA 51 39.32 42.15 98.30
C ASP AA 51 39.31 42.79 99.68
N GLU AA 52 38.17 43.35 100.10
CA GLU AA 52 38.06 44.01 101.39
C GLU AA 52 37.85 43.03 102.54
N ASP AA 53 37.65 41.74 102.25
CA ASP AA 53 37.42 40.73 103.28
C ASP AA 53 38.50 39.66 103.30
N TRP AA 54 39.63 39.90 102.64
CA TRP AA 54 40.74 38.96 102.62
C TRP AA 54 41.76 39.42 103.65
N HIS AA 55 41.87 38.67 104.75
CA HIS AA 55 42.73 39.04 105.86
C HIS AA 55 44.05 38.30 105.89
N LEU AA 56 44.25 37.32 105.00
CA LEU AA 56 45.47 36.52 105.00
C LEU AA 56 46.43 37.07 103.95
N PHE AA 57 47.53 37.64 104.41
CA PHE AA 57 48.58 38.14 103.54
C PHE AA 57 49.80 37.22 103.61
N CYS AA 58 50.86 37.60 102.90
CA CYS AA 58 52.08 36.82 102.86
C CYS AA 58 53.10 37.42 103.84
N GLY AA 59 53.70 36.55 104.65
CA GLY AA 59 54.71 36.97 105.61
C GLY AA 59 54.27 36.90 107.06
N ASP AA 60 53.03 36.56 107.35
CA ASP AA 60 52.54 36.47 108.71
C ASP AA 60 52.54 35.04 109.21
N LYS AA 61 52.58 34.89 110.53
CA LYS AA 61 52.58 33.56 111.15
C LYS AA 61 51.14 33.11 111.38
N VAL AA 62 50.78 31.97 110.82
CA VAL AA 62 49.44 31.41 110.94
C VAL AA 62 49.55 29.97 111.41
N GLU AA 63 48.47 29.48 112.00
CA GLU AA 63 48.41 28.14 112.56
C GLU AA 63 47.49 27.26 111.71
N ILE AA 64 47.88 26.00 111.58
CA ILE AA 64 47.10 25.03 110.80
C ILE AA 64 46.07 24.37 111.69
N LEU AA 65 44.83 24.28 111.21
CA LEU AA 65 43.73 23.74 111.99
C LEU AA 65 43.47 22.26 111.73
N GLU AA 66 43.55 21.81 110.47
CA GLU AA 66 43.26 20.43 110.12
C GLU AA 66 44.41 19.86 109.31
N GLY AA 67 44.61 18.55 109.44
CA GLY AA 67 45.68 17.87 108.75
C GLY AA 67 46.50 17.00 109.68
N LYS AA 68 47.49 16.29 109.12
CA LYS AA 68 48.37 15.49 109.96
C LYS AA 68 49.17 16.35 110.93
N ASP AA 69 49.69 17.49 110.45
CA ASP AA 69 50.42 18.43 111.30
C ASP AA 69 49.48 19.58 111.65
N ALA AA 70 48.64 19.33 112.64
CA ALA AA 70 47.66 20.31 113.10
C ALA AA 70 48.16 21.00 114.36
N GLY AA 71 47.80 22.28 114.50
CA GLY AA 71 48.24 23.07 115.62
C GLY AA 71 49.61 23.68 115.46
N LYS AA 72 50.28 23.46 114.33
CA LYS AA 72 51.59 24.02 114.08
C LYS AA 72 51.48 25.39 113.40
N GLN AA 73 52.42 26.26 113.74
CA GLN AA 73 52.44 27.63 113.23
C GLN AA 73 53.60 27.80 112.27
N GLY AA 74 53.36 28.53 111.18
CA GLY AA 74 54.37 28.77 110.17
C GLY AA 74 54.10 30.08 109.44
N LYS AA 75 55.10 30.54 108.71
CA LYS AA 75 55.04 31.80 107.98
C LYS AA 75 54.41 31.58 106.61
N VAL AA 76 53.50 32.46 106.23
CA VAL AA 76 52.87 32.39 104.92
C VAL AA 76 53.86 32.87 103.87
N VAL AA 77 54.01 32.08 102.80
CA VAL AA 77 54.92 32.39 101.71
C VAL AA 77 54.17 32.85 100.46
N GLN AA 78 53.18 32.07 100.03
CA GLN AA 78 52.46 32.36 98.81
C GLN AA 78 50.96 32.26 99.05
N VAL AA 79 50.21 33.12 98.36
CA VAL AA 79 48.75 33.15 98.43
C VAL AA 79 48.21 33.27 97.02
N ILE AA 80 47.20 32.45 96.71
CA ILE AA 80 46.52 32.45 95.42
C ILE AA 80 45.07 32.82 95.68
N ARG AA 81 44.66 34.01 95.25
CA ARG AA 81 43.31 34.49 95.48
C ARG AA 81 42.28 33.84 94.54
N GLN AA 82 42.73 33.18 93.47
CA GLN AA 82 41.79 32.54 92.56
C GLN AA 82 41.04 31.39 93.23
N ARG AA 83 41.73 30.58 94.02
CA ARG AA 83 41.11 29.46 94.72
C ARG AA 83 41.21 29.59 96.24
N ASN AA 84 41.53 30.79 96.75
CA ASN AA 84 41.65 31.05 98.18
C ASN AA 84 42.63 30.07 98.85
N TRP AA 85 43.81 29.97 98.24
CA TRP AA 85 44.87 29.10 98.74
C TRP AA 85 45.92 29.92 99.45
N VAL AA 86 46.40 29.40 100.58
CA VAL AA 86 47.52 29.97 101.31
C VAL AA 86 48.47 28.83 101.66
N VAL AA 87 49.76 29.02 101.37
CA VAL AA 87 50.74 27.96 101.58
C VAL AA 87 51.68 28.39 102.70
N VAL AA 88 52.03 27.43 103.56
CA VAL AA 88 53.00 27.64 104.62
C VAL AA 88 54.24 26.81 104.30
N GLU AA 89 55.38 27.27 104.81
CA GLU AA 89 56.67 26.67 104.44
C GLU AA 89 57.00 25.52 105.39
N GLY AA 90 56.89 24.29 104.88
CA GLY AA 90 57.36 23.13 105.61
C GLY AA 90 56.50 22.68 106.77
N LEU AA 91 55.19 22.83 106.69
CA LEU AA 91 54.29 22.34 107.73
C LEU AA 91 53.39 21.21 107.21
N ASN AA 92 52.63 21.47 106.14
CA ASN AA 92 51.83 20.43 105.49
C ASN AA 92 52.52 20.09 104.19
N THR AA 93 53.25 18.97 104.18
CA THR AA 93 54.21 18.69 103.12
C THR AA 93 54.03 17.28 102.57
N HIS AA 94 54.40 17.13 101.30
CA HIS AA 94 54.52 15.84 100.64
C HIS AA 94 55.85 15.81 99.89
N TYR AA 95 56.45 14.62 99.81
CA TYR AA 95 57.81 14.46 99.31
C TYR AA 95 57.77 14.18 97.81
N ARG AA 96 58.51 14.98 97.04
CA ARG AA 96 58.55 14.85 95.59
C ARG AA 96 59.99 14.86 95.10
N TYR AA 97 60.25 14.11 94.04
CA TYR AA 97 61.57 14.08 93.42
C TYR AA 97 61.65 15.09 92.28
N VAL AA 98 62.75 15.83 92.25
CA VAL AA 98 63.01 16.83 91.22
C VAL AA 98 64.06 16.36 90.22
N GLY AA 99 65.18 15.84 90.73
CA GLY AA 99 66.22 15.32 89.87
C GLY AA 99 65.87 13.93 89.34
N LYS AA 100 65.53 13.85 88.06
CA LYS AA 100 65.11 12.59 87.46
C LYS AA 100 65.85 12.42 86.14
N THR AA 101 66.60 11.32 86.01
CA THR AA 101 67.31 10.99 84.79
C THR AA 101 67.02 9.54 84.44
N VAL AA 102 67.72 9.03 83.43
CA VAL AA 102 67.48 7.66 82.98
C VAL AA 102 67.97 6.65 84.01
N ASP AA 103 69.06 6.97 84.73
CA ASP AA 103 69.63 6.00 85.65
C ASP AA 103 70.00 6.62 87.01
N TYR AA 104 69.45 7.78 87.34
CA TYR AA 104 69.78 8.43 88.60
C TYR AA 104 68.60 9.26 89.09
N ARG AA 105 68.35 9.21 90.39
CA ARG AA 105 67.37 10.07 91.05
C ARG AA 105 67.96 10.56 92.35
N GLY AA 106 67.45 11.69 92.84
CA GLY AA 106 67.95 12.24 94.08
C GLY AA 106 67.22 13.52 94.43
N THR AA 107 67.63 14.09 95.57
CA THR AA 107 67.07 15.34 96.09
C THR AA 107 65.55 15.25 96.23
N MET AA 108 65.11 14.31 97.06
CA MET AA 108 63.69 14.15 97.36
C MET AA 108 63.28 15.30 98.28
N ILE AA 109 62.78 16.38 97.68
CA ILE AA 109 62.48 17.60 98.43
C ILE AA 109 61.04 17.53 98.97
N PRO AA 110 60.81 17.98 100.20
CA PRO AA 110 59.45 18.06 100.74
C PRO AA 110 58.79 19.37 100.31
N SER AA 111 57.87 19.27 99.35
CA SER AA 111 57.11 20.43 98.91
C SER AA 111 55.87 20.60 99.78
N GLU AA 112 55.28 21.78 99.70
CA GLU AA 112 54.18 22.17 100.59
C GLU AA 112 52.86 22.14 99.84
N ALA AA 113 51.88 21.44 100.40
CA ALA AA 113 50.55 21.40 99.81
C ALA AA 113 49.76 22.65 100.17
N PRO AA 114 48.86 23.08 99.28
CA PRO AA 114 48.09 24.30 99.56
C PRO AA 114 47.03 24.08 100.62
N LEU AA 115 46.65 25.19 101.27
CA LEU AA 115 45.63 25.19 102.30
C LEU AA 115 44.58 26.25 101.99
N LEU AA 116 43.33 25.93 102.30
CA LEU AA 116 42.23 26.88 102.11
C LEU AA 116 42.18 27.88 103.26
N HIS AA 117 41.42 28.95 103.04
CA HIS AA 117 41.26 29.97 104.07
C HIS AA 117 40.50 29.45 105.29
N ASN AA 118 39.63 28.46 105.12
CA ASN AA 118 38.88 27.92 106.24
C ASN AA 118 39.78 27.13 107.19
N GLN AA 119 40.85 26.54 106.68
CA GLN AA 119 41.76 25.73 107.48
C GLN AA 119 42.88 26.54 108.11
N VAL AA 120 42.94 27.85 107.85
CA VAL AA 120 44.02 28.69 108.33
C VAL AA 120 43.42 29.92 109.00
N LYS AA 121 43.88 30.21 110.22
CA LYS AA 121 43.46 31.38 110.95
C LYS AA 121 44.69 32.19 111.36
N LEU AA 122 44.60 33.51 111.20
CA LEU AA 122 45.71 34.38 111.58
C LEU AA 122 45.89 34.40 113.08
N VAL AA 123 47.14 34.49 113.52
CA VAL AA 123 47.50 34.43 114.93
C VAL AA 123 48.16 35.75 115.32
N ASP AA 124 47.63 36.39 116.36
CA ASP AA 124 48.23 37.62 116.85
C ASP AA 124 49.56 37.32 117.53
N PRO AA 125 50.54 38.21 117.39
CA PRO AA 125 51.89 37.94 117.94
C PRO AA 125 51.99 38.06 119.45
N THR AA 126 50.93 38.50 120.14
CA THR AA 126 51.06 38.75 121.57
C THR AA 126 50.99 37.46 122.39
N ASP AA 127 49.87 36.74 122.29
CA ASP AA 127 49.68 35.50 123.04
C ASP AA 127 49.91 34.25 122.19
N ARG AA 128 50.19 34.41 120.90
CA ARG AA 128 50.48 33.29 120.01
C ARG AA 128 49.36 32.25 120.01
N LYS AA 129 48.12 32.74 119.95
CA LYS AA 129 46.95 31.87 119.87
C LYS AA 129 46.09 32.24 118.68
N PRO AA 130 45.40 31.28 118.07
CA PRO AA 130 44.54 31.60 116.93
C PRO AA 130 43.39 32.50 117.33
N THR AA 131 42.98 33.36 116.42
CA THR AA 131 41.89 34.29 116.64
C THR AA 131 41.22 34.65 115.32
N ASP AA 132 39.98 35.11 115.42
CA ASP AA 132 39.22 35.57 114.27
C ASP AA 132 39.60 37.02 113.98
N VAL AA 133 39.92 37.29 112.72
CA VAL AA 133 40.37 38.62 112.32
C VAL AA 133 39.23 39.33 111.60
N GLU AA 134 38.83 40.48 112.14
CA GLU AA 134 37.80 41.31 111.55
C GLU AA 134 38.37 42.68 111.20
N TRP AA 135 38.06 43.15 110.00
CA TRP AA 135 38.56 44.45 109.54
C TRP AA 135 37.87 45.57 110.29
N ARG AA 136 38.66 46.52 110.79
CA ARG AA 136 38.17 47.67 111.52
C ARG AA 136 38.80 48.94 110.96
N PHE AA 137 38.10 50.06 111.14
CA PHE AA 137 38.59 51.37 110.72
C PHE AA 137 38.91 52.18 111.96
N THR AA 138 40.18 52.57 112.11
CA THR AA 138 40.62 53.30 113.29
C THR AA 138 40.29 54.79 113.14
N GLU AA 139 40.39 55.49 114.27
CA GLU AA 139 40.14 56.93 114.28
C GLU AA 139 41.21 57.71 113.52
N ALA AA 140 42.38 57.12 113.29
CA ALA AA 140 43.48 57.78 112.62
C ALA AA 140 43.43 57.62 111.10
N GLY AA 141 42.33 57.10 110.56
CA GLY AA 141 42.22 56.90 109.14
C GLY AA 141 42.92 55.67 108.61
N GLU AA 142 43.45 54.82 109.48
CA GLU AA 142 44.14 53.61 109.08
C GLU AA 142 43.24 52.39 109.24
N ARG AA 143 43.20 51.57 108.20
CA ARG AA 143 42.43 50.33 108.21
C ARG AA 143 43.36 49.21 108.65
N VAL AA 144 43.20 48.78 109.90
CA VAL AA 144 44.03 47.73 110.47
C VAL AA 144 43.13 46.58 110.90
N ARG AA 145 43.71 45.37 110.93
CA ARG AA 145 42.97 44.19 111.33
C ARG AA 145 42.98 44.06 112.85
N VAL AA 146 41.80 43.88 113.45
CA VAL AA 146 41.64 43.81 114.88
C VAL AA 146 41.07 42.44 115.25
N SER AA 147 41.73 41.74 116.16
CA SER AA 147 41.25 40.45 116.62
C SER AA 147 40.11 40.62 117.61
N THR AA 148 39.21 39.63 117.63
CA THR AA 148 38.08 39.64 118.53
C THR AA 148 38.23 38.71 119.73
N ARG AA 149 39.07 37.68 119.61
CA ARG AA 149 39.28 36.76 120.72
C ARG AA 149 39.91 37.48 121.91
N SER AA 150 40.91 38.32 121.64
CA SER AA 150 41.60 39.06 122.68
C SER AA 150 41.34 40.56 122.65
N GLY AA 151 41.06 41.12 121.48
CA GLY AA 151 40.83 42.55 121.35
C GLY AA 151 42.11 43.32 121.08
N ARG AA 152 42.91 42.83 120.16
CA ARG AA 152 44.19 43.42 119.80
C ARG AA 152 44.24 43.63 118.28
N ILE AA 153 45.27 44.34 117.84
CA ILE AA 153 45.48 44.61 116.42
C ILE AA 153 46.67 43.79 115.94
N ILE AA 154 46.67 43.51 114.64
CA ILE AA 154 47.71 42.73 113.99
C ILE AA 154 48.34 43.58 112.89
N PRO AA 155 49.63 43.88 112.97
CA PRO AA 155 50.26 44.71 111.93
C PRO AA 155 50.34 43.98 110.61
N LYS AA 156 50.47 44.76 109.54
CA LYS AA 156 50.56 44.20 108.19
C LYS AA 156 51.89 43.45 108.04
N PRO AA 157 51.87 42.20 107.60
CA PRO AA 157 53.12 41.43 107.47
C PRO AA 157 53.90 41.82 106.22
N GLU AA 158 54.71 42.87 106.31
CA GLU AA 158 55.51 43.30 105.17
C GLU AA 158 56.40 42.17 104.68
N PHE AA 159 56.32 41.87 103.38
CA PHE AA 159 57.00 40.76 102.75
C PHE AA 159 57.89 41.25 101.61
N PRO AA 160 59.11 40.73 101.50
CA PRO AA 160 59.99 41.16 100.40
C PRO AA 160 59.39 40.84 99.04
N ARG AA 161 59.61 41.74 98.08
CA ARG AA 161 59.03 41.59 96.76
C ARG AA 161 59.72 40.45 96.01
N ALA AA 162 59.07 40.01 94.93
CA ALA AA 162 59.58 38.90 94.14
C ALA AA 162 60.81 39.25 93.32
N ASP AA 163 61.07 40.54 93.12
CA ASP AA 163 62.25 40.94 92.35
C ASP AA 163 63.54 40.62 93.09
N GLY AA 164 63.53 40.71 94.42
CA GLY AA 164 64.68 40.37 95.22
C GLY AA 164 65.66 41.49 95.45
N ILE AA 165 65.32 42.73 95.13
CA ILE AA 165 66.19 43.87 95.32
C ILE AA 165 65.63 44.71 96.45
N VAL AA 166 66.47 44.99 97.46
CA VAL AA 166 66.06 45.76 98.63
C VAL AA 166 66.48 47.22 98.44
N PRO AA 167 65.60 48.18 98.73
CA PRO AA 167 65.99 49.59 98.62
C PRO AA 167 67.09 50.01 99.58
N GLU AA 168 67.29 49.27 100.67
CA GLU AA 168 68.28 49.64 101.67
C GLU AA 168 69.69 49.59 101.10
N THR AA 169 70.02 48.52 100.37
CA THR AA 169 71.34 48.35 99.76
C THR AA 169 71.17 48.33 98.24
N TRP AA 170 71.57 49.41 97.60
CA TRP AA 170 71.48 49.53 96.15
C TRP AA 170 72.61 50.41 95.65
N ILE AA 171 73.16 50.06 94.49
CA ILE AA 171 74.24 50.80 93.86
C ILE AA 171 73.77 51.30 92.51
N ASP AA 172 73.92 52.59 92.26
CA ASP AA 172 73.49 53.18 91.00
C ASP AA 172 74.53 52.90 89.91
N GLY AA 173 74.07 52.30 88.82
CA GLY AA 173 74.93 51.99 87.71
C GLY AA 173 75.06 53.17 86.76
N PRO AA 174 75.83 52.98 85.67
CA PRO AA 174 75.99 54.07 84.70
C PRO AA 174 74.67 54.51 84.06
N LYS AA 175 73.69 53.61 83.98
CA LYS AA 175 72.42 53.90 83.34
C LYS AA 175 71.32 54.24 84.34
N ASP AA 176 71.67 54.58 85.57
CA ASP AA 176 70.71 54.93 86.60
C ASP AA 176 70.94 56.35 87.08
N THR AA 177 69.85 57.04 87.39
CA THR AA 177 69.90 58.39 87.93
C THR AA 177 69.95 58.35 89.44
N SER AA 178 70.48 59.41 90.03
CA SER AA 178 70.51 59.55 91.48
C SER AA 178 69.16 60.04 91.99
N VAL AA 179 69.00 60.00 93.31
CA VAL AA 179 67.77 60.48 93.92
C VAL AA 179 67.59 61.98 93.69
N GLU AA 180 68.68 62.74 93.73
CA GLU AA 180 68.58 64.18 93.49
C GLU AA 180 68.10 64.46 92.07
N ASP AA 181 68.65 63.74 91.09
CA ASP AA 181 68.21 63.90 89.71
C ASP AA 181 66.77 63.44 89.51
N ALA AA 182 66.36 62.37 90.19
CA ALA AA 182 65.00 61.88 90.06
C ALA AA 182 63.99 62.86 90.65
N LEU AA 183 64.31 63.44 91.80
CA LEU AA 183 63.38 64.33 92.50
C LEU AA 183 63.58 65.80 92.16
N GLU AA 184 64.53 66.12 91.28
CA GLU AA 184 64.77 67.51 90.90
C GLU AA 184 63.63 67.99 90.00
N LYS AA 185 62.87 68.97 90.48
CA LYS AA 185 61.73 69.51 89.75
C LYS AA 185 62.17 70.76 88.98
N THR AA 186 62.03 70.70 87.65
CA THR AA 186 62.37 71.83 86.79
C THR AA 186 61.19 72.30 85.96
N TYR AA 187 59.99 71.80 86.25
CA TYR AA 187 58.82 72.12 85.44
C TYR AA 187 58.43 73.59 85.62
N VAL AA 188 58.22 74.27 84.50
CA VAL AA 188 57.70 75.64 84.51
C VAL AA 188 56.29 75.60 83.93
N PRO AA 189 55.26 75.64 84.76
CA PRO AA 189 53.89 75.46 84.25
C PRO AA 189 53.38 76.66 83.48
N ARG AA 190 53.75 76.77 82.21
CA ARG AA 190 53.26 77.81 81.34
C ARG AA 190 52.42 77.21 80.22
N LEU AA 191 51.85 78.10 79.39
CA LEU AA 191 50.86 77.71 78.40
C LEU AA 191 51.43 77.55 76.99
N LYS AA 192 52.66 77.05 76.88
CA LYS AA 192 53.28 76.82 75.59
C LYS AA 192 53.45 75.32 75.33
N THR AA 193 53.24 74.92 74.08
CA THR AA 193 53.33 73.53 73.72
C THR AA 193 54.78 73.04 73.75
N LEU AA 194 54.94 71.72 73.77
CA LEU AA 194 56.27 71.13 73.75
C LEU AA 194 57.01 71.48 72.47
N GLU AA 195 56.31 71.46 71.33
CA GLU AA 195 56.95 71.79 70.07
C GLU AA 195 57.46 73.23 70.06
N GLU AA 196 56.63 74.17 70.53
CA GLU AA 196 57.04 75.56 70.59
C GLU AA 196 58.19 75.75 71.58
N GLU AA 197 58.14 75.06 72.72
CA GLU AA 197 59.23 75.13 73.69
C GLU AA 197 60.54 74.68 73.07
N VAL AA 198 60.52 73.54 72.37
CA VAL AA 198 61.74 73.02 71.76
C VAL AA 198 62.25 73.95 70.67
N MET AA 199 61.34 74.48 69.84
CA MET AA 199 61.76 75.39 68.78
C MET AA 199 62.39 76.65 69.34
N GLU AA 200 61.78 77.22 70.38
CA GLU AA 200 62.34 78.42 70.99
C GLU AA 200 63.66 78.14 71.71
N ALA AA 201 63.82 76.95 72.30
CA ALA AA 201 65.07 76.61 72.96
C ALA AA 201 66.20 76.41 71.94
N MET AA 202 65.89 75.76 70.82
CA MET AA 202 66.91 75.46 69.82
C MET AA 202 67.09 76.57 68.78
N GLY AA 203 66.27 77.62 68.84
CA GLY AA 203 66.42 78.72 67.90
C GLY AA 203 65.92 78.44 66.51
N ILE AA 204 65.09 77.41 66.32
CA ILE AA 204 64.54 77.11 65.00
C ILE AA 204 63.58 78.21 64.60
N GLN AA 205 63.75 78.72 63.38
CA GLN AA 205 62.95 79.84 62.87
C GLN AA 205 62.05 79.34 61.75
N GLU AA 206 60.74 79.57 61.89
CA GLU AA 206 59.76 79.24 60.87
C GLU AA 206 58.93 80.47 60.59
N THR AA 207 58.82 80.85 59.33
CA THR AA 207 58.09 82.05 58.92
C THR AA 207 56.76 81.74 58.26
N ARG AA 208 56.75 80.86 57.27
CA ARG AA 208 55.53 80.53 56.55
C ARG AA 208 54.57 79.78 57.47
N ARG AA 209 53.28 79.88 57.15
CA ARG AA 209 52.22 79.28 57.93
C ARG AA 209 51.32 78.44 57.03
N HIS AA 210 50.61 77.51 57.66
CA HIS AA 210 49.75 76.59 56.92
C HIS AA 210 48.58 77.33 56.28
N LYS AA 211 48.14 76.81 55.13
CA LYS AA 211 47.00 77.36 54.42
C LYS AA 211 45.71 76.83 55.05
N LYS AA 212 44.58 77.06 54.40
CA LYS AA 212 43.29 76.59 54.89
C LYS AA 212 43.10 75.13 54.53
N VAL AA 213 42.77 74.30 55.51
CA VAL AA 213 42.54 72.87 55.32
C VAL AA 213 41.14 72.54 55.79
N TYR AA 214 40.38 71.88 54.93
CA TYR AA 214 39.02 71.47 55.26
C TYR AA 214 39.03 70.12 55.97
N TRP AA 215 38.15 69.98 56.97
CA TRP AA 215 38.07 68.78 57.78
C TRP AA 215 36.68 68.17 57.62
N TYR AA 216 36.62 67.00 57.01
CA TYR AA 216 35.36 66.26 56.86
C TYR AA 216 35.63 64.81 56.52
N ALA BA 30 19.90 71.92 11.37
CA ALA BA 30 21.01 71.04 10.98
C ALA BA 30 21.04 69.80 11.85
N TYR BA 31 22.18 69.11 11.83
CA TYR BA 31 22.37 67.89 12.62
C TYR BA 31 23.50 68.14 13.62
N GLU BA 32 23.14 68.37 14.88
CA GLU BA 32 24.14 68.57 15.91
C GLU BA 32 24.91 67.29 16.16
N TRP BA 33 26.23 67.42 16.34
CA TRP BA 33 27.09 66.26 16.52
C TRP BA 33 27.20 65.80 17.97
N GLY BA 34 26.53 66.48 18.88
CA GLY BA 34 26.50 66.07 20.28
C GLY BA 34 25.29 65.19 20.57
N VAL BA 35 25.48 64.25 21.48
CA VAL BA 35 24.44 63.31 21.88
C VAL BA 35 24.04 63.59 23.32
N ARG BA 36 22.74 63.73 23.56
CA ARG BA 36 22.26 64.08 24.89
C ARG BA 36 22.65 63.04 25.93
N SER BA 37 22.72 61.77 25.54
CA SER BA 37 23.08 60.71 26.48
C SER BA 37 24.52 60.87 26.97
N THR BA 38 25.46 61.22 26.09
CA THR BA 38 26.86 61.31 26.45
C THR BA 38 27.32 62.72 26.81
N ARG BA 39 26.53 63.74 26.50
CA ARG BA 39 26.90 65.10 26.88
C ARG BA 39 26.80 65.27 28.39
N LYS BA 40 27.36 66.36 28.89
CA LYS BA 40 27.31 66.64 30.31
C LYS BA 40 25.86 66.86 30.73
N PRO BA 41 25.37 66.15 31.74
CA PRO BA 41 23.95 66.27 32.10
C PRO BA 41 23.62 67.64 32.69
N GLU BA 42 22.39 68.06 32.44
CA GLU BA 42 21.89 69.30 33.01
C GLU BA 42 21.76 69.16 34.52
N PRO BA 43 22.09 70.19 35.30
CA PRO BA 43 21.90 70.10 36.74
C PRO BA 43 20.45 69.84 37.08
N PRO BA 44 20.19 69.07 38.13
CA PRO BA 44 18.80 68.73 38.49
C PRO BA 44 18.00 69.97 38.84
N PRO BA 45 16.69 69.97 38.58
CA PRO BA 45 15.87 71.13 38.92
C PRO BA 45 15.90 71.41 40.40
N LEU BA 46 15.88 72.70 40.75
CA LEU BA 46 15.96 73.11 42.14
C LEU BA 46 14.71 72.67 42.91
N ASP BA 47 14.88 72.44 44.20
CA ASP BA 47 13.76 72.05 45.04
C ASP BA 47 12.76 73.20 45.16
N ARG BA 48 11.51 72.84 45.48
CA ARG BA 48 10.41 73.80 45.53
C ARG BA 48 10.60 74.87 46.60
N VAL BA 49 11.48 74.65 47.58
CA VAL BA 49 11.67 75.63 48.64
C VAL BA 49 12.33 76.90 48.13
N TYR BA 50 13.07 76.82 47.02
CA TYR BA 50 13.81 77.96 46.51
C TYR BA 50 12.94 78.96 45.75
N GLU BA 51 11.72 78.58 45.38
CA GLU BA 51 10.82 79.48 44.66
C GLU BA 51 9.95 80.31 45.60
N ILE BA 52 10.07 80.13 46.91
CA ILE BA 52 9.25 80.85 47.87
C ILE BA 52 9.97 82.14 48.23
N PRO BA 53 9.40 83.31 47.93
CA PRO BA 53 10.06 84.57 48.32
C PRO BA 53 10.15 84.71 49.83
N GLY BA 54 11.28 85.25 50.28
CA GLY BA 54 11.48 85.50 51.70
C GLY BA 54 11.42 84.26 52.58
N LEU BA 55 11.99 83.15 52.13
CA LEU BA 55 12.00 81.92 52.90
C LEU BA 55 13.37 81.26 52.77
N GLU BA 56 13.93 80.86 53.91
CA GLU BA 56 15.23 80.21 53.92
C GLU BA 56 15.06 78.70 53.80
N PRO BA 57 15.60 78.06 52.78
CA PRO BA 57 15.52 76.61 52.70
C PRO BA 57 16.39 75.95 53.76
N ILE BA 58 15.96 74.76 54.19
CA ILE BA 58 16.69 73.96 55.15
C ILE BA 58 17.38 72.84 54.38
N THR BA 59 18.70 72.86 54.35
CA THR BA 59 19.51 71.93 53.59
C THR BA 59 20.36 71.09 54.52
N TYR BA 60 21.20 70.23 53.93
CA TYR BA 60 22.11 69.38 54.66
C TYR BA 60 23.53 69.93 54.67
N ALA BA 61 23.70 71.19 54.31
CA ALA BA 61 25.03 71.81 54.36
C ALA BA 61 25.58 71.88 55.77
N GLY BA 62 24.71 71.96 56.78
CA GLY BA 62 25.17 72.00 58.15
C GLY BA 62 25.85 70.74 58.61
N LYS BA 63 25.36 69.58 58.17
CA LYS BA 63 25.92 68.30 58.56
C LYS BA 63 27.03 67.83 57.63
N MET BA 64 27.31 68.59 56.55
CA MET BA 64 28.43 68.32 55.65
C MET BA 64 28.31 66.96 54.97
N HIS BA 65 27.08 66.46 54.81
CA HIS BA 65 26.86 65.22 54.06
C HIS BA 65 25.42 65.20 53.60
N PHE BA 66 25.17 64.40 52.57
CA PHE BA 66 23.84 64.31 51.99
C PHE BA 66 22.91 63.45 52.83
N MET BA 67 21.66 63.90 52.97
CA MET BA 67 20.62 63.14 53.64
C MET BA 67 19.31 63.37 52.90
N PRO BA 68 18.51 62.32 52.72
CA PRO BA 68 17.21 62.49 52.05
C PRO BA 68 16.24 63.30 52.90
N GLY BA 69 15.34 64.00 52.21
CA GLY BA 69 14.32 64.80 52.85
C GLY BA 69 14.69 66.25 53.04
N LEU BA 70 15.96 66.60 52.90
CA LEU BA 70 16.41 67.98 53.03
C LEU BA 70 16.63 68.60 51.66
N ALA BA 71 16.56 69.93 51.62
CA ALA BA 71 16.70 70.65 50.37
C ALA BA 71 18.14 70.58 49.86
N ARG BA 72 18.30 70.77 48.55
CA ARG BA 72 19.62 70.75 47.94
C ARG BA 72 20.29 72.10 48.14
N PRO BA 73 21.41 72.17 48.87
CA PRO BA 73 22.08 73.46 49.04
C PRO BA 73 22.71 73.94 47.76
N VAL BA 74 22.72 75.26 47.59
CA VAL BA 74 23.37 75.90 46.45
C VAL BA 74 24.66 76.55 46.93
N PHE BA 75 25.76 76.16 46.32
CA PHE BA 75 27.01 76.72 46.81
C PHE BA 75 27.57 77.76 45.84
N PRO BA 76 28.18 78.82 46.36
CA PRO BA 76 28.85 79.78 45.49
C PRO BA 76 30.07 79.17 44.86
N PRO BA 77 30.52 79.70 43.71
CA PRO BA 77 31.74 79.18 43.09
C PRO BA 77 32.93 79.28 44.04
N TRP BA 78 33.55 78.13 44.30
CA TRP BA 78 34.63 78.07 45.27
C TRP BA 78 35.84 78.86 44.77
N ASP BA 79 36.35 79.74 45.63
CA ASP BA 79 37.46 80.62 45.26
C ASP BA 79 38.70 80.21 46.02
N PRO BA 80 39.68 79.58 45.37
CA PRO BA 80 40.94 79.26 46.06
C PRO BA 80 41.82 80.48 46.25
N GLY BA 81 41.57 81.22 47.33
CA GLY BA 81 42.26 82.46 47.63
C GLY BA 81 43.76 82.45 47.36
N TRP BA 82 44.41 81.32 47.62
CA TRP BA 82 45.81 81.12 47.24
C TRP BA 82 45.85 80.26 45.99
N THR BA 83 46.52 80.78 44.95
CA THR BA 83 46.53 80.15 43.63
C THR BA 83 47.53 79.00 43.62
N HIS BA 84 47.04 77.81 43.27
CA HIS BA 84 47.93 76.67 43.12
C HIS BA 84 48.20 76.42 41.65
N PRO BA 85 49.46 76.19 41.27
CA PRO BA 85 49.80 76.03 39.85
C PRO BA 85 49.11 74.86 39.18
N LYS BA 86 49.26 73.66 39.73
CA LYS BA 86 48.79 72.45 39.06
C LYS BA 86 47.27 72.34 39.07
N PHE BA 87 46.63 72.73 40.17
CA PHE BA 87 45.21 72.45 40.37
C PHE BA 87 44.30 73.64 40.08
N ARG BA 88 44.80 74.67 39.41
CA ARG BA 88 43.96 75.80 39.06
C ARG BA 88 43.39 75.62 37.65
N ARG BA 89 42.37 76.42 37.35
CA ARG BA 89 41.74 76.36 36.05
C ARG BA 89 42.64 76.99 34.98
N LEU BA 90 42.47 76.54 33.75
CA LEU BA 90 43.26 77.07 32.65
C LEU BA 90 42.83 78.49 32.33
N PRO BA 91 43.75 79.45 32.29
CA PRO BA 91 43.36 80.83 32.01
C PRO BA 91 42.79 80.96 30.61
N PRO BA 92 41.85 81.89 30.40
CA PRO BA 92 41.29 82.09 29.06
C PRO BA 92 42.32 82.62 28.09
N LEU BA 93 42.07 82.35 26.80
CA LEU BA 93 43.01 82.77 25.76
C LEU BA 93 43.14 84.28 25.68
N HIS BA 94 42.03 85.01 25.79
CA HIS BA 94 42.06 86.46 25.72
C HIS BA 94 42.79 87.09 26.89
N GLU BA 95 42.94 86.39 28.01
CA GLU BA 95 43.63 86.93 29.17
C GLU BA 95 45.13 87.04 28.95
N HIS BA 96 45.69 86.25 28.02
CA HIS BA 96 47.13 86.26 27.81
C HIS BA 96 47.57 87.63 27.27
N PRO BA 97 48.70 88.15 27.75
CA PRO BA 97 49.15 89.48 27.29
C PRO BA 97 49.46 89.52 25.80
N LEU BA 98 49.75 88.39 25.18
CA LEU BA 98 50.08 88.34 23.76
C LEU BA 98 48.86 88.14 22.87
N TYR BA 99 47.66 88.13 23.45
CA TYR BA 99 46.45 87.95 22.66
C TYR BA 99 46.26 89.12 21.71
N LYS BA 100 45.94 88.82 20.46
CA LYS BA 100 45.75 89.84 19.43
C LYS BA 100 44.46 89.56 18.67
N ASP BA 101 43.78 90.64 18.28
CA ASP BA 101 42.52 90.51 17.56
C ASP BA 101 42.73 89.89 16.19
N GLN BA 102 43.79 90.30 15.48
CA GLN BA 102 44.05 89.77 14.14
C GLN BA 102 44.52 88.33 14.23
N ALA BA 103 43.79 87.43 13.57
CA ALA BA 103 44.15 86.02 13.57
C ALA BA 103 45.29 85.79 12.60
N CYS BA 104 46.37 85.18 13.09
CA CYS BA 104 47.55 84.90 12.28
C CYS BA 104 47.56 83.43 11.86
N TYR BA 105 47.95 83.18 10.62
CA TYR BA 105 48.00 81.81 10.11
C TYR BA 105 49.43 81.29 10.31
N VAL BA 106 49.57 80.39 11.27
CA VAL BA 106 50.87 79.82 11.62
C VAL BA 106 51.09 78.54 10.84
N PHE BA 107 52.31 78.34 10.38
CA PHE BA 107 52.74 77.10 9.74
C PHE BA 107 53.84 76.49 10.59
N HIS BA 108 53.55 75.34 11.20
CA HIS BA 108 54.52 74.63 12.01
C HIS BA 108 55.06 73.43 11.24
N GLN BA 109 55.83 72.58 11.94
CA GLN BA 109 56.52 71.48 11.29
C GLN BA 109 55.54 70.47 10.68
N ARG BA 110 54.48 70.15 11.41
CA ARG BA 110 53.56 69.09 11.01
C ARG BA 110 52.30 69.63 10.33
N CYS BA 111 52.35 70.82 9.76
CA CYS BA 111 51.22 71.36 9.02
C CYS BA 111 51.09 70.66 7.68
N ARG BA 112 49.85 70.43 7.25
CA ARG BA 112 49.56 69.78 5.99
C ARG BA 112 48.86 70.74 5.04
N LEU BA 113 49.30 70.76 3.79
CA LEU BA 113 48.73 71.61 2.76
C LEU BA 113 48.00 70.77 1.74
N LEU BA 114 46.79 71.20 1.37
CA LEU BA 114 45.99 70.46 0.40
C LEU BA 114 46.62 70.55 -0.99
N GLU BA 115 46.76 71.75 -1.53
CA GLU BA 115 47.45 71.98 -2.79
C GLU BA 115 48.87 72.45 -2.50
N GLY BA 116 49.65 71.54 -1.90
CA GLY BA 116 50.95 71.83 -1.33
C GLY BA 116 51.85 72.74 -2.13
N VAL BA 117 52.26 72.30 -3.32
CA VAL BA 117 53.18 73.10 -4.14
C VAL BA 117 52.52 74.41 -4.54
N LYS BA 118 51.28 74.36 -5.02
CA LYS BA 118 50.61 75.58 -5.48
C LYS BA 118 50.38 76.56 -4.33
N GLN BA 119 49.90 76.05 -3.19
CA GLN BA 119 49.68 76.92 -2.04
C GLN BA 119 50.99 77.53 -1.55
N ALA BA 120 52.05 76.72 -1.50
CA ALA BA 120 53.35 77.25 -1.08
C ALA BA 120 53.84 78.33 -2.03
N LEU BA 121 53.71 78.10 -3.34
CA LEU BA 121 54.14 79.11 -4.31
C LEU BA 121 53.34 80.39 -4.16
N TRP BA 122 52.02 80.27 -3.96
CA TRP BA 122 51.19 81.46 -3.81
C TRP BA 122 51.55 82.23 -2.54
N LEU BA 123 51.76 81.51 -1.43
CA LEU BA 123 52.08 82.18 -0.18
C LEU BA 123 53.50 82.73 -0.15
N THR BA 124 54.39 82.20 -0.99
CA THR BA 124 55.79 82.60 -0.97
C THR BA 124 56.17 83.58 -2.07
N LYS BA 125 55.33 83.74 -3.09
CA LYS BA 125 55.67 84.55 -4.27
C LYS BA 125 56.97 84.05 -4.90
N THR BA 126 56.93 82.81 -5.37
CA THR BA 126 58.10 82.14 -5.92
C THR BA 126 57.74 81.50 -7.25
N GLN BA 127 58.74 81.40 -8.13
CA GLN BA 127 58.60 80.72 -9.41
C GLN BA 127 59.30 79.37 -9.35
N LEU BA 128 58.60 78.33 -9.78
CA LEU BA 128 59.07 76.96 -9.68
C LEU BA 128 59.84 76.55 -10.93
N ILE BA 129 60.94 75.85 -10.73
CA ILE BA 129 61.75 75.30 -11.82
C ILE BA 129 61.99 73.82 -11.53
N GLU BA 130 61.91 73.00 -12.58
CA GLU BA 130 62.06 71.56 -12.41
C GLU BA 130 63.51 71.18 -12.13
N GLY BA 131 64.42 71.53 -13.04
CA GLY BA 131 65.79 71.13 -12.91
C GLY BA 131 66.54 71.90 -11.84
N LEU BA 132 67.66 71.31 -11.41
CA LEU BA 132 68.55 71.93 -10.46
C LEU BA 132 69.34 73.06 -11.13
N PRO BA 133 69.88 73.99 -10.34
CA PRO BA 133 70.66 75.09 -10.92
C PRO BA 133 71.90 74.58 -11.66
N GLU BA 134 72.36 75.40 -12.60
CA GLU BA 134 73.48 75.02 -13.45
C GLU BA 134 74.75 74.78 -12.64
N LYS BA 135 75.01 75.63 -11.65
CA LYS BA 135 76.20 75.44 -10.81
C LYS BA 135 76.13 74.11 -10.05
N VAL BA 136 74.96 73.79 -9.51
CA VAL BA 136 74.80 72.52 -8.79
C VAL BA 136 75.00 71.35 -9.74
N LEU BA 137 74.44 71.43 -10.95
CA LEU BA 137 74.59 70.35 -11.91
C LEU BA 137 76.05 70.16 -12.31
N ARG BA 138 76.78 71.26 -12.52
CA ARG BA 138 78.19 71.16 -12.86
C ARG BA 138 79.00 70.60 -11.71
N LEU BA 139 78.69 70.99 -10.48
CA LEU BA 139 79.40 70.45 -9.33
C LEU BA 139 79.12 68.96 -9.17
N ALA BA 140 77.90 68.52 -9.47
CA ALA BA 140 77.56 67.10 -9.36
C ALA BA 140 78.23 66.29 -10.45
N ASP BA 141 78.03 66.66 -11.71
CA ASP BA 141 78.51 65.85 -12.84
C ASP BA 141 80.02 65.81 -12.96
N ASP BA 142 80.74 66.66 -12.23
CA ASP BA 142 82.20 66.65 -12.28
C ASP BA 142 82.73 65.43 -11.54
N PRO BA 143 83.44 64.51 -12.21
CA PRO BA 143 83.95 63.32 -11.50
C PRO BA 143 85.04 63.63 -10.49
N ARG BA 144 85.67 64.80 -10.57
CA ARG BA 144 86.79 65.10 -9.67
C ARG BA 144 86.34 65.28 -8.23
N ASN BA 145 85.06 65.59 -8.02
CA ASN BA 145 84.54 65.82 -6.68
C ASN BA 145 83.98 64.55 -6.04
N HIS BA 146 84.08 63.42 -6.72
CA HIS BA 146 83.54 62.17 -6.20
C HIS BA 146 84.44 61.62 -5.08
N ILE BA 147 83.87 60.69 -4.31
CA ILE BA 147 84.59 60.03 -3.23
C ILE BA 147 85.44 58.92 -3.84
N GLU BA 148 86.35 58.35 -3.04
CA GLU BA 148 87.26 57.32 -3.53
C GLU BA 148 86.50 56.16 -4.15
N ASN BA 149 85.71 55.45 -3.34
CA ASN BA 149 84.87 54.36 -3.82
C ASN BA 149 83.42 54.75 -3.55
N GLN BA 150 82.86 55.54 -4.47
CA GLN BA 150 81.57 56.17 -4.22
C GLN BA 150 80.44 55.15 -4.21
N ASP BA 151 80.38 54.30 -5.24
CA ASP BA 151 79.28 53.34 -5.36
C ASP BA 151 79.28 52.37 -4.18
N GLU BA 152 80.45 51.82 -3.86
CA GLU BA 152 80.53 50.86 -2.75
C GLU BA 152 80.23 51.54 -1.42
N ARG BA 153 80.73 52.77 -1.23
CA ARG BA 153 80.43 53.48 0.00
C ARG BA 153 78.93 53.71 0.17
N VAL BA 154 78.25 54.13 -0.90
CA VAL BA 154 76.82 54.39 -0.81
C VAL BA 154 76.05 53.10 -0.59
N LEU BA 155 76.45 52.02 -1.28
CA LEU BA 155 75.79 50.73 -1.07
C LEU BA 155 75.95 50.24 0.37
N ASN BA 156 77.16 50.38 0.92
CA ASN BA 156 77.39 49.97 2.30
C ASN BA 156 76.58 50.83 3.26
N ALA BA 157 76.50 52.14 3.00
CA ALA BA 157 75.69 53.01 3.86
C ALA BA 157 74.23 52.61 3.83
N ILE BA 158 73.70 52.33 2.63
CA ILE BA 158 72.30 51.93 2.50
C ILE BA 158 72.05 50.62 3.24
N SER BA 159 72.95 49.64 3.04
CA SER BA 159 72.79 48.35 3.71
C SER BA 159 72.85 48.49 5.22
N HIS BA 160 73.80 49.28 5.72
CA HIS BA 160 73.91 49.49 7.15
C HIS BA 160 72.67 50.18 7.71
N ALA BA 161 72.17 51.21 7.03
CA ALA BA 161 71.00 51.91 7.51
C ALA BA 161 69.77 51.02 7.51
N ARG BA 162 69.57 50.24 6.45
CA ARG BA 162 68.32 49.50 6.32
C ARG BA 162 68.33 48.19 7.12
N LEU BA 163 69.47 47.51 7.22
CA LEU BA 163 69.52 46.19 7.82
C LEU BA 163 70.49 46.12 9.00
N TRP BA 164 71.71 46.63 8.84
CA TRP BA 164 72.77 46.34 9.80
C TRP BA 164 72.72 47.21 11.05
N HIS BA 165 72.08 48.38 11.00
CA HIS BA 165 72.15 49.31 12.12
C HIS BA 165 71.36 48.87 13.33
N SER BA 166 70.51 47.84 13.20
CA SER BA 166 69.68 47.38 14.30
C SER BA 166 69.77 45.87 14.44
N THR BA 167 69.64 45.39 15.67
CA THR BA 167 69.60 43.95 15.92
C THR BA 167 68.34 43.31 15.40
N GLU BA 168 67.30 44.09 15.13
CA GLU BA 168 66.06 43.55 14.59
C GLU BA 168 66.25 43.15 13.13
N ASP BA 169 65.46 42.18 12.68
CA ASP BA 169 65.55 41.72 11.31
C ASP BA 169 65.07 42.79 10.34
N ILE BA 170 63.99 43.48 10.68
CA ILE BA 170 63.40 44.52 9.84
C ILE BA 170 63.28 45.80 10.65
N PRO BA 171 64.30 46.66 10.61
CA PRO BA 171 64.22 47.92 11.35
C PRO BA 171 63.13 48.83 10.80
N LYS BA 172 62.60 49.67 11.69
CA LYS BA 172 61.51 50.56 11.36
C LYS BA 172 62.01 51.83 10.67
N ARG BA 173 61.09 52.51 9.99
CA ARG BA 173 61.44 53.73 9.26
C ARG BA 173 61.90 54.83 10.21
N GLU BA 174 61.24 54.95 11.36
CA GLU BA 174 61.65 55.95 12.34
C GLU BA 174 63.08 55.71 12.81
N THR BA 175 63.59 54.49 12.65
CA THR BA 175 64.98 54.20 12.98
C THR BA 175 65.90 54.43 11.80
N TYR BA 176 65.54 53.93 10.62
CA TYR BA 176 66.50 53.92 9.52
C TYR BA 176 66.46 55.17 8.65
N CYS BA 177 65.53 56.11 8.88
CA CYS BA 177 65.59 57.35 8.12
C CYS BA 177 66.68 58.27 8.65
N PRO BA 178 66.69 58.62 9.94
CA PRO BA 178 67.80 59.44 10.45
C PRO BA 178 69.15 58.78 10.28
N VAL BA 179 69.20 57.44 10.38
CA VAL BA 179 70.47 56.74 10.21
C VAL BA 179 71.01 56.93 8.81
N ILE BA 180 70.16 56.76 7.79
CA ILE BA 180 70.65 56.91 6.42
C ILE BA 180 70.99 58.37 6.13
N VAL BA 181 70.21 59.31 6.67
CA VAL BA 181 70.51 60.72 6.44
C VAL BA 181 71.87 61.07 7.05
N ASP BA 182 72.13 60.60 8.27
CA ASP BA 182 73.40 60.87 8.93
C ASP BA 182 74.54 60.15 8.22
N SER BA 183 74.31 58.96 7.69
CA SER BA 183 75.34 58.27 6.93
C SER BA 183 75.70 59.03 5.67
N LEU BA 184 74.71 59.56 4.95
CA LEU BA 184 75.00 60.39 3.79
C LEU BA 184 75.74 61.65 4.18
N ILE BA 185 75.36 62.25 5.31
CA ILE BA 185 76.06 63.44 5.80
C ILE BA 185 77.52 63.12 6.09
N GLN BA 186 77.78 61.97 6.71
CA GLN BA 186 79.16 61.56 7.00
C GLN BA 186 79.94 61.29 5.72
N LEU BA 187 79.28 60.67 4.73
CA LEU BA 187 79.95 60.44 3.45
C LEU BA 187 80.33 61.76 2.78
N CYS BA 188 79.44 62.75 2.84
CA CYS BA 188 79.78 64.07 2.32
C CYS BA 188 80.90 64.71 3.12
N LYS BA 189 80.89 64.54 4.45
CA LYS BA 189 81.95 65.07 5.30
C LYS BA 189 83.30 64.45 4.96
N SER BA 190 83.29 63.21 4.47
CA SER BA 190 84.54 62.53 4.12
C SER BA 190 85.34 63.25 3.04
N GLN BA 191 84.74 64.24 2.37
CA GLN BA 191 85.43 64.99 1.32
C GLN BA 191 86.13 66.23 1.86
N ILE BA 192 86.08 66.45 3.18
CA ILE BA 192 86.72 67.63 3.76
C ILE BA 192 88.24 67.58 3.60
N LEU BA 193 88.82 66.39 3.51
CA LEU BA 193 90.26 66.28 3.28
C LEU BA 193 90.64 66.87 1.93
N LYS BA 194 89.85 66.59 0.89
CA LYS BA 194 90.12 67.16 -0.42
C LYS BA 194 89.71 68.63 -0.49
N HIS BA 195 88.64 69.00 0.22
CA HIS BA 195 88.18 70.39 0.25
C HIS BA 195 88.27 70.93 1.66
N PRO BA 196 89.35 71.63 2.02
CA PRO BA 196 89.51 72.16 3.38
C PRO BA 196 88.74 73.45 3.63
N SER BA 197 87.45 73.45 3.25
CA SER BA 197 86.58 74.60 3.47
C SER BA 197 85.28 74.24 4.16
N LEU BA 198 84.99 72.96 4.38
CA LEU BA 198 83.76 72.53 5.03
C LEU BA 198 83.77 72.75 6.53
N ALA BA 199 84.91 73.13 7.10
CA ALA BA 199 85.00 73.39 8.54
C ALA BA 199 84.25 74.64 8.97
N ARG BA 200 83.82 75.47 8.02
CA ARG BA 200 83.07 76.68 8.32
C ARG BA 200 81.61 76.41 8.65
N ARG BA 201 81.23 75.16 8.88
CA ARG BA 201 79.85 74.76 9.08
C ARG BA 201 79.67 74.07 10.42
N ILE BA 202 78.42 74.03 10.87
CA ILE BA 202 78.06 73.43 12.14
C ILE BA 202 76.59 73.02 12.09
N CYS BA 203 76.26 71.95 12.80
CA CYS BA 203 74.90 71.41 12.79
C CYS BA 203 74.12 71.87 14.02
N ALA BA 204 72.81 71.98 13.85
CA ALA BA 204 71.91 72.40 14.92
C ALA BA 204 70.64 71.56 14.88
N GLN BA 205 70.14 71.25 16.06
CA GLN BA 205 68.95 70.42 16.24
C GLN BA 205 67.93 71.17 17.08
N ASN BA 206 66.69 71.21 16.59
CA ASN BA 206 65.56 71.76 17.34
C ASN BA 206 65.79 73.20 17.78
N ASN BA 207 65.92 74.07 16.78
CA ASN BA 207 66.05 75.50 17.00
C ASN BA 207 64.79 76.20 16.55
N THR BA 208 64.28 77.12 17.38
CA THR BA 208 63.05 77.81 17.07
C THR BA 208 63.25 78.75 15.90
N LEU BA 209 62.29 78.75 14.97
CA LEU BA 209 62.29 79.65 13.82
C LEU BA 209 60.94 80.33 13.76
N SER BA 210 60.95 81.66 13.58
CA SER BA 210 59.73 82.45 13.55
C SER BA 210 59.91 83.56 12.51
N ALA BA 211 59.23 83.42 11.38
CA ALA BA 211 59.27 84.43 10.32
C ALA BA 211 57.84 84.77 9.95
N THR BA 212 57.42 85.99 10.26
CA THR BA 212 56.05 86.45 10.02
C THR BA 212 56.05 87.54 8.96
N TRP BA 213 55.06 87.50 8.07
CA TRP BA 213 54.92 88.51 7.04
C TRP BA 213 53.45 88.64 6.67
N ASN BA 214 53.08 89.83 6.19
CA ASN BA 214 51.72 90.11 5.77
C ASN BA 214 51.68 90.17 4.24
N ARG BA 215 51.07 89.16 3.63
CA ARG BA 215 50.93 89.08 2.18
C ARG BA 215 49.45 89.15 1.82
N GLU BA 216 49.11 90.10 0.95
CA GLU BA 216 47.75 90.25 0.44
C GLU BA 216 46.75 90.39 1.58
N SER BA 217 47.09 91.25 2.55
CA SER BA 217 46.29 91.50 3.75
C SER BA 217 46.06 90.24 4.57
N ILE BA 218 46.95 89.27 4.47
CA ILE BA 218 46.89 88.03 5.25
C ILE BA 218 48.19 87.91 6.03
N LEU BA 219 48.07 87.73 7.34
CA LEU BA 219 49.24 87.67 8.22
C LEU BA 219 49.65 86.21 8.41
N LEU BA 220 50.68 85.78 7.70
CA LEU BA 220 51.21 84.44 7.79
C LEU BA 220 52.46 84.44 8.66
N GLN BA 221 52.78 83.28 9.22
CA GLN BA 221 53.96 83.16 10.07
C GLN BA 221 54.43 81.72 10.06
N VAL BA 222 55.61 81.48 9.50
CA VAL BA 222 56.26 80.17 9.59
C VAL BA 222 56.94 80.12 10.95
N HIS BA 223 56.41 79.30 11.86
CA HIS BA 223 56.89 79.25 13.24
C HIS BA 223 56.95 77.81 13.69
N GLY BA 224 58.10 77.41 14.22
CA GLY BA 224 58.25 76.06 14.74
C GLY BA 224 59.70 75.66 14.82
N SER BA 225 59.97 74.40 14.49
CA SER BA 225 61.31 73.85 14.48
C SER BA 225 61.42 72.83 13.37
N SER BA 226 62.64 72.63 12.87
CA SER BA 226 62.91 71.69 11.79
C SER BA 226 63.69 70.49 12.32
N GLY BA 227 63.95 69.54 11.42
CA GLY BA 227 64.69 68.35 11.78
C GLY BA 227 66.15 68.64 12.09
N ALA BA 228 66.90 69.03 11.07
CA ALA BA 228 68.30 69.41 11.24
C ALA BA 228 68.57 70.68 10.44
N ARG BA 229 69.49 71.50 10.94
CA ARG BA 229 69.82 72.75 10.28
C ARG BA 229 71.33 72.90 10.21
N LEU BA 230 71.86 73.08 9.01
CA LEU BA 230 73.29 73.33 8.84
C LEU BA 230 73.51 74.83 8.71
N ASN BA 231 74.43 75.36 9.50
CA ASN BA 231 74.75 76.78 9.47
C ASN BA 231 76.22 76.94 9.13
N ALA BA 232 76.57 78.10 8.58
CA ALA BA 232 77.92 78.35 8.13
C ALA BA 232 78.31 79.79 8.38
N LYS BA 233 79.62 80.02 8.40
CA LYS BA 233 80.16 81.36 8.54
C LYS BA 233 80.02 82.17 7.26
N ASP BA 234 80.14 81.53 6.10
CA ASP BA 234 80.15 82.25 4.84
C ASP BA 234 78.79 82.16 4.16
N PRO BA 235 78.34 83.25 3.56
CA PRO BA 235 77.05 83.21 2.83
C PRO BA 235 77.17 82.42 1.54
N LEU BA 236 76.04 81.88 1.11
CA LEU BA 236 75.99 81.16 -0.15
C LEU BA 236 75.80 82.12 -1.30
N PRO BA 237 76.64 82.06 -2.34
CA PRO BA 237 76.51 83.02 -3.43
C PRO BA 237 75.21 82.81 -4.19
N PRO BA 238 74.62 83.87 -4.72
CA PRO BA 238 73.37 83.71 -5.50
C PRO BA 238 73.60 82.87 -6.74
N VAL BA 239 72.58 82.10 -7.13
CA VAL BA 239 72.70 81.18 -8.24
C VAL BA 239 71.77 81.54 -9.40
N ALA BA 240 70.82 82.44 -9.19
CA ALA BA 240 69.90 82.87 -10.23
C ALA BA 240 70.47 84.07 -10.96
N SER BA 241 70.46 84.02 -12.29
CA SER BA 241 71.00 85.10 -13.09
C SER BA 241 70.02 86.26 -13.17
N GLN BA 242 70.56 87.44 -13.52
CA GLN BA 242 69.73 88.62 -13.63
C GLN BA 242 68.68 88.48 -14.72
N GLU BA 243 68.99 87.73 -15.79
CA GLU BA 243 68.00 87.46 -16.82
C GLU BA 243 66.81 86.70 -16.26
N GLU BA 244 67.08 85.67 -15.45
CA GLU BA 244 66.00 84.93 -14.82
C GLU BA 244 65.23 85.81 -13.83
N VAL BA 245 65.94 86.66 -13.09
CA VAL BA 245 65.27 87.55 -12.15
C VAL BA 245 64.32 88.49 -12.87
N GLU BA 246 64.76 89.07 -13.99
CA GLU BA 246 63.90 89.97 -14.75
C GLU BA 246 62.75 89.22 -15.41
N ALA BA 247 62.99 88.01 -15.92
CA ALA BA 247 61.91 87.23 -16.49
C ALA BA 247 60.89 86.81 -15.44
N THR BA 248 61.30 86.71 -14.17
CA THR BA 248 60.37 86.38 -13.11
C THR BA 248 59.28 87.44 -12.95
N LYS BA 249 59.55 88.67 -13.37
CA LYS BA 249 58.54 89.72 -13.28
C LYS BA 249 57.32 89.42 -14.14
N ASN BA 250 57.53 88.87 -15.34
CA ASN BA 250 56.42 88.57 -16.24
C ASN BA 250 55.67 87.31 -15.84
N HIS BA 251 56.17 86.54 -14.88
CA HIS BA 251 55.51 85.33 -14.42
C HIS BA 251 54.34 85.67 -13.50
N VAL BA 252 53.24 84.95 -13.67
CA VAL BA 252 52.03 85.18 -12.89
C VAL BA 252 51.72 83.91 -12.09
N LEU BA 253 51.50 84.07 -10.79
CA LEU BA 253 51.23 82.95 -9.92
C LEU BA 253 49.86 82.34 -10.23
N GLU BA 254 49.80 81.02 -10.22
CA GLU BA 254 48.53 80.32 -10.43
C GLU BA 254 47.62 80.53 -9.23
N THR BA 255 46.34 80.76 -9.51
CA THR BA 255 45.35 81.00 -8.48
C THR BA 255 44.33 79.87 -8.46
N PHE BA 256 43.93 79.47 -7.25
CA PHE BA 256 42.89 78.45 -7.06
C PHE BA 256 41.72 79.13 -6.36
N TYR BA 257 40.59 79.23 -7.05
CA TYR BA 257 39.44 79.97 -6.55
C TYR BA 257 38.72 79.25 -5.41
N PRO BA 258 38.30 77.99 -5.57
CA PRO BA 258 37.51 77.36 -4.49
C PRO BA 258 38.27 77.26 -3.17
N ILE BA 259 39.58 77.12 -3.20
CA ILE BA 259 40.38 76.89 -2.01
C ILE BA 259 41.03 78.21 -1.60
N SER BA 260 40.92 78.55 -0.32
CA SER BA 260 41.63 79.71 0.17
C SER BA 260 43.12 79.39 0.33
N PRO BA 261 43.99 80.39 0.16
CA PRO BA 261 45.43 80.13 0.30
C PRO BA 261 45.85 79.67 1.69
N THR BA 262 45.06 79.97 2.72
CA THR BA 262 45.40 79.64 4.10
C THR BA 262 44.93 78.25 4.52
N MET BA 263 44.57 77.40 3.56
CA MET BA 263 44.13 76.05 3.89
C MET BA 263 45.26 75.26 4.51
N GLY BA 264 44.99 74.60 5.63
CA GLY BA 264 45.96 73.76 6.30
C GLY BA 264 46.80 74.45 7.35
N LEU BA 265 46.74 75.78 7.44
CA LEU BA 265 47.48 76.52 8.44
C LEU BA 265 46.68 76.61 9.73
N GLN BA 266 47.39 76.81 10.84
CA GLN BA 266 46.77 76.90 12.16
C GLN BA 266 46.39 78.36 12.42
N GLU BA 267 45.10 78.62 12.52
CA GLU BA 267 44.63 79.98 12.77
C GLU BA 267 44.72 80.28 14.27
N CYS BA 268 45.70 81.10 14.65
CA CYS BA 268 45.98 81.36 16.06
C CYS BA 268 45.73 82.83 16.38
N ASN BA 269 45.54 83.10 17.67
CA ASN BA 269 45.30 84.45 18.14
C ASN BA 269 46.37 84.97 19.08
N VAL BA 270 47.26 84.13 19.57
CA VAL BA 270 48.36 84.53 20.45
C VAL BA 270 49.67 84.31 19.70
N TYR BA 271 50.38 85.40 19.43
CA TYR BA 271 51.62 85.33 18.67
C TYR BA 271 52.40 86.61 18.88
N ASP BA 272 53.65 86.61 18.44
CA ASP BA 272 54.52 87.78 18.50
C ASP BA 272 55.06 88.07 17.11
N VAL BA 273 54.97 89.33 16.71
CA VAL BA 273 55.47 89.75 15.38
C VAL BA 273 56.93 90.14 15.58
N ASN BA 274 57.80 89.12 15.58
CA ASN BA 274 59.22 89.32 15.77
C ASN BA 274 59.98 88.31 14.92
N ASP BA 275 61.04 88.76 14.27
CA ASP BA 275 61.87 87.90 13.42
C ASP BA 275 62.88 87.19 14.32
N ASP BA 276 62.45 86.08 14.91
CA ASP BA 276 63.27 85.29 15.82
C ASP BA 276 63.87 84.13 15.03
N THR BA 277 65.18 84.19 14.79
CA THR BA 277 65.88 83.11 14.10
C THR BA 277 66.28 82.05 15.13
N GLY BA 278 67.05 81.05 14.68
CA GLY BA 278 67.43 79.97 15.56
C GLY BA 278 68.52 80.30 16.56
N PHE BA 279 69.17 81.45 16.43
CA PHE BA 279 70.26 81.83 17.31
C PHE BA 279 70.11 83.28 17.72
N GLN BA 280 70.92 83.69 18.69
CA GLN BA 280 70.92 85.08 19.15
C GLN BA 280 71.92 85.88 18.32
N GLU BA 281 72.18 87.12 18.72
CA GLU BA 281 73.08 87.99 17.99
C GLU BA 281 74.53 87.52 18.16
N GLY BA 282 75.35 87.83 17.16
CA GLY BA 282 76.76 87.49 17.21
C GLY BA 282 77.06 86.02 17.04
N TYR BA 283 76.17 85.28 16.40
CA TYR BA 283 76.39 83.84 16.22
C TYR BA 283 77.50 83.62 15.19
N PRO BA 284 78.49 82.79 15.49
CA PRO BA 284 79.65 82.64 14.58
C PRO BA 284 79.30 82.00 13.25
N TYR BA 285 78.17 81.32 13.13
CA TYR BA 285 77.78 80.62 11.90
C TYR BA 285 76.40 81.13 11.47
N PRO BA 286 76.33 82.34 10.95
CA PRO BA 286 75.02 82.98 10.73
C PRO BA 286 74.22 82.42 9.56
N CYS BA 287 74.87 82.09 8.44
CA CYS BA 287 74.14 81.85 7.20
C CYS BA 287 73.68 80.41 7.14
N PRO BA 288 72.37 80.14 7.09
CA PRO BA 288 71.92 78.75 6.90
C PRO BA 288 72.28 78.24 5.52
N HIS BA 289 72.70 76.97 5.45
CA HIS BA 289 73.10 76.36 4.20
C HIS BA 289 72.11 75.29 3.74
N THR BA 290 71.76 74.35 4.62
CA THR BA 290 70.88 73.25 4.23
C THR BA 290 70.01 72.83 5.40
N LEU BA 291 68.71 72.80 5.17
CA LEU BA 291 67.75 72.18 6.07
C LEU BA 291 67.61 70.71 5.74
N TYR BA 292 67.36 69.89 6.77
CA TYR BA 292 67.19 68.46 6.61
C TYR BA 292 65.89 68.05 7.27
N PHE BA 293 64.97 67.50 6.49
CA PHE BA 293 63.67 67.05 6.97
C PHE BA 293 63.59 65.54 6.84
N LEU BA 294 63.09 64.89 7.89
CA LEU BA 294 62.99 63.43 7.94
C LEU BA 294 61.53 63.05 8.13
N GLU BA 295 61.03 62.17 7.26
CA GLU BA 295 59.67 61.63 7.41
C GLU BA 295 59.75 60.29 8.13
N SER BA 296 60.21 60.36 9.39
CA SER BA 296 60.40 59.17 10.21
C SER BA 296 59.08 58.82 10.90
N ALA BA 297 58.20 58.17 10.14
CA ALA BA 297 56.93 57.69 10.68
C ALA BA 297 56.65 56.31 10.10
N ASN BA 298 56.22 55.40 10.96
CA ASN BA 298 55.99 54.02 10.54
C ASN BA 298 54.71 53.86 9.73
N LEU BA 299 53.80 54.82 9.80
CA LEU BA 299 52.49 54.70 9.16
C LEU BA 299 52.38 55.65 7.97
N ARG BA 300 51.79 55.14 6.90
CA ARG BA 300 51.45 55.99 5.75
C ARG BA 300 50.61 57.20 6.16
N PRO BA 301 49.55 57.06 6.97
CA PRO BA 301 48.83 58.28 7.41
C PRO BA 301 49.70 59.25 8.18
N ARG BA 302 50.62 58.75 9.02
CA ARG BA 302 51.44 59.65 9.83
C ARG BA 302 52.57 60.29 9.02
N ARG BA 303 52.92 59.71 7.88
CA ARG BA 303 53.93 60.33 7.03
C ARG BA 303 53.32 61.46 6.21
N PHE BA 304 54.20 62.19 5.52
CA PHE BA 304 53.80 63.26 4.63
C PHE BA 304 53.76 62.78 3.18
N GLN BA 305 52.82 63.33 2.42
CA GLN BA 305 52.85 63.16 0.98
C GLN BA 305 54.05 63.91 0.40
N PRO BA 306 54.56 63.48 -0.75
CA PRO BA 306 55.69 64.21 -1.35
C PRO BA 306 55.38 65.68 -1.63
N ASP BA 307 54.16 65.97 -2.09
CA ASP BA 307 53.77 67.36 -2.35
C ASP BA 307 53.76 68.17 -1.07
N GLN BA 308 53.18 67.61 -0.01
CA GLN BA 308 53.14 68.29 1.29
C GLN BA 308 54.54 68.50 1.85
N LEU BA 309 55.43 67.51 1.69
CA LEU BA 309 56.80 67.66 2.15
C LEU BA 309 57.52 68.75 1.38
N ARG BA 310 57.30 68.83 0.07
CA ARG BA 310 57.89 69.91 -0.71
C ARG BA 310 57.39 71.27 -0.25
N ALA BA 311 56.08 71.37 0.01
CA ALA BA 311 55.53 72.62 0.52
C ALA BA 311 56.15 72.99 1.87
N LYS BA 312 56.29 71.99 2.75
CA LYS BA 312 56.86 72.24 4.07
C LYS BA 312 58.30 72.72 3.97
N MET BA 313 59.12 72.07 3.14
CA MET BA 313 60.51 72.50 3.01
C MET BA 313 60.59 73.87 2.35
N ILE BA 314 59.69 74.16 1.40
CA ILE BA 314 59.65 75.49 0.79
C ILE BA 314 59.39 76.54 1.85
N LEU BA 315 58.39 76.31 2.69
CA LEU BA 315 58.01 77.31 3.69
C LEU BA 315 59.11 77.47 4.74
N PHE BA 316 59.74 76.38 5.17
CA PHE BA 316 60.80 76.49 6.16
C PHE BA 316 62.02 77.21 5.60
N ALA BA 317 62.41 76.88 4.35
CA ALA BA 317 63.52 77.58 3.72
C ALA BA 317 63.21 79.06 3.55
N PHE BA 318 61.96 79.38 3.19
CA PHE BA 318 61.57 80.78 3.07
C PHE BA 318 61.62 81.49 4.41
N GLY BA 319 61.20 80.82 5.48
CA GLY BA 319 61.30 81.41 6.80
C GLY BA 319 62.73 81.69 7.20
N SER BA 320 63.63 80.75 6.95
CA SER BA 320 65.04 80.97 7.25
C SER BA 320 65.61 82.11 6.41
N ALA BA 321 65.26 82.17 5.13
CA ALA BA 321 65.74 83.25 4.27
C ALA BA 321 65.21 84.59 4.75
N LEU BA 322 63.94 84.66 5.15
CA LEU BA 322 63.38 85.89 5.68
C LEU BA 322 64.09 86.32 6.95
N ALA BA 323 64.36 85.38 7.85
CA ALA BA 323 65.07 85.72 9.08
C ALA BA 323 66.44 86.28 8.78
N GLN BA 324 67.20 85.62 7.89
CA GLN BA 324 68.53 86.11 7.54
C GLN BA 324 68.47 87.48 6.88
N ALA BA 325 67.55 87.66 5.93
CA ALA BA 325 67.45 88.92 5.22
C ALA BA 325 67.06 90.06 6.15
N ARG BA 326 66.12 89.82 7.06
CA ARG BA 326 65.68 90.86 7.97
C ARG BA 326 66.68 91.13 9.09
N LEU BA 327 67.55 90.17 9.41
CA LEU BA 327 68.61 90.48 10.36
C LEU BA 327 69.80 91.16 9.68
N LEU BA 328 69.96 90.97 8.37
CA LEU BA 328 71.08 91.59 7.67
C LEU BA 328 70.74 93.01 7.20
N TYR BA 329 69.57 93.20 6.59
CA TYR BA 329 69.20 94.47 6.00
C TYR BA 329 68.21 95.27 6.83
N GLY BA 330 67.21 94.62 7.42
CA GLY BA 330 66.23 95.28 8.26
C GLY BA 330 64.84 94.74 8.01
N ASN BA 331 63.88 95.35 8.72
CA ASN BA 331 62.48 94.92 8.67
C ASN BA 331 61.71 95.57 7.52
N ASP BA 332 62.32 96.51 6.80
CA ASP BA 332 61.62 97.21 5.73
C ASP BA 332 61.38 96.27 4.56
N SER BA 333 60.23 96.46 3.90
CA SER BA 333 59.86 95.66 2.74
C SER BA 333 60.50 96.27 1.50
N LYS BA 334 61.49 95.59 0.93
CA LYS BA 334 62.22 96.11 -0.21
C LYS BA 334 62.82 94.95 -1.00
N VAL BA 335 63.15 95.22 -2.26
CA VAL BA 335 63.78 94.22 -3.09
C VAL BA 335 65.23 94.05 -2.68
N LEU BA 336 65.65 92.80 -2.51
CA LEU BA 336 67.00 92.48 -2.07
C LEU BA 336 67.95 92.50 -3.26
N GLU BA 337 68.90 93.45 -3.26
CA GLU BA 337 69.92 93.49 -4.29
C GLU BA 337 70.87 92.31 -4.21
N GLN BA 338 71.06 91.74 -3.02
CA GLN BA 338 71.86 90.53 -2.83
C GLN BA 338 70.93 89.41 -2.39
N PRO BA 339 70.53 88.52 -3.30
CA PRO BA 339 69.57 87.48 -2.94
C PRO BA 339 70.14 86.50 -1.92
N VAL BA 340 69.23 85.92 -1.14
CA VAL BA 340 69.59 84.96 -0.10
C VAL BA 340 69.16 83.58 -0.57
N VAL BA 341 70.12 82.68 -0.73
CA VAL BA 341 69.87 81.35 -1.28
C VAL BA 341 70.06 80.32 -0.17
N VAL BA 342 69.06 79.46 0.00
CA VAL BA 342 69.10 78.38 0.99
C VAL BA 342 68.79 77.08 0.26
N GLN BA 343 69.18 75.97 0.90
CA GLN BA 343 68.95 74.64 0.35
C GLN BA 343 68.23 73.78 1.39
N SER BA 344 67.53 72.77 0.90
CA SER BA 344 66.80 71.88 1.79
C SER BA 344 66.68 70.49 1.14
N VAL BA 345 66.78 69.47 1.98
CA VAL BA 345 66.65 68.07 1.55
C VAL BA 345 65.64 67.40 2.45
N GLY BA 346 64.62 66.78 1.84
CA GLY BA 346 63.62 66.00 2.56
C GLY BA 346 63.77 64.53 2.21
N THR BA 347 63.79 63.68 3.24
CA THR BA 347 64.03 62.26 3.07
C THR BA 347 62.88 61.46 3.67
N ASP BA 348 62.26 60.62 2.84
CA ASP BA 348 61.23 59.69 3.28
C ASP BA 348 61.80 58.37 3.76
N GLY BA 349 63.12 58.17 3.63
CA GLY BA 349 63.74 56.90 3.94
C GLY BA 349 64.38 56.31 2.71
N ARG BA 350 63.68 56.42 1.57
CA ARG BA 350 64.23 56.02 0.29
C ARG BA 350 63.97 57.04 -0.81
N LEU BA 351 63.13 58.04 -0.59
CA LEU BA 351 62.80 59.05 -1.58
C LEU BA 351 63.35 60.39 -1.10
N PHE BA 352 64.03 61.11 -1.99
CA PHE BA 352 64.69 62.36 -1.68
C PHE BA 352 64.10 63.49 -2.50
N GLN BA 353 63.84 64.62 -1.82
CA GLN BA 353 63.36 65.83 -2.46
C GLN BA 353 64.38 66.93 -2.19
N PHE BA 354 64.90 67.54 -3.26
CA PHE BA 354 65.90 68.58 -3.14
C PHE BA 354 65.30 69.92 -3.52
N LEU BA 355 65.67 70.97 -2.79
CA LEU BA 355 65.15 72.30 -3.06
C LEU BA 355 66.25 73.34 -2.88
N VAL BA 356 66.36 74.25 -3.85
CA VAL BA 356 67.22 75.42 -3.73
C VAL BA 356 66.30 76.64 -3.90
N LEU BA 357 66.15 77.41 -2.82
CA LEU BA 357 65.24 78.55 -2.79
C LEU BA 357 66.05 79.83 -2.69
N GLN BA 358 65.86 80.73 -3.65
CA GLN BA 358 66.54 82.02 -3.68
C GLN BA 358 65.50 83.12 -3.44
N LEU BA 359 65.54 83.70 -2.24
CA LEU BA 359 64.73 84.85 -1.90
C LEU BA 359 65.36 86.11 -2.49
N ASN BA 360 64.55 86.89 -3.20
CA ASN BA 360 65.02 88.08 -3.89
C ASN BA 360 64.29 89.35 -3.47
N THR BA 361 63.11 89.26 -2.86
CA THR BA 361 62.33 90.43 -2.48
C THR BA 361 61.70 90.20 -1.12
N THR BA 362 61.42 91.30 -0.42
CA THR BA 362 60.79 91.24 0.89
C THR BA 362 59.33 91.66 0.87
N ASP BA 363 58.97 92.66 0.07
CA ASP BA 363 57.59 93.12 -0.01
C ASP BA 363 56.73 92.05 -0.68
N LEU BA 364 55.78 91.50 0.06
CA LEU BA 364 54.88 90.47 -0.45
C LEU BA 364 53.42 90.90 -0.41
N ALA BA 365 53.12 92.09 0.12
CA ALA BA 365 51.74 92.57 0.13
C ALA BA 365 51.23 92.77 -1.29
N SER BA 366 52.08 93.31 -2.17
CA SER BA 366 51.71 93.48 -3.57
C SER BA 366 52.27 92.35 -4.42
N ASP BA 367 51.45 91.88 -5.35
CA ASP BA 367 51.81 90.78 -6.24
C ASP BA 367 52.31 91.28 -7.59
N GLU BA 368 52.52 92.59 -7.74
CA GLU BA 368 52.99 93.16 -8.99
C GLU BA 368 54.50 93.28 -9.08
N GLY BA 369 55.22 92.99 -7.99
CA GLY BA 369 56.66 93.13 -7.97
C GLY BA 369 57.37 91.87 -8.46
N VAL BA 370 58.66 91.81 -8.18
CA VAL BA 370 59.47 90.66 -8.54
C VAL BA 370 59.13 89.50 -7.63
N LYS BA 371 59.34 88.28 -8.12
CA LYS BA 371 59.10 87.07 -7.36
C LYS BA 371 60.41 86.35 -7.11
N ASN BA 372 60.47 85.62 -5.99
CA ASN BA 372 61.64 84.82 -5.68
C ASN BA 372 61.68 83.60 -6.59
N LEU BA 373 62.76 82.83 -6.50
CA LEU BA 373 62.96 81.70 -7.40
C LEU BA 373 63.17 80.43 -6.59
N ALA BA 374 62.80 79.29 -7.17
CA ALA BA 374 63.02 78.02 -6.50
C ALA BA 374 63.23 76.93 -7.54
N TRP BA 375 64.24 76.10 -7.32
CA TRP BA 375 64.49 74.90 -8.10
C TRP BA 375 64.14 73.71 -7.22
N VAL BA 376 63.21 72.88 -7.67
CA VAL BA 376 62.74 71.73 -6.90
C VAL BA 376 62.97 70.48 -7.72
N ASP BA 377 63.90 69.64 -7.26
CA ASP BA 377 64.13 68.33 -7.85
C ASP BA 377 63.34 67.31 -7.03
N SER BA 378 62.31 66.74 -7.64
CA SER BA 378 61.33 65.92 -6.95
C SER BA 378 61.36 64.49 -7.44
N ASP BA 379 60.90 63.58 -6.57
CA ASP BA 379 60.78 62.15 -6.88
C ASP BA 379 62.12 61.56 -7.30
N GLN BA 380 63.11 61.72 -6.41
CA GLN BA 380 64.45 61.16 -6.62
C GLN BA 380 64.58 59.92 -5.76
N LEU BA 381 64.52 58.75 -6.40
CA LEU BA 381 64.58 57.49 -5.69
C LEU BA 381 66.02 57.02 -5.55
N LEU BA 382 66.51 56.94 -4.31
CA LEU BA 382 67.84 56.41 -4.07
C LEU BA 382 67.92 54.93 -4.44
N TYR BA 383 66.88 54.17 -4.13
CA TYR BA 383 66.81 52.76 -4.48
C TYR BA 383 65.35 52.36 -4.62
N GLN BA 384 65.10 51.37 -5.47
CA GLN BA 384 63.72 50.93 -5.70
C GLN BA 384 63.17 50.19 -4.49
N HIS BA 385 63.81 49.10 -4.09
CA HIS BA 385 63.33 48.29 -2.99
C HIS BA 385 64.52 47.62 -2.31
N PHE BA 386 64.32 47.26 -1.04
CA PHE BA 386 65.35 46.60 -0.24
C PHE BA 386 64.76 45.33 0.36
N TRP BA 387 65.52 44.25 0.32
CA TRP BA 387 65.10 42.96 0.87
C TRP BA 387 65.95 42.66 2.10
N CYS BA 388 65.35 42.79 3.28
CA CYS BA 388 66.08 42.49 4.52
C CYS BA 388 66.35 41.00 4.67
N LEU BA 389 65.52 40.15 4.07
CA LEU BA 389 65.68 38.72 4.14
C LEU BA 389 65.72 38.11 2.75
N PRO BA 390 66.47 37.04 2.54
CA PRO BA 390 66.53 36.42 1.21
C PRO BA 390 65.24 35.73 0.83
N VAL BA 391 64.53 36.26 -0.17
CA VAL BA 391 63.28 35.67 -0.60
C VAL BA 391 63.57 34.38 -1.36
N ILE BA 392 62.90 33.30 -0.96
CA ILE BA 392 63.08 31.98 -1.56
C ILE BA 392 61.78 31.59 -2.25
N LYS BA 393 61.87 31.31 -3.55
CA LYS BA 393 60.71 30.88 -4.35
C LYS BA 393 61.05 29.55 -5.00
N LYS BA 394 60.17 28.56 -4.81
CA LYS BA 394 60.33 27.22 -5.38
C LYS BA 394 61.66 26.60 -4.93
N LYS BA 395 61.91 26.66 -3.62
CA LYS BA 395 63.03 25.99 -2.97
C LYS BA 395 64.39 26.55 -3.40
N VAL BA 396 64.41 27.65 -4.14
CA VAL BA 396 65.66 28.28 -4.57
C VAL BA 396 65.57 29.77 -4.28
N VAL BA 397 66.74 30.40 -4.14
CA VAL BA 397 66.83 31.83 -3.86
C VAL BA 397 66.80 32.57 -5.19
N VAL BA 398 65.80 33.42 -5.38
CA VAL BA 398 65.67 34.18 -6.63
C VAL BA 398 66.30 35.56 -6.51
N GLU BA 399 66.16 36.20 -5.34
CA GLU BA 399 66.72 37.52 -5.11
C GLU BA 399 67.49 37.50 -3.80
N PRO BA 400 68.78 37.82 -3.82
CA PRO BA 400 69.59 37.80 -2.60
C PRO BA 400 69.32 39.04 -1.75
N VAL BA 401 70.03 39.12 -0.62
CA VAL BA 401 69.88 40.25 0.28
C VAL BA 401 70.60 41.46 -0.29
N GLY BA 402 69.94 42.61 -0.23
CA GLY BA 402 70.51 43.84 -0.73
C GLY BA 402 69.49 44.70 -1.45
N PRO BA 403 69.85 45.94 -1.75
CA PRO BA 403 68.91 46.84 -2.43
C PRO BA 403 68.82 46.50 -3.91
N ILE BA 404 67.59 46.36 -4.40
CA ILE BA 404 67.33 46.11 -5.81
C ILE BA 404 67.06 47.43 -6.49
N GLY BA 405 67.89 47.76 -7.49
CA GLY BA 405 67.80 49.04 -8.15
C GLY BA 405 68.59 50.10 -7.40
N PHE BA 406 69.46 50.81 -8.11
CA PHE BA 406 70.31 51.80 -7.47
C PHE BA 406 70.47 52.99 -8.41
N GLN BA 407 70.26 54.20 -7.88
CA GLN BA 407 70.38 55.43 -8.67
C GLN BA 407 71.44 56.32 -8.03
N PRO BA 408 72.70 56.28 -8.49
CA PRO BA 408 73.73 57.14 -7.91
C PRO BA 408 73.53 58.62 -8.18
N GLU BA 409 72.63 58.97 -9.10
CA GLU BA 409 72.40 60.38 -9.41
C GLU BA 409 71.84 61.14 -8.21
N THR BA 410 70.97 60.51 -7.42
CA THR BA 410 70.43 61.17 -6.23
C THR BA 410 71.54 61.49 -5.23
N PHE BA 411 72.43 60.52 -4.99
CA PHE BA 411 73.57 60.78 -4.10
C PHE BA 411 74.51 61.83 -4.68
N ARG BA 412 74.70 61.84 -6.00
CA ARG BA 412 75.53 62.85 -6.62
C ARG BA 412 74.94 64.24 -6.42
N LYS BA 413 73.62 64.37 -6.59
CA LYS BA 413 72.96 65.65 -6.35
C LYS BA 413 73.07 66.07 -4.89
N PHE BA 414 72.93 65.10 -3.97
CA PHE BA 414 73.08 65.41 -2.54
C PHE BA 414 74.49 65.90 -2.24
N LEU BA 415 75.49 65.25 -2.82
CA LEU BA 415 76.88 65.69 -2.63
C LEU BA 415 77.10 67.08 -3.21
N ALA BA 416 76.51 67.36 -4.38
CA ALA BA 416 76.62 68.69 -4.96
C ALA BA 416 75.99 69.74 -4.07
N LEU BA 417 74.82 69.44 -3.49
CA LEU BA 417 74.19 70.37 -2.57
C LEU BA 417 75.04 70.59 -1.33
N TYR BA 418 75.65 69.53 -0.81
CA TYR BA 418 76.51 69.68 0.37
C TYR BA 418 77.73 70.52 0.06
N LEU BA 419 78.34 70.32 -1.11
CA LEU BA 419 79.56 70.99 -1.49
C LEU BA 419 79.33 72.31 -2.21
N HIS BA 420 78.08 72.73 -2.35
CA HIS BA 420 77.77 73.98 -3.06
C HIS BA 420 78.39 75.19 -2.39
N GLY BA 421 78.61 75.15 -1.08
CA GLY BA 421 79.25 76.27 -0.41
C GLY BA 421 80.70 76.45 -0.83
N ALA BA 422 81.42 75.35 -1.01
CA ALA BA 422 82.82 75.40 -1.42
C ALA BA 422 82.99 74.92 -2.85
N ARG CA 27 -42.78 -29.11 46.05
CA ARG CA 27 -43.44 -30.21 46.75
C ARG CA 27 -44.94 -30.16 46.54
N ARG CA 28 -45.54 -31.31 46.27
CA ARG CA 28 -46.97 -31.43 46.05
C ARG CA 28 -47.60 -32.29 47.14
N ALA CA 29 -48.82 -31.93 47.52
CA ALA CA 29 -49.58 -32.65 48.52
C ALA CA 29 -50.94 -33.05 47.96
N ALA CA 30 -51.43 -34.20 48.42
CA ALA CA 30 -52.71 -34.71 47.94
C ALA CA 30 -53.86 -33.89 48.51
N PRO CA 31 -54.84 -33.53 47.68
CA PRO CA 31 -56.01 -32.81 48.18
C PRO CA 31 -56.77 -33.63 49.21
N LEU CA 32 -57.32 -32.94 50.21
CA LEU CA 32 -58.09 -33.58 51.28
C LEU CA 32 -59.57 -33.59 50.91
N GLY CA 33 -59.86 -34.30 49.83
CA GLY CA 33 -61.21 -34.41 49.34
C GLY CA 33 -61.32 -34.08 47.86
N PRO CA 34 -62.54 -34.07 47.34
CA PRO CA 34 -62.73 -33.81 45.90
C PRO CA 34 -62.47 -32.36 45.55
N MET CA 35 -61.82 -32.15 44.41
CA MET CA 35 -61.60 -30.81 43.90
C MET CA 35 -62.90 -30.24 43.33
N PRO CA 36 -63.05 -28.92 43.30
CA PRO CA 36 -64.31 -28.34 42.82
C PRO CA 36 -64.59 -28.60 41.35
N ASN CA 37 -63.60 -28.38 40.48
CA ASN CA 37 -63.79 -28.46 39.03
C ASN CA 37 -63.14 -29.70 38.43
N GLU CA 38 -63.09 -30.80 39.16
CA GLU CA 38 -62.52 -32.03 38.67
C GLU CA 38 -63.55 -32.95 38.03
N ASP CA 39 -64.84 -32.58 38.06
CA ASP CA 39 -65.86 -33.45 37.50
C ASP CA 39 -65.99 -33.26 35.99
N ILE CA 40 -66.04 -32.01 35.53
CA ILE CA 40 -66.19 -31.73 34.12
C ILE CA 40 -64.93 -32.14 33.36
N ASP CA 41 -65.11 -32.59 32.13
CA ASP CA 41 -64.01 -33.07 31.30
C ASP CA 41 -63.34 -31.89 30.60
N VAL CA 42 -62.01 -31.85 30.67
CA VAL CA 42 -61.26 -30.78 30.02
C VAL CA 42 -61.33 -30.92 28.50
N SER CA 43 -61.17 -32.13 28.00
CA SER CA 43 -61.19 -32.37 26.56
C SER CA 43 -62.59 -32.18 25.99
N ASP CA 44 -62.65 -31.70 24.75
CA ASP CA 44 -63.89 -31.49 24.02
C ASP CA 44 -64.82 -30.53 24.78
N LEU CA 45 -64.36 -29.29 24.93
CA LEU CA 45 -65.19 -28.26 25.56
C LEU CA 45 -66.34 -27.81 24.66
N GLU CA 46 -66.17 -27.89 23.35
CA GLU CA 46 -67.22 -27.43 22.43
C GLU CA 46 -68.50 -28.23 22.57
N ARG CA 47 -68.42 -29.52 22.89
CA ARG CA 47 -69.61 -30.33 23.06
C ARG CA 47 -70.22 -30.19 24.45
N LEU CA 48 -69.57 -29.49 25.37
CA LEU CA 48 -70.10 -29.27 26.70
C LEU CA 48 -70.90 -27.98 26.72
N LYS CA 49 -72.11 -28.04 27.25
CA LYS CA 49 -72.98 -26.86 27.31
C LYS CA 49 -72.45 -25.85 28.32
N LYS CA 50 -72.56 -24.57 27.97
CA LYS CA 50 -72.20 -23.48 28.85
C LYS CA 50 -73.43 -22.66 29.22
N TYR CA 51 -73.33 -21.93 30.31
CA TYR CA 51 -74.33 -20.92 30.65
C TYR CA 51 -73.81 -19.55 30.20
N ARG CA 52 -74.66 -18.82 29.49
CA ARG CA 52 -74.30 -17.52 28.95
C ARG CA 52 -74.90 -16.38 29.77
N SER CA 53 -75.45 -16.67 30.95
CA SER CA 53 -76.13 -15.68 31.77
C SER CA 53 -75.36 -15.45 33.06
N PHE CA 54 -75.02 -14.18 33.31
CA PHE CA 54 -74.41 -13.82 34.58
C PHE CA 54 -75.31 -14.19 35.74
N ASP CA 55 -76.64 -14.12 35.55
CA ASP CA 55 -77.56 -14.56 36.59
C ASP CA 55 -77.43 -16.04 36.87
N ARG CA 56 -77.30 -16.86 35.81
CA ARG CA 56 -77.11 -18.29 36.01
C ARG CA 56 -75.80 -18.56 36.74
N TYR CA 57 -74.72 -17.87 36.35
CA TYR CA 57 -73.45 -18.06 37.04
C TYR CA 57 -73.55 -17.65 38.50
N ARG CA 58 -74.23 -16.55 38.79
CA ARG CA 58 -74.39 -16.10 40.16
C ARG CA 58 -75.18 -17.10 40.98
N ARG CA 59 -76.24 -17.66 40.39
CA ARG CA 59 -77.03 -18.69 41.08
C ARG CA 59 -76.16 -19.90 41.39
N ARG CA 60 -75.39 -20.36 40.41
CA ARG CA 60 -74.54 -21.53 40.63
C ARG CA 60 -73.50 -21.25 41.70
N ALA CA 61 -72.86 -20.08 41.67
CA ALA CA 61 -71.83 -19.74 42.64
C ALA CA 61 -72.41 -19.65 44.04
N GLU CA 62 -73.57 -19.01 44.19
CA GLU CA 62 -74.19 -18.93 45.51
C GLU CA 62 -74.68 -20.29 46.00
N GLN CA 63 -75.15 -21.15 45.10
CA GLN CA 63 -75.53 -22.50 45.51
C GLN CA 63 -74.34 -23.28 46.00
N GLU CA 64 -73.20 -23.16 45.32
CA GLU CA 64 -72.01 -23.90 45.74
C GLU CA 64 -71.39 -23.33 47.00
N ALA CA 65 -71.49 -22.00 47.21
CA ALA CA 65 -70.86 -21.37 48.36
C ALA CA 65 -71.45 -21.81 49.68
N ARG CA 66 -72.65 -22.39 49.69
CA ARG CA 66 -73.29 -22.84 50.92
C ARG CA 66 -72.92 -24.27 51.30
N LYS CA 67 -72.12 -24.96 50.48
CA LYS CA 67 -71.76 -26.33 50.78
C LYS CA 67 -70.61 -26.38 51.77
N PRO CA 68 -70.57 -27.41 52.63
CA PRO CA 68 -69.49 -27.57 53.61
C PRO CA 68 -68.18 -28.05 52.99
N HIS CA 69 -67.43 -27.10 52.43
CA HIS CA 69 -66.16 -27.44 51.80
C HIS CA 69 -65.13 -27.85 52.85
N TRP CA 70 -64.18 -28.68 52.43
CA TRP CA 70 -63.17 -29.21 53.32
C TRP CA 70 -62.05 -28.22 53.62
N TRP CA 71 -61.92 -27.15 52.83
CA TRP CA 71 -60.92 -26.14 53.09
C TRP CA 71 -61.49 -25.04 53.99
N ARG CA 72 -60.63 -24.11 54.38
CA ARG CA 72 -61.04 -22.98 55.22
C ARG CA 72 -61.92 -22.05 54.41
N THR CA 73 -63.14 -21.81 54.90
CA THR CA 73 -64.11 -20.98 54.21
C THR CA 73 -64.41 -19.73 55.02
N TYR CA 74 -65.26 -18.86 54.46
CA TYR CA 74 -65.62 -17.61 55.12
C TYR CA 74 -66.49 -17.85 56.34
N ARG CA 75 -67.45 -18.76 56.25
CA ARG CA 75 -68.40 -18.96 57.34
C ARG CA 75 -67.73 -19.49 58.59
N GLU CA 76 -66.77 -20.40 58.43
CA GLU CA 76 -66.10 -20.99 59.59
C GLU CA 76 -65.38 -19.91 60.40
N HIS CA 77 -64.68 -19.01 59.72
CA HIS CA 77 -63.96 -17.94 60.40
C HIS CA 77 -64.86 -16.80 60.84
N PHE CA 78 -66.01 -16.61 60.21
CA PHE CA 78 -66.89 -15.50 60.55
C PHE CA 78 -68.19 -15.96 61.21
N GLY CA 79 -68.15 -17.11 61.89
CA GLY CA 79 -69.21 -17.44 62.82
C GLY CA 79 -70.51 -17.90 62.21
N GLU CA 80 -70.49 -19.08 61.59
CA GLU CA 80 -71.71 -19.72 61.09
C GLU CA 80 -72.57 -20.32 62.20
N GLU CA 81 -72.30 -19.94 63.45
CA GLU CA 81 -73.06 -20.40 64.62
C GLU CA 81 -72.94 -21.91 64.78
N SER CA 82 -71.69 -22.37 64.87
CA SER CA 82 -71.32 -23.77 65.08
C SER CA 82 -71.91 -24.72 64.05
N GLY CA 83 -72.21 -24.22 62.85
CA GLY CA 83 -72.77 -25.04 61.80
C GLY CA 83 -74.10 -25.66 62.18
N PRO CA 84 -74.24 -26.96 61.93
CA PRO CA 84 -75.49 -27.64 62.27
C PRO CA 84 -75.73 -27.67 63.77
N LYS CA 85 -77.01 -27.57 64.15
CA LYS CA 85 -77.42 -27.60 65.54
C LYS CA 85 -78.71 -28.38 65.67
N ASP CA 86 -78.69 -29.42 66.50
CA ASP CA 86 -79.89 -30.24 66.73
C ASP CA 86 -80.79 -29.48 67.71
N ARG CA 87 -81.72 -28.71 67.17
CA ARG CA 87 -82.63 -27.92 68.00
C ARG CA 87 -83.66 -28.82 68.65
N VAL CA 88 -83.82 -28.69 69.97
CA VAL CA 88 -84.86 -29.43 70.69
C VAL CA 88 -86.18 -28.70 70.50
N ASP CA 89 -87.20 -29.43 70.07
CA ASP CA 89 -88.50 -28.85 69.75
C ASP CA 89 -89.42 -29.01 70.96
N ILE CA 90 -89.92 -27.89 71.48
CA ILE CA 90 -90.90 -27.91 72.56
C ILE CA 90 -92.13 -27.12 72.12
N GLY CA 91 -93.10 -27.81 71.55
CA GLY CA 91 -94.28 -27.14 71.04
C GLY CA 91 -95.35 -28.14 70.67
N LEU CA 92 -96.46 -27.60 70.19
CA LEU CA 92 -97.58 -28.43 69.76
C LEU CA 92 -97.24 -29.14 68.45
N PRO CA 93 -97.78 -30.34 68.23
CA PRO CA 93 -97.52 -31.03 66.97
C PRO CA 93 -98.17 -30.29 65.82
N PRO CA 94 -97.60 -30.38 64.62
CA PRO CA 94 -98.18 -29.71 63.46
C PRO CA 94 -99.55 -30.28 63.14
N PRO CA 95 -100.46 -29.45 62.63
CA PRO CA 95 -101.81 -29.95 62.26
C PRO CA 95 -101.70 -31.03 61.19
N LYS CA 96 -102.50 -32.08 61.33
CA LYS CA 96 -102.52 -33.17 60.37
C LYS CA 96 -103.53 -32.84 59.27
N VAL CA 97 -103.03 -32.58 58.07
CA VAL CA 97 -103.86 -32.21 56.93
C VAL CA 97 -103.67 -33.24 55.82
N SER CA 98 -104.77 -33.61 55.18
CA SER CA 98 -104.72 -34.54 54.06
C SER CA 98 -104.01 -33.87 52.88
N ARG CA 99 -102.79 -34.33 52.58
CA ARG CA 99 -101.99 -33.70 51.54
C ARG CA 99 -102.66 -33.83 50.18
N THR CA 100 -103.20 -35.02 49.86
CA THR CA 100 -103.81 -35.23 48.56
C THR CA 100 -105.05 -34.34 48.37
N GLN CA 101 -105.91 -34.31 49.38
CA GLN CA 101 -107.11 -33.47 49.29
C GLN CA 101 -106.75 -31.99 49.24
N GLN CA 102 -105.75 -31.56 50.03
CA GLN CA 102 -105.33 -30.17 49.98
C GLN CA 102 -104.80 -29.80 48.60
N LEU CA 103 -103.99 -30.67 48.01
CA LEU CA 103 -103.47 -30.42 46.68
C LEU CA 103 -104.58 -30.38 45.64
N LEU CA 104 -105.56 -31.28 45.76
CA LEU CA 104 -106.68 -31.29 44.83
C LEU CA 104 -107.49 -30.00 44.93
N GLU CA 105 -107.77 -29.55 46.15
CA GLU CA 105 -108.52 -28.32 46.33
C GLU CA 105 -107.74 -27.12 45.80
N ARG CA 106 -106.42 -27.08 46.04
CA ARG CA 106 -105.62 -25.98 45.53
C ARG CA 106 -105.59 -25.98 44.01
N LYS CA 107 -105.45 -27.15 43.40
CA LYS CA 107 -105.47 -27.24 41.94
C LYS CA 107 -106.80 -26.79 41.37
N GLN CA 108 -107.90 -27.19 42.01
CA GLN CA 108 -109.22 -26.76 41.56
C GLN CA 108 -109.36 -25.24 41.67
N ALA CA 109 -108.91 -24.66 42.77
CA ALA CA 109 -108.98 -23.21 42.94
C ALA CA 109 -108.14 -22.50 41.89
N LEU CA 110 -106.94 -23.02 41.61
CA LEU CA 110 -106.09 -22.40 40.59
C LEU CA 110 -106.72 -22.49 39.21
N ARG CA 111 -107.33 -23.63 38.89
CA ARG CA 111 -108.02 -23.77 37.60
C ARG CA 111 -109.19 -22.80 37.50
N GLU CA 112 -109.96 -22.67 38.58
CA GLU CA 112 -111.07 -21.72 38.57
C GLU CA 112 -110.58 -20.28 38.40
N LEU CA 113 -109.49 -19.92 39.07
CA LEU CA 113 -108.94 -18.57 38.91
C LEU CA 113 -108.44 -18.34 37.48
N ARG CA 114 -107.76 -19.34 36.90
CA ARG CA 114 -107.26 -19.17 35.54
C ARG CA 114 -108.37 -19.18 34.51
N ALA CA 115 -109.52 -19.77 34.84
CA ALA CA 115 -110.65 -19.79 33.91
C ALA CA 115 -111.19 -18.39 33.62
N ASN CA 116 -111.06 -17.46 34.57
CA ASN CA 116 -111.57 -16.12 34.37
C ASN CA 116 -110.76 -15.39 33.29
N VAL CA 117 -111.45 -14.57 32.51
CA VAL CA 117 -110.82 -13.81 31.44
C VAL CA 117 -110.50 -12.41 31.95
N GLU CA 118 -111.29 -11.92 32.91
CA GLU CA 118 -111.08 -10.58 33.44
C GLU CA 118 -109.75 -10.46 34.15
N GLU CA 119 -109.37 -11.49 34.91
CA GLU CA 119 -108.06 -11.48 35.58
C GLU CA 119 -106.92 -11.45 34.56
N GLU CA 120 -107.06 -12.21 33.47
CA GLU CA 120 -106.03 -12.21 32.45
C GLU CA 120 -105.96 -10.85 31.75
N ARG CA 121 -107.10 -10.22 31.50
CA ARG CA 121 -107.09 -8.87 30.93
C ARG CA 121 -106.40 -7.89 31.86
N ALA CA 122 -106.68 -7.98 33.17
CA ALA CA 122 -106.03 -7.11 34.13
C ALA CA 122 -104.52 -7.34 34.16
N ALA CA 123 -104.10 -8.61 34.10
CA ALA CA 123 -102.68 -8.91 34.07
C ALA CA 123 -102.01 -8.34 32.83
N ARG CA 124 -102.67 -8.45 31.68
CA ARG CA 124 -102.13 -7.88 30.45
C ARG CA 124 -102.03 -6.36 30.53
N LEU CA 125 -103.05 -5.72 31.13
CA LEU CA 125 -103.08 -4.27 31.23
C LEU CA 125 -102.31 -3.73 32.42
N GLN CA 126 -101.70 -4.61 33.23
CA GLN CA 126 -100.85 -4.23 34.36
C GLN CA 126 -101.61 -3.50 35.45
N THR CA 127 -102.93 -3.71 35.55
CA THR CA 127 -103.77 -3.05 36.54
C THR CA 127 -104.46 -4.13 37.36
N ALA CA 128 -103.84 -4.52 38.48
CA ALA CA 128 -104.40 -5.55 39.35
C ALA CA 128 -104.05 -5.24 40.79
N ARG CA 129 -104.96 -5.57 41.70
CA ARG CA 129 -104.77 -5.36 43.13
C ARG CA 129 -104.95 -6.69 43.87
N ILE CA 130 -104.46 -6.72 45.10
CA ILE CA 130 -104.43 -7.95 45.89
C ILE CA 130 -105.11 -7.70 47.24
N PRO CA 131 -105.93 -8.63 47.73
CA PRO CA 131 -106.53 -8.47 49.07
C PRO CA 131 -105.51 -8.71 50.17
N LEU CA 132 -104.77 -7.67 50.53
CA LEU CA 132 -103.66 -7.80 51.47
C LEU CA 132 -104.13 -8.34 52.83
N GLU CA 133 -105.33 -7.96 53.27
CA GLU CA 133 -105.83 -8.46 54.55
C GLU CA 133 -106.04 -9.97 54.49
N ALA CA 134 -106.65 -10.46 53.42
CA ALA CA 134 -106.84 -11.89 53.26
C ALA CA 134 -105.50 -12.61 53.12
N VAL CA 135 -104.54 -12.00 52.43
CA VAL CA 135 -103.21 -12.58 52.31
C VAL CA 135 -102.57 -12.71 53.68
N ARG CA 136 -102.69 -11.67 54.51
CA ARG CA 136 -102.14 -11.71 55.86
C ARG CA 136 -102.80 -12.80 56.69
N ALA CA 137 -104.12 -12.92 56.60
CA ALA CA 137 -104.83 -13.94 57.36
C ALA CA 137 -104.40 -15.34 56.94
N GLU CA 138 -104.31 -15.58 55.63
CA GLU CA 138 -103.92 -16.89 55.14
C GLU CA 138 -102.48 -17.20 55.52
N TRP CA 139 -101.60 -16.19 55.45
CA TRP CA 139 -100.21 -16.39 55.85
C TRP CA 139 -100.11 -16.76 57.32
N GLU CA 140 -100.82 -16.03 58.19
CA GLU CA 140 -100.84 -16.38 59.60
C GLU CA 140 -101.39 -17.78 59.82
N ARG CA 141 -102.36 -18.19 59.00
CA ARG CA 141 -102.97 -19.50 59.20
C ARG CA 141 -102.05 -20.64 58.78
N THR CA 142 -101.33 -20.51 57.67
CA THR CA 142 -100.58 -21.65 57.12
C THR CA 142 -99.08 -21.55 57.30
N CYS CA 143 -98.47 -20.39 57.05
CA CYS CA 143 -97.02 -20.28 57.05
C CYS CA 143 -96.49 -19.18 57.94
N GLY CA 144 -97.36 -18.43 58.63
CA GLY CA 144 -96.93 -17.45 59.60
C GLY CA 144 -96.10 -17.98 60.75
N PRO CA 145 -96.46 -19.13 61.34
CA PRO CA 145 -95.63 -19.65 62.45
C PRO CA 145 -94.17 -19.86 62.10
N TYR CA 146 -93.86 -20.36 60.90
CA TYR CA 146 -92.46 -20.59 60.55
C TYR CA 146 -91.71 -19.28 60.39
N HIS CA 147 -92.34 -18.28 59.76
CA HIS CA 147 -91.70 -16.98 59.62
C HIS CA 147 -91.47 -16.34 60.99
N LYS CA 148 -92.45 -16.46 61.89
CA LYS CA 148 -92.28 -15.92 63.23
C LYS CA 148 -91.16 -16.64 63.98
N GLN CA 149 -91.07 -17.97 63.80
CA GLN CA 149 -90.01 -18.73 64.45
C GLN CA 149 -88.63 -18.29 63.94
N ARG CA 150 -88.48 -18.12 62.64
CA ARG CA 150 -87.18 -17.73 62.11
C ARG CA 150 -86.85 -16.28 62.49
N LEU CA 151 -87.86 -15.40 62.56
CA LEU CA 151 -87.62 -14.05 63.04
C LEU CA 151 -87.17 -14.04 64.50
N ALA CA 152 -87.79 -14.88 65.33
CA ALA CA 152 -87.37 -14.99 66.72
C ALA CA 152 -85.97 -15.55 66.83
N GLU CA 153 -85.62 -16.51 65.98
CA GLU CA 153 -84.26 -17.02 65.95
C GLU CA 153 -83.26 -15.94 65.57
N TYR CA 154 -83.61 -15.12 64.58
CA TYR CA 154 -82.74 -14.01 64.18
C TYR CA 154 -82.58 -13.00 65.33
N CYS CA 155 -83.67 -12.70 66.03
CA CYS CA 155 -83.61 -11.75 67.14
C CYS CA 155 -83.05 -12.36 68.42
N GLY CA 156 -82.81 -13.67 68.43
CA GLY CA 156 -82.19 -14.30 69.60
C GLY CA 156 -83.11 -14.51 70.78
N LEU CA 157 -84.41 -14.72 70.53
CA LEU CA 157 -85.33 -14.99 71.63
C LEU CA 157 -85.03 -16.32 72.29
N TYR CA 158 -84.88 -17.38 71.50
CA TYR CA 158 -84.63 -18.71 72.07
C TYR CA 158 -83.25 -18.81 72.70
N ARG CA 159 -82.29 -18.01 72.23
CA ARG CA 159 -80.95 -18.04 72.81
C ARG CA 159 -80.95 -17.55 74.25
N ASP CA 160 -81.93 -16.72 74.62
CA ASP CA 160 -81.99 -16.14 75.94
C ASP CA 160 -83.17 -16.62 76.77
N LEU CA 161 -84.13 -17.33 76.16
CA LEU CA 161 -85.26 -17.87 76.90
C LEU CA 161 -85.08 -19.33 77.29
N PHE CA 162 -84.58 -20.16 76.38
CA PHE CA 162 -84.34 -21.57 76.65
C PHE CA 162 -82.91 -22.00 76.39
N HIS CA 163 -82.16 -21.26 75.57
CA HIS CA 163 -80.74 -21.43 75.32
C HIS CA 163 -80.43 -22.68 74.49
N GLY CA 164 -81.42 -23.54 74.29
CA GLY CA 164 -81.19 -24.73 73.49
C GLY CA 164 -82.37 -25.20 72.68
N ALA CA 165 -83.50 -24.50 72.75
CA ALA CA 165 -84.75 -24.98 72.20
C ALA CA 165 -85.47 -23.86 71.47
N THR CA 166 -85.96 -24.14 70.27
CA THR CA 166 -86.80 -23.23 69.52
C THR CA 166 -88.11 -23.92 69.18
N PHE CA 167 -89.22 -23.20 69.33
CA PHE CA 167 -90.55 -23.75 69.10
C PHE CA 167 -91.19 -23.09 67.89
N VAL CA 168 -92.34 -23.63 67.50
CA VAL CA 168 -93.14 -23.13 66.39
C VAL CA 168 -94.37 -22.45 66.97
N PRO CA 169 -94.54 -21.14 66.77
CA PRO CA 169 -95.75 -20.47 67.31
C PRO CA 169 -96.99 -20.86 66.54
N ARG CA 170 -97.55 -22.03 66.87
CA ARG CA 170 -98.68 -22.56 66.11
C ARG CA 170 -99.88 -21.63 66.15
N VAL CA 171 -100.29 -21.22 67.34
CA VAL CA 171 -101.47 -20.37 67.49
C VAL CA 171 -101.10 -18.92 67.24
N PRO CA 172 -101.98 -18.13 66.63
CA PRO CA 172 -101.71 -16.70 66.51
C PRO CA 172 -101.89 -15.98 67.84
N LEU CA 173 -101.32 -14.79 67.91
CA LEU CA 173 -101.40 -13.96 69.12
C LEU CA 173 -101.40 -12.50 68.69
N HIS CA 174 -102.56 -11.86 68.78
CA HIS CA 174 -102.71 -10.46 68.37
C HIS CA 174 -102.68 -9.60 69.63
N VAL CA 175 -101.61 -8.84 69.81
CA VAL CA 175 -101.44 -7.95 70.94
C VAL CA 175 -101.63 -6.52 70.46
N ALA CA 176 -102.42 -5.74 71.21
CA ALA CA 176 -102.72 -4.38 70.78
C ALA CA 176 -102.74 -3.46 71.98
N TYR CA 177 -102.05 -2.32 71.87
CA TYR CA 177 -102.09 -1.28 72.88
C TYR CA 177 -103.05 -0.18 72.46
N ALA CA 178 -103.77 0.37 73.43
CA ALA CA 178 -104.74 1.42 73.17
C ALA CA 178 -104.13 2.76 73.57
N VAL CA 179 -103.87 3.62 72.57
CA VAL CA 179 -103.32 4.94 72.84
C VAL CA 179 -104.40 5.97 73.11
N GLY CA 180 -105.66 5.62 72.92
CA GLY CA 180 -106.77 6.53 73.17
C GLY CA 180 -108.10 5.83 73.01
N GLU CA 181 -109.06 6.50 72.37
CA GLU CA 181 -110.35 5.88 72.11
C GLU CA 181 -110.42 5.25 70.73
N ASP CA 182 -109.69 5.79 69.76
CA ASP CA 182 -109.72 5.29 68.39
C ASP CA 182 -108.34 4.96 67.85
N ASP CA 183 -107.31 4.96 68.68
CA ASP CA 183 -105.94 4.72 68.24
C ASP CA 183 -105.44 3.41 68.84
N LEU CA 184 -105.10 2.46 67.97
CA LEU CA 184 -104.67 1.13 68.39
C LEU CA 184 -103.33 0.83 67.73
N MET CA 185 -102.31 0.53 68.55
CA MET CA 185 -101.00 0.16 68.05
C MET CA 185 -100.83 -1.35 68.14
N PRO CA 186 -100.68 -2.05 67.02
CA PRO CA 186 -100.44 -3.49 67.08
C PRO CA 186 -99.02 -3.81 67.53
N VAL CA 187 -98.84 -5.03 68.01
CA VAL CA 187 -97.54 -5.52 68.43
C VAL CA 187 -97.19 -6.75 67.61
N TYR CA 188 -96.47 -6.53 66.52
CA TYR CA 188 -96.05 -7.63 65.66
C TYR CA 188 -94.69 -8.15 66.10
N HIS CA 189 -94.21 -9.16 65.38
CA HIS CA 189 -92.94 -9.80 65.71
C HIS CA 189 -91.76 -8.90 65.36
N GLY CA 190 -91.26 -8.15 66.33
CA GLY CA 190 -90.14 -7.26 66.11
C GLY CA 190 -90.49 -5.80 65.88
N ASN CA 191 -91.73 -5.40 66.12
CA ASN CA 191 -92.13 -4.01 65.90
C ASN CA 191 -91.52 -3.12 66.98
N GLU CA 192 -91.65 -1.81 66.78
CA GLU CA 192 -91.11 -0.81 67.70
C GLU CA 192 -92.28 -0.09 68.36
N VAL CA 193 -92.44 -0.28 69.67
CA VAL CA 193 -93.51 0.35 70.44
C VAL CA 193 -92.87 1.14 71.58
N THR CA 194 -93.25 2.41 71.69
CA THR CA 194 -92.70 3.29 72.70
C THR CA 194 -93.41 3.07 74.04
N PRO CA 195 -92.73 3.40 75.16
CA PRO CA 195 -93.39 3.26 76.47
C PRO CA 195 -94.62 4.15 76.61
N THR CA 196 -94.70 5.25 75.87
CA THR CA 196 -95.91 6.06 75.90
C THR CA 196 -97.13 5.27 75.46
N GLU CA 197 -96.99 4.52 74.37
CA GLU CA 197 -98.07 3.64 73.92
C GLU CA 197 -98.18 2.38 74.78
N ALA CA 198 -97.08 1.96 75.40
CA ALA CA 198 -97.05 0.73 76.18
C ALA CA 198 -97.36 0.95 77.65
N ALA CA 199 -97.76 2.16 78.04
CA ALA CA 199 -97.99 2.47 79.45
C ALA CA 199 -99.11 1.61 80.03
N GLN CA 200 -100.19 1.42 79.28
CA GLN CA 200 -101.35 0.67 79.76
C GLN CA 200 -101.22 -0.81 79.37
N ALA CA 201 -102.03 -1.63 80.04
CA ALA CA 201 -102.02 -3.06 79.75
C ALA CA 201 -102.65 -3.33 78.39
N PRO CA 202 -101.99 -4.11 77.53
CA PRO CA 202 -102.51 -4.37 76.20
C PRO CA 202 -103.58 -5.45 76.20
N GLU CA 203 -104.28 -5.53 75.08
CA GLU CA 203 -105.27 -6.58 74.86
C GLU CA 203 -104.65 -7.69 74.02
N VAL CA 204 -104.96 -8.93 74.36
CA VAL CA 204 -104.43 -10.10 73.68
C VAL CA 204 -105.59 -10.91 73.12
N THR CA 205 -105.48 -11.29 71.86
CA THR CA 205 -106.52 -12.05 71.17
C THR CA 205 -105.91 -13.30 70.56
N TYR CA 206 -106.57 -14.44 70.78
CA TYR CA 206 -106.17 -15.70 70.17
C TYR CA 206 -107.36 -16.63 70.18
N GLU CA 207 -107.45 -17.45 69.14
CA GLU CA 207 -108.56 -18.38 69.00
C GLU CA 207 -108.30 -19.61 69.86
N ALA CA 208 -109.28 -19.96 70.70
CA ALA CA 208 -109.16 -21.10 71.59
C ALA CA 208 -110.55 -21.52 72.06
N ASP CA 209 -110.75 -22.82 72.21
CA ASP CA 209 -112.03 -23.33 72.70
C ASP CA 209 -112.10 -23.16 74.21
N GLU CA 210 -113.31 -23.34 74.75
CA GLU CA 210 -113.56 -23.17 76.19
C GLU CA 210 -113.29 -24.47 76.96
N GLY CA 211 -112.15 -25.08 76.68
CA GLY CA 211 -111.77 -26.32 77.35
C GLY CA 211 -110.30 -26.39 77.69
N SER CA 212 -109.56 -25.33 77.43
CA SER CA 212 -108.12 -25.30 77.64
C SER CA 212 -107.75 -24.15 78.59
N LEU CA 213 -106.53 -24.23 79.11
CA LEU CA 213 -105.99 -23.22 80.01
C LEU CA 213 -104.72 -22.64 79.42
N TRP CA 214 -104.54 -21.34 79.60
CA TRP CA 214 -103.42 -20.62 79.00
C TRP CA 214 -102.74 -19.74 80.03
N THR CA 215 -101.47 -19.44 79.77
CA THR CA 215 -100.68 -18.54 80.60
C THR CA 215 -99.95 -17.55 79.70
N LEU CA 216 -100.01 -16.27 80.07
CA LEU CA 216 -99.38 -15.20 79.32
C LEU CA 216 -98.28 -14.57 80.18
N LEU CA 217 -97.11 -14.37 79.57
CA LEU CA 217 -95.96 -13.82 80.28
C LEU CA 217 -95.27 -12.78 79.42
N LEU CA 218 -95.18 -11.56 79.91
CA LEU CA 218 -94.43 -10.49 79.24
C LEU CA 218 -93.07 -10.39 79.91
N THR CA 219 -92.02 -10.72 79.15
CA THR CA 219 -90.66 -10.73 79.67
C THR CA 219 -89.83 -9.71 78.91
N ASN CA 220 -89.11 -8.88 79.67
CA ASN CA 220 -88.16 -7.93 79.12
C ASN CA 220 -86.77 -8.55 79.18
N LEU CA 221 -86.19 -8.84 78.01
CA LEU CA 221 -84.90 -9.52 77.99
C LEU CA 221 -83.74 -8.59 78.31
N ASP CA 222 -83.88 -7.30 78.04
CA ASP CA 222 -82.81 -6.33 78.25
C ASP CA 222 -83.30 -5.24 79.19
N GLY CA 223 -82.51 -4.93 80.20
CA GLY CA 223 -82.87 -3.88 81.14
C GLY CA 223 -82.48 -4.19 82.57
N HIS CA 224 -82.07 -5.43 82.84
CA HIS CA 224 -81.64 -5.79 84.17
C HIS CA 224 -80.28 -5.15 84.46
N LEU CA 225 -80.22 -4.35 85.53
CA LEU CA 225 -79.02 -3.61 85.84
C LEU CA 225 -77.91 -4.50 86.37
N LEU CA 226 -78.26 -5.47 87.21
CA LEU CA 226 -77.25 -6.27 87.90
C LEU CA 226 -76.89 -7.54 87.14
N GLU CA 227 -77.87 -8.41 86.89
CA GLU CA 227 -77.53 -9.71 86.32
C GLU CA 227 -77.74 -9.69 84.81
N PRO CA 228 -76.67 -9.85 84.04
CA PRO CA 228 -76.84 -9.92 82.57
C PRO CA 228 -77.67 -11.12 82.13
N ASP CA 229 -77.59 -12.22 82.87
CA ASP CA 229 -78.24 -13.47 82.46
C ASP CA 229 -79.69 -13.56 82.92
N ALA CA 230 -80.21 -12.55 83.60
CA ALA CA 230 -81.58 -12.54 84.09
C ALA CA 230 -82.38 -11.50 83.33
N GLU CA 231 -83.71 -11.69 83.34
CA GLU CA 231 -84.63 -10.84 82.60
C GLU CA 231 -85.78 -10.44 83.51
N TYR CA 232 -86.44 -9.34 83.16
CA TYR CA 232 -87.51 -8.80 83.98
C TYR CA 232 -88.86 -9.33 83.54
N VAL CA 233 -89.83 -9.29 84.46
CA VAL CA 233 -91.21 -9.67 84.17
C VAL CA 233 -92.10 -8.45 84.35
N HIS CA 234 -92.92 -8.17 83.35
CA HIS CA 234 -93.82 -7.02 83.39
C HIS CA 234 -95.28 -7.41 83.64
N TRP CA 235 -95.74 -8.54 83.10
CA TRP CA 235 -97.13 -8.94 83.28
C TRP CA 235 -97.21 -10.45 83.13
N LEU CA 236 -97.45 -11.16 84.23
CA LEU CA 236 -97.59 -12.61 84.23
C LEU CA 236 -98.98 -12.96 84.73
N VAL CA 237 -99.81 -13.52 83.86
CA VAL CA 237 -101.17 -13.90 84.21
C VAL CA 237 -101.39 -15.36 83.81
N THR CA 238 -101.77 -16.18 84.78
CA THR CA 238 -101.87 -17.62 84.59
C THR CA 238 -103.32 -18.08 84.68
N ASN CA 239 -103.55 -19.32 84.24
CA ASN CA 239 -104.87 -19.96 84.31
C ASN CA 239 -105.93 -19.14 83.56
N ILE CA 240 -105.72 -19.02 82.25
CA ILE CA 240 -106.63 -18.29 81.38
C ILE CA 240 -107.66 -19.28 80.85
N PRO CA 241 -108.95 -19.14 81.20
CA PRO CA 241 -109.98 -20.02 80.63
C PRO CA 241 -110.31 -19.61 79.19
N GLY CA 242 -109.84 -20.41 78.25
CA GLY CA 242 -110.08 -20.10 76.84
C GLY CA 242 -109.43 -18.79 76.45
N ASN CA 243 -110.20 -17.93 75.78
CA ASN CA 243 -109.72 -16.63 75.34
C ASN CA 243 -109.90 -15.53 76.37
N ARG CA 244 -110.59 -15.81 77.48
CA ARG CA 244 -110.88 -14.79 78.48
C ARG CA 244 -109.62 -14.53 79.31
N VAL CA 245 -108.77 -13.62 78.81
CA VAL CA 245 -107.54 -13.28 79.54
C VAL CA 245 -107.85 -12.52 80.81
N THR CA 246 -108.84 -11.62 80.78
CA THR CA 246 -109.16 -10.83 81.97
C THR CA 246 -109.61 -11.69 83.13
N GLU CA 247 -110.43 -12.71 82.86
CA GLU CA 247 -110.96 -13.55 83.94
C GLU CA 247 -109.87 -14.36 84.64
N GLY CA 248 -108.73 -14.58 83.99
CA GLY CA 248 -107.66 -15.32 84.61
C GLY CA 248 -106.96 -14.53 85.70
N GLN CA 249 -106.45 -15.25 86.69
CA GLN CA 249 -105.74 -14.62 87.79
C GLN CA 249 -104.37 -14.13 87.34
N GLU CA 250 -104.03 -12.90 87.69
CA GLU CA 250 -102.76 -12.30 87.31
C GLU CA 250 -101.74 -12.50 88.43
N THR CA 251 -100.65 -13.21 88.12
CA THR CA 251 -99.59 -13.40 89.10
C THR CA 251 -98.80 -12.13 89.33
N CYS CA 252 -98.44 -11.42 88.27
CA CYS CA 252 -97.67 -10.18 88.36
C CYS CA 252 -98.45 -9.07 87.67
N PRO CA 253 -98.78 -7.99 88.37
CA PRO CA 253 -99.50 -6.90 87.73
C PRO CA 253 -98.67 -6.24 86.64
N TYR CA 254 -99.37 -5.67 85.66
CA TYR CA 254 -98.69 -5.06 84.51
C TYR CA 254 -97.83 -3.89 84.94
N LEU CA 255 -96.65 -3.78 84.34
CA LEU CA 255 -95.70 -2.72 84.64
C LEU CA 255 -95.22 -2.09 83.34
N PRO CA 256 -95.23 -0.76 83.22
CA PRO CA 256 -94.80 -0.14 81.97
C PRO CA 256 -93.33 -0.40 81.72
N PRO CA 257 -92.93 -0.48 80.45
CA PRO CA 257 -91.50 -0.66 80.14
C PRO CA 257 -90.67 0.51 80.64
N PHE CA 258 -89.46 0.20 81.11
CA PHE CA 258 -88.53 1.21 81.62
C PHE CA 258 -87.13 0.96 81.06
N PRO CA 259 -86.91 1.22 79.78
CA PRO CA 259 -85.58 1.06 79.20
C PRO CA 259 -84.66 2.20 79.61
N ALA CA 260 -83.36 1.91 79.57
CA ALA CA 260 -82.33 2.89 79.90
C ALA CA 260 -82.22 3.93 78.80
N ARG CA 261 -81.86 5.15 79.20
CA ARG CA 261 -81.74 6.23 78.22
C ARG CA 261 -80.60 5.99 77.25
N GLY CA 262 -79.48 5.49 77.74
CA GLY CA 262 -78.33 5.23 76.89
C GLY CA 262 -78.48 3.97 76.08
N SER CA 263 -78.57 2.82 76.75
CA SER CA 263 -78.73 1.53 76.08
C SER CA 263 -80.19 1.36 75.71
N GLY CA 264 -80.52 1.64 74.45
CA GLY CA 264 -81.88 1.58 73.97
C GLY CA 264 -82.18 0.30 73.21
N PHE CA 265 -83.41 0.24 72.71
CA PHE CA 265 -83.92 -0.87 71.91
C PHE CA 265 -83.81 -2.20 72.66
N HIS CA 266 -84.51 -2.26 73.79
CA HIS CA 266 -84.68 -3.52 74.49
C HIS CA 266 -85.80 -4.32 73.84
N ARG CA 267 -85.82 -5.62 74.13
CA ARG CA 267 -86.81 -6.52 73.57
C ARG CA 267 -87.78 -6.96 74.66
N PHE CA 268 -89.08 -6.86 74.36
CA PHE CA 268 -90.15 -7.30 75.23
C PHE CA 268 -90.96 -8.34 74.49
N ALA CA 269 -91.10 -9.52 75.08
CA ALA CA 269 -91.72 -10.65 74.41
C ALA CA 269 -92.91 -11.15 75.23
N PHE CA 270 -94.06 -11.31 74.56
CA PHE CA 270 -95.22 -11.98 75.13
C PHE CA 270 -95.16 -13.45 74.74
N LEU CA 271 -95.11 -14.33 75.74
CA LEU CA 271 -95.12 -15.77 75.55
C LEU CA 271 -96.45 -16.33 76.06
N LEU CA 272 -97.10 -17.12 75.22
CA LEU CA 272 -98.36 -17.76 75.56
C LEU CA 272 -98.13 -19.27 75.60
N PHE CA 273 -98.45 -19.88 76.74
CA PHE CA 273 -98.29 -21.31 76.96
C PHE CA 273 -99.65 -21.95 77.15
N LYS CA 274 -99.83 -23.13 76.56
CA LYS CA 274 -101.02 -23.94 76.79
C LYS CA 274 -100.72 -24.98 77.85
N GLN CA 275 -101.60 -25.09 78.84
CA GLN CA 275 -101.43 -26.02 79.94
C GLN CA 275 -102.68 -26.87 80.11
N ASP CA 276 -102.48 -28.05 80.69
CA ASP CA 276 -103.56 -29.02 80.87
C ASP CA 276 -104.16 -28.96 82.28
N LYS CA 277 -103.33 -29.12 83.30
CA LYS CA 277 -103.81 -29.15 84.68
C LYS CA 277 -103.92 -27.74 85.24
N ARG CA 278 -104.62 -27.63 86.35
CA ARG CA 278 -104.73 -26.37 87.10
C ARG CA 278 -103.45 -26.17 87.90
N ILE CA 279 -102.53 -25.39 87.36
CA ILE CA 279 -101.24 -25.17 88.00
C ILE CA 279 -101.38 -24.10 89.07
N ASP CA 280 -100.98 -24.44 90.30
CA ASP CA 280 -100.94 -23.50 91.40
C ASP CA 280 -99.52 -23.42 91.93
N PHE CA 281 -99.02 -22.21 92.10
CA PHE CA 281 -97.66 -21.98 92.56
C PHE CA 281 -97.65 -20.85 93.58
N SER CA 282 -96.86 -21.01 94.64
CA SER CA 282 -96.74 -20.00 95.68
C SER CA 282 -95.40 -19.29 95.70
N GLY CA 283 -94.36 -19.91 95.16
CA GLY CA 283 -93.04 -19.29 95.14
C GLY CA 283 -92.89 -18.22 94.10
N ASP CA 284 -93.61 -18.36 92.98
CA ASP CA 284 -93.56 -17.40 91.89
C ASP CA 284 -94.65 -16.34 91.99
N THR CA 285 -95.49 -16.40 93.01
CA THR CA 285 -96.54 -15.41 93.18
C THR CA 285 -95.93 -14.04 93.51
N ARG CA 286 -96.47 -12.99 92.90
CA ARG CA 286 -95.96 -11.65 93.10
C ARG CA 286 -96.98 -10.79 93.86
N PRO CA 287 -96.51 -9.84 94.67
CA PRO CA 287 -97.45 -8.97 95.39
C PRO CA 287 -98.15 -7.98 94.48
N SER CA 288 -99.23 -7.36 94.98
CA SER CA 288 -99.94 -6.38 94.16
C SER CA 288 -99.08 -5.19 93.76
N PRO CA 289 -98.31 -4.54 94.68
CA PRO CA 289 -97.42 -3.46 94.22
C PRO CA 289 -96.35 -3.96 93.27
N CYS CA 290 -95.56 -4.93 93.72
CA CYS CA 290 -94.51 -5.56 92.91
C CYS CA 290 -93.58 -4.51 92.30
N TYR CA 291 -93.15 -3.56 93.11
CA TYR CA 291 -92.26 -2.50 92.67
C TYR CA 291 -90.81 -2.76 93.05
N GLN CA 292 -90.47 -3.97 93.50
CA GLN CA 292 -89.12 -4.32 93.89
C GLN CA 292 -88.45 -5.04 92.73
N LEU CA 293 -87.34 -4.49 92.24
CA LEU CA 293 -86.58 -5.13 91.17
C LEU CA 293 -85.96 -6.44 91.60
N ALA CA 294 -85.66 -6.60 92.89
CA ALA CA 294 -85.16 -7.88 93.38
C ALA CA 294 -86.20 -8.97 93.20
N GLN CA 295 -87.46 -8.67 93.52
CA GLN CA 295 -88.53 -9.64 93.28
C GLN CA 295 -88.85 -9.78 91.80
N ARG CA 296 -88.67 -8.71 91.03
CA ARG CA 296 -88.91 -8.76 89.58
C ARG CA 296 -87.63 -9.21 88.87
N THR CA 297 -87.15 -10.38 89.28
CA THR CA 297 -86.00 -11.03 88.65
C THR CA 297 -86.46 -12.42 88.23
N PHE CA 298 -86.29 -12.74 86.94
CA PHE CA 298 -86.91 -13.92 86.38
C PHE CA 298 -85.92 -14.68 85.50
N HIS CA 299 -86.18 -15.97 85.35
CA HIS CA 299 -85.40 -16.84 84.47
C HIS CA 299 -86.38 -17.78 83.78
N THR CA 300 -86.58 -17.58 82.47
CA THR CA 300 -87.52 -18.41 81.73
C THR CA 300 -87.09 -19.87 81.70
N PHE CA 301 -85.78 -20.12 81.68
CA PHE CA 301 -85.29 -21.49 81.71
C PHE CA 301 -85.72 -22.21 82.97
N ASP CA 302 -85.51 -21.57 84.13
CA ASP CA 302 -85.95 -22.17 85.39
C ASP CA 302 -87.47 -22.26 85.48
N PHE CA 303 -88.17 -21.26 84.95
CA PHE CA 303 -89.64 -21.29 84.98
C PHE CA 303 -90.17 -22.47 84.20
N TYR CA 304 -89.61 -22.71 83.01
CA TYR CA 304 -90.07 -23.85 82.20
C TYR CA 304 -89.59 -25.17 82.78
N LYS CA 305 -88.45 -25.16 83.48
CA LYS CA 305 -88.06 -26.36 84.23
C LYS CA 305 -89.08 -26.69 85.31
N LYS CA 306 -89.56 -25.67 86.01
CA LYS CA 306 -90.56 -25.89 87.05
C LYS CA 306 -91.90 -26.36 86.47
N HIS CA 307 -92.34 -25.73 85.39
CA HIS CA 307 -93.66 -26.00 84.82
C HIS CA 307 -93.59 -26.71 83.47
N GLN CA 308 -92.62 -27.61 83.32
CA GLN CA 308 -92.45 -28.32 82.06
C GLN CA 308 -93.48 -29.42 81.84
N ASP CA 309 -94.04 -29.98 82.91
CA ASP CA 309 -94.95 -31.12 82.77
C ASP CA 309 -96.22 -30.72 82.03
N ALA CA 310 -96.77 -29.55 82.33
CA ALA CA 310 -98.05 -29.13 81.76
C ALA CA 310 -97.90 -28.06 80.68
N MET CA 311 -97.15 -27.00 80.95
CA MET CA 311 -97.06 -25.90 80.01
C MET CA 311 -96.31 -26.30 78.75
N THR CA 312 -96.80 -25.82 77.61
CA THR CA 312 -96.13 -26.00 76.33
C THR CA 312 -96.30 -24.68 75.57
N PRO CA 313 -95.21 -24.04 75.14
CA PRO CA 313 -95.34 -22.75 74.48
C PRO CA 313 -96.01 -22.89 73.11
N ALA CA 314 -96.95 -22.00 72.82
CA ALA CA 314 -97.63 -21.99 71.53
C ALA CA 314 -97.73 -20.60 70.91
N GLY CA 315 -97.58 -19.53 71.68
CA GLY CA 315 -97.68 -18.19 71.13
C GLY CA 315 -96.47 -17.35 71.50
N LEU CA 316 -96.05 -16.50 70.56
CA LEU CA 316 -94.90 -15.64 70.78
C LEU CA 316 -95.10 -14.35 70.01
N ALA CA 317 -94.83 -13.22 70.67
CA ALA CA 317 -94.91 -11.91 70.02
C ALA CA 317 -93.90 -10.99 70.69
N PHE CA 318 -92.82 -10.67 69.99
CA PHE CA 318 -91.75 -9.85 70.55
C PHE CA 318 -91.67 -8.53 69.81
N PHE CA 319 -91.33 -7.47 70.56
CA PHE CA 319 -91.23 -6.14 69.97
C PHE CA 319 -90.10 -5.37 70.63
N GLN CA 320 -89.61 -4.36 69.91
CA GLN CA 320 -88.54 -3.50 70.39
C GLN CA 320 -89.11 -2.26 71.06
N CYS CA 321 -88.39 -1.75 72.05
CA CYS CA 321 -88.83 -0.58 72.79
C CYS CA 321 -87.60 0.23 73.20
N ARG CA 322 -87.65 1.53 72.96
CA ARG CA 322 -86.54 2.43 73.28
C ARG CA 322 -87.00 3.44 74.33
N TRP CA 323 -86.04 4.23 74.81
CA TRP CA 323 -86.30 5.20 75.87
C TRP CA 323 -87.05 6.40 75.33
N ASP CA 324 -87.92 6.96 76.17
CA ASP CA 324 -88.63 8.19 75.85
C ASP CA 324 -88.85 8.96 77.15
N ASP CA 325 -89.64 10.04 77.09
CA ASP CA 325 -89.86 10.87 78.26
C ASP CA 325 -90.71 10.17 79.33
N SER CA 326 -91.48 9.16 78.94
CA SER CA 326 -92.33 8.46 79.90
C SER CA 326 -91.55 7.56 80.85
N VAL CA 327 -90.30 7.23 80.52
CA VAL CA 327 -89.52 6.35 81.38
C VAL CA 327 -89.12 7.05 82.68
N THR CA 328 -88.94 8.37 82.64
CA THR CA 328 -88.55 9.11 83.83
C THR CA 328 -89.62 9.02 84.91
N ARG CA 329 -90.89 9.14 84.52
CA ARG CA 329 -91.98 9.03 85.48
C ARG CA 329 -92.02 7.65 86.11
N VAL CA 330 -91.80 6.60 85.31
CA VAL CA 330 -91.79 5.25 85.85
C VAL CA 330 -90.63 5.08 86.83
N PHE CA 331 -89.45 5.61 86.49
CA PHE CA 331 -88.30 5.47 87.38
C PHE CA 331 -88.50 6.23 88.68
N HIS CA 332 -89.10 7.42 88.61
CA HIS CA 332 -89.21 8.27 89.80
C HIS CA 332 -90.41 7.90 90.67
N GLN CA 333 -91.62 8.00 90.11
CA GLN CA 333 -92.82 7.79 90.89
C GLN CA 333 -93.02 6.33 91.27
N LEU CA 334 -92.86 5.42 90.30
CA LEU CA 334 -93.19 4.03 90.54
C LEU CA 334 -92.05 3.29 91.25
N LEU CA 335 -90.87 3.25 90.62
CA LEU CA 335 -89.75 2.49 91.16
C LEU CA 335 -89.04 3.18 92.32
N ASP CA 336 -89.31 4.47 92.54
CA ASP CA 336 -88.63 5.25 93.57
C ASP CA 336 -87.11 5.17 93.39
N MET CA 337 -86.66 5.50 92.18
CA MET CA 337 -85.26 5.39 91.82
C MET CA 337 -84.85 6.61 91.01
N ARG CA 338 -83.54 6.87 90.99
CA ARG CA 338 -82.97 7.87 90.12
C ARG CA 338 -82.72 7.28 88.74
N GLU CA 339 -82.97 8.09 87.71
CA GLU CA 339 -82.88 7.61 86.34
C GLU CA 339 -81.43 7.33 85.96
N PRO CA 340 -81.13 6.10 85.54
CA PRO CA 340 -79.77 5.79 85.08
C PRO CA 340 -79.58 6.23 83.64
N VAL CA 341 -78.45 6.88 83.36
CA VAL CA 341 -78.11 7.36 82.03
C VAL CA 341 -76.85 6.65 81.57
N PHE CA 342 -76.92 6.01 80.41
CA PHE CA 342 -75.78 5.30 79.83
C PHE CA 342 -75.30 6.03 78.58
N GLU CA 343 -74.19 5.56 78.04
CA GLU CA 343 -73.62 6.13 76.84
C GLU CA 343 -72.78 5.06 76.14
N PHE CA 344 -72.86 5.05 74.81
CA PHE CA 344 -72.11 4.10 73.99
C PHE CA 344 -70.70 4.65 73.82
N VAL CA 345 -69.80 4.23 74.71
CA VAL CA 345 -68.41 4.67 74.68
C VAL CA 345 -67.63 3.75 73.76
N ARG CA 346 -66.70 4.33 72.99
CA ARG CA 346 -65.89 3.58 72.06
C ARG CA 346 -64.51 3.32 72.62
N PRO CA 347 -63.85 2.24 72.20
CA PRO CA 347 -62.51 1.96 72.70
C PRO CA 347 -61.55 3.06 72.29
N PRO CA 348 -60.53 3.33 73.10
CA PRO CA 348 -59.59 4.39 72.76
C PRO CA 348 -58.78 4.01 71.52
N PRO CA 349 -58.34 4.99 70.74
CA PRO CA 349 -57.56 4.68 69.54
C PRO CA 349 -56.23 4.03 69.89
N TYR CA 350 -55.78 3.14 69.01
CA TYR CA 350 -54.53 2.42 69.23
C TYR CA 350 -53.35 3.27 68.74
N HIS CA 351 -52.30 3.30 69.54
CA HIS CA 351 -51.07 3.99 69.18
C HIS CA 351 -49.88 3.09 69.48
N PRO CA 352 -48.89 3.05 68.59
CA PRO CA 352 -47.68 2.26 68.86
C PRO CA 352 -46.85 2.85 69.98
N LYS CA 353 -45.89 2.08 70.50
CA LYS CA 353 -45.03 2.58 71.55
C LYS CA 353 -44.24 3.79 71.05
N GLN CA 354 -44.20 4.84 71.86
CA GLN CA 354 -43.51 6.07 71.48
C GLN CA 354 -42.01 5.83 71.42
N LYS CA 355 -41.39 6.25 70.33
CA LYS CA 355 -39.96 6.04 70.13
C LYS CA 355 -39.15 7.25 70.58
N ARG CA 356 -37.89 7.01 70.94
CA ARG CA 356 -37.01 8.08 71.37
C ARG CA 356 -36.76 9.08 70.24
N PHE CA 357 -36.49 8.57 69.03
CA PHE CA 357 -36.26 9.40 67.85
C PHE CA 357 -37.14 8.90 66.71
N PRO CA 358 -38.38 9.37 66.63
CA PRO CA 358 -39.22 8.99 65.48
C PRO CA 358 -38.60 9.45 64.18
N HIS CA 359 -38.70 8.60 63.16
CA HIS CA 359 -38.07 8.84 61.87
C HIS CA 359 -39.12 9.15 60.82
N ARG CA 360 -38.95 10.28 60.15
CA ARG CA 360 -39.87 10.73 59.09
C ARG CA 360 -41.30 10.81 59.59
N GLN CA 361 -41.49 11.26 60.82
CA GLN CA 361 -42.83 11.42 61.35
C GLN CA 361 -43.22 12.89 61.37
N PRO CA 362 -44.51 13.19 61.20
CA PRO CA 362 -44.96 14.58 61.20
C PRO CA 362 -44.76 15.24 62.55
N LEU CA 363 -44.84 16.57 62.56
CA LEU CA 363 -44.68 17.33 63.79
C LEU CA 363 -45.77 16.97 64.81
N ARG CA 364 -46.93 16.53 64.34
CA ARG CA 364 -48.04 16.18 65.20
C ARG CA 364 -47.84 14.84 65.91
N TYR CA 365 -46.69 14.19 65.70
CA TYR CA 365 -46.43 12.91 66.35
C TYR CA 365 -46.43 13.05 67.87
N LEU CA 366 -45.91 14.17 68.38
CA LEU CA 366 -45.91 14.41 69.83
C LEU CA 366 -47.31 14.61 70.38
N ASP CA 367 -48.25 15.10 69.58
CA ASP CA 367 -49.61 15.32 70.05
C ASP CA 367 -50.38 14.03 70.25
N ARG CA 368 -49.94 12.93 69.63
CA ARG CA 368 -50.64 11.66 69.77
C ARG CA 368 -50.50 11.08 71.17
N TYR CA 369 -49.48 11.48 71.92
CA TYR CA 369 -49.23 10.96 73.26
C TYR CA 369 -49.37 12.03 74.33
N ARG CA 370 -49.97 13.17 73.99
CA ARG CA 370 -50.14 14.24 74.95
C ARG CA 370 -51.22 13.89 75.96
N ASP CA 371 -50.92 14.12 77.24
CA ASP CA 371 -51.89 13.83 78.30
C ASP CA 371 -53.07 14.80 78.23
N SER CA 372 -52.78 16.10 78.12
CA SER CA 372 -53.83 17.10 78.05
C SER CA 372 -53.31 18.30 77.26
N HIS CA 373 -54.24 19.09 76.73
CA HIS CA 373 -53.89 20.26 75.94
C HIS CA 373 -53.74 21.48 76.85
N GLU CA 374 -52.85 21.33 77.85
CA GLU CA 374 -52.57 22.38 78.81
C GLU CA 374 -51.05 22.50 78.94
N PRO CA 375 -50.50 23.69 78.81
CA PRO CA 375 -49.04 23.86 78.99
C PRO CA 375 -48.66 23.61 80.45
N THR CA 376 -47.71 22.71 80.66
CA THR CA 376 -47.27 22.30 81.98
C THR CA 376 -45.87 22.87 82.23
N TYR CA 377 -45.73 23.67 83.28
CA TYR CA 377 -44.45 24.26 83.66
C TYR CA 377 -43.95 23.53 84.90
N GLY CA 378 -42.85 22.81 84.76
CA GLY CA 378 -42.33 22.00 85.84
C GLY CA 378 -41.86 22.79 87.05
N ILE CA 379 -40.80 23.57 86.88
CA ILE CA 379 -40.25 24.36 87.97
C ILE CA 379 -40.43 25.86 87.79
N TYR CA 380 -40.83 26.30 86.60
CA TYR CA 380 -41.00 27.73 86.35
C TYR CA 380 -42.40 28.19 86.74
N SER DA 30 77.54 -64.02 99.94
CA SER DA 30 76.54 -63.39 100.79
C SER DA 30 75.15 -63.49 100.17
N GLN DA 31 74.14 -63.72 100.99
CA GLN DA 31 72.76 -63.84 100.54
C GLN DA 31 72.20 -62.45 100.32
N LEU DA 32 72.48 -61.87 99.16
CA LEU DA 32 72.02 -60.52 98.83
C LEU DA 32 71.36 -60.53 97.46
N SER DA 33 70.15 -60.00 97.40
CA SER DA 33 69.46 -59.84 96.13
C SER DA 33 70.12 -58.73 95.32
N PRO DA 34 70.06 -58.80 93.99
CA PRO DA 34 70.60 -57.69 93.17
C PRO DA 34 69.94 -56.36 93.48
N THR DA 35 68.63 -56.35 93.75
CA THR DA 35 67.98 -55.10 94.15
C THR DA 35 68.52 -54.60 95.49
N GLU DA 36 68.78 -55.50 96.43
CA GLU DA 36 69.39 -55.09 97.70
C GLU DA 36 70.78 -54.52 97.49
N LEU DA 37 71.56 -55.13 96.60
CA LEU DA 37 72.88 -54.59 96.29
C LEU DA 37 72.79 -53.20 95.69
N ILE DA 38 71.83 -53.00 94.77
CA ILE DA 38 71.64 -51.68 94.17
C ILE DA 38 71.23 -50.67 95.24
N GLU DA 39 70.33 -51.06 96.14
CA GLU DA 39 69.90 -50.17 97.21
C GLU DA 39 71.07 -49.79 98.11
N MET DA 40 71.90 -50.77 98.49
CA MET DA 40 73.03 -50.49 99.36
C MET DA 40 74.03 -49.56 98.68
N GLN DA 41 74.32 -49.81 97.40
CA GLN DA 41 75.24 -48.95 96.68
C GLN DA 41 74.71 -47.53 96.56
N ASN DA 42 73.42 -47.38 96.24
CA ASN DA 42 72.84 -46.05 96.14
C ASN DA 42 72.84 -45.33 97.49
N ASP DA 43 72.53 -46.05 98.57
CA ASP DA 43 72.52 -45.43 99.89
C ASP DA 43 73.92 -44.99 100.29
N LEU DA 44 74.93 -45.82 100.04
CA LEU DA 44 76.29 -45.45 100.39
C LEU DA 44 76.76 -44.25 99.56
N PHE DA 45 76.42 -44.23 98.27
CA PHE DA 45 76.78 -43.10 97.43
C PHE DA 45 76.10 -41.83 97.91
N ASN DA 46 74.83 -41.92 98.29
CA ASN DA 46 74.11 -40.76 98.80
C ASN DA 46 74.71 -40.26 100.11
N LYS DA 47 75.11 -41.18 100.99
CA LYS DA 47 75.76 -40.79 102.24
C LYS DA 47 77.08 -40.08 101.96
N GLU DA 48 77.87 -40.59 101.01
CA GLU DA 48 79.12 -39.93 100.66
C GLU DA 48 78.86 -38.54 100.09
N LYS DA 49 77.84 -38.41 99.24
CA LYS DA 49 77.51 -37.09 98.70
C LYS DA 49 77.06 -36.14 99.79
N ASN DA 50 76.28 -36.63 100.75
CA ASN DA 50 75.86 -35.81 101.88
C ASN DA 50 77.05 -35.35 102.71
N ARG DA 51 78.02 -36.25 102.93
CA ARG DA 51 79.23 -35.86 103.64
C ARG DA 51 80.00 -34.79 102.87
N GLN DA 52 80.10 -34.96 101.55
CA GLN DA 52 80.79 -33.96 100.74
C GLN DA 52 80.09 -32.61 100.82
N LEU DA 53 78.76 -32.60 100.77
CA LEU DA 53 78.00 -31.35 100.89
C LEU DA 53 78.17 -30.72 102.26
N SER DA 54 78.15 -31.52 103.33
CA SER DA 54 78.34 -30.98 104.68
C SER DA 54 79.76 -30.53 104.93
N LEU DA 55 80.73 -31.01 104.12
CA LEU DA 55 82.10 -30.56 104.29
C LEU DA 55 82.22 -29.04 104.13
N THR DA 56 81.41 -28.44 103.27
CA THR DA 56 81.38 -26.99 103.14
C THR DA 56 80.16 -26.45 103.87
N PRO DA 57 80.34 -25.75 105.00
CA PRO DA 57 79.17 -25.30 105.76
C PRO DA 57 78.51 -24.06 105.16
N ARG DA 58 79.30 -23.18 104.57
CA ARG DA 58 78.82 -21.92 104.03
C ARG DA 58 78.84 -21.95 102.51
N THR DA 59 78.27 -20.91 101.92
CA THR DA 59 78.20 -20.74 100.47
C THR DA 59 79.21 -19.68 100.07
N GLU DA 60 80.38 -20.11 99.61
CA GLU DA 60 81.43 -19.20 99.18
C GLU DA 60 81.22 -18.79 97.75
N LYS DA 61 81.65 -17.56 97.43
CA LYS DA 61 81.51 -17.00 96.10
C LYS DA 61 82.83 -17.17 95.35
N ILE DA 62 82.76 -17.79 94.17
CA ILE DA 62 83.91 -17.98 93.30
C ILE DA 62 83.69 -17.17 92.03
N GLU DA 63 84.74 -16.46 91.61
CA GLU DA 63 84.71 -15.63 90.41
C GLU DA 63 85.34 -16.44 89.29
N VAL DA 64 84.51 -16.87 88.34
CA VAL DA 64 84.95 -17.72 87.24
C VAL DA 64 84.92 -16.92 85.96
N LYS DA 65 86.06 -16.88 85.26
CA LYS DA 65 86.15 -16.21 83.97
C LYS DA 65 85.77 -17.17 82.85
N HIS DA 66 85.27 -16.61 81.76
CA HIS DA 66 84.94 -17.38 80.56
C HIS DA 66 86.02 -17.12 79.52
N VAL DA 67 86.82 -18.12 79.22
CA VAL DA 67 87.94 -17.98 78.30
C VAL DA 67 87.58 -18.46 76.90
N GLY DA 68 86.29 -18.70 76.64
CA GLY DA 68 85.86 -19.18 75.35
C GLY DA 68 86.06 -18.15 74.25
N LYS DA 69 86.03 -18.66 73.01
CA LYS DA 69 86.27 -17.80 71.85
C LYS DA 69 85.09 -16.87 71.58
N THR DA 70 83.89 -17.26 72.01
CA THR DA 70 82.69 -16.49 71.66
C THR DA 70 82.58 -15.21 72.48
N ASP DA 71 82.50 -15.34 73.80
CA ASP DA 71 82.28 -14.20 74.70
C ASP DA 71 83.44 -14.11 75.69
N PRO DA 72 84.51 -13.40 75.35
CA PRO DA 72 85.61 -13.23 76.29
C PRO DA 72 85.29 -12.19 77.36
N GLY DA 73 85.93 -12.36 78.51
CA GLY DA 73 85.77 -11.44 79.61
C GLY DA 73 84.54 -11.64 80.46
N THR DA 74 83.70 -12.62 80.14
CA THR DA 74 82.51 -12.87 80.94
C THR DA 74 82.89 -13.38 82.31
N VAL DA 75 82.21 -12.87 83.33
CA VAL DA 75 82.50 -13.19 84.73
C VAL DA 75 81.25 -13.80 85.36
N PHE DA 76 81.43 -14.92 86.05
CA PHE DA 76 80.35 -15.62 86.73
C PHE DA 76 80.65 -15.65 88.22
N VAL DA 77 79.69 -15.20 89.03
CA VAL DA 77 79.79 -15.27 90.48
C VAL DA 77 79.02 -16.52 90.89
N MET DA 78 79.74 -17.62 91.12
CA MET DA 78 79.14 -18.92 91.37
C MET DA 78 79.30 -19.33 92.83
N ASN DA 79 78.51 -20.31 93.23
CA ASN DA 79 78.59 -20.87 94.57
C ASN DA 79 79.63 -21.99 94.61
N LYS DA 80 80.48 -21.95 95.61
CA LYS DA 80 81.55 -22.93 95.75
C LYS DA 80 80.96 -24.29 96.08
N ASN DA 81 81.43 -25.32 95.35
CA ASN DA 81 81.01 -26.71 95.53
C ASN DA 81 79.51 -26.92 95.30
N ILE DA 82 78.83 -25.94 94.71
CA ILE DA 82 77.40 -26.03 94.42
C ILE DA 82 77.12 -25.78 92.93
N SER DA 83 77.62 -24.66 92.41
CA SER DA 83 77.40 -24.33 91.01
C SER DA 83 78.20 -25.27 90.10
N THR DA 84 77.72 -25.41 88.87
CA THR DA 84 78.29 -26.33 87.89
C THR DA 84 78.51 -25.62 86.56
N PRO DA 85 79.40 -26.13 85.72
CA PRO DA 85 79.51 -25.59 84.35
C PRO DA 85 78.22 -25.70 83.57
N TYR DA 86 77.35 -26.66 83.87
CA TYR DA 86 76.02 -26.66 83.28
C TYR DA 86 75.23 -25.43 83.70
N SER DA 87 75.34 -25.04 84.97
CA SER DA 87 74.71 -23.80 85.41
C SER DA 87 75.33 -22.58 84.75
N CYS DA 88 76.65 -22.61 84.51
CA CYS DA 88 77.29 -21.53 83.77
C CYS DA 88 76.73 -21.43 82.34
N ALA DA 89 76.55 -22.58 81.69
CA ALA DA 89 75.94 -22.59 80.37
C ALA DA 89 74.52 -22.08 80.40
N MET DA 90 73.76 -22.43 81.44
CA MET DA 90 72.41 -21.88 81.60
C MET DA 90 72.45 -20.37 81.75
N HIS DA 91 73.42 -19.85 82.50
CA HIS DA 91 73.58 -18.41 82.61
C HIS DA 91 73.89 -17.78 81.25
N LEU DA 92 74.72 -18.45 80.45
CA LEU DA 92 75.08 -17.89 79.14
C LEU DA 92 73.90 -17.91 78.17
N SER DA 93 73.44 -19.11 77.81
CA SER DA 93 72.30 -19.29 76.91
C SER DA 93 72.04 -20.79 76.79
N GLU DA 94 70.82 -21.13 76.38
CA GLU DA 94 70.46 -22.53 76.19
C GLU DA 94 71.23 -23.18 75.04
N TRP DA 95 71.77 -22.38 74.12
CA TRP DA 95 72.56 -22.94 73.03
C TRP DA 95 73.81 -23.64 73.57
N TYR DA 96 74.45 -23.06 74.58
CA TYR DA 96 75.60 -23.71 75.21
C TYR DA 96 75.19 -25.02 75.86
N CYS DA 97 74.04 -25.04 76.55
CA CYS DA 97 73.57 -26.28 77.15
C CYS DA 97 73.30 -27.35 76.10
N ARG DA 98 72.70 -26.96 74.98
CA ARG DA 98 72.38 -27.93 73.93
C ARG DA 98 73.64 -28.45 73.24
N LYS DA 99 74.60 -27.57 72.96
CA LYS DA 99 75.76 -27.96 72.15
C LYS DA 99 76.92 -28.47 73.01
N SER DA 100 77.43 -27.63 73.91
CA SER DA 100 78.64 -27.95 74.65
C SER DA 100 78.46 -29.21 75.48
N ILE DA 101 79.43 -30.11 75.39
CA ILE DA 101 79.43 -31.35 76.17
C ILE DA 101 80.45 -31.29 77.30
N LEU DA 102 81.66 -30.81 77.01
CA LEU DA 102 82.74 -30.87 77.98
C LEU DA 102 83.12 -29.46 78.43
N ALA DA 103 83.69 -29.38 79.64
CA ALA DA 103 84.20 -28.13 80.18
C ALA DA 103 85.68 -28.29 80.46
N LEU DA 104 86.45 -27.27 80.08
CA LEU DA 104 87.88 -27.20 80.35
C LEU DA 104 88.05 -26.15 81.44
N VAL DA 105 88.29 -26.61 82.66
CA VAL DA 105 88.47 -25.71 83.81
C VAL DA 105 89.97 -25.43 83.90
N ASP DA 106 90.44 -24.56 83.02
CA ASP DA 106 91.71 -23.85 83.13
C ASP DA 106 92.93 -24.76 83.02
N GLY DA 107 92.76 -26.06 83.20
CA GLY DA 107 93.86 -26.97 82.94
C GLY DA 107 93.52 -28.38 82.55
N GLN DA 108 92.24 -28.73 82.52
CA GLN DA 108 91.83 -30.13 82.46
C GLN DA 108 90.40 -30.21 81.97
N PRO DA 109 89.99 -31.35 81.41
CA PRO DA 109 88.57 -31.56 81.11
C PRO DA 109 87.75 -31.66 82.39
N TRP DA 110 86.47 -31.34 82.25
CA TRP DA 110 85.57 -31.30 83.39
C TRP DA 110 84.15 -31.55 82.91
N ASP DA 111 83.44 -32.48 83.56
CA ASP DA 111 82.08 -32.76 83.17
C ASP DA 111 81.14 -31.64 83.63
N MET DA 112 79.98 -31.57 82.97
CA MET DA 112 79.04 -30.48 83.23
C MET DA 112 78.42 -30.56 84.61
N TYR DA 113 78.19 -31.77 85.13
CA TYR DA 113 77.50 -31.94 86.41
C TYR DA 113 78.47 -32.20 87.57
N LYS DA 114 79.70 -31.70 87.47
CA LYS DA 114 80.64 -31.77 88.57
C LYS DA 114 80.84 -30.38 89.16
N PRO DA 115 80.50 -30.16 90.42
CA PRO DA 115 80.59 -28.82 91.00
C PRO DA 115 82.02 -28.28 90.98
N LEU DA 116 82.12 -26.97 90.75
CA LEU DA 116 83.40 -26.30 90.75
C LEU DA 116 83.89 -26.11 92.19
N THR DA 117 85.20 -25.96 92.34
CA THR DA 117 85.84 -25.85 93.64
C THR DA 117 86.41 -24.47 93.92
N LYS DA 118 87.19 -23.91 92.99
CA LYS DA 118 87.88 -22.65 93.20
C LYS DA 118 87.62 -21.71 92.03
N SER DA 119 88.09 -20.48 92.19
CA SER DA 119 88.05 -19.51 91.09
C SER DA 119 88.96 -19.99 89.97
N CYS DA 120 88.49 -19.87 88.74
CA CYS DA 120 89.17 -20.46 87.59
C CYS DA 120 88.64 -19.81 86.32
N GLU DA 121 88.99 -20.39 85.18
CA GLU DA 121 88.44 -20.00 83.89
C GLU DA 121 87.92 -21.25 83.18
N ILE DA 122 86.83 -21.07 82.44
CA ILE DA 122 86.10 -22.16 81.82
C ILE DA 122 86.07 -21.96 80.31
N LYS DA 123 86.32 -23.05 79.57
CA LYS DA 123 86.15 -23.07 78.12
C LYS DA 123 85.24 -24.24 77.76
N PHE DA 124 84.21 -23.98 76.97
CA PHE DA 124 83.28 -25.03 76.59
C PHE DA 124 83.76 -25.76 75.34
N LEU DA 125 83.50 -27.06 75.30
CA LEU DA 125 83.94 -27.92 74.20
C LEU DA 125 82.77 -28.73 73.67
N THR DA 126 82.59 -28.70 72.36
CA THR DA 126 81.50 -29.37 71.66
C THR DA 126 82.06 -30.53 70.82
N PHE DA 127 81.15 -31.20 70.10
CA PHE DA 127 81.56 -32.31 69.24
C PHE DA 127 82.28 -31.82 68.00
N LYS DA 128 81.84 -30.70 67.43
CA LYS DA 128 82.38 -30.19 66.17
C LYS DA 128 83.44 -29.11 66.39
N ASP DA 129 84.22 -29.22 67.47
CA ASP DA 129 85.29 -28.27 67.72
C ASP DA 129 86.51 -28.64 66.88
N ASP DA 130 87.52 -27.76 66.90
CA ASP DA 130 88.72 -28.00 66.10
C ASP DA 130 89.49 -29.22 66.61
N ASP DA 131 89.56 -29.39 67.94
CA ASP DA 131 90.25 -30.52 68.56
C ASP DA 131 89.28 -31.18 69.54
N PRO DA 132 88.35 -31.98 69.03
CA PRO DA 132 87.30 -32.55 69.90
C PRO DA 132 87.72 -33.83 70.58
N GLY DA 133 89.02 -34.15 70.58
CA GLY DA 133 89.47 -35.44 71.04
C GLY DA 133 89.05 -35.76 72.47
N GLU DA 134 89.12 -34.77 73.36
CA GLU DA 134 88.70 -34.97 74.74
C GLU DA 134 87.22 -35.30 74.82
N VAL DA 135 86.39 -34.60 74.05
CA VAL DA 135 84.96 -34.86 74.05
C VAL DA 135 84.68 -36.25 73.48
N ASN DA 136 85.44 -36.64 72.45
CA ASN DA 136 85.28 -37.97 71.87
C ASN DA 136 85.63 -39.05 72.90
N LYS DA 137 86.70 -38.84 73.66
CA LYS DA 137 87.05 -39.79 74.72
C LYS DA 137 85.95 -39.86 75.78
N ALA DA 138 85.41 -38.70 76.17
CA ALA DA 138 84.35 -38.68 77.17
C ALA DA 138 83.12 -39.43 76.68
N TYR DA 139 82.73 -39.19 75.42
CA TYR DA 139 81.59 -39.91 74.86
C TYR DA 139 81.85 -41.40 74.75
N TRP DA 140 83.08 -41.78 74.40
CA TRP DA 140 83.44 -43.19 74.33
C TRP DA 140 83.29 -43.86 75.69
N ARG DA 141 83.82 -43.21 76.73
CA ARG DA 141 83.71 -43.76 78.08
C ARG DA 141 82.25 -43.83 78.53
N SER DA 142 81.46 -42.81 78.20
CA SER DA 142 80.04 -42.82 78.58
C SER DA 142 79.31 -43.97 77.90
N CYS DA 143 79.58 -44.19 76.62
CA CYS DA 143 78.93 -45.30 75.90
C CYS DA 143 79.37 -46.64 76.48
N ALA DA 144 80.65 -46.78 76.82
CA ALA DA 144 81.12 -48.01 77.45
C ALA DA 144 80.42 -48.25 78.78
N MET DA 145 80.27 -47.21 79.59
CA MET DA 145 79.59 -47.35 80.87
C MET DA 145 78.12 -47.73 80.68
N MET DA 146 77.45 -47.11 79.70
CA MET DA 146 76.06 -47.45 79.43
C MET DA 146 75.91 -48.91 78.99
N MET DA 147 76.82 -49.36 78.11
CA MET DA 147 76.77 -50.75 77.67
C MET DA 147 77.01 -51.70 78.83
N GLY DA 148 77.96 -51.37 79.71
CA GLY DA 148 78.19 -52.20 80.88
C GLY DA 148 76.98 -52.24 81.80
N CYS DA 149 76.31 -51.10 81.98
CA CYS DA 149 75.11 -51.07 82.80
C CYS DA 149 74.01 -51.95 82.20
N VAL DA 150 73.85 -51.90 80.88
CA VAL DA 150 72.86 -52.75 80.23
C VAL DA 150 73.21 -54.22 80.42
N ILE DA 151 74.48 -54.58 80.23
CA ILE DA 151 74.90 -55.97 80.31
C ILE DA 151 74.73 -56.51 81.72
N GLU DA 152 75.10 -55.72 82.73
CA GLU DA 152 75.09 -56.21 84.11
C GLU DA 152 73.68 -56.56 84.57
N ARG DA 153 72.67 -55.88 84.05
CA ARG DA 153 71.29 -56.11 84.48
C ARG DA 153 70.44 -56.82 83.44
N ALA DA 154 70.99 -57.15 82.27
CA ALA DA 154 70.25 -57.92 81.29
C ALA DA 154 70.38 -59.42 81.46
N PHE DA 155 71.11 -59.88 82.48
CA PHE DA 155 71.33 -61.30 82.71
C PHE DA 155 70.49 -61.81 83.87
N LYS DA 156 70.29 -63.11 83.89
CA LYS DA 156 69.46 -63.76 84.90
C LYS DA 156 70.12 -63.64 86.28
N ASP DA 157 69.26 -63.61 87.31
CA ASP DA 157 69.75 -63.48 88.69
C ASP DA 157 70.53 -64.71 89.13
N GLU DA 158 70.11 -65.91 88.72
CA GLU DA 158 70.81 -67.12 89.15
C GLU DA 158 72.22 -67.18 88.60
N TYR DA 159 72.51 -66.49 87.51
CA TYR DA 159 73.85 -66.40 86.98
C TYR DA 159 74.60 -65.23 87.62
N VAL DA 160 75.92 -65.30 87.56
CA VAL DA 160 76.78 -64.26 88.10
C VAL DA 160 77.44 -63.50 86.95
N VAL DA 161 77.43 -62.17 87.04
CA VAL DA 161 78.02 -61.30 86.04
C VAL DA 161 78.86 -60.26 86.78
N SER DA 162 80.14 -60.14 86.43
CA SER DA 162 81.04 -59.20 87.08
C SER DA 162 81.70 -58.34 86.01
N LEU DA 163 81.49 -57.02 86.08
CA LEU DA 163 82.14 -56.10 85.17
C LEU DA 163 83.60 -55.90 85.60
N VAL DA 164 84.52 -55.97 84.65
CA VAL DA 164 85.94 -55.84 84.97
C VAL DA 164 86.35 -54.39 84.88
N ARG DA 165 86.26 -53.82 83.68
CA ARG DA 165 86.67 -52.44 83.43
C ARG DA 165 86.21 -52.07 82.02
N ALA DA 166 86.50 -50.83 81.63
CA ALA DA 166 86.24 -50.34 80.27
C ALA DA 166 87.56 -50.00 79.61
N PRO DA 167 88.10 -50.88 78.76
CA PRO DA 167 89.41 -50.61 78.14
C PRO DA 167 89.35 -49.38 77.24
N GLU DA 168 90.23 -48.42 77.51
CA GLU DA 168 90.28 -47.18 76.74
C GLU DA 168 90.94 -47.46 75.39
N VAL DA 169 90.13 -47.63 74.36
CA VAL DA 169 90.63 -47.80 73.00
C VAL DA 169 90.47 -46.48 72.27
N PRO DA 170 91.34 -46.16 71.30
CA PRO DA 170 91.25 -44.86 70.62
C PRO DA 170 90.02 -44.78 69.74
N VAL DA 171 89.71 -43.54 69.34
CA VAL DA 171 88.57 -43.29 68.48
C VAL DA 171 88.72 -43.97 67.11
N ILE DA 172 89.96 -44.22 66.68
CA ILE DA 172 90.19 -44.87 65.40
C ILE DA 172 89.56 -46.26 65.38
N ALA DA 173 89.61 -46.98 66.51
CA ALA DA 173 88.91 -48.24 66.63
C ALA DA 173 87.41 -48.01 66.46
N GLY DA 174 86.76 -48.95 65.77
CA GLY DA 174 85.37 -48.78 65.39
C GLY DA 174 84.33 -49.09 66.44
N ALA DA 175 84.73 -49.55 67.63
CA ALA DA 175 83.74 -49.90 68.64
C ALA DA 175 84.36 -49.74 70.02
N PHE DA 176 83.52 -49.29 70.96
CA PHE DA 176 83.91 -49.23 72.36
C PHE DA 176 83.72 -50.59 73.01
N CYS DA 177 84.67 -50.98 73.84
CA CYS DA 177 84.73 -52.32 74.40
C CYS DA 177 84.50 -52.29 75.91
N TYR DA 178 83.84 -53.33 76.41
CA TYR DA 178 83.64 -53.50 77.84
C TYR DA 178 83.90 -54.95 78.20
N ASP DA 179 84.54 -55.18 79.35
CA ASP DA 179 84.96 -56.50 79.77
C ASP DA 179 84.03 -57.05 80.84
N VAL DA 180 83.50 -58.25 80.62
CA VAL DA 180 82.56 -58.88 81.53
C VAL DA 180 83.00 -60.32 81.78
N VAL DA 181 82.92 -60.75 83.04
CA VAL DA 181 83.14 -62.14 83.41
C VAL DA 181 81.80 -62.75 83.76
N LEU DA 182 81.43 -63.82 83.05
CA LEU DA 182 80.15 -64.47 83.24
C LEU DA 182 80.30 -65.70 84.13
N ASP DA 183 79.17 -66.29 84.50
CA ASP DA 183 79.15 -67.54 85.24
C ASP DA 183 79.92 -68.63 84.47
N LYS DA 184 80.38 -69.63 85.23
CA LYS DA 184 81.18 -70.70 84.63
C LYS DA 184 80.38 -71.51 83.61
N ARG DA 185 79.09 -71.72 83.86
CA ARG DA 185 78.25 -72.49 82.95
C ARG DA 185 77.81 -71.69 81.74
N LEU DA 186 78.11 -70.39 81.69
CA LEU DA 186 77.78 -69.56 80.54
C LEU DA 186 78.94 -69.44 79.56
N ASP DA 187 80.02 -70.20 79.76
CA ASP DA 187 81.20 -70.11 78.91
C ASP DA 187 81.05 -70.88 77.61
N GLU DA 188 79.99 -71.65 77.44
CA GLU DA 188 79.80 -72.45 76.24
C GLU DA 188 79.09 -71.67 75.13
N TRP DA 189 77.99 -71.01 75.46
CA TRP DA 189 77.19 -70.33 74.46
C TRP DA 189 77.66 -68.89 74.26
N MET DA 190 77.34 -68.34 73.10
CA MET DA 190 77.59 -66.95 72.77
C MET DA 190 76.30 -66.29 72.32
N PRO DA 191 76.08 -65.02 72.67
CA PRO DA 191 74.83 -64.37 72.28
C PRO DA 191 74.68 -64.29 70.77
N THR DA 192 73.45 -64.49 70.31
CA THR DA 192 73.15 -64.52 68.89
C THR DA 192 72.65 -63.15 68.44
N LYS DA 193 72.14 -63.09 67.19
CA LYS DA 193 71.60 -61.83 66.68
C LYS DA 193 70.39 -61.40 67.51
N GLU DA 194 69.57 -62.35 67.95
CA GLU DA 194 68.43 -62.00 68.79
C GLU DA 194 68.88 -61.40 70.11
N ASN DA 195 69.91 -61.98 70.73
CA ASN DA 195 70.43 -61.43 71.98
C ASN DA 195 71.04 -60.05 71.78
N LEU DA 196 71.77 -59.86 70.69
CA LEU DA 196 72.34 -58.55 70.40
C LEU DA 196 71.25 -57.51 70.18
N HIS DA 197 70.18 -57.89 69.48
CA HIS DA 197 69.07 -56.96 69.28
C HIS DA 197 68.36 -56.66 70.60
N SER DA 198 68.24 -57.66 71.48
CA SER DA 198 67.67 -57.40 72.80
C SER DA 198 68.53 -56.41 73.60
N PHE DA 199 69.85 -56.58 73.55
CA PHE DA 199 70.75 -55.64 74.22
C PHE DA 199 70.60 -54.24 73.63
N THR DA 200 70.50 -54.15 72.30
CA THR DA 200 70.33 -52.85 71.66
C THR DA 200 69.01 -52.20 72.08
N LYS DA 201 67.94 -53.00 72.15
CA LYS DA 201 66.65 -52.45 72.58
C LYS DA 201 66.71 -51.98 74.04
N ASP DA 202 67.39 -52.74 74.90
CA ASP DA 202 67.54 -52.31 76.28
C ASP DA 202 68.34 -51.00 76.37
N ALA DA 203 69.40 -50.88 75.57
CA ALA DA 203 70.18 -49.65 75.57
C ALA DA 203 69.35 -48.48 75.07
N ARG DA 204 68.54 -48.69 74.03
CA ARG DA 204 67.67 -47.62 73.53
C ARG DA 204 66.61 -47.24 74.55
N ALA DA 205 66.05 -48.21 75.27
CA ALA DA 205 65.09 -47.89 76.32
C ALA DA 205 65.75 -47.09 77.43
N LEU DA 206 66.99 -47.44 77.80
CA LEU DA 206 67.73 -46.66 78.78
C LEU DA 206 67.99 -45.25 78.29
N ILE DA 207 68.30 -45.08 77.00
CA ILE DA 207 68.51 -43.76 76.43
C ILE DA 207 67.21 -42.95 76.48
N TYR DA 208 66.08 -43.61 76.21
CA TYR DA 208 64.80 -42.90 76.12
C TYR DA 208 64.52 -42.08 77.38
N LYS DA 209 64.80 -42.64 78.55
CA LYS DA 209 64.71 -41.90 79.80
C LYS DA 209 66.01 -41.15 80.03
N ASP DA 210 65.91 -39.84 80.24
CA ASP DA 210 67.09 -39.00 80.42
C ASP DA 210 67.66 -39.21 81.82
N LEU DA 211 68.89 -39.69 81.89
CA LEU DA 211 69.55 -39.95 83.16
C LEU DA 211 70.85 -39.15 83.21
N PRO DA 212 70.94 -38.11 84.02
CA PRO DA 212 72.19 -37.35 84.12
C PRO DA 212 73.32 -38.17 84.71
N PHE DA 213 74.53 -37.86 84.28
CA PHE DA 213 75.73 -38.48 84.80
C PHE DA 213 76.30 -37.64 85.93
N GLU DA 214 76.51 -38.25 87.08
CA GLU DA 214 77.02 -37.58 88.27
C GLU DA 214 78.41 -38.10 88.59
N THR DA 215 79.36 -37.18 88.80
CA THR DA 215 80.73 -37.53 89.13
C THR DA 215 81.01 -37.13 90.57
N LEU DA 216 81.59 -38.06 91.33
CA LEU DA 216 81.91 -37.83 92.74
C LEU DA 216 83.33 -38.28 93.00
N GLU DA 217 84.09 -37.46 93.74
CA GLU DA 217 85.47 -37.77 94.09
C GLU DA 217 85.48 -38.43 95.46
N VAL DA 218 85.81 -39.71 95.49
CA VAL DA 218 85.83 -40.48 96.73
C VAL DA 218 87.21 -41.09 96.93
N GLU DA 219 87.41 -41.78 98.04
CA GLU DA 219 88.66 -42.46 98.33
C GLU DA 219 88.51 -43.97 98.15
N ALA DA 220 89.66 -44.65 98.08
CA ALA DA 220 89.64 -46.10 97.94
C ALA DA 220 89.00 -46.77 99.14
N LYS DA 221 89.13 -46.17 100.33
CA LYS DA 221 88.55 -46.75 101.54
C LYS DA 221 87.05 -46.91 101.43
N VAL DA 222 86.37 -45.91 100.87
CA VAL DA 222 84.93 -46.01 100.69
C VAL DA 222 84.57 -46.71 99.38
N ALA DA 223 85.43 -46.65 98.37
CA ALA DA 223 85.15 -47.36 97.13
C ALA DA 223 85.14 -48.87 97.35
N LEU DA 224 86.05 -49.38 98.19
CA LEU DA 224 86.10 -50.80 98.47
C LEU DA 224 84.80 -51.28 99.12
N GLU DA 225 84.28 -50.53 100.08
CA GLU DA 225 83.02 -50.92 100.70
C GLU DA 225 81.82 -50.66 99.80
N ILE DA 226 81.94 -49.73 98.85
CA ILE DA 226 80.87 -49.52 97.88
C ILE DA 226 80.73 -50.72 96.98
N PHE DA 227 81.84 -51.20 96.42
CA PHE DA 227 81.76 -52.34 95.51
C PHE DA 227 81.68 -53.66 96.27
N GLN DA 228 82.74 -54.01 97.00
CA GLN DA 228 82.73 -55.05 98.01
C GLN DA 228 82.40 -56.45 97.49
N HIS DA 229 82.09 -56.59 96.20
CA HIS DA 229 81.67 -57.88 95.69
C HIS DA 229 82.46 -58.32 94.46
N ASN DA 230 82.80 -57.36 93.59
CA ASN DA 230 83.49 -57.68 92.34
C ASN DA 230 84.99 -57.60 92.57
N LYS DA 231 85.66 -58.77 92.48
CA LYS DA 231 87.10 -58.80 92.68
C LYS DA 231 87.83 -58.00 91.60
N TYR DA 232 87.38 -58.09 90.36
CA TYR DA 232 87.98 -57.31 89.28
C TYR DA 232 87.83 -55.81 89.53
N LYS DA 233 86.64 -55.39 89.99
CA LYS DA 233 86.44 -53.99 90.30
C LYS DA 233 87.32 -53.55 91.46
N LEU DA 234 87.48 -54.40 92.48
CA LEU DA 234 88.37 -54.06 93.59
C LEU DA 234 89.81 -53.91 93.12
N ASP DA 235 90.27 -54.81 92.25
CA ASP DA 235 91.61 -54.71 91.70
C ASP DA 235 91.78 -53.44 90.89
N PHE DA 236 90.76 -53.10 90.09
CA PHE DA 236 90.81 -51.86 89.31
C PHE DA 236 90.89 -50.63 90.21
N ILE DA 237 90.11 -50.63 91.30
CA ILE DA 237 90.14 -49.53 92.25
C ILE DA 237 91.52 -49.43 92.89
N GLU DA 238 92.10 -50.56 93.27
CA GLU DA 238 93.42 -50.55 93.89
C GLU DA 238 94.48 -50.01 92.93
N GLU DA 239 94.45 -50.46 91.67
CA GLU DA 239 95.48 -50.01 90.73
C GLU DA 239 95.26 -48.56 90.31
N LYS DA 240 94.01 -48.07 90.36
CA LYS DA 240 93.78 -46.66 90.10
C LYS DA 240 94.16 -45.77 91.27
N ALA DA 241 94.01 -46.27 92.50
CA ALA DA 241 94.42 -45.54 93.68
C ALA DA 241 95.94 -45.56 93.89
N SER DA 242 96.62 -46.59 93.39
CA SER DA 242 98.07 -46.67 93.56
C SER DA 242 98.76 -45.50 92.87
N GLN DA 243 98.33 -45.16 91.65
CA GLN DA 243 98.95 -44.07 90.91
C GLN DA 243 98.55 -42.69 91.44
N ASN DA 244 97.56 -42.61 92.32
CA ASN DA 244 97.14 -41.36 92.92
C ASN DA 244 97.69 -41.27 94.34
N PRO DA 245 98.61 -40.34 94.63
CA PRO DA 245 99.16 -40.25 95.99
C PRO DA 245 98.13 -39.97 97.05
N GLU DA 246 97.05 -39.27 96.72
CA GLU DA 246 96.01 -38.93 97.69
C GLU DA 246 94.96 -40.01 97.85
N ARG DA 247 95.07 -41.11 97.09
CA ARG DA 247 94.11 -42.21 97.14
C ARG DA 247 92.70 -41.72 96.84
N ILE DA 248 92.54 -41.13 95.66
CA ILE DA 248 91.27 -40.56 95.21
C ILE DA 248 90.78 -41.38 94.02
N VAL DA 249 89.54 -41.84 94.10
CA VAL DA 249 88.92 -42.64 93.06
C VAL DA 249 87.71 -41.88 92.53
N LYS DA 250 87.64 -41.73 91.21
CA LYS DA 250 86.53 -41.03 90.55
C LYS DA 250 85.41 -42.01 90.31
N LEU DA 251 84.23 -41.72 90.84
CA LEU DA 251 83.05 -42.55 90.67
C LEU DA 251 82.00 -41.83 89.85
N HIS DA 252 81.33 -42.58 88.97
CA HIS DA 252 80.27 -42.05 88.14
C HIS DA 252 79.00 -42.85 88.41
N ARG DA 253 77.87 -42.15 88.49
CA ARG DA 253 76.60 -42.78 88.80
C ARG DA 253 75.48 -42.11 88.02
N PHE DA 254 74.69 -42.90 87.31
CA PHE DA 254 73.49 -42.42 86.65
C PHE DA 254 72.37 -43.39 86.96
N GLY DA 255 71.21 -42.86 87.35
CA GLY DA 255 70.10 -43.69 87.74
C GLY DA 255 70.40 -44.54 88.95
N ASP DA 256 70.51 -45.85 88.75
CA ASP DA 256 70.85 -46.78 89.83
C ASP DA 256 72.15 -47.52 89.57
N PHE DA 257 72.94 -47.12 88.57
CA PHE DA 257 74.16 -47.80 88.20
C PHE DA 257 75.36 -46.97 88.65
N ILE DA 258 76.29 -47.62 89.36
CA ILE DA 258 77.50 -46.98 89.87
C ILE DA 258 78.70 -47.71 89.28
N ASP DA 259 79.65 -46.95 88.74
CA ASP DA 259 80.84 -47.53 88.13
C ASP DA 259 81.99 -46.55 88.27
N VAL DA 260 83.21 -47.09 88.18
CA VAL DA 260 84.44 -46.29 88.25
C VAL DA 260 85.07 -46.25 86.87
N SER DA 261 85.39 -45.05 86.41
CA SER DA 261 86.00 -44.87 85.10
C SER DA 261 86.89 -43.63 85.12
N GLU DA 262 87.81 -43.58 84.17
CA GLU DA 262 88.78 -42.50 84.10
C GLU DA 262 88.17 -41.28 83.40
N GLY DA 263 88.45 -40.10 83.94
CA GLY DA 263 88.04 -38.87 83.30
C GLY DA 263 86.57 -38.57 83.46
N PRO DA 264 86.13 -37.46 82.88
CA PRO DA 264 84.72 -37.07 82.97
C PRO DA 264 83.87 -37.82 81.95
N LEU DA 265 82.57 -37.55 81.98
CA LEU DA 265 81.60 -38.16 81.10
C LEU DA 265 80.68 -37.08 80.52
N ILE DA 266 79.80 -37.50 79.62
CA ILE DA 266 78.82 -36.60 79.01
C ILE DA 266 77.79 -36.22 80.06
N PRO DA 267 77.16 -35.06 79.96
CA PRO DA 267 76.19 -34.66 80.99
C PRO DA 267 74.89 -35.46 80.96
N ARG DA 268 74.36 -35.69 79.76
CA ARG DA 268 73.06 -36.32 79.59
C ARG DA 268 73.19 -37.61 78.78
N THR DA 269 72.40 -38.61 79.16
CA THR DA 269 72.34 -39.85 78.40
C THR DA 269 71.68 -39.63 77.04
N SER DA 270 70.64 -38.80 76.99
CA SER DA 270 69.88 -38.58 75.76
C SER DA 270 70.73 -38.00 74.63
N ILE DA 271 71.97 -37.60 74.91
CA ILE DA 271 72.87 -37.18 73.84
C ILE DA 271 73.11 -38.32 72.87
N CYS DA 272 73.21 -39.55 73.38
CA CYS DA 272 73.40 -40.71 72.52
C CYS DA 272 72.11 -40.97 71.73
N PHE DA 273 72.16 -40.76 70.42
CA PHE DA 273 71.00 -40.97 69.56
C PHE DA 273 71.03 -42.34 68.89
N GLN DA 274 72.11 -42.63 68.16
CA GLN DA 274 72.29 -43.94 67.55
C GLN DA 274 73.12 -44.81 68.48
N TYR DA 275 72.68 -46.05 68.69
CA TYR DA 275 73.36 -46.94 69.62
C TYR DA 275 73.12 -48.38 69.18
N GLU DA 276 74.20 -49.16 69.13
CA GLU DA 276 74.13 -50.56 68.73
C GLU DA 276 75.16 -51.36 69.50
N VAL DA 277 74.82 -52.61 69.81
CA VAL DA 277 75.76 -53.56 70.39
C VAL DA 277 76.28 -54.39 69.23
N SER DA 278 77.53 -54.13 68.83
CA SER DA 278 78.06 -54.71 67.60
C SER DA 278 78.28 -56.21 67.74
N ALA DA 279 79.17 -56.61 68.65
CA ALA DA 279 79.55 -58.02 68.73
C ALA DA 279 80.13 -58.31 70.10
N VAL DA 280 80.51 -59.58 70.28
CA VAL DA 280 81.15 -60.05 71.50
C VAL DA 280 82.31 -60.97 71.11
N HIS DA 281 83.40 -60.88 71.86
CA HIS DA 281 84.57 -61.72 71.62
C HIS DA 281 85.03 -62.32 72.93
N ASN DA 282 85.13 -63.64 72.99
CA ASN DA 282 85.54 -64.35 74.19
C ASN DA 282 87.06 -64.53 74.17
N LEU DA 283 87.76 -63.82 75.05
CA LEU DA 283 89.21 -63.94 75.17
C LEU DA 283 89.53 -64.73 76.43
N GLN DA 284 90.30 -65.80 76.28
CA GLN DA 284 90.58 -66.74 77.36
C GLN DA 284 92.01 -66.52 77.85
N THR DA 285 92.16 -66.30 79.15
CA THR DA 285 93.45 -66.16 79.80
C THR DA 285 93.73 -67.38 80.67
N GLN DA 286 94.89 -67.37 81.34
CA GLN DA 286 95.26 -68.47 82.21
C GLN DA 286 94.45 -68.52 83.50
N SER DA 287 93.85 -67.40 83.90
CA SER DA 287 93.05 -67.32 85.12
C SER DA 287 91.56 -67.40 84.86
N SER DA 288 91.06 -66.66 83.89
CA SER DA 288 89.63 -66.65 83.57
C SER DA 288 89.44 -66.19 82.13
N LEU DA 289 88.24 -66.43 81.61
CA LEU DA 289 87.86 -66.02 80.27
C LEU DA 289 86.90 -64.84 80.38
N VAL DA 290 87.13 -63.82 79.56
CA VAL DA 290 86.39 -62.57 79.63
C VAL DA 290 85.71 -62.33 78.29
N ARG DA 291 84.43 -61.96 78.35
CA ARG DA 291 83.70 -61.53 77.18
C ARG DA 291 83.92 -60.04 76.98
N ARG DA 292 84.50 -59.68 75.85
CA ARG DA 292 84.68 -58.28 75.46
C ARG DA 292 83.53 -57.92 74.53
N PHE DA 293 82.60 -57.10 75.02
CA PHE DA 293 81.48 -56.64 74.23
C PHE DA 293 81.87 -55.34 73.53
N GLN DA 294 81.76 -55.32 72.22
CA GLN DA 294 82.07 -54.15 71.41
C GLN DA 294 80.78 -53.58 70.85
N GLY DA 295 80.58 -52.27 71.05
CA GLY DA 295 79.39 -51.60 70.58
C GLY DA 295 79.75 -50.31 69.86
N LEU DA 296 78.78 -49.82 69.09
CA LEU DA 296 78.97 -48.61 68.30
C LEU DA 296 77.84 -47.62 68.57
N SER DA 297 78.20 -46.35 68.68
CA SER DA 297 77.22 -45.31 68.95
C SER DA 297 77.67 -44.00 68.33
N LEU DA 298 76.71 -43.15 68.02
CA LEU DA 298 76.95 -41.81 67.51
C LEU DA 298 75.99 -40.85 68.20
N PRO DA 299 76.41 -39.61 68.45
CA PRO DA 299 75.53 -38.66 69.15
C PRO DA 299 74.43 -38.10 68.25
N VAL DA 300 73.52 -37.33 68.84
CA VAL DA 300 72.48 -36.67 68.07
C VAL DA 300 73.06 -35.61 67.14
N HIS DA 301 74.10 -34.90 67.58
CA HIS DA 301 74.71 -33.86 66.75
C HIS DA 301 75.40 -34.45 65.54
N LEU DA 302 75.98 -35.64 65.68
CA LEU DA 302 76.79 -36.26 64.63
C LEU DA 302 76.18 -37.54 64.10
N ARG DA 303 74.85 -37.60 63.94
CA ARG DA 303 74.24 -38.78 63.36
C ARG DA 303 74.58 -38.88 61.87
N ALA DA 304 74.74 -40.10 61.39
CA ALA DA 304 75.17 -40.35 60.03
C ALA DA 304 74.02 -41.00 59.23
N HIS DA 305 74.28 -41.21 57.95
CA HIS DA 305 73.30 -41.82 57.07
C HIS DA 305 73.16 -43.31 57.38
N PHE DA 306 72.11 -43.92 56.81
CA PHE DA 306 71.84 -45.33 57.08
C PHE DA 306 72.96 -46.22 56.53
N THR DA 307 73.39 -45.96 55.29
CA THR DA 307 74.46 -46.76 54.70
C THR DA 307 75.78 -46.56 55.42
N ILE DA 308 76.08 -45.31 55.82
CA ILE DA 308 77.30 -45.04 56.56
C ILE DA 308 77.27 -45.76 57.90
N TRP DA 309 76.13 -45.74 58.58
CA TRP DA 309 75.99 -46.45 59.85
C TRP DA 309 76.17 -47.95 59.66
N ASN DA 310 75.62 -48.50 58.58
CA ASN DA 310 75.79 -49.92 58.30
C ASN DA 310 77.26 -50.27 58.07
N LYS DA 311 77.97 -49.43 57.32
CA LYS DA 311 79.40 -49.67 57.08
C LYS DA 311 80.19 -49.58 58.38
N LEU DA 312 79.88 -48.59 59.21
CA LEU DA 312 80.59 -48.45 60.48
C LEU DA 312 80.31 -49.63 61.40
N LEU DA 313 79.06 -50.11 61.42
CA LEU DA 313 78.74 -51.28 62.23
C LEU DA 313 79.47 -52.52 61.72
N GLU DA 314 79.54 -52.68 60.39
CA GLU DA 314 80.28 -53.80 59.83
C GLU DA 314 81.75 -53.74 60.21
N ARG DA 315 82.34 -52.55 60.18
CA ARG DA 315 83.72 -52.41 60.64
C ARG DA 315 83.86 -52.74 62.12
N SER DA 316 82.92 -52.28 62.94
CA SER DA 316 82.96 -52.54 64.38
C SER DA 316 82.74 -54.01 64.72
N ARG DA 317 82.16 -54.79 63.80
CA ARG DA 317 81.99 -56.22 64.04
C ARG DA 317 83.31 -56.92 64.32
N LYS DA 318 84.42 -56.38 63.83
CA LYS DA 318 85.71 -57.04 64.00
C LYS DA 318 86.22 -56.90 65.43
N MET DA 319 87.22 -57.71 65.76
CA MET DA 319 87.84 -57.67 67.08
C MET DA 319 88.64 -56.40 67.27
N VAL DA 320 88.56 -55.83 68.47
CA VAL DA 320 89.35 -54.66 68.86
C VAL DA 320 90.22 -55.07 70.03
N THR DA 321 91.53 -54.88 69.90
CA THR DA 321 92.49 -55.25 70.93
C THR DA 321 93.44 -54.07 71.16
N GLU DA 322 93.21 -53.32 72.24
CA GLU DA 322 94.09 -52.21 72.60
C GLU DA 322 93.95 -51.98 74.11
N ASP DA 323 94.93 -52.46 74.86
CA ASP DA 323 94.93 -52.34 76.31
C ASP DA 323 96.04 -51.44 76.85
N LYS DA 324 97.20 -51.41 76.22
CA LYS DA 324 98.31 -50.59 76.69
C LYS DA 324 99.13 -50.06 75.51
N PRO EA 58 -32.07 -8.44 -21.69
CA PRO EA 58 -32.48 -9.57 -20.83
C PRO EA 58 -32.37 -9.26 -19.34
N LYS EA 59 -31.36 -8.51 -18.92
CA LYS EA 59 -31.27 -8.12 -17.52
C LYS EA 59 -32.48 -7.30 -17.10
N LYS EA 60 -32.89 -6.36 -17.96
CA LYS EA 60 -34.08 -5.55 -17.68
C LYS EA 60 -35.33 -6.41 -17.62
N ASP EA 61 -35.45 -7.38 -18.53
CA ASP EA 61 -36.60 -8.28 -18.51
C ASP EA 61 -36.65 -9.10 -17.22
N GLN EA 62 -35.49 -9.63 -16.80
CA GLN EA 62 -35.44 -10.40 -15.56
C GLN EA 62 -35.78 -9.53 -14.36
N ALA EA 63 -35.29 -8.29 -14.34
CA ALA EA 63 -35.63 -7.38 -13.25
C ALA EA 63 -37.12 -7.08 -13.23
N ALA EA 64 -37.72 -6.90 -14.42
CA ALA EA 64 -39.16 -6.67 -14.49
C ALA EA 64 -39.94 -7.87 -13.97
N LYS EA 65 -39.51 -9.08 -14.32
CA LYS EA 65 -40.18 -10.27 -13.81
C LYS EA 65 -40.03 -10.38 -12.29
N ASP EA 66 -38.85 -10.06 -11.77
CA ASP EA 66 -38.64 -10.08 -10.32
C ASP EA 66 -39.54 -9.07 -9.62
N ARG EA 67 -39.67 -7.88 -10.19
CA ARG EA 67 -40.53 -6.86 -9.59
C ARG EA 67 -42.00 -7.26 -9.69
N LEU EA 68 -42.37 -7.95 -10.77
CA LEU EA 68 -43.73 -8.48 -10.88
C LEU EA 68 -44.00 -9.52 -9.78
N LYS EA 69 -43.02 -10.38 -9.51
CA LYS EA 69 -43.17 -11.35 -8.43
C LYS EA 69 -43.27 -10.65 -7.07
N LYS EA 70 -42.48 -9.58 -6.87
CA LYS EA 70 -42.57 -8.82 -5.64
C LYS EA 70 -43.94 -8.17 -5.48
N ARG EA 71 -44.49 -7.63 -6.56
CA ARG EA 71 -45.85 -7.09 -6.52
C ARG EA 71 -46.87 -8.18 -6.22
N ILE EA 72 -46.67 -9.38 -6.77
CA ILE EA 72 -47.54 -10.51 -6.45
C ILE EA 72 -47.52 -10.79 -4.95
N ARG EA 73 -46.31 -10.83 -4.37
CA ARG EA 73 -46.20 -11.07 -2.94
C ARG EA 73 -46.87 -9.97 -2.13
N ARG EA 74 -46.66 -8.71 -2.53
CA ARG EA 74 -47.25 -7.59 -1.81
C ARG EA 74 -48.77 -7.63 -1.87
N LEU EA 75 -49.34 -7.94 -3.02
CA LEU EA 75 -50.79 -8.03 -3.14
C LEU EA 75 -51.37 -9.25 -2.42
N GLU EA 76 -50.63 -10.35 -2.35
CA GLU EA 76 -51.07 -11.50 -1.57
C GLU EA 76 -50.98 -11.25 -0.07
N LYS EA 77 -50.07 -10.37 0.36
CA LYS EA 77 -49.97 -10.01 1.77
C LYS EA 77 -51.08 -9.09 2.22
N ALA EA 78 -51.93 -8.61 1.32
CA ALA EA 78 -53.01 -7.70 1.67
C ALA EA 78 -54.17 -8.48 2.30
N SER EA 79 -55.27 -7.80 2.56
CA SER EA 79 -56.43 -8.40 3.20
C SER EA 79 -57.37 -9.00 2.17
N GLN EA 80 -58.33 -9.79 2.68
CA GLN EA 80 -59.31 -10.48 1.83
C GLN EA 80 -60.72 -10.12 2.27
N GLU EA 81 -60.99 -8.83 2.45
CA GLU EA 81 -62.27 -8.37 2.97
C GLU EA 81 -63.41 -8.78 2.04
N LEU EA 82 -64.55 -9.10 2.64
CA LEU EA 82 -65.71 -9.59 1.92
C LEU EA 82 -66.43 -8.44 1.20
N ILE EA 83 -67.31 -8.82 0.29
CA ILE EA 83 -68.15 -7.85 -0.41
C ILE EA 83 -69.23 -7.34 0.54
N PRO EA 84 -69.43 -6.03 0.66
CA PRO EA 84 -70.53 -5.53 1.51
C PRO EA 84 -71.87 -6.02 0.98
N ILE EA 85 -72.77 -6.32 1.90
CA ILE EA 85 -74.08 -6.86 1.55
C ILE EA 85 -75.09 -5.72 1.53
N GLU EA 86 -75.82 -5.59 0.42
CA GLU EA 86 -76.79 -4.51 0.27
C GLU EA 86 -78.01 -4.70 1.15
N ASP EA 87 -78.33 -5.93 1.56
CA ASP EA 87 -79.48 -6.16 2.42
C ASP EA 87 -79.28 -5.51 3.78
N PHE EA 88 -78.06 -5.60 4.34
CA PHE EA 88 -77.82 -5.15 5.69
C PHE EA 88 -77.59 -3.64 5.78
N ILE EA 89 -77.43 -2.96 4.64
CA ILE EA 89 -77.22 -1.51 4.63
C ILE EA 89 -78.44 -0.84 4.02
N THR EA 90 -78.95 0.18 4.70
CA THR EA 90 -80.15 0.89 4.26
C THR EA 90 -79.78 1.94 3.22
N PRO EA 91 -80.40 1.91 2.05
CA PRO EA 91 -80.14 2.94 1.03
C PRO EA 91 -80.62 4.31 1.49
N VAL EA 92 -80.00 5.33 0.91
CA VAL EA 92 -80.32 6.71 1.28
C VAL EA 92 -81.74 7.11 0.86
N LYS EA 93 -82.35 6.39 -0.07
CA LYS EA 93 -83.67 6.75 -0.57
C LYS EA 93 -84.77 6.60 0.48
N PHE EA 94 -84.49 5.92 1.59
CA PHE EA 94 -85.49 5.66 2.62
C PHE EA 94 -85.52 6.72 3.71
N LEU EA 95 -84.65 7.72 3.65
CA LEU EA 95 -84.60 8.74 4.69
C LEU EA 95 -85.69 9.79 4.54
N ASN EA 96 -86.28 9.94 3.35
CA ASN EA 96 -87.25 11.00 3.10
C ASN EA 96 -88.69 10.55 3.30
N LYS EA 97 -88.96 9.26 3.32
CA LYS EA 97 -90.31 8.74 3.42
C LYS EA 97 -90.76 8.48 4.85
N GLU EA 98 -89.86 8.62 5.83
CA GLU EA 98 -90.22 8.30 7.21
C GLU EA 98 -91.12 9.36 7.84
N ARG EA 99 -90.80 10.64 7.62
CA ARG EA 99 -91.57 11.72 8.22
C ARG EA 99 -92.99 11.81 7.68
N GLN EA 100 -93.24 11.26 6.49
CA GLN EA 100 -94.57 11.32 5.89
C GLN EA 100 -95.47 10.18 6.35
N ARG EA 101 -94.95 9.22 7.12
CA ARG EA 101 -95.75 8.09 7.56
C ARG EA 101 -96.61 8.50 8.75
N PRO EA 102 -97.93 8.39 8.66
CA PRO EA 102 -98.80 8.77 9.78
C PRO EA 102 -98.88 7.65 10.80
N PRO EA 103 -99.23 7.97 12.05
CA PRO EA 103 -99.42 6.91 13.06
C PRO EA 103 -100.68 6.12 12.79
N VAL EA 104 -100.79 4.99 13.49
CA VAL EA 104 -101.87 4.03 13.25
C VAL EA 104 -102.94 4.05 14.34
N GLU EA 105 -102.58 4.36 15.59
CA GLU EA 105 -103.52 4.48 16.70
C GLU EA 105 -104.31 3.17 16.90
N LEU EA 106 -103.56 2.14 17.28
CA LEU EA 106 -104.16 0.83 17.53
C LEU EA 106 -105.20 0.93 18.64
N PRO EA 107 -106.42 0.44 18.43
CA PRO EA 107 -107.45 0.52 19.46
C PRO EA 107 -107.38 -0.62 20.46
N PHE EA 108 -108.20 -0.49 21.52
CA PHE EA 108 -108.17 -1.45 22.62
C PHE EA 108 -108.60 -2.84 22.16
N GLU EA 109 -109.68 -2.92 21.38
CA GLU EA 109 -110.17 -4.23 20.94
C GLU EA 109 -109.16 -4.93 20.04
N GLU EA 110 -108.53 -4.18 19.13
CA GLU EA 110 -107.51 -4.76 18.27
C GLU EA 110 -106.30 -5.20 19.09
N SER EA 111 -105.90 -4.41 20.08
CA SER EA 111 -104.79 -4.81 20.94
C SER EA 111 -105.11 -6.10 21.68
N GLU EA 112 -106.33 -6.21 22.22
CA GLU EA 112 -106.69 -7.41 22.96
C GLU EA 112 -106.76 -8.64 22.06
N ARG EA 113 -107.34 -8.50 20.86
CA ARG EA 113 -107.39 -9.64 19.95
C ARG EA 113 -105.99 -10.02 19.48
N ARG EA 114 -105.11 -9.03 19.31
CA ARG EA 114 -103.73 -9.33 18.94
C ARG EA 114 -103.01 -10.09 20.06
N ALA EA 115 -103.24 -9.70 21.31
CA ALA EA 115 -102.65 -10.42 22.43
C ALA EA 115 -103.16 -11.86 22.50
N LEU EA 116 -104.47 -12.04 22.30
CA LEU EA 116 -105.04 -13.38 22.28
C LEU EA 116 -104.44 -14.21 21.14
N LEU EA 117 -104.31 -13.61 19.95
CA LEU EA 117 -103.73 -14.32 18.82
C LEU EA 117 -102.27 -14.68 19.09
N LEU EA 118 -101.53 -13.78 19.73
CA LEU EA 118 -100.13 -14.08 20.07
C LEU EA 118 -100.05 -15.25 21.05
N LYS EA 119 -100.92 -15.28 22.06
CA LYS EA 119 -100.89 -16.40 23.00
C LYS EA 119 -101.25 -17.71 22.32
N ARG EA 120 -102.29 -17.68 21.46
CA ARG EA 120 -102.66 -18.89 20.72
C ARG EA 120 -101.52 -19.34 19.81
N TRP EA 121 -100.85 -18.40 19.16
CA TRP EA 121 -99.74 -18.73 18.27
C TRP EA 121 -98.57 -19.33 19.05
N SER EA 122 -98.30 -18.79 20.24
CA SER EA 122 -97.23 -19.35 21.08
C SER EA 122 -97.55 -20.78 21.48
N LEU EA 123 -98.79 -21.02 21.91
CA LEU EA 123 -99.18 -22.38 22.28
C LEU EA 123 -99.09 -23.32 21.08
N TYR EA 124 -99.57 -22.87 19.92
CA TYR EA 124 -99.54 -23.70 18.71
C TYR EA 124 -98.11 -24.00 18.29
N LYS EA 125 -97.22 -23.01 18.37
CA LYS EA 125 -95.82 -23.23 18.04
C LYS EA 125 -95.17 -24.22 19.01
N GLN EA 126 -95.48 -24.09 20.30
CA GLN EA 126 -94.94 -25.04 21.27
C GLN EA 126 -95.40 -26.46 20.97
N ARG EA 127 -96.68 -26.62 20.67
CA ARG EA 127 -97.19 -27.96 20.36
C ARG EA 127 -96.60 -28.50 19.06
N GLU EA 128 -96.42 -27.64 18.05
CA GLU EA 128 -95.81 -28.07 16.81
C GLU EA 128 -94.37 -28.51 17.02
N HIS EA 129 -93.61 -27.74 17.80
CA HIS EA 129 -92.24 -28.14 18.12
C HIS EA 129 -92.22 -29.46 18.87
N GLU EA 130 -93.14 -29.65 19.82
CA GLU EA 130 -93.19 -30.89 20.58
C GLU EA 130 -93.48 -32.08 19.68
N MET EA 131 -94.45 -31.94 18.77
CA MET EA 131 -94.80 -33.06 17.90
C MET EA 131 -93.70 -33.35 16.89
N GLU EA 132 -93.02 -32.29 16.39
CA GLU EA 132 -91.90 -32.52 15.49
C GLU EA 132 -90.75 -33.22 16.20
N ARG EA 133 -90.49 -32.85 17.46
CA ARG EA 133 -89.44 -33.51 18.21
C ARG EA 133 -89.81 -34.95 18.52
N SER EA 134 -91.08 -35.23 18.80
CA SER EA 134 -91.52 -36.61 18.97
C SER EA 134 -91.33 -37.41 17.69
N ALA EA 135 -91.65 -36.80 16.54
CA ALA EA 135 -91.48 -37.49 15.27
C ALA EA 135 -90.02 -37.79 14.98
N ILE EA 136 -89.14 -36.82 15.22
CA ILE EA 136 -87.72 -37.06 14.97
C ILE EA 136 -87.15 -38.07 15.96
N ARG EA 137 -87.68 -38.08 17.20
CA ARG EA 137 -87.26 -39.10 18.15
C ARG EA 137 -87.67 -40.49 17.68
N SER EA 138 -88.89 -40.63 17.16
CA SER EA 138 -89.32 -41.91 16.62
C SER EA 138 -88.46 -42.32 15.43
N LEU EA 139 -88.15 -41.38 14.54
CA LEU EA 139 -87.31 -41.69 13.39
C LEU EA 139 -85.92 -42.14 13.85
N LEU EA 140 -85.35 -41.44 14.84
CA LEU EA 140 -84.02 -41.80 15.33
C LEU EA 140 -84.02 -43.14 16.03
N GLU EA 141 -85.08 -43.46 16.79
CA GLU EA 141 -85.13 -44.76 17.44
C GLU EA 141 -85.29 -45.89 16.43
N ALA EA 142 -86.08 -45.65 15.37
CA ALA EA 142 -86.16 -46.63 14.29
C ALA EA 142 -84.81 -46.82 13.61
N GLN EA 143 -84.10 -45.72 13.36
CA GLN EA 143 -82.78 -45.80 12.73
C GLN EA 143 -81.80 -46.57 13.60
N GLU EA 144 -81.78 -46.30 14.91
CA GLU EA 144 -80.83 -46.98 15.77
C GLU EA 144 -81.20 -48.45 15.96
N GLU EA 145 -82.50 -48.77 15.99
CA GLU EA 145 -82.90 -50.18 16.02
C GLU EA 145 -82.46 -50.91 14.76
N ALA EA 146 -82.63 -50.28 13.60
CA ALA EA 146 -82.18 -50.88 12.36
C ALA EA 146 -80.67 -51.08 12.34
N LEU EA 147 -79.92 -50.07 12.82
CA LEU EA 147 -78.47 -50.19 12.85
C LEU EA 147 -78.02 -51.27 13.81
N GLN EA 148 -78.67 -51.39 14.96
CA GLN EA 148 -78.32 -52.45 15.91
C GLN EA 148 -78.63 -53.82 15.34
N GLU EA 149 -79.76 -53.96 14.64
CA GLU EA 149 -80.07 -55.23 13.98
C GLU EA 149 -79.04 -55.57 12.92
N LEU EA 150 -78.61 -54.56 12.15
CA LEU EA 150 -77.56 -54.78 11.16
C LEU EA 150 -76.26 -55.25 11.82
N ARG EA 151 -75.90 -54.59 12.93
CA ARG EA 151 -74.69 -54.98 13.65
C ARG EA 151 -74.78 -56.40 14.18
N LEU EA 152 -75.94 -56.79 14.70
CA LEU EA 152 -76.14 -58.15 15.17
C LEU EA 152 -76.07 -59.15 14.02
N SER EA 153 -76.62 -58.80 12.86
CA SER EA 153 -76.69 -59.74 11.74
C SER EA 153 -75.33 -59.93 11.07
N SER EA 154 -74.77 -58.84 10.54
CA SER EA 154 -73.51 -58.92 9.80
C SER EA 154 -72.70 -57.65 10.02
N PRO EA 155 -71.41 -57.78 10.34
CA PRO EA 155 -70.58 -56.60 10.59
C PRO EA 155 -70.10 -55.93 9.31
N GLU EA 156 -69.91 -56.73 8.25
CA GLU EA 156 -69.41 -56.17 7.00
C GLU EA 156 -70.41 -55.21 6.38
N LEU EA 157 -71.69 -55.59 6.34
CA LEU EA 157 -72.72 -54.68 5.83
C LEU EA 157 -72.87 -53.46 6.71
N HIS EA 158 -72.74 -53.63 8.04
CA HIS EA 158 -72.81 -52.48 8.94
C HIS EA 158 -71.69 -51.49 8.64
N ALA EA 159 -70.47 -51.98 8.46
CA ALA EA 159 -69.35 -51.10 8.13
C ALA EA 159 -69.54 -50.45 6.77
N GLU EA 160 -70.07 -51.20 5.80
CA GLU EA 160 -70.27 -50.63 4.47
C GLU EA 160 -71.38 -49.59 4.46
N ALA EA 161 -72.34 -49.70 5.39
CA ALA EA 161 -73.44 -48.75 5.44
C ALA EA 161 -73.16 -47.55 6.34
N THR EA 162 -72.24 -47.68 7.30
CA THR EA 162 -71.94 -46.58 8.20
C THR EA 162 -71.11 -45.47 7.55
N LYS EA 163 -70.79 -45.59 6.27
CA LYS EA 163 -70.06 -44.56 5.54
C LYS EA 163 -71.01 -43.81 4.61
N ARG EA 164 -70.61 -42.59 4.26
CA ARG EA 164 -71.43 -41.72 3.42
C ARG EA 164 -71.03 -41.87 1.95
N ASP EA 165 -72.03 -41.97 1.09
CA ASP EA 165 -71.77 -42.08 -0.33
C ASP EA 165 -71.22 -40.78 -0.89
N PRO EA 166 -70.39 -40.85 -1.94
CA PRO EA 166 -69.91 -39.62 -2.58
C PRO EA 166 -70.95 -38.89 -3.40
N SER EA 167 -72.10 -39.51 -3.66
CA SER EA 167 -73.13 -38.90 -4.49
C SER EA 167 -73.96 -37.86 -3.74
N LEU EA 168 -73.85 -37.78 -2.42
CA LEU EA 168 -74.60 -36.84 -1.62
C LEU EA 168 -73.91 -35.48 -1.52
N PHE EA 169 -72.67 -35.36 -2.03
CA PHE EA 169 -71.98 -34.08 -1.94
C PHE EA 169 -72.71 -32.96 -2.68
N PRO EA 170 -73.12 -33.12 -3.95
CA PRO EA 170 -73.88 -32.03 -4.60
C PRO EA 170 -75.39 -32.20 -4.44
N PHE EA 171 -75.87 -32.09 -3.21
CA PHE EA 171 -77.29 -32.27 -2.91
C PHE EA 171 -78.03 -30.99 -3.25
N GLU EA 172 -78.90 -31.05 -4.26
CA GLU EA 172 -79.73 -29.94 -4.67
C GLU EA 172 -81.19 -30.28 -4.47
N ARG EA 173 -81.99 -29.26 -4.16
CA ARG EA 173 -83.39 -29.49 -3.79
C ARG EA 173 -84.14 -28.17 -3.84
N GLN EA 174 -85.40 -28.22 -4.26
CA GLN EA 174 -86.28 -27.06 -4.27
C GLN EA 174 -87.57 -27.39 -3.56
N GLY EA 175 -88.20 -26.35 -3.00
CA GLY EA 175 -89.43 -26.52 -2.27
C GLY EA 175 -90.64 -26.55 -3.18
N PRO EA 176 -91.81 -26.66 -2.58
CA PRO EA 176 -93.06 -26.71 -3.34
C PRO EA 176 -93.41 -25.33 -3.92
N ASP EA 177 -94.51 -25.30 -4.67
CA ASP EA 177 -94.99 -24.07 -5.29
C ASP EA 177 -96.45 -23.87 -4.91
N TYR EA 178 -96.95 -22.66 -5.20
CA TYR EA 178 -98.35 -22.34 -4.92
C TYR EA 178 -99.31 -22.94 -5.94
N THR EA 179 -98.87 -23.12 -7.19
CA THR EA 179 -99.72 -23.65 -8.24
C THR EA 179 -98.98 -24.77 -8.95
N PRO EA 180 -99.64 -25.89 -9.23
CA PRO EA 180 -99.00 -26.98 -9.99
C PRO EA 180 -98.64 -26.52 -11.39
N PRO EA 181 -97.59 -27.08 -11.98
CA PRO EA 181 -97.18 -26.65 -13.32
C PRO EA 181 -98.26 -26.91 -14.36
N ILE EA 182 -98.36 -26.01 -15.32
CA ILE EA 182 -99.35 -26.10 -16.38
C ILE EA 182 -98.70 -26.73 -17.60
N SER EA 183 -99.28 -27.82 -18.09
CA SER EA 183 -98.74 -28.52 -19.25
C SER EA 183 -98.86 -27.66 -20.49
N ASP EA 184 -97.83 -27.74 -21.35
CA ASP EA 184 -97.79 -26.99 -22.61
C ASP EA 184 -97.93 -25.48 -22.39
N TYR EA 185 -97.24 -24.98 -21.36
CA TYR EA 185 -97.19 -23.54 -21.12
C TYR EA 185 -96.01 -22.92 -21.86
N GLN EA 186 -96.27 -21.82 -22.54
CA GLN EA 186 -95.29 -21.20 -23.43
C GLN EA 186 -95.00 -19.77 -23.01
N PRO EA 187 -93.89 -19.51 -22.32
CA PRO EA 187 -93.48 -18.12 -22.07
C PRO EA 187 -93.14 -17.42 -23.37
N PRO EA 188 -93.68 -16.23 -23.61
CA PRO EA 188 -93.59 -15.62 -24.95
C PRO EA 188 -92.17 -15.30 -25.38
N GLU EA 189 -91.46 -14.48 -24.62
CA GLU EA 189 -90.13 -14.00 -25.00
C GLU EA 189 -89.61 -13.11 -23.88
N GLY EA 190 -88.30 -12.87 -23.90
CA GLY EA 190 -87.66 -11.97 -22.96
C GLY EA 190 -86.25 -12.41 -22.60
N ARG EA 191 -85.38 -11.44 -22.36
CA ARG EA 191 -83.97 -11.68 -22.13
C ARG EA 191 -83.59 -11.27 -20.70
N TYR EA 192 -82.64 -12.01 -20.13
CA TYR EA 192 -82.15 -11.77 -18.78
C TYR EA 192 -80.83 -11.02 -18.82
N GLN EA 193 -80.60 -10.18 -17.83
CA GLN EA 193 -79.33 -9.50 -17.64
C GLN EA 193 -79.12 -9.25 -16.15
N ASP EA 194 -77.86 -9.08 -15.77
CA ASP EA 194 -77.48 -8.84 -14.38
C ASP EA 194 -77.07 -7.38 -14.20
N ILE EA 195 -77.61 -6.75 -13.16
CA ILE EA 195 -77.30 -5.35 -12.87
C ILE EA 195 -76.59 -5.29 -11.53
N THR EA 196 -76.13 -6.44 -11.05
CA THR EA 196 -75.43 -6.50 -9.77
C THR EA 196 -74.15 -5.67 -9.80
N LYS EA 197 -73.90 -4.96 -8.71
CA LYS EA 197 -72.74 -4.08 -8.63
C LYS EA 197 -71.51 -4.87 -8.18
N VAL EA 198 -70.36 -4.50 -8.73
CA VAL EA 198 -69.08 -5.12 -8.39
C VAL EA 198 -68.34 -4.22 -7.42
N GLY FA 14 38.40 27.14 46.77
CA GLY FA 14 38.39 28.52 46.29
C GLY FA 14 39.48 29.37 46.92
N ALA FA 15 39.33 30.68 46.83
CA ALA FA 15 40.30 31.61 47.39
C ALA FA 15 40.06 31.78 48.89
N ASP FA 16 40.95 32.53 49.53
CA ASP FA 16 40.87 32.76 50.97
C ASP FA 16 40.24 34.12 51.23
N ARG FA 17 39.38 34.18 52.23
CA ARG FA 17 38.79 35.45 52.66
C ARG FA 17 39.24 35.87 54.06
N MET FA 18 39.76 34.95 54.86
CA MET FA 18 40.18 35.29 56.20
C MET FA 18 41.51 36.06 56.21
N SER FA 19 42.41 35.74 55.29
CA SER FA 19 43.67 36.45 55.22
C SER FA 19 43.46 37.87 54.72
N LYS FA 20 44.30 38.78 55.20
CA LYS FA 20 44.18 40.19 54.84
C LYS FA 20 44.55 40.39 53.38
N TRP FA 21 43.86 41.34 52.75
CA TRP FA 21 44.08 41.67 51.33
C TRP FA 21 45.20 42.70 51.24
N THR FA 22 46.37 42.26 50.80
CA THR FA 22 47.55 43.10 50.69
C THR FA 22 47.99 43.18 49.22
N SER FA 23 49.12 43.87 49.00
CA SER FA 23 49.62 44.07 47.65
C SER FA 23 50.27 42.83 47.06
N LYS FA 24 50.72 41.89 47.89
CA LYS FA 24 51.36 40.69 47.37
C LYS FA 24 50.37 39.73 46.74
N ARG FA 25 49.13 39.71 47.25
CA ARG FA 25 48.12 38.79 46.75
C ARG FA 25 47.35 39.34 45.56
N GLY FA 26 47.91 40.31 44.86
CA GLY FA 26 47.25 40.91 43.72
C GLY FA 26 48.10 40.88 42.47
N PRO FA 27 47.52 41.30 41.33
CA PRO FA 27 48.28 41.33 40.09
C PRO FA 27 49.31 42.45 40.05
N ARG FA 28 49.97 42.61 38.90
CA ARG FA 28 50.93 43.70 38.75
C ARG FA 28 50.26 45.06 38.85
N THR FA 29 49.08 45.22 38.27
CA THR FA 29 48.39 46.51 38.27
C THR FA 29 47.96 46.95 39.65
N PHE FA 30 47.96 46.05 40.64
CA PHE FA 30 47.57 46.38 42.01
C PHE FA 30 48.84 46.49 42.84
N CYS FA 31 49.12 47.68 43.33
CA CYS FA 31 50.28 47.95 44.19
C CYS FA 31 49.83 48.89 45.31
N LYS FA 32 49.47 48.31 46.45
CA LYS FA 32 48.98 49.07 47.59
C LYS FA 32 50.11 49.27 48.60
N GLY FA 33 50.18 50.47 49.14
CA GLY FA 33 51.20 50.76 50.14
C GLY FA 33 50.96 50.03 51.44
N ARG FA 34 52.03 49.94 52.23
CA ARG FA 34 51.99 49.28 53.53
C ARG FA 34 51.61 50.22 54.67
N GLY FA 35 51.30 51.47 54.37
CA GLY FA 35 50.96 52.45 55.38
C GLY FA 35 51.90 53.63 55.49
N ALA FA 36 52.92 53.72 54.64
CA ALA FA 36 53.84 54.85 54.70
C ALA FA 36 53.18 56.09 54.09
N LYS FA 37 53.60 57.25 54.56
CA LYS FA 37 53.07 58.52 54.09
C LYS FA 37 53.79 58.95 52.81
N GLY FA 38 53.01 59.54 51.91
CA GLY FA 38 53.59 60.05 50.67
C GLY FA 38 54.55 61.19 50.92
N THR FA 39 55.59 61.27 50.09
CA THR FA 39 56.62 62.28 50.24
C THR FA 39 56.74 63.19 49.02
N GLY FA 40 55.78 63.14 48.10
CA GLY FA 40 55.84 63.98 46.91
C GLY FA 40 54.76 63.69 45.89
N PHE FA 41 55.08 63.89 44.61
CA PHE FA 41 54.11 63.70 43.54
C PHE FA 41 54.86 63.21 42.31
N HIS FA 42 54.17 63.22 41.17
CA HIS FA 42 54.74 62.78 39.90
C HIS FA 42 55.01 63.99 39.02
N GLY FA 43 56.22 64.07 38.48
CA GLY FA 43 56.64 65.21 37.70
C GLY FA 43 56.10 65.20 36.28
N ARG FA 44 56.93 65.67 35.35
CA ARG FA 44 56.51 65.82 33.96
C ARG FA 44 56.89 64.62 33.10
N ASP FA 45 58.16 64.21 33.16
CA ASP FA 45 58.67 63.11 32.34
C ASP FA 45 58.37 61.75 32.93
N GLY FA 46 57.43 61.66 33.87
CA GLY FA 46 57.05 60.40 34.47
C GLY FA 46 57.79 60.04 35.73
N LYS FA 47 58.83 60.79 36.10
CA LYS FA 47 59.58 60.50 37.31
C LYS FA 47 58.81 61.00 38.53
N PHE FA 48 59.36 60.73 39.71
CA PHE FA 48 58.74 61.13 40.97
C PHE FA 48 59.52 62.31 41.54
N VAL FA 49 58.81 63.39 41.83
CA VAL FA 49 59.39 64.58 42.44
C VAL FA 49 59.07 64.53 43.92
N GLN FA 50 60.12 64.45 44.74
CA GLN FA 50 59.97 64.38 46.19
C GLN FA 50 60.13 65.78 46.79
N ILE FA 51 59.20 66.15 47.66
CA ILE FA 51 59.20 67.47 48.27
C ILE FA 51 59.89 67.40 49.62
N LYS FA 52 60.91 68.24 49.81
CA LYS FA 52 61.64 68.26 51.07
C LYS FA 52 60.79 68.81 52.21
N GLU FA 53 59.70 69.50 51.91
CA GLU FA 53 58.81 70.00 52.95
C GLU FA 53 57.95 68.89 53.55
N MET FA 54 57.58 67.89 52.77
CA MET FA 54 56.69 66.83 53.23
C MET FA 54 57.39 65.79 54.09
N ILE FA 55 58.70 65.59 53.91
CA ILE FA 55 59.42 64.57 54.67
C ILE FA 55 59.51 65.00 56.13
N PRO FA 56 59.35 64.09 57.08
CA PRO FA 56 59.46 64.47 58.51
C PRO FA 56 60.90 64.78 58.86
N GLU FA 57 61.11 65.94 59.47
CA GLU FA 57 62.44 66.34 59.93
C GLU FA 57 62.54 66.07 61.43
N LEU FA 58 63.34 65.06 61.78
CA LEU FA 58 63.50 64.66 63.17
C LEU FA 58 64.30 65.72 63.92
N VAL FA 59 63.67 66.40 64.88
CA VAL FA 59 64.32 67.42 65.68
C VAL FA 59 64.93 66.72 66.89
N VAL FA 60 66.23 66.48 66.83
CA VAL FA 60 66.95 65.77 67.88
C VAL FA 60 67.73 66.79 68.71
N PRO FA 61 67.61 66.77 70.04
CA PRO FA 61 68.37 67.72 70.86
C PRO FA 61 69.79 67.26 71.11
N GLU FA 62 70.53 68.01 71.91
CA GLU FA 62 71.90 67.65 72.27
C GLU FA 62 71.88 66.84 73.57
N LEU FA 63 72.39 65.61 73.49
CA LEU FA 63 72.43 64.71 74.64
C LEU FA 63 73.80 64.66 75.30
N ALA FA 64 74.71 65.55 74.90
CA ALA FA 64 76.06 65.53 75.45
C ALA FA 64 76.08 65.99 76.90
N GLY FA 65 75.57 67.20 77.16
CA GLY FA 65 75.58 67.75 78.51
C GLY FA 65 74.32 67.47 79.28
N PHE FA 66 73.59 66.42 78.90
CA PHE FA 66 72.34 66.06 79.54
C PHE FA 66 72.61 64.94 80.56
N LYS FA 67 72.52 65.28 81.83
CA LYS FA 67 72.84 64.33 82.91
C LYS FA 67 71.57 63.64 83.39
N LEU FA 68 71.03 62.81 82.51
CA LEU FA 68 69.86 62.01 82.84
C LEU FA 68 69.98 60.65 82.17
N LYS FA 69 69.51 59.61 82.86
CA LYS FA 69 69.66 58.24 82.44
C LYS FA 69 68.31 57.59 82.17
N PRO FA 70 68.26 56.54 81.35
CA PRO FA 70 66.97 55.89 81.06
C PRO FA 70 66.33 55.23 82.26
N TYR FA 71 67.08 54.96 83.33
CA TYR FA 71 66.54 54.33 84.52
C TYR FA 71 66.71 55.24 85.73
N VAL FA 72 65.85 55.05 86.72
CA VAL FA 72 65.86 55.86 87.93
C VAL FA 72 66.44 55.02 89.08
N ASN FA 73 66.79 55.71 90.16
CA ASN FA 73 67.28 55.02 91.35
C ASN FA 73 66.17 54.20 91.96
N TYR FA 74 66.51 52.98 92.41
CA TYR FA 74 65.52 52.13 93.04
C TYR FA 74 65.11 52.64 94.41
N ARG FA 75 66.02 53.24 95.17
CA ARG FA 75 65.69 53.79 96.48
C ARG FA 75 64.92 55.10 96.39
N ALA FA 76 64.85 55.72 95.21
CA ALA FA 76 64.16 56.99 95.08
C ALA FA 76 62.65 56.79 95.24
N PRO FA 77 62.00 57.53 96.13
CA PRO FA 77 60.56 57.36 96.33
C PRO FA 77 59.76 57.88 95.14
N GLU FA 78 58.57 57.31 94.98
CA GLU FA 78 57.65 57.70 93.92
C GLU FA 78 56.71 58.79 94.45
N GLY FA 79 55.71 59.16 93.64
CA GLY FA 79 54.77 60.17 94.03
C GLY FA 79 53.34 59.72 93.82
N THR FA 80 52.43 60.35 94.57
CA THR FA 80 51.02 60.04 94.45
C THR FA 80 50.48 60.49 93.10
N ASP FA 81 49.68 59.64 92.47
CA ASP FA 81 49.17 59.91 91.13
C ASP FA 81 48.23 61.10 91.18
N THR FA 82 48.68 62.23 90.65
CA THR FA 82 47.91 63.47 90.57
C THR FA 82 47.93 63.94 89.13
N PRO FA 83 47.02 63.45 88.29
CA PRO FA 83 47.02 63.85 86.88
C PRO FA 83 46.81 65.34 86.72
N LEU FA 84 47.52 65.92 85.75
CA LEU FA 84 47.39 67.34 85.46
C LEU FA 84 46.01 67.63 84.86
N THR FA 85 45.40 68.71 85.31
CA THR FA 85 44.07 69.11 84.84
C THR FA 85 44.08 70.58 84.48
N ALA FA 86 43.02 70.99 83.77
CA ALA FA 86 42.94 72.36 83.27
C ALA FA 86 42.91 73.37 84.41
N LYS FA 87 42.15 73.08 85.47
CA LYS FA 87 42.07 74.02 86.59
C LYS FA 87 43.42 74.19 87.27
N GLN FA 88 44.15 73.09 87.50
CA GLN FA 88 45.46 73.20 88.12
C GLN FA 88 46.43 73.92 87.21
N LEU FA 89 46.38 73.67 85.91
CA LEU FA 89 47.24 74.39 84.97
C LEU FA 89 46.94 75.88 85.00
N PHE FA 90 45.67 76.25 85.01
CA PHE FA 90 45.30 77.66 85.08
C PHE FA 90 45.78 78.31 86.37
N LEU FA 91 45.61 77.60 87.49
CA LEU FA 91 46.06 78.14 88.78
C LEU FA 91 47.57 78.30 88.81
N GLU FA 92 48.31 77.38 88.18
CA GLU FA 92 49.77 77.48 88.17
C GLU FA 92 50.26 78.57 87.24
N THR FA 93 49.59 78.79 86.11
CA THR FA 93 50.10 79.71 85.09
C THR FA 93 49.48 81.10 85.17
N ALA FA 94 48.16 81.20 85.01
CA ALA FA 94 47.51 82.48 84.80
C ALA FA 94 46.89 83.08 86.06
N ALA FA 95 46.58 82.26 87.06
CA ALA FA 95 45.90 82.77 88.25
C ALA FA 95 46.70 83.84 88.99
N PRO FA 96 48.00 83.66 89.28
CA PRO FA 96 48.72 84.74 89.98
C PRO FA 96 48.71 86.07 89.24
N ALA FA 97 48.89 86.03 87.92
CA ALA FA 97 48.93 87.28 87.15
C ALA FA 97 47.58 87.97 87.17
N ILE FA 98 46.49 87.21 86.98
CA ILE FA 98 45.16 87.80 87.00
C ILE FA 98 44.84 88.35 88.39
N GLU FA 99 45.22 87.61 89.45
CA GLU FA 99 44.98 88.11 90.80
C GLU FA 99 45.75 89.39 91.07
N LYS FA 100 47.01 89.46 90.65
CA LYS FA 100 47.79 90.68 90.84
C LYS FA 100 47.18 91.85 90.07
N ASP FA 101 46.76 91.61 88.83
CA ASP FA 101 46.16 92.67 88.03
C ASP FA 101 44.85 93.14 88.64
N PHE FA 102 44.03 92.23 89.16
CA PHE FA 102 42.78 92.62 89.81
C PHE FA 102 43.04 93.40 91.09
N LYS FA 103 44.03 92.99 91.88
CA LYS FA 103 44.38 93.74 93.08
C LYS FA 103 44.87 95.14 92.74
N ALA FA 104 45.68 95.27 91.68
CA ALA FA 104 46.15 96.58 91.24
C ALA FA 104 45.09 97.36 90.49
N GLY FA 105 43.96 96.74 90.14
CA GLY FA 105 42.92 97.43 89.42
C GLY FA 105 43.14 97.56 87.93
N THR FA 106 44.10 96.82 87.38
CA THR FA 106 44.43 96.91 85.96
C THR FA 106 43.86 95.76 85.14
N PHE FA 107 42.97 94.96 85.72
CA PHE FA 107 42.37 93.85 84.98
C PHE FA 107 41.44 94.39 83.90
N ASP FA 108 41.59 93.87 82.69
CA ASP FA 108 40.78 94.28 81.55
C ASP FA 108 40.04 93.08 80.98
N PRO FA 109 38.73 92.95 81.18
CA PRO FA 109 37.99 91.83 80.60
C PRO FA 109 38.00 91.81 79.08
N GLU FA 110 38.21 92.94 78.41
CA GLU FA 110 38.21 92.98 76.96
C GLU FA 110 39.39 92.24 76.37
N HIS FA 111 40.57 92.39 76.98
CA HIS FA 111 41.81 91.81 76.46
C HIS FA 111 42.38 90.85 77.49
N LEU FA 112 42.48 89.57 77.11
CA LEU FA 112 43.06 88.54 77.98
C LEU FA 112 44.23 87.83 77.32
N GLU FA 113 44.84 88.46 76.29
CA GLU FA 113 45.96 87.83 75.60
C GLU FA 113 47.22 87.81 76.45
N LYS FA 114 47.41 88.79 77.33
CA LYS FA 114 48.61 88.85 78.16
C LYS FA 114 48.71 87.69 79.15
N TYR FA 115 47.58 87.07 79.48
CA TYR FA 115 47.56 85.95 80.42
C TYR FA 115 47.86 84.61 79.76
N GLY FA 116 48.08 84.59 78.45
CA GLY FA 116 48.35 83.37 77.72
C GLY FA 116 47.19 82.86 76.89
N PHE FA 117 45.99 83.40 77.08
CA PHE FA 117 44.84 82.99 76.29
C PHE FA 117 44.99 83.43 74.84
N GLU FA 118 44.55 82.56 73.92
CA GLU FA 118 44.61 82.84 72.50
C GLU FA 118 43.20 82.96 71.95
N PRO FA 119 42.86 84.07 71.28
CA PRO FA 119 41.53 84.21 70.69
C PRO FA 119 41.28 83.20 69.58
N THR FA 120 42.22 83.07 68.65
CA THR FA 120 42.11 82.17 67.52
C THR FA 120 43.34 81.26 67.45
N GLN FA 121 43.14 80.09 66.83
CA GLN FA 121 44.21 79.12 66.69
C GLN FA 121 44.96 79.23 65.38
N GLU FA 122 44.35 79.80 64.34
CA GLU FA 122 44.99 79.88 63.04
C GLU FA 122 46.16 80.85 63.01
N GLY FA 123 46.28 81.73 63.99
CA GLY FA 123 47.36 82.71 64.01
C GLY FA 123 48.74 82.12 64.20
N LYS FA 124 48.90 81.29 65.22
CA LYS FA 124 50.22 80.74 65.54
C LYS FA 124 50.54 79.55 64.64
N LEU FA 125 51.76 79.03 64.80
CA LEU FA 125 52.22 77.92 63.97
C LEU FA 125 51.56 76.60 64.38
N PHE FA 126 51.78 76.19 65.63
CA PHE FA 126 51.24 74.93 66.13
C PHE FA 126 49.90 75.21 66.80
N GLN FA 127 48.82 74.97 66.06
CA GLN FA 127 47.47 75.11 66.59
C GLN FA 127 47.01 73.80 67.22
N LEU FA 128 46.19 73.92 68.25
CA LEU FA 128 45.83 72.77 69.08
C LEU FA 128 44.66 71.98 68.51
N TYR FA 129 43.50 72.63 68.34
CA TYR FA 129 42.32 71.88 67.87
C TYR FA 129 42.51 71.31 66.48
N PRO FA 130 42.98 72.05 65.47
CA PRO FA 130 43.28 71.41 64.18
C PRO FA 130 44.39 70.38 64.25
N LYS FA 131 45.27 70.47 65.26
CA LYS FA 131 46.35 69.50 65.48
C LYS FA 131 47.27 69.43 64.26
N ASN FA 132 47.93 70.56 63.98
CA ASN FA 132 48.85 70.62 62.85
C ASN FA 132 50.15 69.87 63.11
N PHE FA 133 50.55 69.75 64.37
CA PHE FA 133 51.80 69.08 64.69
C PHE FA 133 51.55 67.59 64.89
N PRO FA 134 52.33 66.71 64.26
CA PRO FA 134 52.15 65.28 64.49
C PRO FA 134 52.43 64.87 65.94
N ARG FA 135 53.64 65.17 66.41
CA ARG FA 135 54.03 64.84 67.78
C ARG FA 135 54.95 65.91 68.34
N THR GA 35 0.19 -80.67 85.32
CA THR GA 35 1.34 -79.99 84.74
C THR GA 35 0.93 -79.21 83.49
N TYR GA 36 0.70 -77.91 83.65
CA TYR GA 36 0.31 -77.07 82.53
C TYR GA 36 0.86 -75.67 82.75
N SER GA 37 1.36 -75.07 81.67
CA SER GA 37 1.85 -73.70 81.71
C SER GA 37 1.78 -73.12 80.31
N SER GA 38 1.33 -71.87 80.21
CA SER GA 38 1.21 -71.22 78.90
C SER GA 38 2.58 -71.07 78.25
N LEU GA 39 3.58 -70.68 79.02
CA LEU GA 39 4.93 -70.55 78.48
C LEU GA 39 5.84 -71.66 79.01
N PRO GA 40 6.80 -72.11 78.21
CA PRO GA 40 7.75 -73.11 78.71
C PRO GA 40 8.56 -72.59 79.87
N ASP GA 41 8.90 -73.49 80.78
CA ASP GA 41 9.66 -73.14 81.98
C ASP GA 41 11.17 -73.30 81.78
N ASP GA 42 11.64 -73.17 80.54
CA ASP GA 42 13.04 -73.42 80.22
C ASP GA 42 13.93 -72.20 80.39
N TYR GA 43 13.37 -71.01 80.56
CA TYR GA 43 14.17 -69.78 80.61
C TYR GA 43 13.90 -69.03 81.91
N ASN GA 44 14.82 -69.19 82.86
CA ASN GA 44 15.08 -68.41 84.06
C ASN GA 44 14.06 -68.64 85.18
N CYS GA 45 12.92 -69.27 84.93
CA CYS GA 45 11.97 -69.46 86.03
C CYS GA 45 10.89 -70.43 85.60
N LYS GA 46 10.14 -70.93 86.60
CA LYS GA 46 9.05 -71.86 86.38
C LYS GA 46 7.77 -71.21 86.91
N VAL GA 47 6.93 -70.73 86.00
CA VAL GA 47 5.73 -69.98 86.36
C VAL GA 47 4.58 -70.95 86.59
N GLU GA 48 3.90 -70.80 87.74
CA GLU GA 48 2.70 -71.55 88.06
C GLU GA 48 1.62 -70.56 88.46
N LEU GA 49 0.60 -70.42 87.62
CA LEU GA 49 -0.49 -69.48 87.85
C LEU GA 49 -1.60 -70.13 88.66
N ALA GA 50 -2.33 -69.29 89.41
CA ALA GA 50 -3.46 -69.77 90.19
C ALA GA 50 -4.37 -68.60 90.52
N LEU GA 51 -5.63 -68.92 90.82
CA LEU GA 51 -6.64 -67.95 91.18
C LEU GA 51 -7.15 -68.26 92.59
N THR GA 52 -7.26 -67.23 93.42
CA THR GA 52 -7.76 -67.41 94.78
C THR GA 52 -9.22 -67.88 94.73
N SER GA 53 -9.59 -68.72 95.70
CA SER GA 53 -10.96 -69.22 95.78
C SER GA 53 -11.97 -68.09 95.87
N ASP GA 54 -11.59 -66.94 96.45
CA ASP GA 54 -12.48 -65.78 96.44
C ASP GA 54 -12.72 -65.29 95.02
N GLY GA 55 -11.69 -65.33 94.18
CA GLY GA 55 -11.80 -64.93 92.79
C GLY GA 55 -11.30 -63.53 92.50
N ARG GA 56 -10.95 -62.74 93.51
CA ARG GA 56 -10.50 -61.38 93.33
C ARG GA 56 -8.99 -61.24 93.40
N THR GA 57 -8.25 -62.34 93.39
CA THR GA 57 -6.80 -62.28 93.48
C THR GA 57 -6.20 -63.37 92.59
N ILE GA 58 -5.13 -63.02 91.88
CA ILE GA 58 -4.38 -63.95 91.06
C ILE GA 58 -2.98 -64.06 91.64
N VAL GA 59 -2.54 -65.30 91.88
CA VAL GA 59 -1.20 -65.56 92.41
C VAL GA 59 -0.41 -66.32 91.37
N CYS GA 60 0.91 -66.23 91.47
CA CYS GA 60 1.79 -66.94 90.55
C CYS GA 60 3.10 -67.24 91.26
N TYR GA 61 3.38 -68.53 91.44
CA TYR GA 61 4.62 -68.98 92.04
C TYR GA 61 5.65 -69.18 90.93
N HIS GA 62 6.73 -68.41 90.97
CA HIS GA 62 7.72 -68.41 89.90
C HIS GA 62 9.11 -68.58 90.50
N PRO GA 63 9.46 -69.78 90.94
CA PRO GA 63 10.83 -70.04 91.40
C PRO GA 63 11.83 -69.94 90.25
N SER GA 64 13.01 -69.43 90.58
CA SER GA 64 14.06 -69.29 89.59
C SER GA 64 14.57 -70.64 89.13
N VAL GA 65 15.06 -70.69 87.90
CA VAL GA 65 15.55 -71.92 87.30
C VAL GA 65 17.07 -71.80 87.17
N ASP GA 66 17.78 -72.76 87.76
CA ASP GA 66 19.24 -72.79 87.70
C ASP GA 66 19.70 -73.56 86.46
N ILE GA 67 20.83 -73.12 85.92
CA ILE GA 67 21.40 -73.75 84.73
C ILE GA 67 21.95 -75.12 85.10
N PRO GA 68 21.51 -76.19 84.43
CA PRO GA 68 22.02 -77.53 84.75
C PRO GA 68 23.48 -77.67 84.34
N TYR GA 69 24.15 -78.62 84.99
CA TYR GA 69 25.56 -78.83 84.74
C TYR GA 69 25.82 -79.39 83.34
N GLU GA 70 24.81 -80.05 82.75
CA GLU GA 70 24.99 -80.66 81.44
C GLU GA 70 25.01 -79.64 80.31
N HIS GA 71 24.51 -78.43 80.54
CA HIS GA 71 24.42 -77.39 79.52
C HIS GA 71 25.54 -76.37 79.63
N THR GA 72 26.69 -76.75 80.19
CA THR GA 72 27.81 -75.85 80.35
C THR GA 72 29.06 -76.48 79.73
N LYS GA 73 30.07 -75.65 79.51
CA LYS GA 73 31.33 -76.09 78.96
C LYS GA 73 32.48 -75.59 79.83
N PRO GA 74 33.59 -76.32 79.88
CA PRO GA 74 34.70 -75.93 80.74
C PRO GA 74 35.35 -74.63 80.29
N ILE GA 75 35.97 -73.96 81.27
CA ILE GA 75 36.62 -72.68 81.03
C ILE GA 75 37.89 -72.89 80.20
N PRO GA 76 38.02 -72.24 79.05
CA PRO GA 76 39.27 -72.34 78.28
C PRO GA 76 40.37 -71.51 78.92
N ARG GA 77 41.55 -72.12 79.08
CA ARG GA 77 42.70 -71.47 79.66
C ARG GA 77 43.83 -71.43 78.64
N PRO GA 78 44.36 -70.23 78.39
CA PRO GA 78 45.44 -70.03 77.44
C PRO GA 78 46.60 -69.35 78.16
N ASP GA 79 47.67 -70.09 78.38
CA ASP GA 79 48.87 -69.59 79.06
C ASP GA 79 50.10 -70.07 78.29
N PRO GA 80 50.74 -69.15 77.57
CA PRO GA 80 51.92 -69.48 76.79
C PRO GA 80 52.88 -68.31 76.82
N VAL GA 81 54.14 -68.58 77.14
CA VAL GA 81 55.19 -67.56 77.21
C VAL GA 81 56.27 -67.96 76.21
N HIS GA 82 56.18 -67.42 74.99
CA HIS GA 82 57.13 -67.73 73.93
C HIS GA 82 58.33 -66.81 73.92
N ASN GA 83 58.37 -65.79 74.77
CA ASN GA 83 59.48 -64.86 74.83
C ASN GA 83 60.55 -65.28 75.83
N ILE GA 84 60.36 -66.41 76.51
CA ILE GA 84 61.32 -66.89 77.50
C ILE GA 84 62.58 -67.37 76.79
N GLU GA 85 63.74 -66.96 77.30
CA GLU GA 85 65.04 -67.35 76.76
C GLU GA 85 65.88 -68.00 77.85
N GLU GA 86 66.51 -69.13 77.52
CA GLU GA 86 67.34 -69.83 78.49
C GLU GA 86 68.63 -69.09 78.78
N THR GA 87 69.04 -68.17 77.92
CA THR GA 87 70.31 -67.45 78.12
C THR GA 87 70.17 -66.34 79.15
N HIS GA 88 69.14 -65.50 79.00
CA HIS GA 88 68.95 -64.34 79.88
C HIS GA 88 67.45 -64.16 80.14
N ASP GA 89 66.99 -64.64 81.30
CA ASP GA 89 65.60 -64.44 81.66
C ASP GA 89 65.29 -62.98 81.94
N LEU GA 90 66.28 -62.20 82.37
CA LEU GA 90 66.08 -60.77 82.55
C LEU GA 90 65.72 -60.09 81.23
N VAL GA 91 66.41 -60.44 80.15
CA VAL GA 91 66.05 -59.92 78.84
C VAL GA 91 64.78 -60.56 78.31
N LEU GA 92 64.52 -61.82 78.65
CA LEU GA 92 63.29 -62.48 78.22
C LEU GA 92 62.07 -61.78 78.78
N LYS GA 93 62.13 -61.36 80.06
CA LYS GA 93 61.02 -60.65 80.67
C LYS GA 93 60.74 -59.33 79.97
N THR GA 94 61.78 -58.58 79.61
CA THR GA 94 61.60 -57.33 78.90
C THR GA 94 61.22 -57.53 77.44
N ARG GA 95 61.48 -58.71 76.89
CA ARG GA 95 61.06 -59.01 75.51
C ARG GA 95 59.55 -59.00 75.35
N LEU GA 96 58.81 -59.39 76.39
CA LEU GA 96 57.35 -59.38 76.34
C LEU GA 96 56.76 -58.04 76.76
N GLU GA 97 57.58 -57.08 77.19
CA GLU GA 97 57.10 -55.78 77.60
C GLU GA 97 57.58 -54.64 76.71
N GLU GA 98 58.58 -54.87 75.86
CA GLU GA 98 59.09 -53.85 74.96
C GLU GA 98 58.30 -53.73 73.66
N LYS GA 99 57.06 -54.19 73.65
CA LYS GA 99 56.23 -54.13 72.46
C LYS GA 99 55.53 -52.78 72.39
N GLY GA 100 55.72 -52.06 71.28
CA GLY GA 100 55.09 -50.76 71.09
C GLY GA 100 54.92 -50.51 69.60
N GLU GA 101 53.97 -49.64 69.28
CA GLU GA 101 53.67 -49.31 67.89
C GLU GA 101 53.04 -47.93 67.83
N HIS GA 102 53.32 -47.23 66.74
CA HIS GA 102 52.72 -45.92 66.51
C HIS GA 102 52.28 -45.84 65.06
N LEU GA 103 51.07 -45.32 64.84
CA LEU GA 103 50.49 -45.19 63.50
C LEU GA 103 49.94 -43.78 63.32
N GLU GA 104 49.63 -43.45 62.08
CA GLU GA 104 49.05 -42.15 61.77
C GLU GA 104 47.59 -42.08 62.21
N GLN GA 105 47.04 -40.87 62.17
CA GLN GA 105 45.67 -40.66 62.63
C GLN GA 105 44.68 -41.48 61.81
N GLY GA 106 44.83 -41.46 60.50
CA GLY GA 106 43.94 -42.18 59.61
C GLY GA 106 43.93 -43.68 59.84
N PRO GA 107 45.09 -44.31 59.73
CA PRO GA 107 45.17 -45.75 60.04
C PRO GA 107 44.74 -46.09 61.45
N MET GA 108 45.05 -45.25 62.43
CA MET GA 108 44.63 -45.54 63.81
C MET GA 108 43.11 -45.53 63.93
N ILE GA 109 42.47 -44.52 63.34
CA ILE GA 109 41.02 -44.44 63.39
C ILE GA 109 40.39 -45.61 62.65
N GLU GA 110 40.97 -45.99 61.50
CA GLU GA 110 40.45 -47.14 60.76
C GLU GA 110 40.57 -48.41 61.58
N GLN GA 111 41.70 -48.60 62.25
CA GLN GA 111 41.89 -49.79 63.09
C GLN GA 111 40.89 -49.82 64.24
N LEU GA 112 40.68 -48.67 64.90
CA LEU GA 112 39.73 -48.62 65.99
C LEU GA 112 38.31 -48.92 65.51
N SER GA 113 37.94 -48.35 64.35
CA SER GA 113 36.62 -48.62 63.80
C SER GA 113 36.45 -50.10 63.44
N LYS GA 114 37.49 -50.71 62.87
CA LYS GA 114 37.42 -52.13 62.57
C LYS GA 114 37.30 -52.96 63.83
N MET GA 115 38.02 -52.59 64.90
CA MET GA 115 37.97 -53.36 66.14
C MET GA 115 36.59 -53.25 66.80
N PHE GA 116 36.03 -52.05 66.86
CA PHE GA 116 34.80 -51.81 67.61
C PHE GA 116 33.54 -51.83 66.75
N PHE GA 117 33.67 -52.16 65.46
CA PHE GA 117 32.52 -52.24 64.54
C PHE GA 117 31.74 -50.94 64.50
N THR GA 118 32.48 -49.83 64.42
CA THR GA 118 31.85 -48.51 64.33
C THR GA 118 32.35 -47.77 63.09
N THR GA 119 31.93 -46.52 62.93
CA THR GA 119 32.37 -45.70 61.81
C THR GA 119 33.62 -44.90 62.21
N LYS GA 120 34.28 -44.34 61.20
CA LYS GA 120 35.48 -43.56 61.44
C LYS GA 120 35.18 -42.14 61.92
N HIS GA 121 33.94 -41.68 61.80
CA HIS GA 121 33.58 -40.32 62.16
C HIS GA 121 33.54 -40.09 63.66
N ARG GA 122 33.38 -41.14 64.47
CA ARG GA 122 33.27 -40.96 65.91
C ARG GA 122 34.60 -40.65 66.56
N TRP GA 123 35.69 -41.24 66.04
CA TRP GA 123 36.98 -41.16 66.70
C TRP GA 123 37.66 -39.81 66.55
N TYR GA 124 37.21 -38.97 65.64
CA TYR GA 124 37.84 -37.66 65.47
C TYR GA 124 37.56 -36.78 66.68
N PRO GA 125 38.51 -35.93 67.07
CA PRO GA 125 38.30 -35.06 68.25
C PRO GA 125 37.26 -33.98 68.01
N ARG GA 126 37.04 -33.13 69.00
CA ARG GA 126 36.06 -32.07 68.93
C ARG GA 126 36.73 -30.74 69.30
N GLY GA 127 36.09 -29.65 68.90
CA GLY GA 127 36.67 -28.33 69.05
C GLY GA 127 36.45 -27.72 70.42
N GLN GA 128 36.99 -26.51 70.57
CA GLN GA 128 36.92 -25.81 71.85
C GLN GA 128 35.49 -25.50 72.25
N TYR GA 129 34.65 -25.10 71.29
CA TYR GA 129 33.29 -24.72 71.62
C TYR GA 129 32.52 -25.87 72.25
N HIS GA 130 32.66 -27.08 71.72
CA HIS GA 130 32.00 -28.23 72.31
C HIS GA 130 32.70 -28.75 73.55
N ARG GA 131 34.03 -28.65 73.62
CA ARG GA 131 34.74 -29.17 74.78
C ARG GA 131 34.60 -28.28 76.01
N ARG GA 132 34.27 -26.99 75.81
CA ARG GA 132 34.08 -26.10 76.96
C ARG GA 132 32.71 -26.27 77.59
N ARG GA 133 31.70 -26.65 76.81
CA ARG GA 133 30.32 -26.66 77.27
C ARG GA 133 29.91 -27.97 77.93
N ARG GA 134 30.81 -28.95 78.00
CA ARG GA 134 30.51 -30.19 78.71
C ARG GA 134 30.43 -29.94 80.21
N LYS GA 135 29.47 -30.59 80.85
CA LYS GA 135 29.25 -30.36 82.28
C LYS GA 135 30.36 -31.02 83.08
N PRO GA 136 31.12 -30.26 83.88
CA PRO GA 136 32.22 -30.88 84.65
C PRO GA 136 31.74 -31.92 85.64
N ASN GA 137 30.58 -31.72 86.26
CA ASN GA 137 30.06 -32.59 87.30
C ASN GA 137 28.62 -33.00 86.95
N PRO GA 138 28.47 -33.97 86.05
CA PRO GA 138 27.13 -34.41 85.69
C PRO GA 138 26.45 -35.08 86.87
N PRO GA 139 25.13 -34.94 87.00
CA PRO GA 139 24.42 -35.62 88.09
C PRO GA 139 24.50 -37.13 87.95
N LYS GA 140 24.51 -37.82 89.08
CA LYS GA 140 24.60 -39.27 89.12
C LYS GA 140 23.52 -39.81 90.03
N ASP GA 141 22.83 -40.85 89.57
CA ASP GA 141 21.79 -41.51 90.34
C ASP GA 141 22.38 -42.74 91.05
N ARG GA 142 21.53 -43.40 91.84
CA ARG GA 142 21.90 -44.61 92.56
C ARG GA 142 23.10 -44.40 93.47
N THR HA 2 13.75 -23.63 81.16
CA THR HA 2 14.41 -24.40 80.12
C THR HA 2 15.41 -25.39 80.73
N ALA HA 3 15.21 -26.68 80.44
CA ALA HA 3 16.09 -27.70 80.99
C ALA HA 3 17.51 -27.56 80.47
N ARG HA 4 17.67 -27.31 79.17
CA ARG HA 4 18.99 -27.15 78.59
C ARG HA 4 19.67 -25.85 79.05
N GLY HA 5 18.89 -24.87 79.50
CA GLY HA 5 19.45 -23.61 79.95
C GLY HA 5 19.86 -23.62 81.41
N THR HA 6 19.06 -24.27 82.24
CA THR HA 6 19.30 -24.34 83.68
C THR HA 6 20.00 -25.65 84.03
N ALA HA 7 20.34 -25.80 85.30
CA ALA HA 7 20.96 -27.02 85.79
C ALA HA 7 19.90 -28.08 86.08
N SER HA 8 20.33 -29.23 86.56
CA SER HA 8 19.42 -30.32 86.85
C SER HA 8 19.98 -31.16 87.99
N ARG HA 9 19.09 -31.90 88.65
CA ARG HA 9 19.48 -32.80 89.73
C ARG HA 9 18.46 -33.92 89.82
N PHE HA 10 18.86 -35.01 90.45
CA PHE HA 10 17.97 -36.13 90.70
C PHE HA 10 17.21 -35.92 92.00
N LEU HA 11 16.13 -36.68 92.16
CA LEU HA 11 15.32 -36.63 93.38
C LEU HA 11 16.14 -37.22 94.51
N THR HA 12 16.59 -36.35 95.42
CA THR HA 12 17.46 -36.76 96.51
C THR HA 12 16.91 -36.23 97.84
N SER HA 13 17.30 -36.90 98.92
CA SER HA 13 16.95 -36.50 100.26
C SER HA 13 18.21 -36.37 101.10
N VAL HA 14 18.23 -35.37 101.97
CA VAL HA 14 19.41 -35.11 102.78
C VAL HA 14 19.47 -36.10 103.94
N LEU HA 15 20.60 -36.80 104.06
CA LEU HA 15 20.87 -37.70 105.18
C LEU HA 15 19.82 -38.80 105.30
N HIS HA 16 19.23 -39.19 104.17
CA HIS HA 16 18.16 -40.19 104.15
C HIS HA 16 17.04 -39.82 105.13
N ASN HA 17 16.63 -38.56 105.09
CA ASN HA 17 15.61 -38.07 106.00
C ASN HA 17 14.30 -38.79 105.78
N GLY HA 18 13.57 -38.99 106.88
CA GLY HA 18 12.29 -39.66 106.83
C GLY HA 18 12.34 -41.17 106.86
N LEU HA 19 13.53 -41.77 106.81
CA LEU HA 19 13.64 -43.22 106.86
C LEU HA 19 13.57 -43.72 108.30
N GLY HA 20 14.53 -43.30 109.13
CA GLY HA 20 14.48 -43.64 110.54
C GLY HA 20 13.53 -42.73 111.30
N ARG HA 21 13.74 -41.43 111.17
CA ARG HA 21 12.87 -40.44 111.79
C ARG HA 21 12.88 -39.18 110.94
N TYR HA 22 11.83 -38.38 111.08
CA TYR HA 22 11.71 -37.13 110.34
C TYR HA 22 12.43 -36.01 111.08
N VAL HA 23 13.25 -35.26 110.37
CA VAL HA 23 13.96 -34.11 110.92
C VAL HA 23 13.60 -32.89 110.10
N GLN HA 24 13.17 -31.82 110.78
CA GLN HA 24 12.83 -30.59 110.09
C GLN HA 24 14.09 -29.94 109.54
N GLN HA 25 14.15 -29.79 108.21
CA GLN HA 25 15.35 -29.30 107.56
C GLN HA 25 15.58 -27.81 107.75
N LEU HA 26 14.57 -27.07 108.19
CA LEU HA 26 14.73 -25.64 108.45
C LEU HA 26 15.46 -25.47 109.77
N GLN HA 27 16.62 -24.81 109.74
CA GLN HA 27 17.43 -24.59 110.93
C GLN HA 27 17.16 -23.23 111.57
N ARG HA 28 17.27 -22.15 110.80
CA ARG HA 28 17.05 -20.82 111.35
C ARG HA 28 16.29 -19.97 110.37
N LEU HA 29 15.60 -18.97 110.91
CA LEU HA 29 14.74 -18.08 110.13
C LEU HA 29 14.90 -16.69 110.73
N SER HA 30 15.51 -15.77 109.98
CA SER HA 30 15.82 -14.43 110.45
C SER HA 30 15.00 -13.43 109.66
N PHE HA 31 14.12 -12.71 110.35
CA PHE HA 31 13.36 -11.63 109.74
C PHE HA 31 14.06 -10.30 110.01
N SER HA 32 14.21 -9.50 108.96
CA SER HA 32 14.74 -8.15 109.05
C SER HA 32 13.66 -7.20 108.56
N LEU HA 33 13.18 -6.33 109.45
CA LEU HA 33 12.09 -5.44 109.11
C LEU HA 33 12.34 -4.03 109.64
N SER HA 34 11.34 -3.17 109.57
CA SER HA 34 11.45 -1.81 110.09
C SER HA 34 10.19 -1.47 110.86
N ARG HA 35 10.31 -0.53 111.80
CA ARG HA 35 9.18 -0.11 112.61
C ARG HA 35 8.43 1.09 112.04
N ASP HA 36 9.08 1.90 111.21
CA ASP HA 36 8.47 3.08 110.65
C ASP HA 36 8.22 2.99 109.15
N ALA HA 37 8.76 1.97 108.48
CA ALA HA 37 8.56 1.85 107.05
C ALA HA 37 7.17 1.30 106.77
N PRO HA 38 6.39 1.98 105.91
CA PRO HA 38 5.05 1.47 105.56
C PRO HA 38 5.08 0.10 104.91
N SER HA 39 6.17 -0.25 104.22
CA SER HA 39 6.25 -1.56 103.57
C SER HA 39 6.38 -2.69 104.58
N SER HA 40 6.87 -2.40 105.79
CA SER HA 40 7.07 -3.41 106.82
C SER HA 40 5.81 -3.67 107.64
N ARG HA 41 4.65 -3.20 107.17
CA ARG HA 41 3.42 -3.39 107.93
C ARG HA 41 3.08 -4.87 108.07
N GLY HA 42 3.19 -5.64 106.99
CA GLY HA 42 2.89 -7.06 107.06
C GLY HA 42 3.82 -7.81 107.99
N ALA HA 43 5.13 -7.52 107.90
CA ALA HA 43 6.09 -8.16 108.79
C ALA HA 43 5.84 -7.79 110.25
N ARG HA 44 5.54 -6.51 110.51
CA ARG HA 44 5.25 -6.09 111.88
C ARG HA 44 4.02 -6.80 112.42
N GLU HA 45 2.96 -6.88 111.62
CA GLU HA 45 1.74 -7.54 112.08
C GLU HA 45 1.97 -9.03 112.30
N PHE HA 46 2.76 -9.66 111.43
CA PHE HA 46 3.08 -11.08 111.61
C PHE HA 46 3.88 -11.31 112.89
N VAL HA 47 4.83 -10.44 113.17
CA VAL HA 47 5.61 -10.56 114.41
C VAL HA 47 4.69 -10.35 115.61
N GLU HA 48 3.76 -9.41 115.52
CA GLU HA 48 2.84 -9.16 116.63
C GLU HA 48 1.95 -10.37 116.88
N ARG HA 49 1.47 -11.02 115.81
CA ARG HA 49 0.40 -12.01 115.95
C ARG HA 49 0.91 -13.45 115.93
N GLU HA 50 1.56 -13.87 114.84
CA GLU HA 50 1.69 -15.29 114.53
C GLU HA 50 3.09 -15.86 114.74
N VAL HA 51 4.10 -15.03 115.02
CA VAL HA 51 5.45 -15.57 115.14
C VAL HA 51 5.58 -16.44 116.39
N THR HA 52 4.93 -16.07 117.49
CA THR HA 52 5.02 -16.88 118.71
C THR HA 52 4.34 -18.23 118.53
N ASP HA 53 3.17 -18.25 117.87
CA ASP HA 53 2.49 -19.50 117.63
C ASP HA 53 3.30 -20.42 116.74
N PHE HA 54 3.91 -19.86 115.69
CA PHE HA 54 4.76 -20.67 114.82
C PHE HA 54 5.98 -21.19 115.57
N ALA HA 55 6.58 -20.36 116.42
CA ALA HA 55 7.73 -20.81 117.21
C ALA HA 55 7.34 -21.94 118.15
N ARG HA 56 6.17 -21.85 118.79
CA ARG HA 56 5.71 -22.94 119.63
C ARG HA 56 5.43 -24.20 118.82
N ARG HA 57 4.83 -24.07 117.65
CA ARG HA 57 4.55 -25.24 116.83
C ARG HA 57 5.82 -25.92 116.35
N ASN HA 58 6.83 -25.14 115.96
CA ASN HA 58 8.09 -25.67 115.45
C ASN HA 58 9.22 -25.25 116.40
N PRO HA 59 9.59 -26.10 117.35
CA PRO HA 59 10.68 -25.74 118.28
C PRO HA 59 12.07 -25.96 117.70
N GLY HA 60 12.19 -26.63 116.56
CA GLY HA 60 13.48 -26.94 115.97
C GLY HA 60 14.08 -25.87 115.10
N VAL HA 61 13.45 -24.72 114.98
CA VAL HA 61 13.94 -23.63 114.14
C VAL HA 61 14.18 -22.42 115.03
N VAL HA 62 15.37 -21.83 114.92
CA VAL HA 62 15.73 -20.64 115.67
C VAL HA 62 15.23 -19.42 114.92
N ILE HA 63 14.36 -18.64 115.55
CA ILE HA 63 13.73 -17.49 114.91
C ILE HA 63 14.36 -16.23 115.46
N TYR HA 64 14.87 -15.39 114.56
CA TYR HA 64 15.44 -14.09 114.90
C TYR HA 64 14.58 -13.00 114.31
N VAL HA 65 14.40 -11.91 115.07
CA VAL HA 65 13.67 -10.73 114.61
C VAL HA 65 14.57 -9.51 114.79
N ASN HA 66 14.71 -8.73 113.72
CA ASN HA 66 15.60 -7.57 113.73
C ASN HA 66 14.89 -6.35 113.16
N PRO HA 67 14.42 -5.43 113.99
CA PRO HA 67 14.02 -4.11 113.49
C PRO HA 67 15.26 -3.28 113.20
N ARG HA 68 15.25 -2.63 112.04
CA ARG HA 68 16.40 -1.85 111.58
C ARG HA 68 15.91 -0.83 110.57
N PRO HA 69 16.66 0.25 110.34
CA PRO HA 69 16.27 1.22 109.31
C PRO HA 69 16.46 0.67 107.91
N CYS HA 70 15.53 -0.16 107.46
CA CYS HA 70 15.59 -0.79 106.14
C CYS HA 70 14.31 -0.52 105.38
N CYS HA 71 14.42 -0.54 104.06
CA CYS HA 71 13.28 -0.27 103.18
C CYS HA 71 12.65 -1.54 102.62
N VAL HA 72 13.40 -2.62 102.49
CA VAL HA 72 12.91 -3.87 101.93
C VAL HA 72 12.92 -4.91 103.03
N PRO HA 73 11.76 -5.25 103.60
CA PRO HA 73 11.71 -6.30 104.63
C PRO HA 73 12.06 -7.66 104.02
N ARG HA 74 12.94 -8.39 104.70
CA ARG HA 74 13.48 -9.62 104.15
C ARG HA 74 13.41 -10.75 105.18
N VAL HA 75 13.41 -11.97 104.68
CA VAL HA 75 13.43 -13.18 105.51
C VAL HA 75 14.49 -14.12 104.97
N VAL HA 76 15.42 -14.51 105.84
CA VAL HA 76 16.50 -15.41 105.46
C VAL HA 76 16.33 -16.74 106.16
N ALA HA 77 16.18 -17.82 105.39
CA ALA HA 77 16.07 -19.15 105.94
C ALA HA 77 17.35 -19.93 105.68
N GLU HA 78 17.96 -20.44 106.74
CA GLU HA 78 19.15 -21.27 106.62
C GLU HA 78 18.79 -22.69 107.04
N TYR HA 79 19.10 -23.65 106.18
CA TYR HA 79 18.72 -25.04 106.36
C TYR HA 79 19.91 -25.85 106.87
N LEU HA 80 19.62 -27.10 107.26
CA LEU HA 80 20.66 -28.00 107.76
C LEU HA 80 21.67 -28.36 106.68
N ASN HA 81 21.31 -28.24 105.40
CA ASN HA 81 22.27 -28.51 104.34
C ASN HA 81 23.30 -27.39 104.24
N GLY HA 82 23.10 -26.30 104.98
CA GLY HA 82 23.89 -25.09 104.81
C GLY HA 82 23.34 -24.15 103.77
N ALA HA 83 22.25 -24.51 103.10
CA ALA HA 83 21.65 -23.67 102.08
C ALA HA 83 21.00 -22.45 102.72
N VAL HA 84 21.14 -21.30 102.05
CA VAL HA 84 20.56 -20.04 102.49
C VAL HA 84 19.60 -19.59 101.41
N ARG HA 85 18.33 -19.39 101.78
CA ARG HA 85 17.29 -18.97 100.86
C ARG HA 85 16.75 -17.63 101.39
N GLU HA 86 16.92 -16.58 100.59
CA GLU HA 86 16.50 -15.26 101.00
C GLU HA 86 15.28 -14.82 100.19
N GLU HA 87 14.24 -14.39 100.89
CA GLU HA 87 12.99 -13.97 100.27
C GLU HA 87 12.65 -12.57 100.76
N SER HA 88 11.82 -11.88 99.98
CA SER HA 88 11.37 -10.55 100.30
C SER HA 88 9.92 -10.60 100.76
N ILE HA 89 9.62 -9.96 101.89
CA ILE HA 89 8.27 -9.92 102.42
C ILE HA 89 7.75 -8.50 102.25
N HIS HA 90 8.25 -7.83 101.23
CA HIS HA 90 7.92 -6.43 100.96
C HIS HA 90 6.46 -6.31 100.54
N CYS HA 91 5.64 -5.67 101.38
CA CYS HA 91 4.24 -5.37 101.09
C CYS HA 91 3.45 -6.64 100.80
N LYS HA 92 3.34 -7.47 101.84
CA LYS HA 92 2.55 -8.68 101.79
C LYS HA 92 1.67 -8.78 103.03
N SER HA 93 0.50 -9.37 102.86
CA SER HA 93 -0.45 -9.50 103.96
C SER HA 93 0.02 -10.56 104.95
N VAL HA 94 -0.62 -10.58 106.12
CA VAL HA 94 -0.25 -11.50 107.17
C VAL HA 94 -0.46 -12.94 106.71
N GLU HA 95 -1.56 -13.20 106.00
CA GLU HA 95 -1.81 -14.54 105.48
C GLU HA 95 -0.72 -14.97 104.52
N GLU HA 96 -0.30 -14.06 103.63
CA GLU HA 96 0.78 -14.38 102.71
C GLU HA 96 2.08 -14.64 103.44
N ILE HA 97 2.38 -13.86 104.48
CA ILE HA 97 3.59 -14.09 105.27
C ILE HA 97 3.54 -15.46 105.93
N ALA HA 98 2.40 -15.82 106.51
CA ALA HA 98 2.26 -17.11 107.16
C ALA HA 98 2.41 -18.24 106.16
N ALA HA 99 1.81 -18.09 104.97
CA ALA HA 99 1.94 -19.12 103.95
C ALA HA 99 3.39 -19.28 103.50
N LEU HA 100 4.10 -18.17 103.31
CA LEU HA 100 5.50 -18.23 102.91
C LEU HA 100 6.35 -18.89 104.00
N VAL HA 101 6.10 -18.56 105.26
CA VAL HA 101 6.85 -19.16 106.36
C VAL HA 101 6.59 -20.66 106.43
N GLN HA 102 5.33 -21.07 106.27
CA GLN HA 102 5.02 -22.50 106.28
C GLN HA 102 5.68 -23.21 105.10
N LYS HA 103 5.69 -22.58 103.93
CA LYS HA 103 6.34 -23.18 102.77
C LYS HA 103 7.84 -23.34 103.01
N LEU HA 104 8.47 -22.32 103.58
CA LEU HA 104 9.90 -22.41 103.89
C LEU HA 104 10.18 -23.50 104.91
N ALA HA 105 9.33 -23.63 105.93
CA ALA HA 105 9.49 -24.68 106.91
C ALA HA 105 9.36 -26.06 106.28
N ASP HA 106 8.39 -26.22 105.38
CA ASP HA 106 8.15 -27.51 104.75
C ASP HA 106 9.19 -27.86 103.69
N GLN HA 107 9.87 -26.86 103.14
CA GLN HA 107 10.92 -27.14 102.16
C GLN HA 107 12.11 -27.84 102.82
N SER HA 108 12.78 -28.67 102.03
CA SER HA 108 13.94 -29.42 102.50
C SER HA 108 15.25 -28.66 102.32
N GLY HA 109 15.21 -27.46 101.75
CA GLY HA 109 16.40 -26.66 101.56
C GLY HA 109 17.20 -26.98 100.32
N LEU HA 110 16.76 -27.93 99.51
CA LEU HA 110 17.50 -28.27 98.30
C LEU HA 110 17.28 -27.22 97.21
N ASP HA 111 18.12 -27.27 96.20
CA ASP HA 111 18.05 -26.31 95.10
C ASP HA 111 16.76 -26.52 94.31
N VAL HA 112 16.12 -25.41 93.94
CA VAL HA 112 14.85 -25.47 93.20
C VAL HA 112 15.22 -25.44 91.71
N ILE HA 113 15.51 -26.62 91.18
CA ILE HA 113 15.79 -26.81 89.77
C ILE HA 113 14.98 -27.99 89.27
N ARG HA 114 15.14 -28.32 88.00
CA ARG HA 114 14.38 -29.40 87.39
C ARG HA 114 14.84 -30.73 87.96
N ILE HA 115 13.89 -31.55 88.41
CA ILE HA 115 14.19 -32.89 88.88
C ILE HA 115 14.00 -33.86 87.73
N ARG HA 116 15.05 -34.61 87.40
CA ARG HA 116 15.02 -35.45 86.21
C ARG HA 116 13.96 -36.54 86.33
N LYS HA 117 13.86 -37.17 87.49
CA LYS HA 117 12.88 -38.23 87.63
C LYS HA 117 12.01 -38.01 88.85
N PRO HA 118 10.70 -38.27 88.76
CA PRO HA 118 9.81 -38.11 89.91
C PRO HA 118 9.92 -39.23 90.94
N PHE HA 119 10.93 -40.08 90.85
CA PHE HA 119 11.10 -41.21 91.74
C PHE HA 119 12.58 -41.43 92.01
N HIS HA 120 12.87 -42.08 93.14
CA HIS HA 120 14.24 -42.38 93.52
C HIS HA 120 14.24 -43.64 94.37
N THR HA 121 14.65 -44.76 93.79
CA THR HA 121 14.69 -46.04 94.48
C THR HA 121 16.12 -46.58 94.42
N ASP HA 122 16.65 -46.99 95.56
CA ASP HA 122 17.96 -47.60 95.60
C ASP HA 122 17.84 -49.10 95.37
N SER HA 123 18.64 -49.62 94.44
CA SER HA 123 18.62 -51.03 94.04
C SER HA 123 17.24 -51.46 93.58
N PRO HA 124 16.76 -50.98 92.44
CA PRO HA 124 15.46 -51.41 91.92
C PRO HA 124 15.49 -52.72 91.15
N SER HA 125 16.57 -53.50 91.27
CA SER HA 125 16.75 -54.73 90.51
C SER HA 125 16.37 -55.96 91.32
N ILE HA 126 15.31 -55.84 92.13
CA ILE HA 126 14.86 -56.98 92.92
C ILE HA 126 14.47 -58.14 91.99
N GLN HA 127 14.76 -59.36 92.44
CA GLN HA 127 14.49 -60.60 91.73
C GLN HA 127 15.29 -60.69 90.43
N GLY HA 128 16.15 -59.71 90.18
CA GLY HA 128 17.02 -59.71 89.03
C GLY HA 128 16.80 -58.50 88.13
N GLN HA 129 17.75 -58.30 87.24
CA GLN HA 129 17.68 -57.26 86.23
C GLN HA 129 17.84 -57.88 84.85
N TRP HA 130 17.11 -57.33 83.88
CA TRP HA 130 17.08 -57.92 82.55
C TRP HA 130 18.46 -57.84 81.90
N HIS HA 131 18.87 -58.96 81.29
CA HIS HA 131 20.05 -59.05 80.44
C HIS HA 131 19.71 -59.94 79.27
N PRO HA 132 20.39 -59.79 78.14
CA PRO HA 132 20.00 -60.52 76.92
C PRO HA 132 20.04 -62.04 77.06
N PHE HA 133 20.54 -62.54 78.20
CA PHE HA 133 20.57 -63.97 78.46
C PHE HA 133 19.54 -64.42 79.49
N THR HA 134 18.67 -63.52 79.95
CA THR HA 134 17.70 -63.88 80.98
C THR HA 134 16.45 -64.55 80.41
N ASN HA 135 16.31 -64.64 79.09
CA ASN HA 135 15.16 -65.28 78.49
C ASN HA 135 15.54 -66.26 77.38
N LYS HA 136 16.84 -66.52 77.18
CA LYS HA 136 17.23 -67.45 76.14
C LYS HA 136 17.60 -68.80 76.73
N PRO HA 137 16.90 -69.86 76.31
CA PRO HA 137 17.21 -71.20 76.83
C PRO HA 137 18.61 -71.64 76.46
N THR HA 138 19.19 -72.47 77.33
CA THR HA 138 20.53 -72.99 77.14
C THR HA 138 20.48 -74.30 76.38
N THR HA 139 21.37 -74.44 75.40
CA THR HA 139 21.50 -75.66 74.61
C THR HA 139 22.35 -76.68 75.35
N LEU HA 140 22.26 -77.93 74.92
CA LEU HA 140 22.99 -79.01 75.55
C LEU HA 140 24.48 -78.87 75.26
N GLY HA 141 25.28 -78.67 76.31
CA GLY HA 141 26.70 -78.52 76.18
C GLY HA 141 27.17 -77.11 75.86
N GLY HA 142 26.26 -76.16 75.71
CA GLY HA 142 26.64 -74.80 75.40
C GLY HA 142 27.28 -74.65 74.03
N LEU HA 143 26.73 -75.31 73.01
CA LEU HA 143 27.31 -75.24 71.68
C LEU HA 143 26.75 -74.05 70.91
N ARG HA 144 27.58 -73.49 70.04
CA ARG HA 144 27.17 -72.42 69.14
C ARG HA 144 26.23 -72.97 68.08
N PRO HA 145 25.44 -72.09 67.43
CA PRO HA 145 24.43 -72.58 66.49
C PRO HA 145 24.99 -73.47 65.39
N ARG HA 146 26.18 -73.15 64.87
CA ARG HA 146 26.81 -73.96 63.84
C ARG HA 146 28.15 -74.54 64.29
N GLU HA 147 28.29 -74.84 65.58
CA GLU HA 147 29.49 -75.46 66.11
C GLU HA 147 29.26 -76.94 66.29
N VAL HA 148 30.18 -77.76 65.78
CA VAL HA 148 30.10 -79.21 65.87
C VAL HA 148 31.09 -79.69 66.92
N GLN HA 149 30.59 -80.48 67.87
CA GLN HA 149 31.42 -80.99 68.95
C GLN HA 149 32.13 -82.27 68.54
N ALA IA 31 24.68 12.28 82.34
CA ALA IA 31 24.33 12.19 83.76
C ALA IA 31 22.85 11.82 83.94
N LYS IA 32 22.61 10.60 84.40
CA LYS IA 32 21.27 10.11 84.66
C LYS IA 32 20.95 10.30 86.13
N LYS IA 33 19.93 11.10 86.42
CA LYS IA 33 19.54 11.38 87.80
C LYS IA 33 18.79 10.18 88.37
N GLY IA 34 19.35 9.57 89.41
CA GLY IA 34 18.74 8.41 90.02
C GLY IA 34 19.65 7.69 90.99
N PHE IA 35 19.06 7.06 92.01
CA PHE IA 35 19.81 6.32 93.01
C PHE IA 35 19.52 4.84 93.00
N ARG IA 36 18.33 4.42 92.56
CA ARG IA 36 18.01 3.00 92.52
C ARG IA 36 18.94 2.25 91.57
N ALA IA 37 19.18 2.80 90.39
CA ALA IA 37 20.07 2.15 89.44
C ALA IA 37 21.49 2.06 89.99
N ALA IA 38 21.97 3.12 90.63
CA ALA IA 38 23.31 3.10 91.20
C ALA IA 38 23.43 2.06 92.30
N TYR IA 39 22.43 1.97 93.18
CA TYR IA 39 22.48 0.99 94.26
C TYR IA 39 22.40 -0.44 93.71
N ARG IA 40 21.55 -0.66 92.70
CA ARG IA 40 21.45 -1.99 92.11
C ARG IA 40 22.76 -2.38 91.43
N PHE IA 41 23.41 -1.43 90.76
CA PHE IA 41 24.71 -1.73 90.16
C PHE IA 41 25.78 -1.94 91.22
N GLN IA 42 25.66 -1.28 92.37
CA GLN IA 42 26.57 -1.58 93.47
C GLN IA 42 26.40 -3.01 93.96
N LYS IA 43 25.14 -3.46 94.04
CA LYS IA 43 24.88 -4.85 94.39
C LYS IA 43 25.48 -5.79 93.36
N GLU IA 44 25.33 -5.45 92.08
CA GLU IA 44 25.92 -6.27 91.01
C GLU IA 44 27.45 -6.30 91.11
N LEU IA 45 28.07 -5.16 91.43
CA LEU IA 45 29.53 -5.13 91.58
C LEU IA 45 29.97 -5.98 92.76
N GLU IA 46 29.21 -5.93 93.86
CA GLU IA 46 29.53 -6.80 95.00
C GLU IA 46 29.42 -8.27 94.61
N ARG IA 47 28.39 -8.62 93.84
CA ARG IA 47 28.25 -10.00 93.38
C ARG IA 47 29.42 -10.41 92.49
N TRP IA 48 29.84 -9.52 91.58
CA TRP IA 48 30.95 -9.83 90.70
C TRP IA 48 32.25 -9.98 91.49
N ARG IA 49 32.46 -9.12 92.49
CA ARG IA 49 33.64 -9.24 93.33
C ARG IA 49 33.64 -10.54 94.10
N LEU IA 50 32.47 -10.93 94.62
CA LEU IA 50 32.36 -12.20 95.33
C LEU IA 50 32.67 -13.37 94.42
N LEU IA 51 32.17 -13.33 93.18
CA LEU IA 51 32.47 -14.39 92.23
C LEU IA 51 33.94 -14.43 91.87
N ARG IA 52 34.57 -13.26 91.70
CA ARG IA 52 35.97 -13.21 91.28
C ARG IA 52 36.90 -13.71 92.39
N CYS IA 53 36.75 -13.15 93.60
CA CYS IA 53 37.58 -13.57 94.73
C CYS IA 53 36.69 -14.13 95.84
N PRO IA 54 36.53 -15.45 95.94
CA PRO IA 54 35.69 -16.02 96.98
C PRO IA 54 36.34 -15.84 98.35
N PRO IA 55 35.59 -15.35 99.33
CA PRO IA 55 36.14 -15.17 100.67
C PRO IA 55 36.32 -16.51 101.36
N PRO IA 56 37.23 -16.61 102.31
CA PRO IA 56 37.37 -17.85 103.08
C PRO IA 56 36.14 -18.10 103.92
N PRO IA 57 35.80 -19.37 104.17
CA PRO IA 57 34.60 -19.67 104.98
C PRO IA 57 34.74 -19.07 106.38
N VAL IA 58 33.66 -18.44 106.84
CA VAL IA 58 33.64 -17.82 108.16
C VAL IA 58 32.72 -18.62 109.06
N ARG IA 59 32.91 -18.43 110.37
CA ARG IA 59 32.15 -19.20 111.36
C ARG IA 59 30.72 -18.69 111.45
N ARG IA 60 29.78 -19.64 111.60
CA ARG IA 60 28.39 -19.28 111.77
C ARG IA 60 28.18 -18.51 113.07
N SER IA 61 28.93 -18.86 114.12
CA SER IA 61 28.88 -18.09 115.36
C SER IA 61 29.38 -16.67 115.13
N GLU IA 62 30.44 -16.51 114.35
CA GLU IA 62 30.96 -15.19 114.01
C GLU IA 62 30.01 -14.40 113.12
N LYS IA 63 29.12 -15.07 112.39
CA LYS IA 63 28.11 -14.37 111.63
C LYS IA 63 27.14 -13.67 112.57
N PRO IA 64 26.48 -12.59 112.12
CA PRO IA 64 25.74 -11.74 113.08
C PRO IA 64 24.64 -12.48 113.83
N ASN IA 65 23.68 -13.09 113.13
CA ASN IA 65 22.54 -13.73 113.79
C ASN IA 65 23.01 -15.04 114.42
N TRP IA 66 23.22 -15.02 115.73
CA TRP IA 66 23.68 -16.22 116.43
C TRP IA 66 23.34 -16.11 117.91
N ASP IA 67 22.94 -17.23 118.49
CA ASP IA 67 22.67 -17.32 119.93
C ASP IA 67 22.93 -18.76 120.34
N TYR IA 68 24.01 -18.98 121.10
CA TYR IA 68 24.49 -20.33 121.35
C TYR IA 68 23.49 -21.16 122.14
N HIS IA 69 22.87 -20.57 123.17
CA HIS IA 69 21.90 -21.32 123.96
C HIS IA 69 20.68 -21.71 123.15
N ALA IA 70 20.19 -20.79 122.33
CA ALA IA 70 19.05 -21.10 121.46
C ALA IA 70 19.42 -22.19 120.45
N GLU IA 71 20.64 -22.13 119.91
CA GLU IA 71 21.09 -23.14 118.97
C GLU IA 71 21.17 -24.52 119.64
N ILE IA 72 21.67 -24.56 120.88
CA ILE IA 72 21.74 -25.82 121.60
C ILE IA 72 20.34 -26.38 121.85
N GLN IA 73 19.41 -25.52 122.27
CA GLN IA 73 18.04 -25.97 122.51
C GLN IA 73 17.39 -26.48 121.24
N ALA IA 74 17.59 -25.77 120.12
CA ALA IA 74 17.02 -26.19 118.85
C ALA IA 74 17.63 -27.51 118.38
N PHE IA 75 18.95 -27.68 118.57
CA PHE IA 75 19.57 -28.95 118.22
C PHE IA 75 19.01 -30.09 119.06
N GLY IA 76 18.77 -29.85 120.34
CA GLY IA 76 18.17 -30.87 121.17
C GLY IA 76 16.75 -31.21 120.74
N HIS IA 77 15.97 -30.20 120.38
CA HIS IA 77 14.56 -30.42 120.05
C HIS IA 77 14.36 -31.02 118.66
N ARG IA 78 15.21 -30.67 117.69
CA ARG IA 78 14.98 -31.08 116.31
C ARG IA 78 15.13 -32.59 116.12
N LEU IA 79 15.81 -33.27 117.03
CA LEU IA 79 16.04 -34.71 116.92
C LEU IA 79 15.06 -35.53 117.75
N GLN IA 80 14.04 -34.89 118.30
CA GLN IA 80 13.06 -35.55 119.16
C GLN IA 80 13.74 -36.26 120.33
N GLU IA 81 14.77 -35.60 120.89
CA GLU IA 81 15.54 -36.12 122.00
C GLU IA 81 15.54 -35.11 123.14
N THR IA 82 15.85 -35.60 124.33
CA THR IA 82 15.91 -34.79 125.54
C THR IA 82 17.32 -34.87 126.09
N PHE IA 83 18.20 -34.00 125.62
CA PHE IA 83 19.57 -33.94 126.09
C PHE IA 83 19.65 -33.14 127.40
N SER IA 84 20.87 -33.02 127.91
CA SER IA 84 21.18 -32.13 129.02
C SER IA 84 22.03 -30.98 128.48
N LEU IA 85 21.65 -29.75 128.85
CA LEU IA 85 22.35 -28.59 128.33
C LEU IA 85 23.81 -28.57 128.75
N ASP IA 86 24.08 -28.89 130.02
CA ASP IA 86 25.47 -28.94 130.48
C ASP IA 86 26.26 -30.02 129.75
N LEU IA 87 25.65 -31.19 129.55
CA LEU IA 87 26.34 -32.25 128.82
C LEU IA 87 26.64 -31.84 127.38
N LEU IA 88 25.69 -31.19 126.71
CA LEU IA 88 25.92 -30.75 125.34
C LEU IA 88 27.02 -29.69 125.28
N LYS IA 89 27.01 -28.73 126.21
CA LYS IA 89 28.07 -27.73 126.23
C LYS IA 89 29.42 -28.35 126.53
N THR IA 90 29.47 -29.38 127.39
CA THR IA 90 30.70 -30.12 127.63
C THR IA 90 31.17 -30.83 126.37
N ALA IA 91 30.23 -31.42 125.62
CA ALA IA 91 30.59 -32.19 124.44
C ALA IA 91 31.03 -31.31 123.27
N PHE IA 92 30.51 -30.09 123.18
CA PHE IA 92 30.76 -29.25 122.01
C PHE IA 92 32.04 -28.43 122.10
N VAL IA 93 32.80 -28.55 123.18
CA VAL IA 93 34.09 -27.87 123.32
C VAL IA 93 35.19 -28.84 122.91
N ASN IA 94 36.34 -28.29 122.52
CA ASN IA 94 37.44 -29.09 122.01
C ASN IA 94 38.76 -28.63 122.60
N SER IA 95 39.73 -29.57 122.63
CA SER IA 95 41.04 -29.28 123.17
C SER IA 95 41.76 -28.22 122.34
N CYS IA 96 41.61 -28.26 121.02
CA CYS IA 96 42.20 -27.22 120.18
C CYS IA 96 41.61 -25.85 120.50
N TYR IA 97 40.30 -25.79 120.71
CA TYR IA 97 39.66 -24.54 121.11
C TYR IA 97 40.20 -24.05 122.44
N ILE IA 98 40.36 -24.96 123.41
CA ILE IA 98 40.88 -24.57 124.71
C ILE IA 98 42.30 -24.04 124.60
N LYS IA 99 43.13 -24.71 123.79
CA LYS IA 99 44.50 -24.26 123.61
C LYS IA 99 44.56 -22.90 122.91
N SER IA 100 43.69 -22.68 121.92
CA SER IA 100 43.65 -21.39 121.26
C SER IA 100 43.24 -20.28 122.23
N GLU IA 101 42.23 -20.56 123.08
CA GLU IA 101 41.81 -19.56 124.06
C GLU IA 101 42.92 -19.28 125.07
N GLU IA 102 43.64 -20.32 125.49
CA GLU IA 102 44.75 -20.11 126.41
C GLU IA 102 45.88 -19.33 125.77
N ALA IA 103 46.15 -19.57 124.48
CA ALA IA 103 47.16 -18.79 123.77
C ALA IA 103 46.75 -17.32 123.67
N LYS IA 104 45.48 -17.07 123.38
CA LYS IA 104 45.00 -15.68 123.37
C LYS IA 104 45.11 -15.05 124.75
N ARG IA 105 44.80 -15.83 125.79
CA ARG IA 105 44.91 -15.33 127.16
C ARG IA 105 46.35 -14.94 127.47
N GLN IA 106 47.31 -15.79 127.12
CA GLN IA 106 48.72 -15.48 127.35
C GLN IA 106 49.17 -14.27 126.55
N LYS IA 107 48.71 -14.16 125.29
CA LYS IA 107 49.11 -13.03 124.46
C LYS IA 107 48.51 -11.72 124.94
N LEU IA 108 47.32 -11.76 125.55
CA LEU IA 108 46.67 -10.55 126.03
C LEU IA 108 47.09 -10.15 127.43
N GLY IA 109 47.48 -11.11 128.28
CA GLY IA 109 47.91 -10.78 129.62
C GLY IA 109 46.79 -10.65 130.64
N ILE IA 110 45.73 -11.41 130.49
CA ILE IA 110 44.61 -11.41 131.41
C ILE IA 110 44.54 -12.77 132.10
N ASP IA 111 43.95 -12.78 133.29
CA ASP IA 111 43.80 -13.99 134.08
C ASP IA 111 42.48 -14.68 133.71
N LYS IA 112 42.58 -15.89 133.15
CA LYS IA 112 41.40 -16.67 132.81
C LYS IA 112 41.41 -18.05 133.44
N GLU IA 113 42.34 -18.33 134.35
CA GLU IA 113 42.46 -19.66 134.92
C GLU IA 113 41.25 -20.05 135.77
N ALA IA 114 40.46 -19.07 136.22
CA ALA IA 114 39.30 -19.36 137.06
C ALA IA 114 38.22 -20.10 136.28
N ALA IA 115 37.90 -19.64 135.08
CA ALA IA 115 36.81 -20.22 134.31
C ALA IA 115 37.25 -21.00 133.08
N LEU IA 116 38.33 -20.58 132.42
CA LEU IA 116 38.74 -21.25 131.19
C LEU IA 116 39.28 -22.66 131.47
N LEU IA 117 39.88 -22.87 132.64
CA LEU IA 117 40.41 -24.19 132.98
C LEU IA 117 39.32 -25.19 133.35
N ASN IA 118 38.08 -24.74 133.56
CA ASN IA 118 36.99 -25.61 133.96
C ASN IA 118 36.03 -25.90 132.81
N LEU IA 119 36.56 -25.97 131.58
CA LEU IA 119 35.72 -26.25 130.43
C LEU IA 119 35.34 -27.73 130.32
N LYS IA 120 36.10 -28.61 130.96
CA LYS IA 120 35.79 -30.05 131.00
C LYS IA 120 35.72 -30.63 129.58
N ASP IA 121 36.90 -30.72 128.97
CA ASP IA 121 37.04 -31.20 127.60
C ASP IA 121 36.26 -32.50 127.39
N ASN IA 122 35.77 -32.68 126.16
CA ASN IA 122 34.88 -33.77 125.82
C ASN IA 122 35.61 -35.05 125.44
N GLN IA 123 36.84 -35.24 125.91
CA GLN IA 123 37.59 -36.45 125.57
C GLN IA 123 36.89 -37.69 126.10
N GLU IA 124 36.46 -37.65 127.36
CA GLU IA 124 35.78 -38.81 127.95
C GLU IA 124 34.45 -39.08 127.25
N LEU IA 125 33.68 -38.03 126.95
CA LEU IA 125 32.41 -38.21 126.27
C LEU IA 125 32.63 -38.80 124.88
N SER IA 126 33.63 -38.31 124.16
CA SER IA 126 33.91 -38.85 122.82
C SER IA 126 34.34 -40.31 122.89
N GLU IA 127 35.18 -40.67 123.86
CA GLU IA 127 35.60 -42.06 123.98
C GLU IA 127 34.42 -42.96 124.32
N GLN IA 128 33.57 -42.54 125.26
CA GLN IA 128 32.39 -43.34 125.60
C GLN IA 128 31.46 -43.47 124.41
N GLY IA 129 31.27 -42.39 123.66
CA GLY IA 129 30.42 -42.46 122.48
C GLY IA 129 30.97 -43.41 121.43
N ILE IA 130 32.28 -43.36 121.20
CA ILE IA 130 32.90 -44.27 120.23
C ILE IA 130 32.70 -45.71 120.67
N SER IA 131 32.98 -46.00 121.94
CA SER IA 131 32.86 -47.37 122.43
C SER IA 131 31.42 -47.87 122.32
N PHE IA 132 30.47 -47.06 122.78
CA PHE IA 132 29.07 -47.49 122.76
C PHE IA 132 28.57 -47.66 121.32
N SER IA 133 28.93 -46.73 120.43
CA SER IA 133 28.49 -46.82 119.05
C SER IA 133 29.06 -48.06 118.37
N GLN IA 134 30.36 -48.34 118.59
CA GLN IA 134 30.95 -49.53 117.98
C GLN IA 134 30.29 -50.80 118.51
N THR IA 135 30.08 -50.87 119.83
CA THR IA 135 29.44 -52.05 120.41
C THR IA 135 28.02 -52.23 119.89
N CYS IA 136 27.25 -51.13 119.81
CA CYS IA 136 25.87 -51.22 119.37
C CYS IA 136 25.79 -51.61 117.90
N LEU IA 137 26.65 -51.04 117.05
CA LEU IA 137 26.65 -51.43 115.65
C LEU IA 137 27.07 -52.88 115.47
N THR IA 138 28.06 -53.34 116.23
CA THR IA 138 28.47 -54.73 116.15
C THR IA 138 27.32 -55.65 116.55
N GLN IA 139 26.62 -55.32 117.64
CA GLN IA 139 25.49 -56.15 118.07
C GLN IA 139 24.37 -56.13 117.03
N PHE IA 140 24.07 -54.97 116.46
CA PHE IA 140 23.03 -54.86 115.44
C PHE IA 140 23.36 -55.73 114.25
N PHE IA 141 24.61 -55.65 113.76
CA PHE IA 141 24.99 -56.45 112.60
C PHE IA 141 25.02 -57.94 112.93
N GLU IA 142 25.41 -58.30 114.15
CA GLU IA 142 25.39 -59.71 114.53
C GLU IA 142 23.97 -60.26 114.57
N ASP IA 143 23.01 -59.50 115.11
CA ASP IA 143 21.64 -60.00 115.15
C ASP IA 143 20.96 -59.93 113.80
N ALA IA 144 21.42 -59.05 112.91
CA ALA IA 144 20.79 -58.93 111.59
C ALA IA 144 21.31 -59.97 110.63
N PHE IA 145 22.63 -60.13 110.55
CA PHE IA 145 23.28 -61.07 109.63
C PHE IA 145 24.11 -62.05 110.43
N PRO IA 146 23.54 -63.16 110.90
CA PRO IA 146 24.33 -64.11 111.71
C PRO IA 146 25.49 -64.75 110.95
N ASP IA 147 25.44 -64.80 109.63
CA ASP IA 147 26.48 -65.46 108.85
C ASP IA 147 27.66 -64.56 108.52
N LEU IA 148 27.58 -63.28 108.85
CA LEU IA 148 28.69 -62.38 108.58
C LEU IA 148 29.89 -62.73 109.46
N PRO IA 149 31.08 -62.87 108.89
CA PRO IA 149 32.25 -63.21 109.71
C PRO IA 149 32.71 -62.03 110.56
N THR IA 150 33.66 -62.33 111.45
CA THR IA 150 34.17 -61.30 112.35
C THR IA 150 34.84 -60.18 111.58
N GLU IA 151 35.65 -60.52 110.58
CA GLU IA 151 36.30 -59.48 109.77
C GLU IA 151 35.27 -58.66 109.00
N GLY IA 152 34.23 -59.31 108.49
CA GLY IA 152 33.19 -58.58 107.77
C GLY IA 152 32.45 -57.60 108.66
N VAL IA 153 32.05 -58.05 109.85
CA VAL IA 153 31.32 -57.15 110.75
C VAL IA 153 32.24 -56.03 111.25
N THR IA 154 33.52 -56.34 111.49
CA THR IA 154 34.45 -55.29 111.88
C THR IA 154 34.61 -54.26 110.77
N SER IA 155 34.70 -54.71 109.52
CA SER IA 155 34.81 -53.78 108.40
C SER IA 155 33.55 -52.93 108.28
N LEU IA 156 32.38 -53.52 108.49
CA LEU IA 156 31.14 -52.75 108.43
C LEU IA 156 31.10 -51.70 109.53
N VAL IA 157 31.50 -52.06 110.75
CA VAL IA 157 31.51 -51.10 111.86
C VAL IA 157 32.50 -49.98 111.58
N ASP IA 158 33.68 -50.32 111.07
CA ASP IA 158 34.68 -49.31 110.74
C ASP IA 158 34.20 -48.39 109.64
N PHE IA 159 33.51 -48.92 108.63
CA PHE IA 159 32.95 -48.07 107.58
C PHE IA 159 31.89 -47.13 108.14
N LEU IA 160 31.02 -47.64 109.01
CA LEU IA 160 29.98 -46.78 109.57
C LEU IA 160 30.55 -45.72 110.50
N THR IA 161 31.65 -46.03 111.18
CA THR IA 161 32.29 -45.07 112.09
C THR IA 161 33.47 -44.36 111.45
N SER IA 162 33.64 -44.47 110.13
CA SER IA 162 34.77 -43.87 109.45
C SER IA 162 34.63 -42.34 109.42
N GLU IA 163 35.69 -41.68 108.98
CA GLU IA 163 35.71 -40.22 108.96
C GLU IA 163 34.65 -39.66 108.01
N GLU IA 164 34.55 -40.22 106.80
CA GLU IA 164 33.69 -39.62 105.77
C GLU IA 164 32.22 -39.67 106.19
N VAL IA 165 31.73 -40.84 106.59
CA VAL IA 165 30.32 -40.99 106.91
C VAL IA 165 29.95 -40.15 108.13
N VAL IA 166 30.76 -40.23 109.18
CA VAL IA 166 30.46 -39.50 110.41
C VAL IA 166 30.52 -38.00 110.16
N CYS IA 167 31.51 -37.53 109.40
CA CYS IA 167 31.61 -36.12 109.10
C CYS IA 167 30.44 -35.64 108.25
N HIS IA 168 30.01 -36.46 107.29
CA HIS IA 168 28.84 -36.09 106.49
C HIS IA 168 27.60 -35.98 107.36
N VAL IA 169 27.40 -36.94 108.27
CA VAL IA 169 26.25 -36.90 109.16
C VAL IA 169 26.31 -35.66 110.06
N ALA IA 170 27.48 -35.36 110.62
CA ALA IA 170 27.61 -34.20 111.49
C ALA IA 170 27.36 -32.90 110.73
N ARG IA 171 27.89 -32.79 109.51
CA ARG IA 171 27.67 -31.60 108.71
C ARG IA 171 26.20 -31.43 108.34
N ASN IA 172 25.51 -32.52 108.02
CA ASN IA 172 24.09 -32.42 107.73
C ASN IA 172 23.27 -32.12 108.98
N LEU IA 173 23.76 -32.52 110.16
CA LEU IA 173 23.09 -32.21 111.41
C LEU IA 173 23.56 -30.90 112.03
N ALA IA 174 24.43 -30.16 111.34
CA ALA IA 174 24.94 -28.87 111.77
C ALA IA 174 25.74 -28.97 113.06
N VAL IA 175 26.35 -30.13 113.31
CA VAL IA 175 27.24 -30.28 114.45
C VAL IA 175 28.50 -29.41 114.26
N GLU IA 176 28.96 -29.27 113.02
CA GLU IA 176 30.14 -28.46 112.76
C GLU IA 176 29.91 -27.00 113.16
N GLN IA 177 28.73 -26.46 112.88
CA GLN IA 177 28.43 -25.08 113.27
C GLN IA 177 28.41 -24.89 114.78
N LEU IA 178 27.87 -25.87 115.52
CA LEU IA 178 27.79 -25.77 116.96
C LEU IA 178 29.04 -26.24 117.67
N ALA IA 179 30.01 -26.78 116.95
CA ALA IA 179 31.24 -27.26 117.58
C ALA IA 179 32.17 -26.08 117.84
N LEU IA 180 32.60 -25.94 119.10
CA LEU IA 180 33.52 -24.88 119.48
C LEU IA 180 34.94 -25.35 119.24
N SER IA 181 35.56 -24.87 118.18
CA SER IA 181 36.92 -25.27 117.83
C SER IA 181 37.50 -24.26 116.85
N ALA IA 182 38.82 -24.09 116.91
CA ALA IA 182 39.52 -23.29 115.93
C ALA IA 182 39.55 -24.03 114.59
N GLU IA 183 40.02 -23.33 113.55
CA GLU IA 183 40.11 -23.87 112.21
C GLU IA 183 38.73 -24.34 111.72
N PHE IA 184 37.87 -23.33 111.48
CA PHE IA 184 36.47 -23.46 111.09
C PHE IA 184 36.19 -24.60 110.11
N PRO IA 185 37.08 -24.90 109.16
CA PRO IA 185 36.92 -26.17 108.42
C PRO IA 185 36.68 -27.38 109.30
N VAL IA 186 37.14 -27.38 110.55
CA VAL IA 186 36.91 -28.46 111.51
C VAL IA 186 37.34 -29.79 110.89
N PRO IA 187 38.63 -30.09 110.87
CA PRO IA 187 39.12 -31.32 110.20
C PRO IA 187 38.37 -32.56 110.63
N PRO IA 188 38.39 -33.60 109.80
CA PRO IA 188 37.57 -34.79 110.04
C PRO IA 188 37.80 -35.42 111.41
N PRO IA 189 39.04 -35.49 111.92
CA PRO IA 189 39.19 -36.03 113.29
C PRO IA 189 38.43 -35.21 114.33
N VAL IA 190 38.48 -33.88 114.23
CA VAL IA 190 37.76 -33.04 115.18
C VAL IA 190 36.25 -33.21 115.02
N LEU IA 191 35.78 -33.29 113.77
CA LEU IA 191 34.36 -33.50 113.54
C LEU IA 191 33.89 -34.83 114.13
N ARG IA 192 34.66 -35.89 113.92
CA ARG IA 192 34.29 -37.20 114.45
C ARG IA 192 34.31 -37.19 115.98
N GLN IA 193 35.32 -36.56 116.57
CA GLN IA 193 35.37 -36.45 118.02
C GLN IA 193 34.16 -35.72 118.58
N THR IA 194 33.77 -34.61 117.93
CA THR IA 194 32.61 -33.87 118.40
C THR IA 194 31.33 -34.67 118.25
N PHE IA 195 31.17 -35.37 117.11
CA PHE IA 195 29.97 -36.17 116.90
C PHE IA 195 29.86 -37.28 117.94
N PHE IA 196 30.95 -37.98 118.22
CA PHE IA 196 30.89 -39.04 119.21
C PHE IA 196 30.79 -38.50 120.62
N ALA IA 197 31.28 -37.29 120.88
CA ALA IA 197 31.02 -36.65 122.17
C ALA IA 197 29.54 -36.37 122.34
N VAL IA 198 28.88 -35.91 121.28
CA VAL IA 198 27.44 -35.71 121.33
C VAL IA 198 26.73 -37.04 121.57
N ILE IA 199 27.20 -38.11 120.91
CA ILE IA 199 26.62 -39.43 121.10
C ILE IA 199 26.77 -39.87 122.56
N GLY IA 200 27.94 -39.67 123.15
CA GLY IA 200 28.14 -40.02 124.54
C GLY IA 200 27.28 -39.20 125.49
N ALA IA 201 27.11 -37.90 125.18
CA ALA IA 201 26.23 -37.07 125.99
C ALA IA 201 24.80 -37.57 125.92
N LEU IA 202 24.34 -37.97 124.73
CA LEU IA 202 23.01 -38.55 124.60
C LEU IA 202 22.90 -39.85 125.39
N LEU IA 203 23.95 -40.68 125.35
CA LEU IA 203 23.93 -41.92 126.11
C LEU IA 203 23.83 -41.66 127.61
N GLN IA 204 24.57 -40.67 128.10
CA GLN IA 204 24.51 -40.35 129.53
C GLN IA 204 23.18 -39.73 129.92
N SER IA 205 22.59 -38.90 129.05
CA SER IA 205 21.34 -38.23 129.40
C SER IA 205 20.14 -39.17 129.29
N SER IA 206 19.90 -39.68 128.09
CA SER IA 206 18.77 -40.57 127.86
C SER IA 206 19.17 -42.02 128.09
N GLY IA 207 18.28 -42.94 127.72
CA GLY IA 207 18.51 -44.35 127.93
C GLY IA 207 19.37 -44.97 126.84
N PRO IA 208 20.02 -46.09 127.17
CA PRO IA 208 20.79 -46.81 126.15
C PRO IA 208 19.96 -47.27 124.97
N GLU IA 209 18.70 -47.66 125.20
CA GLU IA 209 17.83 -48.03 124.10
C GLU IA 209 17.55 -46.84 123.18
N ARG IA 210 17.30 -45.67 123.76
CA ARG IA 210 17.08 -44.47 122.95
C ARG IA 210 18.33 -44.10 122.17
N THR IA 211 19.50 -44.23 122.80
CA THR IA 211 20.75 -43.96 122.08
C THR IA 211 20.95 -44.95 120.94
N ALA IA 212 20.59 -46.22 121.16
CA ALA IA 212 20.68 -47.21 120.09
C ALA IA 212 19.74 -46.87 118.95
N LEU IA 213 18.53 -46.41 119.27
CA LEU IA 213 17.59 -45.99 118.22
C LEU IA 213 18.15 -44.81 117.44
N PHE IA 214 18.76 -43.85 118.14
CA PHE IA 214 19.38 -42.71 117.47
C PHE IA 214 20.51 -43.16 116.54
N ILE IA 215 21.34 -44.10 117.01
CA ILE IA 215 22.42 -44.62 116.19
C ILE IA 215 21.86 -45.31 114.95
N ARG IA 216 20.81 -46.13 115.14
CA ARG IA 216 20.17 -46.79 114.02
C ARG IA 216 19.61 -45.81 113.01
N ASP IA 217 19.00 -44.72 113.47
CA ASP IA 217 18.40 -43.74 112.58
C ASP IA 217 19.42 -42.87 111.87
N PHE IA 218 20.59 -42.64 112.47
CA PHE IA 218 21.53 -41.67 111.91
C PHE IA 218 22.84 -42.26 111.41
N LEU IA 219 23.07 -43.55 111.54
CA LEU IA 219 24.28 -44.13 110.96
C LEU IA 219 24.01 -45.33 110.07
N ILE IA 220 23.05 -46.18 110.45
CA ILE IA 220 22.70 -47.34 109.63
C ILE IA 220 22.05 -46.91 108.32
N THR IA 221 21.26 -45.83 108.33
CA THR IA 221 20.62 -45.35 107.11
C THR IA 221 21.63 -44.98 106.04
N GLN IA 222 22.86 -44.66 106.41
CA GLN IA 222 23.91 -44.39 105.44
C GLN IA 222 24.30 -45.62 104.62
N MET IA 223 23.92 -46.81 105.06
CA MET IA 223 24.21 -48.04 104.35
C MET IA 223 23.12 -48.41 103.34
N THR IA 224 22.06 -47.62 103.25
CA THR IA 224 20.97 -47.91 102.34
C THR IA 224 21.47 -47.82 100.88
N GLY IA 225 21.22 -48.88 100.12
CA GLY IA 225 21.67 -48.94 98.74
C GLY IA 225 23.13 -49.32 98.57
N LYS IA 226 23.85 -49.57 99.65
CA LYS IA 226 25.26 -49.90 99.56
C LYS IA 226 25.45 -51.41 99.40
N GLU IA 227 26.66 -51.78 98.96
CA GLU IA 227 27.05 -53.17 98.83
C GLU IA 227 28.05 -53.54 99.92
N LEU IA 228 28.09 -54.83 100.24
CA LEU IA 228 28.99 -55.32 101.29
C LEU IA 228 30.45 -55.13 100.88
N PHE IA 229 30.81 -55.55 99.67
CA PHE IA 229 32.20 -55.50 99.26
C PHE IA 229 32.68 -54.08 98.99
N GLU IA 230 31.77 -53.15 98.68
CA GLU IA 230 32.17 -51.76 98.47
C GLU IA 230 32.83 -51.18 99.71
N MET IA 231 32.48 -51.68 100.89
CA MET IA 231 33.11 -51.24 102.12
C MET IA 231 34.01 -52.30 102.76
N TRP IA 232 33.87 -53.57 102.35
CA TRP IA 232 34.75 -54.60 102.89
C TRP IA 232 36.11 -54.61 102.17
N THR IA 233 36.10 -54.51 100.84
CA THR IA 233 37.31 -54.45 100.02
C THR IA 233 38.21 -55.66 100.29
N ILE IA 234 37.68 -56.83 99.96
CA ILE IA 234 38.46 -58.06 100.07
C ILE IA 234 39.38 -58.19 98.85
N THR IA 235 40.35 -59.11 98.97
CA THR IA 235 41.36 -59.29 97.94
C THR IA 235 41.24 -60.61 97.19
N ASN IA 236 40.84 -61.69 97.87
CA ASN IA 236 40.75 -63.02 97.27
C ASN IA 236 39.34 -63.55 97.50
N PRO IA 237 38.38 -63.11 96.68
CA PRO IA 237 37.01 -63.64 96.84
C PRO IA 237 36.93 -65.14 96.68
N MET IA 238 37.70 -65.72 95.76
CA MET IA 238 37.68 -67.17 95.58
C MET IA 238 38.22 -67.88 96.82
N GLY IA 239 39.31 -67.38 97.39
CA GLY IA 239 39.86 -67.98 98.60
C GLY IA 239 38.90 -67.88 99.76
N LEU IA 240 38.28 -66.71 99.94
CA LEU IA 240 37.31 -66.57 101.02
C LEU IA 240 36.11 -67.49 100.80
N LEU IA 241 35.65 -67.63 99.56
CA LEU IA 241 34.54 -68.52 99.26
C LEU IA 241 34.88 -69.97 99.57
N VAL IA 242 36.07 -70.43 99.18
CA VAL IA 242 36.42 -71.82 99.43
C VAL IA 242 36.62 -72.06 100.93
N GLU IA 243 37.15 -71.08 101.66
CA GLU IA 243 37.26 -71.23 103.11
C GLU IA 243 35.88 -71.30 103.75
N GLU IA 244 34.95 -70.45 103.30
CA GLU IA 244 33.60 -70.50 103.85
C GLU IA 244 32.91 -71.83 103.53
N LEU IA 245 33.12 -72.35 102.32
CA LEU IA 245 32.57 -73.65 101.97
C LEU IA 245 33.17 -74.76 102.82
N LYS IA 246 34.47 -74.70 103.09
CA LYS IA 246 35.09 -75.67 103.97
C LYS IA 246 34.50 -75.60 105.38
N LYS IA 247 34.24 -74.38 105.86
CA LYS IA 247 33.58 -74.22 107.15
C LYS IA 247 32.17 -74.82 107.13
N ARG IA 248 31.44 -74.59 106.04
CA ARG IA 248 30.08 -75.08 105.89
C ARG IA 248 30.02 -76.52 105.41
N LYS IA 249 31.16 -77.20 105.33
CA LYS IA 249 31.25 -78.61 104.94
C LYS IA 249 30.84 -78.80 103.47
N ILE IA 250 31.40 -77.95 102.61
CA ILE IA 250 31.24 -78.06 101.16
C ILE IA 250 32.62 -78.28 100.55
N SER IA 251 32.71 -79.22 99.63
CA SER IA 251 34.00 -79.69 99.14
C SER IA 251 34.75 -78.61 98.36
N ALA IA 252 34.21 -78.19 97.22
CA ALA IA 252 34.88 -77.23 96.36
C ALA IA 252 33.96 -76.71 95.27
N PRO IA 253 34.03 -75.43 94.93
CA PRO IA 253 33.23 -74.92 93.80
C PRO IA 253 33.97 -75.11 92.48
N GLU IA 254 33.20 -75.40 91.43
CA GLU IA 254 33.74 -75.57 90.09
C GLU IA 254 33.24 -74.43 89.21
N SER IA 255 34.16 -73.75 88.55
CA SER IA 255 33.82 -72.63 87.68
C SER IA 255 33.59 -73.14 86.27
N ARG IA 256 32.40 -72.89 85.73
CA ARG IA 256 32.03 -73.35 84.40
C ARG IA 256 31.45 -72.21 83.59
N LEU IA 257 31.85 -72.12 82.32
CA LEU IA 257 31.33 -71.08 81.45
C LEU IA 257 29.91 -71.44 81.01
N THR IA 258 28.93 -70.66 81.45
CA THR IA 258 27.53 -70.93 81.16
C THR IA 258 27.11 -70.32 79.82
N ARG IA 259 27.23 -69.01 79.69
CA ARG IA 259 26.91 -68.32 78.45
C ARG IA 259 27.98 -67.30 78.14
N GLN IA 260 28.11 -66.98 76.85
CA GLN IA 260 29.06 -65.98 76.41
C GLN IA 260 28.54 -65.32 75.15
N SER IA 261 29.03 -64.12 74.86
CA SER IA 261 28.63 -63.35 73.70
C SER IA 261 29.88 -62.77 73.04
N GLY IA 262 30.41 -63.49 72.06
CA GLY IA 262 31.59 -63.03 71.36
C GLY IA 262 32.88 -63.37 72.08
N SER IA 263 33.83 -63.95 71.37
CA SER IA 263 35.13 -64.27 71.92
C SER IA 263 36.28 -63.55 71.25
N THR IA 264 36.19 -63.27 69.95
CA THR IA 264 37.21 -62.52 69.24
C THR IA 264 36.89 -61.04 69.15
N THR IA 265 35.78 -60.60 69.72
CA THR IA 265 35.40 -59.20 69.67
C THR IA 265 36.23 -58.39 70.66
N ALA IA 266 36.25 -57.07 70.46
CA ALA IA 266 36.99 -56.18 71.34
C ALA IA 266 36.36 -56.08 72.73
N LEU IA 267 35.08 -56.41 72.86
CA LEU IA 267 34.38 -56.35 74.16
C LEU IA 267 33.65 -57.66 74.39
N PRO IA 268 34.37 -58.73 74.70
CA PRO IA 268 33.71 -60.01 74.99
C PRO IA 268 32.94 -59.95 76.29
N VAL IA 269 31.92 -60.80 76.38
CA VAL IA 269 31.09 -60.93 77.56
C VAL IA 269 31.04 -62.40 77.95
N TYR IA 270 31.32 -62.70 79.21
CA TYR IA 270 31.33 -64.08 79.70
C TYR IA 270 30.46 -64.19 80.94
N PHE IA 271 29.81 -65.34 81.08
CA PHE IA 271 29.06 -65.70 82.27
C PHE IA 271 29.68 -66.95 82.87
N VAL IA 272 30.12 -66.86 84.12
CA VAL IA 272 30.76 -67.97 84.81
C VAL IA 272 29.89 -68.36 85.99
N GLY IA 273 29.54 -69.64 86.07
CA GLY IA 273 28.75 -70.15 87.18
C GLY IA 273 29.56 -71.07 88.06
N LEU IA 274 29.15 -71.16 89.33
CA LEU IA 274 29.84 -71.99 90.32
C LEU IA 274 28.95 -73.17 90.66
N TYR IA 275 29.48 -74.37 90.46
CA TYR IA 275 28.75 -75.61 90.71
C TYR IA 275 29.42 -76.36 91.84
N CYS IA 276 28.64 -76.65 92.89
CA CYS IA 276 29.08 -77.51 93.98
C CYS IA 276 28.26 -78.80 93.91
N ASP IA 277 28.95 -79.92 93.70
CA ASP IA 277 28.31 -81.20 93.45
C ASP IA 277 27.34 -81.11 92.27
N ARG IA 278 27.78 -80.42 91.22
CA ARG IA 278 26.97 -80.18 90.02
C ARG IA 278 25.67 -79.45 90.34
N LYS IA 279 25.70 -78.56 91.32
CA LYS IA 279 24.57 -77.72 91.67
C LYS IA 279 25.00 -76.26 91.58
N LEU IA 280 24.32 -75.49 90.74
CA LEU IA 280 24.67 -74.08 90.57
C LEU IA 280 24.28 -73.29 91.81
N ILE IA 281 25.24 -72.59 92.38
CA ILE IA 281 24.99 -71.80 93.59
C ILE IA 281 24.97 -70.32 93.26
N ALA IA 282 25.74 -69.92 92.25
CA ALA IA 282 25.83 -68.51 91.87
C ALA IA 282 26.38 -68.41 90.46
N GLU IA 283 26.19 -67.23 89.86
CA GLU IA 283 26.68 -66.95 88.53
C GLU IA 283 27.07 -65.48 88.47
N GLY IA 284 28.05 -65.17 87.62
CA GLY IA 284 28.54 -63.82 87.49
C GLY IA 284 28.96 -63.48 86.07
N PRO IA 285 28.60 -62.28 85.62
CA PRO IA 285 29.07 -61.80 84.33
C PRO IA 285 30.39 -61.04 84.44
N GLY IA 286 31.05 -60.90 83.29
CA GLY IA 286 32.31 -60.18 83.26
C GLY IA 286 32.75 -59.92 81.84
N GLU IA 287 33.71 -59.01 81.72
CA GLU IA 287 34.31 -58.71 80.42
C GLU IA 287 35.22 -59.85 79.99
N THR IA 288 36.03 -60.36 80.90
CA THR IA 288 36.90 -61.51 80.66
C THR IA 288 36.50 -62.65 81.58
N VAL IA 289 37.07 -63.83 81.29
CA VAL IA 289 36.71 -65.03 82.05
C VAL IA 289 37.13 -64.89 83.51
N LEU IA 290 38.32 -64.36 83.75
CA LEU IA 290 38.78 -64.21 85.14
C LEU IA 290 37.91 -63.25 85.92
N VAL IA 291 37.54 -62.11 85.32
CA VAL IA 291 36.69 -61.15 85.99
C VAL IA 291 35.31 -61.75 86.23
N ALA IA 292 34.78 -62.50 85.27
CA ALA IA 292 33.49 -63.15 85.46
C ALA IA 292 33.53 -64.15 86.59
N GLU IA 293 34.62 -64.93 86.67
CA GLU IA 293 34.77 -65.89 87.77
C GLU IA 293 34.86 -65.19 89.11
N GLU IA 294 35.60 -64.07 89.17
CA GLU IA 294 35.70 -63.31 90.41
C GLU IA 294 34.33 -62.76 90.82
N GLU IA 295 33.56 -62.26 89.85
CA GLU IA 295 32.23 -61.77 90.16
C GLU IA 295 31.31 -62.90 90.63
N ALA IA 296 31.43 -64.08 90.03
CA ALA IA 296 30.64 -65.22 90.47
C ALA IA 296 31.00 -65.61 91.91
N ALA IA 297 32.29 -65.60 92.23
CA ALA IA 297 32.71 -65.88 93.59
C ALA IA 297 32.17 -64.84 94.57
N ARG IA 298 32.17 -63.57 94.17
CA ARG IA 298 31.61 -62.52 95.01
C ARG IA 298 30.11 -62.73 95.23
N VAL IA 299 29.39 -63.11 94.17
CA VAL IA 299 27.95 -63.36 94.30
C VAL IA 299 27.70 -64.54 95.23
N ALA IA 300 28.49 -65.61 95.09
CA ALA IA 300 28.33 -66.76 95.97
C ALA IA 300 28.61 -66.39 97.42
N LEU IA 301 29.65 -65.59 97.65
CA LEU IA 301 29.96 -65.15 99.00
C LEU IA 301 28.84 -64.30 99.59
N ARG IA 302 28.29 -63.39 98.78
CA ARG IA 302 27.18 -62.57 99.26
C ARG IA 302 25.96 -63.42 99.58
N LYS IA 303 25.66 -64.42 98.74
CA LYS IA 303 24.54 -65.30 99.02
C LYS IA 303 24.76 -66.10 100.30
N LEU IA 304 25.98 -66.59 100.51
CA LEU IA 304 26.28 -67.34 101.73
C LEU IA 304 26.15 -66.46 102.96
N PHE IA 305 26.63 -65.22 102.89
CA PHE IA 305 26.56 -64.33 104.04
C PHE IA 305 25.20 -63.68 104.22
N GLY IA 306 24.31 -63.80 103.24
CA GLY IA 306 22.98 -63.23 103.34
C GLY IA 306 22.85 -61.79 102.89
N PHE IA 307 23.94 -61.13 102.55
CA PHE IA 307 23.91 -59.73 102.11
C PHE IA 307 23.61 -59.72 100.61
N THR IA 308 22.34 -59.91 100.28
CA THR IA 308 21.86 -59.97 98.92
C THR IA 308 20.91 -58.80 98.64
N GLU IA 309 20.76 -58.47 97.35
CA GLU IA 309 19.85 -57.41 96.97
C GLU IA 309 18.40 -57.76 97.31
N ASN IA 310 18.08 -59.05 97.42
CA ASN IA 310 16.74 -59.51 97.74
C ASN IA 310 16.55 -59.79 99.22
N ARG IA 311 17.40 -59.24 100.08
CA ARG IA 311 17.32 -59.50 101.51
C ARG IA 311 16.21 -58.66 102.14
N ARG IA 312 15.96 -58.94 103.42
CA ARG IA 312 14.99 -58.16 104.17
C ARG IA 312 15.50 -56.73 104.38
N PRO IA 313 14.69 -55.72 104.10
CA PRO IA 313 15.11 -54.34 104.42
C PRO IA 313 15.22 -54.15 105.92
N TRP IA 314 16.07 -53.19 106.31
CA TRP IA 314 16.29 -52.94 107.72
C TRP IA 314 15.01 -52.46 108.39
N ASP IA 315 14.77 -52.96 109.61
CA ASP IA 315 13.54 -52.67 110.33
C ASP IA 315 13.68 -51.33 111.04
N TYR IA 316 12.84 -50.37 110.67
CA TYR IA 316 12.78 -49.05 111.31
C TYR IA 316 11.41 -48.95 111.97
N SER IA 317 11.34 -49.36 113.24
CA SER IA 317 10.09 -49.34 113.99
C SER IA 317 10.41 -49.00 115.44
N LYS IA 318 9.36 -48.92 116.25
CA LYS IA 318 9.49 -48.61 117.68
C LYS IA 318 9.05 -49.80 118.50
N PRO IA 319 9.98 -50.63 119.00
CA PRO IA 319 9.65 -51.80 119.83
C PRO IA 319 9.21 -51.42 121.23
N VAL JA 94 -16.26 21.77 60.22
CA VAL JA 94 -16.56 22.35 61.52
C VAL JA 94 -15.26 22.77 62.22
N THR JA 95 -15.19 24.03 62.62
CA THR JA 95 -14.03 24.56 63.30
C THR JA 95 -14.12 24.20 64.78
N TYR JA 96 -13.35 23.19 65.19
CA TYR JA 96 -13.38 22.77 66.58
C TYR JA 96 -12.76 23.80 67.50
N PHE JA 97 -11.69 24.46 67.06
CA PHE JA 97 -11.04 25.51 67.84
C PHE JA 97 -10.89 26.73 66.93
N SER JA 98 -11.50 27.84 67.32
CA SER JA 98 -11.47 29.04 66.51
C SER JA 98 -10.09 29.69 66.58
N SER JA 99 -9.86 30.64 65.67
CA SER JA 99 -8.59 31.35 65.61
C SER JA 99 -8.57 32.58 66.50
N ARG JA 100 -9.69 33.30 66.59
CA ARG JA 100 -9.73 34.51 67.41
C ARG JA 100 -9.94 34.19 68.88
N LYS JA 101 -11.07 33.55 69.21
CA LYS JA 101 -11.41 33.25 70.60
C LYS JA 101 -11.03 31.84 71.02
N GLY JA 102 -10.74 30.94 70.07
CA GLY JA 102 -10.42 29.57 70.42
C GLY JA 102 -11.60 28.71 70.79
N LYS JA 103 -12.83 29.21 70.60
CA LYS JA 103 -14.02 28.45 70.91
C LYS JA 103 -14.35 27.51 69.74
N ARG JA 104 -15.53 26.88 69.80
CA ARG JA 104 -15.99 25.99 68.75
C ARG JA 104 -17.13 26.66 68.01
N LYS JA 105 -16.95 26.85 66.70
CA LYS JA 105 -17.95 27.51 65.88
C LYS JA 105 -19.06 26.52 65.48
N THR JA 106 -20.03 27.02 64.73
CA THR JA 106 -21.13 26.22 64.22
C THR JA 106 -21.39 26.57 62.76
N VAL JA 107 -21.92 25.61 62.03
CA VAL JA 107 -22.26 25.80 60.63
C VAL JA 107 -23.64 26.43 60.54
N LYS JA 108 -23.74 27.53 59.77
CA LYS JA 108 -24.99 28.27 59.71
C LYS JA 108 -26.05 27.58 58.85
N ALA JA 109 -25.65 26.63 58.00
CA ALA JA 109 -26.63 25.92 57.19
C ALA JA 109 -27.62 25.15 58.07
N VAL JA 110 -27.12 24.53 59.14
CA VAL JA 110 -27.99 23.76 60.02
C VAL JA 110 -29.03 24.66 60.67
N ILE JA 111 -28.60 25.82 61.18
CA ILE JA 111 -29.55 26.72 61.82
C ILE JA 111 -30.51 27.31 60.79
N TYR JA 112 -30.05 27.48 59.55
CA TYR JA 112 -30.93 28.02 58.52
C TYR JA 112 -32.01 27.04 58.09
N ARG JA 113 -31.68 25.74 58.00
CA ARG JA 113 -32.63 24.76 57.47
C ARG JA 113 -33.01 23.68 58.48
N PHE JA 114 -32.90 23.97 59.78
CA PHE JA 114 -33.28 23.00 60.80
C PHE JA 114 -33.79 23.74 62.03
N LEU JA 115 -34.49 23.00 62.88
CA LEU JA 115 -34.97 23.52 64.15
C LEU JA 115 -34.80 22.44 65.21
N ARG JA 116 -34.20 22.81 66.34
CA ARG JA 116 -33.94 21.88 67.42
C ARG JA 116 -34.93 22.13 68.55
N LEU JA 117 -35.63 21.09 68.97
CA LEU JA 117 -36.47 21.16 70.16
C LEU JA 117 -35.64 20.85 71.39
N HIS JA 118 -36.08 21.38 72.54
CA HIS JA 118 -35.33 21.18 73.77
C HIS JA 118 -35.32 19.72 74.22
N SER JA 119 -36.24 18.90 73.70
CA SER JA 119 -36.27 17.49 74.02
C SER JA 119 -35.17 16.70 73.31
N GLY JA 120 -34.44 17.34 72.40
CA GLY JA 120 -33.40 16.68 71.64
C GLY JA 120 -33.76 16.36 70.21
N LEU JA 121 -35.03 16.44 69.85
CA LEU JA 121 -35.46 16.18 68.48
C LEU JA 121 -35.12 17.34 67.57
N TRP JA 122 -34.93 17.04 66.29
CA TRP JA 122 -34.68 18.04 65.28
C TRP JA 122 -35.79 18.02 64.25
N LEU JA 123 -36.21 19.21 63.83
CA LEU JA 123 -37.31 19.39 62.88
C LEU JA 123 -36.75 19.89 61.56
N ARG JA 124 -37.27 19.35 60.46
CA ARG JA 124 -36.82 19.73 59.13
C ARG JA 124 -37.99 19.67 58.16
N ARG JA 125 -37.83 20.34 57.03
CA ARG JA 125 -38.81 20.29 55.96
C ARG JA 125 -38.51 19.14 55.01
N LYS JA 126 -39.54 18.69 54.32
CA LYS JA 126 -39.37 17.64 53.32
C LYS JA 126 -38.68 18.21 52.09
N ALA JA 127 -37.77 17.40 51.52
CA ALA JA 127 -37.00 17.82 50.37
C ALA JA 127 -37.87 17.87 49.13
N GLY JA 128 -37.77 18.96 48.38
CA GLY JA 128 -38.49 19.10 47.13
C GLY JA 128 -39.94 19.52 47.25
N TYR JA 129 -40.30 20.27 48.29
CA TYR JA 129 -41.69 20.69 48.47
C TYR JA 129 -42.04 21.94 47.68
N LYS JA 130 -41.09 22.49 46.91
CA LYS JA 130 -41.36 23.66 46.09
C LYS JA 130 -41.00 23.44 44.61
N LYS JA 131 -40.74 22.20 44.21
CA LYS JA 131 -40.30 21.90 42.86
C LYS JA 131 -41.36 21.08 42.14
N LYS JA 132 -41.84 21.59 41.01
CA LYS JA 132 -42.73 20.87 40.10
C LYS JA 132 -43.98 20.35 40.82
N LEU JA 133 -44.77 21.30 41.32
CA LEU JA 133 -45.99 20.94 42.04
C LEU JA 133 -47.09 20.42 41.12
N TRP JA 134 -47.14 20.88 39.87
CA TRP JA 134 -48.17 20.41 38.95
C TRP JA 134 -47.96 18.97 38.52
N LYS JA 135 -46.73 18.46 38.64
CA LYS JA 135 -46.41 17.10 38.22
C LYS JA 135 -46.64 16.06 39.30
N LYS JA 136 -47.02 16.48 40.50
CA LYS JA 136 -47.14 15.59 41.64
C LYS JA 136 -48.58 15.51 42.12
N THR JA 137 -48.91 14.36 42.73
CA THR JA 137 -50.25 14.11 43.23
C THR JA 137 -50.51 14.93 44.50
N ALA JA 138 -51.80 15.06 44.83
CA ALA JA 138 -52.18 15.85 46.00
C ALA JA 138 -51.64 15.24 47.28
N ALA JA 139 -51.69 13.91 47.41
CA ALA JA 139 -51.13 13.25 48.58
C ALA JA 139 -49.62 13.47 48.66
N ARG JA 140 -48.93 13.38 47.52
CA ARG JA 140 -47.49 13.63 47.50
C ARG JA 140 -47.19 15.08 47.90
N LYS JA 141 -48.00 16.03 47.42
CA LYS JA 141 -47.79 17.43 47.79
C LYS JA 141 -48.03 17.65 49.28
N ARG JA 142 -49.04 16.99 49.85
CA ARG JA 142 -49.27 17.10 51.30
C ARG JA 142 -48.09 16.50 52.07
N ARG JA 143 -47.58 15.36 51.61
CA ARG JA 143 -46.40 14.79 52.25
C ARG JA 143 -45.20 15.72 52.19
N LEU JA 144 -44.99 16.37 51.04
CA LEU JA 144 -43.89 17.31 50.91
C LEU JA 144 -44.07 18.52 51.83
N ARG JA 145 -45.30 19.03 51.93
CA ARG JA 145 -45.55 20.20 52.77
C ARG JA 145 -45.47 19.87 54.26
N GLU JA 146 -45.77 18.63 54.65
CA GLU JA 146 -45.74 18.27 56.05
C GLU JA 146 -44.32 18.22 56.59
N PHE JA 147 -44.16 18.62 57.85
CA PHE JA 147 -42.88 18.57 58.53
C PHE JA 147 -42.51 17.14 58.88
N VAL JA 148 -41.21 16.91 59.11
CA VAL JA 148 -40.69 15.60 59.46
C VAL JA 148 -39.59 15.75 60.51
N PHE JA 149 -39.29 14.65 61.18
CA PHE JA 149 -38.26 14.59 62.20
C PHE JA 149 -37.00 13.92 61.66
N CYS JA 150 -35.96 13.93 62.47
CA CYS JA 150 -34.67 13.33 62.13
C CYS JA 150 -34.35 12.19 63.10
N ASN JA 151 -33.64 11.19 62.60
CA ASN JA 151 -33.32 10.00 63.38
C ASN JA 151 -32.13 10.29 64.30
N LYS JA 152 -31.66 9.25 65.01
CA LYS JA 152 -30.62 9.43 66.02
C LYS JA 152 -29.30 9.87 65.39
N THR JA 153 -28.92 9.26 64.27
CA THR JA 153 -27.64 9.59 63.65
C THR JA 153 -27.62 11.05 63.19
N GLN JA 154 -28.67 11.47 62.49
CA GLN JA 154 -28.73 12.86 62.04
C GLN JA 154 -28.81 13.82 63.21
N SER JA 155 -29.55 13.46 64.27
CA SER JA 155 -29.63 14.33 65.43
C SER JA 155 -28.27 14.49 66.09
N LYS JA 156 -27.51 13.40 66.22
CA LYS JA 156 -26.17 13.49 66.79
C LYS JA 156 -25.25 14.31 65.91
N LEU JA 157 -25.35 14.14 64.59
CA LEU JA 157 -24.53 14.95 63.68
C LEU JA 157 -24.84 16.43 63.83
N LEU JA 158 -26.13 16.79 63.89
CA LEU JA 158 -26.50 18.19 64.05
C LEU JA 158 -26.04 18.73 65.40
N ASP JA 159 -26.15 17.92 66.46
CA ASP JA 159 -25.67 18.36 67.77
C ASP JA 159 -24.17 18.59 67.76
N LYS JA 160 -23.41 17.73 67.10
CA LYS JA 160 -21.97 17.94 66.99
C LYS JA 160 -21.64 19.19 66.20
N MET JA 161 -22.37 19.43 65.10
CA MET JA 161 -22.08 20.57 64.25
C MET JA 161 -22.60 21.90 64.80
N THR JA 162 -23.50 21.88 65.78
CA THR JA 162 -24.04 23.08 66.38
C THR JA 162 -23.49 23.26 67.79
N THR JA 163 -23.29 24.51 68.18
CA THR JA 163 -22.76 24.82 69.51
C THR JA 163 -23.86 24.66 70.56
N SER JA 164 -23.48 24.88 71.82
CA SER JA 164 -24.42 24.75 72.93
C SER JA 164 -25.40 25.91 73.02
N PHE JA 165 -25.17 27.01 72.29
CA PHE JA 165 -26.10 28.13 72.33
C PHE JA 165 -27.46 27.74 71.78
N TRP JA 166 -27.50 26.97 70.69
CA TRP JA 166 -28.77 26.60 70.07
C TRP JA 166 -29.50 25.51 70.84
N LYS JA 167 -28.87 24.87 71.81
CA LYS JA 167 -29.49 23.84 72.61
C LYS JA 167 -30.13 24.38 73.88
N ARG JA 168 -30.13 25.70 74.07
CA ARG JA 168 -30.68 26.31 75.25
C ARG JA 168 -32.21 26.24 75.22
N ARG JA 169 -32.81 26.56 76.36
CA ARG JA 169 -34.27 26.62 76.49
C ARG JA 169 -34.73 28.03 76.15
N ASN JA 170 -35.58 28.15 75.14
CA ASN JA 170 -36.06 29.43 74.64
C ASN JA 170 -37.56 29.58 74.94
N TRP JA 171 -37.92 30.68 75.58
CA TRP JA 171 -39.32 31.00 75.86
C TRP JA 171 -39.68 32.21 75.00
N TYR JA 172 -40.05 31.96 73.75
CA TYR JA 172 -40.45 33.02 72.84
C TYR JA 172 -41.90 33.41 73.08
N ALA JA 173 -42.23 34.64 72.73
CA ALA JA 173 -43.60 35.13 72.84
C ALA JA 173 -44.43 34.54 71.71
N ASP JA 174 -45.52 33.86 72.06
CA ASP JA 174 -46.40 33.22 71.08
C ASP JA 174 -45.64 32.26 70.18
N ASP JA 175 -44.80 31.44 70.80
CA ASP JA 175 -44.00 30.47 70.05
C ASP JA 175 -44.86 29.26 69.70
N PRO JA 176 -45.06 28.96 68.41
CA PRO JA 176 -45.86 27.78 68.06
C PRO JA 176 -45.29 26.47 68.56
N TYR JA 177 -43.98 26.35 68.66
CA TYR JA 177 -43.32 25.10 69.02
C TYR JA 177 -43.08 24.95 70.52
N GLN JA 178 -43.55 25.92 71.32
CA GLN JA 178 -43.40 25.81 72.77
C GLN JA 178 -44.12 24.57 73.30
N LYS JA 179 -45.24 24.20 72.67
CA LYS JA 179 -45.94 22.97 73.05
C LYS JA 179 -45.08 21.73 72.78
N TYR JA 180 -44.36 21.70 71.66
CA TYR JA 180 -43.55 20.56 71.29
C TYR JA 180 -42.15 20.60 71.87
N GLN JA 181 -41.80 21.65 72.62
CA GLN JA 181 -40.46 21.74 73.18
C GLN JA 181 -40.15 20.58 74.12
N ASP JA 182 -41.10 20.17 74.93
CA ASP JA 182 -40.89 19.10 75.90
C ASP JA 182 -41.50 17.79 75.40
N ARG JA 183 -41.16 16.71 76.10
CA ARG JA 183 -41.62 15.37 75.78
C ARG JA 183 -42.35 14.78 76.97
N THR JA 184 -43.45 14.06 76.71
CA THR JA 184 -44.27 13.48 77.74
C THR JA 184 -44.56 12.01 77.43
N ASN JA 185 -44.76 11.23 78.50
CA ASN JA 185 -45.13 9.82 78.39
C ASN JA 185 -44.14 9.03 77.54
N LEU JA 186 -42.86 9.28 77.76
CA LEU JA 186 -41.79 8.56 77.08
C LEU JA 186 -41.32 7.46 78.01
N LYS JA 187 -41.85 6.25 77.82
CA LYS JA 187 -41.52 5.11 78.67
C LYS JA 187 -40.40 4.32 78.00
N VAL JA 188 -39.17 4.66 78.36
CA VAL JA 188 -37.99 3.99 77.81
C VAL JA 188 -37.06 3.55 78.93
N LYS KA 38 14.93 10.02 31.19
CA LYS KA 38 15.67 11.23 31.51
C LYS KA 38 17.08 10.90 32.00
N LYS KA 39 17.99 11.87 31.85
CA LYS KA 39 19.39 11.70 32.28
C LYS KA 39 19.47 12.06 33.76
N ARG KA 40 19.16 11.09 34.61
CA ARG KA 40 19.17 11.29 36.06
C ARG KA 40 20.52 10.82 36.60
N PHE KA 41 21.33 11.76 37.07
CA PHE KA 41 22.65 11.48 37.63
C PHE KA 41 22.73 12.06 39.03
N THR KA 42 23.22 11.26 39.97
CA THR KA 42 23.31 11.68 41.37
C THR KA 42 24.76 11.94 41.72
N PRO KA 43 25.17 13.19 41.96
CA PRO KA 43 26.55 13.46 42.31
C PRO KA 43 26.88 12.91 43.68
N PRO KA 44 28.12 12.49 43.91
CA PRO KA 44 28.51 12.02 45.24
C PRO KA 44 28.64 13.17 46.24
N THR KA 45 28.54 12.82 47.51
CA THR KA 45 28.65 13.78 48.61
C THR KA 45 29.90 13.48 49.42
N TYR KA 46 30.75 14.49 49.59
CA TYR KA 46 31.95 14.33 50.39
C TYR KA 46 31.64 14.43 51.88
N GLN KA 47 32.54 13.89 52.70
CA GLN KA 47 32.42 14.00 54.13
C GLN KA 47 33.30 15.13 54.64
N PRO KA 48 32.97 15.72 55.80
CA PRO KA 48 33.80 16.78 56.36
C PRO KA 48 35.20 16.27 56.69
N LYS KA 49 36.18 17.17 56.56
CA LYS KA 49 37.57 16.81 56.72
C LYS KA 49 37.99 16.61 58.17
N TYR KA 50 37.17 17.02 59.14
CA TYR KA 50 37.53 16.86 60.54
C TYR KA 50 37.49 15.39 60.96
N LYS KA 51 36.63 14.58 60.34
CA LYS KA 51 36.59 13.16 60.65
C LYS KA 51 37.85 12.43 60.20
N SER KA 52 38.63 13.04 59.30
CA SER KA 52 39.88 12.44 58.82
C SER KA 52 41.11 13.09 59.45
N GLU KA 53 41.07 14.40 59.69
CA GLU KA 53 42.23 15.11 60.24
C GLU KA 53 42.23 14.96 61.75
N LYS KA 54 42.79 13.86 62.23
CA LYS KA 54 42.92 13.58 63.65
C LYS KA 54 44.30 13.01 63.93
N GLU KA 55 44.91 13.46 65.03
CA GLU KA 55 46.28 13.08 65.37
C GLU KA 55 46.32 12.58 66.80
N PHE KA 56 47.44 11.94 67.16
CA PHE KA 56 47.63 11.45 68.50
C PHE KA 56 48.13 12.56 69.42
N VAL KA 57 47.95 12.34 70.72
CA VAL KA 57 48.33 13.30 71.75
C VAL KA 57 49.02 12.55 72.88
N GLU KA 58 49.38 13.28 73.93
CA GLU KA 58 49.97 12.73 75.16
C GLU KA 58 51.33 12.07 74.87
N HIS KA 59 52.28 12.92 74.47
CA HIS KA 59 53.67 12.54 74.28
C HIS KA 59 54.45 12.96 75.52
N ALA KA 60 54.87 11.99 76.33
CA ALA KA 60 55.51 12.29 77.60
C ALA KA 60 56.96 12.68 77.38
N ARG KA 61 57.32 13.88 77.88
CA ARG KA 61 58.68 14.39 77.78
C ARG KA 61 58.99 15.17 79.04
N LYS KA 62 60.22 15.04 79.52
CA LYS KA 62 60.70 15.74 80.72
C LYS KA 62 61.81 16.69 80.31
N ALA KA 63 61.44 17.95 80.05
CA ALA KA 63 62.39 18.98 79.63
C ALA KA 63 62.43 20.05 80.70
N GLY KA 64 63.62 20.26 81.29
CA GLY KA 64 63.81 21.28 82.31
C GLY KA 64 64.71 22.39 81.80
N LEU KA 65 64.36 23.63 82.15
CA LEU KA 65 65.11 24.80 81.76
C LEU KA 65 65.44 25.65 82.98
N VAL KA 66 66.51 26.42 82.88
CA VAL KA 66 66.95 27.24 84.00
C VAL KA 66 66.02 28.42 84.26
N ILE KA 67 65.32 28.89 83.24
CA ILE KA 67 64.44 30.06 83.37
C ILE KA 67 63.30 29.78 84.34
N PRO KA 68 62.52 28.69 84.18
CA PRO KA 68 61.48 28.42 85.18
C PRO KA 68 62.03 28.08 86.56
N HIS KA 69 63.21 27.46 86.62
CA HIS KA 69 63.81 27.15 87.91
C HIS KA 69 64.20 28.41 88.67
N GLU KA 70 64.70 29.43 87.96
CA GLU KA 70 65.06 30.68 88.60
C GLU KA 70 63.89 31.63 88.78
N ARG KA 71 62.80 31.45 88.04
CA ARG KA 71 61.62 32.29 88.18
C ARG KA 71 60.59 31.70 89.15
N LEU KA 72 61.04 30.88 90.10
CA LEU KA 72 60.13 30.36 91.12
C LEU KA 72 59.77 31.46 92.11
N GLU KA 73 58.47 31.61 92.37
CA GLU KA 73 58.03 32.63 93.31
C GLU KA 73 58.53 32.35 94.72
N ARG KA 74 58.51 31.08 95.13
CA ARG KA 74 58.93 30.70 96.47
C ARG KA 74 60.12 29.76 96.40
N PRO KA 75 61.16 29.98 97.21
CA PRO KA 75 62.29 29.04 97.23
C PRO KA 75 61.87 27.69 97.81
N ILE KA 76 62.60 26.66 97.41
CA ILE KA 76 62.33 25.31 97.88
C ILE KA 76 62.78 25.20 99.33
N HIS KA 77 61.87 24.76 100.20
CA HIS KA 77 62.18 24.61 101.61
C HIS KA 77 62.85 23.25 101.84
N LEU KA 78 64.04 23.27 102.44
CA LEU KA 78 64.81 22.06 102.70
C LEU KA 78 64.82 21.76 104.18
N ALA KA 79 64.43 20.54 104.55
CA ALA KA 79 64.44 20.11 105.93
C ALA KA 79 65.79 19.57 106.39
N CYS KA 80 66.73 19.39 105.46
CA CYS KA 80 68.05 18.88 105.78
C CYS KA 80 69.02 19.31 104.69
N THR KA 81 70.30 19.06 104.93
CA THR KA 81 71.35 19.41 103.97
C THR KA 81 71.43 18.34 102.89
N ALA KA 82 72.40 18.48 101.98
CA ALA KA 82 72.54 17.52 100.89
C ALA KA 82 73.16 16.22 101.37
N GLY KA 83 74.36 16.28 101.93
CA GLY KA 83 75.07 15.12 102.42
C GLY KA 83 75.71 15.39 103.76
N ILE KA 84 76.91 14.82 103.93
CA ILE KA 84 77.68 14.97 105.15
C ILE KA 84 78.92 15.81 104.84
N PHE KA 85 79.13 16.86 105.64
CA PHE KA 85 80.26 17.75 105.41
C PHE KA 85 81.58 17.11 105.84
N ASP KA 86 81.70 16.80 107.13
CA ASP KA 86 82.91 16.21 107.68
C ASP KA 86 82.64 14.75 107.99
N ALA KA 87 83.21 13.85 107.19
CA ALA KA 87 83.06 12.42 107.40
C ALA KA 87 84.10 11.93 108.38
N TYR KA 88 83.65 11.35 109.49
CA TYR KA 88 84.58 10.85 110.51
C TYR KA 88 85.27 9.60 109.99
N VAL KA 89 86.60 9.60 110.05
CA VAL KA 89 87.40 8.46 109.60
C VAL KA 89 87.83 7.69 110.85
N PRO KA 90 87.27 6.52 111.12
CA PRO KA 90 87.61 5.79 112.34
C PRO KA 90 88.97 5.13 112.22
N PRO KA 91 89.68 4.96 113.33
CA PRO KA 91 90.94 4.20 113.29
C PRO KA 91 90.68 2.73 112.98
N GLU KA 92 91.64 2.12 112.30
CA GLU KA 92 91.51 0.74 111.84
C GLU KA 92 91.56 -0.29 112.96
N GLY KA 93 91.96 0.07 114.18
CA GLY KA 93 92.05 -0.91 115.25
C GLY KA 93 90.80 -1.03 116.08
N ASP KA 94 89.70 -0.41 115.63
CA ASP KA 94 88.45 -0.44 116.39
C ASP KA 94 87.92 -1.85 116.56
N ALA KA 95 88.11 -2.72 115.56
CA ALA KA 95 87.60 -4.08 115.66
C ALA KA 95 88.21 -4.84 116.82
N ARG KA 96 89.53 -4.69 117.03
CA ARG KA 96 90.19 -5.31 118.17
C ARG KA 96 89.97 -4.56 119.47
N ILE KA 97 89.86 -3.23 119.41
CA ILE KA 97 89.62 -2.45 120.62
C ILE KA 97 88.26 -2.79 121.22
N SER KA 98 87.26 -3.05 120.36
CA SER KA 98 85.93 -3.38 120.85
C SER KA 98 85.89 -4.64 121.70
N SER KA 99 86.92 -5.50 121.59
CA SER KA 99 86.97 -6.71 122.41
C SER KA 99 87.11 -6.39 123.89
N LEU KA 100 87.65 -5.23 124.24
CA LEU KA 100 87.78 -4.80 125.62
C LEU KA 100 86.81 -3.66 125.90
N SER KA 101 86.18 -3.71 127.08
CA SER KA 101 85.16 -2.72 127.43
C SER KA 101 85.80 -1.39 127.77
N LYS KA 102 86.64 -1.36 128.81
CA LYS KA 102 87.25 -0.12 129.24
C LYS KA 102 88.21 0.46 128.19
N GLU KA 103 88.98 -0.40 127.52
CA GLU KA 103 89.91 0.06 126.50
C GLU KA 103 89.21 0.71 125.32
N GLY KA 104 87.91 0.51 125.17
CA GLY KA 104 87.16 1.19 124.14
C GLY KA 104 86.41 2.40 124.69
N LEU KA 105 85.82 2.24 125.86
CA LEU KA 105 85.06 3.33 126.47
C LEU KA 105 85.93 4.52 126.82
N ALA KA 106 87.13 4.29 127.38
CA ALA KA 106 88.03 5.39 127.72
C ALA KA 106 88.45 6.16 126.48
N GLN KA 107 88.78 5.46 125.40
CA GLN KA 107 89.16 6.13 124.16
C GLN KA 107 87.99 6.90 123.55
N ARG KA 108 86.79 6.31 123.58
CA ARG KA 108 85.62 7.01 123.04
C ARG KA 108 85.30 8.26 123.85
N ALA KA 109 85.49 8.22 125.16
CA ALA KA 109 85.31 9.41 125.97
C ALA KA 109 86.40 10.44 125.74
N GLU KA 110 87.65 10.00 125.58
CA GLU KA 110 88.76 10.92 125.38
C GLU KA 110 88.69 11.65 124.04
N ARG KA 111 88.37 10.92 122.96
CA ARG KA 111 88.33 11.53 121.64
C ARG KA 111 87.24 12.57 121.51
N LEU KA 112 86.07 12.34 122.11
CA LEU KA 112 84.99 13.33 122.07
C LEU KA 112 85.40 14.62 122.77
N LYS KA 113 86.08 14.52 123.91
CA LYS KA 113 86.45 15.69 124.68
C LYS KA 113 87.66 16.43 124.10
N LYS KA 114 88.62 15.72 123.53
CA LYS KA 114 89.85 16.36 123.06
C LYS KA 114 89.65 17.23 121.83
N ASN KA 115 88.75 16.85 120.94
CA ASN KA 115 88.53 17.63 119.72
C ASN KA 115 87.89 18.96 120.05
N VAL KA 116 88.36 20.02 119.39
CA VAL KA 116 87.82 21.35 119.65
C VAL KA 116 86.58 21.60 118.79
N ALA KA 117 86.55 21.07 117.57
CA ALA KA 117 85.40 21.27 116.70
C ALA KA 117 84.14 20.65 117.28
N SER KA 118 84.25 19.44 117.82
CA SER KA 118 83.09 18.79 118.44
C SER KA 118 82.61 19.58 119.64
N GLN KA 119 83.53 20.06 120.48
CA GLN KA 119 83.12 20.82 121.66
C GLN KA 119 82.44 22.12 121.27
N LEU KA 120 82.98 22.84 120.28
CA LEU KA 120 82.33 24.08 119.87
C LEU KA 120 80.98 23.82 119.22
N SER KA 121 80.86 22.73 118.45
CA SER KA 121 79.56 22.39 117.88
C SER KA 121 78.54 22.07 118.96
N ILE KA 122 78.95 21.32 120.00
CA ILE KA 122 78.04 21.01 121.10
C ILE KA 122 77.65 22.27 121.84
N ARG KA 123 78.60 23.18 122.05
CA ARG KA 123 78.29 24.44 122.71
C ARG KA 123 77.31 25.27 121.89
N LYS KA 124 77.50 25.31 120.57
CA LYS KA 124 76.57 26.03 119.71
C LYS KA 124 75.18 25.42 119.74
N ILE KA 125 75.10 24.09 119.75
CA ILE KA 125 73.80 23.43 119.85
C ILE KA 125 73.13 23.76 121.17
N ARG KA 126 73.90 23.74 122.26
CA ARG KA 126 73.34 24.06 123.57
C ARG KA 126 72.84 25.50 123.63
N GLU KA 127 73.60 26.45 123.07
CA GLU KA 127 73.17 27.84 123.12
C GLU KA 127 72.00 28.10 122.18
N SER KA 128 71.88 27.33 121.09
CA SER KA 128 70.73 27.48 120.21
C SER KA 128 69.47 26.88 120.81
N ASP KA 129 69.58 25.73 121.47
CA ASP KA 129 68.43 25.08 122.09
C ASP KA 129 68.86 24.54 123.46
N PRO KA 130 68.15 24.89 124.52
CA PRO KA 130 68.49 24.40 125.86
C PRO KA 130 68.06 22.95 126.03
N ASN KA 131 68.36 22.41 127.21
CA ASN KA 131 68.03 21.03 127.56
C ASN KA 131 68.63 20.04 126.56
N PHE KA 132 69.86 20.32 126.14
CA PHE KA 132 70.60 19.45 125.22
C PHE KA 132 71.68 18.72 126.01
N LYS KA 133 71.55 17.40 126.10
CA LYS KA 133 72.45 16.57 126.89
C LYS KA 133 73.07 15.49 126.01
N ILE KA 134 74.40 15.42 126.03
CA ILE KA 134 75.09 14.36 125.30
C ILE KA 134 74.86 13.01 125.94
N LYS KA 135 74.83 12.95 127.28
CA LYS KA 135 74.69 11.67 127.97
C LYS KA 135 73.36 11.00 127.66
N ASP KA 136 72.29 11.77 127.47
CA ASP KA 136 70.97 11.24 127.18
C ASP KA 136 70.74 10.99 125.69
N PHE KA 137 71.73 11.27 124.85
CA PHE KA 137 71.60 11.14 123.40
C PHE KA 137 71.67 9.71 122.89
N PRO KA 138 72.63 8.88 123.34
CA PRO KA 138 72.75 7.53 122.74
C PRO KA 138 71.50 6.68 122.90
N GLU KA 139 70.80 6.76 124.03
CA GLU KA 139 69.57 5.98 124.19
C GLU KA 139 68.51 6.43 123.19
N LYS KA 140 68.37 7.75 123.02
CA LYS KA 140 67.41 8.28 122.05
C LYS KA 140 67.77 7.86 120.63
N ALA KA 141 69.07 7.89 120.29
CA ALA KA 141 69.49 7.47 118.96
C ALA KA 141 69.23 5.98 118.74
N LYS KA 142 69.49 5.15 119.75
CA LYS KA 142 69.22 3.73 119.64
C LYS KA 142 67.73 3.48 119.43
N ASP KA 143 66.88 4.17 120.21
CA ASP KA 143 65.44 4.00 120.04
C ASP KA 143 64.99 4.46 118.66
N ILE KA 144 65.53 5.58 118.17
CA ILE KA 144 65.15 6.07 116.85
C ILE KA 144 65.55 5.07 115.77
N PHE KA 145 66.76 4.52 115.88
CA PHE KA 145 67.21 3.55 114.89
C PHE KA 145 66.34 2.30 114.90
N ILE KA 146 66.02 1.79 116.09
CA ILE KA 146 65.19 0.60 116.20
C ILE KA 146 63.80 0.86 115.63
N GLU KA 147 63.21 1.99 115.97
CA GLU KA 147 61.87 2.32 115.47
C GLU KA 147 61.88 2.54 113.96
N ALA KA 148 62.94 3.12 113.42
CA ALA KA 148 63.04 3.28 111.97
C ALA KA 148 63.11 1.94 111.28
N HIS KA 149 63.90 1.01 111.81
CA HIS KA 149 63.96 -0.33 111.22
C HIS KA 149 62.61 -1.03 111.32
N LEU KA 150 61.92 -0.89 112.45
CA LEU KA 150 60.59 -1.49 112.58
C LEU KA 150 59.60 -0.88 111.61
N CYS KA 151 59.66 0.44 111.41
CA CYS KA 151 58.78 1.09 110.44
C CYS KA 151 59.08 0.62 109.02
N LEU KA 152 60.36 0.44 108.70
CA LEU KA 152 60.70 -0.10 107.38
C LEU KA 152 60.20 -1.53 107.21
N ASN KA 153 60.23 -2.31 108.29
CA ASN KA 153 59.64 -3.66 108.26
C ASN KA 153 58.14 -3.60 108.01
N ASN KA 154 57.46 -2.68 108.68
CA ASN KA 154 56.00 -2.60 108.60
C ASN KA 154 55.53 -1.80 107.39
N SER KA 155 56.44 -1.22 106.61
CA SER KA 155 56.10 -0.37 105.46
C SER KA 155 55.24 0.82 105.89
N ASP KA 156 55.55 1.38 107.06
CA ASP KA 156 54.86 2.55 107.58
C ASP KA 156 55.60 3.79 107.10
N HIS KA 157 55.26 4.23 105.89
CA HIS KA 157 56.01 5.30 105.25
C HIS KA 157 55.87 6.63 105.99
N ASP KA 158 54.69 6.91 106.57
CA ASP KA 158 54.52 8.17 107.29
C ASP KA 158 55.44 8.24 108.51
N ARG KA 159 55.45 7.20 109.34
CA ARG KA 159 56.31 7.20 110.50
C ARG KA 159 57.78 7.14 110.10
N LEU KA 160 58.09 6.44 109.01
CA LEU KA 160 59.47 6.43 108.52
C LEU KA 160 59.90 7.82 108.09
N HIS KA 161 59.02 8.57 107.43
CA HIS KA 161 59.33 9.95 107.06
C HIS KA 161 59.51 10.82 108.29
N THR KA 162 58.68 10.62 109.32
CA THR KA 162 58.85 11.39 110.55
C THR KA 162 60.19 11.10 111.21
N LEU KA 163 60.64 9.84 111.16
CA LEU KA 163 61.90 9.48 111.83
C LEU KA 163 63.12 9.88 111.00
N VAL KA 164 63.28 9.28 109.82
CA VAL KA 164 64.47 9.51 109.00
C VAL KA 164 64.26 10.76 108.16
N THR KA 165 65.34 11.28 107.58
CA THR KA 165 65.31 12.54 106.84
C THR KA 165 65.09 12.28 105.35
N GLU KA 166 65.01 13.36 104.57
CA GLU KA 166 64.73 13.25 103.15
C GLU KA 166 65.93 12.72 102.37
N ASN KA 167 67.13 12.83 102.93
CA ASN KA 167 68.32 12.25 102.31
C ASN KA 167 68.53 10.79 102.70
N CYS KA 168 67.80 10.30 103.70
CA CYS KA 168 67.91 8.93 104.15
C CYS KA 168 66.76 8.04 103.69
N PHE KA 169 65.56 8.62 103.52
CA PHE KA 169 64.40 7.82 103.14
C PHE KA 169 64.56 7.13 101.78
N PRO KA 170 64.95 7.81 100.70
CA PRO KA 170 65.05 7.09 99.41
C PRO KA 170 66.06 5.96 99.43
N ASP KA 171 67.21 6.15 100.07
CA ASP KA 171 68.24 5.11 100.08
C ASP KA 171 67.78 3.87 100.85
N MET KA 172 66.77 3.99 101.69
CA MET KA 172 66.24 2.86 102.44
C MET KA 172 64.86 2.41 101.97
N VAL KA 173 64.29 3.06 100.96
CA VAL KA 173 62.99 2.65 100.45
C VAL KA 173 63.03 2.22 98.99
N TRP KA 174 63.99 2.73 98.19
CA TRP KA 174 63.98 2.56 96.75
C TRP KA 174 64.03 1.10 96.32
N ASP KA 175 65.10 0.40 96.68
CA ASP KA 175 65.28 -0.98 96.25
C ASP KA 175 64.53 -1.97 97.11
N ILE KA 176 63.80 -1.52 98.13
CA ILE KA 176 63.12 -2.41 99.06
C ILE KA 176 61.61 -2.27 99.04
N ARG KA 177 61.07 -1.29 98.31
CA ARG KA 177 59.63 -1.08 98.28
C ARG KA 177 58.87 -2.29 97.75
N TYR KA 178 59.49 -3.13 96.93
CA TYR KA 178 58.83 -4.28 96.31
C TYR KA 178 59.25 -5.60 96.91
N LYS KA 179 59.73 -5.60 98.16
CA LYS KA 179 60.22 -6.81 98.81
C LYS KA 179 59.72 -6.86 100.24
N THR KA 180 59.78 -8.06 100.84
CA THR KA 180 59.33 -8.29 102.19
C THR KA 180 60.55 -8.36 103.10
N VAL KA 181 60.48 -7.65 104.24
CA VAL KA 181 61.58 -7.55 105.18
C VAL KA 181 61.13 -8.07 106.53
N ARG KA 182 61.96 -8.92 107.14
CA ARG KA 182 61.73 -9.43 108.49
C ARG KA 182 62.99 -9.13 109.30
N TRP KA 183 63.03 -7.95 109.90
CA TRP KA 183 64.16 -7.51 110.71
C TRP KA 183 63.76 -7.50 112.18
N SER KA 184 64.68 -7.92 113.03
CA SER KA 184 64.42 -8.01 114.46
C SER KA 184 65.67 -7.57 115.23
N PHE KA 185 65.45 -7.11 116.46
CA PHE KA 185 66.50 -6.69 117.37
C PHE KA 185 66.58 -7.72 118.49
N VAL KA 186 67.78 -8.22 118.74
CA VAL KA 186 68.00 -9.30 119.70
C VAL KA 186 68.88 -8.85 120.86
N GLU KA 187 70.02 -8.22 120.56
CA GLU KA 187 70.98 -7.87 121.60
C GLU KA 187 71.83 -6.70 121.11
N SER KA 188 72.53 -6.06 122.04
CA SER KA 188 73.45 -4.97 121.74
C SER KA 188 74.76 -5.27 122.44
N LEU KA 189 75.78 -5.66 121.67
CA LEU KA 189 77.06 -6.01 122.26
C LEU KA 189 77.73 -4.81 122.93
N GLU KA 190 77.68 -3.65 122.27
CA GLU KA 190 78.30 -2.44 122.80
C GLU KA 190 77.31 -1.28 122.73
N PRO KA 191 77.19 -0.50 123.81
CA PRO KA 191 76.29 0.64 123.78
C PRO KA 191 76.76 1.66 122.75
N PRO KA 192 75.83 2.40 122.14
CA PRO KA 192 76.22 3.42 121.16
C PRO KA 192 77.08 4.49 121.80
N GLN KA 193 78.06 4.99 121.05
CA GLN KA 193 79.03 5.96 121.55
C GLN KA 193 79.05 7.18 120.63
N VAL KA 194 78.84 8.35 121.21
CA VAL KA 194 78.87 9.59 120.43
C VAL KA 194 80.33 9.91 120.12
N VAL KA 195 80.67 9.93 118.83
CA VAL KA 195 82.06 10.14 118.43
C VAL KA 195 82.36 11.63 118.27
N GLN KA 196 81.66 12.28 117.35
CA GLN KA 196 81.89 13.70 117.07
C GLN KA 196 80.57 14.38 116.75
N VAL KA 197 80.55 15.69 116.90
CA VAL KA 197 79.39 16.51 116.60
C VAL KA 197 79.82 17.63 115.66
N ARG KA 198 79.06 17.83 114.59
CA ARG KA 198 79.37 18.83 113.59
C ARG KA 198 78.16 19.73 113.36
N CYS KA 199 78.44 20.98 113.00
CA CYS KA 199 77.38 21.95 112.72
C CYS KA 199 77.76 22.75 111.48
N SER KA 200 76.82 22.86 110.55
CA SER KA 200 76.99 23.64 109.34
C SER KA 200 76.02 24.82 109.38
N SER KA 201 76.56 26.03 109.27
CA SER KA 201 75.78 27.25 109.33
C SER KA 201 75.84 27.95 107.98
N LEU KA 202 74.68 28.17 107.38
CA LEU KA 202 74.55 28.93 106.14
C LEU KA 202 73.98 30.29 106.50
N MET KA 203 74.78 31.34 106.29
CA MET KA 203 74.38 32.70 106.64
C MET KA 203 73.48 33.36 105.60
N ASN KA 204 73.38 32.79 104.39
CA ASN KA 204 72.48 33.35 103.39
C ASN KA 204 71.04 33.27 103.84
N GLN KA 205 70.65 32.15 104.45
CA GLN KA 205 69.31 31.98 105.00
C GLN KA 205 69.30 31.96 106.53
N GLY KA 206 70.47 32.05 107.16
CA GLY KA 206 70.54 31.99 108.60
C GLY KA 206 70.11 30.66 109.18
N ASN KA 207 70.54 29.56 108.57
CA ASN KA 207 70.10 28.22 108.97
C ASN KA 207 71.29 27.42 109.48
N ILE KA 208 71.12 26.81 110.65
CA ILE KA 208 72.15 26.00 111.28
C ILE KA 208 71.65 24.57 111.36
N TYR KA 209 72.40 23.63 110.78
CA TYR KA 209 72.07 22.21 110.80
C TYR KA 209 73.13 21.49 111.60
N GLY KA 210 72.71 20.77 112.65
CA GLY KA 210 73.62 20.05 113.51
C GLY KA 210 73.50 18.55 113.29
N GLN KA 211 74.64 17.93 112.96
CA GLN KA 211 74.72 16.50 112.75
C GLN KA 211 75.61 15.87 113.82
N VAL KA 212 75.13 14.77 114.40
CA VAL KA 212 75.82 14.06 115.46
C VAL KA 212 76.16 12.66 114.95
N THR KA 213 77.43 12.27 115.06
CA THR KA 213 77.89 10.96 114.64
C THR KA 213 77.97 10.05 115.85
N VAL KA 214 77.33 8.88 115.75
CA VAL KA 214 77.31 7.90 116.82
C VAL KA 214 77.72 6.55 116.26
N ARG KA 215 78.78 5.98 116.82
CA ARG KA 215 79.18 4.61 116.49
C ARG KA 215 78.21 3.64 117.17
N MET KA 216 77.65 2.72 116.40
CA MET KA 216 76.71 1.73 116.90
C MET KA 216 77.19 0.34 116.52
N HIS KA 217 77.41 -0.49 117.53
CA HIS KA 217 77.73 -1.91 117.34
C HIS KA 217 76.49 -2.71 117.74
N THR KA 218 75.83 -3.30 116.75
CA THR KA 218 74.52 -3.90 116.94
C THR KA 218 74.54 -5.37 116.55
N ARG KA 219 73.61 -6.12 117.12
CA ARG KA 219 73.38 -7.53 116.79
C ARG KA 219 72.01 -7.61 116.14
N GLN KA 220 71.98 -7.84 114.83
CA GLN KA 220 70.74 -7.79 114.07
C GLN KA 220 70.56 -9.07 113.26
N THR KA 221 69.30 -9.44 113.06
CA THR KA 221 68.92 -10.57 112.21
C THR KA 221 68.10 -10.03 111.06
N LEU KA 222 68.53 -10.30 109.83
CA LEU KA 222 67.91 -9.76 108.64
C LEU KA 222 67.52 -10.89 107.69
N ALA KA 223 66.31 -10.81 107.15
CA ALA KA 223 65.83 -11.78 106.16
C ALA KA 223 65.00 -11.01 105.14
N ILE KA 224 65.53 -10.87 103.93
CA ILE KA 224 64.85 -10.15 102.85
C ILE KA 224 64.29 -11.18 101.88
N TYR KA 225 62.97 -11.16 101.70
CA TYR KA 225 62.29 -12.08 100.80
C TYR KA 225 62.06 -11.41 99.44
N ASP KA 226 61.64 -12.21 98.48
CA ASP KA 226 61.31 -11.74 97.14
C ASP KA 226 59.82 -11.48 97.04
N ARG KA 227 59.44 -10.73 96.00
CA ARG KA 227 58.03 -10.44 95.75
C ARG KA 227 57.21 -11.69 95.50
N PHE KA 228 57.85 -12.78 95.10
CA PHE KA 228 57.17 -14.05 94.91
C PHE KA 228 57.10 -14.88 96.19
N GLY KA 229 57.71 -14.43 97.27
CA GLY KA 229 57.66 -15.12 98.55
C GLY KA 229 58.86 -15.97 98.86
N ARG KA 230 59.85 -16.05 97.97
CA ARG KA 230 61.03 -16.86 98.20
C ARG KA 230 62.14 -16.06 98.84
N LEU KA 231 62.90 -16.72 99.70
CA LEU KA 231 64.00 -16.07 100.41
C LEU KA 231 65.10 -15.65 99.44
N MET KA 232 65.63 -14.46 99.63
CA MET KA 232 66.61 -13.88 98.71
C MET KA 232 67.96 -13.62 99.35
N TYR KA 233 67.99 -12.90 100.49
CA TYR KA 233 69.24 -12.37 101.02
C TYR KA 233 69.81 -13.23 102.15
N GLY KA 234 69.07 -13.40 103.24
CA GLY KA 234 69.61 -14.09 104.39
C GLY KA 234 68.52 -14.72 105.25
N GLN KA 235 68.97 -15.48 106.24
CA GLN KA 235 68.09 -16.20 107.14
C GLN KA 235 67.64 -15.30 108.29
N GLU KA 236 66.46 -15.60 108.84
CA GLU KA 236 65.82 -14.78 109.85
C GLU KA 236 66.21 -15.16 111.27
N ASP KA 237 67.00 -16.21 111.47
CA ASP KA 237 67.36 -16.67 112.81
C ASP KA 237 68.83 -16.53 113.13
N VAL KA 238 69.64 -16.02 112.20
CA VAL KA 238 71.07 -15.86 112.42
C VAL KA 238 71.31 -14.45 112.99
N PRO KA 239 71.82 -14.33 114.21
CA PRO KA 239 72.10 -13.00 114.81
C PRO KA 239 73.47 -12.44 114.41
N ARG KA 240 73.54 -11.92 113.19
CA ARG KA 240 74.79 -11.38 112.68
C ARG KA 240 75.11 -10.05 113.34
N ASP KA 241 76.41 -9.81 113.54
CA ASP KA 241 76.87 -8.59 114.21
C ASP KA 241 77.35 -7.57 113.18
N VAL KA 242 76.90 -6.32 113.36
CA VAL KA 242 77.24 -5.24 112.45
C VAL KA 242 77.75 -4.07 113.27
N LEU KA 243 78.53 -3.20 112.62
CA LEU KA 243 79.07 -2.01 113.26
C LEU KA 243 79.03 -0.89 112.24
N GLU KA 244 78.28 0.17 112.55
CA GLU KA 244 78.14 1.31 111.64
C GLU KA 244 78.31 2.61 112.41
N TYR KA 245 78.19 3.71 111.68
CA TYR KA 245 78.24 5.05 112.26
C TYR KA 245 77.03 5.82 111.76
N VAL KA 246 76.06 6.04 112.63
CA VAL KA 246 74.85 6.75 112.25
C VAL KA 246 75.05 8.24 112.47
N VAL KA 247 74.76 9.04 111.45
CA VAL KA 247 74.88 10.48 111.52
C VAL KA 247 73.46 11.04 111.51
N PHE KA 248 73.06 11.60 112.64
CA PHE KA 248 71.75 12.23 112.78
C PHE KA 248 71.84 13.71 112.44
N GLU KA 249 70.73 14.27 111.98
CA GLU KA 249 70.66 15.68 111.63
C GLU KA 249 69.41 16.28 112.25
N LYS KA 250 69.56 17.47 112.84
CA LYS KA 250 68.46 18.20 113.42
C LYS KA 250 68.64 19.68 113.12
N HIS KA 251 67.61 20.30 112.54
CA HIS KA 251 67.66 21.72 112.26
C HIS KA 251 67.43 22.51 113.55
N LEU KA 252 68.37 23.41 113.85
CA LEU KA 252 68.32 24.15 115.10
C LEU KA 252 67.43 25.38 115.03
N VAL KA 253 67.36 26.04 113.88
CA VAL KA 253 66.51 27.22 113.73
C VAL KA 253 65.04 26.84 113.84
N ASP KA 254 64.66 25.68 113.32
CA ASP KA 254 63.28 25.25 113.36
C ASP KA 254 62.80 25.09 114.81
N PRO KA 255 61.66 25.66 115.17
CA PRO KA 255 61.17 25.53 116.55
C PRO KA 255 60.91 24.09 116.96
N TYR KA 256 60.49 23.23 116.04
CA TYR KA 256 60.20 21.84 116.39
C TYR KA 256 61.48 21.03 116.50
N GLY KA 257 62.23 20.94 115.40
CA GLY KA 257 63.54 20.31 115.40
C GLY KA 257 63.58 18.88 115.86
N SER KA 258 62.97 17.98 115.10
CA SER KA 258 63.03 16.56 115.42
C SER KA 258 64.38 15.97 114.99
N TRP KA 259 64.87 15.03 115.80
CA TRP KA 259 66.12 14.34 115.50
C TRP KA 259 65.86 13.32 114.40
N ARG KA 260 66.52 13.49 113.26
CA ARG KA 260 66.34 12.63 112.10
C ARG KA 260 67.67 12.03 111.68
N MET KA 261 67.68 10.73 111.41
CA MET KA 261 68.88 10.07 110.94
C MET KA 261 69.16 10.49 109.50
N HIS KA 262 70.42 10.85 109.23
CA HIS KA 262 70.79 11.43 107.94
C HIS KA 262 71.71 10.51 107.13
N GLY KA 263 72.73 9.94 107.76
CA GLY KA 263 73.73 9.17 107.04
C GLY KA 263 74.11 7.90 107.77
N LYS KA 264 74.65 6.95 106.98
CA LYS KA 264 75.06 5.64 107.48
C LYS KA 264 76.47 5.38 106.95
N ILE KA 265 77.47 5.63 107.79
CA ILE KA 265 78.87 5.50 107.40
C ILE KA 265 79.37 4.11 107.79
N ILE KA 266 80.01 3.43 106.84
CA ILE KA 266 80.63 2.13 107.08
C ILE KA 266 82.14 2.28 106.95
N PRO KA 267 82.93 1.64 107.80
CA PRO KA 267 84.39 1.76 107.68
C PRO KA 267 84.88 1.08 106.42
N PRO KA 268 85.94 1.61 105.79
CA PRO KA 268 86.47 0.96 104.58
C PRO KA 268 86.97 -0.46 104.84
N TRP KA 269 87.47 -0.75 106.03
CA TRP KA 269 88.00 -2.07 106.35
C TRP KA 269 86.94 -3.03 106.88
N ALA KA 270 85.67 -2.66 106.82
CA ALA KA 270 84.61 -3.51 107.32
C ALA KA 270 84.56 -4.82 106.52
N PRO KA 271 84.20 -5.92 107.18
CA PRO KA 271 84.12 -7.19 106.45
C PRO KA 271 83.07 -7.10 105.36
N PRO KA 272 83.30 -7.79 104.24
CA PRO KA 272 82.31 -7.76 103.15
C PRO KA 272 80.99 -8.36 103.57
N LYS KA 273 79.93 -7.88 102.92
CA LYS KA 273 78.59 -8.34 103.24
C LYS KA 273 78.40 -9.80 102.85
N GLN KA 274 77.40 -10.43 103.44
CA GLN KA 274 77.19 -11.85 103.23
C GLN KA 274 76.83 -12.15 101.77
N PRO KA 275 77.25 -13.30 101.26
CA PRO KA 275 77.03 -13.59 99.84
C PRO KA 275 75.55 -13.74 99.50
N ILE KA 276 75.23 -13.42 98.24
CA ILE KA 276 73.87 -13.58 97.76
C ILE KA 276 73.56 -15.06 97.56
N LEU KA 277 72.32 -15.45 97.85
CA LEU KA 277 71.93 -16.84 97.71
C LEU KA 277 71.93 -17.29 96.25
N LYS KA 278 71.64 -16.40 95.33
CA LYS KA 278 71.61 -16.74 93.90
C LYS KA 278 72.99 -16.61 93.28
N THR KA 279 73.10 -17.02 92.02
CA THR KA 279 74.31 -16.87 91.24
C THR KA 279 74.15 -15.71 90.27
N VAL KA 280 75.22 -14.93 90.11
CA VAL KA 280 75.19 -13.71 89.32
C VAL KA 280 76.16 -13.84 88.16
N MET KA 281 75.70 -13.51 86.96
CA MET KA 281 76.51 -13.51 85.75
C MET KA 281 76.78 -12.08 85.34
N ILE KA 282 78.05 -11.75 85.11
CA ILE KA 282 78.47 -10.41 84.73
C ILE KA 282 78.74 -10.42 83.23
N PRO KA 283 77.94 -9.72 82.42
CA PRO KA 283 78.19 -9.69 80.98
C PRO KA 283 79.46 -8.96 80.63
N GLY KA 284 80.09 -9.38 79.53
CA GLY KA 284 81.27 -8.74 79.04
C GLY KA 284 80.94 -7.54 78.18
N PRO KA 285 81.99 -6.91 77.64
CA PRO KA 285 81.78 -5.74 76.77
C PRO KA 285 81.19 -6.16 75.44
N GLN KA 286 80.11 -5.48 75.05
CA GLN KA 286 79.46 -5.76 73.78
C GLN KA 286 80.30 -5.17 72.65
N LEU KA 287 80.75 -6.02 71.74
CA LEU KA 287 81.69 -5.62 70.71
C LEU KA 287 80.98 -5.39 69.38
N LYS KA 288 81.28 -4.26 68.76
CA LYS KA 288 80.84 -4.02 67.40
C LYS KA 288 81.61 -4.91 66.44
N PRO KA 289 81.02 -5.23 65.28
CA PRO KA 289 81.73 -6.12 64.33
C PRO KA 289 83.08 -5.60 63.90
N TRP KA 290 83.24 -4.29 63.75
CA TRP KA 290 84.51 -3.72 63.32
C TRP KA 290 85.48 -3.48 64.47
N GLU KA 291 85.12 -3.84 65.70
CA GLU KA 291 85.96 -3.66 66.87
C GLU KA 291 86.48 -5.01 67.34
N GLU KA 292 87.79 -5.08 67.59
CA GLU KA 292 88.42 -6.29 68.07
C GLU KA 292 88.53 -6.26 69.60
N PHE KA 293 88.42 -7.43 70.20
CA PHE KA 293 88.50 -7.55 71.65
C PHE KA 293 89.94 -7.41 72.13
N GLU KA 294 90.10 -6.82 73.31
CA GLU KA 294 91.39 -6.67 73.95
C GLU KA 294 91.32 -7.30 75.33
N GLU KA 295 92.14 -8.33 75.56
CA GLU KA 295 92.10 -9.04 76.83
C GLU KA 295 93.00 -8.34 77.85
N PRO KA 296 92.44 -7.80 78.94
CA PRO KA 296 93.29 -7.18 79.96
C PRO KA 296 94.09 -8.22 80.74
N GLN KA 297 95.26 -7.80 81.21
CA GLN KA 297 96.12 -8.66 82.00
C GLN KA 297 96.68 -7.93 83.21
N SER LA 43 -78.41 -71.95 11.99
CA SER LA 43 -79.68 -71.29 11.68
C SER LA 43 -79.59 -70.53 10.37
N PRO LA 44 -80.29 -71.02 9.35
CA PRO LA 44 -80.29 -70.32 8.06
C PRO LA 44 -80.93 -68.94 8.15
N TRP LA 45 -80.37 -68.01 7.38
CA TRP LA 45 -80.84 -66.64 7.36
C TRP LA 45 -81.05 -66.19 5.92
N ARG LA 46 -82.18 -65.53 5.68
CA ARG LA 46 -82.51 -64.95 4.40
C ARG LA 46 -82.48 -63.44 4.51
N LEU LA 47 -81.89 -62.77 3.52
CA LEU LA 47 -81.72 -61.32 3.56
C LEU LA 47 -82.40 -60.70 2.35
N LEU LA 48 -83.16 -59.62 2.59
CA LEU LA 48 -83.83 -58.90 1.52
C LEU LA 48 -83.75 -57.40 1.78
N GLY LA 49 -83.51 -56.64 0.72
CA GLY LA 49 -83.69 -55.20 0.78
C GLY LA 49 -85.10 -54.82 0.38
N ALA LA 50 -85.41 -53.54 0.59
CA ALA LA 50 -86.71 -53.01 0.20
C ALA LA 50 -86.58 -51.50 0.03
N LEU LA 51 -87.43 -50.94 -0.80
CA LEU LA 51 -87.34 -49.52 -1.15
C LEU LA 51 -88.63 -48.81 -0.82
N CYS LA 52 -88.51 -47.65 -0.17
CA CYS LA 52 -89.63 -46.77 0.14
C CYS LA 52 -89.41 -45.48 -0.64
N LEU LA 53 -90.15 -45.31 -1.73
CA LEU LA 53 -89.97 -44.18 -2.62
C LEU LA 53 -90.98 -43.08 -2.26
N GLN LA 54 -90.46 -41.91 -1.92
CA GLN LA 54 -91.29 -40.76 -1.55
C GLN LA 54 -91.29 -39.74 -2.68
N ARG LA 55 -92.49 -39.32 -3.09
CA ARG LA 55 -92.63 -38.27 -4.11
C ARG LA 55 -92.79 -36.93 -3.42
N PRO LA 56 -92.00 -35.92 -3.80
CA PRO LA 56 -92.12 -34.62 -3.16
C PRO LA 56 -93.50 -34.02 -3.42
N PRO LA 57 -94.08 -33.33 -2.44
CA PRO LA 57 -95.34 -32.62 -2.69
C PRO LA 57 -95.11 -31.45 -3.63
N LEU LA 58 -96.01 -31.30 -4.61
CA LEU LA 58 -95.85 -30.26 -5.62
C LEU LA 58 -96.46 -28.93 -5.19
N VAL LA 59 -97.59 -28.96 -4.49
CA VAL LA 59 -98.27 -27.75 -4.04
C VAL LA 59 -98.17 -27.64 -2.54
N THR LA 60 -98.14 -26.41 -2.05
CA THR LA 60 -98.10 -26.16 -0.61
C THR LA 60 -99.45 -26.50 0.03
N LYS LA 61 -99.39 -26.98 1.26
CA LYS LA 61 -100.61 -27.35 1.97
C LYS LA 61 -101.41 -26.11 2.34
N PRO LA 62 -102.74 -26.23 2.44
CA PRO LA 62 -103.56 -25.10 2.85
C PRO LA 62 -103.31 -24.72 4.29
N LEU LA 63 -103.60 -23.47 4.61
CA LEU LA 63 -103.33 -22.92 5.92
C LEU LA 63 -104.48 -23.16 6.89
N THR LA 64 -104.13 -23.50 8.14
CA THR LA 64 -105.11 -23.52 9.21
C THR LA 64 -105.67 -22.10 9.42
N PRO LA 65 -106.94 -21.97 9.80
CA PRO LA 65 -107.47 -20.62 10.06
C PRO LA 65 -106.68 -19.83 11.07
N LEU LA 66 -106.11 -20.49 12.09
CA LEU LA 66 -105.21 -19.80 13.01
C LEU LA 66 -104.01 -19.23 12.27
N GLN LA 67 -103.43 -20.03 11.36
CA GLN LA 67 -102.30 -19.54 10.56
C GLN LA 67 -102.72 -18.40 9.63
N GLU LA 68 -103.94 -18.44 9.10
CA GLU LA 68 -104.44 -17.35 8.27
C GLU LA 68 -104.57 -16.06 9.08
N GLU LA 69 -105.11 -16.17 10.30
CA GLU LA 69 -105.20 -15.01 11.17
C GLU LA 69 -103.81 -14.46 11.50
N MET LA 70 -102.86 -15.35 11.79
CA MET LA 70 -101.50 -14.91 12.07
C MET LA 70 -100.87 -14.22 10.86
N ALA LA 71 -101.10 -14.76 9.66
CA ALA LA 71 -100.57 -14.15 8.45
C ALA LA 71 -101.18 -12.77 8.21
N ASP LA 72 -102.49 -12.64 8.45
CA ASP LA 72 -103.13 -11.33 8.31
C ASP LA 72 -102.56 -10.33 9.31
N LEU LA 73 -102.36 -10.77 10.55
CA LEU LA 73 -101.75 -9.90 11.56
C LEU LA 73 -100.34 -9.48 11.15
N LEU LA 74 -99.56 -10.42 10.63
CA LEU LA 74 -98.20 -10.11 10.21
C LEU LA 74 -98.20 -9.12 9.05
N GLN LA 75 -99.10 -9.30 8.09
CA GLN LA 75 -99.21 -8.34 6.99
C GLN LA 75 -99.59 -6.96 7.51
N GLN LA 76 -100.55 -6.90 8.43
CA GLN LA 76 -100.96 -5.61 8.97
C GLN LA 76 -99.82 -4.90 9.68
N ILE LA 77 -99.11 -5.63 10.54
CA ILE LA 77 -98.02 -5.00 11.30
C ILE LA 77 -96.87 -4.63 10.39
N GLU LA 78 -96.60 -5.44 9.35
CA GLU LA 78 -95.55 -5.08 8.40
C GLU LA 78 -95.91 -3.81 7.64
N ILE LA 79 -97.17 -3.67 7.24
CA ILE LA 79 -97.60 -2.45 6.57
C ILE LA 79 -97.50 -1.26 7.51
N GLU LA 80 -97.88 -1.45 8.78
CA GLU LA 80 -97.80 -0.36 9.75
C GLU LA 80 -96.36 0.08 9.97
N ARG LA 81 -95.44 -0.87 10.11
CA ARG LA 81 -94.04 -0.54 10.36
C ARG LA 81 -93.29 -0.11 9.11
N SER LA 82 -93.83 -0.37 7.93
CA SER LA 82 -93.19 0.09 6.70
C SER LA 82 -93.19 1.61 6.62
N LEU LA 83 -92.17 2.16 5.96
CA LEU LA 83 -92.09 3.60 5.81
C LEU LA 83 -92.99 4.09 4.69
N TYR LA 84 -92.69 3.66 3.46
CA TYR LA 84 -93.49 4.00 2.28
C TYR LA 84 -92.96 3.21 1.09
N SER LA 85 -93.85 2.98 0.13
CA SER LA 85 -93.49 2.41 -1.15
C SER LA 85 -93.48 3.50 -2.21
N ASP LA 86 -92.70 3.28 -3.27
CA ASP LA 86 -92.63 4.26 -4.35
C ASP LA 86 -94.00 4.43 -5.01
N HIS LA 87 -94.71 3.32 -5.22
CA HIS LA 87 -96.02 3.38 -5.85
C HIS LA 87 -96.99 4.20 -5.02
N GLU LA 88 -97.04 3.93 -3.71
CA GLU LA 88 -97.95 4.67 -2.85
C GLU LA 88 -97.56 6.14 -2.74
N LEU LA 89 -96.26 6.42 -2.68
CA LEU LA 89 -95.80 7.81 -2.62
C LEU LA 89 -96.19 8.57 -3.87
N ARG LA 90 -95.99 7.97 -5.04
CA ARG LA 90 -96.38 8.62 -6.28
C ARG LA 90 -97.89 8.78 -6.37
N ALA LA 91 -98.64 7.78 -5.90
CA ALA LA 91 -100.10 7.86 -5.94
C ALA LA 91 -100.61 9.01 -5.07
N LEU LA 92 -100.08 9.14 -3.85
CA LEU LA 92 -100.53 10.23 -2.99
C LEU LA 92 -100.07 11.59 -3.52
N ASP LA 93 -98.85 11.64 -4.09
CA ASP LA 93 -98.38 12.88 -4.68
C ASP LA 93 -99.26 13.32 -5.84
N GLU LA 94 -99.66 12.37 -6.70
CA GLU LA 94 -100.55 12.70 -7.81
C GLU LA 94 -101.93 13.09 -7.31
N ALA LA 95 -102.43 12.41 -6.26
CA ALA LA 95 -103.72 12.77 -5.70
C ALA LA 95 -103.74 14.19 -5.14
N GLN LA 96 -102.67 14.60 -4.45
CA GLN LA 96 -102.55 15.97 -3.97
C GLN LA 96 -102.34 16.97 -5.12
N GLN LA 97 -101.57 16.57 -6.12
CA GLN LA 97 -101.28 17.48 -7.24
C GLN LA 97 -102.53 17.76 -8.06
N LEU LA 98 -103.37 16.73 -8.28
CA LEU LA 98 -104.62 16.95 -8.99
C LEU LA 98 -105.53 17.90 -8.23
N ALA LA 99 -105.62 17.73 -6.90
CA ALA LA 99 -106.45 18.63 -6.10
C ALA LA 99 -105.93 20.05 -6.15
N LYS LA 100 -104.61 20.23 -6.10
CA LYS LA 100 -104.03 21.57 -6.19
C LYS LA 100 -104.25 22.17 -7.57
N LYS LA 101 -104.13 21.37 -8.62
CA LYS LA 101 -104.32 21.86 -9.99
C LYS LA 101 -105.77 22.22 -10.27
N LYS LA 102 -106.72 21.55 -9.62
CA LYS LA 102 -108.13 21.90 -9.80
C LYS LA 102 -108.44 23.34 -9.41
N SER LA 103 -107.60 23.96 -8.57
CA SER LA 103 -107.69 25.37 -8.27
C SER LA 103 -106.61 26.21 -8.94
N ASP LA 104 -105.47 25.62 -9.28
CA ASP LA 104 -104.38 26.30 -9.96
C ASP LA 104 -104.09 25.54 -11.25
N LEU LA 105 -104.70 25.98 -12.35
CA LEU LA 105 -104.55 25.27 -13.62
C LEU LA 105 -103.15 25.51 -14.19
N TYR LA 106 -102.23 24.60 -13.88
CA TYR LA 106 -100.86 24.68 -14.37
C TYR LA 106 -100.34 23.28 -14.61
N GLU LA 107 -99.66 23.08 -15.74
CA GLU LA 107 -99.14 21.77 -16.09
C GLU LA 107 -97.95 21.40 -15.21
N GLU LA 108 -98.18 20.58 -14.20
CA GLU LA 108 -97.10 20.07 -13.35
C GLU LA 108 -96.49 18.79 -13.93
N GLU LA 109 -97.34 17.82 -14.27
CA GLU LA 109 -96.89 16.59 -14.90
C GLU LA 109 -97.88 16.23 -16.01
N ASP LA 110 -97.37 16.04 -17.22
CA ASP LA 110 -98.24 15.77 -18.36
C ASP LA 110 -98.39 14.28 -18.61
N GLU LA 111 -97.29 13.59 -18.88
CA GLU LA 111 -97.36 12.17 -19.24
C GLU LA 111 -97.77 11.32 -18.04
N GLN LA 112 -97.20 11.61 -16.86
CA GLN LA 112 -97.47 10.81 -15.68
C GLN LA 112 -98.64 11.38 -14.88
N ASN LA 113 -99.86 11.05 -15.29
CA ASN LA 113 -101.05 11.43 -14.53
C ASN LA 113 -101.78 10.18 -14.05
N ILE LA 114 -102.08 9.27 -14.98
CA ILE LA 114 -102.70 8.00 -14.64
C ILE LA 114 -101.74 6.83 -14.75
N LEU LA 115 -100.48 7.08 -15.11
CA LEU LA 115 -99.50 6.00 -15.25
C LEU LA 115 -99.14 5.38 -13.90
N LEU LA 116 -99.46 6.05 -12.80
CA LEU LA 116 -99.28 5.50 -11.46
C LEU LA 116 -100.65 5.18 -10.86
N ALA LA 117 -100.85 3.91 -10.51
CA ALA LA 117 -102.14 3.41 -10.06
C ALA LA 117 -103.23 3.77 -11.07
N GLN LA 118 -104.46 4.00 -10.58
CA GLN LA 118 -105.57 4.41 -11.42
C GLN LA 118 -105.70 3.51 -12.65
N ASP LA 119 -105.42 4.08 -13.82
CA ASP LA 119 -105.49 3.30 -15.06
C ASP LA 119 -104.47 2.17 -15.07
N LEU LA 120 -103.25 2.44 -14.58
CA LEU LA 120 -102.23 1.40 -14.55
C LEU LA 120 -102.62 0.27 -13.62
N GLU LA 121 -103.15 0.61 -12.43
CA GLU LA 121 -103.61 -0.42 -11.51
C GLU LA 121 -104.77 -1.22 -12.10
N ASP LA 122 -105.69 -0.54 -12.80
CA ASP LA 122 -106.80 -1.23 -13.45
C ASP LA 122 -106.29 -2.19 -14.52
N MET LA 123 -105.28 -1.77 -15.28
CA MET LA 123 -104.71 -2.65 -16.31
C MET LA 123 -104.01 -3.85 -15.67
N TRP LA 124 -103.32 -3.62 -14.55
CA TRP LA 124 -102.71 -4.73 -13.81
C TRP LA 124 -103.77 -5.74 -13.39
N GLU LA 125 -104.86 -5.24 -12.80
CA GLU LA 125 -105.94 -6.13 -12.35
C GLU LA 125 -106.58 -6.85 -13.53
N GLN LA 126 -106.74 -6.15 -14.66
CA GLN LA 126 -107.31 -6.76 -15.85
C GLN LA 126 -106.43 -7.89 -16.37
N LYS LA 127 -105.11 -7.67 -16.40
CA LYS LA 127 -104.20 -8.72 -16.84
C LYS LA 127 -104.22 -9.90 -15.89
N PHE LA 128 -104.27 -9.63 -14.58
CA PHE LA 128 -104.33 -10.71 -13.61
C PHE LA 128 -105.60 -11.53 -13.77
N LEU LA 129 -106.74 -10.86 -13.97
CA LEU LA 129 -107.99 -11.58 -14.18
C LEU LA 129 -107.99 -12.37 -15.48
N HIS LA 130 -107.42 -11.80 -16.55
CA HIS LA 130 -107.38 -12.50 -17.83
C HIS LA 130 -106.49 -13.75 -17.74
N PHE LA 131 -105.35 -13.65 -17.08
CA PHE LA 131 -104.50 -14.82 -16.91
C PHE LA 131 -105.14 -15.79 -15.94
N LYS LA 132 -105.13 -17.08 -16.30
CA LYS LA 132 -105.71 -18.13 -15.48
C LYS LA 132 -104.62 -19.10 -15.04
N LEU LA 133 -104.64 -19.45 -13.75
CA LEU LA 133 -103.65 -20.35 -13.19
C LEU LA 133 -104.11 -21.80 -13.34
N GLY LA 134 -103.20 -22.73 -13.03
CA GLY LA 134 -103.53 -24.13 -13.11
C GLY LA 134 -104.47 -24.58 -12.00
N ALA LA 135 -105.08 -25.75 -12.23
CA ALA LA 135 -106.01 -26.32 -11.26
C ALA LA 135 -105.22 -27.09 -10.20
N ARG LA 136 -105.30 -26.63 -8.95
CA ARG LA 136 -104.59 -27.30 -7.87
C ARG LA 136 -105.24 -28.61 -7.46
N LEU LA 137 -106.52 -28.79 -7.79
CA LEU LA 137 -107.27 -30.00 -7.42
C LEU LA 137 -107.32 -30.90 -8.66
N THR LA 138 -106.27 -31.69 -8.86
CA THR LA 138 -106.20 -32.63 -9.95
C THR LA 138 -106.65 -34.03 -9.56
N GLU LA 139 -107.10 -34.21 -8.32
CA GLU LA 139 -107.60 -35.50 -7.84
C GLU LA 139 -109.09 -35.47 -7.53
N ALA LA 140 -109.62 -34.33 -7.11
CA ALA LA 140 -111.05 -34.23 -6.84
C ALA LA 140 -111.88 -34.42 -8.09
N ASP LA 141 -111.39 -33.93 -9.23
CA ASP LA 141 -112.11 -34.13 -10.49
C ASP LA 141 -112.06 -35.58 -10.95
N LYS LA 142 -110.99 -36.30 -10.65
CA LYS LA 142 -110.87 -37.69 -11.07
C LYS LA 142 -111.62 -38.63 -10.14
N LYS LA 143 -111.18 -38.71 -8.88
CA LYS LA 143 -111.75 -39.57 -7.84
C LYS LA 143 -111.79 -41.04 -8.24
N ASP LA 144 -111.05 -41.43 -9.27
CA ASP LA 144 -111.05 -42.81 -9.76
C ASP LA 144 -109.68 -43.45 -9.69
N ASP LA 145 -108.65 -42.76 -10.14
CA ASP LA 145 -107.32 -43.35 -10.25
C ASP LA 145 -106.52 -43.09 -8.98
N ARG LA 146 -106.21 -44.16 -8.25
CA ARG LA 146 -105.30 -44.11 -7.12
C ARG LA 146 -103.86 -44.42 -7.53
N THR LA 147 -103.63 -44.77 -8.79
CA THR LA 147 -102.33 -45.19 -9.28
C THR LA 147 -101.57 -44.09 -10.01
N SER LA 148 -102.16 -42.91 -10.14
CA SER LA 148 -101.52 -41.83 -10.88
C SER LA 148 -100.42 -41.18 -10.06
N LEU LA 149 -99.30 -40.88 -10.72
CA LEU LA 149 -98.23 -40.14 -10.05
C LEU LA 149 -98.67 -38.73 -9.70
N HIS LA 150 -99.61 -38.16 -10.47
CA HIS LA 150 -100.15 -36.84 -10.23
C HIS LA 150 -101.37 -36.85 -9.32
N ARG LA 151 -101.51 -37.90 -8.49
CA ARG LA 151 -102.70 -38.02 -7.64
C ARG LA 151 -102.76 -36.89 -6.63
N LYS LA 152 -101.80 -36.83 -5.71
CA LYS LA 152 -101.80 -35.84 -4.64
C LYS LA 152 -100.58 -34.94 -4.76
N LEU LA 153 -100.80 -33.63 -4.59
CA LEU LA 153 -99.74 -32.64 -4.73
C LEU LA 153 -99.37 -31.95 -3.42
N ASP LA 154 -100.23 -32.01 -2.41
CA ASP LA 154 -99.94 -31.37 -1.14
C ASP LA 154 -99.18 -32.28 -0.18
N ARG LA 155 -99.34 -33.59 -0.30
CA ARG LA 155 -98.70 -34.57 0.57
C ARG LA 155 -97.66 -35.36 -0.21
N ASN LA 156 -97.00 -36.28 0.49
CA ASN LA 156 -96.03 -37.17 -0.12
C ASN LA 156 -96.65 -38.55 -0.31
N LEU LA 157 -96.31 -39.20 -1.42
CA LEU LA 157 -96.87 -40.50 -1.77
C LEU LA 157 -95.77 -41.54 -1.87
N ILE LA 158 -96.13 -42.78 -1.57
CA ILE LA 158 -95.23 -43.92 -1.69
C ILE LA 158 -95.87 -44.94 -2.63
N LEU LA 159 -95.04 -45.82 -3.17
CA LEU LA 159 -95.48 -46.78 -4.18
C LEU LA 159 -95.66 -48.15 -3.55
N LEU LA 160 -96.83 -48.75 -3.76
CA LEU LA 160 -97.13 -50.10 -3.30
C LEU LA 160 -97.45 -50.98 -4.50
N VAL LA 161 -96.88 -52.19 -4.52
CA VAL LA 161 -97.05 -53.11 -5.63
C VAL LA 161 -97.76 -54.36 -5.13
N ARG LA 162 -98.75 -54.81 -5.89
CA ARG LA 162 -99.51 -56.00 -5.54
C ARG LA 162 -98.86 -57.24 -6.16
N GLU LA 163 -98.55 -58.22 -5.32
CA GLU LA 163 -97.95 -59.47 -5.78
C GLU LA 163 -98.67 -60.63 -5.12
N LYS LA 164 -99.04 -61.63 -5.92
CA LYS LA 164 -99.69 -62.85 -5.44
C LYS LA 164 -98.72 -64.00 -5.65
N LEU LA 165 -98.10 -64.47 -4.57
CA LEU LA 165 -97.14 -65.55 -4.63
C LEU LA 165 -97.87 -66.89 -4.55
N GLY LA 166 -97.12 -67.99 -4.55
CA GLY LA 166 -97.73 -69.31 -4.48
C GLY LA 166 -98.42 -69.56 -3.15
N ASP LA 167 -97.81 -69.13 -2.05
CA ASP LA 167 -98.36 -69.36 -0.71
C ASP LA 167 -98.83 -68.09 -0.03
N GLN LA 168 -98.51 -66.91 -0.57
CA GLN LA 168 -98.89 -65.65 0.05
C GLN LA 168 -99.47 -64.72 -1.01
N ASP LA 169 -100.53 -64.00 -0.62
CA ASP LA 169 -101.12 -62.95 -1.43
C ASP LA 169 -100.96 -61.65 -0.65
N ILE LA 170 -99.87 -60.94 -0.91
CA ILE LA 170 -99.44 -59.82 -0.06
C ILE LA 170 -99.46 -58.53 -0.87
N TRP LA 171 -100.05 -57.50 -0.30
CA TRP LA 171 -99.94 -56.13 -0.81
C TRP LA 171 -98.63 -55.58 -0.29
N MET LA 172 -97.55 -55.86 -1.01
CA MET LA 172 -96.20 -55.77 -0.48
C MET LA 172 -95.50 -54.51 -0.98
N LEU LA 173 -94.70 -53.89 -0.10
CA LEU LA 173 -93.79 -52.85 -0.50
C LEU LA 173 -92.69 -53.45 -1.37
N PRO LA 174 -92.18 -52.70 -2.37
CA PRO LA 174 -91.20 -53.28 -3.29
C PRO LA 174 -89.91 -53.73 -2.62
N GLN LA 175 -89.73 -55.05 -2.57
CA GLN LA 175 -88.58 -55.68 -1.95
C GLN LA 175 -87.57 -56.11 -3.01
N SER LA 176 -86.54 -56.83 -2.59
CA SER LA 176 -85.44 -57.16 -3.47
C SER LA 176 -84.83 -58.49 -3.02
N ASP LA 177 -83.85 -58.98 -3.78
CA ASP LA 177 -83.07 -60.15 -3.44
C ASP LA 177 -81.66 -59.95 -3.98
N TRP LA 178 -80.67 -60.36 -3.18
CA TRP LA 178 -79.28 -60.08 -3.52
C TRP LA 178 -78.38 -61.16 -2.95
N GLN LA 179 -77.36 -61.52 -3.71
CA GLN LA 179 -76.34 -62.44 -3.22
C GLN LA 179 -75.35 -61.70 -2.33
N PRO LA 180 -74.70 -62.40 -1.40
CA PRO LA 180 -73.82 -61.72 -0.44
C PRO LA 180 -72.72 -60.88 -1.07
N GLY LA 181 -72.49 -60.98 -2.38
CA GLY LA 181 -71.51 -60.16 -3.04
C GLY LA 181 -71.98 -58.77 -3.45
N GLU LA 182 -73.21 -58.42 -3.09
CA GLU LA 182 -73.81 -57.15 -3.50
C GLU LA 182 -74.13 -56.29 -2.28
N THR LA 183 -74.17 -54.98 -2.51
CA THR LA 183 -74.49 -54.00 -1.48
C THR LA 183 -75.99 -53.75 -1.44
N LEU LA 184 -76.50 -53.38 -0.27
CA LEU LA 184 -77.93 -53.12 -0.11
C LEU LA 184 -78.38 -51.95 -0.98
N ARG LA 185 -77.59 -50.86 -0.99
CA ARG LA 185 -77.96 -49.69 -1.78
C ARG LA 185 -77.94 -50.00 -3.27
N GLN LA 186 -76.91 -50.71 -3.73
CA GLN LA 186 -76.85 -51.11 -5.14
C GLN LA 186 -77.99 -52.06 -5.49
N THR LA 187 -78.37 -52.93 -4.57
CA THR LA 187 -79.51 -53.81 -4.79
C THR LA 187 -80.80 -53.00 -4.94
N ALA LA 188 -80.97 -51.99 -4.09
CA ALA LA 188 -82.15 -51.13 -4.20
C ALA LA 188 -82.17 -50.38 -5.53
N GLU LA 189 -81.00 -49.89 -5.96
CA GLU LA 189 -80.93 -49.21 -7.25
C GLU LA 189 -81.28 -50.16 -8.40
N ARG LA 190 -80.75 -51.38 -8.36
CA ARG LA 190 -81.08 -52.36 -9.39
C ARG LA 190 -82.56 -52.70 -9.38
N THR LA 191 -83.15 -52.82 -8.19
CA THR LA 191 -84.58 -53.12 -8.09
C THR LA 191 -85.43 -52.00 -8.67
N LEU LA 192 -85.10 -50.75 -8.33
CA LEU LA 192 -85.88 -49.64 -8.88
C LEU LA 192 -85.66 -49.51 -10.38
N ALA LA 193 -84.49 -49.90 -10.89
CA ALA LA 193 -84.26 -49.83 -12.33
C ALA LA 193 -84.97 -50.94 -13.08
N THR LA 194 -85.08 -52.14 -12.50
CA THR LA 194 -85.62 -53.30 -13.20
C THR LA 194 -87.11 -53.49 -12.96
N LEU LA 195 -87.52 -53.65 -11.69
CA LEU LA 195 -88.90 -53.99 -11.38
C LEU LA 195 -89.86 -52.88 -11.80
N SER LA 196 -89.47 -51.61 -11.62
CA SER LA 196 -90.37 -50.51 -11.94
C SER LA 196 -90.65 -50.40 -13.44
N GLU LA 197 -89.78 -50.95 -14.28
CA GLU LA 197 -89.99 -50.98 -15.74
C GLU LA 197 -90.18 -49.58 -16.32
N ASN LA 198 -89.38 -48.62 -15.86
CA ASN LA 198 -89.45 -47.26 -16.37
C ASN LA 198 -88.15 -46.54 -16.07
N ASN LA 199 -87.96 -45.41 -16.74
CA ASN LA 199 -86.80 -44.54 -16.51
C ASN LA 199 -87.15 -43.57 -15.39
N MET LA 200 -86.60 -43.83 -14.21
CA MET LA 200 -86.92 -43.05 -13.02
C MET LA 200 -85.63 -42.64 -12.31
N GLU LA 201 -85.56 -41.38 -11.89
CA GLU LA 201 -84.41 -40.83 -11.20
C GLU LA 201 -84.73 -40.79 -9.70
N ALA LA 202 -84.08 -41.65 -8.93
CA ALA LA 202 -84.28 -41.75 -7.49
C ALA LA 202 -83.04 -41.23 -6.78
N LYS LA 203 -83.26 -40.31 -5.84
CA LYS LA 203 -82.18 -39.74 -5.04
C LYS LA 203 -82.17 -40.42 -3.69
N PHE LA 204 -81.08 -41.12 -3.39
CA PHE LA 204 -80.95 -41.82 -2.12
C PHE LA 204 -80.44 -40.87 -1.05
N LEU LA 205 -81.09 -40.89 0.11
CA LEU LA 205 -80.75 -39.97 1.18
C LEU LA 205 -79.45 -40.36 1.87
N GLY LA 206 -79.38 -41.58 2.40
CA GLY LA 206 -78.18 -42.05 3.08
C GLY LA 206 -77.92 -43.50 2.76
N ASN LA 207 -76.65 -43.89 2.90
CA ASN LA 207 -76.26 -45.27 2.68
C ASN LA 207 -76.75 -46.20 3.79
N ALA LA 208 -77.00 -45.65 4.99
CA ALA LA 208 -77.45 -46.47 6.11
C ALA LA 208 -78.91 -46.90 5.92
N PRO LA 209 -79.28 -48.06 6.44
CA PRO LA 209 -80.67 -48.51 6.35
C PRO LA 209 -81.59 -47.61 7.16
N CYS LA 210 -82.85 -47.56 6.72
CA CYS LA 210 -83.87 -46.77 7.40
C CYS LA 210 -84.71 -47.59 8.36
N GLY LA 211 -85.00 -48.84 8.03
CA GLY LA 211 -85.75 -49.71 8.91
C GLY LA 211 -85.33 -51.15 8.76
N HIS LA 212 -85.50 -51.93 9.82
CA HIS LA 212 -85.17 -53.35 9.82
C HIS LA 212 -86.32 -54.14 10.41
N TYR LA 213 -86.68 -55.25 9.76
CA TYR LA 213 -87.77 -56.09 10.27
C TYR LA 213 -87.45 -57.56 10.03
N LYS LA 214 -87.64 -58.39 11.05
CA LYS LA 214 -87.30 -59.80 10.99
C LYS LA 214 -88.53 -60.66 11.24
N PHE LA 215 -88.55 -61.81 10.57
CA PHE LA 215 -89.57 -62.84 10.82
C PHE LA 215 -88.91 -64.20 10.69
N LYS LA 216 -89.17 -65.08 11.66
CA LYS LA 216 -88.51 -66.38 11.72
C LYS LA 216 -89.56 -67.48 11.54
N PHE LA 217 -89.26 -68.43 10.68
CA PHE LA 217 -90.19 -69.52 10.40
C PHE LA 217 -90.01 -70.67 11.40
N LEU LA 227 -84.42 -71.09 11.07
CA LEU LA 227 -84.68 -70.39 9.83
C LEU LA 227 -85.31 -69.02 10.08
N GLY LA 228 -84.59 -67.96 9.69
CA GLY LA 228 -85.09 -66.62 9.84
C GLY LA 228 -84.89 -65.82 8.57
N ALA LA 229 -85.58 -64.67 8.51
CA ALA LA 229 -85.47 -63.78 7.36
C ALA LA 229 -85.56 -62.35 7.85
N LYS LA 230 -84.87 -61.46 7.13
CA LYS LA 230 -84.77 -60.06 7.48
C LYS LA 230 -84.97 -59.20 6.24
N VAL LA 231 -85.65 -58.07 6.42
CA VAL LA 231 -85.90 -57.12 5.35
C VAL LA 231 -85.43 -55.74 5.83
N PHE LA 232 -84.64 -55.07 5.00
CA PHE LA 232 -84.05 -53.78 5.31
C PHE LA 232 -84.66 -52.73 4.37
N PHE LA 233 -85.45 -51.83 4.92
CA PHE LA 233 -86.11 -50.79 4.15
C PHE LA 233 -85.21 -49.56 4.06
N PHE LA 234 -84.91 -49.14 2.84
CA PHE LA 234 -84.18 -47.91 2.56
C PHE LA 234 -85.13 -46.89 1.94
N LYS LA 235 -85.03 -45.64 2.40
CA LYS LA 235 -85.84 -44.55 1.87
C LYS LA 235 -85.13 -43.91 0.68
N ALA LA 236 -85.89 -43.64 -0.37
CA ALA LA 236 -85.39 -42.94 -1.54
C ALA LA 236 -86.39 -41.86 -1.94
N LEU LA 237 -85.88 -40.84 -2.63
CA LEU LA 237 -86.68 -39.70 -3.02
C LEU LA 237 -86.79 -39.64 -4.55
N LEU LA 238 -88.00 -39.40 -5.04
CA LEU LA 238 -88.25 -39.34 -6.47
C LEU LA 238 -87.92 -37.95 -7.00
N LEU LA 239 -87.09 -37.90 -8.04
CA LEU LA 239 -86.75 -36.64 -8.70
C LEU LA 239 -87.59 -36.45 -9.97
N THR LA 240 -87.52 -37.40 -10.89
CA THR LA 240 -88.31 -37.35 -12.12
C THR LA 240 -88.43 -38.76 -12.66
N GLY LA 241 -89.66 -39.24 -12.83
CA GLY LA 241 -89.94 -40.56 -13.34
C GLY LA 241 -90.86 -40.50 -14.55
N ASP LA 242 -90.47 -41.20 -15.62
CA ASP LA 242 -91.27 -41.32 -16.83
C ASP LA 242 -91.79 -42.76 -16.85
N PHE LA 243 -92.93 -42.98 -16.21
CA PHE LA 243 -93.47 -44.33 -16.07
C PHE LA 243 -94.12 -44.75 -17.39
N SER LA 244 -93.48 -45.67 -18.08
CA SER LA 244 -94.01 -46.21 -19.32
C SER LA 244 -94.97 -47.36 -19.03
N GLN LA 245 -95.92 -47.55 -19.94
CA GLN LA 245 -96.94 -48.60 -19.82
C GLN LA 245 -97.72 -48.44 -18.52
N ALA LA 246 -98.44 -47.32 -18.41
CA ALA LA 246 -99.26 -47.06 -17.23
C ALA LA 246 -100.51 -47.94 -17.20
N GLY LA 247 -100.85 -48.59 -18.30
CA GLY LA 247 -102.03 -49.45 -18.34
C GLY LA 247 -101.72 -50.91 -18.13
N LYS LA 248 -100.55 -51.20 -17.57
CA LYS LA 248 -100.13 -52.58 -17.33
C LYS LA 248 -100.93 -53.19 -16.19
N LYS LA 249 -100.90 -54.52 -16.13
CA LYS LA 249 -101.63 -55.25 -15.08
C LYS LA 249 -100.91 -55.23 -13.74
N GLY LA 250 -99.65 -54.80 -13.70
CA GLY LA 250 -98.95 -54.66 -12.44
C GLY LA 250 -99.57 -53.59 -11.57
N HIS LA 251 -100.23 -54.00 -10.49
CA HIS LA 251 -100.97 -53.07 -9.64
C HIS LA 251 -99.97 -52.26 -8.81
N HIS LA 252 -99.61 -51.09 -9.30
CA HIS LA 252 -98.78 -50.13 -8.58
C HIS LA 252 -99.63 -48.93 -8.20
N VAL LA 253 -99.61 -48.58 -6.92
CA VAL LA 253 -100.49 -47.54 -6.38
C VAL LA 253 -99.65 -46.52 -5.64
N TRP LA 254 -99.84 -45.24 -5.96
CA TRP LA 254 -99.29 -44.15 -5.18
C TRP LA 254 -100.26 -43.81 -4.06
N VAL LA 255 -99.76 -43.81 -2.82
CA VAL LA 255 -100.61 -43.83 -1.65
C VAL LA 255 -100.00 -42.96 -0.56
N SER LA 256 -100.86 -42.24 0.17
CA SER LA 256 -100.44 -41.37 1.24
C SER LA 256 -100.45 -42.14 2.57
N LYS LA 257 -100.32 -41.41 3.68
CA LYS LA 257 -100.20 -42.05 4.99
C LYS LA 257 -101.50 -42.73 5.40
N GLU LA 258 -102.64 -42.04 5.24
CA GLU LA 258 -103.90 -42.59 5.72
C GLU LA 258 -104.31 -43.81 4.89
N GLU LA 259 -104.28 -43.69 3.57
CA GLU LA 259 -104.60 -44.83 2.73
C GLU LA 259 -103.54 -45.93 2.86
N LEU LA 260 -102.32 -45.56 3.23
CA LEU LA 260 -101.28 -46.55 3.48
C LEU LA 260 -101.62 -47.40 4.70
N GLY LA 261 -102.02 -46.74 5.79
CA GLY LA 261 -102.50 -47.48 6.95
C GLY LA 261 -103.75 -48.29 6.64
N ASP LA 262 -104.60 -47.78 5.77
CA ASP LA 262 -105.79 -48.53 5.36
C ASP LA 262 -105.41 -49.80 4.60
N TYR LA 263 -104.42 -49.71 3.71
CA TYR LA 263 -104.08 -50.83 2.83
C TYR LA 263 -103.23 -51.87 3.53
N LEU LA 264 -102.12 -51.47 4.16
CA LEU LA 264 -101.16 -52.42 4.68
C LEU LA 264 -101.72 -53.13 5.91
N LYS LA 265 -102.02 -54.42 5.76
CA LYS LA 265 -102.56 -55.25 6.82
C LYS LA 265 -101.52 -55.80 7.80
N PRO LA 266 -100.40 -56.39 7.36
CA PRO LA 266 -99.55 -57.15 8.29
C PRO LA 266 -98.83 -56.23 9.25
N LYS LA 267 -98.41 -56.81 10.39
CA LYS LA 267 -97.73 -56.03 11.41
C LYS LA 267 -96.32 -55.63 10.97
N TYR LA 268 -95.67 -56.42 10.12
CA TYR LA 268 -94.34 -56.06 9.65
C TYR LA 268 -94.38 -54.79 8.80
N LEU LA 269 -95.38 -54.68 7.94
CA LEU LA 269 -95.56 -53.48 7.11
C LEU LA 269 -96.40 -52.42 7.79
N ALA LA 270 -96.96 -52.70 8.96
CA ALA LA 270 -97.72 -51.70 9.71
C ALA LA 270 -96.84 -50.76 10.50
N GLN LA 271 -95.55 -51.05 10.62
CA GLN LA 271 -94.61 -50.21 11.35
C GLN LA 271 -93.76 -49.35 10.42
N VAL LA 272 -94.12 -49.29 9.14
CA VAL LA 272 -93.42 -48.39 8.22
C VAL LA 272 -93.68 -46.93 8.60
N ARG LA 273 -94.88 -46.63 9.10
CA ARG LA 273 -95.21 -45.28 9.54
C ARG LA 273 -94.39 -44.85 10.74
N ARG LA 274 -93.73 -45.78 11.43
CA ARG LA 274 -92.86 -45.40 12.54
C ARG LA 274 -91.72 -44.51 12.06
N PHE LA 275 -91.12 -44.84 10.93
CA PHE LA 275 -90.06 -44.02 10.36
C PHE LA 275 -90.53 -43.17 9.18
N LEU LA 276 -91.74 -43.39 8.67
CA LEU LA 276 -92.29 -42.53 7.64
C LEU LA 276 -92.74 -41.21 8.24
N LEU LA 277 -92.39 -40.10 7.59
CA LEU LA 277 -92.78 -38.78 8.06
C LEU LA 277 -94.30 -38.62 7.93
N ASP LA 278 -94.92 -38.16 9.01
CA ASP LA 278 -96.37 -37.95 9.00
C ASP LA 278 -96.77 -36.70 8.23
N LEU LA 279 -95.95 -35.65 8.31
CA LEU LA 279 -96.23 -34.38 7.64
C LEU LA 279 -97.60 -33.82 8.02
N TYR MA 105 -50.96 -21.98 47.73
CA TYR MA 105 -49.54 -22.27 47.75
C TYR MA 105 -49.29 -23.63 47.09
N ARG MA 106 -48.08 -23.83 46.56
CA ARG MA 106 -47.79 -25.04 45.82
C ARG MA 106 -47.75 -26.28 46.72
N SER MA 107 -47.24 -26.16 47.94
CA SER MA 107 -47.18 -27.29 48.85
C SER MA 107 -48.48 -27.55 49.58
N LYS MA 108 -49.41 -26.59 49.58
CA LYS MA 108 -50.67 -26.78 50.27
C LYS MA 108 -51.56 -27.76 49.50
N PRO MA 109 -52.41 -28.52 50.20
CA PRO MA 109 -53.33 -29.43 49.51
C PRO MA 109 -54.33 -28.72 48.61
N THR MA 110 -54.63 -27.45 48.88
CA THR MA 110 -55.60 -26.69 48.11
C THR MA 110 -54.97 -26.00 46.89
N HIS MA 111 -53.83 -26.49 46.43
CA HIS MA 111 -53.16 -25.86 45.29
C HIS MA 111 -53.97 -26.05 44.02
N GLY MA 112 -53.97 -25.03 43.16
CA GLY MA 112 -54.65 -25.11 41.90
C GLY MA 112 -56.16 -25.03 41.99
N ILE MA 113 -56.68 -24.55 43.11
CA ILE MA 113 -58.13 -24.40 43.24
C ILE MA 113 -58.65 -23.28 42.34
N GLY MA 114 -57.82 -22.28 42.04
CA GLY MA 114 -58.17 -21.22 41.12
C GLY MA 114 -57.81 -21.49 39.68
N ARG MA 115 -57.37 -22.70 39.35
CA ARG MA 115 -57.01 -23.06 37.99
C ARG MA 115 -58.26 -23.00 37.10
N TYR MA 116 -58.27 -22.06 36.16
CA TYR MA 116 -59.43 -21.88 35.30
C TYR MA 116 -59.11 -21.80 33.81
N LYS MA 117 -57.85 -21.56 33.42
CA LYS MA 117 -57.54 -21.43 32.00
C LYS MA 117 -57.68 -22.73 31.24
N HIS MA 118 -57.76 -23.87 31.94
CA HIS MA 118 -58.03 -25.14 31.27
C HIS MA 118 -59.51 -25.37 31.01
N LEU MA 119 -60.38 -24.55 31.62
CA LEU MA 119 -61.81 -24.68 31.41
C LEU MA 119 -62.31 -23.88 30.21
N VAL MA 120 -61.51 -22.97 29.68
CA VAL MA 120 -61.86 -22.18 28.50
C VAL MA 120 -60.66 -22.14 27.57
N LYS MA 121 -60.90 -22.37 26.28
CA LYS MA 121 -59.83 -22.40 25.30
C LYS MA 121 -59.93 -21.29 24.27
N ALA MA 122 -60.77 -20.27 24.50
CA ALA MA 122 -60.91 -19.15 23.58
C ALA MA 122 -59.91 -18.07 23.96
N GLN MA 123 -58.69 -18.21 23.45
CA GLN MA 123 -57.61 -17.26 23.69
C GLN MA 123 -56.91 -16.91 22.38
N GLU MA 124 -57.69 -16.58 21.35
CA GLU MA 124 -57.13 -16.23 20.05
C GLU MA 124 -57.26 -14.72 19.84
N PRO MA 125 -56.22 -13.94 20.14
CA PRO MA 125 -56.30 -12.49 19.92
C PRO MA 125 -55.83 -12.09 18.53
N LYS MA 126 -56.33 -12.77 17.50
CA LYS MA 126 -55.96 -12.44 16.13
C LYS MA 126 -57.05 -11.60 15.48
N LYS MA 127 -56.65 -10.83 14.46
CA LYS MA 127 -57.57 -9.86 13.85
C LYS MA 127 -58.77 -10.54 13.19
N LYS MA 128 -58.54 -11.27 12.10
CA LYS MA 128 -59.66 -11.94 11.45
C LYS MA 128 -59.30 -13.30 10.84
N LYS MA 129 -58.16 -13.90 11.18
CA LYS MA 129 -57.73 -15.11 10.50
C LYS MA 129 -58.67 -16.28 10.78
N GLY MA 130 -59.06 -16.98 9.72
CA GLY MA 130 -59.88 -18.17 9.85
C GLY MA 130 -59.08 -19.44 9.60
N LYS MA 131 -59.53 -20.53 10.22
CA LYS MA 131 -58.83 -21.80 10.10
C LYS MA 131 -59.05 -22.40 8.72
N VAL MA 132 -60.30 -22.72 8.39
CA VAL MA 132 -60.70 -23.33 7.12
C VAL MA 132 -59.76 -24.49 6.79
N GLU MA 133 -59.66 -25.46 7.70
CA GLU MA 133 -58.77 -26.58 7.49
C GLU MA 133 -59.35 -27.92 7.91
N VAL MA 134 -60.65 -28.02 8.20
CA VAL MA 134 -61.22 -29.26 8.68
C VAL MA 134 -61.42 -30.20 7.48
N ARG MA 135 -60.48 -31.13 7.30
CA ARG MA 135 -60.62 -32.13 6.26
C ARG MA 135 -61.69 -33.14 6.66
N PRO MA 136 -62.37 -33.78 5.71
CA PRO MA 136 -63.35 -34.81 6.06
C PRO MA 136 -62.71 -36.02 6.71
N ILE MA 137 -63.04 -36.27 7.98
CA ILE MA 137 -62.50 -37.43 8.69
C ILE MA 137 -63.31 -38.65 8.31
N ASN MA 138 -62.88 -39.36 7.27
CA ASN MA 138 -63.59 -40.53 6.75
C ASN MA 138 -62.78 -41.77 7.13
N LEU MA 139 -63.24 -42.46 8.17
CA LEU MA 139 -62.54 -43.63 8.69
C LEU MA 139 -63.29 -44.93 8.42
N GLY MA 140 -64.24 -44.92 7.49
CA GLY MA 140 -64.99 -46.12 7.14
C GLY MA 140 -66.28 -46.33 7.90
N THR MA 141 -66.21 -46.36 9.22
CA THR MA 141 -67.38 -46.55 10.07
C THR MA 141 -67.86 -45.25 10.73
N ASP MA 142 -66.97 -44.51 11.37
CA ASP MA 142 -67.32 -43.20 11.93
C ASP MA 142 -67.01 -42.13 10.89
N TYR MA 143 -67.87 -42.09 9.87
CA TYR MA 143 -67.69 -41.20 8.72
C TYR MA 143 -68.05 -39.77 9.13
N GLU MA 144 -67.18 -39.16 9.93
CA GLU MA 144 -67.35 -37.78 10.39
C GLU MA 144 -66.67 -36.86 9.39
N TYR MA 145 -67.37 -36.58 8.30
CA TYR MA 145 -66.82 -35.77 7.23
C TYR MA 145 -66.67 -34.31 7.66
N GLY MA 146 -66.20 -33.49 6.73
CA GLY MA 146 -65.83 -32.12 7.05
C GLY MA 146 -67.00 -31.16 7.12
N VAL MA 147 -66.69 -29.87 7.11
CA VAL MA 147 -67.71 -28.83 7.22
C VAL MA 147 -68.59 -28.83 5.98
N LEU MA 148 -69.87 -28.57 6.20
CA LEU MA 148 -70.88 -28.59 5.15
C LEU MA 148 -71.61 -27.26 5.06
N ASN MA 149 -71.83 -26.79 3.84
CA ASN MA 149 -72.55 -25.56 3.58
C ASN MA 149 -73.98 -25.87 3.16
N ILE MA 150 -74.94 -25.28 3.86
CA ILE MA 150 -76.35 -25.37 3.51
C ILE MA 150 -76.75 -24.01 2.96
N HIS MA 151 -77.06 -23.96 1.67
CA HIS MA 151 -77.44 -22.72 0.99
C HIS MA 151 -78.94 -22.67 0.80
N LEU MA 152 -79.53 -21.53 1.16
CA LEU MA 152 -80.95 -21.27 0.94
C LEU MA 152 -81.04 -20.05 0.05
N ILE MA 153 -81.58 -20.23 -1.16
CA ILE MA 153 -81.66 -19.17 -2.16
C ILE MA 153 -83.13 -18.81 -2.35
N ALA MA 154 -83.45 -17.53 -2.23
CA ALA MA 154 -84.85 -17.14 -2.34
C ALA MA 154 -84.95 -15.70 -2.82
N TYR MA 155 -86.02 -15.40 -3.55
CA TYR MA 155 -86.32 -14.02 -3.91
C TYR MA 155 -86.92 -13.24 -2.74
N ASP MA 156 -87.62 -13.91 -1.84
CA ASP MA 156 -88.22 -13.25 -0.68
C ASP MA 156 -87.18 -13.22 0.44
N MET MA 157 -86.69 -12.01 0.75
CA MET MA 157 -85.67 -11.86 1.78
C MET MA 157 -86.20 -12.31 3.14
N ALA MA 158 -87.44 -11.95 3.45
CA ALA MA 158 -88.04 -12.34 4.73
C ALA MA 158 -88.14 -13.85 4.84
N LEU MA 159 -88.60 -14.52 3.78
CA LEU MA 159 -88.72 -15.98 3.81
C LEU MA 159 -87.35 -16.64 3.92
N ALA MA 160 -86.36 -16.12 3.20
CA ALA MA 160 -85.02 -16.69 3.29
C ALA MA 160 -84.45 -16.55 4.69
N GLU MA 161 -84.61 -15.37 5.30
CA GLU MA 161 -84.14 -15.17 6.66
C GLU MA 161 -84.87 -16.07 7.64
N SER MA 162 -86.19 -16.23 7.46
CA SER MA 162 -86.96 -17.08 8.35
C SER MA 162 -86.49 -18.53 8.27
N TYR MA 163 -86.26 -19.04 7.06
CA TYR MA 163 -85.83 -20.42 6.94
C TYR MA 163 -84.40 -20.60 7.43
N ALA MA 164 -83.53 -19.60 7.23
CA ALA MA 164 -82.19 -19.67 7.78
C ALA MA 164 -82.23 -19.71 9.31
N GLN MA 165 -83.08 -18.89 9.92
CA GLN MA 165 -83.24 -18.92 11.37
C GLN MA 165 -83.76 -20.27 11.84
N TYR MA 166 -84.73 -20.82 11.11
CA TYR MA 166 -85.30 -22.11 11.49
C TYR MA 166 -84.26 -23.21 11.43
N VAL MA 167 -83.47 -23.25 10.35
CA VAL MA 167 -82.47 -24.31 10.22
C VAL MA 167 -81.35 -24.12 11.25
N HIS MA 168 -80.98 -22.87 11.54
CA HIS MA 168 -79.96 -22.65 12.57
C HIS MA 168 -80.46 -23.09 13.94
N ASN MA 169 -81.71 -22.77 14.28
CA ASN MA 169 -82.26 -23.22 15.55
C ASN MA 169 -82.37 -24.73 15.61
N LEU MA 170 -82.74 -25.37 14.50
CA LEU MA 170 -82.79 -26.82 14.47
C LEU MA 170 -81.42 -27.43 14.67
N CYS MA 171 -80.39 -26.86 14.05
CA CYS MA 171 -79.03 -27.33 14.25
C CYS MA 171 -78.59 -27.18 15.71
N ASN MA 172 -78.92 -26.04 16.31
CA ASN MA 172 -78.59 -25.83 17.72
C ASN MA 172 -79.30 -26.85 18.61
N HIS MA 173 -80.58 -27.12 18.32
CA HIS MA 173 -81.32 -28.10 19.10
C HIS MA 173 -80.77 -29.51 18.95
N LEU MA 174 -80.33 -29.87 17.74
CA LEU MA 174 -79.85 -31.22 17.46
C LEU MA 174 -78.37 -31.39 17.79
N ALA MA 175 -77.81 -30.51 18.62
CA ALA MA 175 -76.41 -30.60 19.06
C ALA MA 175 -75.46 -30.64 17.86
N ILE MA 176 -75.73 -29.82 16.85
CA ILE MA 176 -74.87 -29.73 15.67
C ILE MA 176 -73.99 -28.50 15.82
N LYS MA 177 -72.68 -28.68 15.69
CA LYS MA 177 -71.72 -27.59 15.82
C LYS MA 177 -71.83 -26.69 14.58
N VAL MA 178 -72.52 -25.57 14.73
CA VAL MA 178 -72.71 -24.62 13.64
C VAL MA 178 -71.47 -23.73 13.56
N GLU MA 179 -70.69 -23.89 12.50
CA GLU MA 179 -69.49 -23.08 12.33
C GLU MA 179 -69.84 -21.62 12.06
N GLU MA 180 -70.75 -21.39 11.11
CA GLU MA 180 -71.11 -20.03 10.73
C GLU MA 180 -72.56 -19.99 10.27
N SER MA 181 -73.11 -18.77 10.20
CA SER MA 181 -74.43 -18.54 9.63
C SER MA 181 -74.40 -17.16 9.00
N TYR MA 182 -74.10 -17.10 7.70
CA TYR MA 182 -73.82 -15.83 7.04
C TYR MA 182 -74.70 -15.70 5.80
N ALA MA 183 -74.51 -14.58 5.08
CA ALA MA 183 -75.27 -14.27 3.88
C ALA MA 183 -74.32 -13.99 2.74
N MET MA 184 -74.58 -14.61 1.59
CA MET MA 184 -73.82 -14.30 0.38
C MET MA 184 -74.38 -13.03 -0.26
N PRO MA 185 -73.57 -12.33 -1.05
CA PRO MA 185 -74.05 -11.10 -1.70
C PRO MA 185 -75.25 -11.37 -2.60
N THR MA 186 -76.19 -10.43 -2.59
CA THR MA 186 -77.42 -10.58 -3.35
C THR MA 186 -77.13 -10.46 -4.85
N LYS MA 187 -78.02 -11.03 -5.66
CA LYS MA 187 -77.92 -10.94 -7.11
C LYS MA 187 -79.19 -10.31 -7.64
N THR MA 188 -79.05 -9.18 -8.33
CA THR MA 188 -80.20 -8.42 -8.84
C THR MA 188 -80.28 -8.63 -10.34
N MET MA 189 -81.24 -9.45 -10.78
CA MET MA 189 -81.48 -9.68 -12.19
C MET MA 189 -82.53 -8.72 -12.71
N GLU MA 190 -82.34 -8.28 -13.95
CA GLU MA 190 -83.25 -7.36 -14.62
C GLU MA 190 -84.02 -8.11 -15.70
N VAL MA 191 -85.34 -7.94 -15.71
CA VAL MA 191 -86.19 -8.61 -16.70
C VAL MA 191 -86.39 -7.68 -17.87
N LEU MA 192 -85.97 -8.12 -19.05
CA LEU MA 192 -86.17 -7.38 -20.30
C LEU MA 192 -87.12 -8.20 -21.16
N GLN MA 193 -88.38 -7.79 -21.22
CA GLN MA 193 -89.41 -8.53 -21.93
C GLN MA 193 -89.59 -7.97 -23.33
N LEU MA 194 -89.83 -8.85 -24.29
CA LEU MA 194 -90.05 -8.45 -25.67
C LEU MA 194 -91.44 -7.85 -25.80
N GLN MA 195 -91.51 -6.60 -26.25
CA GLN MA 195 -92.78 -5.91 -26.38
C GLN MA 195 -93.59 -6.52 -27.54
N GLU MA 196 -94.89 -6.22 -27.53
CA GLU MA 196 -95.78 -6.72 -28.58
C GLU MA 196 -95.31 -6.25 -29.95
N GLN MA 197 -95.57 -7.08 -30.97
CA GLN MA 197 -95.17 -6.91 -32.36
C GLN MA 197 -93.67 -7.13 -32.56
N GLY MA 198 -92.92 -7.45 -31.51
CA GLY MA 198 -91.53 -7.85 -31.65
C GLY MA 198 -90.56 -6.70 -31.88
N SER MA 199 -89.29 -7.04 -32.02
CA SER MA 199 -88.22 -6.08 -32.31
C SER MA 199 -88.12 -4.99 -31.24
N LYS MA 200 -88.37 -5.36 -29.99
CA LYS MA 200 -88.24 -4.42 -28.88
C LYS MA 200 -87.99 -5.19 -27.60
N MET MA 201 -87.45 -4.48 -26.61
CA MET MA 201 -87.18 -5.05 -25.29
C MET MA 201 -87.38 -3.94 -24.26
N PHE MA 202 -88.35 -4.12 -23.37
CA PHE MA 202 -88.65 -3.13 -22.36
C PHE MA 202 -88.42 -3.69 -20.97
N LEU MA 203 -88.07 -2.80 -20.04
CA LEU MA 203 -87.82 -3.18 -18.66
C LEU MA 203 -89.12 -3.57 -17.99
N ASP MA 204 -89.17 -4.79 -17.45
CA ASP MA 204 -90.34 -5.28 -16.75
C ASP MA 204 -90.21 -5.06 -15.25
N ALA MA 205 -89.18 -5.64 -14.63
CA ALA MA 205 -88.98 -5.54 -13.20
C ALA MA 205 -87.55 -5.97 -12.86
N VAL MA 206 -87.25 -5.95 -11.56
CA VAL MA 206 -85.97 -6.39 -11.03
C VAL MA 206 -86.24 -7.38 -9.92
N LEU MA 207 -85.50 -8.49 -9.91
CA LEU MA 207 -85.62 -9.51 -8.89
C LEU MA 207 -84.30 -9.65 -8.15
N THR MA 208 -84.31 -9.43 -6.84
CA THR MA 208 -83.12 -9.52 -6.01
C THR MA 208 -83.17 -10.84 -5.24
N THR MA 209 -82.39 -11.82 -5.69
CA THR MA 209 -82.29 -13.10 -5.02
C THR MA 209 -81.21 -13.04 -3.95
N HIS MA 210 -81.50 -13.61 -2.78
CA HIS MA 210 -80.63 -13.59 -1.63
C HIS MA 210 -80.32 -15.02 -1.21
N GLU MA 211 -79.09 -15.24 -0.74
CA GLU MA 211 -78.61 -16.55 -0.36
C GLU MA 211 -78.12 -16.51 1.07
N ARG MA 212 -78.64 -17.40 1.91
CA ARG MA 212 -78.21 -17.54 3.30
C ARG MA 212 -77.55 -18.90 3.45
N VAL MA 213 -76.32 -18.91 3.98
CA VAL MA 213 -75.51 -20.11 4.05
C VAL MA 213 -75.21 -20.41 5.51
N VAL MA 214 -75.52 -21.63 5.93
CA VAL MA 214 -75.20 -22.14 7.26
C VAL MA 214 -74.07 -23.14 7.13
N GLN MA 215 -72.96 -22.88 7.82
CA GLN MA 215 -71.78 -23.74 7.79
C GLN MA 215 -71.78 -24.58 9.05
N ILE MA 216 -72.00 -25.89 8.89
CA ILE MA 216 -72.00 -26.82 10.01
C ILE MA 216 -70.68 -27.58 10.00
N SER MA 217 -70.29 -28.09 11.16
CA SER MA 217 -68.96 -28.64 11.35
C SER MA 217 -68.89 -30.14 11.03
N GLY MA 218 -69.64 -30.95 11.75
CA GLY MA 218 -69.52 -32.39 11.62
C GLY MA 218 -70.88 -33.05 11.66
N LEU MA 219 -70.96 -34.20 10.99
CA LEU MA 219 -72.22 -34.94 10.89
C LEU MA 219 -71.92 -36.38 10.49
N SER MA 220 -72.87 -37.26 10.78
CA SER MA 220 -72.80 -38.67 10.45
C SER MA 220 -73.81 -38.99 9.33
N ALA MA 221 -73.74 -40.21 8.82
CA ALA MA 221 -74.59 -40.59 7.69
C ALA MA 221 -76.06 -40.67 8.08
N THR MA 222 -76.38 -41.36 9.17
CA THR MA 222 -77.77 -41.52 9.59
C THR MA 222 -78.37 -40.18 10.00
N PHE MA 223 -77.64 -39.42 10.80
CA PHE MA 223 -78.14 -38.11 11.22
C PHE MA 223 -78.25 -37.16 10.03
N ALA MA 224 -77.36 -37.29 9.06
CA ALA MA 224 -77.46 -36.48 7.84
C ALA MA 224 -78.72 -36.84 7.07
N GLU MA 225 -79.03 -38.13 6.96
CA GLU MA 225 -80.26 -38.55 6.30
C GLU MA 225 -81.48 -37.97 7.00
N ILE MA 226 -81.51 -38.06 8.33
CA ILE MA 226 -82.64 -37.54 9.10
C ILE MA 226 -82.75 -36.03 8.91
N PHE MA 227 -81.62 -35.32 8.98
CA PHE MA 227 -81.62 -33.87 8.84
C PHE MA 227 -82.09 -33.44 7.45
N LEU MA 228 -81.64 -34.14 6.41
CA LEU MA 228 -82.08 -33.82 5.06
C LEU MA 228 -83.57 -34.09 4.91
N GLU MA 229 -84.06 -35.19 5.49
CA GLU MA 229 -85.50 -35.46 5.44
C GLU MA 229 -86.28 -34.33 6.09
N ILE MA 230 -85.84 -33.88 7.27
CA ILE MA 230 -86.55 -32.81 7.97
C ILE MA 230 -86.51 -31.53 7.15
N ILE MA 231 -85.35 -31.19 6.60
CA ILE MA 231 -85.21 -29.94 5.85
C ILE MA 231 -86.10 -29.95 4.62
N HIS MA 232 -86.06 -31.04 3.83
CA HIS MA 232 -86.89 -31.10 2.63
C HIS MA 232 -88.36 -31.25 2.94
N SER MA 233 -88.72 -31.72 4.14
CA SER MA 233 -90.12 -31.75 4.53
C SER MA 233 -90.62 -30.38 4.95
N ASN MA 234 -89.76 -29.59 5.61
CA ASN MA 234 -90.12 -28.28 6.11
C ASN MA 234 -89.70 -27.16 5.16
N LEU MA 235 -89.29 -27.49 3.95
CA LEU MA 235 -88.91 -26.47 2.98
C LEU MA 235 -90.09 -25.56 2.66
N PRO MA 236 -89.91 -24.24 2.69
CA PRO MA 236 -91.00 -23.34 2.28
C PRO MA 236 -91.19 -23.35 0.77
N GLU MA 237 -92.09 -22.51 0.28
CA GLU MA 237 -92.36 -22.44 -1.15
C GLU MA 237 -91.42 -21.46 -1.84
N GLY MA 238 -90.95 -21.84 -3.02
CA GLY MA 238 -90.08 -20.98 -3.80
C GLY MA 238 -88.72 -20.72 -3.18
N VAL MA 239 -88.14 -21.71 -2.51
CA VAL MA 239 -86.83 -21.59 -1.90
C VAL MA 239 -85.97 -22.75 -2.40
N LYS MA 240 -84.79 -22.42 -2.93
CA LYS MA 240 -83.88 -23.45 -3.42
C LYS MA 240 -82.93 -23.87 -2.30
N LEU MA 241 -82.83 -25.17 -2.07
CA LEU MA 241 -81.97 -25.74 -1.03
C LEU MA 241 -80.78 -26.43 -1.68
N SER MA 242 -79.59 -26.14 -1.17
CA SER MA 242 -78.37 -26.78 -1.64
C SER MA 242 -77.57 -27.26 -0.44
N VAL MA 243 -77.00 -28.45 -0.54
CA VAL MA 243 -76.12 -28.99 0.48
C VAL MA 243 -74.81 -29.35 -0.21
N ARG MA 244 -73.73 -28.68 0.17
CA ARG MA 244 -72.45 -28.84 -0.50
C ARG MA 244 -71.34 -29.00 0.52
N GLU MA 245 -70.18 -29.45 0.05
CA GLU MA 245 -68.96 -29.41 0.83
C GLU MA 245 -68.31 -28.04 0.70
N HIS MA 246 -67.70 -27.59 1.79
CA HIS MA 246 -67.05 -26.29 1.83
C HIS MA 246 -65.73 -26.39 1.07
N THR MA 247 -65.67 -25.76 -0.11
CA THR MA 247 -64.51 -25.79 -0.97
C THR MA 247 -63.93 -24.39 -1.09
N GLU MA 248 -62.79 -24.29 -1.78
CA GLU MA 248 -62.15 -23.00 -1.97
C GLU MA 248 -63.00 -22.06 -2.82
N GLU MA 249 -63.70 -22.61 -3.82
CA GLU MA 249 -64.60 -21.79 -4.62
C GLU MA 249 -65.73 -21.22 -3.77
N ASP MA 250 -66.33 -22.05 -2.91
CA ASP MA 250 -67.38 -21.56 -2.02
C ASP MA 250 -66.84 -20.52 -1.05
N PHE MA 251 -65.64 -20.73 -0.53
CA PHE MA 251 -65.03 -19.76 0.38
C PHE MA 251 -64.74 -18.44 -0.30
N LYS MA 252 -64.29 -18.47 -1.55
CA LYS MA 252 -63.99 -17.27 -2.31
C LYS MA 252 -65.21 -16.60 -2.92
N GLY MA 253 -66.36 -17.29 -2.96
CA GLY MA 253 -67.56 -16.69 -3.50
C GLY MA 253 -67.95 -15.40 -2.80
N ARG MA 254 -67.84 -15.38 -1.48
CA ARG MA 254 -68.13 -14.17 -0.72
C ARG MA 254 -67.15 -13.04 -1.00
N PHE MA 255 -65.88 -13.35 -1.17
CA PHE MA 255 -64.85 -12.36 -1.41
C PHE MA 255 -64.98 -11.77 -2.80
N LYS MA 256 -64.49 -10.55 -2.96
CA LYS MA 256 -64.51 -9.85 -4.23
C LYS MA 256 -63.33 -10.26 -5.10
N ALA MA 257 -63.40 -9.88 -6.37
CA ALA MA 257 -62.35 -10.25 -7.31
C ALA MA 257 -61.05 -9.52 -7.02
N ARG MA 258 -60.00 -9.93 -7.73
CA ARG MA 258 -58.67 -9.34 -7.61
C ARG MA 258 -58.20 -8.94 -9.00
N PRO MA 259 -58.68 -7.81 -9.52
CA PRO MA 259 -58.27 -7.40 -10.88
C PRO MA 259 -56.76 -7.23 -11.03
N GLU MA 260 -56.10 -6.66 -10.02
CA GLU MA 260 -54.65 -6.49 -10.11
C GLU MA 260 -53.93 -7.84 -10.12
N LEU MA 261 -54.38 -8.77 -9.28
CA LEU MA 261 -53.76 -10.09 -9.27
C LEU MA 261 -53.97 -10.80 -10.60
N GLU MA 262 -55.18 -10.70 -11.17
CA GLU MA 262 -55.43 -11.33 -12.46
C GLU MA 262 -54.59 -10.71 -13.56
N GLU MA 263 -54.44 -9.38 -13.54
CA GLU MA 263 -53.59 -8.72 -14.54
C GLU MA 263 -52.13 -9.15 -14.40
N LEU MA 264 -51.65 -9.25 -13.16
CA LEU MA 264 -50.28 -9.70 -12.93
C LEU MA 264 -50.08 -11.14 -13.41
N LEU MA 265 -51.06 -12.01 -13.15
CA LEU MA 265 -50.97 -13.38 -13.64
C LEU MA 265 -50.99 -13.44 -15.16
N ALA MA 266 -51.82 -12.60 -15.80
CA ALA MA 266 -51.85 -12.55 -17.25
C ALA MA 266 -50.52 -12.08 -17.82
N LYS MA 267 -49.92 -11.07 -17.19
CA LYS MA 267 -48.60 -10.61 -17.64
C LYS MA 267 -47.54 -11.69 -17.44
N LEU MA 268 -47.61 -12.44 -16.34
CA LEU MA 268 -46.70 -13.56 -16.14
C LEU MA 268 -46.88 -14.63 -17.21
N ASN MA 269 -48.12 -14.93 -17.58
CA ASN MA 269 -48.39 -15.88 -18.66
C ASN MA 269 -48.47 -15.16 -20.00
N GLU NA 34 -18.05 74.34 82.92
CA GLU NA 34 -19.50 74.45 82.92
C GLU NA 34 -20.14 73.23 83.57
N TYR NA 35 -19.66 72.88 84.75
CA TYR NA 35 -20.19 71.74 85.48
C TYR NA 35 -21.56 72.08 86.06
N PRO NA 36 -22.60 71.31 85.76
CA PRO NA 36 -23.94 71.60 86.29
C PRO NA 36 -24.00 71.41 87.80
N SER NA 37 -24.88 72.19 88.42
CA SER NA 37 -25.08 72.11 89.85
C SER NA 37 -25.86 70.85 90.23
N PHE NA 38 -25.58 70.34 91.42
CA PHE NA 38 -26.21 69.11 91.90
C PHE NA 38 -26.61 69.31 93.36
N VAL NA 39 -27.59 68.52 93.79
CA VAL NA 39 -28.11 68.56 95.15
C VAL NA 39 -27.86 67.22 95.82
N GLU NA 40 -27.35 67.28 97.05
CA GLU NA 40 -27.00 66.09 97.82
C GLU NA 40 -27.97 65.94 98.97
N SER NA 41 -28.58 64.76 99.09
CA SER NA 41 -29.57 64.50 100.12
C SER NA 41 -29.51 63.03 100.53
N VAL NA 42 -30.04 62.74 101.72
CA VAL NA 42 -30.07 61.41 102.29
C VAL NA 42 -31.50 60.92 102.53
N ASP NA 43 -32.50 61.66 102.03
CA ASP NA 43 -33.89 61.33 102.32
C ASP NA 43 -34.34 60.07 101.60
N GLU NA 44 -33.93 59.89 100.35
CA GLU NA 44 -34.44 58.81 99.50
C GLU NA 44 -33.55 57.58 99.51
N TYR NA 45 -32.57 57.51 100.41
CA TYR NA 45 -31.65 56.38 100.42
C TYR NA 45 -32.29 55.09 100.94
N HIS NA 46 -33.43 55.18 101.65
CA HIS NA 46 -34.08 53.99 102.15
C HIS NA 46 -34.67 53.13 101.03
N PHE NA 47 -34.95 53.72 99.86
CA PHE NA 47 -35.40 52.92 98.73
C PHE NA 47 -34.30 52.00 98.22
N VAL NA 48 -33.05 52.43 98.31
CA VAL NA 48 -31.92 51.63 97.84
C VAL NA 48 -31.78 50.35 98.65
N GLU NA 49 -32.06 50.39 99.95
CA GLU NA 49 -31.93 49.21 100.80
C GLU NA 49 -32.83 48.07 100.34
N ARG NA 50 -33.95 48.37 99.68
CA ARG NA 50 -34.80 47.32 99.12
C ARG NA 50 -34.14 46.62 97.95
N LEU NA 51 -33.21 47.30 97.27
CA LEU NA 51 -32.61 46.77 96.05
C LEU NA 51 -31.40 45.89 96.32
N LEU NA 52 -30.97 45.74 97.57
CA LEU NA 52 -29.81 44.92 97.88
C LEU NA 52 -30.26 43.50 98.21
N PRO NA 53 -29.92 42.51 97.38
CA PRO NA 53 -30.33 41.14 97.69
C PRO NA 53 -29.62 40.62 98.91
N PRO NA 54 -30.27 39.78 99.71
CA PRO NA 54 -29.59 39.16 100.85
C PRO NA 54 -28.65 38.06 100.41
N ALA NA 55 -27.52 37.95 101.11
CA ALA NA 55 -26.54 36.92 100.84
C ALA NA 55 -26.83 35.62 101.59
N SER NA 56 -27.84 35.60 102.46
CA SER NA 56 -28.20 34.42 103.22
C SER NA 56 -29.63 34.01 102.88
N ILE NA 57 -30.04 32.86 103.41
CA ILE NA 57 -31.37 32.32 103.18
C ILE NA 57 -32.23 32.66 104.40
N PRO NA 58 -33.24 33.52 104.25
CA PRO NA 58 -34.08 33.85 105.40
C PRO NA 58 -34.89 32.66 105.87
N ARG NA 59 -35.14 32.61 107.18
CA ARG NA 59 -35.94 31.54 107.73
C ARG NA 59 -37.40 31.69 107.31
N PRO NA 60 -38.11 30.58 107.11
CA PRO NA 60 -39.51 30.66 106.72
C PRO NA 60 -40.37 31.21 107.84
N PRO NA 61 -41.26 32.15 107.54
CA PRO NA 61 -42.15 32.68 108.57
C PRO NA 61 -43.09 31.61 109.10
N LYS NA 62 -43.46 31.74 110.36
CA LYS NA 62 -44.38 30.80 110.99
C LYS NA 62 -45.81 31.11 110.58
N HIS NA 63 -46.51 30.11 110.07
CA HIS NA 63 -47.90 30.26 109.65
C HIS NA 63 -48.85 29.71 110.71
N GLU NA 64 -50.08 30.21 110.68
CA GLU NA 64 -51.09 29.79 111.63
C GLU NA 64 -51.63 28.38 111.36
N HIS NA 65 -51.60 27.95 110.11
CA HIS NA 65 -52.12 26.63 109.74
C HIS NA 65 -51.08 25.91 108.89
N TYR NA 66 -50.96 24.59 109.11
CA TYR NA 66 -50.05 23.75 108.36
C TYR NA 66 -50.78 22.54 107.80
N PRO NA 67 -50.40 22.05 106.61
CA PRO NA 67 -49.32 22.59 105.78
C PRO NA 67 -49.72 23.87 105.02
N THR NA 68 -48.72 24.59 104.52
CA THR NA 68 -48.96 25.80 103.77
C THR NA 68 -49.63 25.46 102.44
N PRO NA 69 -50.30 26.44 101.80
CA PRO NA 69 -50.97 26.18 100.52
C PRO NA 69 -50.02 25.68 99.44
N SER NA 70 -48.72 26.00 99.58
CA SER NA 70 -47.71 25.47 98.69
C SER NA 70 -47.28 24.06 99.03
N GLY NA 71 -47.81 23.49 100.11
CA GLY NA 71 -47.47 22.14 100.52
C GLY NA 71 -46.28 22.02 101.45
N TRP NA 72 -45.61 23.12 101.76
CA TRP NA 72 -44.45 23.08 102.64
C TRP NA 72 -44.90 22.91 104.09
N GLN NA 73 -44.19 22.07 104.83
CA GLN NA 73 -44.49 21.79 106.22
C GLN NA 73 -43.19 21.70 107.02
N PRO NA 74 -43.07 22.46 108.11
CA PRO NA 74 -41.86 22.39 108.93
C PRO NA 74 -41.79 21.07 109.68
N PRO NA 75 -40.59 20.62 110.05
CA PRO NA 75 -40.46 19.36 110.80
C PRO NA 75 -40.98 19.49 112.22
N ARG NA 76 -41.05 18.36 112.93
CA ARG NA 76 -41.49 18.39 114.32
C ARG NA 76 -40.46 19.11 115.19
N ASP NA 77 -40.96 19.77 116.23
CA ASP NA 77 -40.06 20.46 117.16
C ASP NA 77 -39.09 19.50 117.84
N PRO NA 78 -39.51 18.35 118.39
CA PRO NA 78 -38.53 17.41 118.94
C PRO NA 78 -37.97 16.49 117.86
N ALA NA 79 -36.89 15.78 118.18
CA ALA NA 79 -36.32 14.85 117.21
C ALA NA 79 -36.81 13.44 117.46
N PRO NA 80 -37.27 12.75 116.42
CA PRO NA 80 -37.74 11.37 116.60
C PRO NA 80 -36.61 10.44 117.01
N SER NA 81 -36.98 9.38 117.73
CA SER NA 81 -36.02 8.43 118.28
C SER NA 81 -35.48 7.44 117.25
N LEU NA 82 -35.72 7.68 115.96
CA LEU NA 82 -35.18 6.79 114.94
C LEU NA 82 -33.66 6.88 114.92
N PRO NA 83 -32.97 5.78 114.65
CA PRO NA 83 -31.50 5.80 114.66
C PRO NA 83 -30.90 6.43 113.40
N TYR NA 84 -31.48 7.55 112.97
CA TYR NA 84 -30.99 8.30 111.81
C TYR NA 84 -31.75 9.61 111.77
N PHE NA 85 -31.25 10.54 110.95
CA PHE NA 85 -31.87 11.84 110.80
C PHE NA 85 -31.64 12.34 109.39
N VAL NA 86 -32.72 12.71 108.71
CA VAL NA 86 -32.64 13.24 107.34
C VAL NA 86 -32.62 14.76 107.48
N ARG NA 87 -31.43 15.33 107.36
CA ARG NA 87 -31.28 16.77 107.47
C ARG NA 87 -31.99 17.48 106.33
N ARG NA 88 -32.69 18.57 106.67
CA ARG NA 88 -33.37 19.35 105.65
C ARG NA 88 -32.36 20.08 104.77
N SER NA 89 -32.83 20.48 103.58
CA SER NA 89 -32.00 21.21 102.65
C SER NA 89 -31.79 22.64 103.16
N ARG NA 90 -30.85 23.35 102.50
CA ARG NA 90 -30.64 24.75 102.82
C ARG NA 90 -31.86 25.60 102.49
N MET NA 91 -32.75 25.10 101.62
CA MET NA 91 -33.98 25.77 101.27
C MET NA 91 -35.18 25.24 102.05
N HIS NA 92 -34.92 24.45 103.10
CA HIS NA 92 -35.97 23.86 103.94
C HIS NA 92 -36.88 22.95 103.11
N ASN NA 93 -36.26 22.01 102.41
CA ASN NA 93 -36.96 21.03 101.61
C ASN NA 93 -36.39 19.64 101.87
N ILE NA 94 -37.20 18.63 101.61
CA ILE NA 94 -36.79 17.24 101.84
C ILE NA 94 -35.77 16.85 100.77
N PRO NA 95 -34.60 16.34 101.14
CA PRO NA 95 -33.57 15.98 100.15
C PRO NA 95 -33.82 14.61 99.52
N VAL NA 96 -34.99 14.46 98.90
CA VAL NA 96 -35.33 13.26 98.15
C VAL NA 96 -35.47 13.69 96.70
N TYR NA 97 -34.57 13.22 95.85
CA TYR NA 97 -34.50 13.64 94.47
C TYR NA 97 -34.47 12.44 93.54
N ARG NA 98 -34.68 12.70 92.26
CA ARG NA 98 -34.63 11.69 91.22
C ARG NA 98 -33.44 11.97 90.31
N ASP NA 99 -32.90 10.91 89.71
CA ASP NA 99 -31.77 11.04 88.81
C ASP NA 99 -31.96 10.10 87.63
N ILE NA 100 -31.42 10.50 86.48
CA ILE NA 100 -31.54 9.74 85.25
C ILE NA 100 -30.15 9.49 84.69
N THR NA 101 -29.87 8.23 84.32
CA THR NA 101 -28.58 7.85 83.77
C THR NA 101 -28.82 7.02 82.52
N HIS NA 102 -27.97 7.21 81.52
CA HIS NA 102 -28.02 6.53 80.23
C HIS NA 102 -29.31 6.80 79.48
N GLY NA 103 -30.15 7.73 79.95
CA GLY NA 103 -31.41 8.04 79.31
C GLY NA 103 -32.55 7.14 79.68
N ASN NA 104 -32.31 6.06 80.43
CA ASN NA 104 -33.36 5.12 80.79
C ASN NA 104 -33.27 4.60 82.21
N ARG NA 105 -32.17 4.82 82.92
CA ARG NA 105 -32.01 4.31 84.28
C ARG NA 105 -32.55 5.35 85.26
N GLN NA 106 -33.56 4.96 86.02
CA GLN NA 106 -34.24 5.85 86.95
C GLN NA 106 -33.95 5.45 88.38
N MET NA 107 -33.43 6.38 89.17
CA MET NA 107 -33.15 6.16 90.57
C MET NA 107 -33.64 7.32 91.41
N THR NA 108 -33.96 7.04 92.67
CA THR NA 108 -34.35 8.05 93.64
C THR NA 108 -33.28 8.12 94.72
N VAL NA 109 -32.78 9.31 94.99
CA VAL NA 109 -31.64 9.51 95.87
C VAL NA 109 -32.08 10.29 97.10
N ILE NA 110 -31.74 9.78 98.27
CA ILE NA 110 -31.95 10.45 99.55
C ILE NA 110 -30.59 10.85 100.09
N ARG NA 111 -30.37 12.14 100.27
CA ARG NA 111 -29.10 12.69 100.73
C ARG NA 111 -29.23 13.21 102.16
N LYS NA 112 -28.08 13.57 102.73
CA LYS NA 112 -27.99 14.16 104.06
C LYS NA 112 -28.64 13.24 105.10
N VAL NA 113 -28.08 12.04 105.22
CA VAL NA 113 -28.53 11.04 106.18
C VAL NA 113 -27.49 10.95 107.29
N GLU NA 114 -27.91 11.24 108.51
CA GLU NA 114 -27.03 11.23 109.68
C GLU NA 114 -27.56 10.21 110.67
N GLY NA 115 -26.87 9.08 110.78
CA GLY NA 115 -27.26 8.01 111.67
C GLY NA 115 -26.98 6.67 111.02
N ASP NA 116 -27.63 5.64 111.55
CA ASP NA 116 -27.48 4.29 111.01
C ASP NA 116 -28.26 4.20 109.70
N ILE NA 117 -27.54 4.35 108.58
CA ILE NA 117 -28.18 4.32 107.28
C ILE NA 117 -28.77 2.95 106.97
N TRP NA 118 -28.27 1.89 107.60
CA TRP NA 118 -28.83 0.57 107.38
C TRP NA 118 -30.25 0.46 107.91
N ALA NA 119 -30.54 1.09 109.05
CA ALA NA 119 -31.91 1.12 109.55
C ALA NA 119 -32.81 1.89 108.60
N LEU NA 120 -32.33 2.99 108.04
CA LEU NA 120 -33.11 3.74 107.05
C LEU NA 120 -33.37 2.90 105.81
N GLN NA 121 -32.37 2.14 105.37
CA GLN NA 121 -32.55 1.25 104.23
C GLN NA 121 -33.60 0.18 104.52
N LYS NA 122 -33.56 -0.39 105.72
CA LYS NA 122 -34.56 -1.37 106.12
C LYS NA 122 -35.96 -0.76 106.12
N ASP NA 123 -36.09 0.45 106.67
CA ASP NA 123 -37.39 1.11 106.69
C ASP NA 123 -37.89 1.40 105.29
N VAL NA 124 -37.00 1.87 104.41
CA VAL NA 124 -37.40 2.20 103.04
C VAL NA 124 -37.84 0.95 102.30
N GLU NA 125 -37.08 -0.14 102.42
CA GLU NA 125 -37.45 -1.35 101.70
C GLU NA 125 -38.74 -1.96 102.27
N ASP NA 126 -38.95 -1.88 103.58
CA ASP NA 126 -40.22 -2.34 104.14
C ASP NA 126 -41.38 -1.48 103.67
N PHE NA 127 -41.16 -0.16 103.55
CA PHE NA 127 -42.22 0.72 103.05
C PHE NA 127 -42.55 0.43 101.59
N LEU NA 128 -41.52 0.17 100.77
CA LEU NA 128 -41.73 -0.03 99.35
C LEU NA 128 -42.08 -1.46 98.97
N SER NA 129 -41.95 -2.42 99.89
CA SER NA 129 -42.30 -3.80 99.57
C SER NA 129 -43.76 -3.98 99.17
N PRO NA 130 -44.75 -3.49 99.93
CA PRO NA 130 -46.14 -3.65 99.48
C PRO NA 130 -46.46 -2.98 98.15
N LEU NA 131 -45.81 -1.87 97.83
CA LEU NA 131 -46.08 -1.17 96.58
C LEU NA 131 -45.70 -2.01 95.37
N LEU NA 132 -44.54 -2.68 95.42
CA LEU NA 132 -44.03 -3.41 94.28
C LEU NA 132 -44.18 -4.92 94.42
N GLY NA 133 -44.40 -5.44 95.63
CA GLY NA 133 -44.42 -6.86 95.84
C GLY NA 133 -43.06 -7.51 95.90
N LYS NA 134 -41.99 -6.71 95.90
CA LYS NA 134 -40.63 -7.23 95.94
C LYS NA 134 -39.74 -6.21 96.64
N THR NA 135 -38.60 -6.69 97.12
CA THR NA 135 -37.64 -5.81 97.80
C THR NA 135 -37.00 -4.87 96.79
N PRO NA 136 -37.11 -3.56 96.96
CA PRO NA 136 -36.47 -2.64 96.01
C PRO NA 136 -34.96 -2.71 96.10
N VAL NA 137 -34.31 -2.46 94.97
CA VAL NA 137 -32.85 -2.48 94.90
C VAL NA 137 -32.31 -1.18 95.51
N THR NA 138 -31.39 -1.32 96.45
CA THR NA 138 -30.89 -0.18 97.20
C THR NA 138 -29.37 -0.19 97.25
N GLN NA 139 -28.79 1.00 97.22
CA GLN NA 139 -27.36 1.22 97.39
C GLN NA 139 -27.15 2.19 98.55
N VAL NA 140 -26.24 1.84 99.45
CA VAL NA 140 -26.00 2.62 100.67
C VAL NA 140 -24.59 3.17 100.58
N ASN NA 141 -24.47 4.43 100.16
CA ASN NA 141 -23.19 5.13 100.17
C ASN NA 141 -22.98 5.63 101.59
N GLU NA 142 -22.41 4.78 102.44
CA GLU NA 142 -22.33 5.06 103.86
C GLU NA 142 -21.39 6.21 104.18
N VAL NA 143 -20.25 6.29 103.51
CA VAL NA 143 -19.32 7.39 103.77
C VAL NA 143 -19.94 8.72 103.39
N THR NA 144 -20.63 8.78 102.24
CA THR NA 144 -21.35 9.98 101.85
C THR NA 144 -22.61 10.21 102.67
N GLY NA 145 -23.21 9.14 103.20
CA GLY NA 145 -24.46 9.25 103.91
C GLY NA 145 -25.62 9.41 102.95
N THR NA 146 -25.70 8.51 101.97
CA THR NA 146 -26.66 8.62 100.89
C THR NA 146 -27.30 7.26 100.64
N LEU NA 147 -28.59 7.28 100.30
CA LEU NA 147 -29.32 6.10 99.89
C LEU NA 147 -29.80 6.27 98.46
N ARG NA 148 -29.75 5.20 97.67
CA ARG NA 148 -30.17 5.25 96.28
C ARG NA 148 -31.03 4.03 95.98
N VAL NA 149 -32.32 4.27 95.72
CA VAL NA 149 -33.25 3.20 95.42
C VAL NA 149 -33.53 3.20 93.92
N LYS NA 150 -33.77 2.00 93.39
CA LYS NA 150 -34.00 1.83 91.96
C LYS NA 150 -35.47 2.11 91.65
N GLY NA 151 -35.73 3.18 90.92
CA GLY NA 151 -37.07 3.55 90.53
C GLY NA 151 -37.36 5.01 90.81
N TYR NA 152 -38.57 5.42 90.47
CA TYR NA 152 -39.05 6.78 90.68
C TYR NA 152 -40.07 6.75 91.81
N PHE NA 153 -39.58 6.93 93.04
CA PHE NA 153 -40.43 6.96 94.23
C PHE NA 153 -40.22 8.24 95.03
N ASP NA 154 -39.86 9.33 94.34
CA ASP NA 154 -39.49 10.56 95.03
C ASP NA 154 -40.67 11.13 95.81
N GLN NA 155 -41.85 11.20 95.18
CA GLN NA 155 -43.00 11.79 95.85
C GLN NA 155 -43.45 10.94 97.04
N GLN NA 156 -43.48 9.61 96.86
CA GLN NA 156 -43.87 8.74 97.96
C GLN NA 156 -42.89 8.81 99.11
N LEU NA 157 -41.59 8.88 98.80
CA LEU NA 157 -40.60 9.02 99.87
C LEU NA 157 -40.70 10.37 100.57
N LYS NA 158 -41.00 11.44 99.84
CA LYS NA 158 -41.23 12.73 100.47
C LYS NA 158 -42.42 12.66 101.42
N ALA NA 159 -43.51 12.03 100.99
CA ALA NA 159 -44.68 11.88 101.86
C ALA NA 159 -44.33 11.05 103.09
N TRP NA 160 -43.58 9.96 102.90
CA TRP NA 160 -43.20 9.11 104.01
C TRP NA 160 -42.33 9.86 105.02
N LEU NA 161 -41.38 10.66 104.54
CA LEU NA 161 -40.55 11.43 105.44
C LEU NA 161 -41.33 12.53 106.14
N LEU NA 162 -42.31 13.14 105.44
CA LEU NA 162 -43.18 14.10 106.11
C LEU NA 162 -43.99 13.43 107.22
N GLU NA 163 -44.49 12.23 106.97
CA GLU NA 163 -45.22 11.49 107.99
C GLU NA 163 -44.32 11.16 109.18
N LYS NA 164 -43.08 10.76 108.91
CA LYS NA 164 -42.15 10.43 109.99
C LYS NA 164 -41.54 11.65 110.65
N GLY NA 165 -41.75 12.84 110.11
CA GLY NA 165 -41.26 14.06 110.73
C GLY NA 165 -39.78 14.32 110.49
N PHE NA 166 -39.41 14.49 109.23
CA PHE NA 166 -38.03 14.83 108.87
C PHE NA 166 -38.00 16.03 107.94
N LEU OA 90 12.11 28.72 135.16
CA LEU OA 90 11.47 27.94 134.10
C LEU OA 90 12.18 26.61 133.88
N VAL OA 91 11.71 25.58 134.59
CA VAL OA 91 12.29 24.24 134.51
C VAL OA 91 11.23 23.28 133.98
N CYS OA 92 11.61 22.49 132.98
CA CYS OA 92 10.67 21.55 132.38
C CYS OA 92 10.41 20.39 133.34
N PRO OA 93 9.16 20.15 133.73
CA PRO OA 93 8.86 19.03 134.62
C PRO OA 93 9.05 17.70 133.90
N PRO OA 94 9.30 16.63 134.64
CA PRO OA 94 9.45 15.31 134.00
C PRO OA 94 8.18 14.90 133.27
N ILE OA 95 8.37 14.23 132.13
CA ILE OA 95 7.24 13.83 131.31
C ILE OA 95 6.64 12.54 131.87
N GLN OA 96 5.34 12.59 132.15
CA GLN OA 96 4.64 11.41 132.66
C GLN OA 96 4.53 10.35 131.57
N SER OA 97 4.54 9.09 131.99
CA SER OA 97 4.47 7.96 131.08
C SER OA 97 3.06 7.64 130.62
N ARG OA 98 2.05 8.33 131.16
CA ARG OA 98 0.65 8.18 130.76
C ARG OA 98 0.12 6.76 130.99
N THR OA 99 0.65 6.05 131.99
CA THR OA 99 0.13 4.75 132.37
C THR OA 99 -0.89 4.93 133.50
N TYR OA 100 -2.07 4.34 133.32
CA TYR OA 100 -3.16 4.51 134.26
C TYR OA 100 -3.55 3.16 134.86
N ILE OA 101 -3.69 3.12 136.17
CA ILE OA 101 -4.13 1.94 136.91
C ILE OA 101 -5.33 2.34 137.74
N PRO OA 102 -6.48 1.67 137.59
CA PRO OA 102 -7.67 2.05 138.35
C PRO OA 102 -7.51 1.73 139.83
N PRO OA 103 -7.60 2.73 140.69
CA PRO OA 103 -7.46 2.48 142.13
C PRO OA 103 -8.68 1.80 142.71
N GLU OA 104 -8.48 1.18 143.88
CA GLU OA 104 -9.55 0.49 144.57
C GLU OA 104 -10.55 1.44 145.22
N ASP OA 105 -10.14 2.68 145.47
CA ASP OA 105 -11.00 3.70 146.07
C ASP OA 105 -11.64 4.59 145.02
N LEU OA 106 -11.83 4.06 143.80
CA LEU OA 106 -12.35 4.87 142.71
C LEU OA 106 -13.76 5.36 143.00
N GLN OA 107 -14.64 4.46 143.49
CA GLN OA 107 -16.03 4.83 143.73
C GLN OA 107 -16.13 5.89 144.82
N SER OA 108 -15.42 5.69 145.93
CA SER OA 108 -15.47 6.66 147.03
C SER OA 108 -14.87 8.00 146.61
N ARG OA 109 -13.76 7.97 145.86
CA ARG OA 109 -13.18 9.22 145.38
C ARG OA 109 -14.13 9.96 144.45
N LEU OA 110 -14.80 9.22 143.55
CA LEU OA 110 -15.77 9.85 142.66
C LEU OA 110 -16.92 10.47 143.43
N GLU OA 111 -17.43 9.75 144.44
CA GLU OA 111 -18.52 10.29 145.24
C GLU OA 111 -18.09 11.54 145.99
N SER OA 112 -16.88 11.52 146.58
CA SER OA 112 -16.39 12.69 147.31
C SER OA 112 -16.20 13.88 146.37
N HIS OA 113 -15.65 13.65 145.18
CA HIS OA 113 -15.49 14.72 144.22
C HIS OA 113 -16.84 15.28 143.77
N VAL OA 114 -17.82 14.40 143.55
CA VAL OA 114 -19.16 14.86 143.19
C VAL OA 114 -19.73 15.75 144.29
N LYS OA 115 -19.60 15.30 145.54
CA LYS OA 115 -20.12 16.08 146.66
C LYS OA 115 -19.44 17.45 146.73
N GLU OA 116 -18.11 17.47 146.63
CA GLU OA 116 -17.38 18.73 146.77
C GLU OA 116 -17.51 19.64 145.56
N VAL OA 117 -17.93 19.12 144.40
CA VAL OA 117 -18.08 19.93 143.21
C VAL OA 117 -19.51 20.40 143.02
N PHE OA 118 -20.48 19.71 143.62
CA PHE OA 118 -21.86 20.15 143.51
C PHE OA 118 -22.32 20.95 144.72
N GLY OA 119 -21.94 20.54 145.93
CA GLY OA 119 -22.34 21.27 147.12
C GLY OA 119 -23.81 21.16 147.46
N SER OA 120 -24.48 20.13 146.98
CA SER OA 120 -25.90 19.92 147.24
C SER OA 120 -26.11 18.53 147.84
N SER OA 121 -27.35 18.23 148.19
CA SER OA 121 -27.69 16.95 148.76
C SER OA 121 -27.53 15.85 147.73
N VAL OA 122 -26.94 14.73 148.14
CA VAL OA 122 -26.71 13.60 147.23
C VAL OA 122 -28.02 12.84 147.06
N PRO OA 123 -28.50 12.66 145.83
CA PRO OA 123 -29.73 11.90 145.61
C PRO OA 123 -29.48 10.41 145.74
N SER OA 124 -30.54 9.63 145.50
CA SER OA 124 -30.41 8.17 145.56
C SER OA 124 -29.45 7.64 144.51
N ASN OA 125 -29.48 8.18 143.30
CA ASN OA 125 -28.61 7.77 142.21
C ASN OA 125 -27.61 8.89 141.97
N TRP OA 126 -26.43 8.78 142.59
CA TRP OA 126 -25.40 9.80 142.47
C TRP OA 126 -24.68 9.75 141.12
N GLN OA 127 -24.76 8.63 140.42
CA GLN OA 127 -24.06 8.46 139.14
C GLN OA 127 -24.93 8.82 137.94
N ASP OA 128 -26.21 9.12 138.16
CA ASP OA 128 -27.12 9.43 137.07
C ASP OA 128 -27.32 10.92 136.84
N ILE OA 129 -26.64 11.77 137.60
CA ILE OA 129 -26.75 13.22 137.42
C ILE OA 129 -25.95 13.63 136.19
N SER OA 130 -26.59 14.36 135.28
CA SER OA 130 -25.95 14.77 134.05
C SER OA 130 -24.99 15.93 134.30
N LEU OA 131 -24.06 16.11 133.36
CA LEU OA 131 -23.05 17.16 133.42
C LEU OA 131 -23.31 18.27 132.42
N GLU OA 132 -24.59 18.62 132.21
CA GLU OA 132 -24.93 19.63 131.21
C GLU OA 132 -24.41 21.01 131.59
N ASP OA 133 -24.21 21.27 132.89
CA ASP OA 133 -23.68 22.55 133.33
C ASP OA 133 -22.19 22.61 133.02
N VAL OA 134 -21.80 23.59 132.22
CA VAL OA 134 -20.42 23.66 131.74
C VAL OA 134 -19.47 23.93 132.91
N HIS OA 135 -19.82 24.86 133.80
CA HIS OA 135 -18.95 25.18 134.93
C HIS OA 135 -18.73 23.95 135.81
N LEU OA 136 -19.82 23.29 136.20
CA LEU OA 136 -19.72 22.13 137.08
C LEU OA 136 -18.95 20.99 136.41
N LYS OA 137 -19.25 20.74 135.13
CA LYS OA 137 -18.56 19.66 134.42
C LYS OA 137 -17.07 19.93 134.32
N PHE OA 138 -16.69 21.16 133.97
CA PHE OA 138 -15.28 21.50 133.85
C PHE OA 138 -14.57 21.36 135.19
N SER OA 139 -15.18 21.89 136.26
CA SER OA 139 -14.54 21.80 137.58
C SER OA 139 -14.41 20.34 138.02
N PHE OA 140 -15.45 19.54 137.81
CA PHE OA 140 -15.41 18.14 138.21
C PHE OA 140 -14.35 17.37 137.45
N LEU OA 141 -14.28 17.57 136.13
CA LEU OA 141 -13.28 16.86 135.33
C LEU OA 141 -11.87 17.32 135.68
N ALA OA 142 -11.67 18.62 135.91
CA ALA OA 142 -10.35 19.11 136.29
C ALA OA 142 -9.91 18.53 137.61
N ARG OA 143 -10.80 18.49 138.61
CA ARG OA 143 -10.43 17.92 139.90
C ARG OA 143 -10.15 16.42 139.77
N LEU OA 144 -10.96 15.71 138.99
CA LEU OA 144 -10.70 14.28 138.79
C LEU OA 144 -9.35 14.05 138.13
N ALA OA 145 -9.01 14.85 137.13
CA ALA OA 145 -7.73 14.70 136.45
C ALA OA 145 -6.57 15.00 137.40
N ASN OA 146 -6.67 16.10 138.16
CA ASN OA 146 -5.62 16.45 139.11
C ASN OA 146 -5.49 15.42 140.22
N ASP OA 147 -6.56 14.71 140.56
CA ASP OA 147 -6.49 13.71 141.62
C ASP OA 147 -5.94 12.38 141.11
N LEU OA 148 -6.38 11.93 139.95
CA LEU OA 148 -6.03 10.60 139.44
C LEU OA 148 -4.88 10.62 138.44
N ARG OA 149 -4.28 11.78 138.18
CA ARG OA 149 -3.13 11.90 137.27
C ARG OA 149 -3.49 11.41 135.86
N HIS OA 150 -4.75 11.55 135.47
CA HIS OA 150 -5.19 11.14 134.14
C HIS OA 150 -6.36 12.01 133.73
N ALA OA 151 -6.29 12.60 132.53
CA ALA OA 151 -7.29 13.53 132.06
C ALA OA 151 -8.02 12.95 130.85
N VAL OA 152 -9.30 13.28 130.74
CA VAL OA 152 -10.12 12.84 129.60
C VAL OA 152 -9.66 13.59 128.36
N PRO OA 153 -9.45 12.91 127.23
CA PRO OA 153 -9.04 13.62 126.01
C PRO OA 153 -10.14 14.53 125.48
N ASN OA 154 -9.73 15.43 124.59
CA ASN OA 154 -10.65 16.41 124.04
C ASN OA 154 -11.74 15.77 123.20
N SER OA 155 -11.52 14.57 122.68
CA SER OA 155 -12.51 13.94 121.81
C SER OA 155 -13.69 13.39 122.60
N ARG OA 156 -13.44 12.87 123.80
CA ARG OA 156 -14.48 12.20 124.57
C ARG OA 156 -15.24 13.13 125.50
N LEU OA 157 -14.92 14.43 125.51
CA LEU OA 157 -15.65 15.36 126.36
C LEU OA 157 -17.11 15.48 125.95
N HIS OA 158 -17.41 15.35 124.66
CA HIS OA 158 -18.81 15.32 124.22
C HIS OA 158 -19.51 14.03 124.61
N GLN OA 159 -18.78 12.92 124.64
CA GLN OA 159 -19.36 11.66 125.10
C GLN OA 159 -19.62 11.66 126.60
N MET OA 160 -18.80 12.38 127.36
CA MET OA 160 -18.97 12.46 128.81
C MET OA 160 -20.24 13.25 129.12
N CYS OA 161 -21.31 12.54 129.44
CA CYS OA 161 -22.59 13.15 129.78
C CYS OA 161 -22.98 12.92 131.23
N ARG OA 162 -22.99 11.67 131.68
CA ARG OA 162 -23.33 11.34 133.06
C ARG OA 162 -22.05 11.00 133.83
N VAL OA 163 -22.20 10.86 135.15
CA VAL OA 163 -21.09 10.39 135.96
C VAL OA 163 -20.77 8.94 135.64
N ARG OA 164 -21.76 8.18 135.17
CA ARG OA 164 -21.53 6.79 134.79
C ARG OA 164 -20.53 6.68 133.63
N ASP OA 165 -20.62 7.59 132.66
CA ASP OA 165 -19.69 7.59 131.55
C ASP OA 165 -18.25 7.81 132.03
N VAL OA 166 -18.06 8.77 132.94
CA VAL OA 166 -16.73 9.02 133.47
C VAL OA 166 -16.23 7.84 134.28
N LEU OA 167 -17.13 7.20 135.05
CA LEU OA 167 -16.74 6.02 135.82
C LEU OA 167 -16.29 4.89 134.90
N ASP OA 168 -17.04 4.68 133.80
CA ASP OA 168 -16.64 3.65 132.84
C ASP OA 168 -15.32 4.01 132.16
N PHE OA 169 -15.11 5.29 131.85
CA PHE OA 169 -13.85 5.71 131.26
C PHE OA 169 -12.68 5.44 132.19
N TYR OA 170 -12.84 5.72 133.48
CA TYR OA 170 -11.76 5.49 134.43
C TYR OA 170 -11.66 4.04 134.89
N ASN OA 171 -12.64 3.20 134.57
CA ASN OA 171 -12.54 1.78 134.86
C ASN OA 171 -11.58 1.05 133.92
N VAL OA 172 -11.48 1.47 132.68
CA VAL OA 172 -10.65 0.80 131.68
C VAL OA 172 -9.26 1.44 131.70
N PRO OA 173 -8.20 0.66 131.93
CA PRO OA 173 -6.85 1.22 131.92
C PRO OA 173 -6.38 1.49 130.50
N VAL OA 174 -5.30 2.27 130.40
CA VAL OA 174 -4.68 2.61 129.14
C VAL OA 174 -3.18 2.33 129.26
N GLN OA 175 -2.62 1.64 128.26
CA GLN OA 175 -1.20 1.29 128.23
C GLN OA 175 -0.52 2.08 127.13
N ASP OA 176 0.53 2.81 127.49
CA ASP OA 176 1.28 3.61 126.54
C ASP OA 176 2.35 2.82 125.80
N ARG OA 177 2.62 1.59 126.24
CA ARG OA 177 3.63 0.77 125.58
C ARG OA 177 3.17 0.36 124.19
N SER OA 178 4.13 0.24 123.28
CA SER OA 178 3.84 -0.16 121.92
C SER OA 178 3.68 -1.68 121.83
N LYS OA 179 3.37 -2.16 120.62
CA LYS OA 179 3.24 -3.60 120.41
C LYS OA 179 4.57 -4.32 120.63
N PHE OA 180 5.69 -3.71 120.20
CA PHE OA 180 6.98 -4.32 120.44
C PHE OA 180 7.27 -4.44 121.93
N ASP OA 181 6.97 -3.38 122.69
CA ASP OA 181 7.17 -3.43 124.14
C ASP OA 181 6.27 -4.47 124.78
N GLU OA 182 5.03 -4.59 124.32
CA GLU OA 182 4.13 -5.61 124.84
C GLU OA 182 4.66 -7.01 124.56
N LEU OA 183 5.20 -7.23 123.36
CA LEU OA 183 5.72 -8.53 122.97
C LEU OA 183 7.04 -8.86 123.68
N ILE OA 184 7.82 -7.86 124.07
CA ILE OA 184 9.09 -8.12 124.74
C ILE OA 184 8.86 -8.88 126.05
N ALA OA 185 7.88 -8.44 126.84
CA ALA OA 185 7.57 -9.06 128.11
C ALA OA 185 6.39 -10.02 128.03
N SER OA 186 6.24 -10.71 126.91
CA SER OA 186 5.13 -11.63 126.71
C SER OA 186 5.54 -13.09 126.85
N ASN OA 187 6.61 -13.36 127.60
CA ASN OA 187 7.10 -14.72 127.84
C ASN OA 187 7.40 -15.44 126.52
N LEU OA 188 8.39 -14.90 125.81
CA LEU OA 188 8.79 -15.45 124.53
C LEU OA 188 9.36 -16.85 124.71
N PRO OA 189 9.14 -17.76 123.76
CA PRO OA 189 9.70 -19.11 123.87
C PRO OA 189 11.21 -19.10 123.76
N HIS OA 190 11.79 -20.28 123.97
CA HIS OA 190 13.25 -20.41 123.97
C HIS OA 190 13.86 -20.35 122.58
N ASN OA 191 13.05 -20.51 121.53
CA ASN OA 191 13.55 -20.51 120.16
C ASN OA 191 13.30 -19.20 119.44
N LEU OA 192 12.93 -18.15 120.17
CA LEU OA 192 12.68 -16.83 119.59
C LEU OA 192 13.57 -15.81 120.28
N LYS OA 193 14.40 -15.15 119.49
CA LYS OA 193 15.30 -14.10 119.99
C LYS OA 193 15.03 -12.83 119.19
N ILE OA 194 14.69 -11.75 119.90
CA ILE OA 194 14.39 -10.46 119.28
C ILE OA 194 15.33 -9.42 119.87
N THR OA 195 16.02 -8.69 118.98
CA THR OA 195 16.97 -7.66 119.39
C THR OA 195 16.53 -6.33 118.80
N TRP OA 196 16.44 -5.31 119.64
CA TRP OA 196 16.05 -3.98 119.18
C TRP OA 196 17.22 -3.32 118.47
N GLY OA 197 16.99 -2.85 117.24
CA GLY OA 197 18.06 -2.30 116.44
C GLY OA 197 18.01 -0.81 116.25
N TYR OA 198 17.28 -0.10 117.10
CA TYR OA 198 17.23 1.35 117.04
C TYR OA 198 17.88 1.97 118.28
N PHE PA 32 23.37 1.41 77.99
CA PHE PA 32 22.81 0.85 79.21
C PHE PA 32 23.85 0.86 80.33
N HIS PA 33 25.03 1.40 80.04
CA HIS PA 33 26.12 1.46 81.01
C HIS PA 33 25.73 2.39 82.15
N VAL PA 34 25.45 1.82 83.32
CA VAL PA 34 25.07 2.61 84.48
C VAL PA 34 26.32 3.06 85.23
N ARG PA 35 26.18 4.12 86.01
CA ARG PA 35 27.31 4.70 86.73
C ARG PA 35 27.81 3.73 87.79
N VAL PA 36 29.13 3.80 88.06
CA VAL PA 36 29.77 2.84 88.96
C VAL PA 36 29.91 3.36 90.38
N THR PA 37 29.53 4.60 90.66
CA THR PA 37 29.66 5.19 91.98
C THR PA 37 28.31 5.71 92.47
N LEU PA 38 28.07 5.55 93.76
CA LEU PA 38 26.84 6.04 94.35
C LEU PA 38 26.83 7.57 94.34
N PRO PA 39 25.74 8.19 93.90
CA PRO PA 39 25.66 9.64 93.91
C PRO PA 39 25.56 10.16 95.34
N PRO PA 40 26.02 11.37 95.62
CA PRO PA 40 25.88 11.93 96.96
C PRO PA 40 24.41 12.06 97.34
N ARG PA 41 24.09 11.73 98.59
CA ARG PA 41 22.72 11.78 99.04
C ARG PA 41 22.25 13.22 99.15
N LYS PA 42 21.17 13.55 98.44
CA LYS PA 42 20.61 14.90 98.51
C LYS PA 42 19.88 15.07 99.84
N VAL PA 43 20.49 15.81 100.76
CA VAL PA 43 19.90 16.03 102.07
C VAL PA 43 18.93 17.19 101.97
N VAL PA 44 17.69 16.90 101.62
CA VAL PA 44 16.64 17.91 101.46
C VAL PA 44 15.80 17.94 102.72
N ASP PA 45 15.72 19.12 103.35
CA ASP PA 45 14.92 19.30 104.54
C ASP PA 45 13.47 19.58 104.16
N ARG PA 46 12.54 18.86 104.77
CA ARG PA 46 11.13 19.03 104.49
C ARG PA 46 10.48 20.12 105.33
N TRP PA 47 11.27 20.85 106.13
CA TRP PA 47 10.77 21.91 106.99
C TRP PA 47 11.48 23.23 106.71
N ASN PA 48 11.80 23.49 105.45
CA ASN PA 48 12.35 24.78 105.08
C ASN PA 48 11.21 25.80 104.99
N GLU PA 49 11.58 27.06 104.70
CA GLU PA 49 10.59 28.14 104.69
C GLU PA 49 9.53 27.90 103.63
N LYS PA 50 9.94 27.53 102.42
CA LYS PA 50 8.97 27.35 101.33
C LYS PA 50 8.07 26.15 101.59
N ARG PA 51 8.65 25.02 102.00
CA ARG PA 51 7.85 23.84 102.28
C ARG PA 51 6.99 24.00 103.52
N ALA PA 52 7.31 24.97 104.38
CA ALA PA 52 6.50 25.23 105.56
C ALA PA 52 5.35 26.20 105.28
N MET PA 53 5.59 27.21 104.44
CA MET PA 53 4.59 28.20 104.11
C MET PA 53 3.92 27.96 102.77
N PHE PA 54 4.10 26.78 102.18
CA PHE PA 54 3.47 26.47 100.91
C PHE PA 54 1.96 26.42 101.05
N GLY PA 55 1.26 27.13 100.16
CA GLY PA 55 -0.19 27.11 100.14
C GLY PA 55 -0.84 27.65 101.40
N VAL PA 56 -0.20 28.60 102.07
CA VAL PA 56 -0.72 29.10 103.34
C VAL PA 56 -2.00 29.92 103.12
N TYR PA 57 -2.03 30.75 102.08
CA TYR PA 57 -3.12 31.69 101.85
C TYR PA 57 -4.08 31.22 100.77
N ASP PA 58 -4.17 29.92 100.53
CA ASP PA 58 -5.07 29.42 99.49
C ASP PA 58 -6.52 29.73 99.80
N ASN PA 59 -6.88 29.81 101.07
CA ASN PA 59 -8.25 30.11 101.48
C ASN PA 59 -8.41 31.56 101.91
N ILE PA 60 -7.69 32.48 101.26
CA ILE PA 60 -7.72 33.88 101.66
C ILE PA 60 -9.13 34.46 101.49
N GLY PA 61 -9.76 34.20 100.34
CA GLY PA 61 -11.10 34.71 100.13
C GLY PA 61 -12.11 34.11 101.08
N ILE PA 62 -12.07 32.78 101.25
CA ILE PA 62 -13.06 32.09 102.06
C ILE PA 62 -12.97 32.53 103.52
N LEU PA 63 -11.74 32.61 104.05
CA LEU PA 63 -11.53 32.95 105.44
C LEU PA 63 -11.21 34.42 105.67
N GLY PA 64 -11.44 35.27 104.67
CA GLY PA 64 -11.11 36.66 104.81
C GLY PA 64 -12.10 37.66 104.25
N ASN PA 65 -13.40 37.34 104.27
CA ASN PA 65 -14.45 38.29 103.88
C ASN PA 65 -14.21 38.78 102.45
N PHE PA 66 -14.46 37.87 101.51
CA PHE PA 66 -13.84 37.85 100.19
C PHE PA 66 -13.58 39.23 99.60
N GLU PA 67 -12.31 39.51 99.32
CA GLU PA 67 -11.84 40.70 98.64
C GLU PA 67 -10.88 40.38 97.50
N LYS PA 68 -10.06 39.35 97.67
CA LYS PA 68 -9.08 38.94 96.66
C LYS PA 68 -9.32 37.48 96.31
N HIS PA 69 -9.53 37.20 95.03
CA HIS PA 69 -9.63 35.83 94.58
C HIS PA 69 -8.25 35.18 94.59
N PRO PA 70 -8.17 33.85 94.76
CA PRO PA 70 -6.87 33.18 94.74
C PRO PA 70 -6.11 33.33 93.42
N LYS PA 71 -6.74 33.97 92.42
CA LYS PA 71 -6.01 34.27 91.18
C LYS PA 71 -4.83 35.18 91.44
N GLU PA 72 -4.94 36.11 92.39
CA GLU PA 72 -3.87 37.05 92.67
C GLU PA 72 -2.63 36.38 93.21
N LEU PA 73 -2.75 35.18 93.78
CA LEU PA 73 -1.63 34.47 94.35
C LEU PA 73 -0.80 33.73 93.31
N ILE PA 74 -1.29 33.62 92.08
CA ILE PA 74 -0.57 32.89 91.03
C ILE PA 74 0.54 33.80 90.49
N LYS PA 75 1.78 33.33 90.58
CA LYS PA 75 2.94 34.06 90.09
C LYS PA 75 3.49 33.36 88.84
N GLY PA 76 3.69 34.14 87.79
CA GLY PA 76 4.20 33.61 86.55
C GLY PA 76 4.02 34.57 85.39
N PRO PA 77 3.83 34.02 84.18
CA PRO PA 77 3.62 34.87 83.01
C PRO PA 77 2.31 35.64 83.11
N ILE PA 78 2.28 36.77 82.41
CA ILE PA 78 1.12 37.67 82.49
C ILE PA 78 -0.12 36.99 81.92
N TRP PA 79 0.04 36.22 80.84
CA TRP PA 79 -1.09 35.62 80.14
C TRP PA 79 -1.56 34.32 80.79
N LEU PA 80 -0.91 33.87 81.86
CA LEU PA 80 -1.34 32.65 82.54
C LEU PA 80 -1.72 32.89 84.01
N ARG PA 81 -1.97 34.14 84.40
CA ARG PA 81 -2.37 34.44 85.76
C ARG PA 81 -3.83 34.07 85.94
N GLY PA 82 -4.07 32.84 86.37
CA GLY PA 82 -5.42 32.36 86.59
C GLY PA 82 -6.17 32.03 85.32
N TRP PA 83 -5.56 31.24 84.46
CA TRP PA 83 -6.20 30.83 83.21
C TRP PA 83 -5.60 29.50 82.76
N LYS PA 84 -6.46 28.67 82.17
CA LYS PA 84 -6.07 27.34 81.72
C LYS PA 84 -6.59 27.11 80.31
N GLY PA 85 -5.83 26.38 79.51
CA GLY PA 85 -6.25 26.05 78.16
C GLY PA 85 -5.25 25.14 77.50
N ASN PA 86 -5.61 24.69 76.30
CA ASN PA 86 -4.74 23.83 75.51
C ASN PA 86 -3.62 24.67 74.89
N GLU PA 87 -2.76 24.03 74.10
CA GLU PA 87 -1.62 24.73 73.53
C GLU PA 87 -2.06 25.82 72.56
N LEU PA 88 -3.05 25.52 71.71
CA LEU PA 88 -3.51 26.52 70.75
C LEU PA 88 -4.12 27.72 71.46
N GLN PA 89 -4.94 27.48 72.48
CA GLN PA 89 -5.53 28.59 73.23
C GLN PA 89 -4.46 29.39 73.96
N ARG PA 90 -3.46 28.72 74.52
CA ARG PA 90 -2.37 29.43 75.18
C ARG PA 90 -1.61 30.31 74.20
N CYS PA 91 -1.33 29.79 73.00
CA CYS PA 91 -0.62 30.58 72.00
C CYS PA 91 -1.46 31.78 71.55
N ILE PA 92 -2.76 31.57 71.35
CA ILE PA 92 -3.63 32.67 70.95
C ILE PA 92 -3.67 33.75 72.02
N ARG PA 93 -3.80 33.33 73.28
CA ARG PA 93 -3.84 34.29 74.39
C ARG PA 93 -2.52 35.06 74.50
N LYS PA 94 -1.40 34.35 74.36
CA LYS PA 94 -0.09 35.02 74.43
C LYS PA 94 0.07 36.02 73.30
N LYS PA 95 -0.32 35.66 72.08
CA LYS PA 95 -0.21 36.60 70.97
C LYS PA 95 -1.11 37.81 71.17
N ARG PA 96 -2.34 37.60 71.67
CA ARG PA 96 -3.24 38.73 71.87
C ARG PA 96 -2.72 39.65 72.97
N MET PA 97 -2.19 39.09 74.06
CA MET PA 97 -1.81 39.92 75.20
C MET PA 97 -0.43 40.54 75.02
N VAL PA 98 0.60 39.72 74.90
CA VAL PA 98 1.97 40.21 74.88
C VAL PA 98 2.62 40.01 73.51
N GLY PA 99 1.82 39.78 72.47
CA GLY PA 99 2.39 39.56 71.15
C GLY PA 99 3.06 40.78 70.57
N ASN PA 100 2.64 41.97 70.98
CA ASN PA 100 3.23 43.21 70.49
C ASN PA 100 4.56 43.54 71.16
N ARG PA 101 4.92 42.82 72.22
CA ARG PA 101 6.18 43.04 72.91
C ARG PA 101 7.22 41.97 72.64
N MET PA 102 6.87 40.91 71.90
CA MET PA 102 7.80 39.83 71.66
C MET PA 102 8.84 40.22 70.60
N PHE PA 103 9.89 39.42 70.52
CA PHE PA 103 10.92 39.64 69.51
C PHE PA 103 10.42 39.18 68.14
N ILE PA 104 11.17 39.53 67.10
CA ILE PA 104 10.74 39.21 65.74
C ILE PA 104 10.72 37.69 65.54
N ASP PA 105 11.81 37.02 65.90
CA ASP PA 105 11.88 35.58 65.72
C ASP PA 105 10.86 34.86 66.58
N ASP PA 106 10.68 35.31 67.83
CA ASP PA 106 9.70 34.69 68.71
C ASP PA 106 8.29 34.86 68.16
N LEU PA 107 7.96 36.05 67.65
CA LEU PA 107 6.64 36.27 67.08
C LEU PA 107 6.43 35.42 65.84
N HIS PA 108 7.45 35.30 64.99
CA HIS PA 108 7.32 34.45 63.81
C HIS PA 108 7.09 32.99 64.20
N ASN PA 109 7.86 32.50 65.18
CA ASN PA 109 7.67 31.13 65.65
C ASN PA 109 6.29 30.93 66.25
N LEU PA 110 5.81 31.93 67.00
CA LEU PA 110 4.48 31.83 67.58
C LEU PA 110 3.40 31.78 66.51
N ASN PA 111 3.52 32.61 65.47
CA ASN PA 111 2.55 32.59 64.38
C ASN PA 111 2.56 31.24 63.66
N LYS PA 112 3.76 30.71 63.38
CA LYS PA 112 3.84 29.41 62.73
C LYS PA 112 3.24 28.32 63.59
N ARG PA 113 3.50 28.37 64.90
CA ARG PA 113 2.93 27.38 65.81
C ARG PA 113 1.41 27.48 65.86
N ILE PA 114 0.89 28.71 65.85
CA ILE PA 114 -0.57 28.90 65.85
C ILE PA 114 -1.17 28.29 64.59
N SER PA 115 -0.57 28.57 63.43
CA SER PA 115 -1.07 28.02 62.19
C SER PA 115 -1.03 26.49 62.19
N TYR PA 116 0.09 25.93 62.64
CA TYR PA 116 0.22 24.47 62.66
C TYR PA 116 -0.79 23.83 63.61
N LEU PA 117 -0.97 24.41 64.79
CA LEU PA 117 -1.91 23.86 65.75
C LEU PA 117 -3.34 23.97 65.23
N TYR PA 118 -3.69 25.09 64.61
CA TYR PA 118 -5.02 25.23 64.03
C TYR PA 118 -5.27 24.15 62.98
N LYS PA 119 -4.31 23.98 62.06
CA LYS PA 119 -4.49 22.98 61.02
C LYS PA 119 -4.59 21.58 61.59
N HIS PA 120 -3.74 21.26 62.57
CA HIS PA 120 -3.76 19.92 63.16
C HIS PA 120 -5.07 19.66 63.90
N PHE PA 121 -5.58 20.65 64.62
CA PHE PA 121 -6.78 20.43 65.42
C PHE PA 121 -8.05 20.44 64.57
N ASN PA 122 -8.08 21.19 63.46
CA ASN PA 122 -9.29 21.30 62.69
C ASN PA 122 -9.35 20.35 61.49
N ARG PA 123 -8.20 19.94 60.95
CA ARG PA 123 -8.19 19.11 59.75
C ARG PA 123 -7.62 17.71 59.99
N HIS PA 124 -7.04 17.44 61.16
CA HIS PA 124 -6.45 16.15 61.45
C HIS PA 124 -7.09 15.55 62.69
N GLY PA 125 -7.05 14.22 62.77
CA GLY PA 125 -7.60 13.50 63.90
C GLY PA 125 -8.32 12.22 63.51
N LYS PA 126 -8.74 11.45 64.51
CA LYS PA 126 -9.46 10.20 64.28
C LYS PA 126 -10.95 10.32 64.58
N TYR PA 127 -11.30 10.79 65.77
CA TYR PA 127 -12.71 10.91 66.13
C TYR PA 127 -13.43 11.97 65.32
N ARG PA 128 -12.70 12.96 64.80
CA ARG PA 128 -13.27 14.03 63.98
C ARG PA 128 -14.37 14.78 64.71
N ALA QA 23 -5.97 -49.96 75.54
CA ALA QA 23 -7.28 -49.82 74.94
C ALA QA 23 -8.29 -50.77 75.58
N GLY QA 24 -8.92 -51.60 74.76
CA GLY QA 24 -9.91 -52.54 75.25
C GLY QA 24 -11.15 -51.88 75.81
N SER QA 25 -11.77 -51.01 75.01
CA SER QA 25 -12.96 -50.29 75.43
C SER QA 25 -14.24 -51.08 75.19
N GLN QA 26 -14.32 -51.81 74.08
CA GLN QA 26 -15.52 -52.57 73.76
C GLN QA 26 -15.75 -53.68 74.78
N TRP QA 27 -14.69 -54.35 75.21
CA TRP QA 27 -14.85 -55.41 76.20
C TRP QA 27 -15.37 -54.86 77.52
N ARG QA 28 -14.83 -53.71 77.96
CA ARG QA 28 -15.32 -53.10 79.19
C ARG QA 28 -16.77 -52.66 79.05
N LEU QA 29 -17.13 -52.12 77.88
CA LEU QA 29 -18.52 -51.73 77.66
C LEU QA 29 -19.45 -52.93 77.71
N GLN QA 30 -19.05 -54.06 77.11
CA GLN QA 30 -19.86 -55.26 77.17
C GLN QA 30 -19.98 -55.78 78.60
N GLN QA 31 -18.89 -55.75 79.36
CA GLN QA 31 -18.94 -56.22 80.74
C GLN QA 31 -19.66 -55.24 81.66
N GLY QA 32 -19.91 -54.02 81.20
CA GLY QA 32 -20.64 -53.02 81.97
C GLY QA 32 -19.77 -51.95 82.61
N PHE QA 33 -18.45 -52.11 82.59
CA PHE QA 33 -17.57 -51.10 83.14
C PHE QA 33 -17.48 -49.91 82.18
N ALA QA 34 -16.89 -48.82 82.67
CA ALA QA 34 -16.72 -47.64 81.85
C ALA QA 34 -15.70 -47.90 80.74
N ALA QA 35 -15.84 -47.15 79.65
CA ALA QA 35 -14.88 -47.25 78.56
C ALA QA 35 -13.48 -46.88 79.01
N ASN QA 36 -13.37 -45.95 79.95
CA ASN QA 36 -12.10 -45.57 80.55
C ASN QA 36 -12.04 -46.11 81.97
N PRO QA 37 -10.94 -46.76 82.36
CA PRO QA 37 -10.86 -47.29 83.73
C PRO QA 37 -11.01 -46.24 84.82
N SER QA 38 -10.89 -44.95 84.50
CA SER QA 38 -11.10 -43.90 85.46
C SER QA 38 -12.57 -43.60 85.72
N GLY QA 39 -13.47 -44.23 84.97
CA GLY QA 39 -14.89 -43.95 85.11
C GLY QA 39 -15.60 -44.77 86.18
N TYR QA 40 -15.91 -44.12 87.30
CA TYR QA 40 -16.70 -44.68 88.41
C TYR QA 40 -16.18 -46.03 88.90
N GLY QA 41 -14.93 -46.37 88.58
CA GLY QA 41 -14.35 -47.60 89.05
C GLY QA 41 -13.80 -47.45 90.45
N PRO QA 42 -13.52 -48.60 91.09
CA PRO QA 42 -12.89 -48.57 92.41
C PRO QA 42 -11.51 -47.95 92.42
N LEU QA 43 -10.83 -47.91 91.28
CA LEU QA 43 -9.52 -47.26 91.20
C LEU QA 43 -9.59 -45.77 91.43
N THR QA 44 -10.79 -45.18 91.37
CA THR QA 44 -10.96 -43.75 91.55
C THR QA 44 -11.96 -43.38 92.63
N GLU QA 45 -13.03 -44.15 92.80
CA GLU QA 45 -14.04 -43.83 93.81
C GLU QA 45 -13.52 -44.01 95.22
N LEU QA 46 -12.70 -45.03 95.47
CA LEU QA 46 -12.18 -45.29 96.79
C LEU QA 46 -11.17 -44.22 97.19
N PRO QA 47 -10.99 -44.00 98.49
CA PRO QA 47 -9.93 -43.09 98.94
C PRO QA 47 -8.56 -43.70 98.70
N ASP QA 48 -7.68 -42.94 98.04
CA ASP QA 48 -6.38 -43.46 97.65
C ASP QA 48 -5.37 -43.51 98.80
N TRP QA 49 -5.67 -42.86 99.93
CA TRP QA 49 -4.72 -42.86 101.04
C TRP QA 49 -5.49 -42.57 102.33
N SER QA 50 -4.83 -42.90 103.44
CA SER QA 50 -5.39 -42.66 104.77
C SER QA 50 -4.26 -42.59 105.77
N TYR QA 51 -4.55 -42.04 106.95
CA TYR QA 51 -3.55 -41.95 108.00
C TYR QA 51 -3.17 -43.33 108.52
N ALA QA 52 -1.93 -43.43 108.99
CA ALA QA 52 -1.44 -44.69 109.52
C ALA QA 52 -2.20 -45.14 110.77
N ASP QA 53 -2.80 -44.19 111.50
CA ASP QA 53 -3.59 -44.54 112.68
C ASP QA 53 -4.92 -45.18 112.31
N GLY QA 54 -5.34 -45.08 111.05
CA GLY QA 54 -6.60 -45.63 110.59
C GLY QA 54 -7.72 -44.62 110.45
N ARG QA 55 -7.56 -43.42 110.99
CA ARG QA 55 -8.58 -42.39 110.85
C ARG QA 55 -8.71 -41.97 109.39
N PRO QA 56 -9.93 -41.66 108.94
CA PRO QA 56 -10.14 -41.36 107.52
C PRO QA 56 -9.41 -40.09 107.09
N ALA QA 57 -8.99 -40.08 105.83
CA ALA QA 57 -8.36 -38.95 105.18
C ALA QA 57 -9.39 -37.95 104.69
N PRO QA 58 -9.02 -36.69 104.52
CA PRO QA 58 -9.95 -35.70 103.96
C PRO QA 58 -10.39 -36.11 102.56
N PRO QA 59 -11.65 -35.83 102.20
CA PRO QA 59 -12.14 -36.25 100.89
C PRO QA 59 -11.49 -35.46 99.75
N MET QA 60 -11.51 -36.07 98.58
CA MET QA 60 -10.88 -35.50 97.40
C MET QA 60 -11.81 -34.54 96.69
N LYS QA 61 -11.21 -33.49 96.11
CA LYS QA 61 -11.99 -32.47 95.41
C LYS QA 61 -12.68 -33.06 94.18
N GLY QA 62 -11.98 -33.90 93.44
CA GLY QA 62 -12.59 -34.55 92.29
C GLY QA 62 -13.75 -35.45 92.69
N GLN QA 63 -13.60 -36.19 93.79
CA GLN QA 63 -14.69 -37.01 94.29
C GLN QA 63 -15.88 -36.17 94.70
N LEU QA 64 -15.62 -35.03 95.36
CA LEU QA 64 -16.73 -34.14 95.74
C LEU QA 64 -17.45 -33.60 94.53
N ARG QA 65 -16.71 -33.18 93.50
CA ARG QA 65 -17.34 -32.67 92.28
C ARG QA 65 -18.14 -33.76 91.60
N ARG QA 66 -17.61 -34.98 91.55
CA ARG QA 66 -18.33 -36.09 90.94
C ARG QA 66 -19.62 -36.40 91.69
N LYS QA 67 -19.56 -36.40 93.02
CA LYS QA 67 -20.77 -36.63 93.82
C LYS QA 67 -21.79 -35.53 93.56
N ALA QA 68 -21.34 -34.27 93.50
CA ALA QA 68 -22.27 -33.17 93.28
C ALA QA 68 -22.95 -33.29 91.92
N GLN QA 69 -22.18 -33.62 90.87
CA GLN QA 69 -22.78 -33.72 89.54
C GLN QA 69 -23.68 -34.94 89.43
N ARG QA 70 -23.34 -36.05 90.10
CA ARG QA 70 -24.24 -37.20 90.11
C ARG QA 70 -25.54 -36.87 90.82
N GLU QA 71 -25.47 -36.14 91.94
CA GLU QA 71 -26.68 -35.73 92.63
C GLU QA 71 -27.53 -34.81 91.76
N LYS QA 72 -26.89 -33.89 91.05
CA LYS QA 72 -27.63 -33.01 90.15
C LYS QA 72 -28.31 -33.81 89.04
N PHE QA 73 -27.60 -34.79 88.48
CA PHE QA 73 -28.18 -35.64 87.44
C PHE QA 73 -29.39 -36.42 87.97
N ALA QA 74 -29.27 -36.98 89.18
CA ALA QA 74 -30.38 -37.71 89.76
C ALA QA 74 -31.58 -36.80 90.01
N ARG QA 75 -31.33 -35.58 90.51
CA ARG QA 75 -32.41 -34.63 90.73
C ARG QA 75 -33.10 -34.29 89.42
N ARG QA 76 -32.32 -34.07 88.35
CA ARG QA 76 -32.91 -33.77 87.06
C ARG QA 76 -33.75 -34.94 86.55
N VAL QA 77 -33.26 -36.17 86.71
CA VAL QA 77 -34.01 -37.33 86.26
C VAL QA 77 -35.34 -37.45 87.01
N VAL QA 78 -35.29 -37.26 88.33
CA VAL QA 78 -36.51 -37.34 89.14
C VAL QA 78 -37.50 -36.25 88.73
N LEU QA 79 -36.99 -35.04 88.51
CA LEU QA 79 -37.88 -33.95 88.11
C LEU QA 79 -38.52 -34.22 86.75
N LEU QA 80 -37.75 -34.74 85.80
CA LEU QA 80 -38.31 -35.05 84.48
C LEU QA 80 -39.38 -36.14 84.58
N SER QA 81 -39.11 -37.19 85.37
CA SER QA 81 -40.10 -38.25 85.52
C SER QA 81 -41.38 -37.73 86.17
N GLN QA 82 -41.23 -36.90 87.21
CA GLN QA 82 -42.41 -36.34 87.87
C GLN QA 82 -43.21 -35.45 86.92
N GLU QA 83 -42.52 -34.64 86.12
CA GLU QA 83 -43.21 -33.79 85.15
C GLU QA 83 -43.94 -34.62 84.10
N MET QA 84 -43.31 -35.71 83.64
CA MET QA 84 -43.97 -36.58 82.66
C MET QA 84 -45.24 -37.19 83.25
N ASP QA 85 -45.14 -37.71 84.48
CA ASP QA 85 -46.31 -38.32 85.11
C ASP QA 85 -47.40 -37.28 85.35
N ALA QA 86 -47.02 -36.08 85.79
CA ALA QA 86 -48.01 -35.03 86.02
C ALA QA 86 -48.70 -34.63 84.72
N GLY QA 87 -47.95 -34.53 83.63
CA GLY QA 87 -48.56 -34.20 82.35
C GLY QA 87 -49.52 -35.27 81.87
N LEU QA 88 -49.13 -36.54 82.02
CA LEU QA 88 -50.04 -37.61 81.61
C LEU QA 88 -51.31 -37.61 82.44
N GLN QA 89 -51.18 -37.44 83.76
CA GLN QA 89 -52.35 -37.39 84.62
C GLN QA 89 -53.23 -36.17 84.30
N ALA QA 90 -52.61 -35.03 84.00
CA ALA QA 90 -53.39 -33.86 83.62
C ALA QA 90 -54.16 -34.08 82.33
N TRP QA 91 -53.53 -34.72 81.35
CA TRP QA 91 -54.24 -35.02 80.10
C TRP QA 91 -55.41 -35.96 80.35
N GLN QA 92 -55.20 -36.99 81.17
CA GLN QA 92 -56.29 -37.91 81.48
C GLN QA 92 -57.43 -37.19 82.21
N LEU QA 93 -57.08 -36.31 83.15
CA LEU QA 93 -58.10 -35.54 83.86
C LEU QA 93 -58.85 -34.61 82.92
N ARG QA 94 -58.15 -34.00 81.97
CA ARG QA 94 -58.82 -33.15 80.98
C ARG QA 94 -59.79 -33.96 80.13
N GLN QA 95 -59.39 -35.16 79.71
CA GLN QA 95 -60.30 -36.01 78.95
C GLN QA 95 -61.53 -36.39 79.77
N GLN QA 96 -61.32 -36.73 81.05
CA GLN QA 96 -62.44 -37.05 81.93
C GLN QA 96 -63.37 -35.85 82.10
N GLU QA 97 -62.79 -34.65 82.25
CA GLU QA 97 -63.59 -33.45 82.40
C GLU QA 97 -64.41 -33.18 81.14
N LYS QA 98 -63.80 -33.38 79.96
CA LYS QA 98 -64.53 -33.19 78.71
C LYS QA 98 -65.69 -34.18 78.60
N LEU QA 99 -65.45 -35.44 78.97
CA LEU QA 99 -66.52 -36.43 78.94
C LEU QA 99 -67.64 -36.07 79.91
N GLN QA 100 -67.28 -35.59 81.10
CA GLN QA 100 -68.29 -35.18 82.08
C GLN QA 100 -69.08 -33.99 81.59
N GLU QA 101 -68.42 -33.03 80.92
CA GLU QA 101 -69.14 -31.91 80.34
C GLU QA 101 -70.09 -32.36 79.24
N GLU QA 102 -69.66 -33.33 78.42
CA GLU QA 102 -70.54 -33.87 77.40
C GLU QA 102 -71.77 -34.53 78.02
N GLU QA 103 -71.57 -35.28 79.11
CA GLU QA 103 -72.71 -35.88 79.80
C GLU QA 103 -73.62 -34.83 80.40
N GLY QA 104 -73.05 -33.80 81.02
CA GLY QA 104 -73.85 -32.75 81.63
C GLY QA 104 -74.64 -31.93 80.62
N LYS QA 105 -74.11 -31.76 79.41
CA LYS QA 105 -74.85 -31.06 78.38
C LYS QA 105 -76.15 -31.78 78.05
N GLN QA 106 -76.11 -33.11 77.94
CA GLN QA 106 -77.32 -33.87 77.73
C GLN QA 106 -78.20 -33.90 78.97
N LYS QA 107 -77.59 -33.90 80.15
CA LYS QA 107 -78.35 -33.88 81.39
C LYS QA 107 -79.18 -32.61 81.54
N ASN QA 108 -78.62 -31.45 81.18
CA ASN QA 108 -79.31 -30.17 81.32
C ASN QA 108 -80.29 -29.91 80.19
N ALA QA 109 -80.36 -30.78 79.19
CA ALA QA 109 -81.26 -30.57 78.06
C ALA QA 109 -82.71 -30.76 78.48
N LEU QA 110 -83.61 -30.25 77.64
CA LEU QA 110 -85.05 -30.34 77.90
C LEU QA 110 -85.64 -31.57 77.20
N LYS QA 111 -86.94 -31.74 77.37
CA LYS QA 111 -87.65 -32.87 76.78
C LYS QA 111 -88.22 -32.51 75.42
N SER QA 112 -88.09 -33.43 74.46
CA SER QA 112 -88.65 -33.23 73.14
C SER QA 112 -90.15 -33.46 73.16
N LYS QA 113 -90.91 -32.51 72.62
CA LYS QA 113 -92.36 -32.58 72.65
C LYS QA 113 -93.02 -32.41 71.29
N GLY QA 114 -92.48 -31.57 70.42
CA GLY QA 114 -93.13 -31.22 69.17
C GLY QA 114 -93.46 -32.38 68.27
N ALA QA 115 -92.49 -33.25 68.03
CA ALA QA 115 -92.71 -34.41 67.18
C ALA QA 115 -93.17 -35.65 67.97
N LEU QA 116 -93.19 -35.58 69.29
CA LEU QA 116 -93.53 -36.73 70.11
C LEU QA 116 -94.95 -36.69 70.67
N LEU QA 117 -95.58 -35.51 70.72
CA LEU QA 117 -96.96 -35.44 71.21
C LEU QA 117 -97.91 -36.20 70.31
N GLN QA 118 -97.74 -36.09 68.99
CA GLN QA 118 -98.65 -36.75 68.06
C GLN QA 118 -98.36 -38.24 67.89
N ASN QA 119 -97.19 -38.71 68.33
CA ASN QA 119 -96.88 -40.14 68.23
C ASN QA 119 -97.49 -40.91 69.39
N ALA RA 2 -8.37 -87.04 6.93
CA ALA RA 2 -8.30 -87.28 5.50
C ALA RA 2 -7.53 -86.16 4.81
N ALA RA 3 -7.71 -84.94 5.29
CA ALA RA 3 -7.02 -83.79 4.69
C ALA RA 3 -5.51 -83.91 4.87
N ALA RA 4 -5.07 -84.36 6.04
CA ALA RA 4 -3.63 -84.51 6.30
C ALA RA 4 -3.00 -85.53 5.37
N LEU RA 5 -3.68 -86.67 5.15
CA LEU RA 5 -3.18 -87.65 4.20
C LEU RA 5 -3.23 -87.13 2.76
N ALA RA 6 -4.27 -86.38 2.41
CA ALA RA 6 -4.37 -85.85 1.05
C ALA RA 6 -3.27 -84.84 0.76
N ARG RA 7 -2.91 -84.00 1.74
CA ARG RA 7 -1.91 -82.98 1.50
C ARG RA 7 -0.48 -83.49 1.65
N LEU RA 8 -0.29 -84.75 2.00
CA LEU RA 8 1.04 -85.28 2.27
C LEU RA 8 1.65 -86.00 1.08
N GLY RA 9 0.95 -86.07 -0.05
CA GLY RA 9 1.50 -86.73 -1.22
C GLY RA 9 1.64 -88.23 -1.04
N LEU RA 10 0.54 -88.96 -1.15
CA LEU RA 10 0.52 -90.40 -0.95
C LEU RA 10 0.88 -91.19 -2.22
N ARG RA 11 1.54 -90.56 -3.20
CA ARG RA 11 1.91 -91.25 -4.43
C ARG RA 11 2.88 -92.40 -4.20
N ALA RA 12 3.58 -92.42 -3.07
CA ALA RA 12 4.66 -93.39 -2.83
C ALA RA 12 4.21 -94.57 -1.97
N VAL RA 13 2.97 -95.03 -2.12
CA VAL RA 13 2.48 -96.19 -1.38
C VAL RA 13 1.96 -97.23 -2.37
N LYS RA 14 2.21 -98.49 -2.06
CA LYS RA 14 1.82 -99.60 -2.93
C LYS RA 14 0.54 -100.28 -2.44
N GLN RA 15 0.53 -100.79 -1.21
CA GLN RA 15 -0.60 -101.56 -0.71
C GLN RA 15 -0.89 -101.18 0.73
N VAL RA 16 -2.17 -101.01 1.05
CA VAL RA 16 -2.62 -100.77 2.42
C VAL RA 16 -3.76 -101.74 2.69
N ARG RA 17 -3.58 -102.61 3.68
CA ARG RA 17 -4.60 -103.60 4.03
C ARG RA 17 -4.93 -103.48 5.52
N VAL RA 18 -6.22 -103.43 5.81
CA VAL RA 18 -6.72 -103.33 7.18
C VAL RA 18 -7.49 -104.61 7.48
N GLN RA 19 -6.96 -105.43 8.38
CA GLN RA 19 -7.57 -106.70 8.73
C GLN RA 19 -8.18 -106.58 10.12
N PHE RA 20 -9.49 -106.78 10.22
CA PHE RA 20 -10.17 -106.56 11.49
C PHE RA 20 -11.42 -107.43 11.57
N CYS RA 21 -11.97 -107.51 12.78
CA CYS RA 21 -13.23 -108.19 13.04
C CYS RA 21 -14.25 -107.20 13.57
N PRO RA 22 -15.26 -106.84 12.78
CA PRO RA 22 -16.20 -105.78 13.21
C PRO RA 22 -16.99 -106.12 14.47
N PHE RA 23 -17.13 -107.39 14.83
CA PHE RA 23 -17.95 -107.79 15.95
C PHE RA 23 -17.22 -107.72 17.29
N GLU RA 24 -16.09 -107.02 17.35
CA GLU RA 24 -15.35 -106.86 18.59
C GLU RA 24 -15.66 -105.50 19.21
N LYS RA 25 -15.08 -105.25 20.39
CA LYS RA 25 -15.34 -104.04 21.15
C LYS RA 25 -14.26 -102.98 20.99
N ASN RA 26 -13.21 -103.25 20.23
CA ASN RA 26 -12.09 -102.32 20.08
C ASN RA 26 -11.74 -102.09 18.62
N VAL RA 27 -12.75 -101.96 17.76
CA VAL RA 27 -12.55 -101.76 16.33
C VAL RA 27 -13.01 -100.38 15.87
N GLU RA 28 -13.42 -99.52 16.80
CA GLU RA 28 -13.85 -98.18 16.42
C GLU RA 28 -12.70 -97.40 15.79
N SER RA 29 -11.53 -97.40 16.45
CA SER RA 29 -10.37 -96.72 15.90
C SER RA 29 -9.91 -97.35 14.60
N THR RA 30 -9.96 -98.68 14.50
CA THR RA 30 -9.55 -99.35 13.27
C THR RA 30 -10.45 -98.96 12.10
N ARG RA 31 -11.77 -98.94 12.32
CA ARG RA 31 -12.68 -98.54 11.26
C ARG RA 31 -12.56 -97.06 10.93
N THR RA 32 -12.29 -96.22 11.93
CA THR RA 32 -12.04 -94.81 11.65
C THR RA 32 -10.81 -94.63 10.77
N PHE RA 33 -9.73 -95.36 11.08
CA PHE RA 33 -8.53 -95.32 10.25
C PHE RA 33 -8.81 -95.81 8.85
N LEU RA 34 -9.58 -96.90 8.71
CA LEU RA 34 -9.92 -97.42 7.40
C LEU RA 34 -10.71 -96.39 6.58
N GLN RA 35 -11.69 -95.76 7.21
CA GLN RA 35 -12.49 -94.75 6.51
C GLN RA 35 -11.64 -93.54 6.14
N ALA RA 36 -10.72 -93.13 7.01
CA ALA RA 36 -9.85 -92.00 6.70
C ALA RA 36 -8.93 -92.31 5.53
N VAL RA 37 -8.39 -93.54 5.47
CA VAL RA 37 -7.47 -93.86 4.40
C VAL RA 37 -8.21 -94.24 3.13
N SER RA 38 -9.51 -94.50 3.20
CA SER RA 38 -10.32 -94.81 2.04
C SER RA 38 -11.13 -93.61 1.56
N SER RA 39 -10.75 -92.40 1.97
CA SER RA 39 -11.46 -91.21 1.54
C SER RA 39 -11.19 -90.92 0.06
N GLU RA 40 -12.09 -90.14 -0.54
CA GLU RA 40 -11.99 -89.87 -1.97
C GLU RA 40 -10.74 -89.08 -2.31
N LYS RA 41 -10.35 -88.14 -1.45
CA LYS RA 41 -9.13 -87.37 -1.69
C LYS RA 41 -7.90 -88.27 -1.71
N VAL RA 42 -7.83 -89.23 -0.78
CA VAL RA 42 -6.73 -90.18 -0.77
C VAL RA 42 -6.73 -91.01 -2.04
N ARG RA 43 -7.92 -91.45 -2.49
CA ARG RA 43 -8.02 -92.24 -3.71
C ARG RA 43 -7.53 -91.45 -4.93
N CYS RA 44 -7.93 -90.19 -5.05
CA CYS RA 44 -7.52 -89.37 -6.19
C CYS RA 44 -6.08 -88.89 -6.08
N THR RA 45 -5.48 -88.94 -4.89
CA THR RA 45 -4.07 -88.59 -4.76
C THR RA 45 -3.19 -89.52 -5.60
N ASN RA 46 -3.48 -90.82 -5.55
CA ASN RA 46 -2.75 -91.79 -6.34
C ASN RA 46 -3.64 -92.99 -6.63
N LEU RA 47 -3.62 -93.44 -7.88
CA LEU RA 47 -4.44 -94.58 -8.30
C LEU RA 47 -3.67 -95.89 -8.37
N ASN RA 48 -2.36 -95.86 -8.13
CA ASN RA 48 -1.55 -97.07 -8.19
C ASN RA 48 -1.58 -97.86 -6.89
N CYS RA 49 -2.14 -97.31 -5.82
CA CYS RA 49 -2.21 -97.99 -4.54
C CYS RA 49 -3.42 -98.89 -4.47
N SER RA 50 -3.28 -100.01 -3.76
CA SER RA 50 -4.34 -100.98 -3.58
C SER RA 50 -4.76 -101.00 -2.12
N VAL RA 51 -6.04 -100.75 -1.86
CA VAL RA 51 -6.58 -100.71 -0.51
C VAL RA 51 -7.45 -101.94 -0.32
N ILE RA 52 -7.17 -102.71 0.73
CA ILE RA 52 -7.84 -103.98 0.99
C ILE RA 52 -8.41 -103.94 2.41
N ALA RA 53 -9.65 -104.40 2.55
CA ALA RA 53 -10.33 -104.46 3.84
C ALA RA 53 -10.67 -105.92 4.14
N ASP RA 54 -9.88 -106.55 5.00
CA ASP RA 54 -10.09 -107.93 5.39
C ASP RA 54 -11.02 -107.98 6.60
N VAL RA 55 -12.12 -108.71 6.47
CA VAL RA 55 -13.12 -108.83 7.53
C VAL RA 55 -13.09 -110.27 8.03
N ARG RA 56 -12.85 -110.44 9.33
CA ARG RA 56 -12.84 -111.74 9.97
C ARG RA 56 -13.85 -111.75 11.11
N HIS RA 57 -14.01 -112.91 11.73
CA HIS RA 57 -14.93 -113.07 12.84
C HIS RA 57 -14.26 -113.58 14.11
N ASP RA 58 -13.25 -114.45 13.98
CA ASP RA 58 -12.54 -114.99 15.13
C ASP RA 58 -11.09 -114.52 15.20
N GLY RA 59 -10.68 -113.59 14.34
CA GLY RA 59 -9.32 -113.08 14.42
C GLY RA 59 -9.08 -112.29 15.70
N SER RA 60 -10.03 -111.42 16.06
CA SER RA 60 -10.05 -110.66 17.30
C SER RA 60 -8.82 -109.77 17.49
N GLU RA 61 -8.05 -109.52 16.42
CA GLU RA 61 -6.85 -108.69 16.50
C GLU RA 61 -6.79 -107.77 15.29
N PRO RA 62 -7.37 -106.57 15.38
CA PRO RA 62 -7.26 -105.64 14.25
C PRO RA 62 -5.82 -105.21 14.02
N CYS RA 63 -5.49 -105.02 12.74
CA CYS RA 63 -4.14 -104.65 12.35
C CYS RA 63 -4.17 -103.96 11.00
N VAL RA 64 -3.13 -103.19 10.73
CA VAL RA 64 -2.96 -102.47 9.47
C VAL RA 64 -1.56 -102.75 8.93
N ASP RA 65 -1.48 -103.20 7.68
CA ASP RA 65 -0.20 -103.47 7.03
C ASP RA 65 -0.09 -102.59 5.80
N VAL RA 66 0.99 -101.83 5.71
CA VAL RA 66 1.23 -100.92 4.60
C VAL RA 66 2.58 -101.28 3.99
N LEU RA 67 2.56 -101.74 2.74
CA LEU RA 67 3.76 -102.03 1.98
C LEU RA 67 3.98 -100.89 0.98
N PHE RA 68 5.14 -100.25 1.05
CA PHE RA 68 5.44 -99.17 0.11
C PHE RA 68 6.85 -99.31 -0.45
N GLY RA 69 7.02 -98.70 -1.64
CA GLY RA 69 8.09 -98.89 -2.59
C GLY RA 69 9.49 -98.64 -2.08
N ASP RA 70 9.65 -98.16 -0.86
CA ASP RA 70 10.95 -98.14 -0.22
C ASP RA 70 11.36 -99.52 0.28
N GLY RA 71 10.66 -100.56 -0.18
CA GLY RA 71 10.81 -101.88 0.39
C GLY RA 71 10.42 -101.96 1.83
N HIS RA 72 9.44 -101.17 2.26
CA HIS RA 72 9.13 -101.02 3.67
C HIS RA 72 7.74 -101.56 3.99
N ARG RA 73 7.64 -102.23 5.14
CA ARG RA 73 6.41 -102.82 5.62
C ARG RA 73 6.11 -102.24 7.00
N LEU RA 74 5.17 -101.29 7.06
CA LEU RA 74 4.72 -100.71 8.31
C LEU RA 74 3.53 -101.50 8.82
N ILE RA 75 3.70 -102.19 9.94
CA ILE RA 75 2.66 -103.01 10.55
C ILE RA 75 2.28 -102.38 11.88
N MET RA 76 0.98 -102.06 12.02
CA MET RA 76 0.45 -101.45 13.24
C MET RA 76 -0.63 -102.36 13.79
N ARG RA 77 -0.36 -102.97 14.95
CA ARG RA 77 -1.33 -103.82 15.63
C ARG RA 77 -2.18 -102.95 16.54
N GLY RA 78 -3.12 -102.23 15.92
CA GLY RA 78 -3.92 -101.29 16.67
C GLY RA 78 -5.14 -101.90 17.31
N ALA RA 79 -5.03 -102.24 18.60
CA ALA RA 79 -6.15 -102.73 19.38
C ALA RA 79 -6.61 -101.77 20.45
N HIS RA 80 -5.73 -100.87 20.91
CA HIS RA 80 -6.09 -99.86 21.88
C HIS RA 80 -5.64 -98.46 21.47
N LEU RA 81 -4.91 -98.32 20.38
CA LEU RA 81 -4.42 -97.01 19.96
C LEU RA 81 -5.55 -96.13 19.45
N THR RA 82 -5.42 -94.83 19.68
CA THR RA 82 -6.37 -93.87 19.17
C THR RA 82 -6.24 -93.75 17.65
N ALA RA 83 -7.38 -93.51 16.99
CA ALA RA 83 -7.37 -93.38 15.54
C ALA RA 83 -6.51 -92.20 15.08
N GLN RA 84 -6.61 -91.07 15.79
CA GLN RA 84 -5.79 -89.92 15.45
C GLN RA 84 -4.30 -90.21 15.65
N GLU RA 85 -3.96 -90.91 16.73
CA GLU RA 85 -2.56 -91.28 16.95
C GLU RA 85 -2.05 -92.20 15.85
N MET RA 86 -2.86 -93.18 15.45
CA MET RA 86 -2.47 -94.05 14.35
C MET RA 86 -2.27 -93.26 13.06
N LEU RA 87 -3.19 -92.34 12.77
CA LEU RA 87 -3.08 -91.54 11.56
C LEU RA 87 -1.81 -90.70 11.56
N THR RA 88 -1.52 -90.02 12.68
CA THR RA 88 -0.36 -89.15 12.70
C THR RA 88 0.94 -89.95 12.68
N ALA RA 89 0.98 -91.11 13.35
CA ALA RA 89 2.17 -91.95 13.29
C ALA RA 89 2.41 -92.47 11.88
N PHE RA 90 1.34 -92.92 11.21
CA PHE RA 90 1.46 -93.39 9.84
C PHE RA 90 1.94 -92.27 8.91
N ALA RA 91 1.38 -91.08 9.07
CA ALA RA 91 1.78 -89.96 8.23
C ALA RA 91 3.24 -89.59 8.46
N SER RA 92 3.65 -89.53 9.73
CA SER RA 92 5.05 -89.20 10.04
C SER RA 92 6.01 -90.25 9.51
N HIS RA 93 5.66 -91.53 9.60
CA HIS RA 93 6.55 -92.57 9.09
C HIS RA 93 6.64 -92.52 7.56
N ILE RA 94 5.50 -92.36 6.87
CA ILE RA 94 5.53 -92.36 5.42
C ILE RA 94 6.23 -91.12 4.87
N GLN RA 95 6.06 -89.95 5.50
CA GLN RA 95 6.77 -88.77 5.07
C GLN RA 95 8.26 -88.86 5.34
N ALA RA 96 8.65 -89.43 6.48
CA ALA RA 96 10.06 -89.61 6.79
C ALA RA 96 10.73 -90.59 5.83
N ARG RA 97 10.05 -91.68 5.50
CA ARG RA 97 10.58 -92.69 4.58
C ARG RA 97 9.69 -92.70 3.34
N GLY RA 98 10.04 -91.86 2.37
CA GLY RA 98 9.29 -91.77 1.13
C GLY RA 98 9.54 -90.48 0.37
N PRO SA 59 -33.90 -70.39 -33.45
CA PRO SA 59 -33.60 -71.03 -34.73
C PRO SA 59 -34.77 -71.91 -35.18
N GLU SA 60 -35.61 -72.29 -34.22
CA GLU SA 60 -36.77 -73.13 -34.51
C GLU SA 60 -38.04 -72.28 -34.59
N VAL SA 61 -39.19 -72.94 -34.74
CA VAL SA 61 -40.46 -72.24 -34.84
C VAL SA 61 -41.46 -72.87 -33.88
N CYS SA 62 -42.30 -72.04 -33.28
CA CYS SA 62 -43.31 -72.49 -32.34
C CYS SA 62 -44.63 -72.73 -33.08
N THR SA 63 -45.69 -72.99 -32.33
CA THR SA 63 -47.01 -73.27 -32.89
C THR SA 63 -47.99 -72.19 -32.47
N ASP SA 64 -49.23 -72.31 -32.95
CA ASP SA 64 -50.28 -71.34 -32.68
C ASP SA 64 -51.68 -71.97 -32.80
N PRO SA 65 -51.97 -72.76 -33.86
CA PRO SA 65 -53.32 -73.34 -33.99
C PRO SA 65 -53.56 -74.47 -33.00
N PHE SA 66 -54.67 -75.20 -33.19
CA PHE SA 66 -55.15 -76.26 -32.33
C PHE SA 66 -54.10 -77.30 -31.97
N ARG SA 67 -52.94 -77.31 -32.64
CA ARG SA 67 -51.88 -78.24 -32.32
C ARG SA 67 -51.47 -78.14 -30.86
N LEU SA 68 -51.41 -76.91 -30.32
CA LEU SA 68 -51.01 -76.71 -28.94
C LEU SA 68 -51.95 -77.43 -27.98
N THR SA 69 -53.26 -77.31 -28.19
CA THR SA 69 -54.21 -77.95 -27.29
C THR SA 69 -54.33 -79.45 -27.54
N THR SA 70 -54.10 -79.90 -28.78
CA THR SA 70 -54.31 -81.29 -29.13
C THR SA 70 -53.09 -82.18 -28.87
N HIS SA 71 -51.89 -81.60 -28.78
CA HIS SA 71 -50.69 -82.39 -28.52
C HIS SA 71 -49.56 -81.43 -28.18
N ALA SA 72 -48.37 -82.00 -28.03
CA ALA SA 72 -47.15 -81.24 -27.82
C ALA SA 72 -46.26 -81.39 -29.05
N MET SA 73 -45.86 -80.27 -29.62
CA MET SA 73 -45.13 -80.23 -30.89
C MET SA 73 -43.71 -79.71 -30.73
N GLY SA 74 -43.17 -79.78 -29.52
CA GLY SA 74 -41.79 -79.37 -29.27
C GLY SA 74 -41.02 -80.41 -28.51
N VAL SA 75 -41.70 -81.51 -28.15
CA VAL SA 75 -41.06 -82.56 -27.37
C VAL SA 75 -40.56 -83.67 -28.27
N ASN SA 76 -41.22 -83.90 -29.42
CA ASN SA 76 -40.70 -84.81 -30.42
C ASN SA 76 -39.32 -84.33 -30.85
N ILE SA 77 -38.30 -85.17 -30.68
CA ILE SA 77 -36.92 -84.71 -30.70
C ILE SA 77 -36.16 -85.15 -31.94
N TYR SA 78 -36.54 -86.25 -32.57
CA TYR SA 78 -35.72 -86.80 -33.65
C TYR SA 78 -36.07 -86.16 -35.00
N LYS SA 79 -35.44 -86.69 -36.05
CA LYS SA 79 -35.53 -86.13 -37.39
C LYS SA 79 -36.96 -86.13 -37.92
N GLU SA 80 -37.64 -87.26 -37.79
CA GLU SA 80 -39.02 -87.40 -38.27
C GLU SA 80 -39.96 -86.55 -37.44
N GLY SA 81 -40.88 -85.85 -38.08
CA GLY SA 81 -41.86 -85.07 -37.35
C GLY SA 81 -42.98 -85.95 -36.83
N GLN SA 82 -42.64 -86.89 -35.95
CA GLN SA 82 -43.62 -87.83 -35.39
C GLN SA 82 -44.05 -87.31 -34.02
N ASP SA 83 -44.97 -86.36 -34.04
CA ASP SA 83 -45.51 -85.80 -32.81
C ASP SA 83 -46.34 -86.82 -32.07
N VAL SA 84 -46.19 -86.86 -30.75
CA VAL SA 84 -46.95 -87.79 -29.92
C VAL SA 84 -48.33 -87.19 -29.66
N VAL SA 85 -49.35 -88.04 -29.72
CA VAL SA 85 -50.73 -87.62 -29.52
C VAL SA 85 -51.03 -87.54 -28.03
N LEU SA 86 -52.08 -86.81 -27.68
CA LEU SA 86 -52.54 -86.73 -26.29
C LEU SA 86 -53.46 -87.92 -25.98
N LYS SA 87 -52.88 -88.90 -25.30
CA LYS SA 87 -53.57 -90.12 -24.91
C LYS SA 87 -54.73 -89.76 -23.97
N PRO SA 88 -55.83 -90.52 -24.00
CA PRO SA 88 -57.01 -90.16 -23.18
C PRO SA 88 -56.72 -90.09 -21.69
N ASP SA 89 -57.60 -89.41 -20.96
CA ASP SA 89 -57.38 -89.17 -19.54
C ASP SA 89 -57.32 -90.45 -18.73
N SER SA 90 -57.98 -91.52 -19.18
CA SER SA 90 -57.98 -92.78 -18.45
C SER SA 90 -56.59 -93.43 -18.41
N GLU SA 91 -55.70 -93.09 -19.35
CA GLU SA 91 -54.37 -93.67 -19.37
C GLU SA 91 -53.48 -93.09 -18.27
N TYR SA 92 -53.62 -91.81 -17.95
CA TYR SA 92 -52.76 -91.18 -16.96
C TYR SA 92 -53.18 -91.60 -15.56
N PRO SA 93 -52.24 -92.08 -14.72
CA PRO SA 93 -52.62 -92.53 -13.37
C PRO SA 93 -53.04 -91.38 -12.46
N GLU SA 94 -53.34 -91.72 -11.20
CA GLU SA 94 -53.90 -90.74 -10.27
C GLU SA 94 -52.86 -89.76 -9.75
N TRP SA 95 -51.59 -90.15 -9.71
CA TRP SA 95 -50.55 -89.30 -9.14
C TRP SA 95 -50.30 -88.04 -9.96
N LEU SA 96 -50.81 -87.98 -11.19
CA LEU SA 96 -50.78 -86.74 -11.96
C LEU SA 96 -51.81 -85.73 -11.46
N PHE SA 97 -52.98 -86.21 -11.08
CA PHE SA 97 -54.08 -85.33 -10.69
C PHE SA 97 -54.11 -85.01 -9.20
N GLU SA 98 -53.59 -85.90 -8.35
CA GLU SA 98 -53.68 -85.66 -6.91
C GLU SA 98 -52.76 -84.54 -6.45
N MET SA 99 -51.67 -84.31 -7.17
CA MET SA 99 -50.66 -83.35 -6.72
C MET SA 99 -51.15 -81.92 -6.88
N ASN SA 100 -50.69 -81.05 -5.98
CA ASN SA 100 -50.98 -79.63 -6.05
C ASN SA 100 -50.17 -78.98 -7.17
N VAL SA 101 -50.67 -77.85 -7.66
CA VAL SA 101 -50.06 -77.15 -8.79
C VAL SA 101 -49.66 -75.72 -8.41
N GLY SA 102 -50.60 -74.92 -7.92
CA GLY SA 102 -50.38 -73.51 -7.74
C GLY SA 102 -49.85 -73.08 -6.39
N PRO SA 103 -50.60 -73.33 -5.32
CA PRO SA 103 -50.18 -72.86 -4.00
C PRO SA 103 -49.21 -73.83 -3.35
N PRO SA 104 -47.98 -73.41 -3.09
CA PRO SA 104 -47.03 -74.27 -2.37
C PRO SA 104 -47.48 -74.48 -0.93
N LYS SA 105 -47.12 -75.65 -0.40
CA LYS SA 105 -47.49 -75.98 0.97
C LYS SA 105 -46.69 -75.13 1.95
N LYS SA 106 -47.36 -74.67 3.01
CA LYS SA 106 -46.72 -73.84 4.02
C LYS SA 106 -46.37 -74.68 5.24
N LEU SA 107 -45.71 -74.04 6.21
CA LEU SA 107 -45.27 -74.74 7.41
C LEU SA 107 -46.45 -75.24 8.24
N GLU SA 108 -47.46 -74.39 8.42
CA GLU SA 108 -48.62 -74.77 9.24
C GLU SA 108 -49.58 -75.70 8.50
N GLU SA 109 -49.51 -75.75 7.17
CA GLU SA 109 -50.41 -76.63 6.42
C GLU SA 109 -49.97 -78.08 6.50
N LEU SA 110 -48.66 -78.32 6.58
CA LEU SA 110 -48.15 -79.68 6.55
C LEU SA 110 -48.31 -80.36 7.91
N ASP SA 111 -48.42 -81.68 7.87
CA ASP SA 111 -48.50 -82.49 9.08
C ASP SA 111 -47.12 -82.63 9.70
N PRO SA 112 -46.95 -82.32 10.99
CA PRO SA 112 -45.62 -82.43 11.62
C PRO SA 112 -45.05 -83.84 11.60
N GLU SA 113 -45.89 -84.87 11.44
CA GLU SA 113 -45.42 -86.24 11.35
C GLU SA 113 -45.10 -86.66 9.92
N THR SA 114 -44.80 -85.70 9.06
CA THR SA 114 -44.52 -85.96 7.65
C THR SA 114 -43.12 -85.45 7.29
N ARG SA 115 -42.46 -86.19 6.40
CA ARG SA 115 -41.09 -85.84 6.01
C ARG SA 115 -41.04 -84.52 5.23
N GLU SA 116 -42.09 -84.19 4.48
CA GLU SA 116 -42.12 -82.92 3.76
C GLU SA 116 -42.11 -81.74 4.72
N TYR SA 117 -42.80 -81.87 5.85
CA TYR SA 117 -42.78 -80.81 6.85
C TYR SA 117 -41.37 -80.56 7.37
N TRP SA 118 -40.63 -81.64 7.66
CA TRP SA 118 -39.26 -81.47 8.15
C TRP SA 118 -38.34 -80.96 7.06
N ARG SA 119 -38.57 -81.33 5.80
CA ARG SA 119 -37.78 -80.76 4.71
C ARG SA 119 -38.02 -79.26 4.59
N LEU SA 120 -39.28 -78.83 4.70
CA LEU SA 120 -39.58 -77.41 4.65
C LEU SA 120 -38.98 -76.68 5.85
N LEU SA 121 -39.01 -77.32 7.02
CA LEU SA 121 -38.40 -76.71 8.20
C LEU SA 121 -36.90 -76.57 8.04
N ARG SA 122 -36.25 -77.56 7.42
CA ARG SA 122 -34.82 -77.46 7.13
C ARG SA 122 -34.54 -76.31 6.16
N LYS SA 123 -35.38 -76.17 5.13
CA LYS SA 123 -35.19 -75.08 4.19
C LYS SA 123 -35.35 -73.73 4.87
N HIS SA 124 -36.34 -73.61 5.75
CA HIS SA 124 -36.53 -72.37 6.50
C HIS SA 124 -35.36 -72.11 7.44
N ASN SA 125 -34.81 -73.15 8.06
CA ASN SA 125 -33.64 -72.97 8.91
C ASN SA 125 -32.44 -72.50 8.09
N ILE SA 126 -32.28 -73.03 6.89
CA ILE SA 126 -31.20 -72.58 6.01
C ILE SA 126 -31.40 -71.11 5.63
N TRP SA 127 -32.65 -70.73 5.34
CA TRP SA 127 -32.93 -69.32 5.05
C TRP SA 127 -32.59 -68.43 6.24
N ARG SA 128 -32.96 -68.86 7.45
CA ARG SA 128 -32.64 -68.09 8.65
C ARG SA 128 -31.14 -67.98 8.85
N HIS SA 129 -30.40 -69.07 8.64
CA HIS SA 129 -28.95 -69.04 8.78
C HIS SA 129 -28.32 -68.11 7.76
N ASN SA 130 -28.81 -68.14 6.52
CA ASN SA 130 -28.30 -67.24 5.49
C ASN SA 130 -28.57 -65.78 5.85
N ARG SA 131 -29.77 -65.49 6.37
CA ARG SA 131 -30.07 -64.13 6.79
C ARG SA 131 -29.17 -63.69 7.93
N LEU SA 132 -28.90 -64.58 8.88
CA LEU SA 132 -28.05 -64.23 10.02
C LEU SA 132 -26.60 -64.02 9.58
N SER SA 133 -26.14 -64.81 8.60
CA SER SA 133 -24.75 -64.77 8.17
C SER SA 133 -24.51 -63.76 7.06
N LYS SA 134 -25.38 -62.76 6.90
CA LYS SA 134 -25.15 -61.73 5.89
C LYS SA 134 -24.11 -60.70 6.34
N ASN SA 135 -23.70 -60.74 7.61
CA ASN SA 135 -22.72 -59.80 8.14
C ASN SA 135 -21.32 -60.41 8.22
N ARG SA 136 -20.97 -61.24 7.23
CA ARG SA 136 -19.65 -61.86 7.21
C ARG SA 136 -18.59 -60.80 6.90
N LYS SA 137 -17.65 -60.61 7.82
CA LYS SA 137 -16.55 -59.69 7.62
C LYS SA 137 -15.35 -60.34 6.95
N PHE SA 138 -15.39 -61.64 6.71
CA PHE SA 138 -14.28 -62.34 6.09
C PHE SA 138 -14.35 -62.24 4.56
N ARG TA 9 8.91 -36.84 38.42
CA ARG TA 9 8.43 -37.27 37.12
C ARG TA 9 6.92 -37.10 37.00
N ASN TA 10 6.18 -37.72 37.91
CA ASN TA 10 4.73 -37.63 37.92
C ASN TA 10 4.30 -36.41 38.75
N ARG TA 11 3.84 -35.38 38.06
CA ARG TA 11 3.41 -34.15 38.71
C ARG TA 11 1.89 -34.09 38.81
N ILE TA 12 1.41 -33.40 39.83
CA ILE TA 12 -0.02 -33.15 40.01
C ILE TA 12 -0.29 -31.70 39.62
N PRO TA 13 -0.98 -31.44 38.51
CA PRO TA 13 -1.17 -30.06 38.07
C PRO TA 13 -2.02 -29.26 39.05
N GLY TA 14 -1.74 -27.96 39.14
CA GLY TA 14 -2.45 -27.11 40.06
C GLY TA 14 -2.13 -27.46 41.50
N ARG TA 15 -3.09 -27.21 42.38
CA ARG TA 15 -2.94 -27.64 43.76
C ARG TA 15 -3.32 -29.12 43.88
N GLN TA 16 -2.94 -29.72 45.01
CA GLN TA 16 -3.09 -31.16 45.18
C GLN TA 16 -4.55 -31.58 45.33
N TRP TA 17 -5.40 -30.72 45.88
CA TRP TA 17 -6.79 -31.11 46.16
C TRP TA 17 -7.76 -30.01 45.74
N ILE TA 18 -7.46 -29.29 44.67
CA ILE TA 18 -8.32 -28.20 44.24
C ILE TA 18 -8.72 -28.34 42.78
N GLY TA 19 -7.74 -28.49 41.90
CA GLY TA 19 -7.95 -28.34 40.48
C GLY TA 19 -8.88 -29.39 39.88
N LYS TA 20 -9.06 -29.27 38.56
CA LYS TA 20 -9.86 -30.24 37.83
C LYS TA 20 -9.27 -31.64 37.96
N HIS TA 21 -7.95 -31.75 37.86
CA HIS TA 21 -7.24 -33.01 38.03
C HIS TA 21 -6.68 -33.05 39.44
N ARG TA 22 -7.30 -33.83 40.31
CA ARG TA 22 -6.92 -33.93 41.71
C ARG TA 22 -6.10 -35.19 41.94
N ARG TA 23 -5.67 -35.37 43.18
CA ARG TA 23 -4.97 -36.58 43.58
C ARG TA 23 -5.94 -37.75 43.59
N PRO TA 24 -5.53 -38.91 43.07
CA PRO TA 24 -6.46 -40.04 42.93
C PRO TA 24 -6.64 -40.85 44.21
N ARG TA 25 -6.22 -40.28 45.36
CA ARG TA 25 -6.31 -40.88 46.69
C ARG TA 25 -7.57 -41.73 46.87
N PRO TA 26 -7.42 -43.02 47.10
CA PRO TA 26 -8.58 -43.92 47.19
C PRO TA 26 -9.13 -44.02 48.61
N VAL TA 27 -10.20 -44.79 48.73
CA VAL TA 27 -10.85 -45.06 50.01
C VAL TA 27 -10.24 -46.32 50.62
N SER TA 28 -10.12 -46.34 51.94
CA SER TA 28 -9.49 -47.44 52.64
C SER TA 28 -10.51 -48.29 53.40
N ALA TA 29 -10.11 -49.52 53.72
CA ALA TA 29 -10.98 -50.41 54.48
C ALA TA 29 -11.26 -49.86 55.87
N GLN TA 30 -10.29 -49.19 56.48
CA GLN TA 30 -10.53 -48.54 57.77
C GLN TA 30 -11.62 -47.49 57.64
N ALA TA 31 -11.57 -46.68 56.59
CA ALA TA 31 -12.61 -45.68 56.37
C ALA TA 31 -13.97 -46.33 56.15
N LYS TA 32 -14.00 -47.42 55.38
CA LYS TA 32 -15.27 -48.12 55.15
C LYS TA 32 -15.84 -48.65 56.47
N GLN TA 33 -15.00 -49.24 57.30
CA GLN TA 33 -15.46 -49.77 58.58
C GLN TA 33 -15.95 -48.64 59.49
N ASN TA 34 -15.24 -47.51 59.50
CA ASN TA 34 -15.67 -46.38 60.31
C ASN TA 34 -17.03 -45.86 59.86
N MET TA 35 -17.22 -45.75 58.54
CA MET TA 35 -18.50 -45.28 58.03
C MET TA 35 -19.62 -46.28 58.37
N ILE TA 36 -19.33 -47.58 58.28
CA ILE TA 36 -20.32 -48.58 58.64
C ILE TA 36 -20.70 -48.47 60.12
N ARG TA 37 -19.70 -48.27 60.98
CA ARG TA 37 -19.96 -48.13 62.41
C ARG TA 37 -20.83 -46.90 62.68
N ARG TA 38 -20.50 -45.78 62.03
CA ARG TA 38 -21.31 -44.57 62.20
C ARG TA 38 -22.73 -44.78 61.71
N LEU TA 39 -22.89 -45.47 60.58
CA LEU TA 39 -24.22 -45.76 60.06
C LEU TA 39 -25.02 -46.62 61.03
N GLU TA 40 -24.38 -47.63 61.62
CA GLU TA 40 -25.07 -48.47 62.59
C GLU TA 40 -25.50 -47.66 63.81
N THR TA 41 -24.62 -46.79 64.31
CA THR TA 41 -24.96 -45.95 65.45
C THR TA 41 -26.15 -45.04 65.13
N GLU TA 42 -26.13 -44.43 63.93
CA GLU TA 42 -27.24 -43.54 63.57
C GLU TA 42 -28.52 -44.32 63.33
N ALA TA 43 -28.43 -45.54 62.82
CA ALA TA 43 -29.63 -46.37 62.67
C ALA TA 43 -30.23 -46.71 64.02
N GLU TA 44 -29.39 -47.04 65.00
CA GLU TA 44 -29.91 -47.27 66.34
C GLU TA 44 -30.54 -46.01 66.92
N ASN TA 45 -29.92 -44.85 66.68
CA ASN TA 45 -30.47 -43.59 67.15
C ASN TA 45 -31.85 -43.33 66.55
N GLN TA 46 -31.98 -43.51 65.23
CA GLN TA 46 -33.26 -43.27 64.60
C GLN TA 46 -34.31 -44.32 64.92
N TYR TA 47 -33.88 -45.53 65.32
CA TYR TA 47 -34.82 -46.49 65.88
C TYR TA 47 -35.34 -46.02 67.24
N TRP TA 48 -34.44 -45.60 68.12
CA TRP TA 48 -34.87 -45.11 69.42
C TRP TA 48 -35.70 -43.85 69.32
N LEU TA 49 -35.53 -43.07 68.26
CA LEU TA 49 -36.32 -41.86 68.04
C LEU TA 49 -37.62 -42.10 67.28
N SER TA 50 -38.15 -43.32 67.35
CA SER TA 50 -39.35 -43.66 66.58
C SER TA 50 -40.62 -43.64 67.42
N ARG TA 51 -40.58 -44.17 68.64
CA ARG TA 51 -41.79 -44.30 69.46
C ARG TA 51 -41.70 -43.41 70.69
N PRO TA 52 -42.35 -42.24 70.69
CA PRO TA 52 -42.33 -41.37 71.87
C PRO TA 52 -43.17 -41.95 72.99
N PHE TA 53 -42.92 -41.43 74.19
CA PHE TA 53 -43.69 -41.85 75.36
C PHE TA 53 -45.06 -41.18 75.38
N LEU TA 54 -45.09 -39.86 75.35
CA LEU TA 54 -46.32 -39.10 75.27
C LEU TA 54 -46.53 -38.59 73.85
N THR TA 55 -47.76 -38.18 73.55
CA THR TA 55 -48.11 -37.70 72.24
C THR TA 55 -48.14 -36.17 72.21
N ALA TA 56 -48.33 -35.62 71.01
CA ALA TA 56 -48.34 -34.18 70.84
C ALA TA 56 -49.49 -33.53 71.60
N GLU TA 57 -50.67 -34.14 71.57
CA GLU TA 57 -51.80 -33.60 72.33
C GLU TA 57 -51.64 -33.79 73.83
N GLN TA 58 -50.95 -34.83 74.27
CA GLN TA 58 -50.73 -35.05 75.69
C GLN TA 58 -49.62 -34.18 76.26
N GLU TA 59 -48.72 -33.68 75.41
CA GLU TA 59 -47.62 -32.85 75.86
C GLU TA 59 -47.94 -31.35 75.82
N ARG TA 60 -49.19 -31.00 75.51
CA ARG TA 60 -49.57 -29.59 75.37
C ARG TA 60 -49.48 -28.92 76.73
N GLY TA 61 -48.45 -28.10 76.92
CA GLY TA 61 -48.29 -27.35 78.15
C GLY TA 61 -48.13 -28.20 79.40
N HIS TA 62 -47.46 -29.34 79.29
CA HIS TA 62 -47.28 -30.20 80.47
C HIS TA 62 -46.32 -29.60 81.47
N ALA TA 63 -45.28 -28.90 80.99
CA ALA TA 63 -44.28 -28.26 81.86
C ALA TA 63 -44.13 -26.81 81.41
N ALA TA 64 -45.00 -25.94 81.91
CA ALA TA 64 -44.97 -24.52 81.60
C ALA TA 64 -44.73 -23.64 82.82
N VAL TA 65 -45.17 -24.07 84.00
CA VAL TA 65 -44.90 -23.29 85.21
C VAL TA 65 -43.41 -23.26 85.50
N ARG TA 66 -42.70 -24.35 85.21
CA ARG TA 66 -41.26 -24.36 85.40
C ARG TA 66 -40.58 -23.36 84.46
N ARG TA 67 -41.00 -23.31 83.20
CA ARG TA 67 -40.44 -22.35 82.27
C ARG TA 67 -40.73 -20.92 82.72
N ALA TA 68 -41.95 -20.66 83.17
CA ALA TA 68 -42.31 -19.32 83.65
C ALA TA 68 -41.46 -18.94 84.86
N ALA TA 69 -41.27 -19.87 85.79
CA ALA TA 69 -40.47 -19.58 86.98
C ALA TA 69 -39.01 -19.34 86.60
N ALA TA 70 -38.47 -20.12 85.68
CA ALA TA 70 -37.09 -19.90 85.24
C ALA TA 70 -36.93 -18.55 84.58
N PHE TA 71 -37.89 -18.16 83.73
CA PHE TA 71 -37.80 -16.85 83.09
C PHE TA 71 -37.92 -15.72 84.12
N GLN TA 72 -38.81 -15.89 85.10
CA GLN TA 72 -38.92 -14.87 86.15
C GLN TA 72 -37.64 -14.76 86.96
N ALA TA 73 -37.00 -15.90 87.26
CA ALA TA 73 -35.72 -15.87 87.96
C ALA TA 73 -34.65 -15.16 87.14
N LEU TA 74 -34.62 -15.42 85.83
CA LEU TA 74 -33.66 -14.72 84.97
C LEU TA 74 -33.93 -13.22 84.96
N LYS TA 75 -35.20 -12.82 84.89
CA LYS TA 75 -35.54 -11.40 84.91
C LYS TA 75 -35.12 -10.76 86.23
N ALA TA 76 -35.37 -11.44 87.35
CA ALA TA 76 -34.98 -10.90 88.64
C ALA TA 76 -33.47 -10.78 88.76
N ALA TA 77 -32.73 -11.78 88.27
CA ALA TA 77 -31.27 -11.71 88.31
C ALA TA 77 -30.75 -10.56 87.47
N GLN TA 78 -31.32 -10.34 86.29
CA GLN TA 78 -30.89 -9.21 85.47
C GLN TA 78 -31.26 -7.88 86.10
N ALA TA 79 -32.44 -7.77 86.72
CA ALA TA 79 -32.86 -6.52 87.32
C ALA TA 79 -32.13 -6.21 88.62
N ALA TA 80 -31.57 -7.21 89.28
CA ALA TA 80 -30.82 -7.00 90.51
C ALA TA 80 -29.47 -6.33 90.27
N ARG TA 81 -29.06 -6.15 89.02
CA ARG TA 81 -27.78 -5.53 88.72
C ARG TA 81 -27.78 -4.08 89.17
N PHE TA 82 -26.82 -3.72 90.03
CA PHE TA 82 -26.73 -2.38 90.61
C PHE TA 82 -25.38 -2.22 91.30
N PRO TA 83 -24.82 -1.02 91.36
CA PRO TA 83 -23.55 -0.82 92.05
C PRO TA 83 -23.65 -1.19 93.53
N ALA TA 84 -22.56 -1.75 94.05
CA ALA TA 84 -22.53 -2.27 95.40
C ALA TA 84 -22.48 -1.14 96.42
N HIS TA 85 -22.63 -1.51 97.70
CA HIS TA 85 -22.63 -0.55 98.79
C HIS TA 85 -21.20 -0.16 99.15
N ARG TA 86 -20.99 1.14 99.34
CA ARG TA 86 -19.69 1.65 99.79
C ARG TA 86 -19.78 1.93 101.29
N ARG TA 87 -18.93 1.27 102.06
CA ARG TA 87 -18.99 1.30 103.51
C ARG TA 87 -17.87 2.17 104.08
N LEU TA 88 -17.98 2.45 105.38
CA LEU TA 88 -16.94 3.23 106.07
C LEU TA 88 -15.63 2.45 106.14
N GLU TA 89 -15.70 1.13 106.21
CA GLU TA 89 -14.50 0.32 106.36
C GLU TA 89 -13.58 0.46 105.14
N GLU TA 90 -14.17 0.49 103.94
CA GLU TA 90 -13.36 0.59 102.74
C GLU TA 90 -12.57 1.89 102.71
N GLN TA 91 -13.17 3.00 103.12
CA GLN TA 91 -12.48 4.28 103.14
C GLN TA 91 -11.50 4.40 104.31
N LEU TA 92 -11.83 3.84 105.46
CA LEU TA 92 -10.99 3.99 106.64
C LEU TA 92 -9.86 2.96 106.71
N GLY TA 93 -9.89 1.92 105.88
CA GLY TA 93 -8.80 0.97 105.89
C GLY TA 93 -7.55 1.44 105.18
N HIS TA 94 -7.65 2.50 104.38
CA HIS TA 94 -6.48 3.01 103.68
C HIS TA 94 -5.51 3.71 104.64
N LEU TA 95 -5.98 4.14 105.81
CA LEU TA 95 -5.12 4.82 106.75
C LEU TA 95 -4.14 3.88 107.44
N LEU TA 96 -4.42 2.58 107.42
CA LEU TA 96 -3.55 1.60 108.09
C LEU TA 96 -2.22 1.40 107.37
N VAL TA 97 -2.04 1.95 106.17
CA VAL TA 97 -0.77 1.79 105.46
C VAL TA 97 0.36 2.49 106.20
N THR TA 98 0.04 3.50 107.01
CA THR TA 98 1.05 4.24 107.76
C THR TA 98 1.07 3.84 109.24
N ARG TA 99 0.58 2.65 109.56
CA ARG TA 99 0.57 2.18 110.94
C ARG TA 99 1.98 1.83 111.38
N LYS TA 100 2.51 2.57 112.35
CA LYS TA 100 3.88 2.42 112.80
C LYS TA 100 3.92 1.94 114.24
N TRP TA 101 5.12 1.68 114.72
CA TRP TA 101 5.36 1.25 116.09
C TRP TA 101 5.87 2.44 116.90
N SER TA 102 5.18 2.74 118.00
CA SER TA 102 5.57 3.85 118.86
C SER TA 102 6.57 3.40 119.92
N GLU UA 38 -43.60 60.27 93.73
CA GLU UA 38 -43.74 61.71 93.63
C GLU UA 38 -43.23 62.22 92.29
N PHE UA 39 -42.37 61.44 91.66
CA PHE UA 39 -41.81 61.81 90.37
C PHE UA 39 -42.90 61.85 89.31
N GLN UA 40 -42.78 62.81 88.39
CA GLN UA 40 -43.72 62.96 87.30
C GLN UA 40 -42.96 63.18 86.00
N SER UA 41 -43.58 62.79 84.88
CA SER UA 41 -42.98 62.91 83.57
C SER UA 41 -44.06 63.31 82.57
N ILE UA 42 -43.64 63.64 81.36
CA ILE UA 42 -44.58 64.03 80.31
C ILE UA 42 -45.51 62.88 79.97
N TYR UA 43 -44.98 61.66 79.87
CA TYR UA 43 -45.78 60.50 79.53
C TYR UA 43 -46.45 59.87 80.74
N SER UA 44 -46.57 60.59 81.85
CA SER UA 44 -47.21 60.05 83.04
C SER UA 44 -48.70 59.83 82.79
N LEU UA 45 -49.29 58.95 83.61
CA LEU UA 45 -50.70 58.61 83.43
C LEU UA 45 -51.61 59.82 83.62
N ASP UA 46 -51.31 60.66 84.62
CA ASP UA 46 -52.15 61.82 84.88
C ASP UA 46 -52.11 62.81 83.71
N LYS UA 47 -50.94 63.05 83.15
CA LYS UA 47 -50.82 63.95 82.02
C LYS UA 47 -51.30 63.33 80.71
N LEU UA 48 -51.36 62.01 80.62
CA LEU UA 48 -51.89 61.37 79.42
C LEU UA 48 -53.41 61.32 79.43
N TYR UA 49 -54.00 61.14 80.62
CA TYR UA 49 -55.46 61.06 80.76
C TYR UA 49 -55.90 62.07 81.81
N PRO UA 50 -56.10 63.34 81.45
CA PRO UA 50 -56.48 64.34 82.45
C PRO UA 50 -57.82 64.09 83.12
N GLU UA 51 -58.69 63.26 82.52
CA GLU UA 51 -60.00 63.01 83.11
C GLU UA 51 -59.88 62.33 84.47
N SER UA 52 -58.97 61.36 84.59
CA SER UA 52 -58.71 60.67 85.84
C SER UA 52 -57.31 61.04 86.33
N ARG UA 53 -57.24 61.62 87.52
CA ARG UA 53 -55.96 62.05 88.08
C ARG UA 53 -55.64 61.39 89.42
N GLY UA 54 -56.64 61.10 90.25
CA GLY UA 54 -56.37 60.41 91.49
C GLY UA 54 -55.94 58.98 91.28
N SER UA 55 -55.21 58.45 92.25
CA SER UA 55 -54.71 57.08 92.15
C SER UA 55 -55.77 56.04 92.47
N ASP UA 56 -56.92 56.45 92.99
CA ASP UA 56 -57.97 55.52 93.40
C ASP UA 56 -59.05 55.35 92.35
N THR UA 57 -58.93 56.00 91.20
CA THR UA 57 -59.96 55.91 90.16
C THR UA 57 -60.01 54.53 89.53
N ALA UA 58 -58.89 53.81 89.48
CA ALA UA 58 -58.85 52.49 88.88
C ALA UA 58 -59.30 51.39 89.83
N TRP UA 59 -59.48 51.70 91.11
CA TRP UA 59 -59.86 50.70 92.11
C TRP UA 59 -61.30 50.85 92.57
N ARG UA 60 -62.07 51.73 91.94
CA ARG UA 60 -63.46 51.93 92.33
C ARG UA 60 -64.31 50.73 91.90
N LEU UA 61 -65.52 50.66 92.46
CA LEU UA 61 -66.45 49.59 92.16
C LEU UA 61 -67.68 50.19 91.47
N PRO UA 62 -67.75 50.13 90.14
CA PRO UA 62 -68.92 50.68 89.42
C PRO UA 62 -70.15 49.77 89.48
N ASP UA 63 -70.77 49.72 90.66
CA ASP UA 63 -71.96 48.89 90.85
C ASP UA 63 -73.15 49.39 90.03
N ASP UA 64 -73.28 50.70 89.84
CA ASP UA 64 -74.38 51.24 89.07
C ASP UA 64 -74.29 50.91 87.58
N ALA UA 65 -73.08 50.63 87.08
CA ALA UA 65 -72.93 50.30 85.67
C ALA UA 65 -73.63 48.99 85.33
N LYS UA 66 -73.47 47.98 86.18
CA LYS UA 66 -74.08 46.66 85.98
C LYS UA 66 -74.99 46.38 87.17
N GLN UA 67 -76.26 46.71 87.01
CA GLN UA 67 -77.28 46.43 88.02
C GLN UA 67 -78.13 45.21 87.69
N ALA UA 68 -77.86 44.55 86.57
CA ALA UA 68 -78.60 43.34 86.23
C ALA UA 68 -78.33 42.22 87.24
N ASN UA 69 -77.06 42.06 87.63
CA ASN UA 69 -76.65 41.08 88.64
C ASN UA 69 -77.11 39.66 88.27
N ASP UA 70 -76.65 39.21 87.12
CA ASP UA 70 -76.98 37.87 86.66
C ASP UA 70 -76.11 36.84 87.36
N ILE UA 71 -76.56 35.59 87.32
CA ILE UA 71 -75.86 34.45 87.90
C ILE UA 71 -75.51 34.71 89.36
N PRO UA 72 -76.48 34.64 90.28
CA PRO UA 72 -76.14 34.79 91.70
C PRO UA 72 -75.40 33.57 92.23
N VAL UA 73 -74.08 33.57 92.04
CA VAL UA 73 -73.22 32.42 92.34
C VAL UA 73 -73.39 31.99 93.79
N ASP UA 74 -73.73 32.94 94.67
CA ASP UA 74 -73.95 32.60 96.08
C ASP UA 74 -75.11 31.64 96.25
N ARG UA 75 -76.03 31.57 95.30
CA ARG UA 75 -77.16 30.64 95.35
C ARG UA 75 -76.87 29.33 94.64
N LEU UA 76 -75.67 29.15 94.09
CA LEU UA 76 -75.32 27.95 93.34
C LEU UA 76 -74.45 27.03 94.18
N THR UA 77 -74.74 25.73 94.08
CA THR UA 77 -73.96 24.69 94.75
C THR UA 77 -72.88 24.21 93.79
N ILE UA 78 -71.62 24.44 94.16
CA ILE UA 78 -70.48 24.12 93.31
C ILE UA 78 -69.67 23.00 93.96
N SER UA 79 -69.38 21.96 93.21
CA SER UA 79 -68.59 20.83 93.69
C SER UA 79 -67.45 20.55 92.73
N TYR UA 80 -66.31 20.17 93.29
CA TYR UA 80 -65.11 19.85 92.52
C TYR UA 80 -64.73 18.40 92.75
N CYS UA 81 -64.51 17.66 91.66
CA CYS UA 81 -64.02 16.29 91.71
C CYS UA 81 -62.74 16.23 90.91
N ARG UA 82 -61.60 16.21 91.60
CA ARG UA 82 -60.29 16.26 90.96
C ARG UA 82 -59.80 14.84 90.72
N SER UA 83 -60.05 14.33 89.52
CA SER UA 83 -59.60 13.00 89.14
C SER UA 83 -58.24 13.12 88.46
N SER UA 84 -57.21 12.60 89.10
CA SER UA 84 -55.85 12.66 88.60
C SER UA 84 -55.28 11.26 88.41
N GLY UA 85 -54.33 11.15 87.49
CA GLY UA 85 -53.69 9.88 87.19
C GLY UA 85 -52.92 9.89 85.89
N LYS UA 93 -55.93 10.58 82.79
CA LYS UA 93 -55.87 12.03 82.61
C LYS UA 93 -56.13 12.74 83.92
N VAL UA 94 -55.65 13.98 84.02
CA VAL UA 94 -55.82 14.81 85.21
C VAL UA 94 -56.79 15.93 84.86
N ASN UA 95 -57.98 15.90 85.47
CA ASN UA 95 -59.00 16.91 85.25
C ASN UA 95 -59.82 17.09 86.52
N SER UA 96 -60.24 18.33 86.76
CA SER UA 96 -61.06 18.68 87.92
C SER UA 96 -62.47 18.98 87.41
N LYS UA 97 -63.31 17.95 87.44
CA LYS UA 97 -64.71 18.08 87.04
C LYS UA 97 -65.41 19.08 87.96
N ALA UA 98 -66.13 20.02 87.37
CA ALA UA 98 -66.89 21.02 88.11
C ALA UA 98 -68.37 20.77 87.91
N GLU UA 99 -69.10 20.67 89.01
CA GLU UA 99 -70.54 20.41 89.00
C GLU UA 99 -71.25 21.59 89.64
N VAL UA 100 -72.20 22.17 88.90
CA VAL UA 100 -73.00 23.30 89.39
C VAL UA 100 -74.44 22.81 89.48
N ARG UA 101 -74.97 22.74 90.69
CA ARG UA 101 -76.32 22.26 90.93
C ARG UA 101 -77.14 23.38 91.57
N PHE UA 102 -78.33 23.63 91.03
CA PHE UA 102 -79.20 24.65 91.60
C PHE UA 102 -80.65 24.28 91.33
N HIS UA 103 -81.52 24.58 92.30
CA HIS UA 103 -82.92 24.23 92.17
C HIS UA 103 -83.59 25.14 91.14
N LEU UA 104 -84.13 24.54 90.08
CA LEU UA 104 -84.73 25.32 89.00
C LEU UA 104 -86.00 26.02 89.45
N ALA UA 105 -86.88 25.32 90.17
CA ALA UA 105 -88.13 25.92 90.61
C ALA UA 105 -87.89 27.01 91.66
N SER UA 106 -86.81 26.90 92.42
CA SER UA 106 -86.46 27.89 93.43
C SER UA 106 -85.62 29.04 92.88
N ALA UA 107 -85.31 29.01 91.57
CA ALA UA 107 -84.51 30.06 90.96
C ALA UA 107 -85.40 31.26 90.69
N ASP UA 108 -85.33 32.27 91.55
CA ASP UA 108 -86.17 33.45 91.45
C ASP UA 108 -85.51 34.59 90.70
N TRP UA 109 -84.29 34.39 90.19
CA TRP UA 109 -83.60 35.43 89.44
C TRP UA 109 -83.89 35.38 87.93
N ILE UA 110 -84.78 34.48 87.51
CA ILE UA 110 -85.18 34.38 86.12
C ILE UA 110 -86.70 34.41 86.04
N ALA UA 111 -87.20 34.77 84.86
CA ALA UA 111 -88.63 34.86 84.64
C ALA UA 111 -89.27 33.48 84.65
N GLU UA 112 -90.57 33.46 84.97
CA GLU UA 112 -91.35 32.22 85.00
C GLU UA 112 -91.43 31.55 83.64
N PRO UA 113 -91.72 32.26 82.54
CA PRO UA 113 -91.68 31.59 81.22
C PRO UA 113 -90.31 31.04 80.88
N VAL UA 114 -89.24 31.76 81.27
CA VAL UA 114 -87.89 31.27 81.03
C VAL UA 114 -87.65 29.99 81.82
N ARG UA 115 -88.09 29.95 83.07
CA ARG UA 115 -87.95 28.75 83.89
C ARG UA 115 -88.71 27.58 83.29
N LEU UA 116 -89.93 27.84 82.80
CA LEU UA 116 -90.72 26.77 82.18
C LEU UA 116 -90.05 26.26 80.92
N LYS UA 117 -89.51 27.16 80.09
CA LYS UA 117 -88.82 26.73 78.88
C LYS UA 117 -87.57 25.93 79.22
N LEU UA 118 -86.83 26.35 80.26
CA LEU UA 118 -85.67 25.58 80.69
C LEU UA 118 -86.07 24.18 81.15
N ALA UA 119 -87.16 24.09 81.93
CA ALA UA 119 -87.63 22.79 82.38
C ALA UA 119 -88.09 21.92 81.22
N VAL UA 120 -88.70 22.51 80.19
CA VAL UA 120 -89.15 21.72 79.04
C VAL UA 120 -87.96 21.23 78.22
N LYS UA 121 -87.00 22.12 77.94
CA LYS UA 121 -85.93 21.77 77.02
C LYS UA 121 -84.85 20.92 77.69
N HIS UA 122 -84.33 21.37 78.84
CA HIS UA 122 -83.21 20.72 79.49
C HIS UA 122 -83.65 19.75 80.59
N LYS UA 123 -84.82 19.14 80.43
CA LYS UA 123 -85.28 18.16 81.40
C LYS UA 123 -84.42 16.90 81.44
N ASN UA 124 -83.62 16.66 80.41
CA ASN UA 124 -82.74 15.50 80.39
C ASN UA 124 -81.64 15.58 81.45
N ARG UA 125 -81.22 16.78 81.83
CA ARG UA 125 -80.17 16.96 82.84
C ARG UA 125 -80.72 17.46 84.17
N ILE UA 126 -82.01 17.28 84.41
CA ILE UA 126 -82.63 17.71 85.66
C ILE UA 126 -82.78 16.50 86.58
N ASN UA 127 -82.27 16.64 87.80
CA ASN UA 127 -82.39 15.59 88.80
C ASN UA 127 -83.85 15.45 89.24
N ARG UA 128 -84.18 14.28 89.81
CA ARG UA 128 -85.54 14.04 90.25
C ARG UA 128 -85.96 14.95 91.39
N SER UA 129 -85.00 15.60 92.04
CA SER UA 129 -85.29 16.57 93.09
C SER UA 129 -85.49 17.98 92.56
N GLY UA 130 -85.46 18.16 91.23
CA GLY UA 130 -85.62 19.46 90.63
C GLY UA 130 -84.34 20.27 90.53
N GLU UA 131 -83.19 19.70 90.88
CA GLU UA 131 -81.92 20.41 90.86
C GLU UA 131 -81.30 20.30 89.48
N LEU UA 132 -81.32 21.39 88.71
CA LEU UA 132 -80.63 21.42 87.43
C LEU UA 132 -79.12 21.35 87.67
N ILE UA 133 -78.45 20.53 86.87
CA ILE UA 133 -77.04 20.22 87.07
C ILE UA 133 -76.29 20.50 85.77
N LEU UA 134 -75.17 21.22 85.88
CA LEU UA 134 -74.25 21.45 84.77
C LEU UA 134 -72.88 20.90 85.14
N THR UA 135 -72.20 20.32 84.14
CA THR UA 135 -70.92 19.66 84.38
C THR UA 135 -69.90 20.15 83.37
N SER UA 136 -68.69 20.43 83.87
CA SER UA 136 -67.57 20.81 83.02
C SER UA 136 -66.38 19.92 83.31
N GLU UA 137 -65.70 19.48 82.25
CA GLU UA 137 -64.57 18.56 82.36
C GLU UA 137 -63.38 18.92 81.49
N CYS UA 138 -63.50 19.92 80.61
CA CYS UA 138 -62.48 20.15 79.59
C CYS UA 138 -61.13 20.49 80.20
N SER UA 139 -61.04 21.62 80.90
CA SER UA 139 -59.76 22.09 81.40
C SER UA 139 -59.39 21.42 82.72
N ARG UA 140 -58.10 21.41 83.00
CA ARG UA 140 -57.60 20.90 84.27
C ARG UA 140 -57.77 21.88 85.41
N TYR UA 141 -58.14 23.12 85.13
CA TYR UA 141 -58.26 24.16 86.14
C TYR UA 141 -59.73 24.37 86.49
N GLN UA 142 -60.03 24.29 87.79
CA GLN UA 142 -61.41 24.46 88.23
C GLN UA 142 -61.93 25.85 87.90
N PHE UA 143 -61.05 26.85 87.81
CA PHE UA 143 -61.48 28.18 87.38
C PHE UA 143 -62.04 28.14 85.96
N ARG UA 144 -61.30 27.51 85.03
CA ARG UA 144 -61.80 27.40 83.66
C ARG UA 144 -63.04 26.53 83.57
N ASN UA 145 -63.11 25.48 84.39
CA ASN UA 145 -64.30 24.63 84.40
C ASN UA 145 -65.52 25.42 84.87
N LEU UA 146 -65.37 26.23 85.92
CA LEU UA 146 -66.45 27.08 86.37
C LEU UA 146 -66.83 28.10 85.31
N ALA UA 147 -65.84 28.65 84.62
CA ALA UA 147 -66.14 29.58 83.53
C ALA UA 147 -66.96 28.91 82.43
N ASP UA 148 -66.60 27.67 82.10
CA ASP UA 148 -67.38 26.93 81.11
C ASP UA 148 -68.80 26.66 81.58
N CYS UA 149 -68.95 26.28 82.87
CA CYS UA 149 -70.28 26.05 83.41
C CYS UA 149 -71.13 27.32 83.35
N LEU UA 150 -70.53 28.46 83.72
CA LEU UA 150 -71.26 29.72 83.68
C LEU UA 150 -71.61 30.13 82.26
N GLN UA 151 -70.71 29.87 81.30
CA GLN UA 151 -71.03 30.17 79.90
C GLN UA 151 -72.18 29.30 79.40
N LYS UA 152 -72.18 28.01 79.78
CA LYS UA 152 -73.30 27.15 79.41
C LYS UA 152 -74.60 27.63 80.02
N LEU UA 153 -74.55 28.07 81.29
CA LEU UA 153 -75.75 28.60 81.93
C LEU UA 153 -76.25 29.86 81.23
N ARG UA 154 -75.31 30.74 80.84
CA ARG UA 154 -75.70 31.94 80.10
C ARG UA 154 -76.34 31.58 78.77
N ASP UA 155 -75.77 30.60 78.07
CA ASP UA 155 -76.35 30.18 76.79
C ASP UA 155 -77.75 29.62 76.97
N MET UA 156 -77.96 28.80 78.01
CA MET UA 156 -79.29 28.26 78.26
C MET UA 156 -80.27 29.37 78.61
N ILE UA 157 -79.85 30.33 79.44
CA ILE UA 157 -80.73 31.43 79.81
C ILE UA 157 -81.09 32.25 78.58
N ALA UA 158 -80.11 32.53 77.71
CA ALA UA 158 -80.38 33.31 76.52
C ALA UA 158 -81.34 32.58 75.59
N GLU UA 159 -81.12 31.28 75.37
CA GLU UA 159 -81.97 30.53 74.46
C GLU UA 159 -83.37 30.33 75.03
N ALA UA 160 -83.53 30.31 76.35
CA ALA UA 160 -84.85 30.20 76.94
C ALA UA 160 -85.55 31.55 77.07
N SER UA 161 -84.81 32.66 77.06
CA SER UA 161 -85.42 33.98 77.18
C SER UA 161 -85.73 34.60 75.82
N GLN UA 162 -84.97 34.27 74.80
CA GLN UA 162 -85.23 34.83 73.47
C GLN UA 162 -86.49 34.20 72.88
N PRO UA 163 -87.52 34.99 72.55
CA PRO UA 163 -88.73 34.41 71.96
C PRO UA 163 -88.62 34.12 70.49
N ALA UA 164 -87.56 34.55 69.82
CA ALA UA 164 -87.38 34.34 68.39
C ALA UA 164 -86.72 33.01 68.05
N LYS UA 165 -86.70 32.06 68.99
CA LYS UA 165 -86.09 30.77 68.72
C LYS UA 165 -87.04 29.91 67.89
N GLU UA 166 -86.60 29.52 66.70
CA GLU UA 166 -87.41 28.69 65.80
C GLU UA 166 -87.24 27.20 66.07
N PRO UA 167 -86.35 26.82 66.98
CA PRO UA 167 -86.10 25.43 67.35
C PRO UA 167 -85.73 24.60 66.12
N SER UA 168 -84.72 25.09 65.40
CA SER UA 168 -84.22 24.39 64.22
C SER UA 168 -83.57 23.07 64.62
N ARG UA 169 -83.81 22.03 63.82
CA ARG UA 169 -83.31 20.70 64.07
C ARG UA 169 -82.55 20.18 62.87
N GLU UA 170 -81.55 19.33 63.14
CA GLU UA 170 -80.76 18.74 62.06
C GLU UA 170 -81.57 17.67 61.32
N ASP UA 171 -81.04 17.26 60.18
CA ASP UA 171 -81.70 16.26 59.34
C ASP UA 171 -80.96 14.94 59.29
N ALA UA 172 -79.62 14.95 59.32
CA ALA UA 172 -78.86 13.72 59.18
C ALA UA 172 -79.14 12.75 60.31
N GLU UA 173 -79.21 13.24 61.55
CA GLU UA 173 -79.43 12.39 62.71
C GLU UA 173 -80.90 12.18 63.04
N LEU UA 174 -81.81 12.82 62.32
CA LEU UA 174 -83.24 12.73 62.60
C LEU UA 174 -84.03 12.11 61.45
N ARG UA 175 -83.39 11.87 60.30
CA ARG UA 175 -84.08 11.22 59.19
C ARG UA 175 -84.54 9.82 59.57
N ARG UA 176 -83.68 9.06 60.25
CA ARG UA 176 -84.05 7.72 60.69
C ARG UA 176 -85.22 7.78 61.67
N SER UA 177 -85.19 8.73 62.61
CA SER UA 177 -86.27 8.87 63.57
C SER UA 177 -87.59 9.20 62.87
N ARG UA 178 -87.55 10.12 61.89
CA ARG UA 178 -88.77 10.45 61.16
C ARG UA 178 -89.29 9.25 60.37
N ILE UA 179 -88.38 8.51 59.72
CA ILE UA 179 -88.81 7.36 58.92
C ILE UA 179 -89.44 6.29 59.80
N GLU UA 180 -88.81 5.99 60.94
CA GLU UA 180 -89.36 4.97 61.82
C GLU UA 180 -90.66 5.44 62.46
N ASN UA 181 -90.79 6.74 62.75
CA ASN UA 181 -92.04 7.27 63.26
C ASN UA 181 -93.16 7.10 62.25
N MET UA 182 -92.90 7.43 60.98
CA MET UA 182 -93.91 7.24 59.95
C MET UA 182 -94.26 5.77 59.78
N ASN UA 183 -93.25 4.89 59.80
CA ASN UA 183 -93.50 3.47 59.62
C ASN UA 183 -94.33 2.89 60.76
N ARG UA 184 -94.05 3.28 62.01
CA ARG UA 184 -94.86 2.79 63.11
C ARG UA 184 -96.24 3.43 63.13
N GLU UA 185 -96.36 4.67 62.64
CA GLU UA 185 -97.68 5.27 62.49
C GLU UA 185 -98.52 4.53 61.47
N ARG UA 186 -97.88 4.00 60.41
CA ARG UA 186 -98.62 3.21 59.43
C ARG UA 186 -99.35 2.04 60.08
N LEU UA 187 -98.69 1.34 61.00
CA LEU UA 187 -99.35 0.28 61.74
C LEU UA 187 -100.31 0.84 62.79
N ARG UA 188 -99.96 1.99 63.38
CA ARG UA 188 -100.81 2.63 64.38
C ARG UA 188 -102.14 3.09 63.82
N LYS UA 189 -102.25 3.21 62.49
CA LYS UA 189 -103.46 3.72 61.85
C LYS UA 189 -104.67 2.81 62.08
N LYS UA 190 -104.48 1.67 62.74
CA LYS UA 190 -105.60 0.81 63.08
C LYS UA 190 -106.51 1.51 64.07
N ARG UA 191 -107.81 1.51 63.79
CA ARG UA 191 -108.80 2.23 64.59
C ARG UA 191 -109.85 1.25 65.08
N ILE UA 192 -109.63 0.67 66.25
CA ILE UA 192 -110.59 -0.24 66.87
C ILE UA 192 -110.79 0.20 68.32
N SER UA 193 -112.05 0.35 68.71
CA SER UA 193 -112.36 0.72 70.09
C SER UA 193 -111.97 -0.41 71.04
N SER UA 194 -111.52 -0.02 72.23
CA SER UA 194 -111.07 -0.99 73.23
C SER UA 194 -111.17 -0.35 74.61
N ALA UA 195 -110.77 -1.13 75.62
CA ALA UA 195 -110.80 -0.70 77.02
C ALA UA 195 -112.19 -0.24 77.45
N TYR VA 25 8.87 29.10 111.55
CA TYR VA 25 8.84 30.30 110.73
C TYR VA 25 7.55 31.08 110.93
N ARG VA 26 7.53 32.32 110.45
CA ARG VA 26 6.37 33.18 110.54
C ARG VA 26 5.81 33.42 109.14
N ALA VA 27 4.48 33.46 109.05
CA ALA VA 27 3.83 33.67 107.76
C ALA VA 27 4.04 35.11 107.27
N ARG VA 28 4.01 35.26 105.94
CA ARG VA 28 4.12 36.57 105.34
C ARG VA 28 2.85 37.37 105.61
N PRO VA 29 2.93 38.70 105.53
CA PRO VA 29 1.73 39.52 105.68
C PRO VA 29 0.68 39.13 104.65
N PRO VA 30 -0.56 38.89 105.07
CA PRO VA 30 -1.59 38.45 104.14
C PRO VA 30 -1.87 39.50 103.07
N PRO VA 31 -2.12 39.08 101.83
CA PRO VA 31 -2.47 40.04 100.78
C PRO VA 31 -3.85 40.63 101.05
N ARG VA 32 -3.90 41.95 101.21
CA ARG VA 32 -5.13 42.66 101.50
C ARG VA 32 -5.40 43.68 100.39
N ARG VA 33 -6.64 43.71 99.92
CA ARG VA 33 -7.03 44.65 98.88
C ARG VA 33 -7.23 46.03 99.49
N SER VA 34 -6.44 47.00 99.07
CA SER VA 34 -6.53 48.34 99.62
C SER VA 34 -7.84 49.00 99.22
N GLN VA 35 -8.48 49.66 100.18
CA GLN VA 35 -9.72 50.39 99.93
C GLN VA 35 -9.47 51.82 99.45
N GLU VA 36 -8.23 52.28 99.49
CA GLU VA 36 -7.92 53.63 99.03
C GLU VA 36 -7.95 53.70 97.50
N PRO VA 37 -8.47 54.78 96.95
CA PRO VA 37 -8.45 54.93 95.48
C PRO VA 37 -7.04 55.00 94.96
N ARG VA 38 -6.84 54.44 93.77
CA ARG VA 38 -5.55 54.46 93.08
C ARG VA 38 -5.73 55.00 91.69
N TRP VA 39 -4.86 55.94 91.30
CA TRP VA 39 -4.95 56.60 90.01
C TRP VA 39 -3.67 56.39 89.22
N PRO VA 40 -3.75 56.01 87.95
CA PRO VA 40 -2.54 55.86 87.14
C PRO VA 40 -1.94 57.21 86.79
N ASP VA 41 -0.67 57.17 86.40
CA ASP VA 41 0.03 58.38 86.01
C ASP VA 41 -0.41 58.80 84.61
N PRO VA 42 -1.00 59.99 84.43
CA PRO VA 42 -1.37 60.43 83.08
C PRO VA 42 -0.19 60.61 82.15
N ASP VA 43 1.01 60.84 82.67
CA ASP VA 43 2.18 61.08 81.85
C ASP VA 43 2.89 59.80 81.43
N ASP VA 44 2.76 58.72 82.18
CA ASP VA 44 3.42 57.47 81.84
C ASP VA 44 2.75 56.86 80.62
N PRO VA 45 3.48 56.62 79.52
CA PRO VA 45 2.86 56.05 78.32
C PRO VA 45 2.50 54.58 78.46
N LEU VA 46 3.01 53.88 79.46
CA LEU VA 46 2.79 52.46 79.63
C LEU VA 46 1.46 52.11 80.27
N THR VA 47 0.75 53.10 80.82
CA THR VA 47 -0.52 52.78 81.45
C THR VA 47 -1.57 52.41 80.40
N PRO VA 48 -2.45 51.47 80.70
CA PRO VA 48 -3.50 51.11 79.74
C PRO VA 48 -4.51 52.22 79.57
N ARG VA 49 -5.16 52.21 78.39
CA ARG VA 49 -6.13 53.25 78.06
C ARG VA 49 -7.38 53.16 78.92
N TRP VA 50 -7.82 51.95 79.29
CA TRP VA 50 -9.02 51.82 80.09
C TRP VA 50 -8.85 52.40 81.49
N GLN VA 51 -7.62 52.51 81.98
CA GLN VA 51 -7.38 53.18 83.25
C GLN VA 51 -7.36 54.70 83.12
N LEU VA 52 -7.27 55.22 81.90
CA LEU VA 52 -7.33 56.66 81.65
C LEU VA 52 -8.67 57.10 81.09
N SER VA 53 -9.54 56.16 80.72
CA SER VA 53 -10.84 56.53 80.20
C SER VA 53 -11.69 57.20 81.28
N PRO VA 54 -12.58 58.12 80.89
CA PRO VA 54 -13.44 58.79 81.89
C PRO VA 54 -14.32 57.83 82.67
N ARG VA 55 -14.74 56.72 82.06
CA ARG VA 55 -15.55 55.75 82.78
C ARG VA 55 -14.80 55.16 83.97
N TYR VA 56 -13.47 55.06 83.87
CA TYR VA 56 -12.69 54.62 85.02
C TYR VA 56 -12.82 55.60 86.18
N ALA VA 57 -12.75 56.91 85.88
CA ALA VA 57 -12.92 57.91 86.93
C ALA VA 57 -14.34 57.87 87.50
N ALA VA 58 -15.34 57.67 86.64
CA ALA VA 58 -16.72 57.58 87.13
C ALA VA 58 -16.89 56.38 88.05
N LYS VA 59 -16.32 55.23 87.69
CA LYS VA 59 -16.44 54.05 88.55
C LYS VA 59 -15.64 54.22 89.83
N GLN VA 60 -14.50 54.93 89.78
CA GLN VA 60 -13.76 55.23 91.00
C GLN VA 60 -14.59 56.10 91.94
N PHE VA 61 -15.28 57.11 91.38
CA PHE VA 61 -16.16 57.93 92.19
C PHE VA 61 -17.30 57.11 92.78
N ALA VA 62 -17.86 56.19 91.99
CA ALA VA 62 -18.90 55.31 92.51
C ALA VA 62 -18.39 54.45 93.65
N ARG VA 63 -17.15 53.95 93.53
CA ARG VA 63 -16.57 53.14 94.60
C ARG VA 63 -16.35 53.95 95.86
N HIS VA 64 -15.78 55.14 95.72
CA HIS VA 64 -15.37 55.94 96.87
C HIS VA 64 -16.13 57.26 96.99
N GLY VA 65 -16.09 58.10 95.96
CA GLY VA 65 -16.77 59.38 96.01
C GLY VA 65 -16.05 60.43 96.83
N ALA VA 66 -15.98 60.24 98.15
CA ALA VA 66 -15.34 61.21 99.01
C ALA VA 66 -13.83 61.22 98.81
N ALA VA 67 -13.18 60.08 99.03
CA ALA VA 67 -11.74 59.97 98.87
C ALA VA 67 -11.31 59.85 97.40
N SER VA 68 -12.26 59.65 96.49
CA SER VA 68 -11.90 59.52 95.08
C SER VA 68 -11.35 60.83 94.53
N GLY VA 69 -11.88 61.96 94.98
CA GLY VA 69 -11.46 63.24 94.46
C GLY VA 69 -11.99 63.58 93.10
N VAL VA 70 -13.14 63.02 92.72
CA VAL VA 70 -13.75 63.24 91.41
C VAL VA 70 -14.89 64.24 91.58
N ALA VA 71 -14.93 65.23 90.70
CA ALA VA 71 -16.01 66.22 90.73
C ALA VA 71 -17.33 65.54 90.39
N ALA VA 72 -18.34 65.76 91.23
CA ALA VA 72 -19.64 65.13 91.01
C ALA VA 72 -20.34 65.67 89.77
N GLY VA 73 -20.01 66.88 89.32
CA GLY VA 73 -20.66 67.45 88.17
C GLY VA 73 -20.22 66.85 86.84
N SER VA 74 -19.14 66.08 86.84
CA SER VA 74 -18.66 65.45 85.61
C SER VA 74 -19.41 64.18 85.25
N LEU VA 75 -20.16 63.61 86.20
CA LEU VA 75 -20.92 62.40 85.92
C LEU VA 75 -22.01 62.61 84.88
N TRP VA 76 -22.73 63.73 84.96
CA TRP VA 76 -23.75 64.02 83.97
C TRP VA 76 -23.10 64.49 82.67
N PRO VA 77 -23.74 64.24 81.53
CA PRO VA 77 -23.16 64.65 80.25
C PRO VA 77 -23.09 66.16 80.12
N SER VA 78 -22.13 66.62 79.33
CA SER VA 78 -21.94 68.04 79.09
C SER VA 78 -23.05 68.55 78.17
N GLN VA 79 -22.97 69.83 77.78
CA GLN VA 79 -24.03 70.41 76.96
C GLN VA 79 -24.08 69.77 75.57
N GLU VA 80 -22.92 69.62 74.93
CA GLU VA 80 -22.91 69.03 73.58
C GLU VA 80 -23.32 67.56 73.63
N GLN VA 81 -22.89 66.83 74.65
CA GLN VA 81 -23.31 65.44 74.80
C GLN VA 81 -24.81 65.33 75.02
N LEU VA 82 -25.37 66.24 75.82
CA LEU VA 82 -26.81 66.25 76.04
C LEU VA 82 -27.56 66.56 74.76
N ARG VA 83 -27.05 67.51 73.97
CA ARG VA 83 -27.68 67.81 72.68
C ARG VA 83 -27.65 66.61 71.75
N GLU VA 84 -26.50 65.91 71.69
CA GLU VA 84 -26.41 64.73 70.84
C GLU VA 84 -27.36 63.63 71.30
N LEU VA 85 -27.45 63.42 72.61
CA LEU VA 85 -28.37 62.42 73.14
C LEU VA 85 -29.82 62.77 72.83
N GLU VA 86 -30.18 64.04 72.99
CA GLU VA 86 -31.54 64.47 72.67
C GLU VA 86 -31.84 64.26 71.19
N ALA VA 87 -30.90 64.63 70.32
CA ALA VA 87 -31.13 64.44 68.89
C ALA VA 87 -31.27 62.97 68.54
N GLU VA 88 -30.41 62.11 69.09
CA GLU VA 88 -30.48 60.69 68.79
C GLU VA 88 -31.79 60.08 69.29
N GLU VA 89 -32.21 60.45 70.51
CA GLU VA 89 -33.46 59.93 71.04
C GLU VA 89 -34.64 60.41 70.22
N ARG VA 90 -34.64 61.67 69.80
CA ARG VA 90 -35.73 62.19 68.98
C ARG VA 90 -35.78 61.49 67.62
N GLU VA 91 -34.62 61.19 67.03
CA GLU VA 91 -34.61 60.53 65.73
C GLU VA 91 -35.02 59.07 65.82
N TRP VA 92 -34.57 58.35 66.85
CA TRP VA 92 -34.76 56.91 66.91
C TRP VA 92 -35.82 56.48 67.92
N TYR VA 93 -36.61 57.41 68.45
CA TYR VA 93 -37.68 57.08 69.38
C TYR VA 93 -38.83 58.05 69.16
N PRO VA 94 -39.81 57.68 68.35
CA PRO VA 94 -40.95 58.58 68.10
C PRO VA 94 -41.81 58.74 69.34
N SER VA 95 -42.61 59.81 69.33
CA SER VA 95 -43.53 60.08 70.43
C SER VA 95 -44.62 59.02 70.48
N LEU VA 96 -45.19 58.85 71.68
CA LEU VA 96 -46.24 57.85 71.88
C LEU VA 96 -47.46 58.16 71.02
N ALA VA 97 -47.85 59.44 70.93
CA ALA VA 97 -48.98 59.81 70.10
C ALA VA 97 -48.71 59.51 68.63
N ALA VA 98 -47.49 59.82 68.16
CA ALA VA 98 -47.15 59.53 66.77
C ALA VA 98 -47.17 58.02 66.50
N MET VA 99 -46.65 57.23 67.43
CA MET VA 99 -46.66 55.78 67.26
C MET VA 99 -48.08 55.23 67.24
N GLN VA 100 -48.95 55.75 68.11
CA GLN VA 100 -50.34 55.32 68.10
C GLN VA 100 -51.03 55.72 66.81
N GLU VA 101 -50.74 56.92 66.29
CA GLU VA 101 -51.30 57.33 65.01
C GLU VA 101 -50.84 56.43 63.88
N SER VA 102 -49.55 56.06 63.89
CA SER VA 102 -49.04 55.14 62.87
C SER VA 102 -49.72 53.79 62.95
N LEU VA 103 -49.89 53.27 64.17
CA LEU VA 103 -50.59 52.00 64.35
C LEU VA 103 -52.03 52.07 63.87
N ARG VA 104 -52.71 53.19 64.16
CA ARG VA 104 -54.08 53.36 63.69
C ARG VA 104 -54.14 53.41 62.17
N VAL VA 105 -53.18 54.09 61.54
CA VAL VA 105 -53.13 54.15 60.09
C VAL VA 105 -52.91 52.76 59.50
N GLN VA 106 -52.00 51.99 60.10
CA GLN VA 106 -51.75 50.63 59.61
C GLN VA 106 -52.99 49.75 59.77
N GLN VA 107 -53.68 49.86 60.90
CA GLN VA 107 -54.90 49.07 61.09
C GLN VA 107 -55.98 49.48 60.10
N LEU VA 108 -56.11 50.78 59.84
CA LEU VA 108 -57.08 51.25 58.86
C LEU VA 108 -56.74 50.71 57.47
N ALA VA 109 -55.45 50.70 57.10
CA ALA VA 109 -55.05 50.16 55.81
C ALA VA 109 -55.36 48.68 55.71
N GLU VA 110 -55.07 47.92 56.78
CA GLU VA 110 -55.37 46.49 56.76
C GLU VA 110 -56.87 46.23 56.63
N GLU VA 111 -57.68 47.00 57.38
CA GLU VA 111 -59.13 46.83 57.29
C GLU VA 111 -59.63 47.20 55.91
N GLN VA 112 -59.07 48.26 55.30
CA GLN VA 112 -59.44 48.63 53.95
C GLN VA 112 -59.12 47.51 52.96
N LYS VA 113 -57.94 46.89 53.10
CA LYS VA 113 -57.60 45.78 52.22
C LYS VA 113 -58.57 44.62 52.40
N ARG VA 114 -58.90 44.29 53.65
CA ARG VA 114 -59.85 43.20 53.91
C ARG VA 114 -61.21 43.50 53.29
N GLN VA 115 -61.70 44.73 53.46
CA GLN VA 115 -63.01 45.08 52.92
C GLN VA 115 -63.00 45.09 51.40
N ALA VA 116 -61.91 45.57 50.79
CA ALA VA 116 -61.81 45.55 49.34
C ALA VA 116 -61.79 44.12 48.81
N ARG VA 117 -61.06 43.23 49.48
CA ARG VA 117 -61.05 41.83 49.06
C ARG VA 117 -62.43 41.21 49.18
N GLU VA 118 -63.13 41.48 50.29
CA GLU VA 118 -64.47 40.93 50.47
C GLU VA 118 -65.43 41.47 49.42
N GLN VA 119 -65.33 42.77 49.11
CA GLN VA 119 -66.20 43.37 48.10
C GLN VA 119 -65.94 42.77 46.73
N LEU VA 120 -64.67 42.58 46.37
CA LEU VA 120 -64.35 41.98 45.08
C LEU VA 120 -64.85 40.54 45.02
N ILE VA 121 -64.69 39.79 46.10
CA ILE VA 121 -65.17 38.41 46.13
C ILE VA 121 -66.68 38.36 45.95
N GLU VA 122 -67.41 39.23 46.66
CA GLU VA 122 -68.86 39.25 46.54
C GLU VA 122 -69.29 39.65 45.14
N GLU VA 123 -68.64 40.67 44.56
CA GLU VA 123 -69.00 41.12 43.22
C GLU VA 123 -68.75 40.04 42.19
N CYS VA 124 -67.64 39.31 42.28
CA CYS VA 124 -67.37 38.24 41.33
C CYS VA 124 -68.22 37.01 41.58
N MET VA 125 -68.66 36.78 42.82
CA MET VA 125 -69.52 35.64 43.11
C MET VA 125 -70.96 35.88 42.70
N ALA VA 126 -71.42 37.12 42.73
CA ALA VA 126 -72.78 37.42 42.30
C ALA VA 126 -73.00 37.10 40.82
N LYS VA 127 -71.96 37.24 39.99
CA LYS VA 127 -72.05 36.95 38.56
C LYS VA 127 -71.65 35.51 38.24
N MET VA 128 -71.29 34.71 39.25
CA MET VA 128 -70.77 33.37 38.98
C MET VA 128 -71.78 32.47 38.28
N PRO VA 129 -73.04 32.34 38.73
CA PRO VA 129 -73.97 31.48 37.99
C PRO VA 129 -74.18 31.90 36.55
N GLN VA 130 -74.24 33.21 36.29
CA GLN VA 130 -74.37 33.68 34.91
C GLN VA 130 -73.16 33.28 34.09
N MET VA 131 -71.95 33.43 34.65
CA MET VA 131 -70.75 33.06 33.92
C MET VA 131 -70.69 31.56 33.62
N ILE VA 132 -71.05 30.73 34.60
CA ILE VA 132 -70.99 29.29 34.34
C ILE VA 132 -72.07 28.87 33.35
N GLU VA 133 -73.25 29.48 33.42
CA GLU VA 133 -74.28 29.19 32.42
C GLU VA 133 -73.84 29.60 31.03
N ASN VA 134 -73.21 30.78 30.91
CA ASN VA 134 -72.72 31.22 29.61
C ASN VA 134 -71.64 30.28 29.08
N TRP VA 135 -70.74 29.84 29.96
CA TRP VA 135 -69.71 28.89 29.54
C TRP VA 135 -70.31 27.58 29.07
N ARG VA 136 -71.30 27.07 29.80
CA ARG VA 136 -71.95 25.83 29.39
C ARG VA 136 -72.65 25.99 28.05
N GLN VA 137 -73.34 27.10 27.85
CA GLN VA 137 -74.03 27.33 26.58
C GLN VA 137 -73.05 27.47 25.44
N GLN VA 138 -71.92 28.15 25.67
CA GLN VA 138 -70.91 28.28 24.62
C GLN VA 138 -70.31 26.93 24.26
N GLN VA 139 -70.01 26.11 25.27
CA GLN VA 139 -69.46 24.78 25.00
C GLN VA 139 -70.47 23.92 24.23
N GLN VA 140 -71.73 23.97 24.64
CA GLN VA 140 -72.77 23.21 23.95
C GLN VA 140 -72.92 23.68 22.50
N GLU VA 141 -72.89 25.00 22.27
CA GLU VA 141 -72.99 25.53 20.93
C GLU VA 141 -71.80 25.08 20.07
N ARG VA 142 -70.60 25.09 20.64
CA ARG VA 142 -69.43 24.64 19.88
C ARG VA 142 -69.55 23.16 19.52
N ARG VA 143 -69.97 22.33 20.48
CA ARG VA 143 -70.14 20.91 20.19
C ARG VA 143 -71.20 20.69 19.12
N GLU VA 144 -72.32 21.41 19.22
CA GLU VA 144 -73.37 21.28 18.22
C GLU VA 144 -72.90 21.72 16.84
N LYS VA 145 -72.12 22.81 16.78
CA LYS VA 145 -71.60 23.26 15.50
C LYS VA 145 -70.66 22.23 14.89
N GLU VA 146 -69.78 21.65 15.70
CA GLU VA 146 -68.86 20.63 15.19
C GLU VA 146 -69.63 19.40 14.70
N GLN VA 147 -70.63 18.97 15.47
CA GLN VA 147 -71.42 17.80 15.06
C GLN VA 147 -72.20 18.08 13.79
N ALA VA 148 -72.75 19.29 13.66
CA ALA VA 148 -73.49 19.66 12.45
C ALA VA 148 -72.56 19.70 11.24
N ASP VA 149 -71.35 20.23 11.41
CA ASP VA 149 -70.39 20.24 10.31
C ASP VA 149 -70.02 18.82 9.90
N LYS VA 150 -69.80 17.94 10.88
CA LYS VA 150 -69.47 16.55 10.56
C LYS VA 150 -70.63 15.86 9.84
N ASP VA 151 -71.86 16.09 10.30
CA ASP VA 151 -73.02 15.48 9.66
C ASP VA 151 -73.20 16.00 8.24
N ARG VA 152 -72.99 17.31 8.03
CA ARG VA 152 -73.09 17.86 6.68
C ARG VA 152 -72.02 17.29 5.77
N ARG VA 153 -70.80 17.14 6.27
CA ARG VA 153 -69.73 16.52 5.48
C ARG VA 153 -70.08 15.10 5.10
N ALA VA 154 -70.58 14.31 6.06
CA ALA VA 154 -70.96 12.94 5.78
C ALA VA 154 -72.09 12.87 4.77
N ARG VA 155 -73.09 13.76 4.89
CA ARG VA 155 -74.21 13.74 3.96
C ARG VA 155 -73.79 14.15 2.56
N LEU VA 156 -72.88 15.13 2.44
CA LEU VA 156 -72.44 15.54 1.10
C LEU VA 156 -71.50 14.51 0.47
N GLN VA 157 -70.77 13.76 1.28
CA GLN VA 157 -69.91 12.70 0.73
C GLN VA 157 -70.66 11.41 0.44
N ALA VA 158 -71.80 11.18 1.10
CA ALA VA 158 -72.59 9.99 0.82
C ALA VA 158 -73.21 10.02 -0.57
N GLU VA 159 -73.68 11.18 -1.01
CA GLU VA 159 -74.28 11.31 -2.34
C GLU VA 159 -73.24 11.11 -3.44
N PRO WA 40 97.92 -8.46 15.25
CA PRO WA 40 99.30 -8.46 15.76
C PRO WA 40 99.55 -7.35 16.77
N VAL WA 41 98.71 -6.31 16.74
CA VAL WA 41 98.81 -5.18 17.64
C VAL WA 41 97.49 -5.01 18.38
N ALA WA 42 97.57 -4.83 19.70
CA ALA WA 42 96.37 -4.64 20.51
C ALA WA 42 95.72 -3.30 20.15
N ARG WA 43 94.41 -3.32 19.97
CA ARG WA 43 93.63 -2.14 19.63
C ARG WA 43 92.64 -1.87 20.74
N TYR WA 44 92.89 -0.82 21.53
CA TYR WA 44 92.04 -0.49 22.65
C TYR WA 44 91.15 0.70 22.35
N PRO WA 45 89.89 0.66 22.77
CA PRO WA 45 89.00 1.81 22.59
C PRO WA 45 89.40 2.96 23.49
N PRO WA 46 89.01 4.18 23.16
CA PRO WA 46 89.37 5.32 24.01
C PRO WA 46 88.72 5.23 25.38
N ILE WA 47 89.40 5.84 26.36
CA ILE WA 47 88.95 5.80 27.75
C ILE WA 47 88.05 6.98 28.09
N VAL WA 48 87.52 7.66 27.09
CA VAL WA 48 86.61 8.78 27.34
C VAL WA 48 85.33 8.26 27.97
N ALA WA 49 84.65 9.13 28.71
CA ALA WA 49 83.44 8.75 29.43
C ALA WA 49 82.30 8.47 28.45
N SER WA 50 81.19 7.97 28.99
CA SER WA 50 80.02 7.70 28.20
C SER WA 50 79.34 9.00 27.80
N LEU WA 51 78.49 8.92 26.77
CA LEU WA 51 77.81 10.08 26.22
C LEU WA 51 76.38 10.24 26.71
N THR WA 52 75.67 9.14 26.92
CA THR WA 52 74.27 9.17 27.33
C THR WA 52 74.08 8.92 28.83
N ALA WA 53 75.16 8.90 29.59
CA ALA WA 53 75.07 8.65 31.03
C ALA WA 53 74.63 9.90 31.77
N LYS WA 54 74.24 9.71 33.04
CA LYS WA 54 73.83 10.81 33.90
C LYS WA 54 74.99 11.44 34.67
N SER WA 55 76.19 10.87 34.56
CA SER WA 55 77.30 11.33 35.37
C SER WA 55 77.80 12.71 34.91
N LYS WA 56 78.51 13.38 35.82
CA LYS WA 56 79.11 14.66 35.50
C LYS WA 56 80.13 14.53 34.38
N ALA WA 57 80.83 13.40 34.32
CA ALA WA 57 81.74 13.16 33.20
C ALA WA 57 80.98 13.11 31.88
N ALA WA 58 79.81 12.46 31.86
CA ALA WA 58 79.00 12.44 30.65
C ALA WA 58 78.50 13.83 30.30
N ARG WA 59 78.11 14.63 31.30
CA ARG WA 59 77.68 15.99 31.03
C ARG WA 59 78.82 16.81 30.43
N GLN WA 60 80.03 16.65 30.97
CA GLN WA 60 81.19 17.34 30.43
C GLN WA 60 81.50 16.87 29.01
N ARG WA 61 81.31 15.59 28.73
CA ARG WA 61 81.52 15.10 27.36
C ARG WA 61 80.51 15.72 26.40
N ARG WA 62 79.25 15.86 26.82
CA ARG WA 62 78.26 16.53 25.98
C ARG WA 62 78.63 18.01 25.77
N VAL WA 63 79.13 18.66 26.82
CA VAL WA 63 79.57 20.04 26.70
C VAL WA 63 80.70 20.15 25.67
N GLU WA 64 81.66 19.23 25.76
CA GLU WA 64 82.74 19.20 24.78
C GLU WA 64 82.21 18.93 23.38
N GLN WA 65 81.19 18.09 23.27
CA GLN WA 65 80.61 17.80 21.96
C GLN WA 65 80.00 19.04 21.33
N TRP WA 66 79.23 19.81 22.10
CA TRP WA 66 78.62 21.00 21.50
C TRP WA 66 79.66 22.10 21.27
N GLN WA 67 80.69 22.16 22.11
CA GLN WA 67 81.79 23.09 21.83
C GLN WA 67 82.53 22.71 20.56
N ALA WA 68 82.73 21.41 20.32
CA ALA WA 68 83.33 20.96 19.07
C ALA WA 68 82.42 21.25 17.88
N THR WA 69 81.11 21.18 18.08
CA THR WA 69 80.18 21.59 17.03
C THR WA 69 80.36 23.06 16.70
N VAL WA 70 80.52 23.90 17.74
CA VAL WA 70 80.78 25.32 17.51
C VAL WA 70 82.09 25.50 16.75
N HIS WA 71 83.13 24.76 17.13
CA HIS WA 71 84.40 24.84 16.42
C HIS WA 71 84.25 24.46 14.95
N ALA WA 72 83.50 23.39 14.68
CA ALA WA 72 83.26 22.94 13.31
C ALA WA 72 82.34 23.86 12.53
N ALA WA 73 81.60 24.73 13.21
CA ALA WA 73 80.77 25.70 12.52
C ALA WA 73 81.63 26.59 11.62
N LYS WA 74 81.13 26.85 10.41
CA LYS WA 74 81.90 27.55 9.40
C LYS WA 74 81.85 29.07 9.56
N SER WA 75 80.66 29.64 9.52
CA SER WA 75 80.51 31.10 9.54
C SER WA 75 80.41 31.63 10.97
N VAL WA 76 80.90 32.86 11.15
CA VAL WA 76 80.82 33.50 12.45
C VAL WA 76 79.36 33.74 12.86
N ASP WA 77 78.49 33.99 11.88
CA ASP WA 77 77.07 34.12 12.18
C ASP WA 77 76.51 32.83 12.78
N GLU WA 78 76.85 31.69 12.18
CA GLU WA 78 76.42 30.41 12.74
C GLU WA 78 77.03 30.17 14.11
N LYS WA 79 78.30 30.53 14.29
CA LYS WA 79 78.94 30.36 15.60
C LYS WA 79 78.20 31.17 16.66
N LEU WA 80 77.89 32.43 16.37
CA LEU WA 80 77.17 33.26 17.32
C LEU WA 80 75.77 32.74 17.58
N ARG WA 81 75.09 32.26 16.53
CA ARG WA 81 73.75 31.71 16.70
C ARG WA 81 73.77 30.50 17.63
N ILE WA 82 74.74 29.60 17.43
CA ILE WA 82 74.83 28.43 18.29
C ILE WA 82 75.22 28.82 19.72
N LEU WA 83 76.12 29.79 19.87
CA LEU WA 83 76.56 30.18 21.20
C LEU WA 83 75.49 30.91 21.99
N THR WA 84 74.61 31.66 21.32
CA THR WA 84 73.61 32.46 22.01
C THR WA 84 72.18 31.97 21.79
N LYS WA 85 72.00 30.76 21.25
CA LYS WA 85 70.65 30.24 21.09
C LYS WA 85 70.03 29.77 22.40
N MET WA 86 70.82 29.64 23.46
CA MET WA 86 70.30 29.28 24.77
C MET WA 86 69.96 30.54 25.56
N GLN WA 87 68.82 30.51 26.25
CA GLN WA 87 68.26 31.67 26.92
C GLN WA 87 68.11 31.43 28.41
N PHE WA 88 69.13 30.86 29.04
CA PHE WA 88 69.09 30.62 30.47
C PHE WA 88 69.15 31.95 31.24
N MET WA 89 69.02 31.87 32.56
CA MET WA 89 69.02 33.05 33.40
C MET WA 89 70.38 33.74 33.34
N LYS WA 90 70.35 35.07 33.48
CA LYS WA 90 71.57 35.86 33.35
C LYS WA 90 71.41 37.16 34.12
N TYR WA 91 72.54 37.78 34.44
CA TYR WA 91 72.55 39.08 35.08
C TYR WA 91 72.58 40.19 34.03
N VAL WA 92 71.99 41.32 34.39
CA VAL WA 92 71.97 42.51 33.52
C VAL WA 92 72.93 43.51 34.15
N VAL WA 93 74.04 43.80 33.47
CA VAL WA 93 75.04 44.71 33.97
C VAL WA 93 74.86 46.07 33.31
N TYR WA 94 74.55 47.09 34.10
CA TYR WA 94 74.38 48.45 33.61
C TYR WA 94 75.68 49.22 33.75
N PRO WA 95 76.25 49.71 32.65
CA PRO WA 95 77.47 50.53 32.75
C PRO WA 95 77.28 51.76 33.62
N GLN WA 96 76.12 52.40 33.52
CA GLN WA 96 75.79 53.56 34.34
C GLN WA 96 75.03 53.06 35.56
N THR WA 97 75.77 52.73 36.61
CA THR WA 97 75.20 52.12 37.81
C THR WA 97 75.27 53.10 38.98
N PHE WA 98 74.30 52.97 39.88
CA PHE WA 98 74.21 53.81 41.07
C PHE WA 98 74.83 53.15 42.29
N ALA WA 99 75.42 51.97 42.15
CA ALA WA 99 76.06 51.31 43.28
C ALA WA 99 77.28 52.11 43.72
N LEU WA 100 77.57 52.02 45.02
CA LEU WA 100 78.69 52.76 45.60
C LEU WA 100 80.02 52.32 44.98
N ASN WA 101 80.39 51.06 45.21
CA ASN WA 101 81.65 50.52 44.71
C ASN WA 101 81.30 49.41 43.74
N ALA WA 102 81.00 49.78 42.50
CA ALA WA 102 80.69 48.82 41.45
C ALA WA 102 81.87 48.53 40.55
N ASP WA 103 82.91 49.37 40.58
CA ASP WA 103 84.09 49.11 39.77
C ASP WA 103 84.78 47.81 40.18
N ASN WA 104 84.87 47.58 41.49
CA ASN WA 104 85.49 46.35 41.98
C ASN WA 104 84.68 45.12 41.56
N TRP WA 105 83.35 45.20 41.67
CA TRP WA 105 82.51 44.08 41.25
C TRP WA 105 82.63 43.83 39.75
N TYR WA 106 82.68 44.90 38.95
CA TYR WA 106 82.84 44.73 37.50
C TYR WA 106 84.19 44.13 37.17
N GLN WA 107 85.24 44.54 37.88
CA GLN WA 107 86.56 43.94 37.69
C GLN WA 107 86.54 42.46 38.05
N SER WA 108 85.83 42.10 39.13
CA SER WA 108 85.71 40.69 39.49
C SER WA 108 84.97 39.91 38.41
N PHE WA 109 83.91 40.49 37.86
CA PHE WA 109 83.14 39.82 36.81
C PHE WA 109 83.93 39.69 35.51
N THR WA 110 84.84 40.64 35.26
CA THR WA 110 85.50 40.71 33.97
C THR WA 110 86.91 40.14 33.96
N LYS WA 111 87.49 39.89 35.13
CA LYS WA 111 88.91 39.54 35.25
C LYS WA 111 89.77 40.62 34.60
N THR WA 112 89.56 41.86 35.06
CA THR WA 112 90.22 43.03 34.51
C THR WA 112 90.92 43.80 35.62
N VAL WA 113 92.17 44.16 35.39
CA VAL WA 113 92.96 44.96 36.32
C VAL WA 113 92.97 46.41 35.84
N PHE WA 114 92.73 47.33 36.75
CA PHE WA 114 92.65 48.75 36.44
C PHE WA 114 93.94 49.44 36.83
N LEU WA 115 94.52 50.17 35.89
CA LEU WA 115 95.76 50.91 36.09
C LEU WA 115 95.49 52.40 35.93
N SER WA 116 95.81 53.17 36.97
CA SER WA 116 95.67 54.61 36.88
C SER WA 116 96.71 55.20 35.94
N GLY WA 117 96.32 56.22 35.19
CA GLY WA 117 97.21 56.87 34.24
C GLY WA 117 97.09 56.28 32.85
N LEU WA 118 97.66 57.02 31.90
CA LEU WA 118 97.61 56.59 30.50
C LEU WA 118 98.53 55.39 30.27
N PRO WA 119 98.24 54.58 29.27
CA PRO WA 119 99.17 53.49 28.90
C PRO WA 119 100.46 54.06 28.34
N PRO WA 120 101.53 53.26 28.31
CA PRO WA 120 102.81 53.78 27.79
C PRO WA 120 102.65 54.30 26.36
N THR WA 121 103.20 55.49 26.12
CA THR WA 121 103.04 56.14 24.83
C THR WA 121 104.01 55.55 23.82
N PRO WA 122 103.54 55.12 22.65
CA PRO WA 122 104.45 54.71 21.55
C PRO WA 122 105.14 55.94 20.94
N ALA WA 123 106.27 56.29 21.53
CA ALA WA 123 107.00 57.51 21.15
C ALA WA 123 107.70 57.41 19.80
N LYS WA 124 107.55 56.34 19.03
CA LYS WA 124 108.13 56.24 17.69
C LYS WA 124 107.30 56.95 16.64
N LEU WA 125 106.39 57.83 17.05
CA LEU WA 125 105.50 58.52 16.13
C LEU WA 125 106.25 59.57 15.32
N GLU WA 126 105.70 59.88 14.14
CA GLU WA 126 106.26 60.89 13.27
C GLU WA 126 105.88 62.30 13.76
N PRO WA 127 106.65 63.33 13.39
CA PRO WA 127 106.29 64.69 13.80
C PRO WA 127 105.05 65.21 13.07
N GLU WA 128 103.93 64.51 13.24
CA GLU WA 128 102.65 64.85 12.62
C GLU WA 128 101.90 65.97 13.35
N PRO WA 129 101.77 65.94 14.71
CA PRO WA 129 100.85 66.88 15.36
C PRO WA 129 101.30 68.33 15.29
N THR WA 130 101.13 68.96 14.14
CA THR WA 130 101.36 70.38 13.96
C THR WA 130 100.06 71.14 13.72
N LEU WA 131 98.97 70.64 14.31
CA LEU WA 131 97.64 71.20 14.07
C LEU WA 131 97.49 72.56 14.75
N ASP WA 132 96.30 73.14 14.61
CA ASP WA 132 96.02 74.48 15.12
C ASP WA 132 95.28 74.36 16.45
N ILE WA 133 96.01 74.54 17.54
CA ILE WA 133 95.41 74.52 18.87
C ILE WA 133 94.39 75.64 18.99
N THR WA 134 94.71 76.82 18.44
CA THR WA 134 93.78 77.94 18.50
C THR WA 134 92.49 77.62 17.76
N ALA WA 135 92.59 77.01 16.58
CA ALA WA 135 91.39 76.66 15.83
C ALA WA 135 90.56 75.60 16.56
N LEU WA 136 91.23 74.61 17.15
CA LEU WA 136 90.50 73.58 17.90
C LEU WA 136 89.78 74.19 19.10
N ARG WA 137 90.46 75.08 19.84
CA ARG WA 137 89.84 75.75 20.97
C ARG WA 137 88.67 76.62 20.51
N GLU WA 138 88.82 77.29 19.37
CA GLU WA 138 87.73 78.11 18.84
C GLU WA 138 86.52 77.24 18.51
N ALA WA 139 86.75 76.08 17.89
CA ALA WA 139 85.64 75.19 17.57
C ALA WA 139 84.96 74.67 18.82
N VAL WA 140 85.73 74.27 19.83
CA VAL WA 140 85.14 73.76 21.06
C VAL WA 140 84.33 74.85 21.77
N CYS WA 141 84.90 76.06 21.84
CA CYS WA 141 84.19 77.16 22.47
C CYS WA 141 82.93 77.54 21.70
N ASP WA 142 82.98 77.50 20.37
CA ASP WA 142 81.78 77.78 19.57
C ASP WA 142 80.70 76.74 19.84
N CYS WA 143 81.08 75.47 19.91
CA CYS WA 143 80.10 74.42 20.21
C CYS WA 143 79.48 74.63 21.59
N LEU WA 144 80.32 74.94 22.58
CA LEU WA 144 79.81 75.16 23.94
C LEU WA 144 78.85 76.35 23.98
N LEU WA 145 79.26 77.47 23.36
CA LEU WA 145 78.41 78.66 23.37
C LEU WA 145 77.11 78.43 22.62
N GLN WA 146 77.16 77.71 21.50
CA GLN WA 146 75.95 77.39 20.77
C GLN WA 146 75.00 76.56 21.64
N GLU WA 147 75.51 75.48 22.23
CA GLU WA 147 74.64 74.56 22.95
C GLU WA 147 74.25 75.05 24.33
N HIS WA 148 74.86 76.12 24.83
CA HIS WA 148 74.50 76.67 26.13
C HIS WA 148 73.74 77.99 26.06
N PHE WA 149 74.16 78.90 25.20
CA PHE WA 149 73.60 80.25 25.19
C PHE WA 149 73.04 80.66 23.84
N PHE WA 150 73.72 80.34 22.74
CA PHE WA 150 73.31 80.85 21.43
C PHE WA 150 72.03 80.19 20.93
N LEU WA 151 71.92 78.87 21.07
CA LEU WA 151 70.79 78.14 20.49
C LEU WA 151 69.51 78.50 21.23
N ARG WA 152 68.56 79.07 20.51
CA ARG WA 152 67.25 79.40 21.07
C ARG WA 152 66.33 78.20 20.85
N ARG WA 153 65.78 77.68 21.95
CA ARG WA 153 64.86 76.56 21.91
C ARG WA 153 63.56 76.94 22.62
N LYS WA 154 62.67 75.96 22.78
CA LYS WA 154 61.41 76.22 23.47
C LYS WA 154 61.67 76.63 24.91
N LYS WA 155 60.82 77.55 25.40
CA LYS WA 155 60.96 78.07 26.75
C LYS WA 155 60.84 76.96 27.78
N ARG WA 156 61.93 76.71 28.51
CA ARG WA 156 61.97 75.64 29.50
C ARG WA 156 61.32 76.13 30.78
N ALA WA 157 60.10 75.64 31.06
CA ALA WA 157 59.43 76.01 32.29
C ALA WA 157 60.20 75.60 33.55
N PRO WA 158 60.75 74.38 33.67
CA PRO WA 158 61.61 74.09 34.82
C PRO WA 158 62.89 74.91 34.74
N VAL WA 159 63.14 75.70 35.78
CA VAL WA 159 64.30 76.60 35.81
C VAL WA 159 65.53 75.80 36.24
N ILE WA 160 65.34 74.53 36.58
CA ILE WA 160 66.45 73.70 37.02
C ILE WA 160 67.49 73.52 35.92
N GLN WA 161 67.08 73.58 34.65
CA GLN WA 161 67.97 73.50 33.50
C GLN WA 161 68.79 72.21 33.52
N ASP WA 162 68.07 71.11 33.33
CA ASP WA 162 68.68 69.78 33.29
C ASP WA 162 69.76 69.74 32.21
N ARG WA 163 70.90 69.15 32.54
CA ARG WA 163 72.09 69.18 31.69
C ARG WA 163 72.08 68.10 30.62
N GLU WA 164 71.14 67.16 30.66
CA GLU WA 164 71.08 66.12 29.64
C GLU WA 164 70.80 66.70 28.27
N ALA WA 165 69.74 67.52 28.16
CA ALA WA 165 69.40 68.16 26.90
C ALA WA 165 70.38 69.26 26.53
N ILE WA 166 71.24 69.67 27.45
CA ILE WA 166 72.28 70.66 27.15
C ILE WA 166 73.56 69.99 26.68
N ALA WA 167 73.92 68.86 27.30
CA ALA WA 167 75.17 68.19 26.99
C ALA WA 167 75.08 67.23 25.81
N SER WA 168 73.94 66.54 25.63
CA SER WA 168 73.84 65.56 24.55
C SER WA 168 74.04 66.20 23.17
N PRO WA 169 73.31 67.25 22.79
CA PRO WA 169 73.63 67.90 21.52
C PRO WA 169 75.03 68.48 21.50
N PHE WA 170 75.51 68.99 22.65
CA PHE WA 170 76.87 69.48 22.72
C PHE WA 170 77.87 68.36 22.47
N LEU WA 171 77.66 67.19 23.07
CA LEU WA 171 78.56 66.08 22.85
C LEU WA 171 78.56 65.64 21.39
N ASP WA 172 77.36 65.55 20.79
CA ASP WA 172 77.28 65.15 19.39
C ASP WA 172 78.00 66.14 18.49
N GLN WA 173 77.76 67.43 18.69
CA GLN WA 173 78.39 68.45 17.85
C GLN WA 173 79.89 68.49 18.07
N LEU WA 174 80.35 68.33 19.31
CA LEU WA 174 81.79 68.30 19.58
C LEU WA 174 82.45 67.11 18.89
N VAL WA 175 81.82 65.94 18.96
CA VAL WA 175 82.38 64.77 18.30
C VAL WA 175 82.46 65.00 16.79
N ALA WA 176 81.38 65.52 16.20
CA ALA WA 176 81.36 65.75 14.77
C ALA WA 176 82.42 66.77 14.35
N SER WA 177 82.53 67.87 15.09
CA SER WA 177 83.49 68.91 14.75
C SER WA 177 84.93 68.41 14.90
N LEU WA 178 85.21 67.67 15.99
CA LEU WA 178 86.55 67.13 16.16
C LEU WA 178 86.90 66.15 15.06
N THR WA 179 85.95 65.27 14.69
CA THR WA 179 86.20 64.34 13.60
C THR WA 179 86.49 65.08 12.31
N GLY WA 180 85.69 66.09 12.00
CA GLY WA 180 85.90 66.85 10.77
C GLY WA 180 87.21 67.59 10.75
N LEU WA 181 87.62 68.17 11.87
CA LEU WA 181 88.86 68.94 11.92
C LEU WA 181 90.09 68.04 11.89
N LEU WA 182 90.07 66.93 12.64
CA LEU WA 182 91.22 66.06 12.75
C LEU WA 182 91.28 65.00 11.65
N SER WA 183 90.24 64.90 10.82
CA SER WA 183 90.29 63.97 9.70
C SER WA 183 91.33 64.35 8.66
N VAL WA 184 91.71 65.63 8.60
CA VAL WA 184 92.76 66.05 7.67
C VAL WA 184 94.09 65.40 8.03
N HIS WA 185 94.44 65.41 9.32
CA HIS WA 185 95.68 64.77 9.75
C HIS WA 185 95.56 63.25 9.75
N ASN WA 186 94.41 62.73 10.15
CA ASN WA 186 94.20 61.29 10.22
C ASN WA 186 93.22 60.86 9.14
N PRO WA 187 93.69 60.27 8.03
CA PRO WA 187 92.77 59.87 6.96
C PRO WA 187 91.79 58.76 7.37
N VAL WA 188 92.08 58.01 8.44
CA VAL WA 188 91.19 56.94 8.86
C VAL WA 188 89.85 57.49 9.31
N LEU WA 189 89.84 58.67 9.95
CA LEU WA 189 88.58 59.27 10.38
C LEU WA 189 87.65 59.60 9.22
N ALA WA 190 88.21 59.90 8.04
CA ALA WA 190 87.37 60.15 6.88
C ALA WA 190 86.59 58.92 6.48
N ALA WA 191 87.24 57.76 6.47
CA ALA WA 191 86.58 56.51 6.11
C ALA WA 191 85.82 55.88 7.28
N ALA WA 192 86.00 56.40 8.50
CA ALA WA 192 85.31 55.86 9.66
C ALA WA 192 83.83 56.22 9.63
N ALA WA 193 83.05 55.41 10.32
CA ALA WA 193 81.61 55.61 10.45
C ALA WA 193 81.28 56.08 11.86
N LEU WA 194 80.38 57.05 11.95
CA LEU WA 194 79.96 57.64 13.22
C LEU WA 194 78.61 57.08 13.62
N ASP WA 195 78.55 56.46 14.79
CA ASP WA 195 77.30 55.91 15.32
C ASP WA 195 76.78 56.82 16.42
N CYS WA 196 75.52 57.23 16.28
CA CYS WA 196 74.87 58.15 17.23
C CYS WA 196 73.80 57.37 17.98
N LYS WA 197 74.08 57.07 19.26
CA LYS WA 197 73.14 56.40 20.15
C LYS WA 197 72.67 55.07 19.57
N ARG WA 198 73.63 54.22 19.22
CA ARG WA 198 73.36 52.90 18.69
C ARG WA 198 73.76 51.85 19.72
N PRO WA 199 72.88 50.92 20.06
CA PRO WA 199 73.16 49.99 21.16
C PRO WA 199 74.31 49.05 20.85
N VAL WA 200 75.01 48.66 21.92
CA VAL WA 200 76.07 47.66 21.88
C VAL WA 200 75.73 46.59 22.91
N HIS WA 201 75.64 45.35 22.46
CA HIS WA 201 75.23 44.24 23.29
C HIS WA 201 76.34 43.20 23.38
N PHE WA 202 76.52 42.64 24.57
CA PHE WA 202 77.50 41.58 24.77
C PHE WA 202 77.00 40.63 25.85
N PHE WA 203 77.42 39.38 25.76
CA PHE WA 203 76.98 38.34 26.68
C PHE WA 203 78.13 37.36 26.89
N TRP WA 204 78.37 36.99 28.14
CA TRP WA 204 79.48 36.08 28.45
C TRP WA 204 79.17 35.30 29.72
N LEU WA 205 80.09 34.42 30.10
CA LEU WA 205 79.98 33.59 31.28
C LEU WA 205 81.19 33.80 32.18
N ARG WA 206 80.99 33.61 33.48
CA ARG WA 206 82.06 33.84 34.45
C ARG WA 206 81.81 32.99 35.68
N GLY WA 207 82.60 31.95 35.87
CA GLY WA 207 82.55 31.15 37.08
C GLY WA 207 81.35 30.23 37.13
N GLU WA 208 81.22 29.56 38.27
CA GLU WA 208 80.14 28.63 38.54
C GLU WA 208 79.37 29.08 39.78
N GLU WA 209 78.20 28.48 39.98
CA GLU WA 209 77.38 28.77 41.14
C GLU WA 209 76.47 27.60 41.42
N ILE WA 210 76.44 27.14 42.67
CA ILE WA 210 75.53 26.09 43.08
C ILE WA 210 74.15 26.71 43.31
N ILE WA 211 73.13 26.12 42.69
CA ILE WA 211 71.77 26.66 42.76
C ILE WA 211 71.25 26.48 44.18
N PRO WA 212 70.90 27.55 44.88
CA PRO WA 212 70.51 27.42 46.29
C PRO WA 212 69.06 27.00 46.49
N ARG WA 213 68.17 27.44 45.58
CA ARG WA 213 66.73 27.24 45.76
C ARG WA 213 66.11 26.71 44.48
N GLY WA 214 65.01 26.00 44.63
CA GLY WA 214 64.31 25.38 43.53
C GLY WA 214 64.59 23.89 43.43
N HIS WA 215 63.91 23.27 42.47
CA HIS WA 215 64.10 21.83 42.24
C HIS WA 215 65.46 21.51 41.65
N ARG WA 216 66.21 22.52 41.21
CA ARG WA 216 67.57 22.33 40.72
C ARG WA 216 68.61 22.57 41.80
N LYS WA 217 68.23 22.49 43.07
CA LYS WA 217 69.14 22.75 44.17
C LYS WA 217 70.25 21.69 44.22
N GLY WA 218 71.46 22.14 44.52
CA GLY WA 218 72.60 21.26 44.62
C GLY WA 218 73.33 21.01 43.31
N ARG WA 219 72.82 21.54 42.21
CA ARG WA 219 73.45 21.37 40.91
C ARG WA 219 74.25 22.60 40.53
N VAL WA 220 75.24 22.41 39.67
CA VAL WA 220 76.18 23.46 39.29
C VAL WA 220 75.64 24.20 38.08
N ASP WA 221 75.59 25.53 38.19
CA ASP WA 221 75.15 26.38 37.09
C ASP WA 221 76.15 27.51 36.92
N ALA WA 222 76.53 27.78 35.67
CA ALA WA 222 77.48 28.84 35.38
C ALA WA 222 76.81 30.21 35.40
N LEU WA 223 77.51 31.18 35.96
CA LEU WA 223 76.99 32.55 36.01
C LEU WA 223 77.11 33.20 34.63
N ARG WA 224 76.02 33.80 34.17
CA ARG WA 224 75.96 34.47 32.88
C ARG WA 224 75.71 35.95 33.06
N TYR WA 225 76.43 36.77 32.30
CA TYR WA 225 76.32 38.22 32.39
C TYR WA 225 76.03 38.80 31.01
N GLN WA 226 75.19 39.84 31.01
CA GLN WA 226 74.78 40.52 29.80
C GLN WA 226 74.93 42.02 29.98
N ILE WA 227 75.49 42.69 28.98
CA ILE WA 227 75.67 44.14 28.99
C ILE WA 227 74.97 44.69 27.75
N ASN WA 228 74.02 45.58 27.95
CA ASN WA 228 73.30 46.25 26.87
C ASN WA 228 73.50 47.75 27.05
N ASP WA 229 74.60 48.26 26.50
CA ASP WA 229 74.91 49.67 26.64
C ASP WA 229 74.41 50.45 25.42
N LYS WA 230 74.25 51.76 25.61
CA LYS WA 230 73.84 52.66 24.54
C LYS WA 230 74.83 53.83 24.51
N PRO WA 231 76.01 53.63 23.93
CA PRO WA 231 76.99 54.71 23.88
C PRO WA 231 76.47 55.91 23.11
N HIS WA 232 76.83 57.10 23.58
CA HIS WA 232 76.35 58.33 22.96
C HIS WA 232 76.91 58.48 21.55
N ASN WA 233 78.22 58.27 21.39
CA ASN WA 233 78.86 58.40 20.09
C ASN WA 233 79.94 57.33 19.96
N GLN WA 234 79.97 56.67 18.81
CA GLN WA 234 80.95 55.64 18.50
C GLN WA 234 81.62 55.94 17.17
N ILE WA 235 82.86 55.51 17.04
CA ILE WA 235 83.62 55.63 15.79
C ILE WA 235 84.10 54.24 15.41
N ARG WA 236 83.67 53.77 14.24
CA ARG WA 236 84.05 52.44 13.75
C ARG WA 236 84.93 52.60 12.53
N ILE WA 237 86.02 51.82 12.48
CA ILE WA 237 87.01 51.95 11.42
C ILE WA 237 87.17 50.61 10.70
N SER WA 238 88.06 50.57 9.71
CA SER WA 238 88.23 49.39 8.88
C SER WA 238 89.24 48.40 9.46
N ARG WA 239 90.35 48.89 9.99
CA ARG WA 239 91.41 48.03 10.51
C ARG WA 239 91.60 48.30 12.00
N GLN WA 240 91.99 47.25 12.73
CA GLN WA 240 92.14 47.34 14.17
C GLN WA 240 93.30 48.25 14.56
N LEU WA 241 93.12 49.00 15.65
CA LEU WA 241 94.18 49.83 16.17
C LEU WA 241 95.29 48.95 16.77
N PRO WA 242 96.53 49.44 16.78
CA PRO WA 242 97.62 48.66 17.37
C PRO WA 242 97.47 48.53 18.88
N GLU WA 243 98.03 47.43 19.40
CA GLU WA 243 97.96 47.17 20.83
C GLU WA 243 98.85 48.14 21.60
N PHE WA 244 98.55 48.28 22.90
CA PHE WA 244 99.36 49.10 23.80
C PHE WA 244 100.41 48.30 24.54
N VAL WA 245 100.10 47.07 24.94
CA VAL WA 245 101.04 46.20 25.63
C VAL WA 245 100.99 44.83 24.96
N PRO WA 246 102.06 44.04 25.10
CA PRO WA 246 102.07 42.70 24.50
C PRO WA 246 100.98 41.81 25.08
N LEU WA 247 100.71 40.72 24.37
CA LEU WA 247 99.63 39.82 24.74
C LEU WA 247 99.87 39.19 26.12
N ASP WA 248 101.11 38.78 26.38
CA ASP WA 248 101.47 38.15 27.65
C ASP WA 248 102.02 39.13 28.66
N TYR WA 249 101.60 40.40 28.61
CA TYR WA 249 102.05 41.39 29.57
C TYR WA 249 101.59 41.02 30.97
N SER WA 250 102.50 41.08 31.93
CA SER WA 250 102.23 40.69 33.30
C SER WA 250 102.12 41.92 34.19
N ILE WA 251 101.14 41.91 35.09
CA ILE WA 251 100.93 43.00 36.02
C ILE WA 251 100.96 42.46 37.45
N PRO WA 252 101.74 43.04 38.35
CA PRO WA 252 101.72 42.58 39.75
C PRO WA 252 100.35 42.73 40.39
N ILE WA 253 99.57 43.74 40.01
CA ILE WA 253 98.24 43.91 40.57
C ILE WA 253 97.32 42.82 40.05
N GLU WA 254 96.61 42.17 40.97
CA GLU WA 254 95.69 41.10 40.63
C GLU WA 254 94.25 41.61 40.62
N VAL WA 255 93.41 40.89 39.90
CA VAL WA 255 91.98 41.25 39.82
C VAL WA 255 91.34 41.04 41.19
N PRO WA 256 90.64 42.03 41.73
CA PRO WA 256 89.98 41.84 43.04
C PRO WA 256 88.93 40.75 42.96
N VAL WA 257 88.83 39.97 44.03
CA VAL WA 257 87.86 38.88 44.13
C VAL WA 257 86.88 39.22 45.25
N MET WA 258 85.60 39.33 44.90
CA MET WA 258 84.58 39.63 45.89
C MET WA 258 84.06 38.35 46.51
N SER WA 259 84.17 38.26 47.84
CA SER WA 259 83.72 37.07 48.56
C SER WA 259 82.25 37.21 48.97
N CYS WA 260 81.42 37.51 47.98
CA CYS WA 260 80.00 37.69 48.20
C CYS WA 260 79.28 37.50 46.87
N LYS WA 261 77.98 37.22 46.96
CA LYS WA 261 77.19 37.01 45.75
C LYS WA 261 76.98 38.34 45.01
N PRO WA 262 76.85 38.29 43.68
CA PRO WA 262 76.63 39.52 42.91
C PRO WA 262 75.31 40.21 43.24
N ASP WA 263 74.35 39.51 43.85
CA ASP WA 263 73.05 40.10 44.13
C ASP WA 263 73.13 41.27 45.11
N LYS WA 264 74.24 41.42 45.83
CA LYS WA 264 74.38 42.46 46.83
C LYS WA 264 74.98 43.75 46.26
N LEU WA 265 75.24 43.80 44.96
CA LEU WA 265 75.79 45.00 44.35
C LEU WA 265 74.89 46.22 44.52
N PRO WA 266 73.56 46.15 44.29
CA PRO WA 266 72.70 45.03 43.89
C PRO WA 266 72.72 44.70 42.40
N LEU WA 267 72.60 43.42 42.08
CA LEU WA 267 72.39 42.94 40.73
C LEU WA 267 71.27 41.92 40.73
N PHE WA 268 70.49 41.90 39.65
CA PHE WA 268 69.31 41.06 39.57
C PHE WA 268 69.35 40.22 38.31
N LYS WA 269 68.87 38.99 38.43
CA LYS WA 269 68.80 38.08 37.28
C LYS WA 269 67.58 38.38 36.43
N ARG WA 270 67.75 38.22 35.12
CA ARG WA 270 66.66 38.40 34.18
C ARG WA 270 66.90 37.48 32.98
N GLN WA 271 65.83 37.20 32.25
CA GLN WA 271 65.90 36.29 31.10
C GLN WA 271 65.27 36.98 29.90
N TYR WA 272 66.08 37.24 28.87
CA TYR WA 272 65.61 37.76 27.59
C TYR WA 272 66.64 37.40 26.54
N GLU WA 273 66.48 37.96 25.35
CA GLU WA 273 67.35 37.62 24.22
C GLU WA 273 68.78 38.09 24.50
N ASN WA 274 69.72 37.15 24.49
CA ASN WA 274 71.13 37.46 24.72
C ASN WA 274 71.80 37.68 23.37
N THR WA 275 72.02 38.94 23.02
CA THR WA 275 72.62 39.30 21.75
C THR WA 275 74.04 39.83 21.95
N ILE WA 276 74.87 39.63 20.94
CA ILE WA 276 76.24 40.14 20.92
C ILE WA 276 76.33 41.12 19.76
N PHE WA 277 76.26 42.42 20.07
CA PHE WA 277 76.18 43.45 19.05
C PHE WA 277 77.35 44.40 19.20
N ILE WA 278 78.00 44.71 18.07
CA ILE WA 278 79.13 45.65 18.05
C ILE WA 278 78.68 47.06 17.70
N GLY WA 279 77.41 47.26 17.39
CA GLY WA 279 76.93 48.49 16.78
C GLY WA 279 76.50 48.32 15.34
N SER WA 280 76.76 47.17 14.74
CA SER WA 280 76.32 46.85 13.40
C SER WA 280 76.31 45.32 13.25
N LYS WA 281 75.62 44.85 12.22
CA LYS WA 281 75.58 43.41 11.99
C LYS WA 281 76.93 42.94 11.44
N THR WA 282 77.12 41.61 11.46
CA THR WA 282 78.40 41.05 11.05
C THR WA 282 78.69 41.32 9.58
N ALA WA 283 77.65 41.46 8.75
CA ALA WA 283 77.86 41.75 7.34
C ALA WA 283 78.47 43.13 7.09
N ASP WA 284 78.48 44.00 8.10
CA ASP WA 284 79.06 45.32 7.93
C ASP WA 284 80.58 45.19 7.75
N PRO WA 285 81.15 45.85 6.73
CA PRO WA 285 82.60 45.72 6.50
C PRO WA 285 83.45 46.31 7.62
N LEU WA 286 82.91 47.22 8.44
CA LEU WA 286 83.67 47.85 9.52
C LEU WA 286 83.51 47.00 10.76
N CYS WA 287 84.37 46.00 10.91
CA CYS WA 287 84.34 45.07 12.03
C CYS WA 287 85.16 45.54 13.22
N TYR WA 288 85.78 46.72 13.13
CA TYR WA 288 86.59 47.25 14.22
C TYR WA 288 86.13 48.67 14.54
N GLY WA 289 86.43 49.09 15.77
CA GLY WA 289 86.05 50.41 16.24
C GLY WA 289 87.28 51.21 16.68
N HIS WA 290 87.05 52.51 16.86
CA HIS WA 290 88.12 53.43 17.21
C HIS WA 290 87.95 54.03 18.60
N THR WA 291 86.80 54.66 18.89
CA THR WA 291 86.59 55.32 20.16
C THR WA 291 85.11 55.38 20.47
N GLN WA 292 84.78 55.30 21.75
CA GLN WA 292 83.41 55.45 22.24
C GLN WA 292 83.27 56.72 23.07
N PHE WA 293 82.06 57.25 23.08
CA PHE WA 293 81.73 58.42 23.88
C PHE WA 293 80.49 58.11 24.71
N HIS WA 294 80.58 58.34 26.02
CA HIS WA 294 79.50 58.02 26.94
C HIS WA 294 79.17 59.25 27.77
N LEU WA 295 77.91 59.70 27.70
CA LEU WA 295 77.46 60.85 28.46
C LEU WA 295 76.77 60.39 29.74
N LEU WA 296 77.20 60.94 30.86
CA LEU WA 296 76.59 60.57 32.14
C LEU WA 296 75.17 61.16 32.23
N PRO WA 297 74.24 60.43 32.83
CA PRO WA 297 72.88 60.93 32.99
C PRO WA 297 72.79 61.87 34.19
N ASP WA 298 71.57 62.39 34.41
CA ASP WA 298 71.36 63.31 35.53
C ASP WA 298 71.36 62.60 36.87
N LYS WA 299 71.10 61.29 36.91
CA LYS WA 299 71.07 60.57 38.16
C LYS WA 299 72.45 60.43 38.79
N LEU WA 300 73.52 60.56 38.00
CA LEU WA 300 74.88 60.37 38.48
C LEU WA 300 75.68 61.67 38.45
N LYS WA 301 75.01 62.78 38.75
CA LYS WA 301 75.68 64.07 38.79
C LYS WA 301 76.51 64.21 40.05
N ARG WA 302 77.51 65.10 39.97
CA ARG WA 302 78.35 65.36 41.15
C ARG WA 302 77.53 65.94 42.28
N GLU WA 303 76.62 66.87 41.99
CA GLU WA 303 75.76 67.43 43.03
C GLU WA 303 74.87 66.36 43.64
N LYS WA 304 74.34 65.46 42.80
CA LYS WA 304 73.50 64.38 43.30
C LYS WA 304 74.30 63.47 44.24
N LEU WA 305 75.54 63.13 43.86
CA LEU WA 305 76.37 62.30 44.72
C LEU WA 305 76.72 63.01 46.02
N LEU WA 306 77.00 64.31 45.96
CA LEU WA 306 77.29 65.06 47.17
C LEU WA 306 76.08 65.09 48.10
N LYS WA 307 74.88 65.26 47.54
CA LYS WA 307 73.67 65.23 48.36
C LYS WA 307 73.42 63.84 48.93
N GLN WA 308 73.77 62.80 48.17
CA GLN WA 308 73.73 61.43 48.68
C GLN WA 308 74.90 61.10 49.60
N ASN WA 309 75.80 62.07 49.83
CA ASN WA 309 76.96 61.89 50.68
C ASN WA 309 77.91 60.84 50.09
N CYS WA 310 78.25 61.02 48.82
CA CYS WA 310 79.17 60.14 48.11
C CYS WA 310 80.15 61.01 47.34
N ALA WA 311 81.39 61.06 47.83
CA ALA WA 311 82.45 61.84 47.20
C ALA WA 311 83.47 60.99 46.47
N ASP WA 312 83.92 59.90 47.09
CA ASP WA 312 84.87 59.01 46.43
C ASP WA 312 84.26 58.21 45.31
N GLN WA 313 82.93 58.09 45.28
CA GLN WA 313 82.26 57.30 44.25
C GLN WA 313 82.13 58.04 42.93
N ILE WA 314 82.49 59.33 42.88
CA ILE WA 314 82.44 60.07 41.63
C ILE WA 314 83.35 59.43 40.59
N GLU WA 315 84.58 59.10 40.98
CA GLU WA 315 85.48 58.42 40.06
C GLU WA 315 85.11 56.95 39.88
N VAL WA 316 84.50 56.35 40.89
CA VAL WA 316 84.07 54.96 40.78
C VAL WA 316 83.01 54.80 39.69
N VAL WA 317 82.12 55.78 39.57
CA VAL WA 317 81.10 55.74 38.51
C VAL WA 317 81.77 55.72 37.14
N PHE WA 318 82.75 56.61 36.94
CA PHE WA 318 83.47 56.63 35.66
C PHE WA 318 84.19 55.31 35.41
N ARG WA 319 84.85 54.78 36.44
CA ARG WA 319 85.58 53.53 36.27
C ARG WA 319 84.64 52.40 35.89
N ALA WA 320 83.51 52.29 36.58
CA ALA WA 320 82.56 51.21 36.28
C ALA WA 320 81.99 51.37 34.87
N ASN WA 321 81.62 52.59 34.50
CA ASN WA 321 81.06 52.81 33.16
C ASN WA 321 82.07 52.42 32.09
N ALA WA 322 83.31 52.86 32.23
CA ALA WA 322 84.34 52.54 31.24
C ALA WA 322 84.59 51.04 31.19
N ILE WA 323 84.72 50.40 32.35
CA ILE WA 323 85.03 48.98 32.40
C ILE WA 323 83.93 48.18 31.74
N ALA WA 324 82.66 48.51 32.01
CA ALA WA 324 81.58 47.78 31.38
C ALA WA 324 81.54 48.04 29.87
N SER WA 325 81.55 49.31 29.46
CA SER WA 325 81.31 49.64 28.06
C SER WA 325 82.44 49.16 27.17
N LEU WA 326 83.68 49.48 27.53
CA LEU WA 326 84.81 49.12 26.68
C LEU WA 326 84.98 47.60 26.61
N PHE WA 327 84.78 46.91 27.73
CA PHE WA 327 84.85 45.46 27.70
C PHE WA 327 83.77 44.86 26.82
N ALA WA 328 82.55 45.39 26.89
CA ALA WA 328 81.49 44.90 26.02
C ALA WA 328 81.85 45.12 24.55
N TRP WA 329 82.38 46.30 24.24
CA TRP WA 329 82.76 46.60 22.87
C TRP WA 329 83.86 45.66 22.37
N THR WA 330 84.90 45.45 23.19
CA THR WA 330 85.99 44.58 22.79
C THR WA 330 85.55 43.13 22.65
N GLY WA 331 84.69 42.66 23.56
CA GLY WA 331 84.17 41.31 23.43
C GLY WA 331 83.33 41.14 22.18
N ALA WA 332 82.51 42.15 21.86
CA ALA WA 332 81.75 42.10 20.61
C ALA WA 332 82.67 42.04 19.41
N GLN WA 333 83.74 42.85 19.40
CA GLN WA 333 84.69 42.81 18.30
C GLN WA 333 85.35 41.44 18.19
N ALA WA 334 85.77 40.88 19.32
CA ALA WA 334 86.45 39.58 19.31
C ALA WA 334 85.53 38.47 18.81
N MET WA 335 84.28 38.45 19.27
CA MET WA 335 83.36 37.41 18.85
C MET WA 335 82.83 37.62 17.44
N TYR WA 336 82.87 38.86 16.93
CA TYR WA 336 82.64 39.07 15.51
C TYR WA 336 83.80 38.55 14.68
N GLN WA 337 85.03 38.71 15.17
CA GLN WA 337 86.18 38.13 14.50
C GLN WA 337 86.20 36.61 14.60
N GLY WA 338 85.54 36.03 15.60
CA GLY WA 338 85.41 34.59 15.72
C GLY WA 338 86.05 33.98 16.95
N PHE WA 339 86.55 34.76 17.89
CA PHE WA 339 87.17 34.22 19.09
C PHE WA 339 86.13 34.07 20.21
N TRP WA 340 86.25 33.00 20.97
CA TRP WA 340 85.35 32.75 22.09
C TRP WA 340 86.13 31.96 23.15
N SER WA 341 85.40 31.32 24.07
CA SER WA 341 86.04 30.73 25.25
C SER WA 341 87.06 29.67 24.86
N GLU WA 342 86.71 28.76 23.96
CA GLU WA 342 87.62 27.72 23.52
C GLU WA 342 88.46 28.14 22.33
N ALA WA 343 88.21 29.31 21.76
CA ALA WA 343 89.00 29.84 20.67
C ALA WA 343 89.59 31.18 21.07
N ASP WA 344 90.24 31.22 22.24
CA ASP WA 344 90.70 32.46 22.88
C ASP WA 344 91.45 33.37 21.93
N VAL WA 345 91.40 34.67 22.21
CA VAL WA 345 91.92 35.68 21.29
C VAL WA 345 93.43 35.56 21.15
N THR WA 346 93.92 35.70 19.92
CA THR WA 346 95.35 35.66 19.65
C THR WA 346 95.97 37.06 19.71
N ARG WA 347 95.35 38.03 19.06
CA ARG WA 347 95.85 39.40 19.05
C ARG WA 347 94.95 40.29 19.90
N PRO WA 348 95.51 41.03 20.86
CA PRO WA 348 94.67 41.82 21.77
C PRO WA 348 93.87 42.88 21.02
N PHE WA 349 92.68 43.16 21.54
CA PHE WA 349 91.79 44.18 20.98
C PHE WA 349 91.83 45.40 21.88
N VAL WA 350 92.15 46.56 21.29
CA VAL WA 350 92.32 47.80 22.03
C VAL WA 350 91.15 48.73 21.72
N SER WA 351 90.66 49.41 22.75
CA SER WA 351 89.55 50.34 22.62
C SER WA 351 89.80 51.55 23.49
N GLN WA 352 89.22 52.68 23.07
CA GLN WA 352 89.35 53.95 23.77
C GLN WA 352 87.96 54.49 24.09
N GLY WA 353 87.84 55.12 25.25
CA GLY WA 353 86.55 55.67 25.66
C GLY WA 353 86.67 57.02 26.34
N VAL WA 354 85.73 57.91 26.05
CA VAL WA 354 85.65 59.23 26.67
C VAL WA 354 84.32 59.31 27.38
N ILE WA 355 84.36 59.51 28.70
CA ILE WA 355 83.16 59.64 29.50
C ILE WA 355 83.02 61.10 29.90
N THR WA 356 81.89 61.71 29.57
CA THR WA 356 81.67 63.13 29.72
C THR WA 356 80.47 63.37 30.64
N ASP WA 357 80.68 64.19 31.66
CA ASP WA 357 79.59 64.66 32.51
C ASP WA 357 79.10 65.99 31.93
N GLY WA 358 78.31 66.74 32.72
CA GLY WA 358 77.90 68.06 32.27
C GLY WA 358 79.05 69.02 32.07
N LYS WA 359 80.11 68.87 32.89
CA LYS WA 359 81.23 69.80 32.84
C LYS WA 359 82.56 69.07 32.72
N TYR WA 360 82.67 67.88 33.30
CA TYR WA 360 83.94 67.19 33.42
C TYR WA 360 84.11 66.12 32.36
N PHE WA 361 85.37 65.70 32.17
CA PHE WA 361 85.73 64.69 31.18
C PHE WA 361 86.65 63.67 31.82
N SER WA 362 86.63 62.46 31.26
CA SER WA 362 87.56 61.41 31.66
C SER WA 362 87.86 60.52 30.48
N PHE WA 363 89.07 59.98 30.44
CA PHE WA 363 89.55 59.16 29.33
C PHE WA 363 89.98 57.79 29.84
N PHE WA 364 89.70 56.76 29.06
CA PHE WA 364 90.04 55.39 29.44
C PHE WA 364 90.50 54.62 28.22
N CYS WA 365 91.40 53.66 28.45
CA CYS WA 365 91.87 52.75 27.43
C CYS WA 365 91.77 51.33 27.95
N TYR WA 366 91.22 50.44 27.13
CA TYR WA 366 90.95 49.06 27.55
C TYR WA 366 91.52 48.10 26.53
N GLN WA 367 92.29 47.12 26.98
CA GLN WA 367 92.86 46.10 26.12
C GLN WA 367 92.33 44.74 26.55
N LEU WA 368 91.59 44.09 25.66
CA LEU WA 368 91.09 42.74 25.89
C LEU WA 368 92.09 41.75 25.31
N ASN WA 369 92.63 40.88 26.17
CA ASN WA 369 93.59 39.85 25.78
C ASN WA 369 93.01 38.45 25.91
N THR WA 370 92.40 38.14 27.05
CA THR WA 370 91.82 36.83 27.30
C THR WA 370 90.30 36.92 27.29
N LEU WA 371 89.67 36.00 26.57
CA LEU WA 371 88.21 35.93 26.50
C LEU WA 371 87.65 34.69 27.19
N ALA WA 372 88.48 33.73 27.55
CA ALA WA 372 88.04 32.50 28.18
C ALA WA 372 87.78 32.78 29.66
N LEU WA 373 86.64 33.41 29.93
CA LEU WA 373 86.22 33.73 31.29
C LEU WA 373 85.41 32.61 31.92
N THR WA 374 85.11 31.55 31.18
CA THR WA 374 84.39 30.42 31.76
C THR WA 374 85.27 29.66 32.73
N ALA WA 375 84.63 28.93 33.65
CA ALA WA 375 85.37 28.25 34.71
C ALA WA 375 86.27 27.15 34.15
N GLN WA 376 85.77 26.37 33.19
CA GLN WA 376 86.54 25.24 32.68
C GLN WA 376 87.74 25.66 31.87
N ALA WA 377 87.77 26.89 31.35
CA ALA WA 377 88.92 27.37 30.59
C ALA WA 377 89.74 28.42 31.32
N ASP WA 378 89.28 28.90 32.46
CA ASP WA 378 90.01 29.89 33.26
C ASP WA 378 90.88 29.24 34.33
N GLN WA 379 90.93 27.92 34.37
CA GLN WA 379 91.74 27.24 35.37
C GLN WA 379 93.23 27.55 35.19
N ASN WA 380 93.69 27.56 33.95
CA ASN WA 380 95.09 27.79 33.63
C ASN WA 380 95.25 28.96 32.67
N ASN WA 381 94.55 30.07 32.94
CA ASN WA 381 94.63 31.25 32.10
C ASN WA 381 95.42 32.33 32.83
N PRO WA 382 96.67 32.60 32.44
CA PRO WA 382 97.46 33.61 33.16
C PRO WA 382 97.19 35.02 32.69
N ARG WA 383 96.73 35.17 31.45
CA ARG WA 383 96.50 36.49 30.88
C ARG WA 383 95.33 37.17 31.57
N LYS WA 384 95.40 38.50 31.63
CA LYS WA 384 94.36 39.31 32.24
C LYS WA 384 94.07 40.52 31.36
N ASN WA 385 92.83 40.98 31.41
CA ASN WA 385 92.44 42.20 30.71
C ASN WA 385 92.93 43.41 31.49
N ILE WA 386 93.29 44.46 30.74
CA ILE WA 386 93.87 45.67 31.32
C ILE WA 386 93.02 46.86 30.96
N CYS WA 387 92.71 47.70 31.96
CA CYS WA 387 91.92 48.90 31.76
C CYS WA 387 92.71 50.10 32.29
N TRP WA 388 93.17 50.96 31.39
CA TRP WA 388 93.88 52.17 31.79
C TRP WA 388 92.87 53.30 32.01
N GLY WA 389 93.07 54.05 33.09
CA GLY WA 389 92.14 55.10 33.44
C GLY WA 389 92.85 56.41 33.71
N THR WA 390 92.09 57.49 33.56
CA THR WA 390 92.57 58.84 33.83
C THR WA 390 91.61 59.56 34.76
N GLN WA 391 92.15 60.32 35.69
CA GLN WA 391 91.33 61.03 36.66
C GLN WA 391 90.48 62.09 35.98
N SER WA 392 89.35 62.41 36.61
CA SER WA 392 88.43 63.38 36.05
C SER WA 392 89.05 64.77 36.03
N LYS WA 393 88.83 65.49 34.92
CA LYS WA 393 89.39 66.83 34.73
C LYS WA 393 88.38 67.67 33.97
N PRO WA 394 87.99 68.83 34.50
CA PRO WA 394 87.03 69.67 33.79
C PRO WA 394 87.62 70.28 32.54
N LEU WA 395 86.74 70.62 31.59
CA LEU WA 395 87.15 71.25 30.35
C LEU WA 395 87.00 72.76 30.41
N TYR WA 396 85.81 73.25 30.72
CA TYR WA 396 85.54 74.67 30.84
C TYR WA 396 85.29 75.02 32.31
N GLU WA 397 84.93 76.27 32.57
CA GLU WA 397 84.67 76.73 33.93
C GLU WA 397 83.67 77.87 33.89
N THR WA 398 82.44 77.59 34.34
CA THR WA 398 81.35 78.56 34.49
C THR WA 398 81.31 79.59 33.36
N ILE WA 399 81.07 79.08 32.15
CA ILE WA 399 80.90 79.97 31.00
C ILE WA 399 79.72 80.89 31.23
N GLU WA 400 79.85 82.14 30.78
CA GLU WA 400 78.84 83.15 31.06
C GLU WA 400 78.81 84.17 29.93
N ASP WA 401 77.63 84.39 29.36
CA ASP WA 401 77.37 85.47 28.39
C ASP WA 401 78.35 85.38 27.21
N ASN WA 402 78.20 84.28 26.46
CA ASN WA 402 78.98 83.98 25.25
C ASN WA 402 80.48 84.18 25.46
N ASN WA 403 80.95 84.02 26.70
CA ASN WA 403 82.36 84.13 27.02
C ASN WA 403 82.77 82.93 27.86
N VAL WA 404 83.75 82.17 27.38
CA VAL WA 404 84.26 81.02 28.13
C VAL WA 404 85.28 81.53 29.14
N LYS WA 405 84.95 81.42 30.42
CA LYS WA 405 85.84 81.95 31.46
C LYS WA 405 87.09 81.09 31.60
N GLY WA 406 86.92 79.83 31.97
CA GLY WA 406 88.03 78.91 32.13
C GLY WA 406 88.05 77.89 31.01
N PHE WA 407 89.26 77.46 30.65
CA PHE WA 407 89.42 76.46 29.60
C PHE WA 407 90.71 75.70 29.86
N ASN WA 408 90.69 74.40 29.58
CA ASN WA 408 91.83 73.53 29.81
C ASN WA 408 92.24 72.89 28.49
N ASP WA 409 93.45 73.22 28.04
CA ASP WA 409 93.95 72.68 26.78
C ASP WA 409 94.43 71.23 26.90
N ASP WA 410 94.71 70.76 28.12
CA ASP WA 410 95.17 69.39 28.30
C ASP WA 410 94.10 68.38 27.91
N VAL WA 411 92.83 68.66 28.26
CA VAL WA 411 91.74 67.77 27.88
C VAL WA 411 91.59 67.75 26.36
N LEU WA 412 91.70 68.91 25.72
CA LEU WA 412 91.63 68.96 24.27
C LEU WA 412 92.78 68.19 23.63
N LEU WA 413 93.98 68.27 24.21
CA LEU WA 413 95.11 67.51 23.70
C LEU WA 413 94.89 66.01 23.86
N GLN WA 414 94.29 65.61 24.99
CA GLN WA 414 93.97 64.19 25.18
C GLN WA 414 92.98 63.71 24.13
N LEU WA 415 91.95 64.51 23.86
CA LEU WA 415 91.00 64.17 22.81
C LEU WA 415 91.69 64.08 21.45
N VAL WA 416 92.61 65.02 21.18
CA VAL WA 416 93.36 65.01 19.92
C VAL WA 416 94.15 63.72 19.78
N GLN WA 417 94.84 63.31 20.85
CA GLN WA 417 95.60 62.07 20.81
C GLN WA 417 94.70 60.86 20.60
N PHE WA 418 93.56 60.83 21.29
CA PHE WA 418 92.64 59.71 21.15
C PHE WA 418 92.11 59.61 19.73
N LEU WA 419 91.77 60.74 19.12
CA LEU WA 419 91.25 60.72 17.75
C LEU WA 419 92.37 60.55 16.71
N LEU WA 420 93.62 60.83 17.08
CA LEU WA 420 94.73 60.72 16.16
C LEU WA 420 95.48 59.40 16.27
N ASN WA 421 95.11 58.55 17.21
CA ASN WA 421 95.68 57.20 17.23
C ASN WA 421 95.34 56.49 15.92
N ARG WA 422 96.36 55.97 15.24
CA ARG WA 422 96.19 55.44 13.91
C ARG WA 422 96.44 53.93 13.89
N PRO WA 423 95.72 53.19 13.04
CA PRO WA 423 96.03 51.76 12.86
C PRO WA 423 97.35 51.56 12.15
N LYS WA 424 97.92 50.38 12.33
CA LYS WA 424 99.17 50.03 11.68
C LYS WA 424 98.98 49.96 10.17
N GLU WA 425 100.01 50.37 9.44
CA GLU WA 425 100.02 50.36 7.98
C GLU WA 425 100.98 49.28 7.48
N ASP WA 426 100.52 48.47 6.54
CA ASP WA 426 101.34 47.41 5.99
C ASP WA 426 100.93 47.08 4.56
N PHE XA 35 -3.34 -96.88 32.23
CA PHE XA 35 -2.46 -96.06 31.40
C PHE XA 35 -2.04 -96.81 30.14
N ARG XA 36 -2.04 -96.09 29.01
CA ARG XA 36 -1.69 -96.67 27.73
C ARG XA 36 -0.33 -96.14 27.29
N GLU XA 37 0.49 -97.04 26.73
CA GLU XA 37 1.83 -96.71 26.26
C GLU XA 37 1.99 -97.19 24.83
N VAL XA 38 2.63 -96.36 24.00
CA VAL XA 38 2.90 -96.69 22.62
C VAL XA 38 4.33 -97.19 22.51
N VAL XA 39 4.50 -98.40 21.98
CA VAL XA 39 5.82 -99.02 21.82
C VAL XA 39 6.08 -99.20 20.34
N GLU XA 40 7.25 -98.73 19.89
CA GLU XA 40 7.68 -98.87 18.50
C GLU XA 40 8.89 -99.80 18.45
N ILE XA 41 8.84 -100.76 17.53
CA ILE XA 41 9.87 -101.77 17.36
C ILE XA 41 10.39 -101.69 15.93
N LEU XA 42 11.72 -101.61 15.79
CA LEU XA 42 12.37 -101.58 14.49
C LEU XA 42 13.18 -102.86 14.33
N ASP XA 43 12.84 -103.66 13.32
CA ASP XA 43 13.51 -104.93 13.05
C ASP XA 43 13.54 -105.16 11.54
N GLY XA 44 14.65 -104.79 10.91
CA GLY XA 44 14.84 -105.02 9.49
C GLY XA 44 13.88 -104.27 8.60
N LYS XA 45 13.94 -102.93 8.64
CA LYS XA 45 13.07 -102.07 7.82
C LYS XA 45 11.60 -102.33 8.08
N THR XA 46 11.27 -102.80 9.28
CA THR XA 46 9.89 -103.07 9.67
C THR XA 46 9.59 -102.33 10.96
N THR XA 47 8.54 -101.53 10.95
CA THR XA 47 8.12 -100.74 12.10
C THR XA 47 6.85 -101.35 12.67
N ILE XA 48 6.89 -101.71 13.95
CA ILE XA 48 5.74 -102.28 14.64
C ILE XA 48 5.32 -101.29 15.73
N ILE XA 49 4.11 -100.77 15.63
CA ILE XA 49 3.56 -99.83 16.61
C ILE XA 49 2.46 -100.56 17.37
N GLU XA 50 2.61 -100.64 18.69
CA GLU XA 50 1.69 -101.40 19.52
C GLU XA 50 1.29 -100.57 20.74
N GLY XA 51 0.10 -100.86 21.25
CA GLY XA 51 -0.40 -100.22 22.46
C GLY XA 51 -0.41 -101.22 23.62
N ARG XA 52 0.09 -100.78 24.77
CA ARG XA 52 0.19 -101.62 25.96
C ARG XA 52 -0.51 -100.93 27.10
N ILE XA 53 -1.37 -101.67 27.81
CA ILE XA 53 -2.15 -101.14 28.92
C ILE XA 53 -1.52 -101.62 30.22
N THR XA 54 -1.23 -100.69 31.11
CA THR XA 54 -0.64 -100.99 32.41
C THR XA 54 -1.67 -100.76 33.52
N GLU XA 55 -1.36 -101.28 34.70
CA GLU XA 55 -2.24 -101.10 35.85
C GLU XA 55 -2.16 -99.67 36.35
N THR XA 56 -3.31 -99.13 36.77
CA THR XA 56 -3.38 -97.75 37.22
C THR XA 56 -4.00 -97.67 38.61
N PRO XA 57 -3.56 -96.74 39.45
CA PRO XA 57 -4.17 -96.60 40.78
C PRO XA 57 -5.60 -96.09 40.68
N GLN XA 58 -6.39 -96.43 41.69
CA GLN XA 58 -7.79 -96.05 41.76
C GLN XA 58 -8.02 -95.07 42.91
N GLU XA 59 -9.22 -94.50 42.95
CA GLU XA 59 -9.57 -93.57 44.01
C GLU XA 59 -9.69 -94.29 45.35
N SER XA 60 -9.44 -93.55 46.42
CA SER XA 60 -9.56 -94.11 47.75
C SER XA 60 -11.01 -94.50 48.04
N PRO XA 61 -11.23 -95.57 48.81
CA PRO XA 61 -12.59 -96.08 48.97
C PRO XA 61 -13.55 -95.11 49.64
N ASN XA 62 -13.09 -94.29 50.57
CA ASN XA 62 -13.97 -93.46 51.39
C ASN XA 62 -13.70 -91.97 51.18
N PRO XA 63 -14.46 -91.29 50.34
CA PRO XA 63 -14.38 -89.83 50.28
C PRO XA 63 -15.22 -89.20 51.38
N PRO XA 64 -14.79 -88.07 51.93
CA PRO XA 64 -15.57 -87.43 53.00
C PRO XA 64 -16.96 -87.02 52.56
N ASN XA 65 -17.15 -86.62 51.30
CA ASN XA 65 -18.45 -86.19 50.78
C ASN XA 65 -18.74 -86.96 49.50
N PRO XA 66 -19.25 -88.19 49.62
CA PRO XA 66 -19.52 -88.97 48.40
C PRO XA 66 -20.57 -88.35 47.50
N THR XA 67 -21.43 -87.48 48.02
CA THR XA 67 -22.50 -86.87 47.23
C THR XA 67 -22.00 -85.82 46.25
N GLY XA 68 -20.75 -85.38 46.36
CA GLY XA 68 -20.23 -84.36 45.46
C GLY XA 68 -19.87 -84.94 44.11
N GLN XA 69 -20.34 -84.27 43.05
CA GLN XA 69 -20.06 -84.73 41.70
C GLN XA 69 -18.60 -84.54 41.34
N CYS XA 70 -18.05 -83.36 41.63
CA CYS XA 70 -16.69 -82.97 41.32
C CYS XA 70 -15.71 -83.68 42.26
N PRO XA 71 -14.53 -84.07 41.75
CA PRO XA 71 -13.57 -84.76 42.64
C PRO XA 71 -13.09 -83.92 43.81
N ILE XA 72 -12.59 -82.72 43.53
CA ILE XA 72 -12.11 -81.85 44.61
C ILE XA 72 -13.27 -81.43 45.50
N CYS XA 73 -14.40 -81.06 44.89
CA CYS XA 73 -15.57 -80.62 45.62
C CYS XA 73 -16.18 -81.74 46.48
N ARG XA 74 -15.88 -82.99 46.17
CA ARG XA 74 -16.36 -84.10 46.98
C ARG XA 74 -15.32 -84.59 47.98
N TRP XA 75 -14.05 -84.33 47.72
CA TRP XA 75 -13.01 -84.60 48.71
C TRP XA 75 -12.77 -83.43 49.64
N ASN XA 76 -13.55 -82.34 49.50
CA ASN XA 76 -13.53 -81.20 50.41
C ASN XA 76 -12.16 -80.51 50.42
N LEU XA 77 -11.49 -80.51 49.27
CA LEU XA 77 -10.25 -79.78 49.09
C LEU XA 77 -10.48 -78.44 48.43
N LYS XA 78 -11.73 -78.06 48.19
CA LYS XA 78 -12.02 -76.76 47.59
C LYS XA 78 -11.68 -75.65 48.58
N HIS XA 79 -11.05 -74.59 48.05
CA HIS XA 79 -10.57 -73.46 48.85
C HIS XA 79 -9.55 -73.92 49.89
N LYS XA 80 -8.85 -75.02 49.61
CA LYS XA 80 -7.86 -75.58 50.51
C LYS XA 80 -6.49 -75.72 49.88
N TYR XA 81 -6.41 -76.10 48.61
CA TYR XA 81 -5.13 -76.35 47.97
C TYR XA 81 -4.44 -75.04 47.59
N ASN XA 82 -3.14 -75.16 47.31
CA ASN XA 82 -2.32 -74.03 46.92
C ASN XA 82 -1.10 -74.59 46.18
N TYR XA 83 -0.22 -73.69 45.74
CA TYR XA 83 1.00 -74.13 45.06
C TYR XA 83 1.90 -74.97 45.96
N GLU XA 84 1.82 -74.78 47.28
CA GLU XA 84 2.64 -75.55 48.19
C GLU XA 84 2.21 -77.01 48.24
N ASP XA 85 0.92 -77.28 48.08
CA ASP XA 85 0.39 -78.65 48.12
C ASP XA 85 0.74 -79.33 46.79
N VAL XA 86 1.85 -80.07 46.80
CA VAL XA 86 2.31 -80.74 45.59
C VAL XA 86 1.66 -82.11 45.41
N LEU XA 87 1.30 -82.78 46.51
CA LEU XA 87 0.74 -84.12 46.41
C LEU XA 87 -0.59 -84.12 45.66
N LEU XA 88 -1.37 -83.06 45.77
CA LEU XA 88 -2.63 -82.95 45.03
C LEU XA 88 -2.41 -82.53 43.59
N LEU XA 89 -1.49 -81.59 43.36
CA LEU XA 89 -1.25 -81.12 41.99
C LEU XA 89 -0.60 -82.19 41.14
N SER XA 90 0.17 -83.10 41.75
CA SER XA 90 0.87 -84.13 41.00
C SER XA 90 -0.03 -85.30 40.61
N GLN XA 91 -1.25 -85.36 41.12
CA GLN XA 91 -2.12 -86.51 40.84
C GLN XA 91 -2.48 -86.58 39.36
N PHE XA 92 -2.84 -85.45 38.76
CA PHE XA 92 -3.25 -85.43 37.35
C PHE XA 92 -2.41 -84.40 36.61
N ILE XA 93 -1.22 -84.84 36.16
CA ILE XA 93 -0.38 -84.08 35.26
C ILE XA 93 0.43 -85.08 34.43
N ARG XA 94 0.75 -84.70 33.20
CA ARG XA 94 1.55 -85.56 32.35
C ARG XA 94 2.97 -85.65 32.88
N PRO XA 95 3.66 -86.76 32.61
CA PRO XA 95 5.04 -86.91 33.12
C PRO XA 95 6.00 -85.84 32.62
N HIS XA 96 5.68 -85.16 31.53
CA HIS XA 96 6.51 -84.07 31.02
C HIS XA 96 6.03 -82.70 31.51
N GLY XA 97 5.21 -82.68 32.56
CA GLY XA 97 4.71 -81.44 33.11
C GLY XA 97 3.50 -80.86 32.42
N GLY XA 98 2.96 -81.53 31.40
CA GLY XA 98 1.79 -81.03 30.71
C GLY XA 98 0.52 -81.17 31.53
N MET XA 99 -0.45 -80.34 31.20
CA MET XA 99 -1.73 -80.37 31.88
C MET XA 99 -2.59 -81.51 31.34
N LEU XA 100 -3.65 -81.83 32.09
CA LEU XA 100 -4.54 -82.91 31.70
C LEU XA 100 -5.90 -82.36 31.33
N PRO XA 101 -6.56 -82.92 30.31
CA PRO XA 101 -7.86 -82.40 29.88
C PRO XA 101 -8.92 -82.51 30.96
N ARG XA 102 -9.78 -81.49 31.01
CA ARG XA 102 -10.86 -81.48 31.99
C ARG XA 102 -11.90 -82.55 31.69
N ARG XA 103 -12.15 -82.83 30.42
CA ARG XA 103 -13.12 -83.88 30.07
C ARG XA 103 -12.68 -85.26 30.57
N ILE XA 104 -11.39 -85.44 30.82
CA ILE XA 104 -10.87 -86.68 31.39
C ILE XA 104 -10.74 -86.59 32.91
N THR XA 105 -10.37 -85.41 33.42
CA THR XA 105 -10.19 -85.25 34.86
C THR XA 105 -11.53 -85.28 35.59
N GLY XA 106 -12.44 -84.39 35.22
CA GLY XA 106 -13.75 -84.30 35.84
C GLY XA 106 -13.97 -83.11 36.74
N LEU XA 107 -13.03 -82.18 36.80
CA LEU XA 107 -13.15 -81.04 37.70
C LEU XA 107 -14.10 -79.99 37.15
N CYS XA 108 -14.64 -79.18 38.05
CA CYS XA 108 -15.39 -78.00 37.64
C CYS XA 108 -14.44 -76.99 36.99
N GLN XA 109 -15.02 -76.09 36.21
CA GLN XA 109 -14.20 -75.18 35.40
C GLN XA 109 -13.33 -74.29 36.27
N GLU XA 110 -13.89 -73.75 37.35
CA GLU XA 110 -13.12 -72.85 38.21
C GLU XA 110 -11.96 -73.57 38.87
N GLU XA 111 -12.20 -74.77 39.41
CA GLU XA 111 -11.12 -75.53 40.04
C GLU XA 111 -10.09 -75.98 39.01
N HIS XA 112 -10.54 -76.30 37.80
CA HIS XA 112 -9.60 -76.67 36.75
C HIS XA 112 -8.65 -75.51 36.44
N LEU XA 113 -9.20 -74.31 36.30
CA LEU XA 113 -8.37 -73.15 36.04
C LEU XA 113 -7.44 -72.86 37.22
N LYS XA 114 -7.95 -72.96 38.45
CA LYS XA 114 -7.12 -72.71 39.62
C LYS XA 114 -5.98 -73.72 39.71
N ILE XA 115 -6.26 -75.00 39.45
CA ILE XA 115 -5.23 -76.01 39.51
C ILE XA 115 -4.22 -75.84 38.39
N GLU XA 116 -4.66 -75.42 37.20
CA GLU XA 116 -3.72 -75.12 36.13
C GLU XA 116 -2.78 -73.99 36.56
N GLU XA 117 -3.34 -72.94 37.16
CA GLU XA 117 -2.51 -71.84 37.64
C GLU XA 117 -1.54 -72.32 38.72
N CYS XA 118 -2.00 -73.17 39.64
CA CYS XA 118 -1.14 -73.67 40.70
C CYS XA 118 -0.01 -74.53 40.14
N VAL XA 119 -0.31 -75.35 39.14
CA VAL XA 119 0.73 -76.18 38.52
C VAL XA 119 1.75 -75.31 37.81
N LYS XA 120 1.28 -74.28 37.09
CA LYS XA 120 2.22 -73.36 36.44
C LYS XA 120 3.11 -72.66 37.46
N MET XA 121 2.51 -72.22 38.57
CA MET XA 121 3.27 -71.55 39.62
C MET XA 121 4.31 -72.49 40.24
N ALA XA 122 3.92 -73.74 40.49
CA ALA XA 122 4.86 -74.71 41.05
C ALA XA 122 6.00 -75.00 40.09
N HIS XA 123 5.69 -75.16 38.80
CA HIS XA 123 6.75 -75.42 37.83
C HIS XA 123 7.71 -74.24 37.73
N ARG XA 124 7.18 -73.02 37.74
CA ARG XA 124 8.06 -71.85 37.70
C ARG XA 124 8.87 -71.72 38.99
N ALA XA 125 8.29 -72.09 40.14
CA ALA XA 125 8.99 -72.01 41.41
C ALA XA 125 10.04 -73.09 41.58
N GLY XA 126 9.93 -74.19 40.84
CA GLY XA 126 10.92 -75.24 40.90
C GLY XA 126 10.46 -76.55 41.52
N LEU XA 127 9.18 -76.66 41.87
CA LEU XA 127 8.65 -77.91 42.38
C LEU XA 127 8.45 -78.89 41.23
N LEU XA 128 8.12 -80.14 41.57
CA LEU XA 128 7.98 -81.22 40.59
C LEU XA 128 9.26 -81.37 39.77
N PRO XA 129 10.38 -81.73 40.40
CA PRO XA 129 11.65 -81.79 39.65
C PRO XA 129 11.70 -82.94 38.67
N ASN XA 130 10.96 -84.02 38.96
CA ASN XA 130 10.99 -85.22 38.15
C ASN XA 130 10.04 -85.18 36.96
N HIS XA 131 9.25 -84.12 36.84
CA HIS XA 131 8.27 -84.00 35.75
C HIS XA 131 8.80 -83.15 34.59
N ARG XA 132 10.10 -83.11 34.40
CA ARG XA 132 10.69 -82.42 33.26
C ARG XA 132 11.17 -83.42 32.22
N PRO XA 133 11.12 -83.06 30.95
CA PRO XA 133 11.62 -83.98 29.91
C PRO XA 133 13.11 -84.26 30.09
N LYS XA 134 13.50 -85.49 29.77
CA LYS XA 134 14.88 -85.92 29.90
C LYS XA 134 15.64 -85.61 28.62
N LEU XA 135 16.61 -84.71 28.71
CA LEU XA 135 17.42 -84.30 27.57
C LEU XA 135 18.88 -84.59 27.88
N PRO XA 136 19.42 -85.72 27.41
CA PRO XA 136 20.82 -86.05 27.71
C PRO XA 136 21.81 -85.01 27.17
N GLU XA 137 21.53 -84.39 26.03
CA GLU XA 137 22.45 -83.44 25.42
C GLU XA 137 22.43 -82.08 26.13
N GLY XA 138 21.27 -81.67 26.63
CA GLY XA 138 21.12 -80.35 27.19
C GLY XA 138 21.52 -80.19 28.64
N PHE XA 139 21.71 -81.28 29.37
CA PHE XA 139 22.05 -81.19 30.78
C PHE XA 139 23.54 -81.00 31.03
N VAL XA 140 24.38 -81.16 30.02
CA VAL XA 140 25.81 -80.92 30.16
C VAL XA 140 26.12 -79.42 30.09
N PRO XA 141 25.62 -78.66 29.09
CA PRO XA 141 25.94 -77.22 29.10
C PRO XA 141 25.14 -76.42 30.13
N LYS XA 142 25.67 -76.41 31.35
CA LYS XA 142 25.00 -75.69 32.43
C LYS XA 142 24.97 -74.19 32.16
N SER XA 143 23.95 -73.55 32.69
CA SER XA 143 23.74 -72.11 32.54
C SER XA 143 23.82 -71.44 33.91
N LYS XA 144 23.37 -70.19 33.97
CA LYS XA 144 23.34 -69.47 35.23
C LYS XA 144 22.41 -70.19 36.21
N PRO XA 145 22.76 -70.19 37.51
CA PRO XA 145 21.94 -70.92 38.48
C PRO XA 145 20.52 -70.39 38.53
N ARG XA 146 19.58 -71.31 38.73
CA ARG XA 146 18.16 -70.94 38.74
C ARG XA 146 17.86 -70.08 39.97
N LEU XA 147 17.32 -68.89 39.72
CA LEU XA 147 16.95 -67.99 40.81
C LEU XA 147 15.74 -68.53 41.54
N ASN XA 148 15.82 -68.56 42.87
CA ASN XA 148 14.71 -69.07 43.67
C ASN XA 148 13.53 -68.12 43.61
N ARG XA 149 12.34 -68.67 43.39
CA ARG XA 149 11.14 -67.87 43.27
C ARG XA 149 9.94 -68.68 43.73
N TYR XA 150 8.86 -67.99 44.05
CA TYR XA 150 7.62 -68.64 44.43
C TYR XA 150 6.48 -67.66 44.23
N LEU XA 151 5.27 -68.21 44.10
CA LEU XA 151 4.05 -67.41 43.87
C LEU XA 151 4.20 -66.52 42.64
N THR XA 152 4.86 -67.04 41.62
CA THR XA 152 5.11 -66.29 40.39
C THR XA 152 3.89 -66.38 39.48
N ARG XA 153 3.39 -65.22 39.05
CA ARG XA 153 2.17 -65.18 38.25
C ARG XA 153 2.48 -65.25 36.76
N TRP XA 154 3.27 -64.31 36.25
CA TRP XA 154 3.58 -64.28 34.84
C TRP XA 154 4.77 -65.18 34.53
N SER XA 155 5.10 -65.27 33.23
CA SER XA 155 6.26 -66.02 32.78
C SER XA 155 7.53 -65.23 33.05
N PRO XA 156 8.63 -65.89 33.44
CA PRO XA 156 9.88 -65.16 33.69
C PRO XA 156 10.44 -64.46 32.47
N ARG XA 157 10.15 -64.94 31.26
CA ARG XA 157 10.76 -64.41 30.04
C ARG XA 157 9.87 -63.42 29.30
N SER XA 158 8.77 -62.98 29.90
CA SER XA 158 7.82 -62.13 29.22
C SER XA 158 7.54 -60.81 29.92
N VAL XA 159 8.10 -60.56 31.10
CA VAL XA 159 7.82 -59.36 31.87
C VAL XA 159 9.01 -58.41 31.77
N LYS XA 160 8.76 -57.19 31.30
CA LYS XA 160 9.78 -56.15 31.24
C LYS XA 160 9.89 -55.44 32.58
N PRO XA 161 11.10 -55.09 33.01
CA PRO XA 161 11.25 -54.38 34.28
C PRO XA 161 10.57 -53.02 34.25
N ILE XA 162 10.03 -52.63 35.40
CA ILE XA 162 9.32 -51.37 35.54
C ILE XA 162 10.34 -50.30 35.92
N TYR XA 163 10.74 -49.47 34.96
CA TYR XA 163 11.72 -48.43 35.22
C TYR XA 163 11.12 -47.19 35.88
N ASN XA 164 9.83 -46.96 35.73
CA ASN XA 164 9.19 -45.78 36.31
C ASN XA 164 8.70 -46.02 37.73
N LYS XA 165 8.05 -47.16 37.96
CA LYS XA 165 7.68 -47.65 39.29
C LYS XA 165 6.58 -46.79 39.93
N GLY XA 166 6.23 -45.68 39.29
CA GLY XA 166 5.13 -44.85 39.75
C GLY XA 166 5.37 -44.14 41.06
N HIS XA 167 4.60 -43.08 41.32
CA HIS XA 167 4.67 -42.35 42.57
C HIS XA 167 3.70 -42.98 43.57
N ARG XA 168 3.46 -42.29 44.69
CA ARG XA 168 2.61 -42.84 45.74
C ARG XA 168 1.17 -43.00 45.28
N TRP XA 169 0.61 -41.96 44.67
CA TRP XA 169 -0.80 -42.02 44.28
C TRP XA 169 -1.01 -42.96 43.08
N ASN XA 170 -0.13 -42.87 42.08
CA ASN XA 170 -0.17 -43.78 40.93
C ASN XA 170 1.09 -44.64 40.99
N LYS XA 171 0.94 -45.87 41.47
CA LYS XA 171 2.07 -46.78 41.64
C LYS XA 171 1.82 -48.04 40.84
N VAL XA 172 2.83 -48.48 40.08
CA VAL XA 172 2.74 -49.71 39.32
C VAL XA 172 3.06 -50.88 40.24
N ARG XA 173 2.05 -51.43 40.89
CA ARG XA 173 2.25 -52.50 41.85
C ARG XA 173 2.64 -53.79 41.14
N MET XA 174 3.45 -54.60 41.83
CA MET XA 174 3.98 -55.84 41.28
C MET XA 174 3.05 -56.98 41.65
N PRO XA 175 2.43 -57.65 40.68
CA PRO XA 175 1.50 -58.74 41.02
C PRO XA 175 2.22 -59.96 41.55
N VAL XA 176 1.65 -60.55 42.60
CA VAL XA 176 2.17 -61.76 43.22
C VAL XA 176 0.99 -62.70 43.43
N GLY XA 177 1.14 -63.94 42.97
CA GLY XA 177 0.10 -64.94 43.14
C GLY XA 177 -0.99 -64.82 42.09
N SER XA 178 -1.82 -65.86 42.01
CA SER XA 178 -2.88 -65.83 41.02
C SER XA 178 -4.17 -65.30 41.64
N PRO XA 179 -4.91 -64.45 40.90
CA PRO XA 179 -6.19 -63.95 41.43
C PRO XA 179 -7.24 -65.04 41.62
N LEU XA 180 -7.08 -66.19 40.97
CA LEU XA 180 -8.05 -67.27 41.12
C LEU XA 180 -8.00 -67.92 42.50
N LEU XA 181 -6.97 -67.61 43.29
CA LEU XA 181 -6.81 -68.19 44.62
C LEU XA 181 -7.23 -67.22 45.72
N LYS XA 182 -7.96 -66.17 45.39
CA LYS XA 182 -8.41 -65.21 46.39
C LYS XA 182 -9.55 -65.74 47.25
N ASP XA 183 -10.15 -66.87 46.88
CA ASP XA 183 -11.27 -67.44 47.60
C ASP XA 183 -10.84 -68.49 48.61
N ASN XA 184 -9.54 -68.68 48.80
CA ASN XA 184 -9.07 -69.68 49.76
C ASN XA 184 -9.38 -69.24 51.19
N VAL XA 185 -9.44 -70.21 52.09
CA VAL XA 185 -9.75 -69.94 53.49
C VAL XA 185 -8.60 -69.16 54.12
N SER XA 186 -8.94 -68.12 54.86
CA SER XA 186 -7.97 -67.27 55.54
C SER XA 186 -8.21 -67.39 57.05
N TYR XA 187 -7.40 -68.23 57.71
CA TYR XA 187 -7.54 -68.39 59.15
C TYR XA 187 -7.26 -67.09 59.89
N SER XA 188 -6.23 -66.34 59.48
CA SER XA 188 -5.98 -65.04 60.08
C SER XA 188 -7.08 -64.04 59.75
N GLY XA 189 -7.74 -64.22 58.61
CA GLY XA 189 -8.79 -63.34 58.16
C GLY XA 189 -8.35 -62.19 57.29
N ARG XA 190 -7.04 -61.93 57.23
CA ARG XA 190 -6.52 -60.85 56.41
C ARG XA 190 -6.57 -61.23 54.94
N PRO XA 191 -7.01 -60.31 54.08
CA PRO XA 191 -7.03 -60.61 52.63
C PRO XA 191 -5.63 -60.82 52.09
N LEU XA 192 -5.55 -61.67 51.07
CA LEU XA 192 -4.27 -61.98 50.44
C LEU XA 192 -3.89 -60.86 49.47
N LEU XA 193 -2.72 -60.27 49.68
CA LEU XA 193 -2.25 -59.18 48.82
C LEU XA 193 -1.78 -59.75 47.49
N LEU XA 194 -2.60 -59.56 46.44
CA LEU XA 194 -2.27 -60.07 45.12
C LEU XA 194 -1.38 -59.14 44.32
N TYR XA 195 -1.12 -57.92 44.80
CA TYR XA 195 -0.29 -56.96 44.09
C TYR XA 195 0.60 -56.26 45.10
N HIS XA 196 1.88 -56.62 45.12
CA HIS XA 196 2.84 -55.95 45.99
C HIS XA 196 4.25 -56.10 45.44
N PHE ZA 63 3.97 -56.58 10.38
CA PHE ZA 63 3.16 -56.45 11.58
C PHE ZA 63 2.53 -55.08 11.71
N LYS ZA 64 1.27 -55.05 12.10
CA LYS ZA 64 0.55 -53.80 12.39
C LYS ZA 64 0.16 -53.78 13.85
N THR ZA 65 0.54 -52.71 14.54
CA THR ZA 65 0.23 -52.56 15.97
C THR ZA 65 -1.14 -51.92 16.11
N LYS ZA 66 -2.05 -52.61 16.80
CA LYS ZA 66 -3.42 -52.15 16.97
C LYS ZA 66 -3.86 -52.36 18.42
N GLY ZA 67 -4.92 -51.64 18.79
CA GLY ZA 67 -5.49 -51.79 20.11
C GLY ZA 67 -6.50 -52.92 20.18
N VAL ZA 68 -7.18 -53.17 19.06
CA VAL ZA 68 -8.17 -54.24 18.95
C VAL ZA 68 -7.79 -55.12 17.77
N LEU ZA 69 -7.74 -56.43 18.00
CA LEU ZA 69 -7.37 -57.38 16.96
C LEU ZA 69 -8.60 -58.13 16.46
N LYS ZA 70 -8.70 -58.25 15.14
CA LYS ZA 70 -9.79 -58.99 14.51
C LYS ZA 70 -9.24 -59.75 13.30
N LYS ZA 71 -9.77 -60.95 13.09
CA LYS ZA 71 -9.30 -61.79 12.00
C LYS ZA 71 -9.83 -61.28 10.67
N ARG ZA 72 -8.93 -61.10 9.71
CA ARG ZA 72 -9.31 -60.68 8.36
C ARG ZA 72 -9.59 -61.85 7.43
N CYS ZA 73 -9.32 -63.08 7.86
CA CYS ZA 73 -9.66 -64.27 7.10
C CYS ZA 73 -9.79 -65.44 8.06
N ARG ZA 74 -10.16 -66.59 7.52
CA ARG ZA 74 -10.40 -67.78 8.33
C ARG ZA 74 -9.11 -68.49 8.75
N ASP ZA 75 -7.97 -68.16 8.14
CA ASP ZA 75 -6.71 -68.80 8.47
C ASP ZA 75 -5.89 -68.03 9.49
N CYS ZA 76 -6.39 -66.91 9.98
CA CYS ZA 76 -5.69 -66.16 11.02
C CYS ZA 76 -5.96 -66.78 12.37
N TYR ZA 77 -4.90 -66.99 13.16
CA TYR ZA 77 -5.02 -67.55 14.49
C TYR ZA 77 -4.43 -66.58 15.51
N LEU ZA 78 -5.08 -66.52 16.67
CA LEU ZA 78 -4.68 -65.61 17.74
C LEU ZA 78 -3.88 -66.40 18.78
N VAL ZA 79 -2.69 -65.90 19.11
CA VAL ZA 79 -1.79 -66.57 20.03
C VAL ZA 79 -1.22 -65.54 21.01
N LYS ZA 80 -1.10 -65.95 22.27
CA LYS ZA 80 -0.52 -65.09 23.29
C LYS ZA 80 0.97 -65.40 23.40
N ARG ZA 81 1.80 -64.45 23.00
CA ARG ZA 81 3.24 -64.62 23.01
C ARG ZA 81 3.90 -63.35 23.54
N ARG ZA 82 4.95 -63.53 24.35
CA ARG ZA 82 5.72 -62.41 24.90
C ARG ZA 82 4.85 -61.46 25.70
N GLY ZA 83 3.74 -61.95 26.24
CA GLY ZA 83 2.82 -61.13 27.00
C GLY ZA 83 1.82 -60.35 26.19
N ARG ZA 84 1.84 -60.46 24.87
CA ARG ZA 84 0.91 -59.75 24.01
C ARG ZA 84 0.10 -60.75 23.20
N TRP ZA 85 -0.90 -60.24 22.49
CA TRP ZA 85 -1.71 -61.03 21.59
C TRP ZA 85 -1.30 -60.77 20.15
N PHE ZA 86 -1.24 -61.84 19.36
CA PHE ZA 86 -0.79 -61.75 17.98
C PHE ZA 86 -1.75 -62.50 17.09
N ILE ZA 87 -2.27 -61.82 16.08
CA ILE ZA 87 -3.03 -62.44 15.00
C ILE ZA 87 -2.02 -62.78 13.91
N TYR ZA 88 -1.76 -64.08 13.73
CA TYR ZA 88 -0.82 -64.58 12.74
C TYR ZA 88 -1.58 -65.23 11.60
N CYS ZA 89 -1.19 -64.89 10.37
CA CYS ZA 89 -1.77 -65.48 9.18
C CYS ZA 89 -0.65 -65.94 8.25
N LYS ZA 90 -0.76 -67.17 7.75
CA LYS ZA 90 0.26 -67.71 6.86
C LYS ZA 90 -0.06 -67.48 5.39
N THR ZA 91 -1.34 -67.58 5.01
CA THR ZA 91 -1.72 -67.35 3.62
C THR ZA 91 -1.51 -65.88 3.24
N ASN ZA 92 -1.98 -64.96 4.09
CA ASN ZA 92 -1.81 -63.53 3.86
C ASN ZA 92 -0.92 -62.95 4.95
N PRO ZA 93 0.39 -62.77 4.69
CA PRO ZA 93 1.27 -62.21 5.73
C PRO ZA 93 0.91 -60.80 6.14
N LYS ZA 94 0.15 -60.06 5.32
CA LYS ZA 94 -0.25 -58.70 5.67
C LYS ZA 94 -1.23 -58.64 6.82
N HIS ZA 95 -1.79 -59.78 7.25
CA HIS ZA 95 -2.76 -59.83 8.32
C HIS ZA 95 -2.11 -59.95 9.70
N LYS ZA 96 -0.78 -59.83 9.78
CA LYS ZA 96 -0.08 -59.93 11.05
C LYS ZA 96 -0.42 -58.73 11.93
N GLN ZA 97 -1.10 -58.99 13.04
CA GLN ZA 97 -1.55 -57.94 13.95
C GLN ZA 97 -0.97 -58.18 15.34
N ARG ZA 98 -0.60 -57.09 16.01
CA ARG ZA 98 0.00 -57.15 17.35
C ARG ZA 98 -0.78 -56.22 18.26
N GLN ZA 99 -1.29 -56.75 19.37
CA GLN ZA 99 -2.05 -55.96 20.33
C GLN ZA 99 -1.08 -55.12 21.17
N MET ZA 100 -1.30 -53.82 21.19
CA MET ZA 100 -0.45 -52.92 21.94
C MET ZA 100 -0.90 -52.79 23.39
N ASN BB 55 -6.45 24.34 -132.18
CA ASN BB 55 -5.99 24.26 -130.80
C ASN BB 55 -4.58 24.82 -130.64
N ASP BB 56 -3.75 24.59 -131.66
CA ASP BB 56 -2.38 25.08 -131.62
C ASP BB 56 -2.32 26.61 -131.60
N LEU BB 57 -3.16 27.26 -132.40
CA LEU BB 57 -3.17 28.72 -132.45
C LEU BB 57 -3.87 29.36 -131.26
N ARG BB 58 -4.66 28.59 -130.50
CA ARG BB 58 -5.33 29.16 -129.33
C ARG BB 58 -4.32 29.58 -128.27
N ASP BB 59 -3.28 28.77 -128.06
CA ASP BB 59 -2.25 29.09 -127.08
C ASP BB 59 -1.53 30.39 -127.42
N ARG BB 60 -1.49 30.76 -128.71
CA ARG BB 60 -0.89 32.03 -129.10
C ARG BB 60 -1.64 33.20 -128.48
N ILE BB 61 -2.96 33.11 -128.37
CA ILE BB 61 -3.75 34.18 -127.76
C ILE BB 61 -3.32 34.40 -126.32
N LEU BB 62 -3.13 33.33 -125.56
CA LEU BB 62 -2.70 33.47 -124.18
C LEU BB 62 -1.24 33.92 -124.06
N SER BB 63 -0.37 33.43 -124.95
CA SER BB 63 1.05 33.73 -124.85
C SER BB 63 1.43 35.10 -125.39
N GLU BB 64 0.58 35.72 -126.21
CA GLU BB 64 0.94 37.00 -126.80
C GLU BB 64 1.11 38.11 -125.76
N PRO BB 65 0.18 38.35 -124.83
CA PRO BB 65 0.38 39.44 -123.86
C PRO BB 65 1.55 39.19 -122.91
N LEU BB 66 1.99 37.95 -122.73
CA LEU BB 66 3.06 37.66 -121.79
C LEU BB 66 4.41 38.13 -122.29
N LYS BB 67 4.55 38.42 -123.58
CA LYS BB 67 5.82 38.85 -124.14
C LYS BB 67 6.01 40.37 -124.10
N HIS BB 68 5.01 41.11 -123.64
CA HIS BB 68 5.09 42.56 -123.57
C HIS BB 68 4.87 43.02 -122.14
N ALA BB 69 5.65 44.03 -121.73
CA ALA BB 69 5.51 44.56 -120.38
C ALA BB 69 4.20 45.34 -120.23
N ASP BB 70 4.05 46.45 -120.95
CA ASP BB 70 2.82 47.22 -120.91
C ASP BB 70 2.00 46.82 -122.13
N PHE BB 71 1.38 45.65 -122.03
CA PHE BB 71 0.60 45.14 -123.15
C PHE BB 71 -0.70 45.92 -123.33
N PHE BB 72 -1.33 46.32 -122.23
CA PHE BB 72 -2.61 47.02 -122.27
C PHE BB 72 -2.46 48.53 -122.20
N ASN BB 73 -1.24 49.05 -122.19
CA ASN BB 73 -0.97 50.49 -122.17
C ASN BB 73 -1.63 51.14 -120.95
N LEU BB 74 -1.24 50.68 -119.77
CA LEU BB 74 -1.81 51.13 -118.51
C LEU BB 74 -1.03 52.28 -117.87
N LYS BB 75 0.09 52.69 -118.46
CA LYS BB 75 0.88 53.76 -117.88
C LYS BB 75 0.16 55.09 -117.92
N GLU BB 76 -0.60 55.36 -118.98
CA GLU BB 76 -1.33 56.61 -119.12
C GLU BB 76 -2.49 56.75 -118.13
N LEU BB 77 -2.86 55.66 -117.45
CA LEU BB 77 -4.02 55.72 -116.56
C LEU BB 77 -3.77 56.62 -115.36
N PHE BB 78 -2.55 56.63 -114.83
CA PHE BB 78 -2.27 57.37 -113.62
C PHE BB 78 -0.82 57.84 -113.63
N SER BB 79 -0.52 58.74 -112.70
CA SER BB 79 0.83 59.27 -112.51
C SER BB 79 0.98 59.66 -111.05
N VAL BB 80 2.19 60.11 -110.68
CA VAL BB 80 2.43 60.51 -109.31
C VAL BB 80 1.54 61.69 -108.92
N ARG BB 81 1.42 62.68 -109.80
CA ARG BB 81 0.53 63.81 -109.54
C ARG BB 81 -0.93 63.38 -109.48
N SER BB 82 -1.33 62.47 -110.37
CA SER BB 82 -2.71 61.97 -110.36
C SER BB 82 -3.04 61.20 -109.08
N LEU BB 83 -2.02 60.68 -108.39
CA LEU BB 83 -2.23 60.06 -107.09
C LEU BB 83 -2.14 61.04 -105.93
N PHE BB 84 -1.34 62.10 -106.08
CA PHE BB 84 -1.14 63.03 -104.98
C PHE BB 84 -2.41 63.80 -104.65
N ASP BB 85 -3.14 64.27 -105.67
CA ASP BB 85 -4.34 65.05 -105.44
C ASP BB 85 -5.50 64.22 -104.91
N ALA BB 86 -5.37 62.89 -104.89
CA ALA BB 86 -6.42 62.02 -104.38
C ALA BB 86 -6.18 61.61 -102.93
N ARG BB 87 -5.25 62.28 -102.24
CA ARG BB 87 -4.97 62.02 -100.83
C ARG BB 87 -4.49 60.59 -100.58
N VAL BB 88 -3.90 59.98 -101.63
CA VAL BB 88 -3.42 58.61 -101.49
C VAL BB 88 -2.22 58.54 -100.57
N HIS BB 89 -1.34 59.54 -100.61
CA HIS BB 89 -0.10 59.54 -99.85
C HIS BB 89 -0.29 59.69 -98.35
N LEU BB 90 -1.53 59.84 -97.89
CA LEU BB 90 -1.80 60.12 -96.48
C LEU BB 90 -2.18 58.84 -95.74
N GLY BB 91 -1.60 58.66 -94.56
CA GLY BB 91 -1.90 57.50 -93.73
C GLY BB 91 -2.39 57.86 -92.35
N HIS BB 92 -2.40 56.89 -91.44
CA HIS BB 92 -2.89 57.12 -90.09
C HIS BB 92 -1.78 57.78 -89.25
N LYS BB 93 -2.01 57.86 -87.94
CA LYS BB 93 -1.05 58.45 -87.04
C LYS BB 93 0.16 57.52 -86.85
N ALA BB 94 1.14 58.00 -86.09
CA ALA BB 94 2.32 57.20 -85.83
C ALA BB 94 2.01 56.02 -84.93
N GLY BB 95 1.07 56.18 -83.99
CA GLY BB 95 0.74 55.10 -83.07
C GLY BB 95 -0.02 53.95 -83.70
N CYS BB 96 -0.68 54.19 -84.83
CA CYS BB 96 -1.42 53.15 -85.54
C CYS BB 96 -0.61 52.50 -86.64
N ARG BB 97 0.67 52.86 -86.78
CA ARG BB 97 1.50 52.32 -87.84
C ARG BB 97 1.77 50.84 -87.62
N HIS BB 98 1.60 50.05 -88.67
CA HIS BB 98 1.99 48.65 -88.61
C HIS BB 98 3.50 48.53 -88.81
N ARG BB 99 4.09 47.50 -88.19
CA ARG BB 99 5.54 47.35 -88.23
C ARG BB 99 6.04 47.07 -89.65
N PHE BB 100 5.24 46.41 -90.47
CA PHE BB 100 5.63 46.04 -91.82
C PHE BB 100 5.42 47.17 -92.82
N MET BB 101 4.87 48.30 -92.39
CA MET BB 101 4.67 49.45 -93.27
C MET BB 101 5.85 50.42 -93.23
N GLU BB 102 6.85 50.17 -92.40
CA GLU BB 102 7.99 51.07 -92.34
C GLU BB 102 8.72 51.21 -93.68
N PRO BB 103 9.05 50.14 -94.41
CA PRO BB 103 9.69 50.34 -95.72
C PRO BB 103 8.82 51.04 -96.74
N TYR BB 104 7.50 51.06 -96.55
CA TYR BB 104 6.58 51.67 -97.49
C TYR BB 104 6.18 53.09 -97.09
N LEU BB 105 6.83 53.67 -96.10
CA LEU BB 105 6.52 55.01 -95.62
C LEU BB 105 7.63 55.99 -95.98
N PHE BB 106 7.23 57.16 -96.46
CA PHE BB 106 8.17 58.23 -96.74
C PHE BB 106 8.60 58.96 -95.48
N GLY BB 107 7.71 59.08 -94.51
CA GLY BB 107 8.05 59.78 -93.27
C GLY BB 107 6.81 60.05 -92.44
N SER BB 108 6.97 60.96 -91.47
CA SER BB 108 5.88 61.34 -90.58
C SER BB 108 5.81 62.86 -90.54
N ARG BB 109 4.63 63.40 -90.83
CA ARG BB 109 4.39 64.85 -90.82
C ARG BB 109 3.56 65.18 -89.58
N LEU BB 110 4.25 65.45 -88.48
CA LEU BB 110 3.62 65.83 -87.21
C LEU BB 110 2.60 64.78 -86.77
N GLY BB 111 3.10 63.57 -86.52
CA GLY BB 111 2.29 62.46 -86.07
C GLY BB 111 1.70 61.61 -87.17
N GLN BB 112 1.20 62.22 -88.24
CA GLN BB 112 0.60 61.49 -89.33
C GLN BB 112 1.67 60.96 -90.27
N ASP BB 113 1.67 59.65 -90.48
CA ASP BB 113 2.63 59.05 -91.40
C ASP BB 113 2.27 59.40 -92.84
N ILE BB 114 3.29 59.52 -93.68
CA ILE BB 114 3.13 59.88 -95.08
C ILE BB 114 3.65 58.74 -95.94
N ILE BB 115 2.83 58.28 -96.87
CA ILE BB 115 3.20 57.19 -97.76
C ILE BB 115 3.87 57.76 -99.01
N ASP BB 116 5.06 57.24 -99.32
CA ASP BB 116 5.73 57.65 -100.55
C ASP BB 116 4.95 57.17 -101.77
N LEU BB 117 4.89 58.03 -102.79
CA LEU BB 117 4.11 57.73 -103.99
C LEU BB 117 4.92 57.07 -105.08
N GLU BB 118 6.25 57.15 -105.04
CA GLU BB 118 7.05 56.45 -106.05
C GLU BB 118 6.86 54.95 -105.97
N GLN BB 119 7.03 54.37 -104.79
CA GLN BB 119 6.77 52.95 -104.60
C GLN BB 119 5.28 52.63 -104.77
N THR BB 120 4.41 53.57 -104.42
CA THR BB 120 2.98 53.36 -104.65
C THR BB 120 2.69 53.14 -106.13
N ALA BB 121 3.23 54.02 -106.98
CA ALA BB 121 3.04 53.86 -108.42
C ALA BB 121 3.74 52.62 -108.95
N ALA BB 122 4.92 52.30 -108.42
CA ALA BB 122 5.63 51.10 -108.86
C ALA BB 122 4.82 49.85 -108.57
N HIS BB 123 4.22 49.75 -107.38
CA HIS BB 123 3.38 48.61 -107.06
C HIS BB 123 2.07 48.64 -107.85
N LEU BB 124 1.52 49.83 -108.06
CA LEU BB 124 0.22 49.93 -108.74
C LEU BB 124 0.33 49.55 -110.22
N GLN BB 125 1.44 49.86 -110.87
CA GLN BB 125 1.63 49.43 -112.26
C GLN BB 125 1.60 47.91 -112.36
N LEU BB 126 2.35 47.22 -111.50
CA LEU BB 126 2.34 45.76 -111.50
C LEU BB 126 0.97 45.22 -111.15
N ALA BB 127 0.28 45.83 -110.18
CA ALA BB 127 -1.05 45.34 -109.79
C ALA BB 127 -2.03 45.48 -110.94
N LEU BB 128 -2.03 46.62 -111.63
CA LEU BB 128 -2.93 46.81 -112.74
C LEU BB 128 -2.60 45.89 -113.90
N ASN BB 129 -1.30 45.67 -114.16
CA ASN BB 129 -0.92 44.73 -115.22
C ASN BB 129 -1.39 43.33 -114.90
N PHE BB 130 -1.22 42.89 -113.65
CA PHE BB 130 -1.66 41.56 -113.25
C PHE BB 130 -3.18 41.43 -113.37
N THR BB 131 -3.91 42.44 -112.92
CA THR BB 131 -5.37 42.41 -113.01
C THR BB 131 -5.83 42.38 -114.46
N ALA BB 132 -5.21 43.19 -115.32
CA ALA BB 132 -5.57 43.19 -116.73
C ALA BB 132 -5.27 41.85 -117.39
N HIS BB 133 -4.13 41.24 -117.08
CA HIS BB 133 -3.84 39.92 -117.62
C HIS BB 133 -4.84 38.87 -117.13
N VAL BB 134 -5.21 38.92 -115.85
CA VAL BB 134 -6.19 37.97 -115.33
C VAL BB 134 -7.53 38.15 -116.03
N ALA BB 135 -7.97 39.38 -116.22
CA ALA BB 135 -9.22 39.63 -116.94
C ALA BB 135 -9.13 39.18 -118.39
N TYR BB 136 -7.99 39.41 -119.05
CA TYR BB 136 -7.80 38.98 -120.42
C TYR BB 136 -7.86 37.47 -120.56
N ARG BB 137 -7.30 36.74 -119.59
CA ARG BB 137 -7.28 35.28 -119.63
C ARG BB 137 -8.57 34.67 -119.09
N GLU BB 138 -9.66 35.44 -119.04
CA GLU BB 138 -10.96 34.97 -118.59
C GLU BB 138 -10.89 34.38 -117.17
N GLY BB 139 -10.53 35.25 -116.23
CA GLY BB 139 -10.42 34.88 -114.82
C GLY BB 139 -11.49 35.57 -114.01
N ILE BB 140 -11.95 34.88 -112.97
CA ILE BB 140 -12.97 35.43 -112.09
C ILE BB 140 -12.32 36.36 -111.08
N ILE BB 141 -12.75 37.62 -111.06
CA ILE BB 141 -12.19 38.64 -110.20
C ILE BB 141 -13.23 39.08 -109.19
N LEU BB 142 -12.88 39.02 -107.91
CA LEU BB 142 -13.79 39.35 -106.82
C LEU BB 142 -13.23 40.55 -106.06
N PHE BB 143 -14.00 41.63 -106.03
CA PHE BB 143 -13.66 42.83 -105.29
C PHE BB 143 -14.20 42.69 -103.87
N VAL BB 144 -13.30 42.48 -102.92
CA VAL BB 144 -13.67 42.27 -101.52
C VAL BB 144 -13.34 43.54 -100.74
N SER BB 145 -14.29 44.01 -99.94
CA SER BB 145 -14.05 45.16 -99.08
C SER BB 145 -15.11 45.23 -98.00
N ARG BB 146 -14.68 45.24 -96.75
CA ARG BB 146 -15.58 45.31 -95.60
C ARG BB 146 -15.44 46.71 -95.00
N HIS BB 147 -16.23 47.64 -95.52
CA HIS BB 147 -16.19 49.03 -95.05
C HIS BB 147 -17.52 49.68 -95.38
N ARG BB 148 -18.25 50.12 -94.36
CA ARG BB 148 -19.59 50.67 -94.54
C ARG BB 148 -19.57 52.15 -94.92
N GLN BB 149 -18.81 52.49 -95.93
CA GLN BB 149 -18.90 53.83 -96.52
C GLN BB 149 -19.01 53.79 -98.03
N PHE BB 150 -18.32 52.86 -98.69
CA PHE BB 150 -18.27 52.80 -100.15
C PHE BB 150 -18.78 51.47 -100.69
N ALA BB 151 -19.61 50.77 -99.91
CA ALA BB 151 -20.11 49.46 -100.35
C ALA BB 151 -20.90 49.58 -101.64
N HIS BB 152 -21.78 50.58 -101.73
CA HIS BB 152 -22.55 50.78 -102.94
C HIS BB 152 -21.66 51.12 -104.13
N LEU BB 153 -20.65 51.96 -103.91
CA LEU BB 153 -19.72 52.29 -105.00
C LEU BB 153 -18.97 51.05 -105.49
N ILE BB 154 -18.51 50.20 -104.58
CA ILE BB 154 -17.82 48.99 -104.98
C ILE BB 154 -18.75 48.04 -105.71
N GLU BB 155 -20.00 47.90 -105.24
CA GLU BB 155 -20.96 47.04 -105.94
C GLU BB 155 -21.22 47.56 -107.35
N THR BB 156 -21.40 48.87 -107.50
CA THR BB 156 -21.62 49.43 -108.84
C THR BB 156 -20.41 49.25 -109.73
N THR BB 157 -19.19 49.42 -109.18
CA THR BB 157 -17.99 49.23 -109.97
C THR BB 157 -17.87 47.79 -110.44
N ALA BB 158 -18.16 46.83 -109.56
CA ALA BB 158 -18.13 45.42 -109.96
C ALA BB 158 -19.20 45.12 -111.01
N ARG BB 159 -20.39 45.68 -110.85
CA ARG BB 159 -21.43 45.48 -111.86
C ARG BB 159 -21.01 46.01 -113.21
N ASP BB 160 -20.40 47.20 -113.24
CA ASP BB 160 -19.91 47.76 -114.49
C ASP BB 160 -18.79 46.92 -115.09
N CYS BB 161 -17.88 46.42 -114.25
CA CYS BB 161 -16.78 45.59 -114.72
C CYS BB 161 -17.24 44.23 -115.21
N GLY BB 162 -18.38 43.74 -114.73
CA GLY BB 162 -18.77 42.37 -115.01
C GLY BB 162 -18.12 41.35 -114.11
N GLU BB 163 -17.33 41.81 -113.14
CA GLU BB 163 -16.72 40.94 -112.13
C GLU BB 163 -17.60 40.95 -110.89
N TYR BB 164 -17.21 40.16 -109.89
CA TYR BB 164 -18.07 39.92 -108.74
C TYR BB 164 -17.58 40.71 -107.53
N ALA BB 165 -18.46 40.93 -106.57
CA ALA BB 165 -18.16 41.78 -105.43
C ALA BB 165 -18.58 41.09 -104.14
N HIS BB 166 -17.89 41.47 -103.06
CA HIS BB 166 -18.23 41.01 -101.70
C HIS BB 166 -17.92 42.17 -100.75
N THR BB 167 -18.98 42.83 -100.29
CA THR BB 167 -18.86 43.94 -99.35
C THR BB 167 -19.69 43.72 -98.10
N ARG BB 168 -20.32 42.56 -97.95
CA ARG BB 168 -21.13 42.25 -96.79
C ARG BB 168 -20.34 41.35 -95.83
N TYR BB 169 -21.03 40.84 -94.81
CA TYR BB 169 -20.41 39.97 -93.82
C TYR BB 169 -19.84 38.73 -94.48
N PHE BB 170 -18.51 38.57 -94.43
CA PHE BB 170 -17.85 37.43 -95.05
C PHE BB 170 -18.09 36.19 -94.21
N LYS BB 171 -18.70 35.17 -94.80
CA LYS BB 171 -19.01 33.96 -94.07
C LYS BB 171 -17.75 33.15 -93.81
N GLY BB 172 -17.82 32.27 -92.81
CA GLY BB 172 -16.67 31.53 -92.36
C GLY BB 172 -16.03 30.63 -93.39
N GLY BB 173 -16.76 29.59 -93.79
CA GLY BB 173 -16.22 28.64 -94.74
C GLY BB 173 -16.59 28.94 -96.19
N LEU BB 174 -16.43 30.20 -96.59
CA LEU BB 174 -16.81 30.59 -97.94
C LEU BB 174 -15.82 30.05 -98.97
N LEU BB 175 -14.57 30.48 -98.88
CA LEU BB 175 -13.54 30.03 -99.83
C LEU BB 175 -13.04 28.63 -99.52
N THR BB 176 -12.97 28.27 -98.23
CA THR BB 176 -12.47 26.94 -97.87
C THR BB 176 -13.54 25.87 -98.12
N ASN BB 177 -14.69 26.01 -97.48
CA ASN BB 177 -15.79 25.05 -97.64
C ASN BB 177 -16.74 25.52 -98.74
N ALA BB 178 -16.14 25.83 -99.90
CA ALA BB 178 -16.94 26.27 -101.04
C ALA BB 178 -17.91 25.21 -101.53
N PRO BB 179 -17.53 23.93 -101.68
CA PRO BB 179 -18.50 22.93 -102.17
C PRO BB 179 -19.73 22.76 -101.29
N LEU BB 180 -19.72 23.24 -100.05
CA LEU BB 180 -20.89 23.20 -99.20
C LEU BB 180 -21.53 24.56 -98.96
N LEU BB 181 -20.79 25.65 -99.22
CA LEU BB 181 -21.35 26.99 -99.00
C LEU BB 181 -21.96 27.59 -100.27
N LEU BB 182 -21.38 27.31 -101.43
CA LEU BB 182 -21.84 27.88 -102.69
C LEU BB 182 -22.68 26.90 -103.51
N GLY BB 183 -22.13 25.72 -103.80
CA GLY BB 183 -22.84 24.73 -104.59
C GLY BB 183 -22.04 23.46 -104.73
N PRO BB 184 -22.61 22.45 -105.41
CA PRO BB 184 -21.91 21.17 -105.57
C PRO BB 184 -20.54 21.32 -106.21
N GLY BB 185 -20.48 21.89 -107.41
CA GLY BB 185 -19.22 22.21 -108.04
C GLY BB 185 -19.16 23.67 -108.44
N VAL BB 186 -18.27 24.43 -107.80
CA VAL BB 186 -18.17 25.87 -108.01
C VAL BB 186 -16.73 26.22 -108.33
N ARG BB 187 -16.56 27.14 -109.27
CA ARG BB 187 -15.23 27.61 -109.67
C ARG BB 187 -14.85 28.80 -108.81
N LEU BB 188 -13.78 28.65 -108.04
CA LEU BB 188 -13.33 29.72 -107.15
C LEU BB 188 -12.80 30.90 -107.96
N PRO BB 189 -12.88 32.11 -107.42
CA PRO BB 189 -12.34 33.27 -108.13
C PRO BB 189 -10.85 33.13 -108.39
N ASP BB 190 -10.41 33.60 -109.56
CA ASP BB 190 -9.01 33.52 -109.93
C ASP BB 190 -8.21 34.73 -109.48
N LEU BB 191 -8.87 35.76 -108.96
CA LEU BB 191 -8.17 36.93 -108.43
C LEU BB 191 -9.05 37.61 -107.40
N ILE BB 192 -8.44 38.03 -106.29
CA ILE BB 192 -9.15 38.73 -105.23
C ILE BB 192 -8.52 40.11 -105.06
N ILE BB 193 -9.34 41.15 -105.20
CA ILE BB 193 -8.89 42.54 -105.07
C ILE BB 193 -9.48 43.12 -103.80
N PHE BB 194 -8.61 43.42 -102.84
CA PHE BB 194 -9.01 43.97 -101.55
C PHE BB 194 -9.00 45.49 -101.64
N LEU BB 195 -10.16 46.10 -101.44
CA LEU BB 195 -10.25 47.55 -101.35
C LEU BB 195 -10.15 48.06 -99.93
N HIS BB 196 -10.30 47.18 -98.94
CA HIS BB 196 -10.10 47.52 -97.53
C HIS BB 196 -9.60 46.27 -96.83
N THR BB 197 -8.30 46.25 -96.50
CA THR BB 197 -7.72 45.06 -95.88
C THR BB 197 -8.34 44.77 -94.52
N LEU BB 198 -8.55 45.80 -93.71
CA LEU BB 198 -9.12 45.62 -92.39
C LEU BB 198 -10.64 45.69 -92.43
N ASN BB 199 -11.27 44.92 -91.55
CA ASN BB 199 -12.72 44.88 -91.44
C ASN BB 199 -13.17 45.93 -90.42
N ASN BB 200 -14.46 45.89 -90.07
CA ASN BB 200 -15.01 46.86 -89.12
C ASN BB 200 -14.46 46.70 -87.72
N VAL BB 201 -13.87 45.54 -87.40
CA VAL BB 201 -13.29 45.31 -86.08
C VAL BB 201 -11.80 45.62 -86.04
N PHE BB 202 -11.28 46.32 -87.05
CA PHE BB 202 -9.86 46.66 -87.14
C PHE BB 202 -8.96 45.43 -87.07
N GLU BB 203 -9.36 44.35 -87.75
CA GLU BB 203 -8.63 43.11 -87.79
C GLU BB 203 -8.41 42.67 -89.24
N PRO BB 204 -7.39 41.87 -89.51
CA PRO BB 204 -7.20 41.35 -90.87
C PRO BB 204 -8.41 40.56 -91.34
N HIS BB 205 -8.73 40.70 -92.62
CA HIS BB 205 -9.91 40.07 -93.18
C HIS BB 205 -9.72 38.55 -93.26
N VAL BB 206 -10.84 37.83 -93.30
CA VAL BB 206 -10.78 36.38 -93.41
C VAL BB 206 -10.31 35.96 -94.80
N ALA BB 207 -10.76 36.68 -95.83
CA ALA BB 207 -10.42 36.31 -97.19
C ALA BB 207 -8.93 36.52 -97.50
N VAL BB 208 -8.28 37.48 -96.85
CA VAL BB 208 -6.86 37.70 -97.10
C VAL BB 208 -6.04 36.50 -96.66
N ARG BB 209 -6.55 35.70 -95.74
CA ARG BB 209 -5.91 34.44 -95.35
C ARG BB 209 -6.45 33.25 -96.12
N ASP BB 210 -7.75 33.25 -96.43
CA ASP BB 210 -8.34 32.16 -97.18
C ASP BB 210 -7.79 32.08 -98.61
N ALA BB 211 -7.53 33.22 -99.25
CA ALA BB 211 -6.96 33.21 -100.58
C ALA BB 211 -5.57 32.59 -100.58
N ALA BB 212 -4.75 32.95 -99.59
CA ALA BB 212 -3.43 32.32 -99.45
C ALA BB 212 -3.55 30.83 -99.15
N LYS BB 213 -4.53 30.43 -98.34
CA LYS BB 213 -4.74 29.02 -98.07
C LYS BB 213 -5.15 28.24 -99.32
N MET BB 214 -5.97 28.85 -100.18
CA MET BB 214 -6.49 28.19 -101.37
C MET BB 214 -5.68 28.50 -102.62
N ASN BB 215 -4.54 29.19 -102.49
CA ASN BB 215 -3.67 29.53 -103.61
C ASN BB 215 -4.40 30.40 -104.63
N ILE BB 216 -4.93 31.52 -104.16
CA ILE BB 216 -5.65 32.48 -104.98
C ILE BB 216 -4.89 33.80 -104.94
N PRO BB 217 -4.44 34.33 -106.08
CA PRO BB 217 -3.70 35.59 -106.06
C PRO BB 217 -4.56 36.74 -105.56
N THR BB 218 -3.91 37.64 -104.80
CA THR BB 218 -4.59 38.73 -104.13
C THR BB 218 -3.85 40.04 -104.38
N VAL BB 219 -4.54 40.99 -104.99
CA VAL BB 219 -4.07 42.37 -105.11
C VAL BB 219 -4.84 43.20 -104.10
N GLY BB 220 -4.12 43.91 -103.25
CA GLY BB 220 -4.79 44.61 -102.17
C GLY BB 220 -4.26 45.98 -101.84
N ILE BB 221 -5.16 46.93 -101.61
CA ILE BB 221 -4.79 48.28 -101.20
C ILE BB 221 -4.58 48.25 -99.68
N VAL BB 222 -3.40 48.66 -99.24
CA VAL BB 222 -3.01 48.59 -97.84
C VAL BB 222 -2.75 49.98 -97.31
N ASP BB 223 -3.28 50.27 -96.13
CA ASP BB 223 -3.04 51.54 -95.46
C ASP BB 223 -1.85 51.38 -94.50
N THR BB 224 -1.58 52.41 -93.70
CA THR BB 224 -0.45 52.36 -92.77
C THR BB 224 -0.68 51.39 -91.61
N ASN BB 225 -1.90 50.89 -91.43
CA ASN BB 225 -2.22 49.98 -90.35
C ASN BB 225 -2.62 48.59 -90.84
N CYS BB 226 -2.18 48.22 -92.04
CA CYS BB 226 -2.50 46.93 -92.63
C CYS BB 226 -1.29 46.00 -92.57
N ASN BB 227 -1.55 44.72 -92.87
CA ASN BB 227 -0.51 43.69 -92.88
C ASN BB 227 -0.38 43.14 -94.29
N PRO BB 228 0.64 43.54 -95.05
CA PRO BB 228 0.78 43.08 -96.43
C PRO BB 228 1.55 41.78 -96.62
N ALA BB 229 1.78 41.02 -95.55
CA ALA BB 229 2.61 39.82 -95.65
C ALA BB 229 1.98 38.78 -96.58
N LEU BB 230 0.68 38.57 -96.47
CA LEU BB 230 -0.01 37.55 -97.25
C LEU BB 230 -0.59 38.07 -98.56
N ILE BB 231 -0.48 39.37 -98.84
CA ILE BB 231 -1.03 39.93 -100.06
C ILE BB 231 -0.01 39.80 -101.18
N THR BB 232 -0.43 39.19 -102.29
CA THR BB 232 0.49 38.97 -103.41
C THR BB 232 0.96 40.29 -104.01
N TYR BB 233 0.04 41.23 -104.23
CA TYR BB 233 0.35 42.54 -104.80
C TYR BB 233 -0.15 43.63 -103.87
N PRO BB 234 0.66 44.08 -102.92
CA PRO BB 234 0.24 45.19 -102.06
C PRO BB 234 0.45 46.53 -102.73
N VAL BB 235 -0.53 47.41 -102.54
CA VAL BB 235 -0.46 48.77 -103.06
C VAL BB 235 -0.51 49.74 -101.89
N PRO BB 236 0.62 50.29 -101.46
CA PRO BB 236 0.60 51.20 -100.31
C PRO BB 236 -0.09 52.53 -100.62
N GLY BB 237 -1.26 52.73 -100.02
CA GLY BB 237 -2.01 53.94 -100.26
C GLY BB 237 -3.01 54.18 -99.16
N ASN BB 238 -3.94 55.10 -99.43
CA ASN BB 238 -4.99 55.46 -98.49
C ASN BB 238 -6.31 54.85 -98.93
N ASP BB 239 -6.98 54.18 -97.99
CA ASP BB 239 -8.28 53.56 -98.25
C ASP BB 239 -9.39 54.21 -97.44
N ASP BB 240 -9.15 55.40 -96.89
CA ASP BB 240 -10.12 56.10 -96.06
C ASP BB 240 -10.70 57.35 -96.71
N SER BB 241 -10.05 57.90 -97.73
CA SER BB 241 -10.56 59.09 -98.40
C SER BB 241 -11.48 58.69 -99.56
N PRO BB 242 -12.63 59.32 -99.67
CA PRO BB 242 -13.56 59.01 -100.77
C PRO BB 242 -12.91 59.20 -102.14
N PRO BB 243 -12.19 60.31 -102.40
CA PRO BB 243 -11.50 60.41 -103.69
C PRO BB 243 -10.43 59.34 -103.89
N ALA BB 244 -9.73 58.94 -102.82
CA ALA BB 244 -8.75 57.87 -102.95
C ALA BB 244 -9.41 56.56 -103.33
N VAL BB 245 -10.55 56.24 -102.72
CA VAL BB 245 -11.26 55.01 -103.06
C VAL BB 245 -11.76 55.08 -104.50
N ARG BB 246 -12.33 56.22 -104.89
CA ARG BB 246 -12.85 56.36 -106.25
C ARG BB 246 -11.75 56.25 -107.29
N LEU BB 247 -10.56 56.77 -107.01
CA LEU BB 247 -9.47 56.67 -107.97
C LEU BB 247 -9.10 55.22 -108.24
N PHE BB 248 -8.92 54.41 -107.18
CA PHE BB 248 -8.60 53.01 -107.37
C PHE BB 248 -9.75 52.27 -108.06
N CYS BB 249 -10.99 52.58 -107.68
CA CYS BB 249 -12.13 51.93 -108.32
C CYS BB 249 -12.17 52.22 -109.81
N ARG BB 250 -11.96 53.47 -110.21
CA ARG BB 250 -11.96 53.81 -111.63
C ARG BB 250 -10.77 53.21 -112.36
N LEU BB 251 -9.60 53.16 -111.72
CA LEU BB 251 -8.45 52.54 -112.35
C LEU BB 251 -8.69 51.07 -112.63
N PHE BB 252 -9.21 50.34 -111.64
CA PHE BB 252 -9.55 48.94 -111.89
C PHE BB 252 -10.68 48.77 -112.89
N GLN BB 253 -11.67 49.67 -112.88
CA GLN BB 253 -12.75 49.62 -113.87
C GLN BB 253 -12.20 49.74 -115.29
N VAL BB 254 -11.37 50.76 -115.54
CA VAL BB 254 -10.83 50.94 -116.87
C VAL BB 254 -9.86 49.83 -117.24
N ALA BB 255 -9.10 49.30 -116.28
CA ALA BB 255 -8.24 48.17 -116.58
C ALA BB 255 -9.04 46.96 -117.03
N ILE BB 256 -10.12 46.64 -116.31
CA ILE BB 256 -10.97 45.51 -116.70
C ILE BB 256 -11.61 45.75 -118.06
N SER BB 257 -12.11 46.97 -118.30
CA SER BB 257 -12.74 47.28 -119.57
C SER BB 257 -11.76 47.12 -120.72
N ARG BB 258 -10.55 47.68 -120.56
CA ARG BB 258 -9.54 47.53 -121.60
C ARG BB 258 -9.13 46.09 -121.82
N ALA BB 259 -8.97 45.31 -120.76
CA ALA BB 259 -8.60 43.91 -120.92
C ALA BB 259 -9.67 43.14 -121.67
N LYS BB 260 -10.94 43.33 -121.30
CA LYS BB 260 -12.01 42.63 -122.00
C LYS BB 260 -12.13 43.07 -123.45
N GLU BB 261 -12.02 44.37 -123.72
CA GLU BB 261 -12.11 44.85 -125.10
C GLU BB 261 -10.96 44.32 -125.94
N LYS BB 262 -9.75 44.29 -125.38
CA LYS BB 262 -8.62 43.76 -126.13
C LYS BB 262 -8.75 42.27 -126.35
N ARG BB 263 -9.31 41.54 -125.38
CA ARG BB 263 -9.60 40.11 -125.59
C ARG BB 263 -10.58 39.92 -126.74
N ARG BB 264 -11.63 40.74 -126.78
CA ARG BB 264 -12.60 40.65 -127.87
C ARG BB 264 -11.96 40.98 -129.22
N GLN BB 265 -11.10 41.99 -129.27
CA GLN BB 265 -10.42 42.33 -130.51
C GLN BB 265 -9.48 41.21 -130.95
N VAL BB 266 -8.77 40.60 -130.00
CA VAL BB 266 -7.88 39.49 -130.33
C VAL BB 266 -8.68 38.31 -130.88
N GLU BB 267 -9.83 38.02 -130.28
CA GLU BB 267 -10.68 36.95 -130.81
C GLU BB 267 -11.24 37.30 -132.19
N ALA BB 268 -11.59 38.57 -132.43
CA ALA BB 268 -12.06 38.96 -133.75
C ALA BB 268 -10.96 38.76 -134.80
N LEU BB 269 -9.73 39.12 -134.46
CA LEU BB 269 -8.60 38.84 -135.35
C LEU BB 269 -8.35 37.35 -135.52
N TYR BB 270 -8.51 36.57 -134.46
CA TYR BB 270 -8.34 35.13 -134.53
C TYR BB 270 -9.35 34.51 -135.49
N ARG BB 271 -10.57 35.04 -135.50
CA ARG BB 271 -11.59 34.57 -136.44
C ARG BB 271 -11.19 34.77 -137.88
N LEU BB 272 -10.60 35.93 -138.22
CA LEU BB 272 -10.12 36.18 -139.58
C LEU BB 272 -8.82 35.44 -139.88
N GLN BB 273 -8.05 35.06 -138.87
CA GLN BB 273 -6.82 34.30 -139.09
C GLN BB 273 -7.05 32.95 -139.73
N GLY BB 274 -8.25 32.38 -139.58
CA GLY BB 274 -8.55 31.09 -140.17
C GLY BB 274 -9.86 31.08 -140.93
N LYS CB 36 -40.07 6.78 -71.35
CA LYS CB 36 -40.21 7.12 -72.77
C LYS CB 36 -41.07 6.09 -73.50
N ASN CB 37 -41.96 6.58 -74.35
CA ASN CB 37 -42.82 5.69 -75.13
C ASN CB 37 -41.99 4.90 -76.13
N ARG CB 38 -42.23 3.59 -76.20
CA ARG CB 38 -41.48 2.71 -77.08
C ARG CB 38 -42.36 1.81 -77.93
N ALA CB 39 -43.68 1.94 -77.84
CA ALA CB 39 -44.58 1.05 -78.57
C ALA CB 39 -44.68 1.49 -80.03
N ALA CB 40 -44.44 0.55 -80.94
CA ALA CB 40 -44.53 0.79 -82.38
C ALA CB 40 -43.69 2.00 -82.78
N ARG CB 41 -42.50 2.09 -82.21
CA ARG CB 41 -41.62 3.25 -82.39
C ARG CB 41 -40.22 2.75 -82.73
N VAL CB 42 -39.74 3.08 -83.92
CA VAL CB 42 -38.40 2.71 -84.35
C VAL CB 42 -37.44 3.80 -83.90
N ARG CB 43 -36.42 3.41 -83.13
CA ARG CB 43 -35.47 4.37 -82.60
C ARG CB 43 -34.62 4.96 -83.71
N VAL CB 44 -34.28 6.23 -83.57
CA VAL CB 44 -33.52 6.95 -84.59
C VAL CB 44 -32.04 6.58 -84.45
N SER CB 45 -31.45 6.16 -85.56
CA SER CB 45 -30.03 5.81 -85.59
C SER CB 45 -29.21 7.06 -85.89
N LYS CB 46 -27.95 6.87 -86.30
CA LYS CB 46 -27.08 7.99 -86.60
C LYS CB 46 -27.55 8.80 -87.80
N GLY CB 47 -28.48 8.27 -88.59
CA GLY CB 47 -29.00 8.98 -89.74
C GLY CB 47 -28.82 8.25 -91.04
N ASP CB 48 -28.72 6.92 -90.98
CA ASP CB 48 -28.51 6.10 -92.17
C ASP CB 48 -29.46 4.91 -92.25
N LYS CB 49 -30.49 4.86 -91.41
CA LYS CB 49 -31.29 3.66 -91.60
C LYS CB 49 -32.54 3.97 -92.43
N PRO CB 50 -32.90 3.09 -93.35
CA PRO CB 50 -34.12 3.32 -94.15
C PRO CB 50 -35.38 2.90 -93.40
N VAL CB 51 -36.40 3.75 -93.43
CA VAL CB 51 -37.66 3.48 -92.76
C VAL CB 51 -38.80 3.70 -93.73
N THR CB 52 -39.89 2.98 -93.51
CA THR CB 52 -41.10 3.09 -94.32
C THR CB 52 -42.01 4.18 -93.75
N TYR CB 53 -43.02 4.54 -94.54
CA TYR CB 53 -43.97 5.56 -94.09
C TYR CB 53 -44.72 5.12 -92.84
N GLU CB 54 -45.15 3.85 -92.80
CA GLU CB 54 -45.84 3.33 -91.62
C GLU CB 54 -44.94 3.31 -90.40
N GLU CB 55 -43.67 2.94 -90.58
CA GLU CB 55 -42.72 2.87 -89.47
C GLU CB 55 -42.33 4.25 -88.96
N ALA CB 56 -42.25 5.24 -89.84
CA ALA CB 56 -41.81 6.57 -89.45
C ALA CB 56 -42.84 7.34 -88.64
N HIS CB 57 -44.06 6.84 -88.52
CA HIS CB 57 -45.12 7.51 -87.79
C HIS CB 57 -45.41 6.77 -86.50
N ALA CB 58 -45.47 7.51 -85.39
CA ALA CB 58 -45.75 6.94 -84.09
C ALA CB 58 -47.20 6.48 -84.01
N PRO CB 59 -47.52 5.56 -83.09
CA PRO CB 59 -48.90 5.07 -82.99
C PRO CB 59 -49.92 6.14 -82.65
N HIS CB 60 -49.50 7.25 -82.03
CA HIS CB 60 -50.44 8.32 -81.74
C HIS CB 60 -50.86 9.09 -82.99
N TYR CB 61 -50.22 8.84 -84.12
CA TYR CB 61 -50.60 9.44 -85.39
C TYR CB 61 -51.62 8.61 -86.16
N ILE CB 62 -52.06 7.47 -85.59
CA ILE CB 62 -53.08 6.65 -86.25
C ILE CB 62 -54.38 7.44 -86.36
N ALA CB 63 -54.99 7.40 -87.54
CA ALA CB 63 -56.19 8.12 -87.93
C ALA CB 63 -55.94 9.62 -88.05
N HIS CB 64 -54.72 10.09 -87.76
CA HIS CB 64 -54.34 11.48 -88.00
C HIS CB 64 -53.51 11.62 -89.27
N ARG CB 65 -52.40 10.89 -89.36
CA ARG CB 65 -51.54 10.91 -90.53
C ARG CB 65 -51.47 9.58 -91.27
N LYS CB 66 -51.75 8.46 -90.59
CA LYS CB 66 -51.78 7.16 -91.23
C LYS CB 66 -53.03 6.40 -90.79
N GLY CB 67 -53.49 5.51 -91.66
CA GLY CB 67 -54.67 4.73 -91.40
C GLY CB 67 -54.36 3.36 -90.83
N TRP CB 68 -55.41 2.56 -90.68
CA TRP CB 68 -55.30 1.22 -90.13
C TRP CB 68 -54.92 0.23 -91.23
N LEU CB 69 -54.16 -0.80 -90.84
CA LEU CB 69 -53.75 -1.83 -91.79
C LEU CB 69 -54.88 -2.81 -92.13
N SER CB 70 -55.92 -2.88 -91.32
CA SER CB 70 -57.05 -3.77 -91.59
C SER CB 70 -58.35 -3.01 -91.37
N LEU CB 71 -59.37 -3.37 -92.15
CA LEU CB 71 -60.68 -2.76 -92.08
C LEU CB 71 -61.73 -3.85 -91.98
N HIS CB 72 -62.62 -3.73 -91.00
CA HIS CB 72 -63.72 -4.67 -90.82
C HIS CB 72 -64.80 -4.00 -89.98
N THR CB 73 -65.97 -4.62 -89.95
CA THR CB 73 -67.11 -4.09 -89.22
C THR CB 73 -67.18 -4.56 -87.78
N GLY CB 74 -66.24 -5.41 -87.35
CA GLY CB 74 -66.27 -5.94 -86.00
C GLY CB 74 -65.95 -4.93 -84.93
N ASN CB 75 -65.24 -3.85 -85.27
CA ASN CB 75 -64.84 -2.83 -84.32
C ASN CB 75 -65.79 -1.63 -84.32
N LEU CB 76 -67.04 -1.82 -84.70
CA LEU CB 76 -68.03 -0.75 -84.66
C LEU CB 76 -68.71 -0.76 -83.29
N ASP CB 77 -69.80 0.00 -83.15
CA ASP CB 77 -70.45 0.13 -81.85
C ASP CB 77 -71.37 -1.06 -81.56
N GLY CB 78 -72.36 -1.28 -82.43
CA GLY CB 78 -73.37 -2.28 -82.16
C GLY CB 78 -73.14 -3.61 -82.86
N GLU CB 79 -71.91 -3.86 -83.28
CA GLU CB 79 -71.56 -5.09 -83.97
C GLU CB 79 -70.90 -6.07 -83.02
N ASP CB 80 -70.68 -7.29 -83.51
CA ASP CB 80 -70.12 -8.38 -82.73
C ASP CB 80 -69.06 -9.09 -83.57
N HIS CB 81 -68.54 -10.18 -83.03
CA HIS CB 81 -67.56 -11.04 -83.71
C HIS CB 81 -66.30 -10.25 -84.08
N ALA CB 82 -65.66 -9.68 -83.05
CA ALA CB 82 -64.42 -8.94 -83.28
C ALA CB 82 -63.20 -9.79 -82.99
N ALA CB 83 -63.27 -10.65 -81.96
CA ALA CB 83 -62.14 -11.50 -81.62
C ALA CB 83 -61.83 -12.49 -82.74
N GLU CB 84 -62.86 -13.03 -83.39
CA GLU CB 84 -62.64 -13.93 -84.51
C GLU CB 84 -61.91 -13.22 -85.64
N ARG CB 85 -62.33 -11.99 -85.97
CA ARG CB 85 -61.65 -11.23 -87.00
C ARG CB 85 -60.21 -10.93 -86.62
N THR CB 86 -59.96 -10.56 -85.36
CA THR CB 86 -58.59 -10.26 -84.95
C THR CB 86 -57.69 -11.49 -85.03
N VAL CB 87 -58.19 -12.65 -84.58
CA VAL CB 87 -57.36 -13.85 -84.63
C VAL CB 87 -57.13 -14.28 -86.06
N GLU CB 88 -58.15 -14.15 -86.93
CA GLU CB 88 -57.94 -14.45 -88.34
C GLU CB 88 -56.91 -13.52 -88.96
N ASP CB 89 -56.97 -12.23 -88.61
CA ASP CB 89 -56.01 -11.27 -89.15
C ASP CB 89 -54.59 -11.60 -88.71
N VAL CB 90 -54.39 -11.90 -87.43
CA VAL CB 90 -53.04 -12.21 -86.96
C VAL CB 90 -52.53 -13.52 -87.54
N PHE CB 91 -53.40 -14.52 -87.71
CA PHE CB 91 -52.99 -15.74 -88.37
C PHE CB 91 -52.60 -15.47 -89.82
N LEU CB 92 -53.34 -14.59 -90.51
CA LEU CB 92 -52.98 -14.23 -91.88
C LEU CB 92 -51.61 -13.55 -91.92
N ARG CB 93 -51.36 -12.63 -90.98
CA ARG CB 93 -50.06 -11.97 -90.93
C ARG CB 93 -48.94 -13.00 -90.78
N LYS CB 94 -49.06 -13.88 -89.78
CA LYS CB 94 -48.00 -14.84 -89.51
C LYS CB 94 -47.85 -15.85 -90.63
N PHE CB 95 -48.95 -16.24 -91.27
CA PHE CB 95 -48.87 -17.19 -92.38
C PHE CB 95 -48.22 -16.56 -93.60
N MET CB 96 -48.59 -15.32 -93.94
CA MET CB 96 -48.03 -14.67 -95.11
C MET CB 96 -46.55 -14.33 -94.90
N LEU CB 97 -46.15 -14.02 -93.67
CA LEU CB 97 -44.75 -13.74 -93.42
C LEU CB 97 -43.86 -14.93 -93.78
N GLY CB 98 -44.29 -16.14 -93.46
CA GLY CB 98 -43.54 -17.32 -93.83
C GLY CB 98 -43.77 -17.75 -95.27
N THR CB 99 -44.95 -17.45 -95.80
CA THR CB 99 -45.25 -17.78 -97.20
C THR CB 99 -44.37 -16.99 -98.15
N PHE CB 100 -44.16 -15.71 -97.87
CA PHE CB 100 -43.30 -14.88 -98.70
C PHE CB 100 -42.13 -14.38 -97.86
N PRO CB 101 -41.09 -15.19 -97.67
CA PRO CB 101 -39.99 -14.81 -96.77
C PRO CB 101 -38.97 -13.93 -97.48
N GLY CB 102 -38.62 -12.81 -96.84
CA GLY CB 102 -37.60 -11.92 -97.33
C GLY CB 102 -38.01 -11.01 -98.48
N CYS CB 103 -39.13 -11.28 -99.15
CA CYS CB 103 -39.56 -10.46 -100.28
C CYS CB 103 -40.72 -9.53 -99.93
N LEU CB 104 -41.26 -9.61 -98.72
CA LEU CB 104 -42.35 -8.72 -98.33
C LEU CB 104 -41.80 -7.34 -98.00
N ALA CB 105 -42.44 -6.31 -98.57
CA ALA CB 105 -41.97 -4.94 -98.35
C ALA CB 105 -42.51 -4.37 -97.04
N ASP CB 106 -43.84 -4.34 -96.88
CA ASP CB 106 -44.45 -3.76 -95.70
C ASP CB 106 -45.59 -4.61 -95.18
N GLN CB 107 -46.34 -4.09 -94.22
CA GLN CB 107 -47.45 -4.82 -93.64
C GLN CB 107 -48.58 -5.00 -94.64
N LEU CB 108 -49.33 -6.09 -94.49
CA LEU CB 108 -50.42 -6.41 -95.39
C LEU CB 108 -51.63 -5.52 -95.11
N VAL CB 109 -52.53 -5.44 -96.09
CA VAL CB 109 -53.80 -4.75 -95.96
C VAL CB 109 -54.90 -5.79 -96.06
N LEU CB 110 -55.69 -5.93 -95.00
CA LEU CB 110 -56.74 -6.94 -94.94
C LEU CB 110 -58.09 -6.23 -94.97
N LYS CB 111 -58.75 -6.28 -96.12
CA LYS CB 111 -60.07 -5.69 -96.28
C LYS CB 111 -61.13 -6.78 -96.20
N ARG CB 112 -62.13 -6.57 -95.34
CA ARG CB 112 -63.22 -7.52 -95.18
C ARG CB 112 -64.49 -6.86 -95.68
N ARG CB 113 -65.02 -7.35 -96.80
CA ARG CB 113 -66.14 -6.70 -97.48
C ARG CB 113 -67.10 -7.78 -97.96
N ALA CB 114 -68.19 -7.98 -97.22
CA ALA CB 114 -69.28 -8.85 -97.63
C ALA CB 114 -68.80 -10.27 -97.91
N ASN CB 115 -68.31 -10.91 -96.84
CA ASN CB 115 -68.04 -12.35 -96.81
C ASN CB 115 -66.83 -12.76 -97.65
N GLN CB 116 -66.26 -11.83 -98.41
CA GLN CB 116 -65.07 -12.09 -99.19
C GLN CB 116 -63.93 -11.22 -98.65
N LEU CB 117 -62.77 -11.83 -98.47
CA LEU CB 117 -61.65 -11.19 -97.79
C LEU CB 117 -60.54 -10.90 -98.78
N GLU CB 118 -60.18 -9.63 -98.94
CA GLU CB 118 -59.12 -9.20 -99.84
C GLU CB 118 -57.84 -8.96 -99.04
N ILE CB 119 -56.73 -9.47 -99.56
CA ILE CB 119 -55.42 -9.32 -98.94
C ILE CB 119 -54.51 -8.65 -99.97
N CYS CB 120 -54.09 -7.42 -99.66
CA CYS CB 120 -53.20 -6.65 -100.53
C CYS CB 120 -51.81 -6.64 -99.90
N ALA CB 121 -50.80 -6.94 -100.71
CA ALA CB 121 -49.42 -6.99 -100.23
C ALA CB 121 -48.50 -6.29 -101.21
N LEU CB 122 -47.39 -5.78 -100.69
CA LEU CB 122 -46.31 -5.22 -101.49
C LEU CB 122 -45.11 -6.15 -101.36
N VAL CB 123 -44.63 -6.66 -102.49
CA VAL CB 123 -43.59 -7.68 -102.52
C VAL CB 123 -42.44 -7.19 -103.37
N LEU CB 124 -41.22 -7.41 -102.89
CA LEU CB 124 -40.04 -7.15 -103.70
C LEU CB 124 -39.96 -8.14 -104.85
N ARG CB 125 -39.52 -7.65 -106.00
CA ARG CB 125 -39.44 -8.47 -107.21
C ARG CB 125 -38.19 -9.34 -107.20
N GLN CB 126 -38.07 -10.14 -106.15
CA GLN CB 126 -36.95 -11.06 -106.01
C GLN CB 126 -37.25 -12.43 -106.60
N LEU CB 127 -38.51 -12.88 -106.51
CA LEU CB 127 -38.91 -14.18 -107.02
C LEU CB 127 -39.44 -14.07 -108.44
N PRO CB 128 -39.22 -15.09 -109.26
CA PRO CB 128 -39.75 -15.06 -110.62
C PRO CB 128 -41.27 -15.07 -110.62
N PRO CB 129 -41.91 -14.50 -111.64
CA PRO CB 129 -43.37 -14.58 -111.73
C PRO CB 129 -43.90 -16.01 -111.79
N HIS CB 130 -43.11 -16.95 -112.30
CA HIS CB 130 -43.52 -18.35 -112.32
C HIS CB 130 -43.75 -18.86 -110.89
N LYS CB 131 -42.87 -18.50 -109.97
CA LYS CB 131 -43.06 -18.88 -108.58
C LYS CB 131 -44.11 -18.02 -107.88
N PHE CB 132 -44.21 -16.74 -108.27
CA PHE CB 132 -45.22 -15.87 -107.67
C PHE CB 132 -46.63 -16.36 -107.96
N TYR CB 133 -46.89 -16.76 -109.21
CA TYR CB 133 -48.21 -17.29 -109.55
C TYR CB 133 -48.48 -18.60 -108.83
N PHE CB 134 -47.48 -19.46 -108.70
CA PHE CB 134 -47.66 -20.69 -107.93
C PHE CB 134 -48.04 -20.37 -106.49
N LEU CB 135 -47.35 -19.43 -105.86
CA LEU CB 135 -47.65 -19.09 -104.47
C LEU CB 135 -49.04 -18.48 -104.33
N VAL CB 136 -49.42 -17.58 -105.24
CA VAL CB 136 -50.72 -16.94 -105.10
C VAL CB 136 -51.85 -17.94 -105.36
N GLY CB 137 -51.67 -18.84 -106.32
CA GLY CB 137 -52.66 -19.89 -106.54
C GLY CB 137 -52.77 -20.84 -105.38
N TYR CB 138 -51.64 -21.16 -104.74
CA TYR CB 138 -51.67 -21.99 -103.54
C TYR CB 138 -52.44 -21.31 -102.42
N SER CB 139 -52.12 -20.04 -102.14
CA SER CB 139 -52.74 -19.32 -101.04
C SER CB 139 -54.23 -19.07 -101.25
N GLU CB 140 -54.62 -18.70 -102.48
CA GLU CB 140 -56.03 -18.38 -102.74
C GLU CB 140 -56.95 -19.54 -102.41
N THR CB 141 -56.47 -20.77 -102.58
CA THR CB 141 -57.25 -21.95 -102.22
C THR CB 141 -57.04 -22.40 -100.79
N LEU CB 142 -55.80 -22.34 -100.28
CA LEU CB 142 -55.56 -22.80 -98.92
C LEU CB 142 -56.30 -21.94 -97.90
N LEU CB 143 -56.18 -20.61 -98.01
CA LEU CB 143 -56.88 -19.74 -97.08
C LEU CB 143 -58.39 -19.86 -97.21
N SER CB 144 -58.89 -19.99 -98.45
CA SER CB 144 -60.32 -20.15 -98.65
C SER CB 144 -60.84 -21.41 -97.96
N HIS CB 145 -60.16 -22.55 -98.18
CA HIS CB 145 -60.60 -23.78 -97.56
C HIS CB 145 -60.35 -23.80 -96.05
N PHE CB 146 -59.43 -22.99 -95.54
CA PHE CB 146 -59.19 -22.94 -94.11
C PHE CB 146 -60.18 -22.05 -93.37
N TYR CB 147 -60.63 -20.97 -93.98
CA TYR CB 147 -61.54 -20.03 -93.32
C TYR CB 147 -62.96 -20.07 -93.87
N LYS CB 148 -63.27 -21.01 -94.76
CA LYS CB 148 -64.63 -21.23 -95.25
C LYS CB 148 -65.23 -19.95 -95.82
N CYS CB 149 -64.40 -19.17 -96.53
CA CYS CB 149 -64.86 -17.92 -97.12
C CYS CB 149 -64.01 -17.62 -98.33
N PRO CB 150 -64.56 -16.94 -99.34
CA PRO CB 150 -63.76 -16.58 -100.52
C PRO CB 150 -62.71 -15.53 -100.17
N VAL CB 151 -61.52 -15.68 -100.76
CA VAL CB 151 -60.44 -14.74 -100.55
C VAL CB 151 -59.90 -14.29 -101.90
N HIS CB 152 -59.44 -13.05 -101.94
CA HIS CB 152 -58.73 -12.48 -103.07
C HIS CB 152 -57.34 -12.07 -102.60
N LEU CB 153 -56.33 -12.33 -103.42
CA LEU CB 153 -54.95 -11.99 -103.08
C LEU CB 153 -54.38 -11.12 -104.19
N HIS CB 154 -53.90 -9.94 -103.82
CA HIS CB 154 -53.32 -9.00 -104.76
C HIS CB 154 -51.92 -8.62 -104.30
N LEU CB 155 -50.97 -8.67 -105.23
CA LEU CB 155 -49.57 -8.36 -104.95
C LEU CB 155 -49.13 -7.22 -105.85
N GLN CB 156 -48.40 -6.28 -105.27
CA GLN CB 156 -47.79 -5.18 -106.02
C GLN CB 156 -46.27 -5.34 -105.91
N THR CB 157 -45.61 -5.51 -107.06
CA THR CB 157 -44.17 -5.71 -107.08
C THR CB 157 -43.47 -4.36 -107.03
N VAL CB 158 -42.46 -4.26 -106.17
CA VAL CB 158 -41.67 -3.04 -106.05
C VAL CB 158 -40.19 -3.39 -106.24
N PRO CB 159 -39.41 -2.53 -106.90
CA PRO CB 159 -37.97 -2.79 -107.03
C PRO CB 159 -37.27 -2.87 -105.68
N SER CB 160 -37.69 -2.08 -104.70
CA SER CB 160 -37.10 -2.08 -103.37
C SER CB 160 -38.09 -1.44 -102.41
N LYS CB 161 -37.77 -1.54 -101.12
CA LYS CB 161 -38.61 -0.93 -100.09
C LYS CB 161 -38.62 0.59 -100.27
N VAL CB 162 -39.80 1.18 -100.22
CA VAL CB 162 -39.92 2.63 -100.39
C VAL CB 162 -39.44 3.33 -99.14
N VAL CB 163 -38.55 4.31 -99.31
CA VAL CB 163 -37.99 5.08 -98.21
C VAL CB 163 -38.75 6.41 -98.11
N TYR CB 164 -39.19 6.75 -96.91
CA TYR CB 164 -39.90 8.00 -96.66
C TYR CB 164 -39.05 9.04 -95.96
N LYS CB 165 -38.46 8.69 -94.81
CA LYS CB 165 -37.58 9.58 -94.08
C LYS CB 165 -36.13 9.34 -94.53
N TYR CB 166 -35.19 9.82 -93.72
CA TYR CB 166 -33.77 9.66 -94.00
C TYR CB 166 -33.43 8.20 -94.27
N ILE CB 167 -32.53 7.98 -95.21
CA ILE CB 167 -32.07 6.63 -95.55
C ILE CB 167 -30.57 6.51 -95.30
N SER DB 88 -49.97 -22.31 -79.83
CA SER DB 88 -48.51 -22.26 -79.76
C SER DB 88 -47.94 -21.50 -80.96
N PHE DB 89 -48.63 -21.56 -82.09
CA PHE DB 89 -48.17 -20.87 -83.29
C PHE DB 89 -48.20 -19.36 -83.12
N PHE DB 90 -49.22 -18.83 -82.42
CA PHE DB 90 -49.32 -17.39 -82.19
C PHE DB 90 -48.26 -16.87 -81.23
N THR DB 91 -47.57 -17.77 -80.52
CA THR DB 91 -46.55 -17.36 -79.55
C THR DB 91 -45.20 -17.09 -80.18
N LYS DB 92 -45.04 -17.35 -81.49
CA LYS DB 92 -43.76 -17.16 -82.17
C LYS DB 92 -43.60 -15.72 -82.62
N LEU DB 93 -42.36 -15.33 -82.87
CA LEU DB 93 -42.01 -13.99 -83.32
C LEU DB 93 -41.16 -14.10 -84.58
N THR DB 94 -40.61 -12.97 -85.01
CA THR DB 94 -39.80 -12.93 -86.23
C THR DB 94 -38.32 -13.05 -85.90
N ALA DB 95 -37.54 -13.46 -86.92
CA ALA DB 95 -36.12 -13.65 -86.75
C ALA DB 95 -35.39 -12.37 -86.39
N ASP DB 96 -35.85 -11.22 -86.91
CA ASP DB 96 -35.22 -9.96 -86.57
C ASP DB 96 -35.29 -9.70 -85.07
N GLU DB 97 -36.49 -9.80 -84.50
CA GLU DB 97 -36.65 -9.65 -83.05
C GLU DB 97 -35.93 -10.72 -82.26
N LEU DB 98 -35.94 -11.97 -82.75
CA LEU DB 98 -35.23 -13.04 -82.06
C LEU DB 98 -33.73 -12.74 -81.96
N TRP DB 99 -33.11 -12.33 -83.07
CA TRP DB 99 -31.70 -11.99 -83.04
C TRP DB 99 -31.44 -10.73 -82.22
N LYS DB 100 -32.32 -9.74 -82.30
CA LYS DB 100 -32.14 -8.51 -81.52
C LYS DB 100 -32.19 -8.80 -80.03
N GLY DB 101 -33.02 -9.74 -79.61
CA GLY DB 101 -33.07 -10.12 -78.21
C GLY DB 101 -31.95 -11.04 -77.79
N ALA DB 102 -31.50 -11.92 -78.69
CA ALA DB 102 -30.45 -12.87 -78.35
C ALA DB 102 -29.09 -12.19 -78.26
N LEU DB 103 -28.77 -11.32 -79.21
CA LEU DB 103 -27.46 -10.67 -79.22
C LEU DB 103 -27.33 -9.61 -78.15
N ALA DB 104 -28.45 -9.02 -77.69
CA ALA DB 104 -28.44 -7.95 -76.70
C ALA DB 104 -27.52 -6.81 -77.15
N GLU DB 105 -27.62 -6.46 -78.42
CA GLU DB 105 -26.77 -5.40 -78.98
C GLU DB 105 -27.08 -4.06 -78.33
N SER DB 106 -28.36 -3.79 -78.07
CA SER DB 106 -28.78 -2.54 -77.43
C SER DB 106 -28.95 -2.69 -75.92
N GLY DB 107 -28.15 -3.55 -75.29
CA GLY DB 107 -28.25 -3.74 -73.87
C GLY DB 107 -27.79 -2.51 -73.09
N ALA DB 108 -28.31 -2.38 -71.87
CA ALA DB 108 -27.98 -1.24 -71.03
C ALA DB 108 -26.64 -1.40 -70.32
N GLY DB 109 -26.08 -2.60 -70.29
CA GLY DB 109 -24.81 -2.82 -69.62
C GLY DB 109 -23.62 -2.57 -70.51
N ALA DB 110 -23.84 -2.55 -71.82
CA ALA DB 110 -22.77 -2.32 -72.79
C ALA DB 110 -22.63 -0.86 -73.19
N ARG DB 111 -23.42 0.03 -72.59
CA ARG DB 111 -23.40 1.45 -72.94
C ARG DB 111 -22.26 2.18 -72.25
N LYS DB 112 -22.25 2.16 -70.91
CA LYS DB 112 -21.26 2.93 -70.17
C LYS DB 112 -19.87 2.33 -70.24
N GLY DB 113 -19.75 1.01 -70.41
CA GLY DB 113 -18.46 0.38 -70.52
C GLY DB 113 -18.29 -0.86 -69.68
N ARG DB 114 -19.38 -1.32 -69.05
CA ARG DB 114 -19.32 -2.53 -68.25
C ARG DB 114 -19.10 -3.79 -69.09
N GLY DB 115 -19.25 -3.71 -70.40
CA GLY DB 115 -19.07 -4.86 -71.25
C GLY DB 115 -17.62 -5.11 -71.64
N LYS DB 116 -17.40 -5.41 -72.92
CA LYS DB 116 -16.08 -5.67 -73.48
C LYS DB 116 -15.45 -6.94 -72.90
N ARG DB 117 -16.20 -7.64 -72.05
CA ARG DB 117 -15.72 -8.91 -71.50
C ARG DB 117 -15.74 -10.00 -72.56
N THR DB 118 -16.91 -10.24 -73.15
CA THR DB 118 -17.06 -11.18 -74.27
C THR DB 118 -17.36 -10.36 -75.52
N LYS DB 119 -16.31 -9.93 -76.20
CA LYS DB 119 -16.44 -9.13 -77.42
C LYS DB 119 -16.49 -10.09 -78.61
N LYS DB 120 -17.63 -10.78 -78.76
CA LYS DB 120 -17.85 -11.69 -79.87
C LYS DB 120 -19.32 -11.59 -80.26
N LYS DB 121 -19.60 -10.74 -81.25
CA LYS DB 121 -20.96 -10.52 -81.73
C LYS DB 121 -21.05 -11.04 -83.16
N ARG DB 122 -21.90 -12.05 -83.37
CA ARG DB 122 -22.08 -12.65 -84.68
C ARG DB 122 -23.54 -12.97 -84.90
N ARG DB 123 -24.10 -12.45 -85.99
CA ARG DB 123 -25.48 -12.73 -86.38
C ARG DB 123 -25.48 -13.53 -87.68
N LYS DB 124 -26.17 -14.66 -87.67
CA LYS DB 124 -26.23 -15.56 -88.82
C LYS DB 124 -27.60 -15.49 -89.45
N ASP DB 125 -27.63 -15.28 -90.76
CA ASP DB 125 -28.89 -15.26 -91.50
C ASP DB 125 -29.31 -16.69 -91.81
N LEU DB 126 -30.49 -17.07 -91.32
CA LEU DB 126 -30.96 -18.44 -91.51
C LEU DB 126 -31.62 -18.67 -92.86
N ASN DB 127 -31.90 -17.60 -93.61
CA ASN DB 127 -32.50 -17.69 -94.93
C ASN DB 127 -31.46 -17.55 -96.04
N ARG DB 128 -30.21 -17.90 -95.77
CA ARG DB 128 -29.15 -17.75 -96.76
C ARG DB 128 -29.27 -18.81 -97.85
N GLY DB 129 -29.20 -20.08 -97.46
CA GLY DB 129 -29.23 -21.15 -98.43
C GLY DB 129 -30.43 -22.09 -98.29
N GLN DB 130 -31.59 -21.53 -97.98
CA GLN DB 130 -32.83 -22.30 -97.86
C GLN DB 130 -33.70 -22.03 -99.07
N ILE DB 131 -33.85 -23.04 -99.92
CA ILE DB 131 -34.75 -22.91 -101.07
C ILE DB 131 -36.19 -23.01 -100.59
N ILE DB 132 -37.03 -22.08 -101.06
CA ILE DB 132 -38.41 -22.00 -100.59
C ILE DB 132 -39.24 -23.21 -100.97
N GLY DB 133 -38.80 -24.00 -101.95
CA GLY DB 133 -39.55 -25.17 -102.36
C GLY DB 133 -39.14 -26.43 -101.63
N GLU DB 134 -37.89 -26.49 -101.17
CA GLU DB 134 -37.39 -27.67 -100.49
C GLU DB 134 -38.04 -27.83 -99.13
N GLY DB 135 -38.17 -29.09 -98.70
CA GLY DB 135 -38.78 -29.40 -97.43
C GLY DB 135 -38.28 -30.69 -96.82
N ARG DB 136 -38.78 -31.03 -95.63
CA ARG DB 136 -38.34 -32.24 -94.95
C ARG DB 136 -38.89 -33.50 -95.62
N HIS DB 137 -40.12 -33.45 -96.14
CA HIS DB 137 -40.70 -34.61 -96.80
C HIS DB 137 -40.18 -34.81 -98.21
N GLY DB 138 -39.51 -33.81 -98.79
CA GLY DB 138 -38.92 -33.97 -100.10
C GLY DB 138 -39.88 -33.92 -101.26
N PHE DB 139 -40.97 -33.15 -101.15
CA PHE DB 139 -41.86 -32.97 -102.28
C PHE DB 139 -41.25 -32.01 -103.31
N LEU DB 140 -41.39 -32.35 -104.58
CA LEU DB 140 -40.89 -31.54 -105.68
C LEU DB 140 -42.08 -30.87 -106.35
N TRP DB 141 -42.36 -29.63 -105.94
CA TRP DB 141 -43.51 -28.95 -106.51
C TRP DB 141 -43.18 -28.43 -107.91
N PRO DB 142 -44.14 -28.53 -108.84
CA PRO DB 142 -43.87 -28.09 -110.22
C PRO DB 142 -43.56 -26.61 -110.35
N GLY DB 143 -43.98 -25.78 -109.40
CA GLY DB 143 -43.75 -24.35 -109.51
C GLY DB 143 -42.54 -23.84 -108.74
N LEU DB 144 -42.04 -24.63 -107.80
CA LEU DB 144 -40.92 -24.20 -106.96
C LEU DB 144 -39.67 -25.04 -107.19
N ASN DB 145 -39.76 -26.36 -107.08
CA ASN DB 145 -38.56 -27.19 -107.14
C ASN DB 145 -38.18 -27.54 -108.58
N ILE DB 146 -39.08 -28.22 -109.29
CA ILE DB 146 -38.79 -28.72 -110.62
C ILE DB 146 -39.35 -27.76 -111.66
N PRO DB 147 -38.85 -27.77 -112.89
CA PRO DB 147 -39.42 -26.92 -113.95
C PRO DB 147 -40.88 -27.28 -114.21
N LEU DB 148 -41.64 -26.26 -114.60
CA LEU DB 148 -43.08 -26.43 -114.76
C LEU DB 148 -43.41 -27.41 -115.89
N MET DB 149 -42.71 -27.33 -117.01
CA MET DB 149 -42.96 -28.19 -118.16
C MET DB 149 -41.72 -29.02 -118.44
N ARG DB 150 -41.90 -30.34 -118.56
CA ARG DB 150 -40.83 -31.25 -118.92
C ARG DB 150 -41.33 -32.22 -119.98
N ASN DB 151 -40.55 -32.39 -121.04
CA ASN DB 151 -40.89 -33.24 -122.18
C ASN DB 151 -42.20 -32.81 -122.85
N GLY DB 152 -42.56 -31.53 -122.74
CA GLY DB 152 -43.76 -31.01 -123.35
C GLY DB 152 -45.04 -31.25 -122.58
N ALA DB 153 -44.97 -31.88 -121.41
CA ALA DB 153 -46.14 -32.19 -120.61
C ALA DB 153 -46.05 -31.50 -119.25
N VAL DB 154 -47.07 -31.71 -118.43
CA VAL DB 154 -47.12 -31.14 -117.09
C VAL DB 154 -46.64 -32.17 -116.09
N GLN DB 155 -45.93 -31.70 -115.06
CA GLN DB 155 -45.40 -32.57 -114.01
C GLN DB 155 -46.39 -32.65 -112.86
N THR DB 156 -46.59 -33.86 -112.34
CA THR DB 156 -47.48 -34.08 -111.22
C THR DB 156 -46.69 -33.97 -109.90
N ILE DB 157 -47.42 -33.94 -108.80
CA ILE DB 157 -46.81 -33.85 -107.49
C ILE DB 157 -46.01 -35.12 -107.22
N ALA DB 158 -44.70 -34.97 -107.05
CA ALA DB 158 -43.79 -36.09 -106.85
C ALA DB 158 -43.00 -35.91 -105.55
N GLN DB 159 -42.47 -37.01 -105.06
CA GLN DB 159 -41.69 -37.02 -103.83
C GLN DB 159 -40.38 -37.74 -104.06
N ARG DB 160 -39.29 -37.19 -103.51
CA ARG DB 160 -37.98 -37.80 -103.67
C ARG DB 160 -37.89 -39.09 -102.86
N SER DB 161 -36.95 -39.94 -103.26
CA SER DB 161 -36.67 -41.15 -102.52
C SER DB 161 -35.89 -40.82 -101.25
N LYS DB 162 -35.81 -41.81 -100.35
CA LYS DB 162 -35.08 -41.61 -99.10
C LYS DB 162 -33.60 -41.35 -99.37
N GLU DB 163 -33.01 -42.07 -100.32
CA GLU DB 163 -31.61 -41.85 -100.66
C GLU DB 163 -31.38 -40.46 -101.23
N ASP DB 164 -32.26 -39.98 -102.11
CA ASP DB 164 -32.13 -38.64 -102.65
C ASP DB 164 -32.29 -37.58 -101.57
N GLN DB 165 -33.24 -37.79 -100.65
CA GLN DB 165 -33.38 -36.85 -99.53
C GLN DB 165 -32.14 -36.85 -98.65
N GLU DB 166 -31.55 -38.02 -98.40
CA GLU DB 166 -30.31 -38.08 -97.63
C GLU DB 166 -29.18 -37.34 -98.34
N LYS DB 167 -29.07 -37.50 -99.66
CA LYS DB 167 -28.05 -36.78 -100.41
C LYS DB 167 -28.26 -35.27 -100.34
N VAL DB 168 -29.49 -34.81 -100.48
CA VAL DB 168 -29.78 -33.37 -100.44
C VAL DB 168 -29.49 -32.81 -99.06
N GLU DB 169 -29.90 -33.51 -98.00
CA GLU DB 169 -29.63 -33.02 -96.66
C GLU DB 169 -28.14 -33.08 -96.33
N ALA DB 170 -27.42 -34.06 -96.87
CA ALA DB 170 -25.97 -34.08 -96.70
C ALA DB 170 -25.30 -32.88 -97.37
N ASP DB 171 -25.75 -32.53 -98.58
CA ASP DB 171 -25.25 -31.31 -99.22
C ASP DB 171 -25.59 -30.06 -98.42
N MET DB 172 -26.80 -29.98 -97.89
CA MET DB 172 -27.19 -28.83 -97.06
C MET DB 172 -26.33 -28.74 -95.81
N VAL DB 173 -26.06 -29.86 -95.16
CA VAL DB 173 -25.19 -29.86 -93.98
C VAL DB 173 -23.78 -29.44 -94.36
N GLN DB 174 -23.26 -29.97 -95.48
CA GLN DB 174 -21.94 -29.58 -95.95
C GLN DB 174 -21.84 -28.08 -96.20
N GLN DB 175 -22.89 -27.46 -96.73
CA GLN DB 175 -22.90 -26.01 -96.87
C GLN DB 175 -22.74 -25.29 -95.55
N ARG DB 176 -23.33 -25.81 -94.46
CA ARG DB 176 -23.20 -25.17 -93.16
C ARG DB 176 -21.75 -25.10 -92.70
N GLU DB 177 -21.04 -26.23 -92.73
CA GLU DB 177 -19.64 -26.22 -92.36
C GLU DB 177 -18.78 -25.47 -93.37
N GLU DB 178 -19.16 -25.45 -94.65
CA GLU DB 178 -18.41 -24.65 -95.61
C GLU DB 178 -18.49 -23.17 -95.28
N TRP DB 179 -19.68 -22.68 -94.90
CA TRP DB 179 -19.80 -21.29 -94.48
C TRP DB 179 -19.12 -21.03 -93.14
N ASP DB 180 -19.20 -21.98 -92.22
CA ASP DB 180 -18.51 -21.82 -90.94
C ASP DB 180 -17.01 -21.75 -91.11
N ARG DB 181 -16.46 -22.48 -92.11
CA ARG DB 181 -15.03 -22.42 -92.37
C ARG DB 181 -14.60 -21.01 -92.76
N ARG DB 182 -15.36 -20.37 -93.65
CA ARG DB 182 -15.08 -18.98 -94.01
C ARG DB 182 -15.28 -18.03 -92.85
N ARG DB 183 -16.32 -18.23 -92.03
CA ARG DB 183 -16.60 -17.36 -90.90
C ARG DB 183 -15.54 -17.43 -89.81
N LYS DB 184 -15.02 -18.63 -89.51
CA LYS DB 184 -14.03 -18.78 -88.45
C LYS DB 184 -12.64 -18.29 -88.85
N MET DB 185 -12.37 -18.13 -90.14
CA MET DB 185 -11.06 -17.73 -90.61
C MET DB 185 -10.91 -16.22 -90.49
N LYS DB 186 -9.81 -15.78 -89.85
CA LYS DB 186 -9.55 -14.33 -89.70
C LYS DB 186 -8.17 -14.00 -90.28
N VAL DB 187 -8.12 -13.11 -91.27
CA VAL DB 187 -6.81 -12.72 -91.89
C VAL DB 187 -6.02 -11.87 -90.88
N LYS DB 188 -4.72 -12.13 -90.75
CA LYS DB 188 -3.86 -11.37 -89.81
C LYS DB 188 -3.83 -9.89 -90.24
N ARG DB 189 -3.81 -8.98 -89.26
CA ARG DB 189 -3.80 -7.53 -89.55
C ARG DB 189 -2.37 -7.05 -89.83
N GLU DB 190 -2.22 -5.82 -90.33
CA GLU DB 190 -0.88 -5.30 -90.70
C GLU DB 190 -0.08 -5.00 -89.43
N ARG DB 191 1.24 -5.22 -89.47
CA ARG DB 191 2.10 -4.98 -88.29
C ARG DB 191 3.13 -3.89 -88.64
N GLY DB 192 2.68 -2.65 -88.88
CA GLY DB 192 3.56 -1.56 -89.21
C GLY DB 192 4.78 -1.52 -88.31
N TRP DB 193 4.56 -1.40 -87.00
CA TRP DB 193 5.63 -1.38 -86.01
C TRP DB 193 5.59 -2.57 -85.07
N SER DB 194 4.41 -3.00 -84.65
CA SER DB 194 4.26 -4.17 -83.81
C SER DB 194 2.96 -4.89 -84.19
N GLY DB 195 2.80 -6.10 -83.66
CA GLY DB 195 1.67 -6.92 -84.06
C GLY DB 195 0.33 -6.41 -83.58
N ASN DB 196 0.33 -5.57 -82.54
CA ASN DB 196 -0.90 -5.08 -81.94
C ASN DB 196 -0.87 -3.56 -81.87
N THR DB 197 -0.51 -2.91 -82.97
CA THR DB 197 -0.52 -1.46 -83.05
C THR DB 197 -0.95 -1.03 -84.45
N TRP DB 198 -1.37 0.22 -84.56
CA TRP DB 198 -1.72 0.81 -85.83
C TRP DB 198 -0.64 1.75 -86.38
N GLY DB 199 0.46 1.91 -85.65
CA GLY DB 199 1.54 2.78 -86.11
C GLY DB 199 2.25 2.17 -87.30
N GLY DB 200 2.30 2.89 -88.41
CA GLY DB 200 3.01 2.44 -89.60
C GLY DB 200 2.23 1.52 -90.52
N VAL DB 201 0.99 1.18 -90.19
CA VAL DB 201 0.20 0.29 -91.04
C VAL DB 201 -0.30 1.06 -92.26
N SER DB 202 -0.51 0.32 -93.35
CA SER DB 202 -1.00 0.91 -94.58
C SER DB 202 -2.51 1.08 -94.53
N LEU DB 203 -3.00 2.20 -95.04
CA LEU DB 203 -4.42 2.52 -95.02
C LEU DB 203 -5.02 2.67 -96.42
N GLY DB 204 -4.20 2.56 -97.46
CA GLY DB 204 -4.68 2.66 -98.82
C GLY DB 204 -4.66 4.07 -99.35
N PRO DB 205 -4.79 4.23 -100.67
CA PRO DB 205 -4.75 5.57 -101.25
C PRO DB 205 -5.93 6.40 -100.78
N PRO DB 206 -5.77 7.70 -100.67
CA PRO DB 206 -6.89 8.56 -100.22
C PRO DB 206 -7.99 8.63 -101.25
N ASP DB 207 -9.19 8.97 -100.77
CA ASP DB 207 -10.35 9.06 -101.63
C ASP DB 207 -10.20 10.21 -102.62
N PRO DB 208 -10.76 10.06 -103.82
CA PRO DB 208 -10.66 11.12 -104.83
C PRO DB 208 -11.41 12.37 -104.42
N GLY DB 209 -10.95 13.51 -104.96
CA GLY DB 209 -11.54 14.78 -104.64
C GLY DB 209 -12.86 15.00 -105.36
N PRO DB 210 -13.55 16.08 -105.00
CA PRO DB 210 -14.85 16.37 -105.62
C PRO DB 210 -14.78 16.65 -107.11
N ASN DB 211 -13.70 17.29 -107.56
CA ASN DB 211 -13.57 17.63 -108.97
C ASN DB 211 -13.20 16.44 -109.83
N GLY DB 212 -12.76 15.33 -109.24
CA GLY DB 212 -12.43 14.13 -109.98
C GLY DB 212 -10.97 13.74 -109.94
N GLU DB 213 -10.09 14.50 -109.28
CA GLU DB 213 -8.69 14.12 -109.19
C GLU DB 213 -8.54 12.88 -108.32
N THR DB 214 -7.83 11.89 -108.84
CA THR DB 214 -7.62 10.62 -108.15
C THR DB 214 -6.16 10.52 -107.71
N TYR DB 215 -5.95 10.16 -106.45
CA TYR DB 215 -4.61 10.02 -105.88
C TYR DB 215 -4.29 8.52 -105.83
N ASP DB 216 -3.84 7.99 -106.97
CA ASP DB 216 -3.47 6.59 -107.07
C ASP DB 216 -2.01 6.35 -106.69
N ASP DB 217 -1.12 7.30 -106.98
CA ASP DB 217 0.28 7.17 -106.63
C ASP DB 217 0.56 7.51 -105.17
N PHE DB 218 -0.42 8.08 -104.47
CA PHE DB 218 -0.24 8.45 -103.08
C PHE DB 218 -0.44 7.24 -102.17
N ASP DB 219 0.48 7.06 -101.23
CA ASP DB 219 0.38 6.02 -100.22
C ASP DB 219 0.42 6.69 -98.84
N THR DB 220 -0.36 6.15 -97.91
CA THR DB 220 -0.50 6.75 -96.60
C THR DB 220 -0.21 5.74 -95.51
N ARG DB 221 0.20 6.25 -94.35
CA ARG DB 221 0.53 5.44 -93.19
C ARG DB 221 -0.01 6.11 -91.93
N ILE DB 222 -0.40 5.28 -90.96
CA ILE DB 222 -0.90 5.76 -89.68
C ILE DB 222 0.26 5.84 -88.71
N LEU DB 223 0.44 7.01 -88.10
CA LEU DB 223 1.54 7.21 -87.16
C LEU DB 223 1.15 7.00 -85.71
N GLU DB 224 -0.08 7.34 -85.32
CA GLU DB 224 -0.50 7.22 -83.94
C GLU DB 224 -2.01 7.12 -83.87
N VAL DB 225 -2.50 6.18 -83.06
CA VAL DB 225 -3.92 6.04 -82.76
C VAL DB 225 -4.08 6.11 -81.25
N ARG DB 226 -4.95 7.00 -80.79
CA ARG DB 226 -5.13 7.21 -79.36
C ARG DB 226 -6.61 7.40 -79.06
N ASN DB 227 -7.09 6.72 -78.02
CA ASN DB 227 -8.47 6.85 -77.58
C ASN DB 227 -8.58 8.06 -76.67
N VAL DB 228 -9.26 9.09 -77.13
CA VAL DB 228 -9.42 10.33 -76.37
C VAL DB 228 -10.78 10.34 -75.69
N PHE DB 229 -10.79 10.64 -74.40
CA PHE DB 229 -12.01 10.66 -73.61
C PHE DB 229 -12.35 12.09 -73.20
N ASN DB 230 -13.65 12.39 -73.19
CA ASN DB 230 -14.15 13.69 -72.78
C ASN DB 230 -15.29 13.49 -71.80
N MET DB 231 -15.39 14.40 -70.83
CA MET DB 231 -16.42 14.31 -69.79
C MET DB 231 -17.66 15.05 -70.27
N THR DB 232 -18.78 14.33 -70.35
CA THR DB 232 -20.05 14.88 -70.79
C THR DB 232 -21.03 14.91 -69.62
N ALA DB 233 -21.96 15.88 -69.68
CA ALA DB 233 -22.91 16.08 -68.59
C ALA DB 233 -23.79 14.85 -68.40
N LYS DB 234 -24.28 14.26 -69.48
CA LYS DB 234 -25.24 13.16 -69.38
C LYS DB 234 -24.55 11.81 -69.36
N GLU DB 235 -23.81 11.49 -70.43
CA GLU DB 235 -23.17 10.17 -70.51
C GLU DB 235 -21.98 10.05 -69.58
N GLY DB 236 -21.20 11.11 -69.40
CA GLY DB 236 -19.95 11.04 -68.65
C GLY DB 236 -18.74 10.99 -69.58
N ARG DB 237 -18.01 9.89 -69.55
CA ARG DB 237 -16.86 9.73 -70.43
C ARG DB 237 -17.34 9.58 -71.87
N LYS DB 238 -16.71 10.32 -72.78
CA LYS DB 238 -17.05 10.30 -74.20
C LYS DB 238 -15.80 9.91 -74.98
N ARG DB 239 -15.71 8.64 -75.34
CA ARG DB 239 -14.54 8.12 -76.03
C ARG DB 239 -14.58 8.50 -77.51
N SER DB 240 -13.52 9.14 -77.98
CA SER DB 240 -13.37 9.51 -79.39
C SER DB 240 -11.95 9.18 -79.83
N VAL DB 241 -11.84 8.50 -80.98
CA VAL DB 241 -10.54 8.09 -81.49
C VAL DB 241 -9.94 9.21 -82.31
N ARG DB 242 -8.70 9.57 -82.00
CA ARG DB 242 -7.93 10.55 -82.76
C ARG DB 242 -6.75 9.84 -83.41
N VAL DB 243 -6.59 10.04 -84.72
CA VAL DB 243 -5.60 9.32 -85.52
C VAL DB 243 -4.76 10.32 -86.29
N LEU DB 244 -3.43 10.14 -86.24
CA LEU DB 244 -2.49 10.91 -87.03
C LEU DB 244 -2.14 10.10 -88.27
N VAL DB 245 -2.35 10.69 -89.45
CA VAL DB 245 -2.18 9.99 -90.72
C VAL DB 245 -1.31 10.84 -91.64
N ALA DB 246 -0.29 10.22 -92.23
CA ALA DB 246 0.63 10.91 -93.12
C ALA DB 246 0.56 10.31 -94.52
N VAL DB 247 0.39 11.17 -95.51
CA VAL DB 247 0.34 10.76 -96.91
C VAL DB 247 1.64 11.17 -97.59
N GLY DB 248 1.99 10.44 -98.65
CA GLY DB 248 3.16 10.75 -99.44
C GLY DB 248 3.23 9.92 -100.71
N ASN DB 249 3.81 10.49 -101.77
CA ASN DB 249 3.85 9.81 -103.06
C ASN DB 249 5.21 9.21 -103.40
N GLY DB 250 6.24 9.50 -102.62
CA GLY DB 250 7.58 9.02 -102.91
C GLY DB 250 8.38 9.90 -103.85
N LYS DB 251 7.78 10.98 -104.37
CA LYS DB 251 8.45 11.90 -105.28
C LYS DB 251 8.84 13.21 -104.61
N GLY DB 252 8.72 13.30 -103.29
CA GLY DB 252 9.06 14.50 -102.56
C GLY DB 252 7.86 15.27 -102.03
N ALA DB 253 6.64 14.85 -102.36
CA ALA DB 253 5.43 15.50 -101.88
C ALA DB 253 4.81 14.65 -100.78
N ALA DB 254 4.58 15.26 -99.62
CA ALA DB 254 4.02 14.54 -98.49
C ALA DB 254 3.34 15.52 -97.56
N GLY DB 255 2.49 14.98 -96.68
CA GLY DB 255 1.77 15.79 -95.72
C GLY DB 255 1.27 14.93 -94.58
N PHE DB 256 0.70 15.60 -93.58
CA PHE DB 256 0.19 14.92 -92.39
C PHE DB 256 -1.11 15.61 -91.95
N ALA DB 257 -1.93 14.86 -91.22
CA ALA DB 257 -3.18 15.41 -90.71
C ALA DB 257 -3.64 14.60 -89.51
N ILE DB 258 -4.57 15.18 -88.77
CA ILE DB 258 -5.18 14.56 -87.60
C ILE DB 258 -6.68 14.46 -87.82
N GLY DB 259 -7.22 13.25 -87.69
CA GLY DB 259 -8.65 13.04 -87.79
C GLY DB 259 -9.23 12.47 -86.52
N LYS DB 260 -10.22 13.14 -85.94
CA LYS DB 260 -10.83 12.70 -84.70
C LYS DB 260 -12.31 12.42 -84.95
N ALA DB 261 -12.76 11.24 -84.53
CA ALA DB 261 -14.14 10.84 -84.76
C ALA DB 261 -14.53 9.79 -83.73
N THR DB 262 -15.84 9.57 -83.59
CA THR DB 262 -16.32 8.58 -82.64
C THR DB 262 -15.87 7.18 -83.03
N GLU DB 263 -15.88 6.87 -84.33
CA GLU DB 263 -15.51 5.55 -84.81
C GLU DB 263 -14.13 5.59 -85.44
N ARG DB 264 -13.41 4.47 -85.29
CA ARG DB 264 -12.04 4.38 -85.79
C ARG DB 264 -11.99 4.50 -87.30
N ALA DB 265 -12.91 3.84 -88.01
CA ALA DB 265 -12.94 3.94 -89.46
C ALA DB 265 -13.27 5.36 -89.92
N ASP DB 266 -14.21 6.01 -89.23
CA ASP DB 266 -14.52 7.40 -89.58
C ASP DB 266 -13.33 8.32 -89.34
N ALA DB 267 -12.59 8.10 -88.25
CA ALA DB 267 -11.37 8.88 -88.02
C ALA DB 267 -10.33 8.63 -89.10
N PHE DB 268 -10.16 7.37 -89.51
CA PHE DB 268 -9.24 7.07 -90.61
C PHE DB 268 -9.64 7.79 -91.88
N ARG DB 269 -10.93 7.75 -92.23
CA ARG DB 269 -11.39 8.40 -93.44
C ARG DB 269 -11.22 9.91 -93.37
N LYS DB 270 -11.55 10.51 -92.22
CA LYS DB 270 -11.39 11.95 -92.07
C LYS DB 270 -9.93 12.37 -92.17
N ALA DB 271 -9.03 11.62 -91.55
CA ALA DB 271 -7.61 11.92 -91.66
C ALA DB 271 -7.08 11.76 -93.08
N LYS DB 272 -7.49 10.70 -93.79
CA LYS DB 272 -7.04 10.51 -95.16
C LYS DB 272 -7.54 11.63 -96.06
N ASN DB 273 -8.82 12.01 -95.92
CA ASN DB 273 -9.37 13.04 -96.79
C ASN DB 273 -8.85 14.43 -96.46
N ARG DB 274 -8.27 14.62 -95.28
CA ARG DB 274 -7.76 15.92 -94.89
C ARG DB 274 -6.25 16.05 -95.02
N ALA DB 275 -5.53 14.93 -95.12
CA ALA DB 275 -4.08 15.00 -95.29
C ALA DB 275 -3.66 15.60 -96.63
N VAL DB 276 -4.39 15.27 -97.71
CA VAL DB 276 -4.01 15.74 -99.03
C VAL DB 276 -4.11 17.26 -99.16
N HIS DB 277 -4.92 17.91 -98.32
CA HIS DB 277 -5.05 19.36 -98.40
C HIS DB 277 -3.81 20.08 -97.88
N TYR DB 278 -3.03 19.44 -97.02
CA TYR DB 278 -1.82 20.03 -96.46
C TYR DB 278 -0.64 19.16 -96.91
N LEU DB 279 -0.04 19.53 -98.04
CA LEU DB 279 1.07 18.78 -98.62
C LEU DB 279 2.31 19.65 -98.66
N HIS DB 280 3.42 19.11 -98.15
CA HIS DB 280 4.71 19.76 -98.21
C HIS DB 280 5.53 19.18 -99.35
N TYR DB 281 6.46 19.98 -99.87
CA TYR DB 281 7.43 19.54 -100.86
C TYR DB 281 8.80 19.55 -100.22
N ILE DB 282 9.50 18.42 -100.28
CA ILE DB 282 10.78 18.25 -99.60
C ILE DB 282 11.87 18.20 -100.66
N GLU DB 283 12.83 19.12 -100.55
CA GLU DB 283 13.97 19.12 -101.46
C GLU DB 283 14.93 18.01 -101.07
N ARG DB 284 15.08 17.02 -101.95
CA ARG DB 284 15.91 15.84 -101.69
C ARG DB 284 17.14 15.91 -102.58
N TYR DB 285 18.32 15.94 -101.95
CA TYR DB 285 19.57 15.98 -102.70
C TYR DB 285 19.80 14.62 -103.37
N GLU DB 286 19.90 14.63 -104.70
CA GLU DB 286 20.03 13.42 -105.51
C GLU DB 286 18.89 12.44 -105.27
N ASP DB 287 17.77 12.93 -104.72
CA ASP DB 287 16.57 12.15 -104.47
C ASP DB 287 16.81 10.98 -103.52
N HIS DB 288 17.85 11.05 -102.70
CA HIS DB 288 18.11 9.97 -101.74
C HIS DB 288 18.40 10.52 -100.35
N THR DB 289 18.87 11.76 -100.26
CA THR DB 289 19.27 12.35 -99.00
C THR DB 289 18.91 13.83 -99.01
N ILE DB 290 19.11 14.50 -97.89
CA ILE DB 290 18.84 15.91 -97.76
C ILE DB 290 20.09 16.69 -98.12
N TYR DB 291 19.93 17.98 -98.44
CA TYR DB 291 21.05 18.80 -98.89
C TYR DB 291 22.07 19.03 -97.80
N HIS DB 292 21.62 19.30 -96.57
CA HIS DB 292 22.55 19.58 -95.48
C HIS DB 292 21.95 19.13 -94.16
N ASP DB 293 22.83 18.92 -93.18
CA ASP DB 293 22.40 18.49 -91.85
C ASP DB 293 21.56 19.58 -91.20
N ILE DB 294 20.51 19.17 -90.50
CA ILE DB 294 19.59 20.11 -89.85
C ILE DB 294 19.41 19.72 -88.39
N SER DB 295 19.62 20.68 -87.51
CA SER DB 295 19.39 20.51 -86.08
C SER DB 295 18.28 21.49 -85.67
N LEU DB 296 17.06 20.98 -85.54
CA LEU DB 296 15.90 21.80 -85.26
C LEU DB 296 15.41 21.57 -83.84
N LYS DB 297 14.89 22.64 -83.23
CA LYS DB 297 14.39 22.61 -81.87
C LYS DB 297 12.93 23.04 -81.91
N PHE DB 298 12.01 22.08 -81.87
CA PHE DB 298 10.58 22.36 -81.88
C PHE DB 298 10.14 22.76 -80.48
N LYS DB 299 8.83 22.76 -80.23
CA LYS DB 299 8.27 23.13 -78.94
C LYS DB 299 9.06 22.54 -77.77
N ARG DB 300 9.12 21.21 -77.70
CA ARG DB 300 9.94 20.55 -76.70
C ARG DB 300 10.69 19.34 -77.26
N THR DB 301 10.76 19.19 -78.57
CA THR DB 301 11.43 18.06 -79.20
C THR DB 301 12.60 18.55 -80.04
N HIS DB 302 13.76 17.93 -79.86
CA HIS DB 302 14.96 18.27 -80.62
C HIS DB 302 15.20 17.18 -81.66
N ILE DB 303 15.39 17.58 -82.91
CA ILE DB 303 15.62 16.65 -84.00
C ILE DB 303 16.94 16.98 -84.66
N LYS DB 304 17.86 16.02 -84.70
CA LYS DB 304 19.17 16.18 -85.32
C LYS DB 304 19.26 15.20 -86.48
N MET DB 305 19.28 15.71 -87.70
CA MET DB 305 19.34 14.89 -88.90
C MET DB 305 20.61 15.22 -89.66
N LYS DB 306 21.32 14.18 -90.11
CA LYS DB 306 22.59 14.33 -90.78
C LYS DB 306 22.55 13.68 -92.16
N LYS DB 307 23.14 14.36 -93.13
CA LYS DB 307 23.23 13.81 -94.48
C LYS DB 307 24.10 12.57 -94.51
N GLN DB 308 23.67 11.57 -95.26
CA GLN DB 308 24.34 10.28 -95.32
C GLN DB 308 24.54 9.87 -96.76
N PRO DB 309 25.58 9.08 -97.05
CA PRO DB 309 25.80 8.61 -98.42
C PRO DB 309 24.83 7.51 -98.84
N ARG DB 310 25.05 6.94 -100.02
CA ARG DB 310 24.15 5.93 -100.58
C ARG DB 310 24.10 4.64 -99.75
N GLY DB 311 25.07 4.40 -98.88
CA GLY DB 311 25.14 3.18 -98.11
C GLY DB 311 24.54 3.21 -96.74
N TYR DB 312 24.01 4.35 -96.29
CA TYR DB 312 23.46 4.49 -94.94
C TYR DB 312 21.97 4.74 -95.08
N GLY DB 313 21.20 3.65 -95.14
CA GLY DB 313 19.79 3.74 -95.46
C GLY DB 313 18.82 3.83 -94.30
N LEU DB 314 18.36 5.05 -94.01
CA LEU DB 314 17.24 5.30 -93.08
C LEU DB 314 17.50 4.69 -91.70
N HIS DB 315 18.53 5.18 -91.05
CA HIS DB 315 18.80 4.81 -89.66
C HIS DB 315 18.23 5.88 -88.73
N CYS DB 316 16.91 5.96 -88.71
CA CYS DB 316 16.17 6.98 -87.97
C CYS DB 316 15.10 6.33 -87.09
N HIS DB 317 14.36 7.17 -86.39
CA HIS DB 317 13.26 6.71 -85.53
C HIS DB 317 12.25 5.92 -86.35
N ARG DB 318 11.48 5.07 -85.66
CA ARG DB 318 10.58 4.16 -86.36
C ARG DB 318 9.45 4.90 -87.09
N ALA DB 319 9.17 6.15 -86.71
CA ALA DB 319 8.19 6.95 -87.43
C ALA DB 319 8.81 7.88 -88.45
N ILE DB 320 10.00 8.42 -88.15
CA ILE DB 320 10.71 9.23 -89.11
C ILE DB 320 11.09 8.40 -90.33
N MET DB 321 11.42 7.12 -90.13
CA MET DB 321 11.70 6.24 -91.25
C MET DB 321 10.49 6.07 -92.15
N THR DB 322 9.30 5.89 -91.57
CA THR DB 322 8.09 5.78 -92.38
C THR DB 322 7.81 7.08 -93.13
N ILE DB 323 7.97 8.22 -92.45
CA ILE DB 323 7.73 9.51 -93.10
C ILE DB 323 8.69 9.70 -94.26
N CYS DB 324 9.97 9.39 -94.06
CA CYS DB 324 10.96 9.55 -95.13
C CYS DB 324 10.73 8.56 -96.25
N ARG DB 325 10.25 7.35 -95.93
CA ARG DB 325 9.91 6.39 -96.97
C ARG DB 325 8.76 6.89 -97.82
N LEU DB 326 7.75 7.50 -97.19
CA LEU DB 326 6.67 8.12 -97.95
C LEU DB 326 7.14 9.30 -98.78
N ILE DB 327 8.07 10.10 -98.24
CA ILE DB 327 8.56 11.27 -98.97
C ILE DB 327 9.37 10.84 -100.19
N GLY DB 328 10.27 9.88 -100.02
CA GLY DB 328 11.15 9.44 -101.08
C GLY DB 328 12.60 9.41 -100.67
N ILE DB 329 12.88 9.75 -99.41
CA ILE DB 329 14.25 9.73 -98.90
C ILE DB 329 14.64 8.31 -98.57
N LYS DB 330 15.76 7.86 -99.14
CA LYS DB 330 16.24 6.50 -98.94
C LYS DB 330 17.42 6.41 -97.97
N ASP DB 331 18.14 7.50 -97.75
CA ASP DB 331 19.31 7.51 -96.87
C ASP DB 331 19.21 8.69 -95.94
N LEU DB 332 19.28 8.43 -94.63
CA LEU DB 332 19.20 9.49 -93.63
C LEU DB 332 19.51 8.91 -92.26
N TYR DB 333 20.10 9.75 -91.40
CA TYR DB 333 20.30 9.44 -89.99
C TYR DB 333 19.66 10.54 -89.18
N ALA DB 334 18.75 10.17 -88.27
CA ALA DB 334 18.04 11.13 -87.45
C ALA DB 334 17.99 10.66 -86.01
N LYS DB 335 18.18 11.60 -85.09
CA LYS DB 335 18.10 11.35 -83.65
C LYS DB 335 17.11 12.32 -83.06
N VAL DB 336 16.17 11.82 -82.26
CA VAL DB 336 15.18 12.64 -81.59
C VAL DB 336 15.47 12.62 -80.10
N SER DB 337 15.68 13.80 -79.52
CA SER DB 337 15.98 13.96 -78.10
C SER DB 337 14.92 14.83 -77.45
N GLY DB 338 14.75 14.65 -76.15
CA GLY DB 338 13.71 15.36 -75.43
C GLY DB 338 12.38 14.61 -75.51
N SER DB 339 11.31 15.36 -75.70
CA SER DB 339 9.99 14.76 -75.81
C SER DB 339 9.87 13.95 -77.09
N VAL DB 340 9.14 12.84 -77.01
CA VAL DB 340 8.96 11.95 -78.15
C VAL DB 340 7.49 11.97 -78.57
N ASN DB 341 6.82 13.10 -78.35
CA ASN DB 341 5.44 13.24 -78.79
C ASN DB 341 5.35 13.09 -80.29
N MET DB 342 4.38 12.28 -80.74
CA MET DB 342 4.30 11.96 -82.17
C MET DB 342 3.94 13.19 -83.00
N LEU DB 343 2.94 13.95 -82.56
CA LEU DB 343 2.50 15.12 -83.32
C LEU DB 343 3.59 16.18 -83.40
N ASN DB 344 4.22 16.48 -82.26
CA ASN DB 344 5.31 17.45 -82.26
C ASN DB 344 6.48 16.97 -83.10
N LEU DB 345 6.81 15.68 -83.03
CA LEU DB 345 7.88 15.14 -83.86
C LEU DB 345 7.57 15.30 -85.34
N THR DB 346 6.33 14.98 -85.74
CA THR DB 346 5.96 15.12 -87.14
C THR DB 346 6.01 16.58 -87.60
N ARG DB 347 5.47 17.48 -86.79
CA ARG DB 347 5.48 18.90 -87.16
C ARG DB 347 6.90 19.43 -87.27
N GLY DB 348 7.77 19.09 -86.32
CA GLY DB 348 9.15 19.52 -86.38
C GLY DB 348 9.90 18.94 -87.55
N LEU DB 349 9.69 17.66 -87.85
CA LEU DB 349 10.34 17.04 -89.00
C LEU DB 349 9.92 17.72 -90.29
N PHE DB 350 8.61 17.97 -90.45
CA PHE DB 350 8.15 18.63 -91.66
C PHE DB 350 8.68 20.06 -91.76
N LEU DB 351 8.71 20.80 -90.64
CA LEU DB 351 9.26 22.15 -90.67
C LEU DB 351 10.73 22.15 -91.05
N GLY DB 352 11.51 21.24 -90.47
CA GLY DB 352 12.92 21.17 -90.79
C GLY DB 352 13.18 20.78 -92.23
N LEU DB 353 12.40 19.82 -92.75
CA LEU DB 353 12.55 19.43 -94.15
C LEU DB 353 12.11 20.52 -95.11
N SER DB 354 11.10 21.31 -94.75
CA SER DB 354 10.66 22.42 -95.58
C SER DB 354 11.61 23.61 -95.54
N ARG DB 355 12.30 23.82 -94.42
CA ARG DB 355 13.23 24.94 -94.29
C ARG DB 355 14.64 24.60 -94.76
N GLN DB 356 14.78 23.63 -95.66
CA GLN DB 356 16.09 23.30 -96.20
C GLN DB 356 16.58 24.41 -97.13
N GLU DB 357 17.90 24.45 -97.32
CA GLU DB 357 18.53 25.40 -98.22
C GLU DB 357 19.15 24.61 -99.38
N THR DB 358 18.61 24.80 -100.57
CA THR DB 358 19.13 24.11 -101.74
C THR DB 358 20.51 24.65 -102.11
N HIS DB 359 21.30 23.80 -102.80
CA HIS DB 359 22.60 24.24 -103.29
C HIS DB 359 22.45 25.41 -104.25
N GLN DB 360 21.45 25.35 -105.13
CA GLN DB 360 21.21 26.47 -106.04
C GLN DB 360 20.85 27.74 -105.29
N GLN DB 361 20.03 27.62 -104.25
CA GLN DB 361 19.70 28.79 -103.44
C GLN DB 361 20.92 29.36 -102.75
N LEU DB 362 21.78 28.50 -102.19
CA LEU DB 362 23.01 28.98 -101.57
C LEU DB 362 23.91 29.67 -102.58
N ALA DB 363 24.05 29.09 -103.77
CA ALA DB 363 24.83 29.72 -104.82
C ALA DB 363 24.26 31.06 -105.25
N ASP DB 364 22.93 31.18 -105.35
CA ASP DB 364 22.32 32.46 -105.70
C ASP DB 364 22.53 33.50 -104.61
N LYS DB 365 22.39 33.10 -103.34
CA LYS DB 365 22.54 34.06 -102.25
C LYS DB 365 23.98 34.44 -101.97
N LYS DB 366 24.95 33.61 -102.37
CA LYS DB 366 26.35 33.92 -102.11
C LYS DB 366 27.12 34.38 -103.34
N SER DB 367 26.55 34.26 -104.54
CA SER DB 367 27.22 34.64 -105.78
C SER DB 367 28.57 33.93 -105.92
N LEU DB 368 28.62 32.68 -105.47
CA LEU DB 368 29.83 31.87 -105.54
C LEU DB 368 29.46 30.47 -105.99
N HIS DB 369 30.44 29.79 -106.61
CA HIS DB 369 30.23 28.43 -107.06
C HIS DB 369 30.19 27.47 -105.89
N VAL DB 370 29.27 26.51 -105.94
CA VAL DB 370 29.16 25.47 -104.93
C VAL DB 370 29.85 24.23 -105.49
N VAL DB 371 30.95 23.83 -104.87
CA VAL DB 371 31.79 22.74 -105.35
C VAL DB 371 31.73 21.60 -104.35
N GLU DB 372 31.42 20.40 -104.84
CA GLU DB 372 31.34 19.21 -104.02
C GLU DB 372 32.65 18.43 -104.12
N PHE DB 373 33.23 18.10 -102.97
CA PHE DB 373 34.47 17.33 -102.91
C PHE DB 373 34.13 15.94 -102.36
N ARG DB 374 33.87 15.01 -103.27
CA ARG DB 374 33.56 13.64 -102.87
C ARG DB 374 34.80 12.96 -102.31
N GLU DB 375 34.60 12.18 -101.25
CA GLU DB 375 35.73 11.54 -100.57
C GLU DB 375 36.34 10.44 -101.44
N GLU DB 376 35.51 9.58 -102.02
CA GLU DB 376 36.03 8.50 -102.86
C GLU DB 376 36.42 8.97 -104.25
N CYS DB 377 36.07 10.20 -104.63
CA CYS DB 377 36.47 10.77 -105.91
C CYS DB 377 37.73 11.62 -105.82
N GLY DB 378 38.46 11.53 -104.71
CA GLY DB 378 39.70 12.23 -104.56
C GLY DB 378 39.52 13.74 -104.50
N PRO DB 379 40.54 14.47 -104.97
CA PRO DB 379 40.47 15.94 -104.92
C PRO DB 379 39.71 16.54 -106.09
N LEU DB 380 38.92 15.73 -106.79
CA LEU DB 380 38.19 16.21 -107.95
C LEU DB 380 37.14 17.24 -107.54
N PRO DB 381 37.20 18.46 -108.06
CA PRO DB 381 36.22 19.51 -107.69
C PRO DB 381 34.92 19.42 -108.48
N ILE DB 382 34.03 18.56 -108.02
CA ILE DB 382 32.72 18.42 -108.66
C ILE DB 382 31.85 19.61 -108.31
N VAL DB 383 31.29 20.27 -109.32
CA VAL DB 383 30.43 21.42 -109.15
C VAL DB 383 28.98 20.95 -109.29
N VAL DB 384 28.17 21.23 -108.27
CA VAL DB 384 26.78 20.80 -108.24
C VAL DB 384 25.83 21.95 -108.57
N ALA DB 385 26.13 23.16 -108.10
CA ALA DB 385 25.27 24.30 -108.30
C ALA DB 385 26.07 25.44 -108.92
N SER DB 386 25.48 26.11 -109.90
CA SER DB 386 26.11 27.23 -110.58
C SER DB 386 25.45 28.53 -110.16
N PRO DB 387 26.21 29.51 -109.67
CA PRO DB 387 25.62 30.80 -109.26
C PRO DB 387 25.24 31.65 -110.47
N GLN DB 388 24.03 31.40 -110.99
CA GLN DB 388 23.54 32.14 -112.14
C GLN DB 388 23.40 33.62 -111.81
N GLY DB 389 23.71 34.47 -112.78
CA GLY DB 389 23.66 35.90 -112.56
C GLY DB 389 25.05 36.51 -112.47
N ALA DB 390 25.22 37.47 -111.56
CA ALA DB 390 26.50 38.13 -111.37
C ALA DB 390 27.37 37.27 -110.46
N LEU DB 391 28.47 36.74 -111.01
CA LEU DB 391 29.40 35.94 -110.23
C LEU DB 391 30.42 36.87 -109.59
N ARG DB 392 30.36 37.00 -108.27
CA ARG DB 392 31.28 37.88 -107.56
C ARG DB 392 32.68 37.29 -107.54
N LYS DB 393 33.67 38.12 -107.85
CA LYS DB 393 35.07 37.72 -107.87
C LYS DB 393 35.75 37.89 -106.51
N ASP DB 394 35.05 38.42 -105.52
CA ASP DB 394 35.63 38.61 -104.19
C ASP DB 394 35.50 37.33 -103.39
N PRO DB 395 36.60 36.71 -102.98
CA PRO DB 395 36.50 35.49 -102.18
C PRO DB 395 35.89 35.76 -100.82
N GLU DB 396 35.23 34.73 -100.28
CA GLU DB 396 34.64 34.84 -98.96
C GLU DB 396 35.72 34.99 -97.90
N PRO DB 397 35.42 35.70 -96.80
CA PRO DB 397 36.43 35.85 -95.73
C PRO DB 397 36.76 34.54 -95.06
N GLU DB 398 38.00 34.08 -95.24
CA GLU DB 398 38.44 32.81 -94.66
C GLU DB 398 38.71 32.98 -93.18
N ASP DB 399 37.81 32.46 -92.34
CA ASP DB 399 37.98 32.53 -90.90
C ASP DB 399 38.93 31.43 -90.44
N GLU DB 400 39.99 31.83 -89.73
CA GLU DB 400 40.95 30.84 -89.23
C GLU DB 400 40.30 29.91 -88.22
N VAL DB 401 39.46 30.44 -87.34
CA VAL DB 401 38.77 29.65 -86.33
C VAL DB 401 37.26 29.82 -86.52
N PRO DB 402 36.56 28.81 -87.04
CA PRO DB 402 35.11 28.94 -87.23
C PRO DB 402 34.37 28.90 -85.90
N ASP DB 403 33.44 29.83 -85.71
CA ASP DB 403 32.64 29.88 -84.49
C ASP DB 403 31.31 29.17 -84.72
N ILE DB 404 31.41 27.86 -84.94
CA ILE DB 404 30.26 27.02 -85.22
C ILE DB 404 29.74 26.43 -83.92
N THR DB 405 28.43 26.47 -83.73
CA THR DB 405 27.79 25.94 -82.53
C THR DB 405 27.80 24.41 -82.62
N LEU DB 406 28.88 23.81 -82.13
CA LEU DB 406 29.03 22.37 -82.16
C LEU DB 406 28.10 21.71 -81.15
N ASP DB 407 28.00 20.39 -81.24
CA ASP DB 407 27.18 19.59 -80.34
C ASP DB 407 28.06 18.55 -79.65
N TRP DB 408 27.87 18.41 -78.33
CA TRP DB 408 28.70 17.51 -77.55
C TRP DB 408 28.52 16.05 -77.95
N GLU DB 409 27.31 15.64 -78.31
CA GLU DB 409 27.11 14.27 -78.78
C GLU DB 409 27.88 14.01 -80.07
N ASP DB 410 27.85 14.97 -81.00
CA ASP DB 410 28.63 14.84 -82.23
C ASP DB 410 30.13 14.83 -81.95
N VAL DB 411 30.59 15.65 -81.00
CA VAL DB 411 32.01 15.64 -80.65
C VAL DB 411 32.41 14.29 -80.07
N LYS DB 412 31.56 13.73 -79.20
CA LYS DB 412 31.85 12.41 -78.65
C LYS DB 412 31.88 11.35 -79.74
N ALA DB 413 30.94 11.41 -80.68
CA ALA DB 413 30.93 10.46 -81.78
C ALA DB 413 32.18 10.58 -82.64
N ALA DB 414 32.61 11.81 -82.92
CA ALA DB 414 33.83 12.01 -83.70
C ALA DB 414 35.08 11.53 -82.97
N GLN DB 415 35.15 11.77 -81.66
CA GLN DB 415 36.32 11.39 -80.88
C GLN DB 415 36.27 9.94 -80.40
N GLY DB 416 35.20 9.21 -80.69
CA GLY DB 416 35.12 7.82 -80.31
C GLY DB 416 34.80 7.56 -78.86
N MET DB 417 34.16 8.51 -78.17
CA MET DB 417 33.78 8.34 -76.79
C MET DB 417 32.41 7.69 -76.62
N LYS DB 418 31.74 7.36 -77.73
CA LYS DB 418 30.44 6.70 -77.68
C LYS DB 418 30.65 5.22 -77.43
N ARG DB 419 30.65 4.84 -76.15
CA ARG DB 419 30.82 3.45 -75.73
C ARG DB 419 29.49 2.75 -75.50
N SER DB 420 28.37 3.38 -75.86
CA SER DB 420 27.07 2.75 -75.67
C SER DB 420 26.95 1.50 -76.52
N VAL DB 421 26.30 0.48 -75.95
CA VAL DB 421 26.13 -0.80 -76.63
C VAL DB 421 25.00 -0.77 -77.65
N TRP DB 422 24.14 0.24 -77.61
CA TRP DB 422 23.00 0.32 -78.52
C TRP DB 422 23.31 1.10 -79.80
N SER DB 423 24.52 1.64 -79.93
CA SER DB 423 24.83 2.47 -81.09
C SER DB 423 25.20 1.63 -82.31
N GLY DB 424 25.97 0.57 -82.12
CA GLY DB 424 26.44 -0.23 -83.24
C GLY DB 424 25.77 -1.58 -83.36
N LEU DB 425 24.52 -1.68 -82.91
CA LEU DB 425 23.79 -2.93 -83.01
C LEU DB 425 23.40 -3.21 -84.46
N LYS DB 426 23.36 -4.50 -84.79
CA LYS DB 426 22.92 -4.93 -86.12
C LYS DB 426 21.40 -4.95 -86.17
N ARG DB 427 20.83 -4.28 -87.16
CA ARG DB 427 19.38 -4.18 -87.30
C ARG DB 427 18.96 -4.65 -88.69
N ALA DB 428 17.65 -4.84 -88.85
CA ALA DB 428 17.12 -5.30 -90.12
C ALA DB 428 17.19 -4.18 -91.17
N ALA DB 429 16.95 -4.55 -92.42
CA ALA DB 429 17.00 -3.60 -93.52
C ALA DB 429 15.81 -2.65 -93.46
N THR DB 430 15.83 -1.63 -94.32
CA THR DB 430 14.77 -0.66 -94.38
C THR DB 430 13.45 -1.28 -94.83
N PRO EB 154 21.86 84.48 -44.02
CA PRO EB 154 21.40 83.84 -42.78
C PRO EB 154 21.55 82.32 -42.82
N ARG EB 155 22.01 81.74 -41.72
CA ARG EB 155 22.21 80.29 -41.63
C ARG EB 155 21.07 79.61 -40.87
N TYR EB 156 20.84 80.02 -39.63
CA TYR EB 156 19.78 79.47 -38.80
C TYR EB 156 18.72 80.52 -38.55
N GLU EB 157 17.48 80.05 -38.38
CA GLU EB 157 16.34 80.92 -38.19
C GLU EB 157 15.55 80.42 -36.98
N LEU EB 158 15.40 81.28 -35.98
CA LEU EB 158 14.65 80.98 -34.77
C LEU EB 158 13.28 81.63 -34.90
N ALA EB 159 12.24 80.79 -34.81
CA ALA EB 159 10.85 81.27 -34.84
C ALA EB 159 10.35 81.34 -33.40
N LEU EB 160 10.70 82.44 -32.74
CA LEU EB 160 10.41 82.62 -31.33
C LEU EB 160 8.94 82.98 -31.15
N ILE EB 161 8.28 82.31 -30.20
CA ILE EB 161 6.89 82.57 -29.86
C ILE EB 161 6.88 83.03 -28.41
N LEU EB 162 6.91 84.34 -28.21
CA LEU EB 162 6.95 84.88 -26.86
C LEU EB 162 5.53 85.04 -26.29
N LYS EB 163 5.44 84.97 -24.98
CA LYS EB 163 4.17 85.17 -24.30
C LYS EB 163 3.67 86.59 -24.52
N ALA EB 164 2.37 86.73 -24.76
CA ALA EB 164 1.77 88.04 -24.99
C ALA EB 164 1.87 88.87 -23.71
N MET EB 165 2.74 89.88 -23.73
CA MET EB 165 3.00 90.71 -22.56
C MET EB 165 3.11 92.16 -23.02
N GLN EB 166 3.55 93.03 -22.12
CA GLN EB 166 3.64 94.45 -22.38
C GLN EB 166 4.89 94.75 -23.21
N ARG EB 167 4.97 96.00 -23.71
CA ARG EB 167 6.11 96.38 -24.53
C ARG EB 167 7.44 96.32 -23.78
N PRO EB 168 7.59 96.88 -22.58
CA PRO EB 168 8.88 96.76 -21.88
C PRO EB 168 9.25 95.33 -21.56
N GLU EB 169 8.29 94.49 -21.17
CA GLU EB 169 8.59 93.10 -20.88
C GLU EB 169 9.01 92.34 -22.14
N THR EB 170 8.34 92.58 -23.26
CA THR EB 170 8.74 91.97 -24.52
C THR EB 170 10.14 92.42 -24.92
N ALA EB 171 10.44 93.71 -24.75
CA ALA EB 171 11.78 94.21 -25.05
C ALA EB 171 12.84 93.57 -24.17
N ALA EB 172 12.58 93.42 -22.87
CA ALA EB 172 13.55 92.76 -21.98
C ALA EB 172 13.74 91.30 -22.35
N ALA EB 173 12.65 90.60 -22.66
CA ALA EB 173 12.76 89.20 -23.05
C ALA EB 173 13.56 89.05 -24.34
N LEU EB 174 13.30 89.91 -25.33
CA LEU EB 174 14.08 89.86 -26.56
C LEU EB 174 15.55 90.20 -26.30
N LYS EB 175 15.81 91.18 -25.44
CA LYS EB 175 17.19 91.54 -25.14
C LYS EB 175 17.94 90.37 -24.52
N ARG EB 176 17.33 89.71 -23.53
CA ARG EB 176 18.01 88.58 -22.89
C ARG EB 176 18.13 87.38 -23.83
N THR EB 177 17.14 87.13 -24.69
CA THR EB 177 17.26 86.05 -25.65
C THR EB 177 18.39 86.31 -26.65
N LEU EB 178 18.50 87.53 -27.15
CA LEU EB 178 19.58 87.86 -28.07
C LEU EB 178 20.94 87.81 -27.38
N GLU EB 179 21.01 88.23 -26.11
CA GLU EB 179 22.26 88.11 -25.37
C GLU EB 179 22.65 86.65 -25.19
N ALA EB 180 21.67 85.79 -24.89
CA ALA EB 180 21.96 84.36 -24.80
C ALA EB 180 22.43 83.80 -26.13
N LEU EB 181 21.81 84.22 -27.23
CA LEU EB 181 22.26 83.79 -28.56
C LEU EB 181 23.69 84.23 -28.83
N MET EB 182 24.04 85.46 -28.49
CA MET EB 182 25.40 85.96 -28.69
C MET EB 182 26.42 85.28 -27.80
N ASP EB 183 26.03 84.91 -26.57
CA ASP EB 183 26.98 84.27 -25.66
C ASP EB 183 27.46 82.92 -26.17
N ARG EB 184 26.66 82.27 -27.01
CA ARG EB 184 27.01 80.96 -27.54
C ARG EB 184 27.96 81.02 -28.72
N GLY EB 185 28.31 82.23 -29.18
CA GLY EB 185 29.22 82.37 -30.29
C GLY EB 185 28.50 82.51 -31.62
N ALA EB 186 27.37 83.20 -31.62
CA ALA EB 186 26.56 83.41 -32.81
C ALA EB 186 26.32 84.90 -33.02
N VAL EB 187 26.59 85.37 -34.23
CA VAL EB 187 26.31 86.74 -34.62
C VAL EB 187 24.91 86.79 -35.21
N VAL EB 188 24.16 87.84 -34.89
CA VAL EB 188 22.76 87.94 -35.26
C VAL EB 188 22.63 88.81 -36.51
N ARG EB 189 21.94 88.28 -37.52
CA ARG EB 189 21.74 89.03 -38.76
C ARG EB 189 20.60 90.04 -38.61
N ASN EB 190 19.40 89.56 -38.33
CA ASN EB 190 18.24 90.44 -38.28
C ASN EB 190 17.16 89.82 -37.38
N LEU EB 191 16.28 90.69 -36.89
CA LEU EB 191 15.14 90.32 -36.07
C LEU EB 191 13.91 90.99 -36.66
N GLU EB 192 12.91 90.19 -37.02
CA GLU EB 192 11.68 90.67 -37.64
C GLU EB 192 10.50 90.27 -36.76
N ASN EB 193 9.66 91.25 -36.42
CA ASN EB 193 8.47 91.00 -35.62
C ASN EB 193 7.30 90.74 -36.56
N LEU EB 194 6.73 89.53 -36.48
CA LEU EB 194 5.60 89.17 -37.32
C LEU EB 194 4.27 89.61 -36.75
N GLY EB 195 4.27 90.27 -35.60
CA GLY EB 195 3.05 90.75 -34.98
C GLY EB 195 2.48 89.77 -33.98
N GLU EB 196 1.62 90.30 -33.11
CA GLU EB 196 0.95 89.51 -32.08
C GLU EB 196 -0.36 89.00 -32.65
N ARG EB 197 -0.43 87.70 -32.89
CA ARG EB 197 -1.58 87.06 -33.49
C ARG EB 197 -2.23 86.10 -32.49
N MET EB 198 -3.39 85.58 -32.86
CA MET EB 198 -4.04 84.55 -32.08
C MET EB 198 -3.43 83.20 -32.39
N LEU EB 199 -3.11 82.44 -31.35
CA LEU EB 199 -2.50 81.13 -31.55
C LEU EB 199 -3.50 80.19 -32.23
N PRO EB 200 -3.04 79.37 -33.17
CA PRO EB 200 -3.96 78.40 -33.80
C PRO EB 200 -4.57 77.44 -32.80
N TYR EB 201 -3.85 77.10 -31.74
CA TYR EB 201 -4.36 76.22 -30.69
C TYR EB 201 -3.80 76.69 -29.36
N LYS EB 202 -4.51 76.35 -28.29
CA LYS EB 202 -4.12 76.74 -26.94
C LYS EB 202 -2.90 75.95 -26.53
N ILE EB 203 -1.73 76.57 -26.59
CA ILE EB 203 -0.48 75.92 -26.23
C ILE EB 203 -0.32 75.96 -24.71
N SER EB 204 -0.06 74.81 -24.11
CA SER EB 204 0.15 74.70 -22.68
C SER EB 204 1.65 74.56 -22.44
N ALA EB 205 2.22 75.55 -21.76
CA ALA EB 205 3.66 75.57 -21.47
C ALA EB 205 3.90 76.26 -20.14
N HIS EB 206 4.89 75.75 -19.39
CA HIS EB 206 5.27 76.30 -18.10
C HIS EB 206 4.07 76.39 -17.15
N ASN EB 207 3.25 75.34 -17.17
CA ASN EB 207 2.05 75.25 -16.34
C ASN EB 207 1.14 76.46 -16.53
N GLN EB 208 0.98 76.88 -17.78
CA GLN EB 208 0.15 78.02 -18.11
C GLN EB 208 -0.49 77.80 -19.48
N ARG EB 209 -1.79 78.10 -19.57
CA ARG EB 209 -2.53 77.94 -20.82
C ARG EB 209 -2.44 79.24 -21.60
N HIS EB 210 -1.74 79.20 -22.74
CA HIS EB 210 -1.52 80.38 -23.55
C HIS EB 210 -2.47 80.37 -24.74
N SER EB 211 -3.23 81.46 -24.91
CA SER EB 211 -4.11 81.61 -26.05
C SER EB 211 -3.59 82.59 -27.09
N ARG EB 212 -2.75 83.54 -26.69
CA ARG EB 212 -2.15 84.51 -27.60
C ARG EB 212 -0.63 84.41 -27.51
N GLY EB 213 0.04 85.14 -28.40
CA GLY EB 213 1.48 85.15 -28.42
C GLY EB 213 2.07 86.02 -29.49
N GLY EB 214 3.25 86.60 -29.22
CA GLY EB 214 3.95 87.41 -30.19
C GLY EB 214 4.94 86.58 -30.97
N TYR EB 215 4.97 86.78 -32.28
CA TYR EB 215 5.85 86.03 -33.17
C TYR EB 215 7.05 86.86 -33.56
N PHE EB 216 8.24 86.28 -33.42
CA PHE EB 216 9.47 86.94 -33.82
C PHE EB 216 10.33 85.97 -34.60
N LEU EB 217 11.15 86.50 -35.49
CA LEU EB 217 11.99 85.70 -36.37
C LEU EB 217 13.40 86.26 -36.30
N VAL EB 218 14.34 85.46 -35.79
CA VAL EB 218 15.73 85.88 -35.62
C VAL EB 218 16.58 85.04 -36.55
N ASP EB 219 17.22 85.67 -37.53
CA ASP EB 219 18.13 84.93 -38.38
C ASP EB 219 19.57 85.26 -38.00
N PHE EB 220 20.42 84.23 -38.03
CA PHE EB 220 21.77 84.38 -37.51
C PHE EB 220 22.68 83.32 -38.10
N TYR EB 221 23.96 83.44 -37.79
CA TYR EB 221 24.96 82.43 -38.12
C TYR EB 221 25.50 81.84 -36.82
N ALA EB 222 25.35 80.53 -36.66
CA ALA EB 222 25.82 79.85 -35.46
C ALA EB 222 26.53 78.57 -35.81
N PRO EB 223 27.49 78.14 -34.99
CA PRO EB 223 28.11 76.83 -35.20
C PRO EB 223 27.11 75.71 -34.97
N ALA EB 224 27.36 74.58 -35.63
CA ALA EB 224 26.46 73.45 -35.58
C ALA EB 224 26.36 72.82 -34.19
N THR EB 225 27.28 73.14 -33.28
CA THR EB 225 27.29 72.53 -31.96
C THR EB 225 26.50 73.32 -30.93
N THR EB 226 26.14 74.57 -31.21
CA THR EB 226 25.47 75.43 -30.25
C THR EB 226 23.96 75.51 -30.49
N VAL EB 227 23.42 74.69 -31.39
CA VAL EB 227 21.98 74.73 -31.65
C VAL EB 227 21.20 74.14 -30.47
N GLU EB 228 21.62 72.96 -30.01
CA GLU EB 228 20.91 72.31 -28.90
C GLU EB 228 21.10 73.07 -27.59
N SER EB 229 22.25 73.69 -27.37
CA SER EB 229 22.44 74.49 -26.16
C SER EB 229 21.47 75.66 -26.13
N MET EB 230 21.30 76.36 -27.25
CA MET EB 230 20.32 77.44 -27.29
C MET EB 230 18.91 76.89 -27.15
N MET EB 231 18.61 75.74 -27.75
CA MET EB 231 17.31 75.11 -27.57
C MET EB 231 17.06 74.76 -26.11
N GLU EB 232 18.06 74.21 -25.42
CA GLU EB 232 17.91 73.91 -24.00
C GLU EB 232 17.69 75.18 -23.19
N HIS EB 233 18.43 76.25 -23.50
CA HIS EB 233 18.26 77.50 -22.79
C HIS EB 233 16.85 78.07 -22.99
N LEU EB 234 16.35 78.01 -24.22
CA LEU EB 234 15.01 78.51 -24.50
C LEU EB 234 13.91 77.64 -23.91
N SER EB 235 14.19 76.34 -23.71
CA SER EB 235 13.17 75.45 -23.16
C SER EB 235 12.82 75.81 -21.73
N ARG EB 236 13.78 76.30 -20.95
CA ARG EB 236 13.54 76.61 -19.54
C ARG EB 236 13.06 78.05 -19.32
N ASP EB 237 12.96 78.85 -20.37
CA ASP EB 237 12.51 80.23 -20.24
C ASP EB 237 10.98 80.25 -20.16
N ILE EB 238 10.45 80.82 -19.08
CA ILE EB 238 8.99 80.83 -18.86
C ILE EB 238 8.26 81.83 -19.72
N ASP EB 239 8.98 82.76 -20.35
CA ASP EB 239 8.36 83.74 -21.23
C ASP EB 239 8.33 83.31 -22.69
N VAL EB 240 8.77 82.09 -22.98
CA VAL EB 240 8.78 81.56 -24.35
C VAL EB 240 7.74 80.44 -24.42
N ILE EB 241 6.87 80.53 -25.42
CA ILE EB 241 5.79 79.55 -25.57
C ILE EB 241 6.29 78.29 -26.27
N ARG EB 242 6.90 78.45 -27.45
CA ARG EB 242 7.41 77.32 -28.22
C ARG EB 242 8.54 77.81 -29.11
N PRO EB 243 9.79 77.60 -28.70
CA PRO EB 243 10.93 77.98 -29.55
C PRO EB 243 11.31 76.88 -30.52
N ASN EB 244 11.76 77.30 -31.70
CA ASN EB 244 12.15 76.35 -32.75
C ASN EB 244 13.21 76.98 -33.64
N ILE EB 245 14.33 76.27 -33.81
CA ILE EB 245 15.43 76.71 -34.64
C ILE EB 245 15.48 75.79 -35.85
N VAL EB 246 15.43 76.38 -37.05
CA VAL EB 246 15.45 75.61 -38.29
C VAL EB 246 16.51 76.20 -39.21
N LYS EB 247 16.73 75.53 -40.33
CA LYS EB 247 17.58 76.09 -41.37
C LYS EB 247 16.85 77.20 -42.10
N HIS EB 248 17.57 78.27 -42.42
CA HIS EB 248 16.96 79.40 -43.09
C HIS EB 248 16.58 79.02 -44.51
N PRO EB 249 15.36 79.34 -44.97
CA PRO EB 249 14.95 78.95 -46.33
C PRO EB 249 15.81 79.55 -47.42
N LEU EB 250 16.44 80.70 -47.18
CA LEU EB 250 17.31 81.31 -48.18
C LEU EB 250 18.59 80.52 -48.43
N THR EB 251 18.97 79.63 -47.51
CA THR EB 251 20.14 78.79 -47.73
C THR EB 251 19.95 77.86 -48.92
N GLN EB 252 18.76 77.26 -49.03
CA GLN EB 252 18.45 76.36 -50.14
C GLN EB 252 18.07 77.19 -51.35
N GLU EB 253 18.93 77.18 -52.36
CA GLU EB 253 18.64 77.92 -53.59
C GLU EB 253 17.45 77.32 -54.30
N VAL EB 254 16.61 78.17 -54.87
CA VAL EB 254 15.41 77.71 -55.56
C VAL EB 254 15.81 76.95 -56.82
N LYS EB 255 15.24 75.77 -56.99
CA LYS EB 255 15.52 74.93 -58.16
C LYS EB 255 14.52 75.24 -59.26
N GLU EB 256 14.92 74.94 -60.49
CA GLU EB 256 14.12 75.25 -61.68
C GLU EB 256 12.90 74.33 -61.70
N CYS EB 257 11.73 74.89 -61.36
CA CYS EB 257 10.48 74.18 -61.49
C CYS EB 257 10.14 74.07 -62.98
N GLU EB 258 10.52 72.94 -63.59
CA GLU EB 258 10.38 72.81 -65.04
C GLU EB 258 8.90 72.77 -65.45
N GLY EB 259 8.06 72.14 -64.65
CA GLY EB 259 6.67 71.96 -64.98
C GLY EB 259 6.33 70.51 -65.20
N ILE EB 260 5.07 70.28 -65.60
CA ILE EB 260 4.59 68.92 -65.81
C ILE EB 260 5.23 68.37 -67.08
N VAL EB 261 5.85 67.20 -66.96
CA VAL EB 261 6.42 66.51 -68.10
C VAL EB 261 5.41 65.46 -68.56
N PRO EB 262 5.00 65.46 -69.82
CA PRO EB 262 3.98 64.49 -70.27
C PRO EB 262 4.49 63.06 -70.25
N VAL EB 263 4.00 62.28 -69.29
CA VAL EB 263 4.42 60.89 -69.15
C VAL EB 263 3.47 60.01 -69.97
N PRO EB 264 3.98 59.27 -70.94
CA PRO EB 264 3.13 58.40 -71.74
C PRO EB 264 2.65 57.19 -70.94
N LEU EB 265 1.55 56.61 -71.40
CA LEU EB 265 1.03 55.40 -70.76
C LEU EB 265 2.01 54.25 -70.95
N GLU EB 266 2.15 53.43 -69.91
CA GLU EB 266 3.10 52.32 -69.97
C GLU EB 266 2.57 51.21 -70.87
N GLU EB 267 3.40 50.74 -71.78
CA GLU EB 267 3.06 49.67 -72.69
C GLU EB 267 3.96 48.46 -72.46
N LYS EB 268 3.68 47.39 -73.21
CA LYS EB 268 4.47 46.15 -73.17
C LYS EB 268 4.47 45.51 -71.79
N LEU EB 269 3.45 45.81 -70.98
CA LEU EB 269 3.35 45.23 -69.66
C LEU EB 269 2.85 43.79 -69.69
N TYR EB 270 2.24 43.36 -70.79
CA TYR EB 270 1.72 42.01 -70.91
C TYR EB 270 2.10 41.44 -72.27
N SER EB 271 2.12 40.12 -72.35
CA SER EB 271 2.48 39.44 -73.58
C SER EB 271 1.37 39.63 -74.63
N THR EB 272 1.73 39.38 -75.89
CA THR EB 272 0.82 39.55 -77.02
C THR EB 272 0.01 38.30 -77.31
N LYS EB 273 -0.19 37.44 -76.33
CA LYS EB 273 -0.99 36.24 -76.52
C LYS EB 273 -2.46 36.62 -76.70
N LYS EB 274 -3.13 35.95 -77.64
CA LYS EB 274 -4.53 36.23 -77.90
C LYS EB 274 -5.39 35.74 -76.73
N ARG EB 275 -6.29 36.59 -76.26
CA ARG EB 275 -7.15 36.25 -75.14
C ARG EB 275 -8.39 35.49 -75.61
N SER FB 35 -59.58 30.37 -67.24
CA SER FB 35 -58.35 30.18 -67.99
C SER FB 35 -58.64 30.03 -69.47
N ARG FB 36 -59.88 29.67 -69.80
CA ARG FB 36 -60.26 29.54 -71.20
C ARG FB 36 -60.24 30.86 -71.94
N TYR FB 37 -60.34 31.99 -71.23
CA TYR FB 37 -60.25 33.30 -71.86
C TYR FB 37 -58.79 33.66 -72.08
N GLY FB 38 -58.50 34.14 -73.28
CA GLY FB 38 -57.14 34.55 -73.62
C GLY FB 38 -56.78 35.86 -72.97
N PRO FB 39 -55.50 36.23 -73.05
CA PRO FB 39 -55.05 37.50 -72.45
C PRO FB 39 -55.70 38.72 -73.08
N GLU FB 40 -56.19 38.63 -74.32
CA GLU FB 40 -56.79 39.76 -74.98
C GLU FB 40 -58.18 40.11 -74.43
N TYR FB 41 -58.81 39.18 -73.72
CA TYR FB 41 -60.12 39.44 -73.15
C TYR FB 41 -60.02 40.47 -72.03
N LYS FB 42 -60.99 41.38 -71.99
CA LYS FB 42 -61.04 42.43 -70.98
C LYS FB 42 -62.24 42.22 -70.06
N ASP FB 43 -62.10 42.72 -68.83
CA ASP FB 43 -63.15 42.60 -67.83
C ASP FB 43 -64.36 43.45 -68.22
N PRO FB 44 -65.57 42.92 -68.09
CA PRO FB 44 -66.76 43.68 -68.47
C PRO FB 44 -67.04 44.81 -67.48
N GLN FB 45 -67.84 45.77 -67.95
CA GLN FB 45 -68.31 46.87 -67.13
C GLN FB 45 -69.81 46.69 -66.90
N ILE FB 46 -70.20 46.64 -65.63
CA ILE FB 46 -71.60 46.37 -65.30
C ILE FB 46 -72.38 47.64 -65.00
N ASP FB 47 -71.69 48.72 -64.63
CA ASP FB 47 -72.36 49.97 -64.27
C ASP FB 47 -73.13 50.52 -65.47
N LYS FB 48 -74.45 50.65 -65.32
CA LYS FB 48 -75.28 51.17 -66.40
C LYS FB 48 -75.15 52.67 -66.55
N GLU FB 49 -74.96 53.40 -65.44
CA GLU FB 49 -74.77 54.84 -65.50
C GLU FB 49 -73.47 55.21 -66.22
N TYR FB 50 -72.51 54.29 -66.28
CA TYR FB 50 -71.28 54.55 -67.03
C TYR FB 50 -71.56 54.73 -68.52
N TYR FB 51 -72.54 54.00 -69.05
CA TYR FB 51 -72.88 54.10 -70.46
C TYR FB 51 -74.08 55.00 -70.73
N ARG FB 52 -74.95 55.23 -69.73
CA ARG FB 52 -76.15 56.02 -69.96
C ARG FB 52 -75.82 57.46 -70.32
N LYS FB 53 -74.79 58.05 -69.70
CA LYS FB 53 -74.41 59.44 -69.94
C LYS FB 53 -72.94 59.50 -70.31
N PRO FB 54 -72.58 59.17 -71.55
CA PRO FB 54 -71.18 59.27 -71.96
C PRO FB 54 -70.81 60.68 -72.41
N LEU FB 55 -71.82 61.53 -72.63
CA LEU FB 55 -71.60 62.87 -73.14
C LEU FB 55 -71.34 63.89 -72.04
N ALA FB 56 -71.46 63.50 -70.76
CA ALA FB 56 -71.24 64.42 -69.67
C ALA FB 56 -69.77 64.75 -69.44
N GLU FB 57 -68.86 63.92 -69.92
CA GLU FB 57 -67.43 64.16 -69.79
C GLU FB 57 -66.74 63.77 -71.08
N GLN FB 58 -65.58 64.37 -71.34
CA GLN FB 58 -64.85 64.10 -72.57
C GLN FB 58 -63.64 63.20 -72.36
N THR FB 59 -63.09 63.15 -71.14
CA THR FB 59 -61.96 62.27 -70.87
C THR FB 59 -62.34 60.80 -71.04
N GLU FB 60 -63.51 60.41 -70.54
CA GLU FB 60 -63.97 59.04 -70.70
C GLU FB 60 -64.36 58.73 -72.14
N GLU FB 61 -64.70 59.75 -72.92
CA GLU FB 61 -65.05 59.53 -74.33
C GLU FB 61 -63.87 59.00 -75.11
N GLU FB 62 -62.69 59.58 -74.91
CA GLU FB 62 -61.50 59.17 -75.64
C GLU FB 62 -61.15 57.71 -75.37
N LYS FB 63 -61.48 57.20 -74.19
CA LYS FB 63 -61.18 55.81 -73.85
C LYS FB 63 -62.29 54.87 -74.32
N TYR FB 64 -63.55 55.22 -74.11
CA TYR FB 64 -64.65 54.35 -74.49
C TYR FB 64 -64.87 54.30 -76.00
N GLU FB 65 -64.37 55.28 -76.75
CA GLU FB 65 -64.42 55.21 -78.21
C GLU FB 65 -63.39 54.24 -78.78
N ARG FB 66 -62.21 54.16 -78.17
CA ARG FB 66 -61.18 53.23 -78.63
C ARG FB 66 -61.24 51.88 -77.92
N ASP FB 67 -62.11 51.72 -76.92
CA ASP FB 67 -62.25 50.43 -76.26
C ASP FB 67 -62.66 49.35 -77.24
N PHE FB 68 -63.63 49.64 -78.11
CA PHE FB 68 -64.11 48.67 -79.08
C PHE FB 68 -63.37 48.73 -80.41
N LYS FB 69 -62.65 49.81 -80.69
CA LYS FB 69 -61.96 49.93 -81.97
C LYS FB 69 -60.82 48.93 -82.09
N LYS FB 70 -60.15 48.62 -80.98
CA LYS FB 70 -59.02 47.70 -80.97
C LYS FB 70 -59.44 46.24 -81.00
N THR FB 71 -60.71 45.96 -81.32
CA THR FB 71 -61.24 44.59 -81.35
C THR FB 71 -61.00 43.87 -80.02
N GLN FB 72 -61.28 44.59 -78.93
CA GLN FB 72 -61.08 44.06 -77.59
C GLN FB 72 -62.26 43.16 -77.23
N LEU FB 73 -61.98 41.87 -77.07
CA LEU FB 73 -63.00 40.91 -76.67
C LEU FB 73 -63.29 41.06 -75.18
N ILE FB 74 -64.53 40.75 -74.81
CA ILE FB 74 -65.02 40.93 -73.45
C ILE FB 74 -65.48 39.58 -72.90
N LYS FB 75 -65.07 39.27 -71.68
CA LYS FB 75 -65.47 38.02 -71.04
C LYS FB 75 -66.96 38.05 -70.71
N ALA FB 76 -67.49 36.87 -70.45
CA ALA FB 76 -68.89 36.73 -70.05
C ALA FB 76 -69.09 37.27 -68.65
N ALA FB 77 -70.24 37.89 -68.41
CA ALA FB 77 -70.54 38.42 -67.09
C ALA FB 77 -70.78 37.28 -66.11
N PRO FB 78 -70.14 37.31 -64.94
CA PRO FB 78 -70.35 36.23 -63.96
C PRO FB 78 -71.78 36.23 -63.42
N ALA FB 79 -72.23 35.03 -63.04
CA ALA FB 79 -73.58 34.89 -62.50
C ALA FB 79 -73.75 35.61 -61.17
N THR FB 80 -72.70 35.70 -60.37
CA THR FB 80 -72.79 36.36 -59.07
C THR FB 80 -73.02 37.87 -59.23
N LYS FB 81 -72.37 38.48 -60.21
CA LYS FB 81 -72.42 39.93 -60.39
C LYS FB 81 -73.49 40.29 -61.41
N THR FB 82 -74.35 41.25 -61.06
CA THR FB 82 -75.40 41.71 -61.96
C THR FB 82 -75.54 43.23 -61.89
N SER FB 83 -76.57 43.77 -62.53
CA SER FB 83 -76.82 45.20 -62.57
C SER FB 83 -77.84 45.64 -61.53
N SER FB 84 -78.24 44.74 -60.63
CA SER FB 84 -79.20 45.08 -59.60
C SER FB 84 -78.63 46.15 -58.66
N VAL FB 85 -79.52 47.03 -58.20
CA VAL FB 85 -79.10 48.12 -57.31
C VAL FB 85 -79.09 47.71 -55.85
N PHE FB 86 -79.68 46.57 -55.50
CA PHE FB 86 -79.74 46.11 -54.12
C PHE FB 86 -78.60 45.19 -53.73
N GLU FB 87 -77.66 44.92 -54.64
CA GLU FB 87 -76.52 44.08 -54.36
C GLU FB 87 -75.27 44.94 -54.19
N ASP FB 88 -74.36 44.45 -53.35
CA ASP FB 88 -73.12 45.14 -53.07
C ASP FB 88 -71.95 44.17 -53.22
N PRO FB 89 -70.83 44.62 -53.79
CA PRO FB 89 -69.67 43.73 -53.90
C PRO FB 89 -69.16 43.25 -52.55
N VAL FB 90 -69.24 44.08 -51.50
CA VAL FB 90 -68.84 43.65 -50.18
C VAL FB 90 -69.73 42.52 -49.69
N ILE FB 91 -71.05 42.65 -49.89
CA ILE FB 91 -71.97 41.60 -49.48
C ILE FB 91 -71.71 40.32 -50.27
N SER FB 92 -71.45 40.45 -51.57
CA SER FB 92 -71.16 39.27 -52.39
C SER FB 92 -69.88 38.58 -51.92
N LYS FB 93 -68.84 39.36 -51.62
CA LYS FB 93 -67.59 38.77 -51.13
C LYS FB 93 -67.79 38.09 -49.79
N PHE FB 94 -68.56 38.70 -48.89
CA PHE FB 94 -68.83 38.07 -47.60
C PHE FB 94 -69.62 36.78 -47.76
N THR FB 95 -70.60 36.76 -48.66
CA THR FB 95 -71.36 35.55 -48.93
C THR FB 95 -70.47 34.45 -49.52
N ASN FB 96 -69.60 34.80 -50.45
CA ASN FB 96 -68.67 33.83 -51.01
C ASN FB 96 -67.73 33.27 -49.95
N MET FB 97 -67.22 34.13 -49.06
CA MET FB 97 -66.38 33.65 -47.97
C MET FB 97 -67.14 32.75 -47.01
N MET FB 98 -68.40 33.07 -46.70
CA MET FB 98 -69.19 32.22 -45.82
C MET FB 98 -69.63 30.92 -46.47
N MET FB 99 -69.63 30.86 -47.80
CA MET FB 99 -70.09 29.65 -48.49
C MET FB 99 -69.14 28.48 -48.20
N LYS FB 100 -69.71 27.34 -47.86
CA LYS FB 100 -68.95 26.11 -47.66
C LYS FB 100 -69.16 25.19 -48.86
N GLY FB 101 -68.08 24.74 -49.47
CA GLY FB 101 -68.17 23.90 -50.64
C GLY FB 101 -68.76 24.63 -51.82
N GLY FB 102 -69.99 24.28 -52.19
CA GLY FB 102 -70.65 24.94 -53.30
C GLY FB 102 -72.11 25.26 -53.04
N ASN FB 103 -72.47 25.37 -51.76
CA ASN FB 103 -73.86 25.63 -51.36
C ASN FB 103 -74.08 27.15 -51.36
N LYS FB 104 -74.03 27.73 -52.57
CA LYS FB 104 -74.24 29.15 -52.71
C LYS FB 104 -75.66 29.56 -52.30
N VAL FB 105 -76.63 28.68 -52.55
CA VAL FB 105 -77.99 28.96 -52.11
C VAL FB 105 -78.06 29.05 -50.59
N LEU FB 106 -77.38 28.12 -49.90
CA LEU FB 106 -77.36 28.17 -48.44
C LEU FB 106 -76.65 29.42 -47.94
N ALA FB 107 -75.54 29.81 -48.58
CA ALA FB 107 -74.83 31.01 -48.16
C ALA FB 107 -75.70 32.25 -48.36
N ARG FB 108 -76.39 32.34 -49.49
CA ARG FB 108 -77.30 33.45 -49.74
C ARG FB 108 -78.44 33.49 -48.73
N SER FB 109 -79.00 32.32 -48.40
CA SER FB 109 -80.05 32.27 -47.38
C SER FB 109 -79.53 32.73 -46.03
N LEU FB 110 -78.31 32.33 -45.67
CA LEU FB 110 -77.73 32.77 -44.41
C LEU FB 110 -77.53 34.28 -44.39
N MET FB 111 -77.04 34.84 -45.50
CA MET FB 111 -76.86 36.29 -45.57
C MET FB 111 -78.19 37.02 -45.44
N THR FB 112 -79.22 36.54 -46.15
CA THR FB 112 -80.54 37.17 -46.08
C THR FB 112 -81.12 37.08 -44.66
N GLN FB 113 -80.97 35.93 -44.02
CA GLN FB 113 -81.46 35.78 -42.66
C GLN FB 113 -80.71 36.68 -41.69
N THR FB 114 -79.39 36.83 -41.88
CA THR FB 114 -78.63 37.74 -41.03
C THR FB 114 -79.10 39.17 -41.20
N LEU FB 115 -79.33 39.59 -42.44
CA LEU FB 115 -79.84 40.94 -42.68
C LEU FB 115 -81.22 41.14 -42.06
N GLU FB 116 -82.10 40.14 -42.20
CA GLU FB 116 -83.43 40.23 -41.59
C GLU FB 116 -83.33 40.31 -40.07
N ALA FB 117 -82.44 39.52 -39.48
CA ALA FB 117 -82.27 39.53 -38.03
C ALA FB 117 -81.76 40.88 -37.54
N VAL FB 118 -80.76 41.45 -38.23
CA VAL FB 118 -80.26 42.75 -37.78
C VAL FB 118 -81.31 43.83 -37.97
N LYS FB 119 -82.08 43.77 -39.06
CA LYS FB 119 -83.16 44.73 -39.26
C LYS FB 119 -84.19 44.65 -38.14
N ARG FB 120 -84.61 43.44 -37.79
CA ARG FB 120 -85.62 43.29 -36.76
C ARG FB 120 -85.09 43.67 -35.37
N LYS FB 121 -83.83 43.33 -35.07
CA LYS FB 121 -83.25 43.74 -33.80
C LYS FB 121 -83.11 45.25 -33.70
N GLN FB 122 -82.74 45.92 -34.80
CA GLN FB 122 -82.70 47.38 -34.79
C GLN FB 122 -84.10 47.99 -34.65
N PHE FB 123 -85.10 47.39 -35.31
CA PHE FB 123 -86.46 47.91 -35.18
C PHE FB 123 -86.98 47.77 -33.75
N ALA FB 124 -86.67 46.64 -33.10
CA ALA FB 124 -87.10 46.45 -31.72
C ALA FB 124 -86.54 47.52 -30.80
N LYS FB 125 -85.25 47.82 -30.92
CA LYS FB 125 -84.64 48.88 -30.12
C LYS FB 125 -85.15 50.26 -30.51
N TYR FB 126 -85.43 50.48 -31.79
CA TYR FB 126 -86.00 51.76 -32.22
C TYR FB 126 -87.35 51.99 -31.57
N HIS FB 127 -88.20 50.95 -31.54
CA HIS FB 127 -89.50 51.07 -30.92
C HIS FB 127 -89.46 51.09 -29.40
N ALA FB 128 -88.45 50.46 -28.79
CA ALA FB 128 -88.30 50.49 -27.34
C ALA FB 128 -87.66 51.77 -26.82
N ALA FB 129 -86.93 52.49 -27.66
CA ALA FB 129 -86.26 53.72 -27.25
C ALA FB 129 -87.22 54.91 -27.29
N SER FB 130 -86.78 56.02 -26.73
CA SER FB 130 -87.57 57.23 -26.69
C SER FB 130 -87.35 58.04 -27.97
N ALA FB 131 -87.83 59.28 -27.99
CA ALA FB 131 -87.77 60.08 -29.21
C ALA FB 131 -86.36 60.54 -29.56
N GLU FB 132 -85.53 60.84 -28.56
CA GLU FB 132 -84.20 61.36 -28.85
C GLU FB 132 -83.29 60.29 -29.45
N GLU FB 133 -83.43 59.04 -29.02
CA GLU FB 133 -82.60 57.97 -29.57
C GLU FB 133 -83.03 57.54 -30.96
N GLN FB 134 -84.26 57.84 -31.36
CA GLN FB 134 -84.74 57.44 -32.67
C GLN FB 134 -84.03 58.20 -33.79
N ALA FB 135 -83.62 59.44 -33.53
CA ALA FB 135 -82.88 60.21 -34.52
C ALA FB 135 -81.43 59.78 -34.64
N THR FB 136 -80.94 58.93 -33.75
CA THR FB 136 -79.57 58.46 -33.77
C THR FB 136 -79.42 57.00 -34.17
N ILE FB 137 -80.37 56.14 -33.78
CA ILE FB 137 -80.27 54.73 -34.09
C ILE FB 137 -80.54 54.51 -35.58
N GLU FB 138 -79.76 53.62 -36.19
CA GLU FB 138 -79.87 53.31 -37.61
C GLU FB 138 -80.44 51.91 -37.80
N ARG FB 139 -81.37 51.78 -38.74
CA ARG FB 139 -82.01 50.50 -39.03
C ARG FB 139 -81.58 49.89 -40.36
N ASN FB 140 -80.87 50.64 -41.20
CA ASN FB 140 -80.44 50.11 -42.49
C ASN FB 140 -79.33 49.09 -42.28
N PRO FB 141 -79.50 47.84 -42.73
CA PRO FB 141 -78.45 46.84 -42.47
C PRO FB 141 -77.18 47.04 -43.28
N TYR FB 142 -77.28 47.55 -44.51
CA TYR FB 142 -76.08 47.68 -45.35
C TYR FB 142 -75.08 48.66 -44.77
N THR FB 143 -75.54 49.83 -44.33
CA THR FB 143 -74.62 50.82 -43.80
C THR FB 143 -73.98 50.36 -42.49
N ILE FB 144 -74.75 49.70 -41.62
CA ILE FB 144 -74.15 49.22 -40.37
C ILE FB 144 -73.19 48.07 -40.64
N PHE FB 145 -73.47 47.22 -41.64
CA PHE FB 145 -72.54 46.18 -42.02
C PHE FB 145 -71.22 46.78 -42.52
N HIS FB 146 -71.31 47.77 -43.41
CA HIS FB 146 -70.10 48.42 -43.92
C HIS FB 146 -69.33 49.12 -42.80
N GLN FB 147 -70.04 49.79 -41.90
CA GLN FB 147 -69.38 50.47 -40.79
C GLN FB 147 -68.71 49.50 -39.85
N ALA FB 148 -69.35 48.36 -39.56
CA ALA FB 148 -68.73 47.35 -38.72
C ALA FB 148 -67.50 46.76 -39.38
N LEU FB 149 -67.55 46.51 -40.69
CA LEU FB 149 -66.39 46.01 -41.39
C LEU FB 149 -65.24 47.01 -41.34
N LYS FB 150 -65.54 48.30 -41.55
CA LYS FB 150 -64.49 49.31 -41.46
C LYS FB 150 -63.93 49.42 -40.05
N ASN FB 151 -64.78 49.31 -39.03
CA ASN FB 151 -64.32 49.35 -37.65
C ASN FB 151 -63.41 48.18 -37.32
N CYS FB 152 -63.71 47.00 -37.85
CA CYS FB 152 -62.88 45.83 -37.59
C CYS FB 152 -61.75 45.66 -38.60
N GLU FB 153 -61.63 46.56 -39.58
CA GLU FB 153 -60.49 46.52 -40.48
C GLU FB 153 -59.21 46.90 -39.76
N PRO FB 154 -58.16 46.07 -39.80
CA PRO FB 154 -56.89 46.46 -39.18
C PRO FB 154 -56.19 47.54 -39.98
N VAL FB 155 -55.31 48.26 -39.31
CA VAL FB 155 -54.52 49.31 -39.96
C VAL FB 155 -53.19 48.77 -40.47
N ILE FB 156 -52.47 48.01 -39.63
CA ILE FB 156 -51.20 47.42 -40.01
C ILE FB 156 -51.20 45.96 -39.60
N GLY FB 157 -50.38 45.16 -40.27
CA GLY FB 157 -50.28 43.75 -39.99
C GLY FB 157 -48.88 43.32 -39.62
N LEU FB 158 -48.67 42.01 -39.45
CA LEU FB 158 -47.38 41.46 -39.11
C LEU FB 158 -46.95 40.47 -40.18
N VAL FB 159 -45.68 40.54 -40.57
CA VAL FB 159 -45.10 39.63 -41.55
C VAL FB 159 -43.97 38.87 -40.86
N PRO FB 160 -43.93 37.54 -40.95
CA PRO FB 160 -42.81 36.79 -40.37
C PRO FB 160 -41.60 36.83 -41.29
N ILE FB 161 -40.50 37.39 -40.80
CA ILE FB 161 -39.26 37.51 -41.56
C ILE FB 161 -38.20 36.69 -40.85
N LEU FB 162 -37.52 35.83 -41.61
CA LEU FB 162 -36.46 34.99 -41.06
C LEU FB 162 -35.15 35.77 -41.10
N LYS FB 163 -34.56 36.00 -39.93
CA LYS FB 163 -33.27 36.68 -39.81
C LYS FB 163 -32.50 36.08 -38.67
N GLY FB 164 -31.29 35.60 -38.94
CA GLY FB 164 -30.48 34.97 -37.93
C GLY FB 164 -31.00 33.62 -37.47
N GLY FB 165 -31.76 32.93 -38.32
CA GLY FB 165 -32.36 31.66 -37.96
C GLY FB 165 -33.61 31.75 -37.12
N HIS FB 166 -34.15 32.94 -36.90
CA HIS FB 166 -35.33 33.14 -36.08
C HIS FB 166 -36.33 34.00 -36.85
N PHE FB 167 -37.62 33.79 -36.57
CA PHE FB 167 -38.69 34.52 -37.25
C PHE FB 167 -39.13 35.70 -36.38
N TYR FB 168 -39.11 36.89 -36.96
CA TYR FB 168 -39.55 38.11 -36.29
C TYR FB 168 -40.82 38.62 -36.95
N GLN FB 169 -41.78 39.05 -36.15
CA GLN FB 169 -43.06 39.56 -36.65
C GLN FB 169 -42.88 41.05 -36.92
N VAL FB 170 -42.42 41.39 -38.12
CA VAL FB 170 -42.17 42.77 -38.50
C VAL FB 170 -43.51 43.45 -38.79
N PRO FB 171 -43.79 44.61 -38.20
CA PRO FB 171 -44.99 45.37 -38.59
C PRO FB 171 -44.88 45.84 -40.03
N VAL FB 172 -46.01 45.87 -40.72
CA VAL FB 172 -46.03 46.21 -42.15
C VAL FB 172 -47.36 46.83 -42.52
N PRO FB 173 -47.38 47.89 -43.31
CA PRO FB 173 -48.65 48.42 -43.83
C PRO FB 173 -49.34 47.37 -44.71
N LEU FB 174 -50.66 47.33 -44.64
CA LEU FB 174 -51.45 46.37 -45.38
C LEU FB 174 -52.22 47.04 -46.52
N ALA FB 175 -52.45 46.26 -47.58
CA ALA FB 175 -53.26 46.73 -48.70
C ALA FB 175 -54.73 46.75 -48.32
N ASP FB 176 -55.51 47.49 -49.11
CA ASP FB 176 -56.94 47.63 -48.82
C ASP FB 176 -57.67 46.30 -48.91
N ARG FB 177 -57.38 45.52 -49.96
CA ARG FB 177 -58.00 44.22 -50.11
C ARG FB 177 -57.61 43.28 -48.98
N ARG FB 178 -56.33 43.29 -48.57
CA ARG FB 178 -55.90 42.45 -47.47
C ARG FB 178 -56.59 42.85 -46.17
N ARG FB 179 -56.72 44.15 -45.92
CA ARG FB 179 -57.39 44.61 -44.70
C ARG FB 179 -58.85 44.19 -44.69
N ARG FB 180 -59.55 44.35 -45.81
CA ARG FB 180 -60.95 43.95 -45.87
C ARG FB 180 -61.10 42.44 -45.71
N PHE FB 181 -60.22 41.66 -46.34
CA PHE FB 181 -60.28 40.21 -46.22
C PHE FB 181 -60.04 39.78 -44.78
N LEU FB 182 -59.05 40.38 -44.11
CA LEU FB 182 -58.81 40.05 -42.71
C LEU FB 182 -59.99 40.44 -41.83
N ALA FB 183 -60.59 41.60 -42.09
CA ALA FB 183 -61.76 42.01 -41.30
C ALA FB 183 -62.91 41.03 -41.45
N MET FB 184 -63.18 40.58 -42.68
CA MET FB 184 -64.24 39.60 -42.88
C MET FB 184 -63.87 38.25 -42.24
N LYS FB 185 -62.63 37.81 -42.42
CA LYS FB 185 -62.23 36.48 -41.98
C LYS FB 185 -62.24 36.36 -40.46
N TRP FB 186 -61.82 37.42 -39.75
CA TRP FB 186 -61.85 37.37 -38.29
C TRP FB 186 -63.26 37.16 -37.77
N MET FB 187 -64.22 37.94 -38.30
CA MET FB 187 -65.59 37.80 -37.86
C MET FB 187 -66.17 36.44 -38.23
N ILE FB 188 -65.87 35.96 -39.43
CA ILE FB 188 -66.41 34.66 -39.86
C ILE FB 188 -65.85 33.55 -38.98
N ALA FB 189 -64.54 33.56 -38.72
CA ALA FB 189 -63.93 32.54 -37.88
C ALA FB 189 -64.45 32.60 -36.45
N GLU FB 190 -64.63 33.81 -35.91
CA GLU FB 190 -65.15 33.93 -34.55
C GLU FB 190 -66.57 33.41 -34.46
N CYS FB 191 -67.43 33.77 -35.41
CA CYS FB 191 -68.82 33.36 -35.35
C CYS FB 191 -69.02 31.88 -35.69
N ARG FB 192 -68.09 31.27 -36.42
CA ARG FB 192 -68.21 29.84 -36.72
C ARG FB 192 -67.87 28.95 -35.54
N GLU FB 193 -66.98 29.39 -34.64
CA GLU FB 193 -66.47 28.52 -33.60
C GLU FB 193 -66.83 28.96 -32.19
N LYS FB 194 -67.01 30.26 -31.94
CA LYS FB 194 -67.25 30.77 -30.60
C LYS FB 194 -68.73 30.87 -30.24
N LYS FB 195 -69.57 30.05 -30.86
CA LYS FB 195 -71.00 30.05 -30.60
C LYS FB 195 -71.46 28.69 -30.09
N HIS FB 196 -72.63 28.68 -29.48
CA HIS FB 196 -73.23 27.44 -29.01
C HIS FB 196 -73.87 26.70 -30.17
N ARG FB 197 -74.05 25.39 -29.99
CA ARG FB 197 -74.62 24.56 -31.04
C ARG FB 197 -76.07 24.95 -31.34
N ARG FB 198 -76.86 25.26 -30.31
CA ARG FB 198 -78.24 25.67 -30.51
C ARG FB 198 -78.36 27.01 -31.22
N VAL FB 199 -77.39 27.91 -31.04
CA VAL FB 199 -77.43 29.21 -31.68
C VAL FB 199 -77.09 29.04 -33.15
N LEU FB 200 -77.87 29.68 -34.02
CA LEU FB 200 -77.67 29.58 -35.45
C LEU FB 200 -76.70 30.66 -35.94
N MET FB 201 -76.17 30.42 -37.14
CA MET FB 201 -75.21 31.36 -37.72
C MET FB 201 -75.79 32.75 -37.95
N PRO FB 202 -76.98 32.93 -38.53
CA PRO FB 202 -77.53 34.28 -38.65
C PRO FB 202 -77.76 34.95 -37.30
N GLU FB 203 -78.20 34.20 -36.28
CA GLU FB 203 -78.43 34.78 -34.97
C GLU FB 203 -77.13 35.26 -34.34
N LYS FB 204 -76.07 34.45 -34.44
CA LYS FB 204 -74.78 34.87 -33.91
C LYS FB 204 -74.22 36.07 -34.69
N LEU FB 205 -74.35 36.04 -36.01
CA LEU FB 205 -73.81 37.12 -36.84
C LEU FB 205 -74.55 38.42 -36.60
N SER FB 206 -75.86 38.36 -36.31
CA SER FB 206 -76.60 39.58 -36.01
C SER FB 206 -76.07 40.27 -34.76
N GLN FB 207 -75.80 39.51 -33.70
CA GLN FB 207 -75.24 40.09 -32.49
C GLN FB 207 -73.82 40.59 -32.72
N GLU FB 208 -73.01 39.81 -33.44
CA GLU FB 208 -71.63 40.21 -33.69
C GLU FB 208 -71.52 41.47 -34.53
N LEU FB 209 -72.39 41.64 -35.53
CA LEU FB 209 -72.38 42.85 -36.35
C LEU FB 209 -72.68 44.08 -35.50
N LEU FB 210 -73.68 43.99 -34.61
CA LEU FB 210 -73.99 45.11 -33.75
C LEU FB 210 -72.85 45.41 -32.79
N GLU FB 211 -72.22 44.37 -32.22
CA GLU FB 211 -71.10 44.60 -31.32
C GLU FB 211 -69.93 45.25 -32.05
N ALA FB 212 -69.63 44.80 -33.27
CA ALA FB 212 -68.57 45.42 -34.06
C ALA FB 212 -68.91 46.85 -34.45
N PHE FB 213 -70.17 47.13 -34.80
CA PHE FB 213 -70.58 48.49 -35.12
C PHE FB 213 -70.45 49.41 -33.92
N HIS FB 214 -70.75 48.93 -32.72
CA HIS FB 214 -70.62 49.72 -31.51
C HIS FB 214 -69.22 49.62 -30.90
N ASN FB 215 -68.31 48.91 -31.55
CA ASN FB 215 -66.91 48.82 -31.12
C ASN FB 215 -66.79 48.13 -29.77
N GLN FB 216 -67.40 46.95 -29.66
CA GLN FB 216 -67.36 46.15 -28.44
C GLN FB 216 -67.05 44.69 -28.68
N GLY FB 217 -66.99 44.24 -29.93
CA GLY FB 217 -66.89 42.83 -30.24
C GLY FB 217 -65.51 42.23 -30.06
N PRO FB 218 -65.46 40.91 -29.93
CA PRO FB 218 -64.17 40.22 -29.90
C PRO FB 218 -63.36 40.41 -31.18
N VAL FB 219 -64.01 40.70 -32.31
CA VAL FB 219 -63.27 41.06 -33.51
C VAL FB 219 -62.50 42.35 -33.27
N ILE FB 220 -63.13 43.34 -32.64
CA ILE FB 220 -62.43 44.58 -32.30
C ILE FB 220 -61.33 44.30 -31.28
N LYS FB 221 -61.58 43.40 -30.33
CA LYS FB 221 -60.54 43.03 -29.37
C LYS FB 221 -59.33 42.42 -30.08
N ARG FB 222 -59.58 41.54 -31.06
CA ARG FB 222 -58.50 40.93 -31.81
C ARG FB 222 -57.74 41.97 -32.64
N LYS FB 223 -58.45 42.93 -33.23
CA LYS FB 223 -57.79 44.01 -33.94
C LYS FB 223 -56.89 44.82 -33.00
N HIS FB 224 -57.39 45.13 -31.80
CA HIS FB 224 -56.58 45.85 -30.83
C HIS FB 224 -55.37 45.03 -30.39
N ASP FB 225 -55.54 43.71 -30.23
CA ASP FB 225 -54.40 42.86 -29.90
C ASP FB 225 -53.35 42.87 -30.99
N MET FB 226 -53.78 42.82 -32.25
CA MET FB 226 -52.83 42.88 -33.36
C MET FB 226 -52.11 44.22 -33.38
N HIS FB 227 -52.84 45.32 -33.15
CA HIS FB 227 -52.21 46.64 -33.10
C HIS FB 227 -51.22 46.73 -31.96
N LYS FB 228 -51.54 46.16 -30.80
CA LYS FB 228 -50.62 46.19 -29.67
C LYS FB 228 -49.37 45.35 -29.94
N MET FB 229 -49.53 44.20 -30.60
CA MET FB 229 -48.38 43.42 -30.99
C MET FB 229 -47.49 44.18 -31.97
N ALA FB 230 -48.11 44.87 -32.94
CA ALA FB 230 -47.34 45.70 -33.86
C ALA FB 230 -46.62 46.82 -33.14
N GLU FB 231 -47.27 47.46 -32.16
CA GLU FB 231 -46.62 48.51 -31.41
C GLU FB 231 -45.47 47.96 -30.56
N ALA FB 232 -45.61 46.72 -30.07
CA ALA FB 232 -44.50 46.10 -29.35
C ALA FB 232 -43.33 45.76 -30.26
N ASN FB 233 -43.59 45.35 -31.50
CA ASN FB 233 -42.55 44.93 -32.43
C ASN FB 233 -42.12 46.05 -33.38
N ARG FB 234 -42.61 47.27 -33.14
CA ARG FB 234 -42.24 48.40 -34.00
C ARG FB 234 -40.73 48.58 -34.12
N ALA FB 235 -39.96 48.26 -33.08
CA ALA FB 235 -38.51 48.43 -33.14
C ALA FB 235 -37.87 47.51 -34.16
N LEU FB 236 -38.56 46.47 -34.60
CA LEU FB 236 -38.06 45.53 -35.59
C LEU FB 236 -38.47 45.91 -37.02
N ALA FB 237 -39.08 47.08 -37.22
CA ALA FB 237 -39.54 47.48 -38.54
C ALA FB 237 -38.40 47.74 -39.51
N HIS FB 238 -37.17 47.92 -39.02
CA HIS FB 238 -36.03 48.10 -39.91
C HIS FB 238 -35.64 46.83 -40.66
N TYR FB 239 -36.13 45.67 -40.20
CA TYR FB 239 -35.84 44.43 -40.90
C TYR FB 239 -36.51 44.37 -42.28
N ARG FB 240 -37.59 45.10 -42.48
CA ARG FB 240 -38.27 45.11 -43.76
C ARG FB 240 -37.39 45.79 -44.81
N TRP FB 241 -37.41 45.25 -46.03
CA TRP FB 241 -36.61 45.79 -47.13
C TRP FB 241 -37.47 46.29 -48.28
N TRP FB 242 -38.77 46.50 -48.06
CA TRP FB 242 -39.64 47.01 -49.10
C TRP FB 242 -40.60 48.06 -48.55
N THR GB 70 -33.24 19.46 -110.86
CA THR GB 70 -34.58 18.91 -110.91
C THR GB 70 -35.48 19.72 -111.84
N VAL GB 71 -34.85 20.36 -112.83
CA VAL GB 71 -35.62 21.17 -113.78
C VAL GB 71 -36.46 20.30 -114.70
N ASP GB 72 -35.90 19.22 -115.23
CA ASP GB 72 -36.65 18.35 -116.13
C ASP GB 72 -37.70 17.53 -115.40
N PHE GB 73 -37.45 17.19 -114.13
CA PHE GB 73 -38.42 16.40 -113.38
C PHE GB 73 -39.73 17.16 -113.21
N ILE GB 74 -39.66 18.45 -112.89
CA ILE GB 74 -40.87 19.25 -112.73
C ILE GB 74 -41.59 19.39 -114.06
N LYS GB 75 -40.85 19.54 -115.15
CA LYS GB 75 -41.46 19.64 -116.47
C LYS GB 75 -42.21 18.36 -116.83
N LYS GB 76 -41.60 17.20 -116.55
CA LYS GB 76 -42.29 15.94 -116.79
C LYS GB 76 -43.53 15.79 -115.90
N GLN GB 77 -43.42 16.21 -114.64
CA GLN GB 77 -44.56 16.15 -113.74
C GLN GB 77 -45.69 17.05 -114.21
N ILE GB 78 -45.37 18.18 -114.85
CA ILE GB 78 -46.43 19.04 -115.38
C ILE GB 78 -47.22 18.33 -116.48
N GLU GB 79 -46.52 17.67 -117.41
CA GLU GB 79 -47.22 16.94 -118.46
C GLU GB 79 -48.03 15.78 -117.89
N GLU GB 80 -47.46 15.07 -116.92
CA GLU GB 80 -48.21 13.99 -116.27
C GLU GB 80 -49.44 14.51 -115.56
N PHE GB 81 -49.34 15.66 -114.90
CA PHE GB 81 -50.49 16.25 -114.24
C PHE GB 81 -51.55 16.68 -115.25
N ASN GB 82 -51.15 17.24 -116.39
CA ASN GB 82 -52.13 17.59 -117.42
C ASN GB 82 -52.85 16.35 -117.94
N ILE GB 83 -52.11 15.27 -118.21
CA ILE GB 83 -52.72 14.04 -118.68
C ILE GB 83 -53.68 13.48 -117.63
N GLY GB 84 -53.26 13.49 -116.36
CA GLY GB 84 -54.12 13.02 -115.30
C GLY GB 84 -55.36 13.87 -115.12
N LYS GB 85 -55.23 15.19 -115.32
CA LYS GB 85 -56.40 16.06 -115.27
C LYS GB 85 -57.39 15.73 -116.39
N ARG GB 86 -56.87 15.50 -117.60
CA ARG GB 86 -57.75 15.09 -118.70
C ARG GB 86 -58.44 13.76 -118.38
N HIS GB 87 -57.71 12.79 -117.85
CA HIS GB 87 -58.31 11.50 -117.52
C HIS GB 87 -59.35 11.64 -116.41
N LEU GB 88 -59.06 12.46 -115.40
CA LEU GB 88 -60.01 12.68 -114.32
C LEU GB 88 -61.28 13.33 -114.82
N ALA GB 89 -61.16 14.33 -115.69
CA ALA GB 89 -62.34 14.94 -116.28
C ALA GB 89 -63.13 13.94 -117.11
N ASN GB 90 -62.46 13.10 -117.90
CA ASN GB 90 -63.14 12.10 -118.71
C ASN GB 90 -63.90 11.11 -117.83
N MET GB 91 -63.27 10.62 -116.76
CA MET GB 91 -63.91 9.61 -115.93
C MET GB 91 -65.00 10.21 -115.04
N MET GB 92 -64.88 11.49 -114.69
CA MET GB 92 -65.90 12.11 -113.86
C MET GB 92 -67.09 12.58 -114.69
N GLY GB 93 -66.88 12.82 -115.98
CA GLY GB 93 -67.96 13.18 -116.88
C GLY GB 93 -68.14 14.66 -117.13
N GLU GB 94 -67.30 15.51 -116.55
CA GLU GB 94 -67.36 16.95 -116.77
C GLU GB 94 -66.50 17.34 -117.95
N ASP GB 95 -66.74 18.54 -118.45
CA ASP GB 95 -65.97 19.07 -119.57
C ASP GB 95 -64.55 19.36 -119.12
N PRO GB 96 -63.53 18.77 -119.75
CA PRO GB 96 -62.14 19.07 -119.34
C PRO GB 96 -61.76 20.52 -119.51
N GLU GB 97 -62.35 21.23 -120.47
CA GLU GB 97 -62.03 22.64 -120.66
C GLU GB 97 -62.45 23.47 -119.45
N THR GB 98 -63.62 23.17 -118.88
CA THR GB 98 -64.11 23.87 -117.70
C THR GB 98 -63.69 23.22 -116.39
N PHE GB 99 -62.90 22.15 -116.45
CA PHE GB 99 -62.45 21.47 -115.24
C PHE GB 99 -61.38 22.30 -114.56
N THR GB 100 -61.59 22.64 -113.29
CA THR GB 100 -60.70 23.47 -112.51
C THR GB 100 -60.35 22.77 -111.19
N GLN GB 101 -59.58 23.46 -110.35
CA GLN GB 101 -59.11 22.86 -109.11
C GLN GB 101 -60.25 22.56 -108.13
N GLU GB 102 -61.27 23.42 -108.10
CA GLU GB 102 -62.41 23.17 -107.23
C GLU GB 102 -63.19 21.93 -107.65
N ASP GB 103 -62.98 21.46 -108.88
CA ASP GB 103 -63.50 20.17 -109.29
C ASP GB 103 -62.48 19.04 -109.11
N ILE GB 104 -61.19 19.35 -109.27
CA ILE GB 104 -60.16 18.33 -109.08
C ILE GB 104 -60.18 17.81 -107.65
N ASP GB 105 -60.17 18.72 -106.68
CA ASP GB 105 -60.19 18.30 -105.28
C ASP GB 105 -61.49 17.61 -104.91
N ARG GB 106 -62.62 18.10 -105.46
CA ARG GB 106 -63.91 17.46 -105.19
C ARG GB 106 -63.94 16.03 -105.72
N ALA GB 107 -63.42 15.81 -106.93
CA ALA GB 107 -63.38 14.46 -107.49
C ALA GB 107 -62.40 13.57 -106.75
N ILE GB 108 -61.29 14.14 -106.29
CA ILE GB 108 -60.33 13.36 -105.50
C ILE GB 108 -60.95 12.91 -104.18
N ALA GB 109 -61.67 13.82 -103.51
CA ALA GB 109 -62.29 13.48 -102.24
C ALA GB 109 -63.32 12.39 -102.38
N TYR GB 110 -63.92 12.24 -103.55
CA TYR GB 110 -64.91 11.20 -103.79
C TYR GB 110 -64.28 9.88 -104.22
N LEU GB 111 -63.30 9.94 -105.14
CA LEU GB 111 -62.67 8.73 -105.63
C LEU GB 111 -61.77 8.09 -104.56
N PHE GB 112 -61.15 8.90 -103.72
CA PHE GB 112 -60.26 8.41 -102.67
C PHE GB 112 -60.69 9.03 -101.35
N PRO GB 113 -61.78 8.56 -100.77
CA PRO GB 113 -62.29 9.15 -99.51
C PRO GB 113 -61.48 8.71 -98.30
N SER GB 114 -60.34 9.37 -98.09
CA SER GB 114 -59.47 9.08 -96.97
C SER GB 114 -59.90 9.90 -95.77
N GLY GB 115 -60.38 9.22 -94.73
CA GLY GB 115 -60.77 9.91 -93.52
C GLY GB 115 -59.61 10.05 -92.54
N LEU GB 116 -58.98 11.22 -92.56
CA LEU GB 116 -57.86 11.50 -91.67
C LEU GB 116 -58.04 12.90 -91.09
N PHE GB 117 -57.54 13.09 -89.87
CA PHE GB 117 -57.69 14.38 -89.21
C PHE GB 117 -56.75 15.43 -89.80
N GLU GB 118 -55.58 15.02 -90.27
CA GLU GB 118 -54.65 15.95 -90.90
C GLU GB 118 -55.02 16.14 -92.36
N LYS GB 119 -55.22 17.39 -92.77
CA LYS GB 119 -55.61 17.68 -94.15
C LYS GB 119 -54.49 17.38 -95.13
N ARG GB 120 -53.24 17.63 -94.73
CA ARG GB 120 -52.10 17.39 -95.62
C ARG GB 120 -51.84 15.92 -95.88
N ALA GB 121 -52.39 15.02 -95.06
CA ALA GB 121 -52.22 13.59 -95.29
C ALA GB 121 -53.21 13.01 -96.29
N ARG GB 122 -54.26 13.76 -96.63
CA ARG GB 122 -55.22 13.29 -97.60
C ARG GB 122 -54.62 13.27 -99.00
N PRO GB 123 -55.14 12.42 -99.89
CA PRO GB 123 -54.68 12.44 -101.28
C PRO GB 123 -54.93 13.80 -101.91
N ILE GB 124 -53.99 14.25 -102.72
CA ILE GB 124 -54.06 15.55 -103.37
C ILE GB 124 -53.37 15.48 -104.72
N MET GB 125 -53.96 16.13 -105.72
CA MET GB 125 -53.39 16.20 -107.07
C MET GB 125 -53.47 17.66 -107.53
N LYS GB 126 -52.41 18.41 -107.33
CA LYS GB 126 -52.30 19.80 -107.73
C LYS GB 126 -51.25 19.93 -108.83
N HIS GB 127 -51.12 21.15 -109.36
CA HIS GB 127 -50.05 21.43 -110.29
C HIS GB 127 -48.72 21.31 -109.57
N PRO GB 128 -47.66 20.85 -110.25
CA PRO GB 128 -46.37 20.63 -109.56
C PRO GB 128 -45.79 21.87 -108.92
N GLU GB 129 -46.13 23.08 -109.41
CA GLU GB 129 -45.57 24.29 -108.82
C GLU GB 129 -46.02 24.52 -107.38
N GLU GB 130 -47.18 24.02 -106.99
CA GLU GB 130 -47.60 24.11 -105.60
C GLU GB 130 -47.05 22.96 -104.74
N ILE GB 131 -46.95 21.76 -105.31
CA ILE GB 131 -46.47 20.62 -104.55
C ILE GB 131 -44.97 20.75 -104.28
N PHE GB 132 -44.18 20.83 -105.34
CA PHE GB 132 -42.74 20.98 -105.17
C PHE GB 132 -42.40 22.40 -104.74
N PRO GB 133 -41.41 22.57 -103.87
CA PRO GB 133 -41.00 23.93 -103.48
C PRO GB 133 -40.24 24.61 -104.59
N LYS GB 134 -40.05 25.92 -104.43
CA LYS GB 134 -39.33 26.73 -105.41
C LYS GB 134 -37.89 26.24 -105.49
N GLN GB 135 -37.53 25.66 -106.64
CA GLN GB 135 -36.17 25.16 -106.83
C GLN GB 135 -35.25 26.28 -107.29
N ARG GB 136 -34.05 26.30 -106.74
CA ARG GB 136 -33.09 27.33 -107.08
C ARG GB 136 -32.62 27.18 -108.53
N ALA GB 137 -32.57 28.30 -109.25
CA ALA GB 137 -32.13 28.27 -110.63
C ALA GB 137 -30.61 28.08 -110.69
N ILE GB 138 -30.14 27.74 -111.89
CA ILE GB 138 -28.70 27.56 -112.11
C ILE GB 138 -27.99 28.89 -111.91
N GLN GB 139 -26.80 28.84 -111.30
CA GLN GB 139 -26.06 30.05 -110.96
C GLN GB 139 -24.90 30.35 -111.88
N TRP GB 140 -24.36 29.34 -112.57
CA TRP GB 140 -23.19 29.52 -113.41
C TRP GB 140 -23.39 28.80 -114.73
N GLY GB 141 -22.70 29.28 -115.76
CA GLY GB 141 -22.77 28.69 -117.08
C GLY GB 141 -21.88 27.47 -117.19
N GLU GB 142 -21.76 26.98 -118.44
CA GLU GB 142 -20.89 25.84 -118.71
C GLU GB 142 -19.43 26.14 -118.42
N ASP GB 143 -19.01 27.39 -118.57
CA ASP GB 143 -17.63 27.79 -118.26
C ASP GB 143 -17.38 27.97 -116.77
N GLY GB 144 -18.43 27.91 -115.95
CA GLY GB 144 -18.30 28.05 -114.51
C GLY GB 144 -18.44 29.47 -113.99
N ARG GB 145 -18.51 30.45 -114.88
CA ARG GB 145 -18.65 31.84 -114.43
C ARG GB 145 -20.05 32.08 -113.89
N PRO GB 146 -20.19 32.54 -112.65
CA PRO GB 146 -21.52 32.84 -112.12
C PRO GB 146 -22.21 33.95 -112.90
N PHE GB 147 -23.54 33.87 -112.94
CA PHE GB 147 -24.32 34.84 -113.70
C PHE GB 147 -24.43 36.17 -112.95
N HIS GB 148 -25.02 36.14 -111.75
CA HIS GB 148 -25.20 37.36 -110.99
C HIS GB 148 -23.86 37.80 -110.37
N PHE GB 149 -23.72 39.10 -110.18
CA PHE GB 149 -22.46 39.66 -109.70
C PHE GB 149 -22.31 39.57 -108.18
N LEU GB 150 -23.33 39.11 -107.46
CA LEU GB 150 -23.27 38.93 -106.02
C LEU GB 150 -23.38 37.46 -105.63
N PHE GB 151 -22.94 36.57 -106.51
CA PHE GB 151 -23.02 35.14 -106.24
C PHE GB 151 -22.16 34.75 -105.04
N TYR GB 152 -20.95 35.30 -104.93
CA TYR GB 152 -20.02 34.95 -103.87
C TYR GB 152 -20.39 35.59 -102.53
N THR GB 153 -21.54 36.23 -102.42
CA THR GB 153 -21.99 36.84 -101.18
C THR GB 153 -22.90 35.93 -100.37
N GLY GB 154 -23.15 34.71 -100.84
CA GLY GB 154 -23.99 33.77 -100.12
C GLY GB 154 -25.47 33.93 -100.43
N LYS GB 155 -25.98 35.16 -100.35
CA LYS GB 155 -27.38 35.46 -100.59
C LYS GB 155 -27.43 36.44 -101.75
N GLN GB 156 -27.35 35.92 -102.98
CA GLN GB 156 -27.29 36.77 -104.16
C GLN GB 156 -28.63 37.41 -104.48
N SER GB 157 -29.73 36.88 -103.95
CA SER GB 157 -31.03 37.51 -104.16
C SER GB 157 -31.32 38.58 -103.12
N TYR GB 158 -31.16 38.25 -101.84
CA TYR GB 158 -31.37 39.23 -100.78
C TYR GB 158 -30.41 40.40 -100.89
N TYR GB 159 -29.13 40.11 -101.15
CA TYR GB 159 -28.16 41.20 -101.26
C TYR GB 159 -28.37 42.03 -102.52
N SER GB 160 -28.79 41.42 -103.62
CA SER GB 160 -29.15 42.20 -104.80
C SER GB 160 -30.34 43.11 -104.51
N LEU GB 161 -31.35 42.58 -103.80
CA LEU GB 161 -32.49 43.41 -103.43
C LEU GB 161 -32.07 44.57 -102.54
N MET GB 162 -31.20 44.31 -101.57
CA MET GB 162 -30.70 45.37 -100.71
C MET GB 162 -29.91 46.42 -101.50
N HIS GB 163 -29.07 45.97 -102.44
CA HIS GB 163 -28.32 46.90 -103.27
C HIS GB 163 -29.22 47.76 -104.13
N ASP GB 164 -30.26 47.16 -104.73
CA ASP GB 164 -31.20 47.93 -105.52
C ASP GB 164 -31.97 48.92 -104.67
N THR GB 165 -32.38 48.50 -103.46
CA THR GB 165 -33.09 49.42 -102.57
C THR GB 165 -32.20 50.59 -102.17
N TYR GB 166 -30.93 50.32 -101.85
CA TYR GB 166 -30.01 51.39 -101.50
C TYR GB 166 -29.74 52.31 -102.68
N GLY GB 167 -29.61 51.77 -103.90
CA GLY GB 167 -29.45 52.60 -105.07
C GLY GB 167 -30.64 53.49 -105.34
N LYS GB 168 -31.85 52.96 -105.19
CA LYS GB 168 -33.05 53.77 -105.32
C LYS GB 168 -33.15 54.82 -104.22
N LEU GB 169 -32.74 54.49 -102.99
CA LEU GB 169 -32.70 55.48 -101.92
C LEU GB 169 -31.74 56.62 -102.26
N LEU GB 170 -30.57 56.28 -102.78
CA LEU GB 170 -29.61 57.31 -103.18
C LEU GB 170 -30.14 58.15 -104.33
N ASP GB 171 -30.81 57.53 -105.30
CA ASP GB 171 -31.41 58.29 -106.40
C ASP GB 171 -32.48 59.24 -105.88
N VAL GB 172 -33.33 58.77 -104.96
CA VAL GB 172 -34.34 59.64 -104.37
C VAL GB 172 -33.68 60.79 -103.61
N GLU GB 173 -32.62 60.50 -102.86
CA GLU GB 173 -31.95 61.56 -102.10
C GLU GB 173 -31.34 62.60 -103.02
N LYS GB 174 -30.66 62.18 -104.08
CA LYS GB 174 -30.05 63.16 -104.99
C LYS GB 174 -31.11 63.95 -105.76
N HIS GB 175 -32.20 63.29 -106.18
CA HIS GB 175 -33.28 64.01 -106.85
C HIS GB 175 -33.93 65.04 -105.91
N HIS GB 176 -34.14 64.67 -104.65
CA HIS GB 176 -34.71 65.60 -103.69
C HIS GB 176 -33.77 66.75 -103.38
N ASN GB 177 -32.46 66.48 -103.32
CA ASN GB 177 -31.49 67.56 -103.14
C ASN GB 177 -31.53 68.53 -104.32
N GLN GB 178 -31.57 68.00 -105.54
CA GLN GB 178 -31.67 68.86 -106.71
C GLN GB 178 -32.97 69.66 -106.72
N LEU GB 179 -34.08 69.04 -106.34
CA LEU GB 179 -35.35 69.74 -106.29
C LEU GB 179 -35.33 70.83 -105.24
N ARG GB 180 -34.75 70.57 -104.07
CA ARG GB 180 -34.63 71.61 -103.05
C ARG GB 180 -33.71 72.74 -103.50
N ALA GB 181 -32.65 72.42 -104.24
CA ALA GB 181 -31.79 73.45 -104.80
C ALA GB 181 -32.55 74.32 -105.79
N LYS GB 182 -33.40 73.71 -106.62
CA LYS GB 182 -34.24 74.45 -107.55
C LYS GB 182 -35.43 75.10 -106.87
N ASP GB 183 -35.66 74.80 -105.58
CA ASP GB 183 -36.76 75.38 -104.79
C ASP GB 183 -38.12 74.97 -105.38
N LEU GB 184 -38.31 73.66 -105.48
CA LEU GB 184 -39.55 73.08 -105.99
C LEU GB 184 -39.99 71.98 -105.04
N LEU GB 185 -41.29 71.92 -104.76
CA LEU GB 185 -41.87 70.90 -103.89
C LEU GB 185 -43.14 70.37 -104.57
N ALA GB 186 -43.04 69.20 -105.17
CA ALA GB 186 -44.17 68.56 -105.84
C ALA GB 186 -44.54 67.22 -105.24
N GLU GB 187 -43.72 66.65 -104.36
CA GLU GB 187 -44.00 65.36 -103.77
C GLU GB 187 -44.96 65.52 -102.60
N LYS GB 188 -45.57 64.39 -102.21
CA LYS GB 188 -46.51 64.34 -101.10
C LYS GB 188 -46.14 63.16 -100.20
N THR GB 189 -46.84 63.06 -99.06
CA THR GB 189 -46.61 61.99 -98.10
C THR GB 189 -47.48 60.81 -98.49
N LYS GB 190 -46.85 59.79 -99.06
CA LYS GB 190 -47.55 58.58 -99.51
C LYS GB 190 -47.22 57.38 -98.63
N ILE GB 191 -46.85 57.63 -97.38
CA ILE GB 191 -46.50 56.55 -96.45
C ILE GB 191 -47.65 56.17 -95.52
N LEU GB 192 -48.65 57.04 -95.36
CA LEU GB 192 -49.78 56.77 -94.48
C LEU GB 192 -50.79 55.92 -95.23
N LYS GB 193 -50.81 54.62 -94.95
CA LYS GB 193 -51.72 53.67 -95.57
C LYS GB 193 -52.65 53.05 -94.54
N ASP GB 194 -52.97 53.81 -93.50
CA ASP GB 194 -53.86 53.29 -92.46
C ASP GB 194 -55.25 52.93 -92.99
N PRO GB 195 -55.94 53.81 -93.74
CA PRO GB 195 -57.26 53.40 -94.27
C PRO GB 195 -57.20 52.19 -95.20
N ILE GB 196 -56.14 52.04 -95.98
CA ILE GB 196 -56.00 50.87 -96.84
C ILE GB 196 -55.83 49.61 -96.01
N GLY GB 197 -55.01 49.68 -94.96
CA GLY GB 197 -54.72 48.51 -94.14
C GLY GB 197 -53.52 47.74 -94.63
N SER GB 198 -52.45 48.46 -94.96
CA SER GB 198 -51.24 47.85 -95.50
C SER GB 198 -50.26 47.52 -94.39
N ARG GB 199 -49.57 46.38 -94.54
CA ARG GB 199 -48.56 45.94 -93.60
C ARG GB 199 -47.31 45.53 -94.38
N TRP GB 200 -46.24 45.28 -93.63
CA TRP GB 200 -44.99 44.83 -94.23
C TRP GB 200 -44.98 43.31 -94.36
N LEU GB 201 -44.10 42.82 -95.23
CA LEU GB 201 -43.99 41.39 -95.46
C LEU GB 201 -43.44 40.69 -94.23
N ILE GB 202 -43.92 39.46 -93.99
CA ILE GB 202 -43.40 38.62 -92.92
C ILE GB 202 -42.19 37.85 -93.45
N LYS GB 203 -41.45 37.21 -92.55
CA LYS GB 203 -40.26 36.46 -92.95
C LYS GB 203 -40.61 35.35 -93.93
N GLU GB 204 -41.72 34.63 -93.69
CA GLU GB 204 -42.15 33.59 -94.59
C GLU GB 204 -42.53 34.14 -95.96
N GLU GB 205 -43.22 35.29 -95.97
CA GLU GB 205 -43.57 35.91 -97.25
C GLU GB 205 -42.32 36.32 -98.03
N LEU GB 206 -41.32 36.88 -97.36
CA LEU GB 206 -40.08 37.22 -98.04
C LEU GB 206 -39.33 35.99 -98.52
N GLU GB 207 -39.34 34.91 -97.74
CA GLU GB 207 -38.73 33.66 -98.18
C GLU GB 207 -39.49 33.01 -99.33
N GLU GB 208 -40.76 33.34 -99.50
CA GLU GB 208 -41.50 32.90 -100.68
C GLU GB 208 -41.03 33.62 -101.93
N MET GB 209 -40.81 34.94 -101.84
CA MET GB 209 -40.35 35.70 -102.98
C MET GB 209 -38.91 35.35 -103.33
N LEU GB 210 -38.04 35.29 -102.33
CA LEU GB 210 -36.62 34.98 -102.54
C LEU GB 210 -36.41 33.50 -102.25
N VAL GB 211 -35.97 32.75 -103.26
CA VAL GB 211 -35.87 31.30 -103.14
C VAL GB 211 -34.91 30.91 -102.02
N GLU GB 212 -33.84 31.67 -101.86
CA GLU GB 212 -32.86 31.39 -100.82
C GLU GB 212 -33.45 31.65 -99.44
N LYS GB 213 -32.88 30.97 -98.44
CA LYS GB 213 -33.34 31.14 -97.07
C LYS GB 213 -32.98 32.51 -96.53
N LEU GB 214 -33.72 32.93 -95.50
CA LEU GB 214 -33.56 34.24 -94.89
C LEU GB 214 -33.38 34.09 -93.39
N SER GB 215 -32.92 35.16 -92.76
CA SER GB 215 -32.67 35.22 -91.33
C SER GB 215 -33.58 36.27 -90.70
N ASP GB 216 -33.33 36.57 -89.42
CA ASP GB 216 -34.09 37.58 -88.71
C ASP GB 216 -33.42 38.95 -88.78
N GLN GB 217 -32.11 39.01 -88.56
CA GLN GB 217 -31.40 40.29 -88.58
C GLN GB 217 -31.45 40.94 -89.95
N ASP GB 218 -31.24 40.14 -91.01
CA ASP GB 218 -31.28 40.70 -92.36
C ASP GB 218 -32.68 41.17 -92.73
N TYR GB 219 -33.71 40.41 -92.32
CA TYR GB 219 -35.07 40.85 -92.55
C TYR GB 219 -35.37 42.16 -91.83
N ALA GB 220 -34.91 42.29 -90.58
CA ALA GB 220 -35.09 43.54 -89.85
C ALA GB 220 -34.37 44.69 -90.54
N GLN GB 221 -33.15 44.45 -91.03
CA GLN GB 221 -32.44 45.47 -91.78
C GLN GB 221 -33.18 45.89 -93.03
N PHE GB 222 -33.75 44.91 -93.77
CA PHE GB 222 -34.49 45.24 -94.98
C PHE GB 222 -35.73 46.05 -94.66
N ILE GB 223 -36.45 45.69 -93.60
CA ILE GB 223 -37.64 46.46 -93.21
C ILE GB 223 -37.26 47.87 -92.79
N ARG GB 224 -36.19 48.00 -92.01
CA ARG GB 224 -35.76 49.33 -91.55
C ARG GB 224 -35.22 50.18 -92.70
N LEU GB 225 -34.70 49.55 -93.76
CA LEU GB 225 -34.34 50.32 -94.95
C LEU GB 225 -35.56 50.71 -95.77
N LEU GB 226 -36.56 49.82 -95.84
CA LEU GB 226 -37.80 50.16 -96.55
C LEU GB 226 -38.51 51.34 -95.89
N GLU GB 227 -38.55 51.35 -94.55
CA GLU GB 227 -39.17 52.49 -93.87
C GLU GB 227 -38.36 53.77 -94.06
N ARG GB 228 -37.03 53.67 -94.10
CA ARG GB 228 -36.20 54.84 -94.42
C ARG GB 228 -36.53 55.36 -95.81
N LEU GB 229 -36.65 54.47 -96.79
CA LEU GB 229 -37.00 54.87 -98.15
C LEU GB 229 -38.38 55.51 -98.22
N SER GB 230 -39.36 54.95 -97.52
CA SER GB 230 -40.71 55.52 -97.48
C SER GB 230 -40.79 56.84 -96.74
N ALA GB 231 -39.89 57.09 -95.79
CA ALA GB 231 -39.88 58.35 -95.04
C ALA GB 231 -39.40 59.53 -95.88
N LEU GB 232 -38.82 59.29 -97.05
CA LEU GB 232 -38.34 60.34 -97.92
C LEU GB 232 -39.39 60.67 -98.98
N PRO GB 233 -39.31 61.86 -99.59
CA PRO GB 233 -40.24 62.21 -100.67
C PRO GB 233 -40.30 61.15 -101.76
N CYS GB 234 -41.45 60.51 -101.91
CA CYS GB 234 -41.59 59.38 -102.83
C CYS GB 234 -41.54 59.84 -104.27
N GLY GB 235 -40.92 59.03 -105.11
CA GLY GB 235 -40.86 59.28 -106.54
C GLY GB 235 -42.00 58.62 -107.27
N ALA GB 236 -41.87 58.58 -108.61
CA ALA GB 236 -42.90 57.97 -109.43
C ALA GB 236 -42.74 56.46 -109.48
N THR GB 237 -41.54 55.99 -109.80
CA THR GB 237 -41.26 54.55 -109.89
C THR GB 237 -40.93 53.93 -108.54
N GLU GB 238 -40.72 54.75 -107.51
CA GLU GB 238 -40.39 54.21 -106.19
C GLU GB 238 -41.63 53.66 -105.48
N GLU GB 239 -42.78 54.32 -105.65
CA GLU GB 239 -43.98 53.90 -104.96
C GLU GB 239 -44.46 52.52 -105.40
N ASP GB 240 -44.46 52.26 -106.71
CA ASP GB 240 -44.85 50.93 -107.17
C ASP GB 240 -43.89 49.84 -106.70
N PHE GB 241 -42.59 50.15 -106.64
CA PHE GB 241 -41.63 49.18 -106.12
C PHE GB 241 -41.86 48.91 -104.64
N VAL GB 242 -42.16 49.94 -103.86
CA VAL GB 242 -42.34 49.74 -102.43
C VAL GB 242 -43.70 49.12 -102.13
N ASN GB 243 -44.66 49.23 -103.05
CA ASN GB 243 -45.98 48.67 -102.81
C ASN GB 243 -46.01 47.15 -102.94
N ARG GB 244 -45.09 46.58 -103.73
CA ARG GB 244 -45.09 45.14 -103.91
C ARG GB 244 -44.65 44.40 -102.65
N PHE GB 245 -44.11 45.11 -101.65
CA PHE GB 245 -43.78 44.52 -100.36
C PHE GB 245 -44.85 44.79 -99.31
N ARG GB 246 -46.01 45.29 -99.74
CA ARG GB 246 -47.12 45.59 -98.85
C ARG GB 246 -48.17 44.50 -98.93
N ARG GB 247 -48.81 44.20 -97.79
CA ARG GB 247 -49.88 43.16 -97.75
C ARG GB 247 -51.13 43.77 -97.13
N SER GB 248 -52.32 43.42 -97.64
CA SER GB 248 -53.58 43.93 -97.06
C SER GB 248 -54.00 43.08 -95.85
N ILE GB 249 -54.51 43.72 -94.81
CA ILE GB 249 -54.98 42.98 -93.60
C ILE GB 249 -56.50 42.78 -93.69
N PRO GB 250 -57.09 41.71 -93.12
CA PRO GB 250 -58.54 41.52 -93.10
C PRO GB 250 -59.28 42.50 -92.18
N ILE GB 251 -60.60 42.60 -92.33
CA ILE GB 251 -61.42 43.50 -91.47
C ILE GB 251 -61.32 43.03 -90.02
N GLN GB 252 -61.00 43.94 -89.10
CA GLN GB 252 -60.87 43.58 -87.66
C GLN GB 252 -62.15 43.97 -86.94
N SER GB 253 -63.22 44.27 -87.69
CA SER GB 253 -64.49 44.67 -87.09
C SER GB 253 -65.09 43.45 -86.39
N LYS GB 254 -65.44 43.62 -85.11
CA LYS GB 254 -66.06 42.57 -84.32
C LYS GB 254 -67.56 42.77 -84.17
N LYS GB 255 -68.15 43.67 -84.96
CA LYS GB 255 -69.57 43.95 -84.87
C LYS GB 255 -70.38 42.72 -85.29
N GLN GB 256 -71.32 42.32 -84.45
CA GLN GB 256 -72.13 41.13 -84.72
C GLN GB 256 -73.28 41.48 -85.66
N LEU GB 257 -73.91 40.44 -86.20
CA LEU GB 257 -75.03 40.61 -87.12
C LEU GB 257 -76.33 40.77 -86.34
N ILE GB 258 -77.07 41.83 -86.66
CA ILE GB 258 -78.34 42.12 -86.01
C ILE GB 258 -79.46 41.51 -86.83
N GLU GB 259 -80.25 40.64 -86.20
CA GLU GB 259 -81.35 40.01 -86.92
C GLU GB 259 -82.47 41.01 -87.15
N PRO GB 260 -83.03 41.07 -88.36
CA PRO GB 260 -84.14 41.99 -88.63
C PRO GB 260 -85.38 41.59 -87.85
N LEU GB 261 -86.21 42.60 -87.56
CA LEU GB 261 -87.49 42.35 -86.91
C LEU GB 261 -88.38 41.50 -87.80
N GLN GB 262 -89.01 40.49 -87.22
CA GLN GB 262 -89.86 39.58 -87.97
C GLN GB 262 -91.31 39.70 -87.52
N TYR GB 263 -92.22 39.52 -88.48
CA TYR GB 263 -93.66 39.59 -88.23
C TYR GB 263 -94.29 38.29 -88.70
N ASP GB 264 -94.64 37.43 -87.75
CA ASP GB 264 -95.22 36.12 -88.06
C ASP GB 264 -96.60 36.03 -87.44
N GLU GB 265 -97.59 35.65 -88.24
CA GLU GB 265 -98.97 35.47 -87.80
C GLU GB 265 -99.50 36.74 -87.14
N GLN GB 266 -99.58 37.80 -87.96
CA GLN GB 266 -100.02 39.14 -87.56
C GLN GB 266 -99.47 39.55 -86.19
N GLY GB 267 -98.23 39.17 -85.90
CA GLY GB 267 -97.58 39.52 -84.65
C GLY GB 267 -96.44 40.49 -84.91
N MET GB 268 -96.51 41.64 -84.25
CA MET GB 268 -95.54 42.70 -84.45
C MET GB 268 -94.42 42.61 -83.41
N ALA GB 269 -93.22 42.99 -83.84
CA ALA GB 269 -92.04 43.04 -82.98
C ALA GB 269 -91.74 41.66 -82.37
N PHE GB 270 -91.49 40.70 -83.25
CA PHE GB 270 -91.19 39.33 -82.88
C PHE GB 270 -89.74 39.01 -83.26
N SER GB 271 -88.97 38.53 -82.27
CA SER GB 271 -87.56 38.21 -82.50
C SER GB 271 -87.24 36.90 -81.79
N ARG GB 272 -86.12 36.29 -82.19
CA ARG GB 272 -85.68 35.02 -81.63
C ARG GB 272 -84.19 35.07 -81.36
N GLY GB 273 -83.77 34.37 -80.30
CA GLY GB 273 -82.37 34.30 -79.94
C GLY GB 273 -82.02 32.94 -79.37
N GLU GB 274 -80.74 32.61 -79.49
CA GLU GB 274 -80.22 31.32 -79.04
C GLU GB 274 -79.05 31.54 -78.11
N GLY GB 275 -78.92 30.69 -77.10
CA GLY GB 275 -77.82 30.78 -76.16
C GLY GB 275 -77.38 29.41 -75.68
N LYS GB 276 -76.09 29.32 -75.34
CA LYS GB 276 -75.51 28.08 -74.84
C LYS GB 276 -74.51 28.43 -73.74
N ARG GB 277 -74.59 27.71 -72.62
CA ARG GB 277 -73.63 27.88 -71.54
C ARG GB 277 -73.63 26.63 -70.68
N LYS GB 278 -72.49 25.93 -70.65
CA LYS GB 278 -72.29 24.77 -69.79
C LYS GB 278 -73.34 23.69 -70.05
N THR GB 279 -73.33 23.18 -71.29
CA THR GB 279 -74.23 22.10 -71.72
C THR GB 279 -75.69 22.45 -71.47
N ALA GB 280 -76.07 23.68 -71.81
CA ALA GB 280 -77.44 24.14 -71.66
C ALA GB 280 -77.82 24.95 -72.90
N LYS GB 281 -78.82 24.48 -73.64
CA LYS GB 281 -79.27 25.15 -74.84
C LYS GB 281 -80.61 25.84 -74.58
N ALA GB 282 -80.67 27.13 -74.89
CA ALA GB 282 -81.87 27.92 -74.63
C ALA GB 282 -82.26 28.70 -75.88
N GLU GB 283 -83.52 28.61 -76.27
CA GLU GB 283 -84.08 29.40 -77.36
C GLU GB 283 -85.19 30.28 -76.81
N VAL GB 284 -85.08 31.58 -77.04
CA VAL GB 284 -85.99 32.57 -76.45
C VAL GB 284 -86.63 33.38 -77.57
N VAL GB 285 -87.95 33.46 -77.57
CA VAL GB 285 -88.70 34.33 -78.48
C VAL GB 285 -89.24 35.51 -77.69
N VAL GB 286 -89.08 36.71 -78.25
CA VAL GB 286 -89.43 37.95 -77.58
C VAL GB 286 -90.42 38.71 -78.43
N TYR GB 287 -91.51 39.16 -77.82
CA TYR GB 287 -92.50 40.02 -78.46
C TYR GB 287 -92.40 41.40 -77.82
N GLY GB 288 -92.20 42.42 -78.65
CA GLY GB 288 -92.01 43.78 -78.18
C GLY GB 288 -93.26 44.56 -77.89
N GLN GB 289 -94.44 43.97 -78.07
CA GLN GB 289 -95.69 44.67 -77.84
C GLN GB 289 -96.41 44.25 -76.56
N GLY GB 290 -96.01 43.14 -75.94
CA GLY GB 290 -96.66 42.65 -74.75
C GLY GB 290 -96.04 43.21 -73.48
N SER GB 291 -96.64 42.82 -72.35
CA SER GB 291 -96.17 43.23 -71.04
C SER GB 291 -94.94 42.40 -70.65
N GLY GB 292 -94.31 42.79 -69.54
CA GLY GB 292 -93.13 42.10 -69.08
C GLY GB 292 -93.40 40.84 -68.30
N ARG GB 293 -93.21 39.68 -68.93
CA ARG GB 293 -93.36 38.40 -68.26
C ARG GB 293 -92.62 37.34 -69.05
N ILE GB 294 -92.17 36.30 -68.34
CA ILE GB 294 -91.39 35.22 -68.91
C ILE GB 294 -92.14 33.92 -68.73
N ASP GB 295 -92.26 33.15 -69.81
CA ASP GB 295 -92.88 31.82 -69.78
C ASP GB 295 -91.82 30.82 -70.19
N VAL GB 296 -91.35 30.01 -69.23
CA VAL GB 296 -90.26 29.06 -69.46
C VAL GB 296 -90.81 27.65 -69.36
N ASN GB 297 -90.69 26.89 -70.45
CA ASN GB 297 -91.09 25.49 -70.49
C ASN GB 297 -92.56 25.31 -70.11
N GLY GB 298 -93.39 26.30 -70.45
CA GLY GB 298 -94.80 26.25 -70.14
C GLY GB 298 -95.17 26.73 -68.76
N VAL GB 299 -94.20 27.07 -67.93
CA VAL GB 299 -94.45 27.55 -66.57
C VAL GB 299 -93.78 28.91 -66.41
N ASP GB 300 -94.22 29.65 -65.40
CA ASP GB 300 -93.67 30.98 -65.17
C ASP GB 300 -92.26 30.89 -64.58
N TYR GB 301 -91.48 31.95 -64.80
CA TYR GB 301 -90.12 31.99 -64.33
C TYR GB 301 -90.03 31.94 -62.81
N LEU GB 302 -91.02 32.49 -62.10
CA LEU GB 302 -90.99 32.43 -60.64
C LEU GB 302 -91.03 31.00 -60.15
N LEU GB 303 -91.87 30.16 -60.76
CA LEU GB 303 -91.93 28.75 -60.39
C LEU GB 303 -90.74 27.97 -60.91
N TYR GB 304 -90.22 28.30 -62.09
CA TYR GB 304 -89.13 27.52 -62.66
C TYR GB 304 -87.77 27.85 -62.04
N PHE GB 305 -87.62 29.03 -61.44
CA PHE GB 305 -86.37 29.45 -60.81
C PHE GB 305 -86.67 29.93 -59.39
N PRO GB 306 -86.79 29.00 -58.44
CA PRO GB 306 -87.02 29.41 -57.04
C PRO GB 306 -85.90 30.28 -56.49
N VAL GB 307 -84.67 30.08 -56.94
CA VAL GB 307 -83.53 30.84 -56.42
C VAL GB 307 -83.57 32.26 -56.97
N THR GB 308 -83.34 33.23 -56.09
CA THR GB 308 -83.36 34.64 -56.49
C THR GB 308 -82.20 34.98 -57.44
N GLN GB 309 -81.06 34.32 -57.31
CA GLN GB 309 -79.94 34.60 -58.20
C GLN GB 309 -80.27 34.23 -59.64
N ASP GB 310 -80.99 33.12 -59.84
CA ASP GB 310 -81.41 32.75 -61.18
C ASP GB 310 -82.34 33.79 -61.78
N ARG GB 311 -83.26 34.32 -60.98
CA ARG GB 311 -84.13 35.38 -61.46
C ARG GB 311 -83.37 36.69 -61.66
N GLU GB 312 -82.34 36.93 -60.86
CA GLU GB 312 -81.46 38.08 -61.14
C GLU GB 312 -80.73 37.91 -62.46
N GLN GB 313 -80.39 36.68 -62.85
CA GLN GB 313 -79.83 36.44 -64.17
C GLN GB 313 -80.80 36.85 -65.26
N LEU GB 314 -82.09 36.55 -65.11
CA LEU GB 314 -83.08 37.00 -66.06
C LEU GB 314 -83.21 38.52 -66.06
N MET GB 315 -83.14 39.14 -64.88
CA MET GB 315 -83.29 40.58 -64.77
C MET GB 315 -82.09 41.34 -65.32
N PHE GB 316 -80.92 40.71 -65.35
CA PHE GB 316 -79.71 41.40 -65.78
C PHE GB 316 -79.81 42.02 -67.17
N PRO GB 317 -80.26 41.32 -68.22
CA PRO GB 317 -80.35 41.98 -69.54
C PRO GB 317 -81.44 43.03 -69.62
N LEU GB 318 -82.64 42.75 -69.09
CA LEU GB 318 -83.74 43.71 -69.19
C LEU GB 318 -83.44 44.99 -68.41
N HIS GB 319 -82.86 44.87 -67.21
CA HIS GB 319 -82.53 46.05 -66.42
C HIS GB 319 -81.48 46.92 -67.09
N PHE GB 320 -80.58 46.33 -67.89
CA PHE GB 320 -79.58 47.12 -68.58
C PHE GB 320 -80.20 47.96 -69.70
N LEU GB 321 -81.29 47.48 -70.29
CA LEU GB 321 -81.97 48.20 -71.36
C LEU GB 321 -83.23 48.92 -70.88
N ASP GB 322 -83.56 48.82 -69.60
CA ASP GB 322 -84.78 49.43 -69.05
C ASP GB 322 -86.02 48.98 -69.81
N ARG GB 323 -86.08 47.70 -70.13
CA ARG GB 323 -87.20 47.09 -70.85
C ARG GB 323 -87.88 46.02 -70.00
N LEU GB 324 -88.01 46.29 -68.69
CA LEU GB 324 -88.57 45.30 -67.78
C LEU GB 324 -90.02 44.99 -68.12
N GLY GB 325 -90.83 46.03 -68.33
CA GLY GB 325 -92.24 45.84 -68.60
C GLY GB 325 -92.67 46.23 -70.00
N LYS GB 326 -91.81 45.96 -70.99
CA LYS GB 326 -92.11 46.33 -72.36
C LYS GB 326 -91.97 45.17 -73.34
N HIS GB 327 -91.59 43.97 -72.89
CA HIS GB 327 -91.42 42.83 -73.76
C HIS GB 327 -91.89 41.57 -73.05
N ASP GB 328 -92.51 40.67 -73.82
CA ASP GB 328 -92.98 39.39 -73.31
C ASP GB 328 -92.12 38.29 -73.92
N MET GB 329 -91.56 37.43 -73.08
CA MET GB 329 -90.59 36.45 -73.54
C MET GB 329 -91.04 35.04 -73.20
N THR GB 330 -90.84 34.13 -74.16
CA THR GB 330 -91.09 32.71 -73.97
C THR GB 330 -89.82 31.95 -74.29
N CYS GB 331 -89.39 31.10 -73.36
CA CYS GB 331 -88.10 30.44 -73.45
C CYS GB 331 -88.28 28.93 -73.39
N ALA GB 332 -87.37 28.23 -74.07
CA ALA GB 332 -87.28 26.77 -74.01
C ALA GB 332 -85.81 26.43 -73.79
N VAL GB 333 -85.50 25.89 -72.62
CA VAL GB 333 -84.13 25.60 -72.22
C VAL GB 333 -84.03 24.15 -71.80
N SER GB 334 -82.96 23.48 -72.25
CA SER GB 334 -82.73 22.08 -71.94
C SER GB 334 -81.26 21.87 -71.61
N GLY GB 335 -81.01 20.89 -70.74
CA GLY GB 335 -79.66 20.53 -70.36
C GLY GB 335 -79.10 21.41 -69.25
N GLY GB 336 -78.11 20.86 -68.55
CA GLY GB 336 -77.46 21.58 -67.49
C GLY GB 336 -78.30 21.65 -66.23
N GLY GB 337 -77.76 22.36 -65.24
CA GLY GB 337 -78.42 22.59 -63.98
C GLY GB 337 -79.16 23.91 -63.94
N ARG GB 338 -79.55 24.33 -62.73
CA ARG GB 338 -80.29 25.57 -62.58
C ARG GB 338 -79.48 26.77 -63.05
N SER GB 339 -78.25 26.91 -62.56
CA SER GB 339 -77.39 28.02 -62.95
C SER GB 339 -77.01 27.98 -64.42
N ALA GB 340 -76.72 26.79 -64.97
CA ALA GB 340 -76.42 26.68 -66.39
C ALA GB 340 -77.62 27.10 -67.24
N GLN GB 341 -78.83 26.67 -66.87
CA GLN GB 341 -80.02 27.09 -67.60
C GLN GB 341 -80.24 28.59 -67.48
N ALA GB 342 -80.01 29.15 -66.29
CA ALA GB 342 -80.13 30.60 -66.12
C ALA GB 342 -79.16 31.36 -67.01
N GLY GB 343 -77.90 30.92 -67.05
CA GLY GB 343 -76.94 31.54 -67.95
C GLY GB 343 -77.30 31.41 -69.41
N ALA GB 344 -77.76 30.23 -69.82
CA ALA GB 344 -78.14 30.02 -71.22
C ALA GB 344 -79.31 30.92 -71.61
N VAL GB 345 -80.35 30.99 -70.77
CA VAL GB 345 -81.48 31.85 -71.09
C VAL GB 345 -81.09 33.33 -71.03
N ARG GB 346 -80.19 33.72 -70.13
CA ARG GB 346 -79.71 35.09 -70.12
C ARG GB 346 -79.00 35.43 -71.43
N LEU GB 347 -78.12 34.54 -71.89
CA LEU GB 347 -77.42 34.78 -73.14
C LEU GB 347 -78.39 34.84 -74.32
N ALA GB 348 -79.36 33.94 -74.36
CA ALA GB 348 -80.32 33.93 -75.46
C ALA GB 348 -81.17 35.18 -75.46
N MET GB 349 -81.62 35.62 -74.28
CA MET GB 349 -82.40 36.85 -74.19
C MET GB 349 -81.58 38.06 -74.60
N ALA GB 350 -80.31 38.12 -74.19
CA ALA GB 350 -79.46 39.23 -74.58
C ALA GB 350 -79.26 39.26 -76.09
N ARG GB 351 -79.05 38.10 -76.71
CA ARG GB 351 -78.87 38.06 -78.15
C ARG GB 351 -80.16 38.38 -78.90
N ALA GB 352 -81.32 38.01 -78.36
CA ALA GB 352 -82.60 38.29 -78.98
C ALA GB 352 -83.02 39.75 -78.84
N LEU GB 353 -82.64 40.43 -77.77
CA LEU GB 353 -83.02 41.82 -77.56
C LEU GB 353 -82.29 42.78 -78.47
N CYS GB 354 -81.30 42.31 -79.22
CA CYS GB 354 -80.52 43.20 -80.08
C CYS GB 354 -81.38 43.85 -81.16
N SER GB 355 -82.44 43.17 -81.61
CA SER GB 355 -83.25 43.71 -82.68
C SER GB 355 -84.11 44.89 -82.22
N PHE GB 356 -84.55 44.88 -80.95
CA PHE GB 356 -85.42 45.91 -80.43
C PHE GB 356 -84.68 47.14 -79.93
N VAL GB 357 -83.36 47.14 -79.98
CA VAL GB 357 -82.55 48.23 -79.43
C VAL GB 357 -81.71 48.83 -80.55
N THR GB 358 -81.29 50.08 -80.34
CA THR GB 358 -80.46 50.78 -81.30
C THR GB 358 -79.05 50.19 -81.29
N GLU GB 359 -78.24 50.60 -82.27
CA GLU GB 359 -76.89 50.07 -82.40
C GLU GB 359 -75.96 50.59 -81.31
N ASP GB 360 -76.35 51.65 -80.61
CA ASP GB 360 -75.49 52.22 -79.57
C ASP GB 360 -75.51 51.37 -78.29
N GLU GB 361 -76.66 50.79 -77.94
CA GLU GB 361 -76.76 50.04 -76.70
C GLU GB 361 -76.45 48.56 -76.86
N VAL GB 362 -76.53 48.03 -78.09
CA VAL GB 362 -76.10 46.65 -78.30
C VAL GB 362 -74.60 46.52 -78.07
N GLU GB 363 -73.83 47.55 -78.46
CA GLU GB 363 -72.40 47.56 -78.17
C GLU GB 363 -72.15 47.70 -76.67
N TRP GB 364 -72.97 48.48 -75.97
CA TRP GB 364 -72.87 48.54 -74.52
C TRP GB 364 -73.14 47.20 -73.87
N MET GB 365 -74.14 46.46 -74.36
CA MET GB 365 -74.39 45.12 -73.84
C MET GB 365 -73.21 44.19 -74.11
N ARG GB 366 -72.66 44.22 -75.33
CA ARG GB 366 -71.53 43.34 -75.63
C ARG GB 366 -70.29 43.71 -74.83
N GLN GB 367 -70.12 44.99 -74.48
CA GLN GB 367 -69.03 45.39 -73.59
C GLN GB 367 -69.31 45.04 -72.14
N ALA GB 368 -70.58 44.99 -71.74
CA ALA GB 368 -70.96 44.55 -70.40
C ALA GB 368 -70.94 43.04 -70.26
N GLY GB 369 -70.85 42.31 -71.36
CA GLY GB 369 -70.71 40.87 -71.31
C GLY GB 369 -71.99 40.09 -71.47
N LEU GB 370 -72.96 40.61 -72.21
CA LEU GB 370 -74.23 39.95 -72.42
C LEU GB 370 -74.29 39.17 -73.72
N LEU GB 371 -73.56 39.61 -74.74
CA LEU GB 371 -73.60 38.98 -76.06
C LEU GB 371 -72.46 37.98 -76.29
N THR GB 372 -71.62 37.75 -75.29
CA THR GB 372 -70.49 36.84 -75.42
C THR GB 372 -70.80 35.54 -74.70
N ALA GB 373 -70.34 34.44 -75.29
CA ALA GB 373 -70.55 33.12 -74.70
C ALA GB 373 -69.61 32.92 -73.50
N ASP GB 374 -69.85 31.84 -72.77
CA ASP GB 374 -69.06 31.50 -71.59
C ASP GB 374 -68.35 30.18 -71.87
N PRO GB 375 -67.09 30.21 -72.34
CA PRO GB 375 -66.38 28.97 -72.65
C PRO GB 375 -65.95 28.16 -71.44
N ARG GB 376 -66.37 28.53 -70.23
CA ARG GB 376 -65.98 27.78 -69.04
C ARG GB 376 -66.72 26.45 -68.97
N VAL GB 377 -66.08 25.38 -69.47
CA VAL GB 377 -66.67 24.05 -69.49
C VAL GB 377 -65.83 23.15 -68.59
N ARG GB 378 -66.49 22.18 -67.96
CA ARG GB 378 -65.79 21.26 -67.09
C ARG GB 378 -64.73 20.48 -67.86
N GLU GB 379 -63.52 20.42 -67.30
CA GLU GB 379 -62.43 19.71 -67.94
C GLU GB 379 -62.54 18.22 -67.68
N ARG GB 380 -62.09 17.43 -68.67
CA ARG GB 380 -62.11 15.98 -68.52
C ARG GB 380 -61.13 15.53 -67.46
N LYS GB 381 -61.56 14.57 -66.65
CA LYS GB 381 -60.67 14.00 -65.64
C LYS GB 381 -59.50 13.29 -66.28
N LYS GB 382 -58.31 13.45 -65.70
CA LYS GB 382 -57.12 12.83 -66.26
C LYS GB 382 -56.80 11.52 -65.53
N PRO GB 383 -56.22 10.54 -66.22
CA PRO GB 383 -55.82 9.30 -65.55
C PRO GB 383 -54.76 9.57 -64.49
N GLY GB 384 -54.84 8.85 -63.38
CA GLY GB 384 -53.92 9.03 -62.28
C GLY GB 384 -54.23 10.20 -61.38
N GLN GB 385 -55.29 10.95 -61.66
CA GLN GB 385 -55.70 12.11 -60.88
C GLN GB 385 -57.11 11.89 -60.36
N GLU GB 386 -57.61 12.86 -59.59
CA GLU GB 386 -58.94 12.78 -59.01
C GLU GB 386 -59.95 13.64 -59.76
N GLY GB 387 -59.68 14.94 -59.88
CA GLY GB 387 -60.63 15.85 -60.52
C GLY GB 387 -60.00 16.68 -61.62
N ALA GB 388 -59.08 16.06 -62.37
CA ALA GB 388 -58.37 16.66 -63.51
C ALA GB 388 -57.35 17.68 -63.05
N ARG GB 389 -57.37 18.05 -61.78
CA ARG GB 389 -56.34 18.87 -61.17
C ARG GB 389 -55.82 18.27 -59.87
N ARG GB 390 -56.70 17.65 -59.08
CA ARG GB 390 -56.32 17.08 -57.79
C ARG GB 390 -55.45 15.85 -58.01
N LYS GB 391 -54.18 15.94 -57.64
CA LYS GB 391 -53.30 14.79 -57.72
C LYS GB 391 -53.48 13.90 -56.49
N PHE GB 392 -53.00 12.66 -56.59
CA PHE GB 392 -53.04 11.76 -55.46
C PHE GB 392 -52.05 12.22 -54.39
N THR GB 393 -52.19 11.65 -53.19
CA THR GB 393 -51.32 12.01 -52.08
C THR GB 393 -49.90 11.55 -52.38
N TRP GB 394 -49.04 12.49 -52.74
CA TRP GB 394 -47.67 12.17 -53.13
C TRP GB 394 -46.81 12.00 -51.88
N LYS GB 395 -46.40 10.77 -51.61
CA LYS GB 395 -45.55 10.47 -50.46
C LYS GB 395 -44.09 10.65 -50.84
N LYS GB 396 -43.39 11.51 -50.09
CA LYS GB 396 -42.00 11.79 -50.40
C LYS GB 396 -41.11 10.57 -50.13
N ARG GB 397 -41.42 9.79 -49.09
CA ARG GB 397 -40.62 8.62 -48.76
C ARG GB 397 -41.51 7.46 -48.32
N LEU HB 49 -61.27 4.85 -128.20
CA LEU HB 49 -61.67 4.45 -129.54
C LEU HB 49 -61.75 2.93 -129.67
N HIS HB 50 -62.69 2.33 -128.94
CA HIS HB 50 -62.87 0.88 -128.95
C HIS HB 50 -63.76 0.51 -130.11
N VAL HB 51 -63.19 -0.13 -131.13
CA VAL HB 51 -63.96 -0.50 -132.32
C VAL HB 51 -64.48 -1.94 -132.27
N ASP HB 52 -63.89 -2.80 -131.44
CA ASP HB 52 -64.32 -4.19 -131.35
C ASP HB 52 -65.34 -4.31 -130.21
N VAL HB 53 -66.53 -3.82 -130.47
CA VAL HB 53 -67.62 -3.82 -129.49
C VAL HB 53 -68.46 -5.08 -129.72
N PRO HB 54 -68.58 -5.96 -128.71
CA PRO HB 54 -69.43 -7.13 -128.87
C PRO HB 54 -70.90 -6.74 -129.01
N LYS HB 55 -71.66 -7.59 -129.69
CA LYS HB 55 -73.06 -7.34 -129.98
C LYS HB 55 -73.94 -8.33 -129.22
N ASP HB 56 -75.14 -7.85 -128.85
CA ASP HB 56 -76.13 -8.65 -128.12
C ASP HB 56 -75.56 -9.14 -126.79
N MET HB 57 -75.13 -8.17 -125.97
CA MET HB 57 -74.56 -8.46 -124.67
C MET HB 57 -75.59 -8.44 -123.54
N THR HB 58 -76.83 -8.01 -123.83
CA THR HB 58 -77.88 -7.89 -122.81
C THR HB 58 -78.79 -9.10 -122.90
N LYS HB 59 -78.67 -10.02 -121.94
CA LYS HB 59 -79.47 -11.24 -121.91
C LYS HB 59 -80.05 -11.42 -120.52
N PRO HB 60 -81.05 -10.61 -120.16
CA PRO HB 60 -81.67 -10.73 -118.83
C PRO HB 60 -82.80 -11.75 -118.81
N GLU HB 61 -83.11 -12.20 -117.60
CA GLU HB 61 -84.19 -13.16 -117.35
C GLU HB 61 -85.11 -12.55 -116.30
N ILE HB 62 -86.12 -11.81 -116.75
CA ILE HB 62 -87.07 -11.14 -115.88
C ILE HB 62 -88.46 -11.68 -116.17
N THR HB 63 -89.15 -12.15 -115.12
CA THR HB 63 -90.50 -12.65 -115.23
C THR HB 63 -91.41 -11.89 -114.27
N ILE HB 64 -92.66 -11.69 -114.69
CA ILE HB 64 -93.66 -10.98 -113.91
C ILE HB 64 -94.60 -12.02 -113.32
N SER HB 65 -94.44 -12.31 -112.03
CA SER HB 65 -95.30 -13.27 -111.36
C SER HB 65 -96.67 -12.65 -111.08
N ASP HB 66 -97.68 -13.52 -111.00
CA ASP HB 66 -99.04 -13.06 -110.73
C ASP HB 66 -99.24 -12.61 -109.29
N GLU HB 67 -98.29 -12.90 -108.40
CA GLU HB 67 -98.42 -12.49 -107.01
C GLU HB 67 -98.36 -10.96 -106.90
N PRO HB 68 -99.20 -10.35 -106.07
CA PRO HB 68 -99.11 -8.91 -105.86
C PRO HB 68 -97.77 -8.52 -105.27
N ASP HB 69 -97.23 -7.38 -105.71
CA ASP HB 69 -95.92 -6.94 -105.24
C ASP HB 69 -96.02 -6.38 -103.83
N THR HB 70 -95.00 -6.65 -103.03
CA THR HB 70 -94.94 -6.14 -101.67
C THR HB 70 -94.75 -4.62 -101.68
N LEU HB 71 -95.44 -3.95 -100.77
CA LEU HB 71 -95.39 -2.51 -100.66
C LEU HB 71 -94.71 -2.11 -99.37
N TYR HB 72 -93.85 -1.09 -99.45
CA TYR HB 72 -93.09 -0.60 -98.31
C TYR HB 72 -93.38 0.87 -98.10
N LYS HB 73 -93.59 1.26 -96.84
CA LYS HB 73 -93.86 2.67 -96.53
C LYS HB 73 -92.57 3.46 -96.41
N ARG HB 74 -91.71 3.10 -95.48
CA ARG HB 74 -90.46 3.80 -95.23
C ARG HB 74 -89.31 2.81 -95.13
N LEU HB 75 -88.21 3.11 -95.80
CA LEU HB 75 -87.01 2.29 -95.78
C LEU HB 75 -85.87 3.14 -95.20
N SER HB 76 -85.41 2.76 -94.01
CA SER HB 76 -84.33 3.48 -93.35
C SER HB 76 -83.04 2.68 -93.48
N VAL HB 77 -81.99 3.34 -93.97
CA VAL HB 77 -80.67 2.73 -94.12
C VAL HB 77 -79.71 3.50 -93.25
N LEU HB 78 -79.23 2.87 -92.18
CA LEU HB 78 -78.28 3.49 -91.26
C LEU HB 78 -76.92 2.85 -91.49
N VAL HB 79 -76.02 3.59 -92.12
CA VAL HB 79 -74.67 3.10 -92.42
C VAL HB 79 -73.73 3.66 -91.36
N LYS HB 80 -73.03 2.78 -90.68
CA LYS HB 80 -72.11 3.13 -89.62
C LYS HB 80 -70.68 2.82 -90.04
N GLY HB 81 -69.78 3.75 -89.73
CA GLY HB 81 -68.39 3.62 -90.14
C GLY HB 81 -67.47 4.29 -89.16
N HIS HB 82 -66.17 4.25 -89.48
CA HIS HB 82 -65.15 4.85 -88.62
C HIS HB 82 -64.75 6.25 -89.08
N ASP HB 83 -64.67 6.47 -90.39
CA ASP HB 83 -64.25 7.75 -90.94
C ASP HB 83 -65.42 8.42 -91.65
N LYS HB 84 -65.29 9.74 -91.84
CA LYS HB 84 -66.36 10.55 -92.40
C LYS HB 84 -66.26 10.71 -93.91
N ALA HB 85 -65.05 10.69 -94.48
CA ALA HB 85 -64.92 10.82 -95.93
C ALA HB 85 -65.56 9.65 -96.66
N VAL HB 86 -65.36 8.44 -96.15
CA VAL HB 86 -65.97 7.26 -96.76
C VAL HB 86 -67.49 7.37 -96.71
N LEU HB 87 -68.03 7.79 -95.58
CA LEU HB 87 -69.49 7.94 -95.46
C LEU HB 87 -70.01 9.01 -96.39
N ASP HB 88 -69.29 10.13 -96.54
CA ASP HB 88 -69.74 11.19 -97.44
C ASP HB 88 -69.74 10.71 -98.88
N SER HB 89 -68.68 10.02 -99.30
CA SER HB 89 -68.63 9.49 -100.66
C SER HB 89 -69.73 8.46 -100.90
N TYR HB 90 -69.96 7.58 -99.92
CA TYR HB 90 -71.02 6.59 -100.03
C TYR HB 90 -72.39 7.25 -100.12
N GLU HB 91 -72.62 8.29 -99.32
CA GLU HB 91 -73.90 9.01 -99.38
C GLU HB 91 -74.09 9.68 -100.73
N TYR HB 92 -73.03 10.28 -101.27
CA TYR HB 92 -73.12 10.88 -102.61
C TYR HB 92 -73.44 9.83 -103.66
N PHE HB 93 -72.78 8.68 -103.59
CA PHE HB 93 -73.06 7.59 -104.52
C PHE HB 93 -74.51 7.11 -104.39
N ALA HB 94 -74.98 6.95 -103.15
CA ALA HB 94 -76.34 6.46 -102.93
C ALA HB 94 -77.38 7.45 -103.44
N VAL HB 95 -77.20 8.75 -103.17
CA VAL HB 95 -78.17 9.71 -103.65
C VAL HB 95 -78.13 9.83 -105.17
N LEU HB 96 -76.93 9.75 -105.78
CA LEU HB 96 -76.84 9.78 -107.23
C LEU HB 96 -77.54 8.59 -107.86
N ALA HB 97 -77.38 7.40 -107.27
CA ALA HB 97 -78.08 6.23 -107.75
C ALA HB 97 -79.59 6.33 -107.56
N ALA HB 98 -80.04 6.86 -106.42
CA ALA HB 98 -81.46 6.96 -106.12
C ALA HB 98 -82.18 7.99 -106.98
N LYS HB 99 -81.53 9.12 -107.28
CA LYS HB 99 -82.18 10.14 -108.09
C LYS HB 99 -82.47 9.65 -109.50
N GLU HB 100 -81.59 8.83 -110.07
CA GLU HB 100 -81.82 8.28 -111.39
C GLU HB 100 -83.04 7.37 -111.40
N LEU HB 101 -83.20 6.54 -110.36
CA LEU HB 101 -84.36 5.68 -110.24
C LEU HB 101 -85.62 6.41 -109.80
N GLY HB 102 -85.48 7.64 -109.30
CA GLY HB 102 -86.64 8.40 -108.86
C GLY HB 102 -87.21 7.91 -107.56
N ILE HB 103 -86.44 8.02 -106.48
CA ILE HB 103 -86.86 7.52 -105.18
C ILE HB 103 -87.08 8.64 -104.17
N SER HB 104 -86.59 9.85 -104.43
CA SER HB 104 -86.71 10.99 -103.51
C SER HB 104 -86.12 10.64 -102.14
N ILE HB 105 -84.81 10.40 -102.14
CA ILE HB 105 -84.11 9.98 -100.94
C ILE HB 105 -83.90 11.18 -100.01
N LYS HB 106 -84.07 10.95 -98.71
CA LYS HB 106 -83.80 11.93 -97.69
C LYS HB 106 -82.58 11.51 -96.88
N VAL HB 107 -81.67 12.44 -96.65
CA VAL HB 107 -80.39 12.16 -96.00
C VAL HB 107 -80.21 13.08 -94.80
N HIS HB 108 -79.85 12.50 -93.66
CA HIS HB 108 -79.49 13.26 -92.47
C HIS HB 108 -78.45 12.46 -91.69
N GLU HB 109 -77.68 13.16 -90.88
CA GLU HB 109 -76.55 12.56 -90.16
C GLU HB 109 -76.89 12.40 -88.69
N PRO HB 110 -77.11 11.18 -88.20
CA PRO HB 110 -77.33 10.97 -86.76
C PRO HB 110 -76.07 11.29 -85.97
N PRO HB 111 -76.21 11.66 -84.70
CA PRO HB 111 -75.03 11.96 -83.89
C PRO HB 111 -74.10 10.78 -83.76
N ARG HB 112 -72.81 11.06 -83.74
CA ARG HB 112 -71.78 10.03 -83.62
C ARG HB 112 -71.74 9.48 -82.20
N LYS HB 113 -71.04 8.36 -82.04
CA LYS HB 113 -70.83 7.75 -80.74
C LYS HB 113 -69.35 7.41 -80.57
N ILE HB 114 -68.76 7.87 -79.48
CA ILE HB 114 -67.34 7.66 -79.20
C ILE HB 114 -67.24 6.81 -77.94
N GLU HB 115 -66.60 5.64 -78.06
CA GLU HB 115 -66.40 4.73 -76.94
C GLU HB 115 -64.92 4.77 -76.56
N ARG HB 116 -64.63 5.15 -75.32
CA ARG HB 116 -63.27 5.29 -74.85
C ARG HB 116 -63.03 4.35 -73.68
N PHE HB 117 -61.81 3.83 -73.60
CA PHE HB 117 -61.43 2.99 -72.47
C PHE HB 117 -59.97 3.24 -72.12
N THR HB 118 -59.57 2.76 -70.95
CA THR HB 118 -58.26 3.05 -70.38
C THR HB 118 -57.56 1.76 -70.01
N LEU HB 119 -56.26 1.67 -70.31
CA LEU HB 119 -55.44 0.51 -70.00
C LEU HB 119 -54.15 0.96 -69.35
N LEU HB 120 -53.47 0.02 -68.70
CA LEU HB 120 -52.17 0.29 -68.10
C LEU HB 120 -51.14 0.62 -69.18
N LYS HB 121 -50.26 1.56 -68.86
CA LYS HB 121 -49.26 2.00 -69.83
C LYS HB 121 -48.07 1.05 -69.86
N SER HB 122 -47.60 0.62 -68.68
CA SER HB 122 -46.45 -0.26 -68.58
C SER HB 122 -46.89 -1.71 -68.58
N VAL HB 123 -45.96 -2.61 -68.27
CA VAL HB 123 -46.22 -4.04 -68.27
C VAL HB 123 -46.46 -4.58 -66.87
N HIS HB 124 -45.51 -4.36 -65.95
CA HIS HB 124 -45.57 -5.03 -64.65
C HIS HB 124 -46.29 -4.17 -63.60
N ILE HB 125 -45.70 -3.02 -63.25
CA ILE HB 125 -46.33 -2.17 -62.23
C ILE HB 125 -46.17 -0.69 -62.55
N PHE HB 126 -47.19 -0.10 -63.18
CA PHE HB 126 -47.28 1.36 -63.30
C PHE HB 126 -48.75 1.69 -63.53
N LYS HB 127 -49.44 2.14 -62.47
CA LYS HB 127 -50.85 2.49 -62.58
C LYS HB 127 -51.08 4.00 -62.66
N LYS HB 128 -50.12 4.81 -62.22
CA LYS HB 128 -50.24 6.25 -62.32
C LYS HB 128 -50.27 6.73 -63.76
N HIS HB 129 -49.63 5.99 -64.67
CA HIS HB 129 -49.58 6.34 -66.08
C HIS HB 129 -50.46 5.37 -66.86
N ARG HB 130 -51.32 5.91 -67.71
CA ARG HB 130 -52.31 5.12 -68.43
C ARG HB 130 -52.29 5.47 -69.90
N VAL HB 131 -52.83 4.58 -70.71
CA VAL HB 131 -53.02 4.80 -72.14
C VAL HB 131 -54.51 4.66 -72.44
N GLN HB 132 -55.09 5.69 -73.03
CA GLN HB 132 -56.51 5.71 -73.34
C GLN HB 132 -56.73 5.50 -74.83
N TYR HB 133 -57.57 4.53 -75.16
CA TYR HB 133 -57.92 4.22 -76.53
C TYR HB 133 -59.35 4.65 -76.82
N GLU HB 134 -59.57 5.02 -78.08
CA GLU HB 134 -60.83 5.61 -78.53
C GLU HB 134 -61.32 4.89 -79.77
N MET HB 135 -62.63 4.72 -79.87
CA MET HB 135 -63.29 4.10 -81.03
C MET HB 135 -64.45 5.01 -81.42
N ARG HB 136 -64.33 5.65 -82.58
CA ARG HB 136 -65.37 6.53 -83.09
C ARG HB 136 -66.29 5.77 -84.04
N THR HB 137 -67.58 6.06 -83.96
CA THR HB 137 -68.58 5.47 -84.85
C THR HB 137 -69.46 6.59 -85.38
N LEU HB 138 -69.40 6.81 -86.69
CA LEU HB 138 -70.20 7.83 -87.35
C LEU HB 138 -71.34 7.16 -88.12
N TYR HB 139 -72.51 7.80 -88.07
CA TYR HB 139 -73.72 7.26 -88.66
C TYR HB 139 -74.22 8.18 -89.76
N ARG HB 140 -74.69 7.57 -90.85
CA ARG HB 140 -75.37 8.28 -91.93
C ARG HB 140 -76.71 7.61 -92.16
N CYS HB 141 -77.78 8.39 -92.21
CA CYS HB 141 -79.13 7.87 -92.37
C CYS HB 141 -79.67 8.28 -93.73
N LEU HB 142 -80.11 7.29 -94.50
CA LEU HB 142 -80.76 7.51 -95.78
C LEU HB 142 -82.21 7.05 -95.64
N GLU HB 143 -83.14 7.94 -95.97
CA GLU HB 143 -84.56 7.66 -95.83
C GLU HB 143 -85.19 7.57 -97.22
N LEU HB 144 -85.84 6.44 -97.50
CA LEU HB 144 -86.57 6.23 -98.73
C LEU HB 144 -88.06 6.10 -98.40
N GLU HB 145 -88.90 6.66 -99.26
CA GLU HB 145 -90.34 6.60 -99.03
C GLU HB 145 -91.04 6.17 -100.30
N HIS HB 146 -92.19 5.52 -100.13
CA HIS HB 146 -93.02 5.05 -101.23
C HIS HB 146 -92.26 4.05 -102.12
N LEU HB 147 -91.90 2.93 -101.51
CA LEU HB 147 -91.13 1.88 -102.15
C LEU HB 147 -91.99 0.65 -102.41
N THR HB 148 -91.60 -0.09 -103.44
CA THR HB 148 -92.24 -1.36 -103.79
C THR HB 148 -91.26 -2.50 -103.52
N GLY HB 149 -91.77 -3.73 -103.55
CA GLY HB 149 -90.94 -4.88 -103.21
C GLY HB 149 -89.78 -5.05 -104.18
N SER HB 150 -90.05 -4.92 -105.48
CA SER HB 150 -89.00 -5.04 -106.48
C SER HB 150 -88.08 -3.83 -106.55
N THR HB 151 -88.63 -2.63 -106.37
CA THR HB 151 -87.80 -1.43 -106.38
C THR HB 151 -86.82 -1.43 -105.21
N ALA HB 152 -87.30 -1.80 -104.02
CA ALA HB 152 -86.41 -1.90 -102.88
C ALA HB 152 -85.34 -2.97 -103.09
N ASP HB 153 -85.71 -4.11 -103.68
CA ASP HB 153 -84.74 -5.16 -103.95
C ASP HB 153 -83.66 -4.68 -104.92
N VAL HB 154 -84.07 -4.05 -106.02
CA VAL HB 154 -83.10 -3.61 -107.01
C VAL HB 154 -82.25 -2.47 -106.48
N TYR HB 155 -82.78 -1.62 -105.60
CA TYR HB 155 -81.96 -0.59 -104.99
C TYR HB 155 -80.94 -1.19 -104.03
N LEU HB 156 -81.38 -2.11 -103.16
CA LEU HB 156 -80.46 -2.75 -102.24
C LEU HB 156 -79.42 -3.60 -102.96
N GLU HB 157 -79.72 -4.08 -104.17
CA GLU HB 157 -78.71 -4.81 -104.92
C GLU HB 157 -77.55 -3.91 -105.31
N TYR HB 158 -77.85 -2.73 -105.86
CA TYR HB 158 -76.79 -1.80 -106.22
C TYR HB 158 -76.17 -1.12 -105.01
N ILE HB 159 -76.85 -1.15 -103.86
CA ILE HB 159 -76.34 -0.55 -102.64
C ILE HB 159 -75.39 -1.48 -101.90
N GLN HB 160 -75.81 -2.73 -101.65
CA GLN HB 160 -75.03 -3.64 -100.83
C GLN HB 160 -73.83 -4.22 -101.58
N ARG HB 161 -73.96 -4.47 -102.88
CA ARG HB 161 -72.86 -5.06 -103.63
C ARG HB 161 -71.64 -4.13 -103.66
N ASN HB 162 -71.85 -2.82 -103.59
CA ASN HB 162 -70.77 -1.85 -103.59
C ASN HB 162 -70.53 -1.24 -102.22
N LEU HB 163 -70.99 -1.91 -101.16
CA LEU HB 163 -70.77 -1.41 -99.81
C LEU HB 163 -69.29 -1.45 -99.46
N PRO HB 164 -68.74 -0.36 -98.92
CA PRO HB 164 -67.31 -0.36 -98.55
C PRO HB 164 -66.99 -1.36 -97.45
N GLU HB 165 -65.73 -1.78 -97.37
CA GLU HB 165 -65.33 -2.81 -96.42
C GLU HB 165 -65.34 -2.29 -95.00
N GLY HB 166 -65.05 -1.01 -94.79
CA GLY HB 166 -64.93 -0.45 -93.48
C GLY HB 166 -66.21 0.02 -92.84
N VAL HB 167 -67.36 -0.19 -93.47
CA VAL HB 167 -68.63 0.27 -92.93
C VAL HB 167 -69.63 -0.89 -92.92
N ALA HB 168 -70.62 -0.77 -92.05
CA ALA HB 168 -71.73 -1.70 -91.95
C ALA HB 168 -73.04 -0.95 -92.16
N MET HB 169 -74.12 -1.70 -92.35
CA MET HB 169 -75.40 -1.10 -92.69
C MET HB 169 -76.53 -1.83 -91.99
N GLU HB 170 -77.47 -1.06 -91.43
CA GLU HB 170 -78.69 -1.58 -90.82
C GLU HB 170 -79.86 -1.12 -91.68
N VAL HB 171 -80.71 -2.07 -92.06
CA VAL HB 171 -81.83 -1.79 -92.95
C VAL HB 171 -83.14 -2.04 -92.19
N THR HB 172 -83.99 -1.03 -92.13
CA THR HB 172 -85.30 -1.14 -91.50
C THR HB 172 -86.37 -0.90 -92.55
N LYS HB 173 -87.31 -1.84 -92.68
CA LYS HB 173 -88.36 -1.78 -93.69
C LYS HB 173 -89.71 -1.63 -93.00
N THR HB 174 -90.54 -0.74 -93.52
CA THR HB 174 -91.91 -0.55 -93.04
C THR HB 174 -92.85 -1.22 -94.03
N LYS HB 175 -93.08 -2.52 -93.84
CA LYS HB 175 -93.93 -3.27 -94.75
C LYS HB 175 -95.37 -2.80 -94.64
N LEU HB 176 -96.03 -2.70 -95.80
CA LEU HB 176 -97.39 -2.18 -95.88
C LEU HB 176 -98.37 -3.33 -96.11
N GLU HB 177 -99.38 -3.42 -95.26
CA GLU HB 177 -100.46 -4.37 -95.41
C GLU HB 177 -101.78 -3.70 -95.05
N GLN HB 178 -102.86 -4.16 -95.68
CA GLN HB 178 -104.16 -3.56 -95.46
C GLN HB 178 -104.80 -4.08 -94.17
N LEU HB 179 -105.08 -5.37 -94.11
CA LEU HB 179 -105.69 -6.03 -92.95
C LEU HB 179 -105.59 -7.54 -93.12
N PRO HB 180 -105.45 -8.29 -92.02
CA PRO HB 180 -105.49 -9.75 -92.14
C PRO HB 180 -106.90 -10.26 -92.42
N GLU HB 181 -107.01 -11.52 -92.84
CA GLU HB 181 -108.29 -12.05 -93.31
C GLU HB 181 -109.29 -12.23 -92.17
N HIS HB 182 -108.83 -12.41 -90.94
CA HIS HB 182 -109.70 -12.70 -89.81
C HIS HB 182 -110.17 -11.44 -89.09
N ILE HB 183 -109.82 -10.26 -89.59
CA ILE HB 183 -110.24 -9.00 -88.98
C ILE HB 183 -110.99 -8.11 -89.95
N ARG HB 184 -111.30 -8.59 -91.16
CA ARG HB 184 -112.03 -7.77 -92.13
C ARG HB 184 -113.40 -7.40 -91.59
N LYS HB 185 -114.25 -8.40 -91.35
CA LYS HB 185 -115.55 -8.18 -90.74
C LYS HB 185 -116.03 -9.41 -90.00
N PRO HB 186 -115.32 -9.83 -88.94
CA PRO HB 186 -115.71 -11.05 -88.23
C PRO HB 186 -116.66 -10.77 -87.07
N ILE HB 187 -117.41 -11.80 -86.70
CA ILE HB 187 -118.20 -11.81 -85.48
C ILE HB 187 -117.84 -13.10 -84.74
N TRP HB 188 -116.84 -13.03 -83.87
CA TRP HB 188 -116.31 -14.18 -83.15
C TRP HB 188 -116.00 -15.36 -84.08
N SER IB 60 -29.23 88.04 -51.51
CA SER IB 60 -29.35 86.92 -50.57
C SER IB 60 -28.07 86.10 -50.52
N SER IB 61 -26.99 86.74 -50.06
CA SER IB 61 -25.69 86.07 -49.95
C SER IB 61 -25.65 85.30 -48.64
N PHE IB 62 -25.71 83.97 -48.73
CA PHE IB 62 -25.69 83.09 -47.57
C PHE IB 62 -24.46 82.20 -47.64
N SER IB 63 -23.72 82.12 -46.54
CA SER IB 63 -22.52 81.31 -46.45
C SER IB 63 -22.74 80.19 -45.43
N ILE IB 64 -22.39 78.97 -45.81
CA ILE IB 64 -22.53 77.82 -44.92
C ILE IB 64 -21.47 77.79 -43.83
N TYR IB 65 -20.45 78.63 -43.93
CA TYR IB 65 -19.41 78.66 -42.92
C TYR IB 65 -19.95 79.24 -41.61
N PRO IB 66 -19.44 78.76 -40.47
CA PRO IB 66 -19.98 79.23 -39.19
C PRO IB 66 -19.63 80.68 -38.94
N PRO IB 67 -20.48 81.43 -38.24
CA PRO IB 67 -20.16 82.83 -37.91
C PRO IB 67 -19.21 82.94 -36.73
N ILE IB 68 -17.91 82.89 -37.00
CA ILE IB 68 -16.88 82.94 -35.94
C ILE IB 68 -16.99 84.24 -35.18
N PRO IB 69 -16.66 84.25 -33.88
CA PRO IB 69 -16.73 85.51 -33.11
C PRO IB 69 -15.75 86.57 -33.56
N GLY IB 70 -14.69 86.20 -34.29
CA GLY IB 70 -13.70 87.17 -34.70
C GLY IB 70 -14.19 88.18 -35.73
N GLN IB 71 -15.30 87.89 -36.38
CA GLN IB 71 -15.88 88.78 -37.37
C GLN IB 71 -16.90 89.72 -36.71
N GLU IB 72 -17.44 90.63 -37.51
CA GLU IB 72 -18.42 91.61 -37.03
C GLU IB 72 -19.78 91.45 -37.69
N ASN IB 73 -20.11 90.25 -38.15
CA ASN IB 73 -21.40 90.02 -38.80
C ASN IB 73 -22.53 90.14 -37.78
N SER IB 74 -23.69 90.54 -38.27
CA SER IB 74 -24.87 90.75 -37.44
C SER IB 74 -25.90 89.66 -37.76
N LEU IB 75 -25.77 88.53 -37.07
CA LEU IB 75 -26.72 87.43 -37.18
C LEU IB 75 -27.20 87.08 -35.78
N ARG IB 76 -28.51 87.10 -35.59
CA ARG IB 76 -29.10 86.83 -34.29
C ARG IB 76 -30.24 85.82 -34.44
N TRP IB 77 -30.38 84.96 -33.42
CA TRP IB 77 -31.48 84.02 -33.34
C TRP IB 77 -32.19 84.25 -32.01
N ALA IB 78 -33.44 84.71 -32.10
CA ALA IB 78 -34.26 85.04 -30.93
C ALA IB 78 -33.56 86.08 -30.04
N GLY IB 79 -32.82 86.98 -30.68
CA GLY IB 79 -32.11 88.03 -29.97
C GLY IB 79 -30.77 87.65 -29.41
N LYS IB 80 -30.36 86.38 -29.52
CA LYS IB 80 -29.09 85.93 -28.99
C LYS IB 80 -28.10 85.67 -30.12
N LYS IB 81 -26.82 85.87 -29.82
CA LYS IB 81 -25.77 85.67 -30.79
C LYS IB 81 -25.48 84.18 -30.95
N PHE IB 82 -24.71 83.85 -31.99
CA PHE IB 82 -24.38 82.45 -32.27
C PHE IB 82 -23.60 81.82 -31.12
N GLU IB 83 -22.87 82.63 -30.35
CA GLU IB 83 -22.07 82.10 -29.26
C GLU IB 83 -22.91 81.69 -28.05
N GLU IB 84 -24.02 82.38 -27.80
CA GLU IB 84 -24.85 82.10 -26.63
C GLU IB 84 -25.94 81.07 -26.89
N ILE IB 85 -26.09 80.62 -28.13
CA ILE IB 85 -27.11 79.62 -28.46
C ILE IB 85 -26.71 78.28 -27.86
N PRO IB 86 -27.63 77.57 -27.20
CA PRO IB 86 -27.26 76.31 -26.54
C PRO IB 86 -26.78 75.26 -27.53
N ILE IB 87 -26.17 74.22 -26.98
CA ILE IB 87 -25.56 73.14 -27.76
C ILE IB 87 -26.33 71.87 -27.49
N ALA IB 88 -26.34 70.96 -28.46
CA ALA IB 88 -26.95 69.64 -28.31
C ALA IB 88 -25.93 68.60 -28.81
N HIS IB 89 -25.28 67.92 -27.88
CA HIS IB 89 -24.34 66.87 -28.22
C HIS IB 89 -25.11 65.57 -28.45
N ILE IB 90 -25.01 65.04 -29.67
CA ILE IB 90 -25.68 63.79 -30.04
C ILE IB 90 -24.60 62.76 -30.35
N LYS IB 91 -24.39 61.84 -29.42
CA LYS IB 91 -23.43 60.75 -29.60
C LYS IB 91 -24.21 59.57 -30.19
N ALA IB 92 -23.91 59.26 -31.44
CA ALA IB 92 -24.61 58.20 -32.17
C ALA IB 92 -23.67 57.02 -32.34
N SER IB 93 -23.74 56.08 -31.40
CA SER IB 93 -22.91 54.88 -31.46
C SER IB 93 -23.58 53.83 -32.33
N TYR IB 94 -22.97 52.65 -32.44
CA TYR IB 94 -23.53 51.58 -33.24
C TYR IB 94 -24.62 50.80 -32.53
N ASN IB 95 -24.78 50.98 -31.23
CA ASN IB 95 -25.81 50.28 -30.47
C ASN IB 95 -26.70 51.21 -29.66
N ASN IB 96 -26.37 52.50 -29.58
CA ASN IB 96 -27.16 53.43 -28.79
C ASN IB 96 -26.94 54.84 -29.32
N THR IB 97 -27.92 55.71 -29.03
CA THR IB 97 -27.85 57.12 -29.37
C THR IB 97 -28.23 57.94 -28.15
N GLN IB 98 -27.32 58.82 -27.73
CA GLN IB 98 -27.53 59.67 -26.56
C GLN IB 98 -27.57 61.13 -27.01
N ILE IB 99 -28.42 61.93 -26.36
CA ILE IB 99 -28.54 63.35 -26.66
C ILE IB 99 -28.47 64.11 -25.34
N GLN IB 100 -27.63 65.15 -25.30
CA GLN IB 100 -27.53 66.01 -24.14
C GLN IB 100 -27.57 67.45 -24.61
N VAL IB 101 -28.60 68.19 -24.21
CA VAL IB 101 -28.74 69.60 -24.54
C VAL IB 101 -28.22 70.41 -23.36
N VAL IB 102 -27.18 71.20 -23.59
CA VAL IB 102 -26.55 72.02 -22.57
C VAL IB 102 -26.59 73.47 -23.02
N SER IB 103 -26.38 74.37 -22.07
CA SER IB 103 -26.37 75.80 -22.36
C SER IB 103 -25.00 76.19 -22.93
N ALA IB 104 -24.88 77.46 -23.34
CA ALA IB 104 -23.61 77.96 -23.83
C ALA IB 104 -22.54 77.97 -22.75
N ALA IB 105 -22.95 78.07 -21.49
CA ALA IB 105 -22.03 78.03 -20.36
C ALA IB 105 -21.69 76.60 -19.92
N HIS IB 106 -21.96 75.61 -20.78
CA HIS IB 106 -21.68 74.22 -20.51
C HIS IB 106 -22.39 73.74 -19.24
N GLN IB 107 -23.67 74.08 -19.17
CA GLN IB 107 -24.54 73.64 -18.09
C GLN IB 107 -25.58 72.67 -18.66
N PRO IB 108 -25.58 71.40 -18.26
CA PRO IB 108 -26.51 70.43 -18.86
C PRO IB 108 -27.96 70.78 -18.53
N LEU IB 109 -28.76 70.95 -19.57
CA LEU IB 109 -30.18 71.28 -19.42
C LEU IB 109 -31.06 70.04 -19.51
N ALA IB 110 -30.90 69.25 -20.57
CA ALA IB 110 -31.72 68.07 -20.80
C ALA IB 110 -30.84 66.91 -21.22
N HIS IB 111 -31.29 65.69 -20.94
CA HIS IB 111 -30.56 64.48 -21.29
C HIS IB 111 -31.54 63.38 -21.62
N ALA IB 112 -31.32 62.69 -22.74
CA ALA IB 112 -32.20 61.61 -23.15
C ALA IB 112 -31.45 60.64 -24.04
N SER IB 113 -31.57 59.35 -23.76
CA SER IB 113 -30.97 58.31 -24.57
C SER IB 113 -32.03 57.29 -24.94
N CYS IB 114 -31.73 56.51 -25.99
CA CYS IB 114 -32.66 55.49 -26.44
C CYS IB 114 -32.97 54.45 -25.37
N GLY IB 115 -32.00 54.14 -24.50
CA GLY IB 115 -32.27 53.22 -23.42
C GLY IB 115 -33.15 53.79 -22.33
N THR IB 116 -33.12 55.12 -22.16
CA THR IB 116 -33.95 55.78 -21.15
C THR IB 116 -35.43 55.81 -21.53
N GLU IB 117 -35.78 55.42 -22.75
CA GLU IB 117 -37.16 55.44 -23.21
C GLU IB 117 -37.84 54.08 -23.11
N GLY IB 118 -37.26 53.15 -22.37
CA GLY IB 118 -37.86 51.84 -22.20
C GLY IB 118 -37.55 50.85 -23.30
N PHE IB 119 -36.53 51.10 -24.12
CA PHE IB 119 -36.14 50.17 -25.16
C PHE IB 119 -35.30 49.05 -24.57
N ARG IB 120 -34.66 48.25 -25.41
CA ARG IB 120 -33.94 47.07 -24.98
C ARG IB 120 -32.62 46.99 -25.75
N ASN IB 121 -31.98 45.82 -25.70
CA ASN IB 121 -30.63 45.66 -26.22
C ASN IB 121 -30.54 46.03 -27.70
N ALA IB 122 -31.22 45.27 -28.55
CA ALA IB 122 -31.20 45.52 -29.98
C ALA IB 122 -32.26 46.53 -30.41
N LYS IB 123 -33.21 46.88 -29.54
CA LYS IB 123 -34.25 47.82 -29.91
C LYS IB 123 -33.72 49.23 -30.01
N LYS IB 124 -32.85 49.62 -29.08
CA LYS IB 124 -32.34 50.98 -29.04
C LYS IB 124 -31.32 51.28 -30.14
N GLY IB 125 -30.84 50.27 -30.85
CA GLY IB 125 -29.89 50.47 -31.92
C GLY IB 125 -30.48 50.89 -33.24
N THR IB 126 -31.80 50.89 -33.37
CA THR IB 126 -32.45 51.26 -34.62
C THR IB 126 -32.62 52.78 -34.70
N GLY IB 127 -32.98 53.24 -35.90
CA GLY IB 127 -33.17 54.67 -36.11
C GLY IB 127 -34.43 55.22 -35.47
N ILE IB 128 -35.45 54.39 -35.30
CA ILE IB 128 -36.69 54.85 -34.66
C ILE IB 128 -36.44 55.21 -33.21
N ALA IB 129 -35.57 54.45 -32.53
CA ALA IB 129 -35.22 54.78 -31.15
C ALA IB 129 -34.55 56.15 -31.06
N ALA IB 130 -33.62 56.45 -31.97
CA ALA IB 130 -33.00 57.76 -32.00
C ALA IB 130 -33.99 58.87 -32.35
N GLN IB 131 -34.92 58.60 -33.27
CA GLN IB 131 -35.93 59.60 -33.60
C GLN IB 131 -36.80 59.91 -32.39
N THR IB 132 -37.20 58.88 -31.64
CA THR IB 132 -37.97 59.09 -30.42
C THR IB 132 -37.14 59.83 -29.35
N ALA IB 133 -35.87 59.47 -29.20
CA ALA IB 133 -35.02 60.14 -28.22
C ALA IB 133 -34.84 61.61 -28.57
N GLY IB 134 -34.81 61.94 -29.87
CA GLY IB 134 -34.76 63.34 -30.26
C GLY IB 134 -35.96 64.13 -29.77
N ILE IB 135 -37.16 63.57 -29.94
CA ILE IB 135 -38.37 64.24 -29.45
C ILE IB 135 -38.34 64.32 -27.92
N ALA IB 136 -37.89 63.26 -27.26
CA ALA IB 136 -37.84 63.26 -25.80
C ALA IB 136 -36.90 64.33 -25.28
N ALA IB 137 -35.73 64.49 -25.90
CA ALA IB 137 -34.80 65.55 -25.51
C ALA IB 137 -35.35 66.93 -25.85
N ALA IB 138 -36.01 67.07 -27.01
CA ALA IB 138 -36.56 68.36 -27.40
C ALA IB 138 -37.65 68.82 -26.45
N ALA IB 139 -38.50 67.91 -25.98
CA ALA IB 139 -39.54 68.30 -25.04
C ALA IB 139 -38.95 68.87 -23.75
N LYS IB 140 -37.94 68.20 -23.20
CA LYS IB 140 -37.29 68.70 -21.99
C LYS IB 140 -36.53 69.98 -22.24
N ALA IB 141 -35.93 70.14 -23.42
CA ALA IB 141 -35.25 71.40 -23.74
C ALA IB 141 -36.24 72.55 -23.83
N THR IB 142 -37.39 72.33 -24.47
CA THR IB 142 -38.40 73.37 -24.58
C THR IB 142 -39.04 73.67 -23.23
N GLY IB 143 -39.09 72.68 -22.33
CA GLY IB 143 -39.61 72.92 -21.00
C GLY IB 143 -38.81 73.92 -20.20
N LYS IB 144 -37.54 74.11 -20.53
CA LYS IB 144 -36.69 75.08 -19.87
C LYS IB 144 -36.46 76.33 -20.70
N GLY IB 145 -37.19 76.51 -21.79
CA GLY IB 145 -37.08 77.70 -22.60
C GLY IB 145 -35.94 77.72 -23.59
N VAL IB 146 -35.92 76.76 -24.50
CA VAL IB 146 -34.91 76.68 -25.56
C VAL IB 146 -35.63 76.65 -26.90
N THR IB 147 -35.25 77.55 -27.80
CA THR IB 147 -35.85 77.64 -29.13
C THR IB 147 -34.88 77.36 -30.26
N HIS IB 148 -33.59 77.66 -30.09
CA HIS IB 148 -32.58 77.38 -31.09
C HIS IB 148 -31.40 76.66 -30.43
N VAL IB 149 -30.79 75.74 -31.17
CA VAL IB 149 -29.72 74.91 -30.64
C VAL IB 149 -28.77 74.56 -31.77
N ARG IB 150 -27.49 74.38 -31.42
CA ARG IB 150 -26.46 73.97 -32.35
C ARG IB 150 -26.17 72.50 -32.14
N VAL IB 151 -26.37 71.69 -33.18
CA VAL IB 151 -26.25 70.24 -33.07
C VAL IB 151 -24.80 69.86 -33.32
N VAL IB 152 -24.22 69.09 -32.39
CA VAL IB 152 -22.87 68.57 -32.52
C VAL IB 152 -22.97 67.06 -32.53
N VAL IB 153 -22.69 66.45 -33.69
CA VAL IB 153 -22.81 65.01 -33.86
C VAL IB 153 -21.47 64.36 -33.55
N LYS IB 154 -21.51 63.21 -32.89
CA LYS IB 154 -20.31 62.50 -32.47
C LYS IB 154 -20.47 61.02 -32.79
N GLY IB 155 -19.69 60.53 -33.74
CA GLY IB 155 -19.74 59.13 -34.11
C GLY IB 155 -20.65 58.87 -35.30
N LEU IB 156 -20.37 57.80 -36.01
CA LEU IB 156 -21.15 57.38 -37.18
C LEU IB 156 -21.99 56.17 -36.78
N GLY IB 157 -23.30 56.38 -36.68
CA GLY IB 157 -24.21 55.32 -36.32
C GLY IB 157 -25.50 55.38 -37.10
N PRO IB 158 -26.31 54.31 -37.00
CA PRO IB 158 -27.60 54.30 -37.70
C PRO IB 158 -28.54 55.42 -37.26
N GLY IB 159 -28.51 55.82 -35.99
CA GLY IB 159 -29.38 56.88 -35.51
C GLY IB 159 -28.73 58.24 -35.56
N ARG IB 160 -28.01 58.52 -36.65
CA ARG IB 160 -27.29 59.79 -36.77
C ARG IB 160 -28.23 60.91 -37.21
N LEU IB 161 -28.83 60.77 -38.39
CA LEU IB 161 -29.79 61.77 -38.86
C LEU IB 161 -31.13 61.63 -38.16
N SER IB 162 -31.43 60.45 -37.62
CA SER IB 162 -32.71 60.22 -36.95
C SER IB 162 -32.88 61.13 -35.74
N ALA IB 163 -31.84 61.25 -34.90
CA ALA IB 163 -31.93 62.14 -33.75
C ALA IB 163 -32.03 63.60 -34.17
N ILE IB 164 -31.30 63.98 -35.23
CA ILE IB 164 -31.32 65.36 -35.69
C ILE IB 164 -32.73 65.73 -36.15
N LYS IB 165 -33.38 64.84 -36.92
CA LYS IB 165 -34.74 65.13 -37.35
C LYS IB 165 -35.75 64.97 -36.22
N GLY IB 166 -35.48 64.11 -35.24
CA GLY IB 166 -36.34 64.00 -34.09
C GLY IB 166 -36.35 65.25 -33.23
N LEU IB 167 -35.21 65.96 -33.17
CA LEU IB 167 -35.19 67.24 -32.48
C LEU IB 167 -36.17 68.22 -33.12
N THR IB 168 -36.15 68.33 -34.46
CA THR IB 168 -37.09 69.20 -35.14
C THR IB 168 -38.53 68.73 -34.96
N MET IB 169 -38.75 67.42 -34.97
CA MET IB 169 -40.09 66.88 -34.70
C MET IB 169 -40.57 67.25 -33.31
N GLY IB 170 -39.71 67.18 -32.30
CA GLY IB 170 -40.02 67.58 -30.95
C GLY IB 170 -40.06 69.07 -30.72
N GLY IB 171 -39.62 69.86 -31.68
CA GLY IB 171 -39.81 71.30 -31.61
C GLY IB 171 -38.57 72.11 -31.27
N LEU IB 172 -37.43 71.74 -31.84
CA LEU IB 172 -36.20 72.50 -31.70
C LEU IB 172 -35.72 72.89 -33.09
N GLU IB 173 -35.41 74.16 -33.28
CA GLU IB 173 -34.97 74.68 -34.56
C GLU IB 173 -33.44 74.59 -34.63
N VAL IB 174 -32.95 73.76 -35.54
CA VAL IB 174 -31.52 73.56 -35.73
C VAL IB 174 -30.99 74.65 -36.66
N ILE IB 175 -29.93 75.33 -36.22
CA ILE IB 175 -29.34 76.40 -37.02
C ILE IB 175 -28.09 75.89 -37.73
N SER IB 176 -27.44 74.90 -37.14
CA SER IB 176 -26.19 74.37 -37.69
C SER IB 176 -25.98 72.95 -37.19
N ILE IB 177 -25.31 72.15 -38.02
CA ILE IB 177 -24.96 70.77 -37.70
C ILE IB 177 -23.44 70.68 -37.69
N THR IB 178 -22.87 70.33 -36.55
CA THR IB 178 -21.42 70.19 -36.39
C THR IB 178 -21.08 68.72 -36.25
N ASP IB 179 -20.15 68.25 -37.07
CA ASP IB 179 -19.73 66.84 -37.03
C ASP IB 179 -18.42 66.76 -36.27
N ASN IB 180 -18.50 66.54 -34.96
CA ASN IB 180 -17.34 66.36 -34.10
C ASN IB 180 -17.19 64.85 -33.85
N THR IB 181 -16.65 64.15 -34.84
CA THR IB 181 -16.42 62.72 -34.72
C THR IB 181 -14.97 62.46 -34.36
N PRO IB 182 -14.69 61.70 -33.31
CA PRO IB 182 -13.30 61.48 -32.90
C PRO IB 182 -12.54 60.65 -33.92
N ILE IB 183 -11.63 61.28 -34.65
CA ILE IB 183 -10.79 60.60 -35.62
C ILE IB 183 -9.33 60.75 -35.17
N PRO IB 184 -8.77 59.73 -34.54
CA PRO IB 184 -7.37 59.82 -34.10
C PRO IB 184 -6.42 59.87 -35.28
N HIS IB 185 -5.31 60.57 -35.10
CA HIS IB 185 -4.25 60.63 -36.10
C HIS IB 185 -3.29 59.46 -35.91
N ASN IB 186 -3.85 58.26 -36.02
CA ASN IB 186 -3.15 57.01 -35.73
C ASN IB 186 -2.57 57.02 -34.30
N GLY IB 187 -3.48 57.16 -33.34
CA GLY IB 187 -3.10 57.19 -31.94
C GLY IB 187 -3.26 55.84 -31.27
N CYS IB 188 -4.32 55.70 -30.46
CA CYS IB 188 -4.57 54.44 -29.79
C CYS IB 188 -4.90 53.35 -30.80
N ARG IB 189 -4.36 52.16 -30.57
CA ARG IB 189 -4.61 51.03 -31.45
C ARG IB 189 -6.01 50.48 -31.19
N PRO IB 190 -6.89 50.43 -32.18
CA PRO IB 190 -8.23 49.87 -31.96
C PRO IB 190 -8.20 48.35 -31.84
N ARG IB 191 -9.35 47.75 -31.58
CA ARG IB 191 -9.44 46.32 -31.41
C ARG IB 191 -9.22 45.59 -32.73
N LYS IB 192 -8.97 44.29 -32.64
CA LYS IB 192 -8.72 43.48 -33.82
C LYS IB 192 -10.00 43.31 -34.63
N ALA IB 193 -9.83 42.91 -35.89
CA ALA IB 193 -10.95 42.69 -36.79
C ALA IB 193 -11.71 41.44 -36.41
N ARG IB 194 -12.99 41.42 -36.74
CA ARG IB 194 -13.86 40.28 -36.47
C ARG IB 194 -13.88 39.34 -37.68
N ARG IB 195 -14.55 38.20 -37.50
CA ARG IB 195 -14.66 37.17 -38.53
C ARG IB 195 -13.26 36.69 -38.98
N LEU IB 196 -12.53 36.12 -38.03
CA LEU IB 196 -11.19 35.61 -38.29
C LEU IB 196 -11.20 34.55 -39.38
N ALA JB 31 25.68 24.83 -64.87
CA ALA JB 31 27.03 24.55 -64.42
C ALA JB 31 28.06 24.98 -65.45
N THR JB 32 28.86 25.97 -65.11
CA THR JB 32 29.87 26.49 -66.03
C THR JB 32 31.01 25.48 -66.18
N LEU JB 33 31.95 25.81 -67.07
CA LEU JB 33 33.08 24.93 -67.31
C LEU JB 33 33.95 24.78 -66.06
N ASN JB 34 34.17 25.88 -65.33
CA ASN JB 34 34.95 25.80 -64.10
C ASN JB 34 34.27 24.91 -63.07
N GLN JB 35 32.94 25.05 -62.92
CA GLN JB 35 32.23 24.20 -61.97
C GLN JB 35 32.27 22.74 -62.39
N MET JB 36 32.12 22.46 -63.69
CA MET JB 36 32.20 21.09 -64.17
C MET JB 36 33.58 20.49 -63.92
N HIS JB 37 34.64 21.26 -64.17
CA HIS JB 37 35.98 20.78 -63.89
C HIS JB 37 36.19 20.54 -62.39
N ARG JB 38 35.67 21.43 -61.55
CA ARG JB 38 35.81 21.28 -60.11
C ARG JB 38 35.08 20.04 -59.61
N LEU JB 39 33.87 19.78 -60.10
CA LEU JB 39 33.08 18.64 -59.64
C LEU JB 39 33.54 17.32 -60.23
N GLY JB 40 34.07 17.32 -61.46
CA GLY JB 40 34.47 16.10 -62.11
C GLY JB 40 33.31 15.45 -62.83
N PRO JB 41 33.60 14.48 -63.72
CA PRO JB 41 32.54 13.81 -64.46
C PRO JB 41 31.68 12.98 -63.52
N PRO JB 42 30.38 12.85 -63.80
CA PRO JB 42 29.52 12.02 -62.95
C PRO JB 42 29.89 10.56 -63.05
N LYS JB 43 29.73 9.84 -61.93
CA LYS JB 43 29.98 8.41 -61.86
C LYS JB 43 28.69 7.68 -61.49
N HIS JB 44 28.41 6.60 -62.21
CA HIS JB 44 27.23 5.80 -61.88
C HIS JB 44 27.46 5.06 -60.57
N PRO JB 45 26.55 5.18 -59.61
CA PRO JB 45 26.75 4.53 -58.31
C PRO JB 45 26.69 3.02 -58.45
N PRO JB 46 27.44 2.29 -57.61
CA PRO JB 46 27.37 0.83 -57.66
C PRO JB 46 26.00 0.33 -57.28
N GLY JB 47 25.61 -0.78 -57.91
CA GLY JB 47 24.32 -1.38 -57.64
C GLY JB 47 24.29 -1.96 -56.23
N LYS JB 48 23.33 -1.52 -55.42
CA LYS JB 48 23.20 -2.03 -54.07
C LYS JB 48 22.74 -3.48 -54.08
N MET JB 49 23.30 -4.28 -53.18
CA MET JB 49 22.93 -5.69 -53.10
C MET JB 49 21.50 -5.84 -52.59
N GLY JB 50 20.81 -6.85 -53.10
CA GLY JB 50 19.44 -7.10 -52.73
C GLY JB 50 19.33 -8.01 -51.53
N PRO JB 51 18.18 -8.68 -51.38
CA PRO JB 51 17.99 -9.59 -50.25
C PRO JB 51 18.94 -10.78 -50.26
N THR JB 52 19.48 -11.15 -51.42
CA THR JB 52 20.38 -12.29 -51.52
C THR JB 52 21.84 -11.93 -51.33
N ALA JB 53 22.14 -10.66 -51.05
CA ALA JB 53 23.51 -10.19 -50.82
C ALA JB 53 24.42 -10.52 -52.00
N GLY JB 54 23.88 -10.35 -53.22
CA GLY JB 54 24.65 -10.58 -54.42
C GLY JB 54 24.74 -12.02 -54.87
N ARG JB 55 24.04 -12.94 -54.22
CA ARG JB 55 24.15 -14.31 -54.69
C ARG JB 55 22.91 -14.70 -55.49
N PRO JB 56 23.07 -15.58 -56.49
CA PRO JB 56 21.90 -16.03 -57.25
C PRO JB 56 20.96 -16.92 -56.44
N GLN JB 57 21.51 -17.81 -55.63
CA GLN JB 57 20.72 -18.72 -54.83
C GLN JB 57 21.26 -18.78 -53.40
N LEU JB 58 20.38 -19.16 -52.48
CA LEU JB 58 20.74 -19.30 -51.08
C LEU JB 58 20.07 -20.54 -50.51
N LYS JB 59 20.82 -21.35 -49.78
CA LYS JB 59 20.31 -22.56 -49.15
C LYS JB 59 19.87 -22.24 -47.73
N GLY JB 60 18.62 -22.56 -47.41
CA GLY JB 60 18.09 -22.22 -46.10
C GLY JB 60 17.13 -23.28 -45.59
N VAL JB 61 17.07 -23.39 -44.27
CA VAL JB 61 16.17 -24.32 -43.60
C VAL JB 61 14.84 -23.63 -43.33
N VAL JB 62 13.75 -24.33 -43.63
CA VAL JB 62 12.41 -23.77 -43.44
C VAL JB 62 12.10 -23.76 -41.96
N LEU JB 63 11.73 -22.58 -41.44
CA LEU JB 63 11.39 -22.45 -40.04
C LEU JB 63 9.89 -22.49 -39.79
N ARG JB 64 9.10 -21.82 -40.63
CA ARG JB 64 7.65 -21.84 -40.47
C ARG JB 64 6.97 -21.58 -41.79
N THR JB 65 5.96 -22.39 -42.12
CA THR JB 65 5.15 -22.21 -43.31
C THR JB 65 3.80 -21.63 -42.92
N PHE JB 66 3.39 -20.55 -43.58
CA PHE JB 66 2.14 -19.88 -43.27
C PHE JB 66 1.55 -19.31 -44.55
N ILE JB 67 0.50 -18.51 -44.41
CA ILE JB 67 -0.25 -17.96 -45.52
C ILE JB 67 -0.41 -16.47 -45.33
N ARG JB 68 -0.12 -15.69 -46.38
CA ARG JB 68 -0.31 -14.25 -46.37
C ARG JB 68 -1.34 -13.86 -47.41
N LYS JB 69 -1.73 -12.58 -47.39
CA LYS JB 69 -2.73 -12.08 -48.32
C LYS JB 69 -2.16 -10.97 -49.19
N PRO JB 70 -2.64 -10.84 -50.43
CA PRO JB 70 -2.12 -9.78 -51.32
C PRO JB 70 -2.59 -8.40 -50.92
N LYS JB 71 -2.32 -7.41 -51.77
CA LYS JB 71 -2.69 -6.03 -51.51
C LYS JB 71 -4.16 -5.80 -51.86
N LYS JB 72 -4.58 -4.53 -51.87
CA LYS JB 72 -6.00 -4.22 -52.06
C LYS JB 72 -6.57 -4.68 -53.38
N PRO JB 73 -5.96 -4.40 -54.55
CA PRO JB 73 -6.61 -4.82 -55.80
C PRO JB 73 -6.77 -6.33 -55.93
N ASN JB 74 -5.86 -7.11 -55.38
CA ASN JB 74 -5.91 -8.55 -55.51
C ASN JB 74 -6.53 -9.19 -54.27
N SER JB 75 -6.93 -10.45 -54.42
CA SER JB 75 -7.49 -11.22 -53.31
C SER JB 75 -7.13 -12.68 -53.51
N ALA JB 76 -6.30 -13.21 -52.62
CA ALA JB 76 -5.82 -14.58 -52.71
C ALA JB 76 -5.26 -14.97 -51.35
N ASN JB 77 -4.61 -16.13 -51.29
CA ASN JB 77 -3.94 -16.61 -50.08
C ASN JB 77 -2.63 -17.26 -50.51
N ARG JB 78 -1.56 -16.47 -50.48
CA ARG JB 78 -0.26 -16.92 -50.97
C ARG JB 78 0.47 -17.69 -49.89
N LYS JB 79 1.16 -18.76 -50.30
CA LYS JB 79 1.92 -19.61 -49.39
C LYS JB 79 3.28 -18.99 -49.17
N CYS JB 80 3.59 -18.62 -47.93
CA CYS JB 80 4.86 -18.03 -47.57
C CYS JB 80 5.56 -18.90 -46.55
N CYS JB 81 6.87 -18.69 -46.44
CA CYS JB 81 7.68 -19.46 -45.52
C CYS JB 81 8.79 -18.59 -44.95
N ARG JB 82 8.83 -18.49 -43.64
CA ARG JB 82 9.93 -17.85 -42.92
C ARG JB 82 11.03 -18.89 -42.74
N VAL JB 83 12.22 -18.58 -43.26
CA VAL JB 83 13.32 -19.53 -43.33
C VAL JB 83 14.59 -18.85 -42.82
N ARG JB 84 15.57 -19.69 -42.47
CA ARG JB 84 16.87 -19.25 -41.97
C ARG JB 84 17.89 -19.45 -43.08
N LEU JB 85 18.37 -18.34 -43.65
CA LEU JB 85 19.30 -18.42 -44.76
C LEU JB 85 20.68 -18.90 -44.29
N SER JB 86 21.51 -19.30 -45.26
CA SER JB 86 22.84 -19.78 -44.93
C SER JB 86 23.72 -18.67 -44.40
N THR JB 87 23.37 -17.41 -44.66
CA THR JB 87 24.15 -16.27 -44.18
C THR JB 87 23.79 -15.87 -42.76
N GLY JB 88 22.86 -16.58 -42.12
CA GLY JB 88 22.44 -16.25 -40.77
C GLY JB 88 21.27 -15.30 -40.68
N ARG JB 89 20.72 -14.84 -41.80
CA ARG JB 89 19.57 -13.94 -41.80
C ARG JB 89 18.29 -14.73 -41.97
N GLU JB 90 17.26 -14.33 -41.21
CA GLU JB 90 15.94 -14.95 -41.28
C GLU JB 90 15.06 -14.11 -42.20
N ALA JB 91 14.52 -14.75 -43.23
CA ALA JB 91 13.79 -14.01 -44.27
C ALA JB 91 12.56 -14.80 -44.69
N VAL JB 92 11.60 -14.08 -45.28
CA VAL JB 92 10.35 -14.66 -45.73
C VAL JB 92 10.38 -14.81 -47.24
N CYS JB 93 10.04 -16.00 -47.72
CA CYS JB 93 10.01 -16.30 -49.14
C CYS JB 93 8.61 -16.77 -49.52
N PHE JB 94 8.35 -16.83 -50.83
CA PHE JB 94 7.06 -17.25 -51.37
C PHE JB 94 7.24 -18.57 -52.09
N ILE JB 95 6.31 -19.50 -51.89
CA ILE JB 95 6.37 -20.82 -52.50
C ILE JB 95 5.58 -20.76 -53.81
N PRO JB 96 6.23 -20.90 -54.96
CA PRO JB 96 5.50 -20.85 -56.23
C PRO JB 96 4.74 -22.14 -56.53
N GLY JB 97 3.89 -22.11 -57.54
CA GLY JB 97 3.14 -23.29 -57.94
C GLY JB 97 1.91 -23.54 -57.10
N GLU JB 98 1.12 -24.54 -57.47
CA GLU JB 98 -0.08 -24.91 -56.73
C GLU JB 98 0.18 -26.21 -55.98
N GLY JB 99 0.08 -26.15 -54.66
CA GLY JB 99 0.33 -27.31 -53.82
C GLY JB 99 1.80 -27.52 -53.57
N HIS JB 100 2.16 -27.75 -52.30
CA HIS JB 100 3.55 -27.97 -51.94
C HIS JB 100 3.61 -28.84 -50.69
N SER JB 101 4.73 -29.52 -50.52
CA SER JB 101 4.99 -30.36 -49.36
C SER JB 101 6.24 -29.82 -48.68
N LEU JB 102 6.06 -28.81 -47.84
CA LEU JB 102 7.16 -28.19 -47.10
C LEU JB 102 6.76 -28.08 -45.64
N GLN JB 103 7.61 -28.59 -44.76
CA GLN JB 103 7.39 -28.58 -43.32
C GLN JB 103 8.57 -27.89 -42.63
N GLU JB 104 8.58 -27.93 -41.31
CA GLU JB 104 9.68 -27.38 -40.55
C GLU JB 104 10.94 -28.21 -40.75
N HIS JB 105 12.09 -27.58 -40.55
CA HIS JB 105 13.40 -28.21 -40.67
C HIS JB 105 13.61 -28.81 -42.07
N HIS JB 106 13.13 -28.13 -43.10
CA HIS JB 106 13.31 -28.56 -44.48
C HIS JB 106 14.32 -27.66 -45.18
N VAL JB 107 15.30 -28.26 -45.84
CA VAL JB 107 16.34 -27.52 -46.55
C VAL JB 107 15.84 -27.24 -47.96
N VAL JB 108 15.78 -25.96 -48.33
CA VAL JB 108 15.32 -25.53 -49.63
C VAL JB 108 16.31 -24.51 -50.19
N LEU JB 109 16.14 -24.20 -51.47
CA LEU JB 109 16.95 -23.23 -52.17
C LEU JB 109 16.06 -22.08 -52.64
N VAL JB 110 16.47 -20.86 -52.34
CA VAL JB 110 15.69 -19.68 -52.69
C VAL JB 110 16.52 -18.80 -53.62
N GLN JB 111 15.81 -18.00 -54.41
CA GLN JB 111 16.42 -17.10 -55.38
C GLN JB 111 15.90 -15.69 -55.17
N GLY JB 112 16.32 -14.77 -56.05
CA GLY JB 112 15.97 -13.38 -55.92
C GLY JB 112 14.65 -13.01 -56.56
N GLY JB 113 13.72 -13.96 -56.64
CA GLY JB 113 12.41 -13.69 -57.21
C GLY JB 113 11.58 -12.84 -56.27
N ARG JB 114 11.05 -11.73 -56.77
CA ARG JB 114 10.23 -10.83 -55.97
C ARG JB 114 8.76 -11.00 -56.33
N THR JB 115 7.91 -11.16 -55.33
CA THR JB 115 6.47 -11.29 -55.56
C THR JB 115 5.83 -9.90 -55.57
N GLN JB 116 5.09 -9.61 -56.65
CA GLN JB 116 4.51 -8.28 -56.80
C GLN JB 116 3.40 -8.04 -55.78
N ASP JB 117 2.52 -9.01 -55.57
CA ASP JB 117 1.37 -8.79 -54.71
C ASP JB 117 1.74 -8.79 -53.23
N LEU JB 118 2.80 -9.49 -52.84
CA LEU JB 118 3.17 -9.61 -51.44
C LEU JB 118 4.17 -8.53 -51.09
N PRO JB 119 3.83 -7.59 -50.21
CA PRO JB 119 4.81 -6.57 -49.80
C PRO JB 119 5.81 -7.14 -48.81
N GLY JB 120 7.09 -6.86 -49.05
CA GLY JB 120 8.16 -7.29 -48.17
C GLY JB 120 8.74 -8.65 -48.50
N VAL JB 121 8.06 -9.46 -49.30
CA VAL JB 121 8.56 -10.76 -49.70
C VAL JB 121 9.39 -10.58 -50.98
N LYS JB 122 10.69 -10.86 -50.88
CA LYS JB 122 11.60 -10.63 -52.00
C LYS JB 122 12.34 -11.89 -52.42
N LEU JB 123 11.96 -13.05 -51.92
CA LEU JB 123 12.62 -14.31 -52.24
C LEU JB 123 11.60 -15.33 -52.69
N THR JB 124 12.04 -16.23 -53.56
CA THR JB 124 11.19 -17.29 -54.08
C THR JB 124 11.92 -18.62 -53.97
N VAL JB 125 11.25 -19.61 -53.40
CA VAL JB 125 11.84 -20.94 -53.23
C VAL JB 125 11.92 -21.62 -54.59
N VAL JB 126 13.10 -22.15 -54.92
CA VAL JB 126 13.30 -22.83 -56.18
C VAL JB 126 12.60 -24.19 -56.14
N ARG JB 127 11.78 -24.46 -57.14
CA ARG JB 127 11.04 -25.72 -57.19
C ARG JB 127 11.92 -26.81 -57.81
N GLY JB 128 12.00 -27.95 -57.13
CA GLY JB 128 12.84 -29.04 -57.61
C GLY JB 128 14.15 -29.15 -56.89
N LYS JB 129 14.12 -29.07 -55.57
CA LYS JB 129 15.34 -29.11 -54.76
C LYS JB 129 15.26 -30.20 -53.70
N TYR JB 130 16.18 -30.13 -52.72
CA TYR JB 130 16.35 -31.18 -51.72
C TYR JB 130 15.01 -31.56 -51.08
N ASP JB 131 14.37 -30.61 -50.41
CA ASP JB 131 13.10 -30.86 -49.73
C ASP JB 131 11.91 -30.25 -50.45
N CYS JB 132 12.13 -29.49 -51.51
CA CYS JB 132 11.07 -28.84 -52.27
C CYS JB 132 11.10 -29.39 -53.70
N GLY JB 133 10.29 -30.42 -53.93
CA GLY JB 133 10.22 -31.04 -55.23
C GLY JB 133 9.37 -30.26 -56.21
N HIS JB 134 9.32 -30.76 -57.44
CA HIS JB 134 8.55 -30.12 -58.49
C HIS JB 134 7.05 -30.28 -58.23
N VAL JB 135 6.26 -29.49 -58.94
CA VAL JB 135 4.81 -29.54 -58.81
C VAL JB 135 4.30 -30.79 -59.51
N GLN JB 136 3.55 -31.62 -58.78
CA GLN JB 136 3.02 -32.86 -59.31
C GLN JB 136 1.71 -32.61 -60.03
N LYS JB 137 1.50 -33.31 -61.14
CA LYS JB 137 0.27 -33.21 -61.90
C LYS JB 137 -0.85 -33.95 -61.18
N LYS JB 138 -2.01 -33.29 -61.09
CA LYS JB 138 -3.17 -33.90 -60.46
C LYS JB 138 -3.63 -35.10 -61.27
N LYS JB 139 -3.87 -36.22 -60.60
CA LYS JB 139 -4.28 -37.44 -61.27
C LYS JB 139 -5.60 -37.96 -60.71
N TYR KB 28 -49.08 -27.54 -80.06
CA TYR KB 28 -49.48 -27.46 -78.67
C TYR KB 28 -50.33 -26.23 -78.40
N TYR KB 29 -50.68 -26.01 -77.14
CA TYR KB 29 -51.38 -24.81 -76.72
C TYR KB 29 -50.37 -23.84 -76.10
N VAL KB 30 -50.87 -22.69 -75.64
CA VAL KB 30 -49.99 -21.69 -75.06
C VAL KB 30 -49.44 -22.16 -73.72
N ASP KB 31 -50.27 -22.76 -72.89
CA ASP KB 31 -49.86 -23.18 -71.55
C ASP KB 31 -50.69 -24.36 -71.11
N TRP KB 32 -50.16 -25.10 -70.13
CA TRP KB 32 -50.91 -26.20 -69.54
C TRP KB 32 -52.20 -25.71 -68.89
N LYS KB 33 -52.17 -24.50 -68.33
CA LYS KB 33 -53.39 -23.90 -67.79
C LYS KB 33 -54.44 -23.68 -68.86
N MET KB 34 -54.04 -23.19 -70.03
CA MET KB 34 -54.97 -23.06 -71.15
C MET KB 34 -55.47 -24.41 -71.63
N LEU KB 35 -54.59 -25.41 -71.66
CA LEU KB 35 -55.00 -26.75 -72.06
C LEU KB 35 -56.01 -27.35 -71.09
N ARG KB 36 -55.88 -27.03 -69.80
CA ARG KB 36 -56.90 -27.45 -68.83
C ARG KB 36 -58.18 -26.65 -68.96
N ASP KB 37 -58.07 -25.35 -69.25
CA ASP KB 37 -59.26 -24.49 -69.36
C ASP KB 37 -60.11 -24.89 -70.56
N VAL KB 38 -59.48 -25.24 -71.68
CA VAL KB 38 -60.27 -25.67 -72.84
C VAL KB 38 -60.98 -26.97 -72.55
N LYS KB 39 -60.35 -27.89 -71.80
CA LYS KB 39 -61.03 -29.10 -71.38
C LYS KB 39 -62.20 -28.81 -70.45
N ARG KB 40 -62.02 -27.84 -69.54
CA ARG KB 40 -63.12 -27.44 -68.67
C ARG KB 40 -64.28 -26.88 -69.47
N ARG KB 41 -64.00 -26.04 -70.47
CA ARG KB 41 -65.05 -25.52 -71.33
C ARG KB 41 -65.75 -26.61 -72.11
N LYS KB 42 -65.00 -27.58 -72.64
CA LYS KB 42 -65.63 -28.70 -73.35
C LYS KB 42 -66.53 -29.50 -72.42
N MET KB 43 -66.08 -29.78 -71.20
CA MET KB 43 -66.90 -30.52 -70.26
C MET KB 43 -68.15 -29.74 -69.86
N ALA KB 44 -68.02 -28.42 -69.67
CA ALA KB 44 -69.17 -27.60 -69.37
C ALA KB 44 -70.17 -27.60 -70.52
N TYR KB 45 -69.68 -27.52 -71.77
CA TYR KB 45 -70.56 -27.63 -72.92
C TYR KB 45 -71.27 -28.97 -72.97
N GLU KB 46 -70.55 -30.05 -72.65
CA GLU KB 46 -71.14 -31.39 -72.66
C GLU KB 46 -72.23 -31.52 -71.58
N TYR KB 47 -71.99 -30.97 -70.39
CA TYR KB 47 -72.90 -31.12 -69.26
C TYR KB 47 -73.81 -29.92 -69.07
N ALA KB 48 -73.92 -29.04 -70.07
CA ALA KB 48 -74.73 -27.83 -69.92
C ALA KB 48 -76.20 -28.17 -69.71
N ASP KB 49 -76.76 -29.00 -70.58
CA ASP KB 49 -78.20 -29.27 -70.51
C ASP KB 49 -78.58 -30.01 -69.23
N GLU KB 50 -77.78 -31.00 -68.82
CA GLU KB 50 -78.10 -31.76 -67.62
C GLU KB 50 -78.08 -30.87 -66.39
N ARG KB 51 -77.07 -30.00 -66.29
CA ARG KB 51 -77.02 -29.07 -65.17
C ARG KB 51 -78.19 -28.10 -65.18
N LEU KB 52 -78.59 -27.62 -66.37
CA LEU KB 52 -79.76 -26.75 -66.45
C LEU KB 52 -81.02 -27.46 -65.97
N ARG KB 53 -81.22 -28.70 -66.41
CA ARG KB 53 -82.38 -29.47 -65.98
C ARG KB 53 -82.37 -29.73 -64.48
N ILE KB 54 -81.20 -30.03 -63.91
CA ILE KB 54 -81.13 -30.27 -62.47
C ILE KB 54 -81.40 -28.98 -61.69
N ASN KB 55 -80.80 -27.88 -62.12
CA ASN KB 55 -81.01 -26.60 -61.44
C ASN KB 55 -82.46 -26.14 -61.55
N SER KB 56 -83.16 -26.52 -62.63
CA SER KB 56 -84.59 -26.25 -62.72
C SER KB 56 -85.37 -26.91 -61.60
N LEU KB 57 -84.87 -28.02 -61.06
CA LEU KB 57 -85.51 -28.70 -59.94
C LEU KB 57 -85.07 -28.15 -58.58
N ARG KB 58 -84.04 -27.31 -58.54
CA ARG KB 58 -83.56 -26.74 -57.29
C ARG KB 58 -83.96 -25.29 -57.08
N LYS KB 59 -84.13 -24.54 -58.17
CA LYS KB 59 -84.43 -23.12 -58.08
C LYS KB 59 -85.94 -22.83 -58.05
N ASN KB 60 -86.74 -23.78 -57.58
CA ASN KB 60 -88.18 -23.63 -57.53
C ASN KB 60 -88.70 -23.98 -56.14
N THR KB 61 -89.88 -23.44 -55.80
CA THR KB 61 -90.53 -23.72 -54.54
C THR KB 61 -91.77 -24.58 -54.69
N ILE KB 62 -92.26 -24.79 -55.93
CA ILE KB 62 -93.46 -25.59 -56.14
C ILE KB 62 -93.21 -27.04 -55.74
N LEU KB 63 -92.07 -27.60 -56.16
CA LEU KB 63 -91.78 -28.98 -55.88
C LEU KB 63 -91.55 -29.20 -54.38
N PRO KB 64 -91.92 -30.38 -53.86
CA PRO KB 64 -91.64 -30.67 -52.46
C PRO KB 64 -90.15 -30.76 -52.20
N LYS KB 65 -89.76 -30.43 -50.97
CA LYS KB 65 -88.35 -30.39 -50.59
C LYS KB 65 -87.72 -31.77 -50.50
N ASP KB 66 -88.51 -32.84 -50.56
CA ASP KB 66 -87.95 -34.19 -50.50
C ASP KB 66 -87.07 -34.48 -51.71
N LEU KB 67 -87.58 -34.17 -52.91
CA LEU KB 67 -86.82 -34.45 -54.12
C LEU KB 67 -85.71 -33.43 -54.37
N GLN KB 68 -85.78 -32.26 -53.74
CA GLN KB 68 -84.73 -31.26 -53.93
C GLN KB 68 -83.39 -31.74 -53.37
N GLU KB 69 -83.43 -32.44 -52.24
CA GLU KB 69 -82.19 -33.00 -51.69
C GLU KB 69 -81.61 -34.08 -52.60
N VAL KB 70 -82.47 -34.90 -53.21
CA VAL KB 70 -81.99 -35.89 -54.16
C VAL KB 70 -81.39 -35.22 -55.39
N ALA KB 71 -82.00 -34.13 -55.84
CA ALA KB 71 -81.44 -33.36 -56.95
C ALA KB 71 -80.09 -32.75 -56.59
N ASP KB 72 -79.95 -32.26 -55.35
CA ASP KB 72 -78.66 -31.76 -54.90
C ASP KB 72 -77.61 -32.86 -54.88
N GLU KB 73 -77.98 -34.05 -54.41
CA GLU KB 73 -77.05 -35.18 -54.46
C GLU KB 73 -76.66 -35.53 -55.88
N GLU KB 74 -77.62 -35.52 -56.81
CA GLU KB 74 -77.32 -35.82 -58.20
C GLU KB 74 -76.38 -34.79 -58.81
N ILE KB 75 -76.62 -33.50 -58.53
CA ILE KB 75 -75.75 -32.47 -59.09
C ILE KB 75 -74.38 -32.49 -58.44
N ALA KB 76 -74.28 -32.92 -57.17
CA ALA KB 76 -72.98 -33.09 -56.54
C ALA KB 76 -72.23 -34.30 -57.11
N SER KB 77 -72.96 -35.34 -57.52
CA SER KB 77 -72.33 -36.50 -58.14
C SER KB 77 -71.75 -36.20 -59.51
N LEU KB 78 -72.06 -35.04 -60.09
CA LEU KB 78 -71.53 -34.68 -61.39
C LEU KB 78 -70.04 -34.42 -61.32
N PRO KB 79 -69.33 -34.58 -62.43
CA PRO KB 79 -67.88 -34.29 -62.42
C PRO KB 79 -67.61 -32.84 -62.08
N ARG KB 80 -66.46 -32.61 -61.43
CA ARG KB 80 -66.14 -31.28 -60.94
C ARG KB 80 -66.01 -30.27 -62.07
N ASP KB 81 -65.34 -30.64 -63.16
CA ASP KB 81 -65.09 -29.73 -64.26
C ASP KB 81 -66.31 -29.53 -65.16
N SER KB 82 -67.49 -29.96 -64.72
CA SER KB 82 -68.70 -29.78 -65.51
C SER KB 82 -69.40 -28.45 -65.23
N CYS KB 83 -69.21 -27.88 -64.04
CA CYS KB 83 -69.87 -26.63 -63.70
C CYS KB 83 -69.24 -25.46 -64.46
N PRO KB 84 -70.05 -24.50 -64.90
CA PRO KB 84 -69.50 -23.34 -65.62
C PRO KB 84 -68.77 -22.34 -64.74
N VAL KB 85 -68.54 -22.66 -63.46
CA VAL KB 85 -67.86 -21.73 -62.57
C VAL KB 85 -66.35 -21.87 -62.64
N ARG KB 86 -65.83 -22.96 -63.21
CA ARG KB 86 -64.40 -23.21 -63.29
C ARG KB 86 -63.73 -22.59 -64.50
N ILE KB 87 -64.51 -22.05 -65.44
CA ILE KB 87 -63.92 -21.48 -66.64
C ILE KB 87 -63.30 -20.13 -66.32
N ARG KB 88 -62.13 -19.87 -66.92
CA ARG KB 88 -61.40 -18.63 -66.73
C ARG KB 88 -61.13 -18.01 -68.10
N ASN KB 89 -61.54 -16.76 -68.27
CA ASN KB 89 -61.38 -16.06 -69.56
C ASN KB 89 -59.93 -15.56 -69.65
N ARG KB 90 -59.07 -16.42 -70.17
CA ARG KB 90 -57.68 -16.06 -70.38
C ARG KB 90 -57.48 -15.46 -71.76
N CYS KB 91 -56.28 -14.93 -72.00
CA CYS KB 91 -55.95 -14.39 -73.31
C CYS KB 91 -55.79 -15.51 -74.32
N VAL KB 92 -56.19 -15.22 -75.57
CA VAL KB 92 -56.04 -16.20 -76.63
C VAL KB 92 -54.58 -16.39 -77.00
N MET KB 93 -53.82 -15.30 -77.08
CA MET KB 93 -52.44 -15.39 -77.57
C MET KB 93 -51.47 -15.78 -76.47
N THR KB 94 -51.59 -15.17 -75.29
CA THR KB 94 -50.61 -15.35 -74.23
C THR KB 94 -51.17 -16.04 -72.99
N SER KB 95 -52.47 -16.34 -72.97
CA SER KB 95 -53.10 -17.04 -71.84
C SER KB 95 -52.86 -16.32 -70.52
N ARG KB 96 -53.02 -15.00 -70.54
CA ARG KB 96 -52.85 -14.23 -69.31
C ARG KB 96 -54.15 -14.26 -68.51
N PRO KB 97 -54.12 -14.75 -67.26
CA PRO KB 97 -55.37 -14.90 -66.50
C PRO KB 97 -56.09 -13.60 -66.20
N ARG KB 98 -55.37 -12.48 -66.14
CA ARG KB 98 -55.96 -11.19 -65.79
C ARG KB 98 -55.57 -10.15 -66.83
N GLY KB 99 -56.21 -8.99 -66.74
CA GLY KB 99 -55.93 -7.90 -67.66
C GLY KB 99 -56.33 -8.18 -69.09
N VAL KB 100 -57.51 -8.77 -69.31
CA VAL KB 100 -57.97 -9.10 -70.65
C VAL KB 100 -59.30 -8.39 -70.91
N LYS KB 101 -59.58 -8.15 -72.18
CA LYS KB 101 -60.83 -7.52 -72.60
C LYS KB 101 -61.74 -8.56 -73.23
N ARG KB 102 -63.00 -8.58 -72.78
CA ARG KB 102 -63.95 -9.58 -73.23
C ARG KB 102 -64.31 -9.44 -74.70
N ARG KB 103 -64.28 -8.21 -75.24
CA ARG KB 103 -64.67 -8.01 -76.64
C ARG KB 103 -63.66 -8.63 -77.59
N TRP KB 104 -62.37 -8.51 -77.27
CA TRP KB 104 -61.32 -9.02 -78.14
C TRP KB 104 -60.68 -10.31 -77.63
N ARG KB 105 -60.98 -10.72 -76.40
CA ARG KB 105 -60.41 -11.93 -75.80
C ARG KB 105 -58.88 -11.87 -75.77
N LEU KB 106 -58.33 -10.67 -75.64
CA LEU KB 106 -56.89 -10.44 -75.65
C LEU KB 106 -56.48 -9.68 -74.40
N SER KB 107 -55.24 -9.91 -73.97
CA SER KB 107 -54.71 -9.22 -72.80
C SER KB 107 -54.48 -7.75 -73.11
N ARG KB 108 -54.35 -6.95 -72.05
CA ARG KB 108 -54.15 -5.52 -72.21
C ARG KB 108 -52.85 -5.18 -72.92
N ILE KB 109 -51.90 -6.10 -72.95
CA ILE KB 109 -50.60 -5.87 -73.58
C ILE KB 109 -50.59 -6.29 -75.04
N VAL KB 110 -51.15 -7.48 -75.34
CA VAL KB 110 -51.27 -7.89 -76.73
C VAL KB 110 -52.22 -6.96 -77.49
N PHE KB 111 -53.28 -6.50 -76.83
CA PHE KB 111 -54.18 -5.55 -77.47
C PHE KB 111 -53.45 -4.27 -77.83
N ARG KB 112 -52.65 -3.73 -76.91
CA ARG KB 112 -51.87 -2.53 -77.22
C ARG KB 112 -50.86 -2.80 -78.33
N HIS KB 113 -50.20 -3.96 -78.30
CA HIS KB 113 -49.21 -4.28 -79.32
C HIS KB 113 -49.84 -4.35 -80.71
N LEU KB 114 -51.03 -4.91 -80.81
CA LEU KB 114 -51.73 -4.97 -82.09
C LEU KB 114 -52.33 -3.63 -82.50
N ALA KB 115 -52.78 -2.83 -81.55
CA ALA KB 115 -53.41 -1.55 -81.89
C ALA KB 115 -52.40 -0.50 -82.28
N ASP KB 116 -51.22 -0.48 -81.65
CA ASP KB 116 -50.22 0.53 -81.96
C ASP KB 116 -49.65 0.36 -83.37
N HIS KB 117 -49.73 -0.86 -83.92
CA HIS KB 117 -49.31 -1.11 -85.29
C HIS KB 117 -50.38 -0.79 -86.31
N GLY KB 118 -51.57 -0.37 -85.86
CA GLY KB 118 -52.65 -0.10 -86.79
C GLY KB 118 -53.31 -1.34 -87.36
N GLN KB 119 -53.14 -2.49 -86.72
CA GLN KB 119 -53.69 -3.74 -87.21
C GLN KB 119 -55.14 -3.96 -86.77
N LEU KB 120 -55.69 -3.08 -85.94
CA LEU KB 120 -57.08 -3.16 -85.50
C LEU KB 120 -57.81 -1.93 -86.02
N SER KB 121 -58.90 -2.17 -86.74
CA SER KB 121 -59.67 -1.07 -87.33
C SER KB 121 -60.37 -0.26 -86.24
N GLY KB 122 -60.51 1.04 -86.51
CA GLY KB 122 -61.23 1.93 -85.63
C GLY KB 122 -60.59 2.21 -84.28
N VAL KB 123 -59.52 1.52 -83.93
CA VAL KB 123 -58.86 1.72 -82.65
C VAL KB 123 -57.80 2.79 -82.81
N GLN KB 124 -57.83 3.80 -81.95
CA GLN KB 124 -56.90 4.91 -82.01
C GLN KB 124 -56.70 5.49 -80.62
N ARG KB 125 -55.61 6.23 -80.45
CA ARG KB 125 -55.32 6.86 -79.18
C ARG KB 125 -56.38 7.91 -78.87
N ALA KB 126 -56.86 7.92 -77.62
CA ALA KB 126 -57.89 8.87 -77.22
C ALA KB 126 -57.27 10.22 -76.92
N MET KB 127 -57.71 11.25 -77.64
CA MET KB 127 -57.20 12.61 -77.47
C MET KB 127 -58.40 13.56 -77.39
N TRP KB 128 -58.75 13.95 -76.17
CA TRP KB 128 -59.84 14.89 -75.96
C TRP KB 128 -59.64 15.68 -74.68
N GLN LB 65 46.57 63.29 -33.82
CA GLN LB 65 45.40 63.73 -34.56
C GLN LB 65 45.55 65.17 -35.02
N ASP LB 66 45.10 65.45 -36.24
CA ASP LB 66 45.18 66.80 -36.78
C ASP LB 66 44.22 67.73 -36.05
N ASP LB 67 44.64 68.99 -35.89
CA ASP LB 67 43.89 69.99 -35.14
C ASP LB 67 43.70 71.23 -36.01
N PRO LB 68 42.75 71.20 -36.93
CA PRO LB 68 42.46 72.39 -37.74
C PRO LB 68 41.92 73.52 -36.88
N PRO LB 69 42.57 74.68 -36.91
CA PRO LB 69 42.08 75.81 -36.10
C PRO LB 69 40.71 76.24 -36.55
N PRO LB 70 39.88 76.74 -35.64
CA PRO LB 70 38.53 77.19 -36.03
C PRO LB 70 38.53 78.36 -37.00
N SER LB 71 39.63 79.11 -37.09
CA SER LB 71 39.75 80.24 -38.01
C SER LB 71 40.58 79.88 -39.23
N MET LB 72 40.39 78.68 -39.76
CA MET LB 72 41.23 78.18 -40.84
C MET LB 72 40.96 78.86 -42.18
N LEU LB 73 39.86 79.59 -42.33
CA LEU LB 73 39.54 80.27 -43.59
C LEU LB 73 39.44 79.25 -44.74
N LEU LB 74 38.36 78.47 -44.68
CA LEU LB 74 38.16 77.31 -45.53
C LEU LB 74 38.44 77.62 -47.00
N LEU LB 75 38.80 76.57 -47.75
CA LEU LB 75 39.33 76.72 -49.09
C LEU LB 75 38.38 77.42 -50.05
N ASP LB 76 37.07 77.40 -49.78
CA ASP LB 76 36.13 78.08 -50.66
C ASP LB 76 36.31 79.60 -50.64
N TYR LB 77 36.96 80.14 -49.62
CA TYR LB 77 37.22 81.57 -49.51
C TYR LB 77 38.66 81.84 -49.13
N GLN LB 78 39.50 80.81 -49.22
CA GLN LB 78 40.90 80.92 -48.86
C GLN LB 78 41.77 81.43 -50.01
N ASN LB 79 41.48 81.02 -51.24
CA ASN LB 79 42.32 81.36 -52.39
C ASN LB 79 41.86 82.60 -53.12
N VAL LB 80 41.06 83.45 -52.47
CA VAL LB 80 40.57 84.66 -53.12
C VAL LB 80 41.37 85.87 -52.62
N PRO LB 81 41.64 86.85 -53.48
CA PRO LB 81 42.38 88.04 -53.03
C PRO LB 81 41.56 88.89 -52.08
N GLY LB 82 42.28 89.66 -51.27
CA GLY LB 82 41.65 90.58 -50.33
C GLY LB 82 40.80 89.91 -49.28
N ILE LB 83 41.27 88.79 -48.73
CA ILE LB 83 40.52 88.09 -47.68
C ILE LB 83 41.03 88.42 -46.28
N HIS LB 84 42.33 88.72 -46.13
CA HIS LB 84 42.89 89.10 -44.85
C HIS LB 84 42.57 90.54 -44.47
N LYS LB 85 42.18 91.38 -45.43
CA LYS LB 85 41.85 92.77 -45.13
C LYS LB 85 40.43 92.94 -44.62
N VAL LB 86 39.59 91.90 -44.72
CA VAL LB 86 38.21 92.01 -44.28
C VAL LB 86 38.16 91.99 -42.75
N ASP LB 87 37.02 92.44 -42.21
CA ASP LB 87 36.87 92.58 -40.77
C ASP LB 87 36.69 91.20 -40.12
N ASP LB 88 36.84 91.20 -38.79
CA ASP LB 88 36.78 89.96 -38.02
C ASP LB 88 35.43 89.27 -38.13
N VAL LB 89 34.34 90.02 -38.30
CA VAL LB 89 33.02 89.41 -38.41
C VAL LB 89 32.95 88.54 -39.67
N VAL LB 90 33.36 89.09 -40.81
CA VAL LB 90 33.33 88.33 -42.05
C VAL LB 90 34.35 87.20 -42.03
N LYS LB 91 35.52 87.45 -41.44
CA LYS LB 91 36.51 86.37 -41.32
C LYS LB 91 35.99 85.22 -40.50
N ARG LB 92 35.30 85.51 -39.38
CA ARG LB 92 34.72 84.47 -38.55
C ARG LB 92 33.60 83.75 -39.26
N LEU LB 93 32.78 84.48 -40.03
CA LEU LB 93 31.71 83.84 -40.80
C LEU LB 93 32.27 82.92 -41.87
N LEU LB 94 33.38 83.29 -42.51
CA LEU LB 94 34.00 82.48 -43.55
C LEU LB 94 34.97 81.45 -43.00
N SER LB 95 35.21 81.45 -41.69
CA SER LB 95 36.13 80.52 -41.05
C SER LB 95 35.43 79.20 -40.77
N LEU LB 96 36.17 78.28 -40.16
CA LEU LB 96 35.66 76.96 -39.83
C LEU LB 96 34.76 76.94 -38.60
N GLU LB 97 34.74 78.02 -37.81
CA GLU LB 97 33.91 78.03 -36.62
C GLU LB 97 32.44 77.94 -36.98
N MET LB 98 32.02 78.65 -38.02
CA MET LB 98 30.64 78.62 -38.49
C MET LB 98 30.39 77.54 -39.54
N ALA LB 99 31.38 76.70 -39.83
CA ALA LB 99 31.28 75.69 -40.86
C ALA LB 99 30.82 74.35 -40.28
N ASN LB 100 30.34 73.49 -41.15
CA ASN LB 100 29.88 72.16 -40.76
C ASN LB 100 31.03 71.16 -40.87
N GLN LB 101 30.71 69.87 -40.77
CA GLN LB 101 31.74 68.85 -40.80
C GLN LB 101 32.30 68.64 -42.20
N LYS LB 102 31.52 68.94 -43.23
CA LYS LB 102 32.00 68.75 -44.60
C LYS LB 102 33.17 69.67 -44.92
N GLU LB 103 33.12 70.92 -44.46
CA GLU LB 103 34.21 71.85 -44.71
C GLU LB 103 35.48 71.39 -44.00
N LYS LB 104 35.36 70.90 -42.76
CA LYS LB 104 36.52 70.36 -42.08
C LYS LB 104 37.07 69.12 -42.78
N LEU LB 105 36.18 68.28 -43.31
CA LEU LB 105 36.63 67.14 -44.10
C LEU LB 105 37.41 67.58 -45.34
N LYS LB 106 36.92 68.61 -46.04
CA LYS LB 106 37.65 69.14 -47.19
C LYS LB 106 39.02 69.69 -46.79
N ILE LB 107 39.06 70.42 -45.67
CA ILE LB 107 40.33 70.98 -45.21
C ILE LB 107 41.32 69.86 -44.87
N LYS LB 108 40.86 68.84 -44.16
CA LYS LB 108 41.74 67.71 -43.85
C LYS LB 108 42.18 66.98 -45.11
N LYS LB 109 41.29 66.81 -46.08
CA LYS LB 109 41.65 66.13 -47.31
C LYS LB 109 42.72 66.90 -48.07
N MET LB 110 42.56 68.22 -48.21
CA MET LB 110 43.57 68.99 -48.92
C MET LB 110 44.89 69.02 -48.14
N GLN LB 111 44.83 69.14 -46.81
CA GLN LB 111 46.05 69.13 -46.02
C GLN LB 111 46.81 67.82 -46.16
N LEU LB 112 46.11 66.69 -46.15
CA LEU LB 112 46.75 65.40 -46.33
C LEU LB 112 47.27 65.20 -47.74
N MET LB 113 46.52 65.63 -48.76
CA MET LB 113 46.98 65.46 -50.13
C MET LB 113 48.14 66.37 -50.49
N ASN LB 114 48.28 67.52 -49.83
CA ASN LB 114 49.42 68.39 -50.08
C ASN LB 114 50.70 67.83 -49.46
N LYS LB 115 50.60 67.09 -48.36
CA LYS LB 115 51.79 66.62 -47.65
C LYS LB 115 52.16 65.18 -47.96
N VAL LB 116 51.22 64.34 -48.39
CA VAL LB 116 51.55 62.94 -48.66
C VAL LB 116 51.79 62.71 -50.16
N LEU LB 117 50.93 63.25 -51.00
CA LEU LB 117 51.07 63.05 -52.44
C LEU LB 117 52.13 63.99 -53.01
N GLU LB 118 52.59 63.65 -54.21
CA GLU LB 118 53.52 64.50 -54.96
C GLU LB 118 52.85 65.25 -56.10
N ASN LB 119 51.73 64.74 -56.63
CA ASN LB 119 51.00 65.38 -57.71
C ASN LB 119 49.55 65.51 -57.27
N PRO LB 120 49.20 66.59 -56.56
CA PRO LB 120 47.82 66.78 -56.11
C PRO LB 120 46.82 66.90 -57.24
N GLU LB 121 47.26 67.30 -58.45
CA GLU LB 121 46.34 67.40 -59.57
C GLU LB 121 45.84 66.05 -60.05
N ASP LB 122 46.67 65.01 -59.95
CA ASP LB 122 46.28 63.67 -60.39
C ASP LB 122 45.42 63.04 -59.30
N THR LB 123 44.10 63.17 -59.46
CA THR LB 123 43.16 62.58 -58.52
C THR LB 123 42.81 61.14 -58.87
N SER LB 124 42.94 60.76 -60.14
CA SER LB 124 42.60 59.41 -60.59
C SER LB 124 43.61 58.37 -60.17
N SER LB 125 44.75 58.77 -59.61
CA SER LB 125 45.78 57.80 -59.25
C SER LB 125 45.37 57.01 -58.01
N LEU LB 126 45.99 55.83 -57.88
CA LEU LB 126 45.70 54.96 -56.73
C LEU LB 126 46.10 55.61 -55.42
N GLU LB 127 47.25 56.29 -55.40
CA GLU LB 127 47.66 56.99 -54.18
C GLU LB 127 46.72 58.12 -53.83
N ALA LB 128 46.14 58.79 -54.83
CA ALA LB 128 45.14 59.81 -54.54
C ALA LB 128 43.85 59.20 -54.01
N ARG LB 129 43.41 58.09 -54.59
CA ARG LB 129 42.20 57.43 -54.08
C ARG LB 129 42.38 56.91 -52.67
N ILE LB 130 43.57 56.41 -52.34
CA ILE LB 130 43.81 55.89 -51.00
C ILE LB 130 43.71 56.99 -49.95
N VAL LB 131 44.35 58.13 -50.23
CA VAL LB 131 44.28 59.24 -49.28
C VAL LB 131 42.91 59.89 -49.27
N ALA LB 132 42.16 59.81 -50.37
CA ALA LB 132 40.77 60.26 -50.36
C ALA LB 132 39.90 59.38 -49.49
N LEU LB 133 40.12 58.06 -49.53
CA LEU LB 133 39.35 57.17 -48.66
C LEU LB 133 39.81 57.23 -47.21
N THR LB 134 41.06 57.65 -46.97
CA THR LB 134 41.58 57.70 -45.62
C THR LB 134 40.80 58.67 -44.74
N VAL LB 135 40.50 59.87 -45.27
CA VAL LB 135 39.76 60.84 -44.49
C VAL LB 135 38.34 60.38 -44.23
N LYS LB 136 37.71 59.72 -45.20
CA LYS LB 136 36.39 59.16 -44.98
C LYS LB 136 36.41 58.08 -43.92
N ILE LB 137 37.43 57.22 -43.93
CA ILE LB 137 37.55 56.18 -42.92
C ILE LB 137 37.73 56.81 -41.53
N ARG LB 138 38.57 57.85 -41.44
CA ARG LB 138 38.76 58.52 -40.16
C ARG LB 138 37.48 59.18 -39.68
N ASN LB 139 36.72 59.80 -40.57
CA ASN LB 139 35.44 60.40 -40.20
C ASN LB 139 34.46 59.35 -39.73
N TYR LB 140 34.41 58.20 -40.41
CA TYR LB 140 33.52 57.13 -39.97
C TYR LB 140 33.93 56.59 -38.61
N GLU LB 141 35.23 56.46 -38.37
CA GLU LB 141 35.70 56.02 -37.05
C GLU LB 141 35.33 57.03 -35.98
N GLU LB 142 35.45 58.32 -36.29
CA GLU LB 142 35.03 59.35 -35.34
C GLU LB 142 33.54 59.27 -35.04
N HIS LB 143 32.72 59.05 -36.08
CA HIS LB 143 31.28 58.91 -35.87
C HIS LB 143 30.93 57.67 -35.07
N MET LB 144 31.67 56.57 -35.25
CA MET LB 144 31.38 55.31 -34.57
C MET LB 144 31.49 55.43 -33.05
N GLN LB 145 32.47 56.19 -32.56
CA GLN LB 145 32.63 56.34 -31.12
C GLN LB 145 31.41 56.98 -30.48
N LYS LB 146 30.81 57.98 -31.14
CA LYS LB 146 29.60 58.61 -30.64
C LYS LB 146 28.36 57.75 -30.88
N HIS LB 147 28.32 57.00 -31.98
CA HIS LB 147 27.18 56.19 -32.34
C HIS LB 147 27.61 54.72 -32.36
N ARG LB 148 27.42 54.05 -31.22
CA ARG LB 148 27.81 52.65 -31.11
C ARG LB 148 26.88 51.74 -31.89
N LYS LB 149 25.58 52.06 -31.91
CA LYS LB 149 24.57 51.19 -32.51
C LYS LB 149 24.35 51.47 -33.99
N ASP LB 150 25.10 52.38 -34.59
CA ASP LB 150 24.89 52.76 -35.99
C ASP LB 150 25.44 51.65 -36.88
N LYS LB 151 24.62 50.64 -37.14
CA LYS LB 151 25.02 49.51 -37.97
C LYS LB 151 25.32 49.91 -39.41
N ALA LB 152 24.54 50.83 -39.99
CA ALA LB 152 24.81 51.27 -41.35
C ALA LB 152 26.17 51.95 -41.46
N HIS LB 153 26.50 52.82 -40.52
CA HIS LB 153 27.81 53.47 -40.54
C HIS LB 153 28.92 52.48 -40.25
N LYS LB 154 28.67 51.49 -39.38
CA LYS LB 154 29.67 50.45 -39.14
C LYS LB 154 29.95 49.66 -40.41
N ARG LB 155 28.90 49.30 -41.16
CA ARG LB 155 29.09 48.62 -42.44
C ARG LB 155 29.83 49.49 -43.44
N PHE LB 156 29.49 50.78 -43.50
CA PHE LB 156 30.19 51.69 -44.39
C PHE LB 156 31.68 51.75 -44.05
N LEU LB 157 32.02 51.86 -42.76
CA LEU LB 157 33.41 51.92 -42.35
C LEU LB 157 34.14 50.62 -42.67
N LEU LB 158 33.51 49.48 -42.40
CA LEU LB 158 34.15 48.20 -42.66
C LEU LB 158 34.38 47.97 -44.15
N MET LB 159 33.43 48.36 -45.00
CA MET LB 159 33.63 48.21 -46.43
C MET LB 159 34.62 49.22 -46.99
N SER LB 160 34.67 50.43 -46.44
CA SER LB 160 35.70 51.38 -46.85
C SER LB 160 37.09 50.87 -46.48
N ILE LB 161 37.23 50.24 -45.31
CA ILE LB 161 38.51 49.65 -44.95
C ILE LB 161 38.91 48.57 -45.94
N ASP LB 162 37.97 47.71 -46.33
CA ASP LB 162 38.27 46.67 -47.31
C ASP LB 162 38.67 47.25 -48.66
N GLN LB 163 37.95 48.29 -49.11
CA GLN LB 163 38.32 48.93 -50.36
C GLN LB 163 39.71 49.56 -50.31
N ARG LB 164 40.03 50.22 -49.19
CA ARG LB 164 41.35 50.81 -49.03
C ARG LB 164 42.42 49.72 -49.02
N LYS LB 165 42.15 48.60 -48.36
CA LYS LB 165 43.12 47.51 -48.36
C LYS LB 165 43.32 46.92 -49.75
N LYS LB 166 42.24 46.78 -50.52
CA LYS LB 166 42.38 46.28 -51.89
C LYS LB 166 43.19 47.25 -52.74
N MET LB 167 42.93 48.55 -52.62
CA MET LB 167 43.72 49.53 -53.35
C MET LB 167 45.18 49.54 -52.90
N LEU LB 168 45.43 49.33 -51.61
CA LEU LB 168 46.80 49.22 -51.11
C LEU LB 168 47.50 48.00 -51.70
N LYS LB 169 46.79 46.88 -51.80
CA LYS LB 169 47.36 45.69 -52.42
C LYS LB 169 47.70 45.95 -53.89
N ASN LB 170 46.79 46.60 -54.62
CA ASN LB 170 47.07 46.92 -56.01
C ASN LB 170 48.25 47.87 -56.15
N LEU LB 171 48.34 48.88 -55.27
CA LEU LB 171 49.46 49.81 -55.31
C LEU LB 171 50.78 49.12 -54.98
N ARG LB 172 50.77 48.19 -54.00
CA ARG LB 172 51.96 47.44 -53.69
C ARG LB 172 52.39 46.58 -54.87
N GLU LB 173 51.43 45.98 -55.58
CA GLU LB 173 51.76 45.21 -56.77
C GLU LB 173 52.32 46.06 -57.91
N THR LB 174 51.79 47.26 -58.11
CA THR LB 174 52.19 48.12 -59.22
C THR LB 174 53.45 48.93 -58.94
N ASN LB 175 53.43 49.78 -57.92
CA ASN LB 175 54.55 50.68 -57.59
C ASN LB 175 54.86 50.51 -56.10
N TYR LB 176 55.97 49.82 -55.81
CA TYR LB 176 56.31 49.53 -54.42
C TYR LB 176 56.84 50.77 -53.70
N ALA LB 177 57.61 51.62 -54.39
CA ALA LB 177 58.19 52.79 -53.75
C ALA LB 177 57.12 53.74 -53.25
N VAL LB 178 56.09 54.01 -54.06
CA VAL LB 178 55.00 54.87 -53.63
C VAL LB 178 54.20 54.18 -52.53
N PHE LB 179 54.01 52.87 -52.62
CA PHE LB 179 53.25 52.13 -51.62
C PHE LB 179 53.91 52.26 -50.24
N GLU LB 180 55.23 52.11 -50.18
CA GLU LB 180 55.94 52.21 -48.91
C GLU LB 180 55.79 53.60 -48.30
N LYS LB 181 55.96 54.65 -49.12
CA LYS LB 181 55.81 56.01 -48.61
C LYS LB 181 54.39 56.29 -48.16
N ILE LB 182 53.39 55.81 -48.90
CA ILE LB 182 52.00 56.02 -48.50
C ILE LB 182 51.73 55.34 -47.17
N CYS LB 183 52.17 54.09 -47.02
CA CYS LB 183 51.98 53.39 -45.76
C CYS LB 183 52.69 54.06 -44.60
N LYS LB 184 53.94 54.51 -44.80
CA LYS LB 184 54.68 55.17 -43.74
C LYS LB 184 54.06 56.49 -43.34
N GLU LB 185 53.56 57.27 -44.29
CA GLU LB 185 52.97 58.55 -43.95
C GLU LB 185 51.59 58.42 -43.35
N LEU LB 186 50.79 57.44 -43.78
CA LEU LB 186 49.44 57.28 -43.26
C LEU LB 186 49.36 56.38 -42.04
N GLY LB 187 50.45 55.71 -41.67
CA GLY LB 187 50.43 54.84 -40.53
C GLY LB 187 49.68 53.54 -40.73
N ILE LB 188 49.33 53.21 -41.97
CA ILE LB 188 48.57 52.01 -42.27
C ILE LB 188 49.53 50.83 -42.37
N GLU LB 189 49.25 49.77 -41.62
CA GLU LB 189 50.07 48.55 -41.62
C GLU LB 189 49.39 47.55 -42.54
N TYR LB 190 50.02 47.29 -43.68
CA TYR LB 190 49.47 46.34 -44.65
C TYR LB 190 49.83 44.91 -44.23
N THR LB 191 48.81 44.10 -44.01
CA THR LB 191 48.99 42.70 -43.63
C THR LB 191 48.51 41.80 -44.76
N PHE LB 192 49.31 40.79 -45.08
CA PHE LB 192 48.95 39.87 -46.14
C PHE LB 192 47.72 39.05 -45.74
N PRO LB 193 46.83 38.74 -46.69
CA PRO LB 193 45.63 37.96 -46.35
C PRO LB 193 46.01 36.56 -45.90
N PRO LB 194 45.61 36.18 -44.69
CA PRO LB 194 45.95 34.85 -44.19
C PRO LB 194 45.19 33.78 -44.95
N PRO LB 195 45.89 32.75 -45.45
CA PRO LB 195 45.20 31.66 -46.14
C PRO LB 195 44.35 30.84 -45.18
N TYR LB 196 43.36 30.16 -45.77
CA TYR LB 196 42.47 29.26 -45.03
C TYR LB 196 41.73 30.01 -43.92
N HIS LB 197 40.89 30.96 -44.35
CA HIS LB 197 40.05 31.71 -43.44
C HIS LB 197 39.10 30.77 -42.70
N ARG LB 198 39.30 30.62 -41.40
CA ARG LB 198 38.53 29.69 -40.59
C ARG LB 198 38.08 30.37 -39.30
N LYS LB 199 36.97 29.89 -38.75
CA LYS LB 199 36.45 30.38 -37.49
C LYS LB 199 37.07 29.57 -36.36
N ALA LB 200 37.98 30.20 -35.60
CA ALA LB 200 38.71 29.51 -34.54
C ALA LB 200 37.76 29.22 -33.38
N HIS LB 201 37.30 27.97 -33.29
CA HIS LB 201 36.39 27.58 -32.23
C HIS LB 201 37.17 27.15 -30.99
N ARG LB 202 36.42 26.88 -29.91
CA ARG LB 202 37.03 26.58 -28.63
C ARG LB 202 37.89 25.32 -28.69
N ARG LB 203 37.39 24.26 -29.34
CA ARG LB 203 38.15 23.01 -29.43
C ARG LB 203 39.47 23.22 -30.17
N TRP LB 204 39.42 23.91 -31.32
CA TRP LB 204 40.64 24.15 -32.08
C TRP LB 204 41.62 25.02 -31.30
N VAL LB 205 41.13 26.06 -30.64
CA VAL LB 205 42.02 26.93 -29.87
C VAL LB 205 42.69 26.16 -28.75
N THR LB 206 41.90 25.35 -28.02
CA THR LB 206 42.46 24.56 -26.93
C THR LB 206 43.49 23.57 -27.43
N LYS LB 207 43.19 22.87 -28.53
CA LYS LB 207 44.13 21.88 -29.05
C LYS LB 207 45.40 22.54 -29.55
N LYS LB 208 45.29 23.70 -30.22
CA LYS LB 208 46.48 24.41 -30.67
C LYS LB 208 47.34 24.87 -29.51
N ALA LB 209 46.72 25.41 -28.46
CA ALA LB 209 47.48 25.81 -27.29
C ALA LB 209 48.18 24.62 -26.63
N LEU LB 210 47.46 23.50 -26.52
CA LEU LB 210 48.07 22.30 -25.94
C LEU LB 210 49.24 21.81 -26.77
N CYS LB 211 49.09 21.80 -28.10
CA CYS LB 211 50.18 21.38 -28.97
C CYS LB 211 51.38 22.30 -28.86
N THR LB 212 51.16 23.62 -28.80
CA THR LB 212 52.28 24.54 -28.64
C THR LB 212 53.01 24.32 -27.31
N GLN LB 213 52.25 24.15 -26.22
CA GLN LB 213 52.88 23.92 -24.92
C GLN LB 213 53.64 22.59 -24.91
N VAL LB 214 53.08 21.54 -25.52
CA VAL LB 214 53.74 20.26 -25.58
C VAL LB 214 55.03 20.36 -26.37
N PHE LB 215 55.00 21.05 -27.51
CA PHE LB 215 56.20 21.21 -28.31
C PHE LB 215 57.28 21.97 -27.55
N ARG LB 216 56.89 23.04 -26.85
CA ARG LB 216 57.85 23.80 -26.06
C ARG LB 216 58.45 22.96 -24.93
N GLU LB 217 57.63 22.19 -24.21
CA GLU LB 217 58.16 21.32 -23.17
C GLU LB 217 59.08 20.23 -23.72
N VAL LB 218 58.72 19.64 -24.87
CA VAL LB 218 59.56 18.60 -25.45
C VAL LB 218 60.91 19.17 -25.86
N GLN LB 219 60.91 20.33 -26.51
CA GLN LB 219 62.19 20.92 -26.90
C GLN LB 219 63.01 21.36 -25.69
N LYS LB 220 62.36 21.87 -24.63
CA LYS LB 220 63.09 22.22 -23.42
C LYS LB 220 63.72 20.99 -22.77
N LEU LB 221 62.97 19.88 -22.68
CA LEU LB 221 63.51 18.67 -22.10
C LEU LB 221 64.66 18.10 -22.94
N LYS LB 222 64.53 18.14 -24.27
CA LYS LB 222 65.62 17.67 -25.12
C LYS LB 222 66.86 18.55 -24.99
N LYS LB 223 66.68 19.87 -24.87
CA LYS LB 223 67.82 20.75 -24.65
C LYS LB 223 68.50 20.45 -23.32
N GLN LB 224 67.71 20.23 -22.26
CA GLN LB 224 68.29 19.88 -20.97
C GLN LB 224 69.04 18.55 -21.03
N LYS LB 225 68.48 17.55 -21.73
CA LYS LB 225 69.17 16.28 -21.86
C LYS LB 225 70.46 16.42 -22.65
N ARG LB 226 70.45 17.24 -23.71
CA ARG LB 226 71.68 17.54 -24.43
C ARG LB 226 72.72 18.21 -23.56
N ALA LB 227 72.32 19.18 -22.73
CA ALA LB 227 73.27 19.82 -21.83
C ALA LB 227 73.84 18.82 -20.83
N LEU LB 228 73.00 17.95 -20.29
CA LEU LB 228 73.47 16.94 -19.35
C LEU LB 228 74.45 15.98 -20.01
N ARG LB 229 74.16 15.54 -21.24
CA ARG LB 229 75.08 14.66 -21.95
C ARG LB 229 76.39 15.37 -22.27
N ALA LB 230 76.34 16.64 -22.67
CA ALA LB 230 77.56 17.38 -22.93
C ALA LB 230 78.41 17.51 -21.66
N ALA LB 231 77.78 17.82 -20.53
CA ALA LB 231 78.50 17.87 -19.27
C ALA LB 231 79.10 16.52 -18.87
N ALA LB 232 78.35 15.44 -19.05
CA ALA LB 232 78.86 14.11 -18.71
C ALA LB 232 80.04 13.72 -19.59
N VAL LB 233 79.97 13.97 -20.89
CA VAL LB 233 81.08 13.62 -21.76
C VAL LB 233 82.28 14.51 -21.48
N ALA LB 234 82.06 15.80 -21.17
CA ALA LB 234 83.17 16.67 -20.81
C ALA LB 234 83.85 16.21 -19.53
N ALA LB 235 83.06 15.77 -18.54
CA ALA LB 235 83.64 15.23 -17.31
C ALA LB 235 84.38 13.93 -17.52
N HIS LB 236 83.85 13.05 -18.39
CA HIS LB 236 84.49 11.77 -18.63
C HIS LB 236 85.76 11.86 -19.46
N LYS LB 237 85.82 12.79 -20.43
CA LYS LB 237 87.00 12.91 -21.27
C LYS LB 237 88.21 13.43 -20.51
N GLN LB 238 88.00 14.09 -19.37
CA GLN LB 238 89.13 14.60 -18.59
C GLN LB 238 89.67 13.53 -17.64
N GLY LB 239 88.80 12.96 -16.82
CA GLY LB 239 89.21 11.93 -15.87
C GLY LB 239 88.95 12.32 -14.43
N ARG MB 10 60.03 -8.46 -63.32
CA ARG MB 10 60.26 -8.45 -61.87
C ARG MB 10 61.74 -8.49 -61.54
N ALA MB 11 62.08 -8.10 -60.32
CA ALA MB 11 63.47 -8.09 -59.89
C ALA MB 11 63.97 -9.50 -59.62
N TYR MB 12 65.20 -9.78 -60.01
CA TYR MB 12 65.85 -11.07 -59.76
C TYR MB 12 67.19 -10.85 -59.10
N ARG MB 13 67.60 -11.82 -58.27
CA ARG MB 13 68.89 -11.74 -57.61
C ARG MB 13 70.04 -12.02 -58.57
N GLY MB 14 69.78 -12.71 -59.68
CA GLY MB 14 70.82 -13.02 -60.64
C GLY MB 14 70.23 -13.21 -62.02
N GLY MB 15 70.75 -14.18 -62.76
CA GLY MB 15 70.28 -14.48 -64.10
C GLY MB 15 71.10 -13.78 -65.16
N HIS MB 16 70.96 -14.28 -66.39
CA HIS MB 16 71.69 -13.75 -67.52
C HIS MB 16 70.80 -13.73 -68.75
N LEU MB 17 71.11 -12.85 -69.69
CA LEU MB 17 70.35 -12.78 -70.93
C LEU MB 17 70.58 -14.05 -71.75
N THR MB 18 69.50 -14.62 -72.26
CA THR MB 18 69.57 -15.88 -72.99
C THR MB 18 68.66 -15.82 -74.21
N ILE MB 19 69.20 -16.21 -75.36
CA ILE MB 19 68.42 -16.34 -76.59
C ILE MB 19 67.86 -17.76 -76.63
N ARG MB 20 66.55 -17.88 -76.50
CA ARG MB 20 65.90 -19.18 -76.38
C ARG MB 20 64.64 -19.20 -77.24
N LEU MB 21 63.88 -20.29 -77.13
CA LEU MB 21 62.64 -20.48 -77.86
C LEU MB 21 61.47 -20.41 -76.89
N ALA MB 22 60.50 -19.56 -77.19
CA ALA MB 22 59.28 -19.44 -76.39
C ALA MB 22 58.18 -20.27 -77.06
N LEU MB 23 57.69 -21.28 -76.35
CA LEU MB 23 56.67 -22.19 -76.89
C LEU MB 23 55.28 -21.57 -76.66
N GLY MB 24 55.05 -20.45 -77.35
CA GLY MB 24 53.72 -19.88 -77.41
C GLY MB 24 53.08 -20.18 -78.74
N GLY MB 25 52.19 -21.16 -78.77
CA GLY MB 25 51.59 -21.63 -80.01
C GLY MB 25 50.25 -22.28 -79.79
N CYS MB 26 50.03 -23.41 -80.45
CA CYS MB 26 48.74 -24.09 -80.46
C CYS MB 26 48.93 -25.54 -80.02
N THR MB 27 47.85 -26.12 -79.51
CA THR MB 27 47.88 -27.53 -79.11
C THR MB 27 48.04 -28.41 -80.34
N ASN MB 28 48.98 -29.36 -80.26
CA ASN MB 28 49.35 -30.22 -81.38
C ASN MB 28 49.79 -29.41 -82.59
N ARG MB 29 50.29 -28.20 -82.36
CA ARG MB 29 50.71 -27.27 -83.39
C ARG MB 29 51.69 -26.27 -82.76
N PRO MB 30 52.94 -26.67 -82.57
CA PRO MB 30 53.90 -25.77 -81.92
C PRO MB 30 54.32 -24.64 -82.84
N PHE MB 31 54.76 -23.55 -82.21
CA PHE MB 31 55.27 -22.39 -82.92
C PHE MB 31 56.15 -21.62 -81.94
N TYR MB 32 57.45 -21.57 -82.20
CA TYR MB 32 58.41 -21.01 -81.26
C TYR MB 32 58.70 -19.56 -81.62
N ARG MB 33 58.73 -18.69 -80.61
CA ARG MB 33 59.10 -17.29 -80.79
C ARG MB 33 60.51 -17.10 -80.24
N ILE MB 34 61.49 -17.03 -81.14
CA ILE MB 34 62.88 -16.89 -80.76
C ILE MB 34 63.10 -15.48 -80.23
N VAL MB 35 63.22 -15.35 -78.91
CA VAL MB 35 63.32 -14.05 -78.25
C VAL MB 35 64.54 -14.07 -77.32
N ALA MB 36 64.98 -12.87 -76.95
CA ALA MB 36 66.04 -12.68 -75.98
C ALA MB 36 65.41 -12.28 -74.66
N ALA MB 37 65.48 -13.17 -73.67
CA ALA MB 37 64.84 -12.96 -72.39
C ALA MB 37 65.78 -13.36 -71.27
N HIS MB 38 65.51 -12.84 -70.08
CA HIS MB 38 66.30 -13.18 -68.90
C HIS MB 38 66.13 -14.66 -68.56
N SER MB 39 67.21 -15.26 -68.08
CA SER MB 39 67.22 -16.69 -67.80
C SER MB 39 66.27 -17.08 -66.67
N LYS MB 40 66.00 -16.18 -65.74
CA LYS MB 40 65.10 -16.47 -64.63
C LYS MB 40 63.64 -16.19 -64.96
N CYS MB 41 63.35 -15.64 -66.14
CA CYS MB 41 61.98 -15.40 -66.56
C CYS MB 41 61.34 -16.69 -67.07
N PRO MB 42 60.02 -16.80 -67.00
CA PRO MB 42 59.35 -17.99 -67.53
C PRO MB 42 59.46 -18.07 -69.04
N ARG MB 43 59.12 -19.25 -69.57
CA ARG MB 43 59.27 -19.50 -71.01
C ARG MB 43 58.40 -18.55 -71.83
N ASP MB 44 57.16 -18.32 -71.39
CA ASP MB 44 56.23 -17.45 -72.09
C ASP MB 44 56.09 -16.08 -71.42
N GLY MB 45 57.05 -15.71 -70.58
CA GLY MB 45 56.98 -14.48 -69.81
C GLY MB 45 57.59 -13.28 -70.51
N ARG MB 46 58.05 -12.34 -69.70
CA ARG MB 46 58.63 -11.10 -70.22
C ARG MB 46 59.92 -11.38 -70.95
N PHE MB 47 60.11 -10.69 -72.08
CA PHE MB 47 61.33 -10.77 -72.88
C PHE MB 47 61.81 -9.37 -73.19
N VAL MB 48 63.06 -9.28 -73.65
CA VAL MB 48 63.68 -8.00 -73.94
C VAL MB 48 63.28 -7.55 -75.34
N GLU MB 49 63.53 -8.39 -76.33
CA GLU MB 49 63.22 -8.03 -77.72
C GLU MB 49 63.12 -9.31 -78.53
N GLN MB 50 62.02 -9.47 -79.27
CA GLN MB 50 61.79 -10.65 -80.07
C GLN MB 50 62.70 -10.62 -81.30
N LEU MB 51 63.40 -11.74 -81.54
CA LEU MB 51 64.33 -11.83 -82.67
C LEU MB 51 63.65 -12.43 -83.90
N GLY MB 52 63.12 -13.64 -83.78
CA GLY MB 52 62.52 -14.30 -84.91
C GLY MB 52 61.47 -15.34 -84.54
N SER MB 53 61.17 -16.23 -85.48
CA SER MB 53 60.11 -17.22 -85.27
C SER MB 53 60.43 -18.50 -86.01
N TYR MB 54 60.10 -19.63 -85.37
CA TYR MB 54 60.35 -20.96 -85.92
C TYR MB 54 59.03 -21.73 -85.99
N ASP MB 55 58.78 -22.36 -87.13
CA ASP MB 55 57.60 -23.18 -87.34
C ASP MB 55 58.03 -24.64 -87.49
N PRO MB 56 57.86 -25.48 -86.47
CA PRO MB 56 58.28 -26.89 -86.61
C PRO MB 56 57.54 -27.64 -87.71
N LEU MB 57 56.27 -27.33 -87.95
CA LEU MB 57 55.51 -28.11 -88.92
C LEU MB 57 55.72 -27.57 -90.32
N PRO MB 58 55.96 -28.45 -91.30
CA PRO MB 58 56.07 -28.00 -92.69
C PRO MB 58 54.74 -27.49 -93.21
N ASN MB 59 54.81 -26.54 -94.13
CA ASN MB 59 53.63 -25.93 -94.72
C ASN MB 59 53.21 -26.70 -95.96
N SER MB 60 52.32 -26.12 -96.75
CA SER MB 60 51.83 -26.78 -97.96
C SER MB 60 52.95 -27.07 -98.94
N HIS MB 61 54.03 -26.28 -98.90
CA HIS MB 61 55.20 -26.52 -99.72
C HIS MB 61 56.21 -27.44 -99.04
N GLY MB 62 55.88 -27.96 -97.86
CA GLY MB 62 56.80 -28.81 -97.15
C GLY MB 62 58.04 -28.11 -96.66
N GLU MB 63 57.90 -26.87 -96.19
CA GLU MB 63 59.02 -26.07 -95.72
C GLU MB 63 58.79 -25.65 -94.27
N LYS MB 64 59.82 -25.79 -93.45
CA LYS MB 64 59.78 -25.34 -92.06
C LYS MB 64 60.29 -23.91 -92.01
N LEU MB 65 59.39 -22.96 -91.79
CA LEU MB 65 59.74 -21.55 -91.88
C LEU MB 65 60.49 -21.10 -90.63
N VAL MB 66 61.74 -20.68 -90.82
CA VAL MB 66 62.55 -20.12 -89.76
C VAL MB 66 62.94 -18.71 -90.17
N ALA MB 67 62.58 -17.74 -89.33
CA ALA MB 67 62.90 -16.34 -89.56
C ALA MB 67 63.81 -15.84 -88.45
N LEU MB 68 64.95 -15.27 -88.83
CA LEU MB 68 65.95 -14.78 -87.90
C LEU MB 68 66.25 -13.32 -88.20
N ASN MB 69 66.38 -12.51 -87.14
CA ASN MB 69 66.83 -11.13 -87.27
C ASN MB 69 68.30 -11.09 -86.93
N PHE MB 70 69.13 -11.43 -87.92
CA PHE MB 70 70.57 -11.58 -87.69
C PHE MB 70 71.20 -10.30 -87.17
N ASP MB 71 70.72 -9.14 -87.63
CA ASP MB 71 71.29 -7.87 -87.18
C ASP MB 71 71.19 -7.71 -85.68
N ARG MB 72 70.04 -8.01 -85.09
CA ARG MB 72 69.88 -7.98 -83.64
C ARG MB 72 70.50 -9.19 -82.96
N ILE MB 73 70.53 -10.35 -83.62
CA ILE MB 73 71.09 -11.55 -83.00
C ILE MB 73 72.58 -11.36 -82.74
N ARG MB 74 73.32 -10.89 -83.75
CA ARG MB 74 74.74 -10.65 -83.56
C ARG MB 74 75.00 -9.53 -82.56
N HIS MB 75 74.15 -8.50 -82.54
CA HIS MB 75 74.28 -7.44 -81.57
C HIS MB 75 74.13 -7.96 -80.15
N TRP MB 76 73.13 -8.82 -79.90
CA TRP MB 76 72.95 -9.36 -78.57
C TRP MB 76 74.05 -10.35 -78.21
N ILE MB 77 74.54 -11.12 -79.18
CA ILE MB 77 75.66 -12.02 -78.92
C ILE MB 77 76.89 -11.22 -78.51
N GLY MB 78 77.16 -10.12 -79.21
CA GLY MB 78 78.23 -9.22 -78.80
C GLY MB 78 78.01 -8.58 -77.44
N CYS MB 79 76.77 -8.21 -77.12
CA CYS MB 79 76.45 -7.72 -75.78
C CYS MB 79 76.63 -8.79 -74.71
N GLY MB 80 76.56 -10.07 -75.06
CA GLY MB 80 76.80 -11.12 -74.10
C GLY MB 80 75.62 -12.03 -73.84
N ALA MB 81 74.78 -12.25 -74.85
CA ALA MB 81 73.61 -13.10 -74.72
C ALA MB 81 74.00 -14.56 -74.90
N HIS MB 82 73.53 -15.41 -73.99
CA HIS MB 82 73.77 -16.84 -74.10
C HIS MB 82 72.82 -17.48 -75.11
N LEU MB 83 73.20 -18.67 -75.56
CA LEU MB 83 72.43 -19.41 -76.55
C LEU MB 83 72.12 -20.80 -76.02
N SER MB 84 71.00 -21.36 -76.48
CA SER MB 84 70.57 -22.69 -76.10
C SER MB 84 70.83 -23.67 -77.22
N LYS MB 85 70.62 -24.95 -76.91
CA LYS MB 85 70.88 -26.01 -77.90
C LYS MB 85 70.01 -25.90 -79.14
N PRO MB 86 68.68 -25.75 -79.05
CA PRO MB 86 67.90 -25.59 -80.30
C PRO MB 86 68.26 -24.33 -81.07
N VAL MB 87 68.57 -23.23 -80.38
CA VAL MB 87 68.96 -22.00 -81.08
C VAL MB 87 70.26 -22.21 -81.84
N GLU MB 88 71.24 -22.85 -81.20
CA GLU MB 88 72.49 -23.16 -81.90
C GLU MB 88 72.28 -24.14 -83.04
N LYS MB 89 71.38 -25.12 -82.89
CA LYS MB 89 71.07 -26.02 -83.98
C LYS MB 89 70.47 -25.29 -85.17
N LEU MB 90 69.52 -24.38 -84.90
CA LEU MB 90 68.93 -23.60 -85.98
C LEU MB 90 69.96 -22.70 -86.65
N LEU MB 91 70.84 -22.08 -85.87
CA LEU MB 91 71.88 -21.25 -86.46
C LEU MB 91 72.84 -22.07 -87.30
N GLY MB 92 73.22 -23.26 -86.85
CA GLY MB 92 74.08 -24.12 -87.65
C GLY MB 92 73.42 -24.55 -88.94
N LEU MB 93 72.12 -24.88 -88.88
CA LEU MB 93 71.39 -25.22 -90.10
C LEU MB 93 71.32 -24.02 -91.04
N SER MB 94 71.11 -22.81 -90.52
CA SER MB 94 71.06 -21.62 -91.35
C SER MB 94 72.42 -21.28 -91.96
N GLY MB 95 73.50 -21.64 -91.28
CA GLY MB 95 74.83 -21.33 -91.74
C GLY MB 95 75.45 -20.09 -91.12
N PHE MB 96 74.71 -19.37 -90.28
CA PHE MB 96 75.29 -18.22 -89.59
C PHE MB 96 76.28 -18.65 -88.52
N TYR MB 97 76.15 -19.88 -88.03
CA TYR MB 97 77.04 -20.46 -87.04
C TYR MB 97 77.48 -21.85 -87.50
N PRO MB 98 78.63 -22.33 -87.01
CA PRO MB 98 79.08 -23.67 -87.39
C PRO MB 98 78.13 -24.75 -86.89
N LEU MB 99 78.10 -25.86 -87.60
CA LEU MB 99 77.20 -26.96 -87.26
C LEU MB 99 77.54 -27.52 -85.89
N HIS MB 100 76.52 -27.96 -85.17
CA HIS MB 100 76.71 -28.40 -83.80
C HIS MB 100 77.30 -29.81 -83.77
N PRO MB 101 78.27 -30.07 -82.89
CA PRO MB 101 78.75 -31.44 -82.73
C PRO MB 101 77.67 -32.41 -82.30
N MET MB 102 76.67 -31.95 -81.55
CA MET MB 102 75.51 -32.79 -81.27
C MET MB 102 74.77 -33.18 -82.54
N MET MB 103 74.57 -32.22 -83.45
CA MET MB 103 73.96 -32.55 -84.73
C MET MB 103 74.81 -33.55 -85.51
N ILE MB 104 76.12 -33.36 -85.52
CA ILE MB 104 76.99 -34.26 -86.27
C ILE MB 104 76.93 -35.67 -85.70
N THR MB 105 77.01 -35.80 -84.38
CA THR MB 105 77.00 -37.13 -83.78
C THR MB 105 75.62 -37.78 -83.87
N ASN MB 106 74.55 -36.98 -83.84
CA ASN MB 106 73.22 -37.56 -84.05
C ASN MB 106 73.06 -38.06 -85.47
N ALA MB 107 73.59 -37.33 -86.46
CA ALA MB 107 73.57 -37.83 -87.83
C ALA MB 107 74.39 -39.11 -87.97
N GLU MB 108 75.55 -39.18 -87.30
CA GLU MB 108 76.34 -40.40 -87.33
C GLU MB 108 75.60 -41.56 -86.69
N ARG MB 109 74.91 -41.32 -85.56
CA ARG MB 109 74.12 -42.36 -84.93
C ARG MB 109 72.98 -42.83 -85.82
N LEU MB 110 72.33 -41.89 -86.51
CA LEU MB 110 71.27 -42.26 -87.45
C LEU MB 110 71.83 -43.12 -88.58
N ARG MB 111 72.99 -42.75 -89.12
CA ARG MB 111 73.60 -43.55 -90.17
C ARG MB 111 73.95 -44.95 -89.68
N ARG MB 112 74.48 -45.05 -88.46
CA ARG MB 112 74.77 -46.37 -87.88
C ARG MB 112 73.50 -47.19 -87.68
N LYS MB 113 72.42 -46.55 -87.24
CA LYS MB 113 71.14 -47.26 -87.11
C LYS MB 113 70.64 -47.76 -88.46
N ARG MB 114 70.78 -46.94 -89.50
CA ARG MB 114 70.41 -47.39 -90.84
C ARG MB 114 71.26 -48.58 -91.28
N ALA MB 115 72.56 -48.53 -91.01
CA ALA MB 115 73.44 -49.63 -91.36
C ALA MB 115 73.10 -50.91 -90.62
N ARG MB 116 72.75 -50.82 -89.33
CA ARG MB 116 72.28 -51.99 -88.60
C ARG MB 116 70.96 -52.51 -89.16
N GLU MB 117 70.01 -51.62 -89.47
CA GLU MB 117 68.71 -52.04 -89.95
C GLU MB 117 68.79 -52.72 -91.32
N VAL MB 118 69.62 -52.21 -92.22
CA VAL MB 118 69.70 -52.83 -93.55
C VAL MB 118 70.29 -54.22 -93.47
N LEU MB 119 71.32 -54.42 -92.64
CA LEU MB 119 71.88 -55.75 -92.49
C LEU MB 119 70.91 -56.69 -91.78
N LEU MB 120 70.15 -56.18 -90.79
CA LEU MB 120 69.15 -57.02 -90.13
C LEU MB 120 68.08 -57.45 -91.13
N ALA MB 121 67.62 -56.54 -91.98
CA ALA MB 121 66.64 -56.88 -93.01
C ALA MB 121 67.21 -57.86 -94.02
N SER MB 122 68.46 -57.69 -94.44
CA SER MB 122 69.08 -58.63 -95.36
C SER MB 122 69.18 -60.03 -94.76
N GLN MB 123 69.55 -60.11 -93.48
CA GLN MB 123 69.63 -61.40 -92.80
C GLN MB 123 68.26 -62.02 -92.56
N LYS MB 124 67.21 -61.20 -92.38
CA LYS MB 124 65.87 -61.72 -92.16
C LYS MB 124 65.32 -62.50 -93.36
N THR MB 125 65.55 -62.00 -94.58
CA THR MB 125 64.95 -62.60 -95.76
C THR MB 125 65.42 -64.03 -96.00
N ASP MB 126 66.71 -64.29 -95.85
CA ASP MB 126 67.25 -65.62 -96.11
C ASP MB 126 66.92 -66.57 -94.96
N SER NB 2 81.74 17.55 -65.90
CA SER NB 2 80.38 18.04 -66.08
C SER NB 2 79.36 17.08 -65.50
N ILE NB 3 79.73 16.42 -64.41
CA ILE NB 3 78.84 15.45 -63.75
C ILE NB 3 78.00 16.24 -62.76
N ALA NB 4 76.89 16.78 -63.26
CA ALA NB 4 75.95 17.54 -62.43
C ALA NB 4 74.56 17.32 -63.01
N ARG NB 5 73.81 16.40 -62.42
CA ARG NB 5 72.48 16.03 -62.89
C ARG NB 5 71.49 16.05 -61.74
N SER NB 6 70.25 16.40 -62.05
CA SER NB 6 69.16 16.39 -61.08
C SER NB 6 68.13 15.38 -61.53
N SER NB 7 67.68 14.54 -60.59
CA SER NB 7 66.72 13.49 -60.90
C SER NB 7 65.30 14.03 -61.09
N VAL NB 8 65.04 15.28 -60.72
CA VAL NB 8 63.70 15.84 -60.87
C VAL NB 8 63.45 16.23 -62.32
N HIS NB 9 62.17 16.23 -62.69
CA HIS NB 9 61.80 16.60 -64.06
C HIS NB 9 61.89 18.10 -64.30
N ALA NB 10 61.63 18.91 -63.27
CA ALA NB 10 61.58 20.36 -63.42
C ALA NB 10 63.01 20.90 -63.38
N LYS NB 11 63.65 20.95 -64.56
CA LYS NB 11 64.99 21.53 -64.63
C LYS NB 11 64.95 23.03 -64.39
N TRP NB 12 64.02 23.73 -65.06
CA TRP NB 12 63.82 25.16 -64.87
C TRP NB 12 62.33 25.43 -64.70
N VAL NB 13 61.99 26.23 -63.70
CA VAL NB 13 60.59 26.59 -63.46
C VAL NB 13 60.50 28.08 -63.14
N VAL NB 14 59.32 28.64 -63.36
CA VAL NB 14 59.03 30.03 -63.04
C VAL NB 14 57.82 30.04 -62.10
N GLY NB 15 57.95 30.73 -60.98
CA GLY NB 15 56.89 30.72 -59.99
C GLY NB 15 56.78 32.06 -59.28
N LYS NB 16 55.91 32.09 -58.29
CA LYS NB 16 55.69 33.28 -57.48
C LYS NB 16 55.98 32.98 -56.02
N VAL NB 17 56.65 33.92 -55.36
CA VAL NB 17 57.05 33.74 -53.96
C VAL NB 17 55.81 33.82 -53.08
N ILE NB 18 55.63 32.82 -52.22
CA ILE NB 18 54.48 32.76 -51.33
C ILE NB 18 54.86 33.31 -49.97
N GLY NB 19 55.87 32.72 -49.34
CA GLY NB 19 56.30 33.15 -48.03
C GLY NB 19 57.80 33.16 -47.93
N THR NB 20 58.31 34.06 -47.09
CA THR NB 20 59.75 34.21 -46.86
C THR NB 20 60.09 34.14 -45.39
N ALA NB 21 59.19 33.57 -44.58
CA ALA NB 21 59.45 33.44 -43.14
C ALA NB 21 60.62 32.50 -42.85
N MET NB 22 60.91 31.58 -43.75
CA MET NB 22 62.03 30.66 -43.56
C MET NB 22 63.34 31.35 -43.89
N GLN NB 23 64.36 31.05 -43.07
CA GLN NB 23 65.67 31.68 -43.23
C GLN NB 23 66.39 31.09 -44.44
N LYS NB 24 66.77 31.96 -45.38
CA LYS NB 24 67.50 31.57 -46.58
C LYS NB 24 66.75 30.51 -47.39
N THR NB 25 65.42 30.52 -47.30
CA THR NB 25 64.60 29.60 -48.06
C THR NB 25 63.34 30.32 -48.52
N ALA NB 26 62.97 30.14 -49.78
CA ALA NB 26 61.79 30.78 -50.35
C ALA NB 26 60.79 29.72 -50.78
N LYS NB 27 59.53 29.92 -50.41
CA LYS NB 27 58.44 29.04 -50.79
C LYS NB 27 57.81 29.60 -52.06
N VAL NB 28 57.99 28.90 -53.17
CA VAL NB 28 57.58 29.36 -54.49
C VAL NB 28 56.51 28.44 -55.03
N ARG NB 29 55.43 29.03 -55.55
CA ARG NB 29 54.31 28.30 -56.12
C ARG NB 29 54.43 28.33 -57.63
N VAL NB 30 54.59 27.16 -58.23
CA VAL NB 30 54.72 27.04 -59.68
C VAL NB 30 53.39 26.58 -60.26
N THR NB 31 52.91 27.31 -61.27
CA THR NB 31 51.62 27.05 -61.89
C THR NB 31 51.84 26.55 -63.32
N ARG NB 32 51.21 25.44 -63.66
CA ARG NB 32 51.29 24.84 -64.98
C ARG NB 32 49.90 24.78 -65.62
N LEU NB 33 49.85 24.24 -66.83
CA LEU NB 33 48.60 24.02 -67.54
C LEU NB 33 48.38 22.52 -67.71
N VAL NB 34 47.21 22.04 -67.29
CA VAL NB 34 46.87 20.62 -67.36
C VAL NB 34 45.59 20.47 -68.16
N LEU NB 35 45.62 19.60 -69.16
CA LEU NB 35 44.45 19.35 -69.99
C LEU NB 35 43.44 18.48 -69.25
N ASP NB 36 42.18 18.91 -69.25
CA ASP NB 36 41.12 18.14 -68.63
C ASP NB 36 40.74 16.99 -69.57
N PRO NB 37 40.81 15.74 -69.12
CA PRO NB 37 40.45 14.61 -70.00
C PRO NB 37 39.02 14.66 -70.50
N TYR NB 38 38.09 15.25 -69.74
CA TYR NB 38 36.69 15.29 -70.12
C TYR NB 38 36.29 16.58 -70.80
N LEU NB 39 36.64 17.73 -70.23
CA LEU NB 39 36.26 19.02 -70.80
C LEU NB 39 37.19 19.47 -71.91
N LEU NB 40 38.37 18.85 -72.04
CA LEU NB 40 39.36 19.25 -73.04
C LEU NB 40 39.72 20.72 -72.93
N LYS NB 41 39.88 21.20 -71.70
CA LYS NB 41 40.27 22.58 -71.43
C LYS NB 41 41.41 22.58 -70.44
N TYR NB 42 42.33 23.53 -70.61
CA TYR NB 42 43.50 23.65 -69.75
C TYR NB 42 43.19 24.54 -68.55
N PHE NB 43 43.51 24.03 -67.35
CA PHE NB 43 43.29 24.76 -66.11
C PHE NB 43 44.62 24.91 -65.37
N ASN NB 44 44.72 25.96 -64.57
CA ASN NB 44 45.93 26.27 -63.82
C ASN NB 44 46.04 25.35 -62.62
N LYS NB 45 47.11 24.56 -62.57
CA LYS NB 45 47.40 23.69 -61.43
C LYS NB 45 48.64 24.23 -60.72
N ARG NB 46 48.50 24.50 -59.42
CA ARG NB 46 49.59 25.03 -58.63
C ARG NB 46 50.40 23.90 -57.99
N LYS NB 47 51.66 24.20 -57.68
CA LYS NB 47 52.53 23.25 -57.00
C LYS NB 47 53.57 24.03 -56.22
N THR NB 48 53.78 23.65 -54.96
CA THR NB 48 54.68 24.36 -54.08
C THR NB 48 56.10 23.80 -54.21
N TYR NB 49 57.06 24.68 -54.43
CA TYR NB 49 58.48 24.32 -54.53
C TYR NB 49 59.28 25.14 -53.54
N PHE NB 50 60.24 24.50 -52.87
CA PHE NB 50 61.13 25.19 -51.96
C PHE NB 50 62.42 25.54 -52.69
N ALA NB 51 62.84 26.80 -52.55
CA ALA NB 51 64.05 27.30 -53.19
C ALA NB 51 64.98 27.89 -52.15
N HIS NB 52 66.28 27.76 -52.40
CA HIS NB 52 67.31 28.27 -51.50
C HIS NB 52 67.75 29.65 -51.97
N ASP NB 53 67.58 30.65 -51.09
CA ASP NB 53 67.98 32.03 -51.38
C ASP NB 53 69.08 32.40 -50.38
N ALA NB 54 70.33 32.24 -50.82
CA ALA NB 54 71.46 32.52 -49.94
C ALA NB 54 71.57 33.99 -49.57
N LEU NB 55 70.98 34.88 -50.38
CA LEU NB 55 71.04 36.31 -50.14
C LEU NB 55 69.81 36.85 -49.42
N GLN NB 56 68.70 36.11 -49.42
CA GLN NB 56 67.44 36.56 -48.81
C GLN NB 56 67.02 37.92 -49.38
N GLN NB 57 66.85 37.94 -50.70
CA GLN NB 57 66.48 39.16 -51.41
C GLN NB 57 65.07 39.15 -51.96
N CYS NB 58 64.47 37.98 -52.18
CA CYS NB 58 63.13 37.91 -52.74
C CYS NB 58 62.09 38.09 -51.65
N THR NB 59 61.07 38.89 -51.93
CA THR NB 59 59.95 39.12 -51.03
C THR NB 59 58.68 38.49 -51.60
N VAL NB 60 57.60 38.60 -50.82
CA VAL NB 60 56.33 38.01 -51.23
C VAL NB 60 55.80 38.76 -52.44
N GLY NB 61 55.42 38.01 -53.48
CA GLY NB 61 54.89 38.60 -54.70
C GLY NB 61 55.88 38.67 -55.85
N ASP NB 62 57.09 38.13 -55.72
CA ASP NB 62 58.08 38.19 -56.78
C ASP NB 62 57.92 37.00 -57.73
N ILE NB 63 57.95 37.29 -59.02
CA ILE NB 63 57.99 36.26 -60.05
C ILE NB 63 59.45 35.89 -60.27
N VAL NB 64 59.80 34.66 -59.90
CA VAL NB 64 61.20 34.25 -59.80
C VAL NB 64 61.42 32.97 -60.62
N LEU NB 65 62.68 32.72 -60.94
CA LEU NB 65 63.11 31.55 -61.70
C LEU NB 65 63.87 30.61 -60.77
N LEU NB 66 63.54 29.32 -60.85
CA LEU NB 66 64.16 28.30 -60.02
C LEU NB 66 64.84 27.26 -60.92
N LYS NB 67 66.08 26.92 -60.58
CA LYS NB 67 66.88 25.94 -61.29
C LYS NB 67 67.07 24.71 -60.41
N ALA NB 68 66.99 23.53 -61.02
CA ALA NB 68 67.11 22.28 -60.28
C ALA NB 68 68.50 22.16 -59.66
N LEU NB 69 68.54 22.00 -58.34
CA LEU NB 69 69.81 21.83 -57.66
C LEU NB 69 70.43 20.48 -58.03
N PRO NB 70 71.73 20.43 -58.30
CA PRO NB 70 72.35 19.15 -58.66
C PRO NB 70 72.23 18.10 -57.57
N VAL NB 71 72.29 18.49 -56.30
CA VAL NB 71 72.12 17.55 -55.19
C VAL NB 71 71.14 18.15 -54.20
N PRO NB 72 70.10 17.40 -53.79
CA PRO NB 72 69.13 17.95 -52.84
C PRO NB 72 69.77 18.16 -51.47
N ARG NB 73 69.75 19.42 -51.01
CA ARG NB 73 70.29 19.72 -49.69
C ARG NB 73 69.49 19.01 -48.60
N THR NB 74 68.17 18.99 -48.72
CA THR NB 74 67.30 18.29 -47.80
C THR NB 74 66.25 17.55 -48.61
N LYS NB 75 65.23 17.02 -47.92
CA LYS NB 75 64.18 16.29 -48.61
C LYS NB 75 63.14 17.19 -49.25
N HIS NB 76 63.13 18.47 -48.94
CA HIS NB 76 62.17 19.41 -49.49
C HIS NB 76 62.78 20.48 -50.40
N VAL NB 77 64.01 20.90 -50.14
CA VAL NB 77 64.67 21.94 -50.94
C VAL NB 77 65.47 21.22 -52.02
N LYS NB 78 64.96 21.26 -53.25
CA LYS NB 78 65.61 20.65 -54.39
C LYS NB 78 65.85 21.64 -55.53
N HIS NB 79 65.60 22.92 -55.29
CA HIS NB 79 65.78 23.94 -56.32
C HIS NB 79 66.47 25.16 -55.70
N GLU NB 80 67.01 26.01 -56.57
CA GLU NB 80 67.71 27.20 -56.13
C GLU NB 80 67.23 28.39 -56.96
N LEU NB 81 67.18 29.55 -56.31
CA LEU NB 81 66.78 30.78 -56.99
C LEU NB 81 67.89 31.19 -57.96
N ALA NB 82 67.51 31.47 -59.21
CA ALA NB 82 68.48 31.87 -60.22
C ALA NB 82 68.45 33.38 -60.45
N GLU NB 83 67.26 33.91 -60.75
CA GLU NB 83 67.12 35.34 -61.01
C GLU NB 83 65.68 35.75 -60.75
N ILE NB 84 65.50 36.89 -60.09
CA ILE NB 84 64.17 37.45 -59.86
C ILE NB 84 63.71 38.09 -61.16
N ILE NB 85 62.80 37.42 -61.86
CA ILE NB 85 62.35 37.90 -63.16
C ILE NB 85 61.58 39.21 -63.01
N PHE NB 86 60.66 39.26 -62.05
CA PHE NB 86 59.86 40.45 -61.81
C PHE NB 86 59.75 40.68 -60.30
N LYS NB 87 60.17 41.85 -59.85
CA LYS NB 87 60.03 42.21 -58.45
C LYS NB 87 58.70 42.93 -58.23
N VAL NB 88 58.06 42.63 -57.10
CA VAL NB 88 56.73 43.18 -56.83
C VAL NB 88 56.84 44.69 -56.65
N GLY NB 89 56.00 45.43 -57.38
CA GLY NB 89 56.01 46.87 -57.34
C GLY NB 89 57.17 47.53 -58.04
N GLN NB 90 58.24 46.79 -58.33
CA GLN NB 90 59.42 47.31 -59.01
C GLN NB 90 59.67 46.43 -60.23
N VAL NB 91 59.05 46.81 -61.35
CA VAL NB 91 59.11 46.04 -62.59
C VAL NB 91 59.91 46.83 -63.60
N ILE NB 92 60.87 46.16 -64.24
CA ILE NB 92 61.67 46.75 -65.31
C ILE NB 92 61.30 46.04 -66.60
N ASP NB 93 60.92 46.82 -67.61
CA ASP NB 93 60.49 46.23 -68.87
C ASP NB 93 61.67 45.58 -69.59
N PRO NB 94 61.64 44.28 -69.85
CA PRO NB 94 62.79 43.63 -70.50
C PRO NB 94 63.05 44.10 -71.91
N VAL NB 95 62.07 44.69 -72.58
CA VAL NB 95 62.24 45.11 -73.97
C VAL NB 95 62.76 46.55 -74.05
N THR NB 96 62.30 47.43 -73.15
CA THR NB 96 62.74 48.82 -73.16
C THR NB 96 63.74 49.16 -72.06
N GLY NB 97 63.87 48.33 -71.03
CA GLY NB 97 64.83 48.59 -69.99
C GLY NB 97 64.44 49.67 -69.01
N LYS NB 98 63.19 50.14 -69.05
CA LYS NB 98 62.74 51.23 -68.20
C LYS NB 98 61.85 50.71 -67.08
N PRO NB 99 61.83 51.39 -65.93
CA PRO NB 99 60.86 51.03 -64.89
C PRO NB 99 59.43 51.29 -65.36
N CYS NB 100 58.51 50.44 -64.92
CA CYS NB 100 57.11 50.57 -65.28
C CYS NB 100 56.24 50.14 -64.12
N ALA NB 101 55.10 50.82 -63.98
CA ALA NB 101 54.10 50.52 -62.96
C ALA NB 101 52.86 50.02 -63.68
N GLY NB 102 52.81 48.71 -63.93
CA GLY NB 102 51.71 48.12 -64.66
C GLY NB 102 51.75 48.44 -66.14
N THR NB 103 50.83 49.28 -66.60
CA THR NB 103 50.75 49.66 -68.01
C THR NB 103 51.40 51.01 -68.29
N THR NB 104 51.57 51.86 -67.28
CA THR NB 104 52.13 53.19 -67.46
C THR NB 104 53.62 53.18 -67.19
N TYR NB 105 54.39 53.86 -68.06
CA TYR NB 105 55.83 53.95 -67.90
C TYR NB 105 56.16 54.92 -66.77
N LEU NB 106 57.01 54.46 -65.83
CA LEU NB 106 57.52 55.36 -64.82
C LEU NB 106 58.47 56.38 -65.43
N GLU NB 107 59.34 55.94 -66.34
CA GLU NB 107 60.25 56.81 -67.08
C GLU NB 107 60.05 56.56 -68.56
N SER NB 108 59.71 57.61 -69.29
CA SER NB 108 59.48 57.47 -70.72
C SER NB 108 60.79 57.15 -71.43
N PRO NB 109 60.81 56.14 -72.31
CA PRO NB 109 62.03 55.81 -73.05
C PRO NB 109 62.39 56.83 -74.12
N ILE NB 110 61.52 57.80 -74.39
CA ILE NB 110 61.80 58.80 -75.42
C ILE NB 110 62.62 59.97 -74.90
N SER NB 111 63.12 59.89 -73.66
CA SER NB 111 63.91 60.96 -73.06
C SER NB 111 65.22 60.36 -72.55
N PRO NB 112 66.20 60.12 -73.43
CA PRO NB 112 67.48 59.58 -72.96
C PRO NB 112 68.18 60.48 -71.96
N GLU NB 113 68.03 61.80 -72.10
CA GLU NB 113 68.66 62.74 -71.19
C GLU NB 113 67.62 63.65 -70.55
N SER OB 47 20.70 64.43 -104.56
CA SER OB 47 20.45 65.28 -105.71
C SER OB 47 19.20 66.12 -105.50
N ASN OB 48 18.22 65.55 -104.79
CA ASN OB 48 16.97 66.26 -104.54
C ASN OB 48 17.15 67.27 -103.42
N GLU OB 49 16.62 68.48 -103.64
CA GLU OB 49 16.72 69.56 -102.67
C GLU OB 49 15.50 69.66 -101.76
N ASP OB 50 14.36 69.12 -102.18
CA ASP OB 50 13.12 69.23 -101.43
C ASP OB 50 12.95 68.12 -100.39
N LEU OB 51 13.98 67.29 -100.22
CA LEU OB 51 13.91 66.25 -99.19
C LEU OB 51 13.92 66.88 -97.80
N PRO OB 52 13.19 66.29 -96.85
CA PRO OB 52 13.20 66.84 -95.48
C PRO OB 52 14.56 66.70 -94.83
N VAL OB 53 14.84 67.62 -93.91
CA VAL OB 53 16.11 67.62 -93.19
C VAL OB 53 15.89 67.13 -91.77
N PRO OB 54 16.83 66.36 -91.20
CA PRO OB 54 16.69 65.90 -89.80
C PRO OB 54 16.97 67.02 -88.80
N MET OB 55 15.96 67.85 -88.57
CA MET OB 55 16.05 68.97 -87.65
C MET OB 55 15.07 68.81 -86.50
N GLU OB 56 15.27 69.61 -85.47
CA GLU OB 56 14.38 69.60 -84.31
C GLU OB 56 13.01 70.17 -84.70
N ASN OB 57 11.98 69.73 -83.98
CA ASN OB 57 10.62 70.16 -84.25
C ASN OB 57 10.46 71.64 -83.92
N PRO OB 58 10.08 72.48 -84.89
CA PRO OB 58 9.89 73.91 -84.58
C PRO OB 58 8.59 74.18 -83.87
N TYR OB 59 7.59 73.31 -84.00
CA TYR OB 59 6.29 73.49 -83.37
C TYR OB 59 6.24 72.93 -81.96
N LYS OB 60 7.38 72.81 -81.30
CA LYS OB 60 7.44 72.27 -79.94
C LYS OB 60 6.81 73.25 -78.96
N GLU OB 61 5.60 72.92 -78.50
CA GLU OB 61 4.93 73.78 -77.55
C GLU OB 61 5.62 73.70 -76.19
N PRO OB 62 5.82 74.83 -75.52
CA PRO OB 62 6.46 74.80 -74.19
C PRO OB 62 5.65 74.01 -73.19
N LEU OB 63 6.35 73.36 -72.28
CA LEU OB 63 5.70 72.57 -71.23
C LEU OB 63 4.91 73.46 -70.29
N LYS OB 64 3.79 72.95 -69.81
CA LYS OB 64 2.97 73.69 -68.87
C LYS OB 64 3.67 73.79 -67.51
N LYS OB 65 3.37 74.85 -66.78
CA LYS OB 65 3.98 75.14 -65.50
C LYS OB 65 2.96 74.97 -64.38
N CYS OB 66 3.43 74.53 -63.21
CA CYS OB 66 2.54 74.48 -62.07
C CYS OB 66 2.29 75.89 -61.56
N ILE OB 67 1.25 76.02 -60.72
CA ILE OB 67 0.89 77.33 -60.18
C ILE OB 67 2.06 77.95 -59.42
N LEU OB 68 2.91 77.12 -58.82
CA LEU OB 68 4.08 77.60 -58.08
C LEU OB 68 5.38 77.33 -58.84
N CYS OB 69 5.31 77.10 -60.14
CA CYS OB 69 6.53 76.93 -60.93
C CYS OB 69 7.37 78.19 -60.86
N GLU OB 70 8.67 78.02 -60.59
CA GLU OB 70 9.62 79.12 -60.41
C GLU OB 70 9.15 80.08 -59.32
N LYS OB 71 8.67 79.53 -58.22
CA LYS OB 71 8.27 80.30 -57.06
C LYS OB 71 9.06 79.83 -55.84
N HIS OB 72 8.72 80.37 -54.67
CA HIS OB 72 9.40 80.04 -53.42
C HIS OB 72 8.35 79.64 -52.39
N VAL OB 73 8.25 78.34 -52.12
CA VAL OB 73 7.34 77.83 -51.10
C VAL OB 73 7.97 78.04 -49.74
N ASP OB 74 7.22 78.64 -48.82
CA ASP OB 74 7.70 78.95 -47.48
C ASP OB 74 6.73 78.39 -46.44
N TYR OB 75 7.21 78.30 -45.21
CA TYR OB 75 6.40 77.79 -44.10
C TYR OB 75 5.77 78.90 -43.27
N LYS OB 76 6.05 80.17 -43.58
CA LYS OB 76 5.51 81.29 -42.80
C LYS OB 76 4.36 81.99 -43.49
N ASN OB 77 4.17 81.78 -44.79
CA ASN OB 77 3.02 82.35 -45.50
C ASN OB 77 1.85 81.40 -45.33
N VAL OB 78 1.26 81.43 -44.13
CA VAL OB 78 0.11 80.59 -43.83
C VAL OB 78 -1.06 80.92 -44.74
N GLN OB 79 -1.18 82.17 -45.20
CA GLN OB 79 -2.21 82.50 -46.17
C GLN OB 79 -2.03 81.70 -47.46
N LEU OB 80 -0.79 81.60 -47.95
CA LEU OB 80 -0.53 80.78 -49.12
C LEU OB 80 -0.77 79.31 -48.83
N LEU OB 81 -0.32 78.83 -47.66
CA LEU OB 81 -0.45 77.41 -47.35
C LEU OB 81 -1.90 76.99 -47.19
N SER OB 82 -2.77 77.89 -46.74
CA SER OB 82 -4.16 77.54 -46.51
C SER OB 82 -4.95 77.35 -47.79
N GLN OB 83 -4.43 77.84 -48.93
CA GLN OB 83 -5.16 77.71 -50.18
C GLN OB 83 -5.24 76.28 -50.68
N PHE OB 84 -4.48 75.35 -50.10
CA PHE OB 84 -4.45 73.96 -50.55
C PHE OB 84 -5.05 73.00 -49.54
N ILE OB 85 -5.72 73.50 -48.50
CA ILE OB 85 -6.30 72.65 -47.47
C ILE OB 85 -7.82 72.78 -47.52
N SER OB 86 -8.49 71.75 -47.00
CA SER OB 86 -9.94 71.76 -46.97
C SER OB 86 -10.45 72.77 -45.94
N PRO OB 87 -11.34 73.68 -46.32
CA PRO OB 87 -11.84 74.68 -45.36
C PRO OB 87 -12.62 74.06 -44.21
N PHE OB 88 -13.14 72.85 -44.35
CA PHE OB 88 -13.98 72.24 -43.33
C PHE OB 88 -13.23 71.26 -42.43
N THR OB 89 -12.24 70.56 -42.97
CA THR OB 89 -11.51 69.56 -42.20
C THR OB 89 -10.00 69.76 -42.18
N GLY OB 90 -9.46 70.65 -43.01
CA GLY OB 90 -8.03 70.88 -43.01
C GLY OB 90 -7.22 69.86 -43.76
N CYS OB 91 -7.88 68.93 -44.48
CA CYS OB 91 -7.15 67.91 -45.22
C CYS OB 91 -6.38 68.54 -46.38
N ILE OB 92 -5.17 68.04 -46.61
CA ILE OB 92 -4.35 68.53 -47.71
C ILE OB 92 -4.81 67.87 -49.01
N TYR OB 93 -5.15 68.69 -49.99
CA TYR OB 93 -5.61 68.17 -51.27
C TYR OB 93 -4.46 67.51 -52.03
N GLY OB 94 -4.81 66.50 -52.82
CA GLY OB 94 -3.85 65.75 -53.59
C GLY OB 94 -3.47 66.44 -54.88
N ARG OB 95 -2.68 65.72 -55.69
CA ARG OB 95 -2.25 66.26 -56.98
C ARG OB 95 -3.42 66.46 -57.92
N HIS OB 96 -4.36 65.51 -57.96
CA HIS OB 96 -5.49 65.62 -58.87
C HIS OB 96 -6.38 66.82 -58.58
N ILE OB 97 -6.25 67.41 -57.39
CA ILE OB 97 -6.98 68.61 -57.02
C ILE OB 97 -6.13 69.86 -57.18
N THR OB 98 -4.90 69.83 -56.66
CA THR OB 98 -4.06 71.03 -56.68
C THR OB 98 -3.58 71.35 -58.09
N GLY OB 99 -3.09 70.34 -58.81
CA GLY OB 99 -2.53 70.56 -60.13
C GLY OB 99 -1.15 71.17 -60.09
N LEU OB 100 -0.28 70.64 -59.23
CA LEU OB 100 1.08 71.13 -59.09
C LEU OB 100 2.06 70.06 -59.56
N CYS OB 101 3.06 70.46 -60.34
CA CYS OB 101 4.06 69.52 -60.80
C CYS OB 101 4.92 69.06 -59.63
N GLY OB 102 5.42 67.83 -59.74
CA GLY OB 102 5.86 67.02 -58.61
C GLY OB 102 6.57 67.68 -57.45
N LYS OB 103 7.51 68.59 -57.73
CA LYS OB 103 8.32 69.16 -56.65
C LYS OB 103 7.46 70.01 -55.71
N LYS OB 104 6.58 70.83 -56.27
CA LYS OB 104 5.85 71.80 -55.46
C LYS OB 104 4.81 71.15 -54.57
N GLN OB 105 4.21 70.03 -54.99
CA GLN OB 105 3.27 69.33 -54.12
C GLN OB 105 3.97 68.84 -52.85
N LYS OB 106 5.14 68.22 -53.01
CA LYS OB 106 5.90 67.76 -51.86
C LYS OB 106 6.37 68.92 -51.01
N GLU OB 107 6.82 70.01 -51.63
CA GLU OB 107 7.25 71.18 -50.87
C GLU OB 107 6.09 71.77 -50.07
N ILE OB 108 4.90 71.87 -50.66
CA ILE OB 108 3.74 72.38 -49.96
C ILE OB 108 3.37 71.47 -48.79
N THR OB 109 3.41 70.15 -49.01
CA THR OB 109 3.10 69.23 -47.93
C THR OB 109 4.08 69.38 -46.77
N LYS OB 110 5.38 69.46 -47.08
CA LYS OB 110 6.38 69.62 -46.04
C LYS OB 110 6.22 70.96 -45.31
N ALA OB 111 5.96 72.03 -46.04
CA ALA OB 111 5.76 73.34 -45.40
C ALA OB 111 4.53 73.35 -44.51
N ILE OB 112 3.42 72.74 -44.95
CA ILE OB 112 2.23 72.68 -44.12
C ILE OB 112 2.48 71.88 -42.86
N LYS OB 113 3.15 70.72 -43.00
CA LYS OB 113 3.44 69.92 -41.83
C LYS OB 113 4.37 70.64 -40.86
N ARG OB 114 5.34 71.39 -41.38
CA ARG OB 114 6.23 72.15 -40.51
C ARG OB 114 5.48 73.26 -39.79
N ALA OB 115 4.64 74.01 -40.52
CA ALA OB 115 3.92 75.13 -39.91
C ALA OB 115 2.92 74.67 -38.87
N GLN OB 116 2.21 73.57 -39.13
CA GLN OB 116 1.18 73.10 -38.19
C GLN OB 116 1.80 72.69 -36.86
N ILE OB 117 3.03 72.21 -36.86
CA ILE OB 117 3.69 71.83 -35.61
C ILE OB 117 4.47 73.00 -34.99
N LEU OB 118 4.93 73.95 -35.80
CA LEU OB 118 5.57 75.13 -35.23
C LEU OB 118 4.56 76.09 -34.63
N GLY OB 119 3.30 76.02 -35.03
CA GLY OB 119 2.25 76.82 -34.43
C GLY OB 119 1.83 78.04 -35.21
N PHE OB 120 1.87 77.98 -36.54
CA PHE OB 120 1.46 79.10 -37.38
C PHE OB 120 0.13 78.88 -38.08
N MET OB 121 -0.27 77.62 -38.33
CA MET OB 121 -1.50 77.32 -39.03
C MET OB 121 -2.24 76.23 -38.28
N PRO OB 122 -3.55 76.37 -38.08
CA PRO OB 122 -4.30 75.32 -37.38
C PRO OB 122 -4.38 74.04 -38.20
N VAL OB 123 -4.53 72.92 -37.49
CA VAL OB 123 -4.57 71.61 -38.10
C VAL OB 123 -6.00 71.15 -38.38
N THR OB 124 -6.89 71.33 -37.41
CA THR OB 124 -8.25 70.83 -37.54
C THR OB 124 -9.04 71.55 -38.62
N TYR OB 125 -8.87 72.86 -38.75
CA TYR OB 125 -9.64 73.66 -39.69
C TYR OB 125 -8.73 74.67 -40.37
N LYS OB 126 -9.28 75.38 -41.34
CA LYS OB 126 -8.59 76.48 -41.99
C LYS OB 126 -8.94 77.78 -41.30
N ASP OB 127 -7.94 78.65 -41.15
CA ASP OB 127 -8.14 79.93 -40.50
C ASP OB 127 -9.15 80.76 -41.28
N PRO OB 128 -10.24 81.21 -40.65
CA PRO OB 128 -11.26 81.98 -41.40
C PRO OB 128 -10.75 83.28 -41.97
N ALA OB 129 -9.65 83.83 -41.45
CA ALA OB 129 -9.09 85.05 -42.03
C ALA OB 129 -8.63 84.84 -43.46
N TYR OB 130 -8.30 83.60 -43.83
CA TYR OB 130 -7.89 83.25 -45.18
C TYR OB 130 -8.99 82.56 -45.96
N LEU OB 131 -10.23 82.60 -45.46
CA LEU OB 131 -11.33 81.93 -46.12
C LEU OB 131 -11.76 82.62 -47.41
N LYS OB 132 -11.45 83.91 -47.57
CA LYS OB 132 -11.85 84.68 -48.74
C LYS OB 132 -10.78 84.68 -49.82
N ASP OB 133 -9.72 83.88 -49.66
CA ASP OB 133 -8.68 83.81 -50.67
C ASP OB 133 -9.22 83.23 -51.97
N PRO OB 134 -8.65 83.63 -53.10
CA PRO OB 134 -9.12 83.09 -54.39
C PRO OB 134 -8.93 81.58 -54.46
N LYS OB 135 -9.88 80.91 -55.11
CA LYS OB 135 -9.88 79.46 -55.20
C LYS OB 135 -8.98 79.01 -56.34
N VAL OB 136 -8.00 78.16 -56.03
CA VAL OB 136 -7.08 77.64 -57.05
C VAL OB 136 -7.34 76.14 -57.21
N CYS OB 137 -7.96 75.53 -56.20
CA CYS OB 137 -8.23 74.11 -56.24
C CYS OB 137 -9.36 73.81 -57.22
N ASN OB 138 -9.46 72.53 -57.61
CA ASN OB 138 -10.44 72.07 -58.57
C ASN OB 138 -11.46 71.14 -57.91
N ILE OB 139 -11.80 71.41 -56.66
CA ILE OB 139 -12.76 70.60 -55.91
C ILE OB 139 -13.95 71.49 -55.52
N LYS OB 140 -15.15 71.02 -55.84
CA LYS OB 140 -16.38 71.74 -55.52
C LYS OB 140 -17.20 70.88 -54.58
N TYR OB 141 -17.54 71.43 -53.42
CA TYR OB 141 -18.32 70.71 -52.41
C TYR OB 141 -19.82 70.91 -52.60
N ARG OB 142 -20.27 72.16 -52.57
CA ARG OB 142 -21.69 72.49 -52.63
C ARG OB 142 -22.18 72.36 -54.07
N GLU OB 143 -23.16 71.51 -54.28
CA GLU OB 143 -23.73 71.30 -55.62
C GLU OB 143 -25.20 71.66 -55.64
N ALA PB 2 -9.47 69.54 -29.72
CA ALA PB 2 -9.64 69.95 -28.33
C ALA PB 2 -9.06 71.34 -28.10
N ASN PB 3 -7.76 71.48 -28.33
CA ASN PB 3 -7.10 72.77 -28.15
C ASN PB 3 -7.53 73.79 -29.18
N HIS PB 4 -8.05 73.34 -30.33
CA HIS PB 4 -8.52 74.26 -31.35
C HIS PB 4 -9.86 74.85 -30.95
N LEU PB 5 -10.22 75.95 -31.62
CA LEU PB 5 -11.51 76.59 -31.36
C LEU PB 5 -12.65 75.73 -31.87
N LYS PB 6 -13.76 75.75 -31.14
CA LYS PB 6 -14.90 74.91 -31.46
C LYS PB 6 -15.81 75.58 -32.47
N PHE PB 7 -16.71 74.78 -33.04
CA PHE PB 7 -17.75 75.26 -33.97
C PHE PB 7 -17.15 75.97 -35.18
N ILE PB 8 -16.04 75.45 -35.68
CA ILE PB 8 -15.39 75.96 -36.89
C ILE PB 8 -15.21 74.86 -37.93
N ALA PB 9 -14.70 73.71 -37.50
CA ALA PB 9 -14.44 72.60 -38.40
C ALA PB 9 -15.65 71.69 -38.51
N ARG PB 10 -15.93 71.23 -39.73
CA ARG PB 10 -17.05 70.33 -40.01
C ARG PB 10 -18.38 70.90 -39.51
N THR PB 11 -18.57 72.19 -39.73
CA THR PB 11 -19.79 72.88 -39.32
C THR PB 11 -20.44 73.52 -40.53
N VAL PB 12 -21.74 73.28 -40.71
CA VAL PB 12 -22.50 73.83 -41.82
C VAL PB 12 -23.73 74.55 -41.26
N MET PB 13 -23.99 75.75 -41.78
CA MET PB 13 -25.13 76.54 -41.35
C MET PB 13 -26.35 76.20 -42.20
N VAL PB 14 -27.47 75.90 -41.55
CA VAL PB 14 -28.69 75.60 -42.28
C VAL PB 14 -29.24 76.86 -42.93
N GLN PB 15 -30.02 76.66 -43.99
CA GLN PB 15 -30.62 77.76 -44.74
C GLN PB 15 -32.12 77.64 -44.68
N GLU PB 16 -32.77 78.65 -44.10
CA GLU PB 16 -34.23 78.75 -44.07
C GLU PB 16 -34.87 77.52 -43.41
N GLY PB 17 -34.23 77.03 -42.35
CA GLY PB 17 -34.77 75.89 -41.62
C GLY PB 17 -34.62 74.55 -42.29
N ASN PB 18 -33.88 74.47 -43.39
CA ASN PB 18 -33.70 73.22 -44.11
C ASN PB 18 -32.59 72.41 -43.43
N VAL PB 19 -32.96 71.32 -42.77
CA VAL PB 19 -32.02 70.51 -42.01
C VAL PB 19 -31.60 69.27 -42.78
N GLU PB 20 -32.54 68.66 -43.51
CA GLU PB 20 -32.20 67.46 -44.27
C GLU PB 20 -31.17 67.74 -45.35
N GLY PB 21 -31.33 68.86 -46.07
CA GLY PB 21 -30.33 69.25 -47.05
C GLY PB 21 -28.99 69.64 -46.47
N ALA PB 22 -28.99 70.30 -45.31
CA ALA PB 22 -27.73 70.61 -44.64
C ALA PB 22 -27.01 69.35 -44.21
N TYR PB 23 -27.75 68.34 -43.71
CA TYR PB 23 -27.12 67.08 -43.36
C TYR PB 23 -26.54 66.38 -44.58
N ARG PB 24 -27.24 66.43 -45.71
CA ARG PB 24 -26.69 65.87 -46.95
C ARG PB 24 -25.44 66.62 -47.38
N THR PB 25 -25.44 67.94 -47.24
CA THR PB 25 -24.25 68.73 -47.58
C THR PB 25 -23.07 68.33 -46.71
N LEU PB 26 -23.30 68.18 -45.40
CA LEU PB 26 -22.24 67.75 -44.50
C LEU PB 26 -21.75 66.35 -44.83
N ASN PB 27 -22.66 65.44 -45.17
CA ASN PB 27 -22.28 64.09 -45.55
C ASN PB 27 -21.43 64.10 -46.82
N ARG PB 28 -21.79 64.92 -47.80
CA ARG PB 28 -20.98 65.08 -48.99
C ARG PB 28 -19.61 65.67 -48.67
N ILE PB 29 -19.56 66.65 -47.75
CA ILE PB 29 -18.27 67.20 -47.33
C ILE PB 29 -17.38 66.09 -46.78
N LEU PB 30 -17.92 65.29 -45.85
CA LEU PB 30 -17.14 64.22 -45.25
C LEU PB 30 -16.74 63.15 -46.26
N THR PB 31 -17.64 62.79 -47.18
CA THR PB 31 -17.31 61.79 -48.20
C THR PB 31 -16.21 62.29 -49.13
N MET PB 32 -16.28 63.55 -49.56
CA MET PB 32 -15.25 64.08 -50.44
C MET PB 32 -13.92 64.24 -49.71
N ASP PB 33 -13.96 64.54 -48.40
CA ASP PB 33 -12.73 64.60 -47.63
C ASP PB 33 -12.23 63.23 -47.19
N GLY PB 34 -13.03 62.17 -47.40
CA GLY PB 34 -12.59 60.83 -47.08
C GLY PB 34 -12.73 60.44 -45.63
N LEU PB 35 -13.37 61.27 -44.82
CA LEU PB 35 -13.49 60.96 -43.40
C LEU PB 35 -14.46 59.81 -43.13
N ILE PB 36 -15.49 59.64 -43.96
CA ILE PB 36 -16.43 58.55 -43.74
C ILE PB 36 -15.74 57.21 -43.86
N GLU PB 37 -14.97 57.02 -44.94
CA GLU PB 37 -14.24 55.78 -45.12
C GLU PB 37 -13.21 55.55 -44.03
N ASP PB 38 -12.48 56.58 -43.61
CA ASP PB 38 -11.49 56.44 -42.55
C ASP PB 38 -12.16 56.05 -41.22
N ILE PB 39 -13.29 56.68 -40.91
CA ILE PB 39 -14.00 56.34 -39.67
C ILE PB 39 -14.49 54.90 -39.72
N LYS PB 40 -15.07 54.49 -40.85
CA LYS PB 40 -15.54 53.11 -40.96
C LYS PB 40 -14.39 52.12 -40.92
N ARG PB 41 -13.21 52.51 -41.40
CA ARG PB 41 -12.05 51.62 -41.40
C ARG PB 41 -11.41 51.51 -40.03
N ARG PB 42 -11.43 52.59 -39.25
CA ARG PB 42 -10.75 52.62 -37.96
C ARG PB 42 -11.53 51.94 -36.84
N ARG PB 43 -12.73 51.43 -37.13
CA ARG PB 43 -13.47 50.71 -36.11
C ARG PB 43 -12.72 49.47 -35.65
N TYR PB 44 -12.12 48.75 -36.58
CA TYR PB 44 -11.28 47.60 -36.29
C TYR PB 44 -9.92 47.80 -36.92
N TYR PB 45 -8.86 47.48 -36.17
CA TYR PB 45 -7.51 47.69 -36.68
C TYR PB 45 -7.21 46.75 -37.83
N GLU PB 46 -6.52 47.27 -38.85
CA GLU PB 46 -6.09 46.47 -39.98
C GLU PB 46 -4.57 46.36 -39.97
N LYS PB 47 -4.08 45.16 -40.26
CA LYS PB 47 -2.64 44.93 -40.26
C LYS PB 47 -2.00 45.60 -41.48
N PRO PB 48 -0.70 45.93 -41.40
CA PRO PB 48 -0.06 46.61 -42.54
C PRO PB 48 -0.12 45.83 -43.84
N CYS PB 49 -0.03 44.49 -43.80
CA CYS PB 49 -0.14 43.72 -45.02
C CYS PB 49 -1.51 43.92 -45.68
N ARG PB 50 -2.58 43.85 -44.88
CA ARG PB 50 -3.91 44.12 -45.38
C ARG PB 50 -4.07 45.55 -45.88
N ARG PB 51 -3.47 46.52 -45.20
CA ARG PB 51 -3.53 47.90 -45.68
C ARG PB 51 -2.85 48.05 -47.03
N ARG PB 52 -1.68 47.43 -47.20
CA ARG PB 52 -1.00 47.48 -48.48
C ARG PB 52 -1.81 46.80 -49.58
N GLN PB 53 -2.40 45.63 -49.27
CA GLN PB 53 -3.24 44.95 -50.26
C GLN PB 53 -4.43 45.81 -50.66
N ARG PB 54 -5.09 46.44 -49.68
CA ARG PB 54 -6.23 47.30 -49.99
C ARG PB 54 -5.80 48.49 -50.83
N GLU PB 55 -4.67 49.12 -50.50
CA GLU PB 55 -4.20 50.25 -51.29
C GLU PB 55 -3.87 49.85 -52.72
N SER PB 56 -3.19 48.72 -52.91
CA SER PB 56 -2.88 48.25 -54.25
C SER PB 56 -4.14 47.93 -55.05
N TYR PB 57 -5.10 47.24 -54.42
CA TYR PB 57 -6.35 46.93 -55.10
C TYR PB 57 -7.11 48.20 -55.48
N GLU PB 58 -7.18 49.16 -54.57
CA GLU PB 58 -7.87 50.42 -54.87
C GLU PB 58 -7.17 51.19 -55.98
N THR PB 59 -5.84 51.21 -55.99
CA THR PB 59 -5.12 51.90 -57.06
C THR PB 59 -5.36 51.24 -58.41
N CYS PB 60 -5.31 49.91 -58.46
CA CYS PB 60 -5.59 49.22 -59.71
C CYS PB 60 -7.03 49.46 -60.18
N ARG PB 61 -7.99 49.41 -59.26
CA ARG PB 61 -9.38 49.68 -59.62
C ARG PB 61 -9.56 51.09 -60.13
N ARG PB 62 -8.92 52.06 -59.49
CA ARG PB 62 -9.00 53.45 -59.93
C ARG PB 62 -8.41 53.62 -61.33
N ILE PB 63 -7.26 52.99 -61.58
CA ILE PB 63 -6.66 53.07 -62.91
C ILE PB 63 -7.58 52.49 -63.96
N TYR PB 64 -8.14 51.30 -63.69
CA TYR PB 64 -9.03 50.68 -64.65
C TYR PB 64 -10.27 51.51 -64.90
N ASN PB 65 -10.86 52.06 -63.83
CA ASN PB 65 -12.06 52.88 -64.00
C ASN PB 65 -11.77 54.15 -64.76
N MET PB 66 -10.64 54.81 -64.48
CA MET PB 66 -10.27 56.01 -65.20
C MET PB 66 -10.06 55.72 -66.68
N GLU PB 67 -9.37 54.64 -67.01
CA GLU PB 67 -9.18 54.28 -68.41
C GLU PB 67 -10.47 53.92 -69.11
N MET PB 68 -11.36 53.18 -68.44
CA MET PB 68 -12.65 52.85 -69.04
C MET PB 68 -13.48 54.10 -69.28
N ALA PB 69 -13.50 55.03 -68.32
CA ALA PB 69 -14.22 56.28 -68.50
C ALA PB 69 -13.63 57.11 -69.62
N ARG PB 70 -12.30 57.16 -69.73
CA ARG PB 70 -11.66 57.88 -70.82
C ARG PB 70 -12.02 57.28 -72.16
N LYS PB 71 -12.01 55.94 -72.29
CA LYS PB 71 -12.41 55.32 -73.54
C LYS PB 71 -13.88 55.55 -73.86
N ILE PB 72 -14.75 55.52 -72.85
CA ILE PB 72 -16.17 55.79 -73.07
C ILE PB 72 -16.38 57.22 -73.57
N ASN PB 73 -15.71 58.18 -72.94
CA ASN PB 73 -15.80 59.56 -73.40
C ASN PB 73 -15.23 59.74 -74.81
N PHE PB 74 -14.15 59.03 -75.14
CA PHE PB 74 -13.59 59.08 -76.48
C PHE PB 74 -14.55 58.51 -77.51
N LEU PB 75 -15.21 57.41 -77.20
CA LEU PB 75 -16.10 56.74 -78.14
C LEU PB 75 -17.53 57.25 -78.10
N MET PB 76 -17.84 58.20 -77.22
CA MET PB 76 -19.18 58.76 -77.16
C MET PB 76 -19.62 59.38 -78.49
N ARG PB 77 -18.67 59.85 -79.30
CA ARG PB 77 -19.03 60.47 -80.57
C ARG PB 77 -19.72 59.48 -81.50
N LYS PB 78 -19.24 58.25 -81.54
CA LYS PB 78 -19.74 57.24 -82.48
C LYS PB 78 -21.10 56.67 -82.08
N ASN PB 79 -21.78 57.27 -81.10
CA ASN PB 79 -23.10 56.79 -80.70
C ASN PB 79 -24.21 57.33 -81.61
N ARG PB 80 -23.89 58.19 -82.56
CA ARG PB 80 -24.89 58.74 -83.45
C ARG PB 80 -25.45 57.65 -84.36
N ALA PB 81 -26.59 57.98 -84.98
CA ALA PB 81 -27.22 57.03 -85.89
C ALA PB 81 -26.34 56.77 -87.11
N ASP PB 82 -26.32 55.52 -87.55
CA ASP PB 82 -25.47 55.14 -88.68
C ASP PB 82 -26.04 55.71 -89.96
N PRO PB 83 -25.26 56.50 -90.72
CA PRO PB 83 -25.75 57.05 -91.98
C PRO PB 83 -25.68 56.09 -93.16
N TRP PB 84 -24.96 54.98 -93.04
CA TRP PB 84 -24.77 54.03 -94.13
C TRP PB 84 -25.47 52.71 -93.86
N GLN PB 85 -26.68 52.77 -93.27
CA GLN PB 85 -27.44 51.57 -92.97
C GLN PB 85 -27.89 50.92 -94.27
N GLY PB 86 -27.77 49.58 -94.33
CA GLY PB 86 -28.23 48.82 -95.47
C GLY PB 86 -27.22 48.66 -96.58
N CYS PB 87 -26.05 49.28 -96.50
CA CYS PB 87 -25.04 49.16 -97.54
C CYS PB 87 -24.40 47.79 -97.51
N UNK QB 1 -106.72 -18.68 -55.89
CA UNK QB 1 -108.15 -18.79 -55.61
C UNK QB 1 -108.91 -19.25 -56.84
N UNK QB 2 -109.89 -18.45 -57.26
CA UNK QB 2 -110.70 -18.79 -58.41
C UNK QB 2 -109.86 -18.73 -59.69
N UNK QB 3 -110.06 -19.71 -60.57
CA UNK QB 3 -109.33 -19.80 -61.83
C UNK QB 3 -110.32 -19.78 -62.99
N UNK QB 4 -110.03 -18.92 -63.97
CA UNK QB 4 -110.88 -18.81 -65.15
C UNK QB 4 -110.40 -19.75 -66.25
N UNK QB 5 -111.37 -20.33 -66.95
CA UNK QB 5 -111.08 -21.28 -68.02
C UNK QB 5 -110.85 -20.52 -69.33
N UNK QB 6 -109.73 -20.78 -69.97
CA UNK QB 6 -109.35 -20.13 -71.23
C UNK QB 6 -109.45 -21.15 -72.36
N UNK QB 7 -110.13 -20.77 -73.43
CA UNK QB 7 -110.29 -21.65 -74.60
C UNK QB 7 -109.05 -21.53 -75.46
N UNK QB 8 -108.07 -22.42 -75.23
CA UNK QB 8 -106.82 -22.39 -75.97
C UNK QB 8 -106.92 -23.14 -77.29
N UNK QB 9 -107.46 -24.37 -77.25
CA UNK QB 9 -107.58 -25.16 -78.47
C UNK QB 9 -108.53 -24.51 -79.46
N UNK QB 10 -109.65 -23.97 -78.98
CA UNK QB 10 -110.61 -23.31 -79.86
C UNK QB 10 -109.98 -22.09 -80.52
N UNK QB 11 -109.25 -21.29 -79.75
CA UNK QB 11 -108.58 -20.12 -80.31
C UNK QB 11 -107.53 -20.52 -81.32
N UNK QB 12 -106.76 -21.57 -81.03
CA UNK QB 12 -105.74 -22.04 -81.96
C UNK QB 12 -106.37 -22.51 -83.27
N UNK QB 13 -107.47 -23.25 -83.16
CA UNK QB 13 -108.16 -23.70 -84.37
C UNK QB 13 -108.72 -22.53 -85.17
N UNK QB 14 -109.28 -21.53 -84.48
CA UNK QB 14 -109.86 -20.38 -85.17
C UNK QB 14 -108.79 -19.54 -85.86
N UNK QB 15 -107.63 -19.38 -85.23
CA UNK QB 15 -106.57 -18.52 -85.75
C UNK QB 15 -105.47 -19.31 -86.45
N UNK QB 16 -105.71 -20.59 -86.74
CA UNK QB 16 -104.73 -21.45 -87.40
C UNK QB 16 -103.42 -21.51 -86.60
N UNK QB 17 -103.55 -21.56 -85.28
CA UNK QB 17 -102.40 -21.61 -84.38
C UNK QB 17 -102.26 -22.96 -83.69
N UNK QB 18 -102.83 -24.01 -84.27
CA UNK QB 18 -102.75 -25.35 -83.69
C UNK QB 18 -101.45 -26.03 -84.11
N ARG RB 88 73.32 3.24 -126.79
CA ARG RB 88 72.33 4.15 -126.22
C ARG RB 88 70.93 3.75 -126.67
N LYS RB 89 70.50 2.56 -126.25
CA LYS RB 89 69.14 2.19 -126.61
C LYS RB 89 68.13 2.93 -125.73
N PRO RB 90 66.98 3.30 -126.29
CA PRO RB 90 65.96 4.01 -125.50
C PRO RB 90 65.36 3.09 -124.45
N THR RB 91 65.36 3.56 -123.21
CA THR RB 91 64.75 2.83 -122.10
C THR RB 91 63.43 3.49 -121.69
N PHE RB 92 62.65 2.76 -120.89
CA PHE RB 92 61.35 3.25 -120.49
C PHE RB 92 61.43 4.48 -119.58
N MET RB 93 62.53 4.64 -118.85
CA MET RB 93 62.67 5.75 -117.90
C MET RB 93 63.14 7.04 -118.56
N ASP RB 94 63.54 7.00 -119.82
CA ASP RB 94 64.05 8.19 -120.49
C ASP RB 94 62.95 9.25 -120.65
N GLU RB 95 63.35 10.51 -120.49
CA GLU RB 95 62.42 11.61 -120.68
C GLU RB 95 61.89 11.70 -122.10
N GLU RB 96 62.73 11.37 -123.09
CA GLU RB 96 62.33 11.42 -124.48
C GLU RB 96 61.13 10.54 -124.79
N VAL RB 97 60.95 9.43 -124.07
CA VAL RB 97 59.78 8.59 -124.23
C VAL RB 97 58.70 8.88 -123.19
N GLN RB 98 59.10 9.29 -121.97
CA GLN RB 98 58.10 9.62 -120.96
C GLN RB 98 57.25 10.81 -121.34
N ASN RB 99 57.86 11.84 -121.96
CA ASN RB 99 57.09 12.99 -122.40
C ASN RB 99 56.07 12.63 -123.46
N ILE RB 100 56.41 11.74 -124.38
CA ILE RB 100 55.45 11.27 -125.38
C ILE RB 100 54.36 10.43 -124.74
N LEU RB 101 54.73 9.51 -123.84
CA LEU RB 101 53.74 8.65 -123.20
C LEU RB 101 52.74 9.45 -122.36
N ILE RB 102 53.22 10.43 -121.60
CA ILE RB 102 52.32 11.23 -120.78
C ILE RB 102 51.34 12.01 -121.64
N LYS RB 103 51.85 12.60 -122.73
CA LYS RB 103 50.97 13.36 -123.63
C LYS RB 103 49.94 12.45 -124.29
N MET RB 104 50.35 11.26 -124.73
CA MET RB 104 49.43 10.38 -125.44
C MET RB 104 48.47 9.64 -124.51
N THR RB 105 48.76 9.57 -123.22
CA THR RB 105 47.80 8.97 -122.28
C THR RB 105 46.53 9.81 -122.19
N GLY RB 106 46.68 11.12 -122.02
CA GLY RB 106 45.52 11.99 -121.88
C GLY RB 106 45.09 12.16 -120.45
N LEU RB 107 44.41 13.29 -120.19
CA LEU RB 107 43.94 13.64 -118.85
C LEU RB 107 42.42 13.62 -118.86
N ASP RB 108 41.84 12.58 -118.26
CA ASP RB 108 40.40 12.45 -118.09
C ASP RB 108 40.14 12.33 -116.58
N LEU RB 109 39.82 13.46 -115.95
CA LEU RB 109 39.54 13.45 -114.52
C LEU RB 109 38.34 12.59 -114.17
N GLN RB 110 37.27 12.65 -114.97
CA GLN RB 110 36.07 11.86 -114.71
C GLN RB 110 36.34 10.37 -114.69
N LYS RB 111 37.39 9.91 -115.36
CA LYS RB 111 37.77 8.51 -115.36
C LYS RB 111 38.83 8.20 -114.30
N ILE RB 112 39.80 9.10 -114.10
CA ILE RB 112 40.84 8.86 -113.10
C ILE RB 112 40.27 8.86 -111.70
N PHE RB 113 39.48 9.88 -111.37
CA PHE RB 113 38.89 10.00 -110.04
C PHE RB 113 37.47 9.43 -110.05
N LYS RB 114 37.39 8.16 -110.42
CA LYS RB 114 36.13 7.44 -110.49
C LYS RB 114 35.76 6.87 -109.13
N PRO RB 115 34.51 7.06 -108.69
CA PRO RB 115 34.10 6.51 -107.39
C PRO RB 115 34.15 4.99 -107.40
N ALA RB 116 34.91 4.43 -106.46
CA ALA RB 116 35.12 3.00 -106.37
C ALA RB 116 34.07 2.38 -105.45
N LEU RB 117 34.27 1.10 -105.09
CA LEU RB 117 33.36 0.36 -104.23
C LEU RB 117 33.85 0.30 -102.79
N GLN RB 118 34.48 1.36 -102.32
CA GLN RB 118 34.97 1.41 -100.95
C GLN RB 118 33.91 2.01 -100.04
N GLU RB 119 34.25 2.23 -98.77
CA GLU RB 119 33.30 2.81 -97.83
C GLU RB 119 33.01 4.27 -98.20
N LEU RB 120 31.74 4.65 -98.07
CA LEU RB 120 31.29 5.98 -98.45
C LEU RB 120 31.07 6.84 -97.21
N LYS RB 121 31.43 8.12 -97.35
CA LYS RB 121 31.24 9.12 -96.31
C LYS RB 121 30.59 10.34 -96.94
N PRO RB 122 29.82 11.11 -96.16
CA PRO RB 122 29.15 12.29 -96.71
C PRO RB 122 30.15 13.29 -97.27
N PRO RB 123 29.83 13.93 -98.39
CA PRO RB 123 30.78 14.88 -98.99
C PRO RB 123 30.78 16.20 -98.24
N THR RB 124 31.84 16.98 -98.49
CA THR RB 124 31.99 18.31 -97.94
C THR RB 124 31.79 19.36 -99.01
N TYR RB 125 31.26 20.50 -98.60
CA TYR RB 125 30.93 21.59 -99.52
C TYR RB 125 31.54 22.88 -99.04
N LYS RB 126 32.01 23.70 -99.98
CA LYS RB 126 32.60 24.99 -99.66
C LYS RB 126 32.45 25.92 -100.85
N LEU RB 127 32.20 27.20 -100.57
CA LEU RB 127 31.99 28.19 -101.61
C LEU RB 127 33.34 28.58 -102.20
N MET RB 128 33.44 28.55 -103.53
CA MET RB 128 34.67 28.88 -104.24
C MET RB 128 34.37 29.81 -105.40
N THR RB 129 35.30 30.73 -105.66
CA THR RB 129 35.18 31.62 -106.81
C THR RB 129 35.62 30.90 -108.08
N GLN RB 130 35.63 31.62 -109.20
CA GLN RB 130 36.13 31.03 -110.44
C GLN RB 130 37.61 30.72 -110.36
N ALA RB 131 38.41 31.66 -109.83
CA ALA RB 131 39.85 31.42 -109.68
C ALA RB 131 40.12 30.28 -108.71
N GLN RB 132 39.37 30.23 -107.61
CA GLN RB 132 39.52 29.13 -106.66
C GLN RB 132 39.13 27.79 -107.28
N LEU RB 133 38.07 27.78 -108.09
CA LEU RB 133 37.68 26.55 -108.77
C LEU RB 133 38.77 26.10 -109.74
N GLU RB 134 39.38 27.04 -110.47
CA GLU RB 134 40.47 26.68 -111.36
C GLU RB 134 41.68 26.17 -110.59
N GLU RB 135 41.98 26.77 -109.43
CA GLU RB 135 43.06 26.29 -108.60
C GLU RB 135 42.79 24.87 -108.09
N ALA RB 136 41.56 24.61 -107.68
CA ALA RB 136 41.19 23.25 -107.26
C ALA RB 136 41.31 22.27 -108.42
N THR RB 137 40.92 22.68 -109.62
CA THR RB 137 41.04 21.83 -110.80
C THR RB 137 42.50 21.51 -111.11
N LYS RB 138 43.39 22.51 -111.03
CA LYS RB 138 44.80 22.23 -111.30
C LYS RB 138 45.43 21.40 -110.20
N GLN RB 139 45.01 21.57 -108.94
CA GLN RB 139 45.46 20.67 -107.89
C GLN RB 139 45.01 19.24 -108.16
N ALA RB 140 43.77 19.06 -108.61
CA ALA RB 140 43.30 17.74 -109.01
C ALA RB 140 44.09 17.16 -110.17
N VAL RB 141 44.46 17.99 -111.14
CA VAL RB 141 45.27 17.52 -112.26
C VAL RB 141 46.65 17.08 -111.79
N GLU RB 142 47.28 17.88 -110.93
CA GLU RB 142 48.60 17.53 -110.44
C GLU RB 142 48.57 16.32 -109.52
N ALA RB 143 47.45 16.04 -108.87
CA ALA RB 143 47.29 14.79 -108.15
C ALA RB 143 47.02 13.62 -109.09
N ALA RB 144 46.27 13.85 -110.16
CA ALA RB 144 46.07 12.82 -111.18
C ALA RB 144 47.37 12.46 -111.88
N LYS RB 145 48.34 13.38 -111.90
CA LYS RB 145 49.67 13.01 -112.40
C LYS RB 145 50.29 11.90 -111.56
N VAL RB 146 50.26 12.05 -110.23
CA VAL RB 146 50.75 10.99 -109.35
C VAL RB 146 49.89 9.74 -109.48
N ARG RB 147 48.58 9.91 -109.69
CA ARG RB 147 47.72 8.76 -109.98
C ARG RB 147 48.17 8.01 -111.22
N LEU RB 148 48.58 8.74 -112.26
CA LEU RB 148 49.03 8.16 -113.52
C LEU RB 148 50.51 7.83 -113.54
N LYS RB 149 51.20 8.00 -112.40
CA LYS RB 149 52.59 7.57 -112.27
C LYS RB 149 52.74 6.16 -112.84
N MET RB 150 53.57 6.03 -113.86
CA MET RB 150 53.60 4.80 -114.65
C MET RB 150 54.42 3.73 -113.94
N PRO RB 151 53.94 2.48 -113.90
CA PRO RB 151 54.71 1.40 -113.28
C PRO RB 151 55.92 1.05 -114.13
N PRO RB 152 57.04 0.69 -113.51
CA PRO RB 152 58.23 0.30 -114.28
C PRO RB 152 58.04 -1.04 -114.96
N VAL RB 153 58.49 -1.15 -116.21
CA VAL RB 153 58.48 -2.41 -116.94
C VAL RB 153 59.92 -2.88 -117.10
N LEU RB 154 60.19 -4.13 -116.72
CA LEU RB 154 61.53 -4.66 -116.67
C LEU RB 154 61.60 -6.02 -117.36
N GLU RB 155 62.81 -6.38 -117.77
CA GLU RB 155 63.07 -7.68 -118.35
C GLU RB 155 62.99 -8.78 -117.29
N GLU RB 156 62.62 -9.98 -117.73
CA GLU RB 156 62.51 -11.11 -116.81
C GLU RB 156 63.83 -11.35 -116.10
N ARG RB 157 63.76 -11.54 -114.78
CA ARG RB 157 64.95 -11.72 -113.97
C ARG RB 157 65.55 -13.11 -114.19
N ALA RB 158 66.88 -13.19 -114.05
CA ALA RB 158 67.57 -14.45 -114.18
C ALA RB 158 67.29 -15.34 -112.97
N PRO RB 159 67.14 -16.65 -113.18
CA PRO RB 159 66.90 -17.54 -112.04
C PRO RB 159 68.09 -17.56 -111.09
N ILE RB 160 67.80 -17.73 -109.80
CA ILE RB 160 68.83 -17.80 -108.78
C ILE RB 160 69.24 -19.26 -108.62
N ASN RB 161 70.46 -19.58 -109.02
CA ASN RB 161 71.00 -20.94 -108.91
C ASN RB 161 72.41 -20.84 -108.33
N ASP RB 162 72.50 -20.92 -107.00
CA ASP RB 162 73.78 -20.85 -106.30
C ASP RB 162 73.69 -21.66 -105.03
N VAL RB 163 74.78 -22.35 -104.69
CA VAL RB 163 74.88 -23.16 -103.49
C VAL RB 163 75.97 -22.58 -102.61
N LEU RB 164 75.62 -22.31 -101.35
CA LEU RB 164 76.57 -21.73 -100.41
C LEU RB 164 77.45 -22.77 -99.75
N ALA RB 165 76.89 -23.94 -99.42
CA ALA RB 165 77.65 -24.99 -98.75
C ALA RB 165 77.01 -26.33 -99.05
N GLU RB 166 77.81 -27.39 -98.87
CA GLU RB 166 77.35 -28.76 -99.09
C GLU RB 166 77.83 -29.60 -97.92
N ASP RB 167 76.89 -30.09 -97.11
CA ASP RB 167 77.20 -30.93 -95.95
C ASP RB 167 76.57 -32.30 -96.18
N LYS RB 168 77.41 -33.27 -96.55
CA LYS RB 168 76.92 -34.62 -96.82
C LYS RB 168 76.49 -35.36 -95.56
N ILE RB 169 76.86 -34.85 -94.38
CA ILE RB 169 76.49 -35.52 -93.13
C ILE RB 169 74.98 -35.50 -92.92
N LEU RB 170 74.29 -34.51 -93.50
CA LEU RB 170 72.86 -34.33 -93.31
C LEU RB 170 72.06 -34.80 -94.52
N GLU RB 171 72.48 -35.91 -95.14
CA GLU RB 171 71.79 -36.40 -96.33
C GLU RB 171 70.36 -36.84 -96.02
N GLY RB 172 70.14 -37.48 -94.87
CA GLY RB 172 68.83 -37.98 -94.55
C GLY RB 172 68.42 -37.78 -93.10
N THR RB 173 68.99 -36.77 -92.44
CA THR RB 173 68.64 -36.50 -91.05
C THR RB 173 67.27 -35.86 -90.90
N GLU RB 174 66.74 -35.24 -91.96
CA GLU RB 174 65.45 -34.56 -91.91
C GLU RB 174 64.72 -34.77 -93.23
N THR RB 175 63.39 -34.80 -93.15
CA THR RB 175 62.55 -34.97 -94.32
C THR RB 175 62.28 -33.65 -95.03
N ALA RB 176 61.85 -32.63 -94.28
CA ALA RB 176 61.53 -31.33 -94.85
C ALA RB 176 62.77 -30.46 -94.94
N LYS RB 177 62.66 -29.39 -95.73
CA LYS RB 177 63.74 -28.43 -95.90
C LYS RB 177 63.49 -27.20 -95.04
N TYR RB 178 64.56 -26.61 -94.54
CA TYR RB 178 64.48 -25.46 -93.64
C TYR RB 178 64.74 -24.18 -94.42
N VAL RB 179 63.81 -23.24 -94.34
CA VAL RB 179 63.91 -21.96 -95.05
C VAL RB 179 64.26 -20.88 -94.02
N PHE RB 180 65.37 -20.19 -94.24
CA PHE RB 180 65.84 -19.14 -93.36
C PHE RB 180 65.81 -17.80 -94.08
N THR RB 181 65.31 -16.78 -93.40
CA THR RB 181 65.12 -15.45 -93.97
C THR RB 181 65.80 -14.43 -93.08
N ASP RB 182 66.48 -13.47 -93.70
CA ASP RB 182 67.10 -12.36 -92.97
C ASP RB 182 66.05 -11.28 -92.77
N ILE RB 183 65.75 -10.97 -91.51
CA ILE RB 183 64.75 -9.97 -91.15
C ILE RB 183 65.48 -8.74 -90.61
N SER RB 184 65.24 -7.59 -91.26
CA SER RB 184 65.79 -6.33 -90.82
C SER RB 184 65.03 -5.21 -91.51
N TYR RB 185 64.50 -4.28 -90.73
CA TYR RB 185 63.73 -3.18 -91.32
C TYR RB 185 64.62 -2.20 -92.07
N SER RB 186 65.91 -2.17 -91.75
CA SER RB 186 66.83 -1.20 -92.33
C SER RB 186 67.43 -1.65 -93.65
N ILE RB 187 67.10 -2.84 -94.14
CA ILE RB 187 67.68 -3.34 -95.38
C ILE RB 187 66.59 -3.47 -96.44
N PRO RB 188 66.90 -3.24 -97.71
CA PRO RB 188 65.91 -3.45 -98.77
C PRO RB 188 65.65 -4.94 -98.98
N HIS RB 189 64.48 -5.23 -99.56
CA HIS RB 189 64.11 -6.61 -99.85
C HIS RB 189 64.97 -7.23 -100.93
N ARG RB 190 65.58 -6.42 -101.81
CA ARG RB 190 66.46 -6.93 -102.83
C ARG RB 190 67.79 -7.45 -102.29
N GLU RB 191 68.16 -7.07 -101.07
CA GLU RB 191 69.43 -7.47 -100.48
C GLU RB 191 69.25 -8.46 -99.33
N ARG RB 192 68.03 -8.90 -99.06
CA ARG RB 192 67.79 -9.85 -97.98
C ARG RB 192 68.31 -11.23 -98.35
N PHE RB 193 68.81 -11.94 -97.34
CA PHE RB 193 69.36 -13.28 -97.53
C PHE RB 193 68.26 -14.30 -97.26
N ILE RB 194 67.87 -15.01 -98.32
CA ILE RB 194 66.85 -16.05 -98.24
C ILE RB 194 67.55 -17.36 -98.62
N VAL RB 195 67.86 -18.18 -97.63
CA VAL RB 195 68.57 -19.43 -97.87
C VAL RB 195 67.66 -20.60 -97.54
N VAL RB 196 67.97 -21.75 -98.13
CA VAL RB 196 67.22 -22.98 -97.89
C VAL RB 196 68.22 -24.12 -97.70
N ARG RB 197 68.08 -24.84 -96.59
CA ARG RB 197 68.81 -26.08 -96.34
C ARG RB 197 67.90 -27.23 -96.75
N GLU RB 198 68.27 -27.90 -97.83
CA GLU RB 198 67.50 -29.03 -98.34
C GLU RB 198 67.66 -30.23 -97.42
N PRO RB 199 66.72 -31.18 -97.47
CA PRO RB 199 66.92 -32.44 -96.72
C PRO RB 199 68.16 -33.22 -97.15
N SER RB 200 68.62 -33.03 -98.40
CA SER RB 200 69.83 -33.69 -98.86
C SER RB 200 71.08 -33.15 -98.18
N GLY RB 201 70.99 -31.99 -97.53
CA GLY RB 201 72.12 -31.41 -96.82
C GLY RB 201 72.76 -30.22 -97.50
N THR RB 202 72.20 -29.68 -98.57
CA THR RB 202 72.79 -28.55 -99.26
C THR RB 202 72.12 -27.25 -98.85
N LEU RB 203 72.94 -26.25 -98.55
CA LEU RB 203 72.48 -24.92 -98.16
C LEU RB 203 72.62 -24.01 -99.38
N ARG RB 204 71.52 -23.82 -100.10
CA ARG RB 204 71.54 -23.01 -101.31
C ARG RB 204 70.70 -21.75 -101.11
N LYS RB 205 70.68 -20.92 -102.14
CA LYS RB 205 69.86 -19.72 -102.12
C LYS RB 205 68.45 -20.03 -102.64
N ALA RB 206 67.47 -19.39 -102.03
CA ALA RB 206 66.08 -19.61 -102.41
C ALA RB 206 65.82 -19.08 -103.82
N SER RB 207 64.95 -19.77 -104.54
CA SER RB 207 64.58 -19.36 -105.89
C SER RB 207 63.69 -18.13 -105.84
N TRP RB 208 63.35 -17.61 -107.02
CA TRP RB 208 62.51 -16.43 -107.08
C TRP RB 208 61.08 -16.72 -106.62
N GLU RB 209 60.60 -17.94 -106.83
CA GLU RB 209 59.26 -18.31 -106.38
C GLU RB 209 59.16 -18.36 -104.87
N GLU RB 210 60.26 -18.64 -104.16
CA GLU RB 210 60.24 -18.71 -102.72
C GLU RB 210 60.67 -17.40 -102.05
N ARG RB 211 61.57 -16.64 -102.68
CA ARG RB 211 62.04 -15.40 -102.07
C ARG RB 211 60.90 -14.41 -101.90
N ASP RB 212 60.13 -14.16 -102.97
CA ASP RB 212 59.00 -13.25 -102.86
C ASP RB 212 57.92 -13.78 -101.94
N ARG RB 213 57.68 -15.10 -101.93
CA ARG RB 213 56.68 -15.66 -101.05
C ARG RB 213 57.06 -15.43 -99.58
N MET RB 214 58.31 -15.67 -99.23
CA MET RB 214 58.75 -15.43 -97.86
C MET RB 214 58.78 -13.94 -97.51
N ILE RB 215 59.14 -13.08 -98.48
CA ILE RB 215 59.09 -11.65 -98.24
C ILE RB 215 57.67 -11.20 -97.96
N GLN RB 216 56.69 -11.74 -98.70
CA GLN RB 216 55.30 -11.44 -98.41
C GLN RB 216 54.86 -12.00 -97.06
N VAL RB 217 55.33 -13.20 -96.71
CA VAL RB 217 54.93 -13.80 -95.44
C VAL RB 217 55.42 -12.96 -94.26
N TYR RB 218 56.67 -12.51 -94.30
CA TYR RB 218 57.25 -11.82 -93.15
C TYR RB 218 57.12 -10.31 -93.20
N PHE RB 219 56.82 -9.73 -94.36
CA PHE RB 219 56.56 -8.30 -94.50
C PHE RB 219 55.34 -8.13 -95.40
N PRO RB 220 54.16 -8.49 -94.90
CA PRO RB 220 52.96 -8.45 -95.74
C PRO RB 220 52.56 -7.05 -96.15
N ARG RB 221 52.01 -6.95 -97.36
CA ARG RB 221 51.46 -5.72 -97.87
C ARG RB 221 50.09 -5.99 -98.48
N GLU RB 222 49.21 -5.01 -98.39
CA GLU RB 222 47.84 -5.18 -98.88
C GLU RB 222 47.85 -5.40 -100.40
N GLY RB 223 47.04 -6.35 -100.85
CA GLY RB 223 46.93 -6.66 -102.27
C GLY RB 223 47.74 -7.86 -102.71
N ARG RB 224 48.54 -8.45 -101.84
CA ARG RB 224 49.36 -9.60 -102.18
C ARG RB 224 48.86 -10.85 -101.47
N ARG RB 225 48.98 -11.98 -102.16
CA ARG RB 225 48.58 -13.28 -101.63
C ARG RB 225 49.81 -14.17 -101.51
N ILE RB 226 49.89 -14.90 -100.39
CA ILE RB 226 51.02 -15.80 -100.18
C ILE RB 226 51.03 -16.89 -101.25
N LEU RB 227 49.87 -17.48 -101.52
CA LEU RB 227 49.75 -18.47 -102.58
C LEU RB 227 49.34 -17.80 -103.88
N THR RB 228 49.53 -18.54 -104.98
CA THR RB 228 49.16 -18.00 -106.28
C THR RB 228 47.64 -17.95 -106.41
N PRO RB 229 47.05 -16.78 -106.68
CA PRO RB 229 45.60 -16.69 -106.79
C PRO RB 229 45.08 -17.49 -107.98
N VAL RB 230 43.90 -18.09 -107.79
CA VAL RB 230 43.25 -18.81 -108.88
C VAL RB 230 42.75 -17.88 -109.97
N ILE RB 231 42.55 -16.60 -109.64
CA ILE RB 231 42.01 -15.63 -110.59
C ILE RB 231 42.96 -15.41 -111.76
N PHE RB 232 44.24 -15.73 -111.60
CA PHE RB 232 45.24 -15.52 -112.64
C PHE RB 232 45.30 -16.67 -113.63
N LYS RB 233 44.48 -17.70 -113.46
CA LYS RB 233 44.42 -18.78 -114.43
C LYS RB 233 43.80 -18.30 -115.73
N GLU RB 234 44.04 -19.05 -116.80
CA GLU RB 234 43.62 -18.62 -118.13
C GLU RB 234 42.11 -18.50 -118.27
N GLU RB 235 41.34 -19.43 -117.70
CA GLU RB 235 39.88 -19.34 -117.81
C GLU RB 235 39.34 -18.12 -117.06
N ASN RB 236 39.86 -17.85 -115.86
CA ASN RB 236 39.42 -16.67 -115.13
C ASN RB 236 39.83 -15.39 -115.85
N LEU RB 237 41.03 -15.36 -116.42
CA LEU RB 237 41.45 -14.20 -117.20
C LEU RB 237 40.55 -14.00 -118.42
N GLN RB 238 40.17 -15.07 -119.09
CA GLN RB 238 39.25 -14.96 -120.22
C GLN RB 238 37.90 -14.42 -119.77
N THR RB 239 37.39 -14.90 -118.65
CA THR RB 239 36.11 -14.39 -118.14
C THR RB 239 36.20 -12.91 -117.80
N MET RB 240 37.30 -12.49 -117.15
CA MET RB 240 37.47 -11.08 -116.85
C MET RB 240 37.61 -10.22 -118.10
N TYR RB 241 38.32 -10.72 -119.12
CA TYR RB 241 38.41 -10.00 -120.38
C TYR RB 241 37.05 -9.86 -121.05
N SER RB 242 36.24 -10.92 -121.02
CA SER RB 242 34.87 -10.83 -121.52
C SER RB 242 34.04 -9.85 -120.72
N GLN RB 243 34.32 -9.72 -119.43
CA GLN RB 243 33.67 -8.72 -118.58
C GLN RB 243 34.27 -7.32 -118.74
N ASP RB 244 35.31 -7.19 -119.57
CA ASP RB 244 35.94 -5.89 -119.84
C ASP RB 244 36.52 -5.28 -118.57
N GLN RB 245 37.30 -6.07 -117.83
CA GLN RB 245 37.92 -5.63 -116.59
C GLN RB 245 39.45 -5.70 -116.68
N HIS RB 246 39.99 -5.32 -117.84
CA HIS RB 246 41.43 -5.38 -118.05
C HIS RB 246 42.19 -4.44 -117.12
N VAL RB 247 41.61 -3.27 -116.82
CA VAL RB 247 42.26 -2.35 -115.88
C VAL RB 247 42.40 -3.01 -114.51
N ASP RB 248 41.33 -3.66 -114.04
CA ASP RB 248 41.40 -4.37 -112.78
C ASP RB 248 42.39 -5.53 -112.84
N VAL RB 249 42.44 -6.25 -113.96
CA VAL RB 249 43.39 -7.35 -114.10
C VAL RB 249 44.81 -6.83 -113.98
N LEU RB 250 45.12 -5.74 -114.68
CA LEU RB 250 46.48 -5.19 -114.62
C LEU RB 250 46.81 -4.66 -113.24
N ASN RB 251 45.87 -3.96 -112.59
CA ASN RB 251 46.11 -3.46 -111.24
C ASN RB 251 46.34 -4.58 -110.25
N LEU RB 252 45.59 -5.68 -110.37
CA LEU RB 252 45.80 -6.83 -109.51
C LEU RB 252 47.13 -7.52 -109.78
N CYS RB 253 47.50 -7.67 -111.06
CA CYS RB 253 48.77 -8.32 -111.39
C CYS RB 253 49.97 -7.51 -110.92
N VAL RB 254 49.92 -6.19 -111.08
CA VAL RB 254 51.03 -5.35 -110.61
C VAL RB 254 51.19 -5.47 -109.11
N ALA RB 255 50.08 -5.45 -108.37
CA ALA RB 255 50.14 -5.60 -106.92
C ALA RB 255 50.67 -6.97 -106.52
N GLN RB 256 50.24 -8.03 -107.22
CA GLN RB 256 50.57 -9.38 -106.80
C GLN RB 256 52.01 -9.74 -107.13
N PHE RB 257 52.39 -9.60 -108.40
CA PHE RB 257 53.69 -10.08 -108.86
C PHE RB 257 54.69 -8.93 -108.97
N GLU RB 258 55.97 -9.28 -108.83
CA GLU RB 258 57.06 -8.33 -109.01
C GLU RB 258 57.14 -7.92 -110.48
N PRO RB 259 57.48 -6.67 -110.77
CA PRO RB 259 57.54 -6.23 -112.17
C PRO RB 259 58.57 -6.96 -113.00
N ASP RB 260 59.63 -7.50 -112.40
CA ASP RB 260 60.68 -8.20 -113.12
C ASP RB 260 60.52 -9.71 -113.08
N SER RB 261 59.40 -10.21 -112.56
CA SER RB 261 59.17 -11.64 -112.47
C SER RB 261 58.72 -12.18 -113.83
N ALA RB 262 58.50 -13.49 -113.91
CA ALA RB 262 58.11 -14.12 -115.17
C ALA RB 262 56.60 -14.14 -115.37
N GLU RB 263 55.84 -14.47 -114.33
CA GLU RB 263 54.39 -14.50 -114.45
C GLU RB 263 53.81 -13.11 -114.69
N TYR RB 264 54.41 -12.08 -114.10
CA TYR RB 264 53.98 -10.71 -114.35
C TYR RB 264 54.07 -10.37 -115.83
N ILE RB 265 55.22 -10.64 -116.45
CA ILE RB 265 55.40 -10.37 -117.87
C ILE RB 265 54.47 -11.25 -118.70
N LYS RB 266 54.31 -12.51 -118.32
CA LYS RB 266 53.43 -13.41 -119.05
C LYS RB 266 52.00 -12.89 -119.09
N ILE RB 267 51.48 -12.47 -117.92
CA ILE RB 267 50.10 -11.97 -117.86
C ILE RB 267 49.97 -10.64 -118.58
N HIS RB 268 50.96 -9.75 -118.43
CA HIS RB 268 50.89 -8.45 -119.10
C HIS RB 268 50.95 -8.59 -120.61
N HIS RB 269 51.69 -9.58 -121.12
CA HIS RB 269 51.68 -9.82 -122.55
C HIS RB 269 50.42 -10.54 -123.00
N HIS RB 270 49.88 -11.44 -122.19
CA HIS RB 270 48.65 -12.13 -122.55
C HIS RB 270 47.47 -11.17 -122.66
N THR RB 271 47.36 -10.23 -121.73
CA THR RB 271 46.26 -9.26 -121.80
C THR RB 271 46.46 -8.29 -122.96
N TYR RB 272 47.71 -7.98 -123.31
CA TYR RB 272 47.97 -7.16 -124.49
C TYR RB 272 47.63 -7.88 -125.78
N GLU RB 273 47.86 -9.19 -125.84
CA GLU RB 273 47.44 -9.98 -126.99
C GLU RB 273 45.93 -10.05 -127.16
N ASP RB 274 45.17 -9.74 -126.11
CA ASP RB 274 43.72 -9.77 -126.18
C ASP RB 274 43.11 -8.39 -126.41
N ILE RB 275 43.66 -7.34 -125.79
CA ILE RB 275 43.11 -6.01 -125.98
C ILE RB 275 43.22 -5.55 -127.42
N ASP RB 276 44.36 -5.79 -128.08
CA ASP RB 276 44.50 -5.45 -129.49
C ASP RB 276 43.69 -6.35 -130.41
N LYS RB 277 43.53 -7.63 -130.04
CA LYS RB 277 42.69 -8.52 -130.84
C LYS RB 277 41.24 -8.07 -130.81
N CYS RB 278 40.74 -7.64 -129.66
CA CYS RB 278 39.37 -7.21 -129.53
C CYS RB 278 39.17 -5.72 -129.82
N GLY RB 279 40.24 -4.97 -130.04
CA GLY RB 279 40.13 -3.55 -130.30
C GLY RB 279 39.62 -2.78 -129.10
N LYS RB 280 40.08 -3.16 -127.91
CA LYS RB 280 39.65 -2.54 -126.66
C LYS RB 280 40.68 -1.55 -126.12
N TYR RB 281 41.36 -0.83 -127.02
CA TYR RB 281 42.34 0.17 -126.59
C TYR RB 281 41.71 1.29 -125.77
N ASP RB 282 40.40 1.52 -125.92
CA ASP RB 282 39.74 2.58 -125.18
C ASP RB 282 39.69 2.30 -123.68
N LEU RB 283 39.78 1.04 -123.27
CA LEU RB 283 39.73 0.72 -121.85
C LEU RB 283 40.92 1.32 -121.09
N LEU RB 284 42.11 1.27 -121.68
CA LEU RB 284 43.32 1.81 -121.07
C LEU RB 284 43.66 3.20 -121.57
N ARG RB 285 42.66 3.99 -121.96
CA ARG RB 285 42.93 5.32 -122.51
C ARG RB 285 43.59 6.22 -121.46
N SER RB 286 42.89 6.51 -120.38
CA SER RB 286 43.37 7.44 -119.37
C SER RB 286 43.87 6.74 -118.11
N THR RB 287 44.17 5.44 -118.21
CA THR RB 287 44.75 4.71 -117.10
C THR RB 287 46.26 4.88 -117.07
N ARG RB 288 46.88 4.36 -116.02
CA ARG RB 288 48.33 4.39 -115.89
C ARG RB 288 49.02 3.25 -116.64
N HIS RB 289 48.28 2.53 -117.49
CA HIS RB 289 48.82 1.39 -118.21
C HIS RB 289 48.83 1.59 -119.72
N PHE RB 290 48.44 2.78 -120.20
CA PHE RB 290 48.49 3.04 -121.64
C PHE RB 290 49.91 2.98 -122.17
N GLY RB 291 50.85 3.58 -121.43
CA GLY RB 291 52.24 3.58 -121.85
C GLY RB 291 52.88 2.20 -121.88
N GLY RB 292 52.51 1.33 -120.94
CA GLY RB 292 53.04 -0.03 -120.97
C GLY RB 292 52.63 -0.78 -122.23
N MET RB 293 51.35 -0.71 -122.58
CA MET RB 293 50.90 -1.36 -123.80
C MET RB 293 51.45 -0.69 -125.06
N ALA RB 294 51.65 0.63 -125.03
CA ALA RB 294 52.27 1.30 -126.17
C ALA RB 294 53.72 0.83 -126.35
N TRP RB 295 54.46 0.73 -125.25
CA TRP RB 295 55.84 0.29 -125.31
C TRP RB 295 55.95 -1.18 -125.70
N TYR RB 296 54.96 -2.01 -125.32
CA TYR RB 296 54.93 -3.39 -125.79
C TYR RB 296 54.60 -3.48 -127.28
N PHE RB 297 53.65 -2.67 -127.75
CA PHE RB 297 53.25 -2.73 -129.15
C PHE RB 297 54.34 -2.22 -130.07
N VAL RB 298 55.04 -1.16 -129.66
CA VAL RB 298 56.14 -0.68 -130.50
C VAL RB 298 57.28 -1.69 -130.56
N ASN RB 299 57.54 -2.41 -129.46
CA ASN RB 299 58.54 -3.47 -129.48
C ASN RB 299 58.11 -4.64 -130.36
N LYS RB 300 56.83 -5.00 -130.32
CA LYS RB 300 56.32 -6.15 -131.07
C LYS RB 300 55.88 -5.78 -132.49
N LYS RB 301 56.05 -4.52 -132.88
CA LYS RB 301 55.68 -4.04 -134.22
C LYS RB 301 54.21 -4.30 -134.54
N LYS RB 302 53.34 -4.14 -133.54
CA LYS RB 302 51.90 -4.28 -133.73
C LYS RB 302 51.25 -2.93 -133.47
N ILE RB 303 51.19 -2.12 -134.52
CA ILE RB 303 50.69 -0.75 -134.45
C ILE RB 303 49.46 -0.52 -135.30
N ASP RB 304 49.04 -1.52 -136.09
CA ASP RB 304 47.94 -1.31 -137.03
C ASP RB 304 46.65 -0.94 -136.32
N GLY RB 305 46.26 -1.73 -135.32
CA GLY RB 305 45.05 -1.42 -134.57
C GLY RB 305 45.15 -0.16 -133.74
N LEU RB 306 46.30 0.06 -133.11
CA LEU RB 306 46.47 1.24 -132.26
C LEU RB 306 46.40 2.53 -133.06
N LEU RB 307 47.00 2.55 -134.25
CA LEU RB 307 46.94 3.75 -135.08
C LEU RB 307 45.52 4.05 -135.54
N ILE RB 308 44.82 3.02 -136.04
CA ILE RB 308 43.47 3.23 -136.54
C ILE RB 308 42.51 3.60 -135.44
N ASP RB 309 42.67 3.04 -134.23
CA ASP RB 309 41.83 3.44 -133.12
C ASP RB 309 42.04 4.89 -132.73
N GLN RB 310 43.30 5.34 -132.68
CA GLN RB 310 43.57 6.74 -132.38
C GLN RB 310 43.04 7.66 -133.46
N ILE RB 311 43.14 7.25 -134.73
CA ILE RB 311 42.57 8.05 -135.81
C ILE RB 311 41.05 8.14 -135.69
N GLN RB 312 40.40 7.01 -135.39
CA GLN RB 312 38.94 7.01 -135.22
C GLN RB 312 38.51 7.87 -134.04
N ARG RB 313 39.30 7.90 -132.96
CA ARG RB 313 39.01 8.74 -131.82
C ARG RB 313 39.35 10.20 -132.05
N ASP RB 314 39.62 10.59 -133.31
CA ASP RB 314 39.95 11.96 -133.67
C ASP RB 314 41.17 12.48 -132.90
N LEU RB 315 42.18 11.64 -132.74
CA LEU RB 315 43.41 12.00 -132.04
C LEU RB 315 44.58 11.79 -133.01
N VAL RB 316 44.90 12.85 -133.75
CA VAL RB 316 46.05 12.80 -134.65
C VAL RB 316 47.33 13.20 -133.93
N SER RB 317 47.22 14.02 -132.87
CA SER RB 317 48.39 14.37 -132.08
C SER RB 317 48.98 13.16 -131.39
N ASP RB 318 48.13 12.24 -130.91
CA ASP RB 318 48.62 10.99 -130.36
C ASP RB 318 49.21 10.07 -131.43
N ALA RB 319 48.61 10.03 -132.62
CA ALA RB 319 49.11 9.18 -133.69
C ALA RB 319 50.49 9.61 -134.18
N THR RB 320 50.71 10.92 -134.38
CA THR RB 320 52.02 11.38 -134.82
C THR RB 320 53.07 11.15 -133.74
N SER RB 321 52.72 11.32 -132.47
CA SER RB 321 53.64 11.00 -131.39
C SER RB 321 53.96 9.51 -131.32
N LEU RB 322 52.96 8.66 -131.58
CA LEU RB 322 53.21 7.22 -131.64
C LEU RB 322 54.16 6.87 -132.78
N VAL RB 323 53.97 7.48 -133.94
CA VAL RB 323 54.88 7.25 -135.06
C VAL RB 323 56.29 7.73 -134.72
N HIS RB 324 56.41 8.89 -134.08
CA HIS RB 324 57.72 9.39 -133.68
C HIS RB 324 58.38 8.45 -132.68
N LEU RB 325 57.60 7.93 -131.73
CA LEU RB 325 58.14 6.97 -130.76
C LEU RB 325 58.61 5.70 -131.45
N TYR RB 326 57.85 5.20 -132.43
CA TYR RB 326 58.28 4.03 -133.18
C TYR RB 326 59.58 4.31 -133.94
N HIS RB 327 59.69 5.49 -134.55
CA HIS RB 327 60.93 5.87 -135.22
C HIS RB 327 62.10 5.95 -134.26
N ILE RB 328 61.89 6.50 -133.07
CA ILE RB 328 62.95 6.55 -132.06
C ILE RB 328 63.37 5.15 -131.65
N LEU RB 329 62.39 4.25 -131.45
CA LEU RB 329 62.70 2.89 -131.05
C LEU RB 329 63.46 2.14 -132.13
N HIS RB 330 63.11 2.34 -133.39
CA HIS RB 330 63.77 1.68 -134.52
C HIS RB 330 64.43 2.74 -135.40
N PRO RB 331 65.60 3.25 -134.99
CA PRO RB 331 66.30 4.22 -135.86
C PRO RB 331 66.70 3.62 -137.20
N ASP RB 332 67.05 2.33 -137.23
CA ASP RB 332 67.50 1.67 -138.45
C ASP RB 332 66.29 1.02 -139.12
N GLY RB 333 65.68 1.72 -140.06
CA GLY RB 333 64.54 1.19 -140.77
C GLY RB 333 64.08 2.11 -141.89
N GLN RB 334 63.42 1.53 -142.90
CA GLN RB 334 62.93 2.33 -144.01
C GLN RB 334 61.88 3.35 -143.57
N SER RB 335 61.02 2.99 -142.62
CA SER RB 335 60.02 3.93 -142.12
C SER RB 335 60.67 5.15 -141.49
N ALA RB 336 61.72 4.95 -140.70
CA ALA RB 336 62.42 6.06 -140.07
C ALA RB 336 63.23 6.87 -141.08
N GLN RB 337 63.85 6.19 -142.05
CA GLN RB 337 64.70 6.89 -143.01
C GLN RB 337 63.90 7.68 -144.03
N GLU RB 338 62.75 7.18 -144.46
CA GLU RB 338 61.96 7.88 -145.47
C GLU RB 338 61.45 9.22 -144.94
N ALA RB 339 60.95 9.25 -143.71
CA ALA RB 339 60.52 10.50 -143.11
C ALA RB 339 61.67 11.48 -142.92
N LYS RB 340 62.84 10.99 -142.51
CA LYS RB 340 64.00 11.86 -142.34
C LYS RB 340 64.44 12.45 -143.67
N LYS RB 341 64.44 11.64 -144.72
CA LYS RB 341 64.90 12.12 -146.03
C LYS RB 341 63.88 13.02 -146.72
N GLN RB 342 62.59 12.87 -146.39
CA GLN RB 342 61.56 13.70 -147.00
C GLN RB 342 61.23 14.95 -146.20
N GLY RB 343 61.54 14.98 -144.90
CA GLY RB 343 61.18 16.10 -144.08
C GLY RB 343 59.67 16.26 -143.95
N ALA RB 344 58.97 15.14 -143.85
CA ALA RB 344 57.52 15.15 -143.77
C ALA RB 344 57.06 15.68 -142.42
N GLU RB 345 55.84 16.21 -142.40
CA GLU RB 345 55.25 16.74 -141.19
C GLU RB 345 54.60 15.62 -140.38
N GLY RB 346 54.00 15.98 -139.25
CA GLY RB 346 53.33 15.01 -138.42
C GLY RB 346 52.14 14.36 -139.12
N LEU RB 347 51.45 15.12 -139.97
CA LEU RB 347 50.31 14.57 -140.71
C LEU RB 347 50.76 13.53 -141.74
N HIS RB 348 51.93 13.71 -142.33
CA HIS RB 348 52.43 12.79 -143.34
C HIS RB 348 53.27 11.66 -142.76
N LEU RB 349 53.71 11.77 -141.51
CA LEU RB 349 54.42 10.68 -140.85
C LEU RB 349 53.54 9.44 -140.70
N ILE RB 350 52.23 9.62 -140.52
CA ILE RB 350 51.33 8.48 -140.48
C ILE RB 350 51.29 7.77 -141.82
N LYS RB 351 51.21 8.53 -142.92
CA LYS RB 351 51.21 7.92 -144.26
C LYS RB 351 52.53 7.22 -144.55
N VAL RB 352 53.65 7.80 -144.11
CA VAL RB 352 54.93 7.16 -144.35
C VAL RB 352 54.99 5.78 -143.72
N PHE RB 353 54.56 5.67 -142.46
CA PHE RB 353 54.52 4.36 -141.80
C PHE RB 353 53.48 3.44 -142.42
N ALA RB 354 52.33 3.99 -142.84
CA ALA RB 354 51.31 3.19 -143.49
C ALA RB 354 51.77 2.59 -144.80
N LYS RB 355 52.64 3.29 -145.53
CA LYS RB 355 53.15 2.79 -146.80
C LYS RB 355 54.41 1.94 -146.66
N THR RB 356 55.23 2.19 -145.63
CA THR RB 356 56.50 1.46 -145.53
C THR RB 356 56.34 0.11 -144.85
N GLU RB 357 55.93 0.10 -143.58
CA GLU RB 357 55.93 -1.10 -142.77
C GLU RB 357 54.61 -1.33 -142.04
N ALA RB 358 53.48 -1.05 -142.68
CA ALA RB 358 52.18 -1.31 -142.07
C ALA RB 358 51.55 -2.55 -142.72
N GLN RB 359 51.13 -3.51 -141.89
CA GLN RB 359 50.48 -4.70 -142.42
C GLN RB 359 49.12 -4.35 -143.03
N LYS RB 360 48.29 -3.63 -142.29
CA LYS RB 360 46.99 -3.17 -142.79
C LYS RB 360 47.10 -1.75 -143.33
N GLY RB 361 48.01 -1.59 -144.29
CA GLY RB 361 48.23 -0.28 -144.88
C GLY RB 361 47.02 0.27 -145.59
N ALA RB 362 46.28 -0.59 -146.29
CA ALA RB 362 45.06 -0.14 -146.95
C ALA RB 362 44.04 0.37 -145.95
N TYR RB 363 43.85 -0.34 -144.84
CA TYR RB 363 42.92 0.11 -143.81
C TYR RB 363 43.38 1.42 -143.18
N ILE RB 364 44.69 1.55 -142.90
CA ILE RB 364 45.19 2.79 -142.31
C ILE RB 364 44.98 3.96 -143.26
N GLU RB 365 45.26 3.76 -144.56
CA GLU RB 365 45.04 4.82 -145.54
C GLU RB 365 43.56 5.17 -145.67
N LEU RB 366 42.68 4.17 -145.65
CA LEU RB 366 41.25 4.44 -145.73
C LEU RB 366 40.78 5.24 -144.53
N THR RB 367 41.23 4.86 -143.33
CA THR RB 367 40.86 5.61 -142.13
C THR RB 367 41.39 7.03 -142.16
N LEU RB 368 42.63 7.23 -142.61
CA LEU RB 368 43.18 8.58 -142.68
C LEU RB 368 42.42 9.44 -143.70
N GLN RB 369 42.09 8.86 -144.86
CA GLN RB 369 41.32 9.60 -145.86
C GLN RB 369 39.94 9.96 -145.33
N ALA RB 370 39.28 9.02 -144.64
CA ALA RB 370 37.99 9.30 -144.04
C ALA RB 370 38.06 10.39 -142.98
N TYR RB 371 39.11 10.38 -142.14
CA TYR RB 371 39.31 11.45 -141.18
C TYR RB 371 39.52 12.80 -141.86
N GLN RB 372 40.34 12.84 -142.92
CA GLN RB 372 40.59 14.10 -143.60
C GLN RB 372 39.34 14.65 -144.26
N GLU RB 373 38.62 13.81 -145.01
CA GLU RB 373 37.42 14.27 -145.71
C GLU RB 373 36.29 14.65 -144.76
N ALA RB 374 36.30 14.16 -143.52
CA ALA RB 374 35.31 14.54 -142.52
C ALA RB 374 35.74 15.71 -141.66
N PHE RB 375 37.04 15.97 -141.54
CA PHE RB 375 37.51 17.08 -140.73
C PHE RB 375 37.65 18.37 -141.53
N ILE RB 376 38.29 18.31 -142.70
CA ILE RB 376 38.52 19.53 -143.48
C ILE RB 376 37.21 20.16 -143.93
N THR RB 377 36.15 19.36 -144.07
CA THR RB 377 34.86 19.90 -144.50
C THR RB 377 34.06 20.44 -143.31
N HIS RB 378 34.02 19.69 -142.21
CA HIS RB 378 33.22 20.09 -141.06
C HIS RB 378 33.84 21.24 -140.29
N SER RB 379 35.16 21.33 -140.27
CA SER RB 379 35.84 22.43 -139.56
C SER RB 379 36.90 23.08 -140.44
N ALA SB 2 -5.07 17.54 -103.84
CA ALA SB 2 -5.89 18.69 -104.20
C ALA SB 2 -5.06 19.98 -104.23
N GLY SB 3 -4.33 20.22 -103.16
CA GLY SB 3 -3.51 21.41 -103.07
C GLY SB 3 -2.81 21.49 -101.74
N SER SB 4 -2.24 22.67 -101.48
CA SER SB 4 -1.52 22.94 -100.23
C SER SB 4 -2.22 24.09 -99.53
N ARG SB 5 -2.80 23.81 -98.36
CA ARG SB 5 -3.46 24.82 -97.56
C ARG SB 5 -2.59 25.33 -96.42
N LEU SB 6 -1.28 25.40 -96.64
CA LEU SB 6 -0.33 25.85 -95.63
C LEU SB 6 -0.04 27.33 -95.85
N GLU SB 7 -0.22 28.13 -94.80
CA GLU SB 7 -0.10 29.58 -94.92
C GLU SB 7 1.27 30.10 -94.50
N THR SB 8 1.86 29.52 -93.45
CA THR SB 8 3.14 30.00 -92.93
C THR SB 8 4.34 29.30 -93.55
N VAL SB 9 4.13 28.25 -94.35
CA VAL SB 9 5.24 27.52 -94.94
C VAL SB 9 5.94 28.36 -96.01
N GLY SB 10 5.17 28.99 -96.88
CA GLY SB 10 5.74 29.77 -97.95
C GLY SB 10 4.69 30.51 -98.73
N SER SB 11 5.12 31.08 -99.86
CA SER SB 11 4.25 31.87 -100.70
C SER SB 11 3.39 30.98 -101.59
N ILE SB 12 2.29 31.56 -102.08
CA ILE SB 12 1.39 30.81 -102.96
C ILE SB 12 2.09 30.37 -104.24
N PHE SB 13 2.91 31.23 -104.84
CA PHE SB 13 3.64 30.85 -106.05
C PHE SB 13 4.58 29.69 -105.79
N SER SB 14 5.34 29.74 -104.70
CA SER SB 14 6.26 28.66 -104.39
C SER SB 14 5.50 27.35 -104.13
N ARG SB 15 4.42 27.43 -103.36
CA ARG SB 15 3.68 26.21 -103.03
C ARG SB 15 3.02 25.61 -104.28
N THR SB 16 2.47 26.44 -105.15
CA THR SB 16 1.90 25.95 -106.41
C THR SB 16 2.95 25.37 -107.35
N ARG SB 17 4.11 26.03 -107.46
CA ARG SB 17 5.17 25.51 -108.32
C ARG SB 17 5.71 24.18 -107.82
N ASP SB 18 5.87 24.05 -106.50
CA ASP SB 18 6.39 22.80 -105.94
C ASP SB 18 5.46 21.63 -106.17
N LEU SB 19 4.15 21.85 -106.07
CA LEU SB 19 3.20 20.77 -106.33
C LEU SB 19 3.27 20.29 -107.77
N ILE SB 20 3.35 21.23 -108.72
CA ILE SB 20 3.48 20.85 -110.12
C ILE SB 20 4.80 20.13 -110.37
N ARG SB 21 5.88 20.60 -109.74
CA ARG SB 21 7.18 19.94 -109.87
C ARG SB 21 7.13 18.51 -109.34
N ALA SB 22 6.45 18.31 -108.21
CA ALA SB 22 6.28 16.96 -107.67
C ALA SB 22 5.31 16.12 -108.49
N GLY SB 23 4.46 16.76 -109.30
CA GLY SB 23 3.54 16.03 -110.15
C GLY SB 23 2.19 15.73 -109.56
N VAL SB 24 1.81 16.41 -108.48
CA VAL SB 24 0.51 16.19 -107.85
C VAL SB 24 -0.57 17.12 -108.38
N LEU SB 25 -0.20 18.21 -109.05
CA LEU SB 25 -1.15 19.15 -109.62
C LEU SB 25 -1.04 19.05 -111.15
N LYS SB 26 -2.02 18.38 -111.76
CA LYS SB 26 -1.96 18.12 -113.19
C LYS SB 26 -2.34 19.35 -114.02
N GLU SB 27 -3.00 20.34 -113.41
CA GLU SB 27 -3.46 21.53 -114.12
C GLU SB 27 -2.69 22.75 -113.63
N LYS SB 28 -2.09 23.48 -114.56
CA LYS SB 28 -1.35 24.68 -114.21
C LYS SB 28 -2.30 25.86 -114.06
N PRO SB 29 -2.28 26.56 -112.93
CA PRO SB 29 -3.16 27.71 -112.76
C PRO SB 29 -2.88 28.79 -113.81
N LEU SB 30 -3.95 29.47 -114.22
CA LEU SB 30 -3.83 30.51 -115.24
C LEU SB 30 -3.02 31.70 -114.75
N TRP SB 31 -3.02 31.98 -113.45
CA TRP SB 31 -2.26 33.10 -112.91
C TRP SB 31 -0.79 32.79 -112.70
N LEU SB 32 -0.39 31.52 -112.79
CA LEU SB 32 1.01 31.17 -112.60
C LEU SB 32 1.88 31.75 -113.71
N ASP SB 33 1.40 31.69 -114.96
CA ASP SB 33 2.15 32.28 -116.06
C ASP SB 33 2.27 33.80 -115.90
N ILE SB 34 1.20 34.46 -115.46
CA ILE SB 34 1.28 35.90 -115.23
C ILE SB 34 2.25 36.22 -114.11
N TYR SB 35 2.25 35.43 -113.04
CA TYR SB 35 3.20 35.64 -111.95
C TYR SB 35 4.64 35.46 -112.44
N ASN SB 36 4.89 34.44 -113.27
CA ASN SB 36 6.22 34.25 -113.84
C ASN SB 36 6.63 35.41 -114.73
N ALA SB 37 5.71 35.91 -115.55
CA ALA SB 37 6.02 36.99 -116.47
C ALA SB 37 6.30 38.30 -115.73
N PHE SB 38 5.46 38.64 -114.75
CA PHE SB 38 5.56 39.89 -114.01
C PHE SB 38 5.53 39.59 -112.51
N PRO SB 39 6.65 39.12 -111.95
CA PRO SB 39 6.70 38.85 -110.51
C PRO SB 39 6.56 40.13 -109.71
N PRO SB 40 5.98 40.06 -108.52
CA PRO SB 40 5.87 41.26 -107.68
C PRO SB 40 7.20 41.65 -107.06
N LEU SB 41 7.27 42.83 -106.46
CA LEU SB 41 8.52 43.29 -105.85
C LEU SB 41 8.92 42.41 -104.67
N ARG SB 42 7.97 42.02 -103.84
CA ARG SB 42 8.22 41.19 -102.66
C ARG SB 42 7.44 39.89 -102.79
N GLU SB 43 8.11 38.77 -102.56
CA GLU SB 43 7.43 37.48 -102.57
C GLU SB 43 6.49 37.39 -101.38
N PRO SB 44 5.22 37.07 -101.59
CA PRO SB 44 4.26 37.08 -100.47
C PRO SB 44 4.43 35.90 -99.52
N VAL SB 45 5.53 35.89 -98.78
CA VAL SB 45 5.77 34.89 -97.76
C VAL SB 45 5.27 35.41 -96.42
N PHE SB 46 4.79 34.51 -95.57
CA PHE SB 46 4.23 34.90 -94.28
C PHE SB 46 5.34 35.30 -93.32
N ARG SB 47 5.16 36.43 -92.65
CA ARG SB 47 6.07 36.90 -91.61
C ARG SB 47 5.24 37.35 -90.42
N ARG SB 48 5.54 36.79 -89.26
CA ARG SB 48 4.75 37.10 -88.06
C ARG SB 48 5.15 38.46 -87.52
N PRO SB 49 4.18 39.34 -87.23
CA PRO SB 49 4.51 40.68 -86.73
C PRO SB 49 5.01 40.65 -85.29
N ARG SB 50 6.28 40.31 -85.10
CA ARG SB 50 6.86 40.30 -83.76
C ARG SB 50 6.93 41.73 -83.21
N LEU SB 51 6.63 41.86 -81.92
CA LEU SB 51 6.69 43.16 -81.27
C LEU SB 51 8.14 43.58 -81.06
N ARG SB 52 8.37 44.89 -81.07
CA ARG SB 52 9.69 45.47 -80.96
C ARG SB 52 9.93 45.87 -79.50
N TYR SB 53 10.95 45.29 -78.89
CA TYR SB 53 11.30 45.56 -77.50
C TYR SB 53 12.67 46.23 -77.42
N GLY SB 54 13.05 46.57 -76.19
CA GLY SB 54 14.37 47.12 -75.95
C GLY SB 54 14.54 48.52 -76.53
N LYS SB 55 15.79 48.85 -76.87
CA LYS SB 55 16.13 50.15 -77.41
C LYS SB 55 15.84 50.28 -78.90
N ALA SB 56 15.43 49.19 -79.55
CA ALA SB 56 15.12 49.25 -80.98
C ALA SB 56 13.91 50.13 -81.22
N LYS SB 57 13.97 50.94 -82.27
CA LYS SB 57 12.92 51.89 -82.62
C LYS SB 57 12.55 51.70 -84.09
N ALA SB 58 11.59 52.51 -84.54
CA ALA SB 58 11.19 52.48 -85.93
C ALA SB 58 12.28 53.09 -86.82
N ALA SB 59 12.30 52.66 -88.08
CA ALA SB 59 13.29 53.10 -89.04
C ALA SB 59 12.82 54.31 -89.84
N VAL SB 60 11.64 54.84 -89.55
CA VAL SB 60 11.10 55.99 -90.26
C VAL SB 60 11.72 57.26 -89.69
N GLN SB 61 11.64 58.34 -90.45
CA GLN SB 61 12.18 59.63 -90.06
C GLN SB 61 11.13 60.72 -90.26
N ASP SB 62 11.16 61.71 -89.38
CA ASP SB 62 10.18 62.79 -89.43
C ASP SB 62 10.44 63.69 -90.63
N ILE SB 63 9.37 64.33 -91.10
CA ILE SB 63 9.42 65.21 -92.26
C ILE SB 63 9.43 66.64 -91.75
N PHE SB 64 10.54 67.34 -91.97
CA PHE SB 64 10.67 68.74 -91.56
C PHE SB 64 11.55 69.47 -92.56
N TYR SB 65 11.18 70.70 -92.89
CA TYR SB 65 11.91 71.53 -93.82
C TYR SB 65 12.33 72.82 -93.15
N HIS SB 66 13.24 73.56 -93.80
CA HIS SB 66 13.62 74.88 -93.31
C HIS SB 66 12.46 75.86 -93.34
N GLU SB 67 11.44 75.60 -94.17
CA GLU SB 67 10.26 76.45 -94.18
C GLU SB 67 9.50 76.37 -92.87
N ASP SB 68 9.48 75.19 -92.25
CA ASP SB 68 8.75 75.03 -90.99
C ASP SB 68 9.32 75.89 -89.89
N ARG SB 69 10.62 76.19 -89.94
CA ARG SB 69 11.24 77.05 -88.92
C ARG SB 69 10.64 78.45 -88.94
N ILE SB 70 10.21 78.92 -90.10
CA ILE SB 70 9.56 80.22 -90.20
C ILE SB 70 8.05 80.10 -90.04
N ARG SB 71 7.49 78.96 -90.46
CA ARG SB 71 6.06 78.73 -90.25
C ARG SB 71 5.70 78.71 -88.77
N ALA SB 72 6.55 78.09 -87.96
CA ALA SB 72 6.32 78.09 -86.51
C ALA SB 72 6.34 79.50 -85.94
N LYS SB 73 7.29 80.34 -86.37
CA LYS SB 73 7.31 81.72 -85.92
C LYS SB 73 6.07 82.47 -86.36
N PHE SB 74 5.63 82.27 -87.60
CA PHE SB 74 4.43 82.94 -88.10
C PHE SB 74 3.20 82.53 -87.30
N TYR SB 75 3.07 81.24 -87.00
CA TYR SB 75 1.94 80.76 -86.23
C TYR SB 75 2.01 81.17 -84.77
N SER SB 76 3.21 81.36 -84.23
CA SER SB 76 3.34 81.85 -82.86
C SER SB 76 3.02 83.33 -82.75
N ALA SB 77 3.36 84.10 -83.78
CA ALA SB 77 3.14 85.54 -83.76
C ALA SB 77 1.72 85.91 -84.16
N TYR SB 78 1.30 85.53 -85.37
CA TYR SB 78 0.00 85.92 -85.90
C TYR SB 78 -1.05 84.82 -85.83
N GLY SB 79 -0.63 83.59 -85.53
CA GLY SB 79 -1.59 82.49 -85.54
C GLY SB 79 -2.00 82.13 -86.95
N SER SB 80 -3.23 81.65 -87.10
CA SER SB 80 -3.77 81.32 -88.40
C SER SB 80 -3.98 82.59 -89.22
N GLY SB 81 -3.71 82.49 -90.52
CA GLY SB 81 -3.84 83.62 -91.40
C GLY SB 81 -5.29 84.00 -91.65
N PRO SB 82 -5.52 85.21 -92.13
CA PRO SB 82 -6.91 85.61 -92.46
C PRO SB 82 -7.53 84.75 -93.54
N LYS SB 83 -6.73 84.24 -94.47
CA LYS SB 83 -7.23 83.37 -95.54
C LYS SB 83 -7.30 81.94 -95.01
N ALA SB 84 -8.52 81.41 -94.93
CA ALA SB 84 -8.71 80.04 -94.47
C ALA SB 84 -8.13 79.06 -95.49
N PHE SB 85 -7.57 77.97 -94.97
CA PHE SB 85 -6.91 76.99 -95.83
C PHE SB 85 -7.94 76.27 -96.70
N ASP SB 86 -7.63 76.14 -97.98
CA ASP SB 86 -8.45 75.44 -98.95
C ASP SB 86 -7.64 74.23 -99.43
N LEU SB 87 -7.87 73.08 -98.79
CA LEU SB 87 -7.12 71.87 -99.12
C LEU SB 87 -7.53 71.28 -100.46
N PHE SB 88 -8.69 71.67 -101.01
CA PHE SB 88 -9.12 71.13 -102.29
C PHE SB 88 -8.27 71.66 -103.45
N ASN SB 89 -7.79 72.89 -103.35
CA ASN SB 89 -7.01 73.48 -104.44
C ASN SB 89 -5.60 72.91 -104.43
N PRO SB 90 -5.15 72.24 -105.49
CA PRO SB 90 -3.79 71.68 -105.48
C PRO SB 90 -2.70 72.73 -105.33
N ASN SB 91 -2.90 73.92 -105.91
CA ASN SB 91 -1.89 74.97 -105.89
C ASN SB 91 -2.26 76.11 -104.96
N PHE SB 92 -2.97 75.81 -103.87
CA PHE SB 92 -3.37 76.84 -102.93
C PHE SB 92 -2.15 77.41 -102.20
N LYS SB 93 -2.10 78.72 -102.09
CA LYS SB 93 -1.02 79.42 -101.39
C LYS SB 93 -1.64 80.22 -100.25
N SER SB 94 -1.10 80.07 -99.05
CA SER SB 94 -1.66 80.70 -97.87
C SER SB 94 -0.85 81.93 -97.47
N THR SB 95 -1.32 82.62 -96.43
CA THR SB 95 -0.60 83.78 -95.92
C THR SB 95 0.76 83.37 -95.37
N CYS SB 96 0.83 82.24 -94.67
CA CYS SB 96 2.11 81.75 -94.18
C CYS SB 96 3.04 81.38 -95.32
N GLN SB 97 2.48 80.80 -96.41
CA GLN SB 97 3.31 80.50 -97.57
C GLN SB 97 3.85 81.76 -98.22
N ARG SB 98 3.04 82.82 -98.33
CA ARG SB 98 3.56 84.09 -98.82
C ARG SB 98 4.63 84.65 -97.90
N PHE SB 99 4.43 84.51 -96.58
CA PHE SB 99 5.41 85.00 -95.62
C PHE SB 99 6.75 84.30 -95.78
N VAL SB 100 6.73 82.98 -95.94
CA VAL SB 100 7.98 82.26 -96.13
C VAL SB 100 8.59 82.52 -97.50
N GLU SB 101 7.77 82.76 -98.52
CA GLU SB 101 8.30 83.17 -99.82
C GLU SB 101 9.02 84.51 -99.72
N LYS SB 102 8.48 85.46 -98.96
CA LYS SB 102 9.20 86.70 -98.71
C LYS SB 102 10.46 86.47 -97.87
N TYR SB 103 10.39 85.59 -96.87
CA TYR SB 103 11.52 85.35 -95.98
C TYR SB 103 12.70 84.74 -96.72
N ILE SB 104 12.45 83.78 -97.62
CA ILE SB 104 13.56 83.15 -98.34
C ILE SB 104 14.24 84.16 -99.27
N GLU SB 105 13.48 85.08 -99.86
CA GLU SB 105 14.08 86.10 -100.71
C GLU SB 105 14.85 87.14 -99.88
N LEU SB 106 14.32 87.51 -98.71
CA LEU SB 106 15.09 88.36 -97.81
C LEU SB 106 16.37 87.69 -97.35
N GLN SB 107 16.36 86.36 -97.23
CA GLN SB 107 17.60 85.64 -96.94
C GLN SB 107 18.62 85.82 -98.05
N ARG SB 108 18.19 85.71 -99.32
CA ARG SB 108 19.09 85.92 -100.43
C ARG SB 108 19.54 87.36 -100.56
N LEU SB 109 18.74 88.31 -100.06
CA LEU SB 109 19.08 89.73 -100.14
C LEU SB 109 20.25 90.11 -99.25
N GLY SB 110 20.90 89.15 -98.61
CA GLY SB 110 22.08 89.42 -97.80
C GLY SB 110 21.82 89.82 -96.37
N GLU SB 111 20.65 89.51 -95.83
CA GLU SB 111 20.31 89.84 -94.45
C GLU SB 111 20.38 88.59 -93.59
N THR SB 112 21.00 88.71 -92.42
CA THR SB 112 21.20 87.59 -91.52
C THR SB 112 20.40 87.68 -90.22
N ASP SB 113 20.18 88.88 -89.71
CA ASP SB 113 19.48 89.04 -88.43
C ASP SB 113 18.05 88.56 -88.53
N GLU SB 114 17.63 87.77 -87.53
CA GLU SB 114 16.29 87.21 -87.55
C GLU SB 114 15.21 88.29 -87.45
N GLU SB 115 15.43 89.32 -86.64
CA GLU SB 115 14.46 90.41 -86.56
C GLU SB 115 14.38 91.17 -87.88
N LYS SB 116 15.53 91.45 -88.50
CA LYS SB 116 15.55 92.13 -89.79
C LYS SB 116 15.00 91.27 -90.91
N LEU SB 117 14.91 89.95 -90.72
CA LEU SB 117 14.26 89.07 -91.69
C LEU SB 117 12.79 88.85 -91.40
N PHE SB 118 12.35 89.08 -90.17
CA PHE SB 118 10.97 88.85 -89.77
C PHE SB 118 10.10 90.10 -89.85
N VAL SB 119 10.52 91.18 -89.18
CA VAL SB 119 9.68 92.39 -89.18
C VAL SB 119 9.62 93.02 -90.57
N GLU SB 120 10.71 92.96 -91.32
CA GLU SB 120 10.69 93.49 -92.68
C GLU SB 120 9.79 92.67 -93.59
N ALA SB 121 9.77 91.35 -93.44
CA ALA SB 121 8.84 90.52 -94.18
C ALA SB 121 7.40 90.83 -93.79
N GLY SB 122 7.14 91.01 -92.49
CA GLY SB 122 5.79 91.36 -92.05
C GLY SB 122 5.33 92.69 -92.63
N LYS SB 123 6.22 93.69 -92.65
CA LYS SB 123 5.90 94.96 -93.28
C LYS SB 123 5.69 94.83 -94.79
N ALA SB 124 6.52 94.04 -95.47
CA ALA SB 124 6.37 93.86 -96.91
C ALA SB 124 5.08 93.12 -97.25
N LEU SB 125 4.59 92.28 -96.34
CA LEU SB 125 3.31 91.61 -96.56
C LEU SB 125 2.17 92.61 -96.71
N LEU SB 126 2.28 93.80 -96.11
CA LEU SB 126 1.25 94.81 -96.24
C LEU SB 126 1.18 95.41 -97.64
N ALA SB 127 2.22 95.22 -98.45
CA ALA SB 127 2.23 95.79 -99.79
C ALA SB 127 1.14 95.20 -100.66
N GLU SB 128 0.92 93.89 -100.58
CA GLU SB 128 -0.13 93.25 -101.37
C GLU SB 128 -1.53 93.62 -100.89
N GLY SB 129 -1.67 94.13 -99.68
CA GLY SB 129 -2.95 94.52 -99.15
C GLY SB 129 -3.61 93.52 -98.22
N VAL SB 130 -2.84 92.73 -97.48
CA VAL SB 130 -3.39 91.77 -96.55
C VAL SB 130 -3.24 92.30 -95.14
N THR SB 131 -3.99 91.71 -94.22
CA THR SB 131 -3.99 92.12 -92.82
C THR SB 131 -3.42 91.01 -91.95
N LEU SB 132 -2.67 91.41 -90.92
CA LEU SB 132 -2.06 90.49 -89.98
C LEU SB 132 -2.51 90.84 -88.57
N ARG SB 133 -2.96 89.84 -87.82
CA ARG SB 133 -3.45 90.03 -86.46
C ARG SB 133 -2.45 89.40 -85.49
N ARG SB 134 -1.71 90.24 -84.78
CA ARG SB 134 -0.77 89.74 -83.78
C ARG SB 134 -1.53 89.33 -82.53
N VAL SB 135 -1.28 88.11 -82.06
CA VAL SB 135 -1.93 87.59 -80.85
C VAL SB 135 -1.08 88.00 -79.65
N GLY SB 136 -1.66 88.83 -78.79
CA GLY SB 136 -0.95 89.32 -77.61
C GLY SB 136 -0.94 88.30 -76.48
N PRO TB 2 31.57 20.72 -78.33
CA PRO TB 2 30.72 21.08 -77.18
C PRO TB 2 29.82 22.28 -77.49
N MET TB 3 29.16 22.80 -76.47
CA MET TB 3 28.30 23.96 -76.62
C MET TB 3 28.67 25.12 -75.70
N LYS TB 4 29.08 24.83 -74.46
CA LYS TB 4 29.47 25.88 -73.54
C LYS TB 4 30.79 26.50 -73.97
N GLY TB 5 30.89 27.82 -73.82
CA GLY TB 5 32.09 28.55 -74.20
C GLY TB 5 31.85 29.38 -75.45
N ARG TB 6 32.70 30.40 -75.61
CA ARG TB 6 32.59 31.31 -76.74
C ARG TB 6 32.93 30.60 -78.05
N PHE TB 7 33.99 29.81 -78.06
CA PHE TB 7 34.44 29.07 -79.24
C PHE TB 7 34.55 27.59 -78.89
N PRO TB 8 33.47 26.81 -79.05
CA PRO TB 8 33.54 25.38 -78.70
C PRO TB 8 34.53 24.58 -79.53
N ILE TB 9 34.94 25.08 -80.69
CA ILE TB 9 35.83 24.32 -81.56
C ILE TB 9 37.20 24.14 -80.91
N ARG TB 10 37.68 25.14 -80.19
CA ARG TB 10 39.02 25.10 -79.61
C ARG TB 10 39.12 24.21 -78.39
N ARG TB 11 38.08 23.42 -78.10
CA ARG TB 11 38.09 22.46 -77.01
C ARG TB 11 37.85 21.05 -77.53
N THR TB 12 38.44 20.75 -78.69
CA THR TB 12 38.31 19.44 -79.32
C THR TB 12 39.69 18.89 -79.63
N LEU TB 13 39.77 17.56 -79.75
CA LEU TB 13 41.04 16.92 -80.04
C LEU TB 13 41.61 17.31 -81.39
N GLN TB 14 40.76 17.47 -82.40
CA GLN TB 14 41.26 17.84 -83.73
C GLN TB 14 41.90 19.22 -83.72
N TYR TB 15 41.28 20.20 -83.05
CA TYR TB 15 41.85 21.53 -83.00
C TYR TB 15 43.19 21.53 -82.27
N LEU TB 16 43.30 20.76 -81.19
CA LEU TB 16 44.56 20.67 -80.47
C LEU TB 16 45.63 19.94 -81.24
N GLY TB 17 45.26 18.96 -82.06
CA GLY TB 17 46.23 18.20 -82.83
C GLY TB 17 46.65 18.86 -84.12
N GLN TB 18 45.83 19.78 -84.64
CA GLN TB 18 46.17 20.44 -85.88
C GLN TB 18 47.19 21.56 -85.71
N GLY TB 19 47.53 21.93 -84.47
CA GLY TB 19 48.53 22.94 -84.25
C GLY TB 19 49.94 22.38 -84.32
N ASP TB 20 50.65 22.67 -85.41
CA ASP TB 20 51.96 22.08 -85.67
C ASP TB 20 53.06 23.00 -85.13
N VAL TB 21 53.17 23.02 -83.80
CA VAL TB 21 54.24 23.75 -83.13
C VAL TB 21 54.92 22.83 -82.13
N VAL TB 22 56.11 22.35 -82.46
CA VAL TB 22 56.87 21.45 -81.60
C VAL TB 22 58.18 22.13 -81.23
N PHE TB 23 58.43 22.28 -79.94
CA PHE TB 23 59.65 22.93 -79.49
C PHE TB 23 60.81 21.95 -79.49
N LYS TB 24 62.02 22.49 -79.42
CA LYS TB 24 63.23 21.69 -79.29
C LYS TB 24 63.35 21.15 -77.86
N ASP TB 25 64.28 20.21 -77.68
CA ASP TB 25 64.49 19.63 -76.36
C ASP TB 25 65.07 20.62 -75.36
N SER TB 26 65.66 21.73 -75.82
CA SER TB 26 66.22 22.73 -74.93
C SER TB 26 65.17 23.60 -74.29
N VAL TB 27 64.06 23.88 -74.98
CA VAL TB 27 63.04 24.78 -74.47
C VAL TB 27 62.38 24.18 -73.25
N LYS TB 28 62.33 24.95 -72.17
CA LYS TB 28 61.75 24.48 -70.91
C LYS TB 28 60.57 25.33 -70.44
N VAL TB 29 60.71 26.65 -70.44
CA VAL TB 29 59.69 27.53 -69.89
C VAL TB 29 59.33 28.59 -70.92
N MET TB 30 58.03 28.91 -71.02
CA MET TB 30 57.53 29.98 -71.87
C MET TB 30 56.67 30.90 -71.02
N THR TB 31 57.14 32.11 -70.80
CA THR TB 31 56.42 33.12 -70.05
C THR TB 31 55.87 34.17 -71.02
N VAL TB 32 54.55 34.20 -71.17
CA VAL TB 32 53.89 35.16 -72.05
C VAL TB 32 53.27 36.25 -71.20
N ASN TB 33 53.76 37.47 -71.34
CA ASN TB 33 53.20 38.62 -70.64
C ASN TB 33 52.44 39.46 -71.65
N TYR TB 34 51.19 39.79 -71.32
CA TYR TB 34 50.34 40.56 -72.22
C TYR TB 34 49.40 41.43 -71.39
N ASN TB 35 48.72 42.33 -72.09
CA ASN TB 35 47.76 43.23 -71.46
C ASN TB 35 46.36 42.97 -72.01
N THR TB 36 45.36 43.34 -71.22
CA THR TB 36 43.97 43.15 -71.57
C THR TB 36 43.32 44.43 -72.09
N HIS TB 37 44.10 45.47 -72.34
CA HIS TB 37 43.58 46.73 -72.85
C HIS TB 37 44.49 47.23 -73.95
N GLY TB 38 43.93 48.07 -74.82
CA GLY TB 38 44.67 48.62 -75.94
C GLY TB 38 44.54 47.79 -77.20
N GLU TB 39 44.43 48.46 -78.34
CA GLU TB 39 44.30 47.78 -79.62
C GLU TB 39 45.58 47.07 -80.04
N LEU TB 40 46.72 47.45 -79.47
CA LEU TB 40 47.99 46.83 -79.85
C LEU TB 40 48.07 45.39 -79.37
N GLY TB 41 47.50 45.10 -78.21
CA GLY TB 41 47.59 43.78 -77.62
C GLY TB 41 46.57 42.80 -78.15
N GLU TB 42 45.86 43.18 -79.21
CA GLU TB 42 44.87 42.27 -79.80
C GLU TB 42 45.52 40.99 -80.31
N GLY TB 43 46.67 41.11 -80.98
CA GLY TB 43 47.34 39.92 -81.46
C GLY TB 43 47.79 38.99 -80.35
N ALA TB 44 48.36 39.54 -79.28
CA ALA TB 44 48.74 38.72 -78.13
C ALA TB 44 47.54 38.08 -77.45
N ARG TB 45 46.45 38.83 -77.29
CA ARG TB 45 45.25 38.27 -76.67
C ARG TB 45 44.69 37.13 -77.52
N LYS TB 46 44.63 37.32 -78.83
CA LYS TB 46 44.17 36.23 -79.71
C LYS TB 46 45.11 35.03 -79.67
N PHE TB 47 46.42 35.26 -79.63
CA PHE TB 47 47.36 34.14 -79.53
C PHE TB 47 47.12 33.36 -78.25
N VAL TB 48 47.00 34.05 -77.11
CA VAL TB 48 46.74 33.36 -75.85
C VAL TB 48 45.39 32.64 -75.90
N PHE TB 49 44.39 33.24 -76.54
CA PHE TB 49 43.06 32.64 -76.59
C PHE TB 49 43.01 31.40 -77.46
N PHE TB 50 43.80 31.35 -78.54
CA PHE TB 50 43.67 30.26 -79.51
C PHE TB 50 44.84 29.29 -79.50
N ASN TB 51 46.07 29.76 -79.67
CA ASN TB 51 47.19 28.87 -79.97
C ASN TB 51 47.87 28.31 -78.74
N ILE TB 52 47.65 28.89 -77.56
CA ILE TB 52 48.28 28.37 -76.34
C ILE TB 52 47.88 26.92 -76.08
N PRO TB 53 46.60 26.53 -76.13
CA PRO TB 53 46.28 25.10 -76.00
C PRO TB 53 46.92 24.24 -77.07
N GLN TB 54 47.01 24.73 -78.31
CA GLN TB 54 47.65 23.94 -79.37
C GLN TB 54 49.12 23.70 -79.08
N ILE TB 55 49.84 24.73 -78.60
CA ILE TB 55 51.25 24.56 -78.25
C ILE TB 55 51.38 23.61 -77.06
N GLN TB 56 50.54 23.79 -76.04
CA GLN TB 56 50.64 22.97 -74.84
C GLN TB 56 50.30 21.51 -75.10
N TYR TB 57 49.41 21.24 -76.05
CA TYR TB 57 49.06 19.86 -76.37
C TYR TB 57 50.25 19.08 -76.90
N LYS TB 58 51.04 19.70 -77.78
CA LYS TB 58 52.20 19.03 -78.34
C LYS TB 58 53.47 19.27 -77.55
N ASN TB 59 53.44 20.11 -76.52
CA ASN TB 59 54.56 20.30 -75.61
C ASN TB 59 54.08 20.11 -74.17
N PRO TB 60 53.75 18.87 -73.79
CA PRO TB 60 53.27 18.63 -72.42
C PRO TB 60 54.30 18.93 -71.35
N TRP TB 61 55.58 18.72 -71.62
CA TRP TB 61 56.63 18.90 -70.63
C TRP TB 61 57.16 20.32 -70.55
N VAL TB 62 56.71 21.21 -71.42
CA VAL TB 62 57.16 22.60 -71.43
C VAL TB 62 56.20 23.42 -70.59
N GLN TB 63 56.73 24.10 -69.58
CA GLN TB 63 55.91 24.94 -68.72
C GLN TB 63 55.49 26.19 -69.48
N ILE TB 64 54.23 26.59 -69.33
CA ILE TB 64 53.70 27.79 -69.97
C ILE TB 64 52.98 28.60 -68.90
N THR TB 65 53.39 29.86 -68.74
CA THR TB 65 52.79 30.75 -67.75
C THR TB 65 52.44 32.08 -68.40
N MET TB 66 51.21 32.54 -68.18
CA MET TB 66 50.75 33.81 -68.72
C MET TB 66 50.57 34.83 -67.60
N PHE TB 67 50.99 36.07 -67.87
CA PHE TB 67 50.89 37.17 -66.92
C PHE TB 67 50.20 38.35 -67.58
N LYS TB 68 49.14 38.84 -66.94
CA LYS TB 68 48.29 39.88 -67.50
C LYS TB 68 48.54 41.21 -66.79
N ASN TB 69 48.71 42.27 -67.57
CA ASN TB 69 48.79 43.64 -67.07
C ASN TB 69 49.94 43.80 -66.07
N MET TB 70 51.16 43.46 -66.52
CA MET TB 70 52.37 43.68 -65.76
C MET TB 70 53.35 44.60 -66.48
N THR TB 71 53.46 44.46 -67.80
CA THR TB 71 54.31 45.32 -68.61
C THR TB 71 53.49 45.99 -69.70
N PRO TB 72 53.83 47.23 -70.07
CA PRO TB 72 53.08 47.92 -71.13
C PRO TB 72 53.19 47.28 -72.50
N SER TB 73 54.20 46.44 -72.73
CA SER TB 73 54.43 45.83 -74.03
C SER TB 73 54.33 44.32 -73.95
N PRO TB 74 53.48 43.68 -74.75
CA PRO TB 74 53.41 42.22 -74.74
C PRO TB 74 54.69 41.58 -75.24
N PHE TB 75 55.08 40.49 -74.58
CA PHE TB 75 56.31 39.81 -74.96
C PHE TB 75 56.23 38.36 -74.51
N LEU TB 76 57.14 37.55 -75.06
CA LEU TB 76 57.35 36.17 -74.71
C LEU TB 76 58.80 35.98 -74.26
N ARG TB 77 58.98 35.12 -73.26
CA ARG TB 77 60.30 34.88 -72.71
C ARG TB 77 60.50 33.37 -72.65
N PHE TB 78 61.45 32.85 -73.41
CA PHE TB 78 61.75 31.44 -73.44
C PHE TB 78 62.99 31.15 -72.61
N TYR TB 79 62.83 30.33 -71.58
CA TYR TB 79 63.92 29.87 -70.73
C TYR TB 79 64.27 28.46 -71.16
N LEU TB 80 65.49 28.30 -71.66
CA LEU TB 80 65.95 27.02 -72.20
C LEU TB 80 66.66 26.21 -71.12
N ASP TB 81 67.12 25.02 -71.51
CA ASP TB 81 67.88 24.18 -70.59
C ASP TB 81 69.27 24.73 -70.34
N SER TB 82 69.86 25.41 -71.33
CA SER TB 82 71.20 25.97 -71.20
C SER TB 82 71.22 27.26 -70.41
N GLY TB 83 70.07 27.81 -70.04
CA GLY TB 83 69.99 29.04 -69.30
C GLY TB 83 69.86 30.30 -70.13
N GLU TB 84 69.96 30.19 -71.46
CA GLU TB 84 69.79 31.34 -72.32
C GLU TB 84 68.34 31.79 -72.34
N GLN TB 85 68.11 33.09 -72.19
CA GLN TB 85 66.78 33.67 -72.20
C GLN TB 85 66.53 34.31 -73.56
N VAL TB 86 65.50 33.82 -74.25
CA VAL TB 86 65.13 34.33 -75.58
C VAL TB 86 63.95 35.27 -75.37
N LEU TB 87 64.14 36.53 -75.73
CA LEU TB 87 63.11 37.54 -75.58
C LEU TB 87 62.50 37.89 -76.94
N VAL TB 88 61.17 37.79 -77.03
CA VAL TB 88 60.44 38.14 -78.24
C VAL TB 88 59.44 39.22 -77.88
N ASP TB 89 59.40 40.29 -78.67
CA ASP TB 89 58.50 41.41 -78.44
C ASP TB 89 57.36 41.35 -79.46
N VAL TB 90 56.12 41.43 -78.99
CA VAL TB 90 54.96 41.44 -79.86
C VAL TB 90 54.13 42.68 -79.51
N GLU TB 91 53.99 43.59 -80.46
CA GLU TB 91 53.24 44.82 -80.25
C GLU TB 91 52.16 45.04 -81.29
N SER TB 92 52.39 44.63 -82.54
CA SER TB 92 51.40 44.75 -83.60
C SER TB 92 51.29 43.48 -84.44
N LYS TB 93 51.98 42.41 -84.06
CA LYS TB 93 51.89 41.16 -84.79
C LYS TB 93 50.52 40.53 -84.62
N SER TB 94 50.04 39.87 -85.68
CA SER TB 94 48.76 39.21 -85.65
C SER TB 94 48.89 37.83 -85.00
N ASN TB 95 47.78 37.09 -84.98
CA ASN TB 95 47.78 35.77 -84.37
C ASN TB 95 48.68 34.79 -85.12
N LYS TB 96 48.61 34.80 -86.45
CA LYS TB 96 49.43 33.89 -87.25
C LYS TB 96 50.89 34.28 -87.23
N GLU TB 97 51.19 35.58 -87.19
CA GLU TB 97 52.57 36.04 -87.20
C GLU TB 97 53.33 35.56 -85.97
N ILE TB 98 52.69 35.60 -84.80
CA ILE TB 98 53.35 35.13 -83.59
C ILE TB 98 53.70 33.65 -83.72
N VAL TB 99 52.76 32.84 -84.21
CA VAL TB 99 52.99 31.40 -84.33
C VAL TB 99 54.12 31.12 -85.31
N GLU TB 100 54.09 31.77 -86.48
CA GLU TB 100 55.13 31.54 -87.46
C GLU TB 100 56.50 32.02 -86.97
N HIS TB 101 56.56 33.16 -86.27
CA HIS TB 101 57.83 33.63 -85.73
C HIS TB 101 58.37 32.68 -84.67
N ILE TB 102 57.49 32.17 -83.80
CA ILE TB 102 57.93 31.22 -82.78
C ILE TB 102 58.46 29.94 -83.43
N ARG TB 103 57.74 29.42 -84.43
CA ARG TB 103 58.21 28.23 -85.13
C ARG TB 103 59.53 28.47 -85.85
N LYS TB 104 59.73 29.68 -86.38
CA LYS TB 104 60.99 30.01 -87.03
C LYS TB 104 62.15 30.06 -86.04
N ILE TB 105 61.96 30.76 -84.91
CA ILE TB 105 63.06 30.99 -83.99
C ILE TB 105 63.41 29.73 -83.21
N LEU TB 106 62.40 29.00 -82.74
CA LEU TB 106 62.64 27.78 -81.96
C LEU TB 106 61.52 26.78 -82.25
N GLY TB 107 61.83 25.79 -83.07
CA GLY TB 107 60.89 24.75 -83.41
C GLY TB 107 61.58 23.57 -84.05
N LYS TB 108 60.81 22.65 -84.62
CA LYS TB 108 61.35 21.51 -85.34
C LYS TB 108 60.94 21.59 -86.80
N ASN TB 109 61.91 21.42 -87.69
CA ASN TB 109 61.64 21.46 -89.11
C ASN TB 109 60.85 20.23 -89.54
N GLU TB 110 60.36 20.26 -90.78
CA GLU TB 110 59.66 19.11 -91.33
C GLU TB 110 60.57 17.90 -91.40
N GLU TB 111 61.82 18.09 -91.80
CA GLU TB 111 62.78 16.99 -91.80
C GLU TB 111 63.01 16.44 -90.39
N THR TB 112 63.13 17.33 -89.40
CA THR TB 112 63.32 16.88 -88.02
C THR TB 112 62.12 16.08 -87.53
N LEU TB 113 60.91 16.54 -87.86
CA LEU TB 113 59.71 15.83 -87.43
C LEU TB 113 59.52 14.50 -88.16
N GLU TB 114 59.94 14.42 -89.42
CA GLU TB 114 59.74 13.19 -90.19
C GLU TB 114 60.57 12.04 -89.63
N LYS TB 115 61.83 12.30 -89.26
CA LYS TB 115 62.71 11.22 -88.84
C LYS TB 115 62.30 10.64 -87.48
N GLU TB 116 61.76 11.47 -86.59
CA GLU TB 116 61.28 10.96 -85.31
C GLU TB 116 60.15 9.94 -85.51
N GLU TB 117 59.16 10.30 -86.33
CA GLU TB 117 58.08 9.36 -86.63
C GLU TB 117 58.58 8.15 -87.42
N GLN TB 118 59.56 8.33 -88.31
CA GLN TB 118 60.12 7.19 -89.03
C GLN TB 118 60.79 6.20 -88.09
N GLU TB 119 61.56 6.68 -87.12
CA GLU TB 119 62.16 5.80 -86.13
C GLU TB 119 61.11 5.18 -85.20
N LYS TB 120 60.07 5.93 -84.85
CA LYS TB 120 58.99 5.38 -84.05
C LYS TB 120 58.27 4.26 -84.79
N LYS TB 121 58.15 4.37 -86.12
CA LYS TB 121 57.53 3.32 -86.92
C LYS TB 121 58.30 2.00 -86.82
N GLN TB 122 59.62 2.08 -86.65
CA GLN TB 122 60.45 0.88 -86.58
C GLN TB 122 60.09 0.00 -85.38
N LEU TB 123 59.51 0.57 -84.32
CA LEU TB 123 59.22 -0.21 -83.12
C LEU TB 123 58.24 -1.35 -83.43
N SER TB 124 57.22 -1.08 -84.23
CA SER TB 124 56.25 -2.09 -84.63
C SER TB 124 56.83 -2.85 -85.81
N HIS TB 125 57.15 -4.13 -85.60
CA HIS TB 125 57.75 -4.83 -86.71
C HIS TB 125 56.76 -5.83 -87.32
N PRO TB 126 56.60 -5.81 -88.65
CA PRO TB 126 55.63 -6.71 -89.28
C PRO TB 126 55.91 -8.18 -89.05
N ALA TB 127 57.18 -8.58 -88.95
CA ALA TB 127 57.54 -9.99 -88.84
C ALA TB 127 57.32 -10.56 -87.45
N HIS TB 128 57.07 -9.72 -86.45
CA HIS TB 128 56.91 -10.21 -85.09
C HIS TB 128 55.52 -10.82 -84.89
N PHE TB 129 55.40 -11.64 -83.85
CA PHE TB 129 54.16 -12.29 -83.48
C PHE TB 129 53.86 -12.03 -82.01
N GLY TB 130 52.58 -12.01 -81.68
CA GLY TB 130 52.15 -11.79 -80.32
C GLY TB 130 50.77 -11.17 -80.23
N PRO TB 131 50.50 -10.45 -79.15
CA PRO TB 131 49.18 -9.83 -78.98
C PRO TB 131 48.89 -8.80 -80.05
N ARG TB 132 47.60 -8.65 -80.36
CA ARG TB 132 47.16 -7.69 -81.36
C ARG TB 132 47.51 -6.26 -81.00
N LYS TB 133 47.69 -5.95 -79.72
CA LYS TB 133 48.04 -4.60 -79.31
C LYS TB 133 49.40 -4.18 -79.87
N TYR TB 134 50.38 -5.09 -79.85
CA TYR TB 134 51.73 -4.78 -80.32
C TYR TB 134 52.06 -5.43 -81.65
N CYS TB 135 51.47 -6.58 -81.97
CA CYS TB 135 51.79 -7.31 -83.18
C CYS TB 135 50.55 -7.44 -84.05
N LEU TB 136 50.77 -7.92 -85.28
CA LEU TB 136 49.69 -8.07 -86.25
C LEU TB 136 49.16 -9.49 -86.34
N ARG TB 137 49.90 -10.48 -85.84
CA ARG TB 137 49.49 -11.87 -85.89
C ARG TB 137 49.82 -12.54 -84.57
N GLU TB 138 48.87 -13.33 -84.06
CA GLU TB 138 49.03 -14.02 -82.78
C GLU TB 138 49.38 -15.49 -82.97
N CYS TB 139 48.55 -16.24 -83.68
CA CYS TB 139 48.82 -17.62 -84.05
C CYS TB 139 49.46 -17.61 -85.44
N MET TB 140 50.58 -18.33 -85.60
CA MET TB 140 51.10 -18.58 -86.93
C MET TB 140 50.17 -19.48 -87.73
N CYS TB 141 49.18 -20.09 -87.06
CA CYS TB 141 48.17 -20.89 -87.74
C CYS TB 141 47.47 -20.11 -88.84
N GLU TB 142 47.11 -18.85 -88.56
CA GLU TB 142 46.31 -18.06 -89.49
C GLU TB 142 47.05 -17.69 -90.76
N VAL TB 143 48.37 -17.91 -90.83
CA VAL TB 143 49.11 -17.69 -92.06
C VAL TB 143 48.55 -18.63 -93.14
N GLU TB 144 48.44 -18.11 -94.37
CA GLU TB 144 47.74 -18.83 -95.42
C GLU TB 144 48.40 -20.17 -95.73
N GLY TB 145 49.73 -20.20 -95.82
CA GLY TB 145 50.41 -21.41 -96.23
C GLY TB 145 50.65 -22.42 -95.12
N GLN TB 146 50.61 -21.96 -93.88
CA GLN TB 146 51.00 -22.80 -92.74
C GLN TB 146 49.83 -23.69 -92.32
N VAL TB 147 50.07 -24.54 -91.31
CA VAL TB 147 49.03 -25.43 -90.78
C VAL TB 147 47.95 -24.59 -90.11
N PRO TB 148 46.67 -24.87 -90.34
CA PRO TB 148 45.61 -24.04 -89.74
C PRO TB 148 45.51 -24.24 -88.23
N CYS TB 149 44.71 -23.36 -87.61
CA CYS TB 149 44.48 -23.39 -86.17
C CYS TB 149 43.63 -24.61 -85.84
N PRO TB 150 44.07 -25.49 -84.95
CA PRO TB 150 43.25 -26.66 -84.60
C PRO TB 150 41.91 -26.30 -84.01
N GLY TB 151 41.78 -25.12 -83.39
CA GLY TB 151 40.48 -24.67 -82.91
C GLY TB 151 39.51 -24.31 -84.01
N LEU TB 152 39.99 -24.14 -85.24
CA LEU TB 152 39.13 -23.86 -86.39
C LEU TB 152 39.03 -25.03 -87.34
N VAL TB 153 40.15 -25.60 -87.75
CA VAL TB 153 40.19 -26.75 -88.64
C VAL TB 153 40.76 -27.92 -87.86
N PRO TB 154 40.00 -29.01 -87.68
CA PRO TB 154 40.54 -30.16 -86.93
C PRO TB 154 41.77 -30.75 -87.62
N LEU TB 155 42.73 -31.18 -86.80
CA LEU TB 155 43.95 -31.73 -87.34
C LEU TB 155 43.74 -33.18 -87.78
N PRO TB 156 44.53 -33.66 -88.73
CA PRO TB 156 44.39 -35.05 -89.19
C PRO TB 156 44.80 -36.03 -88.10
N LYS TB 157 44.27 -37.25 -88.21
CA LYS TB 157 44.45 -38.24 -87.16
C LYS TB 157 45.90 -38.72 -87.06
N GLU TB 158 46.66 -38.65 -88.16
CA GLU TB 158 48.03 -39.16 -88.12
C GLU TB 158 49.00 -38.20 -87.44
N MET TB 159 48.56 -36.99 -87.09
CA MET TB 159 49.44 -36.00 -86.48
C MET TB 159 49.11 -35.69 -85.02
N THR TB 160 48.14 -36.36 -84.43
CA THR TB 160 47.76 -36.06 -83.05
C THR TB 160 48.55 -36.93 -82.07
N GLY TB 161 48.84 -36.35 -80.91
CA GLY TB 161 49.64 -37.03 -79.90
C GLY TB 161 48.98 -38.26 -79.33
N LYS TB 162 47.66 -38.27 -79.19
CA LYS TB 162 46.97 -39.46 -78.70
C LYS TB 162 47.15 -40.62 -79.66
N TYR TB 163 47.01 -40.37 -80.97
CA TYR TB 163 47.23 -41.43 -81.95
C TYR TB 163 48.69 -41.85 -82.00
N LYS TB 164 49.62 -40.91 -81.86
CA LYS TB 164 51.04 -41.28 -81.82
C LYS TB 164 51.35 -42.16 -80.62
N ALA TB 165 50.79 -41.83 -79.46
CA ALA TB 165 50.98 -42.65 -78.26
C ALA TB 165 50.33 -44.01 -78.40
N ALA TB 166 49.14 -44.08 -79.01
CA ALA TB 166 48.51 -45.37 -79.28
C ALA TB 166 49.35 -46.23 -80.20
N LEU TB 167 49.95 -45.62 -81.24
CA LEU TB 167 50.88 -46.36 -82.09
C LEU TB 167 52.09 -46.85 -81.31
N LYS TB 168 52.67 -45.99 -80.48
CA LYS TB 168 53.81 -46.39 -79.67
C LYS TB 168 53.44 -47.35 -78.55
N ALA TB 169 52.15 -47.40 -78.17
CA ALA TB 169 51.71 -48.35 -77.14
C ALA TB 169 51.78 -49.79 -77.63
N THR TB 170 51.44 -50.03 -78.90
CA THR TB 170 51.46 -51.37 -79.46
C THR TB 170 52.75 -51.62 -80.24
N ARG UB 27 58.29 -25.90 -58.67
CA ARG UB 27 59.35 -26.72 -58.11
C ARG UB 27 59.34 -26.68 -56.59
N LYS UB 28 60.37 -27.27 -55.98
CA LYS UB 28 60.48 -27.30 -54.53
C LYS UB 28 61.06 -26.00 -54.01
N THR UB 29 61.26 -25.95 -52.69
CA THR UB 29 61.84 -24.80 -52.02
C THR UB 29 63.04 -25.27 -51.20
N ARG UB 30 63.92 -24.32 -50.86
CA ARG UB 30 65.12 -24.66 -50.11
C ARG UB 30 64.80 -25.20 -48.72
N HIS UB 31 63.60 -24.92 -48.20
CA HIS UB 31 63.17 -25.44 -46.92
C HIS UB 31 62.34 -26.71 -47.04
N ASP UB 32 62.14 -27.22 -48.26
CA ASP UB 32 61.37 -28.45 -48.45
C ASP UB 32 62.26 -29.67 -48.25
N PRO UB 33 61.89 -30.58 -47.36
CA PRO UB 33 62.70 -31.78 -47.18
C PRO UB 33 62.62 -32.68 -48.40
N PRO UB 34 63.67 -33.44 -48.70
CA PRO UB 34 63.64 -34.36 -49.84
C PRO UB 34 62.75 -35.56 -49.56
N ALA UB 35 62.34 -36.21 -50.64
CA ALA UB 35 61.50 -37.40 -50.56
C ALA UB 35 62.28 -38.58 -49.97
N LYS UB 36 61.56 -39.43 -49.25
CA LYS UB 36 62.18 -40.61 -48.65
C LYS UB 36 62.74 -41.56 -49.69
N SER UB 37 62.01 -41.78 -50.78
CA SER UB 37 62.49 -42.67 -51.84
C SER UB 37 63.71 -42.11 -52.55
N LYS UB 38 63.86 -40.79 -52.60
CA LYS UB 38 65.01 -40.15 -53.23
C LYS UB 38 66.14 -39.89 -52.24
N ALA UB 39 65.91 -40.10 -50.95
CA ALA UB 39 66.95 -39.86 -49.95
C ALA UB 39 68.13 -40.82 -50.15
N GLY UB 40 67.85 -42.10 -50.43
CA GLY UB 40 68.89 -43.07 -50.65
C GLY UB 40 69.15 -43.31 -52.12
N ARG UB 41 69.14 -42.25 -52.92
CA ARG UB 41 69.31 -42.33 -54.35
C ARG UB 41 70.52 -41.51 -54.78
N VAL UB 42 71.34 -42.08 -55.65
CA VAL UB 42 72.47 -41.37 -56.25
C VAL UB 42 72.40 -41.55 -57.76
N ALA UB 43 72.91 -40.55 -58.48
CA ALA UB 43 72.86 -40.58 -59.93
C ALA UB 43 73.79 -41.65 -60.49
N THR UB 44 73.33 -42.32 -61.55
CA THR UB 44 74.10 -43.37 -62.20
C THR UB 44 74.57 -42.91 -63.57
N PRO UB 45 75.87 -42.83 -63.81
CA PRO UB 45 76.34 -42.39 -65.13
C PRO UB 45 75.95 -43.38 -66.20
N PRO UB 46 75.74 -42.92 -67.43
CA PRO UB 46 75.39 -43.83 -68.53
C PRO UB 46 76.65 -44.45 -69.13
N ALA UB 47 76.44 -45.33 -70.10
CA ALA UB 47 77.55 -45.98 -70.79
C ALA UB 47 78.34 -44.97 -71.60
N VAL UB 48 79.64 -45.21 -71.69
CA VAL UB 48 80.57 -44.29 -72.35
C VAL UB 48 81.23 -45.04 -73.50
N ASP UB 49 81.18 -44.45 -74.71
CA ASP UB 49 81.87 -45.00 -75.87
C ASP UB 49 83.13 -44.18 -76.11
N PRO UB 50 84.32 -44.74 -75.92
CA PRO UB 50 85.53 -43.92 -76.00
C PRO UB 50 85.82 -43.36 -77.40
N THR UB 51 85.71 -44.20 -78.43
CA THR UB 51 85.97 -43.75 -79.79
C THR UB 51 85.00 -42.67 -80.25
N GLU UB 52 83.78 -42.66 -79.71
CA GLU UB 52 82.84 -41.57 -79.98
C GLU UB 52 83.03 -40.40 -79.03
N PHE UB 53 83.34 -40.67 -77.76
CA PHE UB 53 83.52 -39.60 -76.79
C PHE UB 53 84.69 -38.69 -77.16
N PHE UB 54 85.80 -39.26 -77.61
CA PHE UB 54 86.96 -38.44 -77.94
C PHE UB 54 86.67 -37.51 -79.12
N VAL UB 55 86.07 -38.05 -80.18
CA VAL UB 55 85.77 -37.22 -81.34
C VAL UB 55 84.71 -36.19 -81.00
N LEU UB 56 83.75 -36.55 -80.14
CA LEU UB 56 82.76 -35.57 -79.70
C LEU UB 56 83.41 -34.45 -78.90
N THR UB 57 84.35 -34.78 -78.03
CA THR UB 57 85.04 -33.75 -77.24
C THR UB 57 85.86 -32.83 -78.12
N GLU UB 58 86.60 -33.40 -79.09
CA GLU UB 58 87.41 -32.53 -79.95
C GLU UB 58 86.53 -31.67 -80.85
N ARG UB 59 85.39 -32.20 -81.32
CA ARG UB 59 84.46 -31.36 -82.07
C ARG UB 59 83.87 -30.28 -81.19
N TYR UB 60 83.58 -30.58 -79.92
CA TYR UB 60 83.11 -29.56 -78.99
C TYR UB 60 84.13 -28.44 -78.86
N ARG UB 61 85.41 -28.80 -78.70
CA ARG UB 61 86.44 -27.77 -78.56
C ARG UB 61 86.57 -26.94 -79.84
N GLN UB 62 86.57 -27.59 -81.00
CA GLN UB 62 86.67 -26.87 -82.26
C GLN UB 62 85.47 -25.97 -82.52
N TYR UB 63 84.29 -26.36 -82.07
CA TYR UB 63 83.11 -25.52 -82.20
C TYR UB 63 83.15 -24.34 -81.22
N ARG UB 64 83.58 -24.60 -79.99
CA ARG UB 64 83.59 -23.55 -78.97
C ARG UB 64 84.63 -22.48 -79.27
N GLN UB 65 85.80 -22.87 -79.79
CA GLN UB 65 86.75 -21.83 -80.20
C GLN UB 65 86.22 -20.96 -81.32
N THR UB 66 85.53 -21.55 -82.30
CA THR UB 66 84.96 -20.77 -83.39
C THR UB 66 83.87 -19.83 -82.90
N VAL UB 67 82.99 -20.31 -82.01
CA VAL UB 67 81.94 -19.44 -81.51
C VAL UB 67 82.52 -18.35 -80.60
N ARG UB 68 83.62 -18.64 -79.89
CA ARG UB 68 84.30 -17.60 -79.12
C ARG UB 68 84.86 -16.52 -80.02
N ALA UB 69 85.47 -16.92 -81.14
CA ALA UB 69 85.98 -15.94 -82.10
C ALA UB 69 84.84 -15.12 -82.68
N LEU UB 70 83.72 -15.76 -83.00
CA LEU UB 70 82.57 -15.03 -83.51
C LEU UB 70 82.03 -14.03 -82.49
N ARG UB 71 81.98 -14.44 -81.21
CA ARG UB 71 81.55 -13.54 -80.16
C ARG UB 71 82.49 -12.34 -80.03
N LEU UB 72 83.80 -12.58 -80.13
CA LEU UB 72 84.75 -11.48 -80.09
C LEU UB 72 84.57 -10.53 -81.26
N GLU UB 73 84.33 -11.06 -82.47
CA GLU UB 73 84.10 -10.20 -83.62
C GLU UB 73 82.83 -9.39 -83.45
N PHE UB 74 81.77 -10.01 -82.91
CA PHE UB 74 80.54 -9.28 -82.66
C PHE UB 74 80.72 -8.20 -81.60
N MET UB 75 81.53 -8.47 -80.58
CA MET UB 75 81.87 -7.44 -79.59
C MET UB 75 82.61 -6.28 -80.24
N SER UB 76 83.54 -6.58 -81.15
CA SER UB 76 84.24 -5.52 -81.87
C SER UB 76 83.28 -4.68 -82.71
N GLU UB 77 82.33 -5.34 -83.39
CA GLU UB 77 81.34 -4.61 -84.17
C GLU UB 77 80.47 -3.73 -83.27
N VAL UB 78 80.07 -4.25 -82.12
CA VAL UB 78 79.28 -3.46 -81.17
C VAL UB 78 80.08 -2.26 -80.68
N ARG UB 79 81.37 -2.46 -80.40
CA ARG UB 79 82.22 -1.34 -80.00
C ARG UB 79 82.29 -0.28 -81.08
N LYS UB 80 82.49 -0.70 -82.33
CA LYS UB 80 82.55 0.26 -83.43
C LYS UB 80 81.24 1.03 -83.56
N LYS UB 81 80.11 0.33 -83.51
CA LYS UB 81 78.82 1.00 -83.65
C LYS UB 81 78.54 1.95 -82.50
N LEU UB 82 78.86 1.55 -81.27
CA LEU UB 82 78.63 2.41 -80.12
C LEU UB 82 79.52 3.66 -80.20
N HIS UB 83 80.79 3.49 -80.54
CA HIS UB 83 81.68 4.65 -80.66
C HIS UB 83 81.22 5.56 -81.79
N GLU UB 84 80.74 5.00 -82.90
CA GLU UB 84 80.19 5.84 -83.96
C GLU UB 84 78.98 6.63 -83.46
N ALA UB 85 77.98 5.94 -82.91
CA ALA UB 85 76.78 6.61 -82.42
C ALA UB 85 77.07 7.63 -81.34
N ARG UB 86 78.20 7.50 -80.64
CA ARG UB 86 78.56 8.49 -79.63
C ARG UB 86 79.28 9.69 -80.25
N ALA UB 87 80.39 9.47 -80.95
CA ALA UB 87 81.24 10.57 -81.37
C ALA UB 87 81.67 10.40 -82.83
N GLY UB 88 80.71 10.15 -83.73
CA GLY UB 88 81.05 9.98 -85.12
C GLY UB 88 81.26 11.28 -85.86
N VAL UB 89 81.84 11.13 -87.06
CA VAL UB 89 82.06 12.28 -87.93
C VAL UB 89 80.74 12.88 -88.40
N GLN UB 90 79.65 12.12 -88.34
CA GLN UB 90 78.33 12.63 -88.65
C GLN UB 90 77.64 13.22 -87.43
N ALA UB 91 77.83 12.64 -86.26
CA ALA UB 91 77.28 13.22 -85.04
C ALA UB 91 77.90 14.57 -84.72
N GLU UB 92 79.21 14.71 -84.92
CA GLU UB 92 79.86 15.99 -84.66
C GLU UB 92 79.34 17.09 -85.58
N ARG UB 93 79.11 16.77 -86.85
CA ARG UB 93 78.59 17.76 -87.79
C ARG UB 93 77.22 18.25 -87.36
N LYS UB 94 76.33 17.33 -86.96
CA LYS UB 94 75.03 17.74 -86.48
C LYS UB 94 75.12 18.56 -85.21
N ALA UB 95 75.97 18.14 -84.26
CA ALA UB 95 76.14 18.89 -83.02
C ALA UB 95 76.65 20.30 -83.25
N GLN UB 96 77.52 20.50 -84.23
CA GLN UB 96 78.00 21.84 -84.53
C GLN UB 96 76.98 22.67 -85.30
N GLU UB 97 76.31 22.07 -86.29
CA GLU UB 97 75.38 22.84 -87.11
C GLU UB 97 74.13 23.24 -86.34
N ASP UB 98 73.69 22.41 -85.39
CA ASP UB 98 72.54 22.81 -84.56
C ASP UB 98 72.86 24.07 -83.76
N ALA UB 99 74.04 24.13 -83.14
CA ALA UB 99 74.43 25.32 -82.41
C ALA UB 99 74.61 26.52 -83.33
N ALA UB 100 75.18 26.31 -84.52
CA ALA UB 100 75.35 27.43 -85.45
C ALA UB 100 74.00 28.01 -85.85
N GLU UB 101 73.05 27.16 -86.21
CA GLU UB 101 71.71 27.62 -86.56
C GLU UB 101 71.00 28.27 -85.38
N HIS UB 102 71.19 27.74 -84.16
CA HIS UB 102 70.58 28.33 -82.99
C HIS UB 102 71.10 29.75 -82.77
N ARG UB 103 72.41 29.95 -82.87
CA ARG UB 103 72.96 31.29 -82.72
C ARG UB 103 72.49 32.23 -83.82
N GLU UB 104 72.42 31.74 -85.06
CA GLU UB 104 71.92 32.57 -86.16
C GLU UB 104 70.49 33.01 -85.91
N LEU UB 105 69.64 32.08 -85.47
CA LEU UB 105 68.24 32.42 -85.19
C LEU UB 105 68.13 33.41 -84.04
N MET UB 106 68.96 33.26 -83.00
CA MET UB 106 68.92 34.21 -81.90
C MET UB 106 69.34 35.60 -82.34
N ALA UB 107 70.38 35.70 -83.18
CA ALA UB 107 70.78 37.00 -83.72
C ALA UB 107 69.69 37.62 -84.57
N TRP UB 108 69.03 36.82 -85.41
CA TRP UB 108 67.93 37.33 -86.22
C TRP UB 108 66.79 37.85 -85.35
N ASN UB 109 66.45 37.11 -84.29
CA ASN UB 109 65.40 37.54 -83.39
C ASN UB 109 65.78 38.85 -82.70
N GLN UB 110 67.05 38.98 -82.29
CA GLN UB 110 67.50 40.23 -81.70
C GLN UB 110 67.37 41.40 -82.67
N ALA UB 111 67.73 41.18 -83.94
CA ALA UB 111 67.58 42.24 -84.93
C ALA UB 111 66.12 42.64 -85.11
N GLU UB 112 65.22 41.65 -85.18
CA GLU UB 112 63.79 41.98 -85.30
C GLU UB 112 63.28 42.73 -84.08
N ASN UB 113 63.74 42.35 -82.88
CA ASN UB 113 63.33 43.06 -81.68
C ASN UB 113 63.83 44.51 -81.70
N GLN UB 114 65.05 44.74 -82.17
CA GLN UB 114 65.54 46.11 -82.28
C GLN UB 114 64.73 46.92 -83.29
N ARG UB 115 64.37 46.32 -84.43
CA ARG UB 115 63.53 47.03 -85.39
C ARG UB 115 62.19 47.41 -84.79
N LEU UB 116 61.56 46.47 -84.08
CA LEU UB 116 60.30 46.77 -83.40
C LEU UB 116 60.47 47.85 -82.34
N HIS UB 117 61.60 47.85 -81.63
CA HIS UB 117 61.86 48.90 -80.65
C HIS UB 117 61.96 50.27 -81.31
N GLU UB 118 62.62 50.35 -82.47
CA GLU UB 118 62.69 51.64 -83.17
C GLU UB 118 61.30 52.10 -83.63
N LEU UB 119 60.49 51.18 -84.17
CA LEU UB 119 59.14 51.54 -84.55
C LEU UB 119 58.33 52.02 -83.35
N ARG UB 120 58.49 51.35 -82.21
CA ARG UB 120 57.81 51.76 -80.98
C ARG UB 120 58.26 53.13 -80.53
N LEU UB 121 59.56 53.44 -80.67
CA LEU UB 121 60.05 54.76 -80.30
C LEU UB 121 59.40 55.84 -81.16
N ALA UB 122 59.30 55.60 -82.48
CA ALA UB 122 58.62 56.57 -83.33
C ALA UB 122 57.15 56.74 -82.94
N ARG UB 123 56.46 55.63 -82.68
CA ARG UB 123 55.06 55.71 -82.27
C ARG UB 123 54.91 56.46 -80.96
N LEU UB 124 55.81 56.22 -80.01
CA LEU UB 124 55.75 56.90 -78.72
C LEU UB 124 56.02 58.40 -78.86
N ARG UB 125 56.91 58.79 -79.77
CA ARG UB 125 57.09 60.22 -80.03
C ARG UB 125 55.82 60.84 -80.59
N GLN UB 126 55.16 60.16 -81.53
CA GLN UB 126 53.91 60.69 -82.06
C GLN UB 126 52.85 60.80 -80.97
N GLU UB 127 52.74 59.78 -80.11
CA GLU UB 127 51.76 59.83 -79.03
C GLU UB 127 52.11 60.91 -78.02
N ALA UB 128 53.40 61.17 -77.80
CA ALA UB 128 53.79 62.26 -76.91
C ALA UB 128 53.37 63.61 -77.48
N LEU UB 129 53.51 63.79 -78.79
CA LEU UB 129 53.00 65.02 -79.42
C LEU UB 129 51.49 65.14 -79.24
N GLU UB 130 50.76 64.04 -79.43
CA GLU UB 130 49.32 64.07 -79.22
C GLU UB 130 48.97 64.43 -77.78
N GLN UB 131 49.70 63.87 -76.82
CA GLN UB 131 49.45 64.18 -75.41
C GLN UB 131 49.78 65.64 -75.10
N GLU UB 132 50.80 66.20 -75.75
CA GLU UB 132 51.09 67.61 -75.58
C GLU UB 132 49.96 68.48 -76.11
N ARG UB 133 49.38 68.10 -77.26
CA ARG UB 133 48.20 68.81 -77.75
C ARG UB 133 47.03 68.71 -76.76
N ARG UB 134 46.82 67.52 -76.19
CA ARG UB 134 45.75 67.37 -75.20
C ARG UB 134 46.00 68.23 -73.97
N GLN UB 135 47.26 68.31 -73.53
CA GLN UB 135 47.61 69.19 -72.42
C GLN UB 135 47.36 70.65 -72.75
N ALA UB 136 47.69 71.07 -73.97
CA ALA UB 136 47.38 72.43 -74.41
C ALA UB 136 45.89 72.72 -74.38
N GLU UB 137 45.06 71.76 -74.80
CA GLU UB 137 43.62 71.95 -74.73
C GLU UB 137 43.12 72.04 -73.28
N GLU UB 138 43.54 71.10 -72.44
CA GLU UB 138 43.05 71.10 -71.05
C GLU UB 138 43.53 72.29 -70.26
N ALA UB 139 44.72 72.83 -70.57
CA ALA UB 139 45.18 74.02 -69.86
C ALA UB 139 44.29 75.22 -70.12
N VAL UB 140 43.94 75.46 -71.39
CA VAL UB 140 43.08 76.59 -71.70
C VAL UB 140 41.66 76.35 -71.21
N LEU UB 141 41.22 75.09 -71.14
CA LEU UB 141 39.91 74.83 -70.55
C LEU UB 141 39.90 75.12 -69.06
N GLN UB 142 40.91 74.65 -68.32
CA GLN UB 142 40.94 74.84 -66.88
C GLN UB 142 41.21 76.29 -66.52
N ALA UB 143 41.90 77.04 -67.39
CA ALA UB 143 42.08 78.46 -67.15
C ALA UB 143 40.75 79.20 -67.15
N ARG UB 144 39.87 78.88 -68.10
CA ARG UB 144 38.54 79.48 -68.10
C ARG UB 144 37.73 79.00 -66.90
N GLU UB 145 37.83 77.71 -66.56
CA GLU UB 145 37.04 77.19 -65.47
C GLU UB 145 37.44 77.77 -64.12
N ALA UB 146 38.73 78.05 -63.92
CA ALA UB 146 39.22 78.48 -62.61
C ALA UB 146 38.81 79.92 -62.31
N GLN UB 147 38.89 80.80 -63.31
CA GLN UB 147 38.67 82.22 -63.06
C GLN UB 147 37.22 82.52 -62.70
N ALA UB 148 36.26 81.81 -63.30
CA ALA UB 148 34.86 82.06 -62.99
C ALA UB 148 34.55 81.74 -61.53
N TRP UB 149 35.07 80.63 -61.02
CA TRP UB 149 34.85 80.26 -59.62
C TRP UB 149 35.48 81.28 -58.68
N ALA UB 150 36.69 81.75 -58.99
CA ALA UB 150 37.33 82.77 -58.15
C ALA UB 150 36.54 84.06 -58.17
N GLN UB 151 36.04 84.47 -59.34
CA GLN UB 151 35.23 85.68 -59.41
C GLN UB 151 33.94 85.54 -58.61
N LEU UB 152 33.30 84.36 -58.70
CA LEU UB 152 32.07 84.14 -57.94
C LEU UB 152 32.34 84.19 -56.44
N LYS UB 153 33.43 83.58 -55.99
CA LYS UB 153 33.78 83.62 -54.57
C LYS UB 153 34.12 85.03 -54.11
N GLU UB 154 34.82 85.80 -54.94
CA GLU UB 154 35.12 87.19 -54.58
C GLU UB 154 33.84 88.00 -54.49
N GLN UB 155 32.91 87.79 -55.41
CA GLN UB 155 31.62 88.48 -55.35
C GLN UB 155 30.83 88.09 -54.11
N GLU UB 156 30.90 86.83 -53.70
CA GLU UB 156 30.22 86.42 -52.47
C GLU UB 156 30.80 87.15 -51.26
N VAL UB 157 32.13 87.27 -51.19
CA VAL UB 157 32.74 88.00 -50.09
C VAL UB 157 32.33 89.47 -50.11
N LEU UB 158 32.34 90.08 -51.30
CA LEU UB 158 31.95 91.49 -51.40
C LEU UB 158 30.49 91.68 -50.98
N GLN UB 159 29.62 90.77 -51.39
CA GLN UB 159 28.21 90.86 -50.98
C GLN UB 159 28.07 90.72 -49.47
N LEU UB 160 28.79 89.77 -48.87
CA LEU UB 160 28.68 89.57 -47.43
C LEU UB 160 29.29 90.72 -46.64
N GLN UB 161 30.23 91.46 -47.23
CA GLN UB 161 30.76 92.64 -46.55
C GLN UB 161 29.67 93.68 -46.36
N GLU UB 162 28.82 93.87 -47.37
CA GLU UB 162 27.73 94.84 -47.25
C GLU UB 162 26.76 94.46 -46.14
N GLU UB 163 26.41 93.17 -46.05
CA GLU UB 163 25.48 92.72 -45.04
C GLU UB 163 26.10 92.69 -43.64
N ALA UB 164 27.43 92.71 -43.55
CA ALA UB 164 28.08 92.77 -42.25
C ALA UB 164 27.84 94.08 -41.54
N LYS UB 165 27.48 95.14 -42.27
CA LYS UB 165 27.24 96.45 -41.66
C LYS UB 165 25.90 96.50 -40.91
N THR UB 166 24.92 95.69 -41.32
CA THR UB 166 23.60 95.71 -40.71
C THR UB 166 23.40 94.58 -39.70
N PHE UB 167 24.45 93.88 -39.32
CA PHE UB 167 24.33 92.83 -38.32
C PHE UB 167 24.06 93.42 -36.94
N ILE UB 168 23.45 92.61 -36.08
CA ILE UB 168 23.08 93.04 -34.74
C ILE UB 168 24.25 92.75 -33.81
N THR UB 169 24.73 93.77 -33.13
CA THR UB 169 25.83 93.67 -32.18
C THR UB 169 25.38 94.18 -30.82
N ARG UB 170 26.34 94.27 -29.89
CA ARG UB 170 26.03 94.77 -28.55
C ARG UB 170 25.56 96.22 -28.58
N GLU UB 171 26.21 97.07 -29.37
CA GLU UB 171 25.83 98.47 -29.45
C GLU UB 171 24.45 98.64 -30.09
N ASN UB 172 24.16 97.87 -31.13
CA ASN UB 172 22.91 98.02 -31.89
C ASN UB 172 21.78 97.16 -31.34
N LEU UB 173 21.98 96.44 -30.24
CA LEU UB 173 20.95 95.56 -29.72
C LEU UB 173 19.70 96.34 -29.30
N GLU UB 174 19.89 97.40 -28.50
CA GLU UB 174 18.75 98.16 -28.00
C GLU UB 174 17.98 98.83 -29.13
N ALA UB 175 18.69 99.45 -30.07
CA ALA UB 175 18.02 100.09 -31.20
C ALA UB 175 17.31 99.07 -32.09
N ARG UB 176 17.95 97.93 -32.36
CA ARG UB 176 17.34 96.90 -33.19
C ARG UB 176 16.08 96.32 -32.57
N VAL UB 177 16.10 96.04 -31.26
CA VAL UB 177 14.91 95.52 -30.61
C VAL UB 177 13.76 96.51 -30.69
N GLU UB 178 14.04 97.79 -30.40
CA GLU UB 178 12.99 98.80 -30.42
C GLU UB 178 12.44 99.01 -31.83
N GLU UB 179 13.30 99.01 -32.85
CA GLU UB 179 12.79 99.18 -34.21
C GLU UB 179 12.05 97.96 -34.71
N ALA UB 180 12.45 96.76 -34.28
CA ALA UB 180 11.69 95.55 -34.63
C ALA UB 180 10.33 95.55 -33.97
N LEU UB 181 10.25 96.01 -32.71
CA LEU UB 181 8.96 96.06 -32.03
C LEU UB 181 8.02 97.11 -32.60
N ASP UB 182 8.52 98.00 -33.46
CA ASP UB 182 7.70 99.05 -34.06
C ASP UB 182 7.51 98.87 -35.56
N SER UB 183 8.28 98.00 -36.21
CA SER UB 183 8.15 97.73 -37.64
C SER UB 183 7.74 96.29 -37.84
N PRO UB 184 6.45 95.99 -37.78
CA PRO UB 184 5.99 94.62 -38.04
C PRO UB 184 6.21 94.23 -39.50
N LYS UB 185 6.40 92.93 -39.71
CA LYS UB 185 6.59 92.38 -41.04
C LYS UB 185 5.67 91.17 -41.24
N SER UB 186 5.18 91.02 -42.46
CA SER UB 186 4.29 89.92 -42.82
C SER UB 186 4.78 89.24 -44.09
N TYR UB 187 4.77 87.91 -44.07
CA TYR UB 187 5.17 87.11 -45.22
C TYR UB 187 3.99 86.53 -45.99
N ASN UB 188 2.76 86.88 -45.62
CA ASN UB 188 1.59 86.28 -46.23
C ASN UB 188 1.37 86.85 -47.63
N TRP UB 189 1.18 85.96 -48.60
CA TRP UB 189 0.83 86.34 -49.96
C TRP UB 189 0.14 85.16 -50.63
N ALA UB 190 -0.97 85.43 -51.29
CA ALA UB 190 -1.77 84.40 -51.92
C ALA UB 190 -1.37 84.24 -53.38
N ILE UB 191 -1.98 83.25 -54.04
CA ILE UB 191 -1.72 82.96 -55.45
C ILE UB 191 -3.06 82.80 -56.15
N THR UB 192 -3.03 82.98 -57.47
CA THR UB 192 -4.22 82.87 -58.31
C THR UB 192 -4.10 81.66 -59.23
N ARG UB 193 -5.19 81.36 -59.92
CA ARG UB 193 -5.18 80.23 -60.87
C ARG UB 193 -4.22 80.49 -62.02
N GLU UB 194 -4.09 81.75 -62.44
CA GLU UB 194 -3.16 82.06 -63.52
C GLU UB 194 -1.71 82.05 -63.04
N GLY UB 195 -1.48 81.94 -61.75
CA GLY UB 195 -0.14 81.98 -61.21
C GLY UB 195 0.38 83.35 -60.84
N LEU UB 196 -0.50 84.33 -60.60
CA LEU UB 196 -0.09 85.69 -60.29
C LEU UB 196 -0.09 85.90 -58.78
N VAL UB 197 0.99 86.50 -58.29
CA VAL UB 197 1.14 86.76 -56.87
C VAL UB 197 0.31 87.97 -56.48
N VAL UB 198 -0.52 87.81 -55.45
CA VAL UB 198 -1.35 88.89 -54.93
C VAL UB 198 -0.93 89.17 -53.49
N ARG UB 199 -0.65 90.43 -53.18
CA ARG UB 199 -0.18 90.81 -51.86
C ARG UB 199 -1.29 91.52 -51.10
N PRO UB 200 -1.63 91.08 -49.89
CA PRO UB 200 -2.71 91.72 -49.12
C PRO UB 200 -2.34 93.07 -48.54
N GLN UB 201 -1.23 93.67 -48.92
CA GLN UB 201 -0.82 94.96 -48.36
C GLN UB 201 -1.67 96.12 -48.87
N GLN UB 202 -2.40 95.94 -49.97
CA GLN UB 202 -3.20 97.03 -50.54
C GLN UB 202 -4.36 97.45 -49.65
N LYS UB 203 -4.77 96.62 -48.70
CA LYS UB 203 -5.87 96.97 -47.81
C LYS UB 203 -5.37 97.71 -46.57
N CYS VB 68 129.21 -43.91 -34.82
CA CYS VB 68 129.58 -43.97 -33.40
C CYS VB 68 130.73 -43.03 -33.10
N LEU VB 69 131.60 -42.83 -34.09
CA LEU VB 69 132.76 -41.96 -33.92
C LEU VB 69 132.39 -40.49 -33.87
N LEU VB 70 131.21 -40.12 -34.36
CA LEU VB 70 130.81 -38.71 -34.38
C LEU VB 70 130.72 -38.15 -32.96
N SER VB 71 130.08 -38.89 -32.06
CA SER VB 71 129.85 -38.38 -30.70
C SER VB 71 131.14 -38.17 -29.92
N ALA VB 72 132.25 -38.79 -30.35
CA ALA VB 72 133.52 -38.58 -29.66
C ALA VB 72 133.96 -37.12 -29.76
N ALA VB 73 133.84 -36.53 -30.94
CA ALA VB 73 134.18 -35.13 -31.16
C ALA VB 73 132.98 -34.21 -31.06
N TYR VB 74 131.76 -34.76 -31.03
CA TYR VB 74 130.54 -33.98 -30.89
C TYR VB 74 129.97 -34.11 -29.48
N VAL VB 75 130.85 -34.07 -28.46
CA VAL VB 75 130.39 -34.15 -27.08
C VAL VB 75 129.35 -33.07 -26.82
N ASP VB 76 128.24 -33.47 -26.20
CA ASP VB 76 127.08 -32.61 -26.03
C ASP VB 76 126.96 -32.00 -24.64
N SER VB 77 127.57 -32.61 -23.62
CA SER VB 77 127.44 -32.09 -22.26
C SER VB 77 128.12 -30.74 -22.10
N HIS VB 78 129.02 -30.37 -23.01
CA HIS VB 78 129.75 -29.11 -22.88
C HIS VB 78 128.96 -27.95 -23.47
N LYS VB 79 128.26 -28.18 -24.57
CA LYS VB 79 127.53 -27.12 -25.25
C LYS VB 79 126.04 -27.07 -24.88
N TRP VB 80 125.46 -28.22 -24.52
CA TRP VB 80 124.03 -28.25 -24.18
C TRP VB 80 123.74 -27.43 -22.93
N GLU VB 81 124.60 -27.52 -21.92
CA GLU VB 81 124.36 -26.80 -20.68
C GLU VB 81 124.52 -25.30 -20.83
N ALA VB 82 125.10 -24.84 -21.94
CA ALA VB 82 125.26 -23.42 -22.23
C ALA VB 82 124.06 -22.84 -22.98
N ARG VB 83 123.02 -23.63 -23.20
CA ARG VB 83 121.85 -23.19 -23.95
C ARG VB 83 120.64 -22.92 -23.09
N ASP VB 84 120.58 -23.47 -21.87
CA ASP VB 84 119.44 -23.25 -20.97
C ASP VB 84 119.65 -21.91 -20.28
N LYS VB 85 119.09 -20.86 -20.87
CA LYS VB 85 119.25 -19.49 -20.41
C LYS VB 85 117.90 -18.82 -20.21
N GLU VB 86 116.96 -19.53 -19.58
CA GLU VB 86 115.63 -19.02 -19.31
C GLU VB 86 115.36 -18.87 -17.82
N ASP VB 87 115.57 -19.94 -17.05
CA ASP VB 87 115.40 -19.94 -15.60
C ASP VB 87 113.97 -19.51 -15.21
N CYS VB 88 113.01 -20.25 -15.72
CA CYS VB 88 111.60 -20.02 -15.45
C CYS VB 88 111.04 -21.16 -14.60
N HIS VB 89 109.76 -21.06 -14.25
CA HIS VB 89 109.08 -22.05 -13.44
C HIS VB 89 107.99 -22.73 -14.25
N LEU VB 90 107.83 -24.04 -14.01
CA LEU VB 90 106.95 -24.86 -14.82
C LEU VB 90 105.47 -24.61 -14.54
N ALA VB 91 105.11 -24.34 -13.28
CA ALA VB 91 103.70 -24.22 -12.92
C ALA VB 91 103.05 -23.03 -13.60
N ASP VB 92 103.71 -21.88 -13.61
CA ASP VB 92 103.14 -20.71 -14.25
C ASP VB 92 103.00 -20.88 -15.75
N LEU VB 93 103.99 -21.51 -16.40
CA LEU VB 93 103.88 -21.78 -17.82
C LEU VB 93 102.71 -22.71 -18.12
N ALA VB 94 102.56 -23.77 -17.32
CA ALA VB 94 101.46 -24.69 -17.53
C ALA VB 94 100.11 -23.99 -17.33
N SER VB 95 100.00 -23.17 -16.28
CA SER VB 95 98.76 -22.44 -16.05
C SER VB 95 98.46 -21.46 -17.17
N LEU VB 96 99.49 -20.75 -17.67
CA LEU VB 96 99.27 -19.82 -18.77
C LEU VB 96 98.81 -20.55 -20.03
N MET VB 97 99.44 -21.68 -20.34
CA MET VB 97 99.02 -22.44 -21.52
C MET VB 97 97.58 -22.95 -21.37
N ASP VB 98 97.23 -23.46 -20.18
CA ASP VB 98 95.87 -23.92 -19.97
C ASP VB 98 94.86 -22.77 -20.08
N LYS VB 99 95.17 -21.62 -19.51
CA LYS VB 99 94.27 -20.47 -19.59
C LYS VB 99 94.09 -20.01 -21.04
N THR VB 100 95.19 -19.95 -21.80
CA THR VB 100 95.09 -19.55 -23.20
C THR VB 100 94.28 -20.56 -24.01
N TYR VB 101 94.50 -21.85 -23.80
CA TYR VB 101 93.76 -22.86 -24.55
C TYR VB 101 92.29 -22.91 -24.15
N GLU VB 102 91.96 -22.55 -22.91
CA GLU VB 102 90.56 -22.52 -22.49
C GLU VB 102 89.80 -21.44 -23.26
N ARG VB 103 90.40 -20.27 -23.45
CA ARG VB 103 89.77 -19.19 -24.20
C ARG VB 103 90.10 -19.23 -25.68
N LYS VB 104 90.84 -20.24 -26.13
CA LYS VB 104 91.19 -20.42 -27.54
C LYS VB 104 92.04 -19.25 -28.05
N LEU VB 105 93.19 -19.08 -27.41
CA LEU VB 105 94.18 -18.10 -27.83
C LEU VB 105 95.46 -18.81 -28.23
N PRO VB 106 95.95 -18.60 -29.46
CA PRO VB 106 97.18 -19.29 -29.88
C PRO VB 106 98.37 -18.87 -29.04
N VAL VB 107 99.28 -19.81 -28.85
CA VAL VB 107 100.45 -19.60 -28.02
C VAL VB 107 101.70 -19.65 -28.90
N SER VB 108 102.76 -19.01 -28.42
CA SER VB 108 104.01 -18.93 -29.15
C SER VB 108 104.83 -20.20 -28.97
N SER VB 109 105.79 -20.39 -29.89
CA SER VB 109 106.80 -21.42 -29.71
C SER VB 109 107.74 -21.11 -28.56
N LEU VB 110 107.89 -19.84 -28.19
CA LEU VB 110 108.69 -19.49 -27.02
C LEU VB 110 108.11 -20.10 -25.75
N THR VB 111 106.78 -20.08 -25.63
CA THR VB 111 106.14 -20.65 -24.45
C THR VB 111 106.39 -22.15 -24.33
N ILE VB 112 106.27 -22.88 -25.44
CA ILE VB 112 106.51 -24.32 -25.39
C ILE VB 112 107.99 -24.64 -25.23
N SER VB 113 108.90 -23.78 -25.74
CA SER VB 113 110.32 -24.01 -25.54
C SER VB 113 110.73 -23.74 -24.10
N ARG VB 114 110.13 -22.75 -23.44
CA ARG VB 114 110.42 -22.52 -22.03
C ARG VB 114 109.98 -23.68 -21.15
N PHE VB 115 108.97 -24.44 -21.57
CA PHE VB 115 108.54 -25.60 -20.80
C PHE VB 115 109.58 -26.72 -20.86
N VAL VB 116 110.17 -26.95 -22.03
CA VAL VB 116 111.20 -27.98 -22.17
C VAL VB 116 112.57 -27.50 -21.73
N ASP VB 117 112.76 -26.19 -21.57
CA ASP VB 117 114.03 -25.68 -21.05
C ASP VB 117 114.16 -25.86 -19.53
N ASN VB 118 113.09 -26.26 -18.84
CA ASN VB 118 113.13 -26.39 -17.39
C ASN VB 118 112.74 -27.80 -16.96
N ILE VB 119 113.25 -28.81 -17.66
CA ILE VB 119 112.94 -30.20 -17.34
C ILE VB 119 113.78 -30.64 -16.15
N ALA VB 120 113.14 -31.30 -15.19
CA ALA VB 120 113.81 -31.77 -13.98
C ALA VB 120 113.85 -33.29 -13.86
N SER VB 121 112.75 -33.97 -14.14
CA SER VB 121 112.69 -35.42 -14.02
C SER VB 121 111.99 -36.00 -15.24
N ARG VB 122 111.76 -37.31 -15.22
CA ARG VB 122 111.17 -37.99 -16.38
C ARG VB 122 109.69 -37.69 -16.50
N GLU VB 123 109.02 -37.33 -15.40
CA GLU VB 123 107.63 -36.92 -15.49
C GLU VB 123 107.47 -35.61 -16.23
N ASP VB 124 108.45 -34.71 -16.12
CA ASP VB 124 108.45 -33.49 -16.91
C ASP VB 124 108.55 -33.78 -18.40
N ILE VB 125 109.15 -34.90 -18.79
CA ILE VB 125 109.18 -35.28 -20.20
C ILE VB 125 107.77 -35.52 -20.73
N ASP VB 126 106.95 -36.25 -19.97
CA ASP VB 126 105.56 -36.46 -20.38
C ASP VB 126 104.74 -35.18 -20.26
N HIS VB 127 105.03 -34.36 -19.24
CA HIS VB 127 104.35 -33.07 -19.11
C HIS VB 127 104.58 -32.19 -20.35
N ALA VB 128 105.82 -32.15 -20.83
CA ALA VB 128 106.15 -31.43 -22.05
C ALA VB 128 105.61 -32.11 -23.30
N GLU VB 129 105.55 -33.44 -23.31
CA GLU VB 129 104.99 -34.15 -24.46
C GLU VB 129 103.53 -33.81 -24.66
N TYR VB 130 102.73 -33.78 -23.58
CA TYR VB 130 101.33 -33.42 -23.72
C TYR VB 130 101.15 -32.00 -24.26
N TYR VB 131 101.94 -31.05 -23.75
CA TYR VB 131 101.83 -29.68 -24.21
C TYR VB 131 102.32 -29.52 -25.65
N LEU VB 132 103.33 -30.30 -26.06
CA LEU VB 132 103.73 -30.29 -27.46
C LEU VB 132 102.63 -30.85 -28.36
N TYR VB 133 101.98 -31.92 -27.92
CA TYR VB 133 100.87 -32.47 -28.68
C TYR VB 133 99.73 -31.46 -28.83
N LYS VB 134 99.42 -30.75 -27.74
CA LYS VB 134 98.39 -29.73 -27.82
C LYS VB 134 98.82 -28.52 -28.65
N PHE VB 135 100.11 -28.16 -28.61
CA PHE VB 135 100.62 -27.08 -29.45
C PHE VB 135 100.55 -27.45 -30.93
N ARG VB 136 100.71 -28.73 -31.25
CA ARG VB 136 100.48 -29.17 -32.63
C ARG VB 136 99.04 -28.94 -33.06
N HIS VB 137 98.11 -28.88 -32.11
CA HIS VB 137 96.70 -28.58 -32.39
C HIS VB 137 96.38 -27.11 -32.12
N SER VB 138 97.37 -26.24 -32.20
CA SER VB 138 97.21 -24.82 -31.97
C SER VB 138 97.31 -24.05 -33.28
N PRO VB 139 96.74 -22.84 -33.34
CA PRO VB 139 96.86 -22.05 -34.57
C PRO VB 139 98.29 -21.73 -34.96
N ASN VB 140 99.21 -21.65 -34.00
CA ASN VB 140 100.61 -21.38 -34.27
C ASN VB 140 101.44 -22.67 -34.34
N CYS VB 141 100.82 -23.78 -34.74
CA CYS VB 141 101.54 -25.04 -34.84
C CYS VB 141 102.66 -25.00 -35.86
N TRP VB 142 102.52 -24.18 -36.90
CA TRP VB 142 103.56 -24.06 -37.91
C TRP VB 142 104.78 -23.29 -37.41
N TYR VB 143 104.61 -22.42 -36.42
CA TYR VB 143 105.68 -21.56 -35.93
C TYR VB 143 106.62 -22.26 -34.95
N LEU VB 144 106.61 -23.58 -34.90
CA LEU VB 144 107.50 -24.31 -34.00
C LEU VB 144 108.94 -24.13 -34.45
N ARG VB 145 109.82 -23.76 -33.52
CA ARG VB 145 111.19 -23.44 -33.85
C ARG VB 145 112.05 -24.70 -33.90
N ASP VB 146 113.20 -24.59 -34.58
CA ASP VB 146 114.14 -25.70 -34.66
C ASP VB 146 114.92 -25.87 -33.37
N TRP VB 147 115.24 -24.77 -32.68
CA TRP VB 147 115.93 -24.90 -31.40
C TRP VB 147 115.04 -25.52 -30.34
N THR VB 148 113.72 -25.33 -30.44
CA THR VB 148 112.81 -26.06 -29.57
C THR VB 148 112.87 -27.56 -29.84
N ILE VB 149 112.92 -27.95 -31.11
CA ILE VB 149 113.07 -29.36 -31.46
C ILE VB 149 114.36 -29.93 -30.89
N HIS VB 150 115.45 -29.18 -31.05
CA HIS VB 150 116.73 -29.60 -30.51
C HIS VB 150 116.70 -29.72 -28.99
N THR VB 151 116.09 -28.77 -28.30
CA THR VB 151 115.97 -28.84 -26.85
C THR VB 151 115.16 -30.06 -26.42
N TRP VB 152 114.05 -30.33 -27.10
CA TRP VB 152 113.24 -31.48 -26.74
C TRP VB 152 113.99 -32.79 -26.99
N ILE VB 153 114.69 -32.91 -28.12
CA ILE VB 153 115.41 -34.15 -28.39
C ILE VB 153 116.59 -34.32 -27.45
N ARG VB 154 117.19 -33.22 -26.99
CA ARG VB 154 118.25 -33.33 -25.99
C ARG VB 154 117.70 -33.74 -24.62
N GLN VB 155 116.58 -33.16 -24.22
CA GLN VB 155 115.99 -33.50 -22.92
C GLN VB 155 115.41 -34.91 -22.92
N CYS VB 156 114.99 -35.43 -24.07
CA CYS VB 156 114.51 -36.81 -24.13
C CYS VB 156 115.60 -37.82 -23.81
N LEU VB 157 116.86 -37.43 -23.99
CA LEU VB 157 117.99 -38.31 -23.71
C LEU VB 157 118.34 -38.39 -22.23
N LYS VB 158 117.69 -37.59 -21.37
CA LYS VB 158 118.08 -37.50 -19.97
C LYS VB 158 117.81 -38.81 -19.22
N TYR VB 159 116.58 -39.34 -19.33
CA TYR VB 159 116.17 -40.50 -18.56
C TYR VB 159 116.00 -41.75 -19.43
N GLY VB 160 115.20 -41.67 -20.49
CA GLY VB 160 114.93 -42.84 -21.29
C GLY VB 160 115.86 -42.98 -22.48
N ALA VB 161 115.79 -42.00 -23.39
CA ALA VB 161 116.64 -41.91 -24.57
C ALA VB 161 116.40 -43.05 -25.55
N GLN VB 162 115.44 -43.94 -25.25
CA GLN VB 162 115.16 -45.05 -26.14
C GLN VB 162 113.68 -45.34 -26.35
N ASP VB 163 112.78 -44.76 -25.56
CA ASP VB 163 111.36 -45.09 -25.66
C ASP VB 163 110.51 -43.95 -26.21
N LYS VB 164 110.55 -42.77 -25.60
CA LYS VB 164 109.72 -41.67 -26.07
C LYS VB 164 110.22 -41.09 -27.38
N ALA VB 165 111.55 -41.06 -27.60
CA ALA VB 165 112.09 -40.58 -28.87
C ALA VB 165 111.62 -41.43 -30.04
N LEU VB 166 111.30 -42.71 -29.81
CA LEU VB 166 110.73 -43.56 -30.84
C LEU VB 166 109.21 -43.44 -30.90
N TYR VB 167 108.56 -43.37 -29.73
CA TYR VB 167 107.09 -43.31 -29.71
C TYR VB 167 106.57 -42.04 -30.38
N THR VB 168 107.20 -40.90 -30.10
CA THR VB 168 106.78 -39.63 -30.67
C THR VB 168 107.12 -39.50 -32.14
N LEU VB 169 108.13 -40.23 -32.63
CA LEU VB 169 108.54 -40.14 -34.03
C LEU VB 169 107.88 -41.18 -34.91
N LYS VB 170 107.35 -42.27 -34.34
CA LYS VB 170 106.62 -43.25 -35.14
C LYS VB 170 105.35 -42.63 -35.74
N ASN VB 171 104.64 -41.82 -34.95
CA ASN VB 171 103.43 -41.18 -35.46
C ASN VB 171 103.77 -40.02 -36.39
N LYS VB 172 104.57 -39.07 -35.89
CA LYS VB 172 105.13 -37.94 -36.64
C LYS VB 172 104.07 -36.93 -37.07
N VAL VB 173 102.78 -37.19 -36.82
CA VAL VB 173 101.71 -36.30 -37.23
C VAL VB 173 100.99 -35.70 -36.03
N GLN VB 174 101.00 -36.39 -34.89
CA GLN VB 174 100.32 -35.89 -33.71
C GLN VB 174 101.20 -34.94 -32.92
N TYR VB 175 102.48 -35.26 -32.77
CA TYR VB 175 103.42 -34.40 -32.08
C TYR VB 175 104.18 -33.47 -33.03
N GLY VB 176 104.52 -33.95 -34.22
CA GLY VB 176 105.16 -33.12 -35.23
C GLY VB 176 106.53 -32.59 -34.88
N ILE VB 177 107.40 -33.46 -34.39
CA ILE VB 177 108.76 -33.05 -34.06
C ILE VB 177 109.51 -32.62 -35.31
N PHE VB 178 109.59 -33.50 -36.30
CA PHE VB 178 110.28 -33.26 -37.57
C PHE VB 178 111.70 -32.75 -37.33
N PRO VB 179 112.61 -33.59 -36.86
CA PRO VB 179 113.98 -33.15 -36.53
C PRO VB 179 114.90 -33.15 -37.75
N ASP VB 180 114.72 -32.16 -38.62
CA ASP VB 180 115.53 -32.01 -39.82
C ASP VB 180 116.80 -31.22 -39.50
N ASN VB 181 117.72 -31.90 -38.82
CA ASN VB 181 118.98 -31.28 -38.40
C ASN VB 181 119.98 -32.40 -38.12
N TYR VB 182 121.08 -32.05 -37.44
CA TYR VB 182 122.05 -33.02 -36.97
C TYR VB 182 121.50 -33.91 -35.86
N THR VB 183 120.28 -33.63 -35.40
CA THR VB 183 119.68 -34.44 -34.34
C THR VB 183 119.48 -35.89 -34.78
N PHE VB 184 119.24 -36.13 -36.07
CA PHE VB 184 119.14 -37.50 -36.56
C PHE VB 184 120.44 -38.25 -36.35
N ASN VB 185 121.56 -37.66 -36.76
CA ASN VB 185 122.87 -38.28 -36.56
C ASN VB 185 123.19 -38.45 -35.09
N LEU VB 186 122.87 -37.45 -34.27
CA LEU VB 186 123.12 -37.56 -32.83
C LEU VB 186 122.32 -38.69 -32.22
N LEU VB 187 121.05 -38.82 -32.61
CA LEU VB 187 120.20 -39.90 -32.09
C LEU VB 187 120.72 -41.26 -32.54
N MET VB 188 121.15 -41.37 -33.80
CA MET VB 188 121.74 -42.63 -34.25
C MET VB 188 123.01 -42.97 -33.48
N ASP VB 189 123.88 -41.99 -33.26
CA ASP VB 189 125.11 -42.23 -32.51
C ASP VB 189 124.80 -42.66 -31.08
N TYR VB 190 123.83 -42.00 -30.43
CA TYR VB 190 123.43 -42.41 -29.10
C TYR VB 190 122.79 -43.79 -29.08
N PHE VB 191 122.06 -44.16 -30.13
CA PHE VB 191 121.55 -45.52 -30.26
C PHE VB 191 122.68 -46.54 -30.34
N ILE VB 192 123.73 -46.22 -31.09
CA ILE VB 192 124.87 -47.13 -31.22
C ILE VB 192 125.54 -47.44 -29.89
N LYS VB 193 125.40 -46.55 -28.90
CA LYS VB 193 126.02 -46.79 -27.59
C LYS VB 193 125.59 -48.12 -27.00
N LYS VB 194 124.28 -48.35 -26.93
CA LYS VB 194 123.74 -49.65 -26.53
C LYS VB 194 123.54 -50.58 -27.72
N GLU VB 195 123.82 -50.09 -28.93
CA GLU VB 195 123.75 -50.81 -30.21
C GLU VB 195 122.30 -51.03 -30.65
N ASN VB 196 121.35 -50.80 -29.74
CA ASN VB 196 119.93 -50.58 -30.03
C ASN VB 196 119.44 -51.32 -31.25
N TYR VB 197 119.58 -52.64 -31.27
CA TYR VB 197 119.34 -53.42 -32.49
C TYR VB 197 117.91 -53.22 -32.99
N LYS VB 198 116.93 -53.63 -32.21
CA LYS VB 198 115.54 -53.48 -32.62
C LYS VB 198 115.02 -52.06 -32.42
N ASP VB 199 115.66 -51.28 -31.57
CA ASP VB 199 115.18 -49.92 -31.29
C ASP VB 199 115.51 -48.96 -32.42
N ALA VB 200 116.67 -49.11 -33.05
CA ALA VB 200 117.11 -48.19 -34.09
C ALA VB 200 116.63 -48.58 -35.48
N LEU VB 201 115.85 -49.66 -35.60
CA LEU VB 201 115.32 -50.06 -36.91
C LEU VB 201 114.21 -49.14 -37.37
N SER VB 202 113.33 -48.72 -36.45
CA SER VB 202 112.17 -47.92 -36.82
C SER VB 202 112.54 -46.49 -37.19
N VAL VB 203 113.57 -45.92 -36.57
CA VAL VB 203 113.93 -44.53 -36.86
C VAL VB 203 114.42 -44.37 -38.29
N VAL VB 204 114.99 -45.43 -38.87
CA VAL VB 204 115.42 -45.38 -40.27
C VAL VB 204 114.23 -45.10 -41.18
N PHE VB 205 113.11 -45.79 -40.93
CA PHE VB 205 111.92 -45.59 -41.76
C PHE VB 205 111.40 -44.16 -41.65
N GLU VB 206 111.34 -43.61 -40.44
CA GLU VB 206 110.81 -42.25 -40.29
C GLU VB 206 111.77 -41.21 -40.87
N ILE VB 207 113.08 -41.43 -40.77
CA ILE VB 207 114.03 -40.53 -41.43
C ILE VB 207 113.84 -40.59 -42.94
N MET VB 208 113.66 -41.78 -43.50
CA MET VB 208 113.41 -41.90 -44.93
C MET VB 208 112.11 -41.19 -45.33
N MET VB 209 111.07 -41.33 -44.52
CA MET VB 209 109.81 -40.63 -44.81
C MET VB 209 110.01 -39.11 -44.79
N GLN VB 210 110.75 -38.61 -43.80
CA GLN VB 210 111.00 -37.17 -43.71
C GLN VB 210 111.88 -36.66 -44.83
N GLU VB 211 112.74 -37.51 -45.39
CA GLU VB 211 113.63 -37.14 -46.50
C GLU VB 211 114.55 -35.99 -46.10
N ALA VB 212 115.32 -36.23 -45.03
CA ALA VB 212 116.27 -35.27 -44.50
C ALA VB 212 117.71 -35.64 -44.87
N PHE VB 213 117.90 -36.14 -46.08
CA PHE VB 213 119.21 -36.62 -46.53
C PHE VB 213 119.98 -35.52 -47.25
N GLU VB 214 120.16 -34.40 -46.54
CA GLU VB 214 121.02 -33.31 -47.00
C GLU VB 214 122.33 -33.25 -46.25
N VAL VB 215 122.32 -33.47 -44.94
CA VAL VB 215 123.54 -33.55 -44.14
C VAL VB 215 124.20 -34.90 -44.45
N PRO VB 216 125.51 -35.05 -44.23
CA PRO VB 216 126.14 -36.34 -44.50
C PRO VB 216 125.73 -37.43 -43.52
N SER VB 217 124.48 -37.89 -43.64
CA SER VB 217 123.97 -38.99 -42.84
C SER VB 217 123.80 -40.27 -43.64
N THR VB 218 124.08 -40.24 -44.94
CA THR VB 218 123.92 -41.42 -45.77
C THR VB 218 124.83 -42.55 -45.32
N GLN VB 219 126.09 -42.24 -45.03
CA GLN VB 219 127.03 -43.26 -44.58
C GLN VB 219 126.66 -43.80 -43.20
N LEU VB 220 126.03 -42.98 -42.36
CA LEU VB 220 125.60 -43.46 -41.05
C LEU VB 220 124.40 -44.39 -41.17
N LEU VB 221 123.42 -44.01 -42.00
CA LEU VB 221 122.21 -44.81 -42.10
C LEU VB 221 122.46 -46.11 -42.86
N SER VB 222 123.19 -46.04 -43.98
CA SER VB 222 123.47 -47.25 -44.76
C SER VB 222 124.31 -48.23 -43.96
N LEU VB 223 125.15 -47.75 -43.06
CA LEU VB 223 125.94 -48.65 -42.22
C LEU VB 223 125.03 -49.52 -41.36
N TYR VB 224 124.03 -48.92 -40.72
CA TYR VB 224 123.10 -49.69 -39.90
C TYR VB 224 122.20 -50.56 -40.76
N VAL VB 225 121.82 -50.08 -41.94
CA VAL VB 225 120.99 -50.89 -42.83
C VAL VB 225 121.74 -52.14 -43.27
N LEU VB 226 123.02 -52.00 -43.62
CA LEU VB 226 123.84 -53.16 -43.97
C LEU VB 226 124.14 -54.04 -42.75
N TYR VB 227 124.21 -53.45 -41.56
CA TYR VB 227 124.27 -54.26 -40.35
C TYR VB 227 123.06 -55.16 -40.19
N HIS VB 228 121.86 -54.62 -40.41
CA HIS VB 228 120.64 -55.39 -40.29
C HIS VB 228 120.36 -56.31 -41.47
N CYS VB 229 120.96 -56.04 -42.64
CA CYS VB 229 120.69 -56.88 -43.80
C CYS VB 229 121.19 -58.31 -43.60
N LEU VB 230 122.39 -58.47 -43.05
CA LEU VB 230 122.93 -59.80 -42.80
C LEU VB 230 122.24 -60.51 -41.64
N ALA VB 231 121.50 -59.79 -40.80
CA ALA VB 231 120.76 -60.40 -39.69
C ALA VB 231 119.33 -60.75 -40.06
N GLU VB 232 118.72 -60.02 -41.00
CA GLU VB 232 117.34 -60.29 -41.41
C GLU VB 232 117.33 -61.49 -42.34
N LYS VB 233 117.16 -62.67 -41.75
CA LYS VB 233 117.04 -63.93 -42.48
C LYS VB 233 115.68 -64.54 -42.14
N THR VB 234 114.64 -64.09 -42.84
CA THR VB 234 113.28 -64.53 -42.59
C THR VB 234 112.53 -64.55 -43.92
N ASP VB 235 111.21 -64.76 -43.83
CA ASP VB 235 110.32 -64.65 -44.99
C ASP VB 235 109.66 -63.30 -44.93
N LEU VB 236 110.20 -62.34 -45.67
CA LEU VB 236 109.72 -60.96 -45.62
C LEU VB 236 108.27 -60.88 -46.08
N SER VB 237 107.45 -60.16 -45.32
CA SER VB 237 106.04 -59.99 -45.64
C SER VB 237 105.87 -58.76 -46.53
N TRP VB 238 104.61 -58.40 -46.82
CA TRP VB 238 104.32 -57.32 -47.75
C TRP VB 238 104.87 -55.99 -47.23
N GLU VB 239 104.65 -55.69 -45.95
CA GLU VB 239 105.13 -54.44 -45.39
C GLU VB 239 106.65 -54.40 -45.31
N GLU VB 240 107.27 -55.50 -44.89
CA GLU VB 240 108.72 -55.54 -44.73
C GLU VB 240 109.45 -55.43 -46.06
N GLU VB 241 108.98 -56.15 -47.08
CA GLU VB 241 109.63 -56.06 -48.39
C GLU VB 241 109.48 -54.69 -49.03
N ARG VB 242 108.47 -53.92 -48.64
CA ARG VB 242 108.35 -52.53 -49.10
C ARG VB 242 109.26 -51.61 -48.30
N ASN VB 243 109.25 -51.74 -46.97
CA ASN VB 243 110.05 -50.84 -46.13
C ASN VB 243 111.54 -51.02 -46.38
N PHE VB 244 112.04 -52.26 -46.35
CA PHE VB 244 113.46 -52.50 -46.59
C PHE VB 244 113.88 -52.09 -47.99
N GLY VB 245 113.02 -52.36 -48.98
CA GLY VB 245 113.33 -51.95 -50.34
C GLY VB 245 113.40 -50.45 -50.50
N ALA VB 246 112.48 -49.72 -49.87
CA ALA VB 246 112.48 -48.27 -49.99
C ALA VB 246 113.58 -47.63 -49.18
N SER VB 247 114.03 -48.25 -48.09
CA SER VB 247 115.03 -47.66 -47.21
C SER VB 247 116.44 -47.66 -47.80
N LEU VB 248 116.58 -47.93 -49.10
CA LEU VB 248 117.90 -47.99 -49.73
C LEU VB 248 118.12 -46.97 -50.83
N LEU VB 249 117.07 -46.55 -51.54
CA LEU VB 249 117.24 -45.60 -52.64
C LEU VB 249 117.35 -44.15 -52.14
N LEU VB 250 116.33 -43.67 -51.43
CA LEU VB 250 116.40 -42.30 -50.91
C LEU VB 250 117.55 -42.12 -49.92
N PRO VB 251 117.78 -43.01 -48.93
CA PRO VB 251 118.94 -42.82 -48.06
C PRO VB 251 120.26 -42.98 -48.80
N GLY VB 252 120.40 -44.08 -49.53
CA GLY VB 252 121.64 -44.35 -50.25
C GLY VB 252 121.72 -43.68 -51.61
N LEU VB 253 122.48 -42.59 -51.69
CA LEU VB 253 122.62 -41.86 -52.94
C LEU VB 253 124.05 -41.45 -53.24
N LYS VB 254 125.04 -41.96 -52.50
CA LYS VB 254 126.42 -41.57 -52.72
C LYS VB 254 126.97 -42.23 -53.98
N GLN VB 255 127.56 -41.43 -54.86
CA GLN VB 255 128.17 -41.93 -56.08
C GLN VB 255 129.68 -42.03 -56.00
N LYS VB 256 130.27 -41.71 -54.84
CA LYS VB 256 131.72 -41.80 -54.68
C LYS VB 256 132.19 -43.21 -54.36
N ASN VB 257 131.43 -43.97 -53.58
CA ASN VB 257 131.80 -45.31 -53.17
C ASN VB 257 130.86 -46.34 -53.81
N SER VB 258 131.28 -47.60 -53.77
CA SER VB 258 130.48 -48.70 -54.30
C SER VB 258 129.32 -49.06 -53.39
N VAL VB 259 129.37 -48.71 -52.11
CA VAL VB 259 128.29 -49.05 -51.19
C VAL VB 259 127.01 -48.34 -51.59
N GLY VB 260 127.10 -47.05 -51.90
CA GLY VB 260 125.91 -46.32 -52.34
C GLY VB 260 125.34 -46.84 -53.64
N LEU VB 261 126.21 -47.24 -54.57
CA LEU VB 261 125.74 -47.81 -55.84
C LEU VB 261 125.05 -49.15 -55.62
N SER VB 262 125.62 -50.01 -54.77
CA SER VB 262 125.02 -51.30 -54.50
C SER VB 262 123.75 -51.19 -53.66
N SER VB 263 123.60 -50.10 -52.91
CA SER VB 263 122.36 -49.87 -52.19
C SER VB 263 121.18 -49.74 -53.14
N GLN VB 264 121.38 -49.05 -54.27
CA GLN VB 264 120.32 -48.96 -55.27
C GLN VB 264 119.97 -50.33 -55.85
N LEU VB 265 120.98 -51.16 -56.12
CA LEU VB 265 120.71 -52.52 -56.59
C LEU VB 265 119.92 -53.32 -55.57
N TYR VB 266 120.28 -53.22 -54.29
CA TYR VB 266 119.58 -53.96 -53.25
C TYR VB 266 118.19 -53.43 -53.00
N GLY VB 267 117.95 -52.14 -53.27
CA GLY VB 267 116.64 -51.56 -53.05
C GLY VB 267 115.66 -51.78 -54.18
N TYR VB 268 116.09 -51.52 -55.41
CA TYR VB 268 115.22 -51.70 -56.57
C TYR VB 268 114.80 -53.16 -56.73
N ALA VB 269 115.73 -54.09 -56.53
CA ALA VB 269 115.41 -55.50 -56.67
C ALA VB 269 114.34 -55.94 -55.68
N LEU VB 270 114.45 -55.48 -54.43
CA LEU VB 270 113.44 -55.81 -53.43
C LEU VB 270 112.11 -55.12 -53.70
N LEU VB 271 112.15 -53.88 -54.19
CA LEU VB 271 110.91 -53.17 -54.48
C LEU VB 271 110.19 -53.75 -55.69
N GLY VB 272 110.93 -54.38 -56.60
CA GLY VB 272 110.30 -54.96 -57.78
C GLY VB 272 109.41 -56.14 -57.49
N LYS VB 273 109.61 -56.81 -56.34
CA LYS VB 273 108.78 -57.96 -56.00
C LYS VB 273 107.33 -57.56 -55.75
N VAL VB 274 107.11 -56.39 -55.15
CA VAL VB 274 105.76 -55.97 -54.80
C VAL VB 274 104.93 -55.73 -56.05
N GLU VB 275 105.50 -55.07 -57.06
CA GLU VB 275 104.77 -54.76 -58.27
C GLU VB 275 104.34 -56.01 -59.03
N LEU VB 276 105.01 -57.13 -58.83
CA LEU VB 276 104.66 -58.37 -59.50
C LEU VB 276 103.85 -59.32 -58.63
N GLN VB 277 103.92 -59.20 -57.30
CA GLN VB 277 103.18 -60.09 -56.43
C GLN VB 277 101.88 -59.51 -55.91
N GLN VB 278 101.88 -58.24 -55.51
CA GLN VB 278 100.70 -57.59 -54.94
C GLN VB 278 100.11 -56.54 -55.89
N GLY VB 279 100.91 -55.57 -56.29
CA GLY VB 279 100.43 -54.53 -57.18
C GLY VB 279 101.35 -53.34 -57.18
N LEU VB 280 101.11 -52.45 -58.15
CA LEU VB 280 101.91 -51.24 -58.27
C LEU VB 280 101.54 -50.22 -57.21
N ARG VB 281 100.25 -50.13 -56.86
CA ARG VB 281 99.79 -49.09 -55.94
C ARG VB 281 100.37 -49.27 -54.55
N ALA VB 282 100.72 -50.50 -54.16
CA ALA VB 282 101.28 -50.74 -52.84
C ALA VB 282 102.64 -50.08 -52.65
N VAL VB 283 103.41 -49.90 -53.71
CA VAL VB 283 104.73 -49.29 -53.61
C VAL VB 283 104.64 -47.81 -53.23
N TYR VB 284 103.73 -47.07 -53.85
CA TYR VB 284 103.65 -45.62 -53.66
C TYR VB 284 102.39 -45.17 -52.94
N CYS VB 285 101.67 -46.10 -52.30
CA CYS VB 285 100.54 -45.70 -51.45
C CYS VB 285 101.01 -44.77 -50.33
N ASN VB 286 101.87 -45.29 -49.45
CA ASN VB 286 102.43 -44.50 -48.36
C ASN VB 286 103.91 -44.22 -48.50
N MET VB 287 104.66 -45.16 -49.07
CA MET VB 287 106.09 -44.96 -49.26
C MET VB 287 106.33 -43.90 -50.33
N PRO VB 288 107.21 -42.92 -50.08
CA PRO VB 288 107.45 -41.87 -51.09
C PRO VB 288 108.26 -42.39 -52.27
N LEU VB 289 107.61 -43.12 -53.16
CA LEU VB 289 108.25 -43.68 -54.35
C LEU VB 289 107.53 -43.16 -55.60
N LEU VB 290 107.94 -43.67 -56.75
CA LEU VB 290 107.37 -43.26 -58.03
C LEU VB 290 106.30 -44.24 -58.47
N TRP VB 291 105.24 -43.71 -59.06
CA TRP VB 291 104.13 -44.49 -59.57
C TRP VB 291 104.40 -45.10 -60.93
N GLN VB 292 105.54 -44.80 -61.54
CA GLN VB 292 105.88 -45.40 -62.82
C GLN VB 292 106.07 -46.90 -62.67
N PRO VB 293 105.60 -47.71 -63.63
CA PRO VB 293 105.75 -49.16 -63.51
C PRO VB 293 107.17 -49.67 -63.62
N GLY VB 294 108.10 -48.87 -64.12
CA GLY VB 294 109.45 -49.34 -64.38
C GLY VB 294 110.38 -49.24 -63.19
N TYR VB 295 110.60 -50.36 -62.51
CA TYR VB 295 111.57 -50.45 -61.43
C TYR VB 295 112.64 -51.49 -61.68
N LEU VB 296 112.30 -52.61 -62.32
CA LEU VB 296 113.33 -53.56 -62.75
C LEU VB 296 114.24 -52.94 -63.80
N HIS VB 297 113.67 -52.12 -64.69
CA HIS VB 297 114.51 -51.40 -65.65
C HIS VB 297 115.44 -50.41 -64.95
N ARG VB 298 114.95 -49.77 -63.89
CA ARG VB 298 115.84 -48.91 -63.09
C ARG VB 298 116.93 -49.72 -62.42
N ALA VB 299 116.60 -50.91 -61.91
CA ALA VB 299 117.60 -51.79 -61.31
C ALA VB 299 118.62 -52.26 -62.32
N LEU VB 300 118.23 -52.39 -63.59
CA LEU VB 300 119.16 -52.80 -64.64
C LEU VB 300 119.94 -51.64 -65.25
N GLN VB 301 119.45 -50.41 -65.12
CA GLN VB 301 120.19 -49.25 -65.62
C GLN VB 301 121.45 -49.01 -64.81
N VAL VB 302 121.39 -49.17 -63.49
CA VAL VB 302 122.57 -49.00 -62.65
C VAL VB 302 123.57 -50.13 -62.86
N MET VB 303 123.13 -51.25 -63.44
CA MET VB 303 124.04 -52.29 -63.89
C MET VB 303 124.58 -52.03 -65.28
N GLU VB 304 123.81 -51.36 -66.14
CA GLU VB 304 124.27 -50.94 -67.45
C GLU VB 304 125.31 -49.83 -67.39
N LYS VB 305 125.24 -48.95 -66.40
CA LYS VB 305 126.16 -47.82 -66.28
C LYS VB 305 127.58 -48.24 -65.89
N VAL VB 306 127.87 -49.54 -65.82
CA VAL VB 306 129.23 -49.98 -65.53
C VAL VB 306 130.21 -49.66 -66.64
N ALA VB 307 129.72 -49.30 -67.82
CA ALA VB 307 130.61 -48.86 -68.89
C ALA VB 307 131.38 -47.61 -68.52
N SER VB 308 130.78 -46.75 -67.68
CA SER VB 308 131.46 -45.58 -67.16
C SER VB 308 131.80 -45.68 -65.68
N SER VB 309 131.15 -46.57 -64.94
CA SER VB 309 131.45 -46.78 -63.53
C SER VB 309 132.27 -48.05 -63.36
N PRO VB 310 133.56 -47.96 -62.99
CA PRO VB 310 134.38 -49.17 -62.87
C PRO VB 310 134.12 -49.94 -61.58
N GLU VB 311 133.64 -49.26 -60.56
CA GLU VB 311 133.42 -49.85 -59.25
C GLU VB 311 131.94 -50.18 -59.05
N ASP VB 312 131.68 -51.31 -58.39
CA ASP VB 312 130.33 -51.76 -58.12
C ASP VB 312 130.38 -52.78 -56.98
N GLY VB 313 129.21 -53.15 -56.48
CA GLY VB 313 129.11 -54.14 -55.42
C GLY VB 313 129.26 -55.55 -55.95
N GLN VB 314 128.39 -55.92 -56.90
CA GLN VB 314 128.45 -57.16 -57.66
C GLN VB 314 128.23 -58.41 -56.80
N LEU VB 315 127.86 -58.25 -55.53
CA LEU VB 315 127.56 -59.39 -54.68
C LEU VB 315 126.11 -59.41 -54.22
N CYS VB 316 125.68 -58.42 -53.46
CA CYS VB 316 124.34 -58.42 -52.89
C CYS VB 316 123.26 -58.13 -53.93
N GLY VB 317 123.51 -57.15 -54.81
CA GLY VB 317 122.56 -56.89 -55.88
C GLY VB 317 122.42 -58.08 -56.82
N GLU VB 318 123.54 -58.74 -57.14
CA GLU VB 318 123.49 -59.90 -58.01
C GLU VB 318 122.73 -61.05 -57.35
N ALA VB 319 122.98 -61.29 -56.05
CA ALA VB 319 122.26 -62.34 -55.35
C ALA VB 319 120.76 -62.03 -55.28
N LEU VB 320 120.40 -60.78 -55.02
CA LEU VB 320 118.99 -60.41 -54.95
C LEU VB 320 118.32 -60.53 -56.31
N ASP VB 321 119.03 -60.16 -57.38
CA ASP VB 321 118.46 -60.32 -58.72
C ASP VB 321 118.29 -61.80 -59.09
N VAL VB 322 119.25 -62.65 -58.70
CA VAL VB 322 119.08 -64.08 -58.93
C VAL VB 322 117.87 -64.60 -58.16
N LEU VB 323 117.68 -64.12 -56.93
CA LEU VB 323 116.49 -64.47 -56.16
C LEU VB 323 115.22 -64.02 -56.86
N ASP VB 324 115.22 -62.81 -57.41
CA ASP VB 324 114.06 -62.34 -58.16
C ASP VB 324 113.77 -63.23 -59.35
N ARG VB 325 114.81 -63.62 -60.10
CA ARG VB 325 114.61 -64.46 -61.27
C ARG VB 325 114.07 -65.83 -60.89
N VAL VB 326 114.62 -66.45 -59.85
CA VAL VB 326 114.13 -67.76 -59.44
C VAL VB 326 112.73 -67.68 -58.83
N LEU VB 327 112.36 -66.55 -58.23
CA LEU VB 327 111.00 -66.39 -57.74
C LEU VB 327 109.99 -66.14 -58.87
N LYS VB 328 110.39 -65.41 -59.91
CA LYS VB 328 109.48 -65.15 -61.03
C LYS VB 328 109.44 -66.29 -62.04
N ALA VB 329 110.41 -67.21 -62.00
CA ALA VB 329 110.41 -68.34 -62.90
C ALA VB 329 109.62 -69.53 -62.38
N VAL VB 330 109.06 -69.44 -61.17
CA VAL VB 330 108.29 -70.54 -60.61
C VAL VB 330 106.78 -70.30 -60.68
N THR VB 331 106.34 -69.04 -60.71
CA THR VB 331 104.92 -68.76 -60.78
C THR VB 331 104.32 -69.04 -62.15
N ALA VB 332 105.07 -68.81 -63.23
CA ALA VB 332 104.54 -69.05 -64.57
C ALA VB 332 104.24 -70.53 -64.81
N PRO VB 333 105.15 -71.49 -64.55
CA PRO VB 333 104.82 -72.89 -64.83
C PRO VB 333 103.78 -73.47 -63.88
N ALA VB 334 103.78 -72.99 -62.63
CA ALA VB 334 102.87 -73.48 -61.60
C ALA VB 334 102.12 -72.28 -61.02
N GLN VB 335 100.90 -72.04 -61.52
CA GLN VB 335 100.08 -70.95 -61.01
C GLN VB 335 99.48 -71.22 -59.65
N GLY VB 336 99.22 -72.49 -59.33
CA GLY VB 336 98.66 -72.86 -58.04
C GLY VB 336 99.66 -73.13 -56.94
N THR VB 337 100.96 -72.92 -57.19
CA THR VB 337 101.98 -73.18 -56.19
C THR VB 337 102.34 -71.92 -55.40
N SER VB 338 102.80 -70.88 -56.11
CA SER VB 338 103.23 -69.64 -55.47
C SER VB 338 102.25 -68.50 -55.66
N GLU VB 339 101.46 -68.52 -56.73
CA GLU VB 339 100.48 -67.48 -57.00
C GLU VB 339 99.12 -67.76 -56.37
N GLU VB 340 98.97 -68.87 -55.64
CA GLU VB 340 97.72 -69.22 -54.98
C GLU VB 340 97.68 -68.73 -53.53
N GLN VB 341 98.40 -67.66 -53.22
CA GLN VB 341 98.45 -67.10 -51.88
C GLN VB 341 97.39 -66.05 -51.64
N PRO VB 342 96.54 -65.76 -52.64
CA PRO VB 342 95.49 -64.77 -52.53
C PRO VB 342 94.16 -65.52 -52.39
N GLN VB 343 93.65 -65.60 -51.17
CA GLN VB 343 92.39 -66.29 -50.89
C GLN VB 343 91.52 -65.48 -49.94
N GLU VB 344 91.64 -64.15 -49.97
CA GLU VB 344 90.85 -63.30 -49.10
C GLU VB 344 89.42 -63.16 -49.62
N GLY VB 345 89.26 -62.61 -50.82
CA GLY VB 345 87.94 -62.44 -51.42
C GLY VB 345 88.09 -62.36 -52.93
N GLU VB 346 87.05 -62.78 -53.65
CA GLU VB 346 87.04 -62.76 -55.10
C GLU VB 346 86.14 -61.66 -55.65
N GLU VB 347 84.86 -61.67 -55.29
CA GLU VB 347 83.92 -60.68 -55.82
C GLU VB 347 84.22 -59.28 -55.30
N SER VB 348 84.60 -59.16 -54.02
CA SER VB 348 84.93 -57.85 -53.48
C SER VB 348 86.15 -57.25 -54.18
N GLN VB 349 87.16 -58.07 -54.47
CA GLN VB 349 88.32 -57.61 -55.21
C GLN VB 349 88.01 -57.31 -56.66
N ARG VB 350 87.16 -58.10 -57.31
CA ARG VB 350 86.80 -57.87 -58.70
C ARG VB 350 85.96 -56.60 -58.86
N SER VB 351 85.09 -56.30 -57.91
CA SER VB 351 84.25 -55.12 -58.03
C SER VB 351 85.06 -53.83 -57.92
N GLU VB 352 86.11 -53.83 -57.10
CA GLU VB 352 86.92 -52.63 -56.87
C GLU VB 352 88.30 -52.75 -57.51
N GLU VB 353 88.46 -53.70 -58.43
CA GLU VB 353 89.75 -53.86 -59.11
C GLU VB 353 90.08 -52.61 -59.91
N LEU VB 354 91.32 -52.14 -59.77
CA LEU VB 354 91.78 -50.94 -60.45
C LEU VB 354 92.94 -51.31 -61.37
N VAL VB 355 92.83 -50.93 -62.63
CA VAL VB 355 93.88 -51.14 -63.62
C VAL VB 355 94.46 -49.76 -63.95
N GLU VB 356 95.67 -49.49 -63.45
CA GLU VB 356 96.30 -48.20 -63.68
C GLU VB 356 97.11 -48.19 -64.98
N GLN VB 357 97.56 -49.34 -65.43
CA GLN VB 357 98.36 -49.45 -66.64
C GLN VB 357 97.47 -49.49 -67.88
N LEU VB 358 98.00 -48.97 -68.98
CA LEU VB 358 97.28 -48.96 -70.24
C LEU VB 358 97.33 -50.35 -70.87
N ASP VB 359 96.79 -50.48 -72.08
CA ASP VB 359 96.74 -51.77 -72.76
C ASP VB 359 97.94 -52.00 -73.68
N VAL VB 360 98.58 -50.93 -74.15
CA VAL VB 360 99.73 -51.05 -75.03
C VAL VB 360 100.95 -50.43 -74.38
N GLU VB 361 101.00 -50.47 -73.04
CA GLU VB 361 102.09 -49.87 -72.28
C GLU VB 361 103.18 -50.88 -71.93
N GLU VB 362 103.08 -52.10 -72.45
CA GLU VB 362 104.10 -53.15 -72.28
C GLU VB 362 104.31 -53.45 -70.78
N THR VB 363 103.26 -54.01 -70.18
CA THR VB 363 103.30 -54.38 -68.78
C THR VB 363 104.45 -55.36 -68.50
N GLU VB 364 104.98 -55.28 -67.28
CA GLU VB 364 106.14 -56.08 -66.92
C GLU VB 364 105.85 -57.57 -66.83
N GLN VB 365 104.56 -57.96 -66.83
CA GLN VB 365 104.22 -59.38 -66.74
C GLN VB 365 104.69 -60.14 -67.98
N SER VB 366 104.77 -59.47 -69.13
CA SER VB 366 105.18 -60.11 -70.37
C SER VB 366 106.63 -59.83 -70.73
N LYS VB 367 107.41 -59.24 -69.82
CA LYS VB 367 108.80 -58.86 -70.12
C LYS VB 367 109.80 -59.71 -69.33
N LEU VB 368 109.37 -60.84 -68.78
CA LEU VB 368 110.30 -61.71 -68.07
C LEU VB 368 111.42 -62.24 -68.97
N PRO VB 369 111.16 -62.72 -70.19
CA PRO VB 369 112.28 -63.15 -71.05
C PRO VB 369 113.28 -62.05 -71.34
N GLN VB 370 112.82 -60.81 -71.51
CA GLN VB 370 113.73 -59.69 -71.65
C GLN VB 370 114.54 -59.41 -70.39
N TYR VB 371 113.90 -59.46 -69.22
CA TYR VB 371 114.60 -59.20 -67.97
C TYR VB 371 115.68 -60.24 -67.69
N LEU VB 372 115.35 -61.53 -67.84
CA LEU VB 372 116.35 -62.56 -67.60
C LEU VB 372 117.50 -62.48 -68.59
N GLU VB 373 117.21 -62.24 -69.87
CA GLU VB 373 118.27 -62.09 -70.85
C GLU VB 373 119.18 -60.91 -70.55
N ARG VB 374 118.59 -59.75 -70.21
CA ARG VB 374 119.39 -58.58 -69.88
C ARG VB 374 120.24 -58.80 -68.63
N PHE VB 375 119.68 -59.41 -67.59
CA PHE VB 375 120.44 -59.69 -66.38
C PHE VB 375 121.58 -60.68 -66.64
N GLU VB 376 121.32 -61.75 -67.39
CA GLU VB 376 122.37 -62.72 -67.68
C GLU VB 376 123.46 -62.11 -68.55
N ALA VB 377 123.09 -61.23 -69.48
CA ALA VB 377 124.10 -60.57 -70.30
C ALA VB 377 124.93 -59.58 -69.49
N LEU VB 378 124.30 -58.85 -68.55
CA LEU VB 378 125.03 -57.85 -67.79
C LEU VB 378 125.92 -58.47 -66.73
N ARG VB 379 125.46 -59.55 -66.08
CA ARG VB 379 126.27 -60.17 -65.04
C ARG VB 379 127.52 -60.82 -65.60
N SER VB 380 127.50 -61.23 -66.87
CA SER VB 380 128.71 -61.76 -67.48
C SER VB 380 129.78 -60.69 -67.66
N LYS VB 381 129.43 -59.55 -68.23
CA LYS VB 381 130.39 -58.47 -68.40
C LYS VB 381 130.79 -57.85 -67.07
N LEU VB 382 129.92 -57.86 -66.06
CA LEU VB 382 130.31 -57.35 -64.75
C LEU VB 382 131.46 -58.15 -64.14
N GLN VB 383 131.40 -59.48 -64.25
CA GLN VB 383 132.46 -60.33 -63.73
C GLN VB 383 133.62 -60.50 -64.71
N ALA VB 384 133.43 -60.15 -65.98
CA ALA VB 384 134.50 -60.24 -66.96
C ALA VB 384 135.34 -58.97 -67.06
N LEU VB 385 134.77 -57.81 -66.75
CA LEU VB 385 135.49 -56.54 -66.87
C LEU VB 385 135.65 -55.79 -65.55
N GLY VB 386 134.59 -55.67 -64.77
CA GLY VB 386 134.64 -54.90 -63.54
C GLY VB 386 135.62 -55.42 -62.52
N LYS VB 387 135.59 -56.74 -62.27
CA LYS VB 387 136.49 -57.39 -61.33
C LYS VB 387 136.41 -56.77 -59.94
N VAL VB 388 135.19 -56.44 -59.50
CA VAL VB 388 134.96 -55.86 -58.18
C VAL VB 388 134.29 -56.88 -57.25
N GLU VB 389 134.48 -58.16 -57.50
CA GLU VB 389 133.88 -59.21 -56.67
C GLU VB 389 134.61 -59.24 -55.33
N SER VB 390 133.98 -58.65 -54.31
CA SER VB 390 134.58 -58.57 -52.99
C SER VB 390 134.14 -59.76 -52.15
N GLU VB 391 134.46 -59.74 -50.85
CA GLU VB 391 134.04 -60.81 -49.94
C GLU VB 391 132.64 -60.59 -49.40
N SER VB 392 132.36 -59.40 -48.86
CA SER VB 392 131.05 -59.08 -48.31
C SER VB 392 130.86 -57.57 -48.35
N LEU VB 393 129.63 -57.15 -48.66
CA LEU VB 393 129.33 -55.74 -48.73
C LEU VB 393 129.46 -55.08 -47.36
N LEU VB 394 129.00 -55.74 -46.30
CA LEU VB 394 129.07 -55.16 -44.97
C LEU VB 394 130.51 -54.96 -44.53
N THR VB 395 131.38 -55.95 -44.81
CA THR VB 395 132.79 -55.80 -44.48
C THR VB 395 133.42 -54.64 -45.23
N LEU VB 396 133.03 -54.44 -46.49
CA LEU VB 396 133.52 -53.32 -47.28
C LEU VB 396 132.86 -52.00 -46.90
N SER VB 397 131.60 -52.03 -46.46
CA SER VB 397 130.92 -50.79 -46.10
C SER VB 397 131.42 -50.24 -44.77
N THR VB 398 131.75 -51.10 -43.82
CA THR VB 398 132.20 -50.63 -42.51
C THR VB 398 133.49 -49.84 -42.60
N GLN VB 399 134.44 -50.32 -43.41
CA GLN VB 399 135.71 -49.61 -43.56
C GLN VB 399 135.56 -48.32 -44.36
N LEU VB 400 134.52 -48.21 -45.19
CA LEU VB 400 134.30 -47.00 -45.96
C LEU VB 400 133.42 -46.00 -45.22
N ALA VB 401 132.39 -46.47 -44.52
CA ALA VB 401 131.54 -45.58 -43.74
C ALA VB 401 132.33 -44.91 -42.62
N LYS VB 402 133.20 -45.67 -41.94
CA LYS VB 402 134.01 -45.12 -40.86
C LYS VB 402 135.18 -44.29 -41.37
N ALA VB 403 135.47 -44.33 -42.68
CA ALA VB 403 136.58 -43.56 -43.21
C ALA VB 403 136.15 -42.12 -43.53
N GLN VB 404 134.94 -41.93 -44.04
CA GLN VB 404 134.45 -40.61 -44.39
C GLN VB 404 133.81 -39.88 -43.22
N LEU VB 405 133.61 -40.56 -42.10
CA LEU VB 405 133.04 -39.95 -40.90
C LEU VB 405 133.96 -38.85 -40.35
N PRO VB 406 135.26 -39.08 -40.21
CA PRO VB 406 136.15 -37.97 -39.82
C PRO VB 406 136.15 -36.82 -40.80
N THR VB 407 136.00 -37.08 -42.10
CA THR VB 407 135.92 -36.00 -43.08
C THR VB 407 134.65 -35.19 -42.92
N CYS VB 408 133.51 -35.85 -42.70
CA CYS VB 408 132.23 -35.15 -42.61
C CYS VB 408 132.01 -34.45 -41.28
N GLU VB 409 132.58 -34.96 -40.18
CA GLU VB 409 132.36 -34.34 -38.88
C GLU VB 409 132.94 -32.93 -38.82
N ALA VB 410 134.13 -32.72 -39.37
CA ALA VB 410 134.76 -31.41 -39.38
C ALA VB 410 134.00 -30.41 -40.24
N GLU VB 411 133.35 -30.87 -41.32
CA GLU VB 411 132.51 -29.99 -42.11
C GLU VB 411 131.20 -29.67 -41.41
N ASP VB 412 130.62 -30.63 -40.70
CA ASP VB 412 129.33 -30.43 -40.04
C ASP VB 412 129.42 -29.61 -38.77
N ILE VB 413 130.54 -29.68 -38.03
CA ILE VB 413 130.64 -28.96 -36.76
C ILE VB 413 130.58 -27.45 -36.98
N ALA VB 414 131.19 -26.96 -38.07
CA ALA VB 414 131.22 -25.52 -38.33
C ALA VB 414 129.82 -24.97 -38.56
N VAL VB 415 129.00 -25.68 -39.34
CA VAL VB 415 127.64 -25.21 -39.57
C VAL VB 415 126.77 -25.43 -38.34
N TYR VB 416 127.08 -26.46 -37.53
CA TYR VB 416 126.34 -26.67 -36.30
C TYR VB 416 126.54 -25.51 -35.32
N GLU VB 417 127.77 -25.01 -35.21
CA GLU VB 417 128.02 -23.87 -34.33
C GLU VB 417 127.27 -22.63 -34.79
N GLN VB 418 127.24 -22.38 -36.10
CA GLN VB 418 126.49 -21.25 -36.64
C GLN VB 418 125.00 -21.40 -36.40
N ARG VB 419 124.45 -22.62 -36.54
CA ARG VB 419 123.05 -22.85 -36.22
C ARG VB 419 122.77 -22.55 -34.75
N LEU VB 420 123.65 -22.98 -33.86
CA LEU VB 420 123.47 -22.65 -32.44
C LEU VB 420 123.49 -21.15 -32.22
N GLN VB 421 124.42 -20.44 -32.85
CA GLN VB 421 124.50 -18.99 -32.68
C GLN VB 421 123.25 -18.29 -33.19
N GLN VB 422 122.73 -18.70 -34.34
CA GLN VB 422 121.54 -18.04 -34.87
C GLN VB 422 120.30 -18.36 -34.03
N TRP VB 423 120.20 -19.60 -33.52
CA TRP VB 423 119.09 -19.93 -32.64
C TRP VB 423 119.13 -19.08 -31.36
N HIS VB 424 120.32 -18.94 -30.79
CA HIS VB 424 120.47 -18.08 -29.62
C HIS VB 424 120.14 -16.62 -29.93
N GLY VB 425 120.53 -16.13 -31.11
CA GLY VB 425 120.17 -14.77 -31.49
C GLY VB 425 118.67 -14.58 -31.67
N GLU VB 426 117.98 -15.59 -32.16
CA GLU VB 426 116.52 -15.50 -32.33
C GLU VB 426 115.76 -15.60 -31.02
N ARG VB 427 116.27 -16.38 -30.06
CA ARG VB 427 115.58 -16.51 -28.77
C ARG VB 427 115.46 -15.16 -28.08
N VAL VB 428 116.56 -14.40 -28.00
CA VAL VB 428 116.52 -13.11 -27.32
C VAL VB 428 115.66 -12.13 -28.09
N ARG VB 429 115.63 -12.23 -29.42
CA ARG VB 429 114.73 -11.36 -30.20
C ARG VB 429 113.28 -11.63 -29.87
N LEU VB 430 112.90 -12.90 -29.75
CA LEU VB 430 111.52 -13.22 -29.36
C LEU VB 430 111.22 -12.74 -27.94
N ILE VB 431 112.20 -12.87 -27.02
CA ILE VB 431 112.01 -12.38 -25.67
C ILE VB 431 111.80 -10.87 -25.66
N GLN VB 432 112.59 -10.14 -26.45
CA GLN VB 432 112.41 -8.70 -26.56
C GLN VB 432 111.05 -8.34 -27.16
N ARG VB 433 110.59 -9.11 -28.15
CA ARG VB 433 109.27 -8.86 -28.71
C ARG VB 433 108.19 -9.01 -27.66
N GLU VB 434 108.22 -10.10 -26.88
CA GLU VB 434 107.20 -10.27 -25.86
C GLU VB 434 107.31 -9.20 -24.77
N GLN VB 435 108.52 -8.80 -24.40
CA GLN VB 435 108.70 -7.74 -23.40
C GLN VB 435 108.13 -6.42 -23.88
N GLU VB 436 108.40 -6.04 -25.14
CA GLU VB 436 107.86 -4.78 -25.64
C GLU VB 436 106.35 -4.84 -25.80
N GLN VB 437 105.79 -5.99 -26.21
CA GLN VB 437 104.34 -6.11 -26.25
C GLN VB 437 103.72 -5.96 -24.87
N ARG VB 438 104.31 -6.59 -23.85
CA ARG VB 438 103.79 -6.44 -22.50
C ARG VB 438 103.92 -5.01 -21.98
N GLU VB 439 105.04 -4.34 -22.25
CA GLU VB 439 105.19 -2.97 -21.76
C GLU VB 439 104.25 -2.00 -22.45
N ARG VB 440 104.03 -2.16 -23.77
CA ARG VB 440 103.04 -1.31 -24.43
C ARG VB 440 101.63 -1.60 -23.97
N ALA VB 441 101.30 -2.88 -23.70
CA ALA VB 441 99.99 -3.17 -23.12
C ALA VB 441 99.82 -2.53 -21.76
N ARG VB 442 100.84 -2.59 -20.90
CA ARG VB 442 100.73 -1.97 -19.58
C ARG VB 442 100.63 -0.45 -19.68
N GLN VB 443 101.37 0.17 -20.60
CA GLN VB 443 101.28 1.62 -20.73
C GLN VB 443 99.92 2.04 -21.27
N ASP VB 444 99.36 1.27 -22.21
CA ASP VB 444 98.00 1.54 -22.67
C ASP VB 444 96.98 1.37 -21.56
N TYR VB 445 97.12 0.32 -20.74
CA TYR VB 445 96.20 0.12 -19.62
C TYR VB 445 96.25 1.29 -18.63
N GLU VB 446 97.45 1.70 -18.23
CA GLU VB 446 97.54 2.82 -17.29
C GLU VB 446 97.07 4.13 -17.89
N ALA VB 447 97.37 4.38 -19.18
CA ALA VB 447 96.88 5.60 -19.82
C ALA VB 447 95.36 5.62 -19.91
N ARG VB 448 94.74 4.50 -20.26
CA ARG VB 448 93.28 4.47 -20.36
C ARG VB 448 92.60 4.46 -18.99
N ARG VB 449 93.27 3.97 -17.95
CA ARG VB 449 92.72 4.07 -16.62
C ARG VB 449 92.86 5.48 -16.04
N ALA VB 450 93.91 6.20 -16.43
CA ALA VB 450 94.07 7.57 -15.97
C ALA VB 450 92.93 8.46 -16.46
N ALA VB 451 92.52 8.31 -17.71
CA ALA VB 451 91.43 9.08 -18.29
C ALA VB 451 90.39 8.10 -18.83
N LYS VB 452 89.23 8.04 -18.17
CA LYS VB 452 88.15 7.11 -18.53
C LYS VB 452 87.33 7.71 -19.67
N ALA VB 453 87.90 7.67 -20.87
CA ALA VB 453 87.26 8.17 -22.08
C ALA VB 453 86.84 6.99 -22.93
N SER VB 454 85.56 6.62 -22.84
CA SER VB 454 85.00 5.52 -23.62
C SER VB 454 83.67 5.97 -24.21
N ALA VB 455 83.53 5.77 -25.52
CA ALA VB 455 82.31 6.15 -26.24
C ALA VB 455 81.96 7.62 -26.05
N VAL WB 78 9.42 65.53 -115.30
CA VAL WB 78 8.57 64.89 -114.29
C VAL WB 78 8.80 65.56 -112.94
N GLU WB 79 7.75 65.63 -112.12
CA GLU WB 79 7.79 66.24 -110.80
C GLU WB 79 7.86 65.15 -109.75
N SER WB 80 8.70 65.35 -108.74
CA SER WB 80 8.92 64.32 -107.73
C SER WB 80 7.91 64.45 -106.58
N PHE WB 81 7.67 63.32 -105.93
CA PHE WB 81 6.73 63.29 -104.81
C PHE WB 81 7.19 64.16 -103.66
N ALA WB 82 8.49 64.17 -103.35
CA ALA WB 82 9.00 65.06 -102.32
C ALA WB 82 8.78 66.52 -102.68
N SER WB 83 9.03 66.87 -103.95
CA SER WB 83 8.82 68.25 -104.39
C SER WB 83 7.37 68.67 -104.26
N MET WB 84 6.43 67.82 -104.68
CA MET WB 84 5.02 68.19 -104.57
C MET WB 84 4.53 68.19 -103.13
N LEU WB 85 5.03 67.28 -102.29
CA LEU WB 85 4.63 67.26 -100.90
C LEU WB 85 5.17 68.45 -100.13
N ARG WB 86 6.36 68.94 -100.48
CA ARG WB 86 6.90 70.12 -99.81
C ARG WB 86 6.01 71.34 -100.03
N HIS WB 87 5.44 71.48 -101.23
CA HIS WB 87 4.56 72.60 -101.55
C HIS WB 87 3.09 72.27 -101.35
N SER WB 88 2.78 71.06 -100.88
CA SER WB 88 1.39 70.70 -100.62
C SER WB 88 0.78 71.60 -99.54
N PRO WB 89 -0.49 71.94 -99.67
CA PRO WB 89 -1.13 72.80 -98.65
C PRO WB 89 -1.13 72.18 -97.26
N LEU WB 90 -1.21 70.85 -97.16
CA LEU WB 90 -1.15 70.21 -95.85
C LEU WB 90 0.19 70.46 -95.18
N THR WB 91 1.28 70.40 -95.94
CA THR WB 91 2.58 70.72 -95.39
C THR WB 91 2.65 72.18 -94.94
N GLN WB 92 2.08 73.08 -95.73
CA GLN WB 92 2.04 74.49 -95.36
C GLN WB 92 1.22 74.73 -94.10
N MET WB 93 0.17 73.93 -93.87
CA MET WB 93 -0.65 74.08 -92.68
C MET WB 93 0.12 73.81 -91.40
N GLY WB 94 1.00 72.79 -91.41
CA GLY WB 94 1.72 72.42 -90.22
C GLY WB 94 0.82 71.73 -89.20
N PRO WB 95 0.85 72.21 -87.96
CA PRO WB 95 -0.02 71.64 -86.93
C PRO WB 95 -1.48 71.89 -87.25
N ALA WB 96 -2.33 70.95 -86.84
CA ALA WB 96 -3.77 71.02 -87.09
C ALA WB 96 -4.55 71.62 -85.94
N LYS WB 97 -3.89 72.38 -85.05
CA LYS WB 97 -4.54 72.98 -83.90
C LYS WB 97 -4.98 74.39 -84.25
N ASN WB 98 -6.30 74.62 -84.18
CA ASN WB 98 -6.89 75.94 -84.40
C ASN WB 98 -6.51 76.51 -85.76
N LYS WB 99 -6.97 75.83 -86.81
CA LYS WB 99 -6.74 76.24 -88.18
C LYS WB 99 -8.08 76.39 -88.91
N LEU WB 100 -8.21 77.47 -89.68
CA LEU WB 100 -9.43 77.75 -90.42
C LEU WB 100 -9.39 77.01 -91.75
N VAL WB 101 -10.33 76.10 -91.95
CA VAL WB 101 -10.39 75.26 -93.15
C VAL WB 101 -11.79 75.30 -93.72
N ILE WB 102 -11.89 75.39 -95.03
CA ILE WB 102 -13.18 75.31 -95.73
C ILE WB 102 -13.45 73.85 -96.05
N GLY WB 103 -14.61 73.35 -95.61
CA GLY WB 103 -14.99 71.97 -95.83
C GLY WB 103 -16.38 71.88 -96.44
N GLN WB 104 -16.54 70.94 -97.36
CA GLN WB 104 -17.79 70.76 -98.07
C GLN WB 104 -18.54 69.57 -97.49
N ILE WB 105 -19.83 69.77 -97.19
CA ILE WB 105 -20.65 68.70 -96.65
C ILE WB 105 -21.02 67.73 -97.77
N PHE WB 106 -20.83 66.44 -97.53
CA PHE WB 106 -21.14 65.41 -98.50
C PHE WB 106 -22.26 64.48 -98.08
N HIS WB 107 -22.63 64.46 -96.81
CA HIS WB 107 -23.71 63.60 -96.33
C HIS WB 107 -24.52 64.37 -95.30
N ILE WB 108 -25.82 64.05 -95.24
CA ILE WB 108 -26.75 64.75 -94.37
C ILE WB 108 -27.48 63.74 -93.50
N VAL WB 109 -27.52 63.99 -92.19
CA VAL WB 109 -28.32 63.22 -91.25
C VAL WB 109 -29.36 64.16 -90.66
N GLU WB 110 -30.27 63.60 -89.86
CA GLU WB 110 -31.37 64.36 -89.28
C GLU WB 110 -30.86 65.54 -88.47
N ASP WB 111 -29.78 65.33 -87.72
CA ASP WB 111 -29.17 66.39 -86.91
C ASP WB 111 -27.66 66.47 -87.05
N ASP WB 112 -27.01 65.53 -87.72
CA ASP WB 112 -25.56 65.52 -87.86
C ASP WB 112 -25.17 65.85 -89.30
N LEU WB 113 -24.10 66.62 -89.45
CA LEU WB 113 -23.58 67.00 -90.75
C LEU WB 113 -22.17 66.45 -90.90
N TYR WB 114 -21.94 65.71 -91.99
CA TYR WB 114 -20.63 65.14 -92.29
C TYR WB 114 -19.90 66.10 -93.22
N ILE WB 115 -18.99 66.90 -92.65
CA ILE WB 115 -18.25 67.91 -93.40
C ILE WB 115 -16.88 67.34 -93.74
N ASP WB 116 -16.55 67.37 -95.02
CA ASP WB 116 -15.25 66.88 -95.52
C ASP WB 116 -14.34 68.09 -95.68
N PHE WB 117 -13.54 68.36 -94.64
CA PHE WB 117 -12.57 69.44 -94.73
C PHE WB 117 -11.47 69.14 -95.76
N GLY WB 118 -11.33 67.88 -96.16
CA GLY WB 118 -10.50 67.51 -97.29
C GLY WB 118 -9.16 66.91 -96.95
N GLY WB 119 -8.72 66.96 -95.69
CA GLY WB 119 -7.40 66.44 -95.40
C GLY WB 119 -7.30 64.93 -95.49
N LYS WB 120 -7.84 64.22 -94.50
CA LYS WB 120 -7.90 62.76 -94.58
C LYS WB 120 -9.32 62.23 -94.37
N PHE WB 121 -9.96 62.69 -93.31
CA PHE WB 121 -11.24 62.16 -92.86
C PHE WB 121 -12.33 63.21 -92.99
N HIS WB 122 -13.51 62.87 -92.47
CA HIS WB 122 -14.66 63.75 -92.44
C HIS WB 122 -15.10 63.95 -91.00
N CYS WB 123 -15.38 65.20 -90.62
CA CYS WB 123 -15.77 65.52 -89.27
C CYS WB 123 -17.28 65.65 -89.17
N VAL WB 124 -17.84 65.12 -88.08
CA VAL WB 124 -19.28 65.18 -87.82
C VAL WB 124 -19.55 66.37 -86.91
N CYS WB 125 -20.48 67.22 -87.32
CA CYS WB 125 -20.82 68.41 -86.56
C CYS WB 125 -22.32 68.48 -86.32
N LYS WB 126 -22.71 69.25 -85.30
CA LYS WB 126 -24.11 69.47 -85.00
C LYS WB 126 -24.62 70.70 -85.74
N ARG WB 127 -25.81 70.59 -86.31
CA ARG WB 127 -26.41 71.70 -87.03
C ARG WB 127 -26.75 72.83 -86.07
N PRO WB 128 -26.28 74.05 -86.32
CA PRO WB 128 -26.57 75.16 -85.39
C PRO WB 128 -28.01 75.62 -85.47
N GLU WB 129 -28.45 76.35 -84.45
CA GLU WB 129 -29.83 76.83 -84.39
C GLU WB 129 -30.12 77.86 -85.48
N VAL WB 130 -29.18 78.74 -85.77
CA VAL WB 130 -29.38 79.82 -86.72
C VAL WB 130 -29.03 79.32 -88.12
N ASP WB 131 -29.87 79.69 -89.09
CA ASP WB 131 -29.67 79.33 -90.49
C ASP WB 131 -29.56 77.82 -90.66
N GLY WB 132 -30.38 77.08 -89.91
CA GLY WB 132 -30.33 75.63 -89.96
C GLY WB 132 -30.68 75.06 -91.32
N GLU WB 133 -31.68 75.64 -91.99
CA GLU WB 133 -32.08 75.15 -93.30
C GLU WB 133 -31.08 75.49 -94.39
N LYS WB 134 -30.11 76.36 -94.12
CA LYS WB 134 -29.12 76.75 -95.11
C LYS WB 134 -28.03 75.70 -95.30
N TYR WB 135 -27.96 74.69 -94.43
CA TYR WB 135 -26.97 73.63 -94.55
C TYR WB 135 -27.57 72.48 -95.35
N GLN WB 136 -27.06 72.26 -96.55
CA GLN WB 136 -27.52 71.19 -97.42
C GLN WB 136 -26.32 70.42 -97.94
N LYS WB 137 -26.59 69.35 -98.68
CA LYS WB 137 -25.53 68.56 -99.27
C LYS WB 137 -24.78 69.38 -100.31
N GLY WB 138 -23.46 69.38 -100.23
CA GLY WB 138 -22.61 70.16 -101.11
C GLY WB 138 -22.30 71.55 -100.61
N THR WB 139 -22.94 72.00 -99.54
CA THR WB 139 -22.67 73.33 -98.99
C THR WB 139 -21.27 73.37 -98.38
N ARG WB 140 -20.55 74.46 -98.64
CA ARG WB 140 -19.21 74.63 -98.10
C ARG WB 140 -19.26 75.57 -96.89
N VAL WB 141 -18.62 75.15 -95.80
CA VAL WB 141 -18.66 75.86 -94.52
C VAL WB 141 -17.24 76.06 -94.02
N ARG WB 142 -17.11 76.89 -92.99
CA ARG WB 142 -15.84 77.18 -92.36
C ARG WB 142 -15.74 76.43 -91.04
N LEU WB 143 -14.56 75.88 -90.76
CA LEU WB 143 -14.32 75.11 -89.56
C LEU WB 143 -12.99 75.51 -88.94
N ARG WB 144 -12.90 75.37 -87.63
CA ARG WB 144 -11.63 75.53 -86.90
C ARG WB 144 -11.15 74.13 -86.53
N LEU WB 145 -10.17 73.63 -87.28
CA LEU WB 145 -9.70 72.27 -87.09
C LEU WB 145 -8.98 72.13 -85.76
N LEU WB 146 -9.33 71.09 -85.01
CA LEU WB 146 -8.71 70.79 -83.73
C LEU WB 146 -7.79 69.58 -83.78
N ASP WB 147 -8.24 68.49 -84.39
CA ASP WB 147 -7.44 67.28 -84.52
C ASP WB 147 -7.67 66.67 -85.89
N LEU WB 148 -6.58 66.27 -86.55
CA LEU WB 148 -6.71 65.65 -87.87
C LEU WB 148 -7.30 64.26 -87.78
N GLU WB 149 -7.00 63.52 -86.71
CA GLU WB 149 -7.51 62.17 -86.52
C GLU WB 149 -7.46 61.83 -85.04
N LEU WB 150 -8.55 61.30 -84.51
CA LEU WB 150 -8.65 60.99 -83.09
C LEU WB 150 -8.16 59.57 -82.84
N THR WB 151 -6.93 59.45 -82.34
CA THR WB 151 -6.35 58.17 -81.96
C THR WB 151 -5.81 58.28 -80.54
N SER WB 152 -6.01 57.24 -79.75
CA SER WB 152 -5.55 57.24 -78.37
C SER WB 152 -5.22 55.81 -77.95
N ARG WB 153 -4.41 55.69 -76.91
CA ARG WB 153 -3.99 54.41 -76.36
C ARG WB 153 -4.65 54.17 -75.01
N PHE WB 154 -4.84 52.89 -74.68
CA PHE WB 154 -5.45 52.52 -73.41
C PHE WB 154 -4.70 51.34 -72.79
N LEU WB 155 -5.26 50.75 -71.74
CA LEU WB 155 -4.59 49.68 -71.02
C LEU WB 155 -4.46 48.45 -71.92
N GLY WB 156 -3.25 47.91 -71.99
CA GLY WB 156 -3.00 46.70 -72.75
C GLY WB 156 -3.30 46.80 -74.23
N ALA WB 157 -3.05 47.95 -74.84
CA ALA WB 157 -3.30 48.17 -76.26
C ALA WB 157 -1.98 48.23 -77.00
N THR WB 158 -1.76 47.27 -77.91
CA THR WB 158 -0.56 47.30 -78.73
C THR WB 158 -0.54 48.51 -79.66
N THR WB 159 -1.68 48.85 -80.25
CA THR WB 159 -1.81 50.00 -81.13
C THR WB 159 -2.90 50.93 -80.60
N ASP WB 160 -3.05 52.07 -81.24
CA ASP WB 160 -4.06 53.05 -80.85
C ASP WB 160 -5.42 52.65 -81.40
N THR WB 161 -6.45 53.27 -80.86
CA THR WB 161 -7.84 53.04 -81.27
C THR WB 161 -8.29 54.25 -82.09
N THR WB 162 -8.09 54.18 -83.40
CA THR WB 162 -8.51 55.26 -84.30
C THR WB 162 -10.02 55.34 -84.34
N ILE WB 163 -10.54 56.58 -84.42
CA ILE WB 163 -11.99 56.77 -84.52
C ILE WB 163 -12.46 56.95 -85.95
N LEU WB 164 -11.53 57.05 -86.92
CA LEU WB 164 -11.87 57.28 -88.32
C LEU WB 164 -12.68 58.56 -88.50
N GLU WB 165 -12.31 59.60 -87.76
CA GLU WB 165 -13.00 60.87 -87.81
C GLU WB 165 -12.06 61.95 -87.28
N ALA WB 166 -12.28 63.18 -87.73
CA ALA WB 166 -11.52 64.33 -87.28
C ALA WB 166 -12.39 65.20 -86.37
N ASP WB 167 -11.73 66.03 -85.57
CA ASP WB 167 -12.39 66.90 -84.62
C ASP WB 167 -12.33 68.34 -85.12
N ALA WB 168 -13.49 68.98 -85.22
CA ALA WB 168 -13.58 70.35 -85.67
C ALA WB 168 -14.88 70.96 -85.18
N VAL WB 169 -14.95 72.28 -85.22
CA VAL WB 169 -16.13 73.02 -84.79
C VAL WB 169 -16.65 73.84 -85.95
N LEU WB 170 -17.95 74.16 -85.90
CA LEU WB 170 -18.61 74.91 -86.94
C LEU WB 170 -18.66 76.39 -86.59
N LEU WB 171 -18.23 77.24 -87.52
CA LEU WB 171 -18.21 78.68 -87.32
C LEU WB 171 -19.11 79.42 -88.28
N GLY WB 172 -18.97 79.18 -89.58
CA GLY WB 172 -19.78 79.82 -90.58
C GLY WB 172 -19.87 78.98 -91.83
N LEU WB 173 -20.53 79.53 -92.85
CA LEU WB 173 -20.73 78.84 -94.13
C LEU WB 173 -20.28 79.76 -95.26
N GLN WB 174 -18.98 79.73 -95.54
CA GLN WB 174 -18.36 80.43 -96.67
C GLN WB 174 -18.84 81.88 -96.75
N GLU WB 175 -18.50 82.65 -95.72
CA GLU WB 175 -18.82 84.07 -95.72
C GLU WB 175 -18.08 84.77 -96.84
N SER WB 176 -18.80 85.58 -97.61
CA SER WB 176 -18.22 86.29 -98.75
C SER WB 176 -19.12 87.43 -99.21
N ARG XB 58 -98.61 59.32 -52.85
CA ARG XB 58 -99.94 59.76 -53.22
C ARG XB 58 -100.95 58.62 -53.10
N ALA XB 59 -100.44 57.40 -53.08
CA ALA XB 59 -101.28 56.20 -53.01
C ALA XB 59 -101.72 55.99 -51.57
N ILE XB 60 -103.02 55.76 -51.37
CA ILE XB 60 -103.56 55.50 -50.05
C ILE XB 60 -103.32 54.05 -49.68
N SER XB 61 -102.72 53.82 -48.50
CA SER XB 61 -102.40 52.48 -48.05
C SER XB 61 -103.06 52.13 -46.72
N ARG XB 62 -103.01 53.03 -45.74
CA ARG XB 62 -103.46 52.73 -44.39
C ARG XB 62 -104.55 53.70 -43.93
N THR XB 63 -105.23 54.37 -44.86
CA THR XB 63 -106.30 55.29 -44.51
C THR XB 63 -107.65 54.61 -44.35
N SER XB 64 -107.76 53.33 -44.72
CA SER XB 64 -109.03 52.63 -44.61
C SER XB 64 -109.40 52.38 -43.15
N GLU XB 65 -110.69 52.49 -42.85
CA GLU XB 65 -111.18 52.25 -41.50
C GLU XB 65 -111.28 50.76 -41.22
N ASP XB 66 -111.36 50.42 -39.95
CA ASP XB 66 -111.51 49.03 -39.51
C ASP XB 66 -112.99 48.71 -39.45
N ASP XB 67 -113.51 48.08 -40.51
CA ASP XB 67 -114.92 47.72 -40.58
C ASP XB 67 -115.04 46.40 -41.33
N PRO XB 68 -114.97 45.27 -40.64
CA PRO XB 68 -115.12 43.97 -41.31
C PRO XB 68 -116.45 43.81 -42.02
N ALA XB 69 -117.54 44.38 -41.49
CA ALA XB 69 -118.85 44.26 -42.12
C ALA XB 69 -119.13 45.36 -43.14
N LYS XB 70 -118.31 46.40 -43.21
CA LYS XB 70 -118.52 47.52 -44.11
C LYS XB 70 -117.34 47.68 -45.08
N HIS XB 71 -116.80 46.56 -45.56
CA HIS XB 71 -115.78 46.63 -46.59
C HIS XB 71 -116.42 46.94 -47.94
N ARG XB 72 -115.74 47.78 -48.72
CA ARG XB 72 -116.26 48.24 -50.00
C ARG XB 72 -115.34 47.78 -51.12
N GLU XB 73 -115.91 47.72 -52.33
CA GLU XB 73 -115.13 47.32 -53.51
C GLU XB 73 -114.00 48.30 -53.79
N GLN XB 74 -114.24 49.59 -53.56
CA GLN XB 74 -113.21 50.60 -53.77
C GLN XB 74 -112.09 50.52 -52.73
N HIS XB 75 -112.28 49.77 -51.65
CA HIS XB 75 -111.28 49.62 -50.60
C HIS XB 75 -110.24 48.56 -50.92
N GLU XB 76 -110.11 48.17 -52.18
CA GLU XB 76 -109.12 47.18 -52.56
C GLU XB 76 -107.71 47.71 -52.32
N GLY XB 77 -106.81 46.82 -51.89
CA GLY XB 77 -105.45 47.20 -51.62
C GLY XB 77 -105.31 48.20 -50.48
N GLN XB 78 -106.10 48.05 -49.43
CA GLN XB 78 -106.07 48.95 -48.28
C GLN XB 78 -105.93 48.15 -47.00
N HIS XB 79 -105.08 48.63 -46.10
CA HIS XB 79 -104.81 47.96 -44.83
C HIS XB 79 -105.64 48.61 -43.73
N TYR XB 80 -106.35 47.78 -42.97
CA TYR XB 80 -107.14 48.24 -41.84
C TYR XB 80 -106.48 47.80 -40.54
N ASN XB 81 -106.36 48.72 -39.59
CA ASN XB 81 -105.66 48.44 -38.35
C ASN XB 81 -106.50 47.57 -37.42
N ILE XB 82 -105.81 46.70 -36.67
CA ILE XB 82 -106.43 45.85 -35.67
C ILE XB 82 -105.68 46.02 -34.36
N SER XB 83 -106.42 46.19 -33.27
CA SER XB 83 -105.80 46.37 -31.97
C SER XB 83 -105.08 45.08 -31.54
N LEU XB 84 -104.03 45.26 -30.74
CA LEU XB 84 -103.27 44.13 -30.24
C LEU XB 84 -104.11 43.21 -29.38
N GLN XB 85 -104.98 43.79 -28.53
CA GLN XB 85 -105.86 42.99 -27.69
C GLN XB 85 -106.83 42.16 -28.51
N GLU XB 86 -107.22 42.65 -29.69
CA GLU XB 86 -108.12 41.88 -30.56
C GLU XB 86 -107.45 40.64 -31.13
N LEU XB 87 -106.15 40.71 -31.40
CA LEU XB 87 -105.45 39.56 -31.95
C LEU XB 87 -105.46 38.38 -31.00
N LYS XB 88 -105.29 38.63 -29.70
CA LYS XB 88 -105.27 37.56 -28.72
C LYS XB 88 -106.58 36.80 -28.68
N THR XB 89 -107.71 37.50 -28.76
CA THR XB 89 -109.02 36.86 -28.66
C THR XB 89 -109.53 36.34 -29.99
N VAL XB 90 -109.03 36.87 -31.11
CA VAL XB 90 -109.53 36.43 -32.41
C VAL XB 90 -108.68 35.30 -32.97
N PHE XB 91 -107.36 35.34 -32.77
CA PHE XB 91 -106.45 34.30 -33.25
C PHE XB 91 -105.58 33.79 -32.10
N PRO XB 92 -106.18 33.05 -31.15
CA PRO XB 92 -105.38 32.39 -30.12
C PRO XB 92 -104.63 31.16 -30.62
N HIS XB 93 -105.02 30.63 -31.77
CA HIS XB 93 -104.38 29.47 -32.36
C HIS XB 93 -103.09 29.90 -33.06
N GLY XB 94 -102.52 29.00 -33.85
CA GLY XB 94 -101.30 29.32 -34.58
C GLY XB 94 -101.56 30.34 -35.67
N LEU XB 95 -100.52 31.10 -36.00
CA LEU XB 95 -100.54 32.11 -37.05
C LEU XB 95 -99.43 31.86 -38.06
N PRO XB 96 -99.59 32.32 -39.30
CA PRO XB 96 -98.49 32.21 -40.27
C PRO XB 96 -97.27 32.96 -39.79
N PRO XB 97 -96.14 32.28 -39.62
CA PRO XB 97 -94.98 32.92 -38.98
C PRO XB 97 -94.48 34.17 -39.69
N ARG XB 98 -94.52 34.18 -41.03
CA ARG XB 98 -94.00 35.32 -41.77
C ARG XB 98 -94.79 36.60 -41.52
N PHE XB 99 -96.05 36.48 -41.10
CA PHE XB 99 -96.84 37.64 -40.69
C PHE XB 99 -96.87 37.83 -39.18
N ALA XB 100 -96.75 36.75 -38.42
CA ALA XB 100 -96.71 36.85 -36.97
C ALA XB 100 -95.46 37.56 -36.50
N MET XB 101 -94.34 37.40 -37.20
CA MET XB 101 -93.15 38.17 -36.90
C MET XB 101 -93.25 39.60 -37.41
N GLN XB 102 -93.90 39.82 -38.56
CA GLN XB 102 -94.06 41.16 -39.09
C GLN XB 102 -94.92 42.03 -38.17
N VAL XB 103 -96.01 41.48 -37.65
CA VAL XB 103 -96.86 42.25 -36.76
C VAL XB 103 -96.12 42.57 -35.46
N LYS XB 104 -95.34 41.62 -34.95
CA LYS XB 104 -94.53 41.88 -33.75
C LYS XB 104 -93.48 42.95 -33.98
N THR XB 105 -92.82 42.95 -35.14
CA THR XB 105 -91.83 43.97 -35.45
C THR XB 105 -92.46 45.34 -35.64
N PHE XB 106 -93.62 45.41 -36.30
CA PHE XB 106 -94.26 46.68 -36.57
C PHE XB 106 -95.10 47.21 -35.43
N ASN XB 107 -95.37 46.38 -34.40
CA ASN XB 107 -96.23 46.75 -33.28
C ASN XB 107 -97.61 47.18 -33.75
N GLU XB 108 -98.05 46.66 -34.89
CA GLU XB 108 -99.37 46.97 -35.44
C GLU XB 108 -99.80 45.82 -36.32
N ALA XB 109 -101.11 45.55 -36.33
CA ALA XB 109 -101.69 44.48 -37.14
C ALA XB 109 -102.49 45.13 -38.27
N CYS XB 110 -101.83 45.33 -39.40
CA CYS XB 110 -102.45 45.92 -40.57
C CYS XB 110 -102.67 44.83 -41.61
N LEU XB 111 -103.93 44.54 -41.91
CA LEU XB 111 -104.31 43.51 -42.86
C LEU XB 111 -104.96 44.16 -44.07
N MET XB 112 -104.60 43.68 -45.26
CA MET XB 112 -105.11 44.24 -46.51
C MET XB 112 -106.13 43.29 -47.12
N VAL XB 113 -107.30 43.82 -47.46
CA VAL XB 113 -108.35 43.03 -48.09
C VAL XB 113 -108.00 42.81 -49.55
N ARG XB 114 -108.45 41.67 -50.08
CA ARG XB 114 -108.18 41.29 -51.46
C ARG XB 114 -109.49 40.86 -52.14
N LYS XB 115 -109.40 40.59 -53.44
CA LYS XB 115 -110.57 40.13 -54.18
C LYS XB 115 -111.18 38.85 -53.59
N PRO XB 116 -110.41 37.80 -53.31
CA PRO XB 116 -111.03 36.61 -52.68
C PRO XB 116 -111.66 36.89 -51.34
N ALA XB 117 -111.03 37.72 -50.50
CA ALA XB 117 -111.62 38.02 -49.19
C ALA XB 117 -112.94 38.78 -49.35
N LEU XB 118 -112.97 39.76 -50.25
CA LEU XB 118 -114.21 40.49 -50.48
C LEU XB 118 -115.30 39.59 -51.05
N GLU XB 119 -114.95 38.73 -52.00
CA GLU XB 119 -115.95 37.82 -52.58
C GLU XB 119 -116.45 36.82 -51.55
N LEU XB 120 -115.60 36.39 -50.64
CA LEU XB 120 -116.03 35.44 -49.61
C LEU XB 120 -116.93 36.11 -48.58
N LEU XB 121 -116.58 37.33 -48.14
CA LEU XB 121 -117.45 38.03 -47.21
C LEU XB 121 -118.77 38.42 -47.86
N HIS XB 122 -118.78 38.64 -49.18
CA HIS XB 122 -120.03 38.88 -49.88
C HIS XB 122 -120.97 37.69 -49.77
N TYR XB 123 -120.44 36.47 -49.94
CA TYR XB 123 -121.26 35.27 -49.76
C TYR XB 123 -121.67 35.09 -48.31
N LEU XB 124 -120.75 35.34 -47.37
CA LEU XB 124 -121.08 35.19 -45.95
C LEU XB 124 -122.17 36.15 -45.52
N LYS XB 125 -122.21 37.35 -46.11
CA LYS XB 125 -123.26 38.30 -45.80
C LYS XB 125 -124.63 37.83 -46.26
N ASN XB 126 -124.69 36.97 -47.28
CA ASN XB 126 -125.94 36.46 -47.83
C ASN XB 126 -126.20 35.02 -47.43
N THR XB 127 -125.34 34.45 -46.59
CA THR XB 127 -125.55 33.09 -46.09
C THR XB 127 -126.83 32.98 -45.29
N ASN XB 128 -127.50 31.84 -45.43
CA ASN XB 128 -128.74 31.55 -44.73
C ASN XB 128 -128.51 30.39 -43.77
N PHE XB 129 -128.91 30.57 -42.51
CA PHE XB 129 -128.68 29.54 -41.50
C PHE XB 129 -129.62 28.36 -41.68
N ALA XB 130 -130.80 28.59 -42.26
CA ALA XB 130 -131.72 27.49 -42.53
C ALA XB 130 -131.11 26.48 -43.51
N HIS XB 131 -130.44 26.96 -44.54
CA HIS XB 131 -129.76 26.08 -45.47
C HIS XB 131 -128.56 25.41 -44.77
N PRO XB 132 -128.15 24.24 -45.25
CA PRO XB 132 -127.00 23.56 -44.63
C PRO XB 132 -125.72 24.34 -44.85
N ALA XB 133 -124.68 23.94 -44.12
CA ALA XB 133 -123.40 24.62 -44.20
C ALA XB 133 -122.83 24.55 -45.60
N VAL XB 134 -122.32 25.68 -46.08
CA VAL XB 134 -121.76 25.80 -47.42
C VAL XB 134 -120.24 25.76 -47.31
N ARG XB 135 -119.60 25.07 -48.25
CA ARG XB 135 -118.15 24.94 -48.28
C ARG XB 135 -117.55 25.90 -49.29
N TYR XB 136 -116.52 26.63 -48.84
CA TYR XB 136 -115.78 27.55 -49.69
C TYR XB 136 -114.30 27.22 -49.58
N VAL XB 137 -113.70 26.82 -50.70
CA VAL XB 137 -112.31 26.38 -50.72
C VAL XB 137 -111.47 27.47 -51.37
N LEU XB 138 -110.53 28.02 -50.59
CA LEU XB 138 -109.57 29.01 -51.07
C LEU XB 138 -108.34 28.27 -51.57
N TYR XB 139 -108.08 28.34 -52.87
CA TYR XB 139 -106.94 27.67 -53.47
C TYR XB 139 -106.11 28.65 -54.28
N GLY XB 140 -104.82 28.37 -54.35
CA GLY XB 140 -103.89 29.21 -55.07
C GLY XB 140 -102.49 28.64 -54.96
N GLU XB 141 -101.54 29.37 -55.54
CA GLU XB 141 -100.15 28.95 -55.51
C GLU XB 141 -99.56 29.19 -54.13
N LYS XB 142 -98.30 28.79 -53.95
CA LYS XB 142 -97.63 28.96 -52.67
C LYS XB 142 -97.40 30.45 -52.38
N GLY XB 143 -97.75 30.88 -51.18
CA GLY XB 143 -97.55 32.26 -50.79
C GLY XB 143 -98.34 33.25 -51.61
N THR XB 144 -99.62 32.98 -51.84
CA THR XB 144 -100.48 33.85 -52.64
C THR XB 144 -101.52 34.60 -51.83
N GLY XB 145 -101.70 34.28 -50.55
CA GLY XB 145 -102.67 34.99 -49.73
C GLY XB 145 -103.87 34.15 -49.33
N LYS XB 146 -103.64 32.86 -49.04
CA LYS XB 146 -104.71 31.98 -48.62
C LYS XB 146 -104.97 32.09 -47.12
N THR XB 147 -103.91 31.89 -46.32
CA THR XB 147 -104.06 31.94 -44.86
C THR XB 147 -104.43 33.35 -44.40
N LEU XB 148 -103.92 34.38 -45.08
CA LEU XB 148 -104.26 35.74 -44.70
C LEU XB 148 -105.73 36.05 -44.95
N SER XB 149 -106.26 35.61 -46.10
CA SER XB 149 -107.68 35.77 -46.36
C SER XB 149 -108.51 34.97 -45.38
N LEU XB 150 -108.06 33.76 -45.03
CA LEU XB 150 -108.75 32.97 -44.01
C LEU XB 150 -108.78 33.70 -42.67
N CYS XB 151 -107.65 34.32 -42.28
CA CYS XB 151 -107.62 35.08 -41.04
C CYS XB 151 -108.51 36.31 -41.10
N HIS XB 152 -108.60 36.95 -42.27
CA HIS XB 152 -109.53 38.07 -42.42
C HIS XB 152 -110.97 37.63 -42.22
N ILE XB 153 -111.34 36.49 -42.82
CA ILE XB 153 -112.69 35.94 -42.63
C ILE XB 153 -112.92 35.59 -41.16
N LEU XB 154 -111.90 35.00 -40.52
CA LEU XB 154 -112.01 34.65 -39.10
C LEU XB 154 -112.21 35.89 -38.24
N HIS XB 155 -111.48 36.96 -38.52
CA HIS XB 155 -111.66 38.21 -37.79
C HIS XB 155 -113.04 38.81 -38.00
N PHE XB 156 -113.55 38.78 -39.24
CA PHE XB 156 -114.89 39.26 -39.49
C PHE XB 156 -115.93 38.47 -38.70
N CYS XB 157 -115.82 37.15 -38.71
CA CYS XB 157 -116.79 36.34 -37.98
C CYS XB 157 -116.65 36.52 -36.47
N ALA XB 158 -115.42 36.70 -35.98
CA ALA XB 158 -115.21 36.96 -34.56
C ALA XB 158 -115.84 38.28 -34.15
N LYS XB 159 -115.71 39.33 -34.97
CA LYS XB 159 -116.39 40.58 -34.66
C LYS XB 159 -117.90 40.46 -34.80
N GLN XB 160 -118.38 39.56 -35.66
CA GLN XB 160 -119.80 39.26 -35.77
C GLN XB 160 -120.27 38.26 -34.73
N ASN XB 161 -119.39 37.83 -33.83
CA ASN XB 161 -119.72 36.98 -32.69
C ASN XB 161 -120.22 35.61 -33.16
N TRP XB 162 -119.32 34.89 -33.82
CA TRP XB 162 -119.56 33.52 -34.27
C TRP XB 162 -118.80 32.53 -33.39
N LEU XB 163 -119.19 31.26 -33.48
CA LEU XB 163 -118.49 30.16 -32.83
C LEU XB 163 -117.41 29.68 -33.80
N ILE XB 164 -116.16 30.00 -33.47
CA ILE XB 164 -115.04 29.75 -34.38
C ILE XB 164 -114.43 28.39 -34.04
N LEU XB 165 -114.24 27.57 -35.07
CA LEU XB 165 -113.54 26.28 -34.95
C LEU XB 165 -112.38 26.33 -35.95
N HIS XB 166 -111.24 26.83 -35.50
CA HIS XB 166 -110.09 27.08 -36.37
C HIS XB 166 -108.97 26.10 -36.09
N ILE XB 167 -108.52 25.44 -37.15
CA ILE XB 167 -107.38 24.54 -37.10
C ILE XB 167 -106.23 25.18 -37.87
N PRO XB 168 -105.14 25.57 -37.19
CA PRO XB 168 -104.06 26.31 -37.89
C PRO XB 168 -103.42 25.51 -39.01
N ASP XB 169 -103.31 24.20 -38.86
CA ASP XB 169 -102.71 23.35 -39.89
C ASP XB 169 -103.09 21.91 -39.59
N ALA XB 170 -103.77 21.26 -40.55
CA ALA XB 170 -104.15 19.87 -40.36
C ALA XB 170 -102.99 18.92 -40.63
N HIS XB 171 -101.92 19.40 -41.28
CA HIS XB 171 -100.77 18.54 -41.52
C HIS XB 171 -100.01 18.25 -40.23
N ILE XB 172 -100.08 19.14 -39.25
CA ILE XB 172 -99.46 18.89 -37.96
C ILE XB 172 -100.08 17.67 -37.29
N TRP XB 173 -101.39 17.50 -37.44
CA TRP XB 173 -102.09 16.36 -36.86
C TRP XB 173 -101.76 15.04 -37.53
N VAL XB 174 -101.13 15.06 -38.71
CA VAL XB 174 -100.81 13.83 -39.43
C VAL XB 174 -99.31 13.59 -39.55
N LYS XB 175 -98.46 14.57 -39.27
CA LYS XB 175 -97.03 14.39 -39.38
C LYS XB 175 -96.35 14.84 -38.10
N ASN XB 176 -95.20 14.22 -37.80
CA ASN XB 176 -94.34 14.60 -36.70
C ASN XB 176 -95.09 14.57 -35.36
N CYS XB 177 -95.54 13.38 -34.99
CA CYS XB 177 -96.17 13.15 -33.70
C CYS XB 177 -95.20 12.40 -32.79
N ARG XB 178 -95.02 12.92 -31.58
CA ARG XB 178 -94.03 12.36 -30.67
C ARG XB 178 -94.57 11.12 -29.97
N ASP XB 179 -95.70 11.23 -29.29
CA ASP XB 179 -96.29 10.13 -28.56
C ASP XB 179 -97.52 9.62 -29.30
N LEU XB 180 -97.51 8.34 -29.65
CA LEU XB 180 -98.61 7.68 -30.35
C LEU XB 180 -99.07 6.50 -29.51
N LEU XB 181 -100.29 6.59 -28.97
CA LEU XB 181 -100.87 5.53 -28.18
C LEU XB 181 -101.98 4.83 -28.96
N GLN XB 182 -102.49 3.75 -28.36
CA GLN XB 182 -103.55 2.95 -28.97
C GLN XB 182 -104.86 3.18 -28.23
N SER XB 183 -105.97 3.08 -28.95
CA SER XB 183 -107.31 3.19 -28.39
C SER XB 183 -108.18 2.15 -29.09
N ASN XB 184 -108.37 1.00 -28.42
CA ASN XB 184 -109.25 -0.04 -28.95
C ASN XB 184 -110.72 0.32 -28.77
N TYR XB 185 -111.05 1.13 -27.77
CA TYR XB 185 -112.43 1.56 -27.57
C TYR XB 185 -112.90 2.55 -28.63
N ASN XB 186 -111.99 3.12 -29.42
CA ASN XB 186 -112.34 3.95 -30.55
C ASN XB 186 -112.20 3.21 -31.87
N LYS XB 187 -112.45 1.89 -31.86
CA LYS XB 187 -112.35 1.03 -33.04
C LYS XB 187 -110.91 1.02 -33.58
N GLN XB 188 -109.97 0.71 -32.68
CA GLN XB 188 -108.56 0.56 -33.02
C GLN XB 188 -108.02 1.80 -33.73
N ARG XB 189 -107.96 2.90 -32.99
CA ARG XB 189 -107.46 4.16 -33.54
C ARG XB 189 -106.31 4.69 -32.70
N PHE XB 190 -105.39 5.40 -33.36
CA PHE XB 190 -104.29 6.04 -32.66
C PHE XB 190 -104.66 7.47 -32.31
N ASP XB 191 -103.98 8.01 -31.30
CA ASP XB 191 -104.29 9.32 -30.75
C ASP XB 191 -103.03 10.14 -30.57
N GLN XB 192 -103.20 11.45 -30.53
CA GLN XB 192 -102.10 12.41 -30.35
C GLN XB 192 -102.47 13.33 -29.19
N PRO XB 193 -102.15 12.92 -27.96
CA PRO XB 193 -102.54 13.76 -26.80
C PRO XB 193 -101.93 15.14 -26.81
N LEU XB 194 -100.69 15.29 -27.28
CA LEU XB 194 -100.06 16.61 -27.30
C LEU XB 194 -100.80 17.54 -28.24
N GLU XB 195 -101.08 17.07 -29.46
CA GLU XB 195 -101.82 17.88 -30.43
C GLU XB 195 -103.24 18.16 -29.97
N ALA XB 196 -103.87 17.21 -29.28
CA ALA XB 196 -105.20 17.45 -28.74
C ALA XB 196 -105.19 18.52 -27.64
N SER XB 197 -104.23 18.45 -26.73
CA SER XB 197 -104.17 19.43 -25.65
C SER XB 197 -103.82 20.82 -26.17
N THR XB 198 -102.88 20.90 -27.12
CA THR XB 198 -102.50 22.20 -27.66
C THR XB 198 -103.68 22.88 -28.36
N TRP XB 199 -104.45 22.12 -29.14
CA TRP XB 199 -105.62 22.69 -29.80
C TRP XB 199 -106.68 23.15 -28.81
N LEU XB 200 -106.93 22.36 -27.75
CA LEU XB 200 -107.90 22.76 -26.73
C LEU XB 200 -107.45 24.01 -25.98
N LYS XB 201 -106.14 24.15 -25.75
CA LYS XB 201 -105.65 25.36 -25.09
C LYS XB 201 -106.00 26.62 -25.87
N ASN XB 202 -105.86 26.58 -27.19
CA ASN XB 202 -106.25 27.72 -28.01
C ASN XB 202 -107.77 27.85 -28.15
N PHE XB 203 -108.48 26.72 -28.22
CA PHE XB 203 -109.93 26.75 -28.36
C PHE XB 203 -110.61 27.37 -27.15
N LYS XB 204 -110.10 27.12 -25.94
CA LYS XB 204 -110.69 27.72 -24.75
C LYS XB 204 -110.60 29.24 -24.81
N THR XB 205 -109.44 29.77 -25.22
CA THR XB 205 -109.26 31.21 -25.32
C THR XB 205 -109.94 31.80 -26.55
N ALA XB 206 -110.28 30.97 -27.54
CA ALA XB 206 -110.93 31.49 -28.75
C ALA XB 206 -112.23 32.22 -28.42
N ASN XB 207 -113.21 31.51 -27.86
CA ASN XB 207 -114.51 32.08 -27.52
C ASN XB 207 -114.88 31.59 -26.12
N GLU XB 208 -114.80 32.49 -25.14
CA GLU XB 208 -115.15 32.18 -23.77
C GLU XB 208 -116.61 32.51 -23.44
N HIS XB 209 -117.35 33.06 -24.41
CA HIS XB 209 -118.74 33.43 -24.18
C HIS XB 209 -119.71 32.27 -24.34
N PHE XB 210 -119.35 31.27 -25.16
CA PHE XB 210 -120.24 30.16 -25.44
C PHE XB 210 -119.94 28.91 -24.62
N LEU XB 211 -118.70 28.73 -24.18
CA LEU XB 211 -118.36 27.54 -23.39
C LEU XB 211 -119.06 27.54 -22.04
N SER XB 212 -119.39 28.72 -21.50
CA SER XB 212 -120.08 28.82 -20.23
C SER XB 212 -121.59 28.86 -20.37
N GLN XB 213 -122.11 28.95 -21.59
CA GLN XB 213 -123.54 28.99 -21.84
C GLN XB 213 -124.08 27.70 -22.44
N ILE XB 214 -123.31 27.04 -23.29
CA ILE XB 214 -123.75 25.82 -23.94
C ILE XB 214 -123.63 24.66 -22.95
N LYS XB 215 -124.73 23.93 -22.77
CA LYS XB 215 -124.76 22.80 -21.85
C LYS XB 215 -124.69 21.49 -22.63
N VAL XB 216 -123.88 20.56 -22.14
CA VAL XB 216 -123.70 19.26 -22.79
C VAL XB 216 -124.88 18.37 -22.42
N GLN XB 217 -125.32 17.57 -23.40
CA GLN XB 217 -126.44 16.65 -23.21
C GLN XB 217 -126.02 15.26 -23.71
N GLU XB 218 -125.32 14.53 -22.85
CA GLU XB 218 -124.90 13.15 -23.12
C GLU XB 218 -124.17 12.59 -21.90
N LYS XB 219 -124.18 11.27 -21.74
CA LYS XB 219 -123.51 10.60 -20.63
C LYS XB 219 -122.15 10.13 -21.11
N TYR XB 220 -121.13 11.00 -20.94
CA TYR XB 220 -119.78 10.68 -21.35
C TYR XB 220 -119.01 10.07 -20.18
N VAL XB 221 -118.25 9.01 -20.48
CA VAL XB 221 -117.44 8.32 -19.50
C VAL XB 221 -115.98 8.30 -19.98
N TRP XB 222 -115.08 8.77 -19.13
CA TRP XB 222 -113.65 8.73 -19.47
C TRP XB 222 -112.99 7.49 -18.88
N ASN XB 223 -113.07 7.33 -17.57
CA ASN XB 223 -112.57 6.13 -16.89
C ASN XB 223 -113.67 5.59 -16.00
N LYS XB 224 -113.35 4.55 -15.22
CA LYS XB 224 -114.34 3.91 -14.38
C LYS XB 224 -114.57 4.67 -13.08
N ARG XB 225 -113.81 5.72 -12.80
CA ARG XB 225 -113.93 6.48 -11.56
C ARG XB 225 -114.49 7.88 -11.73
N GLU XB 226 -114.27 8.52 -12.88
CA GLU XB 226 -114.71 9.89 -13.11
C GLU XB 226 -115.51 9.99 -14.40
N SER XB 227 -116.61 10.73 -14.35
CA SER XB 227 -117.45 10.96 -15.52
C SER XB 227 -118.27 12.21 -15.29
N THR XB 228 -118.82 12.73 -16.39
CA THR XB 228 -119.67 13.92 -16.35
C THR XB 228 -121.05 13.57 -16.90
N GLU XB 229 -122.08 14.07 -16.24
CA GLU XB 229 -123.46 13.80 -16.59
C GLU XB 229 -124.02 14.96 -17.42
N LYS XB 230 -125.32 14.90 -17.71
CA LYS XB 230 -125.97 15.95 -18.47
C LYS XB 230 -126.09 17.24 -17.65
N GLY XB 231 -126.30 18.34 -18.35
CA GLY XB 231 -126.46 19.64 -17.72
C GLY XB 231 -125.18 20.39 -17.45
N ARG XB 232 -124.03 19.78 -17.69
CA ARG XB 232 -122.76 20.47 -17.46
C ARG XB 232 -122.48 21.46 -18.58
N PRO XB 233 -121.81 22.57 -18.27
CA PRO XB 233 -121.47 23.54 -19.31
C PRO XB 233 -120.37 23.00 -20.21
N LEU XB 234 -120.25 23.63 -21.38
CA LEU XB 234 -119.22 23.27 -22.34
C LEU XB 234 -117.82 23.66 -21.88
N GLY XB 235 -117.71 24.54 -20.89
CA GLY XB 235 -116.40 24.98 -20.43
C GLY XB 235 -115.65 23.97 -19.61
N GLU XB 236 -116.35 22.98 -19.04
CA GLU XB 236 -115.69 22.02 -18.17
C GLU XB 236 -115.16 20.81 -18.92
N VAL XB 237 -115.79 20.40 -20.02
CA VAL XB 237 -115.31 19.25 -20.76
C VAL XB 237 -113.95 19.53 -21.41
N VAL XB 238 -113.75 20.74 -21.92
CA VAL XB 238 -112.44 21.08 -22.47
C VAL XB 238 -111.39 21.17 -21.38
N GLU XB 239 -111.75 21.72 -20.21
CA GLU XB 239 -110.83 21.77 -19.09
C GLU XB 239 -110.44 20.39 -18.58
N GLN XB 240 -111.36 19.43 -18.58
CA GLN XB 240 -111.03 18.07 -18.20
C GLN XB 240 -109.99 17.46 -19.14
N GLY XB 241 -110.16 17.63 -20.45
CA GLY XB 241 -109.18 17.14 -21.41
C GLY XB 241 -107.84 17.86 -21.29
N ILE XB 242 -107.89 19.15 -20.97
CA ILE XB 242 -106.64 19.90 -20.79
C ILE XB 242 -105.88 19.38 -19.58
N MET XB 243 -106.59 19.16 -18.46
CA MET XB 243 -105.91 18.72 -17.24
C MET XB 243 -105.52 17.25 -17.31
N ARG XB 244 -106.20 16.45 -18.13
CA ARG XB 244 -105.87 15.05 -18.32
C ARG XB 244 -105.55 14.86 -19.80
N VAL XB 245 -104.27 15.03 -20.14
CA VAL XB 245 -103.87 14.93 -21.54
C VAL XB 245 -104.08 13.54 -22.10
N ARG XB 246 -104.09 12.50 -21.25
CA ARG XB 246 -104.37 11.16 -21.71
C ARG XB 246 -105.77 11.03 -22.30
N ASN XB 247 -106.71 11.87 -21.85
CA ASN XB 247 -108.07 11.87 -22.38
C ASN XB 247 -108.37 13.13 -23.18
N ALA XB 248 -107.35 13.89 -23.58
CA ALA XB 248 -107.57 15.09 -24.36
C ALA XB 248 -108.14 14.78 -25.74
N THR XB 249 -107.66 13.71 -26.39
CA THR XB 249 -108.22 13.32 -27.67
C THR XB 249 -109.69 12.91 -27.55
N ASP XB 250 -110.03 12.15 -26.50
CA ASP XB 250 -111.42 11.80 -26.27
C ASP XB 250 -112.27 13.04 -26.00
N ALA XB 251 -111.76 13.99 -25.23
CA ALA XB 251 -112.52 15.20 -24.94
C ALA XB 251 -112.75 16.03 -26.21
N VAL XB 252 -111.72 16.18 -27.04
CA VAL XB 252 -111.90 16.97 -28.25
C VAL XB 252 -112.83 16.25 -29.24
N GLY XB 253 -112.73 14.93 -29.36
CA GLY XB 253 -113.71 14.20 -30.15
C GLY XB 253 -115.12 14.33 -29.63
N ILE XB 254 -115.30 14.28 -28.31
CA ILE XB 254 -116.62 14.43 -27.72
C ILE XB 254 -117.21 15.79 -28.03
N VAL XB 255 -116.42 16.85 -27.85
CA VAL XB 255 -116.95 18.18 -28.10
C VAL XB 255 -117.22 18.39 -29.59
N LEU XB 256 -116.36 17.86 -30.46
CA LEU XB 256 -116.61 17.96 -31.89
C LEU XB 256 -117.89 17.23 -32.28
N LYS XB 257 -118.12 16.04 -31.72
CA LYS XB 257 -119.34 15.30 -32.02
C LYS XB 257 -120.58 16.01 -31.51
N GLU XB 258 -120.51 16.61 -30.32
CA GLU XB 258 -121.67 17.28 -29.74
C GLU XB 258 -121.96 18.62 -30.41
N LEU XB 259 -120.94 19.27 -30.98
CA LEU XB 259 -121.18 20.51 -31.71
C LEU XB 259 -122.09 20.30 -32.91
N LYS XB 260 -121.93 19.20 -33.63
CA LYS XB 260 -122.83 18.91 -34.75
C LYS XB 260 -124.27 18.76 -34.29
N ARG XB 261 -124.50 18.06 -33.19
CA ARG XB 261 -125.85 17.87 -32.66
C ARG XB 261 -126.45 19.20 -32.22
N GLN XB 262 -125.68 20.01 -31.50
CA GLN XB 262 -126.24 21.22 -30.90
C GLN XB 262 -126.19 22.43 -31.82
N SER XB 263 -125.57 22.33 -33.00
CA SER XB 263 -125.48 23.48 -33.89
C SER XB 263 -126.80 23.83 -34.55
N SER XB 264 -127.80 22.96 -34.45
CA SER XB 264 -129.10 23.23 -35.08
C SER XB 264 -129.87 24.34 -34.38
N LEU XB 265 -129.48 24.72 -33.17
CA LEU XB 265 -130.19 25.74 -32.43
C LEU XB 265 -129.90 27.13 -33.00
N GLY XB 266 -130.71 28.10 -32.60
CA GLY XB 266 -130.58 29.45 -33.07
C GLY XB 266 -129.50 30.28 -32.41
N ILE XB 267 -128.86 29.76 -31.36
CA ILE XB 267 -127.77 30.45 -30.69
C ILE XB 267 -126.41 30.07 -31.24
N PHE XB 268 -126.37 29.25 -32.29
CA PHE XB 268 -125.13 28.77 -32.88
C PHE XB 268 -124.92 29.43 -34.24
N HIS XB 269 -123.72 29.99 -34.43
CA HIS XB 269 -123.29 30.57 -35.70
C HIS XB 269 -121.92 29.96 -35.95
N LEU XB 270 -121.89 28.73 -36.47
CA LEU XB 270 -120.64 27.98 -36.57
C LEU XB 270 -119.84 28.40 -37.79
N LEU XB 271 -118.56 28.70 -37.57
CA LEU XB 271 -117.63 28.92 -38.67
C LEU XB 271 -116.47 27.95 -38.46
N VAL XB 272 -116.40 26.91 -39.28
CA VAL XB 272 -115.31 25.95 -39.23
C VAL XB 272 -114.30 26.30 -40.31
N ALA XB 273 -113.02 26.33 -39.93
CA ALA XB 273 -111.94 26.79 -40.80
C ALA XB 273 -110.67 26.00 -40.45
N VAL XB 274 -110.36 25.00 -41.26
CA VAL XB 274 -109.14 24.21 -41.10
C VAL XB 274 -108.19 24.59 -42.22
N ASP XB 275 -106.90 24.68 -41.91
CA ASP XB 275 -105.89 24.96 -42.92
C ASP XB 275 -105.19 23.66 -43.30
N GLY XB 276 -105.18 23.36 -44.60
CA GLY XB 276 -104.60 22.12 -45.08
C GLY XB 276 -105.56 20.95 -44.99
N VAL XB 277 -106.77 21.13 -45.52
CA VAL XB 277 -107.80 20.10 -45.44
C VAL XB 277 -107.40 18.85 -46.23
N ASN XB 278 -106.49 18.99 -47.19
CA ASN XB 278 -106.05 17.84 -47.99
C ASN XB 278 -105.36 16.77 -47.16
N ALA XB 279 -104.77 17.14 -46.02
CA ALA XB 279 -104.11 16.17 -45.16
C ALA XB 279 -105.09 15.15 -44.57
N LEU XB 280 -106.38 15.47 -44.52
CA LEU XB 280 -107.35 14.50 -44.00
C LEU XB 280 -107.44 13.27 -44.89
N TRP XB 281 -107.43 13.46 -46.21
CA TRP XB 281 -107.52 12.36 -47.16
C TRP XB 281 -106.18 12.04 -47.81
N GLY XB 282 -105.11 12.71 -47.40
CA GLY XB 282 -103.80 12.43 -47.94
C GLY XB 282 -103.16 11.18 -47.35
N ARG XB 283 -101.86 11.24 -47.11
CA ARG XB 283 -101.11 10.13 -46.54
C ARG XB 283 -100.49 10.54 -45.21
N THR XB 284 -100.24 9.55 -44.36
CA THR XB 284 -99.66 9.77 -43.04
C THR XB 284 -98.29 9.12 -42.97
N THR XB 285 -97.29 9.90 -42.57
CA THR XB 285 -95.94 9.39 -42.41
C THR XB 285 -95.73 8.64 -41.10
N LEU XB 286 -96.67 8.74 -40.16
CA LEU XB 286 -96.54 8.04 -38.89
C LEU XB 286 -96.65 6.53 -39.11
N LYS XB 287 -95.85 5.77 -38.38
CA LYS XB 287 -95.81 4.32 -38.50
C LYS XB 287 -95.97 3.68 -37.14
N ARG XB 288 -96.44 2.43 -37.15
CA ARG XB 288 -96.67 1.69 -35.92
C ARG XB 288 -95.33 1.18 -35.38
N GLU XB 289 -95.39 0.34 -34.33
CA GLU XB 289 -94.20 -0.28 -33.80
C GLU XB 289 -93.56 -1.23 -34.81
N ASP XB 290 -94.36 -1.85 -35.67
CA ASP XB 290 -93.88 -2.76 -36.70
C ASP XB 290 -93.48 -2.03 -37.97
N LYS XB 291 -93.18 -0.73 -37.89
CA LYS XB 291 -92.71 0.07 -39.02
C LYS XB 291 -93.69 0.05 -40.19
N SER XB 292 -95.00 0.12 -39.90
CA SER XB 292 -96.00 0.16 -40.95
C SER XB 292 -96.84 1.43 -40.84
N PRO XB 293 -97.02 2.14 -41.95
CA PRO XB 293 -97.77 3.40 -41.90
C PRO XB 293 -99.24 3.18 -41.53
N ILE XB 294 -99.81 4.19 -40.90
CA ILE XB 294 -101.20 4.17 -40.47
C ILE XB 294 -102.04 4.98 -41.44
N ALA XB 295 -103.22 4.46 -41.76
CA ALA XB 295 -104.14 5.17 -42.62
C ALA XB 295 -104.67 6.42 -41.89
N PRO XB 296 -105.01 7.47 -42.64
CA PRO XB 296 -105.55 8.68 -42.00
C PRO XB 296 -106.83 8.44 -41.22
N GLU XB 297 -107.66 7.48 -41.64
CA GLU XB 297 -108.88 7.18 -40.91
C GLU XB 297 -108.62 6.49 -39.57
N GLU XB 298 -107.38 6.02 -39.34
CA GLU XB 298 -107.03 5.34 -38.10
C GLU XB 298 -106.58 6.30 -37.01
N LEU XB 299 -106.86 7.59 -37.17
CA LEU XB 299 -106.49 8.61 -36.19
C LEU XB 299 -107.75 9.19 -35.56
N ALA XB 300 -107.73 9.32 -34.24
CA ALA XB 300 -108.89 9.86 -33.52
C ALA XB 300 -109.15 11.30 -33.89
N LEU XB 301 -108.10 12.12 -34.04
CA LEU XB 301 -108.27 13.51 -34.40
C LEU XB 301 -108.70 13.71 -35.84
N ILE XB 302 -108.40 12.76 -36.72
CA ILE XB 302 -108.73 12.89 -38.13
C ILE XB 302 -110.12 12.34 -38.43
N HIS XB 303 -110.44 11.15 -37.90
CA HIS XB 303 -111.74 10.55 -38.16
C HIS XB 303 -112.88 11.41 -37.62
N ASN XB 304 -112.71 11.94 -36.41
CA ASN XB 304 -113.73 12.79 -35.82
C ASN XB 304 -113.84 14.14 -36.52
N LEU XB 305 -112.73 14.67 -37.03
CA LEU XB 305 -112.77 15.89 -37.82
C LEU XB 305 -113.41 15.69 -39.18
N ARG XB 306 -113.31 14.49 -39.74
CA ARG XB 306 -113.96 14.19 -41.02
C ARG XB 306 -115.48 14.39 -40.95
N LYS XB 307 -116.09 14.16 -39.79
CA LYS XB 307 -117.52 14.38 -39.63
C LYS XB 307 -117.88 15.86 -39.59
N MET XB 308 -116.92 16.73 -39.30
CA MET XB 308 -117.18 18.16 -39.17
C MET XB 308 -117.28 18.88 -40.52
N VAL XB 309 -116.96 18.20 -41.62
CA VAL XB 309 -117.01 18.84 -42.94
C VAL XB 309 -118.21 18.39 -43.75
N LYS XB 310 -118.91 17.33 -43.34
CA LYS XB 310 -120.00 16.78 -44.13
C LYS XB 310 -121.22 17.70 -44.22
N ASN XB 311 -121.21 18.81 -43.50
CA ASN XB 311 -122.29 19.81 -43.50
C ASN XB 311 -123.66 19.16 -43.40
N ASP XB 312 -123.78 18.23 -42.45
CA ASP XB 312 -125.07 17.60 -42.16
C ASP XB 312 -125.94 18.44 -41.23
N TRP XB 313 -125.42 19.53 -40.68
CA TRP XB 313 -126.15 20.38 -39.77
C TRP XB 313 -126.62 21.64 -40.50
N GLN XB 314 -127.21 22.56 -39.73
CA GLN XB 314 -127.73 23.81 -40.27
C GLN XB 314 -127.15 24.98 -39.50
N GLY XB 315 -127.00 26.10 -40.20
CA GLY XB 315 -126.51 27.32 -39.58
C GLY XB 315 -125.01 27.43 -39.47
N GLY XB 316 -124.25 26.70 -40.31
CA GLY XB 316 -122.80 26.73 -40.26
C GLY XB 316 -122.20 27.19 -41.59
N ALA XB 317 -120.89 27.40 -41.55
CA ALA XB 317 -120.13 27.78 -42.74
C ALA XB 317 -118.77 27.10 -42.68
N ILE XB 318 -118.43 26.35 -43.73
CA ILE XB 318 -117.16 25.63 -43.80
C ILE XB 318 -116.28 26.37 -44.79
N VAL XB 319 -115.10 26.78 -44.34
CA VAL XB 319 -114.11 27.40 -45.22
C VAL XB 319 -112.83 26.60 -45.12
N LEU XB 320 -112.37 26.10 -46.26
CA LEU XB 320 -111.21 25.23 -46.34
C LEU XB 320 -110.09 25.93 -47.09
N THR XB 321 -108.86 25.59 -46.73
CA THR XB 321 -107.67 26.16 -47.36
C THR XB 321 -106.70 25.01 -47.63
N VAL XB 322 -106.73 24.51 -48.86
CA VAL XB 322 -105.83 23.43 -49.24
C VAL XB 322 -104.41 23.97 -49.31
N SER XB 323 -103.49 23.29 -48.64
CA SER XB 323 -102.11 23.75 -48.50
C SER XB 323 -101.16 22.79 -49.20
N GLN XB 324 -100.01 23.33 -49.61
CA GLN XB 324 -98.98 22.55 -50.27
C GLN XB 324 -97.69 22.59 -49.45
N THR XB 325 -97.45 23.70 -48.76
CA THR XB 325 -96.21 23.86 -48.00
C THR XB 325 -96.09 22.79 -46.92
N GLY XB 326 -97.21 22.36 -46.35
CA GLY XB 326 -97.23 21.27 -45.40
C GLY XB 326 -97.72 19.94 -45.95
N SER XB 327 -97.92 19.83 -47.26
CA SER XB 327 -98.47 18.62 -47.84
C SER XB 327 -97.46 17.47 -47.76
N LEU XB 328 -97.99 16.25 -47.83
CA LEU XB 328 -97.20 15.03 -47.76
C LEU XB 328 -97.35 14.25 -49.07
N PHE XB 329 -96.22 13.76 -49.58
CA PHE XB 329 -96.20 12.95 -50.80
C PHE XB 329 -96.81 13.68 -51.99
N LYS XB 330 -96.54 14.98 -52.08
CA LYS XB 330 -97.08 15.79 -53.17
C LYS XB 330 -95.99 16.72 -53.70
N PRO XB 331 -95.92 16.90 -55.02
CA PRO XB 331 -94.91 17.79 -55.59
C PRO XB 331 -95.16 19.25 -55.22
N ARG XB 332 -94.07 20.02 -55.20
CA ARG XB 332 -94.17 21.43 -54.81
C ARG XB 332 -94.93 22.24 -55.84
N ASN XB 333 -95.01 21.77 -57.08
CA ASN XB 333 -95.70 22.46 -58.14
C ASN XB 333 -97.19 22.14 -58.20
N ALA XB 334 -97.67 21.27 -57.32
CA ALA XB 334 -99.07 20.86 -57.32
C ALA XB 334 -99.88 21.83 -56.47
N TYR XB 335 -100.85 22.51 -57.09
CA TYR XB 335 -101.75 23.40 -56.38
C TYR XB 335 -103.20 23.24 -56.80
N LEU XB 336 -103.50 22.34 -57.73
CA LEU XB 336 -104.87 22.12 -58.16
C LEU XB 336 -105.65 21.36 -57.09
N PRO XB 337 -106.83 21.86 -56.70
CA PRO XB 337 -107.56 21.20 -55.61
C PRO XB 337 -107.90 19.75 -55.89
N GLN XB 338 -108.24 19.40 -57.13
CA GLN XB 338 -108.61 18.03 -57.44
C GLN XB 338 -107.45 17.07 -57.21
N GLU XB 339 -106.27 17.40 -57.74
CA GLU XB 339 -105.11 16.54 -57.56
C GLU XB 339 -104.58 16.59 -56.13
N LEU XB 340 -104.79 17.69 -55.41
CA LEU XB 340 -104.35 17.76 -54.02
C LEU XB 340 -105.26 16.95 -53.10
N LEU XB 341 -106.56 16.89 -53.38
CA LEU XB 341 -107.47 16.11 -52.54
C LEU XB 341 -107.49 14.64 -52.95
N GLY XB 342 -107.23 14.35 -54.22
CA GLY XB 342 -107.24 12.99 -54.70
C GLY XB 342 -108.63 12.47 -55.00
N LYS XB 343 -108.66 11.27 -55.57
CA LYS XB 343 -109.94 10.63 -55.88
C LYS XB 343 -110.73 10.31 -54.62
N GLU XB 344 -110.04 9.83 -53.57
CA GLU XB 344 -110.73 9.46 -52.33
C GLU XB 344 -111.30 10.69 -51.62
N GLY XB 345 -110.68 11.85 -51.79
CA GLY XB 345 -111.12 13.04 -51.09
C GLY XB 345 -112.14 13.87 -51.84
N PHE XB 346 -111.88 14.14 -53.12
CA PHE XB 346 -112.71 15.08 -53.87
C PHE XB 346 -114.14 14.57 -54.03
N ASP XB 347 -114.31 13.26 -54.23
CA ASP XB 347 -115.65 12.72 -54.47
C ASP XB 347 -116.57 12.88 -53.27
N ALA XB 348 -116.02 13.00 -52.07
CA ALA XB 348 -116.80 13.18 -50.84
C ALA XB 348 -116.63 14.59 -50.29
N LEU XB 349 -116.54 15.59 -51.16
CA LEU XB 349 -116.30 16.96 -50.76
C LEU XB 349 -117.55 17.82 -50.77
N ASP XB 350 -118.73 17.26 -51.10
CA ASP XB 350 -119.99 17.99 -51.06
C ASP XB 350 -119.88 19.30 -51.83
N PRO XB 351 -119.98 19.25 -53.19
CA PRO XB 351 -119.40 20.30 -54.05
C PRO XB 351 -119.42 21.72 -53.50
N PHE XB 352 -118.25 22.32 -53.47
CA PHE XB 352 -117.97 23.58 -52.79
C PHE XB 352 -117.91 24.71 -53.81
N ILE XB 353 -117.50 25.89 -53.33
CA ILE XB 353 -117.21 27.01 -54.22
C ILE XB 353 -115.69 27.17 -54.30
N PRO XB 354 -115.06 26.73 -55.39
CA PRO XB 354 -113.60 26.82 -55.49
C PRO XB 354 -113.12 28.23 -55.83
N ILE XB 355 -112.98 29.08 -54.82
CA ILE XB 355 -112.60 30.47 -55.05
C ILE XB 355 -111.09 30.56 -55.11
N LEU XB 356 -110.58 31.14 -56.19
CA LEU XB 356 -109.15 31.22 -56.46
C LEU XB 356 -108.56 32.52 -55.91
N VAL XB 357 -107.36 32.42 -55.36
CA VAL XB 357 -106.59 33.59 -54.93
C VAL XB 357 -105.45 33.78 -55.92
N SER XB 358 -105.30 35.01 -56.42
CA SER XB 358 -104.33 35.32 -57.45
C SER XB 358 -103.18 36.15 -56.87
N ASN XB 359 -102.25 36.52 -57.75
CA ASN XB 359 -101.10 37.32 -57.36
C ASN XB 359 -101.51 38.78 -57.23
N TYR XB 360 -100.56 39.63 -56.86
CA TYR XB 360 -100.84 41.05 -56.67
C TYR XB 360 -101.15 41.74 -57.99
N ASN XB 361 -102.18 42.58 -57.98
CA ASN XB 361 -102.53 43.41 -59.11
C ASN XB 361 -101.55 44.56 -59.25
N PRO XB 362 -101.52 45.23 -60.40
CA PRO XB 362 -100.68 46.43 -60.53
C PRO XB 362 -101.01 47.49 -59.49
N LYS XB 363 -102.28 47.62 -59.11
CA LYS XB 363 -102.66 48.53 -58.05
C LYS XB 363 -102.34 48.00 -56.66
N GLU XB 364 -102.41 46.68 -56.45
CA GLU XB 364 -102.10 46.11 -55.14
C GLU XB 364 -100.61 46.15 -54.83
N PHE XB 365 -99.77 45.94 -55.84
CA PHE XB 365 -98.33 45.95 -55.61
C PHE XB 365 -97.85 47.32 -55.13
N GLU XB 366 -98.32 48.39 -55.77
CA GLU XB 366 -97.94 49.73 -55.37
C GLU XB 366 -98.42 50.04 -53.95
N SER XB 367 -99.65 49.67 -53.61
CA SER XB 367 -100.15 49.87 -52.26
C SER XB 367 -99.35 49.09 -51.23
N CYS XB 368 -99.00 47.85 -51.53
CA CYS XB 368 -98.19 47.06 -50.60
C CYS XB 368 -96.81 47.67 -50.41
N ILE XB 369 -96.19 48.16 -51.48
CA ILE XB 369 -94.89 48.79 -51.35
C ILE XB 369 -94.99 50.08 -50.54
N GLN XB 370 -96.03 50.87 -50.80
CA GLN XB 370 -96.21 52.11 -50.04
C GLN XB 370 -96.48 51.85 -48.57
N TYR XB 371 -97.19 50.75 -48.25
CA TYR XB 371 -97.39 50.39 -46.85
C TYR XB 371 -96.07 50.13 -46.14
N TYR XB 372 -95.15 49.40 -46.78
CA TYR XB 372 -93.82 49.21 -46.20
C TYR XB 372 -93.04 50.52 -46.13
N LEU XB 373 -93.19 51.38 -47.13
CA LEU XB 373 -92.51 52.67 -47.12
C LEU XB 373 -92.97 53.53 -45.94
N GLU XB 374 -94.26 53.50 -45.62
CA GLU XB 374 -94.77 54.32 -44.52
C GLU XB 374 -94.13 53.93 -43.19
N ASN XB 375 -94.00 52.63 -42.95
CA ASN XB 375 -93.36 52.14 -41.73
C ASN XB 375 -91.85 52.01 -41.86
N ASN XB 376 -91.29 52.38 -43.02
CA ASN XB 376 -89.84 52.40 -43.23
C ASN XB 376 -89.24 51.00 -43.12
N TRP XB 377 -89.92 50.03 -43.73
CA TRP XB 377 -89.39 48.67 -43.80
C TRP XB 377 -88.29 48.55 -44.85
N LEU XB 378 -88.44 49.27 -45.96
CA LEU XB 378 -87.42 49.27 -47.02
C LEU XB 378 -86.35 50.28 -46.66
N GLN XB 379 -85.27 49.82 -46.03
CA GLN XB 379 -84.19 50.69 -45.60
C GLN XB 379 -83.14 50.93 -46.69
N HIS XB 380 -83.27 50.29 -47.84
CA HIS XB 380 -82.33 50.50 -48.92
C HIS XB 380 -82.50 51.90 -49.51
N GLU XB 381 -81.37 52.55 -49.80
CA GLU XB 381 -81.41 53.92 -50.31
C GLU XB 381 -82.09 53.98 -51.68
N LYS XB 382 -81.78 53.02 -52.55
CA LYS XB 382 -82.32 53.02 -53.90
C LYS XB 382 -83.70 52.37 -53.99
N ALA XB 383 -84.25 51.89 -52.88
CA ALA XB 383 -85.57 51.30 -52.88
C ALA XB 383 -86.69 52.33 -52.90
N HIS XB 384 -86.37 53.61 -52.73
CA HIS XB 384 -87.37 54.66 -52.70
C HIS XB 384 -87.74 55.20 -54.08
N THR XB 385 -87.02 54.80 -55.13
CA THR XB 385 -87.31 55.27 -56.47
C THR XB 385 -88.10 54.21 -57.25
N GLU XB 386 -88.54 54.60 -58.44
CA GLU XB 386 -89.33 53.70 -59.27
C GLU XB 386 -88.51 52.56 -59.86
N GLU XB 387 -87.21 52.76 -60.06
CA GLU XB 387 -86.37 51.69 -60.59
C GLU XB 387 -86.31 50.51 -59.61
N GLY XB 388 -86.16 50.79 -58.31
CA GLY XB 388 -86.21 49.74 -57.32
C GLY XB 388 -87.54 49.02 -57.26
N LYS XB 389 -88.65 49.76 -57.39
CA LYS XB 389 -89.95 49.12 -57.44
C LYS XB 389 -90.10 48.21 -58.66
N LYS XB 390 -89.61 48.65 -59.82
CA LYS XB 390 -89.63 47.79 -61.00
C LYS XB 390 -88.78 46.54 -60.80
N GLU XB 391 -87.59 46.69 -60.20
CA GLU XB 391 -86.74 45.54 -59.94
C GLU XB 391 -87.43 44.56 -58.98
N LEU XB 392 -88.05 45.09 -57.92
CA LEU XB 392 -88.78 44.22 -57.00
C LEU XB 392 -89.95 43.52 -57.67
N LEU XB 393 -90.69 44.23 -58.52
CA LEU XB 393 -91.80 43.62 -59.24
C LEU XB 393 -91.32 42.48 -60.12
N PHE XB 394 -90.25 42.71 -60.89
CA PHE XB 394 -89.74 41.66 -61.76
C PHE XB 394 -89.19 40.48 -60.96
N LEU XB 395 -88.51 40.75 -59.85
CA LEU XB 395 -87.88 39.68 -59.08
C LEU XB 395 -88.92 38.83 -58.36
N SER XB 396 -89.94 39.46 -57.77
CA SER XB 396 -90.94 38.73 -57.00
C SER XB 396 -92.12 38.24 -57.83
N ASN XB 397 -92.23 38.68 -59.09
CA ASN XB 397 -93.36 38.33 -59.95
C ASN XB 397 -94.67 38.70 -59.27
N ARG XB 398 -94.69 39.89 -58.64
CA ARG XB 398 -95.83 40.42 -57.88
C ARG XB 398 -96.55 39.34 -57.09
N ASN XB 399 -95.78 38.64 -56.25
CA ASN XB 399 -96.31 37.62 -55.35
C ASN XB 399 -96.11 38.06 -53.91
N PRO XB 400 -97.14 37.96 -53.06
CA PRO XB 400 -96.98 38.43 -51.68
C PRO XB 400 -95.99 37.62 -50.87
N GLY XB 401 -96.01 36.29 -50.98
CA GLY XB 401 -95.06 35.48 -50.23
C GLY XB 401 -93.63 35.73 -50.64
N GLN XB 402 -93.38 35.94 -51.94
CA GLN XB 402 -92.04 36.27 -52.40
C GLN XB 402 -91.63 37.68 -52.01
N LEU XB 403 -92.57 38.64 -52.04
CA LEU XB 403 -92.25 40.00 -51.60
C LEU XB 403 -91.89 40.04 -50.13
N GLU XB 404 -92.59 39.24 -49.31
CA GLU XB 404 -92.28 39.22 -47.88
C GLU XB 404 -90.86 38.74 -47.62
N ARG XB 405 -90.40 37.74 -48.36
CA ARG XB 405 -89.02 37.27 -48.22
C ARG XB 405 -88.01 38.25 -48.81
N LEU XB 406 -88.35 38.88 -49.94
CA LEU XB 406 -87.40 39.77 -50.60
C LEU XB 406 -87.20 41.07 -49.84
N CYS XB 407 -88.25 41.62 -49.22
CA CYS XB 407 -88.15 42.87 -48.50
C CYS XB 407 -87.52 42.71 -47.12
N ALA XB 408 -87.29 41.47 -46.67
CA ALA XB 408 -86.71 41.26 -45.34
C ALA XB 408 -85.26 41.75 -45.28
N TYR XB 409 -84.48 41.49 -46.32
CA TYR XB 409 -83.06 41.83 -46.33
C TYR XB 409 -82.75 43.06 -47.17
N LEU XB 410 -83.78 43.82 -47.56
CA LEU XB 410 -83.56 45.05 -48.32
C LEU XB 410 -83.70 46.27 -47.43
N SER YB 268 -76.06 -43.02 -113.82
CA SER YB 268 -75.24 -43.68 -114.82
C SER YB 268 -73.90 -42.98 -114.99
N LEU YB 269 -72.84 -43.78 -115.15
CA LEU YB 269 -71.50 -43.22 -115.32
C LEU YB 269 -71.35 -42.49 -116.64
N TRP YB 270 -72.01 -42.96 -117.70
CA TRP YB 270 -71.90 -42.32 -119.00
C TRP YB 270 -72.52 -40.93 -119.02
N ASP YB 271 -73.59 -40.71 -118.27
CA ASP YB 271 -74.15 -39.36 -118.15
C ASP YB 271 -73.15 -38.39 -117.54
N ILE YB 272 -72.47 -38.80 -116.48
CA ILE YB 272 -71.44 -37.94 -115.89
C ILE YB 272 -70.27 -37.75 -116.83
N GLU YB 273 -69.90 -38.80 -117.58
CA GLU YB 273 -68.82 -38.69 -118.54
C GLU YB 273 -69.15 -37.70 -119.65
N PHE YB 274 -70.39 -37.68 -120.12
CA PHE YB 274 -70.79 -36.68 -121.10
C PHE YB 274 -70.97 -35.29 -120.51
N ALA YB 275 -71.35 -35.21 -119.23
CA ALA YB 275 -71.52 -33.92 -118.58
C ALA YB 275 -70.20 -33.24 -118.29
N LYS YB 276 -69.17 -34.01 -117.93
CA LYS YB 276 -67.86 -33.40 -117.68
C LYS YB 276 -67.23 -32.83 -118.94
N GLN YB 277 -67.48 -33.47 -120.10
CA GLN YB 277 -67.02 -32.91 -121.36
C GLN YB 277 -67.68 -31.57 -121.64
N LEU YB 278 -68.98 -31.46 -121.37
CA LEU YB 278 -69.68 -30.19 -121.51
C LEU YB 278 -69.14 -29.14 -120.54
N ALA YB 279 -68.87 -29.57 -119.29
CA ALA YB 279 -68.35 -28.65 -118.29
C ALA YB 279 -66.96 -28.13 -118.66
N ALA YB 280 -66.14 -28.98 -119.28
CA ALA YB 280 -64.82 -28.54 -119.71
C ALA YB 280 -64.90 -27.44 -120.77
N VAL YB 281 -65.83 -27.58 -121.71
CA VAL YB 281 -66.02 -26.56 -122.75
C VAL YB 281 -66.61 -25.29 -122.17
N THR YB 282 -67.61 -25.41 -121.29
CA THR YB 282 -68.25 -24.23 -120.72
C THR YB 282 -67.30 -23.47 -119.79
N GLU YB 283 -66.43 -24.19 -119.08
CA GLU YB 283 -65.50 -23.54 -118.16
C GLU YB 283 -64.41 -22.80 -118.92
N ARG YB 284 -64.17 -21.57 -118.53
CA ARG YB 284 -63.15 -20.73 -119.14
C ARG YB 284 -62.52 -19.87 -118.04
N PRO YB 285 -61.28 -19.42 -118.24
CA PRO YB 285 -60.69 -18.47 -117.30
C PRO YB 285 -61.54 -17.20 -117.22
N PHE YB 286 -61.66 -16.67 -116.01
CA PHE YB 286 -62.49 -15.49 -115.79
C PHE YB 286 -61.90 -14.27 -116.47
N GLN YB 287 -62.75 -13.51 -117.16
CA GLN YB 287 -62.33 -12.28 -117.81
C GLN YB 287 -62.75 -11.02 -117.03
N ASN YB 288 -63.77 -11.13 -116.17
CA ASN YB 288 -64.24 -9.98 -115.40
C ASN YB 288 -64.55 -10.42 -113.97
N GLY YB 289 -64.37 -9.49 -113.03
CA GLY YB 289 -64.80 -9.72 -111.68
C GLY YB 289 -66.29 -9.94 -111.56
N PHE YB 290 -67.08 -9.35 -112.45
CA PHE YB 290 -68.51 -9.64 -112.48
C PHE YB 290 -68.77 -11.11 -112.77
N GLU YB 291 -68.06 -11.68 -113.74
CA GLU YB 291 -68.16 -13.12 -113.98
C GLU YB 291 -67.64 -13.93 -112.80
N GLU YB 292 -66.56 -13.47 -112.16
CA GLU YB 292 -66.08 -14.13 -110.95
C GLU YB 292 -67.17 -14.18 -109.89
N MET YB 293 -67.82 -13.04 -109.62
CA MET YB 293 -68.88 -12.99 -108.62
C MET YB 293 -70.09 -13.82 -109.03
N ILE YB 294 -70.45 -13.83 -110.31
CA ILE YB 294 -71.57 -14.64 -110.77
C ILE YB 294 -71.30 -16.12 -110.52
N GLN YB 295 -70.10 -16.58 -110.91
CA GLN YB 295 -69.77 -17.99 -110.74
C GLN YB 295 -69.71 -18.36 -109.25
N TRP YB 296 -69.11 -17.50 -108.43
CA TRP YB 296 -69.03 -17.79 -107.00
C TRP YB 296 -70.41 -17.78 -106.35
N THR YB 297 -71.30 -16.87 -106.77
CA THR YB 297 -72.66 -16.86 -106.25
C THR YB 297 -73.41 -18.12 -106.64
N LYS YB 298 -73.26 -18.57 -107.89
CA LYS YB 298 -73.92 -19.80 -108.31
C LYS YB 298 -73.36 -21.02 -107.58
N GLU YB 299 -72.06 -21.01 -107.27
CA GLU YB 299 -71.49 -22.12 -106.51
C GLU YB 299 -71.88 -22.07 -105.05
N GLY YB 300 -72.19 -20.88 -104.52
CA GLY YB 300 -72.58 -20.71 -103.14
C GLY YB 300 -71.58 -20.00 -102.27
N LYS YB 301 -70.40 -19.66 -102.79
CA LYS YB 301 -69.41 -18.94 -101.99
C LYS YB 301 -69.89 -17.54 -101.64
N LEU YB 302 -70.37 -16.80 -102.64
CA LEU YB 302 -70.84 -15.44 -102.40
C LEU YB 302 -72.21 -15.45 -101.71
N TRP YB 303 -72.44 -14.44 -100.90
CA TRP YB 303 -73.72 -14.29 -100.21
C TRP YB 303 -74.83 -14.00 -101.22
N GLU YB 304 -76.05 -14.43 -100.87
CA GLU YB 304 -77.22 -14.20 -101.71
C GLU YB 304 -77.70 -12.78 -101.47
N PHE YB 305 -77.49 -11.90 -102.44
CA PHE YB 305 -77.94 -10.53 -102.29
C PHE YB 305 -79.35 -10.37 -102.83
N PRO YB 306 -80.23 -9.63 -102.13
CA PRO YB 306 -79.94 -8.90 -100.89
C PRO YB 306 -79.80 -9.84 -99.70
N ILE YB 307 -78.86 -9.54 -98.81
CA ILE YB 307 -78.51 -10.46 -97.74
C ILE YB 307 -79.63 -10.50 -96.72
N ASN YB 308 -80.02 -11.72 -96.33
CA ASN YB 308 -81.01 -11.94 -95.28
C ASN YB 308 -80.37 -12.81 -94.21
N ASN YB 309 -80.51 -12.40 -92.95
CA ASN YB 309 -79.85 -13.07 -91.84
C ASN YB 309 -80.45 -14.44 -91.53
N GLU YB 310 -81.45 -14.88 -92.29
CA GLU YB 310 -82.07 -16.19 -92.08
C GLU YB 310 -81.87 -17.11 -93.28
N ALA YB 311 -81.00 -16.73 -94.22
CA ALA YB 311 -80.77 -17.52 -95.41
C ALA YB 311 -80.05 -18.82 -95.05
N GLY YB 312 -80.55 -19.94 -95.54
CA GLY YB 312 -79.98 -21.23 -95.28
C GLY YB 312 -80.47 -21.92 -94.02
N PHE YB 313 -81.28 -21.23 -93.21
CA PHE YB 313 -81.82 -21.80 -91.98
C PHE YB 313 -83.34 -21.73 -92.07
N ASP YB 314 -83.99 -22.89 -91.92
CA ASP YB 314 -85.44 -22.98 -91.98
C ASP YB 314 -86.09 -23.50 -90.71
N ASP YB 315 -85.28 -23.87 -89.70
CA ASP YB 315 -85.80 -24.40 -88.43
C ASP YB 315 -86.72 -25.60 -88.66
N ASP YB 316 -86.30 -26.48 -89.57
CA ASP YB 316 -87.03 -27.70 -89.92
C ASP YB 316 -88.43 -27.38 -90.45
N GLY YB 317 -88.61 -26.18 -91.00
CA GLY YB 317 -89.89 -25.81 -91.57
C GLY YB 317 -91.00 -25.61 -90.56
N SER YB 318 -90.65 -25.37 -89.30
CA SER YB 318 -91.66 -25.18 -88.27
C SER YB 318 -92.22 -23.75 -88.32
N GLU YB 319 -93.32 -23.55 -87.61
CA GLU YB 319 -93.98 -22.25 -87.54
C GLU YB 319 -94.10 -21.82 -86.08
N PHE YB 320 -94.81 -20.71 -85.85
CA PHE YB 320 -94.90 -20.16 -84.50
C PHE YB 320 -95.70 -21.06 -83.57
N HIS YB 321 -96.60 -21.88 -84.11
CA HIS YB 321 -97.41 -22.75 -83.26
C HIS YB 321 -96.67 -24.00 -82.81
N GLU YB 322 -95.55 -24.34 -83.44
CA GLU YB 322 -94.69 -25.39 -82.94
C GLU YB 322 -93.78 -24.93 -81.80
N HIS YB 323 -93.64 -23.62 -81.62
CA HIS YB 323 -92.79 -23.06 -80.59
C HIS YB 323 -93.57 -22.49 -79.41
N ILE YB 324 -94.55 -21.62 -79.67
CA ILE YB 324 -95.28 -20.97 -78.59
C ILE YB 324 -96.16 -21.98 -77.85
N PHE YB 325 -96.89 -22.80 -78.58
CA PHE YB 325 -97.86 -23.73 -77.99
C PHE YB 325 -97.17 -25.06 -77.71
N LEU YB 326 -96.98 -25.37 -76.42
CA LEU YB 326 -96.41 -26.62 -76.00
C LEU YB 326 -97.28 -27.36 -74.98
N ASP YB 327 -98.49 -26.87 -74.73
CA ASP YB 327 -99.39 -27.51 -73.77
C ASP YB 327 -99.83 -28.89 -74.23
N LYS YB 328 -99.78 -29.17 -75.53
CA LYS YB 328 -100.15 -30.47 -76.05
C LYS YB 328 -99.21 -31.58 -75.61
N TYR YB 329 -98.02 -31.23 -75.09
CA TYR YB 329 -97.06 -32.20 -74.61
C TYR YB 329 -97.18 -32.45 -73.11
N LEU YB 330 -98.12 -31.80 -72.43
CA LEU YB 330 -98.29 -31.94 -70.99
C LEU YB 330 -99.44 -32.87 -70.62
N GLN YB 331 -99.91 -33.68 -71.57
CA GLN YB 331 -101.02 -34.58 -71.30
C GLN YB 331 -100.63 -35.70 -70.34
N ASP YB 332 -99.38 -36.15 -70.37
CA ASP YB 332 -98.91 -37.24 -69.51
C ASP YB 332 -98.36 -36.68 -68.20
N PHE YB 333 -99.19 -35.87 -67.55
CA PHE YB 333 -98.85 -35.24 -66.27
C PHE YB 333 -100.13 -35.01 -65.50
N PRO YB 334 -100.07 -34.99 -64.16
CA PRO YB 334 -101.28 -34.67 -63.38
C PRO YB 334 -101.74 -33.25 -63.65
N LYS YB 335 -103.04 -33.10 -63.93
CA LYS YB 335 -103.57 -31.80 -64.33
C LYS YB 335 -103.73 -30.84 -63.16
N GLN YB 336 -104.05 -31.35 -61.96
CA GLN YB 336 -104.31 -30.51 -60.81
C GLN YB 336 -103.15 -30.44 -59.82
N GLY YB 337 -102.13 -31.27 -59.99
CA GLY YB 337 -101.04 -31.31 -59.04
C GLY YB 337 -100.04 -30.21 -59.27
N PRO YB 338 -99.03 -30.17 -58.40
CA PRO YB 338 -97.95 -29.17 -58.56
C PRO YB 338 -97.11 -29.40 -59.81
N ILE YB 339 -97.20 -30.56 -60.45
CA ILE YB 339 -96.45 -30.81 -61.68
C ILE YB 339 -96.88 -29.84 -62.77
N ARG YB 340 -98.19 -29.58 -62.89
CA ARG YB 340 -98.66 -28.60 -63.85
C ARG YB 340 -98.12 -27.21 -63.55
N HIS YB 341 -98.12 -26.81 -62.27
CA HIS YB 341 -97.60 -25.50 -61.89
C HIS YB 341 -96.12 -25.38 -62.24
N PHE YB 342 -95.36 -26.44 -62.01
CA PHE YB 342 -93.94 -26.42 -62.35
C PHE YB 342 -93.70 -26.41 -63.87
N MET YB 343 -94.46 -27.21 -64.61
CA MET YB 343 -94.20 -27.39 -66.04
C MET YB 343 -94.73 -26.23 -66.88
N GLU YB 344 -95.75 -25.50 -66.41
CA GLU YB 344 -96.20 -24.35 -67.17
C GLU YB 344 -95.10 -23.29 -67.29
N LEU YB 345 -94.29 -23.11 -66.24
CA LEU YB 345 -93.18 -22.18 -66.31
C LEU YB 345 -92.13 -22.62 -67.31
N VAL YB 346 -91.79 -23.91 -67.34
CA VAL YB 346 -90.77 -24.36 -68.29
C VAL YB 346 -91.30 -24.29 -69.72
N THR YB 347 -92.58 -24.58 -69.92
CA THR YB 347 -93.17 -24.40 -71.26
C THR YB 347 -93.18 -22.93 -71.68
N CYS YB 348 -93.50 -22.02 -70.76
CA CYS YB 348 -93.45 -20.60 -71.08
C CYS YB 348 -92.03 -20.16 -71.42
N GLY YB 349 -91.04 -20.66 -70.68
CA GLY YB 349 -89.66 -20.35 -70.99
C GLY YB 349 -89.24 -20.86 -72.35
N LEU YB 350 -89.60 -22.11 -72.66
CA LEU YB 350 -89.26 -22.67 -73.97
C LEU YB 350 -89.95 -21.91 -75.10
N SER YB 351 -91.19 -21.45 -74.87
CA SER YB 351 -91.89 -20.70 -75.90
C SER YB 351 -91.20 -19.37 -76.20
N LYS YB 352 -90.68 -18.70 -75.19
CA LYS YB 352 -90.00 -17.42 -75.36
C LYS YB 352 -88.53 -17.61 -75.73
N ASN YB 353 -88.02 -18.84 -75.63
CA ASN YB 353 -86.65 -19.15 -76.02
C ASN YB 353 -86.56 -19.26 -77.54
N PRO YB 354 -85.78 -18.40 -78.21
CA PRO YB 354 -85.59 -18.56 -79.65
C PRO YB 354 -84.35 -19.34 -80.03
N TYR YB 355 -83.48 -19.66 -79.06
CA TYR YB 355 -82.23 -20.34 -79.34
C TYR YB 355 -82.36 -21.86 -79.40
N LEU YB 356 -83.51 -22.41 -78.98
CA LEU YB 356 -83.75 -23.84 -79.02
C LEU YB 356 -84.79 -24.17 -80.09
N SER YB 357 -84.70 -25.39 -80.63
CA SER YB 357 -85.62 -25.81 -81.67
C SER YB 357 -86.79 -26.57 -81.04
N VAL YB 358 -87.83 -26.80 -81.86
CA VAL YB 358 -89.01 -27.52 -81.38
C VAL YB 358 -88.64 -28.95 -80.98
N LYS YB 359 -87.77 -29.60 -81.75
CA LYS YB 359 -87.31 -30.94 -81.36
C LYS YB 359 -86.47 -30.89 -80.09
N GLN YB 360 -85.67 -29.84 -79.93
CA GLN YB 360 -84.85 -29.72 -78.72
C GLN YB 360 -85.71 -29.55 -77.47
N LYS YB 361 -86.78 -28.76 -77.55
CA LYS YB 361 -87.68 -28.64 -76.42
C LYS YB 361 -88.38 -29.96 -76.10
N VAL YB 362 -88.63 -30.78 -77.12
CA VAL YB 362 -89.23 -32.10 -76.91
C VAL YB 362 -88.30 -32.95 -76.05
N GLU YB 363 -86.99 -32.83 -76.26
CA GLU YB 363 -86.05 -33.55 -75.40
C GLU YB 363 -86.13 -33.14 -73.95
N HIS YB 364 -86.24 -31.84 -73.67
CA HIS YB 364 -86.35 -31.38 -72.28
C HIS YB 364 -87.64 -31.88 -71.64
N ILE YB 365 -88.77 -31.75 -72.34
CA ILE YB 365 -90.02 -32.17 -71.73
C ILE YB 365 -90.07 -33.69 -71.55
N GLU YB 366 -89.50 -34.44 -72.50
CA GLU YB 366 -89.45 -35.88 -72.35
C GLU YB 366 -88.51 -36.29 -71.22
N TRP YB 367 -87.40 -35.56 -71.03
CA TRP YB 367 -86.53 -35.84 -69.89
C TRP YB 367 -87.25 -35.61 -68.58
N PHE YB 368 -88.02 -34.53 -68.49
CA PHE YB 368 -88.84 -34.31 -67.30
C PHE YB 368 -89.87 -35.41 -67.08
N ARG YB 369 -90.55 -35.84 -68.15
CA ARG YB 369 -91.50 -36.95 -68.04
C ARG YB 369 -90.83 -38.20 -67.53
N ASN YB 370 -89.67 -38.56 -68.08
CA ASN YB 370 -88.93 -39.74 -67.66
C ASN YB 370 -88.47 -39.64 -66.22
N TYR YB 371 -87.93 -38.48 -65.82
CA TYR YB 371 -87.43 -38.33 -64.46
C TYR YB 371 -88.54 -38.42 -63.44
N PHE YB 372 -89.66 -37.74 -63.69
CA PHE YB 372 -90.78 -37.78 -62.75
C PHE YB 372 -91.37 -39.19 -62.64
N ASN YB 373 -91.51 -39.87 -63.77
CA ASN YB 373 -92.05 -41.23 -63.77
C ASN YB 373 -91.05 -42.25 -63.24
N GLU YB 374 -89.76 -41.92 -63.20
CA GLU YB 374 -88.77 -42.81 -62.61
C GLU YB 374 -88.71 -42.65 -61.10
N LYS YB 375 -88.75 -41.42 -60.61
CA LYS YB 375 -88.73 -41.17 -59.16
C LYS YB 375 -90.16 -41.25 -58.63
N ARG YB 376 -90.59 -42.49 -58.37
CA ARG YB 376 -91.97 -42.72 -57.92
C ARG YB 376 -92.11 -42.75 -56.41
N VAL YB 377 -91.11 -43.25 -55.69
CA VAL YB 377 -91.22 -43.36 -54.23
C VAL YB 377 -91.27 -41.98 -53.58
N ILE YB 378 -90.47 -41.04 -54.06
CA ILE YB 378 -90.42 -39.71 -53.44
C ILE YB 378 -91.74 -38.97 -53.62
N LEU YB 379 -92.34 -39.04 -54.81
CA LEU YB 379 -93.60 -38.33 -55.03
C LEU YB 379 -94.73 -38.93 -54.19
N LYS YB 380 -94.72 -40.24 -53.97
CA LYS YB 380 -95.70 -40.85 -53.09
C LYS YB 380 -95.45 -40.51 -51.63
N GLU YB 381 -94.20 -40.46 -51.20
CA GLU YB 381 -93.86 -40.12 -49.82
C GLU YB 381 -94.07 -38.65 -49.51
N SER YB 382 -94.08 -37.79 -50.52
CA SER YB 382 -94.27 -36.36 -50.30
C SER YB 382 -95.63 -36.01 -49.74
N GLY YB 383 -96.60 -36.92 -49.80
CA GLY YB 383 -97.93 -36.70 -49.27
C GLY YB 383 -98.94 -36.22 -50.30
N ILE YB 384 -98.49 -35.79 -51.48
CA ILE YB 384 -99.36 -35.35 -52.54
C ILE YB 384 -99.41 -36.42 -53.63
N GLN YB 385 -100.62 -36.78 -54.04
CA GLN YB 385 -100.79 -37.81 -55.06
C GLN YB 385 -100.38 -37.27 -56.43
N LEU YB 386 -99.54 -38.02 -57.13
CA LEU YB 386 -99.03 -37.61 -58.43
C LEU YB 386 -98.95 -38.82 -59.35
N ASN YB 387 -99.10 -38.58 -60.64
CA ASN YB 387 -99.06 -39.66 -61.62
C ASN YB 387 -98.00 -39.39 -62.69
N LEU ZB 4 -106.73 -2.21 -56.91
CA LEU ZB 4 -106.74 -3.65 -57.11
C LEU ZB 4 -108.14 -4.21 -56.91
N SER ZB 5 -108.68 -4.84 -57.95
CA SER ZB 5 -110.02 -5.42 -57.91
C SER ZB 5 -110.03 -6.75 -58.64
N GLU ZB 6 -111.10 -7.51 -58.42
CA GLU ZB 6 -111.23 -8.81 -59.08
C GLU ZB 6 -111.29 -8.66 -60.60
N TYR ZB 7 -111.95 -7.60 -61.09
CA TYR ZB 7 -111.97 -7.33 -62.51
C TYR ZB 7 -110.58 -7.09 -63.07
N ALA ZB 8 -109.75 -6.30 -62.39
CA ALA ZB 8 -108.37 -6.08 -62.85
C ALA ZB 8 -107.55 -7.35 -62.77
N VAL ZB 9 -107.75 -8.16 -61.73
CA VAL ZB 9 -107.03 -9.42 -61.62
C VAL ZB 9 -107.38 -10.34 -62.78
N ARG ZB 10 -108.67 -10.45 -63.11
CA ARG ZB 10 -109.09 -11.27 -64.24
C ARG ZB 10 -108.54 -10.73 -65.56
N MET ZB 11 -108.56 -9.40 -65.72
CA MET ZB 11 -108.01 -8.81 -66.94
C MET ZB 11 -106.54 -9.13 -67.10
N SER ZB 12 -105.76 -9.00 -66.02
CA SER ZB 12 -104.33 -9.32 -66.09
C SER ZB 12 -104.10 -10.80 -66.34
N ARG ZB 13 -104.89 -11.67 -65.70
CA ARG ZB 13 -104.75 -13.11 -65.90
C ARG ZB 13 -105.04 -13.49 -67.35
N LEU ZB 14 -106.07 -12.91 -67.94
CA LEU ZB 14 -106.39 -13.20 -69.33
C LEU ZB 14 -105.36 -12.60 -70.28
N SER ZB 15 -104.84 -11.41 -69.97
CA SER ZB 15 -103.80 -10.82 -70.79
C SER ZB 15 -102.54 -11.67 -70.79
N ALA ZB 16 -102.13 -12.17 -69.63
CA ALA ZB 16 -100.99 -13.08 -69.57
C ALA ZB 16 -101.23 -14.36 -70.36
N ARG ZB 17 -102.44 -14.92 -70.26
CA ARG ZB 17 -102.75 -16.13 -71.01
C ARG ZB 17 -102.67 -15.90 -72.51
N LEU ZB 18 -103.21 -14.77 -72.99
CA LEU ZB 18 -103.18 -14.51 -74.42
C LEU ZB 18 -101.80 -14.13 -74.91
N PHE ZB 19 -100.98 -13.49 -74.06
CA PHE ZB 19 -99.62 -13.14 -74.47
C PHE ZB 19 -98.64 -14.27 -74.24
N GLY ZB 20 -99.07 -15.36 -73.61
CA GLY ZB 20 -98.20 -16.49 -73.37
C GLY ZB 20 -97.37 -16.41 -72.11
N GLU ZB 21 -97.65 -15.45 -71.23
CA GLU ZB 21 -96.91 -15.27 -69.99
C GLU ZB 21 -97.41 -16.28 -68.96
N VAL ZB 22 -96.94 -16.14 -67.71
CA VAL ZB 22 -97.39 -17.04 -66.65
C VAL ZB 22 -98.81 -16.66 -66.24
N ALA ZB 23 -99.68 -17.66 -66.18
CA ALA ZB 23 -101.09 -17.40 -65.92
C ALA ZB 23 -101.36 -17.20 -64.42
N ARG ZB 24 -101.11 -18.24 -63.62
CA ARG ZB 24 -101.36 -18.13 -62.20
C ARG ZB 24 -100.25 -17.33 -61.52
N PRO ZB 25 -100.56 -16.65 -60.41
CA PRO ZB 25 -99.51 -15.90 -59.70
C PRO ZB 25 -98.44 -16.83 -59.16
N THR ZB 26 -97.19 -16.41 -59.28
CA THR ZB 26 -96.05 -17.18 -58.82
C THR ZB 26 -95.03 -16.26 -58.16
N ASP ZB 27 -94.20 -16.84 -57.30
CA ASP ZB 27 -93.23 -16.04 -56.55
C ASP ZB 27 -91.99 -15.76 -57.40
N SER ZB 28 -91.27 -14.71 -57.00
CA SER ZB 28 -90.08 -14.30 -57.75
C SER ZB 28 -88.99 -15.37 -57.69
N LYS ZB 29 -88.83 -16.03 -56.55
CA LYS ZB 29 -87.81 -17.06 -56.45
C LYS ZB 29 -88.10 -18.25 -57.36
N SER ZB 30 -89.39 -18.60 -57.52
CA SER ZB 30 -89.77 -19.63 -58.48
C SER ZB 30 -89.76 -19.12 -59.91
N MET ZB 31 -89.78 -17.80 -60.12
CA MET ZB 31 -89.69 -17.25 -61.48
C MET ZB 31 -88.33 -17.47 -62.12
N LYS ZB 32 -87.32 -17.91 -61.36
CA LYS ZB 32 -86.00 -18.10 -61.92
C LYS ZB 32 -85.99 -19.23 -62.95
N VAL ZB 33 -86.81 -20.26 -62.74
CA VAL ZB 33 -86.87 -21.37 -63.68
C VAL ZB 33 -87.38 -20.91 -65.05
N VAL ZB 34 -88.18 -19.85 -65.08
CA VAL ZB 34 -88.62 -19.31 -66.37
C VAL ZB 34 -87.45 -18.75 -67.14
N LYS ZB 35 -86.62 -17.93 -66.49
CA LYS ZB 35 -85.42 -17.40 -67.14
C LYS ZB 35 -84.40 -18.48 -67.44
N LEU ZB 36 -84.42 -19.59 -66.68
CA LEU ZB 36 -83.50 -20.68 -66.95
C LEU ZB 36 -83.70 -21.26 -68.34
N PHE ZB 37 -84.94 -21.26 -68.83
CA PHE ZB 37 -85.24 -21.78 -70.16
C PHE ZB 37 -85.47 -20.71 -71.22
N SER ZB 38 -85.85 -19.49 -70.82
CA SER ZB 38 -86.12 -18.46 -71.81
C SER ZB 38 -84.84 -18.01 -72.53
N GLU ZB 39 -83.69 -18.17 -71.90
CA GLU ZB 39 -82.42 -17.76 -72.46
C GLU ZB 39 -81.44 -18.92 -72.45
N GLN ZB 40 -80.52 -18.91 -73.41
CA GLN ZB 40 -79.52 -19.97 -73.53
C GLN ZB 40 -78.58 -19.94 -72.34
N PRO ZB 41 -78.15 -21.10 -71.85
CA PRO ZB 41 -77.21 -21.14 -70.72
C PRO ZB 41 -75.84 -20.64 -71.13
N LEU ZB 42 -75.05 -20.28 -70.11
CA LEU ZB 42 -73.71 -19.75 -70.36
C LEU ZB 42 -72.81 -20.78 -71.04
N ALA ZB 43 -72.89 -22.04 -70.60
CA ALA ZB 43 -72.03 -23.07 -71.16
C ALA ZB 43 -72.36 -23.40 -72.61
N LYS ZB 44 -73.55 -23.06 -73.09
CA LYS ZB 44 -73.93 -23.28 -74.47
C LYS ZB 44 -73.71 -22.06 -75.36
N ARG ZB 45 -73.27 -20.94 -74.80
CA ARG ZB 45 -73.07 -19.74 -75.61
C ARG ZB 45 -71.86 -19.89 -76.51
N LYS ZB 46 -71.97 -19.34 -77.72
CA LYS ZB 46 -70.87 -19.38 -78.67
C LYS ZB 46 -69.67 -18.56 -78.22
N GLU ZB 47 -69.90 -17.50 -77.46
CA GLU ZB 47 -68.80 -16.72 -76.91
C GLU ZB 47 -68.09 -17.42 -75.77
N THR ZB 48 -68.68 -18.49 -75.23
CA THR ZB 48 -68.10 -19.23 -74.12
C THR ZB 48 -67.46 -20.54 -74.56
N TYR ZB 49 -68.21 -21.38 -75.28
CA TYR ZB 49 -67.69 -22.67 -75.70
C TYR ZB 49 -66.76 -22.58 -76.89
N ASP ZB 50 -66.71 -21.43 -77.56
CA ASP ZB 50 -65.78 -21.20 -78.66
C ASP ZB 50 -64.85 -20.03 -78.34
N TRP ZB 51 -64.41 -19.94 -77.08
CA TRP ZB 51 -63.54 -18.85 -76.67
C TRP ZB 51 -62.13 -19.04 -77.23
N TYR ZB 52 -61.49 -20.15 -76.89
CA TYR ZB 52 -60.12 -20.39 -77.33
C TYR ZB 52 -60.14 -21.12 -78.67
N PRO ZB 53 -59.55 -20.55 -79.72
CA PRO ZB 53 -59.40 -21.31 -80.97
C PRO ZB 53 -58.46 -22.50 -80.77
N ASN ZB 54 -58.66 -23.52 -81.61
CA ASN ZB 54 -57.88 -24.75 -81.50
C ASN ZB 54 -56.45 -24.48 -81.93
N HIS ZB 55 -55.58 -24.17 -80.96
CA HIS ZB 55 -54.18 -23.90 -81.26
C HIS ZB 55 -53.48 -25.13 -81.83
N ASN ZB 56 -53.95 -26.33 -81.49
CA ASN ZB 56 -53.34 -27.54 -82.01
C ASN ZB 56 -53.48 -27.62 -83.52
N THR ZB 57 -54.65 -27.26 -84.07
CA THR ZB 57 -54.84 -27.29 -85.50
C THR ZB 57 -53.87 -26.34 -86.21
N TYR ZB 58 -53.77 -25.11 -85.72
CA TYR ZB 58 -52.85 -24.15 -86.33
C TYR ZB 58 -51.41 -24.62 -86.26
N PHE ZB 59 -50.98 -25.10 -85.07
CA PHE ZB 59 -49.60 -25.54 -84.92
C PHE ZB 59 -49.28 -26.73 -85.82
N ALA ZB 60 -50.17 -27.73 -85.85
CA ALA ZB 60 -49.94 -28.90 -86.69
C ALA ZB 60 -49.93 -28.54 -88.17
N LEU ZB 61 -50.87 -27.68 -88.61
CA LEU ZB 61 -50.91 -27.29 -90.02
C LEU ZB 61 -49.65 -26.53 -90.41
N MET ZB 62 -49.22 -25.59 -89.57
CA MET ZB 62 -48.01 -24.84 -89.88
C MET ZB 62 -46.76 -25.72 -89.88
N GLY ZB 63 -46.63 -26.64 -88.94
CA GLY ZB 63 -45.51 -27.54 -88.94
C GLY ZB 63 -45.48 -28.46 -90.14
N THR ZB 64 -46.65 -28.99 -90.51
CA THR ZB 64 -46.74 -29.85 -91.68
C THR ZB 64 -46.40 -29.08 -92.95
N LEU ZB 65 -46.87 -27.84 -93.08
CA LEU ZB 65 -46.51 -27.03 -94.24
C LEU ZB 65 -45.02 -26.72 -94.25
N ARG ZB 66 -44.43 -26.44 -93.09
CA ARG ZB 66 -43.01 -26.18 -93.02
C ARG ZB 66 -42.20 -27.41 -93.46
N PHE ZB 67 -42.61 -28.59 -93.02
CA PHE ZB 67 -41.92 -29.81 -93.43
C PHE ZB 67 -42.13 -30.11 -94.91
N LEU ZB 68 -43.31 -29.84 -95.45
CA LEU ZB 68 -43.57 -30.06 -96.87
C LEU ZB 68 -42.83 -29.06 -97.75
N GLY ZB 69 -42.52 -27.88 -97.24
CA GLY ZB 69 -41.78 -26.91 -98.00
C GLY ZB 69 -42.59 -25.76 -98.56
N LEU ZB 70 -43.63 -25.32 -97.85
CA LEU ZB 70 -44.44 -24.18 -98.25
C LEU ZB 70 -44.31 -23.01 -97.30
N TYR ZB 71 -44.31 -23.27 -95.99
CA TYR ZB 71 -44.16 -22.24 -94.97
C TYR ZB 71 -42.75 -22.29 -94.39
N ARG ZB 72 -42.18 -21.12 -94.14
CA ARG ZB 72 -40.85 -21.01 -93.55
C ARG ZB 72 -41.00 -20.31 -92.20
N ASP ZB 73 -40.80 -21.06 -91.12
CA ASP ZB 73 -40.99 -20.56 -89.77
C ASP ZB 73 -39.63 -20.13 -89.21
N GLU ZB 74 -39.41 -18.81 -89.15
CA GLU ZB 74 -38.16 -18.28 -88.65
C GLU ZB 74 -37.93 -18.63 -87.18
N HIS ZB 75 -38.96 -18.60 -86.36
CA HIS ZB 75 -38.81 -18.92 -84.94
C HIS ZB 75 -38.39 -20.37 -84.75
N GLN ZB 76 -39.05 -21.31 -85.44
CA GLN ZB 76 -38.66 -22.71 -85.32
C GLN ZB 76 -37.28 -22.96 -85.91
N ASP ZB 77 -36.95 -22.28 -87.01
CA ASP ZB 77 -35.60 -22.41 -87.57
C ASP ZB 77 -34.54 -21.92 -86.59
N PHE ZB 78 -34.80 -20.80 -85.92
CA PHE ZB 78 -33.88 -20.31 -84.90
C PHE ZB 78 -33.75 -21.29 -83.74
N ARG ZB 79 -34.88 -21.88 -83.31
CA ARG ZB 79 -34.83 -22.88 -82.25
C ARG ZB 79 -33.98 -24.07 -82.68
N ASP ZB 80 -34.16 -24.54 -83.91
CA ASP ZB 80 -33.38 -25.68 -84.40
C ASP ZB 80 -31.89 -25.33 -84.50
N GLU ZB 81 -31.56 -24.13 -84.96
CA GLU ZB 81 -30.17 -23.73 -85.04
C GLU ZB 81 -29.53 -23.67 -83.65
N GLN ZB 82 -30.23 -23.08 -82.68
CA GLN ZB 82 -29.70 -23.02 -81.32
C GLN ZB 82 -29.55 -24.41 -80.72
N LEU ZB 83 -30.52 -25.30 -80.95
CA LEU ZB 83 -30.40 -26.66 -80.45
C LEU ZB 83 -29.22 -27.38 -81.08
N ARG ZB 84 -29.01 -27.20 -82.39
CA ARG ZB 84 -27.87 -27.81 -83.06
C ARG ZB 84 -26.56 -27.30 -82.48
N LEU ZB 85 -26.45 -25.99 -82.28
CA LEU ZB 85 -25.23 -25.43 -81.70
C LEU ZB 85 -25.00 -25.91 -80.27
N LYS ZB 86 -26.04 -25.99 -79.45
CA LYS ZB 86 -25.89 -26.49 -78.10
C LYS ZB 86 -25.47 -27.95 -78.07
N LYS ZB 87 -26.07 -28.78 -78.92
CA LYS ZB 87 -25.66 -30.18 -78.99
C LYS ZB 87 -24.23 -30.34 -79.48
N LEU ZB 88 -23.82 -29.51 -80.45
CA LEU ZB 88 -22.43 -29.55 -80.89
C LEU ZB 88 -21.49 -29.12 -79.79
N ARG ZB 89 -21.89 -28.12 -78.98
CA ARG ZB 89 -21.07 -27.73 -77.84
C ARG ZB 89 -20.96 -28.86 -76.83
N GLY ZB 90 -22.04 -29.58 -76.57
CA GLY ZB 90 -21.95 -30.78 -75.76
C GLY ZB 90 -23.02 -30.95 -74.70
N LYS ZB 91 -23.94 -30.00 -74.61
CA LYS ZB 91 -25.01 -30.03 -73.61
C LYS ZB 91 -26.34 -30.21 -74.35
N GLY ZB 92 -26.72 -31.46 -74.59
CA GLY ZB 92 -27.93 -31.79 -75.31
C GLY ZB 92 -29.05 -32.25 -74.41
N LYS ZB 93 -30.01 -32.95 -75.00
CA LYS ZB 93 -31.18 -33.44 -74.27
C LYS ZB 93 -30.90 -34.83 -73.73
N PRO ZB 94 -30.89 -35.02 -72.42
CA PRO ZB 94 -30.66 -36.35 -71.86
C PRO ZB 94 -31.78 -37.31 -72.22
N ARG ZB 95 -31.42 -38.58 -72.37
CA ARG ZB 95 -32.39 -39.62 -72.68
C ARG ZB 95 -33.28 -39.90 -71.46
N LYS ZB 96 -34.52 -40.24 -71.73
CA LYS ZB 96 -35.47 -40.51 -70.66
C LYS ZB 96 -35.12 -41.82 -69.97
N GLY ZB 97 -35.04 -41.79 -68.64
CA GLY ZB 97 -34.74 -42.96 -67.85
C GLY ZB 97 -33.31 -43.07 -67.37
N GLU ZB 98 -32.46 -42.10 -67.69
CA GLU ZB 98 -31.06 -42.17 -67.28
C GLU ZB 98 -30.53 -40.83 -66.74
N GLY ZB 99 -31.36 -39.79 -66.70
CA GLY ZB 99 -30.87 -38.49 -66.24
C GLY ZB 99 -30.50 -38.50 -64.77
N LYS ZB 100 -31.34 -39.15 -63.94
CA LYS ZB 100 -31.09 -39.15 -62.50
C LYS ZB 100 -30.21 -40.32 -62.09
N ARG ZB 101 -30.54 -41.53 -62.55
CA ARG ZB 101 -29.80 -42.72 -62.14
C ARG ZB 101 -28.43 -42.79 -62.80
N ALA ZB 102 -28.40 -42.65 -64.12
CA ALA ZB 102 -27.14 -42.72 -64.87
C ALA ZB 102 -26.57 -41.33 -65.10
N MET AC 1 57.29 1.98 -52.76
CA MET AC 1 58.54 2.68 -53.03
C MET AC 1 58.79 3.76 -51.98
N ALA AC 2 58.39 4.99 -52.27
CA ALA AC 2 58.52 6.12 -51.36
C ALA AC 2 57.13 6.65 -51.05
N ARG AC 3 56.67 6.43 -49.82
CA ARG AC 3 55.35 6.85 -49.39
C ARG AC 3 55.44 7.51 -48.03
N LYS AC 4 54.51 8.44 -47.78
CA LYS AC 4 54.49 9.17 -46.52
C LYS AC 4 54.03 8.33 -45.33
N LYS AC 5 53.42 7.17 -45.58
CA LYS AC 5 52.85 6.34 -44.53
C LYS AC 5 53.59 5.01 -44.39
N VAL AC 6 54.89 5.00 -44.68
CA VAL AC 6 55.67 3.78 -44.53
C VAL AC 6 55.93 3.51 -43.05
N ARG AC 7 56.18 2.24 -42.72
CA ARG AC 7 56.45 1.94 -41.33
C ARG AC 7 57.92 1.62 -41.12
N PRO AC 8 58.50 2.06 -40.00
CA PRO AC 8 59.91 1.77 -39.69
C PRO AC 8 60.12 0.34 -39.19
N ARG AC 9 60.24 -0.59 -40.12
CA ARG AC 9 60.45 -2.00 -39.80
C ARG AC 9 61.81 -2.17 -39.15
N LEU AC 10 61.82 -2.53 -37.87
CA LEU AC 10 63.05 -2.72 -37.11
C LEU AC 10 63.39 -4.18 -36.90
N ILE AC 11 62.39 -5.06 -36.85
CA ILE AC 11 62.65 -6.47 -36.61
C ILE AC 11 63.42 -7.09 -37.77
N ALA AC 12 63.09 -6.67 -39.00
CA ALA AC 12 63.80 -7.18 -40.17
C ALA AC 12 65.28 -6.84 -40.12
N GLU AC 13 65.62 -5.60 -39.75
CA GLU AC 13 67.01 -5.20 -39.63
C GLU AC 13 67.70 -5.86 -38.44
N LEU AC 14 66.99 -6.06 -37.33
CA LEU AC 14 67.57 -6.76 -36.19
C LEU AC 14 67.90 -8.20 -36.54
N ALA AC 15 67.03 -8.86 -37.30
CA ALA AC 15 67.29 -10.22 -37.74
C ALA AC 15 68.50 -10.32 -38.65
N ARG AC 16 68.74 -9.30 -39.48
CA ARG AC 16 69.95 -9.30 -40.30
C ARG AC 16 71.20 -9.30 -39.44
N ARG AC 17 71.24 -8.45 -38.41
CA ARG AC 17 72.38 -8.42 -37.48
C ARG AC 17 72.52 -9.73 -36.74
N VAL AC 18 71.40 -10.31 -36.30
CA VAL AC 18 71.46 -11.58 -35.57
C VAL AC 18 72.04 -12.68 -36.45
N ARG AC 19 71.56 -12.78 -37.69
CA ARG AC 19 72.06 -13.81 -38.59
C ARG AC 19 73.52 -13.56 -38.98
N ALA AC 20 73.91 -12.31 -39.17
CA ALA AC 20 75.30 -11.99 -39.46
C ALA AC 20 76.22 -12.40 -38.31
N LEU AC 21 75.80 -12.12 -37.06
CA LEU AC 21 76.58 -12.54 -35.91
C LEU AC 21 76.65 -14.06 -35.81
N ARG AC 22 75.52 -14.74 -36.04
CA ARG AC 22 75.48 -16.20 -35.95
C ARG AC 22 76.34 -16.86 -37.01
N GLU AC 23 76.40 -16.31 -38.22
CA GLU AC 23 77.19 -16.91 -39.29
C GLU AC 23 78.66 -17.00 -38.90
N GLN AC 24 79.19 -15.98 -38.23
CA GLN AC 24 80.59 -15.99 -37.83
C GLN AC 24 80.83 -16.66 -36.49
N ARG AC 25 79.85 -16.59 -35.57
CA ARG AC 25 80.05 -17.24 -34.27
C ARG AC 25 79.96 -18.75 -34.38
N GLU AC 26 78.96 -19.26 -35.10
CA GLU AC 26 78.76 -20.69 -35.30
C GLU AC 26 79.25 -21.14 -36.67
N ARG AC 27 80.33 -20.55 -37.16
CA ARG AC 27 80.88 -20.94 -38.45
C ARG AC 27 81.38 -22.38 -38.39
N PRO AC 28 80.89 -23.28 -39.24
CA PRO AC 28 81.36 -24.67 -39.20
C PRO AC 28 82.82 -24.76 -39.62
N ARG AC 29 83.63 -25.32 -38.73
CA ARG AC 29 85.04 -25.50 -39.04
C ARG AC 29 85.22 -26.49 -40.18
N ASP AC 30 86.20 -26.23 -41.04
CA ASP AC 30 86.41 -27.05 -42.22
C ASP AC 30 86.71 -28.51 -41.90
N SER AC 31 87.29 -28.80 -40.74
CA SER AC 31 87.65 -30.17 -40.41
C SER AC 31 86.42 -31.07 -40.39
N GLN AC 32 85.34 -30.62 -39.74
CA GLN AC 32 84.11 -31.40 -39.76
C GLN AC 32 83.21 -31.03 -40.94
N ARG AC 33 83.41 -29.87 -41.55
CA ARG AC 33 82.66 -29.52 -42.74
C ARG AC 33 82.98 -30.46 -43.89
N TYR AC 34 84.25 -30.82 -44.06
CA TYR AC 34 84.69 -31.71 -45.12
C TYR AC 34 84.87 -33.14 -44.64
N ALA AC 35 84.25 -33.49 -43.52
CA ALA AC 35 84.31 -34.87 -43.03
C ALA AC 35 83.61 -35.81 -44.00
N LEU AC 36 84.09 -37.04 -44.05
CA LEU AC 36 83.60 -38.01 -45.02
C LEU AC 36 83.39 -39.35 -44.33
N ASP AC 37 82.23 -39.97 -44.58
CA ASP AC 37 81.98 -41.33 -44.13
C ASP AC 37 82.38 -42.28 -45.26
N TYR AC 38 83.50 -42.96 -45.09
CA TYR AC 38 84.06 -43.79 -46.15
C TYR AC 38 83.24 -45.05 -46.41
N GLU AC 39 82.26 -45.37 -45.56
CA GLU AC 39 81.45 -46.55 -45.76
C GLU AC 39 80.23 -46.27 -46.64
N THR AC 40 79.52 -45.17 -46.39
CA THR AC 40 78.32 -44.82 -47.12
C THR AC 40 78.52 -43.70 -48.12
N MET AC 41 79.74 -43.15 -48.21
CA MET AC 41 80.04 -42.04 -49.12
C MET AC 41 79.10 -40.86 -48.89
N MET AC 42 78.84 -40.56 -47.62
CA MET AC 42 77.92 -39.51 -47.22
C MET AC 42 78.67 -38.51 -46.33
N ARG AC 43 78.48 -37.22 -46.60
CA ARG AC 43 79.11 -36.20 -45.78
C ARG AC 43 78.32 -36.03 -44.48
N PRO AC 44 78.94 -36.23 -43.31
CA PRO AC 44 78.19 -36.06 -42.06
C PRO AC 44 77.66 -34.65 -41.84
N HIS AC 45 78.36 -33.62 -42.32
CA HIS AC 45 77.93 -32.25 -42.07
C HIS AC 45 76.80 -31.83 -43.01
N SER AC 46 77.05 -31.84 -44.32
CA SER AC 46 76.06 -31.37 -45.27
C SER AC 46 74.95 -32.39 -45.49
N GLY AC 47 75.28 -33.68 -45.46
CA GLY AC 47 74.31 -34.72 -45.70
C GLY AC 47 74.16 -35.15 -47.15
N ASN AC 48 75.12 -34.81 -48.00
CA ASN AC 48 75.06 -35.17 -49.41
C ASN AC 48 75.93 -36.38 -49.69
N ARG AC 49 75.58 -37.12 -50.75
CA ARG AC 49 76.28 -38.32 -51.15
C ARG AC 49 77.24 -38.02 -52.29
N LEU AC 50 78.42 -38.61 -52.23
CA LEU AC 50 79.44 -38.38 -53.23
C LEU AC 50 79.04 -39.00 -54.58
N PRO AC 51 79.58 -38.50 -55.69
CA PRO AC 51 79.27 -39.09 -56.99
C PRO AC 51 79.73 -40.54 -57.08
N MET AC 52 79.00 -41.30 -57.90
CA MET AC 52 79.31 -42.71 -58.07
C MET AC 52 80.68 -42.93 -58.72
N ARG AC 53 81.10 -42.01 -59.58
CA ARG AC 53 82.40 -42.10 -60.22
C ARG AC 53 83.56 -41.79 -59.29
N ALA AC 54 83.29 -41.19 -58.13
CA ALA AC 54 84.32 -40.84 -57.17
C ALA AC 54 84.46 -41.85 -56.03
N TRP AC 55 83.74 -42.97 -56.10
CA TRP AC 55 83.81 -43.97 -55.04
C TRP AC 55 85.15 -44.71 -55.04
N ALA AC 56 85.88 -44.69 -56.15
CA ALA AC 56 87.13 -45.44 -56.23
C ALA AC 56 88.31 -44.63 -55.70
N ASP AC 57 88.42 -43.36 -56.11
CA ASP AC 57 89.53 -42.52 -55.70
C ASP AC 57 89.50 -42.19 -54.22
N VAL AC 58 88.32 -42.07 -53.62
CA VAL AC 58 88.22 -41.83 -52.18
C VAL AC 58 88.78 -43.01 -51.39
N ARG AC 59 88.45 -44.23 -51.80
CA ARG AC 59 88.89 -45.42 -51.10
C ARG AC 59 90.32 -45.84 -51.42
N HIS AC 60 90.84 -45.48 -52.60
CA HIS AC 60 92.14 -45.96 -53.03
C HIS AC 60 93.22 -44.89 -53.07
N GLU AC 61 92.94 -43.65 -52.68
CA GLU AC 61 93.93 -42.58 -52.74
C GLU AC 61 93.84 -41.75 -51.48
N SER AC 62 94.54 -40.62 -51.49
CA SER AC 62 94.62 -39.72 -50.34
C SER AC 62 94.50 -38.29 -50.83
N ARG AC 63 94.25 -37.38 -49.89
CA ARG AC 63 94.13 -35.97 -50.20
C ARG AC 63 95.46 -35.25 -50.00
N LEU AC 64 95.47 -33.94 -50.23
CA LEU AC 64 96.69 -33.17 -50.13
C LEU AC 64 97.21 -33.12 -48.71
N LEU AC 65 96.35 -32.79 -47.75
CA LEU AC 65 96.79 -32.60 -46.38
C LEU AC 65 97.20 -33.91 -45.71
N GLN AC 66 96.56 -35.02 -46.07
CA GLN AC 66 96.92 -36.30 -45.46
C GLN AC 66 98.36 -36.71 -45.77
N LEU AC 67 98.88 -36.30 -46.92
CA LEU AC 67 100.27 -36.55 -47.26
C LEU AC 67 101.18 -35.37 -46.94
N LEU AC 68 100.61 -34.17 -46.74
CA LEU AC 68 101.40 -33.00 -46.41
C LEU AC 68 101.69 -32.89 -44.91
N ASN AC 69 100.86 -33.51 -44.06
CA ASN AC 69 101.06 -33.42 -42.62
C ASN AC 69 102.32 -34.13 -42.14
N ARG AC 70 102.93 -34.97 -42.97
CA ARG AC 70 104.13 -35.70 -42.58
C ARG AC 70 105.40 -35.06 -43.11
N LEU AC 71 105.36 -33.77 -43.43
CA LEU AC 71 106.52 -33.03 -43.88
C LEU AC 71 106.97 -32.03 -42.82
N PRO AC 72 108.26 -31.67 -42.78
CA PRO AC 72 108.76 -30.81 -41.70
C PRO AC 72 108.10 -29.44 -41.65
N LEU AC 73 108.11 -28.71 -42.77
CA LEU AC 73 107.53 -27.38 -42.84
C LEU AC 73 106.26 -27.37 -43.68
N PHE AC 74 105.50 -28.47 -43.66
CA PHE AC 74 104.26 -28.61 -44.43
C PHE AC 74 104.50 -28.39 -45.92
N GLY AC 75 105.66 -28.81 -46.41
CA GLY AC 75 105.95 -28.72 -47.83
C GLY AC 75 106.13 -27.31 -48.35
N LEU AC 76 107.19 -26.63 -47.92
CA LEU AC 76 107.52 -25.30 -48.43
C LEU AC 76 108.39 -25.47 -49.67
N GLY AC 77 107.89 -25.01 -50.82
CA GLY AC 77 108.59 -25.18 -52.07
C GLY AC 77 108.44 -26.55 -52.71
N ARG AC 78 107.65 -27.43 -52.11
CA ARG AC 78 107.47 -28.77 -52.65
C ARG AC 78 106.51 -28.75 -53.84
N LEU AC 79 106.51 -29.85 -54.59
CA LEU AC 79 105.66 -30.01 -55.76
C LEU AC 79 104.66 -31.12 -55.49
N VAL AC 80 103.39 -30.86 -55.82
CA VAL AC 80 102.33 -31.84 -55.63
C VAL AC 80 101.52 -31.96 -56.91
N THR AC 81 101.16 -33.18 -57.26
CA THR AC 81 100.40 -33.46 -58.49
C THR AC 81 99.08 -34.14 -58.13
N ARG AC 82 98.28 -34.43 -59.16
CA ARG AC 82 96.98 -35.05 -58.99
C ARG AC 82 96.87 -36.26 -59.90
N LYS AC 83 96.09 -37.25 -59.43
CA LYS AC 83 95.90 -38.47 -60.21
C LYS AC 83 95.22 -38.19 -61.54
N SER AC 84 94.22 -37.31 -61.54
CA SER AC 84 93.55 -36.95 -62.78
C SER AC 84 94.50 -36.30 -63.76
N TRP AC 85 95.35 -35.38 -63.29
CA TRP AC 85 96.34 -34.77 -64.14
C TRP AC 85 97.35 -35.78 -64.69
N LEU AC 86 97.82 -36.70 -63.83
CA LEU AC 86 98.76 -37.71 -64.29
C LEU AC 86 98.15 -38.64 -65.32
N TRP AC 87 96.87 -38.99 -65.17
CA TRP AC 87 96.20 -39.88 -66.11
C TRP AC 87 95.88 -39.19 -67.44
N GLN AC 88 95.44 -37.94 -67.38
CA GLN AC 88 94.97 -37.29 -68.60
C GLN AC 88 96.08 -36.53 -69.32
N HIS AC 89 96.78 -35.65 -68.63
CA HIS AC 89 97.81 -34.82 -69.23
C HIS AC 89 99.16 -35.53 -69.09
N ASP AC 90 99.74 -35.92 -70.21
CA ASP AC 90 101.08 -36.48 -70.20
C ASP AC 90 102.13 -35.45 -69.82
N GLU AC 91 101.87 -34.17 -70.09
CA GLU AC 91 102.76 -33.10 -69.71
C GLU AC 91 102.77 -32.93 -68.19
N PRO AC 92 103.89 -32.52 -67.60
CA PRO AC 92 103.96 -32.37 -66.15
C PRO AC 92 103.10 -31.22 -65.67
N CYS AC 93 102.14 -31.53 -64.79
CA CYS AC 93 101.30 -30.54 -64.14
C CYS AC 93 101.45 -30.69 -62.64
N TYR AC 94 101.87 -29.61 -61.97
CA TYR AC 94 102.16 -29.68 -60.55
C TYR AC 94 101.90 -28.32 -59.91
N TRP AC 95 101.76 -28.33 -58.59
CA TRP AC 95 101.62 -27.13 -57.78
C TRP AC 95 102.86 -26.99 -56.91
N ARG AC 96 103.46 -25.80 -56.94
CA ARG AC 96 104.62 -25.49 -56.10
C ARG AC 96 104.13 -24.74 -54.88
N LEU AC 97 104.08 -25.44 -53.75
CA LEU AC 97 103.50 -24.87 -52.53
C LEU AC 97 104.39 -23.74 -52.00
N THR AC 98 103.76 -22.62 -51.64
CA THR AC 98 104.46 -21.50 -51.05
C THR AC 98 104.04 -21.23 -49.61
N ARG AC 99 102.82 -21.57 -49.24
CA ARG AC 99 102.35 -21.40 -47.87
C ARG AC 99 101.14 -22.30 -47.64
N VAL AC 100 101.04 -22.86 -46.43
CA VAL AC 100 99.96 -23.75 -46.06
C VAL AC 100 99.48 -23.36 -44.67
N ARG AC 101 98.15 -23.34 -44.49
CA ARG AC 101 97.53 -23.11 -43.18
C ARG AC 101 96.61 -24.29 -42.92
N PRO AC 102 97.09 -25.28 -42.17
CA PRO AC 102 96.20 -26.39 -41.78
C PRO AC 102 95.28 -25.98 -40.64
N ASP AC 103 94.22 -26.76 -40.46
CA ASP AC 103 93.24 -26.49 -39.42
C ASP AC 103 93.66 -27.19 -38.13
N TYR AC 104 93.84 -26.40 -37.07
CA TYR AC 104 94.29 -26.93 -35.79
C TYR AC 104 93.21 -27.70 -35.04
N ALA AC 105 91.94 -27.54 -35.43
CA ALA AC 105 90.87 -28.23 -34.72
C ALA AC 105 90.81 -29.72 -35.07
N ALA AC 106 91.37 -30.13 -36.21
CA ALA AC 106 91.35 -31.52 -36.59
C ALA AC 106 92.28 -32.34 -35.69
N GLU AC 107 91.79 -33.49 -35.24
CA GLU AC 107 92.58 -34.36 -34.39
C GLU AC 107 93.69 -35.07 -35.15
N ASN AC 108 93.48 -35.36 -36.44
CA ASN AC 108 94.50 -35.99 -37.27
C ASN AC 108 95.24 -35.01 -38.16
N LEU AC 109 94.81 -33.75 -38.20
CA LEU AC 109 95.47 -32.70 -39.00
C LEU AC 109 95.54 -33.11 -40.47
N ASP AC 110 94.35 -33.25 -41.07
CA ASP AC 110 94.25 -33.66 -42.47
C ASP AC 110 93.35 -32.72 -43.26
N HIS AC 111 93.27 -31.45 -42.84
CA HIS AC 111 92.50 -30.45 -43.57
C HIS AC 111 93.21 -29.11 -43.45
N GLY AC 112 93.06 -28.29 -44.46
CA GLY AC 112 93.68 -26.97 -44.46
C GLY AC 112 93.59 -26.32 -45.82
N LYS AC 113 94.01 -25.06 -45.86
CA LYS AC 113 94.00 -24.28 -47.09
C LYS AC 113 95.42 -23.83 -47.42
N ALA AC 114 95.80 -23.97 -48.69
CA ALA AC 114 97.17 -23.68 -49.10
C ALA AC 114 97.17 -22.82 -50.35
N TRP AC 115 98.23 -22.03 -50.48
CA TRP AC 115 98.49 -21.24 -51.67
C TRP AC 115 99.75 -21.77 -52.34
N GLY AC 116 99.91 -21.46 -53.62
CA GLY AC 116 101.06 -21.97 -54.35
C GLY AC 116 101.11 -21.41 -55.75
N ILE AC 117 102.04 -21.96 -56.52
CA ILE AC 117 102.27 -21.57 -57.91
C ILE AC 117 101.83 -22.71 -58.80
N LEU AC 118 100.98 -22.42 -59.78
CA LEU AC 118 100.44 -23.42 -60.68
C LEU AC 118 101.30 -23.53 -61.92
N THR AC 119 101.73 -24.75 -62.25
CA THR AC 119 102.48 -25.05 -63.45
C THR AC 119 101.71 -26.14 -64.19
N PHE AC 120 100.80 -25.74 -65.06
CA PHE AC 120 99.91 -26.66 -65.76
C PHE AC 120 100.36 -26.78 -67.21
N LYS AC 121 100.58 -28.02 -67.66
CA LYS AC 121 101.02 -28.31 -69.03
C LYS AC 121 102.32 -27.57 -69.36
N GLY AC 122 103.19 -27.45 -68.36
CA GLY AC 122 104.46 -26.78 -68.51
C GLY AC 122 104.39 -25.27 -68.36
N LYS AC 123 103.22 -24.67 -68.59
CA LYS AC 123 103.06 -23.23 -68.45
C LYS AC 123 103.20 -22.84 -66.98
N THR AC 124 104.13 -21.93 -66.70
CA THR AC 124 104.39 -21.46 -65.35
C THR AC 124 103.82 -20.06 -65.17
N GLU AC 125 103.02 -19.87 -64.13
CA GLU AC 125 102.41 -18.59 -63.84
C GLU AC 125 103.24 -17.85 -62.80
N SER AC 126 103.51 -16.58 -63.05
CA SER AC 126 104.33 -15.75 -62.17
C SER AC 126 103.52 -15.07 -61.08
N GLU AC 127 102.33 -15.57 -60.76
CA GLU AC 127 101.49 -15.01 -59.71
C GLU AC 127 101.09 -16.10 -58.73
N ALA AC 128 100.88 -15.70 -57.48
CA ALA AC 128 100.49 -16.63 -56.43
C ALA AC 128 98.98 -16.83 -56.46
N ARG AC 129 98.55 -18.10 -56.46
CA ARG AC 129 97.14 -18.44 -56.48
C ARG AC 129 96.86 -19.48 -55.41
N GLU AC 130 95.69 -19.37 -54.81
CA GLU AC 130 95.28 -20.34 -53.79
C GLU AC 130 94.99 -21.69 -54.44
N ILE AC 131 95.42 -22.76 -53.76
CA ILE AC 131 95.23 -24.10 -54.31
C ILE AC 131 93.76 -24.50 -54.17
N GLU AC 132 93.21 -25.05 -55.24
CA GLU AC 132 91.81 -25.43 -55.31
C GLU AC 132 91.67 -26.94 -55.14
N GLN AC 133 90.48 -27.36 -54.68
CA GLN AC 133 90.14 -28.78 -54.56
C GLN AC 133 91.14 -29.52 -53.68
N VAL AC 134 91.50 -28.89 -52.56
CA VAL AC 134 92.45 -29.50 -51.64
C VAL AC 134 91.86 -30.74 -50.97
N MET AC 135 90.54 -30.77 -50.76
CA MET AC 135 89.88 -31.90 -50.11
C MET AC 135 89.76 -33.11 -51.03
N TYR AC 136 90.08 -32.96 -52.31
CA TYR AC 136 89.94 -34.07 -53.25
C TYR AC 136 90.92 -35.19 -52.90
N HIS AC 137 90.47 -36.43 -53.10
CA HIS AC 137 91.31 -37.61 -52.84
C HIS AC 137 92.00 -38.06 -54.11
N ASP AC 138 92.81 -37.16 -54.68
CA ASP AC 138 93.58 -37.46 -55.87
C ASP AC 138 95.00 -36.93 -55.83
N TRP AC 139 95.41 -36.25 -54.77
CA TRP AC 139 96.73 -35.64 -54.71
C TRP AC 139 97.81 -36.70 -54.47
N ARG AC 140 98.95 -36.51 -55.13
CA ARG AC 140 100.11 -37.37 -54.97
C ARG AC 140 101.35 -36.51 -54.82
N LEU AC 141 102.32 -37.01 -54.05
CA LEU AC 141 103.53 -36.27 -53.75
C LEU AC 141 104.73 -36.90 -54.45
N VAL AC 142 105.56 -36.07 -55.05
CA VAL AC 142 106.75 -36.50 -55.79
C VAL AC 142 107.94 -36.51 -54.83
N PRO AC 143 108.76 -37.56 -54.82
CA PRO AC 143 109.92 -37.59 -53.92
C PRO AC 143 110.99 -36.57 -54.27
N LYS AC 144 111.99 -36.43 -53.40
CA LYS AC 144 113.05 -35.45 -53.61
C LYS AC 144 113.90 -35.81 -54.83
N HIS AC 145 114.22 -37.10 -55.01
CA HIS AC 145 115.10 -37.50 -56.09
C HIS AC 145 114.46 -37.37 -57.47
N GLU AC 146 113.14 -37.14 -57.54
CA GLU AC 146 112.46 -36.99 -58.82
C GLU AC 146 112.00 -35.56 -59.07
N GLU AC 147 112.40 -34.61 -58.22
CA GLU AC 147 111.93 -33.23 -58.38
C GLU AC 147 112.39 -32.65 -59.71
N GLU AC 148 113.65 -32.89 -60.08
CA GLU AC 148 114.17 -32.38 -61.35
C GLU AC 148 113.77 -33.27 -62.53
N ALA AC 149 113.54 -34.56 -62.29
CA ALA AC 149 113.15 -35.46 -63.38
C ALA AC 149 111.72 -35.24 -63.82
N PHE AC 150 110.82 -34.94 -62.88
CA PHE AC 150 109.41 -34.75 -63.23
C PHE AC 150 109.19 -33.41 -63.93
N THR AC 151 110.02 -32.40 -63.64
CA THR AC 151 109.88 -31.09 -64.24
C THR AC 151 110.45 -31.01 -65.65
N ALA AC 152 111.08 -32.08 -66.13
CA ALA AC 152 111.65 -32.08 -67.48
C ALA AC 152 110.52 -32.04 -68.50
N PHE AC 153 110.33 -30.87 -69.12
CA PHE AC 153 109.29 -30.66 -70.10
C PHE AC 153 109.88 -30.01 -71.35
N THR AC 154 109.47 -30.50 -72.52
CA THR AC 154 109.92 -29.96 -73.79
C THR AC 154 108.86 -29.02 -74.34
N LEU AC 155 109.26 -27.77 -74.59
CA LEU AC 155 108.33 -26.75 -75.11
C LEU AC 155 108.20 -26.93 -76.61
N VAL AC 156 107.07 -27.48 -77.05
CA VAL AC 156 106.82 -27.70 -78.47
C VAL AC 156 105.80 -26.70 -78.98
N PRO AC 157 105.90 -26.25 -80.22
CA PRO AC 157 104.92 -25.32 -80.76
C PRO AC 157 103.56 -25.98 -81.00
N GLU AC 158 102.53 -25.15 -80.97
CA GLU AC 158 101.17 -25.60 -81.24
C GLU AC 158 100.88 -25.58 -82.74
N ASP AC 159 100.04 -26.51 -83.18
CA ASP AC 159 99.69 -26.64 -84.59
C ASP AC 159 98.25 -26.19 -84.87
N THR AC 160 97.67 -25.39 -83.98
CA THR AC 160 96.32 -24.88 -84.20
C THR AC 160 96.35 -23.78 -85.25
N PRO AC 161 95.55 -23.88 -86.31
CA PRO AC 161 95.54 -22.82 -87.34
C PRO AC 161 95.16 -21.48 -86.73
N LEU AC 162 95.85 -20.42 -87.18
CA LEU AC 162 95.60 -19.09 -86.67
C LEU AC 162 94.42 -18.40 -87.35
N SER AC 163 93.96 -18.92 -88.50
CA SER AC 163 92.84 -18.35 -89.21
C SER AC 163 91.91 -19.47 -89.66
N VAL AC 164 90.61 -19.22 -89.58
CA VAL AC 164 89.62 -20.24 -89.93
C VAL AC 164 88.66 -19.69 -90.97
N PRO AC 165 88.27 -20.46 -91.98
CA PRO AC 165 87.25 -19.99 -92.91
C PRO AC 165 85.94 -19.70 -92.19
N TYR AC 166 85.28 -18.62 -92.61
CA TYR AC 166 84.02 -18.22 -92.02
C TYR AC 166 82.92 -19.23 -92.38
N PRO AC 167 81.86 -19.30 -91.58
CA PRO AC 167 80.69 -20.09 -91.96
C PRO AC 167 80.09 -19.55 -93.24
N PRO AC 168 79.33 -20.37 -93.99
CA PRO AC 168 78.90 -19.94 -95.33
C PRO AC 168 78.05 -18.67 -95.33
N LEU AC 169 77.01 -18.62 -94.50
CA LEU AC 169 76.12 -17.45 -94.50
C LEU AC 169 76.86 -16.20 -94.05
N LEU AC 170 77.67 -16.29 -92.99
CA LEU AC 170 78.39 -15.11 -92.53
C LEU AC 170 79.42 -14.65 -93.54
N ARG AC 171 80.10 -15.60 -94.21
CA ARG AC 171 81.05 -15.23 -95.26
C ARG AC 171 80.34 -14.54 -96.42
N ALA AC 172 79.17 -15.04 -96.82
CA ALA AC 172 78.39 -14.37 -97.84
C ALA AC 172 77.95 -12.99 -97.41
N MET AC 173 77.65 -12.81 -96.11
CA MET AC 173 77.30 -11.49 -95.61
C MET AC 173 78.44 -10.49 -95.82
N ILE AC 174 79.67 -10.90 -95.49
CA ILE AC 174 80.82 -10.02 -95.70
C ILE AC 174 81.06 -9.77 -97.18
N LEU AC 175 80.93 -10.82 -98.01
CA LEU AC 175 81.14 -10.68 -99.45
C LEU AC 175 80.17 -9.69 -100.05
N ALA AC 176 78.89 -9.74 -99.66
CA ALA AC 176 77.90 -8.79 -100.13
C ALA AC 176 78.06 -7.41 -99.49
N GLN AC 177 78.55 -7.34 -98.26
CA GLN AC 177 78.72 -6.05 -97.59
C GLN AC 177 79.83 -5.23 -98.22
N ARG AC 178 80.98 -5.87 -98.47
CA ARG AC 178 82.10 -5.13 -99.06
C ARG AC 178 81.95 -4.94 -100.57
N GLN AC 179 81.03 -5.67 -101.20
CA GLN AC 179 80.84 -5.53 -102.64
C GLN AC 179 80.11 -4.22 -102.97
N LYS AC 180 79.13 -3.84 -102.16
CA LYS AC 180 78.34 -2.65 -102.45
C LYS AC 180 79.13 -1.35 -102.26
N TYR AC 181 80.28 -1.41 -101.59
CA TYR AC 181 81.09 -0.23 -101.37
C TYR AC 181 82.11 0.00 -102.47
N GLY AC 182 82.07 -0.78 -103.54
CA GLY AC 182 83.00 -0.61 -104.64
C GLY AC 182 84.34 -1.29 -104.47
N ASP AC 183 84.47 -2.17 -103.48
CA ASP AC 183 85.72 -2.89 -103.24
C ASP AC 183 85.74 -4.12 -104.16
N THR AC 184 86.70 -4.14 -105.09
CA THR AC 184 86.84 -5.24 -106.03
C THR AC 184 87.74 -6.36 -105.52
N SER AC 185 88.23 -6.25 -104.28
CA SER AC 185 89.10 -7.27 -103.72
C SER AC 185 88.33 -8.57 -103.53
N THR AC 186 88.91 -9.67 -103.99
CA THR AC 186 88.29 -10.99 -103.88
C THR AC 186 89.03 -11.90 -102.90
N GLU AC 187 89.74 -11.33 -101.94
CA GLU AC 187 90.48 -12.12 -100.98
C GLU AC 187 89.53 -12.91 -100.09
N GLU AC 188 89.93 -14.13 -99.74
CA GLU AC 188 89.11 -15.01 -98.94
C GLU AC 188 89.05 -14.49 -97.51
N PRO AC 189 87.86 -14.25 -96.96
CA PRO AC 189 87.75 -13.79 -95.57
C PRO AC 189 88.17 -14.88 -94.59
N MET AC 190 88.82 -14.46 -93.51
CA MET AC 190 89.29 -15.38 -92.48
C MET AC 190 88.93 -14.84 -91.10
N LEU AC 191 88.72 -15.78 -90.17
CA LEU AC 191 88.36 -15.47 -88.79
C LEU AC 191 89.56 -15.73 -87.90
N ASN AC 192 89.89 -14.75 -87.07
CA ASN AC 192 91.06 -14.83 -86.21
C ASN AC 192 90.82 -15.76 -85.04
N LEU AC 193 91.91 -16.34 -84.52
CA LEU AC 193 91.83 -17.20 -83.34
C LEU AC 193 92.88 -16.86 -82.28
N GLU AC 194 93.56 -15.72 -82.41
CA GLU AC 194 94.58 -15.36 -81.43
C GLU AC 194 93.98 -15.14 -80.05
N ARG AC 195 92.82 -14.48 -79.98
CA ARG AC 195 92.15 -14.20 -78.72
C ARG AC 195 91.11 -15.25 -78.36
N ALA AC 196 91.01 -16.34 -79.14
CA ALA AC 196 90.00 -17.37 -78.92
C ALA AC 196 90.54 -18.55 -78.13
N ARG AC 197 91.70 -18.40 -77.50
CA ARG AC 197 92.28 -19.49 -76.73
C ARG AC 197 91.44 -19.77 -75.49
N ILE AC 198 91.11 -21.04 -75.27
CA ILE AC 198 90.28 -21.46 -74.15
C ILE AC 198 91.00 -22.57 -73.38
N ASP AC 199 91.06 -22.41 -72.06
CA ASP AC 199 91.68 -23.39 -71.19
C ASP AC 199 90.80 -24.63 -71.08
N PRO AC 200 91.40 -25.80 -70.85
CA PRO AC 200 90.61 -27.02 -70.66
C PRO AC 200 89.88 -27.00 -69.32
N TRP AC 201 88.90 -27.89 -69.20
CA TRP AC 201 88.12 -27.97 -67.97
C TRP AC 201 88.95 -28.42 -66.78
N ASP AC 202 90.11 -29.03 -67.01
CA ASP AC 202 91.00 -29.45 -65.94
C ASP AC 202 91.76 -28.29 -65.32
N TYR AC 203 91.77 -27.13 -65.96
CA TYR AC 203 92.51 -25.98 -65.43
C TYR AC 203 91.77 -25.39 -64.24
N PRO AC 204 92.37 -25.34 -63.06
CA PRO AC 204 91.66 -24.79 -61.89
C PRO AC 204 91.42 -23.30 -62.04
N ALA AC 205 90.31 -22.85 -61.46
CA ALA AC 205 89.94 -21.44 -61.48
C ALA AC 205 90.34 -20.77 -60.17
N LYS AC 206 90.85 -19.54 -60.29
CA LYS AC 206 91.30 -18.80 -59.12
C LYS AC 206 90.13 -18.50 -58.18
N LEU AC 207 90.41 -18.56 -56.88
CA LEU AC 207 89.41 -18.34 -55.85
C LEU AC 207 89.48 -16.95 -55.24
N GLU AC 208 90.47 -16.14 -55.60
CA GLU AC 208 90.61 -14.81 -55.05
C GLU AC 208 89.55 -13.88 -55.62
N ALA AC 209 89.22 -12.85 -54.83
CA ALA AC 209 88.24 -11.87 -55.27
C ALA AC 209 88.78 -11.07 -56.44
N LYS AC 210 87.95 -10.87 -57.45
CA LYS AC 210 88.34 -10.13 -58.65
C LYS AC 210 88.23 -8.63 -58.40
N THR AC 211 89.28 -7.89 -58.74
CA THR AC 211 89.32 -6.45 -58.55
C THR AC 211 88.88 -5.75 -59.83
N LYS AC 212 88.04 -4.74 -59.69
CA LYS AC 212 87.55 -3.97 -60.83
C LYS AC 212 88.51 -2.82 -61.10
N THR AC 213 89.01 -2.73 -62.32
CA THR AC 213 89.93 -1.67 -62.71
C THR AC 213 89.29 -0.72 -63.72
N ARG BC 51 -33.02 -13.51 -115.00
CA ARG BC 51 -33.42 -12.46 -115.92
C ARG BC 51 -34.51 -11.59 -115.32
N ARG BC 52 -34.27 -10.29 -115.26
CA ARG BC 52 -35.20 -9.33 -114.70
C ARG BC 52 -35.83 -8.49 -115.81
N LYS BC 53 -37.14 -8.29 -115.70
CA LYS BC 53 -37.88 -7.53 -116.69
C LYS BC 53 -38.71 -6.45 -116.00
N ALA BC 54 -38.73 -5.26 -116.58
CA ALA BC 54 -39.50 -4.13 -116.06
C ALA BC 54 -40.43 -3.65 -117.15
N LEU BC 55 -41.73 -3.85 -116.96
CA LEU BC 55 -42.72 -3.48 -117.96
C LEU BC 55 -43.37 -2.15 -117.61
N PRO BC 56 -43.46 -1.20 -118.53
CA PRO BC 56 -44.13 0.06 -118.21
C PRO BC 56 -45.62 -0.17 -117.98
N PRO BC 57 -46.25 0.66 -117.14
CA PRO BC 57 -47.67 0.45 -116.83
C PRO BC 57 -48.60 0.83 -117.96
N ARG BC 58 -49.91 0.75 -117.70
CA ARG BC 58 -50.91 1.08 -118.70
C ARG BC 58 -51.06 2.57 -118.96
N THR BC 59 -50.40 3.42 -118.16
CA THR BC 59 -50.59 4.85 -118.27
C THR BC 59 -50.20 5.36 -119.65
N GLU BC 60 -49.08 4.88 -120.20
CA GLU BC 60 -48.67 5.30 -121.52
C GLU BC 60 -49.62 4.79 -122.61
N LYS BC 61 -50.42 3.78 -122.31
CA LYS BC 61 -51.36 3.21 -123.28
C LYS BC 61 -52.81 3.60 -123.04
N MET BC 62 -53.11 4.25 -121.93
CA MET BC 62 -54.49 4.67 -121.66
C MET BC 62 -54.90 5.78 -122.62
N ALA BC 63 -56.05 5.60 -123.25
CA ALA BC 63 -56.58 6.63 -124.14
C ALA BC 63 -57.27 7.72 -123.31
N VAL BC 64 -57.23 8.95 -123.85
CA VAL BC 64 -57.83 10.08 -123.15
C VAL BC 64 -59.35 9.96 -123.07
N ASP BC 65 -60.00 9.41 -124.10
CA ASP BC 65 -61.45 9.29 -124.13
C ASP BC 65 -61.92 7.87 -123.86
N GLN BC 66 -61.03 6.97 -123.45
CA GLN BC 66 -61.42 5.61 -123.15
C GLN BC 66 -62.28 5.57 -121.89
N ASP BC 67 -63.33 4.75 -121.92
CA ASP BC 67 -64.26 4.67 -120.81
C ASP BC 67 -63.59 4.10 -119.58
N TRP BC 68 -63.92 4.66 -118.41
CA TRP BC 68 -63.32 4.27 -117.14
C TRP BC 68 -63.90 2.98 -116.56
N PRO BC 69 -65.22 2.77 -116.55
CA PRO BC 69 -65.76 1.56 -115.90
C PRO BC 69 -65.29 0.26 -116.53
N SER BC 70 -64.79 0.29 -117.77
CA SER BC 70 -64.29 -0.94 -118.38
C SER BC 70 -63.05 -1.47 -117.65
N VAL BC 71 -62.21 -0.58 -117.13
CA VAL BC 71 -61.01 -1.02 -116.43
C VAL BC 71 -61.25 -1.25 -114.94
N TYR BC 72 -62.32 -0.68 -114.37
CA TYR BC 72 -62.68 -0.86 -112.97
C TYR BC 72 -64.15 -1.25 -112.89
N PRO BC 73 -64.49 -2.48 -113.28
CA PRO BC 73 -65.91 -2.89 -113.20
C PRO BC 73 -66.38 -3.14 -111.78
N VAL BC 74 -65.54 -3.74 -110.93
CA VAL BC 74 -65.92 -4.07 -109.56
C VAL BC 74 -64.92 -3.44 -108.61
N ALA BC 75 -65.10 -3.68 -107.31
CA ALA BC 75 -64.14 -3.20 -106.32
C ALA BC 75 -62.77 -3.77 -106.59
N ALA BC 76 -61.75 -2.92 -106.56
CA ALA BC 76 -60.39 -3.27 -106.89
C ALA BC 76 -59.43 -2.76 -105.82
N PRO BC 77 -58.25 -3.37 -105.68
CA PRO BC 77 -57.31 -2.93 -104.64
C PRO BC 77 -56.52 -1.70 -105.02
N PHE BC 78 -56.96 -0.98 -106.05
CA PHE BC 78 -56.30 0.24 -106.52
C PHE BC 78 -54.85 -0.03 -106.91
N LYS BC 79 -54.71 -0.83 -107.95
CA LYS BC 79 -53.39 -1.12 -108.51
C LYS BC 79 -52.86 0.12 -109.22
N PRO BC 80 -51.70 0.65 -108.83
CA PRO BC 80 -51.21 1.90 -109.45
C PRO BC 80 -50.91 1.76 -110.94
N SER BC 81 -50.64 0.55 -111.43
CA SER BC 81 -50.31 0.37 -112.84
C SER BC 81 -51.49 0.64 -113.77
N ALA BC 82 -52.72 0.42 -113.30
CA ALA BC 82 -53.91 0.63 -114.11
C ALA BC 82 -54.58 1.97 -113.85
N VAL BC 83 -53.99 2.81 -113.00
CA VAL BC 83 -54.54 4.10 -112.64
C VAL BC 83 -53.69 5.18 -113.30
N PRO BC 84 -54.18 5.88 -114.31
CA PRO BC 84 -53.38 6.92 -114.99
C PRO BC 84 -53.29 8.24 -114.24
N LEU BC 85 -53.97 8.37 -113.10
CA LEU BC 85 -53.98 9.64 -112.38
C LEU BC 85 -52.81 9.70 -111.41
N PRO BC 86 -51.89 10.66 -111.56
CA PRO BC 86 -50.80 10.81 -110.60
C PRO BC 86 -51.30 11.48 -109.33
N VAL BC 87 -51.44 10.71 -108.26
CA VAL BC 87 -51.96 11.20 -106.98
C VAL BC 87 -50.90 10.98 -105.92
N ARG BC 88 -50.63 12.02 -105.14
CA ARG BC 88 -49.65 11.97 -104.05
C ARG BC 88 -50.41 11.99 -102.73
N MET BC 89 -50.22 10.94 -101.93
CA MET BC 89 -50.86 10.82 -100.63
C MET BC 89 -49.82 10.57 -99.56
N GLY BC 90 -49.99 11.22 -98.41
CA GLY BC 90 -49.07 11.06 -97.31
C GLY BC 90 -48.61 12.38 -96.74
N TYR BC 91 -48.09 12.36 -95.52
CA TYR BC 91 -47.62 13.60 -94.90
C TYR BC 91 -46.32 14.04 -95.57
N PRO BC 92 -46.26 15.25 -96.11
CA PRO BC 92 -45.05 15.69 -96.82
C PRO BC 92 -43.90 15.96 -95.86
N VAL BC 93 -42.70 15.88 -96.41
CA VAL BC 93 -41.48 16.19 -95.67
C VAL BC 93 -41.27 17.70 -95.70
N LYS BC 94 -40.41 18.19 -94.80
CA LYS BC 94 -40.14 19.62 -94.75
C LYS BC 94 -39.56 20.14 -96.06
N ARG BC 95 -38.59 19.40 -96.62
CA ARG BC 95 -38.03 19.73 -97.92
C ARG BC 95 -38.54 18.81 -99.02
N GLY BC 96 -39.46 17.90 -98.73
CA GLY BC 96 -39.95 16.94 -99.68
C GLY BC 96 -41.40 17.16 -100.08
N VAL BC 97 -41.93 16.18 -100.80
CA VAL BC 97 -43.30 16.21 -101.29
C VAL BC 97 -43.94 14.88 -100.91
N PRO BC 98 -45.27 14.83 -100.85
CA PRO BC 98 -45.94 13.56 -100.55
C PRO BC 98 -45.59 12.49 -101.57
N MET BC 99 -45.50 11.26 -101.09
CA MET BC 99 -45.04 10.15 -101.93
C MET BC 99 -46.01 9.89 -103.07
N ALA BC 100 -45.48 9.43 -104.19
CA ALA BC 100 -46.27 9.16 -105.37
C ALA BC 100 -47.12 7.90 -105.18
N LYS BC 101 -47.90 7.57 -106.21
CA LYS BC 101 -48.81 6.43 -106.13
C LYS BC 101 -48.09 5.09 -106.11
N GLU BC 102 -46.87 5.03 -106.64
CA GLU BC 102 -46.16 3.75 -106.73
C GLU BC 102 -45.61 3.36 -105.36
N GLY BC 103 -46.01 2.18 -104.89
CA GLY BC 103 -45.54 1.71 -103.61
C GLY BC 103 -46.06 2.47 -102.42
N ASN BC 104 -47.20 3.15 -102.55
CA ASN BC 104 -47.77 3.95 -101.47
C ASN BC 104 -48.83 3.11 -100.76
N LEU BC 105 -48.52 2.71 -99.52
CA LEU BC 105 -49.47 1.93 -98.73
C LEU BC 105 -50.68 2.76 -98.30
N GLU BC 106 -50.52 4.08 -98.22
CA GLU BC 106 -51.64 4.93 -97.81
C GLU BC 106 -52.79 4.86 -98.80
N LEU BC 107 -52.50 4.89 -100.10
CA LEU BC 107 -53.54 4.77 -101.11
C LEU BC 107 -54.20 3.41 -101.11
N LEU BC 108 -53.46 2.34 -100.79
CA LEU BC 108 -54.02 1.00 -100.71
C LEU BC 108 -54.86 0.78 -99.46
N LYS BC 109 -54.54 1.46 -98.36
CA LYS BC 109 -55.32 1.30 -97.14
C LYS BC 109 -56.77 1.74 -97.32
N ILE BC 110 -56.99 2.88 -97.96
CA ILE BC 110 -58.31 3.47 -98.07
C ILE BC 110 -59.14 2.73 -99.11
N PRO BC 111 -60.46 2.68 -98.95
CA PRO BC 111 -61.32 2.10 -100.01
C PRO BC 111 -61.46 3.06 -101.18
N ASN BC 112 -61.22 2.55 -102.39
CA ASN BC 112 -61.29 3.37 -103.58
C ASN BC 112 -62.68 3.29 -104.21
N PHE BC 113 -63.15 4.43 -104.72
CA PHE BC 113 -64.44 4.50 -105.40
C PHE BC 113 -64.27 4.69 -106.90
N LEU BC 114 -63.21 4.12 -107.48
CA LEU BC 114 -63.00 4.23 -108.91
C LEU BC 114 -64.03 3.44 -109.72
N HIS BC 115 -64.63 2.42 -109.12
CA HIS BC 115 -65.66 1.63 -109.78
C HIS BC 115 -67.06 2.21 -109.58
N LEU BC 116 -67.17 3.35 -108.90
CA LEU BC 116 -68.46 4.00 -108.65
C LEU BC 116 -68.45 5.45 -109.13
N THR BC 117 -67.81 5.72 -110.26
CA THR BC 117 -67.88 7.05 -110.84
C THR BC 117 -69.30 7.34 -111.32
N PRO BC 118 -69.69 8.60 -111.40
CA PRO BC 118 -71.07 8.92 -111.82
C PRO BC 118 -71.46 8.34 -113.16
N VAL BC 119 -70.53 8.31 -114.13
CA VAL BC 119 -70.83 7.72 -115.43
C VAL BC 119 -71.14 6.24 -115.28
N ALA BC 120 -70.33 5.51 -114.50
CA ALA BC 120 -70.59 4.11 -114.26
C ALA BC 120 -71.90 3.90 -113.51
N ILE BC 121 -72.22 4.77 -112.57
CA ILE BC 121 -73.48 4.65 -111.85
C ILE BC 121 -74.67 4.82 -112.79
N LYS BC 122 -74.60 5.82 -113.69
CA LYS BC 122 -75.67 6.01 -114.65
C LYS BC 122 -75.79 4.81 -115.60
N ARG BC 123 -74.65 4.29 -116.07
CA ARG BC 123 -74.68 3.14 -116.96
C ARG BC 123 -75.27 1.91 -116.27
N HIS BC 124 -74.95 1.71 -115.00
CA HIS BC 124 -75.48 0.57 -114.25
C HIS BC 124 -76.97 0.74 -114.01
N CYS BC 125 -77.40 1.93 -113.59
CA CYS BC 125 -78.82 2.14 -113.30
C CYS BC 125 -79.69 2.10 -114.54
N GLU BC 126 -79.13 2.42 -115.71
CA GLU BC 126 -79.89 2.27 -116.94
C GLU BC 126 -80.29 0.81 -117.17
N ALA BC 127 -79.40 -0.12 -116.86
CA ALA BC 127 -79.72 -1.55 -116.94
C ALA BC 127 -80.61 -2.01 -115.80
N LEU BC 128 -80.53 -1.37 -114.63
CA LEU BC 128 -81.34 -1.76 -113.48
C LEU BC 128 -82.75 -1.21 -113.54
N LYS BC 129 -83.01 -0.22 -114.39
CA LYS BC 129 -84.36 0.31 -114.54
C LYS BC 129 -85.38 -0.76 -114.96
N ASP BC 130 -84.92 -1.85 -115.58
CA ASP BC 130 -85.82 -2.89 -116.06
C ASP BC 130 -86.33 -3.79 -114.94
N PHE BC 131 -85.67 -3.83 -113.79
CA PHE BC 131 -86.07 -4.72 -112.71
C PHE BC 131 -87.10 -4.12 -111.77
N CYS BC 132 -87.10 -2.80 -111.61
CA CYS BC 132 -87.98 -2.16 -110.65
C CYS BC 132 -89.39 -2.00 -111.22
N THR BC 133 -90.35 -1.86 -110.31
CA THR BC 133 -91.74 -1.59 -110.65
C THR BC 133 -92.10 -0.16 -110.28
N GLU BC 134 -93.17 0.34 -110.87
CA GLU BC 134 -93.59 1.73 -110.71
C GLU BC 134 -94.48 1.86 -109.48
N TRP BC 135 -94.12 2.79 -108.60
CA TRP BC 135 -94.90 3.04 -107.39
C TRP BC 135 -96.25 3.64 -107.74
N PRO BC 136 -97.35 3.07 -107.26
CA PRO BC 136 -98.67 3.61 -107.59
C PRO BC 136 -98.84 5.03 -107.07
N ALA BC 137 -99.40 5.90 -107.91
CA ALA BC 137 -99.58 7.30 -107.55
C ALA BC 137 -100.77 7.53 -106.64
N ALA BC 138 -101.61 6.52 -106.41
CA ALA BC 138 -102.77 6.67 -105.56
C ALA BC 138 -102.41 6.85 -104.08
N LEU BC 139 -101.16 6.64 -103.70
CA LEU BC 139 -100.70 6.79 -102.34
C LEU BC 139 -99.56 7.80 -102.25
N ASP BC 140 -99.71 8.92 -102.95
CA ASP BC 140 -98.69 9.96 -102.90
C ASP BC 140 -98.54 10.54 -101.50
N SER BC 141 -99.67 10.76 -100.82
CA SER BC 141 -99.66 11.30 -99.47
C SER BC 141 -99.96 10.18 -98.47
N ASP BC 142 -99.36 10.30 -97.28
CA ASP BC 142 -99.55 9.29 -96.24
C ASP BC 142 -100.97 9.26 -95.70
N GLU BC 143 -101.77 10.31 -95.93
CA GLU BC 143 -103.13 10.31 -95.43
C GLU BC 143 -103.96 9.20 -96.04
N LYS BC 144 -103.84 9.00 -97.36
CA LYS BC 144 -104.51 7.89 -98.03
C LYS BC 144 -103.86 6.54 -97.71
N CYS BC 145 -102.55 6.52 -97.51
CA CYS BC 145 -101.88 5.29 -97.12
C CYS BC 145 -102.36 4.78 -95.77
N GLU BC 146 -102.63 5.69 -94.83
CA GLU BC 146 -103.16 5.27 -93.54
C GLU BC 146 -104.53 4.63 -93.66
N LYS BC 147 -105.42 5.21 -94.48
CA LYS BC 147 -106.76 4.67 -94.63
C LYS BC 147 -106.82 3.43 -95.51
N HIS BC 148 -105.82 3.21 -96.37
CA HIS BC 148 -105.81 2.04 -97.25
C HIS BC 148 -105.05 0.86 -96.65
N PHE BC 149 -103.91 1.11 -96.01
CA PHE BC 149 -103.09 0.06 -95.40
C PHE BC 149 -102.74 0.48 -93.98
N PRO BC 150 -103.70 0.37 -93.04
CA PRO BC 150 -103.45 0.80 -91.65
C PRO BC 150 -102.37 -0.01 -90.94
N ILE BC 151 -102.07 -1.22 -91.40
CA ILE BC 151 -101.11 -2.08 -90.73
C ILE BC 151 -99.70 -1.68 -91.16
N GLU BC 152 -98.77 -1.59 -90.20
CA GLU BC 152 -97.37 -1.31 -90.49
C GLU BC 152 -96.53 -2.39 -89.85
N ILE BC 153 -95.59 -2.95 -90.63
CA ILE BC 153 -94.71 -4.00 -90.17
C ILE BC 153 -93.28 -3.49 -90.28
N ASP BC 154 -92.64 -3.24 -89.13
CA ASP BC 154 -91.25 -2.83 -89.10
C ASP BC 154 -90.37 -4.07 -89.03
N THR BC 155 -89.51 -4.23 -90.04
CA THR BC 155 -88.60 -5.37 -90.16
C THR BC 155 -87.18 -4.85 -90.24
N ALA BC 156 -86.28 -5.47 -89.47
CA ALA BC 156 -84.89 -5.05 -89.39
C ALA BC 156 -84.01 -6.01 -90.19
N ASP BC 157 -83.05 -5.44 -90.92
CA ASP BC 157 -82.08 -6.22 -91.67
C ASP BC 157 -80.69 -5.67 -91.39
N TYR BC 158 -79.72 -6.57 -91.27
CA TYR BC 158 -78.35 -6.20 -90.93
C TYR BC 158 -77.38 -6.90 -91.87
N VAL BC 159 -76.27 -6.24 -92.16
CA VAL BC 159 -75.19 -6.79 -92.96
C VAL BC 159 -73.87 -6.47 -92.28
N SER BC 160 -73.00 -7.48 -92.19
CA SER BC 160 -71.71 -7.33 -91.56
C SER BC 160 -70.70 -8.21 -92.28
N ALA BC 161 -69.47 -7.72 -92.37
CA ALA BC 161 -68.41 -8.44 -93.06
C ALA BC 161 -67.93 -9.61 -92.21
N GLY BC 162 -67.97 -10.82 -92.77
CA GLY BC 162 -67.52 -12.00 -92.08
C GLY BC 162 -68.18 -13.25 -92.61
N PRO BC 163 -67.65 -14.42 -92.23
CA PRO BC 163 -68.23 -15.69 -92.71
C PRO BC 163 -69.61 -15.98 -92.19
N SER BC 164 -70.02 -15.39 -91.06
CA SER BC 164 -71.29 -15.68 -90.43
C SER BC 164 -72.37 -14.73 -90.90
N ILE BC 165 -73.61 -15.20 -90.90
CA ILE BC 165 -74.75 -14.40 -91.32
C ILE BC 165 -75.79 -14.19 -90.22
N ARG BC 166 -75.89 -15.10 -89.25
CA ARG BC 166 -76.94 -15.01 -88.24
C ARG BC 166 -76.70 -13.81 -87.33
N ASN BC 167 -77.73 -12.98 -87.17
CA ASN BC 167 -77.71 -11.85 -86.26
C ASN BC 167 -78.91 -11.94 -85.34
N PRO BC 168 -78.72 -11.98 -84.02
CA PRO BC 168 -79.87 -12.18 -83.11
C PRO BC 168 -80.92 -11.09 -83.18
N LYS BC 169 -80.58 -9.90 -83.66
CA LYS BC 169 -81.53 -8.81 -83.78
C LYS BC 169 -82.37 -8.90 -85.05
N ALA BC 170 -82.11 -9.89 -85.92
CA ALA BC 170 -82.89 -10.06 -87.13
C ALA BC 170 -84.28 -10.63 -86.87
N ARG BC 171 -84.46 -11.37 -85.77
CA ARG BC 171 -85.75 -11.98 -85.48
C ARG BC 171 -86.79 -10.96 -85.04
N VAL BC 172 -86.39 -9.74 -84.74
CA VAL BC 172 -87.31 -8.74 -84.20
C VAL BC 172 -88.21 -8.23 -85.31
N VAL BC 173 -89.52 -8.34 -85.10
CA VAL BC 173 -90.53 -7.78 -85.99
C VAL BC 173 -91.49 -6.95 -85.16
N THR BC 174 -91.74 -5.71 -85.58
CA THR BC 174 -92.61 -4.80 -84.85
C THR BC 174 -93.90 -4.61 -85.64
N LEU BC 175 -95.03 -4.58 -84.94
CA LEU BC 175 -96.33 -4.37 -85.56
C LEU BC 175 -96.93 -3.08 -85.03
N ARG BC 176 -97.42 -2.23 -85.91
CA ARG BC 176 -98.06 -0.98 -85.53
C ARG BC 176 -99.41 -0.87 -86.22
N VAL BC 177 -100.47 -0.75 -85.43
CA VAL BC 177 -101.84 -0.68 -85.94
C VAL BC 177 -102.54 0.51 -85.30
N LYS BC 178 -103.13 1.37 -86.12
CA LYS BC 178 -103.89 2.50 -85.60
C LYS BC 178 -105.31 2.03 -85.26
N LEU BC 179 -105.69 2.19 -84.00
CA LEU BC 179 -106.99 1.73 -83.53
C LEU BC 179 -108.15 2.57 -84.06
N SER BC 180 -107.87 3.70 -84.71
CA SER BC 180 -108.90 4.52 -85.31
C SER BC 180 -109.39 3.96 -86.65
N SER BC 181 -108.75 2.90 -87.15
CA SER BC 181 -109.13 2.29 -88.42
C SER BC 181 -109.71 0.89 -88.26
N LEU BC 182 -110.20 0.55 -87.08
CA LEU BC 182 -110.79 -0.76 -86.80
C LEU BC 182 -112.27 -0.61 -86.50
N ASN BC 183 -112.96 -1.75 -86.39
CA ASN BC 183 -114.39 -1.80 -86.13
C ASN BC 183 -114.70 -2.03 -84.65
N LEU BC 184 -113.83 -1.57 -83.76
CA LEU BC 184 -114.06 -1.74 -82.33
C LEU BC 184 -115.23 -0.89 -81.86
N ASP BC 185 -116.05 -1.46 -80.99
CA ASP BC 185 -117.12 -0.72 -80.33
C ASP BC 185 -116.55 -0.05 -79.08
N ASP BC 186 -117.41 0.63 -78.31
CA ASP BC 186 -116.94 1.29 -77.10
C ASP BC 186 -116.43 0.29 -76.08
N HIS BC 187 -117.23 -0.73 -75.77
CA HIS BC 187 -116.82 -1.76 -74.82
C HIS BC 187 -115.61 -2.54 -75.32
N ALA BC 188 -115.58 -2.88 -76.61
CA ALA BC 188 -114.44 -3.60 -77.15
C ALA BC 188 -113.16 -2.78 -77.05
N LYS BC 189 -113.23 -1.49 -77.38
CA LYS BC 189 -112.05 -0.63 -77.28
C LYS BC 189 -111.60 -0.49 -75.82
N LYS BC 190 -112.54 -0.28 -74.91
CA LYS BC 190 -112.17 -0.14 -73.50
C LYS BC 190 -111.56 -1.42 -72.94
N LYS BC 191 -112.05 -2.58 -73.37
CA LYS BC 191 -111.45 -3.83 -72.95
C LYS BC 191 -110.08 -4.04 -73.57
N LEU BC 192 -109.92 -3.73 -74.86
CA LEU BC 192 -108.64 -3.94 -75.53
C LEU BC 192 -107.55 -3.03 -74.97
N ILE BC 193 -107.89 -1.79 -74.62
CA ILE BC 193 -106.89 -0.88 -74.07
C ILE BC 193 -106.28 -1.46 -72.80
N LYS BC 194 -107.14 -1.95 -71.89
CA LYS BC 194 -106.65 -2.57 -70.67
C LYS BC 194 -105.99 -3.92 -70.91
N LEU BC 195 -106.43 -4.67 -71.92
CA LEU BC 195 -105.77 -5.93 -72.24
C LEU BC 195 -104.34 -5.71 -72.71
N VAL BC 196 -104.10 -4.70 -73.54
CA VAL BC 196 -102.77 -4.47 -74.07
C VAL BC 196 -101.90 -3.70 -73.08
N GLY BC 197 -102.50 -2.82 -72.30
CA GLY BC 197 -101.76 -2.07 -71.28
C GLY BC 197 -100.90 -0.98 -71.89
N ASP BC 198 -99.60 -1.02 -71.61
CA ASP BC 198 -98.67 0.00 -72.05
C ASP BC 198 -98.29 -0.12 -73.52
N ARG BC 199 -98.62 -1.23 -74.18
CA ARG BC 199 -98.30 -1.39 -75.59
C ARG BC 199 -99.09 -0.44 -76.48
N TYR BC 200 -100.13 0.19 -75.96
CA TYR BC 200 -100.94 1.14 -76.70
C TYR BC 200 -100.87 2.50 -76.03
N CYS BC 201 -100.58 3.53 -76.82
CA CYS BC 201 -100.48 4.89 -76.33
C CYS BC 201 -101.77 5.64 -76.58
N LYS BC 202 -102.01 6.68 -75.77
CA LYS BC 202 -103.21 7.49 -75.90
C LYS BC 202 -102.98 8.75 -76.73
N SER BC 203 -101.77 9.31 -76.68
CA SER BC 203 -101.50 10.53 -77.44
C SER BC 203 -101.58 10.29 -78.94
N THR BC 204 -101.00 9.19 -79.40
CA THR BC 204 -101.01 8.86 -80.83
C THR BC 204 -102.05 7.83 -81.20
N ASP BC 205 -102.52 7.04 -80.23
CA ASP BC 205 -103.54 6.01 -80.45
C ASP BC 205 -103.07 4.99 -81.49
N VAL BC 206 -101.88 4.43 -81.25
CA VAL BC 206 -101.30 3.40 -82.08
C VAL BC 206 -100.88 2.23 -81.20
N LEU BC 207 -101.44 1.05 -81.47
CA LEU BC 207 -101.09 -0.16 -80.75
C LEU BC 207 -99.82 -0.75 -81.36
N THR BC 208 -98.90 -1.15 -80.49
CA THR BC 208 -97.60 -1.68 -80.91
C THR BC 208 -97.43 -3.09 -80.34
N ILE BC 209 -96.97 -4.01 -81.18
CA ILE BC 209 -96.69 -5.38 -80.80
C ILE BC 209 -95.21 -5.64 -81.06
N LYS BC 210 -94.52 -6.10 -80.01
CA LYS BC 210 -93.08 -6.36 -80.05
C LYS BC 210 -92.85 -7.84 -79.79
N THR BC 211 -92.69 -8.62 -80.86
CA THR BC 211 -92.53 -10.06 -80.77
C THR BC 211 -91.09 -10.45 -81.06
N ASP BC 212 -90.50 -11.26 -80.18
CA ASP BC 212 -89.15 -11.76 -80.38
C ASP BC 212 -89.02 -13.23 -79.96
N ARG BC 213 -90.12 -13.89 -79.63
CA ARG BC 213 -90.05 -15.26 -79.11
C ARG BC 213 -89.66 -16.26 -80.20
N CYS BC 214 -90.16 -16.09 -81.41
CA CYS BC 214 -89.90 -17.04 -82.48
C CYS BC 214 -88.46 -16.92 -82.97
N PRO BC 215 -87.82 -18.05 -83.31
CA PRO BC 215 -86.45 -18.00 -83.85
C PRO BC 215 -86.39 -17.35 -85.22
N LEU BC 216 -87.36 -17.66 -86.07
CA LEU BC 216 -87.36 -17.16 -87.44
C LEU BC 216 -88.16 -15.87 -87.56
N LYS BC 217 -87.73 -15.03 -88.51
CA LYS BC 217 -88.42 -13.76 -88.75
C LYS BC 217 -89.84 -14.00 -89.29
N ARG BC 218 -89.99 -14.96 -90.19
CA ARG BC 218 -91.33 -15.30 -90.69
C ARG BC 218 -92.21 -15.84 -89.56
N GLN BC 219 -91.65 -16.67 -88.68
CA GLN BC 219 -92.42 -17.15 -87.53
C GLN BC 219 -92.82 -16.00 -86.62
N ASN BC 220 -91.92 -15.04 -86.38
CA ASN BC 220 -92.27 -13.87 -85.57
C ASN BC 220 -93.37 -13.06 -86.22
N TYR BC 221 -93.33 -12.87 -87.54
CA TYR BC 221 -94.38 -12.14 -88.23
C TYR BC 221 -95.72 -12.87 -88.11
N ASP BC 222 -95.71 -14.19 -88.30
CA ASP BC 222 -96.94 -14.96 -88.17
C ASP BC 222 -97.48 -14.90 -86.74
N TYR BC 223 -96.60 -14.96 -85.75
CA TYR BC 223 -97.02 -14.84 -84.35
C TYR BC 223 -97.59 -13.46 -84.04
N ALA BC 224 -97.02 -12.41 -84.61
CA ALA BC 224 -97.57 -11.07 -84.43
C ALA BC 224 -98.97 -10.97 -85.05
N VAL BC 225 -99.14 -11.54 -86.24
CA VAL BC 225 -100.47 -11.54 -86.85
C VAL BC 225 -101.46 -12.32 -86.00
N TYR BC 226 -101.04 -13.47 -85.46
CA TYR BC 226 -101.91 -14.25 -84.58
C TYR BC 226 -102.26 -13.46 -83.31
N LEU BC 227 -101.29 -12.75 -82.74
CA LEU BC 227 -101.56 -11.93 -81.57
C LEU BC 227 -102.56 -10.84 -81.87
N LEU BC 228 -102.41 -10.16 -83.01
CA LEU BC 228 -103.38 -9.15 -83.39
C LEU BC 228 -104.77 -9.75 -83.57
N THR BC 229 -104.85 -10.92 -84.21
CA THR BC 229 -106.14 -11.58 -84.42
C THR BC 229 -106.81 -11.93 -83.10
N VAL BC 230 -106.07 -12.54 -82.18
CA VAL BC 230 -106.69 -12.93 -80.91
C VAL BC 230 -107.03 -11.71 -80.07
N LEU BC 231 -106.20 -10.66 -80.08
CA LEU BC 231 -106.53 -9.46 -79.34
C LEU BC 231 -107.79 -8.80 -79.87
N TYR BC 232 -107.98 -8.79 -81.20
CA TYR BC 232 -109.22 -8.25 -81.75
C TYR BC 232 -110.42 -9.14 -81.40
N HIS BC 233 -110.25 -10.47 -81.47
CA HIS BC 233 -111.38 -11.37 -81.28
C HIS BC 233 -111.84 -11.40 -79.83
N GLU BC 234 -110.91 -11.53 -78.89
CA GLU BC 234 -111.27 -11.69 -77.49
C GLU BC 234 -111.76 -10.40 -76.85
N SER BC 235 -111.57 -9.26 -77.51
CA SER BC 235 -112.08 -8.00 -76.98
C SER BC 235 -113.59 -7.89 -77.09
N TRP BC 236 -114.22 -8.71 -77.93
CA TRP BC 236 -115.67 -8.69 -78.08
C TRP BC 236 -116.38 -9.68 -77.16
N LYS BC 237 -115.65 -10.65 -76.59
CA LYS BC 237 -116.26 -11.63 -75.71
C LYS BC 237 -116.40 -11.04 -74.31
N THR BC 238 -117.63 -11.00 -73.81
CA THR BC 238 -117.91 -10.54 -72.46
C THR BC 238 -118.18 -11.74 -71.57
N GLU BC 239 -117.36 -11.91 -70.53
CA GLU BC 239 -117.49 -13.06 -69.64
C GLU BC 239 -118.30 -12.67 -68.41
N GLU BC 240 -118.44 -13.61 -67.47
CA GLU BC 240 -119.25 -13.36 -66.28
C GLU BC 240 -118.60 -12.38 -65.32
N TRP BC 241 -117.27 -12.33 -65.30
CA TRP BC 241 -116.55 -11.44 -64.38
C TRP BC 241 -116.50 -10.00 -64.86
N GLU BC 242 -117.00 -9.71 -66.06
CA GLU BC 242 -117.03 -8.33 -66.54
C GLU BC 242 -118.16 -7.52 -65.90
N LYS BC 243 -119.26 -8.18 -65.51
CA LYS BC 243 -120.40 -7.47 -64.97
C LYS BC 243 -120.15 -6.93 -63.57
N LYS BC 244 -119.10 -7.40 -62.89
CA LYS BC 244 -118.75 -6.91 -61.57
C LYS BC 244 -117.66 -5.83 -61.63
N LYS BC 245 -117.62 -5.08 -62.72
CA LYS BC 245 -116.65 -4.01 -62.86
C LYS BC 245 -116.93 -2.89 -61.86
N THR BC 246 -115.86 -2.36 -61.27
CA THR BC 246 -115.95 -1.29 -60.29
C THR BC 246 -115.62 0.06 -60.94
N GLU BC 247 -116.10 1.13 -60.31
CA GLU BC 247 -115.85 2.47 -60.81
C GLU BC 247 -114.37 2.84 -60.75
N ALA BC 248 -113.63 2.28 -59.79
CA ALA BC 248 -112.23 2.62 -59.62
C ALA BC 248 -111.36 2.17 -60.80
N ASP BC 249 -111.83 1.21 -61.59
CA ASP BC 249 -111.07 0.71 -62.72
C ASP BC 249 -111.44 1.37 -64.05
N MET BC 250 -112.59 2.02 -64.13
CA MET BC 250 -112.98 2.67 -65.38
C MET BC 250 -112.19 3.95 -65.59
N GLU BC 251 -111.72 4.14 -66.83
CA GLU BC 251 -110.93 5.32 -67.15
C GLU BC 251 -111.75 6.59 -67.25
N GLU BC 252 -113.06 6.48 -67.39
CA GLU BC 252 -113.95 7.64 -67.53
C GLU BC 252 -114.88 7.73 -66.33
N TYR BC 253 -115.19 8.96 -65.94
CA TYR BC 253 -116.06 9.24 -64.82
C TYR BC 253 -117.50 9.31 -65.32
N ILE BC 254 -118.35 8.43 -64.80
CA ILE BC 254 -119.76 8.38 -65.19
C ILE BC 254 -120.59 8.95 -64.05
N TRP BC 255 -121.56 9.80 -64.40
CA TRP BC 255 -122.41 10.44 -63.40
C TRP BC 255 -123.26 9.42 -62.66
N GLU BC 256 -123.74 8.39 -63.36
CA GLU BC 256 -124.57 7.38 -62.72
C GLU BC 256 -123.77 6.60 -61.69
N ASN BC 257 -124.40 6.32 -60.56
CA ASN BC 257 -123.77 5.58 -59.44
C ASN BC 257 -122.50 6.27 -58.96
N SER BC 258 -122.53 7.60 -58.84
CA SER BC 258 -121.38 8.38 -58.41
C SER BC 258 -121.64 8.99 -57.03
N THR BC 259 -120.54 9.22 -56.31
CA THR BC 259 -120.65 9.80 -54.98
C THR BC 259 -121.14 11.24 -55.04
N SER BC 260 -120.78 11.98 -56.09
CA SER BC 260 -121.27 13.33 -56.26
C SER BC 260 -122.79 13.35 -56.47
N GLU BC 261 -123.34 12.37 -57.17
CA GLU BC 261 -124.78 12.26 -57.30
C GLU BC 261 -125.46 12.06 -55.96
N LYS BC 262 -124.88 11.21 -55.10
CA LYS BC 262 -125.42 11.03 -53.76
C LYS BC 262 -125.32 12.30 -52.94
N ASN BC 263 -124.22 13.04 -53.07
CA ASN BC 263 -124.08 14.32 -52.37
C ASN BC 263 -125.14 15.31 -52.82
N ILE BC 264 -125.39 15.37 -54.13
CA ILE BC 264 -126.43 16.25 -54.65
C ILE BC 264 -127.79 15.84 -54.12
N LEU BC 265 -128.08 14.53 -54.10
CA LEU BC 265 -129.34 14.06 -53.54
C LEU BC 265 -129.48 14.44 -52.07
N GLU BC 266 -128.40 14.30 -51.29
CA GLU BC 266 -128.42 14.65 -49.88
C GLU BC 266 -128.66 16.13 -49.64
N THR BC 267 -128.02 17.00 -50.44
CA THR BC 267 -128.21 18.43 -50.23
C THR BC 267 -129.54 18.93 -50.77
N LEU BC 268 -130.07 18.32 -51.84
CA LEU BC 268 -131.35 18.77 -52.38
C LEU BC 268 -132.49 18.52 -51.41
N LEU BC 269 -132.53 17.34 -50.77
CA LEU BC 269 -133.57 17.09 -49.79
C LEU BC 269 -133.48 18.03 -48.60
N GLN BC 270 -132.26 18.35 -48.16
CA GLN BC 270 -132.09 19.30 -47.06
C GLN BC 270 -132.55 20.71 -47.43
N ILE BC 271 -132.20 21.19 -48.61
CA ILE BC 271 -132.66 22.53 -48.99
C ILE BC 271 -134.16 22.55 -49.20
N LYS BC 272 -134.73 21.46 -49.74
CA LYS BC 272 -136.19 21.39 -49.85
C LYS BC 272 -136.87 21.38 -48.49
N ALA BC 273 -136.31 20.66 -47.52
CA ALA BC 273 -136.85 20.69 -46.16
C ALA BC 273 -136.74 22.08 -45.54
N ALA BC 274 -135.62 22.76 -45.78
CA ALA BC 274 -135.47 24.13 -45.30
C ALA BC 274 -136.51 25.07 -45.92
N GLU BC 275 -136.79 24.90 -47.21
CA GLU BC 275 -137.80 25.69 -47.90
C GLU BC 275 -139.21 25.20 -47.63
N LYS BC 276 -139.36 24.09 -46.89
CA LYS BC 276 -140.66 23.54 -46.52
C LYS BC 276 -141.47 23.14 -47.77
N ASN BC 277 -140.82 22.47 -48.70
CA ASN BC 277 -141.46 21.96 -49.91
C ASN BC 277 -141.48 20.44 -49.83
N LEU BC 278 -142.67 19.85 -49.92
CA LEU BC 278 -142.83 18.41 -49.78
C LEU BC 278 -142.68 17.65 -51.10
N GLU BC 279 -142.41 18.34 -52.20
CA GLU BC 279 -142.24 17.69 -53.50
C GLU BC 279 -140.88 17.01 -53.52
N LEU BC 280 -140.81 15.82 -52.90
CA LEU BC 280 -139.57 15.05 -52.79
C LEU BC 280 -139.65 13.89 -53.76
N SER BC 281 -138.93 14.02 -54.88
CA SER BC 281 -138.89 12.97 -55.89
C SER BC 281 -137.52 12.97 -56.54
N LYS BC 282 -136.89 11.79 -56.63
CA LYS BC 282 -135.56 11.70 -57.23
C LYS BC 282 -135.58 12.12 -58.69
N GLU BC 283 -136.59 11.70 -59.45
CA GLU BC 283 -136.70 12.11 -60.85
C GLU BC 283 -136.97 13.60 -60.99
N GLU BC 284 -137.78 14.18 -60.10
CA GLU BC 284 -138.02 15.62 -60.15
C GLU BC 284 -136.75 16.40 -59.85
N LEU BC 285 -135.96 15.93 -58.89
CA LEU BC 285 -134.68 16.58 -58.60
C LEU BC 285 -133.71 16.44 -59.77
N LEU BC 286 -133.67 15.26 -60.39
CA LEU BC 286 -132.70 14.99 -61.44
C LEU BC 286 -133.09 15.64 -62.77
N GLY BC 287 -134.37 15.97 -62.96
CA GLY BC 287 -134.78 16.56 -64.21
C GLY BC 287 -134.50 18.05 -64.35
N THR BC 288 -134.10 18.70 -63.28
CA THR BC 288 -133.81 20.13 -63.33
C THR BC 288 -132.60 20.40 -64.22
N LYS BC 289 -132.61 21.54 -64.91
CA LYS BC 289 -131.46 21.93 -65.72
C LYS BC 289 -130.23 22.23 -64.88
N GLU BC 290 -130.39 22.63 -63.63
CA GLU BC 290 -129.24 22.93 -62.78
C GLU BC 290 -128.41 21.68 -62.53
N VAL BC 291 -129.07 20.57 -62.19
CA VAL BC 291 -128.32 19.34 -61.96
C VAL BC 291 -127.79 18.77 -63.26
N GLU BC 292 -128.42 19.06 -64.41
CA GLU BC 292 -127.84 18.68 -65.70
C GLU BC 292 -126.54 19.44 -65.96
N ASP BC 293 -126.54 20.75 -65.68
CA ASP BC 293 -125.33 21.54 -65.82
C ASP BC 293 -124.25 21.03 -64.86
N TYR BC 294 -124.63 20.69 -63.64
CA TYR BC 294 -123.66 20.11 -62.72
C TYR BC 294 -123.15 18.76 -63.21
N ARG BC 295 -124.02 17.95 -63.83
CA ARG BC 295 -123.60 16.65 -64.34
C ARG BC 295 -122.58 16.80 -65.46
N LYS BC 296 -122.79 17.75 -66.37
CA LYS BC 296 -121.78 17.97 -67.39
C LYS BC 296 -120.51 18.61 -66.84
N SER BC 297 -120.63 19.52 -65.86
CA SER BC 297 -119.47 20.15 -65.25
C SER BC 297 -118.59 19.16 -64.50
N VAL BC 298 -119.19 18.21 -63.77
CA VAL BC 298 -118.38 17.29 -62.98
C VAL BC 298 -117.61 16.34 -63.88
N VAL BC 299 -118.23 15.85 -64.97
CA VAL BC 299 -117.48 15.00 -65.89
C VAL BC 299 -116.42 15.80 -66.65
N SER BC 300 -116.70 17.06 -67.00
CA SER BC 300 -115.68 17.89 -67.60
C SER BC 300 -114.50 18.11 -66.67
N LEU BC 301 -114.76 18.30 -65.37
CA LEU BC 301 -113.69 18.47 -64.40
C LEU BC 301 -112.92 17.19 -64.15
N LYS BC 302 -113.60 16.04 -64.15
CA LYS BC 302 -112.93 14.76 -63.92
C LYS BC 302 -112.08 14.32 -65.10
N ASN BC 303 -112.58 14.51 -66.32
CA ASN BC 303 -111.83 14.05 -67.49
C ASN BC 303 -110.77 15.06 -67.91
N GLU BC 304 -111.18 16.31 -68.16
CA GLU BC 304 -110.25 17.33 -68.63
C GLU BC 304 -109.37 17.89 -67.52
N GLY BC 305 -109.67 17.58 -66.26
CA GLY BC 305 -108.89 18.09 -65.15
C GLY BC 305 -109.29 19.51 -64.77
N ASP BC 306 -108.48 20.10 -63.90
CA ASP BC 306 -108.71 21.46 -63.43
C ASP BC 306 -108.18 22.45 -64.46
N ASN BC 307 -109.07 23.26 -65.01
CA ASN BC 307 -108.70 24.28 -65.98
C ASN BC 307 -109.35 25.60 -65.64
N GLU BC 308 -108.89 26.69 -66.27
CA GLU BC 308 -109.44 28.01 -65.97
C GLU BC 308 -110.92 28.08 -66.32
N ASN BC 309 -111.31 27.50 -67.46
CA ASN BC 309 -112.71 27.48 -67.85
C ASN BC 309 -113.51 26.41 -67.11
N THR BC 310 -112.93 25.23 -66.92
CA THR BC 310 -113.66 24.14 -66.27
C THR BC 310 -113.96 24.47 -64.82
N LEU BC 311 -113.00 25.06 -64.10
CA LEU BC 311 -113.25 25.44 -62.71
C LEU BC 311 -114.25 26.58 -62.62
N SER BC 312 -114.24 27.50 -63.60
CA SER BC 312 -115.27 28.53 -63.63
C SER BC 312 -116.65 27.92 -63.83
N GLN BC 313 -116.76 26.94 -64.73
CA GLN BC 313 -118.03 26.25 -64.93
C GLN BC 313 -118.49 25.55 -63.65
N TYR BC 314 -117.56 24.87 -62.96
CA TYR BC 314 -117.90 24.19 -61.72
C TYR BC 314 -118.35 25.16 -60.65
N LYS BC 315 -117.66 26.30 -60.52
CA LYS BC 315 -118.06 27.31 -59.55
C LYS BC 315 -119.45 27.87 -59.87
N GLU BC 316 -119.70 28.19 -61.15
CA GLU BC 316 -120.99 28.76 -61.53
C GLU BC 316 -122.13 27.77 -61.34
N SER BC 317 -121.89 26.48 -61.63
CA SER BC 317 -122.94 25.49 -61.42
C SER BC 317 -123.30 25.39 -59.94
N VAL BC 318 -122.30 25.37 -59.06
CA VAL BC 318 -122.57 25.30 -57.62
C VAL BC 318 -123.29 26.55 -57.15
N LYS BC 319 -122.86 27.73 -57.62
CA LYS BC 319 -123.52 28.97 -57.22
C LYS BC 319 -124.97 29.00 -57.68
N ARG BC 320 -125.24 28.57 -58.91
CA ARG BC 320 -126.63 28.52 -59.39
C ARG BC 320 -127.46 27.50 -58.61
N LEU BC 321 -126.87 26.34 -58.28
CA LEU BC 321 -127.61 25.34 -57.53
C LEU BC 321 -127.95 25.82 -56.12
N LEU BC 322 -127.02 26.53 -55.48
CA LEU BC 322 -127.22 27.02 -54.12
C LEU BC 322 -127.86 28.40 -54.09
N ASN BC 323 -128.17 28.98 -55.24
CA ASN BC 323 -128.81 30.29 -55.33
C ASN BC 323 -127.99 31.36 -54.61
N LEU BC 324 -126.67 31.29 -54.79
CA LEU BC 324 -125.74 32.24 -54.19
C LEU BC 324 -125.21 33.18 -55.25
N ALA BC 325 -125.19 34.47 -54.94
CA ALA BC 325 -124.69 35.48 -55.86
C ALA BC 325 -124.15 36.69 -55.11
N ALA CC 2 -6.55 62.94 -63.42
CA ALA CC 2 -6.05 62.19 -64.56
C ALA CC 2 -5.74 60.76 -64.18
N THR CC 3 -5.32 59.95 -65.16
CA THR CC 3 -5.00 58.55 -64.93
C THR CC 3 -3.74 58.45 -64.06
N PRO CC 4 -3.79 57.65 -62.99
CA PRO CC 4 -2.60 57.46 -62.16
C PRO CC 4 -1.46 56.83 -62.96
N SER CC 5 -0.24 57.18 -62.58
CA SER CC 5 0.93 56.69 -63.29
C SER CC 5 1.06 55.18 -63.16
N LEU CC 6 1.52 54.55 -64.25
CA LEU CC 6 1.71 53.11 -64.28
C LEU CC 6 3.16 52.72 -64.51
N ARG CC 7 4.05 53.67 -64.71
CA ARG CC 7 5.47 53.38 -64.94
C ARG CC 7 6.12 52.94 -63.64
N GLY CC 8 6.84 51.83 -63.69
CA GLY CC 8 7.55 51.35 -62.51
C GLY CC 8 6.66 50.80 -61.41
N ARG CC 9 5.45 50.39 -61.74
CA ARG CC 9 4.50 49.87 -60.75
C ARG CC 9 4.48 48.36 -60.68
N LEU CC 10 4.46 47.68 -61.81
CA LEU CC 10 4.34 46.24 -61.85
C LEU CC 10 5.70 45.56 -61.70
N ALA CC 11 5.66 44.27 -61.38
CA ALA CC 11 6.87 43.46 -61.23
C ALA CC 11 7.24 42.89 -62.59
N ARG CC 12 8.28 43.45 -63.19
CA ARG CC 12 8.77 43.01 -64.49
C ARG CC 12 10.28 42.87 -64.44
N LEU CC 13 10.84 42.16 -65.43
CA LEU CC 13 12.28 41.97 -65.48
C LEU CC 13 13.01 43.30 -65.66
N GLY CC 14 12.46 44.18 -66.50
CA GLY CC 14 13.09 45.48 -66.72
C GLY CC 14 12.93 46.43 -65.56
N ASN CC 15 11.95 46.22 -64.69
CA ASN CC 15 11.75 47.09 -63.54
C ASN CC 15 12.78 46.75 -62.46
N PRO CC 16 13.63 47.69 -62.07
CA PRO CC 16 14.70 47.37 -61.11
C PRO CC 16 14.26 47.43 -59.66
N ARG CC 17 13.23 48.24 -59.37
CA ARG CC 17 12.82 48.48 -58.00
C ARG CC 17 11.79 47.44 -57.55
N ARG CC 18 11.35 47.57 -56.31
CA ARG CC 18 10.30 46.72 -55.78
C ARG CC 18 8.95 47.12 -56.38
N PRO CC 19 8.16 46.14 -56.84
CA PRO CC 19 6.88 46.49 -57.46
C PRO CC 19 5.94 47.19 -56.50
N ILE CC 20 5.18 48.14 -57.04
CA ILE CC 20 4.24 48.91 -56.24
C ILE CC 20 2.85 48.30 -56.27
N LEU CC 21 2.37 47.95 -57.45
CA LEU CC 21 1.03 47.38 -57.63
C LEU CC 21 1.12 45.89 -57.89
N LYS CC 22 0.18 45.14 -57.32
CA LYS CC 22 0.09 43.69 -57.47
C LYS CC 22 -1.32 43.37 -57.93
N PRO CC 23 -1.62 43.56 -59.22
CA PRO CC 23 -3.00 43.40 -59.70
C PRO CC 23 -3.52 41.99 -59.48
N ASN CC 24 -4.78 41.89 -59.08
CA ASN CC 24 -5.43 40.59 -58.99
C ASN CC 24 -5.58 39.96 -60.36
N LYS CC 25 -5.97 40.76 -61.36
CA LYS CC 25 -6.14 40.34 -62.73
C LYS CC 25 -5.40 41.31 -63.65
N PRO CC 26 -5.01 40.86 -64.84
CA PRO CC 26 -4.22 41.73 -65.72
C PRO CC 26 -4.96 43.00 -66.07
N LEU CC 27 -4.21 44.10 -66.16
CA LEU CC 27 -4.77 45.41 -66.46
C LEU CC 27 -5.00 45.53 -67.97
N ILE CC 28 -6.01 44.80 -68.44
CA ILE CC 28 -6.41 44.82 -69.85
C ILE CC 28 -7.82 45.36 -69.92
N LEU CC 29 -8.01 46.40 -70.74
CA LEU CC 29 -9.32 47.03 -70.84
C LEU CC 29 -10.27 46.12 -71.61
N ALA CC 30 -11.32 45.65 -70.93
CA ALA CC 30 -12.26 44.72 -71.53
C ALA CC 30 -13.15 45.45 -72.53
N ASN CC 31 -13.84 44.66 -73.35
CA ASN CC 31 -14.74 45.17 -74.37
C ASN CC 31 -16.19 45.24 -73.90
N HIS CC 32 -16.42 45.14 -72.60
CA HIS CC 32 -17.78 45.22 -72.06
C HIS CC 32 -17.71 45.78 -70.66
N VAL CC 33 -18.60 46.73 -70.34
CA VAL CC 33 -18.63 47.34 -69.02
C VAL CC 33 -19.47 46.47 -68.09
N GLY CC 34 -19.31 46.67 -66.79
CA GLY CC 34 -20.07 45.91 -65.83
C GLY CC 34 -21.54 46.33 -65.80
N GLU CC 35 -22.40 45.35 -65.51
CA GLU CC 35 -23.83 45.61 -65.42
C GLU CC 35 -24.14 46.46 -64.21
N ARG CC 36 -25.15 47.33 -64.36
CA ARG CC 36 -25.53 48.22 -63.26
C ARG CC 36 -26.12 47.42 -62.11
N ARG CC 37 -25.63 47.69 -60.90
CA ARG CC 37 -26.09 46.98 -59.71
C ARG CC 37 -27.40 47.56 -59.22
N ARG CC 38 -28.30 46.68 -58.80
CA ARG CC 38 -29.60 47.11 -58.29
C ARG CC 38 -29.47 47.54 -56.83
N GLU CC 39 -30.09 48.66 -56.49
CA GLU CC 39 -30.00 49.19 -55.14
C GLU CC 39 -30.78 48.33 -54.16
N LYS CC 40 -30.21 48.16 -52.97
CA LYS CC 40 -30.86 47.36 -51.93
C LYS CC 40 -32.02 48.15 -51.32
N GLY CC 41 -33.17 47.51 -51.20
CA GLY CC 41 -34.33 48.18 -50.64
C GLY CC 41 -34.23 48.34 -49.13
N GLU CC 42 -35.04 49.25 -48.61
CA GLU CC 42 -35.11 49.51 -47.19
C GLU CC 42 -36.55 49.79 -46.77
N ALA CC 43 -36.81 49.63 -45.48
CA ALA CC 43 -38.15 49.90 -44.95
C ALA CC 43 -38.49 51.37 -45.10
N THR CC 44 -39.76 51.65 -45.39
CA THR CC 44 -40.24 53.01 -45.61
C THR CC 44 -41.37 53.35 -44.64
N CYS CC 45 -41.63 54.65 -44.53
CA CYS CC 45 -42.71 55.19 -43.71
C CYS CC 45 -42.53 54.82 -42.23
N ILE CC 46 -41.26 54.65 -41.82
CA ILE CC 46 -40.98 54.34 -40.43
C ILE CC 46 -41.29 55.53 -39.53
N THR CC 47 -40.89 56.73 -39.95
CA THR CC 47 -41.16 57.94 -39.17
C THR CC 47 -42.66 58.22 -39.06
N GLU CC 48 -43.44 57.87 -40.07
CA GLU CC 48 -44.88 58.05 -40.01
C GLU CC 48 -45.58 56.96 -39.20
N MET CC 49 -45.09 55.72 -39.28
CA MET CC 49 -45.60 54.68 -38.39
C MET CC 49 -45.32 55.01 -36.93
N SER CC 50 -44.18 55.64 -36.65
CA SER CC 50 -43.88 56.05 -35.28
C SER CC 50 -44.90 57.04 -34.75
N VAL CC 51 -45.23 58.07 -35.54
CA VAL CC 51 -46.22 59.04 -35.09
C VAL CC 51 -47.63 58.47 -35.11
N MET CC 52 -47.89 57.45 -35.93
CA MET CC 52 -49.18 56.77 -35.89
C MET CC 52 -49.34 55.99 -34.58
N MET CC 53 -48.30 55.25 -34.19
CA MET CC 53 -48.34 54.52 -32.93
C MET CC 53 -48.24 55.45 -31.72
N ALA CC 54 -47.74 56.66 -31.90
CA ALA CC 54 -47.76 57.64 -30.81
C ALA CC 54 -49.19 57.95 -30.38
N CYS CC 55 -50.13 57.99 -31.33
CA CYS CC 55 -51.53 58.16 -30.97
C CYS CC 55 -52.01 57.00 -30.09
N TRP CC 56 -51.71 55.77 -30.51
CA TRP CC 56 -52.21 54.60 -29.78
C TRP CC 56 -51.62 54.52 -28.38
N LYS CC 57 -50.32 54.78 -28.24
CA LYS CC 57 -49.67 54.65 -26.94
C LYS CC 57 -50.27 55.61 -25.90
N GLN CC 58 -50.75 56.77 -26.34
CA GLN CC 58 -51.33 57.74 -25.43
C GLN CC 58 -52.85 57.67 -25.37
N ASN CC 59 -53.50 56.99 -26.32
CA ASN CC 59 -54.96 56.91 -26.34
C ASN CC 59 -55.47 55.48 -26.17
N GLU CC 60 -54.63 54.57 -25.66
CA GLU CC 60 -55.06 53.20 -25.35
C GLU CC 60 -55.51 52.46 -26.61
N PHE CC 61 -54.82 52.71 -27.73
CA PHE CC 61 -55.01 51.99 -28.98
C PHE CC 61 -56.45 52.13 -29.48
N ARG CC 62 -56.85 53.36 -29.78
CA ARG CC 62 -58.13 53.63 -30.42
C ARG CC 62 -57.92 54.58 -31.59
N ASP CC 63 -58.55 54.27 -32.71
CA ASP CC 63 -58.41 55.08 -33.91
C ASP CC 63 -59.35 56.27 -33.95
N GLU CC 64 -60.37 56.32 -33.07
CA GLU CC 64 -61.27 57.45 -33.05
C GLU CC 64 -60.66 58.67 -32.36
N ALA CC 65 -59.54 58.49 -31.67
CA ALA CC 65 -58.88 59.62 -31.01
C ALA CC 65 -58.18 60.52 -32.02
N CYS CC 66 -57.24 59.96 -32.77
CA CYS CC 66 -56.51 60.69 -33.80
C CYS CC 66 -56.68 59.99 -35.14
N ARG CC 67 -56.86 60.78 -36.19
CA ARG CC 67 -57.09 60.26 -37.53
C ARG CC 67 -56.11 60.75 -38.58
N LYS CC 68 -55.51 61.93 -38.37
CA LYS CC 68 -54.60 62.49 -39.37
C LYS CC 68 -53.36 61.63 -39.52
N GLU CC 69 -52.83 61.10 -38.42
CA GLU CC 69 -51.64 60.27 -38.48
C GLU CC 69 -51.89 58.99 -39.28
N ILE CC 70 -53.03 58.34 -39.07
CA ILE CC 70 -53.34 57.11 -39.79
C ILE CC 70 -53.52 57.38 -41.28
N GLN CC 71 -54.22 58.47 -41.62
CA GLN CC 71 -54.39 58.82 -43.03
C GLN CC 71 -53.06 59.16 -43.67
N ASP CC 72 -52.19 59.86 -42.95
CA ASP CC 72 -50.87 60.17 -43.48
C ASP CC 72 -50.05 58.90 -43.69
N PHE CC 73 -50.14 57.95 -42.76
CA PHE CC 73 -49.46 56.67 -42.95
C PHE CC 73 -50.00 55.91 -44.16
N PHE CC 74 -51.31 55.92 -44.36
CA PHE CC 74 -51.89 55.29 -45.55
C PHE CC 74 -51.40 55.97 -46.83
N ASP CC 75 -51.34 57.30 -46.84
CA ASP CC 75 -50.82 58.01 -48.00
C ASP CC 75 -49.35 57.68 -48.24
N CYS CC 76 -48.55 57.57 -47.17
CA CYS CC 76 -47.16 57.19 -47.32
C CYS CC 76 -47.03 55.79 -47.89
N ALA CC 77 -47.86 54.85 -47.44
CA ALA CC 77 -47.83 53.50 -47.98
C ALA CC 77 -48.19 53.50 -49.46
N SER CC 78 -49.22 54.27 -49.85
CA SER CC 78 -49.60 54.34 -51.25
C SER CC 78 -48.48 54.94 -52.10
N ARG CC 79 -47.84 56.01 -51.61
CA ARG CC 79 -46.73 56.61 -52.34
C ARG CC 79 -45.55 55.67 -52.45
N ALA CC 80 -45.26 54.92 -51.38
CA ALA CC 80 -44.17 53.94 -51.43
C ALA CC 80 -44.46 52.85 -52.45
N GLU CC 81 -45.70 52.36 -52.49
CA GLU CC 81 -46.04 51.36 -53.50
C GLU CC 81 -45.92 51.92 -54.91
N ALA CC 82 -46.39 53.15 -55.12
CA ALA CC 82 -46.29 53.75 -56.45
C ALA CC 82 -44.84 53.94 -56.87
N ALA CC 83 -43.99 54.39 -55.95
CA ALA CC 83 -42.57 54.54 -56.22
C ALA CC 83 -41.87 53.20 -56.46
N ARG CC 84 -42.25 52.15 -55.74
CA ARG CC 84 -41.71 50.83 -55.98
C ARG CC 84 -42.10 50.30 -57.36
N LYS CC 85 -43.32 50.59 -57.79
CA LYS CC 85 -43.76 50.14 -59.11
C LYS CC 85 -43.13 50.93 -60.25
N MET CC 86 -43.05 52.25 -60.13
CA MET CC 86 -42.63 53.08 -61.27
C MET CC 86 -41.11 53.16 -61.36
N ARG CC 87 -40.42 53.31 -60.23
CA ARG CC 87 -38.97 53.39 -60.25
C ARG CC 87 -38.33 52.09 -60.73
N SER CC 88 -38.95 50.95 -60.43
CA SER CC 88 -38.43 49.66 -60.87
C SER CC 88 -38.33 49.56 -62.39
N ILE CC 89 -39.14 50.32 -63.14
CA ILE CC 89 -39.05 50.33 -64.58
C ILE CC 89 -38.40 51.60 -65.13
N GLN CC 90 -38.31 52.66 -64.34
CA GLN CC 90 -37.63 53.87 -64.80
C GLN CC 90 -36.13 53.82 -64.61
N GLU CC 91 -35.65 53.24 -63.51
CA GLU CC 91 -34.22 53.25 -63.23
C GLU CC 91 -33.44 52.32 -64.17
N ASN CC 92 -33.99 51.15 -64.47
CA ASN CC 92 -33.35 50.23 -65.40
C ASN CC 92 -33.39 50.73 -66.84
N LEU CC 93 -34.18 51.77 -67.12
CA LEU CC 93 -34.25 52.36 -68.45
C LEU CC 93 -33.34 53.58 -68.57
N GLY CC 94 -33.36 54.47 -67.58
CA GLY CC 94 -32.62 55.70 -67.66
C GLY CC 94 -31.69 55.89 -66.47
N GLU CC 95 -30.57 56.55 -66.74
CA GLU CC 95 -29.58 56.89 -65.73
C GLU CC 95 -29.30 58.39 -65.67
N LEU CC 96 -29.61 59.13 -66.75
CA LEU CC 96 -29.47 60.58 -66.87
C LEU CC 96 -28.02 61.04 -66.91
N GLY CC 97 -27.05 60.14 -66.81
CA GLY CC 97 -25.66 60.53 -66.81
C GLY CC 97 -24.79 59.78 -67.80
N SER CC 98 -25.28 58.65 -68.31
CA SER CC 98 -24.52 57.83 -69.22
C SER CC 98 -25.48 56.94 -70.02
N LEU CC 99 -24.93 56.24 -71.01
CA LEU CC 99 -25.67 55.35 -71.87
C LEU CC 99 -25.97 54.04 -71.17
N PRO CC 100 -26.99 53.31 -71.61
CA PRO CC 100 -27.27 52.01 -71.01
C PRO CC 100 -26.13 51.05 -71.26
N PRO CC 101 -25.91 50.10 -70.34
CA PRO CC 101 -24.81 49.13 -70.54
C PRO CC 101 -24.96 48.30 -71.80
N LYS CC 102 -26.20 48.01 -72.23
CA LYS CC 102 -26.38 47.24 -73.46
C LYS CC 102 -25.86 48.01 -74.67
N LYS CC 103 -26.11 49.31 -74.75
CA LYS CC 103 -25.55 50.12 -75.82
C LYS CC 103 -24.05 50.31 -75.66
N LEU CC 104 -23.57 50.45 -74.43
CA LEU CC 104 -22.13 50.62 -74.20
C LEU CC 104 -21.34 49.39 -74.62
N ASN CC 105 -21.88 48.19 -74.39
CA ASN CC 105 -21.19 46.97 -74.81
C ASN CC 105 -21.05 46.93 -76.33
N LYS CC 106 -22.10 47.27 -77.06
CA LYS CC 106 -22.01 47.31 -78.52
C LYS CC 106 -21.05 48.39 -78.99
N LEU CC 107 -21.05 49.56 -78.34
CA LEU CC 107 -20.12 50.61 -78.71
C LEU CC 107 -18.67 50.17 -78.50
N LEU CC 108 -18.39 49.49 -77.39
CA LEU CC 108 -17.04 48.97 -77.15
C LEU CC 108 -16.67 47.87 -78.13
N HIS CC 109 -17.61 46.98 -78.46
CA HIS CC 109 -17.33 45.95 -79.46
C HIS CC 109 -17.07 46.56 -80.84
N ARG CC 110 -17.66 47.72 -81.13
CA ARG CC 110 -17.35 48.41 -82.38
C ARG CC 110 -15.90 48.85 -82.45
N PHE CC 111 -15.32 49.30 -81.34
CA PHE CC 111 -13.92 49.73 -81.29
C PHE CC 111 -13.23 49.00 -80.15
N PRO CC 112 -12.93 47.71 -80.33
CA PRO CC 112 -12.35 46.93 -79.24
C PRO CC 112 -10.86 47.19 -79.09
N ASN CC 113 -10.32 46.67 -78.00
CA ASN CC 113 -8.89 46.74 -77.72
C ASN CC 113 -8.15 45.63 -78.45
N LYS CC 114 -6.83 45.80 -78.61
CA LYS CC 114 -5.98 44.84 -79.29
C LYS CC 114 -4.79 44.48 -78.39
N PRO CC 115 -5.00 43.62 -77.40
CA PRO CC 115 -3.87 43.15 -76.58
C PRO CC 115 -2.87 42.32 -77.37
N HIS CC 116 -3.25 41.74 -78.50
CA HIS CC 116 -2.40 40.88 -79.29
C HIS CC 116 -1.83 41.63 -80.48
N VAL CC 117 -0.99 40.94 -81.25
CA VAL CC 117 -0.34 41.49 -82.43
C VAL CC 117 0.43 42.77 -82.08
N LYS DC 128 -2.60 21.95 -55.59
CA LYS DC 128 -1.32 22.33 -56.17
C LYS DC 128 -0.19 22.24 -55.14
N ASN DC 129 0.67 23.25 -55.09
CA ASN DC 129 1.78 23.28 -54.14
C ASN DC 129 1.28 23.30 -52.70
N ILE DC 130 0.02 23.68 -52.48
CA ILE DC 130 -0.55 23.66 -51.15
C ILE DC 130 -0.56 22.27 -50.55
N LEU DC 131 -0.67 21.23 -51.39
CA LEU DC 131 -0.60 19.87 -50.86
C LEU DC 131 0.74 19.59 -50.19
N LYS DC 132 1.84 19.89 -50.88
CA LYS DC 132 3.15 19.70 -50.29
C LYS DC 132 3.38 20.62 -49.10
N ILE DC 133 2.88 21.86 -49.17
CA ILE DC 133 3.00 22.77 -48.04
C ILE DC 133 2.29 22.21 -46.81
N ARG DC 134 1.08 21.68 -47.00
CA ARG DC 134 0.34 21.09 -45.88
C ARG DC 134 1.01 19.83 -45.36
N ARG DC 135 1.59 19.02 -46.25
CA ARG DC 135 2.30 17.82 -45.79
C ARG DC 135 3.49 18.20 -44.92
N ARG DC 136 4.28 19.19 -45.36
CA ARG DC 136 5.38 19.68 -44.55
C ARG DC 136 4.90 20.30 -43.24
N LYS DC 137 3.78 21.03 -43.27
CA LYS DC 137 3.22 21.60 -42.06
C LYS DC 137 2.82 20.52 -41.06
N MET DC 138 2.17 19.46 -41.54
CA MET DC 138 1.78 18.37 -40.66
C MET DC 138 3.00 17.66 -40.08
N ASN DC 139 4.03 17.42 -40.90
CA ASN DC 139 5.24 16.81 -40.39
C ASN DC 139 5.91 17.66 -39.32
N HIS DC 140 5.99 18.97 -39.56
CA HIS DC 140 6.61 19.86 -38.58
C HIS DC 140 5.79 19.92 -37.29
N HIS DC 141 4.47 19.96 -37.40
CA HIS DC 141 3.62 19.98 -36.21
C HIS DC 141 3.77 18.69 -35.41
N LYS DC 142 3.81 17.54 -36.08
CA LYS DC 142 4.01 16.29 -35.38
C LYS DC 142 5.39 16.22 -34.73
N TYR DC 143 6.42 16.74 -35.40
CA TYR DC 143 7.75 16.78 -34.78
C TYR DC 143 7.77 17.67 -33.55
N ARG DC 144 7.11 18.83 -33.62
CA ARG DC 144 7.04 19.71 -32.46
C ARG DC 144 6.29 19.05 -31.30
N LYS DC 145 5.17 18.37 -31.59
CA LYS DC 145 4.46 17.66 -30.54
C LYS DC 145 5.30 16.55 -29.92
N LEU DC 146 6.03 15.80 -30.76
CA LEU DC 146 6.92 14.76 -30.24
C LEU DC 146 8.01 15.34 -29.35
N VAL DC 147 8.61 16.46 -29.77
CA VAL DC 147 9.63 17.10 -28.96
C VAL DC 147 9.05 17.57 -27.62
N LYS DC 148 7.85 18.17 -27.66
CA LYS DC 148 7.23 18.61 -26.42
C LYS DC 148 6.92 17.43 -25.49
N ARG DC 149 6.46 16.31 -26.05
CA ARG DC 149 6.14 15.16 -25.21
C ARG DC 149 7.40 14.53 -24.62
N THR DC 150 8.47 14.44 -25.39
CA THR DC 150 9.70 13.79 -24.95
C THR DC 150 10.83 14.80 -24.72
N ARG DC 151 10.50 15.97 -24.19
CA ARG DC 151 11.51 17.02 -23.97
C ARG DC 151 12.61 16.54 -23.03
N PHE DC 152 12.22 16.03 -21.85
CA PHE DC 152 13.22 15.70 -20.84
C PHE DC 152 14.07 14.49 -21.22
N LEU DC 153 13.49 13.52 -21.94
CA LEU DC 153 14.31 12.43 -22.46
C LEU DC 153 15.34 12.94 -23.44
N ARG DC 154 14.95 13.89 -24.30
CA ARG DC 154 15.91 14.50 -25.22
C ARG DC 154 16.99 15.27 -24.47
N ARG DC 155 16.62 15.98 -23.40
CA ARG DC 155 17.63 16.67 -22.60
C ARG DC 155 18.60 15.69 -21.96
N LYS DC 156 18.10 14.58 -21.44
CA LYS DC 156 18.98 13.56 -20.86
C LYS DC 156 19.92 12.98 -21.91
N VAL DC 157 19.40 12.69 -23.10
CA VAL DC 157 20.24 12.15 -24.18
C VAL DC 157 21.29 13.18 -24.60
N ARG DC 158 20.91 14.45 -24.71
CA ARG DC 158 21.87 15.48 -25.07
C ARG DC 158 22.97 15.62 -24.02
N GLU DC 159 22.58 15.59 -22.73
CA GLU DC 159 23.58 15.67 -21.67
C GLU DC 159 24.52 14.47 -21.71
N GLY DC 160 23.97 13.26 -21.92
CA GLY DC 160 24.81 12.09 -22.02
C GLY DC 160 25.77 12.14 -23.19
N ARG DC 161 25.30 12.61 -24.34
CA ARG DC 161 26.19 12.74 -25.50
C ARG DC 161 27.24 13.81 -25.31
N LEU DC 162 26.90 14.92 -24.65
CA LEU DC 162 27.91 15.93 -24.35
C LEU DC 162 28.94 15.42 -23.36
N ARG DC 163 28.52 14.56 -22.43
CA ARG DC 163 29.48 13.95 -21.52
C ARG DC 163 30.52 13.14 -22.27
N GLN DC 164 30.07 12.27 -23.19
CA GLN DC 164 30.98 11.49 -24.01
C GLN DC 164 31.82 12.37 -24.92
N LYS DC 165 31.25 13.45 -25.44
CA LYS DC 165 32.01 14.39 -26.26
C LYS DC 165 33.16 15.00 -25.46
N GLN DC 166 32.88 15.44 -24.24
CA GLN DC 166 33.92 16.02 -23.40
C GLN DC 166 34.99 14.97 -23.05
N VAL DC 167 34.56 13.75 -22.75
CA VAL DC 167 35.51 12.69 -22.43
C VAL DC 167 36.40 12.37 -23.62
N LYS DC 168 35.80 12.32 -24.81
CA LYS DC 168 36.58 12.06 -26.02
C LYS DC 168 37.58 13.19 -26.28
N PHE DC 169 37.17 14.44 -26.08
CA PHE DC 169 38.11 15.55 -26.21
C PHE DC 169 39.26 15.45 -25.20
N GLU DC 170 38.94 15.10 -23.95
CA GLU DC 170 39.98 14.95 -22.94
C GLU DC 170 40.97 13.86 -23.33
N ARG DC 171 40.46 12.71 -23.79
CA ARG DC 171 41.35 11.63 -24.21
C ARG DC 171 42.16 11.99 -25.44
N ASP DC 172 41.57 12.70 -26.40
CA ASP DC 172 42.33 13.14 -27.56
C ASP DC 172 43.46 14.08 -27.15
N LEU DC 173 43.19 15.01 -26.24
CA LEU DC 173 44.25 15.88 -25.75
C LEU DC 173 45.32 15.10 -24.99
N LYS DC 174 44.91 14.11 -24.19
CA LYS DC 174 45.87 13.29 -23.46
C LYS DC 174 46.79 12.51 -24.40
N ARG DC 175 46.22 11.96 -25.47
CA ARG DC 175 46.99 11.16 -26.42
C ARG DC 175 48.10 11.96 -27.07
N ILE DC 176 47.92 13.27 -27.24
CA ILE DC 176 48.94 14.10 -27.88
C ILE DC 176 50.22 14.07 -27.05
N TRP DC 177 50.13 14.37 -25.76
CA TRP DC 177 51.33 14.35 -24.93
C TRP DC 177 51.76 12.93 -24.60
N GLN DC 178 50.86 11.96 -24.67
CA GLN DC 178 51.29 10.57 -24.49
C GLN DC 178 52.19 10.12 -25.64
N LYS DC 179 51.84 10.47 -26.87
CA LYS DC 179 52.66 10.11 -28.03
C LYS DC 179 53.83 11.05 -28.24
N ALA DC 180 53.81 12.24 -27.64
CA ALA DC 180 54.92 13.17 -27.72
C ALA DC 180 56.09 12.78 -26.83
N GLY DC 181 55.90 11.77 -25.97
CA GLY DC 181 56.94 11.32 -25.07
C GLY DC 181 56.80 11.81 -23.64
N LEU DC 182 56.01 12.86 -23.42
CA LEU DC 182 55.80 13.35 -22.07
C LEU DC 182 54.98 12.36 -21.26
N LYS DC 183 55.40 12.13 -20.01
CA LYS DC 183 54.68 11.22 -19.13
C LYS DC 183 53.55 11.91 -18.38
N GLU DC 184 53.61 13.23 -18.27
CA GLU DC 184 52.60 14.02 -17.57
C GLU DC 184 52.24 15.23 -18.41
N ALA DC 185 51.02 15.73 -18.19
CA ALA DC 185 50.54 16.88 -18.94
C ALA DC 185 51.39 18.10 -18.62
N PRO DC 186 51.52 19.04 -19.57
CA PRO DC 186 52.36 20.22 -19.33
C PRO DC 186 51.89 21.02 -18.13
N ALA DC 187 52.86 21.62 -17.44
CA ALA DC 187 52.55 22.41 -16.26
C ALA DC 187 51.70 23.62 -16.64
N GLY DC 188 50.75 23.97 -15.76
CA GLY DC 188 49.86 25.07 -16.04
C GLY DC 188 48.78 24.77 -17.04
N TRP DC 189 48.46 23.48 -17.24
CA TRP DC 189 47.44 23.06 -18.19
C TRP DC 189 46.26 22.47 -17.42
N GLN DC 190 45.05 22.93 -17.72
CA GLN DC 190 43.86 22.50 -17.01
C GLN DC 190 42.87 21.76 -17.89
N THR DC 191 42.93 21.95 -19.21
CA THR DC 191 41.97 21.39 -20.16
C THR DC 191 40.55 21.75 -19.74
N PRO DC 192 40.15 23.02 -19.89
CA PRO DC 192 38.82 23.43 -19.43
C PRO DC 192 37.72 22.76 -20.24
N LYS DC 193 36.57 22.61 -19.59
CA LYS DC 193 35.39 22.04 -20.23
C LYS DC 193 34.88 23.02 -21.28
N ILE DC 194 34.58 22.51 -22.47
CA ILE DC 194 34.10 23.36 -23.57
C ILE DC 194 32.70 22.99 -24.02
N TYR DC 195 32.18 21.82 -23.65
CA TYR DC 195 30.85 21.39 -24.06
C TYR DC 195 29.85 21.34 -22.92
N LEU DC 196 30.31 21.35 -21.67
CA LEU DC 196 29.42 21.27 -20.50
C LEU DC 196 29.17 22.63 -19.87
N LYS DC 197 29.29 23.71 -20.64
CA LYS DC 197 29.08 25.04 -20.10
C LYS DC 197 27.61 25.31 -19.86
N ASN DC 198 27.32 26.05 -18.79
CA ASN DC 198 25.95 26.38 -18.42
C ASN DC 198 25.37 27.40 -19.38
N GLN DC 199 24.04 27.51 -19.37
CA GLN DC 199 23.33 28.46 -20.22
C GLN DC 199 23.44 29.86 -19.65
N GLU EC 53 -111.24 0.60 -105.11
CA GLU EC 53 -111.49 1.08 -106.46
C GLU EC 53 -110.39 2.02 -106.92
N GLU EC 54 -109.73 2.67 -105.96
CA GLU EC 54 -108.64 3.59 -106.26
C GLU EC 54 -107.27 3.01 -105.93
N VAL EC 55 -107.20 2.05 -105.01
CA VAL EC 55 -105.93 1.44 -104.64
C VAL EC 55 -105.43 0.60 -105.80
N VAL EC 56 -104.19 0.82 -106.21
CA VAL EC 56 -103.57 0.10 -107.31
C VAL EC 56 -102.38 -0.67 -106.76
N ILE EC 57 -102.41 -1.98 -106.94
CA ILE EC 57 -101.33 -2.85 -106.46
C ILE EC 57 -100.55 -3.38 -107.66
N PRO EC 58 -99.29 -2.98 -107.84
CA PRO EC 58 -98.50 -3.51 -108.96
C PRO EC 58 -98.11 -4.97 -108.73
N LYS EC 59 -97.69 -5.64 -109.80
CA LYS EC 59 -97.25 -7.03 -109.71
C LYS EC 59 -95.75 -7.09 -109.44
N LYS EC 60 -95.31 -8.20 -108.87
CA LYS EC 60 -93.91 -8.39 -108.53
C LYS EC 60 -93.15 -8.99 -109.71
N LYS EC 61 -91.85 -8.74 -109.73
CA LYS EC 61 -90.95 -9.30 -110.73
C LYS EC 61 -89.97 -10.23 -110.02
N THR EC 62 -89.93 -11.48 -110.46
CA THR EC 62 -89.05 -12.49 -109.87
C THR EC 62 -87.91 -12.75 -110.84
N TRP EC 63 -86.68 -12.65 -110.35
CA TRP EC 63 -85.49 -12.87 -111.14
C TRP EC 63 -84.54 -13.81 -110.40
N ASP EC 64 -83.61 -14.38 -111.17
CA ASP EC 64 -82.62 -15.28 -110.60
C ASP EC 64 -81.66 -14.50 -109.70
N LYS EC 65 -80.98 -15.24 -108.82
CA LYS EC 65 -80.06 -14.60 -107.88
C LYS EC 65 -78.87 -13.96 -108.59
N VAL EC 66 -78.57 -14.39 -109.82
CA VAL EC 66 -77.46 -13.86 -110.59
C VAL EC 66 -77.90 -13.11 -111.83
N ALA EC 67 -79.20 -13.01 -112.07
CA ALA EC 67 -79.68 -12.29 -113.25
C ALA EC 67 -79.33 -10.81 -113.17
N ILE EC 68 -79.49 -10.21 -111.99
CA ILE EC 68 -79.15 -8.80 -111.83
C ILE EC 68 -77.64 -8.60 -111.95
N LEU EC 69 -76.85 -9.56 -111.47
CA LEU EC 69 -75.40 -9.47 -111.64
C LEU EC 69 -74.99 -9.57 -113.10
N GLN EC 70 -75.67 -10.43 -113.87
CA GLN EC 70 -75.41 -10.47 -115.31
C GLN EC 70 -75.83 -9.18 -115.99
N ALA EC 71 -76.94 -8.57 -115.54
CA ALA EC 71 -77.33 -7.26 -116.06
C ALA EC 71 -76.27 -6.21 -115.77
N LEU EC 72 -75.70 -6.24 -114.56
CA LEU EC 72 -74.59 -5.34 -114.24
C LEU EC 72 -73.39 -5.60 -115.16
N ALA EC 73 -73.05 -6.87 -115.38
CA ALA EC 73 -71.92 -7.21 -116.24
C ALA EC 73 -72.13 -6.78 -117.68
N SER EC 74 -73.38 -6.82 -118.17
CA SER EC 74 -73.65 -6.45 -119.55
C SER EC 74 -73.32 -5.00 -119.85
N THR EC 75 -73.30 -4.14 -118.84
CA THR EC 75 -72.99 -2.73 -119.05
C THR EC 75 -71.53 -2.51 -119.42
N VAL EC 76 -70.62 -3.29 -118.84
CA VAL EC 76 -69.18 -3.12 -119.02
C VAL EC 76 -68.69 -4.11 -120.06
N HIS EC 77 -68.00 -3.61 -121.08
CA HIS EC 77 -67.40 -4.42 -122.12
C HIS EC 77 -65.92 -4.64 -121.81
N ARG EC 78 -65.23 -5.33 -122.72
CA ARG EC 78 -63.83 -5.65 -122.51
C ARG EC 78 -62.95 -4.42 -122.76
N ASP EC 79 -61.95 -4.25 -121.90
CA ASP EC 79 -61.03 -3.13 -122.03
C ASP EC 79 -59.96 -3.43 -123.09
N SER EC 80 -59.43 -2.36 -123.67
CA SER EC 80 -58.45 -2.48 -124.76
C SER EC 80 -57.04 -2.72 -124.23
N THR EC 81 -56.55 -1.81 -123.39
CA THR EC 81 -55.18 -1.88 -122.89
C THR EC 81 -55.07 -2.62 -121.57
N ALA EC 82 -55.99 -3.55 -121.29
CA ALA EC 82 -55.98 -4.28 -120.03
C ALA EC 82 -55.71 -5.76 -120.25
N ALA EC 83 -54.90 -6.33 -119.37
CA ALA EC 83 -54.60 -7.74 -119.39
C ALA EC 83 -55.81 -8.56 -118.95
N PRO EC 84 -55.87 -9.84 -119.31
CA PRO EC 84 -56.98 -10.68 -118.84
C PRO EC 84 -57.01 -10.77 -117.32
N TYR EC 85 -58.22 -10.93 -116.79
CA TYR EC 85 -58.45 -10.80 -115.35
C TYR EC 85 -57.71 -11.88 -114.55
N VAL EC 86 -57.48 -13.06 -115.15
CA VAL EC 86 -56.86 -14.15 -114.41
C VAL EC 86 -55.42 -13.83 -114.01
N PHE EC 87 -54.67 -13.13 -114.86
CA PHE EC 87 -53.32 -12.74 -114.53
C PHE EC 87 -53.31 -11.57 -113.57
N GLN EC 88 -52.25 -11.49 -112.76
CA GLN EC 88 -52.07 -10.36 -111.87
C GLN EC 88 -51.84 -9.08 -112.67
N ASP EC 89 -52.41 -7.98 -112.20
CA ASP EC 89 -52.34 -6.72 -112.91
C ASP EC 89 -50.99 -6.02 -112.75
N ASP EC 90 -50.11 -6.52 -111.88
CA ASP EC 90 -48.81 -5.90 -111.71
C ASP EC 90 -47.96 -6.14 -112.97
N PRO EC 91 -47.29 -5.10 -113.47
CA PRO EC 91 -46.52 -5.26 -114.72
C PRO EC 91 -45.44 -6.32 -114.64
N TYR EC 92 -44.81 -6.51 -113.47
CA TYR EC 92 -43.81 -7.55 -113.33
C TYR EC 92 -44.40 -8.95 -113.47
N LEU EC 93 -45.70 -9.10 -113.24
CA LEU EC 93 -46.38 -10.38 -113.37
C LEU EC 93 -47.21 -10.48 -114.64
N ILE EC 94 -47.33 -9.40 -115.40
CA ILE EC 94 -48.09 -9.45 -116.65
C ILE EC 94 -47.31 -10.27 -117.69
N PRO EC 95 -47.92 -11.27 -118.31
CA PRO EC 95 -47.20 -12.07 -119.29
C PRO EC 95 -46.85 -11.26 -120.54
N THR EC 96 -45.76 -11.63 -121.18
CA THR EC 96 -45.28 -10.92 -122.37
C THR EC 96 -45.63 -11.65 -123.66
N SER EC 97 -45.44 -12.97 -123.69
CA SER EC 97 -45.73 -13.77 -124.87
C SER EC 97 -46.78 -14.83 -124.55
N SER EC 98 -47.22 -15.53 -125.59
CA SER EC 98 -48.23 -16.57 -125.43
C SER EC 98 -47.72 -17.71 -124.57
N VAL EC 99 -46.46 -18.10 -124.75
CA VAL EC 99 -45.89 -19.16 -123.94
C VAL EC 99 -45.84 -18.75 -122.47
N GLU EC 100 -45.47 -17.49 -122.19
CA GLU EC 100 -45.47 -17.02 -120.81
C GLU EC 100 -46.88 -16.97 -120.25
N SER EC 101 -47.86 -16.56 -121.06
CA SER EC 101 -49.25 -16.54 -120.60
C SER EC 101 -49.72 -17.94 -120.25
N HIS EC 102 -49.41 -18.93 -121.07
CA HIS EC 102 -49.77 -20.31 -120.75
C HIS EC 102 -49.03 -20.80 -119.51
N SER EC 103 -47.75 -20.49 -119.38
CA SER EC 103 -46.95 -20.96 -118.25
C SER EC 103 -47.43 -20.38 -116.93
N PHE EC 104 -47.79 -19.09 -116.90
CA PHE EC 104 -48.26 -18.50 -115.66
C PHE EC 104 -49.56 -19.15 -115.18
N LEU EC 105 -50.50 -19.36 -116.09
CA LEU EC 105 -51.74 -20.03 -115.72
C LEU EC 105 -51.49 -21.46 -115.29
N LEU EC 106 -50.59 -22.18 -115.99
CA LEU EC 106 -50.27 -23.54 -115.60
C LEU EC 106 -49.63 -23.58 -114.20
N ALA EC 107 -48.74 -22.64 -113.91
CA ALA EC 107 -48.12 -22.59 -112.58
C ALA EC 107 -49.14 -22.28 -111.50
N LYS EC 108 -50.05 -21.35 -111.76
CA LYS EC 108 -51.09 -21.04 -110.78
C LYS EC 108 -52.00 -22.24 -110.53
N LYS EC 109 -52.38 -22.95 -111.60
CA LYS EC 109 -53.20 -24.14 -111.43
C LYS EC 109 -52.44 -25.24 -110.71
N SER EC 110 -51.13 -25.35 -110.93
CA SER EC 110 -50.32 -26.32 -110.19
C SER EC 110 -50.31 -26.01 -108.71
N GLY EC 111 -50.18 -24.74 -108.33
CA GLY EC 111 -50.28 -24.37 -106.93
C GLY EC 111 -51.65 -24.64 -106.33
N GLU EC 112 -52.71 -24.36 -107.10
CA GLU EC 112 -54.06 -24.67 -106.63
C GLU EC 112 -54.22 -26.18 -106.39
N ASN EC 113 -53.73 -27.00 -107.32
CA ASN EC 113 -53.79 -28.44 -107.16
C ASN EC 113 -52.94 -28.92 -105.99
N ALA EC 114 -51.77 -28.32 -105.78
CA ALA EC 114 -50.94 -28.69 -104.64
C ALA EC 114 -51.64 -28.37 -103.32
N ALA EC 115 -52.29 -27.20 -103.24
CA ALA EC 115 -53.05 -26.87 -102.04
C ALA EC 115 -54.20 -27.84 -101.82
N LYS EC 116 -54.92 -28.18 -102.89
CA LYS EC 116 -56.01 -29.14 -102.76
C LYS EC 116 -55.49 -30.51 -102.34
N PHE EC 117 -54.28 -30.87 -102.78
CA PHE EC 117 -53.67 -32.13 -102.34
C PHE EC 117 -53.45 -32.14 -100.84
N ILE EC 118 -52.91 -31.04 -100.28
CA ILE EC 118 -52.73 -30.96 -98.84
C ILE EC 118 -54.06 -31.00 -98.12
N ILE EC 119 -55.07 -30.30 -98.66
CA ILE EC 119 -56.39 -30.29 -98.04
C ILE EC 119 -56.97 -31.69 -97.98
N ASN EC 120 -56.86 -32.44 -99.08
CA ASN EC 120 -57.38 -33.80 -99.10
C ASN EC 120 -56.57 -34.75 -98.23
N SER EC 121 -55.25 -34.56 -98.17
CA SER EC 121 -54.41 -35.46 -97.40
C SER EC 121 -54.53 -35.21 -95.89
N TYR EC 122 -54.90 -34.00 -95.47
CA TYR EC 122 -55.07 -33.68 -94.06
C TYR EC 122 -56.45 -33.07 -93.85
N PRO EC 123 -57.51 -33.89 -93.89
CA PRO EC 123 -58.87 -33.36 -93.71
C PRO EC 123 -59.10 -32.76 -92.34
N LYS EC 124 -58.44 -33.30 -91.31
CA LYS EC 124 -58.72 -32.89 -89.93
C LYS EC 124 -58.37 -31.44 -89.68
N TYR EC 125 -57.52 -30.83 -90.49
CA TYR EC 125 -57.15 -29.44 -90.31
C TYR EC 125 -58.16 -28.47 -90.91
N PHE EC 126 -59.22 -28.99 -91.55
CA PHE EC 126 -60.24 -28.14 -92.15
C PHE EC 126 -61.66 -28.58 -91.78
N GLN EC 127 -61.81 -29.48 -90.80
CA GLN EC 127 -63.14 -29.97 -90.44
C GLN EC 127 -63.96 -28.91 -89.73
N LYS EC 128 -63.32 -27.94 -89.07
CA LYS EC 128 -64.06 -26.91 -88.35
C LYS EC 128 -64.69 -25.94 -89.34
N ASP EC 129 -66.00 -25.73 -89.22
CA ASP EC 129 -66.75 -24.87 -90.12
C ASP EC 129 -67.16 -23.60 -89.40
N ILE EC 130 -66.85 -22.45 -90.02
CA ILE EC 130 -67.22 -21.16 -89.45
C ILE EC 130 -68.35 -20.50 -90.24
N ALA EC 131 -68.41 -20.67 -91.55
CA ALA EC 131 -69.46 -20.06 -92.35
C ALA EC 131 -70.81 -20.71 -92.03
N GLU EC 132 -71.80 -19.88 -91.72
CA GLU EC 132 -73.14 -20.34 -91.40
C GLU EC 132 -73.81 -21.09 -92.55
N PRO EC 133 -73.76 -20.61 -93.79
CA PRO EC 133 -74.45 -21.34 -94.88
C PRO EC 133 -73.89 -22.72 -95.14
N HIS EC 134 -72.70 -23.05 -94.63
CA HIS EC 134 -72.11 -24.37 -94.76
C HIS EC 134 -71.92 -24.75 -96.23
N ILE EC 135 -71.07 -23.99 -96.90
CA ILE EC 135 -70.78 -24.22 -98.32
C ILE EC 135 -70.00 -25.52 -98.44
N PRO EC 136 -70.49 -26.49 -99.22
CA PRO EC 136 -69.79 -27.79 -99.31
C PRO EC 136 -68.64 -27.80 -100.30
N CYS EC 137 -68.51 -26.78 -101.15
CA CYS EC 137 -67.47 -26.78 -102.17
C CYS EC 137 -66.07 -26.68 -101.57
N LEU EC 138 -65.94 -26.11 -100.38
CA LEU EC 138 -64.63 -25.89 -99.75
C LEU EC 138 -64.30 -26.94 -98.70
N MET EC 139 -65.13 -27.96 -98.55
CA MET EC 139 -64.91 -29.05 -97.60
C MET EC 139 -63.97 -30.08 -98.20
N PRO EC 140 -63.07 -30.66 -97.40
CA PRO EC 140 -62.16 -31.68 -97.92
C PRO EC 140 -62.91 -32.92 -98.39
N GLU EC 141 -62.34 -33.58 -99.41
CA GLU EC 141 -62.93 -34.78 -99.99
C GLU EC 141 -62.20 -36.01 -99.48
N TYR EC 142 -62.97 -37.07 -99.23
CA TYR EC 142 -62.45 -38.32 -98.67
C TYR EC 142 -62.32 -39.37 -99.75
N PHE EC 143 -61.15 -40.00 -99.83
CA PHE EC 143 -60.88 -41.05 -100.80
C PHE EC 143 -61.08 -42.45 -100.23
N GLU EC 144 -61.37 -42.57 -98.94
CA GLU EC 144 -61.46 -43.91 -98.37
C GLU EC 144 -62.90 -44.40 -98.34
N PRO EC 145 -63.16 -45.64 -98.75
CA PRO EC 145 -64.50 -46.20 -98.61
C PRO EC 145 -64.90 -46.36 -97.15
N GLN EC 146 -66.20 -46.19 -96.90
CA GLN EC 146 -66.72 -46.25 -95.55
C GLN EC 146 -66.76 -47.68 -95.02
N ILE EC 147 -67.22 -48.62 -95.83
CA ILE EC 147 -67.42 -50.00 -95.41
C ILE EC 147 -66.42 -50.89 -96.13
N GLU EC 148 -65.73 -51.74 -95.37
CA GLU EC 148 -64.74 -52.66 -95.94
C GLU EC 148 -65.12 -54.13 -95.79
N ASP EC 149 -65.79 -54.50 -94.69
CA ASP EC 149 -66.11 -55.91 -94.47
C ASP EC 149 -67.24 -56.39 -95.39
N VAL EC 150 -68.26 -55.57 -95.57
CA VAL EC 150 -69.41 -55.98 -96.39
C VAL EC 150 -69.04 -55.87 -97.87
N SER EC 151 -69.09 -57.01 -98.58
CA SER EC 151 -68.75 -57.01 -99.99
C SER EC 151 -69.72 -56.18 -100.81
N GLU EC 152 -71.01 -56.24 -100.51
CA GLU EC 152 -71.99 -55.48 -101.27
C GLU EC 152 -71.78 -53.97 -101.10
N ALA EC 153 -71.52 -53.53 -99.88
CA ALA EC 153 -71.35 -52.10 -99.61
C ALA EC 153 -69.94 -51.60 -99.91
N ALA EC 154 -68.97 -52.49 -100.14
CA ALA EC 154 -67.60 -52.08 -100.39
C ALA EC 154 -67.32 -51.79 -101.86
N LEU EC 155 -68.27 -52.06 -102.75
CA LEU EC 155 -68.02 -51.84 -104.17
C LEU EC 155 -68.55 -50.50 -104.66
N GLN EC 156 -69.71 -50.06 -104.16
CA GLN EC 156 -70.26 -48.78 -104.61
C GLN EC 156 -69.39 -47.61 -104.21
N GLU EC 157 -68.80 -47.63 -103.01
CA GLU EC 157 -67.89 -46.58 -102.58
C GLU EC 157 -66.62 -46.54 -103.43
N ARG EC 158 -66.08 -47.70 -103.78
CA ARG EC 158 -64.80 -47.77 -104.48
C ARG EC 158 -64.92 -47.56 -105.99
N ILE EC 159 -66.05 -47.90 -106.59
CA ILE EC 159 -66.20 -47.73 -108.03
C ILE EC 159 -66.14 -46.26 -108.41
N LYS EC 160 -66.82 -45.40 -107.65
CA LYS EC 160 -66.84 -43.98 -107.97
C LYS EC 160 -65.46 -43.33 -107.80
N LEU EC 161 -64.59 -43.92 -106.99
CA LEU EC 161 -63.24 -43.38 -106.82
C LEU EC 161 -62.19 -44.37 -107.34
N UNK EC 204 -59.91 -47.11 -110.05
CA UNK EC 204 -59.14 -47.71 -111.13
C UNK EC 204 -58.51 -49.03 -110.69
N UNK EC 205 -57.26 -48.95 -110.23
CA UNK EC 205 -56.56 -50.14 -109.77
C UNK EC 205 -57.22 -50.75 -108.53
N UNK EC 206 -57.65 -49.90 -107.59
CA UNK EC 206 -58.29 -50.41 -106.39
C UNK EC 206 -59.66 -51.00 -106.67
N UNK EC 207 -60.35 -50.49 -107.70
CA UNK EC 207 -61.66 -51.03 -108.03
C UNK EC 207 -61.58 -52.45 -108.55
N UNK EC 208 -60.45 -52.82 -109.17
CA UNK EC 208 -60.28 -54.18 -109.67
C UNK EC 208 -60.27 -55.19 -108.53
N UNK EC 209 -59.61 -54.86 -107.41
CA UNK EC 209 -59.57 -55.77 -106.26
C UNK EC 209 -60.91 -55.90 -105.56
N UNK EC 210 -61.83 -54.95 -105.76
CA UNK EC 210 -63.14 -55.05 -105.12
C UNK EC 210 -63.91 -56.25 -105.63
N UNK EC 211 -63.88 -56.50 -106.94
CA UNK EC 211 -64.56 -57.66 -107.49
C UNK EC 211 -63.97 -58.96 -106.97
N UNK EC 212 -62.64 -59.04 -106.88
CA UNK EC 212 -62.00 -60.24 -106.34
C UNK EC 212 -62.35 -60.45 -104.87
N UNK EC 213 -62.37 -59.38 -104.08
CA UNK EC 213 -62.76 -59.50 -102.67
C UNK EC 213 -64.21 -59.90 -102.51
N UNK EC 214 -65.10 -59.41 -103.36
CA UNK EC 214 -66.50 -59.82 -103.29
C UNK EC 214 -66.70 -61.26 -103.74
N UNK EC 215 -65.96 -61.70 -104.75
CA UNK EC 215 -66.07 -63.06 -105.26
C UNK EC 215 -65.35 -64.09 -104.39
N UNK EC 216 -64.43 -63.65 -103.52
CA UNK EC 216 -63.77 -64.59 -102.63
C UNK EC 216 -64.76 -65.26 -101.69
N UNK EC 217 -65.78 -64.52 -101.26
CA UNK EC 217 -66.83 -65.05 -100.39
C UNK EC 217 -68.02 -65.58 -101.18
N UNK EC 218 -67.91 -65.67 -102.50
CA UNK EC 218 -68.98 -66.15 -103.37
C UNK EC 218 -70.26 -65.33 -103.17
N UNK EC 219 -70.08 -64.02 -103.03
CA UNK EC 219 -71.21 -63.11 -102.86
C UNK EC 219 -71.91 -62.91 -104.19
N UNK EC 220 -73.24 -63.00 -104.17
CA UNK EC 220 -74.04 -62.84 -105.38
C UNK EC 220 -74.10 -61.37 -105.77
N UNK EC 221 -73.80 -61.09 -107.03
CA UNK EC 221 -73.84 -59.72 -107.55
C UNK EC 221 -75.05 -59.55 -108.46
N UNK EC 222 -75.82 -58.48 -108.22
CA UNK EC 222 -77.01 -58.22 -109.00
C UNK EC 222 -76.64 -57.58 -110.35
N UNK EC 223 -77.66 -57.29 -111.14
CA UNK EC 223 -77.45 -56.70 -112.45
C UNK EC 223 -77.07 -55.22 -112.39
N UNK EC 224 -77.25 -54.57 -111.25
CA UNK EC 224 -76.91 -53.16 -111.11
C UNK EC 224 -75.53 -52.92 -110.51
N UNK EC 225 -75.05 -53.83 -109.65
CA UNK EC 225 -73.74 -53.64 -109.04
C UNK EC 225 -72.62 -53.82 -110.05
N UNK EC 226 -72.73 -54.82 -110.93
CA UNK EC 226 -71.69 -55.10 -111.91
C UNK EC 226 -71.65 -54.07 -113.04
N UNK EC 227 -72.76 -53.37 -113.29
CA UNK EC 227 -72.77 -52.35 -114.34
C UNK EC 227 -71.81 -51.21 -114.01
N UNK EC 228 -71.81 -50.75 -112.76
CA UNK EC 228 -70.88 -49.70 -112.35
C UNK EC 228 -69.44 -50.17 -112.41
N UNK EC 229 -69.17 -51.41 -112.02
CA UNK EC 229 -67.81 -51.94 -112.11
C UNK EC 229 -67.34 -52.02 -113.56
N UNK EC 230 -68.23 -52.45 -114.47
CA UNK EC 230 -67.86 -52.49 -115.88
C UNK EC 230 -67.65 -51.10 -116.45
N UNK EC 231 -68.51 -50.13 -116.06
CA UNK EC 231 -68.36 -48.77 -116.55
C UNK EC 231 -67.07 -48.12 -116.03
N UNK EC 232 -66.67 -48.42 -114.80
CA UNK EC 232 -65.42 -47.88 -114.27
C UNK EC 232 -64.22 -48.37 -115.08
N UNK EC 233 -64.20 -49.65 -115.44
CA UNK EC 233 -63.14 -50.16 -116.30
C UNK EC 233 -63.21 -49.56 -117.70
N UNK EC 234 -64.42 -49.43 -118.26
CA UNK EC 234 -64.57 -48.88 -119.60
C UNK EC 234 -64.14 -47.42 -119.70
N UNK EC 235 -64.38 -46.63 -118.65
CA UNK EC 235 -64.03 -45.21 -118.69
C UNK EC 235 -62.51 -45.03 -118.57
N UNK EC 236 -61.87 -45.79 -117.69
CA UNK EC 236 -60.45 -45.63 -117.45
C UNK EC 236 -59.62 -46.35 -118.51
N UNK EC 237 -59.74 -47.67 -118.59
CA UNK EC 237 -58.95 -48.45 -119.54
C UNK EC 237 -59.68 -48.62 -120.86
N THR EC 238 -54.77 -54.74 -122.42
CA THR EC 238 -55.70 -55.19 -123.45
C THR EC 238 -56.37 -56.49 -123.05
N TRP EC 239 -55.58 -57.43 -122.54
CA TRP EC 239 -56.10 -58.72 -122.10
C TRP EC 239 -56.86 -58.64 -120.79
N ARG EC 240 -56.57 -57.65 -119.95
CA ARG EC 240 -57.37 -57.43 -118.75
C ARG EC 240 -58.80 -57.10 -119.10
N THR EC 241 -59.02 -56.40 -120.23
CA THR EC 241 -60.38 -56.14 -120.69
C THR EC 241 -61.14 -57.42 -121.01
N LYS EC 242 -60.50 -58.38 -121.70
CA LYS EC 242 -61.16 -59.66 -121.95
C LYS EC 242 -61.38 -60.43 -120.65
N ASN EC 243 -60.41 -60.37 -119.73
CA ASN EC 243 -60.56 -61.06 -118.45
C ASN EC 243 -61.70 -60.49 -117.64
N ASN EC 244 -61.96 -59.19 -117.75
CA ASN EC 244 -63.13 -58.60 -117.11
C ASN EC 244 -64.42 -58.89 -117.87
N ALA EC 245 -64.36 -58.93 -119.20
CA ALA EC 245 -65.54 -59.16 -120.00
C ALA EC 245 -66.07 -60.59 -119.84
N GLU EC 246 -65.17 -61.56 -119.68
CA GLU EC 246 -65.63 -62.92 -119.41
C GLU EC 246 -66.29 -63.04 -118.04
N ARG EC 247 -65.87 -62.23 -117.06
CA ARG EC 247 -66.39 -62.28 -115.71
C ARG EC 247 -67.76 -61.62 -115.57
N ILE EC 248 -68.16 -60.78 -116.52
CA ILE EC 248 -69.46 -60.12 -116.44
C ILE EC 248 -70.49 -60.96 -117.18
N PHE EC 249 -70.03 -61.80 -118.11
CA PHE EC 249 -70.92 -62.61 -118.91
C PHE EC 249 -71.09 -64.02 -118.34
N ALA EC 250 -69.98 -64.69 -118.03
CA ALA EC 250 -70.08 -66.09 -117.58
C ALA EC 250 -70.60 -66.18 -116.15
N LEU EC 251 -70.35 -65.16 -115.33
CA LEU EC 251 -70.72 -65.25 -113.91
C LEU EC 251 -72.21 -65.03 -113.71
N MET EC 252 -72.77 -63.95 -114.25
CA MET EC 252 -74.16 -63.60 -114.02
C MET EC 252 -74.85 -63.26 -115.33
N PRO EC 253 -76.10 -63.69 -115.50
CA PRO EC 253 -76.87 -63.28 -116.69
C PRO EC 253 -77.29 -61.83 -116.61
N GLU EC 254 -76.36 -60.93 -116.92
CA GLU EC 254 -76.61 -59.50 -116.79
C GLU EC 254 -77.44 -58.98 -117.96
N LYS EC 255 -78.12 -57.86 -117.73
CA LYS EC 255 -78.97 -57.26 -118.74
C LYS EC 255 -78.12 -56.63 -119.84
N ASN EC 256 -78.54 -56.82 -121.09
CA ASN EC 256 -77.76 -56.33 -122.23
C ASN EC 256 -77.65 -54.82 -122.25
N ALA EC 257 -78.60 -54.11 -121.63
CA ALA EC 257 -78.51 -52.66 -121.56
C ALA EC 257 -77.28 -52.22 -120.78
N HIS EC 258 -76.94 -52.94 -119.71
CA HIS EC 258 -75.71 -52.70 -118.96
C HIS EC 258 -74.51 -53.37 -119.59
N SER EC 259 -74.71 -54.18 -120.63
CA SER EC 259 -73.62 -54.87 -121.31
C SER EC 259 -73.04 -54.04 -122.45
N TYR EC 260 -73.88 -53.62 -123.39
CA TYR EC 260 -73.36 -52.92 -124.56
C TYR EC 260 -72.78 -51.56 -124.20
N CYS EC 261 -73.38 -50.83 -123.25
CA CYS EC 261 -72.88 -49.51 -122.88
C CYS EC 261 -71.43 -49.55 -122.41
N THR EC 262 -70.98 -50.69 -121.90
CA THR EC 262 -69.58 -50.88 -121.54
C THR EC 262 -68.78 -51.52 -122.66
N MET EC 263 -69.29 -52.59 -123.27
CA MET EC 263 -68.50 -53.34 -124.24
C MET EC 263 -68.22 -52.53 -125.50
N ILE EC 264 -69.25 -51.91 -126.07
CA ILE EC 264 -69.07 -51.18 -127.33
C ILE EC 264 -68.19 -49.95 -127.11
N ARG EC 265 -68.35 -49.29 -125.97
CA ARG EC 265 -67.57 -48.10 -125.66
C ARG EC 265 -66.16 -48.42 -125.18
N GLY EC 266 -65.89 -49.67 -124.78
CA GLY EC 266 -64.55 -50.03 -124.38
C GLY EC 266 -63.72 -50.64 -125.50
N MET EC 267 -64.34 -51.51 -126.31
CA MET EC 267 -63.61 -52.14 -127.40
C MET EC 267 -63.32 -51.21 -128.56
N VAL EC 268 -63.98 -50.05 -128.63
CA VAL EC 268 -63.73 -49.12 -129.71
C VAL EC 268 -62.34 -48.49 -129.58
N LYS EC 269 -61.94 -48.15 -128.36
CA LYS EC 269 -60.62 -47.57 -128.12
C LYS EC 269 -59.52 -48.61 -128.13
N HIS EC 270 -59.86 -49.90 -128.13
CA HIS EC 270 -58.88 -50.98 -128.12
C HIS EC 270 -58.59 -51.51 -129.52
N GLN EC 271 -59.11 -50.87 -130.56
CA GLN EC 271 -58.92 -51.30 -131.95
C GLN EC 271 -59.41 -52.74 -132.15
N ALA EC 272 -60.52 -53.07 -131.49
CA ALA EC 272 -61.16 -54.38 -131.64
C ALA EC 272 -62.64 -54.17 -131.90
N PRO EC 273 -63.01 -53.73 -133.11
CA PRO EC 273 -64.43 -53.48 -133.40
C PRO EC 273 -65.21 -54.73 -133.81
N THR EC 274 -64.56 -55.89 -133.89
CA THR EC 274 -65.26 -57.09 -134.35
C THR EC 274 -66.25 -57.60 -133.30
N GLN EC 275 -66.01 -57.30 -132.02
CA GLN EC 275 -66.90 -57.79 -130.96
C GLN EC 275 -68.22 -57.05 -130.92
N ALA EC 276 -68.26 -55.79 -131.37
CA ALA EC 276 -69.50 -55.03 -131.34
C ALA EC 276 -70.57 -55.65 -132.24
N LEU EC 277 -70.17 -56.08 -133.45
CA LEU EC 277 -71.10 -56.72 -134.36
C LEU EC 277 -71.58 -58.07 -133.82
N ASN EC 278 -70.71 -58.83 -133.18
CA ASN EC 278 -71.12 -60.09 -132.57
C ASN EC 278 -72.11 -59.86 -131.43
N LEU EC 279 -71.87 -58.83 -130.61
CA LEU EC 279 -72.76 -58.55 -129.50
C LEU EC 279 -74.10 -58.00 -129.98
N TYR EC 280 -74.10 -57.29 -131.12
CA TYR EC 280 -75.36 -56.76 -131.65
C TYR EC 280 -76.31 -57.88 -132.05
N THR EC 281 -75.78 -58.98 -132.59
CA THR EC 281 -76.62 -60.11 -132.95
C THR EC 281 -77.30 -60.71 -131.72
N VAL EC 282 -76.59 -60.84 -130.62
CA VAL EC 282 -77.20 -61.33 -129.38
C VAL EC 282 -78.20 -60.31 -128.84
N LEU EC 283 -77.88 -59.01 -128.94
CA LEU EC 283 -78.79 -57.98 -128.45
C LEU EC 283 -80.12 -58.00 -129.19
N LEU EC 284 -80.08 -58.12 -130.52
CA LEU EC 284 -81.31 -58.17 -131.29
C LEU EC 284 -82.07 -59.48 -131.08
N ASN EC 285 -81.35 -60.58 -130.84
CA ASN EC 285 -82.01 -61.86 -130.59
C ASN EC 285 -82.64 -61.93 -129.20
N ASN EC 286 -82.12 -61.19 -128.23
CA ASN EC 286 -82.66 -61.20 -126.87
C ASN EC 286 -83.94 -60.41 -126.74
N ARG EC 287 -84.54 -59.96 -127.85
CA ARG EC 287 -85.78 -59.20 -127.88
C ARG EC 287 -85.68 -57.90 -127.09
N LEU EC 288 -84.48 -57.35 -126.94
CA LEU EC 288 -84.28 -56.09 -126.24
C LEU EC 288 -83.90 -55.01 -127.24
N ARG EC 289 -84.60 -53.89 -127.20
CA ARG EC 289 -84.35 -52.80 -128.13
C ARG EC 289 -83.00 -52.15 -127.82
N ALA EC 290 -82.33 -51.69 -128.88
CA ALA EC 290 -81.05 -51.01 -128.74
C ALA EC 290 -81.28 -49.52 -128.54
N ASP EC 291 -80.63 -48.95 -127.53
CA ASP EC 291 -80.79 -47.55 -127.23
C ASP EC 291 -80.08 -46.70 -128.29
N VAL EC 292 -80.29 -45.38 -128.21
CA VAL EC 292 -79.70 -44.48 -129.19
C VAL EC 292 -78.19 -44.45 -129.07
N TYR EC 293 -77.65 -44.76 -127.88
CA TYR EC 293 -76.21 -44.73 -127.66
C TYR EC 293 -75.49 -45.91 -128.30
N THR EC 294 -76.18 -47.02 -128.56
CA THR EC 294 -75.54 -48.17 -129.19
C THR EC 294 -75.12 -47.85 -130.62
N PHE EC 295 -76.03 -47.24 -131.39
CA PHE EC 295 -75.72 -46.84 -132.76
C PHE EC 295 -74.77 -45.64 -132.83
N ASN EC 296 -74.56 -44.94 -131.72
CA ASN EC 296 -73.55 -43.88 -131.70
C ASN EC 296 -72.13 -44.43 -131.76
N SER EC 297 -71.95 -45.74 -131.52
CA SER EC 297 -70.65 -46.38 -131.62
C SER EC 297 -70.61 -47.53 -132.61
N LEU EC 298 -71.74 -48.17 -132.90
CA LEU EC 298 -71.75 -49.24 -133.89
C LEU EC 298 -71.37 -48.74 -135.28
N ILE EC 299 -71.85 -47.55 -135.66
CA ILE EC 299 -71.50 -47.01 -136.97
C ILE EC 299 -70.01 -46.73 -137.07
N GLU EC 300 -69.42 -46.17 -136.00
CA GLU EC 300 -67.98 -45.96 -135.99
C GLU EC 300 -67.22 -47.28 -136.08
N ALA EC 301 -67.67 -48.28 -135.32
CA ALA EC 301 -67.00 -49.58 -135.35
C ALA EC 301 -67.05 -50.23 -136.72
N THR EC 302 -68.19 -50.11 -137.41
CA THR EC 302 -68.32 -50.64 -138.76
C THR EC 302 -67.51 -49.84 -139.77
N ALA EC 303 -67.47 -48.51 -139.63
CA ALA EC 303 -66.85 -47.68 -140.64
C ALA EC 303 -65.33 -47.65 -140.54
N LEU EC 304 -64.78 -47.75 -139.32
CA LEU EC 304 -63.35 -47.55 -139.14
C LEU EC 304 -62.51 -48.57 -139.90
N VAL EC 305 -63.07 -49.76 -140.14
CA VAL EC 305 -62.37 -50.81 -140.88
C VAL EC 305 -62.74 -50.69 -142.35
N VAL EC 306 -61.74 -50.46 -143.19
CA VAL EC 306 -61.92 -50.34 -144.64
C VAL EC 306 -60.91 -51.26 -145.32
N ASN EC 307 -61.40 -52.23 -146.08
CA ASN EC 307 -60.57 -53.15 -146.85
C ASN EC 307 -61.07 -53.15 -148.29
N GLU EC 308 -60.57 -52.21 -149.09
CA GLU EC 308 -60.83 -52.08 -150.52
C GLU EC 308 -62.29 -51.78 -150.84
N LYS EC 309 -63.17 -51.68 -149.84
CA LYS EC 309 -64.58 -51.45 -150.08
C LYS EC 309 -65.09 -50.32 -149.19
N PHE EC 310 -66.01 -49.52 -149.73
CA PHE EC 310 -66.69 -48.48 -148.98
C PHE EC 310 -68.20 -48.51 -149.11
N GLU EC 311 -68.74 -49.00 -150.23
CA GLU EC 311 -70.18 -49.02 -150.44
C GLU EC 311 -70.88 -49.94 -149.45
N GLU EC 312 -70.32 -51.12 -149.18
CA GLU EC 312 -70.94 -52.02 -148.22
C GLU EC 312 -70.88 -51.45 -146.81
N LYS EC 313 -69.76 -50.82 -146.44
CA LYS EC 313 -69.65 -50.20 -145.14
C LYS EC 313 -70.66 -49.08 -144.97
N TRP EC 314 -70.86 -48.26 -146.01
CA TRP EC 314 -71.86 -47.20 -145.93
C TRP EC 314 -73.29 -47.75 -145.96
N ASN EC 315 -73.51 -48.87 -146.64
CA ASN EC 315 -74.85 -49.47 -146.68
C ASN EC 315 -75.21 -50.08 -145.34
N ASN EC 316 -74.22 -50.59 -144.61
CA ASN EC 316 -74.50 -51.08 -143.25
C ASN EC 316 -75.01 -49.96 -142.36
N ILE EC 317 -74.43 -48.77 -142.47
CA ILE EC 317 -74.90 -47.63 -141.69
C ILE EC 317 -76.33 -47.27 -142.08
N LEU EC 318 -76.63 -47.30 -143.38
CA LEU EC 318 -77.99 -47.03 -143.84
C LEU EC 318 -78.98 -48.05 -143.30
N ASP EC 319 -78.61 -49.34 -143.29
CA ASP EC 319 -79.48 -50.36 -142.73
C ASP EC 319 -79.71 -50.15 -141.24
N LEU EC 320 -78.66 -49.81 -140.50
CA LEU EC 320 -78.83 -49.52 -139.08
C LEU EC 320 -79.71 -48.30 -138.85
N LEU EC 321 -79.56 -47.25 -139.65
CA LEU EC 321 -80.42 -46.07 -139.53
C LEU EC 321 -81.87 -46.44 -139.83
N LYS EC 322 -82.11 -47.27 -140.85
CA LYS EC 322 -83.46 -47.71 -141.15
C LYS EC 322 -84.05 -48.55 -140.02
N GLN EC 323 -83.25 -49.41 -139.40
CA GLN EC 323 -83.73 -50.21 -138.27
C GLN EC 323 -83.93 -49.37 -137.02
N MET EC 324 -83.27 -48.20 -136.92
CA MET EC 324 -83.42 -47.36 -135.74
C MET EC 324 -84.86 -46.91 -135.56
N VAL EC 325 -85.51 -46.47 -136.64
CA VAL EC 325 -86.90 -46.03 -136.52
C VAL EC 325 -87.81 -47.23 -136.25
N THR EC 326 -87.51 -48.39 -136.82
CA THR EC 326 -88.32 -49.58 -136.55
C THR EC 326 -88.23 -50.00 -135.09
N GLN EC 327 -87.09 -49.80 -134.46
CA GLN EC 327 -86.91 -50.13 -133.05
C GLN EC 327 -87.63 -49.17 -132.11
N ASN EC 328 -88.41 -48.23 -132.66
CA ASN EC 328 -89.21 -47.28 -131.88
C ASN EC 328 -88.35 -46.47 -130.91
N VAL EC 329 -87.14 -46.13 -131.31
CA VAL EC 329 -86.26 -45.25 -130.54
C VAL EC 329 -85.84 -44.10 -131.44
N LYS EC 330 -86.17 -42.88 -131.03
CA LYS EC 330 -85.84 -41.71 -131.84
C LYS EC 330 -84.34 -41.44 -131.79
N PRO EC 331 -83.65 -41.40 -132.92
CA PRO EC 331 -82.22 -41.06 -132.90
C PRO EC 331 -82.02 -39.59 -132.58
N ASN EC 332 -81.19 -39.32 -131.60
CA ASN EC 332 -80.92 -37.95 -131.17
C ASN EC 332 -79.94 -37.30 -132.14
N LEU EC 333 -79.48 -36.09 -131.80
CA LEU EC 333 -78.53 -35.38 -132.65
C LEU EC 333 -77.18 -36.10 -132.72
N GLN EC 334 -76.88 -36.99 -131.77
CA GLN EC 334 -75.57 -37.63 -131.75
C GLN EC 334 -75.37 -38.58 -132.92
N THR EC 335 -76.42 -39.29 -133.34
CA THR EC 335 -76.28 -40.18 -134.50
C THR EC 335 -75.97 -39.39 -135.76
N PHE EC 336 -76.70 -38.29 -135.98
CA PHE EC 336 -76.47 -37.44 -137.15
C PHE EC 336 -75.16 -36.67 -137.06
N ASN EC 337 -74.63 -36.45 -135.85
CA ASN EC 337 -73.31 -35.87 -135.68
C ASN EC 337 -72.19 -36.88 -135.94
N THR EC 338 -72.40 -38.15 -135.58
CA THR EC 338 -71.40 -39.18 -135.75
C THR EC 338 -71.32 -39.71 -137.18
N ILE EC 339 -72.45 -39.72 -137.91
CA ILE EC 339 -72.37 -40.11 -139.31
C ILE EC 339 -71.52 -39.13 -140.10
N LEU EC 340 -71.65 -37.83 -139.81
CA LEU EC 340 -70.79 -36.83 -140.40
C LEU EC 340 -69.35 -36.93 -139.92
N LYS EC 341 -69.13 -37.38 -138.68
CA LYS EC 341 -67.79 -37.69 -138.22
C LYS EC 341 -67.14 -38.80 -139.04
N CYS EC 342 -67.89 -39.86 -139.33
CA CYS EC 342 -67.40 -40.96 -140.13
C CYS EC 342 -67.21 -40.60 -141.59
N LEU EC 343 -68.05 -39.73 -142.15
CA LEU EC 343 -67.97 -39.40 -143.57
C LEU EC 343 -66.85 -38.42 -143.91
N ARG EC 344 -65.95 -38.11 -142.98
CA ARG EC 344 -64.91 -37.13 -143.24
C ARG EC 344 -63.57 -37.73 -143.64
N ARG EC 345 -63.17 -38.84 -143.02
CA ARG EC 345 -61.83 -39.39 -143.23
C ARG EC 345 -61.70 -40.16 -144.53
N PHE EC 346 -62.76 -40.80 -145.01
CA PHE EC 346 -62.64 -41.78 -146.08
C PHE EC 346 -62.72 -41.15 -147.48
N TYR EC 347 -63.84 -40.50 -147.78
CA TYR EC 347 -64.10 -40.00 -149.13
C TYR EC 347 -64.30 -38.49 -149.09
N ALA EC 348 -63.60 -37.79 -149.99
CA ALA EC 348 -63.79 -36.35 -150.14
C ALA EC 348 -64.93 -36.01 -151.08
N PHE EC 349 -65.40 -36.97 -151.88
CA PHE EC 349 -66.52 -36.77 -152.78
C PHE EC 349 -67.85 -37.21 -152.18
N GLY EC 350 -67.85 -37.69 -150.93
CA GLY EC 350 -69.08 -38.13 -150.30
C GLY EC 350 -69.87 -36.99 -149.68
N LYS EC 351 -69.98 -35.88 -150.40
CA LYS EC 351 -70.71 -34.73 -149.88
C LYS EC 351 -72.21 -34.84 -150.11
N LEU EC 352 -72.63 -35.62 -151.09
CA LEU EC 352 -74.07 -35.80 -151.33
C LEU EC 352 -74.76 -36.44 -150.14
N PRO EC 353 -74.30 -37.57 -149.57
CA PRO EC 353 -74.95 -38.09 -148.37
C PRO EC 353 -74.86 -37.16 -147.18
N ALA EC 354 -73.77 -36.42 -147.02
CA ALA EC 354 -73.66 -35.47 -145.91
C ALA EC 354 -74.70 -34.36 -146.03
N LEU EC 355 -74.87 -33.80 -147.23
CA LEU EC 355 -75.89 -32.77 -147.44
C LEU EC 355 -77.30 -33.35 -147.30
N GLN EC 356 -77.52 -34.58 -147.76
CA GLN EC 356 -78.82 -35.21 -147.57
C GLN EC 356 -79.15 -35.39 -146.09
N THR EC 357 -78.17 -35.83 -145.30
CA THR EC 357 -78.39 -35.98 -143.87
C THR EC 357 -78.59 -34.62 -143.19
N LEU EC 358 -77.86 -33.59 -143.65
CA LEU EC 358 -78.08 -32.25 -143.12
C LEU EC 358 -79.49 -31.76 -143.40
N ARG EC 359 -80.00 -32.00 -144.60
CA ARG EC 359 -81.40 -31.70 -144.91
C ARG EC 359 -82.36 -32.49 -144.06
N GLU EC 360 -82.10 -33.78 -143.87
CA GLU EC 360 -82.99 -34.62 -143.04
C GLU EC 360 -83.01 -34.19 -141.58
N MET EC 361 -81.89 -33.64 -141.08
CA MET EC 361 -81.88 -33.14 -139.71
C MET EC 361 -82.89 -32.02 -139.50
N LYS EC 362 -83.08 -31.17 -140.51
CA LYS EC 362 -84.05 -30.08 -140.41
C LYS EC 362 -85.49 -30.55 -140.52
N ALA EC 363 -85.73 -31.72 -141.10
CA ALA EC 363 -87.08 -32.22 -141.27
C ALA EC 363 -87.70 -32.70 -139.97
N ILE EC 364 -86.93 -33.40 -139.14
CA ILE EC 364 -87.49 -33.97 -137.91
C ILE EC 364 -87.87 -32.86 -136.93
N GLY EC 365 -87.07 -31.81 -136.85
CA GLY EC 365 -87.37 -30.67 -136.00
C GLY EC 365 -86.32 -30.31 -134.98
N ILE EC 366 -85.17 -30.97 -134.96
CA ILE EC 366 -84.09 -30.65 -134.01
C ILE EC 366 -83.00 -29.88 -134.75
N GLU EC 367 -82.56 -28.78 -134.15
CA GLU EC 367 -81.55 -27.94 -134.77
C GLU EC 367 -80.19 -28.64 -134.78
N PRO EC 368 -79.48 -28.62 -135.91
CA PRO EC 368 -78.13 -29.18 -135.95
C PRO EC 368 -77.19 -28.38 -135.05
N SER EC 369 -76.26 -29.08 -134.41
CA SER EC 369 -75.31 -28.42 -133.52
C SER EC 369 -74.17 -27.81 -134.33
N LEU EC 370 -73.26 -27.13 -133.62
CA LEU EC 370 -72.13 -26.48 -134.29
C LEU EC 370 -71.21 -27.50 -134.93
N ALA EC 371 -70.97 -28.65 -134.28
CA ALA EC 371 -70.11 -29.66 -134.87
C ALA EC 371 -70.71 -30.24 -136.15
N THR EC 372 -72.05 -30.25 -136.25
CA THR EC 372 -72.68 -30.74 -137.48
C THR EC 372 -72.28 -29.90 -138.68
N TYR EC 373 -72.29 -28.57 -138.53
CA TYR EC 373 -71.81 -27.71 -139.60
C TYR EC 373 -70.29 -27.77 -139.73
N HIS EC 374 -69.58 -27.98 -138.62
CA HIS EC 374 -68.12 -28.07 -138.67
C HIS EC 374 -67.67 -29.23 -139.54
N TYR EC 375 -68.33 -30.38 -139.42
CA TYR EC 375 -67.97 -31.54 -140.23
C TYR EC 375 -68.20 -31.30 -141.72
N VAL EC 376 -69.28 -30.60 -142.07
CA VAL EC 376 -69.51 -30.24 -143.47
C VAL EC 376 -68.44 -29.27 -143.96
N ILE EC 377 -68.11 -28.28 -143.13
CA ILE EC 377 -67.13 -27.28 -143.53
C ILE EC 377 -65.75 -27.90 -143.69
N GLN EC 378 -65.40 -28.91 -142.89
CA GLN EC 378 -64.11 -29.57 -143.03
C GLN EC 378 -63.98 -30.24 -144.40
N LEU EC 379 -65.02 -30.98 -144.81
CA LEU EC 379 -64.98 -31.65 -146.10
C LEU EC 379 -65.03 -30.63 -147.25
N PHE EC 380 -65.77 -29.53 -147.05
CA PHE EC 380 -65.77 -28.49 -148.09
C PHE EC 380 -64.41 -27.82 -148.21
N TYR EC 381 -63.71 -27.62 -147.10
CA TYR EC 381 -62.34 -27.12 -147.15
C TYR EC 381 -61.41 -28.12 -147.84
N GLN EC 382 -61.63 -29.42 -147.60
CA GLN EC 382 -60.88 -30.45 -148.32
C GLN EC 382 -61.11 -30.40 -149.83
N HIS EC 383 -62.35 -30.19 -150.27
CA HIS EC 383 -62.71 -30.24 -151.68
C HIS EC 383 -62.58 -28.89 -152.39
N GLU EC 384 -62.36 -27.80 -151.66
CA GLU EC 384 -62.29 -26.48 -152.28
C GLU EC 384 -60.97 -26.21 -152.99
N SER EC 385 -59.92 -26.98 -152.68
CA SER EC 385 -58.63 -26.72 -153.32
C SER EC 385 -58.68 -26.91 -154.83
N PRO EC 386 -59.22 -28.01 -155.38
CA PRO EC 386 -59.27 -28.12 -156.85
C PRO EC 386 -60.32 -27.21 -157.48
N SER EC 387 -61.49 -27.09 -156.88
CA SER EC 387 -62.58 -26.29 -157.44
C SER EC 387 -63.05 -25.28 -156.40
N LYS EC 388 -63.12 -24.01 -156.80
CA LYS EC 388 -63.57 -22.95 -155.90
C LYS EC 388 -65.09 -22.74 -155.93
N GLY EC 389 -65.82 -23.53 -156.73
CA GLY EC 389 -67.26 -23.37 -156.77
C GLY EC 389 -67.94 -23.83 -155.51
N SER EC 390 -67.29 -24.71 -154.74
CA SER EC 390 -67.84 -25.19 -153.48
C SER EC 390 -67.76 -24.14 -152.37
N SER EC 391 -67.00 -23.06 -152.58
CA SER EC 391 -66.90 -22.02 -151.55
C SER EC 391 -68.22 -21.29 -151.36
N LEU EC 392 -69.05 -21.21 -152.40
CA LEU EC 392 -70.35 -20.56 -152.26
C LEU EC 392 -71.26 -21.33 -151.32
N ILE EC 393 -71.19 -22.66 -151.34
CA ILE EC 393 -71.97 -23.47 -150.41
C ILE EC 393 -71.47 -23.27 -148.98
N ILE EC 394 -70.15 -23.07 -148.81
CA ILE EC 394 -69.61 -22.71 -147.50
C ILE EC 394 -70.12 -21.35 -147.04
N TYR EC 395 -70.21 -20.38 -147.96
CA TYR EC 395 -70.58 -19.02 -147.61
C TYR EC 395 -72.07 -18.87 -147.31
N ASP EC 396 -72.93 -19.57 -148.05
CA ASP EC 396 -74.36 -19.38 -147.88
C ASP EC 396 -74.98 -20.27 -146.81
N ILE EC 397 -74.18 -21.07 -146.11
CA ILE EC 397 -74.71 -21.89 -145.02
C ILE EC 397 -74.54 -21.20 -143.67
N MET EC 398 -73.48 -20.41 -143.49
CA MET EC 398 -73.26 -19.70 -142.23
C MET EC 398 -74.18 -18.50 -142.06
N ASN EC 399 -74.72 -17.95 -143.16
CA ASN EC 399 -75.62 -16.80 -143.06
C ASN EC 399 -76.89 -17.15 -142.31
N GLU EC 400 -77.45 -18.34 -142.55
CA GLU EC 400 -78.64 -18.77 -141.85
C GLU EC 400 -78.39 -19.15 -140.40
N VAL EC 401 -77.19 -19.63 -140.06
CA VAL EC 401 -76.90 -20.01 -138.69
C VAL EC 401 -76.40 -18.83 -137.84
N MET EC 402 -75.95 -17.75 -138.48
CA MET EC 402 -75.51 -16.58 -137.72
C MET EC 402 -76.67 -15.73 -137.22
N GLY EC 403 -77.88 -15.94 -137.76
CA GLY EC 403 -79.03 -15.16 -137.37
C GLY EC 403 -79.70 -15.57 -136.08
N LYS EC 404 -79.19 -16.61 -135.41
CA LYS EC 404 -79.74 -17.08 -134.15
C LYS EC 404 -78.63 -17.15 -133.11
N ARG EC 405 -79.04 -17.14 -131.85
CA ARG EC 405 -78.10 -17.24 -130.74
C ARG EC 405 -77.93 -18.71 -130.36
N PHE EC 406 -76.71 -19.21 -130.46
CA PHE EC 406 -76.40 -20.59 -130.15
C PHE EC 406 -75.87 -20.72 -128.73
N SER EC 407 -75.77 -21.97 -128.27
CA SER EC 407 -75.24 -22.29 -126.96
C SER EC 407 -74.34 -23.51 -127.11
N PRO EC 408 -73.20 -23.56 -126.41
CA PRO EC 408 -72.31 -24.72 -126.55
C PRO EC 408 -72.84 -25.95 -125.85
N ARG EC 409 -73.80 -26.63 -126.49
CA ARG EC 409 -74.39 -27.84 -125.94
C ARG EC 409 -73.69 -29.10 -126.41
N ASP EC 410 -72.66 -28.98 -127.26
CA ASP EC 410 -71.93 -30.11 -127.80
C ASP EC 410 -70.46 -29.91 -127.50
N PRO EC 411 -69.80 -30.83 -126.81
CA PRO EC 411 -68.36 -30.65 -126.52
C PRO EC 411 -67.48 -30.61 -127.76
N ASP EC 412 -67.95 -31.10 -128.90
CA ASP EC 412 -67.17 -31.11 -130.13
C ASP EC 412 -67.32 -29.83 -130.94
N ASP EC 413 -67.71 -28.72 -130.31
CA ASP EC 413 -67.91 -27.45 -131.00
C ASP EC 413 -66.66 -26.58 -131.03
N ASP EC 414 -65.56 -27.04 -130.42
CA ASP EC 414 -64.34 -26.24 -130.39
C ASP EC 414 -63.75 -26.04 -131.78
N MET EC 415 -63.77 -27.08 -132.62
CA MET EC 415 -63.21 -26.99 -133.96
C MET EC 415 -64.13 -26.31 -134.96
N PHE EC 416 -65.36 -25.97 -134.56
CA PHE EC 416 -66.32 -25.40 -135.50
C PHE EC 416 -65.81 -24.08 -136.07
N PHE EC 417 -65.42 -23.14 -135.20
CA PHE EC 417 -64.87 -21.88 -135.68
C PHE EC 417 -63.49 -22.07 -136.30
N GLN EC 418 -62.69 -22.98 -135.76
CA GLN EC 418 -61.37 -23.28 -136.34
C GLN EC 418 -61.49 -23.67 -137.82
N SER EC 419 -62.52 -24.42 -138.18
CA SER EC 419 -62.74 -24.80 -139.57
C SER EC 419 -63.56 -23.78 -140.36
N ALA EC 420 -64.45 -23.04 -139.70
CA ALA EC 420 -65.31 -22.10 -140.42
C ALA EC 420 -64.62 -20.77 -140.70
N MET EC 421 -63.50 -20.48 -140.04
CA MET EC 421 -62.73 -19.28 -140.33
C MET EC 421 -61.48 -19.55 -141.14
N ARG EC 422 -60.93 -20.76 -141.06
CA ARG EC 422 -59.80 -21.12 -141.92
C ARG EC 422 -60.17 -21.09 -143.40
N VAL EC 423 -61.42 -21.42 -143.74
CA VAL EC 423 -61.85 -21.34 -145.13
C VAL EC 423 -61.83 -19.91 -145.62
N CYS EC 424 -62.34 -18.97 -144.81
CA CYS EC 424 -62.28 -17.57 -145.19
C CYS EC 424 -60.84 -17.07 -145.25
N SER EC 425 -59.99 -17.51 -144.33
CA SER EC 425 -58.59 -17.11 -144.36
C SER EC 425 -57.88 -17.61 -145.61
N SER EC 426 -58.16 -18.85 -146.03
CA SER EC 426 -57.54 -19.39 -147.23
C SER EC 426 -58.09 -18.76 -148.50
N LEU EC 427 -59.39 -18.47 -148.53
CA LEU EC 427 -60.03 -17.88 -149.71
C LEU EC 427 -59.92 -16.37 -149.75
N ARG EC 428 -59.31 -15.75 -148.75
CA ARG EC 428 -59.03 -14.31 -148.73
C ARG EC 428 -60.32 -13.51 -148.80
N ASP EC 429 -61.17 -13.72 -147.79
CA ASP EC 429 -62.45 -13.03 -147.65
C ASP EC 429 -62.48 -12.32 -146.30
N LEU EC 430 -62.86 -11.04 -146.31
CA LEU EC 430 -62.89 -10.22 -145.11
C LEU EC 430 -64.31 -9.89 -144.67
N GLU EC 431 -65.21 -9.68 -145.64
CA GLU EC 431 -66.62 -9.45 -145.31
C GLU EC 431 -67.23 -10.65 -144.61
N LEU EC 432 -66.75 -11.85 -144.92
CA LEU EC 432 -67.18 -13.06 -144.24
C LEU EC 432 -66.44 -13.30 -142.93
N ALA EC 433 -65.19 -12.85 -142.83
CA ALA EC 433 -64.49 -12.88 -141.54
C ALA EC 433 -65.18 -12.01 -140.51
N TYR EC 434 -65.64 -10.83 -140.91
CA TYR EC 434 -66.43 -10.00 -140.01
C TYR EC 434 -67.66 -10.73 -139.50
N GLN EC 435 -68.39 -11.42 -140.37
CA GLN EC 435 -69.58 -12.15 -139.96
C GLN EC 435 -69.28 -13.34 -139.08
N VAL EC 436 -68.22 -14.10 -139.37
CA VAL EC 436 -67.87 -15.22 -138.51
C VAL EC 436 -67.36 -14.75 -137.15
N HIS EC 437 -66.76 -13.57 -137.08
CA HIS EC 437 -66.39 -13.01 -135.78
C HIS EC 437 -67.60 -12.51 -135.03
N GLY EC 438 -68.55 -11.89 -135.74
CA GLY EC 438 -69.81 -11.50 -135.11
C GLY EC 438 -70.58 -12.67 -134.57
N LEU EC 439 -70.53 -13.81 -135.27
CA LEU EC 439 -71.15 -15.03 -134.76
C LEU EC 439 -70.53 -15.46 -133.43
N LEU EC 440 -69.21 -15.37 -133.31
CA LEU EC 440 -68.55 -15.69 -132.05
C LEU EC 440 -68.95 -14.70 -130.96
N ASN EC 441 -69.02 -13.42 -131.29
CA ASN EC 441 -69.30 -12.38 -130.31
C ASN EC 441 -70.78 -12.25 -129.95
N THR EC 442 -71.67 -12.91 -130.70
CA THR EC 442 -73.10 -12.74 -130.46
C THR EC 442 -73.54 -13.43 -129.16
N GLY EC 443 -73.37 -14.74 -129.08
CA GLY EC 443 -73.90 -15.49 -127.95
C GLY EC 443 -72.97 -15.62 -126.77
N ASP EC 444 -71.77 -16.15 -127.01
CA ASP EC 444 -70.80 -16.35 -125.93
C ASP EC 444 -69.41 -16.06 -126.49
N ASN EC 445 -68.74 -15.05 -125.95
CA ASN EC 445 -67.44 -14.65 -126.45
C ASN EC 445 -66.33 -15.59 -126.05
N TRP EC 446 -66.56 -16.44 -125.03
CA TRP EC 446 -65.50 -17.30 -124.51
C TRP EC 446 -65.89 -18.77 -124.41
N LYS EC 447 -67.18 -19.11 -124.34
CA LYS EC 447 -67.60 -20.49 -124.12
C LYS EC 447 -67.63 -21.31 -125.40
N LEU EC 448 -66.94 -20.87 -126.46
CA LEU EC 448 -66.86 -21.60 -127.70
C LEU EC 448 -65.46 -22.11 -128.04
N ILE EC 449 -64.44 -21.63 -127.34
CA ILE EC 449 -63.07 -22.08 -127.54
C ILE EC 449 -62.58 -22.69 -126.25
N GLY EC 450 -62.08 -23.93 -126.33
CA GLY EC 450 -61.64 -24.64 -125.15
C GLY EC 450 -60.18 -24.46 -124.81
N SER EC 451 -59.30 -24.69 -125.77
CA SER EC 451 -57.87 -24.61 -125.56
C SER EC 451 -57.30 -23.33 -126.14
N ASP EC 452 -56.17 -22.91 -125.58
CA ASP EC 452 -55.50 -21.69 -126.03
C ASP EC 452 -54.83 -21.84 -127.39
N HIS EC 453 -54.46 -23.07 -127.78
CA HIS EC 453 -53.84 -23.28 -129.08
C HIS EC 453 -54.79 -22.92 -130.21
N ARG EC 454 -56.06 -23.33 -130.09
CA ARG EC 454 -57.06 -22.96 -131.08
C ARG EC 454 -57.31 -21.47 -131.12
N ARG EC 455 -57.34 -20.80 -129.97
CA ARG EC 455 -57.52 -19.35 -129.96
C ARG EC 455 -56.35 -18.64 -130.63
N ASN EC 456 -55.13 -19.09 -130.35
CA ASN EC 456 -53.94 -18.49 -130.96
C ASN EC 456 -53.93 -18.70 -132.47
N PHE EC 457 -54.25 -19.92 -132.93
CA PHE EC 457 -54.32 -20.18 -134.36
C PHE EC 457 -55.50 -19.49 -135.02
N TYR EC 458 -56.53 -19.15 -134.26
CA TYR EC 458 -57.68 -18.42 -134.78
C TYR EC 458 -57.34 -16.95 -135.02
N TYR EC 459 -56.95 -16.25 -133.95
CA TYR EC 459 -56.71 -14.81 -134.02
C TYR EC 459 -55.58 -14.44 -134.96
N SER EC 460 -54.53 -15.26 -135.08
CA SER EC 460 -53.42 -14.92 -135.97
C SER EC 460 -53.89 -14.82 -137.42
N LYS EC 461 -54.56 -15.87 -137.92
CA LYS EC 461 -55.05 -15.80 -139.29
C LYS EC 461 -56.27 -14.91 -139.44
N PHE EC 462 -56.96 -14.59 -138.35
CA PHE EC 462 -58.02 -13.58 -138.44
C PHE EC 462 -57.43 -12.20 -138.69
N PHE EC 463 -56.36 -11.84 -137.97
CA PHE EC 463 -55.68 -10.58 -138.21
C PHE EC 463 -54.84 -10.61 -139.48
N ASN EC 464 -54.53 -11.80 -140.01
CA ASN EC 464 -53.81 -11.90 -141.27
C ASN EC 464 -54.56 -11.27 -142.44
N LEU EC 465 -55.89 -11.13 -142.34
CA LEU EC 465 -56.68 -10.57 -143.42
C LEU EC 465 -57.07 -9.11 -143.20
N LEU EC 466 -56.93 -8.59 -141.99
CA LEU EC 466 -57.33 -7.22 -141.70
C LEU EC 466 -56.25 -6.19 -142.03
N CYS EC 467 -55.09 -6.62 -142.52
CA CYS EC 467 -53.97 -5.72 -142.73
C CYS EC 467 -53.92 -5.18 -144.15
N PHE EC 468 -53.81 -6.06 -145.15
CA PHE EC 468 -53.61 -5.63 -146.53
C PHE EC 468 -54.89 -5.37 -147.29
N MET EC 469 -56.04 -5.86 -146.80
CA MET EC 469 -57.29 -5.67 -147.52
C MET EC 469 -57.90 -4.30 -147.20
N GLU EC 470 -58.22 -4.05 -145.94
CA GLU EC 470 -58.84 -2.81 -145.54
C GLU EC 470 -57.80 -1.71 -145.36
N GLN EC 471 -58.24 -0.56 -144.87
CA GLN EC 471 -57.37 0.60 -144.76
C GLN EC 471 -56.46 0.49 -143.55
N ILE EC 472 -55.39 1.28 -143.59
CA ILE EC 472 -54.41 1.28 -142.50
C ILE EC 472 -55.02 1.81 -141.22
N ASP EC 473 -55.95 2.76 -141.31
CA ASP EC 473 -56.56 3.30 -140.11
C ASP EC 473 -57.35 2.24 -139.34
N VAL EC 474 -58.20 1.48 -140.04
CA VAL EC 474 -58.96 0.44 -139.38
C VAL EC 474 -58.05 -0.71 -138.97
N THR EC 475 -56.99 -0.99 -139.74
CA THR EC 475 -56.05 -2.01 -139.33
C THR EC 475 -55.38 -1.64 -138.00
N LEU EC 476 -54.95 -0.39 -137.86
CA LEU EC 476 -54.35 0.05 -136.60
C LEU EC 476 -55.37 0.10 -135.48
N LYS EC 477 -56.62 0.47 -135.78
CA LYS EC 477 -57.65 0.47 -134.76
C LYS EC 477 -57.88 -0.93 -134.21
N TRP EC 478 -57.93 -1.94 -135.08
CA TRP EC 478 -58.09 -3.32 -134.63
C TRP EC 478 -56.81 -3.91 -134.03
N TYR EC 479 -55.65 -3.33 -134.35
CA TYR EC 479 -54.38 -3.81 -133.81
C TYR EC 479 -54.30 -3.66 -132.29
N LYS EC 480 -54.74 -2.52 -131.75
CA LYS EC 480 -54.56 -2.24 -130.33
C LYS EC 480 -55.54 -2.96 -129.42
N ASP EC 481 -56.64 -3.48 -129.96
CA ASP EC 481 -57.62 -4.17 -129.14
C ASP EC 481 -57.55 -5.69 -129.27
N LEU EC 482 -56.64 -6.22 -130.08
CA LEU EC 482 -56.53 -7.66 -130.30
C LEU EC 482 -55.16 -8.21 -129.95
N ILE EC 483 -54.09 -7.48 -130.26
CA ILE EC 483 -52.72 -7.97 -130.06
C ILE EC 483 -52.33 -7.93 -128.58
N PRO EC 484 -52.44 -6.79 -127.88
CA PRO EC 484 -52.00 -6.77 -126.48
C PRO EC 484 -53.06 -7.26 -125.52
N SER EC 485 -54.31 -7.30 -125.96
CA SER EC 485 -55.44 -7.61 -125.07
C SER EC 485 -55.78 -9.10 -125.09
N VAL EC 486 -56.15 -9.63 -126.26
CA VAL EC 486 -56.63 -11.00 -126.33
C VAL EC 486 -55.47 -11.99 -126.28
N PHE EC 487 -54.61 -11.95 -127.30
CA PHE EC 487 -53.47 -12.87 -127.36
C PHE EC 487 -52.42 -12.29 -128.30
N PHE EC 488 -51.20 -12.77 -128.13
CA PHE EC 488 -50.02 -12.33 -128.86
C PHE EC 488 -49.86 -13.14 -130.14
N PRO EC 489 -49.46 -12.48 -131.23
CA PRO EC 489 -49.38 -13.15 -132.52
C PRO EC 489 -48.18 -14.08 -132.61
N HIS EC 490 -48.18 -14.91 -133.64
CA HIS EC 490 -47.05 -15.78 -133.95
C HIS EC 490 -46.12 -15.07 -134.91
N SER EC 491 -45.16 -15.80 -135.47
CA SER EC 491 -44.24 -15.21 -136.44
C SER EC 491 -44.91 -14.94 -137.78
N GLN EC 492 -46.04 -15.58 -138.07
CA GLN EC 492 -46.71 -15.39 -139.35
C GLN EC 492 -47.37 -14.02 -139.44
N THR EC 493 -48.06 -13.59 -138.37
CA THR EC 493 -48.75 -12.30 -138.40
C THR EC 493 -47.76 -11.14 -138.49
N MET EC 494 -46.55 -11.32 -137.99
CA MET EC 494 -45.55 -10.25 -138.08
C MET EC 494 -45.18 -9.94 -139.52
N ILE EC 495 -45.06 -10.96 -140.37
CA ILE EC 495 -44.76 -10.75 -141.77
C ILE EC 495 -45.90 -9.99 -142.46
N ASP EC 496 -47.14 -10.37 -142.17
CA ASP EC 496 -48.29 -9.69 -142.77
C ASP EC 496 -48.39 -8.24 -142.30
N LEU EC 497 -48.06 -7.99 -141.03
CA LEU EC 497 -48.07 -6.61 -140.54
C LEU EC 497 -47.02 -5.77 -141.25
N LEU EC 498 -45.84 -6.34 -141.52
CA LEU EC 498 -44.84 -5.63 -142.32
C LEU EC 498 -45.33 -5.40 -143.74
N GLN EC 499 -45.95 -6.41 -144.35
CA GLN EC 499 -46.52 -6.27 -145.69
C GLN EC 499 -47.63 -5.22 -145.76
N ALA EC 500 -48.31 -4.96 -144.65
CA ALA EC 500 -49.35 -3.94 -144.63
C ALA EC 500 -48.79 -2.52 -144.70
N LEU EC 501 -47.55 -2.31 -144.25
CA LEU EC 501 -47.00 -0.97 -144.18
C LEU EC 501 -46.41 -0.48 -145.50
N ASP EC 502 -45.58 -1.29 -146.16
CA ASP EC 502 -44.89 -0.84 -147.36
C ASP EC 502 -45.81 -0.60 -148.54
N VAL EC 503 -46.96 -1.29 -148.60
CA VAL EC 503 -47.88 -1.09 -149.71
C VAL EC 503 -48.51 0.30 -149.64
N ALA EC 504 -48.87 0.75 -148.45
CA ALA EC 504 -49.50 2.05 -148.26
C ALA EC 504 -48.52 3.14 -147.86
N ASN EC 505 -47.22 2.82 -147.77
CA ASN EC 505 -46.18 3.78 -147.43
C ASN EC 505 -46.45 4.42 -146.07
N ARG EC 506 -46.47 3.58 -145.05
CA ARG EC 506 -46.70 4.01 -143.67
C ARG EC 506 -45.39 3.85 -142.90
N LEU EC 507 -44.75 4.98 -142.60
CA LEU EC 507 -43.48 4.98 -141.88
C LEU EC 507 -43.57 5.53 -140.47
N ASP EC 508 -44.60 6.33 -140.16
CA ASP EC 508 -44.74 6.88 -138.82
C ASP EC 508 -45.02 5.81 -137.77
N MET EC 509 -45.67 4.71 -138.15
CA MET EC 509 -46.03 3.65 -137.22
C MET EC 509 -44.99 2.54 -137.15
N VAL EC 510 -43.91 2.63 -137.92
CA VAL EC 510 -42.89 1.59 -137.88
C VAL EC 510 -42.23 1.46 -136.51
N PRO EC 511 -41.78 2.53 -135.85
CA PRO EC 511 -41.23 2.37 -134.49
C PRO EC 511 -42.24 1.82 -133.50
N GLN EC 512 -43.52 2.20 -133.63
CA GLN EC 512 -44.53 1.70 -132.71
C GLN EC 512 -44.70 0.19 -132.83
N ILE EC 513 -44.69 -0.33 -134.06
CA ILE EC 513 -44.74 -1.76 -134.26
C ILE EC 513 -43.46 -2.43 -133.79
N TRP EC 514 -42.31 -1.81 -134.06
CA TRP EC 514 -41.02 -2.41 -133.71
C TRP EC 514 -40.88 -2.56 -132.20
N LYS EC 515 -41.28 -1.54 -131.43
CA LYS EC 515 -41.11 -1.60 -129.97
C LYS EC 515 -42.00 -2.68 -129.36
N ASP EC 516 -43.19 -2.91 -129.92
CA ASP EC 516 -44.04 -4.01 -129.46
C ASP EC 516 -43.47 -5.35 -129.89
N SER EC 517 -42.87 -5.42 -131.08
CA SER EC 517 -42.28 -6.65 -131.56
C SER EC 517 -41.13 -7.14 -130.69
N LYS EC 518 -40.43 -6.24 -130.00
CA LYS EC 518 -39.34 -6.66 -129.13
C LYS EC 518 -39.85 -7.57 -128.02
N GLU EC 519 -41.00 -7.24 -127.45
CA GLU EC 519 -41.59 -8.08 -126.40
C GLU EC 519 -42.44 -9.21 -126.96
N TYR EC 520 -43.02 -9.05 -128.16
CA TYR EC 520 -43.93 -10.06 -128.67
C TYR EC 520 -43.23 -11.17 -129.44
N GLY EC 521 -42.29 -10.84 -130.31
CA GLY EC 521 -41.59 -11.84 -131.10
C GLY EC 521 -40.10 -11.89 -130.81
N HIS EC 522 -39.74 -11.83 -129.54
CA HIS EC 522 -38.32 -11.90 -129.17
C HIS EC 522 -37.70 -13.25 -129.55
N THR EC 523 -38.44 -14.34 -129.36
CA THR EC 523 -37.93 -15.65 -129.76
C THR EC 523 -37.73 -15.73 -131.27
N PHE EC 524 -38.66 -15.17 -132.03
CA PHE EC 524 -38.60 -15.19 -133.49
C PHE EC 524 -37.82 -14.02 -134.06
N ARG EC 525 -37.15 -13.24 -133.20
CA ARG EC 525 -36.43 -12.06 -133.66
C ARG EC 525 -35.31 -12.43 -134.63
N ASN EC 526 -34.59 -13.52 -134.35
CA ASN EC 526 -33.49 -13.94 -135.21
C ASN EC 526 -33.94 -14.32 -136.61
N GLU EC 527 -35.22 -14.63 -136.81
CA GLU EC 527 -35.73 -14.95 -138.13
C GLU EC 527 -36.59 -13.86 -138.75
N LEU EC 528 -37.07 -12.90 -137.95
CA LEU EC 528 -37.87 -11.80 -138.50
C LEU EC 528 -37.08 -10.50 -138.63
N LYS EC 529 -35.85 -10.45 -138.12
CA LYS EC 529 -35.09 -9.20 -138.19
C LYS EC 529 -34.59 -8.90 -139.59
N GLU EC 530 -34.32 -9.93 -140.40
CA GLU EC 530 -33.89 -9.68 -141.78
C GLU EC 530 -35.04 -9.10 -142.60
N GLU EC 531 -36.28 -9.35 -142.21
CA GLU EC 531 -37.44 -8.85 -142.93
C GLU EC 531 -38.01 -7.56 -142.34
N ILE EC 532 -37.80 -7.30 -141.04
CA ILE EC 532 -38.37 -6.11 -140.43
C ILE EC 532 -37.72 -4.82 -140.93
N LEU EC 533 -36.46 -4.87 -141.35
CA LEU EC 533 -35.73 -3.68 -141.76
C LEU EC 533 -35.73 -3.46 -143.27
N MET EC 534 -36.25 -4.40 -144.06
CA MET EC 534 -36.15 -4.28 -145.50
C MET EC 534 -37.08 -3.22 -146.08
N LEU EC 535 -38.13 -2.82 -145.35
CA LEU EC 535 -39.10 -1.88 -145.89
C LEU EC 535 -38.50 -0.50 -146.09
N MET EC 536 -37.42 -0.17 -145.35
CA MET EC 536 -36.83 1.15 -145.44
C MET EC 536 -36.18 1.42 -146.80
N ALA EC 537 -35.85 0.37 -147.55
CA ALA EC 537 -35.19 0.55 -148.85
C ALA EC 537 -36.17 0.81 -149.98
N ARG EC 538 -37.48 0.70 -149.74
CA ARG EC 538 -38.47 0.92 -150.79
C ARG EC 538 -39.10 2.30 -150.72
N ASP EC 539 -39.13 2.93 -149.55
CA ASP EC 539 -39.76 4.23 -149.39
C ASP EC 539 -38.70 5.33 -149.30
N GLN EC 540 -39.15 6.58 -149.34
CA GLN EC 540 -38.29 7.74 -149.22
C GLN EC 540 -38.25 8.19 -147.77
N HIS EC 541 -37.12 8.79 -147.37
CA HIS EC 541 -36.92 9.20 -146.00
C HIS EC 541 -37.12 10.71 -145.90
N PRO EC 542 -38.21 11.18 -145.30
CA PRO EC 542 -38.42 12.63 -145.15
C PRO EC 542 -37.43 13.22 -144.17
N PRO EC 543 -37.12 14.52 -144.29
CA PRO EC 543 -36.22 15.16 -143.31
C PRO EC 543 -36.78 15.21 -141.90
N GLU EC 544 -38.09 15.02 -141.73
CA GLU EC 544 -38.70 15.05 -140.40
C GLU EC 544 -38.65 13.71 -139.68
N LEU EC 545 -38.12 12.67 -140.33
CA LEU EC 545 -38.10 11.32 -139.77
C LEU EC 545 -36.69 10.83 -139.50
N GLN EC 546 -35.82 11.71 -138.98
CA GLN EC 546 -34.44 11.31 -138.72
C GLN EC 546 -34.30 10.59 -137.38
N VAL EC 547 -34.98 11.08 -136.34
CA VAL EC 547 -34.88 10.46 -135.02
C VAL EC 547 -35.46 9.06 -134.99
N ALA EC 548 -36.57 8.82 -135.70
CA ALA EC 548 -37.15 7.48 -135.75
C ALA EC 548 -36.23 6.48 -136.43
N PHE EC 549 -35.52 6.89 -137.47
CA PHE EC 549 -34.53 6.03 -138.11
C PHE EC 549 -33.26 5.89 -137.29
N ALA EC 550 -32.94 6.88 -136.46
CA ALA EC 550 -31.70 6.83 -135.67
C ALA EC 550 -31.85 5.96 -134.42
N ASP EC 551 -32.89 6.19 -133.61
CA ASP EC 551 -33.03 5.46 -132.36
C ASP EC 551 -33.27 3.98 -132.60
N CYS EC 552 -34.11 3.65 -133.59
CA CYS EC 552 -34.37 2.24 -133.90
C CYS EC 552 -33.11 1.54 -134.39
N ALA EC 553 -32.32 2.20 -135.23
CA ALA EC 553 -31.06 1.62 -135.70
C ALA EC 553 -30.03 1.49 -134.58
N ALA EC 554 -30.06 2.39 -133.60
CA ALA EC 554 -29.14 2.28 -132.48
C ALA EC 554 -29.54 1.16 -131.52
N ASP EC 555 -30.84 0.99 -131.28
CA ASP EC 555 -31.31 -0.03 -130.35
C ASP EC 555 -31.14 -1.45 -130.87
N ILE EC 556 -30.98 -1.63 -132.17
CA ILE EC 556 -30.80 -2.96 -132.74
C ILE EC 556 -29.31 -3.27 -132.83
N LYS EC 557 -28.48 -2.23 -132.93
CA LYS EC 557 -27.04 -2.43 -132.97
C LYS EC 557 -26.44 -2.54 -131.56
N SER EC 558 -27.12 -2.00 -130.55
CA SER EC 558 -26.60 -2.06 -129.19
C SER EC 558 -26.73 -3.42 -128.55
N THR EC 559 -27.50 -4.33 -129.14
CA THR EC 559 -27.77 -5.63 -128.51
C THR EC 559 -27.04 -6.80 -129.16
N TYR EC 560 -26.89 -6.80 -130.49
CA TYR EC 560 -26.27 -7.95 -131.14
C TYR EC 560 -24.76 -7.98 -130.96
N GLU EC 561 -24.11 -6.81 -130.97
CA GLU EC 561 -22.66 -6.75 -130.80
C GLU EC 561 -22.23 -6.88 -129.35
N SER EC 562 -23.16 -6.85 -128.40
CA SER EC 562 -22.84 -6.99 -126.99
C SER EC 562 -22.88 -8.43 -126.50
N GLN EC 563 -23.28 -9.37 -127.36
CA GLN EC 563 -23.32 -10.78 -126.99
C GLN EC 563 -22.56 -11.64 -128.00
N PRO EC 570 -26.20 -15.17 -132.49
CA PRO EC 570 -26.84 -13.94 -132.97
C PRO EC 570 -26.21 -13.43 -134.26
N GLU EC 571 -26.55 -14.05 -135.38
CA GLU EC 571 -26.03 -13.63 -136.67
C GLU EC 571 -26.55 -12.25 -137.04
N TRP EC 572 -25.66 -11.40 -137.56
CA TRP EC 572 -26.02 -10.04 -137.92
C TRP EC 572 -26.12 -9.93 -139.44
N PRO EC 573 -27.31 -9.76 -140.00
CA PRO EC 573 -27.43 -9.68 -141.46
C PRO EC 573 -26.72 -8.47 -142.02
N ALA EC 574 -26.18 -8.63 -143.23
CA ALA EC 574 -25.46 -7.55 -143.89
C ALA EC 574 -26.38 -6.56 -144.58
N SER EC 575 -27.66 -6.91 -144.75
CA SER EC 575 -28.60 -6.02 -145.44
C SER EC 575 -28.96 -4.79 -144.59
N SER EC 576 -28.92 -4.92 -143.25
CA SER EC 576 -29.24 -3.79 -142.40
C SER EC 576 -28.22 -2.67 -142.51
N LEU EC 577 -26.98 -2.99 -142.86
CA LEU EC 577 -25.97 -1.94 -143.06
C LEU EC 577 -26.32 -1.06 -144.25
N ASN EC 578 -26.79 -1.65 -145.34
CA ASN EC 578 -27.22 -0.87 -146.49
C ASN EC 578 -28.40 0.02 -146.17
N TYR EC 579 -29.28 -0.41 -145.27
CA TYR EC 579 -30.40 0.42 -144.83
C TYR EC 579 -29.94 1.57 -143.94
N VAL EC 580 -29.07 1.28 -142.97
CA VAL EC 580 -28.59 2.32 -142.08
C VAL EC 580 -27.71 3.32 -142.81
N ALA EC 581 -27.09 2.91 -143.92
CA ALA EC 581 -26.31 3.84 -144.72
C ALA EC 581 -27.18 4.90 -145.37
N VAL EC 582 -28.37 4.52 -145.86
CA VAL EC 582 -29.28 5.50 -146.46
C VAL EC 582 -30.12 6.21 -145.41
N LEU EC 583 -30.28 5.64 -144.22
CA LEU EC 583 -31.00 6.34 -143.15
C LEU EC 583 -30.27 7.62 -142.75
N PHE EC 584 -28.95 7.57 -142.63
CA PHE EC 584 -28.16 8.75 -142.28
C PHE EC 584 -27.71 9.55 -143.51
N LEU EC 585 -27.99 9.05 -144.72
CA LEU EC 585 -27.59 9.77 -145.92
C LEU EC 585 -28.33 11.10 -146.04
N ARG EC 586 -29.64 11.08 -145.85
CA ARG EC 586 -30.45 12.30 -145.93
C ARG EC 586 -30.51 13.06 -144.61
N ALA EC 587 -30.07 12.45 -143.51
CA ALA EC 587 -30.09 13.11 -142.21
C ALA EC 587 -28.87 13.98 -141.97
N GLY EC 588 -27.82 13.88 -142.80
CA GLY EC 588 -26.64 14.68 -142.61
C GLY EC 588 -25.78 14.29 -141.43
N ARG EC 589 -25.89 13.06 -140.95
CA ARG EC 589 -25.12 12.57 -139.81
C ARG EC 589 -24.17 11.49 -140.32
N THR EC 590 -22.99 11.92 -140.78
CA THR EC 590 -21.98 10.99 -141.28
C THR EC 590 -21.07 10.47 -140.18
N GLN EC 591 -20.88 11.23 -139.10
CA GLN EC 591 -20.01 10.79 -138.01
C GLN EC 591 -20.50 9.48 -137.41
N GLU EC 592 -21.80 9.40 -137.12
CA GLU EC 592 -22.35 8.18 -136.53
C GLU EC 592 -22.49 7.07 -137.57
N ALA EC 593 -22.73 7.41 -138.84
CA ALA EC 593 -22.88 6.42 -139.88
C ALA EC 593 -21.56 5.73 -140.22
N TRP EC 594 -20.44 6.45 -140.21
CA TRP EC 594 -19.16 5.87 -140.56
C TRP EC 594 -18.67 4.85 -139.54
N LYS EC 595 -18.94 5.07 -138.25
CA LYS EC 595 -18.38 4.20 -137.22
C LYS EC 595 -19.00 2.81 -137.27
N MET EC 596 -20.24 2.69 -137.73
CA MET EC 596 -20.90 1.38 -137.77
C MET EC 596 -20.27 0.47 -138.81
N LEU EC 597 -19.75 1.05 -139.90
CA LEU EC 597 -19.11 0.25 -140.93
C LEU EC 597 -17.86 -0.46 -140.41
N GLY EC 598 -17.11 0.19 -139.52
CA GLY EC 598 -15.94 -0.43 -138.92
C GLY EC 598 -16.26 -1.64 -138.08
N LEU EC 599 -17.40 -1.63 -137.39
CA LEU EC 599 -17.82 -2.79 -136.60
C LEU EC 599 -18.16 -4.00 -137.45
N PHE EC 600 -18.67 -3.78 -138.68
CA PHE EC 600 -18.96 -4.90 -139.56
C PHE EC 600 -17.74 -5.37 -140.32
N ARG EC 601 -16.88 -4.46 -140.78
CA ARG EC 601 -15.71 -4.87 -141.55
C ARG EC 601 -14.69 -5.61 -140.70
N LYS EC 602 -14.76 -5.49 -139.37
CA LYS EC 602 -13.90 -6.27 -138.49
C LYS EC 602 -14.49 -7.61 -138.10
N HIS EC 603 -15.75 -7.88 -138.43
CA HIS EC 603 -16.42 -9.12 -138.09
C HIS EC 603 -16.11 -10.25 -139.07
N ASN EC 604 -15.05 -10.12 -139.86
CA ASN EC 604 -14.63 -11.11 -140.86
C ASN EC 604 -15.69 -11.32 -141.95
N LYS EC 605 -16.65 -10.40 -142.05
CA LYS EC 605 -17.65 -10.42 -143.11
C LYS EC 605 -17.67 -9.05 -143.77
N ILE EC 606 -17.73 -9.04 -145.10
CA ILE EC 606 -17.68 -7.80 -145.88
C ILE EC 606 -18.92 -7.76 -146.76
N PRO EC 607 -19.68 -6.67 -146.77
CA PRO EC 607 -20.86 -6.56 -147.62
C PRO EC 607 -20.45 -6.25 -149.06
N ARG EC 608 -21.46 -6.06 -149.90
CA ARG EC 608 -21.22 -5.74 -151.30
C ARG EC 608 -20.71 -4.31 -151.45
N ALA EC 609 -20.09 -4.03 -152.60
CA ALA EC 609 -19.51 -2.73 -152.86
C ALA EC 609 -20.55 -1.66 -153.14
N GLU EC 610 -21.83 -2.03 -153.26
CA GLU EC 610 -22.87 -1.02 -153.46
C GLU EC 610 -22.96 -0.06 -152.28
N LEU EC 611 -22.87 -0.60 -151.04
CA LEU EC 611 -22.86 0.27 -149.86
C LEU EC 611 -21.64 1.18 -149.85
N LEU EC 612 -20.49 0.64 -150.23
CA LEU EC 612 -19.28 1.46 -150.26
C LEU EC 612 -19.41 2.60 -151.27
N ASN EC 613 -19.95 2.30 -152.46
CA ASN EC 613 -20.14 3.34 -153.46
C ASN EC 613 -21.17 4.36 -153.01
N GLU EC 614 -22.25 3.93 -152.36
CA GLU EC 614 -23.25 4.86 -151.84
C GLU EC 614 -22.65 5.78 -150.78
N PHE EC 615 -21.88 5.22 -149.86
CA PHE EC 615 -21.28 6.01 -148.79
C PHE EC 615 -20.14 6.90 -149.28
N LEU EC 616 -19.52 6.55 -150.42
CA LEU EC 616 -18.54 7.44 -151.02
C LEU EC 616 -19.18 8.75 -151.45
N ASP EC 617 -20.43 8.71 -151.92
CA ASP EC 617 -21.14 9.93 -152.25
C ASP EC 617 -21.36 10.81 -151.03
N SER EC 618 -21.74 10.21 -149.89
CA SER EC 618 -21.89 10.97 -148.67
C SER EC 618 -20.56 11.55 -148.20
N ALA EC 619 -19.48 10.78 -148.31
CA ALA EC 619 -18.15 11.30 -147.97
C ALA EC 619 -17.74 12.45 -148.87
N LYS EC 620 -18.04 12.37 -150.17
CA LYS EC 620 -17.76 13.46 -151.09
C LYS EC 620 -18.57 14.70 -150.74
N ALA EC 621 -19.85 14.51 -150.39
CA ALA EC 621 -20.68 15.64 -149.98
C ALA EC 621 -20.17 16.29 -148.70
N SER EC 622 -19.69 15.49 -147.74
CA SER EC 622 -19.17 16.01 -146.49
C SER EC 622 -17.72 16.48 -146.60
N SER EC 623 -17.07 16.24 -147.74
CA SER EC 623 -15.69 16.66 -147.98
C SER EC 623 -14.74 16.02 -146.95
N SER EC 624 -14.72 14.69 -146.95
CA SER EC 624 -13.89 13.91 -146.04
C SER EC 624 -13.08 12.91 -146.85
N PRO EC 625 -11.97 13.34 -147.45
CA PRO EC 625 -11.15 12.42 -148.25
C PRO EC 625 -10.45 11.37 -147.40
N ALA EC 626 -10.38 11.60 -146.08
CA ALA EC 626 -9.70 10.68 -145.19
C ALA EC 626 -10.48 9.41 -144.94
N GLN EC 627 -11.73 9.34 -145.41
CA GLN EC 627 -12.55 8.15 -145.19
C GLN EC 627 -12.38 7.13 -146.31
N ALA EC 628 -12.44 7.58 -147.56
CA ALA EC 628 -12.34 6.66 -148.69
C ALA EC 628 -10.97 6.01 -148.78
N ILE EC 629 -9.91 6.71 -148.35
CA ILE EC 629 -8.57 6.10 -148.39
C ILE EC 629 -8.50 4.90 -147.47
N GLU EC 630 -9.08 5.01 -146.26
CA GLU EC 630 -9.19 3.86 -145.37
C GLU EC 630 -10.17 2.81 -145.87
N LEU EC 631 -11.23 3.23 -146.55
CA LEU EC 631 -12.23 2.29 -147.05
C LEU EC 631 -11.66 1.39 -148.14
N VAL EC 632 -11.02 1.98 -149.15
CA VAL EC 632 -10.57 1.20 -150.30
C VAL EC 632 -9.40 0.29 -149.95
N LYS EC 633 -8.48 0.77 -149.09
CA LYS EC 633 -7.32 -0.04 -148.74
C LYS EC 633 -7.70 -1.32 -148.03
N LEU EC 634 -8.88 -1.38 -147.41
CA LEU EC 634 -9.39 -2.60 -146.82
C LEU EC 634 -10.35 -3.34 -147.72
N ALA EC 635 -11.11 -2.63 -148.56
CA ALA EC 635 -12.06 -3.25 -149.47
C ALA EC 635 -11.38 -4.01 -150.60
N SER EC 636 -10.34 -3.43 -151.22
CA SER EC 636 -9.67 -4.08 -152.33
C SER EC 636 -8.82 -5.28 -151.89
N ALA EC 637 -8.55 -5.40 -150.59
CA ALA EC 637 -7.71 -6.48 -150.09
C ALA EC 637 -8.42 -7.83 -150.09
N PHE EC 638 -9.75 -7.85 -150.16
CA PHE EC 638 -10.52 -9.08 -150.14
C PHE EC 638 -11.11 -9.43 -151.49
N SER EC 639 -10.62 -8.81 -152.57
CA SER EC 639 -11.02 -9.12 -153.94
C SER EC 639 -12.53 -8.96 -154.14
N LEU EC 640 -12.98 -7.71 -153.96
CA LEU EC 640 -14.38 -7.40 -154.22
C LEU EC 640 -14.66 -7.34 -155.71
N PRO EC 641 -15.87 -7.74 -156.14
CA PRO EC 641 -16.18 -7.74 -157.57
C PRO EC 641 -16.26 -6.36 -158.19
N VAL EC 642 -16.46 -5.31 -157.40
CA VAL EC 642 -16.61 -3.96 -157.95
C VAL EC 642 -15.46 -3.10 -157.46
N CYS EC 643 -14.31 -3.72 -157.17
CA CYS EC 643 -13.13 -2.96 -156.80
C CYS EC 643 -12.67 -2.05 -157.93
N GLU EC 644 -12.83 -2.48 -159.18
CA GLU EC 644 -12.53 -1.61 -160.32
C GLU EC 644 -13.42 -0.38 -160.32
N GLY EC 645 -14.71 -0.54 -160.00
CA GLY EC 645 -15.59 0.61 -159.88
C GLY EC 645 -15.23 1.52 -158.73
N LEU EC 646 -14.84 0.95 -157.59
CA LEU EC 646 -14.43 1.78 -156.46
C LEU EC 646 -13.18 2.59 -156.78
N THR EC 647 -12.20 1.96 -157.43
CA THR EC 647 -10.97 2.64 -157.82
C THR EC 647 -11.21 3.71 -158.86
N ARG EC 648 -12.22 3.56 -159.71
CA ARG EC 648 -12.61 4.61 -160.64
C ARG EC 648 -13.34 5.74 -159.93
N ARG EC 649 -14.19 5.40 -158.95
CA ARG EC 649 -14.96 6.42 -158.25
C ARG EC 649 -14.09 7.29 -157.37
N VAL EC 650 -13.07 6.72 -156.72
CA VAL EC 650 -12.24 7.51 -155.83
C VAL EC 650 -11.42 8.56 -156.59
N MET EC 651 -11.02 8.29 -157.83
CA MET EC 651 -10.31 9.28 -158.62
C MET EC 651 -11.18 10.51 -158.89
N ALA EC 652 -12.49 10.30 -159.06
CA ALA EC 652 -13.40 11.43 -159.25
C ALA EC 652 -13.44 12.34 -158.03
N GLU EC 653 -13.48 11.78 -156.82
CA GLU EC 653 -13.50 12.62 -155.63
C GLU EC 653 -12.14 13.24 -155.35
N PHE EC 654 -11.05 12.56 -155.70
CA PHE EC 654 -9.72 13.08 -155.44
C PHE EC 654 -9.43 14.40 -156.17
N THR EC 655 -9.81 14.49 -157.44
CA THR EC 655 -9.59 15.70 -158.22
C THR EC 655 -10.32 16.91 -157.64
N LEU EC 656 -11.57 16.71 -157.21
CA LEU EC 656 -12.33 17.81 -156.65
C LEU EC 656 -11.88 18.15 -155.23
N THR EC 657 -11.37 17.15 -154.49
CA THR EC 657 -10.88 17.39 -153.14
C THR EC 657 -9.41 17.80 -153.12
N GLN EC 658 -8.76 17.90 -154.29
CA GLN EC 658 -7.36 18.28 -154.39
C GLN EC 658 -6.47 17.31 -153.61
N GLU EC 659 -6.76 16.01 -153.76
CA GLU EC 659 -6.01 14.94 -153.12
C GLU EC 659 -5.21 14.14 -154.15
N GLN EC 660 -4.70 14.83 -155.17
CA GLN EC 660 -3.91 14.16 -156.20
C GLN EC 660 -2.61 13.60 -155.64
N ARG EC 661 -2.09 14.19 -154.56
CA ARG EC 661 -0.89 13.65 -153.92
C ARG EC 661 -1.16 12.25 -153.38
N GLU EC 662 -2.30 12.04 -152.75
CA GLU EC 662 -2.68 10.74 -152.21
C GLU EC 662 -3.38 9.85 -153.24
N ALA EC 663 -3.71 10.38 -154.41
CA ALA EC 663 -4.36 9.57 -155.44
C ALA EC 663 -3.45 8.43 -155.90
N LEU EC 664 -2.16 8.74 -156.12
CA LEU EC 664 -1.20 7.72 -156.48
C LEU EC 664 -0.65 6.98 -155.26
N GLY EC 665 -0.83 7.54 -154.06
CA GLY EC 665 -0.35 6.86 -152.86
C GLY EC 665 -1.06 5.54 -152.63
N GLU EC 666 -2.39 5.53 -152.80
CA GLU EC 666 -3.13 4.27 -152.70
C GLU EC 666 -2.94 3.38 -153.92
N LEU EC 667 -2.65 3.97 -155.09
CA LEU EC 667 -2.33 3.16 -156.25
C LEU EC 667 -1.07 2.35 -156.03
N THR EC 668 -0.06 2.96 -155.41
CA THR EC 668 1.17 2.24 -155.09
C THR EC 668 0.90 1.09 -154.12
N ALA EC 669 0.07 1.33 -153.09
CA ALA EC 669 -0.27 0.27 -152.15
C ALA EC 669 -1.05 -0.86 -152.83
N LEU EC 670 -1.99 -0.50 -153.71
CA LEU EC 670 -2.74 -1.52 -154.44
C LEU EC 670 -1.83 -2.35 -155.34
N THR EC 671 -0.87 -1.71 -156.02
CA THR EC 671 0.09 -2.45 -156.83
C THR EC 671 0.96 -3.36 -155.96
N SER EC 672 1.40 -2.86 -154.81
CA SER EC 672 2.21 -3.65 -153.90
C SER EC 672 1.35 -4.61 -153.08
N SER FC 49 14.69 -28.55 -107.22
CA SER FC 49 15.41 -27.87 -108.30
C SER FC 49 15.57 -28.78 -109.51
N PRO FC 50 14.89 -28.44 -110.60
CA PRO FC 50 15.00 -29.27 -111.82
C PRO FC 50 16.31 -29.04 -112.54
N TYR FC 51 16.84 -27.82 -112.48
CA TYR FC 51 18.09 -27.48 -113.15
C TYR FC 51 19.25 -28.29 -112.58
N LYS FC 52 19.60 -28.02 -111.32
CA LYS FC 52 20.56 -28.79 -110.55
C LYS FC 52 21.98 -28.66 -111.10
N ASP FC 53 22.15 -27.91 -112.19
CA ASP FC 53 23.47 -27.73 -112.79
C ASP FC 53 23.74 -26.26 -113.11
N GLU FC 54 22.69 -25.51 -113.44
CA GLU FC 54 22.80 -24.09 -113.78
C GLU FC 54 21.88 -23.30 -112.86
N PRO FC 55 22.38 -22.86 -111.70
CA PRO FC 55 21.53 -22.08 -110.79
C PRO FC 55 21.00 -20.79 -111.41
N TRP FC 56 21.76 -20.17 -112.32
CA TRP FC 56 21.34 -18.89 -112.90
C TRP FC 56 20.13 -19.01 -113.80
N LYS FC 57 19.82 -20.22 -114.31
CA LYS FC 57 18.65 -20.38 -115.17
C LYS FC 57 17.35 -20.10 -114.43
N TYR FC 58 17.30 -20.36 -113.13
CA TYR FC 58 16.09 -20.05 -112.36
C TYR FC 58 15.92 -18.55 -112.17
N LEU FC 59 17.02 -17.80 -112.07
CA LEU FC 59 16.92 -16.37 -111.85
C LEU FC 59 16.27 -15.65 -113.02
N ASP FC 60 16.57 -16.05 -114.24
CA ASP FC 60 15.98 -15.44 -115.43
C ASP FC 60 14.67 -16.09 -115.84
N SER FC 61 14.20 -17.09 -115.10
CA SER FC 61 12.95 -17.77 -115.43
C SER FC 61 11.77 -16.87 -115.07
N GLU FC 62 10.62 -17.18 -115.68
CA GLU FC 62 9.42 -16.38 -115.44
C GLU FC 62 8.86 -16.59 -114.04
N GLU FC 63 9.06 -17.77 -113.45
CA GLU FC 63 8.59 -18.02 -112.10
C GLU FC 63 9.31 -17.14 -111.08
N TYR FC 64 10.57 -16.81 -111.31
CA TYR FC 64 11.25 -15.84 -110.48
C TYR FC 64 10.73 -14.42 -110.73
N GLN FC 65 10.50 -14.08 -111.99
CA GLN FC 65 10.06 -12.73 -112.34
C GLN FC 65 8.68 -12.40 -111.78
N ASN FC 66 7.73 -13.33 -111.84
CA ASN FC 66 6.39 -13.07 -111.34
C ASN FC 66 6.27 -13.21 -109.83
N ARG FC 67 7.29 -13.75 -109.17
CA ARG FC 67 7.25 -13.92 -107.72
C ARG FC 67 8.03 -12.82 -107.00
N TYR FC 68 9.29 -12.61 -107.38
CA TYR FC 68 10.13 -11.61 -106.74
C TYR FC 68 10.21 -10.31 -107.56
N GLY FC 69 10.34 -10.43 -108.88
CA GLY FC 69 10.44 -9.25 -109.72
C GLY FC 69 11.77 -8.54 -109.61
N SER FC 70 11.75 -7.22 -109.69
CA SER FC 70 12.96 -6.42 -109.57
C SER FC 70 13.44 -6.27 -108.14
N ARG FC 71 12.63 -6.67 -107.16
CA ARG FC 71 12.94 -6.59 -105.74
C ARG FC 71 13.79 -7.78 -105.31
N PRO FC 72 14.62 -7.61 -104.30
CA PRO FC 72 15.41 -8.74 -103.78
C PRO FC 72 14.52 -9.77 -103.12
N VAL FC 73 15.05 -11.00 -103.02
CA VAL FC 73 14.30 -12.09 -102.41
C VAL FC 73 14.05 -11.84 -100.93
N TRP FC 74 14.86 -11.01 -100.28
CA TRP FC 74 14.72 -10.72 -98.86
C TRP FC 74 13.96 -9.42 -98.61
N ALA FC 75 13.44 -8.79 -99.66
CA ALA FC 75 12.73 -7.52 -99.51
C ALA FC 75 11.47 -7.69 -98.67
N ASP FC 76 10.70 -8.75 -98.92
CA ASP FC 76 9.44 -8.98 -98.23
C ASP FC 76 9.59 -9.81 -96.96
N TYR FC 77 10.80 -10.26 -96.65
CA TYR FC 77 11.01 -11.09 -95.46
C TYR FC 77 11.11 -10.21 -94.21
N ARG FC 78 10.38 -10.58 -93.18
CA ARG FC 78 10.43 -9.90 -91.89
C ARG FC 78 10.71 -10.92 -90.80
N ARG FC 79 11.67 -10.63 -89.94
CA ARG FC 79 12.10 -11.57 -88.91
C ARG FC 79 11.40 -11.25 -87.59
N ASN FC 80 10.79 -12.27 -86.99
CA ASN FC 80 10.10 -12.11 -85.72
C ASN FC 80 11.08 -12.28 -84.57
N HIS FC 81 10.95 -11.43 -83.55
CA HIS FC 81 11.84 -11.47 -82.40
C HIS FC 81 11.06 -11.04 -81.16
N LYS FC 82 11.79 -10.75 -80.08
CA LYS FC 82 11.19 -10.53 -78.77
C LYS FC 82 10.88 -9.06 -78.49
N GLY FC 83 11.60 -8.13 -79.08
CA GLY FC 83 11.40 -6.72 -78.81
C GLY FC 83 11.47 -5.90 -80.09
N GLY FC 84 11.95 -4.66 -79.95
CA GLY FC 84 12.12 -3.81 -81.10
C GLY FC 84 13.49 -3.96 -81.73
N ILE FC 85 14.42 -4.52 -80.98
CA ILE FC 85 15.79 -4.77 -81.44
C ILE FC 85 15.96 -6.28 -81.62
N PRO FC 86 16.10 -6.76 -82.85
CA PRO FC 86 16.29 -8.19 -83.06
C PRO FC 86 17.63 -8.66 -82.51
N PRO FC 87 17.74 -9.92 -82.11
CA PRO FC 87 19.01 -10.41 -81.57
C PRO FC 87 20.14 -10.29 -82.60
N GLN FC 88 21.33 -9.96 -82.10
CA GLN FC 88 22.49 -9.82 -82.98
C GLN FC 88 22.84 -11.12 -83.68
N ARG FC 89 22.52 -12.26 -83.08
CA ARG FC 89 22.75 -13.57 -83.68
C ARG FC 89 21.43 -14.07 -84.24
N THR FC 90 21.40 -14.37 -85.54
CA THR FC 90 20.20 -14.88 -86.19
C THR FC 90 20.07 -16.37 -85.90
N ARG FC 91 19.10 -17.02 -86.53
CA ARG FC 91 18.91 -18.44 -86.35
C ARG FC 91 20.10 -19.22 -86.90
N LYS FC 92 20.53 -20.24 -86.16
CA LYS FC 92 21.71 -21.01 -86.55
C LYS FC 92 21.44 -21.80 -87.83
N MET FC 93 20.48 -22.72 -87.78
CA MET FC 93 20.09 -23.50 -88.94
C MET FC 93 18.58 -23.70 -88.92
N CYS FC 94 17.92 -23.22 -89.97
CA CYS FC 94 16.47 -23.30 -90.06
C CYS FC 94 15.97 -24.56 -90.73
N ILE FC 95 16.86 -25.40 -91.26
CA ILE FC 95 16.51 -26.65 -91.92
C ILE FC 95 17.22 -27.76 -91.18
N ARG FC 96 16.53 -28.43 -90.27
CA ARG FC 96 17.08 -29.54 -89.51
C ARG FC 96 16.53 -30.84 -90.10
N GLY FC 97 17.33 -31.49 -90.94
CA GLY FC 97 16.90 -32.70 -91.61
C GLY FC 97 15.80 -32.44 -92.61
N ASN FC 98 14.62 -33.01 -92.38
CA ASN FC 98 13.46 -32.80 -93.24
C ASN FC 98 12.45 -31.81 -92.66
N LYS FC 99 12.76 -31.18 -91.53
CA LYS FC 99 11.83 -30.28 -90.86
C LYS FC 99 12.25 -28.83 -91.04
N VAL FC 100 11.29 -27.99 -91.43
CA VAL FC 100 11.52 -26.56 -91.58
C VAL FC 100 11.15 -25.86 -90.28
N ALA FC 101 12.05 -25.00 -89.81
CA ALA FC 101 11.89 -24.33 -88.52
C ALA FC 101 10.94 -23.14 -88.69
N GLY FC 102 9.64 -23.45 -88.72
CA GLY FC 102 8.63 -22.41 -88.79
C GLY FC 102 8.78 -21.58 -90.04
N ASN FC 103 8.78 -20.26 -89.87
CA ASN FC 103 8.95 -19.35 -90.99
C ASN FC 103 10.35 -19.45 -91.55
N PRO FC 104 10.53 -19.80 -92.81
CA PRO FC 104 11.89 -19.98 -93.36
C PRO FC 104 12.50 -18.64 -93.76
N CYS FC 105 13.81 -18.70 -94.00
CA CYS FC 105 14.55 -17.55 -94.49
C CYS FC 105 14.20 -17.28 -95.94
N PRO FC 106 14.47 -16.06 -96.44
CA PRO FC 106 14.15 -15.77 -97.85
C PRO FC 106 14.82 -16.73 -98.83
N ILE FC 107 16.07 -17.11 -98.60
CA ILE FC 107 16.72 -18.10 -99.44
C ILE FC 107 16.15 -19.48 -99.21
N CYS FC 108 15.96 -19.87 -97.95
CA CYS FC 108 15.67 -21.25 -97.61
C CYS FC 108 14.21 -21.63 -97.85
N ARG FC 109 13.31 -20.65 -98.00
CA ARG FC 109 11.90 -20.97 -98.24
C ARG FC 109 11.66 -21.44 -99.66
N ASP FC 110 12.49 -21.01 -100.61
CA ASP FC 110 12.42 -21.46 -102.01
C ASP FC 110 13.63 -22.35 -102.25
N GLN FC 111 13.39 -23.66 -102.37
CA GLN FC 111 14.48 -24.61 -102.54
C GLN FC 111 15.21 -24.48 -103.87
N LYS FC 112 14.63 -23.76 -104.83
CA LYS FC 112 15.25 -23.58 -106.13
C LYS FC 112 16.38 -22.55 -106.12
N LEU FC 113 16.56 -21.83 -105.02
CA LEU FC 113 17.65 -20.88 -104.88
C LEU FC 113 18.88 -21.63 -104.39
N HIS FC 114 19.88 -21.78 -105.25
CA HIS FC 114 21.10 -22.49 -104.93
C HIS FC 114 22.22 -21.49 -104.64
N VAL FC 115 22.87 -21.65 -103.49
CA VAL FC 115 24.00 -20.81 -103.11
C VAL FC 115 25.21 -21.32 -103.88
N ASP FC 116 25.52 -20.66 -104.98
CA ASP FC 116 26.63 -21.05 -105.85
C ASP FC 116 27.38 -19.80 -106.28
N PHE FC 117 28.66 -19.97 -106.59
CA PHE FC 117 29.50 -18.87 -107.02
C PHE FC 117 29.31 -18.50 -108.48
N ARG FC 118 28.54 -19.30 -109.23
CA ARG FC 118 28.32 -19.03 -110.65
C ARG FC 118 27.26 -17.96 -110.88
N ASN FC 119 26.08 -18.12 -110.27
CA ASN FC 119 24.99 -17.17 -110.46
C ASN FC 119 25.27 -15.88 -109.71
N VAL FC 120 25.85 -14.89 -110.40
CA VAL FC 120 26.18 -13.62 -109.76
C VAL FC 120 24.96 -12.76 -109.47
N LYS FC 121 23.86 -12.97 -110.20
CA LYS FC 121 22.66 -12.18 -109.96
C LYS FC 121 22.06 -12.47 -108.60
N LEU FC 122 22.15 -13.70 -108.12
CA LEU FC 122 21.69 -14.02 -106.78
C LEU FC 122 22.64 -13.49 -105.72
N LEU FC 123 23.95 -13.53 -105.97
CA LEU FC 123 24.92 -13.11 -104.97
C LEU FC 123 24.97 -11.58 -104.83
N GLU FC 124 24.70 -10.85 -105.91
CA GLU FC 124 24.78 -9.39 -105.83
C GLU FC 124 23.68 -8.79 -104.96
N GLN FC 125 22.59 -9.52 -104.73
CA GLN FC 125 21.53 -9.02 -103.87
C GLN FC 125 21.98 -8.89 -102.42
N PHE FC 126 22.97 -9.67 -102.00
CA PHE FC 126 23.48 -9.63 -100.63
C PHE FC 126 24.74 -8.79 -100.50
N VAL FC 127 25.17 -8.12 -101.57
CA VAL FC 127 26.33 -7.25 -101.55
C VAL FC 127 25.87 -5.83 -101.90
N CYS FC 128 26.28 -4.86 -101.09
CA CYS FC 128 25.90 -3.47 -101.34
C CYS FC 128 26.44 -3.02 -102.69
N ALA FC 129 25.58 -2.38 -103.48
CA ALA FC 129 25.98 -1.90 -104.80
C ALA FC 129 26.85 -0.66 -104.71
N HIS FC 130 26.89 0.02 -103.56
CA HIS FC 130 27.67 1.23 -103.40
C HIS FC 130 28.93 1.03 -102.57
N THR FC 131 28.79 0.50 -101.36
CA THR FC 131 29.94 0.27 -100.50
C THR FC 131 30.63 -1.06 -100.74
N GLY FC 132 30.01 -1.95 -101.53
CA GLY FC 132 30.65 -3.20 -101.87
C GLY FC 132 30.87 -4.15 -100.71
N ILE FC 133 30.13 -4.01 -99.61
CA ILE FC 133 30.31 -4.85 -98.44
C ILE FC 133 29.20 -5.88 -98.39
N ILE FC 134 29.47 -6.98 -97.69
CA ILE FC 134 28.50 -8.07 -97.55
C ILE FC 134 27.55 -7.74 -96.42
N PHE FC 135 26.25 -7.82 -96.70
CA PHE FC 135 25.25 -7.57 -95.66
C PHE FC 135 25.32 -8.64 -94.57
N HIS FC 136 25.16 -8.22 -93.32
CA HIS FC 136 25.18 -9.15 -92.22
C HIS FC 136 23.88 -9.95 -92.16
N ALA FC 137 23.91 -11.02 -91.36
CA ALA FC 137 22.74 -11.90 -91.27
C ALA FC 137 21.50 -11.17 -90.77
N PRO FC 138 21.56 -10.34 -89.72
CA PRO FC 138 20.35 -9.60 -89.32
C PRO FC 138 19.81 -8.68 -90.40
N TYR FC 139 20.67 -8.14 -91.28
CA TYR FC 139 20.21 -7.23 -92.32
C TYR FC 139 19.29 -7.94 -93.30
N THR FC 140 19.64 -9.16 -93.69
CA THR FC 140 18.84 -9.89 -94.68
C THR FC 140 17.78 -10.74 -94.00
N GLY FC 141 18.20 -11.68 -93.16
CA GLY FC 141 17.27 -12.54 -92.46
C GLY FC 141 17.52 -14.01 -92.64
N VAL FC 142 18.59 -14.36 -93.35
CA VAL FC 142 18.92 -15.76 -93.58
C VAL FC 142 19.56 -16.35 -92.32
N CYS FC 143 19.40 -17.67 -92.16
CA CYS FC 143 20.02 -18.35 -91.04
C CYS FC 143 21.54 -18.36 -91.19
N MET FC 144 22.24 -18.47 -90.06
CA MET FC 144 23.70 -18.37 -90.06
C MET FC 144 24.36 -19.43 -90.91
N LYS FC 145 23.80 -20.65 -90.96
CA LYS FC 145 24.38 -21.69 -91.79
C LYS FC 145 24.41 -21.28 -93.26
N GLN FC 146 23.33 -20.66 -93.74
CA GLN FC 146 23.29 -20.15 -95.09
C GLN FC 146 24.10 -18.87 -95.27
N HIS FC 147 24.19 -18.04 -94.23
CA HIS FC 147 24.95 -16.79 -94.34
C HIS FC 147 26.44 -17.08 -94.50
N LYS FC 148 26.97 -18.04 -93.75
CA LYS FC 148 28.37 -18.40 -93.89
C LYS FC 148 28.65 -18.97 -95.28
N LYS FC 149 27.75 -19.81 -95.79
CA LYS FC 149 27.89 -20.32 -97.15
C LYS FC 149 27.80 -19.21 -98.18
N LEU FC 150 26.93 -18.22 -97.96
CA LEU FC 150 26.85 -17.07 -98.86
C LEU FC 150 28.16 -16.29 -98.87
N THR FC 151 28.76 -16.08 -97.70
CA THR FC 151 30.03 -15.38 -97.64
C THR FC 151 31.12 -16.17 -98.38
N GLN FC 152 31.16 -17.49 -98.17
CA GLN FC 152 32.14 -18.31 -98.87
C GLN FC 152 31.94 -18.26 -100.38
N ALA FC 153 30.69 -18.33 -100.84
CA ALA FC 153 30.40 -18.25 -102.27
C ALA FC 153 30.76 -16.88 -102.84
N ILE FC 154 30.51 -15.81 -102.09
CA ILE FC 154 30.88 -14.47 -102.55
C ILE FC 154 32.40 -14.36 -102.69
N GLN FC 155 33.14 -14.90 -101.71
CA GLN FC 155 34.59 -14.88 -101.82
C GLN FC 155 35.06 -15.70 -103.01
N LYS FC 156 34.43 -16.88 -103.24
CA LYS FC 156 34.82 -17.72 -104.36
C LYS FC 156 34.54 -17.04 -105.69
N ALA FC 157 33.41 -16.36 -105.81
CA ALA FC 157 33.11 -15.59 -107.03
C ALA FC 157 34.05 -14.41 -107.21
N ARG FC 158 34.43 -13.74 -106.12
CA ARG FC 158 35.36 -12.62 -106.22
C ARG FC 158 36.75 -13.06 -106.65
N ASP FC 159 37.22 -14.22 -106.18
CA ASP FC 159 38.51 -14.73 -106.61
C ASP FC 159 38.45 -15.44 -107.95
N HIS FC 160 37.31 -15.39 -108.63
CA HIS FC 160 37.17 -15.90 -109.99
C HIS FC 160 36.83 -14.81 -110.99
N GLY FC 161 36.72 -13.56 -110.54
CA GLY FC 161 36.40 -12.46 -111.43
C GLY FC 161 34.93 -12.34 -111.79
N LEU FC 162 34.07 -13.18 -111.21
CA LEU FC 162 32.65 -13.12 -111.54
C LEU FC 162 31.95 -11.94 -110.87
N LEU FC 163 32.37 -11.56 -109.68
CA LEU FC 163 31.79 -10.43 -108.96
C LEU FC 163 32.81 -9.31 -108.86
N ARG FC 164 32.37 -8.10 -109.21
CA ARG FC 164 33.24 -6.93 -109.16
C ARG FC 164 33.48 -6.49 -107.72
N TYR FC 165 34.70 -6.03 -107.44
CA TYR FC 165 35.05 -5.48 -106.15
C TYR FC 165 36.23 -4.53 -106.34
N HIS FC 166 36.46 -3.71 -105.33
CA HIS FC 166 37.48 -2.66 -105.42
C HIS FC 166 38.86 -3.25 -105.63
N ILE FC 167 39.60 -2.71 -106.58
CA ILE FC 167 40.97 -3.10 -106.86
C ILE FC 167 41.86 -1.88 -106.71
N PRO FC 168 42.46 -1.68 -105.54
CA PRO FC 168 43.28 -0.49 -105.32
C PRO FC 168 44.56 -0.52 -106.15
N GLN FC 169 45.06 0.68 -106.44
CA GLN FC 169 46.31 0.85 -107.17
C GLN FC 169 47.47 0.74 -106.18
N VAL FC 170 48.28 -0.30 -106.32
CA VAL FC 170 49.35 -0.60 -105.38
C VAL FC 170 50.69 -0.29 -106.01
N GLU FC 171 51.54 0.43 -105.29
CA GLU FC 171 52.87 0.78 -105.78
C GLU FC 171 53.75 -0.47 -105.83
N PRO FC 172 54.81 -0.45 -106.63
CA PRO FC 172 55.70 -1.61 -106.72
C PRO FC 172 56.37 -1.92 -105.39
N ARG FC 173 56.74 -3.19 -105.23
CA ARG FC 173 57.25 -3.67 -103.94
C ARG FC 173 58.54 -2.96 -103.56
N ASP FC 174 59.46 -2.77 -104.51
CA ASP FC 174 60.75 -2.16 -104.24
C ASP FC 174 60.87 -0.82 -104.95
N LEU FC 175 61.43 0.15 -104.24
CA LEU FC 175 61.64 1.47 -104.82
C LEU FC 175 62.67 1.41 -105.95
N ASP FC 176 63.74 0.64 -105.77
CA ASP FC 176 64.77 0.48 -106.78
C ASP FC 176 64.98 -1.00 -107.04
N PHE FC 177 65.11 -1.37 -108.31
CA PHE FC 177 65.28 -2.76 -108.72
C PHE FC 177 66.74 -2.96 -109.13
N SER FC 178 67.52 -3.55 -108.23
CA SER FC 178 68.94 -3.81 -108.46
C SER FC 178 69.21 -5.29 -108.18
N THR FC 179 69.48 -6.05 -109.24
CA THR FC 179 69.81 -7.46 -109.12
C THR FC 179 71.31 -7.70 -109.01
N THR FC 180 72.11 -6.63 -108.96
CA THR FC 180 73.56 -6.76 -108.88
C THR FC 180 74.06 -7.12 -107.48
N HIS FC 181 73.19 -7.08 -106.47
CA HIS FC 181 73.61 -7.39 -105.12
C HIS FC 181 73.89 -8.89 -104.96
N GLY FC 182 74.73 -9.21 -103.99
CA GLY FC 182 75.13 -10.59 -103.78
C GLY FC 182 74.05 -11.48 -103.19
N ALA FC 183 72.99 -10.90 -102.64
CA ALA FC 183 71.90 -11.70 -102.10
C ALA FC 183 71.20 -12.49 -103.19
N VAL FC 184 70.97 -11.86 -104.35
CA VAL FC 184 70.28 -12.52 -105.45
C VAL FC 184 71.25 -13.05 -106.52
N SER FC 185 72.45 -12.50 -106.60
CA SER FC 185 73.43 -12.94 -107.59
C SER FC 185 74.33 -14.01 -106.99
N SER FC 186 75.03 -14.73 -107.88
CA SER FC 186 75.93 -15.79 -107.44
C SER FC 186 77.16 -15.20 -106.74
N THR FC 187 77.63 -15.91 -105.72
CA THR FC 187 78.80 -15.54 -104.93
C THR FC 187 79.97 -16.45 -105.27
N PRO FC 188 81.21 -15.96 -105.12
CA PRO FC 188 82.38 -16.81 -105.38
C PRO FC 188 82.42 -17.99 -104.42
N PRO FC 189 82.49 -19.21 -104.95
CA PRO FC 189 82.49 -20.38 -104.07
C PRO FC 189 83.76 -20.48 -103.25
N ALA FC 190 83.64 -21.15 -102.10
CA ALA FC 190 84.76 -21.29 -101.19
C ALA FC 190 85.81 -22.23 -101.79
N PRO FC 191 87.09 -22.07 -101.41
CA PRO FC 191 88.11 -23.02 -101.86
C PRO FC 191 87.84 -24.44 -101.42
N THR FC 192 87.27 -24.64 -100.23
CA THR FC 192 86.85 -25.97 -99.82
C THR FC 192 85.62 -26.44 -100.59
N LEU FC 193 84.71 -25.54 -100.94
CA LEU FC 193 83.53 -25.91 -101.70
C LEU FC 193 83.88 -26.38 -103.11
N VAL FC 194 84.82 -25.69 -103.77
CA VAL FC 194 85.20 -26.09 -105.12
C VAL FC 194 86.02 -27.39 -105.11
N SER FC 195 86.57 -27.76 -103.95
CA SER FC 195 87.33 -29.00 -103.84
C SER FC 195 86.48 -30.17 -103.37
N GLY FC 196 85.39 -29.92 -102.66
CA GLY FC 196 84.51 -30.96 -102.18
C GLY FC 196 84.70 -31.34 -100.73
N ASP FC 197 85.64 -30.73 -100.03
CA ASP FC 197 85.90 -30.98 -98.62
C ASP FC 197 84.85 -30.31 -97.74
N PRO FC 198 84.63 -30.83 -96.53
CA PRO FC 198 83.68 -30.18 -95.61
C PRO FC 198 84.16 -28.78 -95.24
N TRP FC 199 83.20 -27.97 -94.80
CA TRP FC 199 83.50 -26.56 -94.49
C TRP FC 199 84.51 -26.45 -93.36
N TYR FC 200 84.40 -27.32 -92.35
CA TYR FC 200 85.35 -27.33 -91.25
C TYR FC 200 86.07 -28.67 -91.19
N PRO FC 201 87.37 -28.66 -90.94
CA PRO FC 201 88.14 -29.92 -90.93
C PRO FC 201 87.63 -30.93 -89.90
N TRP FC 202 87.06 -30.46 -88.79
CA TRP FC 202 86.54 -31.34 -87.76
C TRP FC 202 85.15 -31.86 -88.08
N TYR FC 203 84.54 -31.43 -89.19
CA TYR FC 203 83.26 -31.99 -89.59
C TYR FC 203 83.38 -33.47 -89.91
N SER FC 204 84.43 -33.86 -90.61
CA SER FC 204 84.64 -35.25 -90.96
C SER FC 204 85.00 -36.07 -89.72
N TRP FC 205 84.74 -37.37 -89.80
CA TRP FC 205 85.02 -38.29 -88.70
C TRP FC 205 86.45 -38.80 -88.84
N LYS FC 206 87.29 -38.49 -87.86
CA LYS FC 206 88.69 -38.89 -87.86
C LYS FC 206 88.90 -39.98 -86.82
N GLN FC 207 89.72 -40.96 -87.16
CA GLN FC 207 89.99 -42.06 -86.24
C GLN FC 207 90.83 -41.58 -85.06
N PRO FC 208 90.34 -41.69 -83.82
CA PRO FC 208 91.12 -41.25 -82.68
C PRO FC 208 92.32 -42.16 -82.45
N PRO FC 209 93.39 -41.63 -81.84
CA PRO FC 209 94.56 -42.47 -81.57
C PRO FC 209 94.25 -43.58 -80.58
N GLU FC 210 94.96 -44.70 -80.75
CA GLU FC 210 94.79 -45.84 -79.86
C GLU FC 210 95.29 -45.53 -78.45
N ARG FC 211 96.31 -44.70 -78.31
CA ARG FC 211 96.75 -44.26 -76.99
C ARG FC 211 95.64 -43.47 -76.29
N GLU FC 212 94.96 -42.59 -77.03
CA GLU FC 212 93.82 -41.86 -76.46
C GLU FC 212 92.68 -42.82 -76.12
N LEU FC 213 92.43 -43.82 -76.96
CA LEU FC 213 91.40 -44.81 -76.64
C LEU FC 213 91.73 -45.55 -75.34
N SER FC 214 92.98 -45.97 -75.18
CA SER FC 214 93.40 -46.64 -73.95
C SER FC 214 93.28 -45.73 -72.74
N ARG FC 215 93.68 -44.46 -72.89
CA ARG FC 215 93.56 -43.51 -71.79
C ARG FC 215 92.11 -43.31 -71.38
N LEU FC 216 91.21 -43.19 -72.35
CA LEU FC 216 89.79 -43.06 -72.05
C LEU FC 216 89.22 -44.32 -71.40
N ARG FC 217 89.59 -45.50 -71.91
CA ARG FC 217 89.09 -46.75 -71.34
C ARG FC 217 89.61 -47.02 -69.94
N ARG FC 218 90.84 -46.61 -69.63
CA ARG FC 218 91.35 -46.72 -68.27
C ARG FC 218 90.55 -45.88 -67.29
N LEU FC 219 90.22 -44.64 -67.68
CA LEU FC 219 89.48 -43.76 -66.77
C LEU FC 219 88.01 -44.12 -66.67
N TYR FC 220 87.42 -44.61 -67.76
CA TYR FC 220 86.01 -44.99 -67.78
C TYR FC 220 85.82 -46.50 -67.63
N GLN FC 221 86.65 -47.14 -66.82
CA GLN FC 221 86.51 -48.57 -66.57
C GLN FC 221 85.18 -48.86 -65.88
N GLY FC 222 84.56 -49.97 -66.25
CA GLY FC 222 83.27 -50.37 -65.73
C GLY FC 222 82.09 -49.83 -66.50
N ARG FC 223 82.22 -48.64 -67.09
CA ARG FC 223 81.16 -48.02 -67.88
C ARG FC 223 81.45 -48.08 -69.37
N LEU FC 224 82.21 -49.08 -69.80
CA LEU FC 224 82.64 -49.16 -71.19
C LEU FC 224 81.47 -49.53 -72.11
N ARG FC 225 81.64 -49.24 -73.39
CA ARG FC 225 80.66 -49.55 -74.41
C ARG FC 225 81.38 -50.02 -75.67
N GLU FC 226 80.64 -50.73 -76.53
CA GLU FC 226 81.22 -51.26 -77.74
C GLU FC 226 81.69 -50.13 -78.65
N GLU FC 227 82.84 -50.33 -79.30
CA GLU FC 227 83.40 -49.32 -80.17
C GLU FC 227 82.60 -49.23 -81.47
N SER FC 228 82.76 -48.10 -82.16
CA SER FC 228 82.13 -47.88 -83.45
C SER FC 228 83.16 -47.29 -84.40
N GLY FC 229 83.22 -47.83 -85.61
CA GLY FC 229 84.13 -47.34 -86.62
C GLY FC 229 83.60 -46.10 -87.30
N PRO FC 230 84.28 -45.66 -88.35
CA PRO FC 230 83.80 -44.49 -89.11
C PRO FC 230 82.40 -44.73 -89.65
N PRO FC 231 81.51 -43.73 -89.56
CA PRO FC 231 80.16 -43.93 -90.05
C PRO FC 231 80.15 -44.06 -91.56
N PRO FC 232 79.19 -44.79 -92.12
CA PRO FC 232 79.08 -44.88 -93.59
C PRO FC 232 78.83 -43.52 -94.21
N GLU FC 233 79.45 -43.30 -95.37
CA GLU FC 233 79.29 -42.03 -96.07
C GLU FC 233 77.85 -41.82 -96.52
N LEU FC 234 77.21 -42.87 -97.04
CA LEU FC 234 75.83 -42.80 -97.51
C LEU FC 234 74.97 -43.73 -96.66
N MET FC 235 73.88 -43.19 -96.12
CA MET FC 235 72.96 -43.98 -95.31
C MET FC 235 72.00 -44.73 -96.22
N PRO FC 236 71.97 -46.07 -96.17
CA PRO FC 236 71.09 -46.82 -97.06
C PRO FC 236 69.62 -46.64 -96.67
N GLU FC 237 68.76 -46.93 -97.64
CA GLU FC 237 67.32 -46.85 -97.46
C GLU FC 237 66.78 -48.14 -96.86
N VAL FC 238 65.46 -48.16 -96.67
CA VAL FC 238 64.79 -49.34 -96.12
C VAL FC 238 64.51 -50.35 -97.23
N GLU GC 46 -37.08 -113.10 24.32
CA GLU GC 46 -36.42 -113.79 23.21
C GLU GC 46 -35.20 -113.01 22.73
N ALA GC 47 -34.26 -113.71 22.12
CA ALA GC 47 -33.03 -113.11 21.61
C ALA GC 47 -32.70 -113.73 20.27
N LEU GC 48 -31.64 -113.22 19.65
CA LEU GC 48 -31.19 -113.69 18.35
C LEU GC 48 -30.10 -114.74 18.53
N ALA GC 49 -29.48 -115.14 17.42
CA ALA GC 49 -28.44 -116.16 17.44
C ALA GC 49 -27.09 -115.54 17.81
N GLY GC 50 -26.08 -116.38 17.92
CA GLY GC 50 -24.74 -115.93 18.26
C GLY GC 50 -23.89 -115.59 17.06
N ALA GC 51 -24.36 -115.98 15.86
CA ALA GC 51 -23.67 -115.75 14.60
C ALA GC 51 -22.27 -116.35 14.63
N PRO GC 52 -22.14 -117.67 14.66
CA PRO GC 52 -20.83 -118.31 14.70
C PRO GC 52 -20.13 -118.21 13.35
N LEU GC 53 -18.84 -118.51 13.36
CA LEU GC 53 -18.00 -118.47 12.16
C LEU GC 53 -17.54 -119.88 11.83
N ASP GC 54 -16.83 -119.99 10.70
CA ASP GC 54 -16.30 -121.27 10.23
C ASP GC 54 -14.92 -121.58 10.76
N ASN GC 55 -14.29 -120.63 11.47
CA ASN GC 55 -12.96 -120.89 12.02
C ASN GC 55 -12.99 -122.00 13.05
N ALA GC 56 -14.01 -122.01 13.91
CA ALA GC 56 -14.19 -123.06 14.91
C ALA GC 56 -15.63 -123.59 14.90
N PRO GC 57 -16.15 -123.89 13.72
CA PRO GC 57 -17.55 -124.37 13.65
C PRO GC 57 -17.68 -125.82 14.05
N LYS GC 58 -18.21 -126.07 15.25
CA LYS GC 58 -18.40 -127.43 15.72
C LYS GC 58 -19.77 -127.67 16.36
N GLU GC 59 -20.53 -126.64 16.68
CA GLU GC 59 -21.83 -126.78 17.34
C GLU GC 59 -22.94 -126.52 16.33
N TYR GC 60 -23.84 -127.49 16.19
CA TYR GC 60 -25.01 -127.39 15.33
C TYR GC 60 -26.27 -127.20 16.16
N PRO GC 61 -27.27 -126.50 15.62
CA PRO GC 61 -28.53 -126.32 16.35
C PRO GC 61 -29.20 -127.66 16.63
N PRO GC 62 -29.82 -127.82 17.81
CA PRO GC 62 -30.45 -129.11 18.14
C PRO GC 62 -31.64 -129.48 17.27
N LYS GC 63 -32.19 -128.53 16.52
CA LYS GC 63 -33.37 -128.82 15.71
C LYS GC 63 -33.07 -129.84 14.62
N ILE GC 64 -31.93 -129.70 13.94
CA ILE GC 64 -31.59 -130.66 12.88
C ILE GC 64 -31.33 -132.05 13.44
N GLN GC 65 -30.72 -132.15 14.63
CA GLN GC 65 -30.51 -133.45 15.24
C GLN GC 65 -31.84 -134.07 15.70
N GLN GC 66 -32.74 -133.26 16.26
CA GLN GC 66 -34.02 -133.81 16.70
C GLN GC 66 -34.89 -134.22 15.52
N LEU GC 67 -34.75 -133.54 14.38
CA LEU GC 67 -35.42 -134.01 13.16
C LEU GC 67 -34.92 -135.38 12.72
N VAL GC 68 -33.60 -135.59 12.78
CA VAL GC 68 -33.04 -136.91 12.47
C VAL GC 68 -33.54 -137.95 13.45
N GLN GC 69 -33.61 -137.60 14.74
CA GLN GC 69 -34.15 -138.52 15.73
C GLN GC 69 -35.60 -138.89 15.43
N ASP GC 70 -36.43 -137.92 15.07
CA ASP GC 70 -37.81 -138.19 14.73
C ASP GC 70 -37.90 -139.08 13.48
N ILE GC 71 -37.06 -138.83 12.49
CA ILE GC 71 -37.06 -139.65 11.28
C ILE GC 71 -36.68 -141.09 11.61
N ALA GC 72 -35.65 -141.26 12.42
CA ALA GC 72 -35.17 -142.60 12.76
C ALA GC 72 -36.06 -143.33 13.76
N SER GC 73 -36.91 -142.63 14.51
CA SER GC 73 -37.78 -143.27 15.49
C SER GC 73 -39.09 -143.79 14.88
N LEU GC 74 -39.15 -143.94 13.57
CA LEU GC 74 -40.38 -144.36 12.89
C LEU GC 74 -40.08 -145.51 11.93
N THR GC 75 -41.15 -146.16 11.49
CA THR GC 75 -41.02 -147.39 10.71
C THR GC 75 -41.11 -147.10 9.21
N LEU GC 76 -41.00 -148.18 8.42
CA LEU GC 76 -40.97 -148.03 6.97
C LEU GC 76 -42.33 -147.58 6.41
N LEU GC 77 -43.43 -147.95 7.05
CA LEU GC 77 -44.72 -147.42 6.63
C LEU GC 77 -44.78 -145.91 6.78
N GLU GC 78 -44.28 -145.38 7.90
CA GLU GC 78 -44.19 -143.94 8.06
C GLU GC 78 -43.22 -143.32 7.07
N ILE GC 79 -42.12 -144.01 6.75
CA ILE GC 79 -41.19 -143.50 5.74
C ILE GC 79 -41.88 -143.39 4.39
N SER GC 80 -42.66 -144.41 4.02
CA SER GC 80 -43.37 -144.39 2.75
C SER GC 80 -44.41 -143.28 2.72
N ASP GC 81 -45.16 -143.11 3.81
CA ASP GC 81 -46.14 -142.03 3.87
C ASP GC 81 -45.46 -140.67 3.77
N LEU GC 82 -44.33 -140.49 4.46
CA LEU GC 82 -43.61 -139.23 4.41
C LEU GC 82 -43.11 -138.93 3.01
N ASN GC 83 -42.52 -139.91 2.34
CA ASN GC 83 -41.98 -139.64 1.01
C ASN GC 83 -43.09 -139.43 -0.02
N GLU GC 84 -44.21 -140.14 0.10
CA GLU GC 84 -45.32 -139.88 -0.82
C GLU GC 84 -45.92 -138.50 -0.58
N LEU GC 85 -46.00 -138.08 0.69
CA LEU GC 85 -46.49 -136.74 0.99
C LEU GC 85 -45.55 -135.68 0.44
N LEU GC 86 -44.24 -135.90 0.57
CA LEU GC 86 -43.26 -134.98 -0.01
C LEU GC 86 -43.36 -134.91 -1.53
N LYS GC 87 -43.54 -136.06 -2.19
CA LYS GC 87 -43.74 -136.07 -3.64
C LYS GC 87 -45.01 -135.35 -4.04
N LYS GC 88 -46.10 -135.51 -3.30
CA LYS GC 88 -47.35 -134.84 -3.63
C LYS GC 88 -47.26 -133.34 -3.43
N THR GC 89 -46.71 -132.90 -2.30
CA THR GC 89 -46.68 -131.46 -2.00
C THR GC 89 -45.51 -130.76 -2.68
N LEU GC 90 -44.29 -131.15 -2.32
CA LEU GC 90 -43.09 -130.53 -2.88
C LEU GC 90 -42.63 -131.29 -4.12
N ILE HC 64 -45.14 -136.38 11.62
CA ILE HC 64 -45.54 -136.28 10.22
C ILE HC 64 -45.83 -134.83 9.88
N GLN HC 65 -47.02 -134.36 10.27
CA GLN HC 65 -47.39 -132.97 10.03
C GLN HC 65 -46.50 -132.00 10.80
N GLN HC 66 -46.11 -132.35 12.02
CA GLN HC 66 -45.14 -131.54 12.75
C GLN HC 66 -43.80 -131.49 12.05
N LEU HC 67 -43.36 -132.61 11.47
CA LEU HC 67 -42.12 -132.61 10.70
C LEU HC 67 -42.22 -131.72 9.47
N VAL HC 68 -43.36 -131.76 8.78
CA VAL HC 68 -43.56 -130.88 7.63
C VAL HC 68 -43.54 -129.42 8.06
N GLN HC 69 -44.19 -129.10 9.18
CA GLN HC 69 -44.17 -127.73 9.68
C GLN HC 69 -42.76 -127.28 10.07
N ASP HC 70 -41.97 -128.16 10.70
CA ASP HC 70 -40.59 -127.82 11.03
C ASP HC 70 -39.76 -127.61 9.76
N ILE HC 71 -39.95 -128.44 8.74
CA ILE HC 71 -39.26 -128.24 7.47
C ILE HC 71 -39.64 -126.91 6.86
N ALA HC 72 -40.93 -126.55 6.89
CA ALA HC 72 -41.37 -125.26 6.37
C ALA HC 72 -40.89 -124.09 7.22
N SER HC 73 -40.59 -124.31 8.49
CA SER HC 73 -40.14 -123.23 9.38
C SER HC 73 -38.62 -123.13 9.45
N LEU HC 74 -37.89 -124.07 8.88
CA LEU HC 74 -36.44 -124.00 8.84
C LEU HC 74 -35.98 -123.17 7.65
N THR HC 75 -34.88 -122.46 7.85
CA THR HC 75 -34.33 -121.58 6.81
C THR HC 75 -33.36 -122.36 5.94
N LEU HC 76 -32.76 -121.65 4.97
CA LEU HC 76 -31.87 -122.30 4.01
C LEU HC 76 -30.63 -122.89 4.68
N LEU HC 77 -30.04 -122.17 5.63
CA LEU HC 77 -28.86 -122.70 6.32
C LEU HC 77 -29.19 -123.96 7.10
N GLU HC 78 -30.33 -123.98 7.80
CA GLU HC 78 -30.70 -125.15 8.59
C GLU HC 78 -31.02 -126.34 7.70
N ILE HC 79 -31.76 -126.14 6.61
CA ILE HC 79 -32.06 -127.26 5.73
C ILE HC 79 -30.81 -127.76 5.02
N SER HC 80 -29.88 -126.85 4.70
CA SER HC 80 -28.61 -127.28 4.11
C SER HC 80 -27.79 -128.10 5.10
N ASP HC 81 -27.75 -127.69 6.37
CA ASP HC 81 -27.06 -128.48 7.39
C ASP HC 81 -27.72 -129.84 7.56
N LEU HC 82 -29.05 -129.89 7.56
CA LEU HC 82 -29.75 -131.16 7.64
C LEU HC 82 -29.41 -132.06 6.46
N ASN HC 83 -29.38 -131.49 5.25
CA ASN HC 83 -29.03 -132.27 4.07
C ASN HC 83 -27.61 -132.81 4.15
N GLU HC 84 -26.67 -131.97 4.61
CA GLU HC 84 -25.29 -132.43 4.76
C GLU HC 84 -25.19 -133.55 5.80
N LEU HC 85 -25.90 -133.42 6.92
CA LEU HC 85 -25.88 -134.46 7.94
C LEU HC 85 -26.46 -135.77 7.44
N LEU HC 86 -27.59 -135.72 6.73
CA LEU HC 86 -28.16 -136.97 6.20
C LEU HC 86 -27.28 -137.57 5.11
N LYS HC 87 -26.64 -136.72 4.30
CA LYS HC 87 -25.69 -137.20 3.31
C LYS HC 87 -24.50 -137.92 3.93
N LYS HC 88 -23.95 -137.37 5.02
CA LYS HC 88 -22.78 -137.97 5.64
C LYS HC 88 -23.13 -139.14 6.57
N THR HC 89 -24.41 -139.28 6.94
CA THR HC 89 -24.81 -140.37 7.81
C THR HC 89 -25.49 -141.51 7.06
N LEU HC 90 -25.95 -141.28 5.83
CA LEU HC 90 -26.74 -142.26 5.10
C LEU HC 90 -26.16 -142.49 3.71
N ILE IC 64 -33.08 -159.22 11.96
CA ILE IC 64 -31.81 -158.74 11.43
C ILE IC 64 -31.01 -159.92 10.88
N GLN IC 65 -30.38 -160.67 11.77
CA GLN IC 65 -29.62 -161.86 11.36
C GLN IC 65 -30.52 -162.92 10.76
N GLN IC 66 -31.73 -163.11 11.30
CA GLN IC 66 -32.68 -164.01 10.69
C GLN IC 66 -33.09 -163.55 9.29
N LEU IC 67 -33.25 -162.25 9.09
CA LEU IC 67 -33.55 -161.72 7.76
C LEU IC 67 -32.39 -161.99 6.79
N VAL IC 68 -31.15 -161.81 7.24
CA VAL IC 68 -30.00 -162.10 6.41
C VAL IC 68 -29.95 -163.59 6.06
N GLN IC 69 -30.24 -164.46 7.03
CA GLN IC 69 -30.26 -165.90 6.77
C GLN IC 69 -31.36 -166.27 5.77
N ASP IC 70 -32.54 -165.67 5.91
CA ASP IC 70 -33.62 -165.91 4.95
C ASP IC 70 -33.24 -165.43 3.55
N ILE IC 71 -32.61 -164.26 3.44
CA ILE IC 71 -32.13 -163.78 2.15
C ILE IC 71 -31.11 -164.75 1.56
N ALA IC 72 -30.19 -165.26 2.37
CA ALA IC 72 -29.22 -166.23 1.90
C ALA IC 72 -29.84 -167.58 1.56
N SER IC 73 -30.99 -167.91 2.14
CA SER IC 73 -31.65 -169.18 1.88
C SER IC 73 -32.70 -169.11 0.79
N LEU IC 74 -33.01 -167.91 0.30
CA LEU IC 74 -33.94 -167.75 -0.81
C LEU IC 74 -33.23 -167.89 -2.14
N THR IC 75 -33.93 -168.47 -3.11
CA THR IC 75 -33.35 -168.71 -4.42
C THR IC 75 -33.58 -167.50 -5.33
N LEU IC 76 -33.14 -167.62 -6.58
CA LEU IC 76 -33.22 -166.50 -7.52
C LEU IC 76 -34.66 -166.10 -7.80
N LEU IC 77 -35.55 -167.07 -8.00
CA LEU IC 77 -36.95 -166.75 -8.25
C LEU IC 77 -37.58 -166.01 -7.07
N GLU IC 78 -37.32 -166.48 -5.85
CA GLU IC 78 -37.90 -165.83 -4.68
C GLU IC 78 -37.36 -164.43 -4.47
N ILE IC 79 -36.05 -164.23 -4.63
CA ILE IC 79 -35.50 -162.88 -4.45
C ILE IC 79 -35.97 -161.95 -5.57
N SER IC 80 -36.15 -162.48 -6.79
CA SER IC 80 -36.70 -161.67 -7.87
C SER IC 80 -38.14 -161.27 -7.60
N ASP IC 81 -38.94 -162.20 -7.07
CA ASP IC 81 -40.32 -161.84 -6.69
C ASP IC 81 -40.33 -160.80 -5.59
N LEU IC 82 -39.45 -160.94 -4.60
CA LEU IC 82 -39.35 -159.95 -3.53
C LEU IC 82 -38.97 -158.58 -4.09
N ASN IC 83 -38.00 -158.56 -5.02
CA ASN IC 83 -37.59 -157.29 -5.63
C ASN IC 83 -38.74 -156.66 -6.40
N GLU IC 84 -39.49 -157.47 -7.16
CA GLU IC 84 -40.63 -156.93 -7.90
C GLU IC 84 -41.69 -156.39 -6.95
N LEU IC 85 -41.97 -157.10 -5.86
CA LEU IC 85 -42.96 -156.63 -4.90
C LEU IC 85 -42.53 -155.31 -4.23
N LEU IC 86 -41.27 -155.21 -3.82
CA LEU IC 86 -40.83 -153.96 -3.21
C LEU IC 86 -40.79 -152.82 -4.22
N LYS IC 87 -40.45 -153.12 -5.48
CA LYS IC 87 -40.50 -152.12 -6.54
C LYS IC 87 -41.92 -151.60 -6.78
N LYS IC 88 -42.92 -152.49 -6.79
CA LYS IC 88 -44.29 -152.07 -7.05
C LYS IC 88 -44.97 -151.50 -5.82
N THR IC 89 -44.41 -151.71 -4.62
CA THR IC 89 -45.02 -151.18 -3.41
C THR IC 89 -44.32 -149.93 -2.88
N LEU IC 90 -43.10 -149.63 -3.31
CA LEU IC 90 -42.43 -148.41 -2.85
C LEU IC 90 -41.87 -147.55 -3.98
N LYS IC 91 -41.45 -148.16 -5.08
CA LYS IC 91 -40.89 -147.44 -6.22
C LYS IC 91 -39.68 -146.61 -5.82
N ILE JC 64 -41.26 -164.46 1.53
CA ILE JC 64 -41.63 -163.44 0.57
C ILE JC 64 -42.43 -162.35 1.26
N GLN JC 65 -43.71 -162.62 1.49
CA GLN JC 65 -44.57 -161.67 2.19
C GLN JC 65 -44.12 -161.45 3.62
N GLN JC 66 -43.65 -162.50 4.31
CA GLN JC 66 -43.08 -162.33 5.63
C GLN JC 66 -41.83 -161.46 5.60
N LEU JC 67 -40.99 -161.61 4.57
CA LEU JC 67 -39.82 -160.76 4.43
C LEU JC 67 -40.23 -159.30 4.21
N VAL JC 68 -41.24 -159.06 3.39
CA VAL JC 68 -41.73 -157.70 3.20
C VAL JC 68 -42.26 -157.12 4.50
N GLN JC 69 -43.01 -157.92 5.26
CA GLN JC 69 -43.52 -157.45 6.55
C GLN JC 69 -42.39 -157.14 7.52
N ASP JC 70 -41.35 -157.98 7.56
CA ASP JC 70 -40.21 -157.70 8.42
C ASP JC 70 -39.48 -156.42 7.99
N ILE JC 71 -39.32 -156.22 6.69
CA ILE JC 71 -38.73 -154.98 6.19
C ILE JC 71 -39.57 -153.77 6.60
N ALA JC 72 -40.89 -153.87 6.48
CA ALA JC 72 -41.77 -152.79 6.92
C ALA JC 72 -41.78 -152.59 8.42
N SER JC 73 -41.44 -153.63 9.20
CA SER JC 73 -41.45 -153.53 10.65
C SER JC 73 -40.08 -153.18 11.24
N LEU JC 74 -39.04 -153.15 10.41
CA LEU JC 74 -37.71 -152.76 10.86
C LEU JC 74 -37.57 -151.24 10.80
N THR JC 75 -36.82 -150.70 11.75
CA THR JC 75 -36.62 -149.25 11.84
C THR JC 75 -35.40 -148.85 11.02
N LEU JC 76 -35.09 -147.55 11.05
CA LEU JC 76 -33.99 -147.02 10.23
C LEU JC 76 -32.65 -147.61 10.62
N LEU JC 77 -32.38 -147.75 11.93
CA LEU JC 77 -31.11 -148.32 12.35
C LEU JC 77 -30.97 -149.77 11.89
N GLU JC 78 -32.03 -150.57 12.01
CA GLU JC 78 -31.97 -151.96 11.60
C GLU JC 78 -31.79 -152.11 10.09
N ILE JC 79 -32.52 -151.32 9.30
CA ILE JC 79 -32.37 -151.43 7.85
C ILE JC 79 -31.01 -150.90 7.41
N SER JC 80 -30.47 -149.89 8.10
CA SER JC 80 -29.12 -149.43 7.80
C SER JC 80 -28.08 -150.49 8.12
N ASP JC 81 -28.22 -151.18 9.25
CA ASP JC 81 -27.31 -152.28 9.58
C ASP JC 81 -27.42 -153.40 8.55
N LEU JC 82 -28.64 -153.73 8.13
CA LEU JC 82 -28.81 -154.74 7.09
C LEU JC 82 -28.14 -154.32 5.78
N ASN JC 83 -28.29 -153.05 5.40
CA ASN JC 83 -27.65 -152.56 4.18
C ASN JC 83 -26.13 -152.63 4.29
N GLU JC 84 -25.59 -152.25 5.44
CA GLU JC 84 -24.14 -152.33 5.64
C GLU JC 84 -23.65 -153.78 5.56
N LEU JC 85 -24.39 -154.71 6.18
CA LEU JC 85 -24.00 -156.11 6.13
C LEU JC 85 -24.04 -156.67 4.72
N LEU JC 86 -25.10 -156.37 3.95
CA LEU JC 86 -25.15 -156.87 2.58
C LEU JC 86 -24.09 -156.22 1.71
N LYS JC 87 -23.78 -154.94 1.95
CA LYS JC 87 -22.70 -154.27 1.24
C LYS JC 87 -21.35 -154.91 1.51
N LYS JC 88 -21.06 -155.26 2.77
CA LYS JC 88 -19.77 -155.84 3.10
C LYS JC 88 -19.69 -157.33 2.80
N THR JC 89 -20.83 -157.99 2.57
CA THR JC 89 -20.82 -159.41 2.26
C THR JC 89 -21.00 -159.71 0.78
N LEU JC 90 -21.47 -158.74 -0.01
CA LEU JC 90 -21.63 -158.94 -1.44
C LEU JC 90 -21.05 -157.76 -2.21
N ILE KC 64 -21.57 -176.57 -9.67
CA ILE KC 64 -20.63 -175.55 -9.23
C ILE KC 64 -19.40 -175.57 -10.14
N GLN KC 65 -18.51 -176.52 -9.90
CA GLN KC 65 -17.31 -176.67 -10.74
C GLN KC 65 -17.67 -177.04 -12.18
N GLN KC 66 -18.69 -177.89 -12.36
CA GLN KC 66 -19.16 -178.18 -13.71
C GLN KC 66 -19.71 -176.92 -14.39
N LEU KC 67 -20.43 -176.07 -13.65
CA LEU KC 67 -20.91 -174.82 -14.21
C LEU KC 67 -19.76 -173.90 -14.62
N VAL KC 68 -18.71 -173.83 -13.78
CA VAL KC 68 -17.54 -173.03 -14.13
C VAL KC 68 -16.87 -173.59 -15.39
N GLN KC 69 -16.75 -174.91 -15.48
CA GLN KC 69 -16.16 -175.52 -16.67
C GLN KC 69 -16.99 -175.24 -17.93
N ASP KC 70 -18.32 -175.32 -17.81
CA ASP KC 70 -19.19 -174.99 -18.95
C ASP KC 70 -19.04 -173.52 -19.35
N ILE KC 71 -18.98 -172.62 -18.38
CA ILE KC 71 -18.74 -171.21 -18.68
C ILE KC 71 -17.41 -171.02 -19.40
N ALA KC 72 -16.36 -171.70 -18.94
CA ALA KC 72 -15.06 -171.62 -19.59
C ALA KC 72 -15.05 -172.28 -20.97
N SER KC 73 -15.96 -173.22 -21.23
CA SER KC 73 -16.01 -173.93 -22.50
C SER KC 73 -16.98 -173.29 -23.49
N LEU KC 74 -17.77 -172.33 -23.05
CA LEU KC 74 -18.69 -171.62 -23.94
C LEU KC 74 -17.96 -170.46 -24.63
N THR KC 75 -18.36 -170.22 -25.87
CA THR KC 75 -17.74 -169.17 -26.68
C THR KC 75 -18.46 -167.84 -26.46
N LEU KC 76 -17.99 -166.81 -27.17
CA LEU KC 76 -18.55 -165.46 -26.99
C LEU KC 76 -20.02 -165.40 -27.37
N LEU KC 77 -20.41 -166.04 -28.47
CA LEU KC 77 -21.82 -166.02 -28.88
C LEU KC 77 -22.70 -166.70 -27.84
N GLU KC 78 -22.27 -167.85 -27.31
CA GLU KC 78 -23.06 -168.56 -26.32
C GLU KC 78 -23.19 -167.77 -25.01
N ILE KC 79 -22.08 -167.20 -24.53
CA ILE KC 79 -22.17 -166.43 -23.30
C ILE KC 79 -22.99 -165.16 -23.49
N SER KC 80 -22.92 -164.55 -24.69
CA SER KC 80 -23.76 -163.39 -24.96
C SER KC 80 -25.23 -163.77 -24.99
N ASP KC 81 -25.57 -164.91 -25.59
CA ASP KC 81 -26.96 -165.38 -25.58
C ASP KC 81 -27.43 -165.66 -24.15
N LEU KC 82 -26.56 -166.27 -23.34
CA LEU KC 82 -26.90 -166.52 -21.94
C LEU KC 82 -27.13 -165.21 -21.19
N ASN KC 83 -26.28 -164.22 -21.43
CA ASN KC 83 -26.45 -162.92 -20.78
C ASN KC 83 -27.75 -162.26 -21.20
N GLU KC 84 -28.09 -162.32 -22.49
CA GLU KC 84 -29.34 -161.75 -22.96
C GLU KC 84 -30.54 -162.47 -22.34
N LEU KC 85 -30.49 -163.79 -22.25
CA LEU KC 85 -31.58 -164.54 -21.65
C LEU KC 85 -31.76 -164.21 -20.17
N LEU KC 86 -30.66 -164.13 -19.40
CA LEU KC 86 -30.80 -163.79 -18.00
C LEU KC 86 -31.25 -162.34 -17.82
N LYS KC 87 -30.82 -161.43 -18.70
CA LYS KC 87 -31.30 -160.06 -18.67
C LYS KC 87 -32.80 -159.96 -18.92
N LYS KC 88 -33.31 -160.72 -19.89
CA LYS KC 88 -34.73 -160.64 -20.21
C LYS KC 88 -35.60 -161.47 -19.27
N THR KC 89 -35.01 -162.37 -18.49
CA THR KC 89 -35.78 -163.18 -17.57
C THR KC 89 -35.68 -162.71 -16.13
N LEU KC 90 -34.72 -161.85 -15.81
CA LEU KC 90 -34.55 -161.35 -14.45
C LEU KC 90 -34.93 -159.86 -14.37
N ILE LC 64 -27.51 -173.84 -22.52
CA ILE LC 64 -28.15 -172.55 -22.59
C ILE LC 64 -29.33 -172.51 -21.62
N GLN LC 65 -30.45 -173.10 -22.03
CA GLN LC 65 -31.62 -173.17 -21.18
C GLN LC 65 -31.37 -174.00 -19.92
N GLN LC 66 -30.61 -175.09 -20.04
CA GLN LC 66 -30.22 -175.84 -18.87
C GLN LC 66 -29.36 -175.01 -17.92
N LEU LC 67 -28.45 -174.18 -18.47
CA LEU LC 67 -27.65 -173.30 -17.63
C LEU LC 67 -28.52 -172.28 -16.92
N VAL LC 68 -29.51 -171.72 -17.62
CA VAL LC 68 -30.42 -170.78 -16.97
C VAL LC 68 -31.22 -171.47 -15.86
N GLN LC 69 -31.68 -172.70 -16.11
CA GLN LC 69 -32.40 -173.43 -15.08
C GLN LC 69 -31.51 -173.73 -13.87
N ASP LC 70 -30.25 -174.11 -14.10
CA ASP LC 70 -29.32 -174.33 -12.99
C ASP LC 70 -29.08 -173.04 -12.21
N ILE LC 71 -28.91 -171.92 -12.89
CA ILE LC 71 -28.77 -170.64 -12.22
C ILE LC 71 -29.99 -170.32 -11.38
N ALA LC 72 -31.19 -170.56 -11.91
CA ALA LC 72 -32.42 -170.34 -11.16
C ALA LC 72 -32.59 -171.33 -10.02
N SER LC 73 -31.97 -172.50 -10.08
CA SER LC 73 -32.09 -173.51 -9.04
C SER LC 73 -30.98 -173.45 -8.01
N LEU LC 74 -29.96 -172.62 -8.23
CA LEU LC 74 -28.89 -172.44 -7.26
C LEU LC 74 -29.28 -171.37 -6.24
N THR LC 75 -28.83 -171.58 -5.01
CA THR LC 75 -29.15 -170.67 -3.91
C THR LC 75 -28.11 -169.56 -3.83
N LEU LC 76 -28.26 -168.69 -2.83
CA LEU LC 76 -27.38 -167.53 -2.70
C LEU LC 76 -25.94 -167.94 -2.44
N LEU LC 77 -25.72 -168.94 -1.57
CA LEU LC 77 -24.36 -169.38 -1.29
C LEU LC 77 -23.70 -169.95 -2.54
N GLU LC 78 -24.42 -170.76 -3.31
CA GLU LC 78 -23.84 -171.34 -4.51
C GLU LC 78 -23.53 -170.30 -5.57
N ILE LC 79 -24.45 -169.35 -5.80
CA ILE LC 79 -24.17 -168.32 -6.80
C ILE LC 79 -23.05 -167.40 -6.34
N SER LC 80 -22.95 -167.14 -5.03
CA SER LC 80 -21.82 -166.36 -4.51
C SER LC 80 -20.50 -167.08 -4.70
N ASP LC 81 -20.47 -168.39 -4.45
CA ASP LC 81 -19.26 -169.17 -4.70
C ASP LC 81 -18.89 -169.16 -6.18
N LEU LC 82 -19.89 -169.29 -7.06
CA LEU LC 82 -19.64 -169.22 -8.50
C LEU LC 82 -19.07 -167.86 -8.89
N ASN LC 83 -19.64 -166.78 -8.34
CA ASN LC 83 -19.13 -165.45 -8.63
C ASN LC 83 -17.70 -165.27 -8.15
N GLU LC 84 -17.39 -165.77 -6.95
CA GLU LC 84 -16.02 -165.68 -6.45
C GLU LC 84 -15.06 -166.48 -7.33
N LEU LC 85 -15.46 -167.67 -7.76
CA LEU LC 85 -14.60 -168.48 -8.62
C LEU LC 85 -14.36 -167.80 -9.96
N LEU LC 86 -15.39 -167.25 -10.59
CA LEU LC 86 -15.18 -166.57 -11.87
C LEU LC 86 -14.37 -165.30 -11.70
N LYS LC 87 -14.55 -164.60 -10.59
CA LYS LC 87 -13.72 -163.43 -10.29
C LYS LC 87 -12.26 -163.78 -10.13
N LYS LC 88 -11.94 -164.88 -9.43
CA LYS LC 88 -10.55 -165.25 -9.22
C LYS LC 88 -9.94 -165.98 -10.41
N THR LC 89 -10.76 -166.46 -11.35
CA THR LC 89 -10.22 -167.15 -12.52
C THR LC 89 -10.21 -166.28 -13.77
MG MG PC . -13.27 -25.94 68.79
ZN ZN QC . 79.93 -15.32 62.77
MG MG RC . -98.57 -30.62 49.23
MG MG SC . 30.16 50.10 1.16
MG MG TC . 26.74 49.32 8.85
MG MG UC . 17.58 35.04 6.30
MG MG VC . 40.30 -8.06 23.40
MG MG WC . -19.28 -24.26 42.01
MG MG XC . -32.95 32.19 80.92
MG MG YC . -2.65 -3.63 69.21
MG MG ZC . -18.49 -43.65 21.94
MG MG AD . 36.16 29.77 50.28
MG MG BD . 50.19 42.30 42.94
MG MG CD . -27.64 13.36 87.08
MG MG DD . -4.95 -29.08 40.82
ZN ZN ED . -16.33 -78.75 41.09
N1 SPM FD . 26.89 44.83 -56.59
C2 SPM FD . 27.16 43.47 -56.08
C3 SPM FD . 25.94 42.58 -56.22
C4 SPM FD . 26.30 41.15 -55.82
N5 SPM FD . 26.72 41.08 -54.41
C6 SPM FD . 27.05 39.69 -54.08
C7 SPM FD . 26.77 39.38 -52.60
C8 SPM FD . 26.61 37.88 -52.42
C9 SPM FD . 26.04 37.59 -51.03
N10 SPM FD . 27.04 37.87 -49.99
C11 SPM FD . 27.32 36.63 -49.25
C12 SPM FD . 26.11 36.20 -48.42
C13 SPM FD . 26.48 34.97 -47.58
N14 SPM FD . 25.33 34.51 -46.79
MG MG GD . 1.34 -9.77 -81.15
MG MG HD . 2.11 28.17 -37.61
MG MG ID . 1.04 44.46 -19.89
MG MG JD . 12.55 25.72 -39.72
MG MG KD . 8.48 -13.50 -60.30
MG MG LD . -7.33 29.52 -27.40
MG MG MD . 55.18 -12.70 -43.15
MG MG ND . 32.02 -24.44 -61.80
MG MG OD . 26.31 -26.26 -62.50
MG MG PD . -13.94 22.57 -42.80
MG MG QD . 35.41 -31.79 -49.73
MG MG RD . -8.03 16.61 -62.51
MG MG SD . -3.55 35.71 -58.66
MG MG TD . 10.96 41.98 -28.42
MG MG UD . 16.61 19.81 -36.95
MG MG VD . 25.87 36.35 -56.56
MG MG WD . 9.50 41.19 -47.48
MG MG XD . 16.50 39.59 -35.48
MG MG YD . -9.35 26.81 -40.77
MG MG ZD . 32.65 41.77 -54.99
MG MG AE . -68.93 -3.93 -58.26
MG MG BE . -56.33 8.11 -38.72
MG MG CE . 47.61 -22.90 -45.86
MG MG DE . -64.38 -16.44 -62.44
MG MG EE . -45.29 19.70 -79.91
MG MG FE . 41.37 -7.72 -50.99
MG MG GE . 25.90 11.40 -40.23
MG MG HE . -36.19 -6.33 -59.07
MG MG IE . -27.16 41.38 -17.48
MG MG JE . -56.75 -21.75 -54.39
MG MG KE . 2.35 -13.16 -70.93
MG MG LE . -56.86 13.18 -39.29
MG MG ME . -31.34 -3.69 -61.00
MG MG NE . -43.69 -25.90 -61.53
MG MG OE . -56.78 -27.23 -55.92
MG MG PE . 10.74 25.25 -56.49
MG MG QE . -62.76 16.85 -56.23
MG MG RE . 29.24 -33.37 -57.22
MG MG SE . -17.75 26.01 -38.79
MG MG TE . -32.17 -3.00 -65.63
MG MG UE . -14.27 -21.61 -69.42
MG MG VE . -52.84 4.77 -54.94
MG MG WE . 55.41 -24.22 -50.15
MG MG XE . 0.73 61.14 -38.24
MG MG YE . 64.82 1.57 -60.13
MG MG ZE . -78.33 -20.87 -53.80
MG MG AF . -10.15 34.37 -26.82
MG MG BF . -20.03 15.79 -47.41
MG MG CF . 55.40 -39.29 -64.23
MG MG DF . -2.21 -20.70 -69.94
MG MG EF . -3.20 66.32 -26.49
MG MG FF . 16.77 36.48 -54.05
MG MG GF . -4.78 32.61 -40.06
MG MG HF . 51.15 -15.07 -60.07
MG MG IF . 8.92 8.31 -72.80
MG MG JF . -46.40 -10.40 -51.20
MG MG KF . 15.96 30.05 -46.02
MG MG LF . -29.53 20.98 -88.65
MG MG MF . -11.27 27.58 -43.52
MG MG NF . 27.37 54.78 -53.42
MG MG OF . -6.91 29.86 -55.37
MG MG PF . -9.97 28.10 -49.95
MG MG QF . -14.42 30.45 -22.87
MG MG RF . 17.72 15.25 -65.56
MG MG SF . -0.20 12.57 -61.23
MG MG TF . 63.17 -30.08 -72.00
MG MG UF . 67.97 -33.11 -72.03
MG MG VF . 17.96 54.81 -29.83
MG MG WF . 10.89 42.53 -19.20
MG MG XF . 54.60 -12.89 -44.33
MG MG YF . -53.92 -0.77 -41.18
MG MG ZF . -0.76 56.37 -15.67
MG MG AG . 24.15 -31.94 -58.27
MG MG BG . 74.82 -30.51 -54.68
MG MG CG . -8.75 45.21 -23.75
MG MG DG . -40.07 -17.45 -69.44
MG MG EG . 73.30 -0.64 -62.41
MG MG FG . -49.27 14.50 -71.00
MG MG GG . 15.41 9.54 -52.14
MG MG HG . 45.95 -28.99 -55.06
MG MG IG . -19.07 32.12 -47.60
MG MG JG . 13.95 31.22 -53.10
MG MG KG . -32.13 24.83 -80.14
MG MG LG . -75.50 9.95 -41.62
MG MG MG . 17.28 50.47 -54.71
MG MG NG . -51.77 26.44 -78.57
MG MG OG . -59.73 23.02 -83.70
MG MG PG . 47.76 -24.99 -74.25
MG MG QG . 43.49 0.33 -45.25
MG MG RG . -38.09 -8.95 -53.37
MG MG SG . -17.55 9.33 -38.27
MG MG TG . -14.25 21.12 -82.72
MG MG UG . -3.55 26.47 -76.69
MG MG VG . 27.56 -24.09 -74.48
MG MG WG . 2.96 -19.40 -66.89
MG MG XG . -36.06 4.06 -57.00
MG MG YG . -37.82 -15.31 -61.26
MG MG ZG . -78.76 8.21 -32.21
MG MG AH . -44.74 -20.31 -71.68
MG MG BH . 30.68 -32.92 -54.78
MG MG CH . -48.10 23.29 -52.77
MG MG DH . -62.92 14.49 -45.36
ZN ZN EH . -5.27 -63.99 7.39
MG MG FH . 2.70 14.84 56.10
MG MG GH . 9.22 6.39 39.11
MG MG HH . 5.61 7.03 29.98
MG MG IH . 16.81 -16.98 26.39
MG MG JH . 23.40 -15.20 33.27
MG MG KH . 28.31 -28.26 55.73
MG MG LH . 10.96 -28.18 43.10
MG MG MH . 53.38 -16.85 3.15
MG MG NH . 5.96 -3.49 47.64
MG MG OH . 15.22 -7.50 46.72
MG MG PH . 9.22 -3.74 57.32
MG MG QH . 18.60 -5.89 52.54
MG MG RH . 6.46 -4.57 47.07
MG MG SH . 31.73 9.15 0.55
MG MG TH . 39.66 0.26 9.10
MG MG UH . 42.77 -0.70 -1.30
MG MG VH . -5.52 31.84 41.94
MG MG WH . 47.72 -7.35 42.79
MG MG XH . 51.00 -8.94 50.98
MG MG YH . 32.31 -0.49 56.37
MG MG ZH . -11.60 -17.44 42.49
MG MG AI . -9.60 -12.73 41.08
MG MG BI . -8.18 -8.09 44.29
MG MG CI . -8.17 6.52 46.88
MG MG DI . -12.79 -0.21 49.66
MG MG EI . -7.48 0.28 52.57
MG MG FI . -7.85 -22.01 28.23
MG MG GI . 25.22 20.05 71.91
MG MG HI . 22.92 -1.49 53.54
MG MG II . 32.42 19.61 7.42
MG MG JI . 26.88 19.11 4.18
MG MG KI . -6.98 15.56 51.96
MG MG LI . 9.15 8.73 74.52
MG MG MI . 18.83 -27.68 42.17
MG MG NI . 29.00 7.47 13.71
MG MG OI . 40.04 -19.12 17.09
MG MG PI . 40.31 -7.69 58.97
MG MG QI . 37.01 -0.81 57.60
MG MG RI . 1.23 -0.61 57.93
MG MG SI . 38.27 -13.18 47.78
MG MG TI . -10.73 9.00 42.20
MG MG UI . 26.60 13.53 22.96
MG MG VI . 14.31 -35.63 54.92
MG MG WI . 32.67 -7.64 75.10
MG MG XI . 2.35 -14.82 30.22
MG MG YI . 20.86 -32.36 64.48
MG MG ZI . 19.06 -8.17 41.80
MG MG AJ . 28.91 -8.02 31.10
MG MG BJ . 3.14 26.29 -6.12
MG MG CJ . -40.32 -2.66 57.36
MG MG DJ . 2.63 -31.33 60.01
MG MG EJ . 6.07 -5.24 67.10
MG MG FJ . -20.08 13.42 42.29
MG MG GJ . 47.42 -11.11 21.79
MG MG HJ . 31.33 24.33 -6.20
MG MG IJ . 37.58 14.64 40.77
MG MG JJ . -10.01 -4.14 27.86
MG MG KJ . 8.56 1.67 43.09
MG MG LJ . 61.64 47.36 45.83
MG MG MJ . 20.68 -13.26 24.70
MG MG NJ . 23.86 22.50 38.66
MG MG OJ . -34.89 -7.62 36.93
MG MG PJ . -10.49 -14.61 74.16
MG MG QJ . -4.72 17.45 40.54
MG MG RJ . -20.01 -17.40 52.84
MG MG SJ . -9.63 11.47 32.40
MG MG TJ . -15.22 5.94 23.88
MG MG UJ . 17.94 20.38 70.77
MG MG VJ . 23.51 -54.63 -18.91
MG MG WJ . -8.19 21.86 47.38
MG MG XJ . 31.07 20.81 20.78
MG MG YJ . -3.09 -40.41 72.80
MG MG ZJ . 18.08 0.21 71.76
MG MG AK . -19.84 22.50 47.09
MG MG BK . -10.30 4.36 34.55
MG MG CK . -63.39 8.55 53.99
MG MG DK . 48.98 -15.22 29.35
MG MG EK . 32.06 -3.80 23.24
MG MG FK . 21.73 -37.19 20.84
MG MG GK . 17.18 -18.48 50.27
MG MG HK . 13.04 -12.30 52.08
MG MG IK . 1.05 -82.64 20.01
MG MG JK . 7.87 -18.00 45.92
MG MG KK . 23.73 -32.47 23.54
MG MG LK . 13.47 -7.42 45.23
MG MG MK . 20.36 -0.69 49.46
MG MG NK . 28.87 -17.44 8.03
MG MG OK . 15.20 32.74 -10.78
MG MG PK . 2.90 -22.50 54.19
MG MG QK . 16.96 24.61 -5.96
MG MG RK . 30.53 -13.64 4.71
MG MG SK . 43.26 -38.25 16.37
MG MG TK . 12.54 25.03 50.23
MG MG UK . 13.53 -13.93 30.03
MG MG VK . 12.38 25.95 59.14
MG MG WK . 59.50 22.51 57.36
MG MG XK . 10.68 -45.57 20.00
MG MG YK . 50.83 28.72 6.36
MG MG ZK . 30.97 39.18 33.56
MG MG AL . -30.90 5.44 43.64
MG MG BL . 9.55 -17.40 38.01
MG MG CL . 55.72 -29.26 33.42
MG MG DL . 5.88 1.19 1.04
MG MG EL . 18.42 -46.86 9.53
MG MG FL . -2.61 -32.92 79.04
MG MG GL . 61.32 -35.95 46.61
MG MG HL . 52.17 -8.17 12.60
MG MG IL . 19.06 -13.64 37.32
MG MG JL . 18.65 22.19 5.87
MG MG KL . 27.45 28.85 18.65
MG MG LL . 52.43 37.93 40.01
MG MG ML . 15.10 27.82 8.42
MG MG NL . -0.02 13.82 -0.78
MG MG OL . 18.65 1.45 13.47
MG MG PL . -3.68 33.62 51.87
MG MG QL . 2.58 25.81 1.72
MG MG RL . 33.33 -2.29 27.91
MG MG SL . 11.53 7.00 -15.23
MG MG TL . 26.72 -15.36 -13.98
MG MG UL . 41.62 25.35 3.29
MG MG VL . 43.75 16.91 7.32
MG MG WL . -2.00 27.34 42.18
MG MG XL . 33.18 35.57 30.13
MG MG YL . 41.11 -0.04 2.19
MG MG ZL . 38.13 4.28 2.97
MG MG AM . -45.90 -25.53 59.81
MG MG BM . -17.94 18.48 78.49
MG MG CM . 37.20 -19.10 45.96
MG MG DM . -16.72 46.45 73.18
MG MG EM . 5.18 15.84 0.50
MG MG FM . 56.99 -3.26 41.16
MG MG GM . 59.48 -7.76 37.12
MG MG HM . 59.68 2.60 39.08
MG MG IM . -42.61 -17.64 68.48
MG MG JM . 35.70 -13.42 37.07
MG MG KM . 33.59 22.85 42.22
MG MG LM . 39.51 19.07 3.20
MG MG MM . 37.16 -54.18 35.73
MG MG NM . 10.36 2.58 15.18
MG MG OM . -29.88 -4.20 41.57
MG MG PM . 27.22 -18.38 39.17
MG MG QM . 24.52 20.51 68.27
MG MG RM . -24.04 8.48 40.03
MG MG SM . -2.43 21.61 43.06
MG MG TM . -4.42 19.61 43.47
MG MG UM . -3.82 10.44 76.35
MG MG VM . -9.41 34.30 1.43
MG MG WM . -12.72 36.06 -0.67
MG MG XM . -12.70 28.41 22.76
MG MG YM . -13.05 -27.08 69.58
MG MG ZM . 45.63 25.11 48.03
MG MG AN . 61.67 33.52 41.04
MG MG BN . 54.96 5.99 56.53
MG MG CN . 6.84 -19.40 24.91
MG MG DN . 3.41 -15.01 24.27
MG MG EN . 30.64 14.12 7.33
MG MG FN . -26.07 36.67 47.66
MG MG GN . 42.82 10.11 22.00
MG MG HN . 53.74 -20.72 16.58
MG MG IN . 15.02 -44.47 47.16
MG MG JN . -0.22 25.83 30.73
MG MG KN . -0.95 27.59 29.36
MG MG LN . 2.70 5.96 91.56
MG MG MN . 15.22 -32.88 52.91
MG MG NN . -11.60 -13.88 60.48
MG MG ON . -10.19 -30.81 85.81
MG MG PN . -20.52 -78.06 6.36
MG MG QN . 47.57 13.84 16.03
MG MG RN . 4.79 -75.10 12.06
MG MG SN . 31.17 15.16 11.56
MG MG TN . -19.09 21.82 46.22
MG MG UN . 6.73 -24.45 28.39
MG MG VN . 12.83 31.56 27.36
MG MG WN . 3.98 28.72 34.89
MG MG XN . 47.79 -1.03 17.43
MG MG YN . 4.88 -45.39 19.44
MG MG ZN . -4.83 -32.91 28.23
MG MG AO . -34.85 -83.89 -1.14
MG MG BO . -13.88 -48.20 -4.55
MG MG CO . 63.60 59.72 43.88
MG MG DO . 29.86 -56.09 0.37
MG MG EO . -20.63 11.38 39.50
MG MG FO . 6.24 -14.41 47.15
MG MG GO . -8.27 5.34 75.01
MG MG HO . 12.81 1.66 32.55
MG MG IO . -6.51 -6.83 55.42
MG MG JO . -19.58 3.47 62.85
MG MG KO . 22.01 -0.39 17.38
MG MG LO . 27.52 -8.68 2.08
MG MG MO . 13.11 21.95 5.41
P 5GP NO . -6.08 -13.81 59.99
O1P 5GP NO . -7.47 -13.46 60.46
O2P 5GP NO . -4.99 -13.47 60.97
O3P 5GP NO . -5.96 -15.18 59.36
O5' 5GP NO . -5.83 -12.80 58.78
C5' 5GP NO . -5.60 -11.42 59.03
C4' 5GP NO . -6.21 -10.56 57.95
O4' 5GP NO . -7.62 -10.86 57.81
C3' 5GP NO . -6.12 -9.05 58.19
O3' 5GP NO . -6.02 -8.37 56.94
C2' 5GP NO . -7.48 -8.75 58.83
O2' 5GP NO . -7.90 -7.40 58.71
C1' 5GP NO . -8.39 -9.71 58.06
N9 5GP NO . -9.58 -10.11 58.83
C8 5GP NO . -9.59 -10.99 59.84
N7 5GP NO . -10.86 -11.12 60.29
C5 5GP NO . -11.65 -10.32 59.53
C6 5GP NO . -13.01 -10.06 59.52
O6 5GP NO . -13.76 -10.62 60.35
N1 5GP NO . -13.50 -9.20 58.62
C2 5GP NO . -12.70 -8.60 57.73
N2 5GP NO . -13.24 -7.73 56.83
N3 5GP NO . -11.38 -8.84 57.72
C4 5GP NO . -10.83 -9.70 58.61
N1 SPM OO . 41.70 6.04 41.89
C2 SPM OO . 42.33 5.85 43.20
C3 SPM OO . 43.04 7.13 43.66
C4 SPM OO . 44.09 7.52 42.63
N5 SPM OO . 44.71 8.80 42.97
C6 SPM OO . 45.44 8.68 44.23
C7 SPM OO . 46.83 8.06 44.01
C8 SPM OO . 47.62 8.11 45.32
C9 SPM OO . 47.69 9.55 45.82
N10 SPM OO . 47.80 9.59 47.28
C11 SPM OO . 47.59 10.98 47.74
C12 SPM OO . 47.39 11.03 49.26
C13 SPM OO . 47.11 12.47 49.69
N14 SPM OO . 46.82 12.53 51.13
N1 SPM PO . 62.16 -23.92 34.98
C2 SPM PO . 62.72 -23.53 33.67
C3 SPM PO . 63.24 -22.10 33.70
C4 SPM PO . 64.34 -21.98 34.74
N5 SPM PO . 64.76 -20.58 34.91
C6 SPM PO . 65.81 -20.52 35.94
C7 SPM PO . 67.10 -21.19 35.46
C8 SPM PO . 67.75 -21.93 36.63
C9 SPM PO . 69.27 -21.97 36.42
N10 SPM PO . 69.60 -22.22 35.02
C11 SPM PO . 70.84 -23.01 34.94
C12 SPM PO . 70.64 -24.39 35.57
C13 SPM PO . 71.89 -25.24 35.33
N14 SPM PO . 71.70 -26.60 35.87
MG MG QO . -1.17 -10.91 45.58
MG MG RO . 49.61 -16.80 7.43
MG MG SO . 12.55 17.05 20.37
MG MG TO . 12.16 11.80 18.66
MG MG UO . 13.95 20.12 16.59
MG MG VO . 1.76 -27.85 42.03
MG MG WO . -7.20 -10.39 31.98
MG MG XO . -1.17 -10.97 40.65
MG MG YO . 29.97 11.55 19.46
MG MG ZO . 9.43 17.80 52.77
MG MG AP . 17.03 1.18 63.38
MG MG BP . -10.38 -28.93 76.83
MG MG CP . 8.30 -6.91 37.43
MG MG DP . -7.16 53.06 -93.54
MG MG EP . 15.13 -31.36 -58.95
ZN ZN FP . 6.34 73.61 -61.02
ZN ZN GP . 46.50 -21.62 -83.53
PG GTP HP . -98.80 28.74 -48.24
O1G GTP HP . -98.62 29.16 -46.80
O2G GTP HP . -97.50 28.21 -48.79
O3G GTP HP . -99.85 27.67 -48.33
O3B GTP HP . -99.27 30.02 -49.09
PB GTP HP . -100.31 31.06 -48.46
O1B GTP HP . -101.27 30.35 -47.55
O2B GTP HP . -101.06 31.80 -49.55
O3A GTP HP . -99.40 32.08 -47.61
PA GTP HP . -99.78 33.64 -47.59
O1A GTP HP . -99.47 34.27 -48.92
O2A GTP HP . -101.24 33.80 -47.22
O5' GTP HP . -98.84 34.27 -46.45
C5' GTP HP . -97.47 34.45 -46.70
C4' GTP HP . -97.13 35.95 -46.58
O4' GTP HP . -97.82 36.65 -47.60
C3' GTP HP . -97.58 36.54 -45.27
O3' GTP HP . -96.52 36.62 -44.36
C2' GTP HP . -98.07 37.93 -45.64
O2' GTP HP . -97.12 38.89 -45.25
C1' GTP HP . -98.22 37.92 -47.16
N9 GTP HP . -99.63 38.14 -47.53
C8 GTP HP . -100.33 37.41 -48.45
N7 GTP HP . -101.58 37.90 -48.53
C5 GTP HP . -101.70 38.95 -47.70
C6 GTP HP . -102.76 39.79 -47.40
O6 GTP HP . -103.85 39.64 -47.96
N1 GTP HP . -102.60 40.80 -46.47
C2 GTP HP . -101.38 40.95 -45.83
N2 GTP HP . -101.21 41.92 -44.94
N3 GTP HP . -100.33 40.11 -46.14
C4 GTP HP . -100.48 39.12 -47.05
MG MG IP . -100.43 29.58 -45.77
MG MG JP . -12.52 39.42 -64.70
MG MG KP . 3.92 12.92 -42.66
ZN ZN LP . 17.41 -20.56 -93.36
#